data_8RX1
#
_entry.id   8RX1
#
loop_
_entity.id
_entity.type
_entity.pdbx_description
1 polymer 'Tubulin gamma-1 chain'
2 polymer 'Actin b'
3 polymer 'Gamma-tubulin complex component 2'
4 polymer 'Gamma-tubulin complex component 3'
5 polymer CM1
6 polymer 'Gamma-tubulin complex component 4'
7 polymer 'Gamma-tubulin complex component 5'
8 polymer 'Gamma-tubulin complex component 6'
9 polymer 'Mitotic-spindle organizing protein 1'
10 polymer 'Mitotic-spindle organizing protein 2A'
#
loop_
_entity_poly.entity_id
_entity_poly.type
_entity_poly.pdbx_seq_one_letter_code
_entity_poly.pdbx_strand_id
1 'polypeptide(L)'
;MPREIITLQLGQCGNQIGFEFWKQLCAEHGISPEGIVEEFATEGTDRKDVFFYQADDEHYIPRAVLLDLEPRVIHSILNS
PYAKLYNPENIYLSEHGGGAGNNWASGFSQGEKIHEDIFDIIDREADGSDSLEGFVLCHSIAGGTGSGLGSYLLERLNDR
YPKKLVQTYSVFPNQDEMSDVVVQPYNSLLTLKRLTQNADCVVVLDNTALNRIATDRLHIQNPSFSQINQLVSTIMSAST
TTLRYPGYMNNDLIGLIASLIPTPRLHFLMTGYTPLTTDQSVASVRKTTVLDVMRRLLQPKNVMVSTGRDRQTNHCYIAI
LNIIQGEVDPTQVHKSLQRIRERKLANFIPWGPASIQVALSRKSPYLPSAHRVSGLMMANHTSISSLFERTCRQYDKLRK
REAFLEQFRKEDMFKDNFDEMDTSREIVQQLIDEYHAATRPDYISWGTQEQ
;
1,2,O,P,Q,R,S,T,U,V,W,X,Y,Z
2 'polypeptide(L)'
;DEEVAALVVDNGSGMCKAGFAGDDAPRAVFPSIVGRPRKDSYVGDEAQSKRGILTLKYPIEHGIVTNWDDMEKIWHHTFY
NELRVAPEEHPVLLTEAPLNPKANREKMTQIMFETFNTPAMYVAIQAVLSLYASGRTTGIVLDSGDGVSHTVPIYEGYAL
PHAILRLDLAGRDLTDYLMKILTERGYSFTTTEEREIVRDIKEKLCYVALDFEQEMATAASSSSLEKSYELKDGQVITIG
NERFRCPEALFQPSFLGMEACGIHETTYNSIMKCDVDIRKDLYANTVLSGGTTMYPGIADRMQKEITALAPSTMKIKIIA
PPERKYSVWIGGSILASLSTFQQMWISKQEYDESGPSIVHRKCF
;
7
3 'polypeptide(L)'
;MSEFRIHHDVNELLSLLRVHGGDGAEVYIDLLQKNRTPYVTTTVSAHSAKVKIAEFSRTPEDFLKKYDELKSKNTRNLDP
LVYLLSKLTEDKETLQYLQQNAKERAELAAAAVGSSTTSINVPAAASKISMQELEELRKQLGSVATGSTLQQSLELKRKM
LRDKQNKKNSGQHLPIFPAWVYERPALIGDFLIGAGISTDTALPIGTLPLASQESAVVEDLLYVLVGVDGRYVSAQPLAG
RQSRTFLVDPNLDLSIRELVHRILPVAASYSAVTRFIEEKSSFEYGQVNHALAAAMRTLVKEHLILVSQLEQLHRQGLLS
LQKLWFYIQPAMRTMDILASLATSVDKGECLGGSTLSLLHDRSFSYTGDSQAQELCLYLTKAASAPYFEVLEKWIYRGII
HDPYSEFMVEEHELRKERIQEDYNDKYWDQRYTIVQQQIPSFLQKMADKILSTGKYLNVVRECGHDVTCPVAKEIIYTLK
ERAYVEQIEKAFNYASKVLLDFLMEEKELVAHLRSIKRYFLMDQGDFFVHFMDLAEEELRKPVEDITPPRLEALLELALR
MSTANTDPFKDDLKIDLMPHDLITQLLRVLAIETKQEKAMAHADPTELALSGLEAFSFDYIVKWPLSLIINRKALTRYQM
LFRHMFYCKHVERQLCSVWISNKTAKQHSLHSAQWFAGAFTLRQRMLNFVQNIQYYMMFEVMEPTWHILEKNLKSASNID
DVLGHHTGFLDTCLKDCMLTNPELLKVFSKLMSVCVMFTNCMQKFTQSMKLDGELGGQTLEHSTVLGLPAGAEERARKEL
ARKHLAEHADTVQLVSGFEATINKFDKNFSAHLLDLLARLSIYSTSDCEHGMASVISRLDFNGFYTERLERLSAERSQKA
TPQVPVLRGPPAPAPRVAVTAQ
;
A,C,E,M,f,k
4 'polypeptide(L)'
;MATPDQKSPNVLLQNLCCRILGRSEADVAQQFQYAVRVIGSNFAPTVERDEFLVAEKIKKELIRQRREADAALFSELHRK
LHSQGVLKNKWSILYLLLSLSEDPRRQPSKVSSYATLFAQALPRDAHSTPYYYARPQTLPLSYQDRSAQSAQSSGSVGSS
GISSIGLCALSGPAPAPQSLLPGQSNQAPGVGDCLRQQLGSRLAWTLTANQPSSQATTSKGVPSAVSRNMTRSRREGDTG
GTMEITEAALVRDILYVFQGIDGKNIKMNNTENCYKVEGKANLSRSLRDTAVRLSELGWLHNKIRRYTDQRSLDRSFGLV
GQSFCAALHQELREYYRLLSVLHSQLQLEDDQGVNLGLESSLTLRRLLVWTYDPKIRLKTLAALVDHCQGRKGGELASAV
HAYTKTGDPYMRSLVQHILSLVSHPVLSFLYRWIYDGELEDTYHEFFVASDPTVKTDRLWHDKYTLRKSMIPSFMTMDQS
RKVLLIGKSINFLHQVCHDQTPTTKMIAVTKSAESPQDAADLFTDLENAFQGKIDAAYFETSKYLLDVLNKKYSLLDHMQ
AMRRYLLLGQGDFIRHLMDLLKPELVRPATTLYQHNLTGILETAVRATNAQFDSPEILRRLDVRLLEVSPGDTGWDVFSL
DYHVDGPIATVFTRECMSHYLRVFNFLWRAKRMEYILTDIRKGHMCNAKLLRNMPEFSGVLHQCHILASEMVHFIHQMQY
YITFEVLECSWDELWNKVQQAQDLDHIIAAHEVFLDTIISRCLLDSDSRALLNQLRAVFDQIIELQNAQDAIYRAALEEL
QRRLQFEEKKKQREIEGQWGVTAAEEEEENKRIGEFKESIPKMCSQLRILTHFYQGIVQQFLVLLTTSSDESLRFLSFRL
DFNEHYKAREPRLRVSLGTRGRRSSHT
;
B,D,F,N,b,n
5 'polypeptide(L)'
;MGSSHHHHHHGSDSEVNQEAKPEVKPEVKPETHINLKVSDGSSEIFFKIKKTTPLRRLMEAFAKRQGKEMDSLRFLYDGI
RIQADQTPEDLDMEDNDIIEAHREQIGGAWSHPQFEKSATVSPTRARNMKDFENQITELKKENFNLKLRIYFLEERMQQE
FHGDDEAAELMQQVNVLKLTVEDLEKERDFYFGKLRNIELICQENEGENDPVLQRIVDILYATDEGFVI
;
G,H,g,h,i,j,s,t,u,v
6 'polypeptide(L)'
;MIHELLLALSGYPGSIFTWNKRSGLQVSQDFPFLHPSETSVLNRLCRLGTDYIRFTEFIEQYTGHVQQQDHHPSQQGQGG
LHGIYLRAFCTGLDSVLQPYRQALLDLEQEFLGDPHLSISHVNYFLDQFQLLFPSVMVVVEQIKSQKIHGCQILETVYKH
SCGGLPPVRSALEKILAVCHGVMYKQLSAWMLHGLLLDQHEEFFIKQGPSSGNVSAQPEEDEEDLGIGGLTGKQLRELQD
LRLIEEENMLAPSLKQFSLRVEILPSYIPVRVAEKILFVGESVQMFENQNVNLTRKGSILKNQEDTFAAELHRLKQQPLF
SLVDFEQVVDRIRSTVAEHLWKLMVEESDLLGQLKIIKDFYLLGRGELFQAFIDTAQHMLKTPPTAVTEHDVNVAFQQSA
HKVLLDDDNLLPLLHLTIEYHGKEHKADATQAREGPSRETSPREAPASGWAALGLSYKVQWPLHILFTPAVLEKYNVVFK
YLLSVRRVQAELQHCWALQMQRKHLKSNQTDAIKWRLRNHMAFLVDNLQYYLQVDVLESQFSQLLHQINSTRDFESIRLA
HDHFLSNLLAQSFILLKPVFHCLNEILDLCHSFCSLVSQNLGPLDERGAAQLSILVKGFSRQSSLLFKILSSVRNHQINS
DLAQLLLRLDYNKYYTQAGGTLGSFGM
;
I,K
7 'polypeptide(L)'
;MARHGPPWSRLDAQQERDVRELVRGVAGLQDEADPNFQLALNFAWSNFRFHRFLDVNSHKIEKTIEGIYEKFVIHSDLSK
AASWKRLTEEFLNAPLPSIKEIKTDAHYSILSLLLCLSDSPSNSSYVETPRNKEVEKKDDFDWGKYLMEDEEMDIGPYMD
TPNWSEESEEENDQQPLSREDSGIQVDRTPLEEQDQNRKLDPCISWKDEPDDRSWLEHHVVHQYWTARPSQFPHSLHLHS
NLAAVWDQHLYSSDPLYVPDDRVLVTETQVIRETLWLLSGVKKLFIFQLIDGKVTVRNNIIVTHLTHSCLRSVLEQIAAY
GQVVFRLQEFIDEVMGHSSESMLPGSGSVPKKSTEAPFRTYQAFMWALYKYFISFKEELAEIEKCIINNDTTITLAIVVD
KLAPRLSQLKVLHKVFSTGVAEVPPDTRNVVRASHLLNTLYKAILEYDNVGEASEQTVSLLFSLWVETVRPYLQTVDEWI
VHGHLWDGAREFIIQRNKNVPVNHRDFWYATYTLYSVSEKTENEEKMSDNASASSGSDQGPSSRQHTMVSFLKPVLKQII
MAGKSMQLLKNLQCAESTTCQAGARDAERKSLYTLFLESVQSRLRHGEDSTPQVLTEQQATKENLMKMQSIAESHLELDD
VHDPLLAINFARMYLEQSDFHEKFAGGDVCVDRSSESVTCQTFELTLRSCLYPHIDKQYLDCCGNLMQTLKKDYRLVEYL
QAMRNFFLMEGGDTMYDFYTSIFDKIREKETWQNVSFLNVQLQEAVGQRYPEDSSRLSISFENVDTAKKKLPVHILDGLT
LSYKVPWPVDIVISLECQKIYNQVFLLLLQIKWAKYSLDVLLFGELVSTAEKPRLKEGLIHEQDTVAQFGPQKEPVRQQI
HRMFLLRVKLMHFVNSLHNYIMTRILHSTGLEFQHQVEEAKDLDQLIKIHYRYLSTIHDRCLLREKVSFVKEAIMKVLNL
ALMFADGWQAGLGTWRMESIEKMESDFKNCHMFLVTILNKAVCRGSFPHLESLALSLMAGMEQS
;
J
8 'polypeptide(L)'
;MASITQLFDDLCEALLPAAKTHLGQRSVNRKRAKRSLKKVAYNALFTNLFQDETQQLQPDMSKLPARNKILMLSFDLRVG
GLGPKADRLEELVEELEAAPCCPLLEVGSVLDLLVQLAGSGPPQVLPRKRDYFLNNKHVGRNVPYSGYDCDDLSVFEMDV
QSLISREECLCHSMIQETLQVMEAAPGTGLPTVGLFSFGDPCGDRFERDTRVSLFGALVHSRTYDMDVRLGLPPVPDNAD
LSGLAIKVPPSVDQWEDEGFQSASNLTPDSQSEPSVTPDVDLWEAALTYEASKRRCWERVGCPPGHREEPYLTEAGRDAF
DKFCRLHQGELQLLAGGVLQAPQPVLVKECELVKDVLNVLIGVVSATFSLCQPAQAFVVKRGVHVSGASPESISSLLSEV
AEYGTCYTRLSHFSLQPVLDSLYSKGLVFQAFTSGLRRYLQYYRACVLSTPPTLSLLTIGFLFKKLGRQLRYLAELCGVG
AVLPGTCGGGPRAAFPTGVKLLSYLYQEALHNCSNEHYPVLLSLLKTSCEPYTRFIHDWVYSGVFRDAYGEFMIQVNHEY
LSFRDKLYWTHGYVLISKEVEDCVPVFLKHIAHDIYVCGKTINLLKLCCPRHYLCWSDVPVPRISVIFSLEELKEIEKDC
AVYVGRMERVARHSSVSKEEKELRMEIAKQELIAHAREAASRVLSALSDRQMSERMALDARKREQFQRLKEQFVKDQERR
QAARQEELDDDFSYARELRDRERRLKSLEEELERKARQALVDHYSKLSAEAARREQKALWRIQRHRLESARLRFLLEDEK
HIQEMLKAVSEAHQPQEPPDVLLSVHPQVTSPGPEHPEGGQGCDSGSAEQHSPAWDGWNRPGLLTPQPLKPLAVGAGGRG
LQQAEGARPFSDSLSIGDFLPVGPGAEPSVQTGMVPLLEVALQTINLDLPPSAPGEAPAAASTQPSRPQEYDFSTVLRPA
VATSPAPGPLQAAECSLGSSGLQLWEDSCGKMDACGSASRETLLPSHPPRRAALEEGSSQPTERLFGQVSGGGLPTGDYA
SEIAPTRPRWNTHGHVSDASIRVGENVSDVAPTQPRWNTHGHVSNASISLGESVSDVAPTRPRWNIHGHVSNASIRVGEN
VSDVAPTRPRWNTHGHVSNASIRVGENVSDVAPTRPRWNTHGHVSDASISLGESVSDMAPARPRWNTHGHVSDASISLGE
SVSDMAPTRPRWNTHGHVSDTSIRVGENVSDVAPIRSRCNTHGHVSDASISLGEPVSDVVSTRPRWNTHVPIPPPHMVLG
ALSPEAEPNTPRPQQSPPGHTSQSALSLGAQSTVLDCGPRLPVEVGPSLSSPSSGCGEGSISVGENVSDVAPTQPWWPNT
PGDSVSEELGPGRSGDTEDLSPNWPLNSQEDTAAQSSPGRGEEAEASAAEAQGGEQAYLAGLAGQYHLERYPDSYESMSE
PPIAHLLRPVLPRAFAFPVDPQVQSAADETAVQLSELLTLPVLMKRSITAPLAAHISLVNKAAVDYFFVELHLEAHYEAL
RHFLLMEDGEFAQSLSDLLFEKLGAGQTPGELLNPLVLNSVLSKALQCSLHGDTPHASNLSLALKYLPEVFAPNAPDVLS
CLELRYKVDWPLNIVITEGCVSKYSGVFSFLLQLKLMMWALKDVCFHLKRTALLSHMAGSVQFRQLQLFKHEMQHFVKVI
QGYIANQILHVTWCEFRARLATVGDLEEIQRAHAEYLHKAVFRGLLTEKAAPVMNVIHSIFSLVLKFRSQLISQAWGPPG
GPRGAEHPNFALMQQSYNTFKYYSHFLFKVVTKLVNRGYQPHLEDFLLRINFNNYYQDA
;
L,d
9 'polypeptide(L)'
;MASSSGAGAAAAAAAANLNAVRETMDVLLEISRILNTGLDMETLSICVRLCEQGINPEALSSVIKELRKATEALKAAENM
TS
;
a,c
10 'polypeptide(L)'
;MAAQGVGPGPGSAAPPGLEAARQKLALRRKKVLSTEEMELYELAQAAGGGIDPDVFKILVDLLKLNVAPLAVFQMLKSMC
AGQRLASEPQDPAAVSLPTSSVPETRGRDKGSAALGGVLALAERSNHEGSSQRMPRQPSATRLPKGGGPGKSPTQGST
;
e
#
# COMPACT_ATOMS: atom_id res chain seq x y z
N ARG A 3 24.70 -98.58 -100.56
CA ARG A 3 24.23 -98.91 -101.94
C ARG A 3 23.64 -97.65 -102.58
N GLU A 4 23.97 -97.41 -103.85
CA GLU A 4 24.02 -96.07 -104.40
C GLU A 4 23.40 -96.05 -105.80
N ILE A 5 23.24 -94.84 -106.33
CA ILE A 5 22.80 -94.61 -107.71
C ILE A 5 24.00 -94.16 -108.54
N ILE A 6 24.47 -95.04 -109.43
CA ILE A 6 25.49 -94.70 -110.42
C ILE A 6 24.76 -94.13 -111.62
N THR A 7 24.60 -92.81 -111.60
CA THR A 7 23.90 -92.00 -112.60
C THR A 7 24.79 -91.82 -113.84
N LEU A 8 24.85 -92.86 -114.66
CA LEU A 8 25.56 -92.87 -115.94
C LEU A 8 24.92 -91.91 -116.96
N GLN A 9 25.63 -91.70 -118.08
CA GLN A 9 25.18 -90.85 -119.19
C GLN A 9 25.96 -91.24 -120.45
N LEU A 10 25.26 -91.48 -121.57
CA LEU A 10 25.84 -92.15 -122.74
C LEU A 10 25.43 -91.48 -124.06
N GLY A 11 26.39 -91.39 -124.98
CA GLY A 11 26.19 -90.76 -126.27
C GLY A 11 26.26 -89.24 -126.19
N GLN A 12 26.52 -88.63 -127.34
CA GLN A 12 26.94 -87.23 -127.33
C GLN A 12 25.80 -86.29 -126.88
N CYS A 13 24.58 -86.50 -127.38
CA CYS A 13 23.41 -85.83 -126.81
C CYS A 13 23.24 -86.15 -125.33
N GLY A 14 23.50 -87.42 -124.93
CA GLY A 14 23.50 -87.77 -123.52
C GLY A 14 24.51 -86.99 -122.69
N ASN A 15 25.64 -86.65 -123.29
CA ASN A 15 26.66 -85.81 -122.66
C ASN A 15 26.37 -84.32 -122.77
N GLN A 16 25.36 -83.91 -123.53
CA GLN A 16 24.75 -82.60 -123.26
C GLN A 16 23.77 -82.70 -122.09
N ILE A 17 22.77 -83.57 -122.20
CA ILE A 17 21.61 -83.48 -121.30
C ILE A 17 21.97 -83.98 -119.89
N GLY A 18 22.88 -84.95 -119.76
CA GLY A 18 23.29 -85.41 -118.45
C GLY A 18 24.22 -84.42 -117.78
N PHE A 19 25.14 -83.88 -118.61
CA PHE A 19 26.04 -82.80 -118.23
C PHE A 19 25.26 -81.59 -117.72
N GLU A 20 24.23 -81.18 -118.46
CA GLU A 20 23.35 -80.11 -118.00
C GLU A 20 22.61 -80.48 -116.73
N PHE A 21 22.21 -81.74 -116.59
CA PHE A 21 21.58 -82.19 -115.34
C PHE A 21 22.54 -82.08 -114.15
N TRP A 22 23.79 -82.51 -114.31
CA TRP A 22 24.76 -82.38 -113.22
C TRP A 22 25.09 -80.91 -112.93
N LYS A 23 25.11 -80.05 -113.95
CA LYS A 23 25.25 -78.63 -113.68
C LYS A 23 24.04 -78.08 -112.90
N GLN A 24 22.83 -78.49 -113.26
CA GLN A 24 21.65 -78.06 -112.54
C GLN A 24 21.60 -78.65 -111.14
N LEU A 25 22.03 -79.91 -110.98
CA LEU A 25 22.08 -80.52 -109.65
C LEU A 25 23.10 -79.83 -108.76
N CYS A 26 24.27 -79.46 -109.31
CA CYS A 26 25.25 -78.73 -108.53
C CYS A 26 24.75 -77.32 -108.19
N ALA A 27 23.88 -76.76 -109.02
CA ALA A 27 23.15 -75.55 -108.64
C ALA A 27 22.16 -75.85 -107.50
N GLU A 28 21.41 -76.95 -107.60
CA GLU A 28 20.31 -77.23 -106.67
C GLU A 28 20.82 -77.65 -105.29
N HIS A 29 21.91 -78.42 -105.26
CA HIS A 29 22.60 -78.67 -104.00
C HIS A 29 23.33 -77.41 -103.54
N GLY A 30 24.07 -76.78 -104.45
CA GLY A 30 24.80 -75.55 -104.21
C GLY A 30 26.30 -75.76 -104.29
N ILE A 31 26.83 -75.68 -105.52
CA ILE A 31 28.24 -75.91 -105.82
C ILE A 31 28.68 -74.91 -106.88
N SER A 32 29.79 -74.21 -106.64
CA SER A 32 30.42 -73.31 -107.59
C SER A 32 31.28 -74.08 -108.60
N PRO A 33 31.50 -73.50 -109.79
CA PRO A 33 32.04 -74.28 -110.92
C PRO A 33 33.39 -74.98 -110.71
N GLU A 34 34.16 -74.68 -109.66
CA GLU A 34 35.38 -75.46 -109.40
C GLU A 34 35.08 -76.78 -108.70
N GLY A 35 33.90 -76.91 -108.11
CA GLY A 35 33.59 -77.96 -107.18
C GLY A 35 33.65 -77.54 -105.72
N ILE A 36 33.84 -76.24 -105.45
CA ILE A 36 33.70 -75.72 -104.11
C ILE A 36 32.23 -75.69 -103.70
N VAL A 37 31.94 -76.26 -102.52
CA VAL A 37 30.57 -76.36 -102.05
C VAL A 37 30.15 -75.00 -101.50
N GLU A 38 28.84 -74.79 -101.40
CA GLU A 38 28.34 -73.52 -100.86
C GLU A 38 28.51 -73.47 -99.33
N GLU A 39 28.38 -72.25 -98.80
CA GLU A 39 28.97 -71.88 -97.53
C GLU A 39 28.26 -72.50 -96.32
N PHE A 40 27.07 -73.07 -96.50
CA PHE A 40 26.39 -73.74 -95.39
C PHE A 40 27.06 -75.06 -95.01
N ALA A 41 27.74 -75.71 -95.95
CA ALA A 41 28.41 -76.97 -95.69
C ALA A 41 29.84 -76.94 -96.26
N THR A 45 23.27 -80.60 -95.79
CA THR A 45 21.89 -80.54 -96.20
C THR A 45 21.56 -81.59 -97.27
N ASP A 46 22.37 -82.64 -97.38
CA ASP A 46 22.27 -83.52 -98.55
C ASP A 46 22.81 -84.91 -98.23
N ARG A 47 22.26 -85.90 -98.94
CA ARG A 47 22.86 -87.21 -99.16
C ARG A 47 23.88 -87.10 -100.28
N LYS A 48 25.07 -86.56 -99.93
CA LYS A 48 25.97 -86.01 -100.95
C LYS A 48 26.71 -87.12 -101.69
N ASP A 49 27.27 -88.08 -100.95
CA ASP A 49 28.27 -89.01 -101.47
C ASP A 49 27.72 -89.81 -102.65
N VAL A 50 26.42 -90.10 -102.64
CA VAL A 50 25.77 -90.91 -103.67
C VAL A 50 25.83 -90.22 -105.02
N PHE A 51 25.78 -88.88 -105.02
CA PHE A 51 25.60 -88.09 -106.23
C PHE A 51 26.81 -87.23 -106.57
N PHE A 52 27.47 -86.60 -105.58
CA PHE A 52 28.81 -86.03 -105.75
C PHE A 52 29.75 -86.69 -104.74
N TYR A 53 30.95 -87.07 -105.21
CA TYR A 53 31.80 -87.97 -104.42
C TYR A 53 32.44 -87.21 -103.26
N GLN A 54 32.47 -87.87 -102.09
CA GLN A 54 32.98 -87.26 -100.87
C GLN A 54 34.49 -87.43 -100.87
N ALA A 55 35.18 -86.40 -101.37
CA ALA A 55 36.63 -86.33 -101.39
C ALA A 55 37.18 -85.77 -100.07
N ASP A 56 38.50 -85.63 -100.02
CA ASP A 56 39.14 -85.10 -98.83
C ASP A 56 38.92 -83.59 -98.72
N ASP A 57 39.36 -82.85 -99.74
CA ASP A 57 39.34 -81.39 -99.73
C ASP A 57 38.13 -80.87 -100.51
N GLU A 58 37.01 -81.59 -100.42
CA GLU A 58 35.73 -81.18 -101.03
C GLU A 58 35.79 -81.07 -102.55
N HIS A 59 36.53 -81.99 -103.19
CA HIS A 59 36.44 -82.20 -104.64
C HIS A 59 35.21 -83.04 -104.97
N TYR A 60 34.05 -82.38 -104.98
CA TYR A 60 32.76 -83.04 -105.24
C TYR A 60 32.62 -83.31 -106.73
N ILE A 61 33.14 -84.45 -107.16
CA ILE A 61 33.06 -84.91 -108.56
C ILE A 61 31.80 -85.78 -108.70
N PRO A 62 30.93 -85.50 -109.68
CA PRO A 62 29.72 -86.31 -109.86
C PRO A 62 29.95 -87.76 -110.30
N ARG A 63 28.96 -88.58 -109.98
CA ARG A 63 28.95 -90.03 -110.25
C ARG A 63 28.36 -90.35 -111.62
N ALA A 64 28.91 -89.67 -112.64
CA ALA A 64 28.41 -89.84 -114.02
C ALA A 64 29.59 -90.11 -114.96
N VAL A 65 29.38 -90.98 -115.95
CA VAL A 65 30.44 -91.31 -116.94
C VAL A 65 30.38 -90.29 -118.08
N LEU A 66 31.22 -90.42 -119.12
CA LEU A 66 31.10 -89.53 -120.30
C LEU A 66 31.51 -90.23 -121.60
N LEU A 67 30.77 -91.28 -121.97
CA LEU A 67 31.11 -92.10 -123.14
C LEU A 67 30.41 -91.59 -124.42
N ASP A 68 31.05 -91.83 -125.57
CA ASP A 68 30.52 -91.46 -126.88
C ASP A 68 30.99 -92.45 -127.95
N LEU A 69 30.55 -92.22 -129.20
CA LEU A 69 31.14 -92.84 -130.39
C LEU A 69 31.33 -91.79 -131.50
N GLU A 70 32.50 -91.82 -132.16
CA GLU A 70 32.89 -90.84 -133.19
C GLU A 70 32.71 -89.40 -132.69
N PRO A 71 33.59 -88.93 -131.79
CA PRO A 71 33.38 -87.62 -131.14
C PRO A 71 33.39 -86.41 -132.07
N ARG A 72 32.39 -85.54 -131.87
CA ARG A 72 32.15 -84.36 -132.69
C ARG A 72 31.68 -83.16 -131.87
N VAL A 73 31.27 -83.36 -130.61
CA VAL A 73 30.98 -82.27 -129.68
C VAL A 73 31.67 -82.46 -128.34
N ILE A 74 32.41 -83.55 -128.13
CA ILE A 74 32.93 -83.90 -126.81
C ILE A 74 34.07 -82.95 -126.41
N HIS A 75 34.91 -82.58 -127.37
CA HIS A 75 36.01 -81.66 -127.06
C HIS A 75 35.50 -80.27 -126.74
N SER A 76 34.36 -79.86 -127.29
CA SER A 76 33.76 -78.58 -126.90
C SER A 76 33.21 -78.65 -125.47
N ILE A 77 32.62 -79.80 -125.11
CA ILE A 77 32.07 -79.97 -123.76
C ILE A 77 33.19 -79.98 -122.72
N LEU A 78 34.32 -80.61 -123.06
CA LEU A 78 35.46 -80.68 -122.16
C LEU A 78 36.19 -79.34 -121.97
N ASN A 79 35.99 -78.34 -122.84
CA ASN A 79 36.63 -77.04 -122.64
C ASN A 79 35.80 -76.10 -121.74
N SER A 80 34.60 -76.54 -121.31
CA SER A 80 33.71 -75.72 -120.48
C SER A 80 34.29 -75.49 -119.06
N PRO A 81 33.91 -74.36 -118.39
CA PRO A 81 34.46 -74.03 -117.06
C PRO A 81 34.33 -75.09 -115.96
N TYR A 82 33.37 -75.98 -116.13
CA TYR A 82 33.06 -77.05 -115.18
C TYR A 82 34.00 -78.23 -115.32
N ALA A 83 35.09 -78.07 -116.08
CA ALA A 83 36.11 -79.09 -116.28
C ALA A 83 36.93 -79.44 -115.03
N LYS A 84 36.71 -78.82 -113.87
CA LYS A 84 37.21 -79.37 -112.61
C LYS A 84 36.09 -79.68 -111.63
N LEU A 85 34.88 -79.16 -111.88
CA LEU A 85 33.70 -79.71 -111.21
C LEU A 85 33.53 -81.19 -111.55
N TYR A 86 33.79 -81.57 -112.80
CA TYR A 86 34.12 -82.96 -113.10
C TYR A 86 35.27 -83.06 -114.10
N ASN A 87 36.21 -83.98 -113.80
CA ASN A 87 37.09 -84.63 -114.76
C ASN A 87 37.75 -85.87 -114.16
N PRO A 88 36.98 -86.94 -113.86
CA PRO A 88 37.60 -88.22 -113.56
C PRO A 88 37.96 -88.91 -114.88
N GLU A 89 38.51 -90.12 -114.78
CA GLU A 89 38.73 -90.93 -115.99
C GLU A 89 37.39 -91.57 -116.38
N ASN A 90 36.54 -90.76 -117.02
CA ASN A 90 35.27 -91.23 -117.55
C ASN A 90 35.02 -90.88 -119.02
N ILE A 91 35.90 -90.12 -119.68
CA ILE A 91 35.64 -89.62 -121.04
C ILE A 91 36.28 -90.60 -122.01
N TYR A 92 35.47 -91.26 -122.84
CA TYR A 92 36.05 -92.20 -123.80
C TYR A 92 35.15 -92.40 -125.02
N LEU A 93 35.79 -92.66 -126.16
CA LEU A 93 35.09 -93.00 -127.40
C LEU A 93 34.29 -94.28 -127.21
N GLY A 101 27.44 -92.69 -135.05
CA GLY A 101 27.24 -93.88 -135.90
C GLY A 101 26.05 -93.72 -136.83
N ASN A 102 25.20 -92.70 -136.61
CA ASN A 102 24.06 -92.35 -137.51
C ASN A 102 22.92 -93.38 -137.52
N ASN A 103 23.24 -94.67 -137.70
CA ASN A 103 22.20 -95.70 -137.63
C ASN A 103 22.56 -96.80 -136.62
N TRP A 104 21.52 -97.35 -135.95
CA TRP A 104 21.68 -98.14 -134.73
C TRP A 104 22.65 -99.32 -134.78
N ALA A 105 22.78 -100.04 -135.91
CA ALA A 105 23.60 -101.26 -135.91
C ALA A 105 25.09 -100.95 -135.78
N SER A 106 25.54 -99.83 -136.35
CA SER A 106 26.94 -99.43 -136.24
C SER A 106 27.38 -99.21 -134.79
N GLY A 107 26.53 -98.59 -133.97
CA GLY A 107 26.92 -98.34 -132.59
C GLY A 107 26.98 -99.62 -131.77
N PHE A 108 26.08 -100.57 -132.07
CA PHE A 108 26.10 -101.90 -131.45
C PHE A 108 27.42 -102.62 -131.76
N SER A 109 27.79 -102.66 -133.04
CA SER A 109 28.99 -103.39 -133.46
C SER A 109 30.28 -102.68 -133.05
N GLN A 110 30.29 -101.35 -133.07
CA GLN A 110 31.49 -100.62 -132.67
C GLN A 110 31.68 -100.71 -131.17
N GLY A 111 30.58 -100.72 -130.40
CA GLY A 111 30.69 -100.86 -128.97
C GLY A 111 31.13 -102.25 -128.58
N GLU A 112 30.65 -103.27 -129.32
CA GLU A 112 31.05 -104.65 -129.05
C GLU A 112 32.54 -104.84 -129.29
N LYS A 113 33.08 -104.25 -130.35
CA LYS A 113 34.49 -104.39 -130.64
C LYS A 113 35.38 -103.41 -129.87
N ILE A 114 34.80 -102.42 -129.16
CA ILE A 114 35.57 -101.44 -128.41
C ILE A 114 35.45 -101.63 -126.90
N HIS A 115 34.60 -102.57 -126.45
CA HIS A 115 34.06 -102.56 -125.09
C HIS A 115 35.10 -102.83 -123.98
N GLU A 116 36.32 -103.22 -124.33
CA GLU A 116 37.32 -103.59 -123.33
C GLU A 116 37.70 -102.45 -122.38
N ASP A 117 37.56 -101.19 -122.78
CA ASP A 117 38.00 -100.07 -121.94
C ASP A 117 36.83 -99.27 -121.40
N ILE A 118 35.75 -99.13 -122.19
CA ILE A 118 34.62 -98.32 -121.74
C ILE A 118 33.88 -99.07 -120.64
N PHE A 119 33.73 -100.39 -120.78
CA PHE A 119 33.07 -101.17 -119.74
C PHE A 119 33.97 -101.31 -118.52
N ASP A 120 35.29 -101.24 -118.72
CA ASP A 120 36.19 -101.14 -117.57
C ASP A 120 35.94 -99.85 -116.79
N ILE A 121 35.72 -98.75 -117.51
CA ILE A 121 35.41 -97.47 -116.86
C ILE A 121 34.08 -97.57 -116.12
N ILE A 122 33.07 -98.21 -116.75
CA ILE A 122 31.77 -98.39 -116.11
C ILE A 122 31.95 -99.25 -114.86
N ASP A 123 32.74 -100.32 -114.97
CA ASP A 123 32.95 -101.20 -113.83
C ASP A 123 33.73 -100.51 -112.72
N ARG A 124 34.66 -99.60 -113.05
CA ARG A 124 35.37 -98.88 -112.00
C ARG A 124 34.46 -97.93 -111.25
N GLU A 125 33.62 -97.18 -111.97
CA GLU A 125 32.67 -96.31 -111.28
C GLU A 125 31.57 -97.12 -110.58
N ALA A 126 31.24 -98.31 -111.09
CA ALA A 126 30.32 -99.20 -110.37
C ALA A 126 30.93 -99.70 -109.07
N ASP A 127 32.24 -100.00 -109.08
CA ASP A 127 32.96 -100.42 -107.88
C ASP A 127 33.25 -99.24 -106.95
N GLY A 128 33.09 -98.01 -107.42
CA GLY A 128 33.15 -96.84 -106.56
C GLY A 128 31.89 -96.61 -105.75
N SER A 129 31.36 -97.66 -105.15
CA SER A 129 30.24 -97.57 -104.22
C SER A 129 30.27 -98.79 -103.30
N ASP A 130 29.34 -98.79 -102.33
CA ASP A 130 29.11 -99.96 -101.48
C ASP A 130 28.50 -101.08 -102.33
N SER A 131 27.40 -100.76 -103.03
CA SER A 131 26.81 -101.58 -104.09
C SER A 131 25.97 -100.64 -104.94
N LEU A 132 25.43 -101.15 -106.05
CA LEU A 132 24.49 -100.34 -106.83
C LEU A 132 23.06 -100.62 -106.40
N GLU A 133 22.32 -99.55 -106.16
CA GLU A 133 20.86 -99.52 -106.14
C GLU A 133 20.28 -99.23 -107.52
N GLY A 134 20.98 -98.44 -108.35
CA GLY A 134 20.55 -98.21 -109.73
C GLY A 134 21.66 -97.70 -110.61
N PHE A 135 21.63 -98.11 -111.90
CA PHE A 135 22.41 -97.53 -112.99
C PHE A 135 21.51 -96.63 -113.85
N VAL A 136 21.45 -95.32 -113.60
CA VAL A 136 20.57 -94.42 -114.37
C VAL A 136 21.34 -93.88 -115.58
N LEU A 137 21.11 -94.48 -116.75
CA LEU A 137 21.70 -94.01 -118.00
C LEU A 137 20.93 -92.80 -118.54
N CYS A 138 21.53 -91.61 -118.50
CA CYS A 138 21.00 -90.46 -119.23
C CYS A 138 21.20 -90.68 -120.74
N HIS A 139 20.09 -90.75 -121.50
CA HIS A 139 20.09 -91.48 -122.77
C HIS A 139 19.17 -90.79 -123.80
N SER A 140 19.73 -90.40 -124.96
CA SER A 140 18.94 -90.04 -126.13
C SER A 140 18.25 -91.30 -126.70
N ILE A 141 16.94 -91.23 -126.93
CA ILE A 141 16.21 -92.45 -127.31
C ILE A 141 16.53 -92.87 -128.76
N ALA A 142 16.65 -91.91 -129.70
CA ALA A 142 16.76 -92.24 -131.12
C ALA A 142 18.08 -91.82 -131.80
N GLY A 143 18.90 -90.98 -131.15
CA GLY A 143 20.14 -90.47 -131.74
C GLY A 143 21.18 -91.55 -132.05
N GLY A 144 22.10 -91.21 -132.98
CA GLY A 144 23.02 -92.15 -133.61
C GLY A 144 24.02 -92.87 -132.70
N THR A 145 24.26 -92.37 -131.48
CA THR A 145 25.13 -93.04 -130.51
C THR A 145 24.40 -93.42 -129.24
N GLY A 146 23.27 -92.80 -128.95
CA GLY A 146 22.38 -93.33 -127.93
C GLY A 146 21.77 -94.65 -128.37
N SER A 147 21.21 -94.67 -129.58
CA SER A 147 20.99 -95.93 -130.29
C SER A 147 22.32 -96.58 -130.62
N GLY A 148 22.31 -97.90 -130.75
CA GLY A 148 23.55 -98.64 -130.89
C GLY A 148 24.33 -98.73 -129.59
N LEU A 149 25.33 -97.86 -129.41
CA LEU A 149 26.23 -97.97 -128.26
C LEU A 149 25.52 -97.78 -126.93
N GLY A 150 24.72 -96.71 -126.79
CA GLY A 150 23.99 -96.52 -125.53
C GLY A 150 23.09 -97.69 -125.20
N SER A 151 22.27 -98.11 -126.17
CA SER A 151 21.42 -99.28 -126.00
C SER A 151 22.21 -100.56 -125.79
N TYR A 152 23.39 -100.68 -126.42
CA TYR A 152 24.24 -101.84 -126.21
C TYR A 152 24.75 -101.93 -124.78
N LEU A 153 25.23 -100.82 -124.22
CA LEU A 153 25.60 -100.79 -122.81
C LEU A 153 24.39 -101.08 -121.93
N LEU A 154 23.23 -100.53 -122.30
CA LEU A 154 22.00 -100.75 -121.55
C LEU A 154 21.60 -102.23 -121.50
N GLU A 155 21.88 -102.98 -122.58
CA GLU A 155 21.83 -104.44 -122.51
C GLU A 155 22.93 -105.03 -121.65
N ARG A 156 24.17 -104.54 -121.79
CA ARG A 156 25.30 -105.18 -121.14
C ARG A 156 25.21 -105.06 -119.62
N LEU A 157 24.63 -103.96 -119.13
CA LEU A 157 24.39 -103.84 -117.70
C LEU A 157 23.38 -104.89 -117.23
N ASN A 158 22.38 -105.21 -118.07
CA ASN A 158 21.44 -106.30 -117.79
C ASN A 158 22.08 -107.68 -117.98
N ASP A 159 23.16 -107.78 -118.77
CA ASP A 159 23.87 -109.05 -118.94
C ASP A 159 24.82 -109.34 -117.77
N ARG A 160 25.44 -108.29 -117.21
CA ARG A 160 26.48 -108.46 -116.21
C ARG A 160 25.94 -108.26 -114.79
N TYR A 161 24.95 -107.39 -114.60
CA TYR A 161 24.37 -107.06 -113.30
C TYR A 161 22.84 -107.13 -113.39
N PRO A 162 22.28 -108.34 -113.52
CA PRO A 162 20.89 -108.46 -114.01
C PRO A 162 19.81 -108.08 -113.01
N LYS A 163 20.03 -108.23 -111.70
CA LYS A 163 18.90 -108.12 -110.77
C LYS A 163 18.77 -106.70 -110.21
N LYS A 164 19.89 -106.00 -110.04
CA LYS A 164 19.89 -104.60 -109.62
C LYS A 164 19.29 -103.73 -110.74
N LEU A 165 18.68 -102.59 -110.35
CA LEU A 165 17.85 -101.82 -111.28
C LEU A 165 18.68 -101.07 -112.33
N VAL A 166 18.70 -101.63 -113.54
CA VAL A 166 19.17 -100.90 -114.71
C VAL A 166 18.13 -99.84 -115.06
N GLN A 167 18.57 -98.58 -115.14
CA GLN A 167 17.67 -97.44 -115.21
C GLN A 167 18.07 -96.54 -116.38
N THR A 168 17.15 -95.65 -116.79
CA THR A 168 17.43 -94.63 -117.78
C THR A 168 16.68 -93.35 -117.44
N TYR A 169 17.27 -92.20 -117.83
CA TYR A 169 16.54 -90.93 -117.88
C TYR A 169 16.64 -90.41 -119.31
N SER A 170 15.53 -89.90 -119.85
CA SER A 170 15.43 -89.85 -121.31
C SER A 170 14.45 -88.77 -121.80
N VAL A 171 14.58 -88.45 -123.10
CA VAL A 171 13.61 -87.67 -123.85
C VAL A 171 13.03 -88.55 -124.97
N PHE A 172 11.70 -88.69 -124.96
CA PHE A 172 10.97 -89.45 -125.98
C PHE A 172 11.11 -88.77 -127.35
N PRO A 173 11.40 -89.53 -128.43
CA PRO A 173 11.67 -88.90 -129.73
C PRO A 173 10.38 -88.54 -130.45
N ASN A 174 9.58 -87.70 -129.80
CA ASN A 174 8.21 -87.39 -130.20
C ASN A 174 8.05 -86.02 -130.85
N GLN A 175 9.14 -85.32 -131.24
CA GLN A 175 8.94 -84.20 -132.15
C GLN A 175 8.23 -84.69 -133.43
N ASP A 176 7.20 -83.94 -133.84
CA ASP A 176 6.53 -84.13 -135.12
C ASP A 176 7.47 -83.88 -136.30
N GLU A 177 7.10 -84.39 -137.47
CA GLU A 177 7.99 -84.34 -138.65
C GLU A 177 9.37 -84.88 -138.29
N ASP A 180 18.94 -83.63 -134.64
CA ASP A 180 17.78 -84.43 -134.99
C ASP A 180 18.24 -85.69 -135.76
N VAL A 181 17.38 -86.71 -135.89
CA VAL A 181 17.79 -87.99 -136.45
C VAL A 181 16.88 -88.47 -137.57
N VAL A 182 17.50 -89.12 -138.56
CA VAL A 182 16.94 -89.48 -139.86
C VAL A 182 16.30 -90.87 -139.88
N VAL A 183 16.25 -91.53 -138.72
CA VAL A 183 15.79 -92.91 -138.61
C VAL A 183 14.95 -93.03 -137.32
N GLN A 184 14.21 -91.94 -137.00
CA GLN A 184 13.54 -91.66 -135.73
C GLN A 184 12.68 -92.83 -135.22
N PRO A 185 11.61 -93.28 -135.88
CA PRO A 185 10.84 -94.39 -135.28
C PRO A 185 11.61 -95.71 -135.25
N TYR A 186 12.41 -96.01 -136.27
CA TYR A 186 13.10 -97.30 -136.32
C TYR A 186 14.07 -97.42 -135.14
N ASN A 187 14.89 -96.38 -134.90
CA ASN A 187 15.73 -96.37 -133.70
C ASN A 187 14.90 -96.37 -132.41
N SER A 188 13.78 -95.63 -132.37
CA SER A 188 13.00 -95.50 -131.13
C SER A 188 12.45 -96.84 -130.62
N LEU A 189 11.85 -97.65 -131.49
CA LEU A 189 11.29 -98.90 -130.97
C LEU A 189 12.37 -99.98 -130.82
N LEU A 190 13.49 -99.88 -131.56
CA LEU A 190 14.68 -100.65 -131.21
C LEU A 190 15.15 -100.37 -129.79
N THR A 191 15.31 -99.09 -129.41
CA THR A 191 15.77 -98.77 -128.07
C THR A 191 14.69 -98.99 -127.00
N LEU A 192 13.40 -98.84 -127.34
CA LEU A 192 12.36 -99.23 -126.41
C LEU A 192 12.36 -100.73 -126.07
N LYS A 193 12.90 -101.61 -126.92
CA LYS A 193 13.11 -102.98 -126.45
C LYS A 193 14.07 -103.00 -125.27
N ARG A 194 15.16 -102.23 -125.36
CA ARG A 194 16.14 -102.19 -124.27
C ARG A 194 15.56 -101.55 -123.01
N LEU A 195 14.65 -100.59 -123.15
CA LEU A 195 13.95 -100.06 -121.99
C LEU A 195 12.90 -101.05 -121.45
N THR A 196 11.93 -101.47 -122.28
CA THR A 196 10.89 -102.37 -121.78
C THR A 196 11.43 -103.70 -121.26
N GLN A 197 12.27 -104.37 -122.05
CA GLN A 197 12.83 -105.66 -121.62
C GLN A 197 14.02 -105.50 -120.66
N ASN A 198 15.10 -104.85 -121.12
CA ASN A 198 16.37 -104.91 -120.39
C ASN A 198 16.51 -103.87 -119.27
N ALA A 199 15.82 -102.72 -119.33
CA ALA A 199 15.81 -101.77 -118.22
C ALA A 199 14.66 -102.02 -117.25
N ASP A 200 14.82 -101.55 -116.02
CA ASP A 200 13.97 -101.90 -114.89
C ASP A 200 13.17 -100.72 -114.35
N CYS A 201 13.62 -99.48 -114.54
CA CYS A 201 12.82 -98.29 -114.29
C CYS A 201 13.35 -97.16 -115.18
N VAL A 202 12.45 -96.34 -115.75
CA VAL A 202 12.82 -95.23 -116.63
C VAL A 202 11.89 -94.03 -116.41
N VAL A 203 12.45 -92.82 -116.54
CA VAL A 203 11.73 -91.54 -116.47
C VAL A 203 11.92 -90.80 -117.81
N VAL A 204 10.85 -90.17 -118.33
CA VAL A 204 10.90 -89.62 -119.70
C VAL A 204 10.05 -88.36 -119.90
N LEU A 205 10.51 -87.50 -120.84
CA LEU A 205 9.89 -86.22 -121.24
C LEU A 205 9.58 -86.19 -122.75
N ASP A 206 8.57 -85.37 -123.13
CA ASP A 206 8.03 -85.29 -124.50
C ASP A 206 8.16 -83.87 -125.09
N ASN A 207 8.82 -83.75 -126.25
CA ASN A 207 8.99 -82.46 -126.93
C ASN A 207 7.69 -81.77 -127.35
N THR A 208 6.57 -82.51 -127.52
CA THR A 208 5.29 -81.88 -127.83
C THR A 208 4.64 -81.26 -126.60
N ALA A 209 4.74 -81.94 -125.45
CA ALA A 209 4.27 -81.35 -124.21
C ALA A 209 5.11 -80.14 -123.81
N LEU A 210 6.43 -80.26 -123.94
CA LEU A 210 7.31 -79.11 -123.77
C LEU A 210 7.03 -77.99 -124.78
N ASN A 211 6.62 -78.31 -126.01
CA ASN A 211 6.23 -77.27 -126.97
C ASN A 211 5.02 -76.44 -126.49
N ARG A 212 3.90 -77.10 -126.13
CA ARG A 212 2.74 -76.34 -125.64
C ARG A 212 3.03 -75.63 -124.32
N ILE A 213 3.94 -76.16 -123.50
CA ILE A 213 4.41 -75.44 -122.32
C ILE A 213 5.29 -74.25 -122.70
N ALA A 214 6.10 -74.39 -123.75
CA ALA A 214 6.89 -73.25 -124.22
C ALA A 214 6.01 -72.08 -124.67
N THR A 215 4.93 -72.35 -125.42
CA THR A 215 3.92 -71.34 -125.75
C THR A 215 3.03 -70.95 -124.58
N ASP A 216 3.46 -71.23 -123.35
CA ASP A 216 2.92 -70.60 -122.14
C ASP A 216 4.04 -69.88 -121.40
N ARG A 217 5.14 -70.59 -121.07
CA ARG A 217 6.25 -70.04 -120.28
C ARG A 217 7.03 -68.93 -121.00
N LEU A 218 7.28 -69.05 -122.31
CA LEU A 218 8.37 -68.32 -122.97
C LEU A 218 7.99 -67.71 -124.32
N HIS A 219 8.64 -66.58 -124.65
CA HIS A 219 8.78 -66.11 -126.03
C HIS A 219 9.95 -66.83 -126.73
N ILE A 220 9.82 -68.15 -126.91
CA ILE A 220 10.96 -68.93 -127.47
C ILE A 220 10.49 -69.76 -128.68
N GLN A 221 11.44 -70.29 -129.46
CA GLN A 221 11.09 -71.08 -130.67
C GLN A 221 12.30 -71.91 -131.17
N ASN A 222 12.91 -71.49 -132.28
CA ASN A 222 14.03 -72.26 -132.89
C ASN A 222 14.87 -73.01 -131.85
N PRO A 223 15.57 -72.36 -130.89
CA PRO A 223 16.45 -73.08 -129.96
C PRO A 223 15.88 -74.45 -129.59
N SER A 224 14.70 -74.47 -128.96
CA SER A 224 13.99 -75.75 -128.65
C SER A 224 14.89 -76.82 -128.04
N PHE A 225 15.33 -77.80 -128.84
CA PHE A 225 16.06 -78.96 -128.28
C PHE A 225 17.23 -78.57 -127.37
N SER A 226 18.16 -77.74 -127.87
CA SER A 226 19.30 -77.40 -127.00
C SER A 226 18.91 -76.55 -125.79
N GLN A 227 17.74 -75.91 -125.81
CA GLN A 227 17.24 -75.19 -124.64
C GLN A 227 16.36 -76.08 -123.76
N ILE A 228 15.75 -77.11 -124.35
CA ILE A 228 15.13 -78.20 -123.58
C ILE A 228 16.15 -78.93 -122.71
N ASN A 229 17.45 -78.89 -123.06
CA ASN A 229 18.49 -79.26 -122.10
C ASN A 229 18.28 -78.62 -120.72
N GLN A 230 17.92 -77.33 -120.67
CA GLN A 230 17.65 -76.70 -119.37
C GLN A 230 16.43 -77.31 -118.70
N LEU A 231 15.33 -77.42 -119.46
CA LEU A 231 14.08 -77.92 -118.90
C LEU A 231 14.21 -79.37 -118.41
N VAL A 232 14.70 -80.28 -119.26
CA VAL A 232 14.96 -81.66 -118.85
C VAL A 232 15.76 -81.71 -117.56
N SER A 233 16.80 -80.88 -117.46
CA SER A 233 17.70 -80.93 -116.33
C SER A 233 17.04 -80.39 -115.06
N THR A 234 16.32 -79.27 -115.17
CA THR A 234 15.68 -78.70 -114.00
C THR A 234 14.55 -79.60 -113.51
N ILE A 235 13.82 -80.22 -114.43
CA ILE A 235 12.76 -81.17 -114.07
C ILE A 235 13.36 -82.41 -113.42
N MET A 236 14.38 -83.02 -114.05
CA MET A 236 15.01 -84.19 -113.46
C MET A 236 15.55 -83.90 -112.05
N SER A 237 16.18 -82.73 -111.85
CA SER A 237 16.68 -82.37 -110.53
C SER A 237 15.54 -82.23 -109.53
N ALA A 238 14.49 -81.52 -109.92
CA ALA A 238 13.43 -81.18 -108.97
C ALA A 238 12.55 -82.37 -108.63
N SER A 239 12.45 -83.35 -109.55
CA SER A 239 11.76 -84.61 -109.26
C SER A 239 12.54 -85.59 -108.38
N THR A 240 13.87 -85.66 -108.49
CA THR A 240 14.63 -86.64 -107.71
C THR A 240 15.00 -86.14 -106.31
N THR A 241 14.52 -84.95 -105.93
CA THR A 241 14.66 -84.35 -104.61
C THR A 241 14.47 -85.34 -103.46
N THR A 242 13.47 -86.21 -103.57
CA THR A 242 13.15 -87.14 -102.49
C THR A 242 14.27 -88.15 -102.22
N LEU A 243 15.09 -88.44 -103.24
CA LEU A 243 16.17 -89.41 -103.13
C LEU A 243 17.44 -88.84 -102.52
N ARG A 244 17.52 -87.51 -102.35
CA ARG A 244 18.78 -86.79 -102.12
C ARG A 244 18.67 -85.76 -101.01
N TYR A 245 17.47 -85.47 -100.49
CA TYR A 245 17.25 -84.60 -99.35
C TYR A 245 16.55 -85.33 -98.21
N PRO A 246 16.75 -84.91 -96.96
CA PRO A 246 16.11 -85.60 -95.83
C PRO A 246 14.63 -85.28 -95.72
N GLY A 247 13.94 -86.18 -95.05
CA GLY A 247 12.63 -85.90 -94.50
C GLY A 247 12.16 -87.10 -93.76
N TYR A 248 10.97 -86.94 -93.21
CA TYR A 248 10.35 -87.94 -92.39
C TYR A 248 10.12 -89.27 -93.12
N MET A 249 9.97 -89.24 -94.44
CA MET A 249 9.64 -90.42 -95.22
C MET A 249 10.18 -90.26 -96.63
N ASN A 250 10.05 -91.34 -97.41
CA ASN A 250 10.21 -91.33 -98.86
C ASN A 250 11.64 -90.99 -99.27
N ASN A 251 12.60 -91.34 -98.41
CA ASN A 251 14.00 -90.97 -98.58
C ASN A 251 14.72 -91.90 -99.55
N ASP A 252 14.11 -93.01 -99.96
CA ASP A 252 14.79 -94.15 -100.56
C ASP A 252 14.15 -94.54 -101.89
N LEU A 253 14.98 -95.07 -102.80
CA LEU A 253 14.48 -95.46 -104.12
C LEU A 253 13.60 -96.72 -104.01
N ILE A 254 14.08 -97.73 -103.27
CA ILE A 254 13.53 -99.08 -103.33
C ILE A 254 12.07 -99.13 -102.90
N GLY A 255 11.70 -98.42 -101.83
CA GLY A 255 10.30 -98.40 -101.41
C GLY A 255 9.46 -97.57 -102.36
N LEU A 256 9.95 -96.38 -102.69
CA LEU A 256 9.16 -95.38 -103.39
C LEU A 256 8.82 -95.81 -104.81
N ILE A 257 9.83 -96.19 -105.59
CA ILE A 257 9.61 -96.46 -107.01
C ILE A 257 8.77 -97.71 -107.21
N ALA A 258 8.91 -98.70 -106.32
CA ALA A 258 8.07 -99.88 -106.32
C ALA A 258 6.59 -99.57 -106.10
N SER A 259 6.27 -98.52 -105.33
CA SER A 259 4.88 -98.11 -105.14
C SER A 259 4.28 -97.44 -106.37
N LEU A 260 5.05 -97.33 -107.45
CA LEU A 260 4.61 -96.83 -108.75
C LEU A 260 4.61 -97.90 -109.83
N ILE A 261 5.43 -98.94 -109.69
CA ILE A 261 5.77 -99.86 -110.75
C ILE A 261 5.46 -101.30 -110.31
N PRO A 262 4.29 -101.86 -110.73
CA PRO A 262 4.00 -103.29 -110.46
C PRO A 262 4.72 -104.30 -111.37
N THR A 263 4.54 -104.19 -112.72
CA THR A 263 4.95 -105.25 -113.64
C THR A 263 6.39 -105.01 -114.14
N PRO A 264 7.05 -106.06 -114.65
CA PRO A 264 8.32 -105.87 -115.36
C PRO A 264 8.24 -104.97 -116.61
N ARG A 265 7.04 -104.55 -117.03
CA ARG A 265 6.86 -103.67 -118.19
C ARG A 265 6.53 -102.23 -117.79
N LEU A 266 5.65 -102.04 -116.79
CA LEU A 266 5.01 -100.76 -116.51
C LEU A 266 5.90 -99.75 -115.75
N HIS A 267 7.13 -99.56 -116.21
CA HIS A 267 8.15 -98.87 -115.45
C HIS A 267 8.51 -97.47 -115.98
N PHE A 268 7.77 -96.96 -116.99
CA PHE A 268 8.01 -95.68 -117.66
C PHE A 268 7.33 -94.50 -116.95
N LEU A 269 7.91 -94.04 -115.84
CA LEU A 269 7.42 -92.87 -115.10
C LEU A 269 7.50 -91.57 -115.92
N MET A 270 6.56 -90.64 -115.66
CA MET A 270 6.49 -89.34 -116.35
C MET A 270 6.15 -88.23 -115.34
N THR A 271 6.28 -86.95 -115.76
CA THR A 271 6.41 -85.81 -114.84
C THR A 271 5.40 -84.70 -115.12
N GLY A 272 5.08 -83.94 -114.03
CA GLY A 272 4.19 -82.77 -114.06
C GLY A 272 4.66 -81.68 -113.08
N TYR A 273 4.55 -80.40 -113.47
CA TYR A 273 5.13 -79.29 -112.70
C TYR A 273 4.18 -78.08 -112.69
N THR A 274 4.05 -77.41 -111.51
CA THR A 274 3.09 -76.33 -111.33
C THR A 274 3.53 -74.97 -111.93
N PRO A 275 4.67 -74.35 -111.51
CA PRO A 275 4.87 -72.90 -111.74
C PRO A 275 5.45 -72.55 -113.11
N LEU A 276 4.66 -72.76 -114.17
CA LEU A 276 5.08 -72.41 -115.52
C LEU A 276 5.16 -70.89 -115.77
N THR A 277 4.81 -70.06 -114.78
CA THR A 277 5.06 -68.62 -114.77
C THR A 277 6.46 -68.24 -114.23
N THR A 278 7.36 -69.21 -114.02
CA THR A 278 8.62 -68.93 -113.30
C THR A 278 9.63 -68.09 -114.11
N ASP A 279 9.69 -68.22 -115.43
CA ASP A 279 10.60 -67.40 -116.25
C ASP A 279 9.91 -66.21 -116.87
N LYS A 287 2.59 -63.84 -100.61
CA LYS A 287 3.27 -64.99 -101.16
C LYS A 287 2.28 -65.96 -101.85
N THR A 288 2.72 -66.55 -102.97
CA THR A 288 1.84 -67.24 -103.91
C THR A 288 1.09 -68.39 -103.23
N THR A 289 -0.24 -68.26 -103.08
CA THR A 289 -1.01 -69.17 -102.23
C THR A 289 -0.92 -70.62 -102.71
N VAL A 290 -0.56 -71.53 -101.79
CA VAL A 290 -0.31 -72.93 -102.14
C VAL A 290 -1.58 -73.66 -102.60
N LEU A 291 -2.77 -73.10 -102.34
CA LEU A 291 -4.01 -73.68 -102.85
C LEU A 291 -4.04 -73.70 -104.37
N ASP A 292 -3.75 -72.56 -105.01
CA ASP A 292 -3.70 -72.49 -106.47
C ASP A 292 -2.47 -73.22 -107.03
N VAL A 293 -1.36 -73.24 -106.29
CA VAL A 293 -0.20 -74.05 -106.67
C VAL A 293 -0.57 -75.54 -106.70
N MET A 294 -1.34 -76.00 -105.71
CA MET A 294 -1.69 -77.41 -105.63
C MET A 294 -2.72 -77.86 -106.67
N ARG A 295 -3.77 -77.07 -106.91
CA ARG A 295 -4.74 -77.42 -107.96
C ARG A 295 -4.11 -77.44 -109.35
N ARG A 296 -3.12 -76.58 -109.59
CA ARG A 296 -2.47 -76.50 -110.90
C ARG A 296 -1.80 -77.82 -111.33
N LEU A 297 -1.27 -78.60 -110.38
CA LEU A 297 -0.63 -79.88 -110.71
C LEU A 297 -1.60 -80.93 -111.29
N LEU A 298 -2.90 -80.79 -111.07
CA LEU A 298 -3.91 -81.69 -111.63
C LEU A 298 -4.37 -81.34 -113.04
N GLN A 299 -4.06 -80.13 -113.54
CA GLN A 299 -4.61 -79.64 -114.80
C GLN A 299 -4.01 -80.32 -116.05
N PRO A 300 -4.82 -80.46 -117.12
CA PRO A 300 -4.28 -80.92 -118.42
C PRO A 300 -3.13 -80.07 -118.94
N LYS A 301 -3.02 -78.82 -118.50
CA LYS A 301 -1.93 -77.93 -118.88
C LYS A 301 -0.55 -78.34 -118.34
N ASN A 302 -0.46 -79.22 -117.34
CA ASN A 302 0.72 -79.26 -116.47
C ASN A 302 1.52 -80.58 -116.43
N VAL A 303 1.28 -81.57 -117.32
CA VAL A 303 2.16 -82.75 -117.46
C VAL A 303 3.00 -82.66 -118.74
N MET A 304 4.27 -83.10 -118.65
CA MET A 304 5.25 -82.95 -119.76
C MET A 304 5.30 -84.17 -120.70
N VAL A 305 4.32 -85.09 -120.67
CA VAL A 305 4.21 -86.15 -121.67
C VAL A 305 2.82 -86.10 -122.31
N SER A 306 2.79 -85.88 -123.63
CA SER A 306 1.58 -85.82 -124.47
C SER A 306 0.34 -85.34 -123.72
N THR A 313 -8.05 -89.58 -124.29
CA THR A 313 -8.96 -89.24 -123.20
C THR A 313 -8.22 -88.54 -122.07
N ASN A 314 -8.97 -88.06 -121.07
CA ASN A 314 -8.41 -87.36 -119.91
C ASN A 314 -7.79 -88.43 -118.99
N HIS A 315 -6.49 -88.66 -119.19
CA HIS A 315 -5.77 -89.74 -118.51
C HIS A 315 -5.54 -89.40 -117.03
N CYS A 316 -5.40 -90.45 -116.22
CA CYS A 316 -5.40 -90.36 -114.76
C CYS A 316 -4.03 -90.71 -114.16
N TYR A 317 -3.90 -90.42 -112.86
CA TYR A 317 -2.64 -90.57 -112.13
C TYR A 317 -2.66 -91.85 -111.28
N ILE A 318 -1.71 -92.76 -111.53
CA ILE A 318 -1.51 -93.92 -110.66
C ILE A 318 -0.94 -93.48 -109.32
N ALA A 319 -0.19 -92.38 -109.29
CA ALA A 319 0.25 -91.72 -108.06
C ALA A 319 0.53 -90.25 -108.36
N ILE A 320 0.51 -89.42 -107.31
CA ILE A 320 0.86 -88.00 -107.41
C ILE A 320 1.79 -87.67 -106.23
N LEU A 321 3.11 -87.81 -106.45
CA LEU A 321 4.09 -87.25 -105.53
C LEU A 321 4.03 -85.72 -105.56
N ASN A 322 4.04 -85.08 -104.36
CA ASN A 322 4.31 -83.62 -104.34
C ASN A 322 4.89 -83.16 -103.00
N ILE A 323 6.17 -83.44 -102.78
CA ILE A 323 6.90 -82.80 -101.68
C ILE A 323 7.24 -81.36 -102.10
N ILE A 324 6.54 -80.37 -101.52
CA ILE A 324 6.67 -78.98 -101.94
C ILE A 324 8.08 -78.47 -101.59
N GLN A 325 8.81 -78.00 -102.61
CA GLN A 325 10.20 -77.54 -102.47
C GLN A 325 10.35 -76.03 -102.36
N GLY A 326 9.28 -75.25 -102.62
CA GLY A 326 9.30 -73.80 -102.51
C GLY A 326 8.93 -73.28 -101.13
N GLU A 327 8.56 -72.00 -101.07
CA GLU A 327 8.12 -71.34 -99.84
C GLU A 327 6.93 -72.09 -99.18
N VAL A 328 6.78 -71.86 -97.87
CA VAL A 328 5.87 -72.59 -96.98
C VAL A 328 4.91 -71.62 -96.31
N ASP A 329 3.66 -72.08 -96.09
CA ASP A 329 2.72 -71.41 -95.18
C ASP A 329 2.23 -72.36 -94.08
N PRO A 330 2.50 -72.05 -92.80
CA PRO A 330 2.08 -72.91 -91.68
C PRO A 330 0.61 -73.28 -91.49
N THR A 331 -0.33 -72.80 -92.31
CA THR A 331 -1.67 -73.39 -92.26
C THR A 331 -2.26 -73.69 -93.63
N GLN A 332 -1.84 -72.97 -94.68
CA GLN A 332 -2.26 -73.38 -96.02
C GLN A 332 -1.62 -74.71 -96.46
N VAL A 333 -0.47 -75.10 -95.92
CA VAL A 333 -0.04 -76.50 -96.13
C VAL A 333 -1.02 -77.48 -95.47
N HIS A 334 -1.64 -77.12 -94.34
CA HIS A 334 -2.74 -77.94 -93.82
C HIS A 334 -3.89 -78.00 -94.84
N LYS A 335 -4.28 -76.85 -95.42
CA LYS A 335 -5.40 -76.81 -96.36
C LYS A 335 -5.10 -77.51 -97.69
N SER A 336 -3.83 -77.61 -98.10
CA SER A 336 -3.46 -78.07 -99.44
C SER A 336 -4.20 -79.31 -99.93
N LEU A 337 -3.99 -80.45 -99.26
CA LEU A 337 -4.61 -81.71 -99.71
C LEU A 337 -6.13 -81.66 -99.53
N GLN A 338 -6.58 -81.10 -98.41
CA GLN A 338 -8.01 -81.01 -98.13
C GLN A 338 -8.74 -80.21 -99.21
N ARG A 339 -8.10 -79.17 -99.77
CA ARG A 339 -8.70 -78.37 -100.84
C ARG A 339 -8.65 -79.04 -102.22
N ILE A 340 -7.54 -79.66 -102.61
CA ILE A 340 -7.51 -80.33 -103.92
C ILE A 340 -8.35 -81.61 -103.98
N ARG A 341 -8.65 -82.24 -102.84
CA ARG A 341 -9.70 -83.26 -102.79
C ARG A 341 -10.99 -82.72 -103.42
N GLU A 342 -11.32 -81.45 -103.15
CA GLU A 342 -12.58 -80.86 -103.59
C GLU A 342 -12.56 -80.44 -105.06
N ARG A 343 -11.45 -79.88 -105.55
CA ARG A 343 -11.44 -79.33 -106.90
C ARG A 343 -11.54 -80.41 -107.99
N LYS A 344 -11.06 -81.64 -107.71
CA LYS A 344 -11.33 -82.85 -108.51
C LYS A 344 -11.17 -82.68 -110.03
N LEU A 345 -10.19 -81.86 -110.46
CA LEU A 345 -9.94 -81.58 -111.87
C LEU A 345 -9.47 -82.82 -112.64
N ALA A 346 -8.78 -83.75 -111.97
CA ALA A 346 -8.42 -85.05 -112.53
C ALA A 346 -8.31 -86.05 -111.38
N ASN A 347 -9.15 -87.09 -111.38
CA ASN A 347 -9.15 -88.13 -110.36
C ASN A 347 -8.12 -89.23 -110.65
N PHE A 348 -7.84 -90.02 -109.59
CA PHE A 348 -6.90 -91.15 -109.70
C PHE A 348 -7.45 -92.30 -110.54
N ILE A 349 -8.78 -92.43 -110.62
CA ILE A 349 -9.49 -93.62 -111.10
C ILE A 349 -8.81 -94.92 -110.71
N PRO A 350 -8.70 -95.21 -109.40
CA PRO A 350 -7.71 -96.19 -108.92
C PRO A 350 -8.21 -97.63 -108.84
N TRP A 351 -7.35 -98.47 -108.26
CA TRP A 351 -7.53 -99.90 -108.02
C TRP A 351 -7.45 -100.23 -106.54
N GLY A 352 -7.13 -99.24 -105.70
CA GLY A 352 -6.81 -99.45 -104.31
C GLY A 352 -6.41 -98.15 -103.62
N PRO A 353 -5.49 -98.22 -102.64
CA PRO A 353 -5.22 -97.05 -101.78
C PRO A 353 -4.57 -95.81 -102.40
N ALA A 354 -4.43 -95.71 -103.72
CA ALA A 354 -3.64 -94.64 -104.33
C ALA A 354 -4.22 -93.25 -104.05
N SER A 355 -3.43 -92.39 -103.38
CA SER A 355 -3.76 -90.99 -103.14
C SER A 355 -2.50 -90.11 -103.19
N ILE A 356 -2.70 -88.79 -103.16
CA ILE A 356 -1.63 -87.79 -103.35
C ILE A 356 -0.64 -87.86 -102.21
N GLN A 357 0.63 -88.10 -102.55
CA GLN A 357 1.73 -88.16 -101.58
C GLN A 357 2.33 -86.77 -101.35
N VAL A 358 1.52 -85.85 -100.80
CA VAL A 358 2.04 -84.52 -100.43
C VAL A 358 2.96 -84.59 -99.21
N ALA A 359 3.94 -83.68 -99.18
CA ALA A 359 4.77 -83.44 -98.01
C ALA A 359 5.46 -82.08 -98.16
N LEU A 360 6.21 -81.68 -97.13
CA LEU A 360 7.31 -80.74 -97.28
C LEU A 360 8.58 -81.47 -97.77
N SER A 361 9.56 -80.67 -98.24
CA SER A 361 10.95 -81.13 -98.40
C SER A 361 11.93 -80.09 -97.87
N ARG A 362 13.15 -80.55 -97.54
CA ARG A 362 14.28 -79.64 -97.39
C ARG A 362 14.68 -79.01 -98.74
N LYS A 363 15.23 -77.80 -98.66
CA LYS A 363 15.86 -77.09 -99.76
C LYS A 363 17.17 -76.47 -99.28
N SER A 364 18.20 -76.46 -100.14
CA SER A 364 19.46 -75.78 -99.84
C SER A 364 19.24 -74.28 -99.62
N PRO A 365 19.85 -73.68 -98.56
CA PRO A 365 19.94 -72.21 -98.51
C PRO A 365 20.96 -71.59 -99.47
N TYR A 366 21.06 -70.24 -99.46
CA TYR A 366 21.93 -69.41 -100.28
C TYR A 366 21.61 -69.31 -101.78
N LEU A 367 20.77 -70.23 -102.37
CA LEU A 367 20.39 -70.14 -103.78
C LEU A 367 19.23 -69.14 -104.04
N PRO A 368 19.27 -68.42 -105.17
CA PRO A 368 18.21 -67.45 -105.51
C PRO A 368 16.98 -68.07 -106.19
N SER A 369 15.90 -67.29 -106.22
CA SER A 369 14.72 -67.56 -107.06
C SER A 369 13.79 -66.35 -107.15
N ALA A 370 13.50 -65.90 -108.37
CA ALA A 370 12.59 -64.78 -108.58
C ALA A 370 11.12 -65.17 -108.32
N HIS A 371 10.74 -66.41 -108.65
CA HIS A 371 9.40 -66.94 -108.42
C HIS A 371 9.46 -67.89 -107.22
N ARG A 372 8.56 -67.71 -106.24
CA ARG A 372 8.82 -68.24 -104.89
C ARG A 372 8.31 -69.65 -104.56
N VAL A 373 7.42 -70.28 -105.36
CA VAL A 373 6.86 -71.60 -105.00
C VAL A 373 6.95 -72.58 -106.18
N SER A 374 7.22 -73.86 -105.85
CA SER A 374 7.24 -74.97 -106.79
C SER A 374 6.78 -76.28 -106.13
N GLY A 375 6.14 -77.13 -106.96
CA GLY A 375 5.77 -78.51 -106.63
C GLY A 375 5.79 -79.38 -107.87
N LEU A 376 6.24 -80.64 -107.76
CA LEU A 376 6.49 -81.51 -108.91
C LEU A 376 6.17 -82.97 -108.56
N MET A 377 5.58 -83.70 -109.51
CA MET A 377 5.40 -85.16 -109.44
C MET A 377 6.24 -85.86 -110.49
N MET A 378 6.97 -86.93 -110.12
CA MET A 378 7.28 -88.02 -111.04
C MET A 378 6.45 -89.24 -110.65
N ALA A 379 5.69 -89.78 -111.62
CA ALA A 379 4.79 -90.89 -111.33
C ALA A 379 4.37 -91.53 -112.65
N ASN A 380 3.75 -92.72 -112.56
CA ASN A 380 2.94 -93.26 -113.65
C ASN A 380 1.62 -92.48 -113.75
N HIS A 381 1.66 -91.32 -114.43
CA HIS A 381 0.47 -90.78 -115.06
C HIS A 381 0.24 -91.58 -116.35
N THR A 382 -1.03 -91.91 -116.62
CA THR A 382 -1.35 -92.88 -117.68
C THR A 382 -1.28 -92.30 -119.09
N SER A 383 -1.06 -90.99 -119.25
CA SER A 383 -0.85 -90.38 -120.57
C SER A 383 0.25 -91.05 -121.39
N ILE A 384 1.29 -91.57 -120.72
CA ILE A 384 2.35 -92.33 -121.38
C ILE A 384 1.81 -93.46 -122.27
N SER A 385 0.63 -94.00 -121.96
CA SER A 385 -0.03 -94.97 -122.85
C SER A 385 -0.29 -94.41 -124.24
N SER A 386 -0.82 -93.19 -124.31
CA SER A 386 -1.06 -92.54 -125.60
C SER A 386 0.23 -92.24 -126.34
N LEU A 387 1.31 -91.90 -125.62
CA LEU A 387 2.61 -91.67 -126.25
C LEU A 387 3.24 -92.97 -126.74
N PHE A 388 3.08 -94.08 -126.01
CA PHE A 388 3.45 -95.38 -126.55
C PHE A 388 2.66 -95.74 -127.82
N GLU A 389 1.36 -95.51 -127.83
CA GLU A 389 0.61 -95.68 -129.08
C GLU A 389 1.02 -94.67 -130.16
N ARG A 390 1.66 -93.56 -129.80
CA ARG A 390 2.20 -92.66 -130.81
C ARG A 390 3.46 -93.22 -131.48
N THR A 391 4.45 -93.69 -130.72
CA THR A 391 5.58 -94.38 -131.34
C THR A 391 5.15 -95.66 -132.05
N CYS A 392 4.19 -96.41 -131.51
CA CYS A 392 3.75 -97.64 -132.17
C CYS A 392 2.95 -97.39 -133.46
N ARG A 393 2.05 -96.41 -133.49
CA ARG A 393 1.42 -96.06 -134.77
C ARG A 393 2.45 -95.51 -135.76
N GLN A 394 3.46 -94.77 -135.28
CA GLN A 394 4.57 -94.37 -136.14
C GLN A 394 5.37 -95.57 -136.68
N TYR A 395 5.61 -96.59 -135.85
CA TYR A 395 6.28 -97.80 -136.37
C TYR A 395 5.37 -98.67 -137.23
N ASP A 396 4.07 -98.76 -136.95
CA ASP A 396 3.16 -99.38 -137.92
C ASP A 396 3.27 -98.69 -139.27
N LYS A 397 3.27 -97.36 -139.25
CA LYS A 397 3.45 -96.57 -140.46
C LYS A 397 4.79 -96.83 -141.16
N LEU A 398 5.83 -97.24 -140.42
CA LEU A 398 7.05 -97.76 -141.08
C LEU A 398 6.89 -99.19 -141.61
N ARG A 399 6.34 -100.10 -140.80
CA ARG A 399 6.21 -101.49 -141.24
C ARG A 399 5.33 -101.62 -142.50
N LYS A 400 4.39 -100.71 -142.70
CA LYS A 400 3.50 -100.76 -143.86
C LYS A 400 3.94 -99.94 -145.10
N ARG A 401 4.79 -98.91 -144.99
CA ARG A 401 4.99 -98.06 -146.17
C ARG A 401 6.17 -98.49 -147.05
N GLU A 402 7.20 -99.14 -146.47
CA GLU A 402 8.45 -99.56 -147.13
C GLU A 402 9.36 -98.41 -147.58
N ALA A 403 8.86 -97.17 -147.57
CA ALA A 403 9.59 -96.06 -148.17
C ALA A 403 10.60 -95.47 -147.21
N PHE A 404 10.36 -95.61 -145.90
CA PHE A 404 11.24 -95.18 -144.84
C PHE A 404 11.61 -96.41 -144.00
N LEU A 405 12.01 -97.48 -144.69
CA LEU A 405 12.53 -98.68 -144.03
C LEU A 405 13.98 -98.47 -143.58
N GLU A 406 14.67 -97.51 -144.20
CA GLU A 406 16.07 -97.19 -143.94
C GLU A 406 17.00 -98.41 -144.06
N GLN A 407 16.79 -99.18 -145.14
CA GLN A 407 17.45 -100.47 -145.37
C GLN A 407 18.86 -100.24 -145.93
N PHE A 408 19.74 -99.70 -145.08
CA PHE A 408 21.16 -99.62 -145.41
C PHE A 408 21.82 -101.00 -145.36
N ARG A 409 23.01 -101.09 -145.98
CA ARG A 409 23.82 -102.31 -145.88
C ARG A 409 24.42 -102.49 -144.49
N LYS A 410 24.67 -101.39 -143.77
CA LYS A 410 25.20 -101.48 -142.42
C LYS A 410 24.16 -101.99 -141.42
N GLU A 411 22.87 -101.83 -141.73
CA GLU A 411 21.80 -102.29 -140.86
C GLU A 411 21.16 -103.60 -141.34
N ASP A 412 21.33 -103.96 -142.63
CA ASP A 412 20.46 -104.99 -143.24
C ASP A 412 20.85 -106.43 -142.90
N MET A 413 22.14 -106.81 -142.98
CA MET A 413 22.51 -108.16 -142.54
C MET A 413 23.02 -108.19 -141.10
N PHE A 414 22.71 -107.17 -140.30
CA PHE A 414 23.18 -107.18 -138.92
C PHE A 414 22.30 -108.10 -138.06
N LYS A 415 20.99 -108.07 -138.28
CA LYS A 415 19.99 -108.88 -137.59
C LYS A 415 19.15 -109.64 -138.63
N ASP A 416 18.54 -110.76 -138.24
CA ASP A 416 17.88 -111.62 -139.23
C ASP A 416 16.52 -111.05 -139.62
N ASN A 417 15.60 -110.95 -138.66
CA ASN A 417 14.20 -110.65 -138.93
C ASN A 417 13.72 -109.38 -138.21
N PHE A 418 14.65 -108.58 -137.69
CA PHE A 418 14.38 -107.48 -136.75
C PHE A 418 13.53 -107.92 -135.56
N ASP A 419 13.88 -109.09 -135.01
CA ASP A 419 13.34 -109.49 -133.70
C ASP A 419 13.58 -108.40 -132.67
N GLU A 420 14.63 -107.60 -132.88
CA GLU A 420 14.93 -106.42 -132.08
C GLU A 420 13.81 -105.37 -132.07
N MET A 421 12.86 -105.44 -133.00
CA MET A 421 11.80 -104.43 -133.06
C MET A 421 10.39 -104.95 -133.30
N ASP A 422 10.23 -105.95 -134.15
CA ASP A 422 8.87 -106.46 -134.37
C ASP A 422 8.37 -107.19 -133.13
N THR A 423 9.26 -107.86 -132.38
CA THR A 423 8.92 -108.28 -131.02
C THR A 423 8.72 -107.07 -130.10
N SER A 424 9.52 -106.02 -130.28
CA SER A 424 9.39 -104.82 -129.44
C SER A 424 8.02 -104.17 -129.57
N ARG A 425 7.43 -104.19 -130.76
CA ARG A 425 6.03 -103.77 -130.91
C ARG A 425 5.09 -104.61 -130.04
N GLU A 426 5.27 -105.93 -130.01
CA GLU A 426 4.46 -106.77 -129.12
C GLU A 426 4.75 -106.49 -127.64
N ILE A 427 6.03 -106.34 -127.27
CA ILE A 427 6.39 -106.03 -125.88
C ILE A 427 5.81 -104.68 -125.45
N VAL A 428 5.78 -103.69 -126.35
CA VAL A 428 5.07 -102.44 -126.05
C VAL A 428 3.55 -102.61 -126.10
N GLN A 429 3.01 -103.48 -126.96
CA GLN A 429 1.56 -103.73 -126.91
C GLN A 429 1.15 -104.37 -125.59
N GLN A 430 1.95 -105.28 -125.05
CA GLN A 430 1.72 -105.76 -123.68
C GLN A 430 1.67 -104.61 -122.69
N LEU A 431 2.65 -103.69 -122.79
CA LEU A 431 2.68 -102.51 -121.94
C LEU A 431 1.46 -101.60 -122.14
N ILE A 432 0.99 -101.47 -123.39
CA ILE A 432 -0.27 -100.75 -123.66
C ILE A 432 -1.46 -101.45 -122.99
N ASP A 433 -1.56 -102.77 -123.11
CA ASP A 433 -2.65 -103.52 -122.49
C ASP A 433 -2.63 -103.42 -120.96
N GLU A 434 -1.45 -103.20 -120.36
CA GLU A 434 -1.35 -102.95 -118.92
C GLU A 434 -1.63 -101.48 -118.56
N TYR A 435 -1.06 -100.51 -119.27
CA TYR A 435 -1.35 -99.10 -118.95
C TYR A 435 -2.82 -98.77 -119.13
N HIS A 436 -3.44 -99.20 -120.25
CA HIS A 436 -4.88 -98.99 -120.38
C HIS A 436 -5.65 -99.63 -119.22
N ALA A 437 -5.21 -100.80 -118.76
CA ALA A 437 -5.89 -101.46 -117.64
C ALA A 437 -5.66 -100.68 -116.34
N ALA A 438 -4.47 -100.09 -116.19
CA ALA A 438 -4.15 -99.29 -115.01
C ALA A 438 -4.98 -98.00 -114.97
N THR A 439 -5.38 -97.52 -116.16
CA THR A 439 -6.22 -96.32 -116.27
C THR A 439 -7.62 -96.58 -115.74
N ARG A 440 -8.10 -97.82 -115.80
CA ARG A 440 -9.43 -98.22 -115.41
C ARG A 440 -9.40 -98.91 -114.05
N PRO A 441 -10.53 -99.02 -113.35
CA PRO A 441 -10.58 -99.89 -112.16
C PRO A 441 -10.33 -101.37 -112.41
N ASP A 442 -10.43 -101.87 -113.65
CA ASP A 442 -10.24 -103.30 -113.92
C ASP A 442 -8.77 -103.57 -114.25
N TYR A 443 -7.96 -103.51 -113.18
CA TYR A 443 -6.52 -103.73 -113.27
C TYR A 443 -6.08 -105.08 -112.72
N ILE A 444 -7.03 -105.94 -112.31
CA ILE A 444 -6.70 -107.29 -111.83
C ILE A 444 -6.08 -108.12 -112.96
N SER A 445 -6.37 -107.77 -114.21
CA SER A 445 -5.78 -108.37 -115.40
C SER A 445 -5.38 -107.29 -116.41
N TRP A 446 -4.89 -107.74 -117.57
CA TRP A 446 -4.88 -106.94 -118.78
C TRP A 446 -6.28 -106.54 -119.24
N GLY A 447 -6.35 -105.41 -119.94
CA GLY A 447 -7.62 -104.88 -120.42
C GLY A 447 -8.36 -104.08 -119.37
N ARG B 3 73.72 -101.52 -81.85
CA ARG B 3 73.81 -102.29 -83.08
C ARG B 3 72.63 -101.96 -83.98
N GLU B 4 72.87 -101.59 -85.22
CA GLU B 4 71.87 -101.00 -86.11
C GLU B 4 71.91 -101.71 -87.48
N ILE B 5 71.28 -101.19 -88.52
CA ILE B 5 71.06 -101.93 -89.79
C ILE B 5 71.41 -101.07 -91.02
N ILE B 6 71.56 -101.71 -92.18
CA ILE B 6 71.96 -101.04 -93.43
C ILE B 6 71.05 -101.42 -94.60
N THR B 7 70.82 -100.44 -95.50
CA THR B 7 70.11 -100.61 -96.78
C THR B 7 71.05 -101.00 -97.93
N LEU B 8 71.43 -102.28 -97.99
CA LEU B 8 72.11 -102.82 -99.18
C LEU B 8 71.15 -102.72 -100.38
N GLN B 9 71.52 -102.03 -101.46
CA GLN B 9 70.68 -101.85 -102.63
C GLN B 9 71.38 -102.37 -103.88
N LEU B 10 70.63 -103.00 -104.79
CA LEU B 10 71.23 -103.81 -105.84
C LEU B 10 70.47 -103.75 -107.18
N GLY B 11 71.22 -104.08 -108.23
CA GLY B 11 70.72 -104.29 -109.60
C GLY B 11 70.10 -103.05 -110.21
N GLN B 12 68.87 -103.19 -110.72
CA GLN B 12 68.22 -102.14 -111.48
C GLN B 12 67.06 -101.58 -110.67
N CYS B 13 65.96 -102.33 -110.56
CA CYS B 13 64.82 -101.91 -109.75
C CYS B 13 65.24 -101.59 -108.31
N GLY B 14 66.01 -102.47 -107.68
CA GLY B 14 66.41 -102.28 -106.30
C GLY B 14 67.21 -101.01 -106.06
N ASN B 15 68.14 -100.70 -106.97
CA ASN B 15 68.85 -99.42 -106.93
C ASN B 15 67.90 -98.23 -107.13
N GLN B 16 67.03 -98.31 -108.15
CA GLN B 16 66.15 -97.20 -108.47
C GLN B 16 65.25 -96.82 -107.29
N ILE B 17 64.65 -97.80 -106.62
CA ILE B 17 63.85 -97.51 -105.42
C ILE B 17 64.75 -97.16 -104.24
N GLY B 18 65.93 -97.77 -104.14
CA GLY B 18 66.91 -97.37 -103.13
C GLY B 18 67.32 -95.90 -103.22
N PHE B 19 67.62 -95.44 -104.42
CA PHE B 19 67.94 -94.02 -104.65
C PHE B 19 66.75 -93.12 -104.36
N GLU B 20 65.55 -93.53 -104.77
CA GLU B 20 64.37 -92.72 -104.46
C GLU B 20 64.11 -92.60 -102.95
N PHE B 21 64.15 -93.71 -102.16
CA PHE B 21 63.99 -93.50 -100.71
C PHE B 21 65.15 -92.72 -100.08
N TRP B 22 66.40 -92.95 -100.48
CA TRP B 22 67.47 -92.14 -99.87
C TRP B 22 67.45 -90.66 -100.28
N LYS B 23 66.71 -90.29 -101.34
CA LYS B 23 66.34 -88.89 -101.52
C LYS B 23 65.13 -88.51 -100.66
N GLN B 24 64.05 -89.29 -100.77
CA GLN B 24 62.77 -88.95 -100.15
C GLN B 24 62.85 -88.92 -98.63
N LEU B 25 63.53 -89.90 -98.01
CA LEU B 25 63.68 -89.94 -96.56
C LEU B 25 64.62 -88.86 -96.04
N CYS B 26 65.64 -88.49 -96.81
CA CYS B 26 66.46 -87.36 -96.42
C CYS B 26 65.63 -86.08 -96.33
N ALA B 27 64.78 -85.83 -97.33
CA ALA B 27 63.83 -84.73 -97.26
C ALA B 27 62.74 -84.91 -96.20
N GLU B 28 62.43 -86.15 -95.79
CA GLU B 28 61.41 -86.39 -94.77
C GLU B 28 61.87 -85.98 -93.36
N HIS B 29 63.17 -85.93 -93.11
CA HIS B 29 63.78 -85.44 -91.87
C HIS B 29 64.28 -84.01 -92.07
N GLY B 30 64.73 -83.39 -90.98
CA GLY B 30 65.31 -82.04 -91.07
C GLY B 30 66.71 -82.02 -91.64
N ILE B 31 66.85 -82.54 -92.87
CA ILE B 31 68.14 -82.72 -93.53
C ILE B 31 68.00 -82.28 -95.00
N SER B 32 68.94 -81.46 -95.48
CA SER B 32 68.95 -80.97 -96.86
C SER B 32 69.41 -82.04 -97.84
N PRO B 33 69.05 -81.91 -99.12
CA PRO B 33 69.49 -82.89 -100.13
C PRO B 33 71.00 -83.09 -100.25
N GLU B 34 71.82 -82.12 -99.83
CA GLU B 34 73.27 -82.26 -99.90
C GLU B 34 73.87 -82.89 -98.63
N GLY B 35 73.04 -83.21 -97.64
CA GLY B 35 73.47 -83.75 -96.37
C GLY B 35 73.66 -82.74 -95.25
N ILE B 36 73.68 -81.45 -95.57
CA ILE B 36 73.65 -80.41 -94.52
C ILE B 36 72.35 -80.55 -93.73
N VAL B 37 72.39 -80.27 -92.42
CA VAL B 37 71.19 -80.25 -91.59
C VAL B 37 70.33 -79.04 -91.96
N GLU B 38 69.01 -79.24 -91.97
CA GLU B 38 68.08 -78.10 -92.01
C GLU B 38 68.24 -77.27 -90.75
N GLU B 39 68.46 -75.96 -90.92
CA GLU B 39 69.11 -75.20 -89.87
C GLU B 39 68.18 -74.91 -88.69
N PHE B 40 66.87 -75.15 -88.82
CA PHE B 40 65.92 -75.00 -87.72
C PHE B 40 65.99 -76.16 -86.73
N ALA B 41 66.52 -77.32 -87.14
CA ALA B 41 66.49 -78.51 -86.32
C ALA B 41 67.38 -78.35 -85.09
N THR B 45 61.31 -87.02 -82.66
CA THR B 45 59.97 -87.23 -83.17
C THR B 45 60.01 -88.29 -84.30
N ASP B 46 61.18 -88.49 -84.92
CA ASP B 46 61.46 -89.59 -85.83
C ASP B 46 62.95 -89.93 -85.71
N ARG B 47 63.36 -91.12 -86.19
CA ARG B 47 64.68 -91.69 -85.88
C ARG B 47 65.57 -91.88 -87.11
N LYS B 48 66.74 -91.23 -87.08
CA LYS B 48 67.75 -91.23 -88.13
C LYS B 48 68.79 -92.36 -87.99
N ASP B 49 69.30 -92.57 -86.77
CA ASP B 49 70.50 -93.37 -86.49
C ASP B 49 70.38 -94.86 -86.87
N VAL B 50 69.18 -95.37 -87.12
CA VAL B 50 69.00 -96.76 -87.58
C VAL B 50 69.56 -96.99 -88.97
N PHE B 51 69.64 -95.94 -89.80
CA PHE B 51 70.05 -96.05 -91.20
C PHE B 51 71.07 -94.97 -91.61
N PHE B 52 70.94 -93.75 -91.08
CA PHE B 52 71.94 -92.70 -91.28
C PHE B 52 73.26 -92.99 -90.55
N TYR B 53 74.32 -92.27 -90.95
CA TYR B 53 75.45 -91.96 -90.08
C TYR B 53 75.85 -90.50 -90.25
N GLN B 54 76.65 -89.99 -89.30
CA GLN B 54 77.09 -88.59 -89.22
C GLN B 54 78.56 -88.46 -89.62
N ALA B 55 78.88 -87.47 -90.46
CA ALA B 55 80.27 -87.05 -90.65
C ALA B 55 80.85 -86.52 -89.32
N ASP B 56 82.19 -86.37 -89.29
CA ASP B 56 82.79 -85.59 -88.20
C ASP B 56 82.20 -84.19 -88.10
N ASP B 57 81.90 -83.56 -89.23
CA ASP B 57 81.35 -82.20 -89.25
C ASP B 57 79.83 -82.20 -89.39
N GLU B 58 79.15 -83.17 -88.78
CA GLU B 58 77.71 -83.17 -88.56
C GLU B 58 76.88 -83.17 -89.87
N HIS B 59 77.52 -83.37 -91.03
CA HIS B 59 76.79 -83.66 -92.27
C HIS B 59 76.14 -85.05 -92.20
N TYR B 60 74.87 -85.16 -92.62
CA TYR B 60 74.20 -86.45 -92.69
C TYR B 60 74.69 -87.28 -93.88
N ILE B 61 75.30 -88.43 -93.57
CA ILE B 61 75.70 -89.41 -94.58
C ILE B 61 74.67 -90.55 -94.59
N PRO B 62 73.66 -90.51 -95.46
CA PRO B 62 72.87 -91.73 -95.70
C PRO B 62 73.73 -92.80 -96.36
N ARG B 63 73.31 -94.06 -96.22
CA ARG B 63 74.19 -95.18 -96.48
C ARG B 63 73.73 -95.98 -97.70
N ALA B 64 74.02 -95.43 -98.88
CA ALA B 64 73.83 -96.07 -100.18
C ALA B 64 74.94 -97.11 -100.44
N VAL B 65 74.95 -98.16 -99.61
CA VAL B 65 75.93 -99.24 -99.72
C VAL B 65 75.54 -100.20 -100.84
N LEU B 66 75.87 -99.82 -102.08
CA LEU B 66 75.55 -100.61 -103.27
C LEU B 66 76.27 -101.95 -103.29
N LEU B 67 75.59 -102.99 -103.81
CA LEU B 67 76.19 -104.26 -104.21
C LEU B 67 75.47 -104.74 -105.48
N ASP B 68 75.95 -104.32 -106.65
CA ASP B 68 75.27 -104.52 -107.94
C ASP B 68 76.23 -105.01 -109.04
N LEU B 69 75.74 -105.10 -110.30
CA LEU B 69 76.56 -105.67 -111.38
C LEU B 69 76.22 -104.98 -112.70
N GLU B 70 77.25 -104.40 -113.35
CA GLU B 70 77.27 -103.98 -114.76
C GLU B 70 76.01 -103.28 -115.21
N PRO B 71 75.67 -102.12 -114.70
CA PRO B 71 74.39 -101.52 -114.88
C PRO B 71 74.13 -100.85 -116.25
N ARG B 72 72.88 -101.01 -116.70
CA ARG B 72 72.37 -100.32 -117.90
C ARG B 72 71.98 -98.86 -117.60
N VAL B 73 71.32 -98.60 -116.47
CA VAL B 73 70.70 -97.30 -116.21
C VAL B 73 71.27 -96.61 -114.97
N ILE B 74 71.84 -97.37 -114.01
CA ILE B 74 72.29 -96.82 -112.72
C ILE B 74 73.43 -95.80 -112.85
N HIS B 75 74.16 -95.78 -113.97
CA HIS B 75 75.22 -94.77 -114.16
C HIS B 75 74.76 -93.33 -113.93
N SER B 76 73.49 -93.03 -114.22
CA SER B 76 72.94 -91.71 -113.93
C SER B 76 72.82 -91.44 -112.43
N ILE B 77 72.58 -92.49 -111.65
CA ILE B 77 72.60 -92.39 -110.19
C ILE B 77 74.05 -92.32 -109.69
N LEU B 78 74.95 -93.10 -110.30
CA LEU B 78 76.37 -93.06 -109.95
C LEU B 78 77.00 -91.68 -110.16
N ASN B 79 76.58 -90.95 -111.20
CA ASN B 79 77.25 -89.71 -111.60
C ASN B 79 76.31 -88.54 -111.32
N SER B 80 76.08 -88.32 -110.02
CA SER B 80 75.19 -87.29 -109.52
C SER B 80 75.79 -86.64 -108.27
N PRO B 81 75.36 -85.41 -107.95
CA PRO B 81 75.72 -84.82 -106.65
C PRO B 81 75.35 -85.64 -105.41
N TYR B 82 74.51 -86.66 -105.53
CA TYR B 82 74.20 -87.52 -104.39
C TYR B 82 75.33 -88.49 -104.03
N ALA B 83 76.39 -88.58 -104.86
CA ALA B 83 77.59 -89.32 -104.47
C ALA B 83 78.22 -88.71 -103.22
N LYS B 84 78.17 -87.38 -103.09
CA LYS B 84 78.75 -86.62 -101.99
C LYS B 84 77.91 -86.76 -100.74
N LEU B 85 76.59 -86.80 -100.90
CA LEU B 85 75.68 -87.08 -99.79
C LEU B 85 75.98 -88.46 -99.18
N TYR B 86 76.03 -89.51 -100.00
CA TYR B 86 76.37 -90.85 -99.52
C TYR B 86 77.80 -91.30 -99.90
N ASN B 87 78.79 -90.55 -99.40
CA ASN B 87 80.21 -90.69 -99.75
C ASN B 87 80.92 -92.05 -99.63
N PRO B 88 80.71 -92.89 -98.57
CA PRO B 88 81.76 -93.87 -98.17
C PRO B 88 82.07 -95.11 -99.05
N GLU B 89 82.72 -94.95 -100.22
CA GLU B 89 83.48 -96.01 -100.93
C GLU B 89 82.61 -97.13 -101.49
N ASN B 90 81.28 -96.98 -101.38
CA ASN B 90 80.27 -97.99 -101.74
C ASN B 90 80.21 -98.44 -103.21
N ILE B 91 80.49 -97.59 -104.20
CA ILE B 91 80.25 -97.95 -105.62
C ILE B 91 81.32 -98.92 -106.13
N TYR B 92 81.01 -100.23 -106.12
CA TYR B 92 81.73 -101.23 -106.90
C TYR B 92 80.82 -102.39 -107.30
N LEU B 93 81.18 -103.02 -108.43
CA LEU B 93 80.43 -104.12 -109.05
C LEU B 93 80.39 -105.39 -108.18
N ASN B 103 70.46 -112.66 -118.50
CA ASN B 103 70.30 -114.03 -118.01
C ASN B 103 70.81 -114.21 -116.58
N TRP B 104 70.14 -115.11 -115.85
CA TRP B 104 70.19 -115.27 -114.40
C TRP B 104 71.51 -115.85 -113.89
N ALA B 105 72.02 -116.92 -114.50
CA ALA B 105 73.22 -117.57 -113.94
C ALA B 105 74.49 -116.74 -114.11
N SER B 106 74.58 -115.90 -115.15
CA SER B 106 75.69 -114.94 -115.20
C SER B 106 75.69 -114.04 -113.97
N GLY B 107 74.52 -113.57 -113.51
CA GLY B 107 74.41 -112.77 -112.30
C GLY B 107 74.86 -113.55 -111.06
N PHE B 108 74.36 -114.78 -110.88
CA PHE B 108 74.75 -115.62 -109.74
C PHE B 108 76.25 -115.96 -109.75
N SER B 109 76.83 -116.32 -110.91
CA SER B 109 78.25 -116.64 -110.95
C SER B 109 79.16 -115.41 -110.84
N GLN B 110 78.70 -114.24 -111.29
CA GLN B 110 79.44 -113.00 -111.05
C GLN B 110 79.29 -112.52 -109.61
N GLY B 111 78.42 -113.13 -108.78
CA GLY B 111 78.54 -113.07 -107.31
C GLY B 111 79.66 -113.99 -106.78
N GLU B 112 79.72 -115.24 -107.24
CA GLU B 112 80.69 -116.25 -106.80
C GLU B 112 82.16 -115.80 -106.90
N LYS B 113 82.52 -115.02 -107.94
CA LYS B 113 83.90 -114.54 -108.14
C LYS B 113 84.38 -113.43 -107.17
N ILE B 114 83.51 -112.91 -106.29
CA ILE B 114 83.80 -111.82 -105.32
C ILE B 114 83.31 -112.13 -103.89
N HIS B 115 83.11 -113.41 -103.56
CA HIS B 115 82.36 -113.84 -102.37
C HIS B 115 82.94 -113.40 -101.01
N GLU B 116 84.25 -113.17 -100.92
CA GLU B 116 84.89 -112.61 -99.72
C GLU B 116 84.54 -111.11 -99.52
N ASP B 117 84.71 -110.30 -100.57
CA ASP B 117 84.69 -108.85 -100.45
C ASP B 117 83.29 -108.29 -100.23
N ILE B 118 82.26 -108.95 -100.80
CA ILE B 118 80.85 -108.58 -100.61
C ILE B 118 80.34 -108.86 -99.19
N PHE B 119 81.11 -109.59 -98.38
CA PHE B 119 80.91 -109.69 -96.93
C PHE B 119 81.85 -108.75 -96.15
N ASP B 120 83.14 -108.77 -96.46
CA ASP B 120 84.19 -108.21 -95.60
C ASP B 120 84.08 -106.69 -95.49
N ILE B 121 83.80 -106.01 -96.61
CA ILE B 121 83.66 -104.55 -96.63
C ILE B 121 82.40 -104.10 -95.89
N ILE B 122 81.38 -104.96 -95.87
CA ILE B 122 80.13 -104.72 -95.15
C ILE B 122 80.30 -105.03 -93.66
N ASP B 123 81.12 -106.02 -93.30
CA ASP B 123 81.55 -106.26 -91.92
C ASP B 123 82.41 -105.10 -91.37
N ARG B 124 83.25 -104.47 -92.22
CA ARG B 124 83.94 -103.23 -91.87
C ARG B 124 82.96 -102.08 -91.62
N GLU B 125 81.94 -101.98 -92.47
CA GLU B 125 80.90 -100.97 -92.28
C GLU B 125 80.09 -101.24 -91.02
N ALA B 126 79.86 -102.51 -90.67
CA ALA B 126 79.21 -102.96 -89.45
C ALA B 126 80.03 -102.67 -88.18
N ASP B 127 81.36 -102.75 -88.27
CA ASP B 127 82.32 -102.21 -87.29
C ASP B 127 82.44 -100.67 -87.36
N GLY B 128 81.82 -100.02 -88.36
CA GLY B 128 81.64 -98.59 -88.42
C GLY B 128 80.40 -98.13 -87.68
N SER B 129 79.51 -99.06 -87.37
CA SER B 129 78.62 -98.97 -86.23
C SER B 129 79.27 -99.66 -85.03
N ASP B 130 78.59 -99.67 -83.87
CA ASP B 130 79.03 -100.57 -82.80
C ASP B 130 79.00 -102.02 -83.28
N SER B 131 77.93 -102.43 -83.94
CA SER B 131 77.78 -103.69 -84.66
C SER B 131 76.55 -103.59 -85.57
N LEU B 132 76.41 -104.50 -86.53
CA LEU B 132 75.22 -104.60 -87.36
C LEU B 132 74.35 -105.80 -86.95
N GLU B 133 73.03 -105.61 -86.83
CA GLU B 133 72.10 -106.74 -86.63
C GLU B 133 71.66 -107.38 -87.96
N GLY B 134 71.65 -106.61 -89.05
CA GLY B 134 71.27 -107.11 -90.38
C GLY B 134 70.97 -106.02 -91.41
N PHE B 135 70.27 -106.42 -92.48
CA PHE B 135 70.04 -105.62 -93.68
C PHE B 135 68.61 -105.75 -94.22
N VAL B 136 68.12 -104.66 -94.82
CA VAL B 136 66.80 -104.71 -95.51
C VAL B 136 67.14 -104.43 -96.99
N LEU B 137 67.19 -105.48 -97.83
CA LEU B 137 67.68 -105.27 -99.22
C LEU B 137 66.55 -104.94 -100.20
N CYS B 138 66.69 -103.84 -100.95
CA CYS B 138 65.72 -103.57 -102.04
C CYS B 138 66.26 -104.40 -103.22
N HIS B 139 65.38 -104.93 -104.07
CA HIS B 139 65.89 -105.89 -105.09
C HIS B 139 65.01 -106.03 -106.31
N SER B 140 65.58 -106.52 -107.41
CA SER B 140 64.77 -106.89 -108.59
C SER B 140 64.36 -108.36 -108.51
N ILE B 141 63.06 -108.70 -108.48
CA ILE B 141 62.72 -110.06 -108.91
C ILE B 141 62.77 -110.10 -110.43
N ALA B 142 63.49 -111.08 -110.97
CA ALA B 142 63.87 -111.16 -112.39
C ALA B 142 64.53 -109.85 -112.82
N GLY B 143 64.12 -109.23 -113.94
CA GLY B 143 65.04 -108.40 -114.71
C GLY B 143 66.18 -109.31 -115.20
N GLY B 144 67.31 -108.67 -115.51
CA GLY B 144 68.49 -109.42 -115.92
C GLY B 144 69.48 -109.67 -114.80
N THR B 145 70.59 -108.91 -114.84
CA THR B 145 71.75 -109.11 -114.01
C THR B 145 71.44 -108.93 -112.52
N GLY B 146 70.40 -108.19 -112.14
CA GLY B 146 70.00 -108.06 -110.73
C GLY B 146 69.52 -109.39 -110.11
N SER B 147 68.80 -110.19 -110.92
CA SER B 147 68.51 -111.58 -110.58
C SER B 147 69.77 -112.45 -110.68
N GLY B 148 69.82 -113.54 -109.91
CA GLY B 148 71.06 -114.30 -109.74
C GLY B 148 72.03 -113.58 -108.78
N LEU B 149 72.49 -112.37 -109.11
CA LEU B 149 73.46 -111.64 -108.28
C LEU B 149 72.91 -111.31 -106.88
N GLY B 150 71.74 -110.70 -106.79
CA GLY B 150 71.16 -110.35 -105.47
C GLY B 150 70.97 -111.58 -104.60
N SER B 151 70.39 -112.64 -105.17
CA SER B 151 70.28 -113.96 -104.55
C SER B 151 71.62 -114.66 -104.25
N TYR B 152 72.74 -114.24 -104.86
CA TYR B 152 74.08 -114.66 -104.42
C TYR B 152 74.55 -113.83 -103.23
N LEU B 153 74.61 -112.50 -103.36
CA LEU B 153 75.23 -111.65 -102.34
C LEU B 153 74.50 -111.73 -101.00
N LEU B 154 73.16 -111.74 -101.02
CA LEU B 154 72.37 -111.87 -99.79
C LEU B 154 72.51 -113.26 -99.15
N GLU B 155 72.76 -114.29 -99.96
CA GLU B 155 73.12 -115.61 -99.47
C GLU B 155 74.52 -115.60 -98.82
N ARG B 156 75.50 -115.06 -99.56
CA ARG B 156 76.88 -114.96 -99.01
C ARG B 156 76.85 -114.26 -97.65
N LEU B 157 76.29 -113.05 -97.58
CA LEU B 157 76.21 -112.35 -96.29
C LEU B 157 75.83 -113.34 -95.17
N ASN B 158 74.84 -114.20 -95.37
CA ASN B 158 74.35 -115.11 -94.33
C ASN B 158 75.11 -116.46 -94.23
N ASP B 159 75.81 -116.88 -95.29
CA ASP B 159 76.83 -117.95 -95.21
C ASP B 159 77.92 -117.59 -94.18
N ARG B 160 78.30 -116.32 -94.11
CA ARG B 160 79.32 -115.77 -93.18
C ARG B 160 78.71 -115.33 -91.84
N TYR B 161 77.49 -114.80 -91.86
CA TYR B 161 76.70 -114.43 -90.68
C TYR B 161 75.53 -115.43 -90.39
N PRO B 162 75.75 -116.51 -89.61
CA PRO B 162 74.74 -117.54 -89.38
C PRO B 162 73.59 -117.15 -88.42
N LYS B 163 73.55 -115.92 -87.89
CA LYS B 163 72.51 -115.43 -86.95
C LYS B 163 71.96 -114.01 -87.24
N LYS B 164 72.48 -113.28 -88.24
CA LYS B 164 72.04 -111.91 -88.60
C LYS B 164 70.77 -111.93 -89.46
N LEU B 165 70.25 -110.75 -89.78
CA LEU B 165 69.07 -110.54 -90.63
C LEU B 165 69.49 -110.12 -92.05
N VAL B 166 68.87 -110.67 -93.09
CA VAL B 166 69.13 -110.27 -94.50
C VAL B 166 67.83 -110.41 -95.28
N GLN B 167 67.05 -109.33 -95.33
CA GLN B 167 65.70 -109.41 -95.95
C GLN B 167 65.75 -108.98 -97.42
N THR B 168 64.68 -109.24 -98.18
CA THR B 168 64.68 -108.93 -99.62
C THR B 168 63.32 -108.42 -100.04
N TYR B 169 63.13 -107.10 -100.11
CA TYR B 169 61.84 -106.55 -100.62
C TYR B 169 62.03 -106.32 -102.11
N SER B 170 61.08 -106.77 -102.94
CA SER B 170 61.33 -106.67 -104.41
C SER B 170 60.05 -106.66 -105.25
N VAL B 171 59.89 -105.70 -106.16
CA VAL B 171 58.77 -105.73 -107.10
C VAL B 171 58.83 -107.00 -107.95
N PHE B 172 57.65 -107.47 -108.39
CA PHE B 172 57.54 -108.59 -109.31
C PHE B 172 57.09 -108.06 -110.66
N PRO B 173 57.87 -108.27 -111.75
CA PRO B 173 57.60 -107.61 -113.03
C PRO B 173 56.48 -108.26 -113.84
N ASN B 174 55.27 -108.24 -113.28
CA ASN B 174 54.08 -108.73 -113.97
C ASN B 174 53.76 -107.79 -115.13
N GLN B 175 54.20 -108.20 -116.33
CA GLN B 175 54.13 -107.48 -117.58
C GLN B 175 53.53 -108.35 -118.69
N ASP B 176 52.84 -109.44 -118.29
CA ASP B 176 52.41 -110.53 -119.19
C ASP B 176 53.59 -111.28 -119.82
N GLU B 177 54.83 -110.89 -119.50
CA GLU B 177 56.04 -111.49 -120.07
C GLU B 177 56.04 -111.52 -121.59
N VAL B 183 63.90 -114.38 -121.82
CA VAL B 183 64.35 -115.42 -120.88
C VAL B 183 63.75 -115.23 -119.48
N GLN B 184 62.89 -114.21 -119.30
CA GLN B 184 62.27 -113.92 -118.00
C GLN B 184 61.49 -115.07 -117.35
N PRO B 185 60.73 -115.90 -118.08
CA PRO B 185 60.09 -117.07 -117.43
C PRO B 185 61.05 -118.08 -116.81
N TYR B 186 62.34 -118.05 -117.14
CA TYR B 186 63.36 -118.75 -116.36
C TYR B 186 63.95 -117.87 -115.24
N ASN B 187 64.31 -116.62 -115.54
CA ASN B 187 64.88 -115.75 -114.50
C ASN B 187 63.99 -115.62 -113.28
N SER B 188 62.66 -115.49 -113.48
CA SER B 188 61.74 -115.37 -112.35
C SER B 188 61.60 -116.66 -111.54
N LEU B 189 61.53 -117.82 -112.21
CA LEU B 189 61.43 -119.09 -111.50
C LEU B 189 62.68 -119.44 -110.71
N LEU B 190 63.87 -119.10 -111.22
CA LEU B 190 65.09 -119.27 -110.44
C LEU B 190 65.19 -118.25 -109.29
N THR B 191 64.66 -117.05 -109.48
CA THR B 191 64.56 -116.06 -108.39
C THR B 191 63.57 -116.54 -107.33
N LEU B 192 62.46 -117.17 -107.72
CA LEU B 192 61.52 -117.77 -106.78
C LEU B 192 62.13 -118.97 -106.04
N LYS B 193 62.82 -119.87 -106.74
CA LYS B 193 63.54 -120.95 -106.06
C LYS B 193 64.49 -120.41 -104.98
N ARG B 194 65.33 -119.43 -105.33
CA ARG B 194 66.24 -118.78 -104.36
C ARG B 194 65.48 -118.02 -103.29
N LEU B 195 64.78 -116.93 -103.61
CA LEU B 195 64.21 -116.05 -102.59
C LEU B 195 63.18 -116.74 -101.69
N THR B 196 62.36 -117.68 -102.18
CA THR B 196 61.45 -118.39 -101.28
C THR B 196 62.17 -119.34 -100.33
N GLN B 197 63.49 -119.55 -100.51
CA GLN B 197 64.35 -120.25 -99.56
C GLN B 197 65.43 -119.36 -98.95
N ASN B 198 65.62 -118.12 -99.43
CA ASN B 198 66.72 -117.22 -99.03
C ASN B 198 66.28 -115.89 -98.40
N ALA B 199 65.01 -115.47 -98.53
CA ALA B 199 64.55 -114.15 -98.07
C ALA B 199 63.82 -114.23 -96.71
N ASP B 200 64.20 -113.38 -95.76
CA ASP B 200 63.50 -113.27 -94.46
C ASP B 200 62.03 -112.83 -94.59
N CYS B 201 61.79 -111.87 -95.50
CA CYS B 201 60.42 -111.33 -95.72
C CYS B 201 60.44 -110.60 -97.07
N VAL B 202 59.33 -110.62 -97.83
CA VAL B 202 59.38 -110.01 -99.20
C VAL B 202 58.19 -109.06 -99.42
N VAL B 203 58.46 -107.76 -99.56
CA VAL B 203 57.37 -106.81 -99.94
C VAL B 203 57.31 -106.85 -101.46
N VAL B 204 56.12 -106.77 -102.07
CA VAL B 204 56.03 -106.98 -103.53
C VAL B 204 54.93 -106.14 -104.20
N LEU B 205 55.16 -105.80 -105.49
CA LEU B 205 54.26 -104.97 -106.33
C LEU B 205 54.31 -105.40 -107.82
N ASP B 206 53.20 -105.18 -108.55
CA ASP B 206 53.02 -105.59 -109.97
C ASP B 206 52.73 -104.42 -110.91
N ASN B 207 53.34 -104.42 -112.11
CA ASN B 207 53.11 -103.36 -113.09
C ASN B 207 51.69 -103.35 -113.69
N THR B 208 51.02 -104.50 -113.80
CA THR B 208 49.69 -104.51 -114.43
C THR B 208 48.67 -103.79 -113.56
N ALA B 209 48.65 -104.06 -112.26
CA ALA B 209 47.67 -103.42 -111.39
C ALA B 209 48.06 -101.98 -111.07
N LEU B 210 49.37 -101.65 -111.07
CA LEU B 210 49.79 -100.26 -110.97
C LEU B 210 49.38 -99.47 -112.21
N ASN B 211 49.39 -100.11 -113.39
CA ASN B 211 48.79 -99.51 -114.58
C ASN B 211 47.28 -99.27 -114.38
N ARG B 212 46.58 -100.25 -113.78
CA ARG B 212 45.16 -100.07 -113.45
C ARG B 212 44.93 -98.94 -112.44
N ILE B 213 45.91 -98.65 -111.58
CA ILE B 213 45.82 -97.50 -110.69
C ILE B 213 46.16 -96.21 -111.43
N ALA B 214 47.13 -96.28 -112.35
CA ALA B 214 47.48 -95.11 -113.16
C ALA B 214 46.32 -94.65 -114.05
N THR B 215 45.50 -95.56 -114.56
CA THR B 215 44.28 -95.17 -115.25
C THR B 215 43.26 -94.46 -114.35
N ASP B 216 43.37 -94.63 -113.03
CA ASP B 216 42.48 -93.92 -112.11
C ASP B 216 42.96 -92.49 -111.81
N ARG B 217 44.22 -92.17 -112.11
CA ARG B 217 44.79 -90.85 -111.79
C ARG B 217 45.18 -90.04 -113.01
N LEU B 218 45.61 -90.68 -114.11
CA LEU B 218 46.09 -89.99 -115.30
C LEU B 218 45.44 -90.56 -116.55
N HIS B 219 45.12 -89.69 -117.52
CA HIS B 219 44.43 -90.10 -118.75
C HIS B 219 45.41 -90.63 -119.82
N ILE B 220 46.42 -91.37 -119.35
CA ILE B 220 47.39 -92.00 -120.29
C ILE B 220 47.80 -93.35 -119.65
N GLN B 221 48.23 -94.31 -120.48
CA GLN B 221 48.60 -95.65 -119.96
C GLN B 221 50.05 -95.62 -119.46
N ASN B 222 50.42 -94.57 -118.72
CA ASN B 222 51.83 -94.41 -118.24
C ASN B 222 52.80 -94.99 -119.27
N PRO B 223 52.94 -94.46 -120.51
CA PRO B 223 53.94 -94.98 -121.45
C PRO B 223 55.32 -94.89 -120.79
N SER B 224 55.70 -93.69 -120.36
CA SER B 224 56.98 -93.53 -119.62
C SER B 224 56.89 -94.27 -118.29
N PHE B 225 57.90 -95.05 -117.95
CA PHE B 225 57.88 -95.82 -116.68
C PHE B 225 58.92 -95.24 -115.71
N SER B 226 59.44 -96.07 -114.79
CA SER B 226 60.41 -95.60 -113.77
C SER B 226 59.75 -94.56 -112.86
N GLN B 227 58.42 -94.51 -112.82
CA GLN B 227 57.71 -93.59 -111.88
C GLN B 227 57.23 -94.44 -110.71
N ILE B 228 56.87 -95.70 -110.97
CA ILE B 228 56.47 -96.61 -109.90
C ILE B 228 57.37 -96.51 -108.66
N ASN B 229 58.62 -96.04 -108.83
CA ASN B 229 59.51 -95.77 -107.69
C ASN B 229 58.88 -94.92 -106.60
N GLN B 230 58.07 -93.91 -106.97
CA GLN B 230 57.47 -93.02 -105.96
C GLN B 230 56.51 -93.76 -105.02
N LEU B 231 55.81 -94.78 -105.53
CA LEU B 231 54.89 -95.57 -104.72
C LEU B 231 55.61 -96.66 -103.93
N VAL B 232 56.62 -97.29 -104.54
CA VAL B 232 57.30 -98.43 -103.93
C VAL B 232 58.18 -97.99 -102.77
N SER B 233 58.94 -96.90 -102.96
CA SER B 233 60.02 -96.56 -102.05
C SER B 233 59.52 -96.20 -100.65
N THR B 234 58.37 -95.52 -100.55
CA THR B 234 57.75 -95.27 -99.25
C THR B 234 57.15 -96.53 -98.62
N ILE B 235 56.67 -97.48 -99.43
CA ILE B 235 56.15 -98.73 -98.87
C ILE B 235 57.30 -99.58 -98.34
N MET B 236 58.38 -99.73 -99.11
CA MET B 236 59.54 -100.53 -98.65
C MET B 236 60.02 -99.99 -97.30
N SER B 237 60.19 -98.68 -97.19
CA SER B 237 60.59 -98.00 -95.97
C SER B 237 59.47 -97.81 -94.95
N ALA B 238 58.21 -98.02 -95.34
CA ALA B 238 57.17 -98.22 -94.33
C ALA B 238 57.34 -99.54 -93.59
N SER B 239 57.88 -100.54 -94.29
CA SER B 239 58.13 -101.87 -93.65
C SER B 239 59.11 -101.69 -92.47
N THR B 240 59.97 -100.67 -92.52
CA THR B 240 60.84 -100.36 -91.38
C THR B 240 60.47 -99.08 -90.64
N THR B 241 59.27 -98.51 -90.88
CA THR B 241 58.91 -97.22 -90.30
C THR B 241 58.69 -97.29 -88.78
N THR B 242 58.30 -98.46 -88.23
CA THR B 242 58.32 -98.65 -86.78
C THR B 242 59.72 -98.51 -86.18
N LEU B 243 60.76 -98.34 -86.99
CA LEU B 243 62.09 -97.99 -86.52
C LEU B 243 62.70 -96.77 -87.23
N ARG B 244 62.07 -96.25 -88.31
CA ARG B 244 62.35 -94.88 -88.79
C ARG B 244 61.64 -93.81 -87.98
N TYR B 245 60.61 -94.19 -87.22
CA TYR B 245 59.79 -93.34 -86.37
C TYR B 245 59.68 -94.04 -85.02
N PRO B 246 59.18 -93.34 -83.98
CA PRO B 246 59.08 -93.98 -82.66
C PRO B 246 58.05 -95.11 -82.56
N GLY B 247 58.42 -96.30 -83.06
CA GLY B 247 57.69 -97.52 -82.79
C GLY B 247 58.03 -98.07 -81.42
N TYR B 248 57.05 -98.02 -80.51
CA TYR B 248 57.33 -98.41 -79.13
C TYR B 248 57.49 -99.92 -79.00
N MET B 249 56.61 -100.66 -79.67
CA MET B 249 56.70 -102.14 -79.62
C MET B 249 56.94 -102.66 -81.04
N ASN B 250 57.33 -103.92 -81.17
CA ASN B 250 57.68 -104.47 -82.51
C ASN B 250 58.54 -103.43 -83.22
N ASN B 251 59.71 -103.09 -82.66
CA ASN B 251 60.56 -102.02 -83.25
C ASN B 251 61.84 -102.61 -83.84
N ASP B 252 62.42 -103.64 -83.19
CA ASP B 252 63.63 -104.31 -83.73
C ASP B 252 63.35 -104.75 -85.17
N LEU B 253 64.38 -104.95 -86.00
CA LEU B 253 64.05 -105.25 -87.40
C LEU B 253 63.27 -106.56 -87.52
N ILE B 254 63.82 -107.66 -87.02
CA ILE B 254 63.05 -108.90 -86.84
C ILE B 254 61.97 -108.71 -85.77
N GLY B 255 62.22 -107.83 -84.79
CA GLY B 255 61.27 -107.33 -83.79
C GLY B 255 59.92 -106.92 -84.37
N LEU B 256 59.90 -106.43 -85.61
CA LEU B 256 58.56 -106.19 -86.21
C LEU B 256 58.29 -107.21 -87.32
N ILE B 257 59.30 -107.47 -88.17
CA ILE B 257 59.07 -108.34 -89.36
C ILE B 257 58.49 -109.71 -88.93
N ALA B 258 59.19 -110.44 -88.06
CA ALA B 258 58.71 -111.79 -87.70
C ALA B 258 57.21 -111.78 -87.39
N SER B 259 56.70 -110.69 -86.83
CA SER B 259 55.30 -110.64 -86.39
C SER B 259 54.30 -110.45 -87.53
N LEU B 260 54.75 -110.00 -88.70
CA LEU B 260 54.01 -110.05 -89.95
C LEU B 260 53.73 -111.46 -90.46
N ILE B 261 54.37 -112.49 -89.89
CA ILE B 261 54.48 -113.80 -90.49
C ILE B 261 53.87 -114.87 -89.59
N PRO B 262 52.96 -115.75 -90.10
CA PRO B 262 52.59 -116.98 -89.38
C PRO B 262 53.66 -118.05 -89.49
N THR B 263 54.22 -118.26 -90.70
CA THR B 263 55.31 -119.22 -90.91
C THR B 263 56.12 -118.69 -92.10
N PRO B 264 57.45 -118.81 -92.09
CA PRO B 264 58.28 -118.05 -93.04
C PRO B 264 58.18 -118.49 -94.50
N ARG B 265 57.32 -119.45 -94.81
CA ARG B 265 57.00 -119.79 -96.20
C ARG B 265 55.80 -119.01 -96.74
N LEU B 266 54.92 -118.50 -95.87
CA LEU B 266 53.93 -117.49 -96.26
C LEU B 266 54.49 -116.08 -96.06
N HIS B 267 55.47 -115.73 -96.92
CA HIS B 267 56.34 -114.58 -96.72
C HIS B 267 56.16 -113.43 -97.71
N PHE B 268 55.24 -113.51 -98.67
CA PHE B 268 55.00 -112.40 -99.60
C PHE B 268 53.98 -111.41 -99.02
N LEU B 269 54.40 -110.14 -98.94
CA LEU B 269 53.64 -109.03 -98.35
C LEU B 269 53.15 -108.08 -99.45
N MET B 270 51.90 -108.29 -99.90
CA MET B 270 51.21 -107.39 -100.80
C MET B 270 50.97 -106.01 -100.15
N THR B 271 50.45 -105.04 -100.93
CA THR B 271 50.65 -103.62 -100.60
C THR B 271 49.47 -102.74 -101.05
N GLY B 272 49.45 -101.50 -100.55
CA GLY B 272 48.44 -100.51 -100.94
C GLY B 272 48.46 -99.24 -100.09
N TYR B 273 47.34 -98.47 -100.17
CA TYR B 273 47.15 -97.22 -99.41
C TYR B 273 45.65 -96.96 -99.20
N THR B 274 45.31 -96.00 -98.30
CA THR B 274 43.96 -95.42 -98.28
C THR B 274 43.68 -94.56 -99.52
N PRO B 275 44.29 -93.34 -99.68
CA PRO B 275 44.29 -92.73 -101.02
C PRO B 275 45.47 -93.22 -101.82
N LEU B 276 45.26 -93.73 -103.03
CA LEU B 276 46.37 -93.83 -103.96
C LEU B 276 46.64 -92.49 -104.64
N THR B 277 45.58 -91.71 -104.85
CA THR B 277 45.66 -90.38 -105.44
C THR B 277 46.04 -89.34 -104.38
N THR B 278 47.13 -89.61 -103.64
CA THR B 278 47.41 -89.00 -102.35
C THR B 278 48.09 -87.63 -102.45
N ASP B 279 48.15 -87.02 -103.65
CA ASP B 279 48.85 -85.74 -103.86
C ASP B 279 48.15 -84.62 -103.11
N LYS B 287 36.19 -85.44 -95.67
CA LYS B 287 37.59 -85.45 -95.28
C LYS B 287 38.05 -86.86 -94.89
N THR B 288 39.34 -87.15 -95.09
CA THR B 288 39.96 -88.39 -94.62
C THR B 288 40.16 -88.32 -93.11
N THR B 289 39.08 -88.61 -92.37
CA THR B 289 39.14 -88.75 -90.93
C THR B 289 39.22 -90.23 -90.53
N VAL B 290 39.24 -90.47 -89.21
CA VAL B 290 39.68 -91.74 -88.67
C VAL B 290 38.69 -92.86 -88.97
N LEU B 291 37.44 -92.52 -89.28
CA LEU B 291 36.40 -93.53 -89.46
C LEU B 291 36.34 -94.04 -90.91
N ASP B 292 36.68 -93.21 -91.89
CA ASP B 292 36.49 -93.56 -93.30
C ASP B 292 37.75 -94.14 -93.94
N VAL B 293 38.94 -93.72 -93.48
CA VAL B 293 40.19 -94.16 -94.13
C VAL B 293 40.34 -95.67 -94.08
N MET B 294 39.83 -96.32 -93.02
CA MET B 294 39.94 -97.76 -92.85
C MET B 294 38.81 -98.53 -93.52
N ARG B 295 37.64 -97.88 -93.69
CA ARG B 295 36.56 -98.46 -94.48
C ARG B 295 36.85 -98.39 -95.97
N ARG B 296 37.53 -97.32 -96.41
CA ARG B 296 38.05 -97.24 -97.77
C ARG B 296 39.07 -98.34 -98.03
N LEU B 297 39.90 -98.63 -97.03
CA LEU B 297 41.14 -99.40 -97.23
C LEU B 297 40.88 -100.84 -97.65
N LEU B 298 39.84 -101.47 -97.09
CA LEU B 298 39.61 -102.89 -97.28
C LEU B 298 38.94 -103.20 -98.62
N GLN B 299 38.46 -102.16 -99.33
CA GLN B 299 37.80 -102.32 -100.62
C GLN B 299 38.75 -102.90 -101.69
N PRO B 300 38.23 -103.70 -102.63
CA PRO B 300 39.08 -104.23 -103.72
C PRO B 300 39.78 -103.20 -104.60
N LYS B 301 39.42 -101.92 -104.53
CA LYS B 301 40.12 -100.88 -105.29
C LYS B 301 41.52 -100.60 -104.75
N ASN B 302 41.81 -100.96 -103.51
CA ASN B 302 42.96 -100.43 -102.78
C ASN B 302 44.17 -101.39 -102.70
N VAL B 303 44.10 -102.57 -103.34
CA VAL B 303 45.23 -103.52 -103.39
C VAL B 303 45.86 -103.47 -104.78
N MET B 304 47.20 -103.32 -104.83
CA MET B 304 47.90 -102.97 -106.06
C MET B 304 48.33 -104.24 -106.82
N VAL B 305 47.54 -105.30 -106.66
CA VAL B 305 47.63 -106.58 -107.33
C VAL B 305 46.20 -107.06 -107.49
N SER B 306 45.95 -107.89 -108.52
CA SER B 306 44.63 -108.49 -108.76
C SER B 306 43.75 -108.56 -107.52
N THR B 313 41.88 -124.52 -103.42
CA THR B 313 42.04 -123.59 -104.53
C THR B 313 41.22 -122.33 -104.28
N ASN B 314 41.33 -121.80 -103.06
CA ASN B 314 40.61 -120.62 -102.59
C ASN B 314 41.59 -119.66 -101.95
N HIS B 315 41.16 -118.39 -101.77
CA HIS B 315 42.07 -117.31 -101.39
C HIS B 315 41.57 -116.55 -100.15
N CYS B 316 42.50 -116.29 -99.21
CA CYS B 316 42.26 -115.49 -98.01
C CYS B 316 43.30 -114.38 -97.83
N TYR B 317 42.89 -113.33 -97.10
CA TYR B 317 43.83 -112.45 -96.40
C TYR B 317 44.56 -113.20 -95.28
N ILE B 318 45.83 -112.83 -95.05
CA ILE B 318 46.63 -113.49 -94.01
C ILE B 318 47.17 -112.47 -92.99
N ALA B 319 47.46 -111.23 -93.42
CA ALA B 319 47.69 -110.12 -92.49
C ALA B 319 47.40 -108.80 -93.21
N ILE B 320 47.15 -107.73 -92.43
CA ILE B 320 47.16 -106.36 -92.96
C ILE B 320 47.82 -105.40 -91.97
N LEU B 321 49.13 -105.20 -92.10
CA LEU B 321 49.84 -104.14 -91.37
C LEU B 321 49.65 -102.81 -92.09
N ASN B 322 48.81 -101.92 -91.56
CA ASN B 322 48.72 -100.56 -92.07
C ASN B 322 49.41 -99.58 -91.12
N ILE B 323 50.37 -98.84 -91.66
CA ILE B 323 51.26 -97.92 -90.95
C ILE B 323 50.65 -96.54 -91.10
N ILE B 324 49.61 -96.30 -90.31
CA ILE B 324 48.81 -95.10 -90.37
C ILE B 324 49.63 -93.89 -89.93
N GLN B 325 49.48 -92.77 -90.66
CA GLN B 325 50.26 -91.58 -90.39
C GLN B 325 49.43 -90.32 -90.64
N GLY B 326 49.81 -89.25 -89.95
CA GLY B 326 49.23 -87.93 -90.13
C GLY B 326 48.72 -87.30 -88.85
N GLU B 327 47.68 -86.46 -88.97
CA GLU B 327 46.90 -85.97 -87.82
C GLU B 327 45.93 -87.06 -87.35
N VAL B 328 46.50 -88.15 -86.84
CA VAL B 328 45.76 -89.27 -86.27
C VAL B 328 45.41 -89.00 -84.81
N ASP B 329 44.22 -89.47 -84.38
CA ASP B 329 43.86 -89.52 -82.98
C ASP B 329 44.09 -90.94 -82.43
N PRO B 330 45.16 -91.16 -81.66
CA PRO B 330 45.48 -92.51 -81.16
C PRO B 330 44.60 -93.05 -80.05
N THR B 331 43.59 -92.32 -79.57
CA THR B 331 42.59 -92.93 -78.69
C THR B 331 41.24 -93.10 -79.39
N GLN B 332 41.20 -92.97 -80.72
CA GLN B 332 40.02 -93.30 -81.52
C GLN B 332 40.28 -94.19 -82.74
N VAL B 333 41.54 -94.33 -83.20
CA VAL B 333 41.80 -95.30 -84.27
C VAL B 333 41.75 -96.73 -83.73
N HIS B 334 42.06 -96.95 -82.45
CA HIS B 334 41.83 -98.28 -81.89
C HIS B 334 40.34 -98.59 -81.83
N LYS B 335 39.51 -97.60 -81.44
CA LYS B 335 38.06 -97.76 -81.53
C LYS B 335 37.60 -98.04 -82.96
N SER B 336 38.21 -97.35 -83.94
CA SER B 336 37.92 -97.60 -85.35
C SER B 336 38.27 -99.03 -85.73
N LEU B 337 39.45 -99.49 -85.30
CA LEU B 337 39.87 -100.87 -85.55
C LEU B 337 38.89 -101.88 -84.95
N GLN B 338 38.40 -101.62 -83.74
CA GLN B 338 37.36 -102.46 -83.14
C GLN B 338 36.11 -102.53 -84.02
N ARG B 339 35.70 -101.40 -84.61
CA ARG B 339 34.54 -101.43 -85.51
C ARG B 339 34.87 -102.13 -86.83
N ILE B 340 36.09 -101.99 -87.33
CA ILE B 340 36.50 -102.63 -88.57
C ILE B 340 36.62 -104.15 -88.39
N ARG B 341 36.97 -104.60 -87.19
CA ARG B 341 36.91 -106.04 -86.88
C ARG B 341 35.54 -106.65 -87.14
N GLU B 342 34.46 -105.90 -86.85
CA GLU B 342 33.10 -106.36 -87.08
C GLU B 342 32.54 -105.95 -88.45
N ARG B 343 33.21 -105.05 -89.19
CA ARG B 343 32.79 -104.71 -90.55
C ARG B 343 33.06 -105.85 -91.55
N LYS B 344 34.05 -106.70 -91.28
CA LYS B 344 34.31 -107.94 -92.04
C LYS B 344 34.46 -107.72 -93.55
N LEU B 345 35.20 -106.68 -93.93
CA LEU B 345 35.64 -106.52 -95.31
C LEU B 345 37.03 -107.12 -95.57
N ALA B 346 37.56 -107.87 -94.60
CA ALA B 346 38.84 -108.58 -94.77
C ALA B 346 38.62 -109.99 -94.21
N ASN B 347 38.41 -110.99 -95.09
CA ASN B 347 38.03 -112.35 -94.61
C ASN B 347 39.07 -112.95 -93.65
N PHE B 348 40.36 -112.89 -93.99
CA PHE B 348 41.41 -113.56 -93.18
C PHE B 348 41.20 -115.08 -93.22
N ILE B 349 41.90 -115.84 -92.37
CA ILE B 349 41.79 -117.33 -92.45
C ILE B 349 41.05 -117.86 -91.22
N PRO B 350 40.28 -118.98 -91.34
CA PRO B 350 39.59 -119.58 -90.19
C PRO B 350 40.61 -120.20 -89.25
N TRP B 351 41.90 -119.91 -89.46
CA TRP B 351 42.97 -120.50 -88.64
C TRP B 351 43.87 -119.32 -88.26
N GLY B 352 44.75 -119.46 -87.27
CA GLY B 352 45.78 -118.45 -86.97
C GLY B 352 45.31 -117.12 -86.46
N PRO B 353 46.19 -116.35 -85.77
CA PRO B 353 45.83 -114.98 -85.38
C PRO B 353 45.91 -114.01 -86.58
N ALA B 354 45.54 -114.48 -87.78
CA ALA B 354 45.57 -113.64 -89.00
C ALA B 354 44.71 -112.39 -88.79
N SER B 355 45.29 -111.19 -88.96
CA SER B 355 44.52 -109.97 -88.58
C SER B 355 44.97 -108.70 -89.28
N ILE B 356 44.22 -107.61 -89.06
CA ILE B 356 44.66 -106.28 -89.47
C ILE B 356 45.21 -105.57 -88.23
N GLN B 357 46.44 -105.05 -88.35
CA GLN B 357 47.20 -104.53 -87.21
C GLN B 357 47.70 -103.13 -87.52
N VAL B 358 47.44 -102.18 -86.62
CA VAL B 358 47.65 -100.74 -86.85
C VAL B 358 48.94 -100.28 -86.19
N ALA B 359 49.74 -99.50 -86.94
CA ALA B 359 51.05 -99.00 -86.52
C ALA B 359 51.15 -97.48 -86.77
N LEU B 360 50.67 -96.67 -85.81
CA LEU B 360 50.82 -95.21 -85.89
C LEU B 360 52.28 -94.79 -85.79
N SER B 361 52.69 -93.92 -86.70
CA SER B 361 53.80 -92.98 -86.49
C SER B 361 53.28 -91.55 -86.59
N ARG B 362 53.39 -90.78 -85.50
CA ARG B 362 52.91 -89.40 -85.48
C ARG B 362 53.67 -88.57 -86.52
N LYS B 363 52.96 -87.61 -87.14
CA LYS B 363 53.57 -86.76 -88.17
C LYS B 363 54.58 -85.77 -87.57
N SER B 364 55.85 -85.93 -87.95
CA SER B 364 56.92 -85.01 -87.62
C SER B 364 56.87 -83.72 -88.47
N PRO B 365 57.46 -82.62 -87.96
CA PRO B 365 57.22 -81.30 -88.58
C PRO B 365 58.03 -80.99 -89.83
N TYR B 366 59.05 -81.79 -90.17
CA TYR B 366 60.11 -81.35 -91.07
C TYR B 366 59.67 -81.06 -92.50
N LEU B 367 58.53 -81.60 -92.97
CA LEU B 367 57.96 -81.23 -94.27
C LEU B 367 56.43 -81.26 -94.24
N PRO B 368 55.76 -80.45 -95.06
CA PRO B 368 54.30 -80.60 -95.27
C PRO B 368 53.90 -81.80 -96.12
N SER B 369 52.65 -82.26 -95.91
CA SER B 369 52.01 -83.26 -96.79
C SER B 369 50.48 -83.16 -96.72
N ALA B 370 49.82 -83.77 -97.73
CA ALA B 370 48.38 -83.69 -97.93
C ALA B 370 47.62 -84.91 -97.39
N HIS B 371 46.29 -84.78 -97.38
CA HIS B 371 45.34 -85.88 -97.07
C HIS B 371 45.64 -86.47 -95.69
N ARG B 372 45.34 -85.68 -94.66
CA ARG B 372 46.03 -85.71 -93.36
C ARG B 372 45.78 -86.97 -92.51
N VAL B 373 44.99 -87.97 -92.95
CA VAL B 373 45.13 -89.34 -92.45
C VAL B 373 45.15 -90.29 -93.64
N SER B 374 46.08 -91.26 -93.62
CA SER B 374 45.99 -92.43 -94.50
C SER B 374 46.63 -93.65 -93.85
N GLY B 375 46.16 -94.83 -94.27
CA GLY B 375 46.86 -96.07 -93.95
C GLY B 375 47.58 -96.64 -95.15
N LEU B 376 48.85 -96.30 -95.30
CA LEU B 376 49.76 -97.08 -96.14
C LEU B 376 49.83 -98.51 -95.60
N MET B 377 49.55 -99.51 -96.45
CA MET B 377 49.27 -100.87 -96.01
C MET B 377 50.21 -101.85 -96.68
N MET B 378 50.70 -102.84 -95.91
CA MET B 378 51.18 -104.09 -96.48
C MET B 378 50.38 -105.26 -95.92
N ALA B 379 49.73 -106.02 -96.80
CA ALA B 379 48.89 -107.15 -96.44
C ALA B 379 49.51 -108.47 -96.92
N ASN B 380 49.80 -109.38 -95.99
CA ASN B 380 50.16 -110.75 -96.34
C ASN B 380 48.93 -111.43 -96.94
N HIS B 381 49.09 -112.08 -98.09
CA HIS B 381 47.94 -112.46 -98.90
C HIS B 381 48.24 -113.70 -99.75
N THR B 382 47.17 -114.43 -100.08
CA THR B 382 47.26 -115.64 -100.88
C THR B 382 47.42 -115.35 -102.37
N SER B 383 46.82 -114.27 -102.87
CA SER B 383 46.47 -114.14 -104.28
C SER B 383 47.62 -113.59 -105.11
N ILE B 384 48.78 -113.31 -104.48
CA ILE B 384 50.00 -113.01 -105.21
C ILE B 384 50.50 -114.25 -105.93
N SER B 385 50.16 -115.44 -105.39
CA SER B 385 50.67 -116.71 -105.87
C SER B 385 50.00 -117.18 -107.15
N SER B 386 48.82 -116.63 -107.48
CA SER B 386 48.22 -116.85 -108.80
C SER B 386 49.12 -116.37 -109.92
N LEU B 387 49.82 -115.24 -109.74
CA LEU B 387 50.76 -114.77 -110.76
C LEU B 387 52.02 -115.63 -110.80
N PHE B 388 52.48 -116.13 -109.65
CA PHE B 388 53.52 -117.16 -109.68
C PHE B 388 53.05 -118.40 -110.44
N GLU B 389 51.80 -118.84 -110.26
CA GLU B 389 51.30 -120.00 -111.02
C GLU B 389 51.14 -119.69 -112.51
N ARG B 390 50.79 -118.45 -112.86
CA ARG B 390 50.74 -118.12 -114.28
C ARG B 390 52.13 -118.19 -114.92
N THR B 391 53.16 -117.67 -114.25
CA THR B 391 54.52 -117.81 -114.81
C THR B 391 55.07 -119.23 -114.65
N CYS B 392 54.57 -120.03 -113.67
CA CYS B 392 54.80 -121.46 -113.72
C CYS B 392 54.20 -122.10 -114.97
N ARG B 393 53.02 -121.63 -115.40
CA ARG B 393 52.45 -122.12 -116.66
C ARG B 393 53.32 -121.71 -117.85
N GLN B 394 53.83 -120.47 -117.85
CA GLN B 394 54.79 -120.06 -118.88
C GLN B 394 56.06 -120.90 -118.84
N TYR B 395 56.55 -121.22 -117.64
CA TYR B 395 57.72 -122.07 -117.46
C TYR B 395 57.46 -123.48 -117.97
N ASP B 396 56.27 -124.02 -117.69
CA ASP B 396 55.90 -125.33 -118.22
C ASP B 396 55.77 -125.29 -119.75
N LYS B 397 55.28 -124.17 -120.30
CA LYS B 397 55.25 -123.98 -121.75
C LYS B 397 56.66 -123.97 -122.34
N LEU B 398 57.58 -123.21 -121.72
CA LEU B 398 58.92 -123.02 -122.28
C LEU B 398 59.81 -124.23 -122.08
N ARG B 399 59.58 -125.00 -121.02
CA ARG B 399 60.40 -126.17 -120.74
C ARG B 399 60.27 -127.25 -121.80
N LYS B 400 59.16 -127.26 -122.56
CA LYS B 400 59.04 -128.17 -123.70
C LYS B 400 59.68 -127.62 -124.97
N ARG B 401 60.03 -126.33 -124.99
CA ARG B 401 60.35 -125.61 -126.22
C ARG B 401 61.82 -125.23 -126.27
N GLU B 402 62.31 -124.62 -125.18
CA GLU B 402 63.72 -124.27 -124.97
C GLU B 402 64.21 -123.28 -126.02
N ALA B 403 63.40 -122.26 -126.31
CA ALA B 403 63.70 -121.36 -127.41
C ALA B 403 64.76 -120.33 -127.01
N PHE B 404 64.77 -119.91 -125.74
CA PHE B 404 65.76 -118.99 -125.22
C PHE B 404 66.15 -119.39 -123.79
N LEU B 405 67.36 -119.96 -123.61
CA LEU B 405 68.07 -119.79 -122.34
C LEU B 405 69.25 -118.84 -122.49
N GLU B 406 69.31 -118.11 -123.61
CA GLU B 406 70.30 -117.11 -124.00
C GLU B 406 71.68 -117.68 -124.39
N GLN B 407 72.00 -118.93 -124.01
CA GLN B 407 73.16 -119.67 -124.53
C GLN B 407 74.50 -118.96 -124.27
N PHE B 408 74.62 -118.31 -123.11
CA PHE B 408 75.89 -117.65 -122.77
C PHE B 408 76.91 -118.68 -122.27
N ARG B 409 78.18 -118.26 -122.31
CA ARG B 409 79.29 -119.11 -121.87
C ARG B 409 79.29 -119.27 -120.36
N LYS B 410 79.03 -118.20 -119.61
CA LYS B 410 79.02 -118.28 -118.16
C LYS B 410 77.77 -119.02 -117.69
N GLU B 411 76.65 -118.77 -118.38
CA GLU B 411 75.41 -119.52 -118.15
C GLU B 411 75.62 -121.01 -118.42
N ASP B 412 76.41 -121.33 -119.45
CA ASP B 412 76.61 -122.71 -119.88
C ASP B 412 77.69 -123.43 -119.07
N MET B 413 78.50 -122.69 -118.29
CA MET B 413 79.38 -123.37 -117.34
C MET B 413 78.70 -123.58 -115.99
N PHE B 414 77.78 -122.69 -115.59
CA PHE B 414 77.30 -122.69 -114.20
C PHE B 414 75.98 -123.45 -114.05
N LYS B 415 75.06 -123.38 -115.03
CA LYS B 415 73.71 -123.92 -114.88
C LYS B 415 73.25 -124.72 -116.10
N ASP B 416 74.16 -125.49 -116.71
CA ASP B 416 73.80 -126.40 -117.80
C ASP B 416 73.41 -127.80 -117.32
N ASN B 417 73.22 -127.98 -116.01
CA ASN B 417 73.05 -129.32 -115.44
C ASN B 417 71.65 -129.89 -115.66
N PHE B 418 70.67 -129.01 -115.87
CA PHE B 418 69.25 -129.34 -116.06
C PHE B 418 68.66 -130.20 -114.92
N ASP B 419 69.26 -130.18 -113.74
CA ASP B 419 68.60 -130.59 -112.50
C ASP B 419 68.16 -129.38 -111.69
N GLU B 420 68.93 -128.30 -111.80
CA GLU B 420 68.73 -127.07 -111.03
C GLU B 420 67.41 -126.40 -111.39
N MET B 421 67.03 -126.45 -112.67
CA MET B 421 65.73 -125.93 -113.12
C MET B 421 64.55 -126.81 -112.72
N ASP B 422 64.69 -128.13 -112.78
CA ASP B 422 63.59 -129.01 -112.38
C ASP B 422 63.32 -128.93 -110.88
N THR B 423 64.33 -128.63 -110.07
CA THR B 423 64.13 -128.46 -108.63
C THR B 423 63.46 -127.13 -108.30
N SER B 424 63.38 -126.18 -109.25
CA SER B 424 62.57 -124.98 -109.05
C SER B 424 61.08 -125.30 -108.91
N ARG B 425 60.56 -126.26 -109.70
CA ARG B 425 59.14 -126.59 -109.65
C ARG B 425 58.65 -126.95 -108.24
N GLU B 426 59.35 -127.83 -107.54
CA GLU B 426 58.85 -128.26 -106.24
C GLU B 426 58.93 -127.13 -105.21
N ILE B 427 59.99 -126.31 -105.27
CA ILE B 427 60.15 -125.21 -104.33
C ILE B 427 59.05 -124.14 -104.53
N VAL B 428 58.75 -123.77 -105.78
CA VAL B 428 57.64 -122.84 -106.01
C VAL B 428 56.29 -123.50 -105.76
N GLN B 429 56.13 -124.78 -106.13
CA GLN B 429 54.82 -125.42 -106.05
C GLN B 429 54.40 -125.65 -104.60
N GLN B 430 55.35 -125.89 -103.71
CA GLN B 430 55.03 -125.91 -102.28
C GLN B 430 54.53 -124.55 -101.78
N LEU B 431 55.02 -123.44 -102.32
CA LEU B 431 54.46 -122.14 -101.92
C LEU B 431 53.02 -122.00 -102.41
N ILE B 432 52.69 -122.55 -103.59
CA ILE B 432 51.32 -122.50 -104.07
C ILE B 432 50.44 -123.37 -103.19
N ASP B 433 50.93 -124.57 -102.87
CA ASP B 433 50.12 -125.52 -102.10
C ASP B 433 49.96 -125.05 -100.66
N GLU B 434 50.98 -124.42 -100.08
CA GLU B 434 50.82 -123.91 -98.72
C GLU B 434 49.90 -122.69 -98.67
N TYR B 435 50.00 -121.76 -99.62
CA TYR B 435 49.06 -120.64 -99.63
C TYR B 435 47.62 -121.11 -99.87
N HIS B 436 47.42 -122.12 -100.70
CA HIS B 436 46.05 -122.62 -100.89
C HIS B 436 45.59 -123.48 -99.71
N ALA B 437 46.52 -124.15 -99.02
CA ALA B 437 46.12 -124.98 -97.90
C ALA B 437 45.78 -124.12 -96.68
N ALA B 438 46.38 -122.93 -96.58
CA ALA B 438 46.16 -122.00 -95.46
C ALA B 438 44.75 -121.40 -95.54
N THR B 439 44.12 -121.43 -96.72
CA THR B 439 42.73 -120.96 -96.88
C THR B 439 41.81 -121.97 -96.22
N ARG B 440 42.28 -123.21 -96.06
CA ARG B 440 41.51 -124.27 -95.36
C ARG B 440 41.73 -124.13 -93.84
N PRO B 441 40.86 -124.70 -92.97
CA PRO B 441 41.00 -124.54 -91.54
C PRO B 441 41.88 -125.58 -90.87
N ASP B 442 42.36 -126.59 -91.62
CA ASP B 442 43.16 -127.70 -91.05
C ASP B 442 44.64 -127.48 -91.37
N TYR B 443 45.09 -126.22 -91.39
CA TYR B 443 46.52 -125.90 -91.68
C TYR B 443 47.31 -126.00 -90.37
N ILE B 444 46.64 -126.26 -89.25
CA ILE B 444 47.32 -126.43 -87.93
C ILE B 444 48.54 -127.35 -88.14
N SER B 445 48.42 -128.40 -88.97
CA SER B 445 49.54 -129.30 -89.28
C SER B 445 50.11 -128.94 -90.66
N TRP B 446 51.27 -129.52 -90.98
CA TRP B 446 51.87 -129.31 -92.29
C TRP B 446 51.13 -130.07 -93.39
N GLY B 447 51.16 -129.50 -94.60
CA GLY B 447 50.44 -130.04 -95.73
C GLY B 447 50.40 -129.11 -96.93
N VAL C 4 -1.36 -37.76 54.12
CA VAL C 4 -0.67 -38.28 52.95
C VAL C 4 0.58 -37.48 52.63
N ALA C 5 1.55 -37.48 53.55
CA ALA C 5 2.73 -36.61 53.52
C ALA C 5 3.59 -36.80 52.27
N ALA C 6 3.56 -35.84 51.35
CA ALA C 6 4.24 -35.96 50.05
C ALA C 6 5.76 -35.82 50.15
N LEU C 7 6.48 -36.68 49.41
CA LEU C 7 7.93 -36.61 49.19
C LEU C 7 8.30 -35.75 47.97
N VAL C 8 9.60 -35.47 47.81
CA VAL C 8 10.13 -34.68 46.68
C VAL C 8 11.50 -35.19 46.22
N VAL C 9 11.87 -34.81 44.98
CA VAL C 9 13.14 -35.23 44.35
C VAL C 9 14.07 -34.04 44.05
N ASP C 10 13.52 -32.93 43.51
CA ASP C 10 14.26 -31.67 43.25
C ASP C 10 15.52 -31.80 42.38
N ASN C 11 15.62 -32.81 41.52
CA ASN C 11 16.76 -32.99 40.61
C ASN C 11 16.69 -32.07 39.38
N GLY C 12 16.87 -30.77 39.62
CA GLY C 12 16.90 -29.80 38.52
C GLY C 12 18.14 -29.89 37.65
N SER C 13 19.15 -30.67 38.09
CA SER C 13 20.40 -30.93 37.38
C SER C 13 21.00 -32.19 38.00
N GLY C 14 22.32 -32.36 37.86
CA GLY C 14 23.05 -33.43 38.53
C GLY C 14 23.14 -33.30 40.04
N MET C 15 21.98 -33.28 40.73
CA MET C 15 21.89 -33.05 42.17
C MET C 15 20.59 -33.67 42.68
N CYS C 16 20.45 -33.77 44.01
CA CYS C 16 19.24 -34.31 44.62
C CYS C 16 18.79 -33.51 45.85
N LYS C 17 17.49 -33.61 46.16
CA LYS C 17 16.91 -32.93 47.36
C LYS C 17 15.63 -33.65 47.80
N ALA C 18 15.77 -34.64 48.71
CA ALA C 18 14.65 -35.45 49.20
C ALA C 18 13.73 -34.70 50.16
N GLY C 19 12.78 -33.94 49.58
CA GLY C 19 11.73 -33.29 50.36
C GLY C 19 10.74 -34.26 50.99
N PHE C 20 10.09 -33.83 52.09
CA PHE C 20 9.14 -34.68 52.80
C PHE C 20 8.17 -33.89 53.68
N ALA C 21 6.87 -34.23 53.61
CA ALA C 21 5.81 -33.64 54.43
C ALA C 21 5.69 -32.11 54.32
N GLY C 22 6.27 -31.50 53.28
CA GLY C 22 6.35 -30.06 53.15
C GLY C 22 7.29 -29.35 54.10
N ASP C 23 8.29 -30.05 54.62
CA ASP C 23 9.28 -29.46 55.51
C ASP C 23 10.15 -28.42 54.77
N ASP C 24 10.76 -27.53 55.56
CA ASP C 24 11.43 -26.35 55.04
C ASP C 24 12.70 -26.67 54.25
N ALA C 25 13.27 -27.85 54.42
CA ALA C 25 14.47 -28.27 53.70
C ALA C 25 14.33 -29.74 53.32
N PRO C 26 14.92 -30.15 52.20
CA PRO C 26 15.03 -31.59 51.93
C PRO C 26 15.97 -32.29 52.89
N ARG C 27 15.71 -33.59 53.11
CA ARG C 27 16.53 -34.37 54.03
C ARG C 27 17.85 -34.76 53.38
N ALA C 28 17.79 -35.57 52.32
CA ALA C 28 19.00 -36.02 51.63
C ALA C 28 19.34 -35.02 50.54
N VAL C 29 20.56 -34.49 50.58
CA VAL C 29 21.00 -33.43 49.67
C VAL C 29 22.30 -33.82 48.98
N PHE C 30 22.49 -35.11 48.71
CA PHE C 30 23.69 -35.58 48.06
C PHE C 30 23.71 -35.19 46.58
N PRO C 31 24.89 -34.96 46.00
CA PRO C 31 24.98 -34.86 44.53
C PRO C 31 24.61 -36.17 43.84
N SER C 32 24.09 -36.04 42.62
CA SER C 32 23.54 -37.14 41.83
C SER C 32 24.62 -38.12 41.39
N ILE C 33 24.66 -39.27 42.07
CA ILE C 33 25.48 -40.42 41.69
C ILE C 33 24.81 -41.67 42.23
N VAL C 34 25.19 -42.83 41.68
CA VAL C 34 24.64 -44.11 42.13
C VAL C 34 25.77 -44.98 42.67
N GLY C 35 25.45 -46.22 43.05
CA GLY C 35 26.43 -47.13 43.61
C GLY C 35 27.17 -47.96 42.57
N ARG C 36 27.62 -49.16 43.00
CA ARG C 36 28.22 -50.21 42.16
C ARG C 36 29.64 -49.83 41.72
N PRO C 37 30.48 -50.81 41.37
CA PRO C 37 31.65 -50.52 40.53
C PRO C 37 31.29 -49.91 39.18
N LYS C 39 30.65 -54.15 47.58
CA LYS C 39 29.54 -53.27 47.23
C LYS C 39 28.91 -53.66 45.90
N ASP C 40 27.60 -53.65 45.86
CA ASP C 40 26.83 -53.97 44.66
C ASP C 40 25.88 -52.86 44.28
N SER C 41 25.26 -52.20 45.27
CA SER C 41 24.38 -51.07 45.03
C SER C 41 24.47 -50.13 46.22
N TYR C 42 24.51 -48.83 45.95
CA TYR C 42 24.68 -47.81 46.98
C TYR C 42 24.16 -46.48 46.45
N VAL C 43 24.35 -45.43 47.25
CA VAL C 43 24.05 -44.04 46.85
C VAL C 43 25.35 -43.34 46.48
N GLY C 44 25.24 -42.09 46.01
CA GLY C 44 26.34 -41.39 45.38
C GLY C 44 27.53 -41.08 46.26
N ASP C 45 27.32 -40.31 47.33
CA ASP C 45 28.41 -39.90 48.20
C ASP C 45 28.95 -41.06 49.03
N GLU C 46 28.13 -42.09 49.26
CA GLU C 46 28.60 -43.27 49.98
C GLU C 46 29.54 -44.10 49.12
N ALA C 47 29.18 -44.32 47.86
CA ALA C 47 29.99 -45.15 46.98
C ALA C 47 31.12 -44.37 46.32
N GLN C 48 31.13 -43.03 46.45
CA GLN C 48 32.16 -42.21 45.82
C GLN C 48 33.48 -42.24 46.59
N SER C 49 33.48 -42.74 47.83
CA SER C 49 34.70 -42.80 48.61
C SER C 49 35.64 -43.91 48.13
N LYS C 50 35.07 -45.03 47.65
CA LYS C 50 35.85 -46.18 47.18
C LYS C 50 36.20 -46.03 45.70
N ARG C 51 37.04 -45.02 45.42
CA ARG C 51 37.24 -44.53 44.06
C ARG C 51 38.07 -45.48 43.20
N GLY C 52 38.67 -46.51 43.79
CA GLY C 52 39.41 -47.48 42.99
C GLY C 52 38.51 -48.34 42.12
N ILE C 53 37.35 -48.74 42.65
CA ILE C 53 36.42 -49.59 41.92
C ILE C 53 35.04 -48.93 41.86
N LEU C 54 34.48 -48.62 43.04
CA LEU C 54 33.09 -48.17 43.14
C LEU C 54 32.98 -46.70 42.71
N THR C 55 32.19 -46.44 41.67
CA THR C 55 31.95 -45.09 41.19
C THR C 55 30.58 -45.04 40.52
N LEU C 56 30.30 -43.95 39.82
CA LEU C 56 29.14 -43.83 38.95
C LEU C 56 29.51 -43.07 37.68
N LYS C 57 28.77 -43.37 36.60
CA LYS C 57 29.02 -42.83 35.27
C LYS C 57 28.29 -41.52 35.01
N TYR C 58 28.04 -40.71 36.04
CA TYR C 58 27.04 -39.66 36.07
C TYR C 58 25.66 -40.11 35.58
N PRO C 59 24.94 -40.90 36.38
CA PRO C 59 23.62 -41.38 35.95
C PRO C 59 22.63 -40.26 35.71
N ILE C 60 22.80 -39.13 36.40
CA ILE C 60 22.33 -37.84 35.92
C ILE C 60 23.52 -37.07 35.34
N GLU C 61 23.36 -36.59 34.12
CA GLU C 61 24.27 -35.64 33.52
C GLU C 61 24.14 -34.25 34.18
N HIS C 62 24.76 -33.26 33.55
CA HIS C 62 24.69 -31.88 34.04
C HIS C 62 23.25 -31.39 34.20
N GLY C 63 22.37 -31.77 33.28
CA GLY C 63 21.00 -31.28 33.29
C GLY C 63 19.89 -32.32 33.19
N ILE C 64 20.19 -33.57 32.83
CA ILE C 64 19.15 -34.57 32.62
C ILE C 64 19.75 -35.98 32.77
N VAL C 65 18.86 -36.97 32.92
CA VAL C 65 19.25 -38.38 33.07
C VAL C 65 20.03 -38.90 31.87
N THR C 66 21.11 -39.64 32.17
CA THR C 66 22.00 -40.17 31.13
C THR C 66 21.40 -41.35 30.36
N ASN C 67 20.53 -42.14 31.00
CA ASN C 67 19.84 -43.26 30.34
C ASN C 67 18.56 -43.57 31.10
N TRP C 68 17.64 -44.28 30.44
CA TRP C 68 16.34 -44.57 31.04
C TRP C 68 16.42 -45.42 32.31
N ASP C 69 17.41 -46.31 32.42
CA ASP C 69 17.55 -47.13 33.61
C ASP C 69 18.19 -46.37 34.76
N ASP C 70 18.79 -45.22 34.48
CA ASP C 70 19.34 -44.37 35.55
C ASP C 70 18.25 -43.77 36.42
N MET C 71 17.03 -43.59 35.88
CA MET C 71 15.92 -43.12 36.71
C MET C 71 15.47 -44.20 37.68
N GLU C 72 15.45 -45.45 37.23
CA GLU C 72 15.12 -46.56 38.13
C GLU C 72 16.27 -46.82 39.10
N LYS C 73 17.51 -46.51 38.70
CA LYS C 73 18.63 -46.58 39.62
C LYS C 73 18.52 -45.51 40.70
N ILE C 74 18.04 -44.32 40.34
CA ILE C 74 17.79 -43.29 41.33
C ILE C 74 16.59 -43.66 42.20
N TRP C 75 15.62 -44.39 41.64
CA TRP C 75 14.51 -44.90 42.44
C TRP C 75 14.99 -45.95 43.44
N HIS C 76 15.87 -46.85 43.01
CA HIS C 76 16.41 -47.88 43.88
C HIS C 76 17.55 -47.36 44.75
N HIS C 77 17.97 -46.11 44.52
CA HIS C 77 18.92 -45.39 45.35
C HIS C 77 18.23 -44.82 46.60
N THR C 78 18.72 -43.66 47.07
CA THR C 78 18.25 -43.06 48.32
C THR C 78 16.77 -42.71 48.31
N PHE C 79 16.13 -42.70 47.14
CA PHE C 79 14.68 -42.60 47.05
C PHE C 79 13.97 -43.85 47.56
N TYR C 80 14.71 -44.93 47.80
CA TYR C 80 14.23 -46.10 48.53
C TYR C 80 15.23 -46.60 49.56
N ASN C 81 16.52 -46.26 49.43
CA ASN C 81 17.53 -46.72 50.36
C ASN C 81 17.62 -45.86 51.61
N GLU C 82 17.31 -44.56 51.51
CA GLU C 82 17.56 -43.63 52.60
C GLU C 82 16.29 -42.95 53.06
N LEU C 83 16.31 -42.53 54.33
CA LEU C 83 15.27 -41.73 54.96
C LEU C 83 13.92 -42.46 54.98
N ARG C 84 13.96 -43.80 55.03
CA ARG C 84 12.76 -44.64 55.12
C ARG C 84 11.75 -44.39 53.99
N VAL C 85 12.25 -44.04 52.80
CA VAL C 85 11.39 -43.75 51.65
C VAL C 85 10.69 -45.01 51.13
N ALA C 86 9.36 -44.93 50.99
CA ALA C 86 8.55 -46.09 50.56
C ALA C 86 7.33 -45.61 49.77
N PRO C 87 7.50 -45.34 48.47
CA PRO C 87 6.44 -44.67 47.67
C PRO C 87 5.06 -45.33 47.66
N GLU C 88 4.93 -46.63 47.97
CA GLU C 88 3.61 -47.24 48.09
C GLU C 88 2.80 -46.68 49.25
N GLU C 89 3.46 -46.14 50.27
CA GLU C 89 2.78 -45.68 51.49
C GLU C 89 2.43 -44.19 51.51
N HIS C 90 3.02 -43.35 50.65
CA HIS C 90 2.70 -41.91 50.63
C HIS C 90 3.17 -41.32 49.29
N PRO C 91 2.63 -40.14 48.90
CA PRO C 91 2.95 -39.56 47.57
C PRO C 91 4.41 -39.15 47.41
N VAL C 92 4.84 -38.95 46.14
CA VAL C 92 6.15 -38.34 45.86
C VAL C 92 6.13 -37.49 44.59
N LEU C 93 6.99 -36.44 44.55
CA LEU C 93 7.10 -35.45 43.47
C LEU C 93 8.45 -35.47 42.77
N LEU C 94 8.45 -35.56 41.43
CA LEU C 94 9.66 -35.56 40.59
C LEU C 94 9.92 -34.20 39.91
N THR C 95 11.18 -33.76 39.93
CA THR C 95 11.63 -32.53 39.25
C THR C 95 11.66 -32.69 37.71
N GLU C 96 12.17 -31.66 37.01
CA GLU C 96 12.48 -31.79 35.58
C GLU C 96 13.53 -30.79 35.09
N ALA C 97 14.21 -31.18 34.00
CA ALA C 97 15.04 -30.36 33.11
C ALA C 97 14.24 -29.30 32.33
N PRO C 98 14.91 -28.33 31.69
CA PRO C 98 14.17 -27.40 30.81
C PRO C 98 13.45 -28.09 29.66
N LEU C 99 12.15 -27.80 29.55
CA LEU C 99 11.17 -28.42 28.66
C LEU C 99 11.06 -29.94 28.87
N ASN C 100 11.45 -30.41 30.05
CA ASN C 100 11.29 -31.78 30.57
C ASN C 100 12.07 -32.85 29.81
N PRO C 101 12.44 -33.95 30.49
CA PRO C 101 12.89 -35.15 29.79
C PRO C 101 11.72 -35.88 29.14
N LYS C 102 12.05 -36.81 28.23
CA LYS C 102 11.03 -37.66 27.59
C LYS C 102 11.22 -39.12 27.98
N ALA C 103 12.37 -39.71 27.64
CA ALA C 103 12.59 -41.14 27.87
C ALA C 103 12.80 -41.40 29.36
N ASN C 104 13.57 -40.53 30.01
CA ASN C 104 13.73 -40.61 31.47
C ASN C 104 12.43 -40.31 32.19
N ARG C 105 11.58 -39.46 31.62
CA ARG C 105 10.27 -39.20 32.23
C ARG C 105 9.35 -40.40 32.10
N GLU C 106 9.39 -41.07 30.95
CA GLU C 106 8.60 -42.28 30.75
C GLU C 106 9.09 -43.40 31.65
N LYS C 107 10.41 -43.54 31.80
CA LYS C 107 10.96 -44.62 32.61
C LYS C 107 10.75 -44.36 34.10
N MET C 108 10.89 -43.10 34.52
CA MET C 108 10.65 -42.77 35.92
C MET C 108 9.16 -42.82 36.23
N THR C 109 8.31 -42.52 35.24
CA THR C 109 6.87 -42.66 35.42
C THR C 109 6.48 -44.12 35.47
N GLN C 110 7.20 -44.98 34.75
CA GLN C 110 6.99 -46.41 34.87
C GLN C 110 7.49 -46.93 36.21
N ILE C 111 8.54 -46.31 36.74
CA ILE C 111 9.03 -46.67 38.07
C ILE C 111 8.00 -46.27 39.13
N MET C 112 7.43 -45.07 39.00
CA MET C 112 6.35 -44.63 39.88
C MET C 112 5.08 -45.44 39.66
N PHE C 113 4.90 -46.00 38.46
CA PHE C 113 3.71 -46.79 38.17
C PHE C 113 3.79 -48.17 38.81
N GLU C 114 4.90 -48.86 38.61
CA GLU C 114 4.99 -50.28 38.94
C GLU C 114 6.13 -50.61 39.88
N THR C 115 7.29 -49.97 39.74
CA THR C 115 8.44 -50.35 40.54
C THR C 115 8.34 -49.80 41.97
N PHE C 116 8.37 -48.47 42.11
CA PHE C 116 7.98 -47.86 43.38
C PHE C 116 6.46 -47.93 43.61
N ASN C 117 5.67 -47.95 42.53
CA ASN C 117 4.23 -48.25 42.54
C ASN C 117 3.38 -47.39 43.49
N THR C 118 3.58 -46.06 43.46
CA THR C 118 2.89 -45.12 44.36
C THR C 118 1.42 -44.86 43.96
N PRO C 119 0.45 -45.08 44.85
CA PRO C 119 -0.94 -44.66 44.60
C PRO C 119 -1.15 -43.15 44.40
N ALA C 120 -0.15 -42.30 44.68
CA ALA C 120 -0.27 -40.85 44.48
C ALA C 120 1.09 -40.30 44.04
N MET C 121 1.09 -39.28 43.16
CA MET C 121 2.33 -38.77 42.59
C MET C 121 2.20 -37.35 42.04
N TYR C 122 3.36 -36.71 41.82
CA TYR C 122 3.49 -35.44 41.10
C TYR C 122 4.77 -35.47 40.26
N VAL C 123 4.82 -34.69 39.17
CA VAL C 123 5.96 -34.75 38.25
C VAL C 123 6.18 -33.45 37.47
N ALA C 124 7.44 -33.30 37.01
CA ALA C 124 7.93 -32.28 36.06
C ALA C 124 7.89 -30.84 36.58
N ILE C 125 8.42 -29.92 35.76
CA ILE C 125 8.26 -28.47 35.89
C ILE C 125 9.03 -27.86 37.06
N GLN C 126 10.17 -28.47 37.41
CA GLN C 126 10.96 -28.03 38.56
C GLN C 126 11.38 -26.57 38.49
N ALA C 127 11.73 -26.08 37.29
CA ALA C 127 12.13 -24.67 37.15
C ALA C 127 10.99 -23.70 37.40
N VAL C 128 9.74 -24.16 37.23
CA VAL C 128 8.57 -23.38 37.60
C VAL C 128 8.11 -23.66 39.03
N LEU C 129 8.40 -24.86 39.56
CA LEU C 129 8.14 -25.16 40.96
C LEU C 129 8.97 -24.27 41.89
N SER C 130 10.13 -23.80 41.43
CA SER C 130 10.87 -22.76 42.15
C SER C 130 10.03 -21.51 42.41
N LEU C 131 9.01 -21.26 41.60
CA LEU C 131 8.17 -20.07 41.78
C LEU C 131 7.47 -20.04 43.14
N TYR C 132 7.17 -21.20 43.72
CA TYR C 132 6.53 -21.22 45.04
C TYR C 132 7.44 -20.66 46.14
N ALA C 133 8.75 -20.64 45.91
CA ALA C 133 9.69 -19.95 46.78
C ALA C 133 10.10 -18.60 46.22
N SER C 134 9.97 -18.34 44.92
CA SER C 134 10.19 -17.01 44.33
C SER C 134 9.16 -15.95 44.77
N GLY C 135 7.94 -16.38 45.15
CA GLY C 135 6.93 -15.51 45.78
C GLY C 135 6.11 -14.64 44.81
N ARG C 136 6.24 -14.84 43.51
CA ARG C 136 5.51 -14.11 42.47
C ARG C 136 5.14 -15.04 41.29
N THR C 137 4.06 -14.70 40.58
CA THR C 137 3.52 -15.58 39.55
C THR C 137 4.34 -15.49 38.26
N THR C 138 4.70 -14.28 37.84
CA THR C 138 5.75 -14.09 36.86
C THR C 138 7.12 -14.12 37.52
N GLY C 139 8.15 -14.46 36.73
CA GLY C 139 9.50 -14.40 37.24
C GLY C 139 10.52 -14.88 36.23
N ILE C 140 11.75 -15.07 36.72
CA ILE C 140 12.85 -15.68 35.96
C ILE C 140 13.40 -16.86 36.76
N VAL C 141 13.72 -17.95 36.05
CA VAL C 141 13.92 -19.28 36.65
C VAL C 141 15.37 -19.72 36.79
N LEU C 142 16.27 -18.80 37.13
CA LEU C 142 17.66 -19.13 37.49
C LEU C 142 17.70 -19.85 38.84
N ASP C 143 17.38 -21.16 38.83
CA ASP C 143 16.87 -21.83 40.03
C ASP C 143 17.29 -23.31 40.10
N SER C 144 18.55 -23.64 39.77
CA SER C 144 19.02 -25.03 39.81
C SER C 144 20.47 -25.14 40.27
N GLY C 145 20.83 -26.34 40.78
CA GLY C 145 22.21 -26.68 41.07
C GLY C 145 22.93 -27.33 39.88
N ASP C 146 24.07 -27.92 40.17
CA ASP C 146 24.84 -28.77 39.24
C ASP C 146 25.12 -28.09 37.90
N GLY C 147 25.23 -28.89 36.83
CA GLY C 147 25.85 -28.52 35.57
C GLY C 147 24.99 -27.87 34.49
N VAL C 148 23.67 -27.71 34.67
CA VAL C 148 22.85 -27.09 33.63
C VAL C 148 21.65 -26.36 34.23
N SER C 149 21.13 -25.35 33.50
CA SER C 149 19.91 -24.61 33.85
C SER C 149 19.38 -23.84 32.65
N HIS C 150 18.11 -23.41 32.74
CA HIS C 150 17.50 -22.50 31.76
C HIS C 150 16.34 -21.71 32.38
N THR C 151 16.48 -20.38 32.45
CA THR C 151 15.58 -19.48 33.21
C THR C 151 14.31 -19.07 32.46
N VAL C 152 13.44 -20.04 32.19
CA VAL C 152 12.22 -19.78 31.42
C VAL C 152 11.01 -20.36 32.14
N PRO C 153 10.50 -19.71 33.20
CA PRO C 153 9.42 -20.33 33.99
C PRO C 153 8.01 -20.22 33.44
N ILE C 154 7.51 -19.00 33.22
CA ILE C 154 6.07 -18.78 33.24
C ILE C 154 5.75 -17.36 32.83
N TYR C 155 4.50 -17.10 32.48
CA TYR C 155 3.88 -15.79 32.57
C TYR C 155 2.99 -15.70 33.81
N GLU C 156 2.10 -16.68 33.97
CA GLU C 156 1.38 -16.93 35.22
C GLU C 156 1.25 -18.45 35.34
N GLY C 157 2.40 -19.12 35.37
CA GLY C 157 2.49 -20.52 34.97
C GLY C 157 2.29 -20.69 33.47
N TYR C 158 1.37 -21.58 33.10
CA TYR C 158 0.85 -21.75 31.74
C TYR C 158 1.93 -22.12 30.72
N ALA C 159 3.13 -22.51 31.18
CA ALA C 159 4.26 -22.89 30.31
C ALA C 159 4.53 -21.90 29.18
N LEU C 160 4.30 -20.61 29.43
CA LEU C 160 4.54 -19.56 28.43
C LEU C 160 5.50 -18.54 29.03
N PRO C 161 6.80 -18.74 28.89
CA PRO C 161 7.77 -17.74 29.35
C PRO C 161 8.12 -16.74 28.24
N HIS C 162 8.82 -15.69 28.65
CA HIS C 162 9.33 -14.67 27.74
C HIS C 162 10.84 -14.53 27.87
N ALA C 163 11.34 -14.47 29.11
CA ALA C 163 12.77 -14.59 29.36
C ALA C 163 13.19 -16.02 29.13
N ILE C 164 14.23 -16.23 28.31
CA ILE C 164 14.63 -17.57 27.89
C ILE C 164 16.10 -17.80 28.18
N LEU C 165 16.58 -17.27 29.32
CA LEU C 165 18.01 -17.16 29.61
C LEU C 165 18.64 -18.51 30.00
N ARG C 166 18.74 -19.40 29.00
CA ARG C 166 19.62 -20.56 29.06
C ARG C 166 21.04 -20.22 28.61
N LEU C 167 21.99 -21.09 28.97
CA LEU C 167 23.38 -20.95 28.54
C LEU C 167 24.07 -22.31 28.63
N ASP C 168 25.24 -22.41 28.00
CA ASP C 168 26.07 -23.61 28.12
C ASP C 168 26.96 -23.55 29.37
N LEU C 169 26.38 -23.12 30.50
CA LEU C 169 27.03 -23.07 31.80
C LEU C 169 25.96 -22.95 32.88
N ALA C 170 26.34 -23.23 34.14
CA ALA C 170 25.40 -23.20 35.25
C ALA C 170 26.14 -23.02 36.58
N GLY C 171 25.36 -22.80 37.65
CA GLY C 171 25.92 -22.44 38.96
C GLY C 171 26.97 -23.38 39.52
N ARG C 172 26.87 -24.68 39.25
CA ARG C 172 27.93 -25.62 39.60
C ARG C 172 28.78 -26.08 38.42
N ASP C 173 28.27 -25.96 37.20
CA ASP C 173 29.10 -26.20 36.01
C ASP C 173 30.25 -25.21 35.93
N LEU C 174 29.96 -23.92 36.13
CA LEU C 174 31.00 -22.90 36.19
C LEU C 174 31.90 -23.05 37.41
N THR C 175 31.39 -23.63 38.49
CA THR C 175 32.22 -23.87 39.67
C THR C 175 33.21 -24.99 39.41
N ASP C 176 32.79 -26.03 38.69
CA ASP C 176 33.69 -27.13 38.35
C ASP C 176 34.72 -26.69 37.31
N TYR C 177 34.35 -25.75 36.44
CA TYR C 177 35.32 -25.17 35.50
C TYR C 177 36.28 -24.25 36.24
N LEU C 178 35.78 -23.51 37.22
CA LEU C 178 36.61 -22.58 37.97
C LEU C 178 37.50 -23.31 38.97
N MET C 179 37.15 -24.55 39.32
CA MET C 179 38.04 -25.39 40.11
C MET C 179 39.27 -25.76 39.32
N LYS C 180 39.10 -26.05 38.02
CA LYS C 180 40.23 -26.37 37.17
C LYS C 180 40.91 -25.12 36.64
N ILE C 181 40.23 -23.96 36.75
CA ILE C 181 40.79 -22.70 36.26
C ILE C 181 41.77 -22.09 37.25
N LEU C 182 41.95 -22.71 38.41
CA LEU C 182 43.07 -22.34 39.27
C LEU C 182 44.38 -22.79 38.64
N THR C 183 44.36 -23.91 37.93
CA THR C 183 45.52 -24.32 37.15
C THR C 183 45.71 -23.41 35.94
N GLU C 184 44.62 -22.85 35.43
CA GLU C 184 44.71 -21.88 34.35
C GLU C 184 45.17 -20.51 34.86
N ARG C 185 45.07 -20.29 36.17
CA ARG C 185 45.54 -19.06 36.80
C ARG C 185 46.99 -19.17 37.27
N GLY C 186 47.68 -20.25 36.90
CA GLY C 186 49.09 -20.40 37.18
C GLY C 186 49.40 -21.17 38.44
N TYR C 187 48.39 -21.47 39.26
CA TYR C 187 48.61 -22.21 40.49
C TYR C 187 48.73 -23.70 40.19
N SER C 188 49.30 -24.43 41.16
CA SER C 188 49.52 -25.87 41.03
C SER C 188 48.24 -26.63 41.39
N PHE C 189 47.27 -26.59 40.47
CA PHE C 189 45.96 -27.18 40.72
C PHE C 189 45.47 -27.97 39.52
N THR C 190 46.38 -28.67 38.83
CA THR C 190 46.02 -29.45 37.67
C THR C 190 45.66 -30.89 38.00
N THR C 191 45.83 -31.31 39.25
CA THR C 191 45.61 -32.69 39.66
C THR C 191 44.11 -32.99 39.81
N THR C 192 43.78 -34.28 39.74
CA THR C 192 42.41 -34.73 39.95
C THR C 192 42.02 -34.68 41.42
N GLU C 193 43.02 -34.80 42.32
CA GLU C 193 42.77 -34.74 43.75
C GLU C 193 42.59 -33.32 44.24
N GLU C 194 42.96 -32.33 43.43
CA GLU C 194 42.78 -30.92 43.77
C GLU C 194 41.39 -30.43 43.41
N ARG C 195 40.57 -31.27 42.75
CA ARG C 195 39.22 -30.88 42.39
C ARG C 195 38.31 -30.84 43.59
N GLU C 196 38.66 -31.52 44.68
CA GLU C 196 37.88 -31.45 45.91
C GLU C 196 38.21 -30.19 46.68
N ILE C 197 39.50 -29.83 46.74
CA ILE C 197 39.92 -28.64 47.48
C ILE C 197 39.54 -27.38 46.71
N VAL C 198 39.60 -27.44 45.38
CA VAL C 198 39.29 -26.25 44.58
C VAL C 198 37.79 -26.08 44.42
N ARG C 199 37.01 -27.11 44.74
CA ARG C 199 35.56 -26.95 44.84
C ARG C 199 35.19 -26.12 46.06
N ASP C 200 36.02 -26.15 47.11
CA ASP C 200 35.83 -25.32 48.29
C ASP C 200 36.64 -24.03 48.23
N ILE C 201 37.55 -23.91 47.28
CA ILE C 201 38.35 -22.71 47.11
C ILE C 201 37.67 -21.76 46.13
N LYS C 202 37.27 -22.28 44.96
CA LYS C 202 36.75 -21.45 43.90
C LYS C 202 35.26 -21.17 44.06
N GLU C 203 34.63 -21.73 45.10
CA GLU C 203 33.25 -21.42 45.43
C GLU C 203 33.13 -20.58 46.68
N LYS C 204 34.23 -20.40 47.43
CA LYS C 204 34.23 -19.61 48.65
C LYS C 204 35.16 -18.41 48.51
N LEU C 205 36.43 -18.62 48.15
CA LEU C 205 37.38 -17.53 48.08
C LEU C 205 37.24 -16.72 46.80
N CYS C 206 36.60 -17.29 45.78
CA CYS C 206 36.31 -16.61 44.52
C CYS C 206 34.97 -15.86 44.63
N TYR C 207 34.98 -14.79 45.43
CA TYR C 207 33.76 -14.07 45.75
C TYR C 207 33.67 -12.75 44.98
N VAL C 208 32.43 -12.43 44.58
CA VAL C 208 32.04 -11.12 44.06
C VAL C 208 32.80 -10.78 42.78
N ALA C 209 32.40 -11.39 41.66
CA ALA C 209 32.90 -10.97 40.36
C ALA C 209 32.29 -9.63 39.97
N LEU C 210 33.04 -8.83 39.22
CA LEU C 210 32.70 -7.45 38.97
C LEU C 210 32.84 -7.13 37.48
N ASP C 211 32.92 -5.84 37.16
CA ASP C 211 33.12 -5.40 35.78
C ASP C 211 34.53 -5.75 35.30
N PHE C 212 34.68 -5.76 33.97
CA PHE C 212 35.88 -6.30 33.34
C PHE C 212 37.10 -5.40 33.55
N GLU C 213 36.90 -4.08 33.52
CA GLU C 213 38.04 -3.17 33.68
C GLU C 213 38.57 -3.21 35.12
N GLN C 214 37.67 -3.24 36.11
CA GLN C 214 38.09 -3.32 37.49
C GLN C 214 38.67 -4.70 37.80
N GLU C 215 38.14 -5.74 37.16
CA GLU C 215 38.66 -7.09 37.35
C GLU C 215 40.04 -7.23 36.70
N MET C 216 40.29 -6.52 35.60
CA MET C 216 41.61 -6.54 34.99
C MET C 216 42.59 -5.70 35.80
N ALA C 217 42.11 -4.64 36.44
CA ALA C 217 42.98 -3.76 37.22
C ALA C 217 43.38 -4.42 38.54
N THR C 218 42.44 -5.08 39.21
CA THR C 218 42.69 -5.61 40.55
C THR C 218 43.55 -6.88 40.52
N ALA C 219 43.63 -7.55 39.37
CA ALA C 219 44.37 -8.81 39.31
C ALA C 219 45.87 -8.58 39.36
N ALA C 220 46.37 -7.59 38.62
CA ALA C 220 47.80 -7.31 38.55
C ALA C 220 48.11 -5.86 38.90
N SER C 221 47.27 -4.92 38.45
CA SER C 221 47.58 -3.49 38.59
C SER C 221 47.37 -3.01 40.03
N SER C 222 46.37 -3.55 40.73
CA SER C 222 46.07 -3.17 42.09
C SER C 222 46.47 -4.29 43.05
N SER C 223 46.60 -3.94 44.33
CA SER C 223 47.10 -4.87 45.33
C SER C 223 45.97 -5.67 46.00
N SER C 224 45.18 -6.34 45.16
CA SER C 224 44.10 -7.20 45.66
C SER C 224 44.61 -8.62 45.84
N LEU C 225 45.20 -9.16 44.79
CA LEU C 225 45.81 -10.50 44.74
C LEU C 225 44.77 -11.57 45.07
N GLU C 226 45.14 -12.62 45.79
CA GLU C 226 44.23 -13.68 46.22
C GLU C 226 44.37 -13.89 47.72
N LYS C 227 43.57 -14.81 48.25
CA LYS C 227 43.62 -15.14 49.67
C LYS C 227 44.85 -16.03 49.95
N SER C 228 45.15 -16.20 51.23
CA SER C 228 46.28 -17.01 51.67
C SER C 228 45.87 -18.48 51.78
N TYR C 229 45.65 -19.10 50.61
CA TYR C 229 45.33 -20.52 50.55
C TYR C 229 46.64 -21.31 50.43
N GLU C 230 47.34 -21.41 51.55
CA GLU C 230 48.53 -22.25 51.67
C GLU C 230 48.26 -23.49 52.51
N LEU C 231 47.04 -24.02 52.41
CA LEU C 231 46.57 -25.09 53.28
C LEU C 231 47.14 -26.44 52.83
N LYS C 232 47.01 -27.42 53.71
CA LYS C 232 47.53 -28.76 53.46
C LYS C 232 46.52 -29.66 52.74
N ASP C 233 45.37 -29.12 52.34
CA ASP C 233 44.37 -29.88 51.63
C ASP C 233 44.63 -29.93 50.13
N GLY C 234 45.65 -29.19 49.66
CA GLY C 234 45.98 -29.15 48.25
C GLY C 234 45.84 -27.75 47.69
N GLN C 235 46.03 -26.74 48.55
CA GLN C 235 45.93 -25.35 48.17
C GLN C 235 47.32 -24.73 48.07
N VAL C 236 47.63 -24.16 46.91
CA VAL C 236 48.89 -23.46 46.67
C VAL C 236 48.64 -21.95 46.62
N ILE C 237 47.74 -21.52 45.74
CA ILE C 237 47.31 -20.12 45.65
C ILE C 237 45.80 -20.12 45.48
N THR C 238 45.16 -19.07 46.00
CA THR C 238 43.70 -19.02 46.05
C THR C 238 43.11 -18.59 44.71
N ILE C 239 41.78 -18.59 44.65
CA ILE C 239 41.04 -18.27 43.43
C ILE C 239 40.45 -16.87 43.56
N GLY C 240 41.08 -16.02 44.38
CA GLY C 240 40.64 -14.64 44.49
C GLY C 240 40.88 -13.85 43.22
N ASN C 241 41.99 -14.14 42.53
CA ASN C 241 42.20 -13.59 41.20
C ASN C 241 41.31 -14.28 40.17
N GLU C 242 40.90 -15.52 40.44
CA GLU C 242 39.99 -16.21 39.54
C GLU C 242 38.57 -15.70 39.66
N ARG C 243 38.26 -15.02 40.77
CA ARG C 243 37.01 -14.26 40.85
C ARG C 243 37.02 -13.12 39.84
N PHE C 244 38.19 -12.48 39.66
CA PHE C 244 38.35 -11.45 38.65
C PHE C 244 38.48 -12.05 37.24
N ARG C 245 38.86 -13.32 37.14
CA ARG C 245 38.93 -13.98 35.85
C ARG C 245 37.58 -14.52 35.41
N CYS C 246 36.67 -14.75 36.37
CA CYS C 246 35.32 -15.20 36.05
C CYS C 246 34.47 -14.31 35.15
N PRO C 247 34.67 -12.98 35.06
CA PRO C 247 34.13 -12.25 33.89
C PRO C 247 34.56 -12.73 32.52
N GLU C 248 35.57 -13.57 32.36
CA GLU C 248 35.85 -14.14 31.04
C GLU C 248 34.92 -15.29 30.68
N ALA C 249 34.10 -15.74 31.63
CA ALA C 249 32.97 -16.62 31.35
C ALA C 249 31.64 -15.89 31.47
N LEU C 250 31.56 -14.93 32.39
CA LEU C 250 30.32 -14.20 32.64
C LEU C 250 30.11 -13.05 31.66
N PHE C 251 31.14 -12.71 30.86
CA PHE C 251 31.03 -11.64 29.88
C PHE C 251 31.78 -11.94 28.59
N GLN C 252 32.31 -13.16 28.42
CA GLN C 252 33.01 -13.56 27.21
C GLN C 252 32.68 -15.01 26.90
N PRO C 253 32.57 -15.38 25.61
CA PRO C 253 32.24 -16.77 25.26
C PRO C 253 33.26 -17.84 25.65
N SER C 254 34.49 -17.80 25.13
CA SER C 254 35.37 -18.95 25.16
C SER C 254 36.65 -18.71 25.96
N PHE C 255 36.77 -17.58 26.64
CA PHE C 255 38.01 -17.26 27.33
C PHE C 255 38.09 -17.93 28.70
N LEU C 256 36.97 -18.44 29.21
CA LEU C 256 36.97 -19.21 30.45
C LEU C 256 36.03 -20.40 30.36
N GLY C 257 36.00 -21.05 29.18
CA GLY C 257 35.36 -22.34 29.04
C GLY C 257 33.84 -22.30 29.01
N MET C 258 33.28 -21.70 27.97
CA MET C 258 31.86 -21.78 27.68
C MET C 258 31.67 -21.70 26.17
N GLU C 259 30.43 -21.82 25.72
CA GLU C 259 30.11 -21.85 24.30
C GLU C 259 29.17 -20.74 23.86
N ALA C 260 28.23 -20.33 24.72
CA ALA C 260 27.29 -19.26 24.41
C ALA C 260 27.93 -17.92 24.74
N CYS C 261 27.12 -16.85 24.75
CA CYS C 261 27.57 -15.54 25.20
C CYS C 261 27.77 -15.54 26.71
N GLY C 262 28.49 -14.52 27.18
CA GLY C 262 28.75 -14.39 28.61
C GLY C 262 27.48 -14.15 29.41
N ILE C 263 27.46 -14.72 30.63
CA ILE C 263 26.22 -15.10 31.29
C ILE C 263 25.34 -13.91 31.67
N HIS C 264 25.91 -12.72 31.82
CA HIS C 264 25.09 -11.52 32.03
C HIS C 264 24.46 -11.07 30.72
N GLU C 265 25.27 -10.98 29.66
CA GLU C 265 24.82 -10.44 28.39
C GLU C 265 23.91 -11.41 27.66
N THR C 266 24.14 -12.73 27.83
CA THR C 266 23.27 -13.72 27.21
C THR C 266 21.89 -13.70 27.86
N THR C 267 21.85 -13.53 29.18
CA THR C 267 20.58 -13.40 29.88
C THR C 267 19.89 -12.10 29.49
N TYR C 268 20.69 -11.04 29.25
CA TYR C 268 20.13 -9.76 28.80
C TYR C 268 19.53 -9.89 27.40
N ASN C 269 20.21 -10.61 26.50
CA ASN C 269 19.70 -10.79 25.15
C ASN C 269 18.46 -11.68 25.13
N SER C 270 18.45 -12.74 25.95
CA SER C 270 17.31 -13.63 26.01
C SER C 270 16.15 -13.04 26.79
N ILE C 271 16.40 -12.01 27.61
CA ILE C 271 15.32 -11.28 28.26
C ILE C 271 14.82 -10.15 27.36
N MET C 272 15.65 -9.69 26.41
CA MET C 272 15.21 -8.73 25.41
C MET C 272 14.37 -9.40 24.34
N LYS C 273 14.73 -10.61 23.93
CA LYS C 273 13.95 -11.40 22.97
C LYS C 273 12.71 -11.97 23.65
N CYS C 274 11.69 -11.13 23.80
CA CYS C 274 10.60 -11.45 24.71
C CYS C 274 9.36 -10.62 24.35
N ASP C 275 8.26 -10.94 25.03
CA ASP C 275 7.01 -10.19 24.93
C ASP C 275 6.93 -9.17 26.06
N VAL C 276 5.91 -8.31 25.98
CA VAL C 276 5.83 -7.16 26.87
C VAL C 276 4.94 -7.41 28.08
N ASP C 277 4.00 -8.35 28.00
CA ASP C 277 3.13 -8.65 29.13
C ASP C 277 3.88 -9.46 30.19
N ILE C 278 4.95 -10.12 29.79
CA ILE C 278 5.86 -10.81 30.69
C ILE C 278 7.26 -10.18 30.60
N ARG C 279 8.24 -10.83 31.20
CA ARG C 279 9.64 -10.42 31.14
C ARG C 279 9.90 -9.12 31.91
N LYS C 280 9.37 -8.00 31.44
CA LYS C 280 9.44 -6.78 32.22
C LYS C 280 8.59 -6.90 33.48
N ASP C 281 7.37 -7.42 33.34
CA ASP C 281 6.53 -7.72 34.49
C ASP C 281 7.08 -8.88 35.31
N LEU C 282 7.87 -9.76 34.69
CA LEU C 282 8.52 -10.83 35.44
C LEU C 282 9.70 -10.29 36.25
N TYR C 283 10.45 -9.35 35.68
CA TYR C 283 11.61 -8.77 36.34
C TYR C 283 11.21 -7.67 37.33
N ALA C 284 9.93 -7.29 37.43
CA ALA C 284 9.44 -6.38 38.47
C ALA C 284 9.40 -7.04 39.87
N ASN C 285 9.41 -8.38 39.92
CA ASN C 285 9.35 -9.17 41.17
C ASN C 285 9.99 -10.56 41.03
N THR C 286 10.93 -10.77 40.10
CA THR C 286 11.57 -12.07 39.91
C THR C 286 12.53 -12.40 41.06
N VAL C 287 12.80 -13.70 41.23
CA VAL C 287 13.65 -14.18 42.33
C VAL C 287 14.24 -15.55 41.97
N LEU C 288 15.55 -15.72 42.25
CA LEU C 288 16.35 -16.89 41.89
C LEU C 288 16.37 -18.01 42.95
N SER C 289 17.05 -19.12 42.62
CA SER C 289 17.30 -20.24 43.53
C SER C 289 18.58 -20.97 43.11
N GLY C 290 18.84 -22.14 43.72
CA GLY C 290 19.94 -23.04 43.38
C GLY C 290 21.32 -22.41 43.53
N GLY C 291 22.26 -22.86 42.68
CA GLY C 291 23.60 -22.30 42.67
C GLY C 291 23.69 -20.89 42.10
N THR C 292 22.66 -20.47 41.36
CA THR C 292 22.58 -19.10 40.87
C THR C 292 22.26 -18.10 41.98
N THR C 293 21.27 -18.40 42.82
CA THR C 293 20.93 -17.55 43.95
C THR C 293 21.84 -17.73 45.16
N MET C 294 22.51 -18.88 45.29
CA MET C 294 23.49 -19.12 46.35
C MET C 294 24.90 -18.79 45.88
N TYR C 295 25.01 -17.87 44.91
CA TYR C 295 26.27 -17.45 44.30
C TYR C 295 27.14 -16.68 45.29
N PRO C 296 28.46 -16.59 45.04
CA PRO C 296 29.35 -15.82 45.94
C PRO C 296 29.22 -14.30 45.94
N GLY C 297 28.18 -13.74 45.33
CA GLY C 297 27.97 -12.31 45.33
C GLY C 297 28.16 -11.65 43.98
N ILE C 298 28.16 -12.42 42.89
CA ILE C 298 28.42 -11.91 41.55
C ILE C 298 27.13 -11.54 40.84
N ALA C 299 26.01 -11.59 41.55
CA ALA C 299 24.72 -11.31 40.91
C ALA C 299 24.46 -9.82 40.75
N ASP C 300 25.23 -8.97 41.43
CA ASP C 300 25.06 -7.53 41.30
C ASP C 300 25.54 -7.05 39.93
N ARG C 301 26.56 -7.70 39.37
CA ARG C 301 26.99 -7.39 38.01
C ARG C 301 25.92 -7.79 37.00
N MET C 302 25.23 -8.90 37.27
CA MET C 302 24.11 -9.29 36.41
C MET C 302 22.93 -8.35 36.55
N GLN C 303 22.73 -7.81 37.76
CA GLN C 303 21.69 -6.79 37.95
C GLN C 303 22.07 -5.49 37.26
N LYS C 304 23.37 -5.16 37.26
CA LYS C 304 23.83 -3.98 36.53
C LYS C 304 23.69 -4.18 35.03
N GLU C 305 23.94 -5.40 34.54
CA GLU C 305 23.74 -5.68 33.13
C GLU C 305 22.26 -5.72 32.78
N ILE C 306 21.41 -6.13 33.72
CA ILE C 306 19.97 -6.12 33.50
C ILE C 306 19.46 -4.69 33.46
N THR C 307 20.09 -3.78 34.22
CA THR C 307 19.77 -2.37 34.10
C THR C 307 20.28 -1.80 32.78
N ALA C 308 21.44 -2.27 32.31
CA ALA C 308 22.05 -1.74 31.11
C ALA C 308 21.45 -2.33 29.84
N LEU C 309 20.68 -3.42 29.97
CA LEU C 309 20.09 -4.08 28.81
C LEU C 309 18.98 -3.22 28.19
N ALA C 310 18.08 -2.70 29.00
CA ALA C 310 16.98 -1.87 28.51
C ALA C 310 17.09 -0.48 29.15
N PRO C 311 17.17 0.59 28.35
CA PRO C 311 17.06 1.94 28.93
C PRO C 311 15.72 2.22 29.60
N SER C 312 14.62 1.64 29.08
CA SER C 312 13.37 1.57 29.82
C SER C 312 13.42 0.34 30.73
N THR C 313 14.09 0.51 31.87
CA THR C 313 14.40 -0.61 32.75
C THR C 313 13.16 -1.10 33.49
N MET C 314 12.19 -0.23 33.70
CA MET C 314 10.90 -0.58 34.31
C MET C 314 11.05 -1.11 35.73
N LYS C 315 12.02 -0.57 36.45
CA LYS C 315 12.33 -0.96 37.83
C LYS C 315 12.60 -2.46 37.95
N ILE C 316 13.59 -2.92 37.21
CA ILE C 316 13.90 -4.34 37.15
C ILE C 316 14.72 -4.72 38.38
N LYS C 317 14.19 -5.67 39.17
CA LYS C 317 14.84 -6.15 40.38
C LYS C 317 14.73 -7.68 40.42
N ILE C 318 15.83 -8.35 40.72
CA ILE C 318 15.85 -9.80 40.90
C ILE C 318 16.39 -10.13 42.28
N ILE C 319 15.61 -10.89 43.05
CA ILE C 319 15.96 -11.35 44.40
C ILE C 319 16.83 -12.61 44.39
N ALA C 320 17.55 -12.87 45.48
CA ALA C 320 18.44 -14.03 45.61
C ALA C 320 18.55 -14.46 47.08
N PRO C 321 17.83 -15.50 47.49
CA PRO C 321 17.85 -15.92 48.92
C PRO C 321 19.08 -16.74 49.27
N PRO C 322 19.61 -16.56 50.49
CA PRO C 322 20.73 -17.41 50.95
C PRO C 322 20.40 -18.90 50.95
N GLU C 323 19.16 -19.25 51.32
CA GLU C 323 18.71 -20.63 51.42
C GLU C 323 18.38 -21.24 50.05
N ARG C 324 18.93 -20.65 48.98
CA ARG C 324 18.51 -20.98 47.61
C ARG C 324 18.91 -22.40 47.21
N LYS C 325 19.99 -22.94 47.78
CA LYS C 325 20.40 -24.30 47.45
C LYS C 325 19.37 -25.34 47.87
N TYR C 326 18.62 -25.08 48.94
CA TYR C 326 17.50 -25.91 49.34
C TYR C 326 16.18 -25.42 48.76
N SER C 327 16.07 -24.11 48.52
CA SER C 327 14.83 -23.49 48.11
C SER C 327 14.33 -23.95 46.73
N VAL C 328 15.20 -24.45 45.87
CA VAL C 328 14.74 -25.12 44.65
C VAL C 328 13.95 -26.38 44.97
N TRP C 329 14.27 -27.05 46.09
CA TRP C 329 13.44 -28.14 46.59
C TRP C 329 12.28 -27.65 47.46
N ILE C 330 12.53 -26.66 48.32
CA ILE C 330 11.47 -26.14 49.18
C ILE C 330 10.37 -25.50 48.35
N GLY C 331 10.74 -24.78 47.29
CA GLY C 331 9.74 -24.28 46.37
C GLY C 331 8.88 -25.39 45.81
N GLY C 332 9.50 -26.47 45.37
CA GLY C 332 8.75 -27.66 45.03
C GLY C 332 7.82 -28.10 46.14
N SER C 333 8.31 -28.12 47.38
CA SER C 333 7.50 -28.57 48.50
C SER C 333 6.23 -27.72 48.67
N ILE C 334 6.37 -26.40 48.59
CA ILE C 334 5.20 -25.52 48.60
C ILE C 334 4.29 -25.81 47.41
N LEU C 335 4.88 -25.83 46.21
CA LEU C 335 4.12 -25.98 44.96
C LEU C 335 3.37 -27.30 44.88
N ALA C 336 3.83 -28.33 45.58
CA ALA C 336 3.14 -29.61 45.66
C ALA C 336 2.15 -29.71 46.82
N SER C 337 2.47 -29.07 47.95
CA SER C 337 1.75 -29.29 49.21
C SER C 337 0.65 -28.26 49.51
N LEU C 338 0.27 -27.41 48.55
CA LEU C 338 -0.90 -26.56 48.70
C LEU C 338 -2.18 -27.40 48.83
N SER C 339 -3.30 -26.72 49.11
CA SER C 339 -4.59 -27.38 49.23
C SER C 339 -5.30 -27.53 47.89
N THR C 340 -4.62 -27.23 46.78
CA THR C 340 -5.22 -27.34 45.45
C THR C 340 -4.14 -27.53 44.41
N PHE C 341 -3.14 -28.38 44.68
CA PHE C 341 -1.94 -28.48 43.86
C PHE C 341 -2.03 -29.57 42.81
N GLN C 342 -3.23 -29.91 42.34
CA GLN C 342 -3.43 -31.12 41.53
C GLN C 342 -3.34 -30.83 40.04
N GLN C 343 -2.55 -29.82 39.64
CA GLN C 343 -2.39 -29.48 38.23
C GLN C 343 -1.49 -30.48 37.52
N MET C 344 -0.48 -31.01 38.23
CA MET C 344 0.44 -32.00 37.68
C MET C 344 0.36 -33.31 38.44
N TRP C 345 -0.84 -33.67 38.90
CA TRP C 345 -1.03 -34.84 39.76
C TRP C 345 -1.22 -36.10 38.92
N ILE C 346 -0.51 -37.16 39.29
CA ILE C 346 -0.77 -38.51 38.82
C ILE C 346 -1.12 -39.35 40.04
N SER C 347 -1.75 -40.50 39.81
CA SER C 347 -2.38 -41.21 40.93
C SER C 347 -2.46 -42.71 40.64
N LYS C 348 -3.32 -43.39 41.39
CA LYS C 348 -3.61 -44.82 41.30
C LYS C 348 -4.59 -45.12 40.17
N GLN C 349 -5.36 -46.21 40.32
CA GLN C 349 -6.20 -46.73 39.24
C GLN C 349 -7.30 -45.78 38.81
N GLU C 350 -7.55 -44.71 39.57
CA GLU C 350 -8.39 -43.63 39.09
C GLU C 350 -7.70 -42.81 38.00
N TYR C 351 -6.36 -42.90 37.90
CA TYR C 351 -5.61 -42.22 36.88
C TYR C 351 -4.65 -43.13 36.13
N ASP C 352 -4.46 -44.37 36.60
CA ASP C 352 -3.53 -45.31 36.00
C ASP C 352 -4.16 -46.12 34.87
N GLU C 353 -5.44 -45.87 34.57
CA GLU C 353 -6.08 -46.58 33.47
C GLU C 353 -5.52 -46.14 32.13
N SER C 354 -5.16 -44.86 32.03
CA SER C 354 -4.50 -44.34 30.84
C SER C 354 -2.99 -44.61 30.87
N GLY C 355 -2.49 -45.15 31.98
CA GLY C 355 -1.09 -45.45 32.12
C GLY C 355 -0.34 -44.27 32.71
N PRO C 356 0.25 -44.45 33.90
CA PRO C 356 1.17 -43.41 34.39
C PRO C 356 2.44 -43.31 33.57
N SER C 357 2.88 -44.42 32.96
CA SER C 357 4.21 -44.58 32.37
C SER C 357 4.42 -43.86 31.05
N ILE C 358 3.49 -42.99 30.61
CA ILE C 358 3.68 -42.31 29.33
C ILE C 358 4.73 -41.21 29.47
N VAL C 359 5.35 -40.86 28.35
CA VAL C 359 6.38 -39.83 28.35
C VAL C 359 5.76 -38.45 28.46
N HIS C 360 4.96 -38.08 27.46
CA HIS C 360 4.33 -36.76 27.42
C HIS C 360 2.87 -36.86 27.03
N ARG C 361 2.32 -38.08 26.88
CA ARG C 361 0.98 -38.27 26.36
C ARG C 361 -0.06 -38.17 27.47
N LYS C 362 0.01 -39.04 28.48
CA LYS C 362 -1.04 -39.16 29.46
C LYS C 362 -0.83 -38.20 30.63
N CYS C 363 0.40 -38.11 31.14
CA CYS C 363 0.69 -37.30 32.30
C CYS C 363 0.70 -35.81 31.94
N PHE C 364 1.08 -35.49 30.71
CA PHE C 364 1.13 -34.12 30.21
C PHE C 364 1.97 -33.23 31.12
N LEU D 150 -25.47 -79.65 100.48
CA LEU D 150 -25.60 -79.55 99.00
C LEU D 150 -24.20 -79.67 98.39
N GLN D 151 -23.74 -80.91 98.25
CA GLN D 151 -22.39 -81.21 97.75
C GLN D 151 -22.35 -81.25 96.22
N GLN D 152 -23.51 -81.25 95.57
CA GLN D 152 -23.60 -81.35 94.12
C GLN D 152 -22.97 -80.14 93.44
N SER D 153 -23.31 -78.95 93.94
CA SER D 153 -22.74 -77.69 93.46
C SER D 153 -21.24 -77.60 93.66
N LEU D 154 -20.66 -78.50 94.46
CA LEU D 154 -19.21 -78.55 94.66
C LEU D 154 -18.54 -79.68 93.90
N GLU D 155 -19.27 -80.76 93.57
CA GLU D 155 -18.71 -81.85 92.77
C GLU D 155 -18.82 -81.58 91.27
N LEU D 156 -20.01 -81.20 90.78
CA LEU D 156 -20.17 -80.92 89.37
C LEU D 156 -19.24 -79.79 88.95
N LYS D 157 -19.06 -78.80 89.83
CA LYS D 157 -18.13 -77.69 89.59
C LYS D 157 -16.72 -78.19 89.26
N ARG D 158 -16.21 -79.13 90.04
CA ARG D 158 -14.88 -79.67 89.81
C ARG D 158 -14.82 -80.45 88.49
N LYS D 159 -15.81 -81.30 88.22
CA LYS D 159 -15.84 -82.03 86.96
C LYS D 159 -15.82 -81.09 85.77
N MET D 160 -16.66 -80.07 85.76
CA MET D 160 -16.81 -79.27 84.54
C MET D 160 -15.62 -78.36 84.30
N LEU D 161 -14.91 -77.92 85.34
CA LEU D 161 -13.69 -77.16 85.08
C LEU D 161 -12.51 -78.08 84.73
N ARG D 162 -12.43 -79.29 85.33
CA ARG D 162 -11.51 -80.30 84.82
C ARG D 162 -11.76 -80.59 83.34
N ASP D 163 -13.04 -80.70 82.94
CA ASP D 163 -13.38 -80.92 81.50
C ASP D 163 -12.94 -79.73 80.64
N LYS D 164 -12.42 -78.66 81.25
CA LYS D 164 -11.91 -77.51 80.53
C LYS D 164 -10.42 -77.29 80.72
N GLN D 165 -9.84 -77.78 81.83
CA GLN D 165 -8.39 -77.84 82.04
C GLN D 165 -7.73 -79.06 81.41
N ASN D 166 -8.50 -80.11 81.08
CA ASN D 166 -7.91 -81.43 80.84
C ASN D 166 -7.16 -81.53 79.50
N LYS D 167 -7.86 -81.34 78.38
CA LYS D 167 -7.26 -81.65 77.08
C LYS D 167 -6.30 -80.55 76.61
N LYS D 168 -6.57 -79.29 77.00
CA LYS D 168 -5.84 -78.13 76.50
C LYS D 168 -5.36 -77.25 77.65
N ASN D 169 -4.15 -76.70 77.48
CA ASN D 169 -3.61 -75.64 78.35
C ASN D 169 -3.48 -74.33 77.58
N SER D 170 -4.22 -74.20 76.49
CA SER D 170 -4.30 -72.96 75.71
C SER D 170 -5.01 -71.87 76.51
N GLY D 171 -4.28 -70.81 76.85
CA GLY D 171 -4.66 -69.87 77.89
C GLY D 171 -4.21 -70.31 79.28
N GLN D 172 -3.36 -69.49 79.91
CA GLN D 172 -2.71 -69.83 81.17
C GLN D 172 -3.60 -69.60 82.41
N HIS D 173 -3.20 -70.24 83.51
CA HIS D 173 -3.61 -70.00 84.92
C HIS D 173 -5.13 -69.76 85.11
N LEU D 174 -5.93 -70.80 84.79
CA LEU D 174 -7.40 -70.73 84.82
C LEU D 174 -7.95 -70.25 86.19
N PRO D 175 -8.74 -69.17 86.22
CA PRO D 175 -9.28 -68.65 87.49
C PRO D 175 -10.46 -69.45 88.07
N ILE D 176 -10.67 -69.29 89.39
CA ILE D 176 -11.85 -69.76 90.11
C ILE D 176 -12.34 -68.62 91.03
N PHE D 177 -13.67 -68.48 91.19
CA PHE D 177 -14.27 -67.37 91.95
C PHE D 177 -13.99 -67.53 93.46
N PRO D 178 -13.70 -66.44 94.18
CA PRO D 178 -13.62 -66.48 95.65
C PRO D 178 -14.85 -67.09 96.33
N ALA D 179 -14.61 -67.85 97.40
CA ALA D 179 -15.60 -68.79 97.92
C ALA D 179 -16.86 -68.10 98.47
N TRP D 180 -16.74 -66.90 99.05
CA TRP D 180 -17.87 -66.25 99.73
C TRP D 180 -19.09 -66.04 98.84
N VAL D 181 -18.93 -66.08 97.52
CA VAL D 181 -20.08 -65.86 96.63
C VAL D 181 -21.12 -66.98 96.77
N TYR D 182 -20.69 -68.20 97.12
CA TYR D 182 -21.53 -69.40 97.06
C TYR D 182 -22.32 -69.68 98.33
N GLU D 183 -22.22 -68.83 99.36
CA GLU D 183 -22.63 -69.23 100.72
C GLU D 183 -23.45 -68.25 101.58
N ARG D 184 -23.70 -67.03 101.06
CA ARG D 184 -24.58 -66.04 101.72
C ARG D 184 -26.00 -66.32 101.19
N PRO D 185 -27.08 -66.23 102.00
CA PRO D 185 -28.41 -66.56 101.52
C PRO D 185 -28.93 -65.44 100.64
N ALA D 186 -28.33 -64.25 100.74
CA ALA D 186 -28.78 -63.06 99.99
C ALA D 186 -28.20 -63.06 98.58
N LEU D 187 -27.22 -63.92 98.26
CA LEU D 187 -26.76 -64.06 96.87
C LEU D 187 -27.32 -65.32 96.21
N ILE D 188 -28.57 -65.58 96.60
CA ILE D 188 -29.48 -66.60 96.10
C ILE D 188 -30.82 -65.88 95.92
N GLY D 189 -31.56 -66.22 94.87
CA GLY D 189 -32.88 -65.63 94.73
C GLY D 189 -33.94 -66.29 95.60
N ASP D 190 -33.62 -66.48 96.88
CA ASP D 190 -34.49 -67.18 97.82
C ASP D 190 -33.99 -66.91 99.24
N PHE D 191 -34.89 -67.00 100.21
CA PHE D 191 -34.57 -66.56 101.58
C PHE D 191 -35.40 -67.30 102.63
N ALA D 202 -47.54 -59.77 111.68
CA ALA D 202 -47.56 -59.95 113.14
C ALA D 202 -48.98 -59.86 113.70
N LEU D 203 -49.98 -59.97 112.84
CA LEU D 203 -51.38 -59.80 113.21
C LEU D 203 -52.05 -61.16 113.37
N PRO D 204 -53.13 -61.24 114.17
CA PRO D 204 -54.08 -62.35 114.02
C PRO D 204 -54.84 -62.27 112.70
N ILE D 205 -54.19 -62.83 111.66
CA ILE D 205 -54.63 -62.66 110.28
C ILE D 205 -56.01 -63.27 110.05
N GLY D 206 -56.30 -64.40 110.70
CA GLY D 206 -57.50 -65.17 110.39
C GLY D 206 -58.79 -64.58 110.93
N THR D 207 -58.69 -63.59 111.80
CA THR D 207 -59.86 -62.96 112.41
C THR D 207 -60.33 -61.73 111.64
N LEU D 208 -59.60 -61.32 110.59
CA LEU D 208 -59.81 -60.07 109.88
C LEU D 208 -60.85 -60.27 108.76
N PRO D 209 -61.69 -59.27 108.46
CA PRO D 209 -62.63 -59.41 107.33
C PRO D 209 -61.92 -59.49 105.97
N LEU D 210 -62.70 -59.90 104.97
CA LEU D 210 -62.14 -60.19 103.64
C LEU D 210 -61.54 -58.94 102.99
N ALA D 211 -62.06 -57.76 103.32
CA ALA D 211 -61.48 -56.50 102.87
C ALA D 211 -60.05 -56.34 103.36
N SER D 212 -59.68 -57.00 104.46
CA SER D 212 -58.27 -57.23 104.76
C SER D 212 -57.72 -58.39 103.94
N GLN D 213 -58.35 -59.56 104.04
CA GLN D 213 -57.75 -60.82 103.61
C GLN D 213 -57.16 -60.74 102.20
N GLU D 214 -57.97 -60.42 101.19
CA GLU D 214 -57.48 -60.50 99.81
C GLU D 214 -56.26 -59.62 99.63
N SER D 215 -56.38 -58.34 100.01
CA SER D 215 -55.28 -57.40 99.92
C SER D 215 -54.12 -57.85 100.81
N ALA D 216 -54.42 -58.39 101.99
CA ALA D 216 -53.37 -58.76 102.92
C ALA D 216 -52.51 -59.89 102.35
N VAL D 217 -53.13 -60.94 101.83
CA VAL D 217 -52.34 -62.07 101.35
C VAL D 217 -51.53 -61.69 100.12
N VAL D 218 -52.04 -60.82 99.26
CA VAL D 218 -51.19 -60.42 98.14
C VAL D 218 -49.96 -59.64 98.61
N GLU D 219 -49.94 -59.11 99.84
CA GLU D 219 -48.69 -58.50 100.31
C GLU D 219 -47.58 -59.55 100.39
N ASP D 220 -47.71 -60.52 101.29
CA ASP D 220 -46.62 -61.48 101.45
C ASP D 220 -46.48 -62.38 100.22
N LEU D 221 -47.55 -62.59 99.47
CA LEU D 221 -47.38 -63.22 98.16
C LEU D 221 -46.49 -62.37 97.29
N LEU D 222 -46.76 -61.07 97.22
CA LEU D 222 -46.00 -60.22 96.32
C LEU D 222 -44.54 -60.13 96.76
N TYR D 223 -44.27 -60.23 98.06
CA TYR D 223 -42.90 -60.48 98.49
C TYR D 223 -42.42 -61.82 97.94
N VAL D 224 -43.16 -62.90 98.24
CA VAL D 224 -42.72 -64.25 97.92
C VAL D 224 -42.70 -64.53 96.42
N LEU D 225 -43.26 -63.63 95.60
CA LEU D 225 -43.02 -63.71 94.16
C LEU D 225 -41.54 -63.50 93.85
N VAL D 226 -40.91 -62.58 94.57
CA VAL D 226 -39.46 -62.41 94.57
C VAL D 226 -38.87 -63.43 95.54
N GLY D 227 -37.55 -63.60 95.49
CA GLY D 227 -36.88 -64.49 96.42
C GLY D 227 -36.75 -63.91 97.81
N VAL D 228 -37.88 -63.75 98.52
CA VAL D 228 -37.88 -63.29 99.91
C VAL D 228 -39.02 -63.98 100.65
N ASP D 229 -38.93 -63.96 101.98
CA ASP D 229 -39.89 -64.59 102.87
C ASP D 229 -41.21 -63.81 102.87
N GLY D 230 -42.27 -64.46 103.35
CA GLY D 230 -43.59 -63.83 103.41
C GLY D 230 -43.91 -63.31 104.80
N ARG D 231 -45.18 -63.43 105.19
CA ARG D 231 -45.61 -63.09 106.54
C ARG D 231 -46.61 -64.09 107.13
N TYR D 232 -47.51 -64.68 106.31
CA TYR D 232 -48.40 -65.80 106.64
C TYR D 232 -48.21 -66.93 105.65
N VAL D 233 -47.99 -66.64 104.36
CA VAL D 233 -47.31 -67.62 103.51
C VAL D 233 -45.85 -67.67 103.96
N SER D 234 -45.19 -68.80 103.74
CA SER D 234 -43.82 -68.98 104.20
C SER D 234 -43.10 -69.97 103.29
N ALA D 235 -41.86 -70.29 103.67
CA ALA D 235 -41.07 -71.30 102.96
C ALA D 235 -40.28 -72.12 103.96
N GLN D 236 -40.72 -73.37 104.18
CA GLN D 236 -39.97 -74.34 104.96
C GLN D 236 -38.65 -74.71 104.26
N PRO D 237 -37.56 -74.91 105.01
CA PRO D 237 -36.22 -74.79 104.43
C PRO D 237 -35.86 -75.80 103.36
N LEU D 238 -35.01 -75.33 102.44
CA LEU D 238 -34.45 -76.16 101.37
C LEU D 238 -33.36 -77.06 101.94
N ALA D 239 -33.31 -78.30 101.45
CA ALA D 239 -32.16 -79.18 101.68
C ALA D 239 -32.01 -80.06 100.43
N GLY D 240 -31.24 -79.58 99.47
CA GLY D 240 -31.32 -80.06 98.10
C GLY D 240 -32.67 -79.70 97.52
N ARG D 241 -33.50 -80.71 97.27
CA ARG D 241 -34.96 -80.59 97.30
C ARG D 241 -35.49 -79.64 96.23
N GLN D 242 -35.19 -79.98 94.97
CA GLN D 242 -35.27 -79.03 93.85
C GLN D 242 -36.70 -78.77 93.38
N SER D 243 -37.69 -79.26 94.13
CA SER D 243 -39.10 -78.94 93.81
C SER D 243 -39.46 -77.60 94.46
N ARG D 244 -38.67 -77.17 95.46
CA ARG D 244 -38.91 -75.87 96.16
C ARG D 244 -40.31 -75.84 96.76
N THR D 245 -40.50 -76.45 97.94
CA THR D 245 -41.82 -76.51 98.58
C THR D 245 -42.11 -75.21 99.30
N PHE D 246 -43.38 -74.81 99.37
CA PHE D 246 -43.76 -73.59 100.08
C PHE D 246 -44.81 -73.89 101.15
N LEU D 247 -44.66 -73.25 102.30
CA LEU D 247 -45.52 -73.45 103.45
C LEU D 247 -46.60 -72.37 103.51
N VAL D 248 -47.85 -72.78 103.69
CA VAL D 248 -48.97 -71.88 103.86
C VAL D 248 -49.61 -72.17 105.22
N ASP D 249 -50.19 -71.13 105.84
CA ASP D 249 -50.65 -71.17 107.23
C ASP D 249 -52.01 -71.84 107.39
N PRO D 250 -52.31 -72.36 108.59
CA PRO D 250 -53.71 -72.68 108.93
C PRO D 250 -54.57 -71.45 109.22
N ASN D 251 -55.87 -71.73 109.39
CA ASN D 251 -56.93 -70.72 109.56
C ASN D 251 -57.06 -69.82 108.34
N LEU D 252 -56.63 -70.31 107.18
CA LEU D 252 -56.65 -69.57 105.93
C LEU D 252 -57.77 -70.13 105.05
N ASP D 253 -58.47 -69.24 104.34
CA ASP D 253 -59.64 -69.66 103.57
C ASP D 253 -59.22 -70.50 102.37
N LEU D 254 -59.91 -71.63 102.19
CA LEU D 254 -59.48 -72.62 101.21
C LEU D 254 -59.78 -72.18 99.79
N SER D 255 -60.76 -71.28 99.59
CA SER D 255 -61.02 -70.74 98.26
C SER D 255 -59.91 -69.76 97.84
N ILE D 256 -59.32 -69.05 98.81
CA ILE D 256 -58.12 -68.26 98.54
C ILE D 256 -56.96 -69.20 98.24
N ARG D 257 -56.89 -70.31 98.98
CA ARG D 257 -55.70 -71.16 99.01
C ARG D 257 -55.35 -71.73 97.64
N GLU D 258 -56.36 -72.08 96.85
CA GLU D 258 -56.11 -72.74 95.57
C GLU D 258 -55.47 -71.77 94.60
N LEU D 259 -55.86 -70.51 94.67
CA LEU D 259 -55.26 -69.51 93.79
C LEU D 259 -53.83 -69.23 94.22
N VAL D 260 -53.55 -69.28 95.53
CA VAL D 260 -52.18 -69.21 96.00
C VAL D 260 -51.35 -70.33 95.38
N HIS D 261 -51.86 -71.56 95.46
CA HIS D 261 -51.14 -72.70 94.87
C HIS D 261 -51.04 -72.61 93.36
N ARG D 262 -51.92 -71.86 92.71
CA ARG D 262 -51.75 -71.61 91.28
C ARG D 262 -50.54 -70.71 91.01
N ILE D 263 -50.24 -69.79 91.93
CA ILE D 263 -49.18 -68.80 91.72
C ILE D 263 -47.81 -69.34 92.16
N LEU D 264 -47.76 -70.00 93.32
CA LEU D 264 -46.49 -70.37 93.95
C LEU D 264 -45.46 -71.05 93.05
N PRO D 265 -45.81 -71.92 92.09
CA PRO D 265 -44.80 -72.43 91.14
C PRO D 265 -43.93 -71.38 90.47
N VAL D 266 -44.39 -70.14 90.43
CA VAL D 266 -43.53 -69.04 90.02
C VAL D 266 -42.36 -68.93 90.99
N ALA D 267 -42.67 -68.81 92.28
CA ALA D 267 -41.64 -68.70 93.31
C ALA D 267 -40.72 -69.91 93.31
N ALA D 268 -41.26 -71.10 93.03
CA ALA D 268 -40.44 -72.32 93.04
C ALA D 268 -39.47 -72.32 91.86
N SER D 269 -39.99 -72.10 90.65
CA SER D 269 -39.14 -72.08 89.47
C SER D 269 -38.15 -70.93 89.54
N TYR D 270 -38.59 -69.79 90.06
CA TYR D 270 -37.72 -68.64 90.27
C TYR D 270 -36.53 -68.98 91.16
N SER D 271 -36.78 -69.57 92.33
CA SER D 271 -35.68 -69.98 93.19
C SER D 271 -34.71 -70.89 92.46
N ALA D 272 -35.23 -71.78 91.61
CA ALA D 272 -34.36 -72.62 90.80
C ALA D 272 -33.60 -71.81 89.75
N VAL D 273 -34.27 -70.86 89.09
CA VAL D 273 -33.57 -70.02 88.11
C VAL D 273 -32.41 -69.31 88.78
N THR D 274 -32.68 -68.65 89.91
CA THR D 274 -31.66 -67.83 90.55
C THR D 274 -30.58 -68.69 91.20
N ARG D 275 -30.91 -69.91 91.62
CA ARG D 275 -29.87 -70.84 92.05
C ARG D 275 -29.05 -71.31 90.86
N PHE D 276 -29.63 -71.34 89.67
CA PHE D 276 -28.82 -71.56 88.46
C PHE D 276 -27.88 -70.38 88.26
N ILE D 277 -28.39 -69.15 88.49
CA ILE D 277 -27.61 -67.93 88.27
C ILE D 277 -26.37 -67.87 89.15
N GLU D 278 -26.54 -68.01 90.46
CA GLU D 278 -25.41 -67.84 91.36
C GLU D 278 -24.32 -68.84 91.04
N GLU D 279 -24.68 -70.07 90.72
CA GLU D 279 -23.72 -71.16 90.55
C GLU D 279 -23.12 -71.17 89.14
N LYS D 280 -23.97 -71.27 88.11
CA LYS D 280 -23.48 -71.67 86.79
C LYS D 280 -22.83 -70.52 86.02
N SER D 281 -22.83 -69.30 86.57
CA SER D 281 -22.17 -68.16 85.96
C SER D 281 -20.66 -68.13 86.20
N SER D 282 -20.14 -69.07 87.00
CA SER D 282 -18.76 -69.09 87.45
C SER D 282 -17.82 -69.62 86.36
N PHE D 283 -16.51 -69.34 86.53
CA PHE D 283 -15.49 -69.83 85.60
C PHE D 283 -15.53 -71.33 85.39
N GLU D 284 -16.11 -72.08 86.32
CA GLU D 284 -16.11 -73.54 86.28
C GLU D 284 -17.02 -74.17 85.23
N TYR D 285 -17.86 -73.39 84.53
CA TYR D 285 -18.90 -73.96 83.68
C TYR D 285 -18.86 -73.57 82.20
N GLY D 286 -17.87 -72.83 81.72
CA GLY D 286 -17.73 -72.71 80.27
C GLY D 286 -18.45 -71.49 79.70
N GLN D 287 -17.88 -70.96 78.60
CA GLN D 287 -18.31 -69.67 78.05
C GLN D 287 -19.77 -69.68 77.58
N VAL D 288 -20.28 -70.83 77.10
CA VAL D 288 -21.68 -70.96 76.73
C VAL D 288 -22.59 -70.76 77.94
N ASN D 289 -22.23 -71.31 79.09
CA ASN D 289 -23.01 -71.04 80.29
C ASN D 289 -22.85 -69.60 80.78
N HIS D 290 -21.70 -68.97 80.56
CA HIS D 290 -21.54 -67.57 80.93
C HIS D 290 -22.51 -66.66 80.18
N ALA D 291 -22.50 -66.73 78.85
CA ALA D 291 -23.39 -65.85 78.08
C ALA D 291 -24.86 -66.21 78.28
N LEU D 292 -25.19 -67.49 78.48
CA LEU D 292 -26.56 -67.86 78.81
C LEU D 292 -26.95 -67.38 80.21
N ALA D 293 -26.04 -67.45 81.17
CA ALA D 293 -26.39 -67.00 82.51
C ALA D 293 -26.61 -65.50 82.51
N ALA D 294 -25.91 -64.77 81.65
CA ALA D 294 -26.23 -63.36 81.43
C ALA D 294 -27.63 -63.22 80.84
N ALA D 295 -27.98 -64.05 79.86
CA ALA D 295 -29.29 -63.93 79.26
C ALA D 295 -30.38 -64.17 80.30
N MET D 296 -30.24 -65.18 81.14
CA MET D 296 -31.31 -65.47 82.08
C MET D 296 -31.24 -64.59 83.34
N ARG D 297 -30.13 -63.88 83.53
CA ARG D 297 -30.11 -62.90 84.64
C ARG D 297 -30.88 -61.67 84.14
N THR D 298 -31.01 -61.52 82.82
CA THR D 298 -31.76 -60.40 82.25
C THR D 298 -33.18 -60.33 82.83
N LEU D 299 -33.99 -61.35 82.57
CA LEU D 299 -35.44 -61.24 82.76
C LEU D 299 -35.82 -61.11 84.21
N VAL D 300 -34.92 -61.43 85.13
CA VAL D 300 -35.25 -61.38 86.55
C VAL D 300 -35.63 -59.97 86.96
N LYS D 301 -34.96 -58.95 86.39
CA LYS D 301 -35.36 -57.59 86.72
C LYS D 301 -36.73 -57.25 86.17
N GLU D 302 -37.09 -57.76 84.98
CA GLU D 302 -38.45 -57.54 84.50
C GLU D 302 -39.47 -58.17 85.44
N HIS D 303 -39.15 -59.31 86.03
CA HIS D 303 -40.02 -59.85 87.05
C HIS D 303 -40.12 -58.88 88.23
N LEU D 304 -38.98 -58.31 88.66
CA LEU D 304 -39.03 -57.30 89.71
C LEU D 304 -39.83 -56.07 89.29
N ILE D 305 -39.70 -55.63 88.03
CA ILE D 305 -40.49 -54.49 87.57
C ILE D 305 -41.97 -54.81 87.69
N LEU D 306 -42.38 -55.99 87.22
CA LEU D 306 -43.77 -56.40 87.38
C LEU D 306 -44.15 -56.33 88.86
N VAL D 307 -43.30 -56.91 89.72
CA VAL D 307 -43.57 -56.94 91.16
C VAL D 307 -43.81 -55.53 91.69
N SER D 308 -42.97 -54.58 91.27
CA SER D 308 -43.13 -53.19 91.69
C SER D 308 -44.38 -52.55 91.10
N GLN D 309 -44.70 -52.87 89.85
CA GLN D 309 -45.94 -52.37 89.24
C GLN D 309 -47.17 -52.89 89.96
N LEU D 310 -47.11 -54.13 90.46
CA LEU D 310 -48.20 -54.63 91.29
C LEU D 310 -48.17 -53.97 92.66
N GLU D 311 -46.98 -53.75 93.21
CA GLU D 311 -46.85 -53.16 94.54
C GLU D 311 -47.48 -51.77 94.65
N GLN D 312 -47.34 -50.94 93.60
CA GLN D 312 -47.98 -49.63 93.66
C GLN D 312 -49.51 -49.73 93.64
N LEU D 313 -50.08 -50.71 92.93
CA LEU D 313 -51.52 -50.92 93.04
C LEU D 313 -51.86 -51.41 94.44
N HIS D 314 -51.06 -52.35 94.95
CA HIS D 314 -51.30 -52.87 96.29
C HIS D 314 -51.24 -51.76 97.32
N ARG D 315 -50.30 -50.82 97.15
CA ARG D 315 -50.16 -49.72 98.08
C ARG D 315 -51.38 -48.82 98.05
N GLN D 316 -51.96 -48.62 96.86
CA GLN D 316 -53.22 -47.92 96.75
C GLN D 316 -54.40 -48.78 97.22
N GLY D 317 -54.21 -50.10 97.32
CA GLY D 317 -55.26 -50.99 97.78
C GLY D 317 -56.33 -51.25 96.75
N LEU D 318 -56.02 -51.05 95.48
CA LEU D 318 -56.92 -51.28 94.37
C LEU D 318 -56.82 -52.68 93.80
N LEU D 319 -56.03 -53.55 94.43
CA LEU D 319 -55.54 -54.73 93.75
C LEU D 319 -56.50 -55.92 93.90
N SER D 320 -56.51 -56.78 92.88
CA SER D 320 -57.38 -57.93 92.80
C SER D 320 -56.57 -59.19 92.56
N LEU D 321 -56.92 -60.27 93.27
CA LEU D 321 -56.29 -61.56 93.04
C LEU D 321 -56.47 -61.99 91.59
N GLN D 322 -57.67 -61.81 91.04
CA GLN D 322 -57.90 -62.24 89.66
C GLN D 322 -57.11 -61.38 88.67
N LYS D 323 -57.00 -60.08 88.90
CA LYS D 323 -56.09 -59.29 88.06
C LYS D 323 -54.65 -59.77 88.20
N LEU D 324 -54.19 -59.99 89.43
CA LEU D 324 -52.83 -60.45 89.65
C LEU D 324 -52.58 -61.72 88.85
N TRP D 325 -53.45 -62.71 89.04
CA TRP D 325 -53.32 -63.99 88.36
C TRP D 325 -53.31 -63.81 86.85
N PHE D 326 -54.21 -62.98 86.34
CA PHE D 326 -54.25 -62.67 84.91
C PHE D 326 -52.92 -62.11 84.46
N TYR D 327 -52.33 -61.18 85.22
CA TYR D 327 -51.13 -60.50 84.78
C TYR D 327 -49.91 -61.42 84.75
N ILE D 328 -49.78 -62.34 85.70
CA ILE D 328 -48.53 -63.10 85.81
C ILE D 328 -48.36 -64.15 84.71
N GLN D 329 -49.36 -64.32 83.83
CA GLN D 329 -49.31 -65.46 82.91
C GLN D 329 -48.10 -65.46 81.98
N PRO D 330 -47.74 -64.36 81.32
CA PRO D 330 -46.54 -64.41 80.47
C PRO D 330 -45.28 -64.62 81.29
N ALA D 331 -45.29 -64.20 82.55
CA ALA D 331 -44.14 -64.47 83.42
C ALA D 331 -44.04 -65.96 83.70
N MET D 332 -45.14 -66.57 84.17
CA MET D 332 -45.15 -68.01 84.41
C MET D 332 -44.63 -68.76 83.20
N ARG D 333 -45.20 -68.47 82.04
CA ARG D 333 -44.78 -69.12 80.80
C ARG D 333 -43.29 -68.89 80.59
N THR D 334 -42.87 -67.64 80.70
CA THR D 334 -41.50 -67.24 80.38
C THR D 334 -40.45 -67.92 81.28
N MET D 335 -40.66 -67.93 82.59
CA MET D 335 -39.65 -68.58 83.43
C MET D 335 -39.83 -70.08 83.49
N ASP D 336 -41.03 -70.60 83.19
CA ASP D 336 -41.13 -72.03 82.93
C ASP D 336 -40.28 -72.41 81.73
N ILE D 337 -40.21 -71.57 80.69
CA ILE D 337 -39.31 -71.88 79.58
C ILE D 337 -37.89 -72.01 80.11
N LEU D 338 -37.41 -70.99 80.83
CA LEU D 338 -36.04 -71.01 81.31
C LEU D 338 -35.79 -72.19 82.23
N ALA D 339 -36.68 -72.40 83.20
CA ALA D 339 -36.53 -73.53 84.12
C ALA D 339 -36.36 -74.87 83.40
N SER D 340 -36.96 -75.03 82.22
CA SER D 340 -36.78 -76.27 81.46
C SER D 340 -35.35 -76.41 80.92
N LEU D 341 -34.81 -75.34 80.32
CA LEU D 341 -33.42 -75.36 79.86
C LEU D 341 -32.46 -75.51 81.04
N ALA D 342 -32.66 -74.68 82.05
CA ALA D 342 -31.82 -74.72 83.25
C ALA D 342 -31.83 -76.09 83.90
N THR D 343 -33.02 -76.64 84.16
CA THR D 343 -33.08 -77.93 84.84
C THR D 343 -32.45 -79.02 83.97
N SER D 344 -32.57 -78.92 82.64
CA SER D 344 -31.89 -79.86 81.74
C SER D 344 -30.36 -79.74 81.82
N VAL D 345 -29.83 -78.52 81.77
CA VAL D 345 -28.39 -78.30 81.98
C VAL D 345 -27.98 -78.77 83.36
N ASP D 346 -28.87 -78.65 84.34
CA ASP D 346 -28.68 -79.14 85.69
C ASP D 346 -28.80 -80.67 85.80
N LYS D 347 -29.33 -81.34 84.77
CA LYS D 347 -29.24 -82.80 84.73
C LYS D 347 -27.80 -83.21 84.42
N GLY D 348 -27.00 -83.36 85.47
CA GLY D 348 -25.61 -83.77 85.36
C GLY D 348 -24.72 -82.64 84.87
N GLU D 349 -24.78 -82.39 83.56
CA GLU D 349 -23.99 -81.37 82.89
C GLU D 349 -24.66 -81.00 81.58
N CYS D 350 -24.36 -79.79 81.11
CA CYS D 350 -24.35 -79.46 79.69
C CYS D 350 -23.19 -78.50 79.44
N LEU D 351 -22.02 -79.07 79.15
CA LEU D 351 -20.85 -78.29 78.75
C LEU D 351 -21.00 -77.92 77.28
N GLY D 352 -20.91 -76.63 76.97
CA GLY D 352 -20.75 -76.23 75.59
C GLY D 352 -21.66 -76.95 74.61
N GLY D 353 -21.05 -77.60 73.63
CA GLY D 353 -21.81 -78.30 72.59
C GLY D 353 -22.86 -79.29 73.06
N SER D 354 -22.67 -79.95 74.21
CA SER D 354 -23.73 -80.82 74.70
C SER D 354 -24.99 -80.01 74.99
N THR D 355 -24.82 -78.79 75.53
CA THR D 355 -25.93 -77.84 75.60
C THR D 355 -26.51 -77.52 74.23
N LEU D 356 -25.66 -77.43 73.24
CA LEU D 356 -26.10 -77.01 71.91
C LEU D 356 -26.90 -78.06 71.17
N SER D 357 -27.22 -79.16 71.85
CA SER D 357 -28.43 -79.89 71.52
C SER D 357 -29.62 -79.01 71.86
N LEU D 358 -29.83 -78.77 73.16
CA LEU D 358 -30.98 -78.01 73.65
C LEU D 358 -31.23 -76.71 72.88
N LEU D 359 -30.18 -75.95 72.59
CA LEU D 359 -30.33 -74.62 72.03
C LEU D 359 -30.79 -74.62 70.56
N HIS D 360 -30.67 -75.72 69.84
CA HIS D 360 -31.49 -75.94 68.65
C HIS D 360 -32.80 -76.64 68.99
N ASP D 361 -32.71 -77.73 69.76
CA ASP D 361 -33.78 -78.71 69.85
C ASP D 361 -34.96 -78.18 70.64
N ARG D 362 -34.70 -77.35 71.65
CA ARG D 362 -35.78 -76.76 72.46
C ARG D 362 -36.54 -75.69 71.70
N SER D 363 -35.89 -75.02 70.74
CA SER D 363 -36.59 -74.06 69.90
C SER D 363 -37.57 -74.76 68.94
N PHE D 364 -37.19 -75.91 68.38
CA PHE D 364 -38.16 -76.75 67.69
C PHE D 364 -39.26 -77.26 68.63
N SER D 365 -38.89 -77.74 69.82
CA SER D 365 -39.87 -78.21 70.80
C SER D 365 -40.87 -77.13 71.22
N TYR D 366 -40.55 -75.85 71.05
CA TYR D 366 -41.48 -74.75 71.31
C TYR D 366 -41.94 -74.03 70.04
N THR D 367 -41.62 -74.56 68.85
CA THR D 367 -41.89 -73.82 67.62
C THR D 367 -43.38 -73.52 67.42
N GLY D 368 -44.27 -74.34 67.99
CA GLY D 368 -45.70 -74.14 67.80
C GLY D 368 -46.33 -73.13 68.74
N ASP D 369 -45.65 -72.79 69.84
CA ASP D 369 -46.24 -72.03 70.93
C ASP D 369 -46.30 -70.53 70.61
N SER D 370 -45.27 -70.02 69.91
CA SER D 370 -45.18 -68.66 69.37
C SER D 370 -45.01 -67.56 70.42
N GLN D 371 -44.61 -67.90 71.64
CA GLN D 371 -44.01 -66.91 72.55
C GLN D 371 -42.72 -67.48 73.11
N ALA D 372 -42.77 -68.72 73.55
CA ALA D 372 -41.57 -69.43 73.95
C ALA D 372 -40.58 -69.54 72.79
N GLN D 373 -41.06 -69.44 71.55
CA GLN D 373 -40.18 -69.55 70.39
C GLN D 373 -39.14 -68.42 70.32
N GLU D 374 -39.59 -67.15 70.28
CA GLU D 374 -38.62 -66.07 70.19
C GLU D 374 -37.81 -65.92 71.47
N LEU D 375 -38.40 -66.29 72.62
CA LEU D 375 -37.62 -66.37 73.83
C LEU D 375 -36.44 -67.31 73.64
N CYS D 376 -36.70 -68.54 73.17
CA CYS D 376 -35.61 -69.48 72.91
C CYS D 376 -34.66 -68.99 71.82
N LEU D 377 -35.12 -68.22 70.83
CA LEU D 377 -34.18 -67.53 69.96
C LEU D 377 -33.26 -66.60 70.75
N TYR D 378 -33.81 -65.82 71.68
CA TYR D 378 -32.96 -64.93 72.48
C TYR D 378 -31.94 -65.73 73.27
N LEU D 379 -32.38 -66.72 74.03
CA LEU D 379 -31.44 -67.49 74.83
C LEU D 379 -30.34 -68.11 73.98
N THR D 380 -30.68 -68.54 72.76
CA THR D 380 -29.68 -69.11 71.87
C THR D 380 -28.81 -68.04 71.22
N LYS D 381 -29.40 -66.90 70.84
CA LYS D 381 -28.61 -65.78 70.34
C LYS D 381 -27.52 -65.35 71.31
N ALA D 382 -27.77 -65.47 72.61
CA ALA D 382 -26.77 -65.09 73.59
C ALA D 382 -25.66 -66.13 73.65
N ALA D 383 -26.06 -67.39 73.81
CA ALA D 383 -25.15 -68.52 73.97
C ALA D 383 -24.32 -68.81 72.72
N SER D 384 -24.81 -68.46 71.53
CA SER D 384 -24.07 -68.75 70.31
C SER D 384 -22.75 -67.98 70.23
N ALA D 385 -22.72 -66.74 70.72
CA ALA D 385 -21.61 -65.84 70.42
C ALA D 385 -20.24 -66.32 70.91
N PRO D 386 -20.04 -66.74 72.16
CA PRO D 386 -18.69 -67.17 72.56
C PRO D 386 -18.19 -68.41 71.83
N TYR D 387 -19.07 -69.37 71.56
CA TYR D 387 -18.70 -70.58 70.85
C TYR D 387 -18.32 -70.28 69.41
N PHE D 388 -19.13 -69.47 68.74
CA PHE D 388 -18.75 -68.93 67.43
C PHE D 388 -17.52 -68.01 67.48
N GLU D 389 -17.33 -67.26 68.58
CA GLU D 389 -16.16 -66.36 68.65
C GLU D 389 -14.82 -67.11 68.76
N VAL D 390 -14.77 -68.29 69.39
CA VAL D 390 -13.56 -69.11 69.28
C VAL D 390 -13.55 -69.90 67.96
N LEU D 391 -14.72 -70.21 67.40
CA LEU D 391 -14.79 -70.93 66.13
C LEU D 391 -13.96 -70.24 65.05
N GLU D 392 -13.99 -68.91 65.02
CA GLU D 392 -13.11 -68.11 64.17
C GLU D 392 -11.66 -68.60 64.07
N LYS D 393 -11.09 -69.10 65.17
CA LYS D 393 -9.65 -69.33 65.24
C LYS D 393 -9.18 -70.69 64.65
N TRP D 394 -10.10 -71.55 64.18
CA TRP D 394 -9.73 -72.71 63.36
C TRP D 394 -10.32 -72.65 61.96
N ILE D 395 -11.27 -71.76 61.71
CA ILE D 395 -11.89 -71.55 60.41
C ILE D 395 -11.18 -70.42 59.67
N TYR D 396 -10.63 -69.46 60.42
CA TYR D 396 -9.92 -68.31 59.88
C TYR D 396 -8.47 -68.17 60.37
N ARG D 397 -7.92 -69.15 61.10
CA ARG D 397 -6.62 -68.96 61.76
C ARG D 397 -5.90 -70.29 62.01
N GLY D 398 -4.59 -70.15 62.26
CA GLY D 398 -3.69 -71.31 62.28
C GLY D 398 -3.75 -72.15 63.53
N ILE D 399 -4.04 -71.52 64.68
CA ILE D 399 -4.28 -72.22 65.94
C ILE D 399 -5.57 -71.69 66.56
N ILE D 400 -6.38 -72.61 67.09
CA ILE D 400 -7.56 -72.27 67.89
C ILE D 400 -7.13 -71.67 69.23
N HIS D 401 -7.59 -70.45 69.51
CA HIS D 401 -7.25 -69.79 70.80
C HIS D 401 -8.36 -70.04 71.81
N ASP D 402 -8.83 -71.28 71.92
CA ASP D 402 -9.89 -71.63 72.90
C ASP D 402 -9.31 -71.50 74.32
N PRO D 403 -9.86 -70.62 75.19
CA PRO D 403 -9.32 -70.44 76.52
C PRO D 403 -9.54 -71.67 77.39
N TYR D 404 -10.35 -72.61 76.91
CA TYR D 404 -10.65 -73.85 77.67
C TYR D 404 -10.59 -75.05 76.74
N SER D 405 -11.05 -76.21 77.22
CA SER D 405 -11.13 -77.42 76.35
C SER D 405 -12.61 -77.80 76.20
N GLU D 406 -13.43 -76.87 75.73
CA GLU D 406 -14.90 -77.14 75.66
C GLU D 406 -15.40 -77.08 74.21
N PHE D 407 -14.54 -76.76 73.24
CA PHE D 407 -15.02 -76.78 71.86
C PHE D 407 -14.10 -77.48 70.85
N MET D 408 -14.73 -78.43 70.16
CA MET D 408 -14.42 -79.02 68.86
C MET D 408 -13.19 -79.92 68.74
N VAL D 409 -12.00 -79.54 69.23
CA VAL D 409 -10.80 -80.30 68.87
C VAL D 409 -10.02 -80.75 70.10
N GLU D 410 -9.82 -82.06 70.21
CA GLU D 410 -8.68 -82.65 70.90
C GLU D 410 -7.45 -82.55 69.99
N GLU D 411 -6.27 -82.61 70.60
CA GLU D 411 -5.04 -82.30 69.87
C GLU D 411 -3.85 -82.80 70.70
N HIS D 412 -2.73 -83.09 70.03
CA HIS D 412 -1.54 -83.62 70.70
C HIS D 412 -0.24 -82.95 70.26
N GLU D 413 0.78 -83.11 71.11
CA GLU D 413 2.06 -82.44 70.96
C GLU D 413 3.08 -83.25 70.16
N LEU D 414 2.74 -84.46 69.74
CA LEU D 414 3.58 -85.24 68.82
C LEU D 414 5.02 -85.36 69.29
N TYR D 427 -0.79 -89.27 61.19
CA TYR D 427 -0.29 -88.10 61.89
C TYR D 427 -1.45 -87.21 62.36
N TRP D 428 -2.43 -86.97 61.47
CA TRP D 428 -3.55 -86.08 61.83
C TRP D 428 -4.33 -86.66 62.99
N ASP D 429 -4.56 -87.98 62.96
CA ASP D 429 -5.23 -88.70 64.02
C ASP D 429 -4.59 -88.50 65.39
N GLN D 430 -3.34 -88.05 65.42
CA GLN D 430 -2.72 -87.56 66.63
C GLN D 430 -2.89 -86.05 66.75
N ARG D 431 -2.53 -85.32 65.69
CA ARG D 431 -2.48 -83.85 65.71
C ARG D 431 -3.80 -83.22 66.17
N TYR D 432 -4.93 -83.66 65.61
CA TYR D 432 -6.23 -83.05 65.84
C TYR D 432 -7.37 -84.05 65.66
N THR D 433 -8.26 -84.17 66.66
CA THR D 433 -9.40 -85.09 66.57
C THR D 433 -10.67 -84.42 67.09
N ILE D 434 -11.81 -84.67 66.42
CA ILE D 434 -13.09 -84.09 66.83
C ILE D 434 -13.51 -84.51 68.23
N VAL D 435 -14.00 -83.54 69.01
CA VAL D 435 -14.77 -83.77 70.23
C VAL D 435 -16.25 -83.80 69.84
N GLN D 436 -16.81 -85.02 69.76
CA GLN D 436 -18.00 -85.25 68.95
C GLN D 436 -19.34 -84.80 69.57
N GLN D 437 -19.49 -84.74 70.90
CA GLN D 437 -20.65 -84.08 71.48
C GLN D 437 -20.41 -82.60 71.80
N GLN D 438 -19.16 -82.15 71.80
CA GLN D 438 -18.86 -80.72 71.66
C GLN D 438 -18.91 -80.30 70.20
N ILE D 439 -19.97 -80.77 69.53
CA ILE D 439 -20.47 -80.27 68.26
C ILE D 439 -21.98 -80.10 68.47
N PRO D 440 -22.57 -78.97 68.04
CA PRO D 440 -24.00 -78.69 68.32
C PRO D 440 -24.97 -79.55 67.50
N SER D 441 -26.28 -79.38 67.78
CA SER D 441 -27.33 -80.04 67.01
C SER D 441 -27.15 -79.87 65.50
N PHE D 442 -26.54 -78.77 65.05
CA PHE D 442 -26.42 -78.40 63.63
C PHE D 442 -25.23 -79.03 62.88
N LEU D 443 -24.05 -79.15 63.49
CA LEU D 443 -22.78 -79.14 62.74
C LEU D 443 -22.08 -80.50 62.57
N GLN D 444 -22.73 -81.64 62.81
CA GLN D 444 -22.08 -82.93 62.62
C GLN D 444 -21.55 -83.11 61.18
N LYS D 445 -22.39 -82.85 60.18
CA LYS D 445 -21.99 -82.88 58.78
C LYS D 445 -20.95 -81.82 58.45
N MET D 446 -20.73 -80.85 59.34
CA MET D 446 -19.70 -79.85 59.15
C MET D 446 -18.46 -80.14 59.96
N ALA D 447 -18.49 -81.14 60.82
CA ALA D 447 -17.43 -81.32 61.82
C ALA D 447 -16.12 -81.74 61.17
N ASP D 448 -16.15 -82.68 60.23
CA ASP D 448 -14.93 -82.99 59.50
C ASP D 448 -14.52 -81.84 58.58
N LYS D 449 -15.48 -81.07 58.06
CA LYS D 449 -15.12 -79.88 57.29
C LYS D 449 -14.27 -78.94 58.14
N ILE D 450 -14.75 -78.62 59.33
CA ILE D 450 -14.05 -77.73 60.26
C ILE D 450 -12.72 -78.34 60.70
N LEU D 451 -12.75 -79.61 61.12
CA LEU D 451 -11.52 -80.25 61.61
C LEU D 451 -10.45 -80.31 60.53
N SER D 452 -10.81 -80.75 59.34
CA SER D 452 -9.83 -80.77 58.25
C SER D 452 -9.35 -79.36 57.93
N THR D 453 -10.27 -78.38 57.86
CA THR D 453 -9.88 -77.00 57.65
C THR D 453 -8.92 -76.51 58.73
N GLY D 454 -9.20 -76.81 59.99
CA GLY D 454 -8.31 -76.42 61.07
C GLY D 454 -6.94 -77.06 60.94
N LYS D 455 -6.91 -78.37 60.67
CA LYS D 455 -5.66 -79.05 60.34
C LYS D 455 -4.91 -78.32 59.22
N TYR D 456 -5.61 -77.98 58.13
CA TYR D 456 -4.94 -77.33 57.01
C TYR D 456 -4.39 -75.97 57.41
N LEU D 457 -5.17 -75.19 58.17
CA LEU D 457 -4.68 -73.89 58.63
C LEU D 457 -3.47 -74.03 59.55
N ASN D 458 -3.42 -75.10 60.34
CA ASN D 458 -2.22 -75.39 61.12
C ASN D 458 -1.01 -75.51 60.19
N VAL D 459 -1.18 -76.14 59.01
CA VAL D 459 -0.07 -76.24 58.06
C VAL D 459 0.25 -74.87 57.48
N VAL D 460 -0.77 -74.10 57.12
CA VAL D 460 -0.56 -72.75 56.62
C VAL D 460 0.34 -71.99 57.58
N ARG D 461 0.01 -72.03 58.87
CA ARG D 461 0.83 -71.40 59.90
C ARG D 461 2.20 -72.07 60.01
N GLU D 462 2.23 -73.41 60.06
CA GLU D 462 3.48 -74.16 60.21
C GLU D 462 4.53 -73.70 59.21
N CYS D 463 4.10 -73.36 58.00
CA CYS D 463 4.99 -73.05 56.88
C CYS D 463 5.31 -71.56 56.73
N GLY D 464 4.87 -70.73 57.67
CA GLY D 464 5.01 -69.29 57.56
C GLY D 464 3.85 -68.66 56.79
N HIS D 465 3.94 -68.69 55.44
CA HIS D 465 2.80 -68.53 54.54
C HIS D 465 1.99 -67.28 54.88
N ASP D 466 0.65 -67.35 54.87
CA ASP D 466 -0.20 -66.31 55.45
C ASP D 466 -1.41 -66.94 56.12
N VAL D 467 -1.54 -66.67 57.43
CA VAL D 467 -2.45 -67.36 58.35
C VAL D 467 -3.84 -66.72 58.42
N THR D 468 -4.12 -65.72 57.55
CA THR D 468 -5.37 -64.95 57.62
C THR D 468 -6.37 -65.42 56.56
N CYS D 469 -7.53 -64.69 56.45
CA CYS D 469 -8.72 -65.17 55.76
C CYS D 469 -9.63 -64.01 55.28
N PRO D 470 -9.93 -63.95 53.97
CA PRO D 470 -10.75 -62.86 53.41
C PRO D 470 -12.25 -63.06 53.54
N VAL D 471 -12.72 -64.30 53.76
CA VAL D 471 -14.14 -64.55 54.02
C VAL D 471 -14.47 -64.41 55.50
N ALA D 472 -13.49 -64.02 56.33
CA ALA D 472 -13.66 -63.88 57.77
C ALA D 472 -14.70 -62.82 58.15
N LYS D 473 -15.78 -63.29 58.78
CA LYS D 473 -16.89 -62.48 59.28
C LYS D 473 -17.58 -63.30 60.36
N GLU D 474 -18.42 -62.64 61.19
CA GLU D 474 -19.04 -63.34 62.32
C GLU D 474 -19.93 -64.52 61.89
N ILE D 475 -19.65 -65.71 62.45
CA ILE D 475 -20.62 -66.80 62.43
C ILE D 475 -21.77 -66.44 63.37
N ILE D 476 -23.01 -66.49 62.88
CA ILE D 476 -24.16 -65.97 63.62
C ILE D 476 -25.40 -66.86 63.44
N TYR D 477 -26.14 -67.06 64.54
CA TYR D 477 -27.27 -68.00 64.64
C TYR D 477 -28.53 -67.51 63.90
N THR D 478 -29.24 -68.45 63.28
CA THR D 478 -30.60 -68.26 62.75
C THR D 478 -31.25 -69.62 62.59
N LEU D 479 -32.47 -69.78 63.13
CA LEU D 479 -33.15 -71.10 63.13
C LEU D 479 -33.60 -71.54 61.74
N LYS D 480 -34.44 -70.75 61.07
CA LYS D 480 -35.03 -71.22 59.78
C LYS D 480 -34.14 -70.86 58.60
N GLU D 481 -33.75 -69.58 58.47
CA GLU D 481 -32.80 -69.16 57.40
C GLU D 481 -31.38 -69.52 57.85
N ARG D 482 -31.15 -70.82 58.05
CA ARG D 482 -29.87 -71.32 58.65
C ARG D 482 -28.67 -71.27 57.69
N ALA D 483 -28.66 -70.29 56.78
CA ALA D 483 -27.57 -70.14 55.77
C ALA D 483 -26.19 -69.85 56.38
N TYR D 484 -26.10 -69.70 57.69
CA TYR D 484 -24.80 -69.39 58.33
C TYR D 484 -23.82 -70.58 58.18
N VAL D 485 -24.35 -71.81 58.13
CA VAL D 485 -23.41 -72.95 58.01
C VAL D 485 -22.65 -72.94 56.66
N GLU D 486 -23.19 -72.30 55.63
CA GLU D 486 -22.40 -72.18 54.37
C GLU D 486 -21.16 -71.30 54.54
N GLN D 487 -21.04 -70.54 55.63
CA GLN D 487 -19.77 -69.80 55.85
C GLN D 487 -18.65 -70.83 56.02
N ILE D 488 -18.98 -71.98 56.62
CA ILE D 488 -17.99 -73.05 56.75
C ILE D 488 -17.60 -73.61 55.38
N GLU D 489 -18.57 -73.72 54.46
CA GLU D 489 -18.26 -74.17 53.11
C GLU D 489 -17.42 -73.15 52.34
N LYS D 490 -17.78 -71.88 52.44
CA LYS D 490 -16.98 -70.81 51.84
C LYS D 490 -15.57 -70.79 52.41
N ALA D 491 -15.43 -71.00 53.73
CA ALA D 491 -14.11 -71.09 54.35
C ALA D 491 -13.34 -72.36 53.96
N PHE D 492 -14.01 -73.51 53.87
CA PHE D 492 -13.37 -74.72 53.36
C PHE D 492 -12.83 -74.48 51.95
N ASN D 493 -13.62 -73.84 51.09
CA ASN D 493 -13.21 -73.49 49.74
C ASN D 493 -12.29 -72.29 49.68
N TYR D 494 -11.92 -71.71 50.84
CA TYR D 494 -10.84 -70.74 50.86
C TYR D 494 -9.60 -71.41 51.45
N ALA D 495 -9.72 -71.91 52.70
CA ALA D 495 -8.57 -72.28 53.52
C ALA D 495 -7.96 -73.62 53.12
N SER D 496 -8.78 -74.64 52.86
CA SER D 496 -8.22 -75.85 52.28
C SER D 496 -7.59 -75.51 50.94
N LYS D 497 -8.33 -74.76 50.11
CA LYS D 497 -7.84 -74.38 48.76
C LYS D 497 -6.52 -73.60 48.85
N VAL D 498 -6.40 -72.71 49.85
CA VAL D 498 -5.13 -71.93 50.03
C VAL D 498 -3.98 -72.92 50.28
N LEU D 499 -4.20 -73.92 51.13
CA LEU D 499 -3.15 -74.95 51.38
C LEU D 499 -2.89 -75.70 50.07
N LEU D 500 -3.95 -76.15 49.40
CA LEU D 500 -3.79 -76.84 48.10
C LEU D 500 -2.88 -75.99 47.19
N ASP D 501 -3.22 -74.72 47.01
CA ASP D 501 -2.38 -73.81 46.17
C ASP D 501 -0.93 -73.86 46.67
N PHE D 502 -0.74 -73.68 47.98
CA PHE D 502 0.63 -73.71 48.57
C PHE D 502 1.28 -75.05 48.29
N LEU D 503 0.52 -76.14 48.49
CA LEU D 503 1.07 -77.51 48.29
C LEU D 503 1.10 -77.85 46.80
N MET D 504 1.00 -76.84 45.93
CA MET D 504 1.11 -77.06 44.47
C MET D 504 2.41 -76.40 43.98
N GLU D 505 2.91 -75.42 44.73
CA GLU D 505 4.18 -74.73 44.37
C GLU D 505 5.27 -75.13 45.38
N GLU D 506 4.86 -75.47 46.61
CA GLU D 506 5.83 -75.91 47.64
C GLU D 506 5.37 -77.27 48.20
N LYS D 507 6.30 -78.19 48.43
CA LYS D 507 5.93 -79.55 48.91
C LYS D 507 4.76 -80.07 48.06
N GLU D 508 4.99 -80.23 46.75
CA GLU D 508 3.89 -80.66 45.83
C GLU D 508 4.08 -82.13 45.41
N LEU D 509 3.49 -82.52 44.28
CA LEU D 509 3.60 -83.92 43.79
C LEU D 509 4.21 -83.90 42.38
N VAL D 510 5.15 -82.98 42.12
CA VAL D 510 5.74 -82.85 40.75
C VAL D 510 7.23 -83.22 40.81
N ALA D 511 8.11 -82.22 40.89
CA ALA D 511 9.57 -82.48 40.89
C ALA D 511 9.88 -83.67 41.81
N HIS D 512 9.40 -83.62 43.05
CA HIS D 512 9.62 -84.75 44.01
C HIS D 512 9.21 -86.05 43.32
N LEU D 513 7.94 -86.17 42.94
CA LEU D 513 7.45 -87.40 42.27
C LEU D 513 8.37 -87.74 41.09
N ARG D 514 8.65 -86.76 40.22
CA ARG D 514 9.50 -87.01 39.04
C ARG D 514 10.86 -87.59 39.45
N SER D 515 11.48 -87.04 40.51
CA SER D 515 12.69 -87.66 41.01
C SER D 515 12.43 -89.08 41.50
N ILE D 516 11.36 -89.31 42.25
CA ILE D 516 11.04 -90.62 42.81
C ILE D 516 10.78 -91.61 41.64
N LYS D 517 10.05 -91.17 40.60
CA LYS D 517 9.88 -91.94 39.36
C LYS D 517 11.22 -92.20 38.67
N ARG D 518 12.10 -91.20 38.67
CA ARG D 518 13.40 -91.33 38.00
C ARG D 518 14.25 -92.46 38.61
N TYR D 519 14.32 -92.55 39.94
CA TYR D 519 15.18 -93.53 40.62
C TYR D 519 14.39 -94.80 41.00
N PHE D 520 13.34 -94.67 41.81
CA PHE D 520 12.62 -95.80 42.40
C PHE D 520 11.82 -96.56 41.34
N LEU D 521 11.08 -95.85 40.48
CA LEU D 521 10.43 -96.45 39.32
C LEU D 521 11.35 -96.53 38.11
N MET D 522 12.63 -96.18 38.30
CA MET D 522 13.69 -96.30 37.29
C MET D 522 13.32 -95.76 35.92
N ASP D 523 12.59 -94.64 35.88
CA ASP D 523 12.36 -93.96 34.61
C ASP D 523 13.69 -93.54 33.98
N GLN D 524 14.70 -93.24 34.80
CA GLN D 524 16.09 -93.17 34.36
C GLN D 524 16.62 -94.60 34.16
N GLY D 525 16.61 -95.07 32.91
CA GLY D 525 17.27 -96.30 32.53
C GLY D 525 18.71 -96.15 32.11
N ASP D 526 19.25 -94.94 32.24
CA ASP D 526 20.67 -94.64 32.02
C ASP D 526 21.41 -94.40 33.33
N PHE D 527 20.69 -94.48 34.46
CA PHE D 527 21.34 -94.36 35.77
C PHE D 527 22.03 -95.66 36.16
N PHE D 528 21.26 -96.74 36.30
CA PHE D 528 21.80 -97.95 36.90
C PHE D 528 22.81 -98.69 36.02
N VAL D 529 22.93 -98.37 34.71
CA VAL D 529 24.06 -98.90 33.96
C VAL D 529 25.37 -98.41 34.58
N HIS D 530 25.41 -97.16 35.05
CA HIS D 530 26.60 -96.69 35.78
C HIS D 530 26.77 -97.45 37.09
N PHE D 531 25.69 -97.58 37.87
CA PHE D 531 25.79 -98.23 39.18
C PHE D 531 26.37 -99.66 39.05
N MET D 532 25.89 -100.44 38.07
CA MET D 532 26.47 -101.77 37.86
C MET D 532 27.86 -101.73 37.22
N ASP D 533 28.17 -100.73 36.39
CA ASP D 533 29.55 -100.54 35.90
C ASP D 533 30.53 -100.10 36.98
N LEU D 534 30.05 -99.70 38.16
CA LEU D 534 30.88 -99.20 39.25
C LEU D 534 30.93 -100.12 40.47
N ALA D 535 29.77 -100.59 40.95
CA ALA D 535 29.62 -101.17 42.28
C ALA D 535 29.93 -102.69 42.37
N GLU D 536 30.57 -103.30 41.37
CA GLU D 536 30.84 -104.75 41.43
C GLU D 536 31.72 -105.14 42.61
N GLU D 537 32.56 -104.21 43.10
CA GLU D 537 33.33 -104.43 44.34
C GLU D 537 32.44 -104.53 45.59
N GLU D 538 31.21 -104.01 45.50
CA GLU D 538 30.29 -104.12 46.67
C GLU D 538 29.37 -105.33 46.56
N LEU D 539 28.70 -105.48 45.42
CA LEU D 539 27.72 -106.59 45.25
C LEU D 539 28.44 -107.93 45.38
N ARG D 540 29.72 -107.91 45.75
CA ARG D 540 30.49 -109.16 45.96
C ARG D 540 31.30 -109.06 47.25
N LYS D 541 30.65 -109.24 48.41
CA LYS D 541 31.37 -109.21 49.71
C LYS D 541 30.52 -109.89 50.79
N PRO D 542 31.09 -110.78 51.64
CA PRO D 542 30.36 -111.40 52.77
C PRO D 542 29.68 -110.44 53.76
N VAL D 543 28.88 -111.04 54.66
CA VAL D 543 28.03 -110.34 55.63
C VAL D 543 28.79 -109.38 56.56
N GLU D 544 28.08 -108.31 56.99
CA GLU D 544 28.48 -107.26 57.94
C GLU D 544 29.54 -106.26 57.46
N ASP D 545 30.02 -106.42 56.22
CA ASP D 545 31.05 -105.51 55.64
C ASP D 545 30.40 -104.28 54.99
N ILE D 546 29.28 -103.80 55.53
CA ILE D 546 28.54 -102.66 54.97
C ILE D 546 29.34 -101.35 55.15
N THR D 547 29.42 -100.52 54.08
CA THR D 547 30.19 -99.27 54.08
C THR D 547 29.41 -98.12 53.44
N PRO D 548 28.49 -97.48 54.18
CA PRO D 548 27.56 -96.46 53.60
C PRO D 548 28.21 -95.21 53.03
N PRO D 549 29.31 -94.67 53.58
CA PRO D 549 29.96 -93.55 52.88
C PRO D 549 30.44 -93.92 51.47
N ARG D 550 30.94 -95.13 51.29
CA ARG D 550 31.25 -95.64 49.95
C ARG D 550 30.01 -95.73 49.06
N LEU D 551 28.89 -96.23 49.61
CA LEU D 551 27.64 -96.25 48.85
C LEU D 551 27.16 -94.85 48.48
N GLU D 552 27.23 -93.89 49.41
CA GLU D 552 26.84 -92.52 49.07
C GLU D 552 27.77 -91.91 48.02
N ALA D 553 29.06 -92.23 48.09
CA ALA D 553 30.00 -91.80 47.05
C ALA D 553 29.76 -92.50 45.71
N LEU D 554 29.38 -93.78 45.73
CA LEU D 554 28.99 -94.47 44.50
C LEU D 554 27.73 -93.87 43.88
N LEU D 555 26.74 -93.53 44.70
CA LEU D 555 25.57 -92.81 44.21
C LEU D 555 25.97 -91.46 43.61
N GLU D 556 26.78 -90.71 44.35
CA GLU D 556 27.23 -89.37 43.87
C GLU D 556 27.89 -89.53 42.49
N LEU D 557 28.82 -90.48 42.36
CA LEU D 557 29.53 -90.66 41.09
C LEU D 557 28.62 -91.22 40.00
N ALA D 558 27.83 -92.25 40.31
CA ALA D 558 26.92 -92.82 39.32
C ALA D 558 25.88 -91.80 38.87
N LEU D 559 25.49 -90.89 39.77
CA LEU D 559 24.78 -89.69 39.35
C LEU D 559 25.60 -88.87 38.35
N ARG D 560 26.78 -88.41 38.77
CA ARG D 560 27.49 -87.37 38.02
C ARG D 560 27.82 -87.81 36.60
N MET D 561 28.36 -89.02 36.43
CA MET D 561 28.87 -89.46 35.14
C MET D 561 27.74 -89.69 34.13
N SER D 562 26.60 -90.18 34.62
CA SER D 562 25.38 -90.37 33.83
C SER D 562 24.74 -89.03 33.48
N THR D 563 23.64 -89.10 32.70
CA THR D 563 22.66 -88.01 32.68
C THR D 563 21.87 -87.95 33.98
N ALA D 564 21.95 -89.00 34.80
CA ALA D 564 21.26 -89.00 36.12
C ALA D 564 21.67 -87.76 36.91
N ASN D 565 22.86 -87.26 36.64
CA ASN D 565 23.41 -86.00 37.23
C ASN D 565 22.44 -84.82 37.29
N THR D 566 21.50 -84.70 36.33
CA THR D 566 20.87 -83.39 36.09
C THR D 566 19.75 -82.95 37.00
N ASP D 567 19.07 -83.83 37.73
CA ASP D 567 17.90 -83.36 38.50
C ASP D 567 18.31 -82.73 39.83
N PRO D 568 17.58 -81.71 40.34
CA PRO D 568 17.98 -81.04 41.57
C PRO D 568 17.78 -81.82 42.87
N PHE D 569 16.83 -82.77 42.90
CA PHE D 569 16.54 -83.48 44.17
C PHE D 569 17.49 -84.66 44.38
N LYS D 570 18.45 -84.87 43.48
CA LYS D 570 19.44 -85.96 43.66
C LYS D 570 20.23 -85.74 44.97
N ASP D 571 20.19 -84.51 45.49
CA ASP D 571 20.87 -84.21 46.75
C ASP D 571 19.94 -84.40 47.94
N ASP D 572 18.63 -84.21 47.74
CA ASP D 572 17.66 -84.67 48.72
C ASP D 572 17.61 -86.20 48.77
N LEU D 573 17.98 -86.85 47.66
CA LEU D 573 18.17 -88.29 47.61
C LEU D 573 19.38 -88.74 48.45
N LYS D 574 19.37 -90.04 48.78
CA LYS D 574 20.30 -90.68 49.71
C LYS D 574 20.47 -92.14 49.29
N ILE D 575 21.50 -92.81 49.80
CA ILE D 575 21.49 -94.27 49.91
C ILE D 575 21.13 -94.66 51.34
N ASP D 576 20.14 -95.54 51.48
CA ASP D 576 19.77 -96.22 52.73
C ASP D 576 20.04 -97.74 52.61
N LEU D 577 19.83 -98.51 53.68
CA LEU D 577 19.95 -99.98 53.64
C LEU D 577 18.64 -100.69 54.00
N MET D 578 18.37 -101.81 53.33
CA MET D 578 17.27 -102.73 53.67
C MET D 578 17.81 -104.05 54.23
N PRO D 579 17.33 -104.53 55.39
CA PRO D 579 17.74 -105.89 55.85
C PRO D 579 17.23 -107.10 55.06
N HIS D 580 16.00 -107.10 54.52
CA HIS D 580 15.32 -108.34 54.09
C HIS D 580 15.22 -108.54 52.58
N ASP D 581 15.52 -109.74 52.10
CA ASP D 581 15.47 -110.05 50.66
C ASP D 581 14.08 -110.44 50.14
N LEU D 582 13.14 -109.47 50.16
CA LEU D 582 11.74 -109.70 49.67
C LEU D 582 10.93 -110.59 50.63
N ILE D 583 11.63 -111.22 51.59
CA ILE D 583 10.96 -112.15 52.56
C ILE D 583 9.94 -111.39 53.42
N THR D 584 10.00 -110.06 53.43
CA THR D 584 8.92 -109.31 54.09
C THR D 584 7.52 -109.69 53.60
N GLN D 585 7.40 -110.27 52.40
CA GLN D 585 6.14 -110.85 51.96
C GLN D 585 5.68 -112.01 52.86
N LEU D 586 4.37 -112.12 53.05
CA LEU D 586 3.75 -113.10 53.93
C LEU D 586 2.36 -113.51 53.44
N ALA D 609 27.91 -107.49 54.15
CA ALA D 609 26.91 -106.76 53.40
C ALA D 609 26.05 -107.67 52.51
N LEU D 610 26.67 -108.60 51.79
CA LEU D 610 26.04 -109.21 50.61
C LEU D 610 25.42 -108.11 49.73
N SER D 611 26.22 -107.07 49.53
CA SER D 611 25.75 -105.70 49.28
C SER D 611 24.80 -105.60 48.08
N GLY D 612 23.85 -104.67 48.21
CA GLY D 612 22.93 -104.26 47.16
C GLY D 612 21.82 -105.22 46.80
N LEU D 613 22.20 -106.41 46.32
CA LEU D 613 21.23 -107.32 45.72
C LEU D 613 20.07 -107.65 46.66
N GLU D 614 20.35 -107.91 47.93
CA GLU D 614 19.34 -108.10 48.95
C GLU D 614 19.05 -106.85 49.76
N ALA D 615 19.87 -105.78 49.64
CA ALA D 615 19.94 -104.75 50.68
C ALA D 615 19.87 -103.29 50.21
N PHE D 616 19.75 -103.00 48.90
CA PHE D 616 19.66 -101.61 48.45
C PHE D 616 18.43 -100.90 49.02
N SER D 617 18.57 -99.60 49.27
CA SER D 617 17.46 -98.66 49.43
C SER D 617 17.90 -97.25 49.12
N PHE D 618 16.95 -96.40 48.75
CA PHE D 618 17.15 -94.99 48.49
C PHE D 618 16.14 -94.20 49.34
N ASP D 619 16.42 -92.94 49.63
CA ASP D 619 15.46 -92.09 50.35
C ASP D 619 15.54 -90.64 49.87
N TYR D 620 14.45 -90.15 49.24
CA TYR D 620 14.22 -88.72 49.06
C TYR D 620 13.77 -88.14 50.42
N ILE D 621 14.64 -87.41 51.13
CA ILE D 621 14.40 -87.15 52.55
C ILE D 621 13.15 -86.30 52.80
N VAL D 622 12.44 -86.66 53.88
CA VAL D 622 11.25 -85.96 54.37
C VAL D 622 11.57 -84.56 54.90
N LYS D 623 10.54 -83.71 54.86
CA LYS D 623 10.43 -82.46 55.64
C LYS D 623 9.12 -82.54 56.39
N TRP D 624 9.03 -82.02 57.60
CA TRP D 624 7.80 -82.15 58.37
C TRP D 624 6.61 -81.46 57.70
N PRO D 625 6.75 -80.29 57.07
CA PRO D 625 5.64 -79.76 56.25
C PRO D 625 5.17 -80.70 55.14
N LEU D 626 6.08 -81.47 54.52
CA LEU D 626 5.78 -82.39 53.41
C LEU D 626 5.26 -83.77 53.89
N SER D 627 5.59 -84.15 55.13
CA SER D 627 5.28 -85.44 55.77
C SER D 627 3.79 -85.78 55.86
N LEU D 628 2.91 -84.82 55.55
CA LEU D 628 1.46 -85.06 55.42
C LEU D 628 1.08 -85.73 54.08
N ILE D 629 1.97 -85.72 53.08
CA ILE D 629 1.82 -86.39 51.78
C ILE D 629 2.99 -87.35 51.55
N ILE D 630 4.12 -86.87 50.97
CA ILE D 630 5.31 -87.70 50.72
C ILE D 630 6.06 -87.90 52.05
N ASN D 631 6.04 -89.13 52.59
CA ASN D 631 6.47 -89.39 53.97
C ASN D 631 7.14 -90.76 54.15
N ARG D 632 8.08 -90.89 55.08
CA ARG D 632 8.83 -92.17 55.19
C ARG D 632 7.89 -93.35 55.45
N LYS D 633 7.02 -93.25 56.45
CA LYS D 633 6.14 -94.37 56.82
C LYS D 633 5.41 -94.96 55.61
N ALA D 634 4.92 -94.13 54.68
CA ALA D 634 4.32 -94.57 53.42
C ALA D 634 5.37 -95.01 52.37
N LEU D 635 6.49 -94.29 52.26
CA LEU D 635 7.58 -94.61 51.31
C LEU D 635 8.23 -95.98 51.55
N THR D 636 8.03 -96.61 52.73
CA THR D 636 8.34 -98.04 52.91
C THR D 636 7.68 -98.90 51.81
N ARG D 637 6.36 -98.82 51.65
CA ARG D 637 5.70 -99.60 50.55
C ARG D 637 6.34 -99.27 49.19
N TYR D 638 6.63 -98.00 48.91
CA TYR D 638 7.26 -97.56 47.65
C TYR D 638 8.63 -98.21 47.41
N GLN D 639 9.47 -98.32 48.44
CA GLN D 639 10.78 -98.98 48.37
C GLN D 639 10.67 -100.47 48.00
N MET D 640 9.56 -101.14 48.32
CA MET D 640 9.35 -102.55 47.96
C MET D 640 9.17 -102.74 46.44
N LEU D 641 8.43 -101.82 45.81
CA LEU D 641 8.30 -101.77 44.36
C LEU D 641 9.66 -101.57 43.70
N PHE D 642 10.45 -100.62 44.22
CA PHE D 642 11.79 -100.35 43.71
C PHE D 642 12.72 -101.55 43.89
N ARG D 643 12.67 -102.25 45.02
CA ARG D 643 13.44 -103.49 45.15
C ARG D 643 13.13 -104.46 44.02
N HIS D 644 11.84 -104.68 43.73
CA HIS D 644 11.44 -105.60 42.67
C HIS D 644 11.94 -105.13 41.30
N MET D 645 11.73 -103.85 40.97
CA MET D 645 12.16 -103.32 39.68
C MET D 645 13.68 -103.36 39.53
N PHE D 646 14.43 -103.02 40.57
CA PHE D 646 15.88 -103.21 40.53
C PHE D 646 16.25 -104.69 40.40
N TYR D 647 15.70 -105.55 41.26
CA TYR D 647 16.07 -106.96 41.24
C TYR D 647 15.82 -107.62 39.90
N CYS D 648 14.64 -107.40 39.31
CA CYS D 648 14.36 -108.02 38.02
C CYS D 648 15.29 -107.53 36.91
N LYS D 649 15.61 -106.24 36.86
CA LYS D 649 16.61 -105.81 35.91
C LYS D 649 18.03 -106.22 36.31
N HIS D 650 18.30 -106.46 37.59
CA HIS D 650 19.61 -107.02 37.96
C HIS D 650 19.79 -108.44 37.42
N VAL D 651 18.80 -109.32 37.63
CA VAL D 651 18.86 -110.63 36.99
C VAL D 651 18.77 -110.54 35.46
N GLU D 652 18.23 -109.44 34.90
CA GLU D 652 18.43 -109.20 33.47
C GLU D 652 19.90 -108.90 33.14
N ARG D 653 20.60 -108.20 34.04
CA ARG D 653 22.06 -108.00 33.83
C ARG D 653 22.73 -109.37 33.86
N GLN D 654 22.38 -110.20 34.86
CA GLN D 654 22.93 -111.55 34.95
C GLN D 654 22.67 -112.34 33.66
N LEU D 655 21.42 -112.32 33.17
CA LEU D 655 21.11 -113.00 31.91
C LEU D 655 21.84 -112.38 30.72
N CYS D 656 21.93 -111.05 30.67
CA CYS D 656 22.69 -110.38 29.62
C CYS D 656 24.17 -110.76 29.62
N SER D 657 24.73 -111.14 30.77
CA SER D 657 26.09 -111.65 30.81
C SER D 657 26.29 -112.93 29.99
N VAL D 658 25.22 -113.67 29.66
CA VAL D 658 25.34 -114.78 28.71
C VAL D 658 25.77 -114.27 27.33
N TRP D 659 25.01 -113.33 26.79
CA TRP D 659 25.33 -112.96 25.39
C TRP D 659 26.85 -112.76 25.28
N ILE D 660 27.47 -112.02 26.21
CA ILE D 660 28.92 -111.72 26.07
C ILE D 660 29.72 -112.97 26.40
N SER D 661 29.37 -113.65 27.49
CA SER D 661 30.21 -114.81 27.88
C SER D 661 30.28 -115.79 26.71
N ASN D 662 29.52 -115.57 25.63
CA ASN D 662 29.74 -116.45 24.49
C ASN D 662 29.75 -115.74 23.14
N LYS D 663 29.27 -114.50 23.06
CA LYS D 663 29.41 -113.64 21.87
C LYS D 663 29.74 -112.22 22.30
N ALA D 673 34.11 -124.45 18.16
CA ALA D 673 34.48 -123.48 19.18
C ALA D 673 33.33 -122.50 19.43
N GLN D 674 32.84 -121.88 18.34
CA GLN D 674 31.56 -121.13 18.45
C GLN D 674 30.56 -122.17 17.95
N TRP D 675 30.30 -123.24 18.72
CA TRP D 675 29.49 -124.38 18.20
C TRP D 675 28.13 -124.57 18.87
N PHE D 676 28.01 -124.41 20.19
CA PHE D 676 26.73 -124.80 20.88
C PHE D 676 25.73 -123.66 21.10
N ALA D 677 24.72 -123.52 20.22
CA ALA D 677 23.63 -122.59 20.46
C ALA D 677 22.67 -122.99 21.57
N GLY D 678 22.88 -124.19 22.14
CA GLY D 678 22.05 -124.62 23.29
C GLY D 678 22.42 -123.83 24.52
N ALA D 679 23.69 -123.44 24.66
CA ALA D 679 24.12 -122.58 25.78
C ALA D 679 23.79 -121.15 25.41
N PHE D 680 22.67 -120.95 24.72
CA PHE D 680 22.37 -119.61 24.20
C PHE D 680 20.90 -119.53 23.81
N THR D 681 20.31 -120.66 23.40
CA THR D 681 18.85 -120.67 23.11
C THR D 681 18.12 -120.82 24.44
N LEU D 682 18.76 -121.45 25.44
CA LEU D 682 18.15 -121.51 26.79
C LEU D 682 18.01 -120.06 27.25
N ARG D 683 19.00 -119.23 26.91
CA ARG D 683 18.90 -117.79 27.25
C ARG D 683 17.64 -117.24 26.58
N GLN D 684 17.43 -117.54 25.29
CA GLN D 684 16.21 -117.06 24.61
C GLN D 684 14.99 -117.41 25.49
N ARG D 685 14.78 -118.71 25.75
CA ARG D 685 13.62 -119.09 26.55
C ARG D 685 13.49 -118.28 27.84
N MET D 686 14.60 -117.93 28.49
CA MET D 686 14.50 -117.06 29.67
C MET D 686 14.25 -115.60 29.31
N LEU D 687 14.95 -115.06 28.31
CA LEU D 687 14.84 -113.64 28.00
C LEU D 687 13.48 -113.29 27.39
N ASN D 688 12.90 -114.27 26.67
CA ASN D 688 11.53 -114.07 26.16
C ASN D 688 10.66 -113.71 27.37
N PHE D 689 10.82 -114.44 28.47
CA PHE D 689 10.08 -114.10 29.69
C PHE D 689 10.56 -112.80 30.34
N VAL D 690 11.81 -112.76 30.82
CA VAL D 690 12.17 -111.72 31.79
C VAL D 690 12.16 -110.31 31.17
N GLN D 691 12.33 -110.18 29.86
CA GLN D 691 12.27 -108.79 29.32
C GLN D 691 10.83 -108.44 28.91
N ASN D 692 9.93 -109.43 28.83
CA ASN D 692 8.53 -109.16 28.53
C ASN D 692 7.66 -109.15 29.78
N ILE D 693 8.11 -109.72 30.89
CA ILE D 693 7.56 -109.26 32.17
C ILE D 693 8.03 -107.82 32.46
N GLN D 694 9.29 -107.50 32.18
CA GLN D 694 9.75 -106.14 32.50
C GLN D 694 9.04 -105.06 31.67
N TYR D 695 8.76 -105.32 30.40
CA TYR D 695 8.01 -104.27 29.65
C TYR D 695 6.63 -104.08 30.32
N TYR D 696 5.98 -105.17 30.72
CA TYR D 696 4.71 -105.06 31.44
C TYR D 696 4.89 -104.35 32.78
N MET D 697 5.83 -104.84 33.60
CA MET D 697 6.10 -104.27 34.91
C MET D 697 6.49 -102.80 34.84
N MET D 698 6.84 -102.28 33.66
CA MET D 698 7.35 -100.94 33.53
C MET D 698 6.39 -100.02 32.76
N PHE D 699 5.75 -100.50 31.69
CA PHE D 699 4.84 -99.66 30.91
C PHE D 699 3.41 -99.70 31.45
N GLU D 700 3.00 -100.78 32.11
CA GLU D 700 1.60 -101.03 32.46
C GLU D 700 1.33 -100.94 33.95
N VAL D 701 2.23 -101.51 34.75
CA VAL D 701 2.06 -101.55 36.20
C VAL D 701 2.03 -100.13 36.77
N MET D 702 2.97 -99.28 36.31
CA MET D 702 3.10 -97.90 36.83
C MET D 702 2.28 -96.88 36.04
N GLU D 703 2.63 -96.64 34.77
CA GLU D 703 2.21 -95.41 34.10
C GLU D 703 0.68 -95.22 34.04
N PRO D 704 -0.12 -96.21 33.64
CA PRO D 704 -1.58 -96.02 33.73
C PRO D 704 -2.05 -95.69 35.13
N THR D 705 -1.60 -96.48 36.12
CA THR D 705 -1.99 -96.28 37.51
C THR D 705 -1.49 -94.93 38.00
N TRP D 706 -0.28 -94.57 37.58
CA TRP D 706 0.35 -93.32 37.98
C TRP D 706 -0.40 -92.13 37.41
N HIS D 707 -0.76 -92.21 36.13
CA HIS D 707 -1.54 -91.14 35.51
C HIS D 707 -2.95 -91.07 36.12
N ILE D 708 -3.53 -92.22 36.46
CA ILE D 708 -4.80 -92.29 37.20
C ILE D 708 -4.75 -91.41 38.45
N LEU D 709 -3.61 -91.37 39.15
CA LEU D 709 -3.42 -90.41 40.23
C LEU D 709 -3.08 -89.02 39.70
N GLU D 710 -2.15 -88.96 38.74
CA GLU D 710 -1.54 -87.68 38.34
C GLU D 710 -2.58 -86.67 37.89
N LYS D 711 -3.55 -87.09 37.06
CA LYS D 711 -4.56 -86.17 36.55
C LYS D 711 -5.38 -85.54 37.67
N ASN D 712 -5.59 -86.25 38.78
CA ASN D 712 -6.40 -85.74 39.87
C ASN D 712 -5.75 -84.55 40.53
N LEU D 713 -4.41 -84.49 40.51
CA LEU D 713 -3.64 -83.50 41.24
C LEU D 713 -4.01 -82.06 40.87
N LYS D 714 -4.63 -81.85 39.71
CA LYS D 714 -5.00 -80.52 39.25
C LYS D 714 -6.13 -79.90 40.08
N SER D 715 -6.96 -80.72 40.75
CA SER D 715 -8.09 -80.18 41.49
C SER D 715 -8.47 -81.06 42.67
N ALA D 716 -7.66 -82.06 43.02
CA ALA D 716 -7.99 -83.01 44.07
C ALA D 716 -8.47 -82.30 45.33
N SER D 717 -9.60 -82.75 45.87
CA SER D 717 -10.42 -81.91 46.72
C SER D 717 -9.65 -81.44 47.96
N ASN D 718 -8.88 -82.33 48.57
CA ASN D 718 -8.23 -82.06 49.84
C ASN D 718 -7.13 -83.09 50.10
N ILE D 719 -6.30 -82.82 51.12
CA ILE D 719 -5.12 -83.64 51.39
C ILE D 719 -5.50 -85.10 51.68
N ASP D 720 -6.62 -85.34 52.38
CA ASP D 720 -7.03 -86.73 52.59
C ASP D 720 -7.46 -87.41 51.29
N ASP D 721 -8.03 -86.65 50.36
CA ASP D 721 -8.34 -87.19 49.05
C ASP D 721 -7.04 -87.56 48.31
N VAL D 722 -6.06 -86.65 48.31
CA VAL D 722 -4.73 -86.93 47.74
C VAL D 722 -4.10 -88.15 48.40
N LEU D 723 -4.18 -88.27 49.72
CA LEU D 723 -3.69 -89.44 50.45
C LEU D 723 -4.46 -90.71 50.02
N GLY D 724 -5.76 -90.61 49.73
CA GLY D 724 -6.49 -91.75 49.21
C GLY D 724 -6.07 -92.12 47.79
N HIS D 725 -5.81 -91.13 46.95
CA HIS D 725 -5.30 -91.39 45.60
C HIS D 725 -3.93 -92.08 45.66
N HIS D 726 -3.02 -91.54 46.49
CA HIS D 726 -1.67 -92.05 46.67
C HIS D 726 -1.70 -93.48 47.19
N THR D 727 -2.50 -93.73 48.23
CA THR D 727 -2.64 -95.10 48.76
C THR D 727 -3.05 -96.01 47.59
N GLY D 728 -4.21 -95.73 46.98
CA GLY D 728 -4.69 -96.53 45.84
C GLY D 728 -3.61 -96.72 44.80
N PHE D 729 -3.13 -95.64 44.18
CA PHE D 729 -2.12 -95.75 43.10
C PHE D 729 -0.99 -96.68 43.53
N LEU D 730 -0.29 -96.35 44.63
CA LEU D 730 0.88 -97.16 45.05
C LEU D 730 0.44 -98.61 45.22
N ASP D 731 -0.64 -98.83 45.96
CA ASP D 731 -1.12 -100.22 46.24
C ASP D 731 -1.52 -100.92 44.95
N THR D 732 -2.13 -100.18 44.01
CA THR D 732 -2.58 -100.79 42.73
C THR D 732 -1.35 -101.25 41.94
N CYS D 733 -0.29 -100.43 41.94
CA CYS D 733 0.97 -100.85 41.27
C CYS D 733 1.52 -102.08 41.98
N LEU D 734 1.49 -102.09 43.32
CA LEU D 734 1.92 -103.30 44.05
C LEU D 734 1.16 -104.51 43.48
N LYS D 735 -0.16 -104.38 43.32
CA LYS D 735 -0.97 -105.48 42.74
C LYS D 735 -0.55 -105.70 41.28
N ASP D 736 -0.24 -104.63 40.55
CA ASP D 736 0.09 -104.77 39.12
C ASP D 736 1.46 -105.41 38.95
N CYS D 737 2.20 -105.66 40.05
CA CYS D 737 3.44 -106.42 40.04
C CYS D 737 3.16 -107.93 40.04
N MET D 738 4.12 -108.69 39.48
CA MET D 738 3.88 -110.11 39.19
C MET D 738 3.57 -110.93 40.44
N LEU D 739 4.44 -110.85 41.46
CA LEU D 739 4.46 -111.80 42.57
C LEU D 739 3.40 -111.58 43.65
N THR D 740 2.69 -110.46 43.64
CA THR D 740 1.98 -109.95 44.83
C THR D 740 0.61 -110.62 45.01
N ASN D 741 0.67 -111.91 45.36
CA ASN D 741 -0.40 -112.91 45.34
C ASN D 741 -0.18 -113.85 46.54
N PRO D 742 -1.23 -114.48 47.10
CA PRO D 742 -0.99 -115.37 48.26
C PRO D 742 -0.18 -116.63 47.96
N GLU D 743 -0.33 -117.23 46.78
CA GLU D 743 0.65 -118.20 46.30
C GLU D 743 2.01 -117.56 46.11
N LEU D 744 2.07 -116.23 46.08
CA LEU D 744 3.28 -115.41 45.97
C LEU D 744 4.10 -115.67 44.71
N LEU D 745 3.65 -116.56 43.83
CA LEU D 745 4.44 -117.06 42.70
C LEU D 745 5.90 -117.30 43.10
N LYS D 746 6.07 -117.98 44.24
CA LYS D 746 7.40 -118.27 44.78
C LYS D 746 8.29 -118.99 43.78
N VAL D 747 7.69 -119.72 42.83
CA VAL D 747 8.40 -120.34 41.71
C VAL D 747 9.37 -119.39 41.02
N PHE D 748 9.04 -118.11 40.92
CA PHE D 748 9.89 -117.18 40.18
C PHE D 748 11.28 -117.05 40.81
N SER D 749 11.35 -117.03 42.14
CA SER D 749 12.65 -117.03 42.81
C SER D 749 13.47 -118.25 42.43
N LYS D 750 12.86 -119.45 42.41
CA LYS D 750 13.59 -120.65 41.99
C LYS D 750 14.00 -120.57 40.53
N LEU D 751 13.07 -120.14 39.65
CA LEU D 751 13.41 -119.94 38.25
C LEU D 751 14.65 -119.08 38.13
N MET D 752 14.59 -117.86 38.66
CA MET D 752 15.72 -116.94 38.56
C MET D 752 16.97 -117.52 39.23
N SER D 753 16.82 -118.30 40.30
CA SER D 753 17.98 -118.91 40.94
C SER D 753 18.72 -119.87 40.00
N VAL D 754 18.02 -120.85 39.43
CA VAL D 754 18.72 -121.86 38.63
C VAL D 754 19.34 -121.20 37.41
N CYS D 755 18.71 -120.14 36.90
CA CYS D 755 19.27 -119.34 35.82
C CYS D 755 20.54 -118.58 36.23
N VAL D 756 20.56 -117.93 37.39
CA VAL D 756 21.78 -117.22 37.81
C VAL D 756 22.97 -118.17 37.89
N MET D 757 22.76 -119.41 38.35
CA MET D 757 23.83 -120.40 38.26
C MET D 757 24.27 -120.68 36.82
N PHE D 758 23.32 -120.83 35.89
CA PHE D 758 23.67 -120.88 34.46
C PHE D 758 24.38 -119.60 34.01
N THR D 759 23.68 -118.45 34.05
CA THR D 759 24.07 -117.28 33.26
C THR D 759 25.44 -116.70 33.64
N ASN D 760 25.78 -116.68 34.93
CA ASN D 760 27.06 -116.15 35.40
C ASN D 760 27.98 -117.25 35.89
N CYS D 761 27.46 -118.18 36.68
CA CYS D 761 28.33 -119.04 37.49
C CYS D 761 28.93 -120.19 36.70
N MET D 762 28.28 -120.64 35.63
CA MET D 762 28.85 -121.66 34.74
C MET D 762 29.15 -121.14 33.35
N GLN D 763 28.30 -120.26 32.80
CA GLN D 763 28.37 -119.77 31.41
C GLN D 763 29.49 -118.73 31.25
N LYS D 764 30.76 -119.23 31.16
CA LYS D 764 31.96 -118.39 31.00
C LYS D 764 32.87 -118.92 29.87
N PHE D 765 32.55 -118.50 28.63
CA PHE D 765 33.29 -118.86 27.42
C PHE D 765 33.40 -120.39 27.22
N THR D 766 32.42 -121.15 27.71
CA THR D 766 32.43 -122.63 27.77
C THR D 766 33.69 -123.15 28.47
N GLN D 767 33.86 -122.72 29.73
CA GLN D 767 35.09 -122.93 30.51
C GLN D 767 36.34 -122.58 29.70
N SER D 768 36.24 -121.48 28.95
CA SER D 768 37.25 -120.94 28.02
C SER D 768 37.60 -121.87 26.85
N MET D 769 36.79 -122.90 26.55
CA MET D 769 37.16 -123.89 25.54
C MET D 769 37.36 -123.25 24.16
N LYS D 770 36.53 -122.27 23.80
CA LYS D 770 36.60 -121.57 22.52
C LYS D 770 37.76 -120.58 22.42
N LEU D 771 38.50 -120.35 23.50
CA LEU D 771 39.46 -119.24 23.59
C LEU D 771 40.80 -119.69 24.17
N LEU D 814 33.72 -129.82 26.39
CA LEU D 814 33.74 -130.94 25.47
C LEU D 814 33.81 -132.28 26.20
N VAL D 815 33.72 -132.26 27.52
CA VAL D 815 33.70 -133.47 28.33
C VAL D 815 32.29 -133.80 28.79
N SER D 816 31.29 -133.07 28.29
CA SER D 816 29.85 -133.23 28.49
C SER D 816 29.40 -132.79 29.88
N GLY D 817 30.33 -132.40 30.76
CA GLY D 817 29.94 -131.79 32.03
C GLY D 817 29.45 -130.36 31.86
N PHE D 818 29.84 -129.70 30.76
CA PHE D 818 29.21 -128.44 30.35
C PHE D 818 27.74 -128.68 30.00
N GLU D 819 27.48 -129.69 29.16
CA GLU D 819 26.11 -129.92 28.71
C GLU D 819 25.25 -130.51 29.83
N ALA D 820 25.88 -131.20 30.79
CA ALA D 820 25.11 -131.78 31.89
C ALA D 820 24.52 -130.69 32.78
N THR D 821 25.19 -129.54 32.90
CA THR D 821 24.60 -128.41 33.63
C THR D 821 23.41 -127.83 32.87
N ILE D 822 23.55 -127.60 31.56
CA ILE D 822 22.41 -127.19 30.77
C ILE D 822 21.26 -128.18 30.91
N ASN D 823 21.55 -129.49 30.88
CA ASN D 823 20.48 -130.48 31.03
C ASN D 823 19.83 -130.40 32.41
N LYS D 824 20.60 -130.24 33.49
CA LYS D 824 20.01 -130.22 34.81
C LYS D 824 19.25 -128.92 35.06
N PHE D 825 19.81 -127.79 34.61
CA PHE D 825 19.09 -126.53 34.69
C PHE D 825 17.83 -126.58 33.84
N ASP D 826 17.92 -127.21 32.65
CA ASP D 826 16.73 -127.36 31.80
C ASP D 826 15.66 -128.19 32.50
N LYS D 827 16.08 -129.24 33.22
CA LYS D 827 15.12 -130.13 33.88
C LYS D 827 14.41 -129.41 35.02
N ASN D 828 15.12 -128.56 35.77
CA ASN D 828 14.46 -127.72 36.77
C ASN D 828 13.64 -126.62 36.08
N PHE D 829 14.28 -125.90 35.15
CA PHE D 829 13.73 -124.68 34.58
C PHE D 829 12.47 -124.97 33.77
N SER D 830 12.55 -125.91 32.82
CA SER D 830 11.42 -126.18 31.93
C SER D 830 10.15 -126.51 32.70
N ALA D 831 10.26 -127.28 33.79
CA ALA D 831 9.10 -127.59 34.64
C ALA D 831 8.62 -126.38 35.44
N HIS D 832 9.54 -125.64 36.06
CA HIS D 832 9.15 -124.44 36.81
C HIS D 832 8.63 -123.36 35.86
N LEU D 833 9.22 -123.29 34.67
CA LEU D 833 8.74 -122.41 33.61
C LEU D 833 7.30 -122.75 33.22
N LEU D 834 7.02 -124.03 33.02
CA LEU D 834 5.66 -124.48 32.71
C LEU D 834 4.67 -124.03 33.78
N ASP D 835 4.97 -124.30 35.06
CA ASP D 835 4.04 -123.91 36.12
C ASP D 835 3.85 -122.40 36.17
N LEU D 836 4.92 -121.63 35.98
CA LEU D 836 4.79 -120.17 36.05
C LEU D 836 3.94 -119.64 34.89
N LEU D 837 4.23 -120.08 33.67
CA LEU D 837 3.48 -119.60 32.51
C LEU D 837 2.05 -120.12 32.51
N ALA D 838 1.82 -121.34 33.04
CA ALA D 838 0.46 -121.79 33.29
C ALA D 838 -0.26 -120.88 34.29
N ARG D 839 0.40 -120.53 35.40
CA ARG D 839 -0.20 -119.59 36.33
C ARG D 839 -0.47 -118.24 35.67
N LEU D 840 0.43 -117.80 34.79
CA LEU D 840 0.23 -116.56 34.06
C LEU D 840 -0.94 -116.67 33.07
N SER D 841 -1.26 -117.90 32.65
CA SER D 841 -2.48 -118.15 31.89
C SER D 841 -3.72 -118.06 32.78
N ILE D 842 -3.75 -118.80 33.90
CA ILE D 842 -4.98 -118.91 34.70
C ILE D 842 -5.25 -117.67 35.54
N TYR D 843 -4.22 -116.88 35.88
CA TYR D 843 -4.42 -115.56 36.49
C TYR D 843 -4.47 -114.46 35.42
N ILE E 245 -40.45 -48.41 116.27
CA ILE E 245 -39.57 -48.49 115.06
C ILE E 245 -40.43 -48.75 113.84
N THR E 246 -40.36 -47.86 112.86
CA THR E 246 -41.10 -48.01 111.61
C THR E 246 -40.14 -48.44 110.50
N GLU E 247 -40.72 -48.77 109.35
CA GLU E 247 -39.90 -49.15 108.21
C GLU E 247 -39.27 -47.93 107.54
N ALA E 248 -39.81 -46.73 107.79
CA ALA E 248 -39.26 -45.52 107.19
C ALA E 248 -37.91 -45.18 107.79
N ALA E 249 -37.71 -45.48 109.07
CA ALA E 249 -36.38 -45.36 109.67
C ALA E 249 -35.38 -46.29 108.98
N LEU E 250 -35.81 -47.52 108.67
CA LEU E 250 -34.95 -48.44 107.95
C LEU E 250 -34.72 -47.95 106.52
N VAL E 251 -35.71 -47.29 105.94
CA VAL E 251 -35.57 -46.74 104.60
C VAL E 251 -34.53 -45.62 104.60
N ARG E 252 -34.46 -44.82 105.68
CA ARG E 252 -33.38 -43.84 105.79
C ARG E 252 -32.04 -44.51 106.13
N ASP E 253 -32.07 -45.67 106.78
CA ASP E 253 -30.83 -46.28 107.27
C ASP E 253 -30.20 -47.20 106.23
N ILE E 254 -30.98 -47.69 105.27
CA ILE E 254 -30.40 -48.54 104.25
C ILE E 254 -29.45 -47.72 103.39
N LEU E 255 -29.76 -46.44 103.18
CA LEU E 255 -28.85 -45.59 102.43
C LEU E 255 -27.53 -45.37 103.15
N TYR E 256 -27.56 -45.29 104.50
CA TYR E 256 -26.31 -45.14 105.24
C TYR E 256 -25.49 -46.43 105.25
N VAL E 257 -26.15 -47.59 105.30
CA VAL E 257 -25.35 -48.81 105.27
C VAL E 257 -24.89 -49.11 103.85
N PHE E 258 -25.55 -48.55 102.82
CA PHE E 258 -24.97 -48.58 101.49
C PHE E 258 -23.74 -47.70 101.43
N GLN E 259 -23.72 -46.60 102.20
CA GLN E 259 -22.57 -45.72 102.31
C GLN E 259 -21.48 -46.29 103.20
N GLY E 260 -21.75 -47.41 103.89
CA GLY E 260 -20.76 -47.98 104.77
C GLY E 260 -20.77 -47.33 106.13
N ILE E 261 -21.88 -46.67 106.47
CA ILE E 261 -22.05 -45.94 107.71
C ILE E 261 -23.04 -46.75 108.54
N ASP E 262 -22.94 -46.61 109.87
CA ASP E 262 -23.91 -47.21 110.76
C ASP E 262 -25.32 -46.69 110.49
N GLY E 263 -26.29 -47.60 110.50
CA GLY E 263 -27.68 -47.23 110.30
C GLY E 263 -28.57 -47.65 111.46
N LYS E 264 -28.12 -47.27 112.66
CA LYS E 264 -28.89 -47.53 113.90
C LYS E 264 -29.20 -49.01 114.07
N ASN E 265 -30.40 -49.42 113.65
CA ASN E 265 -30.84 -50.79 113.89
C ASN E 265 -30.08 -51.80 113.04
N ILE E 266 -29.35 -51.34 112.03
CA ILE E 266 -28.50 -52.18 111.20
C ILE E 266 -27.11 -51.57 111.22
N LYS E 267 -26.09 -52.40 111.41
CA LYS E 267 -24.73 -51.91 111.61
C LYS E 267 -23.73 -52.95 111.14
N MET E 268 -22.49 -52.50 110.96
CA MET E 268 -21.39 -53.40 110.80
C MET E 268 -21.27 -54.46 111.89
N ASN E 269 -21.13 -55.72 111.46
CA ASN E 269 -21.25 -56.86 112.35
C ASN E 269 -19.98 -56.96 113.22
N ASN E 270 -20.14 -57.64 114.35
CA ASN E 270 -19.08 -57.72 115.34
C ASN E 270 -17.95 -58.64 114.91
N THR E 271 -18.23 -59.58 114.01
CA THR E 271 -17.19 -60.41 113.41
C THR E 271 -17.41 -60.65 111.92
N GLU E 272 -18.61 -60.40 111.39
CA GLU E 272 -19.00 -60.85 110.07
C GLU E 272 -18.82 -59.74 109.03
N ASN E 273 -18.63 -60.17 107.79
CA ASN E 273 -18.61 -59.26 106.64
C ASN E 273 -19.97 -58.59 106.41
N CYS E 274 -21.06 -59.30 106.70
CA CYS E 274 -22.41 -58.76 106.51
C CYS E 274 -22.75 -57.75 107.59
N TYR E 275 -24.01 -57.29 107.60
CA TYR E 275 -24.48 -56.27 108.54
C TYR E 275 -25.41 -56.91 109.57
N LYS E 276 -25.31 -56.42 110.81
CA LYS E 276 -25.98 -57.04 111.95
C LYS E 276 -27.31 -56.34 112.27
N VAL E 277 -28.37 -57.13 112.39
CA VAL E 277 -29.66 -56.62 112.85
C VAL E 277 -29.69 -56.60 114.37
N GLU E 278 -29.99 -55.44 114.95
CA GLU E 278 -30.08 -55.27 116.39
C GLU E 278 -31.41 -54.65 116.82
N GLY E 279 -32.41 -54.65 115.92
CA GLY E 279 -33.69 -54.02 116.21
C GLY E 279 -34.54 -54.82 117.17
N LYS E 280 -35.50 -54.12 117.81
CA LYS E 280 -36.37 -54.76 118.79
C LYS E 280 -37.45 -55.59 118.12
N ALA E 281 -38.32 -54.95 117.35
CA ALA E 281 -39.42 -55.64 116.67
C ALA E 281 -38.87 -56.22 115.37
N ASN E 282 -38.34 -57.45 115.44
CA ASN E 282 -37.66 -58.06 114.30
C ASN E 282 -38.66 -58.85 113.43
N LEU E 283 -39.67 -58.13 112.94
CA LEU E 283 -40.51 -58.65 111.86
C LEU E 283 -39.75 -58.40 110.56
N SER E 284 -38.82 -59.31 110.28
CA SER E 284 -37.78 -59.06 109.29
C SER E 284 -38.32 -59.14 107.87
N ARG E 285 -39.40 -59.89 107.67
CA ARG E 285 -39.86 -60.13 106.28
C ARG E 285 -40.42 -58.87 105.64
N SER E 286 -40.84 -57.86 106.41
CA SER E 286 -41.29 -56.63 105.78
C SER E 286 -40.17 -56.01 104.97
N LEU E 287 -39.06 -55.64 105.62
CA LEU E 287 -38.01 -54.86 104.99
C LEU E 287 -36.61 -55.33 105.34
N ARG E 288 -36.40 -55.97 106.50
CA ARG E 288 -35.05 -56.25 106.98
C ARG E 288 -34.41 -57.40 106.21
N ASP E 289 -35.22 -58.30 105.64
CA ASP E 289 -34.66 -59.31 104.74
C ASP E 289 -34.05 -58.66 103.51
N THR E 290 -34.75 -57.66 102.96
CA THR E 290 -34.21 -56.90 101.84
C THR E 290 -32.97 -56.11 102.27
N ALA E 291 -32.98 -55.58 103.51
CA ALA E 291 -31.84 -54.83 104.02
C ALA E 291 -30.61 -55.72 104.19
N VAL E 292 -30.78 -56.90 104.77
CA VAL E 292 -29.68 -57.85 104.92
C VAL E 292 -29.23 -58.35 103.55
N ARG E 293 -30.18 -58.50 102.63
CA ARG E 293 -29.85 -59.01 101.27
C ARG E 293 -29.01 -57.98 100.51
N LEU E 294 -29.28 -56.70 100.71
CA LEU E 294 -28.60 -55.63 99.99
C LEU E 294 -27.40 -55.08 100.74
N SER E 295 -27.22 -55.46 102.01
CA SER E 295 -26.13 -54.95 102.83
C SER E 295 -24.77 -55.45 102.39
N GLU E 296 -24.72 -56.41 101.46
CA GLU E 296 -23.44 -56.80 100.85
C GLU E 296 -22.85 -55.64 100.06
N LEU E 297 -23.69 -54.78 99.47
CA LEU E 297 -23.19 -53.54 98.88
C LEU E 297 -22.26 -52.82 99.85
N GLY E 298 -22.70 -52.68 101.11
CA GLY E 298 -21.94 -51.96 102.10
C GLY E 298 -20.71 -52.70 102.60
N TRP E 299 -20.69 -54.03 102.50
CA TRP E 299 -19.45 -54.75 102.74
C TRP E 299 -18.47 -54.45 101.61
N LEU E 300 -18.95 -54.62 100.38
CA LEU E 300 -18.13 -54.40 99.20
C LEU E 300 -17.53 -53.00 99.22
N HIS E 301 -18.35 -51.99 99.53
CA HIS E 301 -17.86 -50.62 99.58
C HIS E 301 -16.74 -50.46 100.61
N ASN E 302 -17.00 -50.87 101.85
CA ASN E 302 -16.01 -50.72 102.90
C ASN E 302 -14.72 -51.46 102.54
N LYS E 303 -14.83 -52.62 101.88
CA LYS E 303 -13.63 -53.34 101.46
C LYS E 303 -12.84 -52.55 100.44
N ILE E 304 -13.51 -52.03 99.40
CA ILE E 304 -12.81 -51.25 98.40
C ILE E 304 -12.21 -50.00 99.03
N ARG E 305 -12.93 -49.38 99.96
CA ARG E 305 -12.42 -48.18 100.62
C ARG E 305 -11.17 -48.48 101.43
N ARG E 306 -11.19 -49.52 102.27
CA ARG E 306 -9.99 -49.77 103.05
C ARG E 306 -8.84 -50.21 102.15
N TYR E 307 -9.15 -50.87 101.03
CA TYR E 307 -8.09 -51.19 100.08
C TYR E 307 -7.46 -49.93 99.50
N THR E 308 -8.29 -48.99 99.01
CA THR E 308 -7.74 -47.77 98.42
C THR E 308 -7.09 -46.88 99.48
N ASP E 309 -7.64 -46.85 100.70
CA ASP E 309 -6.97 -46.17 101.81
C ASP E 309 -5.61 -46.78 102.08
N GLN E 310 -5.57 -48.11 102.22
CA GLN E 310 -4.34 -48.81 102.59
C GLN E 310 -3.32 -48.80 101.45
N ARG E 311 -3.77 -48.84 100.20
CA ARG E 311 -2.85 -48.75 99.08
C ARG E 311 -2.44 -47.32 98.79
N SER E 312 -3.24 -46.33 99.21
CA SER E 312 -2.78 -44.95 99.16
C SER E 312 -1.70 -44.69 100.20
N LEU E 313 -1.80 -45.33 101.36
CA LEU E 313 -0.75 -45.19 102.36
C LEU E 313 0.48 -46.01 102.01
N ASP E 314 0.28 -47.15 101.35
CA ASP E 314 1.32 -48.12 101.04
C ASP E 314 2.11 -47.65 99.82
N ARG E 315 3.21 -46.93 100.09
CA ARG E 315 3.98 -46.25 99.05
C ARG E 315 4.58 -47.22 98.03
N SER E 316 4.71 -48.51 98.36
CA SER E 316 5.43 -49.46 97.54
C SER E 316 4.54 -50.19 96.52
N PHE E 317 3.33 -49.67 96.26
CA PHE E 317 2.43 -50.29 95.30
C PHE E 317 2.95 -50.11 93.87
N GLY E 318 3.73 -49.07 93.61
CA GLY E 318 4.17 -48.77 92.27
C GLY E 318 3.15 -47.97 91.48
N LEU E 319 3.62 -47.35 90.39
CA LEU E 319 2.86 -46.25 89.79
C LEU E 319 1.62 -46.76 89.07
N VAL E 320 1.67 -47.97 88.50
CA VAL E 320 0.47 -48.54 87.88
C VAL E 320 -0.50 -49.04 88.93
N GLY E 321 -0.03 -49.37 90.13
CA GLY E 321 -0.93 -49.59 91.24
C GLY E 321 -1.75 -48.35 91.58
N GLN E 322 -1.16 -47.17 91.46
CA GLN E 322 -1.92 -45.94 91.66
C GLN E 322 -3.05 -45.79 90.65
N SER E 323 -2.81 -46.13 89.37
CA SER E 323 -3.90 -46.15 88.40
C SER E 323 -4.99 -47.11 88.82
N PHE E 324 -4.63 -48.24 89.43
CA PHE E 324 -5.65 -49.16 89.91
C PHE E 324 -6.48 -48.50 91.01
N CYS E 325 -5.83 -47.85 91.99
CA CYS E 325 -6.59 -47.06 92.95
C CYS E 325 -7.50 -46.05 92.26
N ALA E 326 -7.01 -45.40 91.20
CA ALA E 326 -7.79 -44.39 90.50
C ALA E 326 -9.00 -45.00 89.81
N ALA E 327 -8.85 -46.20 89.24
CA ALA E 327 -9.99 -46.87 88.64
C ALA E 327 -11.04 -47.19 89.68
N LEU E 328 -10.60 -47.70 90.83
CA LEU E 328 -11.52 -47.95 91.94
C LEU E 328 -12.21 -46.66 92.38
N HIS E 329 -11.48 -45.54 92.36
CA HIS E 329 -12.08 -44.25 92.72
C HIS E 329 -13.14 -43.80 91.72
N GLN E 330 -12.85 -43.89 90.41
CA GLN E 330 -13.85 -43.43 89.44
C GLN E 330 -15.12 -44.27 89.55
N GLU E 331 -14.99 -45.59 89.68
CA GLU E 331 -16.17 -46.42 89.86
C GLU E 331 -16.85 -46.13 91.19
N LEU E 332 -16.08 -45.79 92.22
CA LEU E 332 -16.70 -45.30 93.46
C LEU E 332 -17.40 -43.96 93.26
N ARG E 333 -16.87 -43.08 92.41
CA ARG E 333 -17.55 -41.81 92.17
C ARG E 333 -18.87 -42.03 91.45
N GLU E 334 -18.89 -42.92 90.46
CA GLU E 334 -20.16 -43.28 89.84
C GLU E 334 -21.09 -43.96 90.84
N TYR E 335 -20.52 -44.79 91.72
CA TYR E 335 -21.35 -45.40 92.76
C TYR E 335 -21.91 -44.34 93.70
N TYR E 336 -21.10 -43.34 94.06
CA TYR E 336 -21.65 -42.23 94.81
C TYR E 336 -22.70 -41.44 94.02
N ARG E 337 -22.58 -41.41 92.69
CA ARG E 337 -23.66 -40.84 91.89
C ARG E 337 -24.93 -41.67 92.06
N LEU E 338 -24.79 -43.00 91.99
CA LEU E 338 -25.92 -43.87 92.25
C LEU E 338 -26.49 -43.63 93.65
N LEU E 339 -25.61 -43.43 94.62
CA LEU E 339 -26.08 -43.13 95.97
C LEU E 339 -26.79 -41.79 96.03
N SER E 340 -26.37 -40.83 95.21
CA SER E 340 -27.04 -39.54 95.18
C SER E 340 -28.45 -39.65 94.63
N VAL E 341 -28.64 -40.42 93.56
CA VAL E 341 -29.99 -40.62 93.05
C VAL E 341 -30.77 -41.57 93.94
N LEU E 342 -30.10 -42.44 94.70
CA LEU E 342 -30.79 -43.15 95.77
C LEU E 342 -31.30 -42.16 96.81
N HIS E 343 -30.47 -41.20 97.22
CA HIS E 343 -30.93 -40.18 98.14
C HIS E 343 -32.09 -39.39 97.53
N SER E 344 -31.99 -39.09 96.24
CA SER E 344 -33.06 -38.38 95.55
C SER E 344 -34.36 -39.19 95.55
N GLN E 345 -34.27 -40.51 95.42
CA GLN E 345 -35.47 -41.33 95.39
C GLN E 345 -36.26 -41.31 96.69
N LEU E 346 -35.66 -40.86 97.79
CA LEU E 346 -36.34 -40.84 99.08
C LEU E 346 -37.16 -39.58 99.30
N GLN E 347 -37.19 -38.67 98.33
CA GLN E 347 -37.97 -37.44 98.45
C GLN E 347 -39.27 -37.55 97.65
N SER E 361 -45.74 -45.22 98.42
CA SER E 361 -44.96 -44.02 98.16
C SER E 361 -43.57 -44.15 98.78
N LEU E 362 -42.54 -43.78 98.02
CA LEU E 362 -41.14 -43.63 98.40
C LEU E 362 -40.42 -44.97 98.61
N THR E 363 -41.13 -46.11 98.57
CA THR E 363 -40.53 -47.43 98.80
C THR E 363 -40.80 -48.36 97.63
N LEU E 364 -40.91 -47.82 96.41
CA LEU E 364 -41.23 -48.63 95.24
C LEU E 364 -40.07 -49.54 94.87
N ARG E 365 -40.42 -50.79 94.53
CA ARG E 365 -39.48 -51.88 94.25
C ARG E 365 -38.60 -52.25 95.45
N ARG E 366 -38.90 -51.72 96.64
CA ARG E 366 -37.97 -51.72 97.77
C ARG E 366 -36.54 -51.43 97.31
N LEU E 367 -36.42 -50.56 96.31
CA LEU E 367 -35.17 -50.21 95.63
C LEU E 367 -34.36 -51.42 95.16
N LEU E 368 -34.97 -52.61 95.11
CA LEU E 368 -34.18 -53.82 94.96
C LEU E 368 -33.66 -53.92 93.52
N VAL E 369 -34.55 -53.69 92.56
CA VAL E 369 -34.21 -53.88 91.15
C VAL E 369 -33.10 -52.94 90.73
N TRP E 370 -33.01 -51.77 91.35
CA TRP E 370 -31.90 -50.85 91.07
C TRP E 370 -30.61 -51.31 91.74
N THR E 371 -30.67 -51.74 93.00
CA THR E 371 -29.50 -52.27 93.70
C THR E 371 -29.09 -53.65 93.20
N TYR E 372 -29.90 -54.25 92.31
CA TYR E 372 -29.55 -55.53 91.68
C TYR E 372 -28.41 -55.37 90.69
N ASP E 373 -28.44 -54.32 89.88
CA ASP E 373 -27.38 -54.08 88.90
C ASP E 373 -25.98 -54.15 89.51
N PRO E 374 -25.76 -53.59 90.73
CA PRO E 374 -24.50 -53.79 91.47
C PRO E 374 -23.92 -55.20 91.53
N LYS E 375 -24.73 -56.25 91.31
CA LYS E 375 -24.07 -57.54 91.16
C LYS E 375 -22.89 -57.42 90.20
N ILE E 376 -23.16 -56.85 89.02
CA ILE E 376 -22.11 -56.32 88.16
C ILE E 376 -21.53 -55.07 88.81
N ARG E 377 -20.23 -54.83 88.58
CA ARG E 377 -19.59 -53.53 88.88
C ARG E 377 -19.45 -53.22 90.37
N LEU E 378 -20.05 -54.02 91.27
CA LEU E 378 -19.69 -53.93 92.69
C LEU E 378 -19.41 -55.29 93.30
N LYS E 379 -20.32 -56.25 93.14
CA LYS E 379 -20.05 -57.60 93.60
C LYS E 379 -18.95 -58.25 92.74
N THR E 380 -18.93 -57.92 91.44
CA THR E 380 -17.79 -58.26 90.59
C THR E 380 -16.52 -57.63 91.11
N LEU E 381 -16.62 -56.39 91.57
CA LEU E 381 -15.44 -55.57 91.82
C LEU E 381 -14.61 -56.11 92.97
N ALA E 382 -15.23 -56.42 94.11
CA ALA E 382 -14.51 -57.05 95.21
C ALA E 382 -13.88 -58.37 94.79
N ALA E 383 -14.48 -59.07 93.83
CA ALA E 383 -13.89 -60.30 93.31
C ALA E 383 -12.61 -60.01 92.50
N LEU E 384 -12.56 -58.88 91.79
CA LEU E 384 -11.30 -58.47 91.17
C LEU E 384 -10.28 -57.99 92.20
N VAL E 385 -10.75 -57.29 93.25
CA VAL E 385 -9.88 -56.94 94.37
C VAL E 385 -9.24 -58.17 94.99
N ASP E 386 -10.01 -59.23 95.19
CA ASP E 386 -9.47 -60.46 95.76
C ASP E 386 -8.36 -61.05 94.90
N HIS E 387 -8.41 -60.85 93.58
CA HIS E 387 -7.41 -61.40 92.67
C HIS E 387 -6.19 -60.48 92.57
N CYS E 388 -6.43 -59.17 92.62
CA CYS E 388 -5.39 -58.16 92.55
C CYS E 388 -4.73 -57.89 93.90
N GLN E 389 -5.22 -58.49 94.97
CA GLN E 389 -4.66 -58.29 96.30
C GLN E 389 -3.21 -58.76 96.35
N GLY E 390 -2.33 -57.89 96.85
CA GLY E 390 -0.92 -58.18 96.99
C GLY E 390 -0.08 -57.97 95.75
N ARG E 391 -0.71 -57.78 94.58
CA ARG E 391 0.02 -57.65 93.32
C ARG E 391 0.71 -56.28 93.21
N LYS E 392 1.73 -56.24 92.35
CA LYS E 392 2.35 -55.00 91.89
C LYS E 392 2.53 -55.09 90.38
N GLY E 393 2.58 -53.92 89.73
CA GLY E 393 3.14 -53.85 88.39
C GLY E 393 2.52 -54.81 87.39
N GLY E 394 3.39 -55.48 86.62
CA GLY E 394 2.93 -56.47 85.65
C GLY E 394 2.12 -57.61 86.24
N GLU E 395 2.35 -57.96 87.50
CA GLU E 395 1.53 -58.99 88.11
C GLU E 395 0.15 -58.48 88.50
N LEU E 396 0.01 -57.18 88.73
CA LEU E 396 -1.32 -56.60 88.82
C LEU E 396 -2.02 -56.64 87.47
N ALA E 397 -1.26 -56.40 86.40
CA ALA E 397 -1.77 -56.62 85.04
C ALA E 397 -2.00 -58.10 84.73
N SER E 398 -1.31 -59.02 85.42
CA SER E 398 -1.61 -60.43 85.26
C SER E 398 -3.02 -60.73 85.78
N ALA E 399 -3.31 -60.26 87.00
CA ALA E 399 -4.62 -60.50 87.60
C ALA E 399 -5.72 -59.91 86.73
N VAL E 400 -5.52 -58.67 86.25
CA VAL E 400 -6.52 -58.01 85.42
C VAL E 400 -6.60 -58.66 84.04
N HIS E 401 -5.46 -58.98 83.42
CA HIS E 401 -5.51 -59.59 82.09
C HIS E 401 -6.25 -60.90 82.11
N ALA E 402 -6.04 -61.70 83.17
CA ALA E 402 -6.82 -62.90 83.36
C ALA E 402 -8.32 -62.58 83.46
N TYR E 403 -8.66 -61.54 84.23
CA TYR E 403 -10.06 -61.16 84.36
C TYR E 403 -10.72 -60.73 83.04
N THR E 404 -9.96 -60.38 82.00
CA THR E 404 -10.60 -59.98 80.75
C THR E 404 -11.41 -61.11 80.09
N LYS E 405 -11.17 -62.37 80.47
CA LYS E 405 -11.70 -63.54 79.76
C LYS E 405 -13.03 -64.07 80.34
N THR E 406 -13.78 -63.24 81.11
CA THR E 406 -14.97 -63.70 81.83
C THR E 406 -16.17 -64.01 80.91
N GLY E 407 -16.16 -63.52 79.66
CA GLY E 407 -17.27 -63.72 78.73
C GLY E 407 -18.22 -62.53 78.62
N ASP E 408 -19.44 -62.64 79.19
CA ASP E 408 -20.54 -61.70 79.03
C ASP E 408 -20.12 -60.23 79.17
N PRO E 409 -20.20 -59.42 78.07
CA PRO E 409 -19.89 -57.98 78.13
C PRO E 409 -20.61 -57.11 79.16
N TYR E 410 -21.79 -57.50 79.65
CA TYR E 410 -22.41 -56.79 80.76
C TYR E 410 -21.66 -57.02 82.08
N MET E 411 -21.51 -58.28 82.49
CA MET E 411 -20.75 -58.54 83.72
C MET E 411 -19.29 -58.13 83.58
N ARG E 412 -18.73 -58.18 82.36
CA ARG E 412 -17.37 -57.72 82.06
C ARG E 412 -17.24 -56.20 81.95
N SER E 413 -18.35 -55.45 82.01
CA SER E 413 -18.34 -53.99 81.86
C SER E 413 -17.25 -53.29 82.68
N LEU E 414 -17.13 -53.64 83.96
CA LEU E 414 -16.08 -53.09 84.82
C LEU E 414 -14.69 -53.21 84.20
N VAL E 415 -14.40 -54.33 83.53
CA VAL E 415 -13.03 -54.71 83.22
C VAL E 415 -12.58 -54.16 81.87
N GLN E 416 -13.52 -53.86 80.97
CA GLN E 416 -13.18 -53.15 79.74
C GLN E 416 -12.52 -51.81 80.06
N HIS E 417 -13.01 -51.11 81.09
CA HIS E 417 -12.32 -49.93 81.62
C HIS E 417 -10.98 -50.29 82.25
N ILE E 418 -11.00 -51.09 83.32
CA ILE E 418 -9.80 -51.22 84.15
C ILE E 418 -8.63 -51.78 83.34
N LEU E 419 -8.93 -52.60 82.32
CA LEU E 419 -7.90 -53.08 81.39
C LEU E 419 -7.19 -51.94 80.67
N SER E 420 -7.94 -51.05 80.05
CA SER E 420 -7.35 -49.96 79.28
C SER E 420 -6.76 -48.92 80.21
N LEU E 421 -7.39 -48.75 81.38
CA LEU E 421 -6.93 -47.79 82.38
C LEU E 421 -5.55 -48.15 82.92
N VAL E 422 -5.40 -49.37 83.45
CA VAL E 422 -4.16 -49.72 84.14
C VAL E 422 -3.02 -50.00 83.17
N SER E 423 -3.34 -50.45 81.96
CA SER E 423 -2.28 -50.83 81.03
C SER E 423 -1.56 -49.64 80.41
N HIS E 424 -2.17 -48.46 80.38
CA HIS E 424 -1.54 -47.31 79.73
C HIS E 424 -0.14 -46.98 80.29
N PRO E 425 0.07 -46.81 81.59
CA PRO E 425 1.46 -46.62 82.06
C PRO E 425 2.37 -47.78 81.71
N VAL E 426 1.86 -49.02 81.80
CA VAL E 426 2.66 -50.20 81.46
C VAL E 426 3.16 -50.12 80.02
N LEU E 427 2.28 -49.74 79.09
CA LEU E 427 2.72 -49.48 77.73
C LEU E 427 3.77 -48.38 77.68
N SER E 428 3.50 -47.25 78.33
CA SER E 428 4.39 -46.10 78.25
C SER E 428 5.82 -46.43 78.65
N PHE E 429 6.00 -47.34 79.62
CA PHE E 429 7.35 -47.70 80.06
C PHE E 429 8.20 -48.29 78.92
N LEU E 430 7.68 -49.30 78.21
CA LEU E 430 8.39 -49.81 77.02
C LEU E 430 8.31 -48.88 75.82
N TYR E 431 7.27 -48.05 75.69
CA TYR E 431 7.21 -47.15 74.55
C TYR E 431 8.32 -46.11 74.55
N ARG E 432 8.95 -45.83 75.71
CA ARG E 432 10.22 -45.08 75.72
C ARG E 432 11.40 -45.99 75.39
N TRP E 433 11.46 -47.17 76.02
CA TRP E 433 12.56 -48.10 75.82
C TRP E 433 12.78 -48.45 74.35
N ILE E 434 11.71 -48.63 73.59
CA ILE E 434 11.80 -48.94 72.15
C ILE E 434 12.15 -47.75 71.25
N TYR E 435 12.47 -46.58 71.82
CA TYR E 435 12.97 -45.46 71.02
C TYR E 435 14.23 -44.83 71.63
N ASP E 436 14.19 -44.59 72.94
CA ASP E 436 15.25 -43.94 73.69
C ASP E 436 16.12 -44.91 74.48
N GLY E 437 15.60 -46.09 74.81
CA GLY E 437 16.30 -47.05 75.64
C GLY E 437 16.43 -46.63 77.10
N GLU E 438 15.39 -46.00 77.65
CA GLU E 438 15.32 -45.68 79.06
C GLU E 438 14.23 -46.47 79.79
N LEU E 439 14.54 -46.85 81.03
CA LEU E 439 13.67 -47.67 81.87
C LEU E 439 13.28 -46.88 83.12
N GLU E 440 14.21 -46.64 84.04
CA GLU E 440 14.17 -45.62 85.07
C GLU E 440 13.10 -45.84 86.15
N ASP E 441 12.35 -46.94 86.12
CA ASP E 441 11.26 -47.13 87.08
C ASP E 441 11.77 -47.19 88.51
N THR E 442 11.19 -46.37 89.38
CA THR E 442 11.63 -46.17 90.76
C THR E 442 11.02 -47.18 91.73
N TYR E 443 10.58 -48.35 91.24
CA TYR E 443 10.12 -49.42 92.12
C TYR E 443 10.78 -50.77 91.89
N HIS E 444 11.75 -50.90 90.98
CA HIS E 444 12.19 -52.20 90.47
C HIS E 444 10.98 -53.07 90.16
N GLU E 445 10.17 -52.58 89.22
CA GLU E 445 8.85 -53.12 88.94
C GLU E 445 8.68 -53.58 87.50
N PHE E 446 9.30 -52.91 86.53
CA PHE E 446 9.28 -53.36 85.13
C PHE E 446 10.18 -54.60 84.96
N PHE E 447 10.34 -55.09 83.72
CA PHE E 447 11.03 -56.39 83.49
C PHE E 447 12.57 -56.34 83.61
N VAL E 448 13.15 -55.28 84.16
CA VAL E 448 14.60 -55.20 84.40
C VAL E 448 14.89 -54.70 85.81
N ALA E 449 15.82 -55.39 86.51
CA ALA E 449 16.65 -54.82 87.57
C ALA E 449 18.08 -55.23 87.23
N SER E 450 19.04 -54.30 87.32
CA SER E 450 20.28 -54.46 86.56
C SER E 450 21.56 -54.38 87.38
N ASP E 451 22.50 -55.26 87.02
CA ASP E 451 23.74 -55.51 87.74
C ASP E 451 24.72 -54.35 87.69
N PRO E 452 25.59 -54.16 88.78
CA PRO E 452 26.53 -53.03 88.89
C PRO E 452 27.80 -53.15 88.03
N THR E 453 27.63 -53.48 86.74
CA THR E 453 28.74 -53.75 85.81
C THR E 453 29.50 -52.47 85.42
N VAL E 454 30.64 -52.69 84.71
CA VAL E 454 31.56 -51.65 84.25
C VAL E 454 31.06 -50.81 83.08
N LYS E 455 29.82 -51.02 82.61
CA LYS E 455 29.16 -50.20 81.57
C LYS E 455 29.86 -50.29 80.20
N THR E 456 30.63 -51.35 79.95
CA THR E 456 31.24 -51.67 78.66
C THR E 456 31.68 -53.12 78.75
N ASP E 457 31.92 -53.76 77.59
CA ASP E 457 32.50 -55.14 77.50
C ASP E 457 31.60 -56.22 78.09
N ARG E 458 30.74 -55.86 79.03
CA ARG E 458 29.88 -56.82 79.74
C ARG E 458 28.42 -56.40 79.74
N LEU E 459 28.13 -55.14 79.41
CA LEU E 459 26.81 -54.55 79.62
C LEU E 459 25.68 -55.38 79.03
N TRP E 460 25.84 -55.81 77.77
CA TRP E 460 24.82 -56.57 77.05
C TRP E 460 24.62 -57.99 77.60
N HIS E 461 25.67 -58.57 78.19
CA HIS E 461 25.70 -59.98 78.60
C HIS E 461 25.38 -60.17 80.08
N ASP E 462 25.81 -59.22 80.91
CA ASP E 462 25.54 -59.21 82.34
C ASP E 462 24.38 -58.28 82.67
N LYS E 463 24.55 -56.97 82.44
CA LYS E 463 23.66 -55.96 83.02
C LYS E 463 22.25 -56.02 82.42
N TYR E 464 22.14 -56.12 81.10
CA TYR E 464 20.84 -56.06 80.42
C TYR E 464 20.14 -57.43 80.41
N THR E 465 20.05 -58.04 81.60
CA THR E 465 19.34 -59.30 81.83
C THR E 465 17.82 -59.09 81.94
N LEU E 466 17.04 -59.98 81.31
CA LEU E 466 15.58 -59.99 81.47
C LEU E 466 15.16 -60.49 82.85
N ARG E 467 14.70 -59.57 83.71
CA ARG E 467 14.06 -59.96 84.99
C ARG E 467 12.59 -60.30 84.78
N LYS E 468 12.36 -61.47 84.20
CA LYS E 468 11.03 -61.93 83.80
C LYS E 468 10.03 -62.18 84.95
N SER E 469 10.44 -62.01 86.21
CA SER E 469 9.58 -62.33 87.35
C SER E 469 8.34 -61.45 87.44
N MET E 470 8.39 -60.23 86.89
CA MET E 470 7.27 -59.29 86.85
C MET E 470 6.88 -58.88 85.43
N ILE E 471 7.20 -59.72 84.45
CA ILE E 471 6.57 -59.64 83.14
C ILE E 471 5.06 -59.88 83.28
N PRO E 472 4.19 -59.00 82.80
CA PRO E 472 2.75 -59.24 82.87
C PRO E 472 2.32 -60.44 82.05
N SER E 473 1.13 -60.95 82.40
CA SER E 473 0.61 -62.15 81.75
C SER E 473 0.42 -61.99 80.24
N PHE E 474 0.19 -60.76 79.75
CA PHE E 474 -0.25 -60.60 78.37
C PHE E 474 0.86 -60.77 77.31
N MET E 475 2.07 -60.30 77.55
CA MET E 475 3.10 -60.27 76.51
C MET E 475 3.78 -61.64 76.28
N THR E 476 3.79 -62.07 75.01
CA THR E 476 4.35 -63.36 74.58
C THR E 476 5.87 -63.38 74.76
N MET E 477 6.40 -64.51 75.25
CA MET E 477 7.76 -64.54 75.78
C MET E 477 8.84 -64.15 74.77
N ASP E 478 8.74 -64.59 73.50
CA ASP E 478 9.74 -64.15 72.52
C ASP E 478 9.53 -62.70 72.09
N GLN E 479 8.30 -62.20 72.16
CA GLN E 479 8.07 -60.76 71.97
C GLN E 479 8.55 -59.96 73.18
N SER E 480 8.44 -60.53 74.38
CA SER E 480 9.09 -59.95 75.57
C SER E 480 10.61 -59.85 75.38
N ARG E 481 11.24 -60.93 74.92
CA ARG E 481 12.65 -60.83 74.55
C ARG E 481 12.88 -59.73 73.51
N LYS E 482 12.05 -59.67 72.47
CA LYS E 482 12.22 -58.66 71.43
C LYS E 482 12.08 -57.21 71.93
N VAL E 483 11.12 -56.91 72.81
CA VAL E 483 11.08 -55.54 73.36
C VAL E 483 12.26 -55.24 74.28
N LEU E 484 12.76 -56.22 75.05
CA LEU E 484 14.03 -55.98 75.73
C LEU E 484 15.14 -55.72 74.72
N LEU E 485 15.21 -56.56 73.69
CA LEU E 485 16.33 -56.58 72.75
C LEU E 485 16.39 -55.33 71.85
N ILE E 486 15.26 -54.79 71.39
CA ILE E 486 15.31 -53.53 70.65
C ILE E 486 15.83 -52.39 71.52
N GLY E 487 15.38 -52.30 72.77
CA GLY E 487 15.88 -51.25 73.64
C GLY E 487 17.29 -51.46 74.15
N LYS E 488 17.70 -52.72 74.38
CA LYS E 488 19.08 -52.99 74.79
C LYS E 488 20.07 -52.63 73.69
N SER E 489 19.71 -52.86 72.42
CA SER E 489 20.56 -52.45 71.32
C SER E 489 20.61 -50.91 71.15
N ILE E 490 19.48 -50.23 71.33
CA ILE E 490 19.43 -48.77 71.36
C ILE E 490 20.25 -48.21 72.53
N ASN E 491 20.08 -48.79 73.71
CA ASN E 491 20.85 -48.35 74.89
C ASN E 491 22.33 -48.70 74.75
N PHE E 492 22.66 -49.81 74.06
CA PHE E 492 24.05 -50.17 73.81
C PHE E 492 24.73 -49.15 72.90
N LEU E 493 24.08 -48.77 71.80
CA LEU E 493 24.69 -47.75 70.95
C LEU E 493 24.76 -46.40 71.66
N HIS E 494 23.72 -46.06 72.43
CA HIS E 494 23.76 -44.93 73.37
C HIS E 494 24.98 -44.99 74.30
N GLN E 495 25.19 -46.10 75.01
CA GLN E 495 26.26 -46.14 76.01
C GLN E 495 27.66 -46.35 75.44
N VAL E 496 27.83 -47.13 74.36
CA VAL E 496 29.19 -47.56 73.97
C VAL E 496 29.49 -47.47 72.47
N CYS E 497 28.51 -47.12 71.63
CA CYS E 497 28.84 -46.83 70.23
C CYS E 497 29.23 -45.37 70.00
N HIS E 498 29.21 -44.54 71.06
CA HIS E 498 29.57 -43.12 71.06
C HIS E 498 28.61 -42.18 70.33
N ASP E 499 27.43 -42.64 69.89
CA ASP E 499 26.52 -41.79 69.10
C ASP E 499 25.15 -41.75 69.74
N GLN E 500 24.45 -40.61 69.67
CA GLN E 500 23.20 -40.40 70.41
C GLN E 500 22.04 -40.05 69.50
N THR E 501 21.91 -40.78 68.38
CA THR E 501 20.90 -40.46 67.38
C THR E 501 19.50 -40.82 67.87
N PRO E 502 18.47 -40.01 67.55
CA PRO E 502 17.07 -40.46 67.71
C PRO E 502 16.68 -41.43 66.58
N THR E 503 17.18 -42.66 66.71
CA THR E 503 17.14 -43.63 65.63
C THR E 503 15.71 -43.84 65.11
N THR E 504 15.53 -43.64 63.81
CA THR E 504 14.21 -43.53 63.18
C THR E 504 14.07 -44.49 62.01
N THR E 524 -2.69 -61.07 73.72
CA THR E 524 -2.28 -60.09 74.71
C THR E 524 -3.46 -59.24 75.17
N ASP E 525 -3.19 -58.22 76.01
CA ASP E 525 -4.21 -57.59 76.85
C ASP E 525 -4.70 -56.24 76.32
N LEU E 526 -3.80 -55.28 76.19
CA LEU E 526 -4.22 -53.92 75.77
C LEU E 526 -4.34 -53.88 74.23
N GLU E 527 -5.07 -54.84 73.65
CA GLU E 527 -5.17 -54.95 72.17
C GLU E 527 -3.79 -55.36 71.64
N ASN E 528 -2.73 -54.71 72.13
CA ASN E 528 -1.33 -55.06 71.74
C ASN E 528 -1.26 -55.43 70.25
N ALA E 529 -2.00 -54.70 69.41
CA ALA E 529 -1.92 -54.93 67.94
C ALA E 529 -0.69 -54.20 67.40
N PHE E 530 -0.11 -53.34 68.22
CA PHE E 530 1.09 -52.56 67.80
C PHE E 530 2.29 -53.48 67.68
N GLN E 531 2.15 -54.75 68.10
CA GLN E 531 3.27 -55.68 67.91
C GLN E 531 3.75 -55.71 66.46
N GLY E 532 2.85 -55.50 65.49
CA GLY E 532 3.23 -55.44 64.09
C GLY E 532 4.04 -54.22 63.69
N LYS E 533 4.10 -53.21 64.57
CA LYS E 533 5.08 -52.13 64.46
C LYS E 533 6.38 -52.52 65.17
N ILE E 534 6.26 -53.06 66.39
CA ILE E 534 7.42 -53.33 67.23
C ILE E 534 8.43 -54.26 66.55
N ASP E 535 7.96 -55.36 65.92
CA ASP E 535 8.94 -56.23 65.25
C ASP E 535 9.57 -55.56 64.03
N ALA E 536 8.87 -54.65 63.35
CA ALA E 536 9.49 -53.90 62.26
C ALA E 536 10.49 -52.87 62.78
N ALA E 537 10.17 -52.20 63.89
CA ALA E 537 11.12 -51.30 64.52
C ALA E 537 12.36 -52.05 65.02
N TYR E 538 12.18 -53.29 65.49
CA TYR E 538 13.31 -54.17 65.80
C TYR E 538 14.16 -54.49 64.57
N PHE E 539 13.54 -54.87 63.45
CA PHE E 539 14.32 -55.09 62.23
C PHE E 539 15.02 -53.83 61.75
N GLU E 540 14.38 -52.67 61.88
CA GLU E 540 15.05 -51.40 61.57
C GLU E 540 16.24 -51.16 62.49
N THR E 541 16.04 -51.34 63.80
CA THR E 541 17.11 -51.18 64.78
C THR E 541 18.22 -52.18 64.56
N SER E 542 17.86 -53.42 64.24
CA SER E 542 18.81 -54.48 63.95
C SER E 542 19.73 -54.11 62.80
N LYS E 543 19.16 -53.73 61.64
CA LYS E 543 19.97 -53.30 60.51
C LYS E 543 20.76 -52.03 60.83
N TYR E 544 20.15 -51.10 61.56
CA TYR E 544 20.87 -49.89 61.95
C TYR E 544 22.11 -50.21 62.79
N LEU E 545 21.96 -51.04 63.83
CA LEU E 545 23.11 -51.40 64.66
C LEU E 545 24.15 -52.18 63.86
N LEU E 546 23.71 -53.19 63.11
CA LEU E 546 24.64 -53.98 62.29
C LEU E 546 25.25 -53.16 61.14
N ASP E 547 24.67 -52.00 60.80
CA ASP E 547 25.31 -51.10 59.83
C ASP E 547 26.36 -50.21 60.47
N VAL E 548 26.01 -49.57 61.60
CA VAL E 548 26.90 -48.56 62.19
C VAL E 548 28.09 -49.28 62.83
N LEU E 549 27.86 -50.49 63.31
CA LEU E 549 28.88 -51.44 63.76
C LEU E 549 29.57 -52.19 62.62
N ASN E 550 29.16 -51.99 61.36
CA ASN E 550 30.00 -52.37 60.23
C ASN E 550 30.49 -51.14 59.46
N LYS E 551 30.37 -49.93 60.05
CA LYS E 551 30.95 -48.72 59.46
C LYS E 551 31.99 -48.04 60.34
N LYS E 552 31.66 -47.52 61.54
CA LYS E 552 32.68 -46.75 62.25
C LYS E 552 33.67 -47.67 62.96
N TYR E 553 33.21 -48.84 63.38
CA TYR E 553 34.05 -50.02 63.52
C TYR E 553 33.59 -50.94 62.39
N SER E 554 34.53 -51.46 61.60
CA SER E 554 34.15 -52.34 60.50
C SER E 554 34.32 -53.78 60.99
N LEU E 555 33.27 -54.33 61.60
CA LEU E 555 33.35 -55.69 62.14
C LEU E 555 33.75 -56.70 61.07
N LEU E 556 33.29 -56.54 59.82
CA LEU E 556 33.71 -57.47 58.77
C LEU E 556 35.21 -57.39 58.50
N ASP E 557 35.81 -56.20 58.54
CA ASP E 557 37.26 -56.12 58.41
C ASP E 557 37.97 -56.68 59.63
N HIS E 558 37.37 -56.57 60.83
CA HIS E 558 37.94 -57.24 61.99
C HIS E 558 37.82 -58.75 61.92
N MET E 559 36.70 -59.29 61.42
CA MET E 559 36.61 -60.73 61.23
C MET E 559 37.47 -61.23 60.08
N GLN E 560 37.66 -60.42 59.05
CA GLN E 560 38.63 -60.72 58.01
C GLN E 560 40.06 -60.69 58.55
N ALA E 561 40.40 -59.65 59.32
CA ALA E 561 41.69 -59.61 60.02
C ALA E 561 41.86 -60.76 61.01
N MET E 562 40.77 -61.19 61.66
CA MET E 562 40.84 -62.39 62.50
C MET E 562 41.22 -63.63 61.69
N ARG E 563 40.61 -63.85 60.53
CA ARG E 563 41.02 -64.96 59.67
C ARG E 563 42.47 -64.82 59.20
N ARG E 564 42.85 -63.61 58.79
CA ARG E 564 44.14 -63.33 58.17
C ARG E 564 45.30 -63.34 59.16
N TYR E 565 45.09 -62.87 60.39
CA TYR E 565 46.19 -62.60 61.32
C TYR E 565 46.03 -63.33 62.65
N LEU E 566 44.89 -63.19 63.35
CA LEU E 566 44.69 -63.95 64.58
C LEU E 566 44.68 -65.46 64.33
N LEU E 567 44.07 -65.88 63.21
CA LEU E 567 44.12 -67.27 62.76
C LEU E 567 45.06 -67.45 61.55
N LEU E 568 45.97 -66.49 61.35
CA LEU E 568 47.24 -66.62 60.63
C LEU E 568 47.13 -66.95 59.13
N GLY E 569 45.96 -66.81 58.52
CA GLY E 569 45.75 -67.22 57.12
C GLY E 569 46.51 -66.44 56.04
N GLN E 570 46.93 -65.19 56.31
CA GLN E 570 47.56 -64.32 55.29
C GLN E 570 49.09 -64.48 55.29
N GLY E 571 49.59 -65.43 54.48
CA GLY E 571 51.00 -65.80 54.45
C GLY E 571 51.97 -64.68 54.15
N ASP E 572 51.51 -63.54 53.63
CA ASP E 572 52.35 -62.36 53.45
C ASP E 572 52.82 -61.79 54.80
N PHE E 573 51.87 -61.55 55.71
CA PHE E 573 52.18 -61.20 57.09
C PHE E 573 53.10 -62.26 57.74
N ILE E 574 52.88 -63.54 57.41
CA ILE E 574 53.70 -64.61 57.97
C ILE E 574 55.15 -64.56 57.46
N ARG E 575 55.37 -64.65 56.14
CA ARG E 575 56.75 -64.78 55.64
C ARG E 575 57.62 -63.58 56.00
N HIS E 576 57.11 -62.35 55.91
CA HIS E 576 57.93 -61.19 56.23
C HIS E 576 58.27 -61.11 57.70
N LEU E 577 57.34 -61.52 58.57
CA LEU E 577 57.64 -61.60 59.99
C LEU E 577 58.62 -62.74 60.29
N MET E 578 58.32 -63.95 59.80
CA MET E 578 58.88 -65.15 60.41
C MET E 578 60.38 -65.35 60.12
N ASP E 579 60.86 -64.96 58.93
CA ASP E 579 62.26 -65.22 58.59
C ASP E 579 63.24 -64.44 59.48
N LEU E 580 62.95 -63.17 59.79
CA LEU E 580 63.79 -62.45 60.74
C LEU E 580 63.43 -62.80 62.18
N LEU E 581 62.19 -63.22 62.42
CA LEU E 581 61.76 -63.66 63.75
C LEU E 581 62.39 -64.99 64.16
N LYS E 582 62.79 -65.82 63.20
CA LYS E 582 63.24 -67.20 63.48
C LYS E 582 64.24 -67.32 64.63
N PRO E 583 65.37 -66.59 64.64
CA PRO E 583 66.30 -66.74 65.77
C PRO E 583 65.74 -66.37 67.13
N GLU E 584 64.99 -65.26 67.22
CA GLU E 584 64.51 -64.80 68.51
C GLU E 584 63.49 -65.74 69.13
N LEU E 585 62.80 -66.55 68.34
CA LEU E 585 61.81 -67.46 68.89
C LEU E 585 62.34 -68.90 69.06
N VAL E 586 63.49 -69.25 68.47
CA VAL E 586 64.19 -70.44 68.95
C VAL E 586 65.03 -70.12 70.20
N ARG E 587 65.45 -68.86 70.40
CA ARG E 587 65.95 -68.44 71.70
C ARG E 587 64.83 -68.61 72.74
N PRO E 588 64.94 -69.56 73.70
CA PRO E 588 63.75 -69.95 74.46
C PRO E 588 63.28 -68.95 75.51
N ALA E 589 62.28 -68.17 75.07
CA ALA E 589 61.57 -67.19 75.93
C ALA E 589 62.40 -66.48 76.98
N THR E 590 62.57 -67.14 78.13
CA THR E 590 63.15 -66.40 79.25
C THR E 590 64.54 -65.87 78.94
N THR E 591 65.13 -66.28 77.80
CA THR E 591 66.40 -65.72 77.37
C THR E 591 66.27 -64.26 76.95
N LEU E 592 65.11 -63.88 76.42
CA LEU E 592 64.82 -62.51 76.01
C LEU E 592 63.84 -61.82 76.96
N TYR E 593 63.73 -60.50 76.80
CA TYR E 593 62.74 -59.67 77.47
C TYR E 593 61.62 -59.32 76.49
N GLN E 594 60.53 -58.73 77.02
CA GLN E 594 59.40 -58.42 76.16
C GLN E 594 59.79 -57.44 75.06
N HIS E 595 60.67 -56.48 75.35
CA HIS E 595 60.94 -55.42 74.38
C HIS E 595 61.69 -55.93 73.15
N ASN E 596 62.43 -57.04 73.28
CA ASN E 596 63.09 -57.64 72.12
C ASN E 596 62.08 -58.16 71.09
N LEU E 597 60.97 -58.73 71.55
CA LEU E 597 59.92 -59.15 70.63
C LEU E 597 59.00 -57.99 70.27
N THR E 598 58.95 -56.95 71.11
CA THR E 598 58.17 -55.76 70.77
C THR E 598 58.82 -55.00 69.62
N GLY E 599 60.14 -55.16 69.45
CA GLY E 599 60.86 -54.52 68.36
C GLY E 599 60.62 -55.11 66.97
N ILE E 600 59.82 -56.18 66.88
CA ILE E 600 59.46 -56.77 65.58
C ILE E 600 57.95 -56.74 65.42
N LEU E 601 57.30 -55.77 66.09
CA LEU E 601 55.85 -55.58 66.01
C LEU E 601 55.41 -55.23 64.59
N GLU E 602 56.03 -54.22 63.99
CA GLU E 602 55.64 -53.68 62.70
C GLU E 602 56.85 -53.40 61.83
N THR E 603 58.07 -53.56 62.35
CA THR E 603 59.28 -53.00 61.74
C THR E 603 59.63 -53.69 60.43
N ALA E 604 59.54 -55.03 60.39
CA ALA E 604 59.67 -55.76 59.13
C ALA E 604 58.32 -55.85 58.40
N VAL E 605 57.23 -56.02 59.15
CA VAL E 605 55.90 -56.22 58.58
C VAL E 605 55.48 -55.07 57.66
N ARG E 606 56.02 -53.88 57.91
CA ARG E 606 55.92 -52.74 57.01
C ARG E 606 56.19 -53.06 55.53
N ALA E 607 57.12 -53.97 55.26
CA ALA E 607 57.44 -54.31 53.87
C ALA E 607 56.51 -55.36 53.24
N THR E 608 55.51 -55.89 53.96
CA THR E 608 54.48 -56.75 53.37
C THR E 608 53.68 -56.00 52.31
N ASN E 609 53.10 -56.76 51.38
CA ASN E 609 52.15 -56.19 50.42
C ASN E 609 50.74 -56.06 51.01
N ALA E 610 50.55 -56.58 52.23
CA ALA E 610 49.26 -56.34 52.92
C ALA E 610 49.22 -54.88 53.39
N GLN E 611 50.30 -54.14 53.16
CA GLN E 611 50.37 -52.70 53.56
C GLN E 611 49.12 -51.95 53.08
N PHE E 612 48.41 -52.46 52.08
CA PHE E 612 47.18 -51.86 51.60
C PHE E 612 45.97 -52.06 52.54
N ASP E 613 46.08 -52.91 53.56
CA ASP E 613 45.02 -53.02 54.57
C ASP E 613 44.87 -51.73 55.39
N SER E 614 43.72 -51.61 56.06
CA SER E 614 43.34 -50.39 56.76
C SER E 614 44.24 -50.12 57.97
N PRO E 615 44.52 -48.85 58.27
CA PRO E 615 45.25 -48.52 59.51
C PRO E 615 44.58 -48.98 60.79
N GLU E 616 43.24 -49.08 60.83
CA GLU E 616 42.56 -49.51 62.05
C GLU E 616 42.81 -50.98 62.34
N ILE E 617 42.71 -51.85 61.33
CA ILE E 617 42.97 -53.27 61.56
C ILE E 617 44.48 -53.53 61.70
N LEU E 618 45.32 -52.80 60.96
CA LEU E 618 46.77 -52.89 61.17
C LEU E 618 47.24 -52.24 62.48
N ARG E 619 46.40 -51.48 63.18
CA ARG E 619 46.69 -51.07 64.55
C ARG E 619 46.02 -51.95 65.59
N ARG E 620 44.98 -52.72 65.21
CA ARG E 620 44.34 -53.63 66.15
C ARG E 620 45.25 -54.81 66.52
N LEU E 621 46.15 -55.22 65.62
CA LEU E 621 47.21 -56.15 65.98
C LEU E 621 48.28 -55.50 66.88
N ASP E 622 48.88 -56.32 67.73
CA ASP E 622 49.90 -55.94 68.72
C ASP E 622 50.69 -57.20 69.07
N VAL E 623 51.65 -57.08 70.02
CA VAL E 623 52.51 -58.22 70.39
C VAL E 623 52.66 -58.35 71.90
N ARG E 624 52.78 -59.60 72.36
CA ARG E 624 52.69 -59.96 73.78
C ARG E 624 53.36 -61.32 74.05
N LEU E 625 53.68 -61.57 75.32
CA LEU E 625 54.14 -62.86 75.82
C LEU E 625 52.97 -63.64 76.43
N LEU E 626 52.82 -64.90 76.00
CA LEU E 626 51.76 -65.79 76.45
C LEU E 626 51.98 -66.31 77.87
N GLU E 627 51.04 -67.16 78.31
CA GLU E 627 51.09 -67.85 79.60
C GLU E 627 52.34 -68.75 79.69
N VAL E 628 52.94 -68.78 80.86
CA VAL E 628 54.25 -69.40 81.06
C VAL E 628 54.14 -70.79 81.68
N SER E 629 55.29 -71.51 81.68
CA SER E 629 55.51 -72.81 82.31
C SER E 629 56.89 -72.77 82.96
N PRO E 630 57.29 -73.76 83.75
CA PRO E 630 58.72 -73.93 84.05
C PRO E 630 59.62 -74.11 82.82
N GLY E 631 59.12 -74.74 81.75
CA GLY E 631 59.87 -74.83 80.50
C GLY E 631 59.11 -74.19 79.35
N ASP E 632 59.75 -73.29 78.61
CA ASP E 632 59.07 -72.56 77.55
C ASP E 632 60.02 -72.28 76.39
N THR E 633 59.46 -71.71 75.32
CA THR E 633 60.25 -71.24 74.18
C THR E 633 59.55 -70.03 73.54
N GLY E 634 60.30 -69.35 72.67
CA GLY E 634 59.77 -68.17 71.99
C GLY E 634 58.67 -68.51 71.00
N TRP E 635 58.83 -69.64 70.27
CA TRP E 635 57.83 -70.15 69.35
C TRP E 635 56.63 -70.78 70.09
N ASP E 636 56.57 -70.66 71.42
CA ASP E 636 55.39 -70.99 72.20
C ASP E 636 54.89 -69.82 73.02
N VAL E 637 55.64 -68.71 73.09
CA VAL E 637 55.26 -67.57 73.92
C VAL E 637 54.86 -66.33 73.12
N PHE E 638 55.21 -66.25 71.82
CA PHE E 638 54.79 -65.10 71.00
C PHE E 638 53.30 -65.17 70.67
N SER E 639 52.59 -64.05 70.81
CA SER E 639 51.19 -63.94 70.43
C SER E 639 50.76 -62.48 70.26
N LEU E 640 49.63 -62.29 69.58
CA LEU E 640 48.84 -61.07 69.70
C LEU E 640 48.30 -60.91 71.12
N ASP E 641 48.03 -59.66 71.50
CA ASP E 641 47.30 -59.31 72.71
C ASP E 641 45.84 -59.00 72.39
N TYR E 642 45.62 -58.27 71.29
CA TYR E 642 44.26 -58.00 70.72
C TYR E 642 43.32 -57.21 71.62
N HIS E 643 43.58 -55.93 71.81
CA HIS E 643 42.62 -55.02 72.45
C HIS E 643 41.30 -54.89 71.68
N VAL E 644 40.16 -55.08 72.38
CA VAL E 644 38.83 -55.14 71.76
C VAL E 644 37.86 -54.10 72.31
N ASP E 645 38.32 -53.06 73.03
CA ASP E 645 37.42 -52.10 73.65
C ASP E 645 36.73 -51.19 72.62
N GLY E 646 35.62 -50.59 73.05
CA GLY E 646 34.62 -50.01 72.17
C GLY E 646 33.39 -50.89 72.08
N PRO E 647 32.53 -50.66 71.08
CA PRO E 647 31.34 -51.50 70.96
C PRO E 647 31.62 -52.93 70.55
N ILE E 648 32.70 -53.19 69.78
CA ILE E 648 33.02 -54.56 69.40
C ILE E 648 33.32 -55.46 70.60
N ALA E 649 33.43 -54.89 71.81
CA ALA E 649 33.53 -55.66 73.04
C ALA E 649 32.24 -56.44 73.36
N THR E 650 31.22 -56.33 72.51
CA THR E 650 30.03 -57.18 72.54
C THR E 650 29.80 -57.89 71.20
N VAL E 651 30.68 -57.67 70.21
CA VAL E 651 30.80 -58.57 69.04
C VAL E 651 31.75 -59.70 69.39
N PHE E 652 33.02 -59.37 69.70
CA PHE E 652 33.95 -60.28 70.35
C PHE E 652 33.65 -60.32 71.86
N THR E 653 34.11 -61.38 72.55
CA THR E 653 33.80 -61.51 73.96
C THR E 653 34.87 -62.32 74.70
N ARG E 654 34.88 -62.18 76.05
CA ARG E 654 35.96 -62.71 76.89
C ARG E 654 36.22 -64.18 76.60
N GLU E 655 35.14 -64.95 76.52
CA GLU E 655 35.22 -66.39 76.34
C GLU E 655 35.77 -66.72 74.95
N CYS E 656 35.27 -66.04 73.93
CA CYS E 656 35.72 -66.29 72.56
C CYS E 656 37.18 -65.91 72.35
N MET E 657 37.59 -64.73 72.83
CA MET E 657 39.00 -64.37 72.73
C MET E 657 39.89 -65.29 73.56
N SER E 658 39.40 -65.72 74.73
CA SER E 658 40.18 -66.67 75.53
C SER E 658 40.35 -67.99 74.78
N HIS E 659 39.26 -68.47 74.17
CA HIS E 659 39.33 -69.73 73.43
C HIS E 659 40.17 -69.58 72.16
N TYR E 660 40.09 -68.45 71.45
CA TYR E 660 40.99 -68.20 70.33
C TYR E 660 42.46 -68.21 70.75
N LEU E 661 42.78 -67.48 71.82
CA LEU E 661 44.18 -67.34 72.23
C LEU E 661 44.71 -68.63 72.86
N ARG E 662 43.85 -69.46 73.45
CA ARG E 662 44.27 -70.81 73.84
C ARG E 662 44.53 -71.68 72.60
N VAL E 663 43.73 -71.52 71.54
CA VAL E 663 43.98 -72.20 70.27
C VAL E 663 45.21 -71.65 69.57
N PHE E 664 45.48 -70.34 69.69
CA PHE E 664 46.57 -69.70 68.95
C PHE E 664 47.91 -70.39 69.14
N ASN E 665 48.28 -70.72 70.38
CA ASN E 665 49.60 -71.31 70.59
C ASN E 665 49.71 -72.72 69.96
N PHE E 666 48.60 -73.46 69.83
CA PHE E 666 48.64 -74.71 69.06
C PHE E 666 48.78 -74.45 67.55
N LEU E 667 48.12 -73.43 67.01
CA LEU E 667 48.32 -73.05 65.62
C LEU E 667 49.75 -72.57 65.40
N TRP E 668 50.31 -71.85 66.38
CA TRP E 668 51.68 -71.35 66.33
C TRP E 668 52.71 -72.48 66.47
N ARG E 669 52.41 -73.51 67.29
CA ARG E 669 53.16 -74.77 67.23
C ARG E 669 53.07 -75.41 65.85
N ALA E 670 51.86 -75.47 65.28
CA ALA E 670 51.62 -76.23 64.06
C ALA E 670 52.37 -75.66 62.85
N LYS E 671 52.22 -74.36 62.58
CA LYS E 671 52.68 -73.77 61.32
C LYS E 671 54.19 -73.91 61.12
N ARG E 672 54.94 -73.99 62.22
CA ARG E 672 56.40 -74.13 62.20
C ARG E 672 56.91 -75.30 61.35
N MET E 673 56.11 -76.36 61.18
CA MET E 673 56.56 -77.54 60.44
C MET E 673 56.74 -77.29 58.94
N GLU E 674 56.02 -76.34 58.33
CA GLU E 674 56.26 -76.02 56.92
C GLU E 674 57.74 -75.74 56.66
N TYR E 675 58.33 -74.91 57.50
CA TYR E 675 59.72 -74.49 57.36
C TYR E 675 60.67 -75.63 57.74
N ILE E 676 60.30 -76.40 58.76
CA ILE E 676 61.12 -77.53 59.19
C ILE E 676 61.18 -78.60 58.10
N LEU E 677 60.02 -79.08 57.64
CA LEU E 677 60.00 -80.17 56.67
C LEU E 677 60.51 -79.71 55.31
N THR E 678 60.38 -78.42 54.98
CA THR E 678 61.07 -77.87 53.82
C THR E 678 62.60 -77.82 54.06
N ASP E 679 63.03 -77.38 55.24
CA ASP E 679 64.47 -77.30 55.54
C ASP E 679 65.11 -78.68 55.48
N ILE E 680 64.47 -79.67 56.10
CA ILE E 680 64.90 -81.06 56.04
C ILE E 680 65.09 -81.48 54.58
N ARG E 681 64.03 -81.38 53.79
CA ARG E 681 64.09 -81.77 52.37
C ARG E 681 65.13 -80.95 51.62
N LYS E 682 65.18 -79.63 51.86
CA LYS E 682 66.19 -78.78 51.27
C LYS E 682 67.60 -79.30 51.51
N GLY E 683 67.91 -79.69 52.74
CA GLY E 683 69.24 -80.20 53.03
C GLY E 683 69.55 -81.47 52.27
N HIS E 684 68.57 -82.39 52.20
CA HIS E 684 68.79 -83.69 51.59
C HIS E 684 68.95 -83.59 50.07
N MET E 685 68.05 -82.86 49.39
CA MET E 685 68.24 -82.58 47.96
C MET E 685 69.46 -81.71 47.69
N CYS E 686 69.76 -80.76 48.58
CA CYS E 686 70.91 -79.88 48.37
C CYS E 686 72.22 -80.66 48.41
N ASN E 687 72.34 -81.65 49.30
CA ASN E 687 73.54 -82.48 49.31
C ASN E 687 73.68 -83.39 48.08
N ALA E 688 72.69 -83.42 47.17
CA ALA E 688 72.98 -83.97 45.83
C ALA E 688 73.93 -83.07 45.03
N LYS E 689 73.74 -81.75 45.06
CA LYS E 689 74.67 -80.81 44.42
C LYS E 689 75.93 -80.56 45.24
N LEU E 690 75.89 -80.78 46.56
CA LEU E 690 77.06 -80.57 47.41
C LEU E 690 77.89 -81.85 47.60
N LEU E 691 77.32 -82.91 48.17
CA LEU E 691 78.04 -84.18 48.36
C LEU E 691 77.98 -85.01 47.06
N ARG E 692 78.63 -84.47 46.03
CA ARG E 692 78.55 -84.94 44.66
C ARG E 692 79.37 -86.20 44.37
N ASN E 693 80.71 -86.14 44.46
CA ASN E 693 81.56 -87.31 44.20
C ASN E 693 81.73 -88.27 45.40
N MET E 694 80.62 -88.76 45.97
CA MET E 694 80.59 -89.33 47.33
C MET E 694 79.79 -90.65 47.47
N PRO E 695 80.41 -91.81 47.14
CA PRO E 695 79.70 -93.08 47.33
C PRO E 695 79.48 -93.45 48.79
N GLU E 696 80.36 -93.01 49.70
CA GLU E 696 80.21 -93.30 51.12
C GLU E 696 78.97 -92.61 51.70
N PHE E 697 78.81 -91.31 51.41
CA PHE E 697 77.68 -90.55 51.96
C PHE E 697 76.39 -90.81 51.19
N SER E 698 76.47 -91.18 49.91
CA SER E 698 75.26 -91.38 49.10
C SER E 698 74.23 -92.25 49.80
N GLY E 699 74.63 -93.41 50.34
CA GLY E 699 73.69 -94.28 51.03
C GLY E 699 72.96 -93.62 52.20
N VAL E 700 73.66 -92.78 52.98
CA VAL E 700 72.99 -92.10 54.10
C VAL E 700 72.25 -90.84 53.65
N LEU E 701 72.72 -90.14 52.62
CA LEU E 701 71.94 -89.04 52.06
C LEU E 701 70.66 -89.57 51.42
N HIS E 702 70.76 -90.69 50.70
CA HIS E 702 69.59 -91.42 50.22
C HIS E 702 68.63 -91.77 51.37
N GLN E 703 69.13 -92.51 52.36
CA GLN E 703 68.29 -92.96 53.46
C GLN E 703 67.68 -91.79 54.23
N CYS E 704 68.42 -90.69 54.37
CA CYS E 704 67.91 -89.52 55.10
C CYS E 704 66.85 -88.79 54.27
N HIS E 705 67.04 -88.72 52.96
CA HIS E 705 66.02 -88.19 52.06
C HIS E 705 64.77 -89.07 52.05
N ILE E 706 64.96 -90.38 52.03
CA ILE E 706 63.85 -91.33 52.08
C ILE E 706 63.09 -91.23 53.40
N LEU E 707 63.81 -91.08 54.52
CA LEU E 707 63.15 -90.84 55.80
C LEU E 707 62.35 -89.54 55.77
N ALA E 708 62.89 -88.48 55.16
CA ALA E 708 62.11 -87.27 54.92
C ALA E 708 60.90 -87.51 54.01
N SER E 709 61.01 -88.41 53.02
CA SER E 709 59.85 -88.67 52.16
C SER E 709 58.68 -89.30 52.89
N GLU E 710 58.94 -89.98 54.02
CA GLU E 710 57.86 -90.43 54.91
C GLU E 710 57.42 -89.37 55.90
N MET E 711 58.29 -88.42 56.24
CA MET E 711 57.91 -87.33 57.14
C MET E 711 57.29 -86.12 56.44
N VAL E 712 57.83 -85.67 55.28
CA VAL E 712 57.39 -84.40 54.72
C VAL E 712 55.97 -84.50 54.18
N HIS E 713 55.61 -85.61 53.54
CA HIS E 713 54.32 -85.66 52.86
C HIS E 713 53.16 -85.87 53.83
N PHE E 714 53.46 -86.14 55.11
CA PHE E 714 52.45 -86.33 56.16
C PHE E 714 51.86 -85.00 56.65
N ILE E 715 52.68 -84.11 57.24
CA ILE E 715 52.15 -83.11 58.16
C ILE E 715 51.40 -81.99 57.44
N HIS E 716 51.92 -81.55 56.29
CA HIS E 716 51.26 -80.48 55.55
C HIS E 716 49.88 -80.89 55.03
N GLN E 717 49.64 -82.19 54.84
CA GLN E 717 48.33 -82.65 54.37
C GLN E 717 47.29 -82.64 55.48
N MET E 718 47.65 -83.06 56.70
CA MET E 718 46.76 -82.84 57.83
C MET E 718 46.48 -81.35 58.02
N GLN E 719 47.49 -80.50 57.78
CA GLN E 719 47.27 -79.07 57.86
C GLN E 719 46.40 -78.52 56.73
N TYR E 720 46.40 -79.11 55.53
CA TYR E 720 45.43 -78.66 54.53
C TYR E 720 44.00 -78.96 54.97
N TYR E 721 43.77 -80.08 55.66
CA TYR E 721 42.48 -80.26 56.34
C TYR E 721 42.22 -79.14 57.35
N ILE E 722 43.22 -78.78 58.17
CA ILE E 722 43.04 -77.65 59.08
C ILE E 722 42.74 -76.37 58.29
N THR E 723 43.35 -76.21 57.10
CA THR E 723 43.15 -74.99 56.32
C THR E 723 41.73 -74.87 55.78
N PHE E 724 41.18 -75.96 55.22
CA PHE E 724 39.91 -75.87 54.49
C PHE E 724 38.71 -76.36 55.30
N GLU E 725 38.62 -77.66 55.62
CA GLU E 725 37.43 -78.16 56.31
C GLU E 725 37.31 -77.67 57.77
N VAL E 726 38.41 -77.29 58.41
CA VAL E 726 38.36 -76.77 59.78
C VAL E 726 38.07 -75.27 59.76
N LEU E 727 38.98 -74.50 59.15
CA LEU E 727 38.90 -73.04 59.21
C LEU E 727 37.92 -72.46 58.17
N GLU E 728 38.23 -72.65 56.88
CA GLU E 728 37.46 -71.97 55.83
C GLU E 728 35.98 -72.35 55.86
N CYS E 729 35.67 -73.63 56.12
CA CYS E 729 34.28 -74.10 56.14
C CYS E 729 33.46 -73.60 57.31
N SER E 730 34.09 -73.09 58.36
CA SER E 730 33.35 -72.52 59.48
C SER E 730 33.38 -70.99 59.47
N TRP E 731 34.45 -70.39 58.92
CA TRP E 731 34.45 -68.95 58.70
C TRP E 731 33.49 -68.56 57.58
N ASP E 732 33.28 -69.44 56.59
CA ASP E 732 32.32 -69.14 55.52
C ASP E 732 30.90 -69.03 56.08
N GLU E 733 30.48 -70.02 56.89
CA GLU E 733 29.14 -69.96 57.48
C GLU E 733 29.02 -68.84 58.49
N LEU E 734 30.09 -68.52 59.22
CA LEU E 734 30.12 -67.30 60.03
C LEU E 734 29.85 -66.07 59.16
N TRP E 735 30.65 -65.86 58.11
CA TRP E 735 30.55 -64.66 57.29
C TRP E 735 29.19 -64.53 56.59
N ASN E 736 28.61 -65.64 56.16
CA ASN E 736 27.21 -65.64 55.71
C ASN E 736 26.25 -65.29 56.84
N LYS E 737 26.39 -65.94 58.00
CA LYS E 737 25.50 -65.69 59.13
C LYS E 737 25.61 -64.28 59.73
N VAL E 738 26.63 -63.48 59.39
CA VAL E 738 26.55 -62.05 59.71
C VAL E 738 25.27 -61.42 59.17
N GLN E 739 24.72 -61.99 58.10
CA GLN E 739 23.50 -61.49 57.47
C GLN E 739 22.21 -62.10 58.04
N GLN E 740 22.39 -63.00 59.04
CA GLN E 740 21.27 -63.78 59.63
C GLN E 740 21.39 -63.81 61.17
N ALA E 741 22.61 -63.68 61.72
CA ALA E 741 22.78 -63.49 63.19
C ALA E 741 22.20 -62.10 63.43
N GLN E 742 20.93 -62.09 63.83
CA GLN E 742 20.21 -60.84 63.62
C GLN E 742 20.63 -59.67 64.52
N ASP E 743 21.39 -59.91 65.60
CA ASP E 743 21.77 -58.86 66.54
C ASP E 743 22.81 -59.45 67.48
N LEU E 744 23.23 -58.66 68.48
CA LEU E 744 24.31 -59.09 69.37
C LEU E 744 23.85 -59.94 70.55
N ASP E 745 22.55 -60.26 70.67
CA ASP E 745 22.21 -61.51 71.37
C ASP E 745 22.49 -62.70 70.48
N HIS E 746 22.10 -62.61 69.21
CA HIS E 746 22.19 -63.71 68.26
C HIS E 746 23.54 -63.85 67.55
N ILE E 747 24.51 -62.95 67.74
CA ILE E 747 25.83 -63.11 67.09
C ILE E 747 26.48 -64.44 67.43
N ILE E 748 26.12 -65.05 68.57
CA ILE E 748 26.54 -66.40 68.91
C ILE E 748 26.20 -67.41 67.81
N ALA E 749 25.10 -67.20 67.09
CA ALA E 749 24.67 -68.07 66.00
C ALA E 749 25.62 -68.07 64.81
N ALA E 750 26.60 -67.18 64.78
CA ALA E 750 27.70 -67.19 63.81
C ALA E 750 29.04 -67.42 64.48
N HIS E 751 29.36 -66.62 65.49
CA HIS E 751 30.71 -66.51 66.04
C HIS E 751 31.00 -67.59 67.07
N GLU E 752 30.08 -67.87 68.00
CA GLU E 752 30.32 -68.88 69.02
C GLU E 752 30.30 -70.27 68.41
N VAL E 753 29.39 -70.52 67.47
CA VAL E 753 29.35 -71.81 66.81
C VAL E 753 30.56 -71.98 65.86
N PHE E 754 31.04 -70.89 65.25
CA PHE E 754 32.31 -70.94 64.51
C PHE E 754 33.43 -71.40 65.44
N LEU E 755 33.50 -70.80 66.62
CA LEU E 755 34.53 -71.13 67.60
C LEU E 755 34.43 -72.60 68.00
N ASP E 756 33.21 -73.06 68.29
CA ASP E 756 33.01 -74.45 68.69
C ASP E 756 33.30 -75.39 67.54
N THR E 757 33.00 -74.95 66.31
CA THR E 757 33.24 -75.79 65.14
C THR E 757 34.74 -75.90 64.87
N ILE E 758 35.47 -74.79 64.94
CA ILE E 758 36.91 -74.85 64.68
C ILE E 758 37.61 -75.67 65.76
N ILE E 759 37.24 -75.49 67.04
CA ILE E 759 37.83 -76.30 68.10
C ILE E 759 37.52 -77.77 67.89
N SER E 760 36.26 -78.10 67.61
CA SER E 760 35.87 -79.51 67.50
C SER E 760 36.40 -80.17 66.23
N ARG E 761 36.72 -79.39 65.19
CA ARG E 761 37.27 -79.97 63.97
C ARG E 761 38.79 -79.99 63.97
N CYS E 762 39.45 -79.05 64.66
CA CYS E 762 40.89 -78.85 64.53
C CYS E 762 41.72 -79.96 65.24
N LEU E 763 41.08 -81.00 65.79
CA LEU E 763 41.69 -82.00 66.66
C LEU E 763 42.30 -81.38 67.93
N LEU E 764 41.88 -80.17 68.27
CA LEU E 764 42.32 -79.48 69.46
C LEU E 764 41.24 -79.55 70.55
N ASP E 765 40.13 -80.23 70.26
CA ASP E 765 39.07 -80.50 71.22
C ASP E 765 39.51 -81.49 72.31
N SER E 766 38.76 -81.47 73.43
CA SER E 766 39.10 -82.29 74.60
C SER E 766 39.00 -83.79 74.31
N ASP E 767 38.24 -84.17 73.28
CA ASP E 767 38.13 -85.58 72.94
C ASP E 767 39.33 -86.05 72.13
N SER E 768 40.01 -85.14 71.42
CA SER E 768 41.08 -85.50 70.53
C SER E 768 42.46 -85.23 71.13
N ARG E 769 42.53 -85.01 72.45
CA ARG E 769 43.82 -84.74 73.06
C ARG E 769 44.70 -85.99 73.14
N ALA E 770 44.09 -87.18 73.13
CA ALA E 770 44.89 -88.41 73.06
C ALA E 770 45.59 -88.51 71.70
N LEU E 771 44.95 -88.01 70.64
CA LEU E 771 45.62 -87.90 69.35
C LEU E 771 46.63 -86.78 69.38
N LEU E 772 46.30 -85.69 70.07
CA LEU E 772 47.12 -84.49 70.02
C LEU E 772 48.43 -84.67 70.77
N ASN E 773 48.43 -85.43 71.87
CA ASN E 773 49.67 -85.71 72.58
C ASN E 773 50.58 -86.56 71.72
N GLN E 774 50.00 -87.48 70.96
CA GLN E 774 50.75 -88.30 70.02
C GLN E 774 51.33 -87.45 68.89
N LEU E 775 50.59 -86.43 68.44
CA LEU E 775 51.09 -85.62 67.33
C LEU E 775 52.29 -84.76 67.73
N ARG E 776 52.32 -84.23 68.96
CA ARG E 776 53.52 -83.46 69.34
C ARG E 776 54.73 -84.39 69.52
N ALA E 777 54.51 -85.64 69.92
CA ALA E 777 55.60 -86.62 69.90
C ALA E 777 56.14 -86.82 68.48
N VAL E 778 55.25 -86.82 67.47
CA VAL E 778 55.68 -86.85 66.07
C VAL E 778 56.46 -85.58 65.71
N PHE E 779 55.99 -84.41 66.16
CA PHE E 779 56.69 -83.17 65.83
C PHE E 779 58.12 -83.16 66.34
N ASP E 780 58.33 -83.53 67.60
CA ASP E 780 59.68 -83.60 68.16
C ASP E 780 60.54 -84.62 67.42
N GLN E 781 59.95 -85.74 67.00
CA GLN E 781 60.64 -86.73 66.19
C GLN E 781 61.07 -86.16 64.83
N ILE E 782 60.22 -85.32 64.23
CA ILE E 782 60.57 -84.68 62.96
C ILE E 782 61.68 -83.64 63.18
N ILE E 783 61.61 -82.89 64.28
CA ILE E 783 62.66 -81.93 64.61
C ILE E 783 63.99 -82.61 64.93
N GLU E 784 63.98 -83.86 65.40
CA GLU E 784 65.24 -84.61 65.44
C GLU E 784 65.78 -84.90 64.05
N LEU E 785 64.92 -84.96 63.03
CA LEU E 785 65.42 -85.01 61.64
C LEU E 785 65.87 -83.63 61.16
N GLN E 786 65.23 -82.56 61.63
CA GLN E 786 65.80 -81.23 61.44
C GLN E 786 67.21 -81.15 62.06
N ASN E 787 67.39 -81.70 63.27
CA ASN E 787 68.74 -81.83 63.83
C ASN E 787 69.66 -82.69 62.97
N ALA E 788 69.14 -83.69 62.27
CA ALA E 788 69.96 -84.40 61.28
C ALA E 788 70.40 -83.47 60.14
N GLN E 789 69.55 -82.52 59.74
CA GLN E 789 69.89 -81.56 58.69
C GLN E 789 70.76 -80.40 59.20
N ASP E 790 70.57 -79.97 60.45
CA ASP E 790 71.29 -78.83 61.03
C ASP E 790 72.60 -79.22 61.71
N ALA E 791 72.55 -80.22 62.60
CA ALA E 791 73.71 -80.62 63.40
C ALA E 791 74.48 -81.77 62.76
N ILE E 792 73.82 -82.86 62.37
CA ILE E 792 74.54 -84.03 61.90
C ILE E 792 75.10 -83.78 60.50
N TYR E 793 74.25 -83.31 59.59
CA TYR E 793 74.70 -83.03 58.22
C TYR E 793 75.84 -82.03 58.16
N ARG E 794 76.03 -81.21 59.20
CA ARG E 794 77.13 -80.24 59.20
C ARG E 794 78.49 -80.92 59.08
N ALA E 795 78.63 -82.14 59.62
CA ALA E 795 79.88 -82.89 59.47
C ALA E 795 80.08 -83.36 58.03
N ALA E 796 79.02 -83.88 57.41
CA ALA E 796 79.07 -84.28 56.01
C ALA E 796 79.31 -83.09 55.09
N LEU E 797 78.78 -81.91 55.46
CA LEU E 797 78.96 -80.70 54.66
C LEU E 797 80.35 -80.11 54.82
N GLU E 798 80.82 -79.94 56.07
CA GLU E 798 82.13 -79.34 56.29
C GLU E 798 83.28 -80.29 55.93
N GLU E 799 83.01 -81.60 55.85
CA GLU E 799 83.88 -82.51 55.09
C GLU E 799 84.22 -81.96 53.70
N LEU E 800 83.29 -81.23 53.07
CA LEU E 800 83.53 -80.64 51.76
C LEU E 800 84.47 -79.44 51.77
N GLN E 801 84.80 -78.84 52.92
CA GLN E 801 85.89 -77.87 52.95
C GLN E 801 87.25 -78.57 52.77
N ARG E 802 87.59 -79.50 53.67
CA ARG E 802 88.83 -80.26 53.51
C ARG E 802 88.83 -81.06 52.20
N ARG E 803 87.69 -81.63 51.82
CA ARG E 803 87.62 -82.37 50.56
C ARG E 803 87.73 -81.45 49.34
N LEU E 804 87.25 -80.20 49.40
CA LEU E 804 87.53 -79.28 48.30
C LEU E 804 89.00 -78.89 48.26
N GLN E 805 89.59 -78.70 49.44
CA GLN E 805 91.05 -78.42 49.52
C GLN E 805 91.81 -79.76 49.36
N PHE E 806 91.14 -80.82 48.91
CA PHE E 806 91.81 -82.07 48.56
C PHE E 806 91.59 -82.33 47.07
N GLU E 807 90.35 -82.18 46.60
CA GLU E 807 90.08 -82.24 45.17
C GLU E 807 90.81 -81.17 44.38
N GLU E 808 90.93 -79.96 44.94
CA GLU E 808 91.55 -78.85 44.21
C GLU E 808 93.04 -78.68 44.51
N LYS E 809 93.60 -79.43 45.48
CA LYS E 809 94.95 -79.21 45.98
C LYS E 809 95.97 -80.14 45.32
N LYS E 810 95.58 -80.84 44.26
CA LYS E 810 96.44 -81.86 43.66
C LYS E 810 97.60 -81.22 42.89
N LYS E 811 97.36 -80.08 42.25
CA LYS E 811 98.43 -79.41 41.51
C LYS E 811 99.42 -78.72 42.46
N GLN E 812 99.01 -78.46 43.71
CA GLN E 812 99.93 -77.91 44.68
C GLN E 812 100.76 -79.00 45.35
N ARG E 813 100.11 -80.11 45.75
CA ARG E 813 100.81 -81.12 46.53
C ARG E 813 101.63 -82.06 45.65
N GLU E 814 101.29 -82.18 44.36
CA GLU E 814 101.93 -83.16 43.49
C GLU E 814 102.92 -82.47 42.54
N ILE E 815 102.45 -81.51 41.75
CA ILE E 815 103.26 -80.90 40.70
C ILE E 815 103.44 -79.41 40.97
N ALA E 823 104.24 -89.64 51.18
CA ALA E 823 103.38 -88.77 50.38
C ALA E 823 103.29 -87.38 51.03
N ALA E 824 102.39 -86.54 50.51
CA ALA E 824 102.22 -85.18 51.04
C ALA E 824 101.11 -85.14 52.09
N GLU E 825 99.87 -85.44 51.69
CA GLU E 825 98.76 -85.49 52.63
C GLU E 825 97.90 -86.73 52.47
N GLU E 826 98.26 -87.65 51.56
CA GLU E 826 97.40 -88.77 51.22
C GLU E 826 97.37 -89.84 52.31
N GLU E 827 98.36 -89.88 53.20
CA GLU E 827 98.25 -90.76 54.35
C GLU E 827 97.33 -90.12 55.40
N GLU E 828 97.35 -88.78 55.49
CA GLU E 828 96.46 -88.08 56.40
C GLU E 828 95.02 -88.11 55.88
N GLU E 829 94.85 -88.05 54.56
CA GLU E 829 93.51 -88.21 53.98
C GLU E 829 93.04 -89.66 54.10
N ASN E 830 93.96 -90.64 54.09
CA ASN E 830 93.53 -92.01 54.29
C ASN E 830 93.16 -92.26 55.75
N LYS E 831 93.79 -91.55 56.69
CA LYS E 831 93.40 -91.70 58.09
C LYS E 831 92.05 -91.06 58.36
N ARG E 832 91.79 -89.90 57.73
CA ARG E 832 90.49 -89.26 57.89
C ARG E 832 89.39 -90.03 57.16
N ILE E 833 89.69 -90.63 56.01
CA ILE E 833 88.69 -91.47 55.36
C ILE E 833 88.49 -92.75 56.15
N GLY E 834 89.55 -93.27 56.80
CA GLY E 834 89.37 -94.41 57.69
C GLY E 834 88.48 -94.09 58.88
N GLU E 835 88.50 -92.83 59.33
CA GLU E 835 87.52 -92.38 60.32
C GLU E 835 86.12 -92.32 59.73
N PHE E 836 85.97 -91.69 58.57
CA PHE E 836 84.65 -91.42 58.00
C PHE E 836 83.98 -92.69 57.48
N LYS E 837 84.74 -93.63 56.90
CA LYS E 837 84.15 -94.89 56.43
C LYS E 837 83.52 -95.68 57.57
N GLU E 838 84.05 -95.57 58.80
CA GLU E 838 83.43 -96.22 59.95
C GLU E 838 82.44 -95.32 60.67
N SER E 839 82.43 -94.03 60.35
CA SER E 839 81.35 -93.17 60.78
C SER E 839 80.07 -93.40 59.97
N ILE E 840 80.19 -93.97 58.76
CA ILE E 840 79.01 -94.28 57.95
C ILE E 840 78.04 -95.26 58.61
N PRO E 841 78.44 -96.46 59.06
CA PRO E 841 77.42 -97.38 59.60
C PRO E 841 76.77 -96.93 60.90
N LYS E 842 77.48 -96.14 61.72
CA LYS E 842 76.86 -95.48 62.86
C LYS E 842 75.75 -94.53 62.41
N MET E 843 76.00 -93.80 61.33
CA MET E 843 75.01 -92.89 60.76
C MET E 843 73.80 -93.62 60.17
N CYS E 844 74.01 -94.71 59.43
CA CYS E 844 72.87 -95.47 58.93
C CYS E 844 72.11 -96.19 60.04
N SER E 845 72.80 -96.60 61.12
CA SER E 845 72.06 -97.12 62.28
C SER E 845 71.29 -96.01 62.99
N GLN E 846 71.81 -94.78 62.95
CA GLN E 846 71.07 -93.63 63.45
C GLN E 846 69.81 -93.40 62.62
N LEU E 847 69.96 -93.37 61.29
CA LEU E 847 68.82 -93.07 60.44
C LEU E 847 67.76 -94.17 60.52
N ARG E 848 68.15 -95.42 60.73
CA ARG E 848 67.17 -96.48 60.98
C ARG E 848 66.52 -96.33 62.36
N ILE E 849 67.32 -96.05 63.39
CA ILE E 849 66.78 -95.97 64.74
C ILE E 849 65.79 -94.81 64.82
N LEU E 850 66.10 -93.72 64.14
CA LEU E 850 65.20 -92.58 64.03
C LEU E 850 63.93 -92.95 63.25
N THR E 851 64.03 -93.72 62.17
CA THR E 851 62.82 -94.13 61.47
C THR E 851 61.99 -95.09 62.32
N HIS E 852 62.63 -95.99 63.07
CA HIS E 852 61.87 -96.90 63.93
C HIS E 852 61.25 -96.18 65.13
N PHE E 853 61.80 -95.04 65.52
CA PHE E 853 61.08 -94.17 66.45
C PHE E 853 59.82 -93.60 65.80
N TYR E 854 59.90 -93.27 64.51
CA TYR E 854 58.77 -92.70 63.77
C TYR E 854 57.70 -93.74 63.43
N GLN E 855 58.10 -94.94 63.01
CA GLN E 855 57.14 -95.95 62.57
C GLN E 855 56.09 -96.27 63.61
N GLY E 856 56.52 -96.68 64.80
CA GLY E 856 55.59 -97.20 65.79
C GLY E 856 54.54 -96.17 66.21
N ILE E 857 54.94 -94.91 66.29
CA ILE E 857 54.00 -93.89 66.71
C ILE E 857 53.08 -93.47 65.55
N VAL E 858 53.54 -93.58 64.29
CA VAL E 858 52.65 -93.26 63.18
C VAL E 858 51.65 -94.41 62.98
N GLN E 859 52.06 -95.66 63.21
CA GLN E 859 51.11 -96.77 63.26
C GLN E 859 50.09 -96.57 64.38
N GLN E 860 50.60 -96.24 65.57
CA GLN E 860 49.74 -96.04 66.73
C GLN E 860 48.85 -94.82 66.57
N PHE E 861 49.21 -93.91 65.64
CA PHE E 861 48.38 -92.72 65.33
C PHE E 861 47.36 -92.98 64.22
N LEU E 862 47.83 -93.25 63.00
CA LEU E 862 46.95 -93.18 61.83
C LEU E 862 45.88 -94.26 61.85
N VAL E 863 46.15 -95.39 62.51
CA VAL E 863 45.17 -96.45 62.64
C VAL E 863 44.07 -96.05 63.62
N LEU E 864 44.40 -95.21 64.61
CA LEU E 864 43.50 -94.88 65.72
C LEU E 864 42.48 -93.80 65.37
N LEU E 865 42.54 -93.25 64.16
CA LEU E 865 41.60 -92.25 63.67
C LEU E 865 40.24 -92.85 63.33
N THR E 866 39.52 -93.32 64.36
CA THR E 866 38.32 -94.11 64.16
C THR E 866 37.05 -93.26 64.13
N THR E 867 36.95 -92.26 64.99
CA THR E 867 35.67 -91.72 65.46
C THR E 867 35.67 -90.19 65.34
N SER E 868 36.24 -89.66 64.27
CA SER E 868 36.38 -88.16 64.24
C SER E 868 35.54 -87.47 63.16
N SER E 869 36.01 -87.43 61.91
CA SER E 869 35.27 -86.80 60.78
C SER E 869 35.38 -87.81 59.64
N ASP E 870 34.40 -88.72 59.55
CA ASP E 870 34.49 -89.87 58.60
C ASP E 870 34.63 -89.43 57.12
N GLU E 871 34.15 -88.24 56.77
CA GLU E 871 34.41 -87.87 55.38
C GLU E 871 35.80 -87.25 55.15
N SER E 872 36.53 -86.88 56.21
CA SER E 872 37.76 -86.11 56.04
C SER E 872 38.97 -86.71 56.76
N LEU E 873 38.81 -87.29 57.95
CA LEU E 873 39.97 -87.71 58.73
C LEU E 873 40.12 -89.23 58.82
N ARG E 874 39.04 -89.98 58.96
CA ARG E 874 39.10 -91.38 58.53
C ARG E 874 39.52 -91.44 57.07
N PHE E 875 39.00 -90.52 56.25
CA PHE E 875 39.49 -90.31 54.89
C PHE E 875 40.98 -89.94 54.86
N LEU E 876 41.45 -89.04 55.74
CA LEU E 876 42.87 -88.71 55.74
C LEU E 876 43.73 -89.96 55.99
N SER E 877 43.35 -90.76 56.98
CA SER E 877 44.07 -91.99 57.29
C SER E 877 44.17 -92.90 56.07
N PHE E 878 43.10 -92.96 55.26
CA PHE E 878 43.12 -93.70 54.00
C PHE E 878 43.92 -92.99 52.91
N ARG E 879 43.87 -91.66 52.87
CA ARG E 879 44.45 -90.87 51.78
C ARG E 879 45.96 -90.73 51.90
N LEU E 880 46.48 -90.72 53.12
CA LEU E 880 47.92 -90.66 53.36
C LEU E 880 48.61 -91.96 52.95
N ASP E 881 49.91 -91.85 52.62
CA ASP E 881 50.79 -93.01 52.49
C ASP E 881 50.19 -94.08 51.54
N PHE E 882 49.83 -93.61 50.33
CA PHE E 882 48.98 -94.32 49.37
C PHE E 882 49.39 -95.78 49.08
N ASN E 883 50.69 -96.07 49.19
CA ASN E 883 51.23 -97.45 48.96
C ASN E 883 50.89 -98.34 50.17
N GLU E 884 49.64 -98.32 50.61
CA GLU E 884 49.13 -99.11 51.74
C GLU E 884 50.03 -99.02 52.98
N HIS E 885 50.82 -97.96 53.09
CA HIS E 885 51.79 -97.76 54.16
C HIS E 885 51.15 -97.04 55.36
N TYR E 886 51.69 -97.30 56.56
CA TYR E 886 51.19 -96.64 57.80
C TYR E 886 49.68 -96.84 57.92
N LYS E 887 49.13 -97.82 57.18
CA LYS E 887 47.68 -98.15 57.30
C LYS E 887 47.54 -99.67 57.30
N ALA E 888 48.42 -100.36 56.57
CA ALA E 888 48.43 -101.85 56.55
C ALA E 888 49.87 -102.31 56.78
N ARG E 889 50.75 -102.05 55.81
CA ARG E 889 52.17 -102.35 55.98
C ARG E 889 52.70 -101.85 57.33
N GLU E 890 53.52 -102.67 58.00
CA GLU E 890 54.11 -102.31 59.29
C GLU E 890 55.46 -101.57 59.19
N PRO E 891 56.49 -102.13 58.53
CA PRO E 891 57.79 -101.44 58.47
C PRO E 891 57.83 -100.28 57.48
N ARG E 892 58.87 -99.44 57.62
CA ARG E 892 59.25 -98.53 56.55
C ARG E 892 59.61 -99.30 55.27
N LEU E 893 59.24 -98.69 54.14
CA LEU E 893 59.72 -99.06 52.82
C LEU E 893 60.20 -97.79 52.12
N LEU F 150 4.03 -20.42 118.69
CA LEU F 150 4.43 -20.95 117.36
C LEU F 150 5.71 -20.20 116.92
N GLN F 151 6.84 -20.65 117.43
CA GLN F 151 8.14 -20.01 117.17
C GLN F 151 8.77 -20.52 115.89
N GLN F 152 8.22 -21.59 115.31
CA GLN F 152 8.78 -22.22 114.11
C GLN F 152 8.72 -21.25 112.92
N SER F 153 7.56 -20.62 112.73
CA SER F 153 7.35 -19.62 111.68
C SER F 153 8.24 -18.39 111.84
N LEU F 154 8.89 -18.25 113.00
CA LEU F 154 9.83 -17.15 113.22
C LEU F 154 11.29 -17.60 113.15
N GLU F 155 11.59 -18.88 113.39
CA GLU F 155 12.96 -19.40 113.28
C GLU F 155 13.28 -19.82 111.84
N LEU F 156 12.41 -20.62 111.22
CA LEU F 156 12.66 -21.04 109.84
C LEU F 156 12.76 -19.84 108.92
N LYS F 157 11.93 -18.82 109.19
CA LYS F 157 11.96 -17.56 108.43
C LYS F 157 13.37 -16.95 108.43
N ARG F 158 14.00 -16.87 109.59
CA ARG F 158 15.35 -16.29 109.68
C ARG F 158 16.37 -17.16 108.94
N LYS F 159 16.31 -18.48 109.13
CA LYS F 159 17.24 -19.36 108.42
C LYS F 159 17.13 -19.19 106.90
N MET F 160 15.91 -19.20 106.37
CA MET F 160 15.77 -19.24 104.91
C MET F 160 16.13 -17.91 104.26
N LEU F 161 15.93 -16.78 104.95
CA LEU F 161 16.40 -15.52 104.36
C LEU F 161 17.90 -15.34 104.55
N ARG F 162 18.48 -15.79 105.67
CA ARG F 162 19.94 -15.89 105.76
C ARG F 162 20.51 -16.75 104.62
N ASP F 163 19.89 -17.90 104.34
CA ASP F 163 20.26 -18.74 103.19
C ASP F 163 20.04 -18.07 101.84
N LYS F 164 19.66 -16.79 101.84
CA LYS F 164 19.57 -15.98 100.64
C LYS F 164 20.37 -14.68 100.73
N GLN F 165 20.65 -14.18 101.93
CA GLN F 165 21.59 -13.10 102.17
C GLN F 165 23.05 -13.56 102.27
N ASN F 166 23.31 -14.85 102.50
CA ASN F 166 24.62 -15.29 102.97
C ASN F 166 25.69 -15.24 101.88
N LYS F 167 25.54 -16.02 100.82
CA LYS F 167 26.63 -16.20 99.86
C LYS F 167 26.78 -15.01 98.92
N LYS F 168 25.67 -14.33 98.60
CA LYS F 168 25.63 -13.27 97.60
C LYS F 168 24.97 -12.02 98.14
N ASN F 169 25.52 -10.85 97.75
CA ASN F 169 24.91 -9.55 97.96
C ASN F 169 24.47 -8.93 96.64
N SER F 170 24.29 -9.76 95.61
CA SER F 170 23.77 -9.34 94.32
C SER F 170 22.30 -8.94 94.43
N GLY F 171 22.02 -7.66 94.21
CA GLY F 171 20.77 -7.02 94.62
C GLY F 171 20.82 -6.49 96.04
N GLN F 172 20.66 -5.17 96.19
CA GLN F 172 20.83 -4.48 97.45
C GLN F 172 19.60 -4.57 98.38
N HIS F 173 19.86 -4.29 99.67
CA HIS F 173 18.90 -3.98 100.75
C HIS F 173 17.64 -4.88 100.77
N LEU F 174 17.85 -6.18 101.01
CA LEU F 174 16.80 -7.20 100.98
C LEU F 174 15.60 -6.86 101.90
N PRO F 175 14.38 -6.78 101.37
CA PRO F 175 13.20 -6.44 102.18
C PRO F 175 12.67 -7.58 103.07
N ILE F 176 11.92 -7.18 104.12
CA ILE F 176 11.13 -8.09 104.96
C ILE F 176 9.74 -7.45 105.17
N PHE F 177 8.68 -8.29 105.20
CA PHE F 177 7.29 -7.80 105.30
C PHE F 177 7.00 -7.19 106.68
N PRO F 178 6.24 -6.08 106.74
CA PRO F 178 5.77 -5.55 108.03
C PRO F 178 5.05 -6.59 108.90
N ALA F 179 5.28 -6.50 110.22
CA ALA F 179 4.99 -7.62 111.12
C ALA F 179 3.49 -7.94 111.23
N TRP F 180 2.60 -6.94 111.13
CA TRP F 180 1.17 -7.15 111.36
C TRP F 180 0.54 -8.21 110.46
N VAL F 181 1.17 -8.56 109.34
CA VAL F 181 0.59 -9.57 108.46
C VAL F 181 0.52 -10.95 109.12
N TYR F 182 1.44 -11.24 110.06
CA TYR F 182 1.63 -12.59 110.58
C TYR F 182 0.79 -12.91 111.82
N GLU F 183 -0.06 -11.98 112.28
CA GLU F 183 -0.61 -12.05 113.64
C GLU F 183 -2.12 -11.77 113.86
N ARG F 184 -2.83 -11.41 112.80
CA ARG F 184 -4.31 -11.24 112.85
C ARG F 184 -4.90 -12.62 112.51
N PRO F 185 -6.00 -13.09 113.15
CA PRO F 185 -6.53 -14.41 112.87
C PRO F 185 -7.25 -14.42 111.54
N ALA F 186 -7.61 -13.24 111.03
CA ALA F 186 -8.38 -13.11 109.77
C ALA F 186 -7.44 -13.15 108.57
N LEU F 187 -6.11 -13.07 108.75
CA LEU F 187 -5.19 -13.28 107.62
C LEU F 187 -4.54 -14.66 107.71
N ILE F 188 -5.38 -15.61 108.14
CA ILE F 188 -5.17 -17.05 108.21
C ILE F 188 -6.47 -17.64 107.67
N GLY F 189 -6.37 -18.74 106.92
CA GLY F 189 -7.58 -19.41 106.48
C GLY F 189 -8.22 -20.28 107.54
N ASP F 190 -8.38 -19.73 108.75
CA ASP F 190 -8.90 -20.45 109.90
C ASP F 190 -9.26 -19.46 111.00
N PHE F 191 -10.19 -19.84 111.86
CA PHE F 191 -10.77 -18.89 112.82
C PHE F 191 -11.27 -19.57 114.09
N ALA F 202 -27.72 -20.89 117.86
CA ALA F 202 -28.17 -20.52 119.19
C ALA F 202 -29.41 -21.31 119.60
N LEU F 203 -29.70 -22.41 118.90
CA LEU F 203 -30.89 -23.20 119.11
C LEU F 203 -30.57 -24.45 119.93
N PRO F 204 -31.57 -25.01 120.64
CA PRO F 204 -31.47 -26.41 121.06
C PRO F 204 -31.53 -27.36 119.87
N ILE F 205 -30.35 -27.58 119.26
CA ILE F 205 -30.23 -28.26 117.98
C ILE F 205 -30.70 -29.71 118.07
N GLY F 206 -30.45 -30.37 119.21
CA GLY F 206 -30.68 -31.81 119.31
C GLY F 206 -32.13 -32.21 119.45
N THR F 207 -33.02 -31.26 119.70
CA THR F 207 -34.43 -31.52 119.88
C THR F 207 -35.22 -31.40 118.58
N LEU F 208 -34.58 -30.97 117.48
CA LEU F 208 -35.23 -30.63 116.23
C LEU F 208 -35.40 -31.89 115.37
N PRO F 209 -36.47 -32.00 114.58
CA PRO F 209 -36.59 -33.15 113.66
C PRO F 209 -35.55 -33.14 112.55
N LEU F 210 -35.44 -34.29 111.87
CA LEU F 210 -34.38 -34.50 110.88
C LEU F 210 -34.50 -33.54 109.71
N ALA F 211 -35.72 -33.10 109.38
CA ALA F 211 -35.93 -32.08 108.37
C ALA F 211 -35.23 -30.77 108.73
N SER F 212 -34.99 -30.52 110.01
CA SER F 212 -34.00 -29.53 110.42
C SER F 212 -32.58 -30.10 110.32
N GLN F 213 -32.33 -31.23 110.99
CA GLN F 213 -30.97 -31.68 111.25
C GLN F 213 -30.07 -31.68 110.00
N GLU F 214 -30.45 -32.42 108.96
CA GLU F 214 -29.54 -32.58 107.82
C GLU F 214 -29.18 -31.22 107.23
N SER F 215 -30.21 -30.43 106.92
CA SER F 215 -30.00 -29.08 106.39
C SER F 215 -29.27 -28.21 107.39
N ALA F 216 -29.59 -28.35 108.68
CA ALA F 216 -28.99 -27.50 109.70
C ALA F 216 -27.49 -27.73 109.79
N VAL F 217 -27.06 -28.99 109.86
CA VAL F 217 -25.64 -29.25 110.05
C VAL F 217 -24.84 -28.84 108.81
N VAL F 218 -25.41 -28.98 107.60
CA VAL F 218 -24.64 -28.50 106.45
C VAL F 218 -24.47 -26.99 106.48
N GLU F 219 -25.25 -26.23 107.27
CA GLU F 219 -24.96 -24.81 107.39
C GLU F 219 -23.58 -24.59 108.01
N ASP F 220 -23.39 -24.97 109.28
CA ASP F 220 -22.12 -24.69 109.93
C ASP F 220 -21.00 -25.53 109.33
N LEU F 221 -21.32 -26.71 108.76
CA LEU F 221 -20.30 -27.39 107.96
C LEU F 221 -19.89 -26.52 106.80
N LEU F 222 -20.87 -25.97 106.07
CA LEU F 222 -20.53 -25.22 104.88
C LEU F 222 -19.75 -23.95 105.24
N TYR F 223 -20.00 -23.37 106.42
CA TYR F 223 -19.07 -22.38 106.94
C TYR F 223 -17.69 -23.01 107.14
N VAL F 224 -17.64 -24.09 107.93
CA VAL F 224 -16.38 -24.69 108.35
C VAL F 224 -15.63 -25.33 107.21
N LEU F 225 -16.25 -25.50 106.03
CA LEU F 225 -15.49 -25.84 104.84
C LEU F 225 -14.49 -24.75 104.50
N VAL F 226 -14.90 -23.50 104.64
CA VAL F 226 -14.02 -22.34 104.60
C VAL F 226 -13.36 -22.18 105.95
N GLY F 227 -12.33 -21.35 106.03
CA GLY F 227 -11.67 -21.07 107.29
C GLY F 227 -12.48 -20.16 108.20
N VAL F 228 -13.62 -20.66 108.70
CA VAL F 228 -14.43 -19.92 109.66
C VAL F 228 -15.07 -20.90 110.64
N ASP F 229 -15.51 -20.38 111.78
CA ASP F 229 -16.12 -21.15 112.85
C ASP F 229 -17.51 -21.65 112.43
N GLY F 230 -18.02 -22.65 113.14
CA GLY F 230 -19.34 -23.21 112.86
C GLY F 230 -20.40 -22.67 113.79
N ARG F 231 -21.35 -23.55 114.16
CA ARG F 231 -22.38 -23.20 115.15
C ARG F 231 -22.66 -24.33 116.14
N TYR F 232 -22.59 -25.61 115.72
CA TYR F 232 -22.63 -26.81 116.56
C TYR F 232 -21.41 -27.68 116.29
N VAL F 233 -20.95 -27.78 115.04
CA VAL F 233 -19.56 -28.15 114.81
C VAL F 233 -18.70 -26.96 115.24
N SER F 234 -17.46 -27.24 115.65
CA SER F 234 -16.59 -26.19 116.15
C SER F 234 -15.13 -26.55 115.89
N ALA F 235 -14.22 -25.72 116.38
CA ALA F 235 -12.79 -25.98 116.30
C ALA F 235 -12.12 -25.55 117.61
N GLN F 236 -11.73 -26.54 118.42
CA GLN F 236 -10.90 -26.32 119.60
C GLN F 236 -9.51 -25.81 119.20
N PRO F 237 -8.92 -24.88 119.97
CA PRO F 237 -7.87 -24.02 119.42
C PRO F 237 -6.58 -24.73 119.03
N LEU F 238 -5.94 -24.14 118.00
CA LEU F 238 -4.65 -24.59 117.52
C LEU F 238 -3.54 -24.13 118.48
N ALA F 239 -2.55 -25.00 118.70
CA ALA F 239 -1.30 -24.60 119.36
C ALA F 239 -0.19 -25.45 118.74
N GLY F 240 0.41 -24.92 117.68
CA GLY F 240 1.18 -25.72 116.75
C GLY F 240 0.25 -26.69 116.03
N ARG F 241 0.41 -27.98 116.33
CA ARG F 241 -0.68 -28.96 116.26
C ARG F 241 -1.22 -29.14 114.84
N GLN F 242 -0.32 -29.55 113.93
CA GLN F 242 -0.55 -29.42 112.50
C GLN F 242 -1.51 -30.47 111.93
N SER F 243 -2.11 -31.31 112.79
CA SER F 243 -3.18 -32.21 112.33
C SER F 243 -4.50 -31.46 112.18
N ARG F 244 -4.68 -30.35 112.91
CA ARG F 244 -5.84 -29.46 112.82
C ARG F 244 -7.14 -30.20 113.21
N THR F 245 -7.27 -30.43 114.51
CA THR F 245 -8.41 -31.17 115.05
C THR F 245 -9.66 -30.30 115.01
N PHE F 246 -10.83 -30.97 114.96
CA PHE F 246 -12.10 -30.28 114.95
C PHE F 246 -13.04 -30.86 116.00
N LEU F 247 -13.78 -29.98 116.67
CA LEU F 247 -14.68 -30.34 117.75
C LEU F 247 -16.11 -30.46 117.23
N VAL F 248 -16.78 -31.57 117.57
CA VAL F 248 -18.18 -31.78 117.25
C VAL F 248 -18.95 -31.97 118.55
N ASP F 249 -20.23 -31.56 118.55
CA ASP F 249 -21.05 -31.44 119.76
C ASP F 249 -21.62 -32.78 120.21
N PRO F 250 -21.97 -32.91 121.51
CA PRO F 250 -22.85 -34.00 121.95
C PRO F 250 -24.31 -33.81 121.55
N ASN F 251 -25.10 -34.86 121.82
CA ASN F 251 -26.51 -34.98 121.42
C ASN F 251 -26.70 -34.96 119.91
N LEU F 252 -25.65 -35.32 119.17
CA LEU F 252 -25.66 -35.31 117.72
C LEU F 252 -25.74 -36.76 117.23
N ASP F 253 -26.50 -36.98 116.16
CA ASP F 253 -26.75 -38.34 115.69
C ASP F 253 -25.48 -38.94 115.08
N LEU F 254 -25.18 -40.18 115.49
CA LEU F 254 -23.90 -40.78 115.15
C LEU F 254 -23.83 -41.22 113.70
N SER F 255 -24.98 -41.47 113.06
CA SER F 255 -25.00 -41.78 111.63
C SER F 255 -24.68 -40.53 110.80
N ILE F 256 -25.09 -39.34 111.27
CA ILE F 256 -24.66 -38.09 110.66
C ILE F 256 -23.16 -37.91 110.90
N ARG F 257 -22.71 -38.27 112.10
CA ARG F 257 -21.38 -37.90 112.59
C ARG F 257 -20.27 -38.44 111.70
N GLU F 258 -20.43 -39.66 111.19
CA GLU F 258 -19.37 -40.30 110.43
C GLU F 258 -19.16 -39.59 109.10
N LEU F 259 -20.24 -39.09 108.50
CA LEU F 259 -20.11 -38.36 107.26
C LEU F 259 -19.48 -36.99 107.50
N VAL F 260 -19.75 -36.39 108.67
CA VAL F 260 -19.05 -35.17 109.06
C VAL F 260 -17.54 -35.45 109.11
N HIS F 261 -17.15 -36.53 109.79
CA HIS F 261 -15.74 -36.87 109.88
C HIS F 261 -15.13 -37.27 108.54
N ARG F 262 -15.96 -37.68 107.58
CA ARG F 262 -15.46 -37.89 106.22
C ARG F 262 -15.08 -36.56 105.56
N ILE F 263 -15.80 -35.48 105.88
CA ILE F 263 -15.61 -34.19 105.21
C ILE F 263 -14.51 -33.36 105.90
N LEU F 264 -14.50 -33.33 107.24
CA LEU F 264 -13.65 -32.42 107.99
C LEU F 264 -12.17 -32.37 107.58
N PRO F 265 -11.51 -33.47 107.18
CA PRO F 265 -10.14 -33.36 106.64
C PRO F 265 -9.94 -32.32 105.55
N VAL F 266 -11.02 -31.93 104.87
CA VAL F 266 -10.96 -30.78 103.97
C VAL F 266 -10.59 -29.54 104.77
N ALA F 267 -11.37 -29.27 105.82
CA ALA F 267 -11.13 -28.11 106.67
C ALA F 267 -9.73 -28.15 107.30
N ALA F 268 -9.26 -29.35 107.65
CA ALA F 268 -7.95 -29.47 108.29
C ALA F 268 -6.83 -29.16 107.30
N SER F 269 -6.86 -29.82 106.14
CA SER F 269 -5.84 -29.59 105.12
C SER F 269 -5.91 -28.16 104.62
N TYR F 270 -7.12 -27.63 104.48
CA TYR F 270 -7.33 -26.22 104.09
C TYR F 270 -6.64 -25.27 105.04
N SER F 271 -6.89 -25.41 106.34
CA SER F 271 -6.21 -24.55 107.32
C SER F 271 -4.70 -24.64 107.17
N ALA F 272 -4.17 -25.83 106.89
CA ALA F 272 -2.74 -25.97 106.62
C ALA F 272 -2.34 -25.29 105.32
N VAL F 273 -3.14 -25.44 104.25
CA VAL F 273 -2.80 -24.76 103.00
C VAL F 273 -2.71 -23.25 103.23
N THR F 274 -3.73 -22.68 103.88
CA THR F 274 -3.79 -21.23 104.02
C THR F 274 -2.76 -20.73 105.03
N ARG F 275 -2.38 -21.56 106.01
CA ARG F 275 -1.26 -21.21 106.86
C ARG F 275 0.05 -21.29 106.11
N PHE F 276 0.13 -22.13 105.07
CA PHE F 276 1.28 -22.09 104.17
C PHE F 276 1.25 -20.76 103.41
N ILE F 277 0.06 -20.32 102.97
CA ILE F 277 -0.08 -19.11 102.18
C ILE F 277 0.39 -17.87 102.93
N GLU F 278 -0.14 -17.64 104.12
CA GLU F 278 0.19 -16.41 104.83
C GLU F 278 1.68 -16.31 105.08
N GLU F 279 2.31 -17.43 105.43
CA GLU F 279 3.71 -17.42 105.84
C GLU F 279 4.67 -17.48 104.66
N LYS F 280 4.55 -18.50 103.80
CA LYS F 280 5.63 -18.81 102.87
C LYS F 280 5.65 -17.92 101.63
N SER F 281 4.69 -17.02 101.49
CA SER F 281 4.66 -16.06 100.40
C SER F 281 5.58 -14.86 100.62
N SER F 282 6.21 -14.77 101.79
CA SER F 282 7.00 -13.62 102.21
C SER F 282 8.39 -13.62 101.55
N PHE F 283 9.04 -12.44 101.59
CA PHE F 283 10.41 -12.30 101.05
C PHE F 283 11.40 -13.30 101.62
N GLU F 284 11.11 -13.85 102.80
CA GLU F 284 12.03 -14.73 103.51
C GLU F 284 12.19 -16.13 102.91
N TYR F 285 11.40 -16.51 101.90
CA TYR F 285 11.37 -17.89 101.44
C TYR F 285 11.72 -18.14 99.96
N GLY F 286 12.12 -17.14 99.19
CA GLY F 286 12.69 -17.45 97.88
C GLY F 286 11.67 -17.44 96.75
N GLN F 287 12.14 -17.07 95.56
CA GLN F 287 11.25 -16.81 94.42
C GLN F 287 10.44 -18.03 93.99
N VAL F 288 10.99 -19.25 94.16
CA VAL F 288 10.25 -20.48 93.88
C VAL F 288 9.04 -20.61 94.81
N ASN F 289 9.19 -20.28 96.08
CA ASN F 289 8.04 -20.29 96.97
C ASN F 289 7.06 -19.15 96.65
N HIS F 290 7.54 -18.01 96.17
CA HIS F 290 6.64 -16.94 95.78
C HIS F 290 5.70 -17.35 94.65
N ALA F 291 6.25 -17.84 93.54
CA ALA F 291 5.40 -18.23 92.42
C ALA F 291 4.52 -19.44 92.75
N LEU F 292 5.03 -20.38 93.56
CA LEU F 292 4.19 -21.48 94.01
C LEU F 292 3.09 -21.02 94.96
N ALA F 293 3.40 -20.08 95.85
CA ALA F 293 2.37 -19.60 96.76
C ALA F 293 1.27 -18.87 96.01
N ALA F 294 1.63 -18.21 94.90
CA ALA F 294 0.62 -17.69 93.98
C ALA F 294 -0.20 -18.82 93.39
N ALA F 295 0.45 -19.90 92.96
CA ALA F 295 -0.29 -21.00 92.35
C ALA F 295 -1.29 -21.58 93.35
N MET F 296 -0.87 -21.79 94.59
CA MET F 296 -1.80 -22.43 95.53
C MET F 296 -2.77 -21.44 96.17
N ARG F 297 -2.51 -20.11 96.14
CA ARG F 297 -3.59 -19.19 96.48
C ARG F 297 -4.62 -19.09 95.36
N THR F 298 -4.33 -19.60 94.17
CA THR F 298 -5.32 -19.68 93.10
C THR F 298 -6.55 -20.47 93.52
N LEU F 299 -6.38 -21.77 93.82
CA LEU F 299 -7.51 -22.69 93.89
C LEU F 299 -8.41 -22.41 95.07
N VAL F 300 -7.93 -21.63 96.05
CA VAL F 300 -8.73 -21.36 97.23
C VAL F 300 -10.03 -20.65 96.86
N LYS F 301 -9.99 -19.76 95.88
CA LYS F 301 -11.23 -19.12 95.46
C LYS F 301 -12.17 -20.11 94.79
N GLU F 302 -11.64 -21.08 94.02
CA GLU F 302 -12.53 -22.09 93.47
C GLU F 302 -13.19 -22.89 94.57
N HIS F 303 -12.49 -23.14 95.66
CA HIS F 303 -13.14 -23.76 96.81
C HIS F 303 -14.26 -22.86 97.33
N LEU F 304 -14.01 -21.55 97.42
CA LEU F 304 -15.05 -20.62 97.81
C LEU F 304 -16.22 -20.62 96.82
N ILE F 305 -15.92 -20.67 95.51
CA ILE F 305 -16.98 -20.74 94.52
C ILE F 305 -17.85 -21.96 94.77
N LEU F 306 -17.22 -23.12 94.94
CA LEU F 306 -17.97 -24.32 95.28
C LEU F 306 -18.83 -24.06 96.51
N VAL F 307 -18.23 -23.49 97.55
CA VAL F 307 -18.94 -23.23 98.81
C VAL F 307 -20.18 -22.38 98.55
N SER F 308 -20.05 -21.35 97.70
CA SER F 308 -21.18 -20.50 97.37
C SER F 308 -22.20 -21.23 96.51
N GLN F 309 -21.75 -22.08 95.59
CA GLN F 309 -22.67 -22.88 94.79
C GLN F 309 -23.46 -23.86 95.66
N LEU F 310 -22.85 -24.38 96.72
CA LEU F 310 -23.59 -25.19 97.67
C LEU F 310 -24.51 -24.31 98.52
N GLU F 311 -24.04 -23.13 98.89
CA GLU F 311 -24.83 -22.24 99.75
C GLU F 311 -26.15 -21.83 99.12
N GLN F 312 -26.19 -21.58 97.80
CA GLN F 312 -27.46 -21.26 97.16
C GLN F 312 -28.43 -22.44 97.17
N LEU F 313 -27.94 -23.67 97.06
CA LEU F 313 -28.84 -24.80 97.24
C LEU F 313 -29.29 -24.87 98.68
N HIS F 314 -28.37 -24.68 99.62
CA HIS F 314 -28.71 -24.72 101.03
C HIS F 314 -29.76 -23.66 101.35
N ARG F 315 -29.62 -22.48 100.73
CA ARG F 315 -30.57 -21.40 100.98
C ARG F 315 -31.96 -21.78 100.48
N GLN F 316 -32.03 -22.47 99.34
CA GLN F 316 -33.29 -23.02 98.87
C GLN F 316 -33.73 -24.23 99.69
N GLY F 317 -32.82 -24.83 100.46
CA GLY F 317 -33.16 -25.98 101.28
C GLY F 317 -33.33 -27.27 100.51
N LEU F 318 -32.76 -27.34 99.31
CA LEU F 318 -32.82 -28.52 98.46
C LEU F 318 -31.65 -29.46 98.70
N LEU F 319 -30.82 -29.19 99.68
CA LEU F 319 -29.49 -29.77 99.71
C LEU F 319 -29.47 -31.12 100.43
N SER F 320 -28.55 -31.98 99.99
CA SER F 320 -28.40 -33.34 100.50
C SER F 320 -26.97 -33.57 100.94
N LEU F 321 -26.81 -34.24 102.09
CA LEU F 321 -25.49 -34.62 102.55
C LEU F 321 -24.78 -35.49 101.53
N GLN F 322 -25.51 -36.45 100.93
CA GLN F 322 -24.88 -37.34 99.97
C GLN F 322 -24.48 -36.60 98.69
N LYS F 323 -25.31 -35.64 98.23
CA LYS F 323 -24.87 -34.80 97.12
C LYS F 323 -23.64 -34.00 97.51
N LEU F 324 -23.66 -33.37 98.69
CA LEU F 324 -22.51 -32.58 99.13
C LEU F 324 -21.25 -33.43 99.09
N TRP F 325 -21.31 -34.58 99.75
CA TRP F 325 -20.16 -35.49 99.81
C TRP F 325 -19.68 -35.87 98.42
N PHE F 326 -20.63 -36.21 97.54
CA PHE F 326 -20.31 -36.53 96.16
C PHE F 326 -19.57 -35.38 95.50
N TYR F 327 -20.04 -34.15 95.70
CA TYR F 327 -19.47 -33.01 94.99
C TYR F 327 -18.05 -32.68 95.46
N ILE F 328 -17.75 -32.81 96.75
CA ILE F 328 -16.46 -32.33 97.25
C ILE F 328 -15.28 -33.20 96.83
N GLN F 329 -15.51 -34.32 96.14
CA GLN F 329 -14.43 -35.27 95.94
C GLN F 329 -13.25 -34.69 95.16
N PRO F 330 -13.44 -34.00 94.03
CA PRO F 330 -12.26 -33.44 93.35
C PRO F 330 -11.58 -32.38 94.18
N ALA F 331 -12.32 -31.70 95.05
CA ALA F 331 -11.70 -30.74 95.96
C ALA F 331 -10.82 -31.46 96.96
N MET F 332 -11.36 -32.46 97.66
CA MET F 332 -10.56 -33.24 98.58
C MET F 332 -9.27 -33.72 97.94
N ARG F 333 -9.41 -34.36 96.78
CA ARG F 333 -8.25 -34.85 96.06
C ARG F 333 -7.29 -33.71 95.78
N THR F 334 -7.82 -32.61 95.24
CA THR F 334 -7.01 -31.48 94.79
C THR F 334 -6.21 -30.83 95.93
N MET F 335 -6.85 -30.54 97.07
CA MET F 335 -6.08 -29.90 98.13
C MET F 335 -5.29 -30.91 98.94
N ASP F 336 -5.67 -32.19 98.93
CA ASP F 336 -4.75 -33.21 99.43
C ASP F 336 -3.47 -33.22 98.60
N ILE F 337 -3.56 -33.03 97.28
CA ILE F 337 -2.33 -32.92 96.50
C ILE F 337 -1.47 -31.79 97.04
N LEU F 338 -2.05 -30.59 97.15
CA LEU F 338 -1.29 -29.43 97.60
C LEU F 338 -0.73 -29.64 99.00
N ALA F 339 -1.58 -30.09 99.94
CA ALA F 339 -1.13 -30.35 101.30
C ALA F 339 0.10 -31.26 101.35
N SER F 340 0.25 -32.19 100.42
CA SER F 340 1.44 -33.05 100.40
C SER F 340 2.70 -32.28 100.02
N LEU F 341 2.62 -31.45 98.98
CA LEU F 341 3.76 -30.61 98.61
C LEU F 341 4.06 -29.61 99.72
N ALA F 342 3.02 -28.91 100.17
CA ALA F 342 3.17 -27.91 101.23
C ALA F 342 3.77 -28.52 102.48
N THR F 343 3.18 -29.62 102.98
CA THR F 343 3.70 -30.21 104.21
C THR F 343 5.14 -30.69 104.03
N SER F 344 5.50 -31.16 102.83
CA SER F 344 6.89 -31.53 102.54
C SER F 344 7.83 -30.33 102.58
N VAL F 345 7.46 -29.22 101.92
CA VAL F 345 8.23 -27.97 102.01
C VAL F 345 8.28 -27.48 103.45
N ASP F 346 7.22 -27.74 104.21
CA ASP F 346 7.14 -27.44 105.64
C ASP F 346 7.96 -28.39 106.50
N LYS F 347 8.42 -29.53 105.96
CA LYS F 347 9.40 -30.34 106.66
C LYS F 347 10.76 -29.64 106.62
N GLY F 348 11.00 -28.79 107.62
CA GLY F 348 12.24 -28.06 107.75
C GLY F 348 12.33 -26.91 106.77
N GLU F 349 12.65 -27.25 105.52
CA GLU F 349 12.79 -26.29 104.43
C GLU F 349 12.60 -27.00 103.11
N CYS F 350 12.23 -26.22 102.09
CA CYS F 350 12.58 -26.49 100.70
C CYS F 350 12.88 -25.15 100.03
N LEU F 351 14.14 -24.74 100.08
CA LEU F 351 14.61 -23.56 99.36
C LEU F 351 14.84 -23.94 97.90
N GLY F 352 14.21 -23.21 96.98
CA GLY F 352 14.60 -23.32 95.59
C GLY F 352 14.80 -24.75 95.10
N GLY F 353 15.99 -25.02 94.58
CA GLY F 353 16.30 -26.33 94.04
C GLY F 353 16.01 -27.53 94.92
N SER F 354 16.13 -27.40 96.25
CA SER F 354 15.75 -28.53 97.10
C SER F 354 14.27 -28.86 96.91
N THR F 355 13.43 -27.84 96.77
CA THR F 355 12.04 -28.05 96.34
C THR F 355 11.97 -28.74 94.98
N LEU F 356 12.88 -28.41 94.10
CA LEU F 356 12.83 -28.92 92.73
C LEU F 356 13.21 -30.38 92.62
N SER F 357 13.42 -31.04 93.75
CA SER F 357 13.18 -32.47 93.82
C SER F 357 11.68 -32.71 93.64
N LEU F 358 10.89 -32.29 94.64
CA LEU F 358 9.44 -32.50 94.65
C LEU F 358 8.76 -32.17 93.33
N LEU F 359 9.12 -31.04 92.71
CA LEU F 359 8.40 -30.56 91.54
C LEU F 359 8.64 -31.37 90.27
N HIS F 360 9.68 -32.20 90.21
CA HIS F 360 9.71 -33.32 89.29
C HIS F 360 9.13 -34.58 89.91
N ASP F 361 9.58 -34.90 91.13
CA ASP F 361 9.41 -36.23 91.69
C ASP F 361 7.97 -36.51 92.08
N ARG F 362 7.24 -35.49 92.53
CA ARG F 362 5.84 -35.65 92.90
C ARG F 362 4.94 -35.82 91.70
N SER F 363 5.34 -35.28 90.54
CA SER F 363 4.58 -35.51 89.32
C SER F 363 4.70 -36.95 88.83
N PHE F 364 5.89 -37.55 88.94
CA PHE F 364 6.03 -38.99 88.75
C PHE F 364 5.23 -39.77 89.80
N SER F 365 5.33 -39.40 91.08
CA SER F 365 4.57 -40.05 92.14
C SER F 365 3.06 -40.00 91.94
N TYR F 366 2.55 -39.07 91.15
CA TYR F 366 1.13 -39.00 90.80
C TYR F 366 0.85 -39.34 89.33
N THR F 367 1.84 -39.82 88.58
CA THR F 367 1.68 -39.99 87.14
C THR F 367 0.55 -40.96 86.79
N GLY F 368 0.23 -41.91 87.69
CA GLY F 368 -0.80 -42.90 87.40
C GLY F 368 -2.22 -42.44 87.68
N ASP F 369 -2.37 -41.38 88.47
CA ASP F 369 -3.67 -40.98 89.01
C ASP F 369 -4.53 -40.24 87.96
N SER F 370 -3.88 -39.43 87.13
CA SER F 370 -4.45 -38.73 85.97
C SER F 370 -5.42 -37.59 86.32
N GLN F 371 -5.40 -37.08 87.56
CA GLN F 371 -5.96 -35.76 87.84
C GLN F 371 -4.93 -34.96 88.63
N ALA F 372 -4.36 -35.60 89.65
CA ALA F 372 -3.24 -35.01 90.37
C ALA F 372 -2.07 -34.74 89.44
N GLN F 373 -1.98 -35.45 88.31
CA GLN F 373 -0.87 -35.26 87.39
C GLN F 373 -0.84 -33.86 86.77
N GLU F 374 -1.91 -33.44 86.09
CA GLU F 374 -1.89 -32.11 85.48
C GLU F 374 -1.92 -31.02 86.52
N LEU F 375 -2.53 -31.27 87.67
CA LEU F 375 -2.41 -30.34 88.78
C LEU F 375 -0.94 -30.11 89.12
N CYS F 376 -0.17 -31.19 89.32
CA CYS F 376 1.25 -31.04 89.59
C CYS F 376 2.02 -30.42 88.43
N LEU F 377 1.59 -30.64 87.18
CA LEU F 377 2.14 -29.84 86.09
C LEU F 377 1.89 -28.34 86.31
N TYR F 378 0.68 -27.96 86.72
CA TYR F 378 0.40 -26.55 86.96
C TYR F 378 1.29 -26.00 88.07
N LEU F 379 1.31 -26.66 89.22
CA LEU F 379 2.14 -26.18 90.32
C LEU F 379 3.59 -26.03 89.91
N THR F 380 4.11 -26.94 89.08
CA THR F 380 5.48 -26.85 88.62
C THR F 380 5.65 -25.79 87.53
N LYS F 381 4.69 -25.68 86.60
CA LYS F 381 4.73 -24.60 85.62
C LYS F 381 4.82 -23.22 86.26
N ALA F 382 4.23 -23.03 87.44
CA ALA F 382 4.31 -21.75 88.11
C ALA F 382 5.70 -21.54 88.72
N ALA F 383 6.15 -22.53 89.48
CA ALA F 383 7.41 -22.48 90.20
C ALA F 383 8.64 -22.48 89.29
N SER F 384 8.53 -23.02 88.08
CA SER F 384 9.68 -23.07 87.18
C SER F 384 10.14 -21.66 86.74
N ALA F 385 9.20 -20.76 86.54
CA ALA F 385 9.51 -19.51 85.84
C ALA F 385 10.56 -18.63 86.53
N PRO F 386 10.49 -18.32 87.84
CA PRO F 386 11.54 -17.45 88.41
C PRO F 386 12.92 -18.07 88.41
N TYR F 387 13.01 -19.37 88.67
CA TYR F 387 14.29 -20.06 88.67
C TYR F 387 14.92 -20.08 87.28
N PHE F 388 14.12 -20.42 86.28
CA PHE F 388 14.54 -20.27 84.89
C PHE F 388 14.78 -18.80 84.50
N GLU F 389 14.03 -17.84 85.05
CA GLU F 389 14.24 -16.44 84.69
C GLU F 389 15.58 -15.87 85.17
N VAL F 390 16.10 -16.32 86.32
CA VAL F 390 17.48 -15.97 86.67
C VAL F 390 18.49 -16.87 85.94
N LEU F 391 18.09 -18.10 85.58
CA LEU F 391 18.98 -19.01 84.85
C LEU F 391 19.53 -18.36 83.59
N GLU F 392 18.70 -17.59 82.89
CA GLU F 392 19.12 -16.75 81.77
C GLU F 392 20.45 -16.03 81.96
N LYS F 393 20.73 -15.54 83.16
CA LYS F 393 21.84 -14.61 83.36
C LYS F 393 23.22 -15.27 83.55
N TRP F 394 23.32 -16.62 83.57
CA TRP F 394 24.60 -17.31 83.46
C TRP F 394 24.70 -18.18 82.22
N ILE F 395 23.58 -18.42 81.53
CA ILE F 395 23.53 -19.19 80.29
C ILE F 395 23.59 -18.24 79.09
N TYR F 396 23.08 -17.03 79.27
CA TYR F 396 23.06 -16.00 78.22
C TYR F 396 23.78 -14.70 78.60
N ARG F 397 24.49 -14.63 79.74
CA ARG F 397 25.01 -13.35 80.23
C ARG F 397 26.23 -13.53 81.13
N GLY F 398 26.95 -12.41 81.31
CA GLY F 398 28.28 -12.44 81.92
C GLY F 398 28.27 -12.56 83.42
N ILE F 399 27.25 -12.00 84.09
CA ILE F 399 27.04 -12.17 85.53
C ILE F 399 25.59 -12.58 85.77
N ILE F 400 25.40 -13.54 86.68
CA ILE F 400 24.09 -13.94 87.17
C ILE F 400 23.50 -12.83 88.03
N HIS F 401 22.32 -12.33 87.65
CA HIS F 401 21.52 -11.46 88.53
C HIS F 401 20.59 -12.28 89.44
N ASP F 402 21.18 -13.14 90.27
CA ASP F 402 20.43 -13.71 91.39
C ASP F 402 20.14 -12.59 92.37
N PRO F 403 18.87 -12.25 92.63
CA PRO F 403 18.56 -11.21 93.63
C PRO F 403 18.73 -11.70 95.05
N TYR F 404 19.07 -12.97 95.21
CA TYR F 404 19.24 -13.68 96.46
C TYR F 404 20.49 -14.54 96.35
N SER F 405 20.57 -15.64 97.11
CA SER F 405 21.65 -16.62 96.96
C SER F 405 21.12 -18.03 96.67
N GLU F 406 19.89 -18.14 96.16
CA GLU F 406 19.19 -19.43 96.22
C GLU F 406 19.36 -20.32 95.00
N PHE F 407 20.07 -19.90 93.94
CA PHE F 407 20.29 -20.74 92.75
C PHE F 407 21.72 -20.82 92.26
N MET F 408 22.15 -22.07 92.14
CA MET F 408 23.22 -22.63 91.32
C MET F 408 24.67 -22.31 91.69
N VAL F 409 25.06 -21.05 91.94
CA VAL F 409 26.49 -20.76 92.05
C VAL F 409 26.84 -20.04 93.34
N GLU F 410 27.75 -20.64 94.10
CA GLU F 410 28.63 -19.93 95.02
C GLU F 410 29.75 -19.27 94.21
N GLU F 411 30.38 -18.25 94.78
CA GLU F 411 31.31 -17.40 94.02
C GLU F 411 32.11 -16.56 95.01
N HIS F 412 33.32 -16.15 94.60
CA HIS F 412 34.20 -15.37 95.47
C HIS F 412 34.83 -14.16 94.77
N GLU F 413 35.32 -13.23 95.60
CA GLU F 413 35.82 -11.95 95.16
C GLU F 413 37.33 -11.95 94.89
N LEU F 414 38.02 -13.07 95.14
CA LEU F 414 39.43 -13.24 94.76
C LEU F 414 40.30 -12.08 95.24
N TYR F 427 41.86 -21.38 90.15
CA TYR F 427 41.20 -20.08 90.18
C TYR F 427 39.68 -20.25 90.11
N TRP F 428 39.18 -21.10 89.21
CA TRP F 428 37.74 -21.28 89.04
C TRP F 428 37.11 -21.82 90.33
N ASP F 429 37.79 -22.77 90.96
CA ASP F 429 37.38 -23.33 92.24
C ASP F 429 37.17 -22.29 93.32
N GLN F 430 37.73 -21.10 93.14
CA GLN F 430 37.39 -19.94 93.95
C GLN F 430 36.28 -19.12 93.28
N ARG F 431 36.48 -18.78 92.00
CA ARG F 431 35.61 -17.87 91.27
C ARG F 431 34.13 -18.30 91.33
N TYR F 432 33.85 -19.58 91.04
CA TYR F 432 32.48 -20.08 90.92
C TYR F 432 32.40 -21.57 91.24
N THR F 433 31.49 -21.95 92.15
CA THR F 433 31.31 -23.36 92.52
C THR F 433 29.82 -23.72 92.61
N ILE F 434 29.45 -24.92 92.15
CA ILE F 434 28.06 -25.37 92.17
C ILE F 434 27.51 -25.45 93.59
N VAL F 435 26.27 -24.98 93.76
CA VAL F 435 25.42 -25.25 94.91
C VAL F 435 24.58 -26.48 94.57
N GLN F 436 24.98 -27.65 95.11
CA GLN F 436 24.62 -28.93 94.50
C GLN F 436 23.19 -29.42 94.78
N GLN F 437 22.54 -29.05 95.91
CA GLN F 437 21.11 -29.31 96.05
C GLN F 437 20.24 -28.15 95.56
N GLN F 438 20.81 -26.96 95.36
CA GLN F 438 20.18 -25.95 94.52
C GLN F 438 20.44 -26.22 93.05
N ILE F 439 20.27 -27.49 92.69
CA ILE F 439 20.11 -27.99 91.34
C ILE F 439 18.88 -28.92 91.41
N PRO F 440 17.93 -28.82 90.45
CA PRO F 440 16.68 -29.61 90.52
C PRO F 440 16.86 -31.10 90.24
N SER F 441 15.75 -31.86 90.38
CA SER F 441 15.73 -33.28 90.03
C SER F 441 16.33 -33.56 88.64
N PHE F 442 16.23 -32.60 87.71
CA PHE F 442 16.62 -32.78 86.31
C PHE F 442 18.11 -32.54 85.99
N LEU F 443 18.77 -31.54 86.60
CA LEU F 443 19.91 -30.87 85.97
C LEU F 443 21.31 -31.22 86.53
N GLN F 444 21.47 -32.30 87.31
CA GLN F 444 22.81 -32.66 87.81
C GLN F 444 23.82 -32.85 86.67
N LYS F 445 23.47 -33.65 85.67
CA LYS F 445 24.30 -33.85 84.48
C LYS F 445 24.46 -32.57 83.66
N MET F 446 23.67 -31.54 83.95
CA MET F 446 23.82 -30.26 83.29
C MET F 446 24.54 -29.24 84.15
N ALA F 447 24.83 -29.57 85.42
CA ALA F 447 25.27 -28.58 86.37
C ALA F 447 26.69 -28.08 86.05
N ASP F 448 27.61 -28.99 85.72
CA ASP F 448 28.91 -28.52 85.27
C ASP F 448 28.83 -27.86 83.90
N LYS F 449 27.90 -28.27 83.04
CA LYS F 449 27.70 -27.55 81.79
C LYS F 449 27.36 -26.09 82.04
N ILE F 450 26.37 -25.85 82.91
CA ILE F 450 25.95 -24.50 83.27
C ILE F 450 27.08 -23.75 83.98
N LEU F 451 27.69 -24.37 84.99
CA LEU F 451 28.73 -23.70 85.75
C LEU F 451 29.92 -23.32 84.88
N SER F 452 30.41 -24.25 84.07
CA SER F 452 31.49 -23.90 83.16
C SER F 452 31.06 -22.82 82.17
N THR F 453 29.86 -22.93 81.60
CA THR F 453 29.35 -21.90 80.71
C THR F 453 29.29 -20.54 81.42
N GLY F 454 28.80 -20.51 82.66
CA GLY F 454 28.76 -19.26 83.40
C GLY F 454 30.15 -18.68 83.63
N LYS F 455 31.08 -19.53 84.06
CA LYS F 455 32.48 -19.14 84.15
C LYS F 455 32.98 -18.54 82.83
N TYR F 456 32.70 -19.20 81.71
CA TYR F 456 33.17 -18.71 80.42
C TYR F 456 32.55 -17.36 80.08
N LEU F 457 31.24 -17.21 80.32
CA LEU F 457 30.58 -15.93 80.08
C LEU F 457 31.16 -14.82 80.95
N ASN F 458 31.55 -15.16 82.18
CA ASN F 458 32.26 -14.18 83.02
C ASN F 458 33.52 -13.69 82.30
N VAL F 459 34.24 -14.58 81.60
CA VAL F 459 35.43 -14.15 80.85
C VAL F 459 35.02 -13.30 79.66
N VAL F 460 33.96 -13.70 78.96
CA VAL F 460 33.47 -12.92 77.83
C VAL F 460 33.24 -11.48 78.29
N ARG F 461 32.55 -11.32 79.41
CA ARG F 461 32.34 -9.99 80.00
C ARG F 461 33.65 -9.36 80.45
N GLU F 462 34.47 -10.12 81.18
CA GLU F 462 35.74 -9.60 81.71
C GLU F 462 36.56 -8.90 80.64
N CYS F 463 36.51 -9.42 79.41
CA CYS F 463 37.35 -8.96 78.31
C CYS F 463 36.70 -7.89 77.43
N GLY F 464 35.52 -7.40 77.79
CA GLY F 464 34.76 -6.47 76.97
C GLY F 464 33.88 -7.21 75.97
N HIS F 465 34.47 -7.62 74.83
CA HIS F 465 33.93 -8.65 73.95
C HIS F 465 32.46 -8.39 73.60
N ASP F 466 31.60 -9.41 73.60
CA ASP F 466 30.15 -9.20 73.56
C ASP F 466 29.46 -10.24 74.44
N VAL F 467 28.70 -9.74 75.43
CA VAL F 467 28.16 -10.50 76.55
C VAL F 467 26.78 -11.12 76.26
N THR F 468 26.30 -11.02 75.01
CA THR F 468 24.95 -11.45 74.65
C THR F 468 24.96 -12.81 73.95
N CYS F 469 23.76 -13.25 73.47
CA CYS F 469 23.50 -14.64 73.11
C CYS F 469 22.35 -14.78 72.09
N PRO F 470 22.59 -15.40 70.92
CA PRO F 470 21.57 -15.54 69.87
C PRO F 470 20.61 -16.71 70.06
N VAL F 471 20.98 -17.72 70.87
CA VAL F 471 20.06 -18.81 71.19
C VAL F 471 19.19 -18.47 72.39
N ALA F 472 19.30 -17.25 72.93
CA ALA F 472 18.54 -16.80 74.09
C ALA F 472 17.03 -16.80 73.87
N LYS F 473 16.34 -17.66 74.62
CA LYS F 473 14.89 -17.82 74.62
C LYS F 473 14.52 -18.45 75.96
N GLU F 474 13.23 -18.39 76.33
CA GLU F 474 12.80 -18.87 77.65
C GLU F 474 13.09 -20.36 77.85
N ILE F 475 13.81 -20.69 78.94
CA ILE F 475 13.83 -22.05 79.47
C ILE F 475 12.46 -22.35 80.08
N ILE F 476 11.83 -23.46 79.65
CA ILE F 476 10.44 -23.73 80.01
C ILE F 476 10.22 -25.23 80.30
N TYR F 477 9.41 -25.51 81.33
CA TYR F 477 9.19 -26.86 81.87
C TYR F 477 8.30 -27.74 80.97
N THR F 478 8.64 -29.03 80.89
CA THR F 478 7.80 -30.08 80.31
C THR F 478 8.25 -31.44 80.86
N LEU F 479 7.31 -32.27 81.32
CA LEU F 479 7.67 -33.48 82.08
C LEU F 479 8.22 -34.60 81.18
N LYS F 480 7.44 -35.07 80.21
CA LYS F 480 7.82 -36.24 79.42
C LYS F 480 8.66 -35.87 78.20
N GLU F 481 8.17 -34.95 77.38
CA GLU F 481 8.94 -34.39 76.26
C GLU F 481 9.95 -33.33 76.74
N ARG F 482 10.85 -33.78 77.63
CA ARG F 482 11.78 -32.93 78.38
C ARG F 482 12.93 -32.31 77.58
N ALA F 483 12.70 -32.08 76.28
CA ALA F 483 13.67 -31.51 75.35
C ALA F 483 14.16 -30.10 75.70
N TYR F 484 13.59 -29.44 76.72
CA TYR F 484 14.09 -28.13 77.14
C TYR F 484 15.54 -28.16 77.63
N VAL F 485 16.03 -29.28 78.14
CA VAL F 485 17.42 -29.34 78.59
C VAL F 485 18.43 -29.20 77.45
N GLU F 486 18.06 -29.50 76.21
CA GLU F 486 18.97 -29.22 75.09
C GLU F 486 19.19 -27.72 74.85
N GLN F 487 18.37 -26.83 75.42
CA GLN F 487 18.73 -25.41 75.38
C GLN F 487 20.09 -25.16 76.06
N ILE F 488 20.39 -25.89 77.13
CA ILE F 488 21.68 -25.76 77.80
C ILE F 488 22.81 -26.28 76.91
N GLU F 489 22.57 -27.36 76.16
CA GLU F 489 23.59 -27.86 75.23
C GLU F 489 23.81 -26.90 74.07
N LYS F 490 22.74 -26.36 73.50
CA LYS F 490 22.85 -25.35 72.46
C LYS F 490 23.59 -24.11 72.96
N ALA F 491 23.31 -23.69 74.19
CA ALA F 491 24.03 -22.57 74.81
C ALA F 491 25.49 -22.90 75.13
N PHE F 492 25.78 -24.11 75.62
CA PHE F 492 27.18 -24.53 75.81
C PHE F 492 27.93 -24.47 74.48
N ASN F 493 27.31 -24.95 73.41
CA ASN F 493 27.90 -24.91 72.07
C ASN F 493 27.80 -23.53 71.43
N TYR F 494 27.25 -22.53 72.12
CA TYR F 494 27.39 -21.15 71.68
C TYR F 494 28.42 -20.45 72.55
N ALA F 495 28.18 -20.42 73.87
CA ALA F 495 28.88 -19.52 74.80
C ALA F 495 30.28 -20.01 75.13
N SER F 496 30.46 -21.30 75.41
CA SER F 496 31.81 -21.81 75.54
C SER F 496 32.54 -21.60 74.22
N LYS F 497 31.86 -21.94 73.12
CA LYS F 497 32.43 -21.83 71.78
C LYS F 497 32.82 -20.41 71.42
N VAL F 498 32.00 -19.40 71.74
CA VAL F 498 32.38 -18.03 71.37
C VAL F 498 33.55 -17.54 72.23
N LEU F 499 33.63 -17.94 73.51
CA LEU F 499 34.86 -17.69 74.26
C LEU F 499 36.05 -18.33 73.56
N LEU F 500 35.92 -19.59 73.11
CA LEU F 500 37.03 -20.22 72.42
C LEU F 500 37.39 -19.44 71.16
N ASP F 501 36.39 -19.02 70.37
CA ASP F 501 36.67 -18.26 69.16
C ASP F 501 37.43 -16.97 69.45
N PHE F 502 37.29 -16.39 70.66
CA PHE F 502 38.24 -15.37 71.08
C PHE F 502 39.63 -15.97 71.26
N LEU F 503 39.73 -16.94 72.16
CA LEU F 503 40.96 -17.64 72.52
C LEU F 503 41.60 -18.49 71.40
N MET F 504 41.26 -18.21 70.13
CA MET F 504 42.00 -18.78 69.00
C MET F 504 42.39 -17.70 67.99
N GLU F 505 42.37 -16.43 68.38
CA GLU F 505 43.01 -15.34 67.64
C GLU F 505 43.53 -14.23 68.55
N GLU F 506 43.13 -14.22 69.82
CA GLU F 506 43.79 -13.40 70.84
C GLU F 506 43.64 -14.09 72.21
N LYS F 507 44.64 -13.89 73.10
CA LYS F 507 44.82 -14.70 74.31
C LYS F 507 44.78 -16.21 74.02
N GLU F 508 45.09 -16.58 72.78
CA GLU F 508 45.21 -17.95 72.29
C GLU F 508 46.54 -18.60 72.66
N LEU F 509 46.71 -19.90 72.39
CA LEU F 509 47.97 -20.58 72.69
C LEU F 509 49.11 -20.25 71.71
N VAL F 510 48.85 -19.68 70.54
CA VAL F 510 49.70 -19.85 69.35
C VAL F 510 51.00 -19.03 69.39
N ALA F 511 50.94 -17.73 69.04
CA ALA F 511 52.16 -16.92 69.05
C ALA F 511 52.75 -16.83 70.45
N HIS F 512 51.92 -16.97 71.49
CA HIS F 512 52.31 -17.02 72.91
C HIS F 512 53.22 -18.24 73.15
N LEU F 513 52.78 -19.45 72.84
CA LEU F 513 53.58 -20.67 72.97
C LEU F 513 54.78 -20.70 72.01
N ARG F 514 54.74 -20.04 70.83
CA ARG F 514 55.92 -19.91 69.98
C ARG F 514 57.05 -19.15 70.68
N SER F 515 56.73 -18.08 71.43
CA SER F 515 57.75 -17.39 72.19
C SER F 515 58.28 -18.26 73.33
N ILE F 516 57.39 -18.93 74.07
CA ILE F 516 57.79 -19.76 75.21
C ILE F 516 58.66 -20.92 74.71
N LYS F 517 58.29 -21.54 73.58
CA LYS F 517 59.12 -22.55 72.90
C LYS F 517 60.46 -21.96 72.46
N ARG F 518 60.45 -20.72 71.97
CA ARG F 518 61.68 -20.08 71.49
C ARG F 518 62.72 -19.92 72.59
N TYR F 519 62.32 -19.48 73.79
CA TYR F 519 63.26 -19.21 74.88
C TYR F 519 63.36 -20.41 75.83
N PHE F 520 62.25 -20.82 76.45
CA PHE F 520 62.24 -21.83 77.52
C PHE F 520 62.56 -23.23 76.99
N LEU F 521 61.95 -23.63 75.87
CA LEU F 521 62.32 -24.85 75.17
C LEU F 521 63.46 -24.63 74.18
N MET F 522 64.04 -23.43 74.19
CA MET F 522 65.22 -23.07 73.40
C MET F 522 65.16 -23.48 71.93
N ASP F 523 63.98 -23.36 71.33
CA ASP F 523 63.88 -23.54 69.88
C ASP F 523 64.77 -22.54 69.15
N GLN F 524 64.97 -21.35 69.72
CA GLN F 524 66.05 -20.44 69.32
C GLN F 524 67.37 -20.96 69.89
N GLY F 525 68.12 -21.68 69.05
CA GLY F 525 69.48 -22.07 69.36
C GLY F 525 70.54 -21.06 68.94
N ASP F 526 70.11 -19.89 68.45
CA ASP F 526 70.97 -18.76 68.13
C ASP F 526 70.84 -17.65 69.15
N PHE F 527 69.96 -17.82 70.15
CA PHE F 527 69.83 -16.84 71.24
C PHE F 527 70.97 -16.99 72.24
N PHE F 528 71.05 -18.15 72.90
CA PHE F 528 71.95 -18.26 74.04
C PHE F 528 73.44 -18.27 73.66
N VAL F 529 73.81 -18.43 72.39
CA VAL F 529 75.20 -18.17 72.02
C VAL F 529 75.56 -16.72 72.34
N HIS F 530 74.63 -15.79 72.12
CA HIS F 530 74.87 -14.40 72.53
C HIS F 530 74.96 -14.28 74.04
N PHE F 531 74.02 -14.87 74.76
CA PHE F 531 73.99 -14.76 76.21
C PHE F 531 75.31 -15.23 76.84
N MET F 532 75.85 -16.36 76.38
CA MET F 532 77.15 -16.81 76.89
C MET F 532 78.33 -15.99 76.34
N ASP F 533 78.23 -15.43 75.12
CA ASP F 533 79.24 -14.50 74.63
C ASP F 533 79.23 -13.15 75.35
N LEU F 534 78.20 -12.86 76.15
CA LEU F 534 78.05 -11.59 76.86
C LEU F 534 78.18 -11.70 78.37
N ALA F 535 77.50 -12.67 79.00
CA ALA F 535 77.26 -12.67 80.45
C ALA F 535 78.37 -13.31 81.30
N GLU F 536 79.57 -13.55 80.76
CA GLU F 536 80.63 -14.20 81.54
C GLU F 536 81.03 -13.39 82.78
N GLU F 537 80.85 -12.06 82.75
CA GLU F 537 81.04 -11.22 83.94
C GLU F 537 80.01 -11.50 85.04
N GLU F 538 78.82 -11.98 84.68
CA GLU F 538 77.83 -12.44 85.66
C GLU F 538 78.10 -13.87 86.14
N LEU F 539 78.40 -14.77 85.20
CA LEU F 539 78.44 -16.21 85.41
C LEU F 539 79.59 -16.70 86.31
N ARG F 540 80.07 -15.86 87.26
CA ARG F 540 81.25 -16.21 88.07
C ARG F 540 81.26 -15.62 89.50
N LYS F 541 80.58 -14.48 89.73
CA LYS F 541 80.71 -13.69 90.97
C LYS F 541 80.07 -14.35 92.23
N PRO F 542 80.68 -14.16 93.41
CA PRO F 542 80.12 -14.68 94.69
C PRO F 542 78.69 -14.26 95.04
N VAL F 543 78.18 -14.92 96.11
CA VAL F 543 76.79 -14.79 96.57
C VAL F 543 76.35 -13.34 96.90
N GLU F 544 75.04 -13.09 96.71
CA GLU F 544 74.30 -11.84 97.00
C GLU F 544 74.59 -10.64 96.10
N ASP F 545 75.56 -10.72 95.17
CA ASP F 545 75.84 -9.64 94.22
C ASP F 545 74.87 -9.56 93.02
N ILE F 546 73.61 -10.03 93.19
CA ILE F 546 72.61 -10.05 92.11
C ILE F 546 72.27 -8.64 91.61
N THR F 547 72.23 -8.45 90.27
CA THR F 547 71.97 -7.14 89.65
C THR F 547 70.96 -7.25 88.49
N PRO F 548 69.66 -7.28 88.81
CA PRO F 548 68.61 -7.55 87.76
C PRO F 548 68.49 -6.53 86.63
N PRO F 549 68.70 -5.23 86.87
CA PRO F 549 68.71 -4.31 85.70
C PRO F 549 69.79 -4.65 84.68
N ARG F 550 70.97 -5.08 85.15
CA ARG F 550 72.01 -5.60 84.26
C ARG F 550 71.56 -6.86 83.53
N LEU F 551 70.89 -7.79 84.24
CA LEU F 551 70.34 -8.96 83.57
C LEU F 551 69.27 -8.61 82.53
N GLU F 552 68.38 -7.67 82.84
CA GLU F 552 67.38 -7.25 81.85
C GLU F 552 68.04 -6.57 80.65
N ALA F 553 69.10 -5.79 80.89
CA ALA F 553 69.87 -5.20 79.79
C ALA F 553 70.65 -6.24 79.00
N LEU F 554 71.18 -7.28 79.65
CA LEU F 554 71.81 -8.39 78.93
C LEU F 554 70.80 -9.16 78.08
N LEU F 555 69.61 -9.40 78.60
CA LEU F 555 68.54 -9.99 77.79
C LEU F 555 68.22 -9.10 76.58
N GLU F 556 67.99 -7.81 76.84
CA GLU F 556 67.67 -6.87 75.78
C GLU F 556 68.74 -6.81 74.70
N LEU F 557 70.02 -6.86 75.07
CA LEU F 557 71.10 -6.87 74.07
C LEU F 557 71.25 -8.24 73.40
N ALA F 558 71.22 -9.32 74.19
CA ALA F 558 71.34 -10.66 73.60
C ALA F 558 70.16 -10.96 72.68
N LEU F 559 68.98 -10.41 72.98
CA LEU F 559 67.91 -10.35 72.00
C LEU F 559 68.34 -9.59 70.74
N ARG F 560 68.71 -8.32 70.88
CA ARG F 560 68.84 -7.43 69.73
C ARG F 560 69.88 -7.93 68.73
N MET F 561 71.07 -8.32 69.21
CA MET F 561 72.17 -8.65 68.32
C MET F 561 71.93 -9.95 67.56
N SER F 562 71.26 -10.91 68.21
CA SER F 562 70.85 -12.18 67.61
C SER F 562 69.71 -11.97 66.61
N THR F 563 69.30 -13.07 65.95
CA THR F 563 67.97 -13.13 65.37
C THR F 563 66.88 -13.23 66.44
N ALA F 564 67.26 -13.55 67.69
CA ALA F 564 66.30 -13.63 68.79
C ALA F 564 65.49 -12.34 68.92
N ASN F 565 66.09 -11.23 68.53
CA ASN F 565 65.48 -9.92 68.30
C ASN F 565 64.04 -9.91 67.79
N THR F 566 63.65 -10.85 66.92
CA THR F 566 62.57 -10.59 65.96
C THR F 566 61.14 -10.82 66.47
N ASP F 567 60.92 -11.62 67.53
CA ASP F 567 59.54 -11.91 67.92
C ASP F 567 58.94 -10.78 68.76
N PRO F 568 57.62 -10.56 68.66
CA PRO F 568 57.00 -9.42 69.39
C PRO F 568 56.83 -9.62 70.89
N PHE F 569 56.75 -10.85 71.39
CA PHE F 569 56.51 -11.06 72.81
C PHE F 569 57.80 -11.03 73.63
N LYS F 570 58.96 -10.76 73.00
CA LYS F 570 60.21 -10.60 73.73
C LYS F 570 60.14 -9.49 74.76
N ASP F 571 59.22 -8.54 74.58
CA ASP F 571 59.03 -7.45 75.53
C ASP F 571 58.04 -7.83 76.63
N ASP F 572 57.10 -8.74 76.33
CA ASP F 572 56.36 -9.40 77.40
C ASP F 572 57.24 -10.32 78.21
N LEU F 573 58.33 -10.81 77.60
CA LEU F 573 59.38 -11.54 78.29
C LEU F 573 60.16 -10.66 79.26
N LYS F 574 60.84 -11.32 80.21
CA LYS F 574 61.52 -10.72 81.36
C LYS F 574 62.70 -11.60 81.74
N ILE F 575 63.64 -11.06 82.53
CA ILE F 575 64.49 -11.91 83.37
C ILE F 575 63.95 -11.93 84.80
N ASP F 576 63.77 -13.12 85.35
CA ASP F 576 63.46 -13.37 86.75
C ASP F 576 64.63 -14.13 87.43
N LEU F 577 64.57 -14.39 88.74
CA LEU F 577 65.57 -15.17 89.46
C LEU F 577 64.98 -16.43 90.11
N MET F 578 65.74 -17.53 90.09
CA MET F 578 65.44 -18.76 90.83
C MET F 578 66.42 -18.96 91.99
N PRO F 579 65.95 -19.21 93.23
CA PRO F 579 66.90 -19.56 94.32
C PRO F 579 67.60 -20.94 94.24
N HIS F 580 66.97 -22.01 93.77
CA HIS F 580 67.43 -23.38 94.01
C HIS F 580 68.05 -24.08 92.80
N ASP F 581 69.20 -24.75 93.01
CA ASP F 581 69.92 -25.45 91.93
C ASP F 581 69.39 -26.88 91.66
N LEU F 582 68.17 -26.96 91.12
CA LEU F 582 67.44 -28.21 90.86
C LEU F 582 67.10 -29.04 92.11
N ILE F 583 67.69 -28.72 93.27
CA ILE F 583 67.40 -29.36 94.54
C ILE F 583 65.95 -29.20 95.01
N THR F 584 65.11 -28.51 94.23
CA THR F 584 63.66 -28.63 94.39
C THR F 584 63.13 -30.04 94.15
N GLN F 585 63.86 -30.88 93.41
CA GLN F 585 63.53 -32.29 93.30
C GLN F 585 63.61 -33.01 94.66
N LEU F 586 62.68 -33.97 94.84
CA LEU F 586 62.55 -34.72 96.09
C LEU F 586 62.04 -36.14 95.86
N ALA F 609 75.49 -13.67 93.85
CA ALA F 609 74.64 -14.23 92.81
C ALA F 609 74.96 -15.70 92.50
N LEU F 610 76.24 -16.05 92.36
CA LEU F 610 76.63 -17.26 91.64
C LEU F 610 75.86 -17.35 90.32
N SER F 611 75.83 -16.22 89.62
CA SER F 611 74.76 -15.83 88.71
C SER F 611 74.50 -16.87 87.61
N GLY F 612 73.23 -16.96 87.23
CA GLY F 612 72.74 -17.74 86.10
C GLY F 612 72.72 -19.25 86.26
N LEU F 613 73.89 -19.85 86.46
CA LEU F 613 74.03 -21.30 86.38
C LEU F 613 73.09 -22.02 87.34
N GLU F 614 72.97 -21.53 88.57
CA GLU F 614 72.00 -22.05 89.53
C GLU F 614 70.70 -21.24 89.59
N ALA F 615 70.65 -20.05 88.96
CA ALA F 615 69.66 -19.02 89.33
C ALA F 615 68.89 -18.37 88.19
N PHE F 616 69.12 -18.72 86.91
CA PHE F 616 68.36 -18.10 85.81
C PHE F 616 66.86 -18.39 85.92
N SER F 617 66.05 -17.44 85.48
CA SER F 617 64.64 -17.64 85.12
C SER F 617 64.19 -16.57 84.13
N PHE F 618 63.15 -16.89 83.38
CA PHE F 618 62.50 -15.98 82.43
C PHE F 618 61.01 -15.97 82.74
N ASP F 619 60.30 -14.91 82.37
CA ASP F 619 58.84 -14.87 82.53
C ASP F 619 58.17 -14.12 81.38
N TYR F 620 57.37 -14.82 80.58
CA TYR F 620 56.39 -14.20 79.70
C TYR F 620 55.22 -13.72 80.56
N ILE F 621 55.09 -12.41 80.81
CA ILE F 621 54.21 -11.96 81.90
C ILE F 621 52.72 -12.28 81.67
N VAL F 622 52.06 -12.65 82.76
CA VAL F 622 50.62 -12.94 82.81
C VAL F 622 49.76 -11.69 82.56
N LYS F 623 48.54 -11.94 82.08
CA LYS F 623 47.40 -11.02 82.11
C LYS F 623 46.27 -11.77 82.78
N TRP F 624 45.42 -11.11 83.55
CA TRP F 624 44.37 -11.83 84.27
C TRP F 624 43.38 -12.51 83.32
N PRO F 625 42.98 -11.93 82.18
CA PRO F 625 42.22 -12.70 81.18
C PRO F 625 42.90 -13.97 80.69
N LEU F 626 44.23 -13.98 80.56
CA LEU F 626 45.02 -15.12 80.08
C LEU F 626 45.35 -16.15 81.18
N SER F 627 45.33 -15.73 82.45
CA SER F 627 45.69 -16.50 83.65
C SER F 627 44.84 -17.77 83.88
N LEU F 628 43.76 -17.95 83.11
CA LEU F 628 42.96 -19.18 83.08
C LEU F 628 43.64 -20.31 82.27
N ILE F 629 44.62 -19.98 81.42
CA ILE F 629 45.42 -20.94 80.64
C ILE F 629 46.91 -20.73 80.94
N ILE F 630 47.60 -19.82 80.23
CA ILE F 630 49.04 -19.53 80.45
C ILE F 630 49.16 -18.65 81.70
N ASN F 631 49.70 -19.22 82.79
CA ASN F 631 49.64 -18.59 84.12
C ASN F 631 50.88 -18.86 84.99
N ARG F 632 51.24 -17.94 85.87
CA ARG F 632 52.51 -18.11 86.63
C ARG F 632 52.51 -19.41 87.44
N LYS F 633 51.46 -19.65 88.24
CA LYS F 633 51.42 -20.85 89.11
C LYS F 633 51.75 -22.14 88.35
N ALA F 634 51.26 -22.31 87.12
CA ALA F 634 51.60 -23.43 86.25
C ALA F 634 52.98 -23.29 85.58
N LEU F 635 53.36 -22.08 85.14
CA LEU F 635 54.65 -21.80 84.51
C LEU F 635 55.86 -22.06 85.43
N THR F 636 55.68 -22.17 86.75
CA THR F 636 56.71 -22.74 87.64
C THR F 636 57.21 -24.10 87.12
N ARG F 637 56.32 -25.07 86.91
CA ARG F 637 56.76 -26.39 86.36
C ARG F 637 57.51 -26.18 85.03
N TYR F 638 57.05 -25.30 84.15
CA TYR F 638 57.66 -25.01 82.85
C TYR F 638 59.10 -24.48 82.99
N GLN F 639 59.35 -23.59 83.96
CA GLN F 639 60.68 -23.05 84.26
C GLN F 639 61.67 -24.14 84.70
N MET F 640 61.21 -25.24 85.28
CA MET F 640 62.08 -26.36 85.68
C MET F 640 62.65 -27.11 84.47
N LEU F 641 61.81 -27.31 83.45
CA LEU F 641 62.25 -27.87 82.17
C LEU F 641 63.31 -26.97 81.52
N PHE F 642 63.06 -25.67 81.50
CA PHE F 642 63.99 -24.70 80.96
C PHE F 642 65.32 -24.67 81.73
N ARG F 643 65.28 -24.75 83.06
CA ARG F 643 66.54 -24.88 83.82
C ARG F 643 67.36 -26.07 83.33
N HIS F 644 66.73 -27.23 83.18
CA HIS F 644 67.43 -28.43 82.71
C HIS F 644 67.99 -28.25 81.31
N MET F 645 67.17 -27.75 80.38
CA MET F 645 67.63 -27.55 79.00
C MET F 645 68.77 -26.53 78.91
N PHE F 646 68.67 -25.42 79.65
CA PHE F 646 69.79 -24.50 79.74
C PHE F 646 71.02 -25.14 80.38
N TYR F 647 70.84 -25.78 81.55
CA TYR F 647 71.99 -26.34 82.26
C TYR F 647 72.73 -27.38 81.43
N CYS F 648 72.02 -28.30 80.79
CA CYS F 648 72.70 -29.31 79.99
C CYS F 648 73.46 -28.72 78.81
N LYS F 649 72.89 -27.73 78.12
CA LYS F 649 73.68 -27.07 77.09
C LYS F 649 74.74 -26.14 77.67
N HIS F 650 74.59 -25.65 78.90
CA HIS F 650 75.69 -24.91 79.52
C HIS F 650 76.90 -25.81 79.79
N VAL F 651 76.69 -26.98 80.39
CA VAL F 651 77.81 -27.93 80.51
C VAL F 651 78.25 -28.45 79.15
N GLU F 652 77.42 -28.39 78.11
CA GLU F 652 77.95 -28.58 76.75
C GLU F 652 78.89 -27.44 76.33
N ARG F 653 78.61 -26.18 76.71
CA ARG F 653 79.59 -25.11 76.48
C ARG F 653 80.87 -25.37 77.27
N GLN F 654 80.74 -25.82 78.51
CA GLN F 654 81.92 -26.20 79.28
C GLN F 654 82.72 -27.30 78.57
N LEU F 655 82.05 -28.36 78.13
CA LEU F 655 82.74 -29.41 77.38
C LEU F 655 83.31 -28.91 76.05
N CYS F 656 82.56 -28.07 75.34
CA CYS F 656 83.05 -27.47 74.10
C CYS F 656 84.31 -26.62 74.33
N SER F 657 84.48 -26.04 75.52
CA SER F 657 85.73 -25.35 75.83
C SER F 657 86.97 -26.24 75.78
N VAL F 658 86.83 -27.58 75.86
CA VAL F 658 87.97 -28.47 75.59
C VAL F 658 88.46 -28.31 74.16
N TRP F 659 87.55 -28.26 73.20
CA TRP F 659 87.94 -28.15 71.79
C TRP F 659 88.77 -26.89 71.53
N ILE F 660 88.30 -25.73 71.98
CA ILE F 660 89.01 -24.46 71.77
C ILE F 660 90.26 -24.30 72.66
N SER F 661 90.38 -25.06 73.75
CA SER F 661 91.53 -24.98 74.65
C SER F 661 92.63 -26.01 74.39
N ASN F 662 92.48 -26.93 73.42
CA ASN F 662 93.62 -27.68 72.88
C ASN F 662 93.70 -27.70 71.36
N LYS F 663 92.62 -27.33 70.65
CA LYS F 663 92.64 -27.13 69.21
C LYS F 663 91.82 -25.90 68.85
N ALA F 673 104.00 -31.38 71.57
CA ALA F 673 103.26 -30.19 71.97
C ALA F 673 101.76 -30.37 71.67
N GLN F 674 101.40 -30.45 70.38
CA GLN F 674 100.02 -30.64 69.95
C GLN F 674 99.70 -32.10 69.66
N TRP F 675 100.32 -33.03 70.39
CA TRP F 675 100.37 -34.47 70.08
C TRP F 675 99.36 -35.30 70.87
N PHE F 676 99.11 -34.96 72.16
CA PHE F 676 98.33 -35.80 73.07
C PHE F 676 96.83 -35.80 72.72
N ALA F 677 96.21 -36.99 72.73
CA ALA F 677 94.79 -37.15 72.43
C ALA F 677 93.96 -37.71 73.58
N GLY F 678 94.57 -38.10 74.71
CA GLY F 678 93.80 -38.74 75.77
C GLY F 678 92.72 -37.83 76.32
N ALA F 679 93.02 -36.52 76.38
CA ALA F 679 92.03 -35.52 76.77
C ALA F 679 90.87 -35.45 75.78
N PHE F 680 91.18 -35.46 74.47
CA PHE F 680 90.10 -35.41 73.48
C PHE F 680 89.34 -36.73 73.35
N THR F 681 89.93 -37.90 73.59
CA THR F 681 89.07 -39.08 73.62
C THR F 681 88.26 -39.14 74.91
N LEU F 682 88.76 -38.57 76.01
CA LEU F 682 87.91 -38.39 77.20
C LEU F 682 86.75 -37.43 76.91
N ARG F 683 87.04 -36.31 76.26
CA ARG F 683 85.97 -35.44 75.75
C ARG F 683 85.04 -36.17 74.79
N GLN F 684 85.58 -37.07 73.96
CA GLN F 684 84.73 -37.87 73.08
C GLN F 684 83.79 -38.78 73.87
N ARG F 685 84.31 -39.50 74.87
CA ARG F 685 83.46 -40.30 75.73
C ARG F 685 82.36 -39.48 76.42
N MET F 686 82.66 -38.24 76.83
CA MET F 686 81.60 -37.41 77.40
C MET F 686 80.66 -36.84 76.34
N LEU F 687 81.18 -36.34 75.23
CA LEU F 687 80.34 -35.68 74.24
C LEU F 687 79.43 -36.68 73.51
N ASN F 688 79.89 -37.91 73.30
CA ASN F 688 79.04 -38.98 72.80
C ASN F 688 77.81 -39.20 73.67
N PHE F 689 77.91 -38.93 74.98
CA PHE F 689 76.72 -38.86 75.84
C PHE F 689 76.00 -37.52 75.74
N VAL F 690 76.64 -36.42 76.16
CA VAL F 690 75.88 -35.21 76.47
C VAL F 690 75.22 -34.59 75.23
N GLN F 691 75.81 -34.73 74.03
CA GLN F 691 75.08 -34.27 72.83
C GLN F 691 73.91 -35.17 72.49
N ASN F 692 74.04 -36.48 72.72
CA ASN F 692 73.04 -37.44 72.30
C ASN F 692 71.96 -37.65 73.35
N ILE F 693 72.19 -37.29 74.61
CA ILE F 693 71.04 -36.98 75.47
C ILE F 693 70.36 -35.69 74.99
N GLN F 694 71.13 -34.67 74.62
CA GLN F 694 70.48 -33.41 74.21
C GLN F 694 69.64 -33.57 72.94
N TYR F 695 70.09 -34.31 71.92
CA TYR F 695 69.22 -34.58 70.77
C TYR F 695 67.91 -35.24 71.19
N TYR F 696 67.96 -36.19 72.12
CA TYR F 696 66.76 -36.82 72.66
C TYR F 696 65.94 -35.80 73.46
N MET F 697 66.57 -35.14 74.43
CA MET F 697 65.90 -34.15 75.27
C MET F 697 65.28 -33.01 74.47
N MET F 698 65.65 -32.86 73.21
CA MET F 698 65.21 -31.72 72.41
C MET F 698 64.27 -32.13 71.27
N PHE F 699 64.55 -33.24 70.58
CA PHE F 699 63.69 -33.68 69.46
C PHE F 699 62.53 -34.56 69.92
N GLU F 700 62.67 -35.27 71.04
CA GLU F 700 61.73 -36.33 71.44
C GLU F 700 60.92 -35.96 72.67
N VAL F 701 61.59 -35.38 73.67
CA VAL F 701 60.94 -35.04 74.93
C VAL F 701 59.83 -34.03 74.70
N MET F 702 60.12 -32.99 73.89
CA MET F 702 59.16 -31.90 73.64
C MET F 702 58.26 -32.16 72.43
N GLU F 703 58.84 -32.18 71.22
CA GLU F 703 58.02 -31.98 70.01
C GLU F 703 56.90 -33.01 69.83
N PRO F 704 57.11 -34.32 69.97
CA PRO F 704 55.96 -35.24 69.93
C PRO F 704 54.90 -34.90 70.97
N THR F 705 55.33 -34.72 72.22
CA THR F 705 54.42 -34.41 73.31
C THR F 705 53.72 -33.08 73.05
N TRP F 706 54.48 -32.12 72.54
CA TRP F 706 53.98 -30.79 72.25
C TRP F 706 52.95 -30.81 71.14
N HIS F 707 53.24 -31.56 70.08
CA HIS F 707 52.28 -31.70 68.98
C HIS F 707 51.04 -32.48 69.44
N ILE F 708 51.23 -33.48 70.31
CA ILE F 708 50.12 -34.18 70.97
C ILE F 708 49.13 -33.20 71.60
N LEU F 709 49.62 -32.12 72.20
CA LEU F 709 48.73 -31.05 72.64
C LEU F 709 48.31 -30.15 71.49
N GLU F 710 49.27 -29.75 70.65
CA GLU F 710 49.05 -28.68 69.66
C GLU F 710 47.87 -29.00 68.74
N LYS F 711 47.80 -30.22 68.23
CA LYS F 711 46.72 -30.59 67.30
C LYS F 711 45.34 -30.43 67.93
N ASN F 712 45.23 -30.64 69.25
CA ASN F 712 43.94 -30.56 69.91
C ASN F 712 43.38 -29.15 69.88
N LEU F 713 44.27 -28.15 69.87
CA LEU F 713 43.90 -26.75 70.00
C LEU F 713 42.89 -26.29 68.94
N LYS F 714 42.78 -27.01 67.82
CA LYS F 714 41.87 -26.63 66.75
C LYS F 714 40.40 -26.82 67.12
N SER F 715 40.10 -27.67 68.10
CA SER F 715 38.70 -27.93 68.45
C SER F 715 38.54 -28.34 69.92
N ALA F 716 39.58 -28.22 70.73
CA ALA F 716 39.55 -28.68 72.12
C ALA F 716 38.30 -28.18 72.83
N SER F 717 37.61 -29.10 73.51
CA SER F 717 36.19 -28.90 73.80
C SER F 717 35.96 -27.64 74.63
N ASN F 718 36.81 -27.39 75.63
CA ASN F 718 36.59 -26.33 76.60
C ASN F 718 37.89 -26.07 77.35
N ILE F 719 37.90 -24.96 78.11
CA ILE F 719 39.12 -24.50 78.79
C ILE F 719 39.66 -25.54 79.77
N ASP F 720 38.79 -26.27 80.47
CA ASP F 720 39.28 -27.32 81.36
C ASP F 720 39.89 -28.48 80.58
N ASP F 721 39.38 -28.75 79.38
CA ASP F 721 40.01 -29.74 78.52
C ASP F 721 41.41 -29.26 78.09
N VAL F 722 41.52 -28.00 77.65
CA VAL F 722 42.82 -27.40 77.32
C VAL F 722 43.76 -27.44 78.52
N LEU F 723 43.27 -27.13 79.72
CA LEU F 723 44.05 -27.22 80.96
C LEU F 723 44.48 -28.68 81.21
N GLY F 724 43.65 -29.66 80.89
CA GLY F 724 44.05 -31.06 81.00
C GLY F 724 45.12 -31.45 79.98
N HIS F 725 44.99 -30.95 78.75
CA HIS F 725 46.02 -31.18 77.74
C HIS F 725 47.36 -30.59 78.17
N HIS F 726 47.33 -29.32 78.61
CA HIS F 726 48.51 -28.57 79.07
C HIS F 726 49.19 -29.26 80.23
N THR F 727 48.39 -29.78 81.18
CA THR F 727 48.93 -30.55 82.30
C THR F 727 49.59 -31.83 81.81
N GLY F 728 48.86 -32.64 81.04
CA GLY F 728 49.43 -33.86 80.50
C GLY F 728 50.67 -33.64 79.63
N PHE F 729 50.64 -32.63 78.76
CA PHE F 729 51.80 -32.28 77.95
C PHE F 729 53.01 -31.99 78.83
N LEU F 730 52.87 -31.02 79.73
CA LEU F 730 53.98 -30.52 80.53
C LEU F 730 54.51 -31.62 81.46
N ASP F 731 53.62 -32.46 81.98
CA ASP F 731 53.97 -33.61 82.81
C ASP F 731 54.67 -34.71 82.00
N THR F 732 54.20 -34.99 80.79
CA THR F 732 54.80 -36.02 79.95
C THR F 732 56.21 -35.63 79.53
N CYS F 733 56.39 -34.38 79.09
CA CYS F 733 57.74 -33.88 78.85
C CYS F 733 58.59 -33.97 80.11
N LEU F 734 58.02 -33.37 81.18
CA LEU F 734 58.70 -33.47 82.49
C LEU F 734 59.18 -34.91 82.65
N LYS F 735 58.37 -35.92 82.34
CA LYS F 735 58.77 -37.34 82.51
C LYS F 735 59.72 -37.75 81.36
N ASP F 736 59.65 -37.08 80.21
CA ASP F 736 60.50 -37.42 79.04
C ASP F 736 61.90 -36.85 79.25
N CYS F 737 62.14 -36.08 80.33
CA CYS F 737 63.47 -35.63 80.75
C CYS F 737 64.22 -36.73 81.49
N MET F 738 65.55 -36.69 81.42
CA MET F 738 66.38 -37.79 81.89
C MET F 738 66.21 -38.09 83.37
N LEU F 739 66.36 -37.07 84.22
CA LEU F 739 66.54 -37.24 85.67
C LEU F 739 65.28 -37.52 86.47
N THR F 740 64.09 -37.38 85.87
CA THR F 740 62.84 -37.19 86.62
C THR F 740 62.25 -38.53 87.09
N ASN F 741 62.96 -39.14 88.06
CA ASN F 741 62.85 -40.52 88.54
C ASN F 741 63.13 -40.51 90.04
N PRO F 742 62.60 -41.48 90.83
CA PRO F 742 62.88 -41.44 92.29
C PRO F 742 64.32 -41.69 92.68
N GLU F 743 65.05 -42.56 91.97
CA GLU F 743 66.50 -42.59 92.05
C GLU F 743 67.11 -41.26 91.61
N LEU F 744 66.32 -40.44 90.90
CA LEU F 744 66.68 -39.12 90.41
C LEU F 744 67.90 -39.09 89.47
N LEU F 745 68.47 -40.26 89.16
CA LEU F 745 69.76 -40.35 88.45
C LEU F 745 70.75 -39.29 88.94
N LYS F 746 70.86 -39.19 90.27
CA LYS F 746 71.74 -38.21 90.90
C LYS F 746 73.19 -38.32 90.42
N VAL F 747 73.58 -39.52 89.96
CA VAL F 747 74.88 -39.75 89.34
C VAL F 747 75.23 -38.71 88.27
N PHE F 748 74.24 -38.22 87.53
CA PHE F 748 74.52 -37.30 86.43
C PHE F 748 75.15 -36.01 86.94
N SER F 749 74.67 -35.47 88.07
CA SER F 749 75.32 -34.31 88.67
C SER F 749 76.79 -34.56 88.98
N LYS F 750 77.12 -35.73 89.55
CA LYS F 750 78.51 -36.07 89.82
C LYS F 750 79.30 -36.21 88.52
N LEU F 751 78.74 -36.92 87.54
CA LEU F 751 79.38 -37.03 86.24
C LEU F 751 79.74 -35.64 85.71
N MET F 752 78.73 -34.78 85.55
CA MET F 752 78.98 -33.45 85.02
C MET F 752 79.93 -32.65 85.90
N SER F 753 79.91 -32.88 87.22
CA SER F 753 80.84 -32.17 88.10
C SER F 753 82.29 -32.51 87.79
N VAL F 754 82.64 -33.81 87.79
CA VAL F 754 84.06 -34.17 87.63
C VAL F 754 84.54 -33.73 86.25
N CYS F 755 83.64 -33.73 85.27
CA CYS F 755 83.93 -33.21 83.94
C CYS F 755 84.18 -31.69 83.92
N VAL F 756 83.34 -30.90 84.59
CA VAL F 756 83.58 -29.46 84.61
C VAL F 756 84.96 -29.12 85.20
N MET F 757 85.41 -29.87 86.21
CA MET F 757 86.79 -29.70 86.66
C MET F 757 87.81 -30.03 85.56
N PHE F 758 87.61 -31.13 84.83
CA PHE F 758 88.42 -31.39 83.63
C PHE F 758 88.29 -30.25 82.60
N THR F 759 87.07 -30.06 82.04
CA THR F 759 86.92 -29.34 80.76
C THR F 759 87.34 -27.88 80.83
N ASN F 760 87.07 -27.19 81.93
CA ASN F 760 87.45 -25.78 82.09
C ASN F 760 88.57 -25.58 83.09
N CYS F 761 88.50 -26.26 84.23
CA CYS F 761 89.30 -25.86 85.38
C CYS F 761 90.74 -26.38 85.29
N MET F 762 90.99 -27.49 84.58
CA MET F 762 92.35 -27.97 84.35
C MET F 762 92.76 -27.91 82.89
N GLN F 763 91.84 -28.20 81.96
CA GLN F 763 92.11 -28.32 80.52
C GLN F 763 92.29 -26.93 79.86
N LYS F 764 93.50 -26.34 80.06
CA LYS F 764 93.86 -25.02 79.52
C LYS F 764 95.24 -25.06 78.84
N PHE F 765 95.23 -25.45 77.55
CA PHE F 765 96.43 -25.54 76.70
C PHE F 765 97.53 -26.42 77.30
N THR F 766 97.15 -27.43 78.10
CA THR F 766 98.05 -28.29 78.90
C THR F 766 98.97 -27.44 79.80
N GLN F 767 98.34 -26.64 80.66
CA GLN F 767 99.01 -25.61 81.46
C GLN F 767 99.96 -24.76 80.60
N SER F 768 99.50 -24.42 79.39
CA SER F 768 100.20 -23.68 78.34
C SER F 768 101.46 -24.38 77.80
N MET F 769 101.67 -25.68 78.06
CA MET F 769 102.92 -26.33 77.71
C MET F 769 103.19 -26.28 76.20
N LYS F 770 102.14 -26.43 75.38
CA LYS F 770 102.24 -26.38 73.92
C LYS F 770 102.47 -24.98 73.34
N LEU F 771 102.41 -23.94 74.17
CA LEU F 771 102.35 -22.55 73.69
C LEU F 771 103.32 -21.65 74.46
N LEU F 814 103.93 -32.09 81.39
CA LEU F 814 105.00 -33.05 81.17
C LEU F 814 105.60 -33.56 82.47
N VAL F 815 105.01 -33.16 83.60
CA VAL F 815 105.46 -33.63 84.92
C VAL F 815 104.52 -34.70 85.45
N SER F 816 103.57 -35.16 84.63
CA SER F 816 102.61 -36.24 84.86
C SER F 816 101.50 -35.83 85.83
N GLY F 817 101.56 -34.63 86.41
CA GLY F 817 100.43 -34.12 87.17
C GLY F 817 99.27 -33.68 86.30
N PHE F 818 99.54 -33.38 85.03
CA PHE F 818 98.48 -33.23 84.03
C PHE F 818 97.76 -34.56 83.82
N GLU F 819 98.53 -35.64 83.60
CA GLU F 819 97.90 -36.92 83.31
C GLU F 819 97.26 -37.52 84.55
N ALA F 820 97.75 -37.15 85.74
CA ALA F 820 97.17 -37.69 86.97
C ALA F 820 95.75 -37.17 87.18
N THR F 821 95.45 -35.96 86.71
CA THR F 821 94.07 -35.47 86.76
C THR F 821 93.17 -36.24 85.78
N ILE F 822 93.63 -36.44 84.54
CA ILE F 822 92.89 -37.30 83.62
C ILE F 822 92.67 -38.69 84.23
N ASN F 823 93.69 -39.26 84.88
CA ASN F 823 93.52 -40.57 85.49
C ASN F 823 92.49 -40.55 86.62
N LYS F 824 92.53 -39.52 87.49
CA LYS F 824 91.59 -39.49 88.62
C LYS F 824 90.17 -39.18 88.15
N PHE F 825 90.03 -38.26 87.20
CA PHE F 825 88.71 -38.00 86.61
C PHE F 825 88.22 -39.24 85.88
N ASP F 826 89.12 -39.95 85.18
CA ASP F 826 88.72 -41.19 84.51
C ASP F 826 88.24 -42.23 85.52
N LYS F 827 88.92 -42.32 86.67
CA LYS F 827 88.55 -43.31 87.68
C LYS F 827 87.18 -43.02 88.29
N ASN F 828 86.85 -41.76 88.51
CA ASN F 828 85.51 -41.39 88.93
C ASN F 828 84.53 -41.56 87.77
N PHE F 829 84.86 -40.98 86.62
CA PHE F 829 83.94 -40.85 85.48
C PHE F 829 83.57 -42.22 84.92
N SER F 830 84.57 -43.04 84.58
CA SER F 830 84.31 -44.32 83.92
C SER F 830 83.34 -45.19 84.74
N ALA F 831 83.49 -45.19 86.07
CA ALA F 831 82.57 -45.93 86.94
C ALA F 831 81.18 -45.30 87.01
N HIS F 832 81.10 -43.98 87.17
CA HIS F 832 79.81 -43.29 87.20
C HIS F 832 79.14 -43.35 85.84
N LEU F 833 79.96 -43.28 84.78
CA LEU F 833 79.49 -43.47 83.42
C LEU F 833 78.86 -44.85 83.22
N LEU F 834 79.54 -45.89 83.70
CA LEU F 834 79.00 -47.24 83.64
C LEU F 834 77.64 -47.34 84.32
N ASP F 835 77.53 -46.85 85.55
CA ASP F 835 76.25 -46.93 86.26
C ASP F 835 75.16 -46.17 85.53
N LEU F 836 75.48 -44.99 85.00
CA LEU F 836 74.46 -44.19 84.30
C LEU F 836 74.00 -44.89 83.03
N LEU F 837 74.93 -45.36 82.20
CA LEU F 837 74.56 -45.99 80.95
C LEU F 837 73.91 -47.36 81.19
N ALA F 838 74.30 -48.07 82.26
CA ALA F 838 73.55 -49.24 82.68
C ALA F 838 72.12 -48.89 83.06
N ARG F 839 71.93 -47.83 83.86
CA ARG F 839 70.58 -47.38 84.18
C ARG F 839 69.81 -47.00 82.92
N LEU F 840 70.48 -46.37 81.94
CA LEU F 840 69.85 -46.04 80.68
C LEU F 840 69.51 -47.28 79.88
N SER F 841 70.20 -48.39 80.12
CA SER F 841 69.81 -49.69 79.59
C SER F 841 68.57 -50.24 80.28
N ILE F 842 68.58 -50.33 81.62
CA ILE F 842 67.52 -51.02 82.33
C ILE F 842 66.23 -50.19 82.43
N TYR F 843 66.32 -48.86 82.33
CA TYR F 843 65.13 -48.02 82.18
C TYR F 843 64.82 -47.76 80.70
N SER F 854 65.37 -45.23 74.56
CA SER F 854 65.85 -45.80 73.30
C SER F 854 67.23 -45.29 72.89
N VAL F 855 67.64 -44.13 73.41
CA VAL F 855 68.98 -43.59 73.15
C VAL F 855 70.10 -44.59 73.44
N ILE F 856 69.97 -45.42 74.48
CA ILE F 856 71.06 -46.34 74.82
C ILE F 856 71.40 -47.28 73.67
N SER F 857 70.40 -47.68 72.87
CA SER F 857 70.64 -48.55 71.72
C SER F 857 71.56 -47.91 70.68
N ARG F 858 71.47 -46.59 70.49
CA ARG F 858 72.38 -45.91 69.58
C ARG F 858 73.69 -45.53 70.25
N LEU F 859 73.74 -45.50 71.59
CA LEU F 859 75.01 -45.34 72.29
C LEU F 859 75.86 -46.61 72.25
N ASP F 860 75.23 -47.78 72.09
CA ASP F 860 75.99 -49.00 71.78
C ASP F 860 76.28 -49.13 70.28
N PHE F 861 75.23 -49.09 69.44
CA PHE F 861 75.28 -49.22 67.98
C PHE F 861 76.32 -50.24 67.48
N ASN F 862 77.43 -49.80 66.90
CA ASN F 862 78.40 -50.71 66.28
C ASN F 862 79.27 -51.45 67.28
N GLY F 863 79.08 -51.22 68.58
CA GLY F 863 79.96 -51.78 69.60
C GLY F 863 80.88 -50.72 70.18
N PHE F 864 80.33 -49.53 70.44
CA PHE F 864 81.10 -48.46 71.05
C PHE F 864 81.39 -48.82 72.51
N TYR F 865 82.54 -49.47 72.72
CA TYR F 865 82.96 -50.12 73.97
C TYR F 865 82.01 -51.23 74.45
N THR F 866 80.78 -50.87 74.80
CA THR F 866 79.81 -51.72 75.51
C THR F 866 80.26 -51.96 76.96
N GLU F 867 81.53 -52.30 77.21
CA GLU F 867 82.11 -52.24 78.55
C GLU F 867 83.17 -51.14 78.59
N ARG F 868 83.08 -50.24 79.56
CA ARG F 868 83.80 -48.98 79.52
C ARG F 868 85.29 -49.21 79.75
N ILE G 245 -31.71 -10.51 114.71
CA ILE G 245 -31.66 -9.56 113.54
C ILE G 245 -31.24 -10.31 112.25
N THR G 246 -31.68 -9.78 111.09
CA THR G 246 -31.33 -10.33 109.79
C THR G 246 -29.94 -9.88 109.34
N GLU G 247 -29.38 -10.65 108.39
CA GLU G 247 -28.04 -10.37 107.87
C GLU G 247 -27.95 -9.09 107.05
N ALA G 248 -29.06 -8.63 106.47
CA ALA G 248 -29.02 -7.48 105.57
C ALA G 248 -28.41 -6.24 106.21
N ALA G 249 -28.73 -5.97 107.48
CA ALA G 249 -28.12 -4.85 108.18
C ALA G 249 -26.60 -5.02 108.34
N LEU G 250 -26.15 -6.25 108.56
CA LEU G 250 -24.71 -6.51 108.67
C LEU G 250 -24.00 -6.25 107.34
N VAL G 251 -24.58 -6.72 106.23
CA VAL G 251 -24.00 -6.46 104.92
C VAL G 251 -23.97 -4.96 104.64
N ARG G 252 -25.04 -4.24 104.95
CA ARG G 252 -25.03 -2.79 104.77
C ARG G 252 -23.95 -2.10 105.59
N ASP G 253 -23.78 -2.50 106.84
CA ASP G 253 -22.67 -1.94 107.62
C ASP G 253 -21.31 -2.29 107.00
N ILE G 254 -21.14 -3.55 106.59
CA ILE G 254 -19.87 -3.99 106.00
C ILE G 254 -19.49 -3.16 104.77
N LEU G 255 -20.46 -2.75 103.96
CA LEU G 255 -20.17 -1.83 102.86
C LEU G 255 -19.56 -0.50 103.31
N TYR G 256 -19.94 0.01 104.48
CA TYR G 256 -19.27 1.21 105.00
C TYR G 256 -17.93 0.88 105.65
N VAL G 257 -17.84 -0.25 106.35
CA VAL G 257 -16.57 -0.71 106.93
C VAL G 257 -15.50 -0.82 105.85
N PHE G 258 -15.87 -1.30 104.67
CA PHE G 258 -14.96 -1.34 103.53
C PHE G 258 -14.41 0.05 103.18
N GLN G 259 -15.24 1.10 103.25
CA GLN G 259 -14.83 2.48 103.06
C GLN G 259 -14.09 3.08 104.26
N GLY G 260 -13.84 2.32 105.31
CA GLY G 260 -13.32 2.87 106.55
C GLY G 260 -14.31 3.75 107.27
N ILE G 261 -15.60 3.61 106.97
CA ILE G 261 -16.70 4.37 107.57
C ILE G 261 -17.45 3.46 108.53
N ASP G 262 -17.73 3.95 109.74
CA ASP G 262 -18.37 3.13 110.78
C ASP G 262 -19.86 2.89 110.53
N GLY G 263 -20.22 1.62 110.32
CA GLY G 263 -21.60 1.17 110.35
C GLY G 263 -22.23 1.22 111.74
N LYS G 264 -23.51 0.83 111.80
CA LYS G 264 -24.25 0.87 113.08
C LYS G 264 -23.82 -0.24 114.05
N ASN G 265 -23.74 -1.49 113.57
CA ASN G 265 -23.36 -2.61 114.42
C ASN G 265 -21.87 -2.94 114.37
N ILE G 266 -21.19 -2.70 113.24
CA ILE G 266 -19.77 -2.97 113.07
C ILE G 266 -19.02 -1.65 112.95
N LYS G 267 -17.97 -1.46 113.76
CA LYS G 267 -17.28 -0.17 113.84
C LYS G 267 -15.86 -0.35 114.38
N MET G 268 -15.04 0.69 114.18
CA MET G 268 -13.66 0.71 114.69
C MET G 268 -13.65 0.83 116.21
N ASN G 269 -13.16 -0.24 116.88
CA ASN G 269 -13.00 -0.28 118.33
C ASN G 269 -11.51 -0.06 118.62
N ASN G 270 -11.16 1.17 118.96
CA ASN G 270 -9.76 1.57 118.95
C ASN G 270 -8.99 1.13 120.19
N THR G 271 -9.54 0.23 121.01
CA THR G 271 -8.71 -0.49 121.97
C THR G 271 -7.67 -1.34 121.25
N GLU G 272 -8.08 -2.00 120.17
CA GLU G 272 -7.15 -2.65 119.24
C GLU G 272 -7.28 -1.98 117.87
N ASN G 273 -6.56 -2.54 116.90
CA ASN G 273 -6.68 -2.15 115.51
C ASN G 273 -7.68 -3.06 114.79
N CYS G 274 -8.96 -2.97 115.20
CA CYS G 274 -9.97 -3.83 114.58
C CYS G 274 -11.35 -3.20 114.61
N TYR G 275 -12.25 -3.80 113.81
CA TYR G 275 -13.68 -3.49 113.85
C TYR G 275 -14.42 -4.51 114.71
N LYS G 276 -14.96 -4.06 115.83
CA LYS G 276 -15.76 -4.95 116.68
C LYS G 276 -17.15 -5.12 116.08
N VAL G 277 -17.89 -6.10 116.62
CA VAL G 277 -19.27 -6.35 116.25
C VAL G 277 -20.14 -6.29 117.51
N GLU G 278 -21.46 -6.28 117.32
CA GLU G 278 -22.40 -6.48 118.42
C GLU G 278 -22.89 -7.93 118.43
N SER G 286 -24.09 -17.81 113.96
CA SER G 286 -23.13 -16.73 114.19
C SER G 286 -22.36 -16.36 112.92
N LEU G 287 -22.65 -15.15 112.44
CA LEU G 287 -21.94 -14.47 111.38
C LEU G 287 -20.94 -13.44 111.91
N ARG G 288 -20.98 -13.19 113.22
CA ARG G 288 -20.11 -12.22 113.87
C ARG G 288 -18.64 -12.45 113.53
N ASP G 289 -18.20 -13.69 113.75
CA ASP G 289 -16.92 -14.18 113.24
C ASP G 289 -16.66 -13.84 111.78
N THR G 290 -17.60 -14.15 110.88
CA THR G 290 -17.34 -13.89 109.47
C THR G 290 -17.22 -12.40 109.20
N ALA G 291 -18.03 -11.60 109.91
CA ALA G 291 -17.98 -10.15 109.71
C ALA G 291 -16.61 -9.58 110.06
N VAL G 292 -15.96 -10.11 111.10
CA VAL G 292 -14.60 -9.69 111.38
C VAL G 292 -13.66 -10.15 110.26
N ARG G 293 -13.85 -11.39 109.77
CA ARG G 293 -13.06 -11.87 108.65
C ARG G 293 -13.16 -10.96 107.42
N LEU G 294 -14.31 -10.27 107.27
CA LEU G 294 -14.59 -9.35 106.18
C LEU G 294 -14.30 -7.89 106.52
N SER G 295 -14.00 -7.56 107.78
CA SER G 295 -13.65 -6.20 108.16
C SER G 295 -12.21 -5.86 107.80
N GLU G 296 -11.36 -6.88 107.65
CA GLU G 296 -10.09 -6.76 106.96
C GLU G 296 -10.37 -6.18 105.57
N LEU G 297 -9.35 -5.63 104.90
CA LEU G 297 -9.52 -4.70 103.78
C LEU G 297 -10.13 -3.36 104.20
N GLY G 298 -11.10 -3.38 105.13
CA GLY G 298 -11.65 -2.15 105.65
C GLY G 298 -10.69 -1.33 106.49
N TRP G 299 -10.17 -1.95 107.54
CA TRP G 299 -9.08 -1.34 108.31
C TRP G 299 -7.89 -1.05 107.43
N LEU G 300 -7.67 -1.88 106.42
CA LEU G 300 -6.56 -1.67 105.51
C LEU G 300 -6.78 -0.44 104.64
N HIS G 301 -8.04 -0.15 104.28
CA HIS G 301 -8.34 1.14 103.64
C HIS G 301 -8.07 2.33 104.57
N ASN G 302 -8.46 2.24 105.85
CA ASN G 302 -8.13 3.32 106.78
C ASN G 302 -6.64 3.64 106.78
N LYS G 303 -5.79 2.62 106.81
CA LYS G 303 -4.34 2.86 106.78
C LYS G 303 -3.89 3.62 105.53
N ILE G 304 -4.17 3.08 104.34
CA ILE G 304 -3.68 3.75 103.12
C ILE G 304 -4.32 5.12 102.93
N ARG G 305 -5.60 5.28 103.29
CA ARG G 305 -6.21 6.62 103.21
C ARG G 305 -5.55 7.61 104.18
N ARG G 306 -5.40 7.23 105.45
CA ARG G 306 -4.78 8.16 106.40
C ARG G 306 -3.33 8.44 106.02
N TYR G 307 -2.61 7.45 105.51
CA TYR G 307 -1.28 7.71 104.98
C TYR G 307 -1.28 8.77 103.87
N THR G 308 -2.09 8.55 102.83
CA THR G 308 -2.06 9.48 101.70
C THR G 308 -2.62 10.85 102.06
N ASP G 309 -3.56 10.94 103.00
CA ASP G 309 -3.92 12.26 103.54
C ASP G 309 -2.72 12.99 104.13
N GLN G 310 -2.04 12.39 105.12
CA GLN G 310 -0.89 13.05 105.77
C GLN G 310 0.36 13.20 104.85
N ARG G 311 0.23 12.89 103.56
CA ARG G 311 1.29 13.06 102.58
C ARG G 311 0.86 13.86 101.37
N SER G 312 -0.45 14.10 101.22
CA SER G 312 -1.00 15.06 100.28
C SER G 312 -1.23 16.41 100.95
N LEU G 313 -1.52 16.41 102.25
CA LEU G 313 -1.19 17.53 103.12
C LEU G 313 0.33 17.64 103.35
N ASP G 314 0.75 18.88 103.63
CA ASP G 314 2.14 19.35 103.67
C ASP G 314 2.91 19.08 102.37
N ARG G 315 3.42 20.19 101.81
CA ARG G 315 4.12 20.26 100.53
C ARG G 315 5.50 19.60 100.57
N SER G 316 6.04 19.37 101.77
CA SER G 316 7.44 19.04 101.96
C SER G 316 7.83 17.67 101.38
N PHE G 317 6.87 16.78 101.13
CA PHE G 317 7.13 15.38 100.77
C PHE G 317 7.83 15.20 99.43
N GLY G 318 7.92 16.23 98.57
CA GLY G 318 8.71 16.15 97.36
C GLY G 318 8.00 15.49 96.18
N LEU G 319 8.59 15.68 94.98
CA LEU G 319 7.98 15.18 93.74
C LEU G 319 7.84 13.66 93.75
N VAL G 320 8.85 12.93 94.25
CA VAL G 320 8.72 11.48 94.32
C VAL G 320 7.59 11.09 95.26
N GLY G 321 7.44 11.82 96.35
CA GLY G 321 6.31 11.56 97.23
C GLY G 321 4.96 11.80 96.56
N GLN G 322 4.87 12.84 95.73
CA GLN G 322 3.63 13.13 95.02
C GLN G 322 3.26 12.03 94.04
N SER G 323 4.18 11.67 93.14
CA SER G 323 3.88 10.65 92.15
C SER G 323 3.50 9.33 92.82
N PHE G 324 4.13 9.02 93.94
CA PHE G 324 3.79 7.80 94.67
C PHE G 324 2.35 7.85 95.20
N CYS G 325 1.97 8.91 95.92
CA CYS G 325 0.58 9.00 96.37
C CYS G 325 -0.39 9.18 95.21
N ALA G 326 0.05 9.72 94.07
CA ALA G 326 -0.81 9.74 92.88
C ALA G 326 -1.06 8.32 92.38
N ALA G 327 -0.03 7.49 92.35
CA ALA G 327 -0.20 6.09 91.99
C ALA G 327 -1.12 5.39 92.98
N LEU G 328 -0.94 5.66 94.28
CA LEU G 328 -1.82 5.07 95.28
C LEU G 328 -3.27 5.51 95.11
N HIS G 329 -3.53 6.78 94.84
CA HIS G 329 -4.89 7.22 94.55
C HIS G 329 -5.49 6.49 93.36
N GLN G 330 -4.72 6.35 92.28
CA GLN G 330 -5.19 5.69 91.07
C GLN G 330 -5.48 4.20 91.30
N GLU G 331 -4.54 3.48 91.92
CA GLU G 331 -4.78 2.06 92.18
C GLU G 331 -5.86 1.86 93.24
N LEU G 332 -6.01 2.82 94.15
CA LEU G 332 -7.12 2.78 95.11
C LEU G 332 -8.46 3.17 94.46
N ARG G 333 -8.44 3.96 93.38
CA ARG G 333 -9.69 4.40 92.74
C ARG G 333 -10.55 3.22 92.32
N GLU G 334 -9.95 2.18 91.75
CA GLU G 334 -10.71 1.01 91.32
C GLU G 334 -11.37 0.29 92.49
N TYR G 335 -10.75 0.27 93.66
CA TYR G 335 -11.40 -0.36 94.80
C TYR G 335 -12.74 0.30 95.14
N TYR G 336 -12.89 1.61 94.93
CA TYR G 336 -14.21 2.23 95.04
C TYR G 336 -15.18 1.76 93.96
N ARG G 337 -14.70 1.55 92.72
CA ARG G 337 -15.58 1.03 91.67
C ARG G 337 -16.15 -0.31 92.09
N LEU G 338 -15.28 -1.23 92.49
CA LEU G 338 -15.75 -2.51 92.98
C LEU G 338 -16.78 -2.36 94.10
N LEU G 339 -16.53 -1.48 95.06
CA LEU G 339 -17.50 -1.33 96.14
C LEU G 339 -18.86 -0.84 95.64
N SER G 340 -18.91 -0.05 94.57
CA SER G 340 -20.20 0.29 93.97
C SER G 340 -20.86 -0.92 93.32
N VAL G 341 -20.08 -1.75 92.63
CA VAL G 341 -20.63 -2.98 92.03
C VAL G 341 -21.22 -3.89 93.10
N LEU G 342 -20.62 -3.91 94.29
CA LEU G 342 -21.20 -4.61 95.43
C LEU G 342 -22.44 -3.90 95.99
N HIS G 343 -22.35 -2.59 96.17
CA HIS G 343 -23.45 -1.80 96.75
C HIS G 343 -24.74 -1.95 95.93
N SER G 344 -24.60 -2.21 94.63
CA SER G 344 -25.71 -2.53 93.73
C SER G 344 -26.69 -3.60 94.21
N GLN G 345 -26.27 -4.56 95.04
CA GLN G 345 -27.13 -5.70 95.36
C GLN G 345 -28.08 -5.42 96.53
N LEU G 346 -29.28 -4.96 96.19
CA LEU G 346 -30.44 -4.99 97.07
C LEU G 346 -30.15 -4.58 98.50
N ARG G 366 -20.69 -11.52 102.20
CA ARG G 366 -20.53 -12.91 102.61
C ARG G 366 -19.98 -13.76 101.46
N LEU G 367 -20.12 -13.27 100.22
CA LEU G 367 -19.49 -13.84 99.03
C LEU G 367 -18.02 -13.39 98.99
N LEU G 368 -17.20 -14.06 99.79
CA LEU G 368 -15.83 -13.65 99.99
C LEU G 368 -15.02 -13.63 98.70
N VAL G 369 -15.43 -14.41 97.68
CA VAL G 369 -14.81 -14.40 96.34
C VAL G 369 -14.73 -13.01 95.72
N TRP G 370 -15.78 -12.25 96.05
CA TRP G 370 -15.79 -10.87 95.56
C TRP G 370 -14.66 -10.13 96.22
N THR G 371 -14.60 -10.17 97.55
CA THR G 371 -13.62 -9.37 98.30
C THR G 371 -12.23 -9.93 98.18
N TYR G 372 -12.09 -11.19 97.78
CA TYR G 372 -10.86 -11.96 97.97
C TYR G 372 -9.69 -11.40 97.21
N ASP G 373 -9.75 -11.38 95.88
CA ASP G 373 -8.59 -10.95 95.05
C ASP G 373 -8.13 -9.52 95.41
N PRO G 374 -9.02 -8.55 95.62
CA PRO G 374 -8.59 -7.25 96.13
C PRO G 374 -7.71 -7.33 97.39
N LYS G 375 -7.98 -8.25 98.30
CA LYS G 375 -7.20 -8.31 99.54
C LYS G 375 -5.71 -8.50 99.21
N ILE G 376 -5.33 -9.09 98.12
CA ILE G 376 -3.94 -9.28 97.72
C ILE G 376 -3.30 -7.96 97.27
N ARG G 377 -3.96 -7.22 96.37
CA ARG G 377 -3.41 -5.94 95.95
C ARG G 377 -3.32 -4.96 97.12
N LEU G 378 -4.36 -4.85 97.94
CA LEU G 378 -4.32 -3.90 99.04
C LEU G 378 -3.39 -4.32 100.17
N LYS G 379 -3.26 -5.62 100.46
CA LYS G 379 -2.16 -6.05 101.31
C LYS G 379 -0.82 -5.55 100.76
N THR G 380 -0.56 -5.81 99.47
CA THR G 380 0.73 -5.48 98.90
C THR G 380 1.03 -3.99 99.04
N LEU G 381 0.05 -3.15 98.70
CA LEU G 381 0.19 -1.70 98.86
C LEU G 381 0.36 -1.29 100.31
N ALA G 382 -0.49 -1.81 101.20
CA ALA G 382 -0.37 -1.48 102.62
C ALA G 382 1.00 -1.88 103.18
N ALA G 383 1.54 -3.02 102.73
CA ALA G 383 2.88 -3.41 103.12
C ALA G 383 3.93 -2.47 102.52
N LEU G 384 3.76 -2.10 101.26
CA LEU G 384 4.69 -1.19 100.59
C LEU G 384 4.75 0.19 101.26
N VAL G 385 3.60 0.80 101.58
CA VAL G 385 3.64 2.11 102.25
C VAL G 385 4.19 2.03 103.67
N ASP G 386 3.94 0.95 104.41
CA ASP G 386 4.55 0.83 105.73
C ASP G 386 6.07 0.68 105.65
N HIS G 387 6.55 -0.03 104.64
CA HIS G 387 7.99 -0.12 104.39
C HIS G 387 8.55 1.23 103.90
N CYS G 388 7.80 1.94 103.07
CA CYS G 388 8.12 3.29 102.62
C CYS G 388 7.79 4.40 103.62
N GLN G 389 7.52 4.08 104.88
CA GLN G 389 7.18 5.13 105.85
C GLN G 389 8.36 6.10 106.06
N GLY G 390 8.10 7.37 105.77
CA GLY G 390 9.07 8.44 106.01
C GLY G 390 10.25 8.55 105.07
N ARG G 391 10.23 7.90 103.91
CA ARG G 391 11.28 8.09 102.91
C ARG G 391 11.15 9.42 102.16
N LYS G 392 12.13 9.67 101.29
CA LYS G 392 12.18 10.84 100.43
C LYS G 392 12.94 10.44 99.15
N GLY G 393 12.78 11.20 98.09
CA GLY G 393 13.70 11.20 96.95
C GLY G 393 14.07 9.81 96.47
N GLY G 394 15.33 9.70 95.99
CA GLY G 394 15.83 8.43 95.47
C GLY G 394 15.87 7.31 96.48
N GLU G 395 15.80 7.63 97.78
CA GLU G 395 15.54 6.62 98.80
C GLU G 395 14.14 6.02 98.67
N LEU G 396 13.11 6.86 98.48
CA LEU G 396 11.77 6.34 98.29
C LEU G 396 11.66 5.50 97.03
N ALA G 397 12.28 5.96 95.94
CA ALA G 397 12.36 5.15 94.73
C ALA G 397 13.04 3.80 94.99
N SER G 398 14.05 3.78 95.87
CA SER G 398 14.70 2.52 96.24
C SER G 398 13.85 1.65 97.15
N ALA G 399 13.02 2.26 98.00
CA ALA G 399 12.11 1.47 98.81
C ALA G 399 11.09 0.72 97.96
N VAL G 400 10.52 1.38 96.96
CA VAL G 400 9.66 0.69 95.98
C VAL G 400 10.43 -0.34 95.17
N HIS G 401 11.67 -0.03 94.77
CA HIS G 401 12.49 -0.99 94.03
C HIS G 401 12.66 -2.32 94.76
N ALA G 402 12.79 -2.28 96.09
CA ALA G 402 12.96 -3.51 96.86
C ALA G 402 11.83 -4.51 96.62
N TYR G 403 10.58 -4.05 96.63
CA TYR G 403 9.46 -4.97 96.43
C TYR G 403 9.44 -5.61 95.04
N THR G 404 10.03 -4.98 94.03
CA THR G 404 10.08 -5.61 92.70
C THR G 404 10.94 -6.87 92.63
N LYS G 405 11.76 -7.17 93.65
CA LYS G 405 12.51 -8.42 93.71
C LYS G 405 11.64 -9.65 94.03
N THR G 406 10.35 -9.48 94.31
CA THR G 406 9.44 -10.60 94.58
C THR G 406 9.26 -11.47 93.34
N GLY G 407 9.25 -12.80 93.53
CA GLY G 407 9.12 -13.74 92.43
C GLY G 407 7.72 -13.92 91.87
N ASP G 408 6.69 -13.55 92.62
CA ASP G 408 5.29 -13.71 92.20
C ASP G 408 4.92 -12.74 91.07
N PRO G 409 4.52 -13.24 89.89
CA PRO G 409 4.14 -12.34 88.78
C PRO G 409 3.12 -11.25 89.09
N TYR G 410 2.24 -11.46 90.09
CA TYR G 410 1.23 -10.47 90.44
C TYR G 410 1.88 -9.18 90.98
N MET G 411 2.57 -9.28 92.12
CA MET G 411 3.29 -8.12 92.67
C MET G 411 4.44 -7.69 91.79
N ARG G 412 5.13 -8.66 91.18
CA ARG G 412 6.19 -8.32 90.24
C ARG G 412 5.69 -7.53 89.04
N SER G 413 4.40 -7.59 88.72
CA SER G 413 3.81 -6.66 87.76
C SER G 413 3.40 -5.33 88.40
N LEU G 414 2.44 -5.35 89.33
CA LEU G 414 1.80 -4.10 89.77
C LEU G 414 2.78 -3.19 90.52
N VAL G 415 3.69 -3.73 91.33
CA VAL G 415 4.65 -2.84 91.98
C VAL G 415 5.74 -2.38 91.01
N GLN G 416 6.05 -3.16 89.98
CA GLN G 416 6.94 -2.64 88.94
C GLN G 416 6.27 -1.54 88.10
N HIS G 417 4.95 -1.61 87.89
CA HIS G 417 4.25 -0.45 87.32
C HIS G 417 4.31 0.78 88.22
N ILE G 418 4.13 0.61 89.53
CA ILE G 418 4.28 1.75 90.44
C ILE G 418 5.70 2.30 90.40
N LEU G 419 6.73 1.43 90.44
CA LEU G 419 8.09 1.89 90.20
C LEU G 419 8.24 2.60 88.85
N SER G 420 7.61 2.06 87.80
CA SER G 420 7.76 2.65 86.48
C SER G 420 7.21 4.06 86.45
N LEU G 421 6.07 4.26 87.09
CA LEU G 421 5.48 5.58 87.29
C LEU G 421 6.37 6.47 88.16
N VAL G 422 6.71 5.98 89.36
CA VAL G 422 7.49 6.72 90.35
C VAL G 422 8.88 7.12 89.87
N SER G 423 9.42 6.44 88.86
CA SER G 423 10.71 6.83 88.30
C SER G 423 10.65 8.18 87.56
N HIS G 424 9.48 8.62 87.14
CA HIS G 424 9.35 9.85 86.34
C HIS G 424 9.98 11.09 86.95
N PRO G 425 9.71 11.47 88.21
CA PRO G 425 10.50 12.57 88.79
C PRO G 425 12.02 12.41 88.70
N VAL G 426 12.60 11.28 89.13
CA VAL G 426 14.05 11.17 89.16
C VAL G 426 14.66 11.18 87.75
N LEU G 427 14.02 10.53 86.77
CA LEU G 427 14.51 10.69 85.40
C LEU G 427 14.24 12.09 84.84
N SER G 428 13.22 12.81 85.31
CA SER G 428 13.01 14.19 84.86
C SER G 428 14.12 15.14 85.34
N PHE G 429 14.80 14.82 86.44
CA PHE G 429 16.05 15.50 86.75
C PHE G 429 17.17 14.98 85.85
N LEU G 430 17.39 13.66 85.83
CA LEU G 430 18.54 13.09 85.14
C LEU G 430 18.56 13.41 83.64
N TYR G 431 17.45 13.18 82.93
CA TYR G 431 17.40 13.43 81.50
C TYR G 431 17.47 14.90 81.12
N ARG G 432 17.45 15.82 82.09
CA ARG G 432 17.84 17.21 81.85
C ARG G 432 19.30 17.45 82.22
N TRP G 433 19.69 17.02 83.42
CA TRP G 433 21.07 17.17 83.87
C TRP G 433 22.09 16.53 82.91
N ILE G 434 21.69 15.49 82.16
CA ILE G 434 22.54 14.87 81.14
C ILE G 434 22.81 15.78 79.92
N TYR G 435 22.03 16.85 79.73
CA TYR G 435 22.15 17.75 78.59
C TYR G 435 22.35 19.22 78.97
N ASP G 436 21.94 19.63 80.17
CA ASP G 436 21.89 21.04 80.57
C ASP G 436 22.10 21.16 82.08
N GLY G 437 23.11 21.92 82.49
CA GLY G 437 23.58 21.91 83.86
C GLY G 437 22.78 22.74 84.86
N GLU G 438 21.55 22.33 85.17
CA GLU G 438 20.69 23.01 86.13
C GLU G 438 19.85 22.03 86.95
N LEU G 439 19.51 22.43 88.19
CA LEU G 439 18.75 21.62 89.15
C LEU G 439 17.92 22.50 90.09
N GLU G 440 16.71 22.00 90.50
CA GLU G 440 15.74 22.85 91.18
C GLU G 440 14.97 22.21 92.36
N ASP G 441 15.38 21.07 92.93
CA ASP G 441 14.59 20.44 94.00
C ASP G 441 14.56 21.24 95.31
N THR G 442 13.34 21.45 95.85
CA THR G 442 13.14 22.27 97.05
C THR G 442 13.40 21.49 98.33
N TYR G 443 12.52 20.53 98.65
CA TYR G 443 12.86 19.47 99.58
C TYR G 443 13.80 18.52 98.82
N HIS G 444 14.98 18.27 99.37
CA HIS G 444 16.00 17.66 98.53
C HIS G 444 15.67 16.21 98.18
N GLU G 445 15.89 15.86 96.90
CA GLU G 445 15.50 14.58 96.35
C GLU G 445 16.47 13.99 95.32
N PHE G 446 17.13 14.83 94.52
CA PHE G 446 18.10 14.36 93.52
C PHE G 446 19.46 14.14 94.17
N PHE G 447 20.27 13.25 93.56
CA PHE G 447 21.53 12.83 94.17
C PHE G 447 22.72 13.74 93.87
N VAL G 448 22.74 14.48 92.75
CA VAL G 448 23.87 15.38 92.46
C VAL G 448 23.68 16.71 93.19
N ALA G 449 23.73 16.70 94.52
CA ALA G 449 23.56 17.89 95.34
C ALA G 449 24.73 18.86 95.15
N SER G 450 24.47 20.00 94.53
CA SER G 450 25.38 21.13 94.61
C SER G 450 25.40 21.74 96.01
N ASP G 451 26.61 22.05 96.53
CA ASP G 451 26.69 22.94 97.68
C ASP G 451 26.62 24.42 97.25
N PRO G 452 26.14 25.29 98.13
CA PRO G 452 26.13 26.73 97.83
C PRO G 452 27.51 27.39 97.94
N THR G 453 27.63 28.58 97.32
CA THR G 453 28.89 29.34 97.19
C THR G 453 29.95 28.58 96.37
N VAL G 454 31.24 28.97 96.50
CA VAL G 454 32.35 28.41 95.71
C VAL G 454 32.07 28.51 94.21
N LYS G 455 31.60 29.69 93.77
CA LYS G 455 31.18 29.96 92.39
C LYS G 455 32.34 30.29 91.46
N THR G 456 33.56 30.49 91.98
CA THR G 456 34.76 30.73 91.19
C THR G 456 35.23 29.46 90.47
N ASP G 457 36.43 29.52 89.86
CA ASP G 457 36.97 28.39 89.11
C ASP G 457 37.05 27.11 89.94
N ARG G 458 37.14 27.24 91.26
CA ARG G 458 37.09 26.14 92.22
C ARG G 458 35.80 25.32 92.13
N LEU G 459 34.78 25.85 91.44
CA LEU G 459 33.55 25.11 91.15
C LEU G 459 33.82 23.73 90.56
N TRP G 460 34.74 23.63 89.60
CA TRP G 460 35.02 22.37 88.94
C TRP G 460 35.52 21.31 89.91
N HIS G 461 36.38 21.70 90.84
CA HIS G 461 36.93 20.75 91.81
C HIS G 461 35.93 20.35 92.90
N ASP G 462 35.14 21.29 93.42
CA ASP G 462 34.44 21.09 94.69
C ASP G 462 32.92 21.01 94.59
N LYS G 463 32.26 21.79 93.72
CA LYS G 463 30.89 22.23 94.01
C LYS G 463 29.83 21.10 94.00
N TYR G 464 29.98 20.06 93.16
CA TYR G 464 28.94 19.04 93.00
C TYR G 464 29.31 17.75 93.73
N THR G 465 28.60 17.47 94.83
CA THR G 465 28.80 16.23 95.59
C THR G 465 28.01 15.10 94.94
N LEU G 466 27.99 13.92 95.59
CA LEU G 466 27.11 12.84 95.16
C LEU G 466 26.44 12.19 96.38
N ARG G 467 25.18 12.58 96.63
CA ARG G 467 24.44 12.20 97.83
C ARG G 467 24.21 10.69 97.89
N LYS G 468 24.94 10.03 98.79
CA LYS G 468 24.94 8.58 98.91
C LYS G 468 23.63 7.99 99.43
N SER G 469 22.78 8.80 100.09
CA SER G 469 21.53 8.30 100.64
C SER G 469 20.43 8.23 99.59
N MET G 470 20.67 8.75 98.38
CA MET G 470 19.61 9.07 97.44
C MET G 470 19.95 8.68 96.01
N ILE G 471 20.97 7.87 95.78
CA ILE G 471 21.06 7.23 94.46
C ILE G 471 19.95 6.21 94.36
N PRO G 472 19.12 6.23 93.32
CA PRO G 472 18.08 5.21 93.18
C PRO G 472 18.68 3.88 92.78
N SER G 473 18.43 2.86 93.60
CA SER G 473 19.07 1.55 93.49
C SER G 473 18.84 0.83 92.16
N PHE G 474 17.95 1.29 91.27
CA PHE G 474 17.94 0.79 89.90
C PHE G 474 19.11 1.30 89.02
N MET G 475 19.98 2.17 89.54
CA MET G 475 21.24 2.53 88.90
C MET G 475 22.41 2.25 89.83
N THR G 476 23.59 1.94 89.26
CA THR G 476 24.81 1.77 90.03
C THR G 476 25.42 3.11 90.43
N MET G 477 26.33 3.03 91.39
CA MET G 477 27.08 4.22 91.78
C MET G 477 27.85 4.79 90.60
N ASP G 478 28.51 3.92 89.83
CA ASP G 478 29.24 4.37 88.65
C ASP G 478 28.37 5.21 87.75
N GLN G 479 27.14 4.77 87.51
CA GLN G 479 26.25 5.55 86.67
C GLN G 479 26.00 6.93 87.28
N SER G 480 25.66 6.98 88.58
CA SER G 480 25.46 8.26 89.25
C SER G 480 26.70 9.13 89.23
N ARG G 481 27.85 8.54 88.98
CA ARG G 481 29.06 9.32 88.81
C ARG G 481 29.22 9.79 87.36
N LYS G 482 28.92 8.94 86.39
CA LYS G 482 28.98 9.34 84.98
C LYS G 482 28.09 10.56 84.69
N VAL G 483 26.84 10.55 85.18
CA VAL G 483 25.96 11.69 84.94
C VAL G 483 26.42 12.94 85.72
N LEU G 484 27.01 12.76 86.90
CA LEU G 484 27.61 13.91 87.59
C LEU G 484 28.70 14.57 86.74
N LEU G 485 29.63 13.77 86.21
CA LEU G 485 30.70 14.31 85.39
C LEU G 485 30.16 14.98 84.12
N ILE G 486 29.15 14.37 83.48
CA ILE G 486 28.51 14.98 82.31
C ILE G 486 27.92 16.35 82.65
N GLY G 487 27.04 16.41 83.66
CA GLY G 487 26.39 17.66 83.99
C GLY G 487 27.35 18.73 84.49
N LYS G 488 28.38 18.34 85.25
CA LYS G 488 29.45 19.27 85.60
C LYS G 488 30.12 19.85 84.36
N SER G 489 30.44 19.00 83.38
CA SER G 489 31.12 19.48 82.18
C SER G 489 30.31 20.52 81.40
N ILE G 490 28.99 20.35 81.27
CA ILE G 490 28.19 21.37 80.59
C ILE G 490 27.96 22.61 81.47
N ASN G 491 27.80 22.42 82.78
CA ASN G 491 27.69 23.56 83.69
C ASN G 491 28.96 24.43 83.66
N PHE G 492 30.13 23.79 83.65
CA PHE G 492 31.38 24.51 83.39
C PHE G 492 31.38 25.20 82.03
N LEU G 493 30.96 24.49 81.00
CA LEU G 493 31.02 25.01 79.64
C LEU G 493 30.10 26.21 79.44
N HIS G 494 28.99 26.30 80.17
CA HIS G 494 28.24 27.55 80.23
C HIS G 494 28.95 28.59 81.11
N GLN G 495 29.00 28.35 82.42
CA GLN G 495 29.20 29.40 83.40
C GLN G 495 30.65 29.92 83.50
N VAL G 496 31.65 29.23 82.94
CA VAL G 496 33.01 29.77 82.89
C VAL G 496 33.67 29.52 81.54
N CYS G 497 32.87 29.26 80.49
CA CYS G 497 33.40 29.19 79.11
C CYS G 497 32.45 29.74 78.04
N HIS G 498 31.17 29.97 78.39
CA HIS G 498 30.16 30.67 77.59
C HIS G 498 29.72 30.05 76.25
N ASP G 499 30.53 29.19 75.61
CA ASP G 499 30.15 28.49 74.37
C ASP G 499 29.19 27.31 74.64
N GLN G 500 27.94 27.65 74.97
CA GLN G 500 26.85 26.68 75.13
C GLN G 500 26.58 25.80 73.90
N THR G 501 26.26 24.49 74.16
CA THR G 501 25.92 23.46 73.16
C THR G 501 25.31 22.27 73.91
N PRO G 502 24.20 21.65 73.42
CA PRO G 502 23.51 20.62 74.23
C PRO G 502 24.35 19.37 74.49
N GLN G 531 20.82 4.09 81.34
CA GLN G 531 21.97 3.36 80.81
C GLN G 531 21.79 3.20 79.30
N GLY G 532 20.63 3.63 78.79
CA GLY G 532 20.43 3.72 77.36
C GLY G 532 21.31 4.76 76.70
N LYS G 533 21.58 5.86 77.42
CA LYS G 533 22.40 6.96 76.95
C LYS G 533 23.60 7.27 77.84
N ILE G 534 23.58 6.85 79.12
CA ILE G 534 24.65 7.21 80.06
C ILE G 534 26.00 6.70 79.57
N ASP G 535 26.06 5.51 78.99
CA ASP G 535 27.34 4.99 78.49
C ASP G 535 27.75 5.55 77.12
N ALA G 536 27.06 6.59 76.65
CA ALA G 536 27.42 7.27 75.40
C ALA G 536 27.58 8.77 75.62
N ALA G 537 26.72 9.39 76.44
CA ALA G 537 26.65 10.83 76.61
C ALA G 537 27.91 11.40 77.24
N TYR G 538 28.65 10.59 77.99
CA TYR G 538 29.94 10.99 78.51
C TYR G 538 30.91 11.30 77.37
N PHE G 539 30.99 10.41 76.38
CA PHE G 539 31.87 10.60 75.24
C PHE G 539 31.32 11.68 74.29
N GLU G 540 30.01 11.87 74.25
CA GLU G 540 29.45 12.89 73.38
C GLU G 540 29.74 14.30 73.92
N THR G 541 29.44 14.55 75.19
CA THR G 541 29.73 15.84 75.79
C THR G 541 31.22 16.09 76.03
N SER G 542 32.04 15.04 76.04
CA SER G 542 33.47 15.21 76.24
C SER G 542 34.11 16.05 75.15
N LYS G 543 33.68 15.85 73.90
CA LYS G 543 34.43 16.37 72.75
C LYS G 543 34.27 17.88 72.61
N TYR G 544 33.12 18.43 73.00
CA TYR G 544 32.95 19.88 72.96
C TYR G 544 34.02 20.53 73.82
N LEU G 545 34.12 20.09 75.07
CA LEU G 545 35.02 20.68 76.04
C LEU G 545 36.48 20.57 75.61
N LEU G 546 36.91 19.38 75.19
CA LEU G 546 38.27 19.21 74.71
C LEU G 546 38.57 20.00 73.43
N ASP G 547 37.56 20.32 72.61
CA ASP G 547 37.78 21.29 71.53
C ASP G 547 37.91 22.74 72.04
N VAL G 548 36.93 23.25 72.79
CA VAL G 548 36.98 24.66 73.17
C VAL G 548 38.16 24.98 74.10
N LEU G 549 38.64 24.00 74.87
CA LEU G 549 39.89 24.18 75.60
C LEU G 549 41.07 24.42 74.68
N ASN G 550 40.92 24.17 73.38
CA ASN G 550 42.02 24.35 72.47
C ASN G 550 41.67 25.21 71.24
N LYS G 551 40.39 25.55 71.06
CA LYS G 551 39.91 26.28 69.89
C LYS G 551 39.17 27.56 70.27
N LYS G 552 39.11 27.89 71.56
CA LYS G 552 38.54 29.14 72.09
C LYS G 552 39.42 29.64 73.23
N TYR G 553 39.61 28.79 74.24
CA TYR G 553 40.79 28.80 75.09
C TYR G 553 41.91 27.99 74.44
N SER G 554 43.08 27.94 75.09
CA SER G 554 44.20 27.11 74.64
C SER G 554 44.78 26.29 75.79
N LEU G 555 45.07 25.01 75.53
CA LEU G 555 45.65 24.13 76.56
C LEU G 555 46.91 23.40 76.11
N LEU G 556 46.86 22.62 75.01
CA LEU G 556 48.04 21.88 74.58
C LEU G 556 49.18 22.80 74.14
N ASP G 557 48.84 23.94 73.52
CA ASP G 557 49.83 24.95 73.16
C ASP G 557 50.41 25.64 74.40
N HIS G 558 49.59 25.84 75.44
CA HIS G 558 50.10 26.40 76.70
C HIS G 558 50.92 25.38 77.50
N MET G 559 50.60 24.08 77.42
CA MET G 559 51.50 23.06 77.94
C MET G 559 52.86 23.11 77.22
N GLN G 560 52.85 23.22 75.90
CA GLN G 560 54.10 23.40 75.16
C GLN G 560 54.86 24.65 75.61
N ALA G 561 54.15 25.77 75.78
CA ALA G 561 54.77 26.99 76.28
C ALA G 561 55.28 26.85 77.72
N MET G 562 54.53 26.14 78.58
CA MET G 562 55.03 25.96 79.95
C MET G 562 56.29 25.11 80.00
N ARG G 563 56.37 24.06 79.20
CA ARG G 563 57.64 23.32 79.18
C ARG G 563 58.76 24.22 78.66
N ARG G 564 58.46 25.05 77.67
CA ARG G 564 59.47 25.95 77.11
C ARG G 564 60.01 26.93 78.16
N TYR G 565 59.14 27.76 78.75
CA TYR G 565 59.60 28.80 79.67
C TYR G 565 59.63 28.29 81.12
N LEU G 566 58.47 27.93 81.67
CA LEU G 566 58.39 27.59 83.09
C LEU G 566 59.28 26.40 83.46
N LEU G 567 59.47 25.46 82.54
CA LEU G 567 60.34 24.31 82.79
C LEU G 567 61.66 24.42 82.04
N LEU G 568 62.00 25.63 81.57
CA LEU G 568 63.28 26.01 80.98
C LEU G 568 63.59 25.33 79.64
N GLY G 569 62.67 24.55 79.07
CA GLY G 569 62.97 23.77 77.88
C GLY G 569 63.22 24.55 76.61
N GLN G 570 62.88 25.86 76.57
CA GLN G 570 63.15 26.71 75.40
C GLN G 570 64.58 27.23 75.49
N GLY G 571 65.50 26.46 74.91
CA GLY G 571 66.93 26.72 74.92
C GLY G 571 67.39 28.00 74.26
N ASP G 572 66.50 28.74 73.58
CA ASP G 572 66.85 30.08 73.10
C ASP G 572 66.68 31.15 74.19
N PHE G 573 65.50 31.23 74.81
CA PHE G 573 65.11 32.40 75.57
C PHE G 573 66.00 32.61 76.80
N ILE G 574 66.04 31.63 77.69
CA ILE G 574 66.81 31.77 78.93
C ILE G 574 68.29 31.93 78.63
N ARG G 575 68.78 31.28 77.57
CA ARG G 575 70.19 31.32 77.18
C ARG G 575 70.71 32.73 76.90
N HIS G 576 69.86 33.71 76.64
CA HIS G 576 70.37 35.08 76.54
C HIS G 576 69.66 36.05 77.45
N LEU G 577 68.49 35.70 77.99
CA LEU G 577 67.99 36.42 79.16
C LEU G 577 69.06 36.54 80.25
N MET G 578 69.69 35.42 80.61
CA MET G 578 70.72 35.48 81.65
C MET G 578 72.04 36.07 81.16
N ASP G 579 72.12 36.51 79.90
CA ASP G 579 73.21 37.41 79.51
C ASP G 579 72.82 38.86 79.83
N LEU G 580 71.69 39.33 79.29
CA LEU G 580 71.28 40.72 79.51
C LEU G 580 71.01 40.98 80.99
N LEU G 581 70.39 40.01 81.67
CA LEU G 581 70.04 40.13 83.08
C LEU G 581 71.22 39.85 84.01
N LYS G 582 72.40 39.53 83.47
CA LYS G 582 73.54 39.21 84.33
C LYS G 582 73.86 40.33 85.33
N PRO G 583 73.92 41.62 84.95
CA PRO G 583 73.99 42.68 85.96
C PRO G 583 72.90 42.66 87.03
N GLU G 584 71.65 42.39 86.66
CA GLU G 584 70.56 42.42 87.63
C GLU G 584 70.53 41.17 88.50
N LEU G 585 71.14 40.08 88.04
CA LEU G 585 71.19 38.87 88.85
C LEU G 585 72.13 39.02 90.05
N VAL G 586 73.14 39.89 89.94
CA VAL G 586 74.02 40.19 91.09
C VAL G 586 73.51 41.40 91.86
N ARG G 587 73.04 42.45 91.17
CA ARG G 587 72.80 43.75 91.80
C ARG G 587 71.57 43.70 92.71
N PRO G 588 71.71 43.89 94.03
CA PRO G 588 70.54 43.85 94.95
C PRO G 588 69.77 45.16 94.98
N ALA G 589 69.02 45.44 93.91
CA ALA G 589 68.09 46.57 93.90
C ALA G 589 66.80 46.14 94.60
N THR G 590 66.74 46.37 95.92
CA THR G 590 65.93 45.57 96.82
C THR G 590 64.42 45.82 96.71
N THR G 591 63.98 46.97 96.16
CA THR G 591 62.56 47.20 95.90
C THR G 591 62.33 47.64 94.46
N LEU G 592 63.23 47.26 93.56
CA LEU G 592 63.06 47.37 92.11
C LEU G 592 62.08 46.28 91.65
N TYR G 593 60.80 46.44 91.99
CA TYR G 593 59.74 45.46 91.74
C TYR G 593 59.46 45.28 90.22
N GLN G 594 58.51 44.36 89.94
CA GLN G 594 58.29 43.79 88.60
C GLN G 594 58.18 44.82 87.49
N HIS G 595 57.63 46.00 87.80
CA HIS G 595 57.48 47.05 86.80
C HIS G 595 58.82 47.61 86.30
N ASN G 596 59.86 47.55 87.11
CA ASN G 596 61.22 47.82 86.62
C ASN G 596 61.91 46.59 86.07
N LEU G 597 61.43 45.38 86.37
CA LEU G 597 62.03 44.14 85.91
C LEU G 597 61.41 43.58 84.62
N THR G 598 60.38 44.23 84.07
CA THR G 598 59.70 43.70 82.89
C THR G 598 60.35 44.19 81.59
N GLY G 599 60.84 45.43 81.55
CA GLY G 599 61.49 45.94 80.35
C GLY G 599 62.66 45.10 79.88
N ILE G 600 63.42 44.52 80.83
CA ILE G 600 64.51 43.61 80.49
C ILE G 600 63.97 42.33 79.84
N LEU G 601 62.78 41.89 80.20
CA LEU G 601 62.17 40.77 79.50
C LEU G 601 61.98 41.09 78.01
N GLU G 602 61.39 42.25 77.69
CA GLU G 602 61.09 42.57 76.30
C GLU G 602 62.36 42.77 75.46
N THR G 603 63.42 43.37 76.03
CA THR G 603 64.65 43.46 75.24
C THR G 603 65.31 42.10 75.09
N ALA G 604 65.24 41.25 76.13
CA ALA G 604 65.75 39.89 75.98
C ALA G 604 65.04 39.15 74.85
N VAL G 605 63.74 39.36 74.68
CA VAL G 605 62.99 38.71 73.61
C VAL G 605 63.42 39.21 72.21
N ARG G 606 64.07 40.37 72.11
CA ARG G 606 64.71 40.74 70.84
C ARG G 606 66.16 40.30 70.74
N ALA G 607 66.88 40.28 71.87
CA ALA G 607 68.29 39.93 71.91
C ALA G 607 68.52 38.44 71.67
N THR G 608 67.46 37.63 71.65
CA THR G 608 67.53 36.27 71.16
C THR G 608 66.20 35.94 70.49
N ASN G 609 66.18 34.82 69.71
CA ASN G 609 65.06 34.56 68.78
C ASN G 609 63.76 34.10 69.50
N ALA G 610 63.74 34.21 70.83
CA ALA G 610 62.50 34.05 71.60
C ALA G 610 61.33 34.88 71.04
N GLN G 611 61.62 35.97 70.31
CA GLN G 611 60.59 36.70 69.58
C GLN G 611 59.71 35.81 68.70
N PHE G 612 60.21 34.61 68.35
CA PHE G 612 59.45 33.68 67.52
C PHE G 612 58.37 32.90 68.29
N ASP G 613 58.44 32.85 69.62
CA ASP G 613 57.32 32.34 70.40
C ASP G 613 56.15 33.32 70.30
N SER G 614 54.94 32.79 70.07
CA SER G 614 53.80 33.66 69.80
C SER G 614 53.44 34.48 71.04
N PRO G 615 53.39 35.81 70.95
CA PRO G 615 53.36 36.65 72.16
C PRO G 615 52.05 36.64 72.95
N GLU G 616 50.99 35.95 72.50
CA GLU G 616 49.83 35.69 73.35
C GLU G 616 50.17 34.72 74.48
N ILE G 617 51.24 33.93 74.30
CA ILE G 617 51.87 33.25 75.42
C ILE G 617 52.58 34.25 76.33
N LEU G 618 53.40 35.11 75.74
CA LEU G 618 54.19 36.04 76.54
C LEU G 618 53.33 37.11 77.21
N ARG G 619 52.08 37.26 76.75
CA ARG G 619 51.07 38.03 77.49
C ARG G 619 50.81 37.45 78.87
N ARG G 620 50.77 36.12 78.98
CA ARG G 620 50.49 35.46 80.24
C ARG G 620 51.77 35.23 81.06
N LEU G 621 52.90 35.13 80.38
CA LEU G 621 54.20 35.09 81.04
C LEU G 621 54.53 36.43 81.72
N ASP G 622 54.87 36.40 83.01
CA ASP G 622 55.58 37.54 83.61
C ASP G 622 56.24 37.15 84.92
N VAL G 623 57.24 37.96 85.32
CA VAL G 623 57.96 37.77 86.58
C VAL G 623 57.01 37.81 87.76
N ARG G 624 57.38 37.08 88.81
CA ARG G 624 56.94 37.32 90.18
C ARG G 624 58.11 36.94 91.08
N LEU G 625 58.53 37.86 91.95
CA LEU G 625 59.64 37.58 92.85
C LEU G 625 59.27 36.47 93.84
N LEU G 626 60.32 35.85 94.39
CA LEU G 626 60.14 34.81 95.40
C LEU G 626 59.61 35.38 96.72
N GLU G 627 59.60 34.53 97.75
CA GLU G 627 58.93 34.80 99.01
C GLU G 627 59.61 35.95 99.77
N VAL G 628 58.84 36.55 100.70
CA VAL G 628 59.29 37.66 101.54
C VAL G 628 60.65 37.38 102.19
N SER G 629 61.58 38.33 102.03
CA SER G 629 63.00 38.11 102.26
C SER G 629 63.70 39.45 102.43
N PRO G 630 64.93 39.48 103.02
CA PRO G 630 65.72 40.72 103.09
C PRO G 630 66.28 41.22 101.75
N GLY G 631 67.32 42.06 101.77
CA GLY G 631 67.79 42.79 100.60
C GLY G 631 68.62 41.97 99.61
N ASP G 632 68.00 40.94 99.05
CA ASP G 632 68.64 39.92 98.22
C ASP G 632 68.92 40.41 96.78
N THR G 633 69.55 39.51 96.00
CA THR G 633 69.94 39.74 94.61
C THR G 633 68.98 39.00 93.67
N GLY G 634 69.11 39.29 92.38
CA GLY G 634 68.33 38.57 91.37
C GLY G 634 68.62 37.07 91.33
N TRP G 635 69.89 36.69 91.47
CA TRP G 635 70.23 35.25 91.55
C TRP G 635 69.50 34.58 92.70
N ASP G 636 69.18 35.31 93.76
CA ASP G 636 68.49 34.71 94.90
C ASP G 636 66.99 34.61 94.65
N VAL G 637 66.34 35.72 94.29
CA VAL G 637 64.88 35.78 94.35
C VAL G 637 64.25 36.13 92.99
N PHE G 638 64.98 35.96 91.88
CA PHE G 638 64.35 36.07 90.56
C PHE G 638 63.53 34.82 90.26
N SER G 639 62.29 35.00 89.81
CA SER G 639 61.48 33.88 89.35
C SER G 639 60.49 34.34 88.30
N LEU G 640 60.17 33.44 87.37
CA LEU G 640 59.14 33.65 86.36
C LEU G 640 57.80 33.09 86.85
N ASP G 641 56.74 33.42 86.13
CA ASP G 641 55.41 32.92 86.44
C ASP G 641 54.57 32.90 85.18
N TYR G 642 53.53 32.06 85.19
CA TYR G 642 52.53 32.04 84.13
C TYR G 642 51.17 31.75 84.78
N HIS G 643 50.77 32.62 85.71
CA HIS G 643 49.60 32.37 86.55
C HIS G 643 48.30 32.61 85.77
N VAL G 644 47.48 31.55 85.66
CA VAL G 644 46.28 31.60 84.83
C VAL G 644 45.04 31.27 85.68
N ASP G 645 44.49 32.27 86.36
CA ASP G 645 43.13 32.18 86.89
C ASP G 645 42.11 32.30 85.74
N GLY G 646 40.91 31.77 85.96
CA GLY G 646 39.91 31.73 84.93
C GLY G 646 40.09 30.56 83.95
N PRO G 647 40.27 30.87 82.64
CA PRO G 647 40.12 29.84 81.58
C PRO G 647 40.70 28.45 81.85
N ILE G 648 41.94 28.35 82.32
CA ILE G 648 42.63 27.07 82.50
C ILE G 648 42.95 26.80 83.97
N ALA G 649 42.36 27.56 84.90
CA ALA G 649 42.59 27.37 86.33
C ALA G 649 42.23 25.96 86.81
N THR G 650 41.37 25.24 86.08
CA THR G 650 40.99 23.87 86.42
C THR G 650 42.07 22.84 86.09
N VAL G 651 42.91 23.09 85.10
CA VAL G 651 44.01 22.18 84.76
C VAL G 651 45.30 22.62 85.44
N PHE G 652 45.64 23.91 85.32
CA PHE G 652 46.76 24.50 86.02
C PHE G 652 46.35 24.76 87.48
N THR G 653 46.24 23.66 88.24
CA THR G 653 45.59 23.65 89.54
C THR G 653 46.26 24.61 90.54
N ARG G 654 45.42 25.33 91.29
CA ARG G 654 45.86 26.44 92.15
C ARG G 654 47.07 26.09 93.01
N GLU G 655 47.07 24.91 93.62
CA GLU G 655 48.15 24.54 94.53
C GLU G 655 49.40 24.11 93.77
N CYS G 656 49.25 23.49 92.59
CA CYS G 656 50.39 22.88 91.93
C CYS G 656 51.23 23.89 91.15
N MET G 657 50.80 25.16 91.11
CA MET G 657 51.69 26.25 90.70
C MET G 657 52.82 26.42 91.70
N SER G 658 52.58 26.16 92.98
CA SER G 658 53.68 26.13 93.94
C SER G 658 54.64 24.99 93.61
N HIS G 659 54.10 23.86 93.16
CA HIS G 659 54.94 22.75 92.76
C HIS G 659 55.71 23.08 91.49
N TYR G 660 55.04 23.71 90.52
CA TYR G 660 55.73 24.23 89.35
C TYR G 660 56.81 25.23 89.70
N LEU G 661 56.55 26.09 90.69
CA LEU G 661 57.54 27.06 91.14
C LEU G 661 58.73 26.36 91.80
N ARG G 662 58.48 25.24 92.47
CA ARG G 662 59.57 24.44 93.03
C ARG G 662 60.37 23.78 91.92
N VAL G 663 59.69 23.33 90.85
CA VAL G 663 60.39 22.78 89.70
C VAL G 663 61.23 23.87 89.04
N PHE G 664 60.66 25.07 88.89
CA PHE G 664 61.43 26.21 88.40
C PHE G 664 62.59 26.53 89.34
N ASN G 665 62.33 26.55 90.65
CA ASN G 665 63.35 26.88 91.63
C ASN G 665 64.61 26.04 91.42
N PHE G 666 64.50 24.71 91.48
CA PHE G 666 65.67 23.87 91.28
C PHE G 666 66.21 24.01 89.85
N LEU G 667 65.34 23.97 88.84
CA LEU G 667 65.84 24.04 87.48
C LEU G 667 66.55 25.36 87.24
N TRP G 668 66.10 26.42 87.91
CA TRP G 668 66.79 27.71 87.81
C TRP G 668 68.13 27.65 88.54
N ARG G 669 68.12 27.19 89.79
CA ARG G 669 69.38 27.01 90.52
C ARG G 669 70.37 26.20 89.68
N ALA G 670 69.87 25.15 89.04
CA ALA G 670 70.71 24.28 88.23
C ALA G 670 71.18 24.99 86.97
N LYS G 671 70.26 25.64 86.26
CA LYS G 671 70.62 26.38 85.06
C LYS G 671 71.54 27.55 85.40
N ARG G 672 71.39 28.14 86.60
CA ARG G 672 72.35 29.13 87.07
C ARG G 672 73.74 28.50 87.22
N MET G 673 73.82 27.33 87.85
CA MET G 673 75.12 26.68 87.95
C MET G 673 75.68 26.27 86.59
N GLU G 674 74.84 25.83 85.66
CA GLU G 674 75.33 25.63 84.30
C GLU G 674 75.81 26.95 83.67
N TYR G 675 74.97 27.99 83.71
CA TYR G 675 75.31 29.24 83.03
C TYR G 675 76.51 29.92 83.68
N ILE G 676 76.59 29.89 85.01
CA ILE G 676 77.73 30.48 85.70
C ILE G 676 78.98 29.66 85.41
N LEU G 677 78.82 28.34 85.28
CA LEU G 677 79.94 27.47 84.92
C LEU G 677 80.32 27.56 83.44
N THR G 678 79.37 27.78 82.52
CA THR G 678 79.80 28.02 81.14
C THR G 678 80.39 29.42 80.97
N ASP G 679 79.96 30.39 81.79
CA ASP G 679 80.66 31.67 81.86
C ASP G 679 82.07 31.55 82.44
N ILE G 680 82.27 30.75 83.50
CA ILE G 680 83.64 30.54 83.95
C ILE G 680 84.43 29.73 82.92
N ARG G 681 83.77 28.83 82.18
CA ARG G 681 84.48 28.13 81.12
C ARG G 681 84.89 29.08 79.99
N LYS G 682 84.04 30.05 79.68
CA LYS G 682 84.49 31.19 78.88
C LYS G 682 85.71 31.85 79.53
N GLY G 683 85.70 31.98 80.86
CA GLY G 683 86.89 32.40 81.58
C GLY G 683 88.08 31.48 81.38
N HIS G 684 87.84 30.16 81.34
CA HIS G 684 88.93 29.20 81.16
C HIS G 684 89.62 29.29 79.81
N MET G 685 88.98 29.89 78.80
CA MET G 685 89.61 30.09 77.52
C MET G 685 89.99 31.55 77.24
N CYS G 686 89.46 32.50 78.02
CA CYS G 686 89.78 33.91 77.83
C CYS G 686 90.76 34.45 78.87
N ASN G 687 90.73 33.95 80.12
CA ASN G 687 91.74 34.36 81.08
C ASN G 687 93.02 33.58 80.87
N ALA G 688 92.93 32.37 80.32
CA ALA G 688 94.09 31.56 80.01
C ALA G 688 94.64 31.87 78.61
N LYS G 689 94.03 32.82 77.90
CA LYS G 689 94.52 33.24 76.58
C LYS G 689 95.90 33.90 76.68
N LEU G 690 96.22 34.51 77.81
CA LEU G 690 97.50 35.18 78.01
C LEU G 690 98.23 34.58 79.19
N LEU G 691 98.24 33.24 79.25
CA LEU G 691 98.78 32.49 80.36
C LEU G 691 99.21 31.12 79.85
N ARG G 692 100.20 31.10 78.95
CA ARG G 692 100.54 29.92 78.16
C ARG G 692 102.05 29.63 78.10
N ASN G 693 102.87 30.34 78.88
CA ASN G 693 104.33 30.37 78.69
C ASN G 693 105.11 29.46 79.63
N MET G 694 104.82 29.42 80.97
CA MET G 694 105.71 28.75 81.93
C MET G 694 105.07 27.47 82.47
N PRO G 695 105.85 26.39 82.65
CA PRO G 695 105.25 25.06 82.89
C PRO G 695 104.62 24.83 84.26
N GLU G 696 105.00 25.58 85.30
CA GLU G 696 104.42 25.33 86.62
C GLU G 696 102.93 25.67 86.63
N PHE G 697 102.56 26.81 86.03
CA PHE G 697 101.15 27.08 85.86
C PHE G 697 100.53 26.28 84.73
N SER G 698 101.33 25.70 83.83
CA SER G 698 100.76 24.71 82.92
C SER G 698 100.34 23.45 83.68
N GLY G 699 101.01 23.16 84.80
CA GLY G 699 100.58 22.08 85.68
C GLY G 699 99.37 22.46 86.51
N VAL G 700 99.43 23.59 87.22
CA VAL G 700 98.39 23.93 88.19
C VAL G 700 97.25 24.70 87.55
N LEU G 701 97.37 25.12 86.29
CA LEU G 701 96.19 25.43 85.51
C LEU G 701 95.37 24.16 85.28
N HIS G 702 96.03 23.05 84.96
CA HIS G 702 95.27 21.84 84.76
C HIS G 702 94.78 21.26 86.08
N GLN G 703 95.40 21.61 87.21
CA GLN G 703 94.79 21.32 88.50
C GLN G 703 93.45 22.05 88.64
N CYS G 704 93.32 23.24 88.06
CA CYS G 704 92.00 23.86 87.97
C CYS G 704 91.14 23.18 86.91
N HIS G 705 91.77 22.75 85.81
CA HIS G 705 91.00 22.29 84.66
C HIS G 705 90.39 20.90 84.90
N ILE G 706 91.11 20.00 85.58
CA ILE G 706 90.50 18.72 85.95
C ILE G 706 89.28 18.98 86.83
N LEU G 707 89.45 19.83 87.83
CA LEU G 707 88.36 20.09 88.78
C LEU G 707 87.19 20.76 88.06
N ALA G 708 87.47 21.76 87.22
CA ALA G 708 86.43 22.41 86.44
C ALA G 708 85.77 21.42 85.47
N SER G 709 86.57 20.57 84.82
CA SER G 709 85.99 19.53 83.97
C SER G 709 85.08 18.59 84.74
N GLU G 710 85.46 18.18 85.95
CA GLU G 710 84.60 17.31 86.74
C GLU G 710 83.25 17.96 87.06
N MET G 711 83.22 19.23 87.45
CA MET G 711 81.91 19.86 87.68
C MET G 711 81.22 20.21 86.37
N VAL G 712 81.99 20.50 85.30
CA VAL G 712 81.39 20.64 83.98
C VAL G 712 80.66 19.35 83.60
N HIS G 713 81.34 18.21 83.70
CA HIS G 713 80.70 16.94 83.44
C HIS G 713 79.56 16.67 84.43
N PHE G 714 79.75 17.02 85.71
CA PHE G 714 78.68 16.88 86.69
C PHE G 714 77.44 17.67 86.26
N ILE G 715 77.58 18.97 86.02
CA ILE G 715 76.41 19.77 85.68
C ILE G 715 75.90 19.43 84.28
N HIS G 716 76.81 19.22 83.32
CA HIS G 716 76.39 18.87 81.95
C HIS G 716 75.64 17.53 81.91
N GLN G 717 76.21 16.46 82.47
CA GLN G 717 75.53 15.16 82.50
C GLN G 717 74.35 15.11 83.47
N MET G 718 74.37 15.87 84.58
CA MET G 718 73.14 16.03 85.33
C MET G 718 72.06 16.74 84.53
N GLN G 719 72.49 17.78 83.82
CA GLN G 719 71.57 18.59 82.99
C GLN G 719 70.94 17.61 82.02
N TYR G 720 71.73 16.87 81.21
CA TYR G 720 71.23 15.91 80.23
C TYR G 720 70.50 14.73 80.88
N TYR G 721 70.88 14.34 82.10
CA TYR G 721 70.05 13.39 82.84
C TYR G 721 68.63 13.92 83.02
N ILE G 722 68.48 15.16 83.49
CA ILE G 722 67.14 15.74 83.60
C ILE G 722 66.49 15.84 82.21
N THR G 723 67.26 16.24 81.19
CA THR G 723 66.71 16.37 79.84
C THR G 723 66.14 15.04 79.35
N PHE G 724 66.90 13.96 79.53
CA PHE G 724 66.48 12.64 79.07
C PHE G 724 65.47 12.01 80.03
N GLU G 725 65.88 11.81 81.29
CA GLU G 725 65.18 10.90 82.19
C GLU G 725 63.92 11.55 82.77
N VAL G 726 64.04 12.80 83.20
CA VAL G 726 62.89 13.54 83.70
C VAL G 726 62.05 14.02 82.52
N LEU G 727 62.64 14.89 81.70
CA LEU G 727 61.86 15.66 80.75
C LEU G 727 61.32 14.78 79.61
N GLU G 728 62.18 14.25 78.74
CA GLU G 728 61.67 13.58 77.55
C GLU G 728 60.70 12.45 77.91
N CYS G 729 61.04 11.63 78.93
CA CYS G 729 60.17 10.52 79.30
C CYS G 729 58.82 10.99 79.82
N SER G 730 58.83 11.94 80.75
CA SER G 730 57.58 12.43 81.31
C SER G 730 56.80 13.24 80.29
N TRP G 731 57.52 13.95 79.41
CA TRP G 731 56.85 14.76 78.40
C TRP G 731 56.19 13.88 77.34
N ASP G 732 56.85 12.79 76.92
CA ASP G 732 56.24 11.91 75.93
C ASP G 732 55.13 11.08 76.56
N GLU G 733 55.26 10.78 77.86
CA GLU G 733 54.17 10.14 78.58
C GLU G 733 52.96 11.08 78.63
N LEU G 734 53.22 12.37 78.90
CA LEU G 734 52.16 13.36 78.88
C LEU G 734 51.57 13.51 77.48
N TRP G 735 52.44 13.58 76.46
CA TRP G 735 51.95 13.68 75.09
C TRP G 735 51.10 12.46 74.73
N ASN G 736 51.51 11.27 75.18
CA ASN G 736 50.74 10.07 74.93
C ASN G 736 49.36 10.11 75.57
N LYS G 737 49.27 10.55 76.84
CA LYS G 737 47.98 10.53 77.52
C LYS G 737 47.07 11.66 77.04
N VAL G 738 47.62 12.81 76.61
CA VAL G 738 46.73 13.81 76.00
C VAL G 738 46.30 13.35 74.61
N GLN G 739 47.12 12.55 73.92
CA GLN G 739 46.72 12.06 72.61
C GLN G 739 45.65 10.97 72.70
N GLN G 740 45.62 10.20 73.79
CA GLN G 740 44.57 9.22 74.00
C GLN G 740 43.46 9.77 74.90
N ALA G 741 43.47 11.06 75.18
CA ALA G 741 42.55 11.66 76.14
C ALA G 741 41.14 11.72 75.55
N GLN G 742 40.31 10.75 75.93
CA GLN G 742 38.92 10.73 75.49
C GLN G 742 38.05 11.66 76.35
N ASP G 743 38.44 11.90 77.61
CA ASP G 743 37.78 12.91 78.43
C ASP G 743 38.83 13.67 79.24
N LEU G 744 38.39 14.69 79.99
CA LEU G 744 39.30 15.65 80.61
C LEU G 744 40.03 15.11 81.85
N ASP G 745 39.39 14.28 82.68
CA ASP G 745 40.06 13.78 83.88
C ASP G 745 41.30 12.95 83.57
N HIS G 746 41.38 12.36 82.37
CA HIS G 746 42.58 11.64 81.96
C HIS G 746 43.78 12.58 81.82
N ILE G 747 43.52 13.80 81.36
CA ILE G 747 44.56 14.84 81.35
C ILE G 747 44.93 15.18 82.79
N ILE G 748 43.93 15.56 83.60
CA ILE G 748 44.15 16.17 84.90
C ILE G 748 44.87 15.23 85.87
N ALA G 749 44.40 13.98 86.01
CA ALA G 749 45.00 13.13 87.04
C ALA G 749 46.40 12.71 86.66
N ALA G 750 46.62 12.41 85.39
CA ALA G 750 47.94 12.02 84.92
C ALA G 750 48.86 13.23 84.74
N HIS G 751 48.31 14.45 84.64
CA HIS G 751 49.12 15.66 84.76
C HIS G 751 49.67 15.78 86.17
N GLU G 752 48.84 15.48 87.18
CA GLU G 752 49.31 15.42 88.55
C GLU G 752 50.38 14.34 88.71
N VAL G 753 50.19 13.20 88.04
CA VAL G 753 51.20 12.13 88.04
C VAL G 753 52.46 12.58 87.28
N PHE G 754 52.29 13.37 86.21
CA PHE G 754 53.44 13.94 85.49
C PHE G 754 54.22 14.89 86.37
N LEU G 755 53.51 15.73 87.13
CA LEU G 755 54.17 16.63 88.08
C LEU G 755 54.91 15.85 89.17
N ASP G 756 54.30 14.77 89.66
CA ASP G 756 54.98 13.87 90.58
C ASP G 756 56.19 13.21 89.90
N THR G 757 56.09 12.94 88.59
CA THR G 757 57.20 12.33 87.86
C THR G 757 58.38 13.29 87.75
N ILE G 758 58.11 14.56 87.45
CA ILE G 758 59.20 15.52 87.32
C ILE G 758 59.75 15.96 88.67
N ILE G 759 58.95 15.86 89.74
CA ILE G 759 59.48 16.17 91.05
C ILE G 759 60.21 14.97 91.65
N SER G 760 59.95 13.75 91.16
CA SER G 760 60.46 12.53 91.79
C SER G 760 61.56 11.87 91.00
N ARG G 761 61.56 11.96 89.66
CA ARG G 761 62.66 11.42 88.87
C ARG G 761 63.84 12.38 88.85
N CYS G 762 63.62 13.63 89.25
CA CYS G 762 64.71 14.49 89.68
C CYS G 762 65.05 14.15 91.13
N LEU G 763 66.06 14.83 91.69
CA LEU G 763 66.53 14.58 93.05
C LEU G 763 65.62 15.19 94.13
N LEU G 764 64.38 15.57 93.80
CA LEU G 764 63.58 16.45 94.63
C LEU G 764 62.46 15.71 95.35
N ASP G 765 62.77 14.56 95.93
CA ASP G 765 61.87 13.96 96.89
C ASP G 765 61.83 14.82 98.16
N SER G 766 60.61 15.14 98.60
CA SER G 766 60.44 16.07 99.71
C SER G 766 60.86 15.46 101.04
N ASP G 767 60.89 14.13 101.13
CA ASP G 767 61.35 13.44 102.33
C ASP G 767 62.82 13.09 102.27
N SER G 768 63.47 13.29 101.12
CA SER G 768 64.91 13.06 100.97
C SER G 768 65.69 14.36 101.02
N ARG G 769 65.23 15.31 101.84
CA ARG G 769 65.87 16.62 101.90
C ARG G 769 67.21 16.55 102.61
N ALA G 770 67.38 15.60 103.53
CA ALA G 770 68.68 15.42 104.18
C ALA G 770 69.71 14.88 103.19
N LEU G 771 69.26 14.07 102.22
CA LEU G 771 70.14 13.67 101.14
C LEU G 771 70.37 14.82 100.18
N LEU G 772 69.37 15.69 100.04
CA LEU G 772 69.44 16.80 99.09
C LEU G 772 70.31 17.94 99.60
N ASN G 773 70.58 17.98 100.92
CA ASN G 773 71.46 18.99 101.49
C ASN G 773 72.88 18.88 100.97
N GLN G 774 73.29 17.65 100.58
CA GLN G 774 74.59 17.44 99.97
C GLN G 774 74.76 18.16 98.64
N LEU G 775 73.67 18.33 97.87
CA LEU G 775 73.80 19.00 96.58
C LEU G 775 74.06 20.49 96.74
N ARG G 776 73.58 21.08 97.83
CA ARG G 776 73.97 22.44 98.21
C ARG G 776 75.47 22.54 98.46
N ALA G 777 76.06 21.49 99.04
CA ALA G 777 77.52 21.46 99.22
C ALA G 777 78.25 21.31 97.88
N VAL G 778 77.61 20.70 96.87
CA VAL G 778 78.20 20.70 95.53
C VAL G 778 78.10 22.10 94.90
N PHE G 779 76.93 22.76 95.02
CA PHE G 779 76.81 24.15 94.59
C PHE G 779 77.92 25.02 95.19
N ASP G 780 78.20 24.83 96.48
CA ASP G 780 79.28 25.54 97.16
C ASP G 780 80.62 25.36 96.44
N GLN G 781 80.93 24.14 95.96
CA GLN G 781 82.15 23.94 95.20
C GLN G 781 82.13 24.66 93.85
N ILE G 782 80.97 24.74 93.20
CA ILE G 782 80.93 25.39 91.89
C ILE G 782 81.10 26.91 92.05
N ILE G 783 80.41 27.52 93.00
CA ILE G 783 80.55 28.96 93.18
C ILE G 783 81.91 29.29 93.82
N GLU G 784 82.48 28.37 94.61
CA GLU G 784 83.80 28.65 95.15
C GLU G 784 84.88 28.48 94.09
N LEU G 785 84.68 27.57 93.13
CA LEU G 785 85.59 27.56 91.98
C LEU G 785 85.34 28.78 91.08
N GLN G 786 84.12 29.32 91.04
CA GLN G 786 83.91 30.58 90.33
C GLN G 786 84.80 31.67 90.93
N ASN G 787 84.72 31.86 92.25
CA ASN G 787 85.51 32.89 92.91
C ASN G 787 86.99 32.55 92.84
N ALA G 788 87.32 31.28 93.05
CA ALA G 788 88.72 30.87 93.12
C ALA G 788 89.37 30.92 91.74
N GLN G 789 88.63 30.56 90.70
CA GLN G 789 89.19 30.59 89.34
C GLN G 789 89.43 32.03 88.90
N ASP G 790 88.49 32.92 89.18
CA ASP G 790 88.68 34.33 88.84
C ASP G 790 89.83 34.93 89.67
N ALA G 791 89.95 34.51 90.93
CA ALA G 791 91.06 35.01 91.77
C ALA G 791 92.41 34.50 91.26
N ILE G 792 92.54 33.19 91.00
CA ILE G 792 93.86 32.67 90.63
C ILE G 792 94.19 33.05 89.20
N TYR G 793 93.20 33.15 88.32
CA TYR G 793 93.48 33.52 86.94
C TYR G 793 93.78 35.02 86.82
N ARG G 794 93.12 35.87 87.62
CA ARG G 794 93.47 37.28 87.57
C ARG G 794 94.74 37.59 88.36
N ALA G 795 95.10 36.74 89.33
CA ALA G 795 96.42 36.87 89.97
C ALA G 795 97.50 36.37 89.02
N ALA G 796 97.21 35.33 88.24
CA ALA G 796 98.10 34.91 87.17
C ALA G 796 98.18 35.96 86.07
N LEU G 797 97.06 36.62 85.77
CA LEU G 797 97.06 37.76 84.87
C LEU G 797 97.79 38.95 85.50
N GLU G 798 97.82 39.04 86.83
CA GLU G 798 98.61 40.08 87.47
C GLU G 798 100.10 39.84 87.26
N GLU G 799 100.56 38.58 87.28
CA GLU G 799 101.95 38.33 86.87
C GLU G 799 102.16 38.67 85.40
N LEU G 800 101.31 38.15 84.51
CA LEU G 800 101.56 38.34 83.09
C LEU G 800 101.15 39.73 82.62
N GLN G 801 100.53 40.54 83.49
CA GLN G 801 100.62 41.99 83.37
C GLN G 801 101.98 42.52 83.85
N ARG G 802 102.36 42.20 85.10
CA ARG G 802 103.57 42.77 85.68
C ARG G 802 104.84 42.36 84.93
N ARG G 803 104.82 41.26 84.18
CA ARG G 803 105.94 40.93 83.31
C ARG G 803 106.21 42.04 82.29
N LEU G 804 105.15 42.61 81.68
CA LEU G 804 105.35 43.72 80.76
C LEU G 804 105.36 45.09 81.43
N GLN G 805 104.75 45.25 82.62
CA GLN G 805 105.03 46.46 83.41
C GLN G 805 106.53 46.59 83.69
N PHE G 806 107.22 45.47 83.88
CA PHE G 806 108.68 45.45 83.96
C PHE G 806 109.33 45.56 82.58
N GLU G 807 108.86 44.78 81.60
CA GLU G 807 109.52 44.74 80.29
C GLU G 807 109.46 46.09 79.56
N GLU G 808 108.37 46.84 79.71
CA GLU G 808 108.32 48.19 79.14
C GLU G 808 109.20 49.18 79.88
N LYS G 809 109.62 48.85 81.10
CA LYS G 809 110.64 49.61 81.81
C LYS G 809 112.03 49.26 81.29
N LYS G 810 112.30 47.96 81.12
CA LYS G 810 113.57 47.49 80.58
C LYS G 810 113.79 47.96 79.14
N LYS G 811 112.72 48.03 78.36
CA LYS G 811 112.72 48.67 77.06
C LYS G 811 113.05 50.16 77.12
N ALA G 823 119.58 42.27 89.59
CA ALA G 823 119.82 43.67 89.84
C ALA G 823 118.83 44.21 90.87
N ALA G 824 118.79 45.53 91.06
CA ALA G 824 118.04 46.12 92.15
C ALA G 824 116.56 46.31 91.83
N GLU G 825 116.18 46.31 90.54
CA GLU G 825 114.84 46.67 90.13
C GLU G 825 114.10 45.55 89.42
N GLU G 826 114.71 44.37 89.27
CA GLU G 826 114.07 43.27 88.56
C GLU G 826 113.13 42.45 89.44
N GLU G 827 113.10 42.66 90.76
CA GLU G 827 112.21 41.87 91.60
C GLU G 827 110.76 42.37 91.53
N GLU G 828 110.49 43.39 90.71
CA GLU G 828 109.14 43.92 90.57
C GLU G 828 108.22 43.01 89.76
N GLU G 829 108.78 42.06 89.00
CA GLU G 829 108.02 40.91 88.50
C GLU G 829 108.25 39.67 89.35
N ASN G 830 109.44 39.50 89.94
CA ASN G 830 109.70 38.35 90.82
C ASN G 830 108.83 38.42 92.07
N LYS G 831 108.18 39.56 92.30
CA LYS G 831 107.11 39.69 93.29
C LYS G 831 105.99 38.68 93.05
N ARG G 832 105.65 38.41 91.80
CA ARG G 832 104.65 37.40 91.49
C ARG G 832 105.25 36.04 91.18
N ILE G 833 106.56 35.97 90.90
CA ILE G 833 107.20 34.65 90.81
C ILE G 833 107.23 34.02 92.20
N GLY G 834 107.50 34.84 93.23
CA GLY G 834 107.34 34.39 94.60
C GLY G 834 105.92 33.98 94.92
N GLU G 835 104.94 34.72 94.38
CA GLU G 835 103.54 34.34 94.51
C GLU G 835 103.24 33.04 93.77
N PHE G 836 103.88 32.83 92.61
CA PHE G 836 103.66 31.62 91.83
C PHE G 836 104.27 30.39 92.49
N LYS G 837 105.32 30.56 93.31
CA LYS G 837 105.86 29.44 94.06
C LYS G 837 105.29 29.32 95.48
N GLU G 838 104.67 30.37 96.01
CA GLU G 838 103.95 30.26 97.28
C GLU G 838 102.47 29.96 97.08
N SER G 839 102.03 29.84 95.82
CA SER G 839 100.65 29.44 95.53
C SER G 839 100.41 27.98 95.91
N ILE G 840 101.44 27.14 95.80
CA ILE G 840 101.35 25.72 96.12
C ILE G 840 101.09 25.51 97.61
N PRO G 841 101.63 26.33 98.55
CA PRO G 841 100.97 26.41 99.88
C PRO G 841 99.68 27.22 99.96
N LYS G 842 99.51 28.29 99.17
CA LYS G 842 98.35 29.16 99.38
C LYS G 842 97.22 28.83 98.41
N MET G 843 97.39 29.14 97.13
CA MET G 843 96.23 29.18 96.25
C MET G 843 96.02 27.82 95.59
N CYS G 844 97.11 27.17 95.19
CA CYS G 844 97.00 25.82 94.66
C CYS G 844 96.57 24.85 95.77
N SER G 845 97.03 25.07 97.01
CA SER G 845 96.57 24.24 98.12
C SER G 845 95.14 24.60 98.52
N GLN G 846 94.74 25.85 98.33
CA GLN G 846 93.34 26.22 98.46
C GLN G 846 92.50 25.51 97.40
N LEU G 847 93.04 25.39 96.19
CA LEU G 847 92.44 24.55 95.17
C LEU G 847 92.50 23.08 95.55
N ARG G 848 93.55 22.64 96.26
CA ARG G 848 93.61 21.25 96.70
C ARG G 848 92.53 20.94 97.73
N ILE G 849 92.30 21.85 98.69
CA ILE G 849 91.23 21.61 99.64
C ILE G 849 89.87 21.81 98.97
N LEU G 850 89.82 22.59 97.88
CA LEU G 850 88.62 22.62 97.06
C LEU G 850 88.38 21.27 96.37
N THR G 851 89.44 20.64 95.86
CA THR G 851 89.30 19.28 95.31
C THR G 851 88.93 18.28 96.41
N HIS G 852 89.50 18.45 97.61
CA HIS G 852 89.20 17.53 98.70
C HIS G 852 87.73 17.62 99.11
N PHE G 853 87.19 18.84 99.19
CA PHE G 853 85.78 19.01 99.50
C PHE G 853 84.89 18.52 98.36
N TYR G 854 85.21 18.90 97.12
CA TYR G 854 84.41 18.46 95.99
C TYR G 854 84.49 16.94 95.80
N GLN G 855 85.69 16.37 95.72
CA GLN G 855 85.81 14.94 95.48
C GLN G 855 85.24 14.11 96.64
N GLY G 856 85.43 14.57 97.88
CA GLY G 856 84.91 13.83 99.01
C GLY G 856 83.39 13.86 99.08
N ILE G 857 82.80 15.02 98.81
CA ILE G 857 81.34 15.13 98.85
C ILE G 857 80.69 14.52 97.61
N VAL G 858 81.38 14.47 96.46
CA VAL G 858 80.84 13.71 95.33
C VAL G 858 81.03 12.20 95.49
N GLN G 859 82.02 11.72 96.26
CA GLN G 859 81.98 10.29 96.62
C GLN G 859 80.82 10.02 97.57
N GLN G 860 80.53 10.98 98.45
CA GLN G 860 79.35 10.85 99.29
C GLN G 860 78.06 10.84 98.45
N PHE G 861 78.02 11.61 97.37
CA PHE G 861 76.91 11.55 96.41
C PHE G 861 76.84 10.17 95.74
N LEU G 862 77.97 9.67 95.23
CA LEU G 862 78.00 8.35 94.61
C LEU G 862 77.61 7.26 95.60
N VAL G 863 77.92 7.42 96.88
CA VAL G 863 77.38 6.52 97.90
C VAL G 863 75.87 6.70 98.01
N LEU G 864 75.39 7.94 97.99
CA LEU G 864 73.94 8.19 98.11
C LEU G 864 73.19 7.78 96.85
N LEU G 865 73.87 7.65 95.71
CA LEU G 865 73.32 7.04 94.51
C LEU G 865 73.40 5.51 94.53
N THR G 866 73.72 4.93 95.68
CA THR G 866 73.45 3.52 95.97
C THR G 866 72.46 3.34 97.11
N THR G 867 71.82 4.43 97.54
CA THR G 867 70.84 4.37 98.63
C THR G 867 69.41 4.63 98.17
N SER G 868 69.21 5.24 97.00
CA SER G 868 67.89 5.57 96.47
C SER G 868 67.31 4.39 95.69
N SER G 869 66.34 4.67 94.81
CA SER G 869 65.83 3.67 93.88
C SER G 869 66.91 3.21 92.89
N ASP G 870 67.73 4.14 92.41
CA ASP G 870 68.98 3.88 91.67
C ASP G 870 68.79 3.17 90.33
N GLU G 871 67.57 3.10 89.78
CA GLU G 871 67.40 2.34 88.56
C GLU G 871 67.87 3.13 87.34
N SER G 872 67.88 4.46 87.42
CA SER G 872 68.40 5.31 86.35
C SER G 872 69.24 6.49 86.85
N LEU G 873 69.20 6.85 88.14
CA LEU G 873 70.29 7.61 88.72
C LEU G 873 71.61 6.85 88.65
N ARG G 874 71.54 5.52 88.52
CA ARG G 874 72.69 4.70 88.13
C ARG G 874 73.32 5.17 86.82
N PHE G 875 72.50 5.57 85.82
CA PHE G 875 73.09 6.18 84.62
C PHE G 875 73.88 7.44 84.95
N LEU G 876 73.29 8.37 85.71
CA LEU G 876 74.01 9.58 86.11
C LEU G 876 75.31 9.25 86.86
N SER G 877 75.24 8.31 87.81
CA SER G 877 76.45 7.91 88.55
C SER G 877 77.55 7.39 87.63
N PHE G 878 77.17 6.78 86.49
CA PHE G 878 78.14 6.38 85.46
C PHE G 878 78.60 7.56 84.60
N ARG G 879 77.69 8.43 84.18
CA ARG G 879 78.05 9.55 83.32
C ARG G 879 79.04 10.53 83.95
N LEU G 880 79.16 10.55 85.28
CA LEU G 880 80.23 11.26 85.98
C LEU G 880 81.63 10.67 85.76
N ASP G 881 81.77 9.49 85.13
CA ASP G 881 82.93 8.63 85.28
C ASP G 881 83.31 7.94 83.96
N PHE G 882 84.59 7.57 83.81
CA PHE G 882 85.00 6.53 82.86
C PHE G 882 86.37 5.97 83.23
N ASN G 883 86.66 4.77 82.69
CA ASN G 883 87.81 3.93 83.08
C ASN G 883 87.86 3.71 84.58
N GLU G 884 86.68 3.70 85.22
CA GLU G 884 86.47 3.36 86.63
C GLU G 884 87.37 4.15 87.59
N HIS G 885 87.30 5.49 87.48
CA HIS G 885 88.08 6.37 88.36
C HIS G 885 87.29 6.92 89.54
N TYR G 886 86.06 7.38 89.34
CA TYR G 886 85.09 7.42 90.43
C TYR G 886 84.63 5.99 90.77
N LYS G 887 83.88 5.86 91.89
CA LYS G 887 83.45 4.59 92.47
C LYS G 887 84.59 3.72 92.99
N ALA G 888 85.76 3.74 92.36
CA ALA G 888 86.91 2.95 92.82
C ALA G 888 87.88 3.84 93.63
N ARG G 889 87.34 4.54 94.61
CA ARG G 889 88.10 5.19 95.69
C ARG G 889 89.06 6.29 95.17
N GLU G 890 88.67 6.98 94.09
CA GLU G 890 89.44 8.10 93.50
C GLU G 890 90.83 7.67 93.08
N LEU H 150 -14.03 38.89 101.61
CA LEU H 150 -15.40 39.34 101.14
C LEU H 150 -15.58 40.87 101.29
N GLN H 151 -15.96 41.41 102.44
CA GLN H 151 -16.37 42.82 102.46
C GLN H 151 -15.18 43.79 102.42
N GLN H 152 -13.94 43.28 102.46
CA GLN H 152 -12.76 44.09 102.21
C GLN H 152 -12.59 44.43 100.73
N SER H 153 -13.24 43.68 99.84
CA SER H 153 -13.06 43.83 98.40
C SER H 153 -13.27 45.27 97.95
N LEU H 154 -14.19 45.99 98.60
CA LEU H 154 -14.36 47.42 98.40
C LEU H 154 -13.05 48.19 98.51
N GLU H 155 -12.45 48.20 99.71
CA GLU H 155 -11.20 48.93 99.91
C GLU H 155 -10.08 48.36 99.04
N LEU H 156 -10.08 47.04 98.88
CA LEU H 156 -9.02 46.36 98.13
C LEU H 156 -9.00 46.77 96.67
N LYS H 157 -10.17 46.96 96.07
CA LYS H 157 -10.27 47.58 94.76
C LYS H 157 -10.04 49.10 94.82
N ARG H 158 -10.53 49.79 95.85
CA ARG H 158 -10.41 51.25 95.91
C ARG H 158 -8.96 51.74 96.03
N LYS H 159 -8.09 51.01 96.73
CA LYS H 159 -6.66 51.34 96.70
C LYS H 159 -6.05 50.99 95.35
N MET H 160 -6.46 49.88 94.76
CA MET H 160 -5.93 49.45 93.47
C MET H 160 -6.28 50.47 92.38
N LEU H 161 -7.46 51.07 92.45
CA LEU H 161 -7.85 52.12 91.50
C LEU H 161 -6.76 53.18 91.37
N ARG H 162 -6.36 53.78 92.48
CA ARG H 162 -5.36 54.84 92.46
C ARG H 162 -3.97 54.31 92.08
N ASP H 163 -3.61 53.11 92.55
CA ASP H 163 -2.34 52.51 92.12
C ASP H 163 -2.22 52.40 90.61
N LYS H 164 -3.30 51.99 89.92
CA LYS H 164 -3.29 52.01 88.47
C LYS H 164 -3.33 53.44 87.94
N GLN H 165 -4.27 54.24 88.45
CA GLN H 165 -4.66 55.47 87.77
C GLN H 165 -3.69 56.63 87.95
N ASN H 166 -2.90 56.69 89.01
CA ASN H 166 -1.93 57.78 89.02
C ASN H 166 -0.72 57.45 88.15
N LYS H 167 -0.24 56.20 88.21
CA LYS H 167 0.90 55.77 87.40
C LYS H 167 0.55 55.69 85.90
N LYS H 168 -0.65 55.22 85.56
CA LYS H 168 -1.14 55.30 84.18
C LYS H 168 -1.70 56.70 83.88
N ASN H 169 -0.94 57.47 83.08
CA ASN H 169 -1.27 58.86 82.77
C ASN H 169 -2.74 59.02 82.38
N SER H 170 -3.39 60.04 82.96
CA SER H 170 -4.83 60.08 83.18
C SER H 170 -5.65 60.77 82.07
N GLY H 171 -5.14 60.84 80.83
CA GLY H 171 -5.90 61.45 79.75
C GLY H 171 -7.23 60.76 79.42
N GLN H 172 -7.29 59.43 79.55
CA GLN H 172 -8.56 58.68 79.62
C GLN H 172 -8.49 57.68 80.77
N HIS H 173 -9.57 57.61 81.54
CA HIS H 173 -9.62 56.71 82.71
C HIS H 173 -9.59 55.25 82.27
N LEU H 174 -9.05 54.39 83.13
CA LEU H 174 -9.35 52.96 83.03
C LEU H 174 -10.84 52.71 83.28
N PRO H 175 -11.47 51.82 82.52
CA PRO H 175 -12.90 51.49 82.73
C PRO H 175 -13.15 50.75 84.05
N ILE H 176 -14.42 50.76 84.50
CA ILE H 176 -14.84 49.98 85.67
C ILE H 176 -16.30 49.52 85.48
N PHE H 177 -16.64 48.30 85.97
CA PHE H 177 -18.04 47.86 85.93
C PHE H 177 -18.94 48.65 86.90
N PRO H 178 -20.18 48.97 86.50
CA PRO H 178 -21.23 49.46 87.41
C PRO H 178 -21.44 48.69 88.71
N ALA H 179 -22.11 49.35 89.66
CA ALA H 179 -22.19 48.88 91.04
C ALA H 179 -23.07 47.64 91.21
N TRP H 180 -23.91 47.29 90.24
CA TRP H 180 -24.69 46.05 90.34
C TRP H 180 -23.84 44.80 90.12
N VAL H 181 -22.76 44.88 89.33
CA VAL H 181 -21.93 43.71 89.02
C VAL H 181 -21.32 43.10 90.28
N TYR H 182 -20.95 43.93 91.26
CA TYR H 182 -20.43 43.48 92.55
C TYR H 182 -21.53 43.20 93.56
N GLU H 183 -22.73 43.72 93.33
CA GLU H 183 -23.84 43.60 94.28
C GLU H 183 -24.58 42.26 94.18
N ARG H 184 -24.87 41.80 92.97
CA ARG H 184 -25.97 40.84 92.73
C ARG H 184 -25.57 39.39 93.02
N PRO H 185 -26.24 38.70 93.95
CA PRO H 185 -25.96 37.27 94.20
C PRO H 185 -26.26 36.31 93.07
N ALA H 186 -26.98 36.71 92.03
CA ALA H 186 -27.31 35.77 90.96
C ALA H 186 -26.12 35.39 90.09
N LEU H 187 -24.98 36.09 90.17
CA LEU H 187 -23.77 35.65 89.47
C LEU H 187 -22.98 34.53 90.21
N ILE H 188 -22.94 34.56 91.56
CA ILE H 188 -22.09 33.62 92.33
C ILE H 188 -22.62 32.19 92.28
N GLY H 189 -21.71 31.23 92.65
CA GLY H 189 -22.13 29.97 93.22
C GLY H 189 -22.53 30.09 94.70
N ASP H 190 -23.35 29.11 95.16
CA ASP H 190 -23.94 29.13 96.51
C ASP H 190 -24.76 30.39 96.74
N PHE H 191 -25.87 30.44 96.00
CA PHE H 191 -26.89 31.48 96.17
C PHE H 191 -27.35 31.54 97.62
N LEU H 192 -27.80 32.72 98.04
CA LEU H 192 -27.93 33.05 99.46
C LEU H 192 -29.07 34.03 99.74
N ILE H 193 -29.47 34.08 101.03
CA ILE H 193 -30.48 35.02 101.53
C ILE H 193 -29.99 36.46 101.42
N THR H 201 -37.41 22.44 104.01
CA THR H 201 -38.36 22.09 105.04
C THR H 201 -38.04 20.70 105.64
N ALA H 202 -37.18 19.91 104.94
CA ALA H 202 -36.83 18.52 105.35
C ALA H 202 -37.89 17.47 105.48
N LEU H 203 -38.83 17.64 106.42
CA LEU H 203 -39.99 16.71 106.50
C LEU H 203 -39.52 15.25 106.54
N PRO H 204 -38.90 14.79 107.67
CA PRO H 204 -38.49 13.40 107.82
C PRO H 204 -39.57 12.54 108.46
N ILE H 205 -39.75 11.31 107.98
CA ILE H 205 -40.78 10.36 108.49
C ILE H 205 -40.11 9.56 109.60
N GLY H 206 -39.75 10.22 110.68
CA GLY H 206 -38.96 9.50 111.69
C GLY H 206 -37.84 8.81 110.95
N THR H 207 -37.35 9.40 109.85
CA THR H 207 -36.18 8.89 109.16
C THR H 207 -36.25 7.37 108.97
N LEU H 208 -37.42 6.88 108.49
CA LEU H 208 -37.63 5.42 108.42
C LEU H 208 -37.01 4.75 107.18
N PRO H 209 -37.32 5.10 105.92
CA PRO H 209 -36.77 4.31 104.81
C PRO H 209 -35.35 4.75 104.45
N LEU H 210 -34.38 3.87 104.75
CA LEU H 210 -32.94 4.16 104.59
C LEU H 210 -32.50 4.27 103.14
N ALA H 211 -33.00 3.42 102.24
CA ALA H 211 -32.72 3.64 100.83
C ALA H 211 -33.23 5.00 100.39
N SER H 212 -34.34 5.45 100.97
CA SER H 212 -34.90 6.74 100.61
C SER H 212 -33.90 7.84 100.96
N GLN H 213 -33.34 7.78 102.17
CA GLN H 213 -32.46 8.84 102.63
C GLN H 213 -31.24 8.97 101.74
N GLU H 214 -30.73 7.86 101.18
CA GLU H 214 -29.63 7.97 100.24
C GLU H 214 -30.04 8.78 99.01
N SER H 215 -31.14 8.39 98.35
CA SER H 215 -31.61 9.15 97.20
C SER H 215 -31.83 10.62 97.54
N ALA H 216 -32.36 10.89 98.73
CA ALA H 216 -32.60 12.26 99.16
C ALA H 216 -31.30 13.09 99.24
N VAL H 217 -30.26 12.56 99.87
CA VAL H 217 -29.02 13.32 99.96
C VAL H 217 -28.22 13.31 98.67
N VAL H 218 -28.42 12.32 97.80
CA VAL H 218 -27.91 12.43 96.44
C VAL H 218 -28.65 13.54 95.70
N GLU H 219 -29.97 13.57 95.81
CA GLU H 219 -30.74 14.60 95.12
C GLU H 219 -30.28 16.00 95.53
N ASP H 220 -30.23 16.26 96.85
CA ASP H 220 -29.70 17.54 97.33
C ASP H 220 -28.25 17.78 96.93
N LEU H 221 -27.39 16.77 97.04
CA LEU H 221 -26.00 16.97 96.62
C LEU H 221 -25.91 17.44 95.18
N LEU H 222 -26.77 16.92 94.31
CA LEU H 222 -26.74 17.35 92.92
C LEU H 222 -27.15 18.81 92.73
N TYR H 223 -27.75 19.46 93.74
CA TYR H 223 -27.86 20.92 93.75
C TYR H 223 -26.64 21.54 94.44
N VAL H 224 -26.27 21.01 95.60
CA VAL H 224 -25.20 21.59 96.39
C VAL H 224 -23.89 21.62 95.61
N LEU H 225 -23.62 20.59 94.81
CA LEU H 225 -22.40 20.54 94.02
C LEU H 225 -22.27 21.69 93.02
N VAL H 226 -23.37 22.34 92.65
CA VAL H 226 -23.33 23.49 91.76
C VAL H 226 -23.69 24.79 92.49
N GLY H 227 -23.74 24.74 93.82
CA GLY H 227 -23.88 25.94 94.62
C GLY H 227 -25.32 26.39 94.82
N VAL H 228 -26.15 25.50 95.35
CA VAL H 228 -27.56 25.73 95.61
C VAL H 228 -27.94 24.98 96.90
N ASP H 229 -28.99 25.45 97.57
CA ASP H 229 -29.52 24.79 98.75
C ASP H 229 -30.01 23.37 98.44
N GLY H 230 -30.06 22.53 99.46
CA GLY H 230 -30.81 21.28 99.42
C GLY H 230 -32.16 21.44 100.09
N ARG H 231 -32.63 20.38 100.74
CA ARG H 231 -33.56 20.56 101.86
C ARG H 231 -33.21 19.70 103.08
N TYR H 232 -32.27 18.76 102.95
CA TYR H 232 -31.58 18.17 104.09
C TYR H 232 -30.20 18.83 104.23
N VAL H 233 -29.25 18.51 103.35
CA VAL H 233 -27.99 19.27 103.34
C VAL H 233 -28.23 20.70 102.85
N SER H 234 -27.35 21.62 103.24
CA SER H 234 -27.46 23.03 102.81
C SER H 234 -26.06 23.67 102.79
N ALA H 235 -26.00 25.01 102.77
CA ALA H 235 -24.75 25.76 102.83
C ALA H 235 -24.86 26.95 103.76
N GLN H 236 -23.74 27.22 104.62
CA GLN H 236 -23.81 28.29 105.63
C GLN H 236 -23.40 29.66 105.07
N PRO H 237 -23.91 30.74 105.68
CA PRO H 237 -23.61 32.10 105.20
C PRO H 237 -22.14 32.51 105.23
N LEU H 238 -21.29 31.80 105.97
CA LEU H 238 -19.96 32.31 106.36
C LEU H 238 -18.90 32.23 105.25
N ALA H 239 -19.19 32.89 104.12
CA ALA H 239 -18.18 33.23 103.12
C ALA H 239 -17.22 34.33 103.58
N GLY H 240 -17.37 34.84 104.81
CA GLY H 240 -16.42 35.83 105.33
C GLY H 240 -15.02 35.30 105.60
N ARG H 241 -14.92 34.06 106.06
CA ARG H 241 -13.65 33.34 106.06
C ARG H 241 -13.34 32.79 104.66
N GLN H 242 -12.06 32.44 104.45
CA GLN H 242 -11.58 32.11 103.11
C GLN H 242 -12.07 30.76 102.56
N SER H 243 -12.90 29.99 103.28
CA SER H 243 -13.52 28.77 102.72
C SER H 243 -14.88 28.53 103.36
N ARG H 244 -15.82 27.97 102.57
CA ARG H 244 -17.20 27.76 103.00
C ARG H 244 -17.34 26.58 103.96
N THR H 245 -18.41 26.61 104.77
CA THR H 245 -18.84 25.47 105.58
C THR H 245 -20.29 25.10 105.24
N PHE H 246 -20.59 23.81 105.29
CA PHE H 246 -21.92 23.27 105.00
C PHE H 246 -22.59 22.75 106.28
N LEU H 247 -23.84 23.14 106.52
CA LEU H 247 -24.68 22.36 107.40
C LEU H 247 -25.06 21.04 106.71
N VAL H 248 -25.35 20.01 107.52
CA VAL H 248 -26.09 18.84 107.07
C VAL H 248 -27.19 18.60 108.08
N ASP H 249 -28.25 17.92 107.67
CA ASP H 249 -29.35 17.74 108.59
C ASP H 249 -28.89 16.90 109.78
N PRO H 250 -29.07 17.38 111.02
CA PRO H 250 -28.53 16.67 112.19
C PRO H 250 -29.24 15.36 112.52
N ASN H 251 -30.32 15.01 111.82
CA ASN H 251 -30.99 13.74 111.97
C ASN H 251 -30.57 12.72 110.91
N LEU H 252 -29.79 13.14 109.92
CA LEU H 252 -29.32 12.25 108.86
C LEU H 252 -28.42 11.14 109.40
N ASP H 253 -28.74 9.89 109.08
CA ASP H 253 -28.08 8.76 109.73
C ASP H 253 -26.58 8.76 109.50
N LEU H 254 -25.84 8.34 110.53
CA LEU H 254 -24.40 8.18 110.45
C LEU H 254 -24.02 7.10 109.43
N SER H 255 -22.73 7.13 109.09
CA SER H 255 -22.15 6.59 107.87
C SER H 255 -22.63 7.35 106.62
N ILE H 256 -23.94 7.54 106.40
CA ILE H 256 -24.35 8.35 105.27
C ILE H 256 -23.80 9.76 105.42
N ARG H 257 -24.03 10.35 106.59
CA ARG H 257 -23.55 11.68 106.91
C ARG H 257 -22.03 11.81 106.70
N GLU H 258 -21.26 10.78 107.11
CA GLU H 258 -19.82 10.80 106.88
C GLU H 258 -19.48 10.74 105.40
N LEU H 259 -20.13 9.87 104.64
CA LEU H 259 -19.84 9.81 103.22
C LEU H 259 -20.19 11.13 102.54
N VAL H 260 -21.30 11.75 102.95
CA VAL H 260 -21.64 13.10 102.48
C VAL H 260 -20.51 14.09 102.79
N HIS H 261 -20.09 14.17 104.06
CA HIS H 261 -19.00 15.08 104.39
C HIS H 261 -17.73 14.79 103.59
N ARG H 262 -17.49 13.52 103.25
CA ARG H 262 -16.30 13.17 102.49
C ARG H 262 -16.32 13.72 101.07
N ILE H 263 -17.50 13.87 100.47
CA ILE H 263 -17.58 14.38 99.10
C ILE H 263 -17.79 15.90 99.04
N LEU H 264 -18.42 16.51 100.06
CA LEU H 264 -18.65 17.95 100.09
C LEU H 264 -17.45 18.89 99.82
N PRO H 265 -16.19 18.57 100.16
CA PRO H 265 -15.13 19.53 99.83
C PRO H 265 -15.04 19.92 98.36
N VAL H 266 -15.52 19.12 97.41
CA VAL H 266 -15.56 19.60 96.02
C VAL H 266 -16.58 20.72 95.83
N ALA H 267 -17.69 20.71 96.58
CA ALA H 267 -18.61 21.83 96.52
C ALA H 267 -17.97 23.14 96.96
N ALA H 268 -17.31 23.14 98.11
CA ALA H 268 -16.60 24.34 98.57
C ALA H 268 -15.44 24.68 97.66
N SER H 269 -14.84 23.67 97.04
CA SER H 269 -13.76 23.94 96.09
C SER H 269 -14.28 24.67 94.86
N TYR H 270 -15.43 24.24 94.34
CA TYR H 270 -16.14 24.97 93.29
C TYR H 270 -16.52 26.38 93.75
N SER H 271 -17.17 26.48 94.91
CA SER H 271 -17.66 27.75 95.42
C SER H 271 -16.58 28.84 95.33
N ALA H 272 -15.40 28.56 95.85
CA ALA H 272 -14.30 29.50 95.85
C ALA H 272 -13.81 29.90 94.46
N VAL H 273 -13.94 29.05 93.45
CA VAL H 273 -13.54 29.47 92.11
C VAL H 273 -14.65 30.16 91.32
N THR H 274 -15.94 29.94 91.64
CA THR H 274 -16.96 30.81 91.04
C THR H 274 -16.69 32.27 91.42
N ARG H 275 -16.47 32.54 92.71
CA ARG H 275 -16.17 33.90 93.13
C ARG H 275 -14.83 34.40 92.60
N PHE H 276 -13.83 33.53 92.45
CA PHE H 276 -12.57 34.00 91.86
C PHE H 276 -12.75 34.44 90.41
N ILE H 277 -13.46 33.64 89.61
CA ILE H 277 -13.68 33.98 88.20
C ILE H 277 -14.51 35.24 88.07
N GLU H 278 -15.56 35.36 88.89
CA GLU H 278 -16.41 36.54 88.89
C GLU H 278 -15.60 37.81 89.18
N GLU H 279 -14.95 37.85 90.34
CA GLU H 279 -14.33 39.08 90.82
C GLU H 279 -13.11 39.51 89.98
N LYS H 280 -12.18 38.59 89.71
CA LYS H 280 -10.93 38.95 89.04
C LYS H 280 -11.09 39.16 87.55
N SER H 281 -12.32 39.34 87.07
CA SER H 281 -12.57 39.86 85.73
C SER H 281 -12.38 41.37 85.62
N SER H 282 -12.45 42.10 86.72
CA SER H 282 -12.66 43.54 86.73
C SER H 282 -11.41 44.31 86.33
N PHE H 283 -11.63 45.45 85.68
CA PHE H 283 -10.59 46.19 84.97
C PHE H 283 -9.48 46.73 85.88
N GLU H 284 -9.64 46.75 87.21
CA GLU H 284 -8.52 47.06 88.10
C GLU H 284 -7.32 46.16 87.88
N TYR H 285 -7.54 44.85 87.87
CA TYR H 285 -6.54 43.84 88.15
C TYR H 285 -5.52 43.54 87.05
N GLY H 286 -5.27 44.46 86.14
CA GLY H 286 -4.34 44.20 85.05
C GLY H 286 -4.82 43.16 84.07
N GLN H 287 -4.15 43.04 82.91
CA GLN H 287 -4.57 42.10 81.88
C GLN H 287 -4.37 40.64 82.26
N VAL H 288 -3.35 40.29 83.05
CA VAL H 288 -3.04 38.90 83.31
C VAL H 288 -4.10 38.27 84.20
N ASN H 289 -4.54 38.98 85.24
CA ASN H 289 -5.49 38.36 86.16
C ASN H 289 -6.83 38.09 85.46
N HIS H 290 -7.20 38.90 84.47
CA HIS H 290 -8.35 38.59 83.62
C HIS H 290 -8.19 37.27 82.87
N ALA H 291 -7.11 37.13 82.11
CA ALA H 291 -6.93 35.95 81.27
C ALA H 291 -6.78 34.68 82.08
N LEU H 292 -6.33 34.78 83.34
CA LEU H 292 -6.43 33.64 84.24
C LEU H 292 -7.87 33.34 84.63
N ALA H 293 -8.62 34.35 85.08
CA ALA H 293 -10.03 34.12 85.38
C ALA H 293 -10.80 33.63 84.16
N ALA H 294 -10.37 34.03 82.96
CA ALA H 294 -10.99 33.57 81.73
C ALA H 294 -10.80 32.08 81.51
N ALA H 295 -9.54 31.63 81.50
CA ALA H 295 -9.23 30.24 81.20
C ALA H 295 -10.02 29.28 82.10
N MET H 296 -10.23 29.64 83.36
CA MET H 296 -10.91 28.78 84.32
C MET H 296 -12.40 28.55 84.05
N ARG H 297 -13.05 29.37 83.23
CA ARG H 297 -14.47 29.16 82.96
C ARG H 297 -14.70 27.76 82.39
N THR H 298 -13.83 27.32 81.47
CA THR H 298 -13.93 26.00 80.86
C THR H 298 -14.22 24.90 81.86
N LEU H 299 -13.53 24.91 82.99
CA LEU H 299 -13.67 23.83 83.96
C LEU H 299 -14.95 23.95 84.78
N VAL H 300 -15.51 25.15 84.91
CA VAL H 300 -16.84 25.26 85.49
C VAL H 300 -17.89 24.67 84.55
N LYS H 301 -17.76 24.88 83.24
CA LYS H 301 -18.67 24.19 82.33
C LYS H 301 -18.61 22.68 82.55
N GLU H 302 -17.42 22.12 82.49
CA GLU H 302 -17.27 20.67 82.61
C GLU H 302 -17.85 20.16 83.91
N HIS H 303 -17.66 20.87 85.01
CA HIS H 303 -18.30 20.48 86.25
C HIS H 303 -19.83 20.55 86.16
N LEU H 304 -20.37 21.64 85.61
CA LEU H 304 -21.82 21.76 85.46
C LEU H 304 -22.38 20.65 84.57
N ILE H 305 -21.71 20.37 83.46
CA ILE H 305 -22.11 19.28 82.57
C ILE H 305 -22.19 17.98 83.33
N LEU H 306 -21.11 17.63 84.05
CA LEU H 306 -21.12 16.44 84.88
C LEU H 306 -22.36 16.36 85.77
N VAL H 307 -22.63 17.41 86.54
CA VAL H 307 -23.70 17.32 87.52
C VAL H 307 -25.06 17.20 86.83
N SER H 308 -25.22 17.71 85.62
CA SER H 308 -26.46 17.51 84.88
C SER H 308 -26.74 16.03 84.66
N GLN H 309 -25.77 15.33 84.08
CA GLN H 309 -25.97 13.95 83.65
C GLN H 309 -26.21 13.04 84.84
N LEU H 310 -25.55 13.29 85.96
CA LEU H 310 -25.82 12.47 87.13
C LEU H 310 -27.26 12.64 87.63
N GLU H 311 -27.84 13.86 87.55
CA GLU H 311 -29.24 13.95 87.96
C GLU H 311 -30.16 13.26 86.97
N GLN H 312 -29.85 13.34 85.68
CA GLN H 312 -30.59 12.58 84.69
C GLN H 312 -30.53 11.08 85.00
N LEU H 313 -29.33 10.59 85.31
CA LEU H 313 -29.20 9.22 85.81
C LEU H 313 -30.07 9.01 87.03
N HIS H 314 -30.00 9.93 88.00
CA HIS H 314 -30.78 9.72 89.22
C HIS H 314 -32.28 9.61 88.95
N ARG H 315 -32.81 10.34 87.96
CA ARG H 315 -34.23 10.22 87.63
C ARG H 315 -34.60 8.83 87.13
N GLN H 316 -33.66 8.12 86.49
CA GLN H 316 -33.88 6.73 86.12
C GLN H 316 -33.81 5.77 87.30
N GLY H 317 -33.35 6.24 88.46
CA GLY H 317 -33.09 5.41 89.62
C GLY H 317 -31.76 4.67 89.61
N LEU H 318 -30.97 4.82 88.56
CA LEU H 318 -29.79 4.01 88.30
C LEU H 318 -28.49 4.59 88.89
N LEU H 319 -28.56 5.52 89.84
CA LEU H 319 -27.34 6.04 90.47
C LEU H 319 -27.49 6.17 91.99
N SER H 320 -26.42 5.77 92.67
CA SER H 320 -26.34 5.59 94.12
C SER H 320 -25.19 6.40 94.68
N LEU H 321 -25.28 6.74 95.97
CA LEU H 321 -24.32 7.65 96.59
C LEU H 321 -22.91 7.08 96.49
N GLN H 322 -22.76 5.76 96.64
CA GLN H 322 -21.47 5.12 96.40
C GLN H 322 -21.02 5.25 94.94
N LYS H 323 -21.94 5.16 93.96
CA LYS H 323 -21.51 5.45 92.59
C LYS H 323 -21.15 6.93 92.41
N LEU H 324 -21.89 7.83 93.04
CA LEU H 324 -21.51 9.25 92.94
C LEU H 324 -20.11 9.45 93.48
N TRP H 325 -19.79 8.85 94.62
CA TRP H 325 -18.43 8.92 95.16
C TRP H 325 -17.37 8.36 94.21
N PHE H 326 -17.72 7.42 93.32
CA PHE H 326 -16.78 7.08 92.26
C PHE H 326 -16.70 8.16 91.19
N TYR H 327 -17.83 8.54 90.60
CA TYR H 327 -17.81 9.42 89.44
C TYR H 327 -17.19 10.78 89.75
N ILE H 328 -17.32 11.27 90.99
CA ILE H 328 -16.81 12.59 91.35
C ILE H 328 -15.28 12.70 91.38
N GLN H 329 -14.55 11.59 91.40
CA GLN H 329 -13.14 11.65 91.77
C GLN H 329 -12.26 12.53 90.88
N PRO H 330 -12.43 12.58 89.54
CA PRO H 330 -11.61 13.53 88.78
C PRO H 330 -11.93 14.97 89.11
N ALA H 331 -13.19 15.26 89.43
CA ALA H 331 -13.57 16.60 89.83
C ALA H 331 -12.94 16.98 91.18
N MET H 332 -12.99 16.07 92.15
CA MET H 332 -12.33 16.30 93.43
C MET H 332 -10.90 16.81 93.24
N ARG H 333 -10.11 16.15 92.39
CA ARG H 333 -8.76 16.64 92.19
C ARG H 333 -8.74 17.96 91.43
N THR H 334 -9.39 18.02 90.26
CA THR H 334 -9.21 19.16 89.37
C THR H 334 -9.79 20.46 89.89
N MET H 335 -10.81 20.43 90.77
CA MET H 335 -11.20 21.68 91.43
C MET H 335 -10.20 22.10 92.51
N ASP H 336 -9.69 21.14 93.30
CA ASP H 336 -8.76 21.52 94.34
C ASP H 336 -7.45 22.07 93.79
N ILE H 337 -6.99 21.57 92.64
CA ILE H 337 -5.85 22.16 91.94
C ILE H 337 -6.10 23.60 91.53
N LEU H 338 -7.35 24.03 91.41
CA LEU H 338 -7.72 25.41 91.08
C LEU H 338 -8.03 26.28 92.29
N ALA H 339 -8.87 25.79 93.21
CA ALA H 339 -9.17 26.56 94.41
C ALA H 339 -7.92 26.90 95.23
N SER H 340 -7.02 25.93 95.40
CA SER H 340 -5.72 26.19 96.03
C SER H 340 -4.80 27.07 95.19
N LEU H 341 -5.16 27.40 93.96
CA LEU H 341 -4.45 28.39 93.15
C LEU H 341 -5.08 29.77 93.28
N ALA H 342 -6.40 29.83 93.29
CA ALA H 342 -7.09 31.09 93.54
C ALA H 342 -6.67 31.74 94.86
N THR H 343 -6.75 31.01 95.99
CA THR H 343 -6.42 31.64 97.26
C THR H 343 -4.98 32.12 97.31
N SER H 344 -4.07 31.44 96.61
CA SER H 344 -2.70 31.91 96.48
C SER H 344 -2.55 33.22 95.69
N VAL H 345 -3.49 33.56 94.81
CA VAL H 345 -3.47 34.87 94.14
C VAL H 345 -4.16 35.95 94.99
N ASP H 346 -5.21 35.59 95.74
CA ASP H 346 -5.80 36.48 96.74
C ASP H 346 -4.77 36.92 97.77
N LYS H 347 -4.26 35.96 98.56
CA LYS H 347 -3.34 36.29 99.64
C LYS H 347 -2.02 36.82 99.10
N GLY H 348 -1.54 36.27 97.98
CA GLY H 348 -0.31 36.76 97.39
C GLY H 348 -0.41 38.16 96.83
N GLU H 349 -1.63 38.65 96.59
CA GLU H 349 -1.89 39.85 95.80
C GLU H 349 -0.95 39.98 94.61
N CYS H 350 -0.86 38.90 93.81
CA CYS H 350 -0.05 38.92 92.59
C CYS H 350 -0.76 39.63 91.44
N LEU H 351 -1.36 40.77 91.74
CA LEU H 351 -2.31 41.47 90.90
C LEU H 351 -1.59 42.26 89.81
N GLY H 352 -0.70 41.55 89.10
CA GLY H 352 0.11 42.10 88.04
C GLY H 352 0.86 40.95 87.39
N GLY H 353 1.90 41.27 86.63
CA GLY H 353 2.68 40.22 85.97
C GLY H 353 3.28 39.18 86.90
N SER H 354 3.45 39.50 88.18
CA SER H 354 3.98 38.54 89.14
C SER H 354 3.13 37.28 89.34
N THR H 355 1.84 37.26 88.98
CA THR H 355 1.11 36.00 89.15
C THR H 355 1.63 34.89 88.24
N LEU H 356 2.28 35.22 87.12
CA LEU H 356 2.93 34.17 86.33
C LEU H 356 3.99 33.41 87.12
N SER H 357 4.63 34.04 88.10
CA SER H 357 5.56 33.30 88.94
C SER H 357 4.85 32.23 89.73
N LEU H 358 3.67 32.56 90.27
CA LEU H 358 2.92 31.58 91.04
C LEU H 358 2.49 30.40 90.17
N LEU H 359 2.08 30.66 88.93
CA LEU H 359 1.77 29.56 88.01
C LEU H 359 2.99 28.77 87.59
N HIS H 360 4.11 29.43 87.31
CA HIS H 360 5.27 28.69 86.88
C HIS H 360 5.80 27.78 88.00
N ASP H 361 5.86 28.30 89.23
CA ASP H 361 6.23 27.48 90.37
C ASP H 361 5.24 26.32 90.60
N ARG H 362 3.94 26.61 90.62
CA ARG H 362 2.98 25.52 90.80
C ARG H 362 3.04 24.52 89.66
N SER H 363 3.28 24.99 88.43
CA SER H 363 3.45 24.08 87.30
C SER H 363 4.63 23.14 87.51
N PHE H 364 5.79 23.70 87.87
CA PHE H 364 6.96 22.85 88.09
C PHE H 364 6.73 21.90 89.27
N SER H 365 6.06 22.37 90.33
CA SER H 365 5.73 21.49 91.46
C SER H 365 4.98 20.23 91.03
N TYR H 366 3.99 20.35 90.15
CA TYR H 366 3.26 19.19 89.66
C TYR H 366 3.98 18.37 88.56
N THR H 367 5.29 18.55 88.36
CA THR H 367 6.03 17.78 87.34
C THR H 367 5.85 16.28 87.52
N GLY H 368 5.56 15.81 88.73
CA GLY H 368 5.32 14.40 88.99
C GLY H 368 3.97 13.82 88.59
N ASP H 369 2.98 14.67 88.22
CA ASP H 369 1.58 14.33 88.40
C ASP H 369 0.73 14.26 87.12
N SER H 370 1.28 14.58 85.94
CA SER H 370 0.65 14.47 84.63
C SER H 370 -0.82 14.89 84.50
N GLN H 371 -1.76 14.06 84.95
CA GLN H 371 -3.18 14.42 84.94
C GLN H 371 -3.49 15.73 85.67
N ALA H 372 -2.71 16.09 86.67
CA ALA H 372 -2.78 17.41 87.27
C ALA H 372 -1.85 18.41 86.62
N GLN H 373 -0.78 17.96 85.96
CA GLN H 373 0.19 18.88 85.41
C GLN H 373 -0.33 19.58 84.17
N GLU H 374 -1.16 18.89 83.37
CA GLU H 374 -1.68 19.53 82.17
C GLU H 374 -2.67 20.64 82.51
N LEU H 375 -3.54 20.42 83.50
CA LEU H 375 -4.42 21.48 83.97
C LEU H 375 -3.62 22.74 84.34
N CYS H 376 -2.51 22.58 85.06
CA CYS H 376 -1.67 23.73 85.38
C CYS H 376 -0.89 24.26 84.18
N LEU H 377 -0.52 23.40 83.23
CA LEU H 377 0.20 23.90 82.05
C LEU H 377 -0.75 24.66 81.13
N TYR H 378 -1.99 24.20 81.04
CA TYR H 378 -3.03 24.95 80.36
C TYR H 378 -3.18 26.37 80.90
N LEU H 379 -3.31 26.53 82.22
CA LEU H 379 -3.52 27.86 82.79
C LEU H 379 -2.34 28.80 82.52
N THR H 380 -1.09 28.35 82.68
CA THR H 380 0.02 29.25 82.36
C THR H 380 0.18 29.47 80.85
N LYS H 381 -0.11 28.47 80.01
CA LYS H 381 -0.14 28.72 78.58
C LYS H 381 -1.19 29.75 78.20
N ALA H 382 -2.34 29.74 78.86
CA ALA H 382 -3.38 30.74 78.61
C ALA H 382 -3.03 32.09 79.20
N ALA H 383 -3.03 32.20 80.53
CA ALA H 383 -2.94 33.49 81.22
C ALA H 383 -1.68 34.29 80.89
N SER H 384 -0.61 33.65 80.42
CA SER H 384 0.58 34.42 80.03
C SER H 384 0.41 35.22 78.74
N ALA H 385 -0.56 34.89 77.90
CA ALA H 385 -0.70 35.57 76.61
C ALA H 385 -0.80 37.09 76.67
N PRO H 386 -1.59 37.71 77.55
CA PRO H 386 -1.55 39.17 77.63
C PRO H 386 -0.20 39.73 78.01
N TYR H 387 0.49 39.08 78.94
CA TYR H 387 1.79 39.57 79.36
C TYR H 387 2.78 39.52 78.22
N PHE H 388 2.86 38.37 77.55
CA PHE H 388 3.75 38.29 76.40
C PHE H 388 3.35 39.28 75.32
N GLU H 389 2.05 39.51 75.12
CA GLU H 389 1.62 40.51 74.13
C GLU H 389 2.23 41.89 74.39
N VAL H 390 2.45 42.28 75.65
CA VAL H 390 3.20 43.51 75.91
C VAL H 390 4.69 43.30 75.67
N LEU H 391 5.23 42.20 76.19
CA LEU H 391 6.68 41.97 76.09
C LEU H 391 7.15 41.99 74.64
N GLU H 392 6.34 41.42 73.74
CA GLU H 392 6.62 41.54 72.30
C GLU H 392 6.77 42.98 71.86
N LYS H 393 5.83 43.84 72.27
CA LYS H 393 5.91 45.23 71.85
C LYS H 393 7.20 45.86 72.34
N TRP H 394 7.56 45.59 73.60
CA TRP H 394 8.75 46.19 74.18
C TRP H 394 10.07 45.66 73.59
N ILE H 395 10.17 44.36 73.27
CA ILE H 395 11.44 43.89 72.71
C ILE H 395 11.55 44.12 71.21
N TYR H 396 10.45 44.06 70.47
CA TYR H 396 10.50 44.22 69.02
C TYR H 396 10.40 45.68 68.55
N ARG H 397 9.90 46.58 69.42
CA ARG H 397 9.79 48.01 69.12
C ARG H 397 10.09 48.80 70.39
N GLY H 398 10.47 50.08 70.21
CA GLY H 398 10.72 50.97 71.32
C GLY H 398 9.47 51.46 72.03
N ILE H 399 8.52 50.55 72.27
CA ILE H 399 7.10 50.89 72.45
C ILE H 399 6.57 50.20 73.71
N ILE H 400 5.71 50.89 74.47
CA ILE H 400 5.17 50.36 75.72
C ILE H 400 3.69 50.69 75.88
N HIS H 401 2.82 49.72 75.59
CA HIS H 401 1.36 49.86 75.63
C HIS H 401 0.69 49.38 76.91
N ASP H 402 1.40 49.37 78.02
CA ASP H 402 0.82 48.90 79.27
C ASP H 402 -0.37 49.77 79.70
N PRO H 403 -1.59 49.22 79.75
CA PRO H 403 -2.78 50.00 80.10
C PRO H 403 -3.01 50.18 81.60
N TYR H 404 -2.13 49.62 82.40
CA TYR H 404 -2.11 49.77 83.86
C TYR H 404 -0.68 50.11 84.24
N SER H 405 -0.05 49.36 85.15
CA SER H 405 1.41 49.30 85.08
C SER H 405 1.86 48.00 85.75
N GLU H 406 1.94 46.94 84.93
CA GLU H 406 2.17 45.58 85.39
C GLU H 406 3.32 44.90 84.68
N PHE H 407 3.74 45.38 83.51
CA PHE H 407 4.90 44.85 82.82
C PHE H 407 6.17 45.11 83.64
N MET H 408 7.22 44.32 83.39
CA MET H 408 8.46 44.42 84.16
C MET H 408 9.16 45.76 83.97
N VAL H 409 9.15 46.32 82.74
CA VAL H 409 9.71 47.64 82.49
C VAL H 409 8.68 48.72 82.79
N GLU H 410 9.18 49.90 83.18
CA GLU H 410 8.39 51.10 83.38
C GLU H 410 9.14 52.30 82.79
N GLU H 411 8.40 53.34 82.40
CA GLU H 411 8.97 54.55 81.81
C GLU H 411 8.70 55.79 82.65
N HIS H 412 9.66 56.73 82.68
CA HIS H 412 9.47 58.05 83.27
C HIS H 412 9.76 59.19 82.30
N GLU H 413 8.97 60.26 82.43
CA GLU H 413 8.96 61.44 81.56
C GLU H 413 10.15 62.39 81.73
N LEU H 414 11.35 61.80 81.83
CA LEU H 414 12.56 62.46 82.33
C LEU H 414 13.07 63.62 81.47
N ARG H 415 13.25 63.42 80.16
CA ARG H 415 13.92 64.44 79.34
C ARG H 415 12.99 65.56 78.90
N LYS H 416 12.32 66.16 79.88
CA LYS H 416 11.56 67.40 79.73
C LYS H 416 12.49 68.62 79.79
N GLU H 417 11.89 69.81 79.61
CA GLU H 417 12.64 71.06 79.40
C GLU H 417 13.61 71.40 80.53
N ARG H 418 13.48 70.78 81.72
CA ARG H 418 14.50 70.91 82.75
C ARG H 418 15.88 70.41 82.30
N ILE H 419 15.94 69.41 81.43
CA ILE H 419 17.20 68.79 80.97
C ILE H 419 17.10 68.41 79.49
N GLN H 420 17.51 69.32 78.60
CA GLN H 420 17.92 68.97 77.24
C GLN H 420 19.43 69.18 77.13
N GLU H 421 20.14 68.15 76.65
CA GLU H 421 21.53 67.90 77.01
C GLU H 421 21.57 67.59 78.51
N ASP H 422 22.14 66.45 78.87
CA ASP H 422 21.76 65.77 80.11
C ASP H 422 22.25 66.49 81.44
N TYR H 423 22.83 67.70 81.40
CA TYR H 423 23.15 68.53 82.57
C TYR H 423 23.56 67.77 83.84
N ASN H 424 24.64 67.01 83.71
CA ASN H 424 25.40 66.28 84.73
C ASN H 424 24.79 65.04 85.37
N ASP H 425 23.47 64.85 85.48
CA ASP H 425 22.97 63.77 86.35
C ASP H 425 21.91 62.85 85.77
N LYS H 426 22.24 61.55 85.85
CA LYS H 426 21.34 60.38 85.96
C LYS H 426 20.22 60.31 84.91
N TYR H 427 20.61 60.09 83.65
CA TYR H 427 19.64 59.89 82.54
C TYR H 427 19.06 58.47 82.46
N TRP H 428 19.81 57.50 81.92
CA TRP H 428 19.28 56.16 81.61
C TRP H 428 18.59 55.50 82.81
N ASP H 429 19.25 55.44 83.96
CA ASP H 429 18.73 54.67 85.08
C ASP H 429 17.47 55.24 85.71
N GLN H 430 17.03 56.43 85.28
CA GLN H 430 15.70 56.95 85.59
C GLN H 430 14.71 56.79 84.43
N ARG H 431 15.18 56.93 83.19
CA ARG H 431 14.28 56.94 82.03
C ARG H 431 13.45 55.65 81.93
N TYR H 432 14.12 54.48 81.99
CA TYR H 432 13.45 53.18 81.98
C TYR H 432 13.99 52.30 83.11
N THR H 433 13.11 51.66 83.88
CA THR H 433 13.48 51.01 85.13
C THR H 433 12.77 49.68 85.32
N ILE H 434 13.50 48.62 85.69
CA ILE H 434 12.89 47.33 85.96
C ILE H 434 12.19 47.36 87.31
N VAL H 435 10.87 47.13 87.31
CA VAL H 435 10.04 47.01 88.51
C VAL H 435 10.24 45.60 89.07
N GLN H 436 11.00 45.49 90.16
CA GLN H 436 11.51 44.19 90.57
C GLN H 436 10.45 43.24 91.12
N GLN H 437 9.31 43.74 91.60
CA GLN H 437 8.22 42.82 91.96
C GLN H 437 7.63 42.14 90.72
N GLN H 438 7.61 42.84 89.58
CA GLN H 438 6.87 42.45 88.38
C GLN H 438 7.74 41.76 87.33
N ILE H 439 8.68 40.90 87.73
CA ILE H 439 9.32 39.94 86.84
C ILE H 439 8.73 38.57 87.13
N PRO H 440 8.31 37.80 86.10
CA PRO H 440 7.48 36.61 86.35
C PRO H 440 8.21 35.39 86.92
N SER H 441 9.42 35.58 87.44
CA SER H 441 10.31 34.56 88.00
C SER H 441 10.90 33.57 87.01
N PHE H 442 10.71 33.75 85.69
CA PHE H 442 11.38 32.89 84.72
C PHE H 442 11.98 33.68 83.56
N LEU H 443 12.36 34.95 83.83
CA LEU H 443 12.99 35.83 82.84
C LEU H 443 14.27 36.49 83.31
N GLN H 444 14.71 36.27 84.56
CA GLN H 444 15.79 37.07 85.12
C GLN H 444 17.07 36.91 84.33
N LYS H 445 17.25 35.77 83.65
CA LYS H 445 18.51 35.48 82.97
C LYS H 445 18.88 36.57 81.99
N MET H 446 17.90 37.28 81.44
CA MET H 446 18.11 38.32 80.45
C MET H 446 17.13 39.47 80.62
N ALA H 447 16.75 39.75 81.86
CA ALA H 447 15.96 40.93 82.16
C ALA H 447 16.70 42.21 81.81
N ASP H 448 18.03 42.22 81.98
CA ASP H 448 18.83 43.35 81.52
C ASP H 448 18.85 43.45 79.99
N LYS H 449 18.90 42.31 79.29
CA LYS H 449 18.75 42.36 77.83
C LYS H 449 17.38 42.90 77.42
N ILE H 450 16.31 42.47 78.11
CA ILE H 450 14.98 43.00 77.82
C ILE H 450 14.97 44.52 77.95
N LEU H 451 15.40 45.03 79.09
CA LEU H 451 15.43 46.48 79.30
C LEU H 451 16.33 47.17 78.29
N SER H 452 17.53 46.65 78.08
CA SER H 452 18.46 47.26 77.13
C SER H 452 17.91 47.28 75.71
N THR H 453 17.23 46.20 75.30
CA THR H 453 16.69 46.14 73.95
C THR H 453 15.71 47.28 73.68
N GLY H 454 14.70 47.44 74.54
CA GLY H 454 13.72 48.48 74.29
C GLY H 454 14.26 49.88 74.50
N LYS H 455 15.13 50.06 75.49
CA LYS H 455 15.86 51.32 75.62
C LYS H 455 16.52 51.69 74.30
N TYR H 456 17.27 50.76 73.73
CA TYR H 456 17.98 51.04 72.49
C TYR H 456 17.04 51.37 71.34
N LEU H 457 16.00 50.58 71.13
CA LEU H 457 15.07 50.87 70.03
C LEU H 457 14.33 52.19 70.26
N ASN H 458 14.00 52.52 71.50
CA ASN H 458 13.31 53.79 71.75
C ASN H 458 14.20 54.99 71.42
N VAL H 459 15.50 54.90 71.68
CA VAL H 459 16.42 55.93 71.19
C VAL H 459 16.44 55.99 69.67
N VAL H 460 16.44 54.84 68.99
CA VAL H 460 16.38 54.87 67.53
C VAL H 460 15.08 55.50 67.03
N ARG H 461 13.94 55.20 67.66
CA ARG H 461 12.70 55.89 67.28
C ARG H 461 12.86 57.40 67.33
N GLU H 462 13.33 57.91 68.46
CA GLU H 462 13.34 59.36 68.67
C GLU H 462 14.38 60.05 67.78
N CYS H 463 15.55 59.44 67.60
CA CYS H 463 16.62 60.05 66.81
C CYS H 463 16.52 59.69 65.32
N GLY H 464 16.34 58.40 65.02
CA GLY H 464 16.60 57.83 63.70
C GLY H 464 15.40 57.17 63.04
N HIS H 465 14.20 57.50 63.53
CA HIS H 465 12.90 57.31 62.89
C HIS H 465 12.39 55.87 62.78
N ASP H 466 13.25 54.89 62.50
CA ASP H 466 12.79 53.52 62.28
C ASP H 466 12.25 52.85 63.55
N VAL H 467 11.07 52.24 63.43
CA VAL H 467 10.46 51.38 64.45
C VAL H 467 10.31 49.94 63.93
N THR H 468 11.08 49.60 62.88
CA THR H 468 11.11 48.28 62.22
C THR H 468 11.65 47.19 63.14
N CYS H 469 10.79 46.23 63.48
CA CYS H 469 11.16 45.07 64.30
C CYS H 469 12.06 44.06 63.54
N PRO H 470 12.78 43.21 64.28
CA PRO H 470 13.71 42.26 63.62
C PRO H 470 13.03 41.09 62.92
N VAL H 471 12.05 40.48 63.57
CA VAL H 471 11.41 39.22 63.15
C VAL H 471 9.97 39.28 63.63
N ALA H 472 9.81 39.58 64.93
CA ALA H 472 8.51 39.76 65.57
C ALA H 472 7.61 38.52 65.49
N LYS H 473 8.21 37.33 65.50
CA LYS H 473 7.42 36.13 65.74
C LYS H 473 7.06 36.04 67.22
N GLU H 474 6.01 35.29 67.53
CA GLU H 474 5.46 35.28 68.88
C GLU H 474 6.35 34.51 69.86
N ILE H 475 6.68 35.18 70.98
CA ILE H 475 7.22 34.53 72.16
C ILE H 475 6.08 33.79 72.84
N ILE H 476 5.64 32.71 72.20
CA ILE H 476 4.86 31.70 72.88
C ILE H 476 5.62 31.15 74.08
N TYR H 477 4.86 30.63 75.05
CA TYR H 477 5.39 30.04 76.26
C TYR H 477 5.23 28.53 76.23
N THR H 478 6.28 27.79 76.60
CA THR H 478 6.14 26.41 77.06
C THR H 478 7.21 26.11 78.10
N LEU H 479 6.91 25.21 79.04
CA LEU H 479 7.88 24.80 80.06
C LEU H 479 9.17 24.24 79.43
N LYS H 480 10.30 24.45 80.12
CA LYS H 480 11.65 23.95 79.80
C LYS H 480 12.30 24.48 78.52
N GLU H 481 11.51 24.77 77.48
CA GLU H 481 12.07 25.09 76.17
C GLU H 481 12.64 26.52 76.11
N ARG H 482 13.61 26.72 75.19
CA ARG H 482 14.44 27.93 75.14
C ARG H 482 14.13 28.85 73.95
N ALA H 483 12.98 28.67 73.27
CA ALA H 483 12.63 29.55 72.16
C ALA H 483 12.60 31.02 72.59
N TYR H 484 11.92 31.35 73.69
CA TYR H 484 11.86 32.74 74.09
C TYR H 484 13.23 33.27 74.49
N VAL H 485 14.08 32.44 75.10
CA VAL H 485 15.43 32.88 75.42
C VAL H 485 16.15 33.32 74.15
N GLU H 486 16.08 32.51 73.08
CA GLU H 486 16.78 32.85 71.86
C GLU H 486 16.14 34.01 71.11
N GLN H 487 14.82 34.16 71.19
CA GLN H 487 14.17 35.30 70.55
C GLN H 487 14.64 36.60 71.17
N ILE H 488 14.65 36.66 72.49
CA ILE H 488 15.13 37.85 73.19
C ILE H 488 16.61 38.04 72.92
N GLU H 489 17.38 36.96 72.72
CA GLU H 489 18.75 37.13 72.28
C GLU H 489 18.79 37.79 70.90
N LYS H 490 18.03 37.25 69.96
CA LYS H 490 18.06 37.77 68.60
C LYS H 490 17.63 39.23 68.57
N ALA H 491 16.55 39.55 69.29
CA ALA H 491 16.08 40.92 69.39
C ALA H 491 17.12 41.84 70.05
N PHE H 492 17.78 41.37 71.11
CA PHE H 492 18.85 42.17 71.69
C PHE H 492 20.00 42.38 70.71
N ASN H 493 20.49 41.31 70.09
CA ASN H 493 21.61 41.43 69.18
C ASN H 493 21.26 42.22 67.92
N TYR H 494 19.98 42.30 67.57
CA TYR H 494 19.52 43.26 66.55
C TYR H 494 19.54 44.69 67.07
N ALA H 495 18.77 44.95 68.14
CA ALA H 495 18.57 46.32 68.61
C ALA H 495 19.89 46.99 68.98
N SER H 496 20.77 46.26 69.67
CA SER H 496 22.09 46.77 69.99
C SER H 496 22.89 47.14 68.74
N LYS H 497 22.90 46.25 67.75
CA LYS H 497 23.65 46.54 66.52
C LYS H 497 23.05 47.72 65.76
N VAL H 498 21.72 47.82 65.69
CA VAL H 498 21.08 48.92 64.97
C VAL H 498 21.38 50.26 65.63
N LEU H 499 21.23 50.36 66.96
CA LEU H 499 21.57 51.61 67.61
C LEU H 499 23.06 51.92 67.49
N LEU H 500 23.91 50.90 67.57
CA LEU H 500 25.33 51.12 67.32
C LEU H 500 25.55 51.70 65.93
N ASP H 501 24.94 51.09 64.91
CA ASP H 501 25.09 51.62 63.56
C ASP H 501 24.60 53.05 63.48
N PHE H 502 23.49 53.34 64.15
CA PHE H 502 22.98 54.71 64.19
C PHE H 502 23.91 55.67 64.94
N LEU H 503 24.68 55.18 65.91
CA LEU H 503 25.71 56.00 66.55
C LEU H 503 26.99 56.10 65.74
N MET H 504 27.23 55.19 64.81
CA MET H 504 28.58 54.98 64.30
C MET H 504 28.67 55.18 62.80
N GLU H 505 27.55 55.19 62.06
CA GLU H 505 27.57 55.41 60.62
C GLU H 505 27.59 56.91 60.31
N GLU H 506 26.61 57.65 60.85
CA GLU H 506 26.48 59.07 60.57
C GLU H 506 26.17 59.79 61.89
N LYS H 507 26.43 61.09 61.91
CA LYS H 507 26.63 61.82 63.17
C LYS H 507 27.70 61.13 63.99
N GLU H 508 28.70 60.56 63.30
CA GLU H 508 29.39 59.40 63.83
C GLU H 508 30.19 59.76 65.06
N LEU H 509 30.00 58.96 66.11
CA LEU H 509 30.57 59.23 67.41
C LEU H 509 32.09 59.39 67.35
N VAL H 510 32.76 58.61 66.48
CA VAL H 510 34.21 58.72 66.33
C VAL H 510 34.63 60.10 65.86
N ALA H 511 34.00 60.62 64.80
CA ALA H 511 34.43 61.90 64.23
C ALA H 511 34.29 63.02 65.25
N HIS H 512 33.19 63.01 66.01
CA HIS H 512 33.05 63.97 67.11
C HIS H 512 34.20 63.83 68.09
N LEU H 513 34.44 62.61 68.57
CA LEU H 513 35.59 62.36 69.43
C LEU H 513 36.91 62.82 68.81
N ARG H 514 37.08 62.75 67.49
CA ARG H 514 38.36 63.17 66.93
C ARG H 514 38.54 64.68 67.04
N SER H 515 37.48 65.45 66.84
CA SER H 515 37.58 66.89 66.98
C SER H 515 37.87 67.28 68.43
N ILE H 516 37.20 66.62 69.39
CA ILE H 516 37.40 66.91 70.81
C ILE H 516 38.88 66.80 71.17
N LYS H 517 39.52 65.70 70.79
CA LYS H 517 40.93 65.46 71.09
C LYS H 517 41.86 66.57 70.59
N ARG H 518 41.54 67.18 69.44
CA ARG H 518 42.39 68.25 68.90
C ARG H 518 42.33 69.53 69.72
N TYR H 519 41.29 69.73 70.51
CA TYR H 519 41.07 70.98 71.21
C TYR H 519 41.28 70.84 72.71
N PHE H 520 40.55 69.95 73.41
CA PHE H 520 40.75 69.78 74.84
C PHE H 520 42.07 69.09 75.16
N LEU H 521 42.29 67.92 74.57
CA LEU H 521 43.54 67.20 74.72
C LEU H 521 44.67 67.82 73.90
N MET H 522 44.35 68.87 73.13
CA MET H 522 45.28 69.84 72.59
C MET H 522 46.28 69.28 71.58
N ASP H 523 45.99 68.14 70.91
CA ASP H 523 46.98 67.58 70.02
C ASP H 523 47.22 68.43 68.78
N GLN H 524 46.34 69.40 68.48
CA GLN H 524 46.53 70.33 67.36
C GLN H 524 47.14 71.66 67.84
N GLY H 525 48.33 71.57 68.44
CA GLY H 525 48.98 72.72 69.08
C GLY H 525 49.17 73.92 68.17
N ASP H 526 49.20 73.71 66.85
CA ASP H 526 49.04 74.76 65.85
C ASP H 526 47.97 75.79 66.20
N PHE H 527 46.81 75.30 66.65
CA PHE H 527 45.66 76.11 67.06
C PHE H 527 46.07 77.15 68.10
N PHE H 528 46.75 76.71 69.16
CA PHE H 528 46.96 77.58 70.32
C PHE H 528 48.13 78.54 70.17
N VAL H 529 49.14 78.24 69.35
CA VAL H 529 50.21 79.23 69.20
C VAL H 529 49.69 80.50 68.52
N HIS H 530 48.62 80.39 67.71
CA HIS H 530 47.76 81.56 67.51
C HIS H 530 46.91 81.88 68.74
N PHE H 531 45.92 81.04 69.05
CA PHE H 531 44.76 81.50 69.83
C PHE H 531 45.19 82.22 71.10
N MET H 532 46.09 81.62 71.88
CA MET H 532 46.41 82.24 73.16
C MET H 532 47.29 83.46 72.97
N ASP H 533 48.06 83.51 71.88
CA ASP H 533 48.79 84.72 71.56
C ASP H 533 47.85 85.87 71.21
N LEU H 534 46.70 85.59 70.59
CA LEU H 534 45.72 86.65 70.42
C LEU H 534 45.06 87.01 71.75
N ALA H 535 44.67 86.01 72.53
CA ALA H 535 43.73 86.23 73.61
C ALA H 535 44.42 86.60 74.92
N GLU H 536 45.76 86.58 74.96
CA GLU H 536 46.48 86.65 76.22
C GLU H 536 46.32 88.03 76.87
N GLU H 537 46.41 89.09 76.07
CA GLU H 537 46.36 90.44 76.60
C GLU H 537 44.95 90.79 77.06
N GLU H 538 43.94 90.17 76.45
CA GLU H 538 42.59 90.28 77.00
C GLU H 538 42.47 89.49 78.29
N LEU H 539 43.20 88.37 78.40
CA LEU H 539 43.11 87.52 79.57
C LEU H 539 43.99 87.99 80.72
N ARG H 540 44.74 89.09 80.55
CA ARG H 540 45.49 89.64 81.67
C ARG H 540 44.59 90.37 82.66
N LYS H 541 43.39 90.77 82.23
CA LYS H 541 42.44 91.39 83.13
C LYS H 541 41.80 90.36 84.05
N PRO H 542 41.37 90.77 85.25
CA PRO H 542 40.59 89.87 86.13
C PRO H 542 39.24 89.41 85.59
N VAL H 543 38.57 88.55 86.36
CA VAL H 543 37.22 88.10 86.03
C VAL H 543 36.22 89.23 86.29
N GLU H 544 35.15 89.25 85.49
CA GLU H 544 34.16 90.32 85.37
C GLU H 544 34.74 91.57 84.72
N ASP H 545 35.93 91.48 84.13
CA ASP H 545 36.55 92.57 83.39
C ASP H 545 36.79 92.17 81.94
N ILE H 546 36.11 91.12 81.50
CA ILE H 546 36.38 90.45 80.22
C ILE H 546 35.19 90.70 79.30
N THR H 547 35.48 90.77 77.99
CA THR H 547 34.45 90.89 76.96
C THR H 547 34.26 89.53 76.25
N PRO H 548 33.23 88.75 76.60
CA PRO H 548 33.05 87.39 76.03
C PRO H 548 32.78 87.30 74.53
N PRO H 549 31.95 88.15 73.90
CA PRO H 549 31.88 88.04 72.43
C PRO H 549 33.16 88.45 71.74
N ARG H 550 33.94 89.34 72.34
CA ARG H 550 35.27 89.63 71.83
C ARG H 550 36.14 88.38 71.87
N LEU H 551 36.06 87.61 72.96
CA LEU H 551 36.82 86.36 73.05
C LEU H 551 36.30 85.35 72.04
N GLU H 552 34.97 85.21 71.94
CA GLU H 552 34.39 84.25 71.01
C GLU H 552 34.80 84.56 69.58
N ALA H 553 34.84 85.83 69.20
CA ALA H 553 35.30 86.21 67.87
C ALA H 553 36.80 85.99 67.70
N LEU H 554 37.58 86.01 68.79
CA LEU H 554 38.99 85.58 68.71
C LEU H 554 39.13 84.08 68.51
N LEU H 555 38.35 83.27 69.21
CA LEU H 555 38.02 81.96 68.68
C LEU H 555 37.34 82.22 67.33
N GLU H 556 37.30 81.22 66.46
CA GLU H 556 36.81 81.47 65.10
C GLU H 556 37.67 82.51 64.36
N LEU H 557 38.83 82.88 64.90
CA LEU H 557 39.85 83.59 64.14
C LEU H 557 41.19 82.86 64.12
N ALA H 558 41.73 82.45 65.29
CA ALA H 558 42.85 81.51 65.27
C ALA H 558 42.44 80.25 64.52
N LEU H 559 41.21 79.82 64.74
CA LEU H 559 40.52 78.73 64.06
C LEU H 559 40.24 79.06 62.57
N ARG H 560 40.81 80.13 62.02
CA ARG H 560 40.79 80.38 60.59
C ARG H 560 42.13 80.08 59.94
N MET H 561 43.21 80.69 60.45
CA MET H 561 44.53 80.41 59.89
C MET H 561 45.02 79.01 60.26
N SER H 562 44.63 78.50 61.43
CA SER H 562 45.04 77.18 61.89
C SER H 562 44.51 76.05 61.00
N THR H 563 45.30 74.96 60.93
CA THR H 563 44.85 73.69 60.36
C THR H 563 43.51 73.21 60.91
N ALA H 564 43.10 73.71 62.08
CA ALA H 564 41.81 73.37 62.66
C ALA H 564 40.65 73.74 61.74
N ASN H 565 40.86 74.69 60.82
CA ASN H 565 39.83 75.21 59.92
C ASN H 565 39.52 74.25 58.78
N THR H 566 39.35 72.97 59.12
CA THR H 566 39.03 71.92 58.15
C THR H 566 37.96 70.95 58.65
N ASP H 567 37.48 71.10 59.89
CA ASP H 567 36.66 70.10 60.57
C ASP H 567 35.17 70.44 60.51
N PRO H 568 34.29 69.48 60.21
CA PRO H 568 32.86 69.80 60.10
C PRO H 568 32.18 70.20 61.40
N PHE H 569 32.77 69.91 62.56
CA PHE H 569 32.14 70.20 63.84
C PHE H 569 32.97 71.17 64.67
N LYS H 570 33.83 71.96 64.01
CA LYS H 570 34.65 72.96 64.68
C LYS H 570 33.81 74.10 65.24
N ASP H 571 32.61 74.29 64.69
CA ASP H 571 31.73 75.37 65.08
C ASP H 571 31.05 75.13 66.42
N ASP H 572 31.22 73.93 66.98
CA ASP H 572 30.62 73.58 68.26
C ASP H 572 31.47 74.06 69.44
N LEU H 573 32.69 74.53 69.19
CA LEU H 573 33.55 75.06 70.26
C LEU H 573 32.98 76.36 70.82
N LYS H 574 32.81 76.41 72.14
CA LYS H 574 32.36 77.60 72.85
C LYS H 574 33.40 77.99 73.89
N ILE H 575 33.66 79.28 74.06
CA ILE H 575 34.38 79.76 75.23
C ILE H 575 33.43 79.92 76.41
N ASP H 576 33.77 79.31 77.53
CA ASP H 576 33.06 79.39 78.80
C ASP H 576 34.07 79.85 79.88
N LEU H 577 33.62 80.02 81.13
CA LEU H 577 34.50 80.41 82.23
C LEU H 577 34.32 79.48 83.44
N MET H 578 35.44 78.96 83.99
CA MET H 578 35.23 78.38 85.32
C MET H 578 35.61 79.38 86.42
N PRO H 579 34.75 79.62 87.42
CA PRO H 579 35.25 80.14 88.70
C PRO H 579 35.94 79.04 89.50
N HIS H 580 36.29 79.29 90.77
CA HIS H 580 36.97 78.31 91.64
C HIS H 580 38.39 77.87 91.22
N ASP H 581 38.75 77.92 89.94
CA ASP H 581 40.15 77.77 89.48
C ASP H 581 40.71 76.38 89.81
N LEU H 582 42.02 76.13 89.59
CA LEU H 582 42.60 74.79 89.88
C LEU H 582 42.67 74.48 91.38
N ILE H 583 42.29 75.42 92.25
CA ILE H 583 41.91 75.16 93.64
C ILE H 583 40.62 74.34 93.75
N THR H 584 39.96 74.06 92.62
CA THR H 584 38.65 73.38 92.60
C THR H 584 38.59 72.08 93.43
N GLN H 585 39.64 71.26 93.39
CA GLN H 585 39.60 69.93 94.03
C GLN H 585 39.56 70.00 95.56
N LEU H 586 38.46 69.51 96.15
CA LEU H 586 38.37 69.23 97.59
C LEU H 586 39.43 68.24 98.10
N GLU H 607 40.30 84.87 97.65
CA GLU H 607 40.26 85.90 96.62
C GLU H 607 39.69 85.37 95.30
N LEU H 608 39.36 86.30 94.39
CA LEU H 608 38.76 86.00 93.10
C LEU H 608 39.50 86.64 91.93
N ALA H 609 40.48 87.51 92.19
CA ALA H 609 40.96 88.46 91.19
C ALA H 609 41.90 87.82 90.17
N LEU H 610 42.74 86.88 90.60
CA LEU H 610 43.65 86.22 89.68
C LEU H 610 42.84 85.35 88.72
N SER H 611 42.86 85.71 87.44
CA SER H 611 41.89 85.18 86.47
C SER H 611 42.55 85.07 85.10
N GLY H 612 41.71 84.88 84.08
CA GLY H 612 42.18 84.79 82.72
C GLY H 612 42.74 83.40 82.49
N LEU H 613 44.04 83.30 82.72
CA LEU H 613 44.70 82.01 82.68
C LEU H 613 44.12 81.06 83.73
N GLU H 614 43.74 81.61 84.89
CA GLU H 614 43.21 80.81 85.99
C GLU H 614 41.75 80.38 85.78
N ALA H 615 41.04 80.93 84.78
CA ALA H 615 39.59 80.82 84.72
C ALA H 615 39.01 80.37 83.37
N PHE H 616 39.85 80.12 82.35
CA PHE H 616 39.41 79.96 80.97
C PHE H 616 39.05 78.49 80.66
N SER H 617 38.01 78.26 79.85
CA SER H 617 37.79 76.91 79.31
C SER H 617 37.03 76.92 77.99
N PHE H 618 37.18 75.82 77.23
CA PHE H 618 36.32 75.48 76.10
C PHE H 618 35.12 74.63 76.55
N ASP H 619 34.11 74.52 75.67
CA ASP H 619 32.95 73.64 75.86
C ASP H 619 32.45 73.17 74.49
N TYR H 620 31.61 72.11 74.47
CA TYR H 620 30.94 71.64 73.25
C TYR H 620 29.43 71.53 73.45
N ILE H 621 28.64 71.95 72.45
CA ILE H 621 27.21 71.62 72.42
C ILE H 621 27.02 70.15 72.04
N VAL H 622 25.95 69.52 72.58
CA VAL H 622 25.56 68.17 72.19
C VAL H 622 24.06 68.08 71.89
N LYS H 623 23.69 66.99 71.21
CA LYS H 623 22.39 66.73 70.60
C LYS H 623 21.91 65.35 71.07
N TRP H 624 20.58 65.14 71.13
CA TRP H 624 20.07 63.90 71.74
C TRP H 624 20.66 62.59 71.21
N PRO H 625 21.04 62.47 69.93
CA PRO H 625 21.79 61.25 69.53
C PRO H 625 23.09 60.99 70.30
N LEU H 626 23.94 62.01 70.48
CA LEU H 626 25.23 61.85 71.12
C LEU H 626 25.27 62.26 72.59
N SER H 627 24.23 62.92 73.10
CA SER H 627 24.27 63.35 74.50
C SER H 627 24.36 62.17 75.47
N LEU H 628 23.78 61.02 75.12
CA LEU H 628 23.97 59.80 75.91
C LEU H 628 25.42 59.32 75.99
N ILE H 629 26.34 59.92 75.22
CA ILE H 629 27.77 59.72 75.42
C ILE H 629 28.42 60.98 75.99
N ILE H 630 28.48 62.07 75.22
CA ILE H 630 29.42 63.17 75.46
C ILE H 630 28.87 64.29 76.35
N ASN H 631 28.02 63.96 77.33
CA ASN H 631 27.41 64.93 78.26
C ASN H 631 28.40 65.44 79.33
N ARG H 632 27.89 66.34 80.21
CA ARG H 632 28.69 67.03 81.22
C ARG H 632 29.52 66.14 82.14
N LYS H 633 29.05 64.93 82.51
CA LYS H 633 29.89 64.06 83.32
C LYS H 633 31.19 63.71 82.62
N ALA H 634 31.18 63.62 81.29
CA ALA H 634 32.43 63.49 80.55
C ALA H 634 33.11 64.85 80.35
N LEU H 635 32.40 65.83 79.80
CA LEU H 635 33.05 67.08 79.42
C LEU H 635 33.63 67.84 80.62
N THR H 636 33.04 67.73 81.81
CA THR H 636 33.65 68.38 82.96
C THR H 636 35.07 67.87 83.19
N ARG H 637 35.32 66.59 82.92
CA ARG H 637 36.66 66.03 83.03
C ARG H 637 37.54 66.44 81.84
N TYR H 638 36.98 66.54 80.63
CA TYR H 638 37.72 67.11 79.52
C TYR H 638 38.15 68.55 79.81
N GLN H 639 37.27 69.33 80.43
CA GLN H 639 37.69 70.66 80.87
C GLN H 639 38.81 70.58 81.91
N MET H 640 38.63 69.79 82.97
CA MET H 640 39.68 69.69 83.99
C MET H 640 41.01 69.27 83.38
N LEU H 641 41.00 68.29 82.47
CA LEU H 641 42.21 67.89 81.79
C LEU H 641 42.78 69.03 80.95
N PHE H 642 41.92 69.70 80.15
CA PHE H 642 42.36 70.86 79.41
C PHE H 642 42.95 71.95 80.32
N ARG H 643 42.30 72.21 81.45
CA ARG H 643 42.73 73.29 82.33
C ARG H 643 44.18 73.07 82.78
N HIS H 644 44.47 71.89 83.30
CA HIS H 644 45.82 71.53 83.68
C HIS H 644 46.79 71.66 82.51
N MET H 645 46.40 71.17 81.35
CA MET H 645 47.29 71.22 80.19
C MET H 645 47.48 72.63 79.65
N PHE H 646 46.42 73.44 79.59
CA PHE H 646 46.59 74.80 79.07
C PHE H 646 47.48 75.62 80.00
N TYR H 647 47.37 75.38 81.31
CA TYR H 647 48.20 76.08 82.29
C TYR H 647 49.68 75.93 81.97
N CYS H 648 50.14 74.69 81.79
CA CYS H 648 51.56 74.48 81.58
C CYS H 648 52.00 75.06 80.24
N LYS H 649 51.14 74.94 79.24
CA LYS H 649 51.37 75.62 77.97
C LYS H 649 51.63 77.11 78.21
N HIS H 650 50.84 77.74 79.09
CA HIS H 650 51.03 79.18 79.32
C HIS H 650 52.37 79.47 79.96
N VAL H 651 52.66 78.86 81.11
CA VAL H 651 53.87 79.22 81.83
C VAL H 651 55.10 78.86 81.02
N GLU H 652 55.04 77.78 80.25
CA GLU H 652 56.20 77.44 79.42
C GLU H 652 56.46 78.52 78.38
N ARG H 653 55.41 79.08 77.78
CA ARG H 653 55.61 80.20 76.85
C ARG H 653 56.21 81.41 77.55
N GLN H 654 55.73 81.75 78.76
CA GLN H 654 56.34 82.86 79.46
C GLN H 654 57.80 82.57 79.73
N LEU H 655 58.13 81.33 80.07
CA LEU H 655 59.51 81.01 80.42
C LEU H 655 60.43 81.16 79.21
N CYS H 656 60.07 80.57 78.08
CA CYS H 656 60.98 80.69 76.95
C CYS H 656 61.12 82.13 76.48
N SER H 657 60.13 82.99 76.77
CA SER H 657 60.25 84.40 76.45
C SER H 657 61.45 85.05 77.13
N VAL H 658 61.86 84.58 78.32
CA VAL H 658 62.96 85.24 79.02
C VAL H 658 64.30 85.08 78.30
N TRP H 659 64.47 84.11 77.38
CA TRP H 659 65.70 84.10 76.58
C TRP H 659 65.71 85.27 75.59
N ILE H 660 64.68 85.37 74.76
CA ILE H 660 64.69 86.35 73.67
C ILE H 660 64.71 87.78 74.19
N SER H 661 64.14 88.02 75.38
CA SER H 661 64.19 89.33 76.00
C SER H 661 65.52 89.61 76.71
N ASN H 662 66.34 88.59 76.98
CA ASN H 662 67.68 88.82 77.51
C ASN H 662 68.69 89.15 76.40
N LYS H 663 68.69 88.36 75.33
CA LYS H 663 69.81 88.33 74.38
C LYS H 663 71.14 88.28 75.12
N GLN H 674 73.49 92.78 80.51
CA GLN H 674 74.77 92.23 80.92
C GLN H 674 74.83 90.71 80.62
N TRP H 675 73.71 90.15 80.17
CA TRP H 675 73.56 88.71 79.80
C TRP H 675 73.96 87.80 80.98
N PHE H 676 73.42 88.08 82.17
CA PHE H 676 73.88 87.47 83.41
C PHE H 676 73.60 85.95 83.46
N ALA H 677 74.68 85.17 83.60
CA ALA H 677 74.65 83.70 83.45
C ALA H 677 73.81 82.97 84.50
N GLY H 678 73.69 83.48 85.73
CA GLY H 678 72.94 82.75 86.75
C GLY H 678 71.47 82.64 86.41
N ALA H 679 70.88 83.73 85.94
CA ALA H 679 69.51 83.72 85.45
C ALA H 679 69.34 82.75 84.29
N PHE H 680 70.29 82.74 83.36
CA PHE H 680 70.24 81.84 82.20
C PHE H 680 70.30 80.35 82.57
N THR H 681 71.21 79.94 83.45
CA THR H 681 71.21 78.52 83.83
C THR H 681 69.99 78.17 84.66
N LEU H 682 69.50 79.09 85.49
CA LEU H 682 68.31 78.82 86.28
C LEU H 682 67.08 78.68 85.40
N ARG H 683 66.97 79.52 84.35
CA ARG H 683 65.98 79.31 83.30
C ARG H 683 66.03 77.90 82.72
N GLN H 684 67.21 77.45 82.28
CA GLN H 684 67.30 76.11 81.68
C GLN H 684 66.76 75.05 82.63
N ARG H 685 67.05 75.18 83.92
CA ARG H 685 66.63 74.17 84.88
C ARG H 685 65.11 74.20 85.07
N MET H 686 64.54 75.38 85.32
CA MET H 686 63.08 75.51 85.40
C MET H 686 62.42 74.99 84.12
N LEU H 687 63.03 75.28 82.97
CA LEU H 687 62.46 74.86 81.70
C LEU H 687 62.41 73.34 81.58
N ASN H 688 63.51 72.68 81.94
CA ASN H 688 63.55 71.23 81.80
C ASN H 688 62.67 70.53 82.84
N PHE H 689 62.27 71.19 83.91
CA PHE H 689 61.13 70.69 84.69
C PHE H 689 59.83 70.77 83.89
N VAL H 690 59.41 71.97 83.49
CA VAL H 690 58.05 72.14 82.99
C VAL H 690 57.90 71.56 81.60
N GLN H 691 58.94 71.66 80.76
CA GLN H 691 58.86 71.04 79.45
C GLN H 691 58.81 69.52 79.51
N ASN H 692 59.40 68.90 80.53
CA ASN H 692 59.32 67.44 80.64
C ASN H 692 58.05 66.93 81.33
N ILE H 693 57.51 67.61 82.34
CA ILE H 693 56.15 67.21 82.69
C ILE H 693 55.26 67.37 81.48
N GLN H 694 55.50 68.38 80.68
CA GLN H 694 54.80 68.47 79.41
C GLN H 694 54.99 67.20 78.56
N TYR H 695 56.23 66.86 78.18
CA TYR H 695 56.45 65.70 77.31
C TYR H 695 55.82 64.41 77.84
N TYR H 696 55.76 64.22 79.15
CA TYR H 696 55.12 63.00 79.65
C TYR H 696 53.65 62.97 79.29
N MET H 697 52.83 63.87 79.84
CA MET H 697 51.41 63.58 79.95
C MET H 697 50.83 63.09 78.63
N MET H 698 51.10 63.80 77.54
CA MET H 698 50.49 63.47 76.26
C MET H 698 51.13 62.26 75.51
N PHE H 699 52.44 61.96 75.66
CA PHE H 699 53.00 60.76 75.01
C PHE H 699 52.93 59.52 75.89
N GLU H 700 52.80 59.70 77.21
CA GLU H 700 52.73 58.60 78.15
C GLU H 700 51.31 58.26 78.57
N VAL H 701 50.41 59.24 78.62
CA VAL H 701 49.03 59.02 79.00
C VAL H 701 48.07 59.21 77.82
N MET H 702 47.98 60.43 77.26
CA MET H 702 46.92 60.67 76.30
C MET H 702 47.05 59.82 75.03
N GLU H 703 48.07 60.04 74.20
CA GLU H 703 48.14 59.32 72.93
C GLU H 703 48.13 57.80 73.10
N PRO H 704 48.85 57.19 74.06
CA PRO H 704 48.70 55.74 74.30
C PRO H 704 47.30 55.30 74.69
N THR H 705 46.72 55.84 75.77
CA THR H 705 45.42 55.37 76.18
C THR H 705 44.37 55.71 75.12
N TRP H 706 44.60 56.76 74.35
CA TRP H 706 43.69 57.05 73.24
C TRP H 706 43.75 55.97 72.17
N HIS H 707 44.94 55.52 71.76
CA HIS H 707 44.95 54.43 70.80
C HIS H 707 44.24 53.20 71.35
N ILE H 708 44.44 52.92 72.64
CA ILE H 708 43.77 51.81 73.31
C ILE H 708 42.26 52.02 73.29
N LEU H 709 41.80 53.24 73.55
CA LEU H 709 40.39 53.59 73.40
C LEU H 709 39.92 53.32 71.97
N GLU H 710 40.69 53.74 70.97
CA GLU H 710 40.25 53.61 69.59
C GLU H 710 40.02 52.15 69.23
N LYS H 711 40.91 51.26 69.67
CA LYS H 711 40.70 49.84 69.42
C LYS H 711 39.56 49.29 70.30
N ASN H 712 39.36 49.86 71.49
CA ASN H 712 38.25 49.43 72.33
C ASN H 712 36.91 49.77 71.71
N LEU H 713 36.79 50.99 71.18
CA LEU H 713 35.52 51.36 70.55
C LEU H 713 35.32 50.54 69.29
N LYS H 714 36.38 50.35 68.51
CA LYS H 714 36.30 49.53 67.31
C LYS H 714 35.95 48.08 67.63
N SER H 715 36.26 47.60 68.84
CA SER H 715 35.94 46.23 69.22
C SER H 715 34.66 46.12 70.05
N ALA H 716 34.03 47.24 70.42
CA ALA H 716 32.81 47.22 71.22
C ALA H 716 31.61 46.82 70.38
N SER H 717 30.72 46.00 70.96
CA SER H 717 29.60 45.43 70.23
C SER H 717 28.29 46.19 70.43
N ASN H 718 28.22 47.11 71.40
CA ASN H 718 27.00 47.82 71.76
C ASN H 718 27.42 49.06 72.53
N ILE H 719 26.48 50.00 72.74
CA ILE H 719 26.85 51.29 73.33
C ILE H 719 27.07 51.23 74.84
N ASP H 720 26.58 50.22 75.56
CA ASP H 720 27.00 50.02 76.94
C ASP H 720 28.49 49.75 77.05
N ASP H 721 29.03 48.91 76.15
CA ASP H 721 30.47 48.71 76.09
C ASP H 721 31.21 50.00 75.73
N VAL H 722 30.74 50.73 74.71
CA VAL H 722 31.41 51.97 74.28
C VAL H 722 31.44 52.99 75.41
N LEU H 723 30.30 53.20 76.06
CA LEU H 723 30.26 54.14 77.18
C LEU H 723 31.24 53.73 78.28
N GLY H 724 31.41 52.43 78.51
CA GLY H 724 32.38 51.97 79.49
C GLY H 724 33.81 52.25 79.06
N HIS H 725 34.15 51.93 77.81
CA HIS H 725 35.50 52.17 77.30
C HIS H 725 35.87 53.65 77.37
N HIS H 726 34.96 54.51 76.93
CA HIS H 726 35.14 55.96 76.99
C HIS H 726 35.35 56.43 78.44
N THR H 727 34.48 55.99 79.36
CA THR H 727 34.61 56.37 80.77
C THR H 727 35.95 55.92 81.33
N GLY H 728 36.34 54.68 81.08
CA GLY H 728 37.60 54.16 81.63
C GLY H 728 38.81 54.85 81.04
N PHE H 729 38.82 55.07 79.73
CA PHE H 729 39.87 55.88 79.12
C PHE H 729 39.98 57.23 79.81
N LEU H 730 38.84 57.92 79.94
CA LEU H 730 38.85 59.27 80.49
C LEU H 730 39.37 59.27 81.92
N ASP H 731 38.89 58.35 82.75
CA ASP H 731 39.41 58.21 84.11
C ASP H 731 40.91 57.91 84.13
N THR H 732 41.37 57.00 83.28
CA THR H 732 42.81 56.73 83.19
C THR H 732 43.60 58.00 82.90
N CYS H 733 43.25 58.71 81.84
CA CYS H 733 43.99 59.92 81.50
C CYS H 733 43.92 60.95 82.63
N LEU H 734 42.80 61.02 83.34
CA LEU H 734 42.67 61.97 84.45
C LEU H 734 43.60 61.61 85.61
N LYS H 735 43.55 60.37 86.10
CA LYS H 735 44.25 59.97 87.31
C LYS H 735 45.77 59.96 87.16
N ASP H 736 46.31 59.84 85.95
CA ASP H 736 47.75 59.63 85.76
C ASP H 736 48.49 60.92 85.42
N CYS H 737 47.77 62.06 85.33
CA CYS H 737 48.39 63.35 85.03
C CYS H 737 48.43 64.29 86.25
N MET H 738 49.10 63.84 87.33
CA MET H 738 49.12 64.45 88.68
C MET H 738 47.78 64.45 89.41
N LEU H 739 46.69 64.70 88.69
CA LEU H 739 45.38 64.93 89.29
C LEU H 739 44.90 63.67 90.03
N THR H 740 43.91 63.84 90.92
CA THR H 740 43.41 62.82 91.86
C THR H 740 44.40 62.44 92.97
N ASN H 741 45.62 62.98 92.99
CA ASN H 741 46.43 62.90 94.21
C ASN H 741 45.69 63.52 95.40
N PRO H 742 45.66 62.85 96.57
CA PRO H 742 44.85 63.35 97.70
C PRO H 742 45.09 64.80 98.12
N GLU H 743 46.26 65.35 97.80
CA GLU H 743 46.62 66.72 98.16
C GLU H 743 47.13 67.52 96.97
N LEU H 744 46.69 67.16 95.76
CA LEU H 744 47.11 67.83 94.52
C LEU H 744 48.61 67.63 94.28
N LEU H 745 49.19 66.64 94.97
CA LEU H 745 50.65 66.53 95.11
C LEU H 745 51.22 67.91 95.39
N LYS H 746 50.61 68.54 96.40
CA LYS H 746 50.49 70.00 96.57
C LYS H 746 51.65 70.84 96.05
N VAL H 747 52.89 70.46 96.35
CA VAL H 747 54.05 71.23 95.89
C VAL H 747 54.12 71.39 94.38
N PHE H 748 53.36 70.60 93.60
CA PHE H 748 53.21 70.91 92.18
C PHE H 748 52.57 72.28 91.95
N SER H 749 51.46 72.59 92.63
CA SER H 749 50.91 73.94 92.56
C SER H 749 51.92 75.00 92.94
N LYS H 750 52.82 74.69 93.88
CA LYS H 750 53.86 75.64 94.29
C LYS H 750 54.92 75.79 93.20
N LEU H 751 55.38 74.68 92.62
CA LEU H 751 56.29 74.77 91.48
C LEU H 751 55.72 75.67 90.39
N MET H 752 54.46 75.48 90.03
CA MET H 752 53.87 76.35 89.03
C MET H 752 53.91 77.80 89.49
N SER H 753 53.54 78.04 90.75
CA SER H 753 53.53 79.40 91.29
C SER H 753 54.93 80.05 91.32
N VAL H 754 55.96 79.34 91.78
CA VAL H 754 57.29 79.97 91.76
C VAL H 754 57.78 80.15 90.34
N CYS H 755 57.47 79.19 89.45
CA CYS H 755 57.85 79.37 88.06
C CYS H 755 57.27 80.66 87.50
N VAL H 756 55.96 80.88 87.65
CA VAL H 756 55.36 82.07 87.04
C VAL H 756 55.95 83.33 87.67
N MET H 757 56.08 83.36 89.00
CA MET H 757 56.59 84.56 89.63
C MET H 757 58.05 84.79 89.24
N PHE H 758 58.85 83.72 89.16
CA PHE H 758 60.22 83.82 88.64
C PHE H 758 60.24 84.45 87.25
N THR H 759 59.39 83.98 86.33
CA THR H 759 59.34 84.60 85.02
C THR H 759 58.86 86.06 85.10
N ASN H 760 57.88 86.33 85.96
CA ASN H 760 57.36 87.68 86.11
C ASN H 760 58.43 88.65 86.59
N CYS H 761 59.19 88.27 87.62
CA CYS H 761 60.22 89.18 88.11
C CYS H 761 61.38 89.28 87.13
N MET H 762 61.77 88.15 86.50
CA MET H 762 62.89 88.18 85.58
C MET H 762 62.61 89.10 84.39
N GLN H 763 61.40 89.03 83.83
CA GLN H 763 61.05 89.91 82.71
C GLN H 763 60.92 91.36 83.18
N LYS H 764 60.47 91.59 84.42
CA LYS H 764 60.43 92.95 84.95
C LYS H 764 61.83 93.51 85.17
N PHE H 765 62.75 92.70 85.73
CA PHE H 765 64.13 93.14 85.93
C PHE H 765 64.81 93.44 84.59
N THR H 766 64.74 92.49 83.65
CA THR H 766 65.42 92.69 82.37
C THR H 766 64.77 93.79 81.55
N GLN H 767 63.47 94.03 81.71
CA GLN H 767 62.91 95.29 81.22
C GLN H 767 63.65 96.47 81.85
N SER H 768 63.81 96.44 83.17
CA SER H 768 64.28 97.60 83.92
C SER H 768 65.79 97.85 83.76
N MET H 769 66.60 96.80 83.62
CA MET H 769 68.05 96.91 83.76
C MET H 769 68.70 97.61 82.58
N LYS H 770 67.94 97.85 81.51
CA LYS H 770 68.47 98.33 80.24
C LYS H 770 67.44 99.15 79.47
N LEU H 771 66.16 98.78 79.61
CA LEU H 771 65.09 99.50 78.92
C LEU H 771 64.56 100.62 79.81
N LEU H 814 67.56 97.28 90.07
CA LEU H 814 69.01 97.16 90.12
C LEU H 814 69.44 95.72 90.42
N VAL H 815 70.75 95.43 90.30
CA VAL H 815 71.22 94.06 90.45
C VAL H 815 71.20 93.62 91.91
N SER H 816 71.29 94.59 92.84
CA SER H 816 71.28 94.25 94.26
C SER H 816 69.90 93.74 94.68
N GLY H 817 68.83 94.26 94.06
CA GLY H 817 67.51 93.73 94.30
C GLY H 817 67.22 92.47 93.51
N PHE H 818 68.03 92.18 92.48
CA PHE H 818 67.80 91.05 91.60
C PHE H 818 68.48 89.79 92.14
N GLU H 819 69.75 89.91 92.54
CA GLU H 819 70.47 88.77 93.10
C GLU H 819 69.65 88.08 94.20
N ALA H 820 68.93 88.87 94.99
CA ALA H 820 67.95 88.34 95.93
C ALA H 820 66.98 87.35 95.27
N THR H 821 66.46 87.72 94.09
CA THR H 821 65.54 86.82 93.39
C THR H 821 66.27 85.57 92.89
N ILE H 822 67.47 85.74 92.34
CA ILE H 822 68.22 84.58 91.85
C ILE H 822 68.48 83.61 93.00
N ASN H 823 68.94 84.13 94.15
CA ASN H 823 69.26 83.28 95.28
C ASN H 823 68.01 82.61 95.85
N LYS H 824 66.97 83.41 96.16
CA LYS H 824 65.78 82.87 96.81
C LYS H 824 65.02 81.90 95.92
N PHE H 825 65.11 82.07 94.60
CA PHE H 825 64.39 81.17 93.71
C PHE H 825 65.19 79.91 93.36
N ASP H 826 66.51 79.99 93.23
CA ASP H 826 67.29 78.75 93.19
C ASP H 826 67.00 77.93 94.45
N LYS H 827 66.98 78.59 95.62
CA LYS H 827 66.60 77.94 96.88
C LYS H 827 65.16 77.41 96.88
N ASN H 828 64.18 78.30 96.64
CA ASN H 828 62.79 77.85 96.71
C ASN H 828 62.52 76.74 95.71
N PHE H 829 63.04 76.89 94.49
CA PHE H 829 62.80 75.88 93.47
C PHE H 829 63.47 74.56 93.80
N SER H 830 64.72 74.62 94.24
CA SER H 830 65.35 73.39 94.71
C SER H 830 64.47 72.72 95.77
N ALA H 831 64.03 73.49 96.75
CA ALA H 831 63.20 72.91 97.81
C ALA H 831 61.92 72.28 97.23
N HIS H 832 61.21 73.03 96.39
CA HIS H 832 59.95 72.54 95.84
C HIS H 832 60.14 71.39 94.85
N LEU H 833 61.21 71.41 94.05
CA LEU H 833 61.45 70.31 93.12
C LEU H 833 61.84 69.03 93.85
N LEU H 834 62.77 69.12 94.82
CA LEU H 834 63.14 67.94 95.57
C LEU H 834 62.02 67.49 96.51
N ASP H 835 61.18 68.41 96.99
CA ASP H 835 59.91 68.02 97.61
C ASP H 835 59.04 67.21 96.65
N LEU H 836 58.91 67.65 95.39
CA LEU H 836 58.13 66.90 94.43
C LEU H 836 58.63 65.46 94.28
N LEU H 837 59.93 65.29 94.10
CA LEU H 837 60.51 63.95 94.05
C LEU H 837 60.26 63.17 95.35
N ALA H 838 60.38 63.84 96.51
CA ALA H 838 60.10 63.18 97.79
C ALA H 838 58.61 62.80 97.92
N ARG H 839 57.69 63.68 97.53
CA ARG H 839 56.26 63.39 97.61
C ARG H 839 55.81 62.31 96.63
N LEU H 840 56.36 62.28 95.42
CA LEU H 840 56.00 61.23 94.46
C LEU H 840 56.57 59.86 94.81
N SER H 841 57.73 59.80 95.48
CA SER H 841 58.43 58.53 95.70
C SER H 841 57.61 57.48 96.46
N ILE H 842 56.53 57.88 97.15
CA ILE H 842 55.59 56.92 97.75
C ILE H 842 55.03 55.92 96.74
N TYR H 843 54.88 56.34 95.48
CA TYR H 843 54.29 55.52 94.42
C TYR H 843 55.35 54.74 93.62
N SER H 844 56.63 54.92 93.93
CA SER H 844 57.76 54.31 93.21
C SER H 844 57.69 54.62 91.72
N GLY H 851 55.81 53.12 83.26
CA GLY H 851 54.75 53.42 84.20
C GLY H 851 54.92 54.75 84.90
N MET H 852 54.33 54.85 86.10
CA MET H 852 54.46 56.06 86.92
C MET H 852 55.91 56.42 87.23
N ALA H 853 56.80 55.43 87.29
CA ALA H 853 58.23 55.65 87.46
C ALA H 853 58.86 56.44 86.31
N SER H 854 58.16 56.65 85.19
CA SER H 854 58.74 57.40 84.08
C SER H 854 59.07 58.84 84.47
N VAL H 855 58.35 59.41 85.43
CA VAL H 855 58.49 60.83 85.76
C VAL H 855 59.94 61.21 86.05
N ILE H 856 60.68 60.33 86.73
CA ILE H 856 62.11 60.58 86.99
C ILE H 856 63.02 60.30 85.81
N SER H 857 62.51 59.74 84.71
CA SER H 857 63.38 59.10 83.73
C SER H 857 63.98 60.09 82.70
N ARG H 858 63.24 61.13 82.30
CA ARG H 858 63.84 62.27 81.62
C ARG H 858 64.50 63.28 82.57
N LEU H 859 64.23 63.19 83.88
CA LEU H 859 64.88 64.04 84.86
C LEU H 859 66.27 63.49 85.23
N ASP H 860 66.32 62.28 85.80
CA ASP H 860 67.60 61.61 86.08
C ASP H 860 68.20 60.95 84.85
N PHE H 861 68.28 61.67 83.73
CA PHE H 861 68.78 61.04 82.52
C PHE H 861 70.29 61.25 82.37
N ASN H 862 70.75 62.48 82.52
CA ASN H 862 72.15 62.85 82.32
C ASN H 862 72.44 64.08 83.19
N GLY H 863 73.72 64.35 83.42
CA GLY H 863 74.13 65.67 83.88
C GLY H 863 73.41 66.17 85.12
N PHE H 864 73.22 65.29 86.10
CA PHE H 864 72.20 65.47 87.15
C PHE H 864 72.34 66.76 87.95
N TYR H 865 71.20 67.39 88.22
CA TYR H 865 70.97 68.26 89.37
C TYR H 865 69.95 67.67 90.35
N THR H 866 69.22 66.62 89.97
CA THR H 866 68.40 65.88 90.93
C THR H 866 69.27 65.16 91.97
N GLU H 867 70.46 64.72 91.57
CA GLU H 867 71.40 64.10 92.48
C GLU H 867 72.19 65.12 93.30
N ARG H 868 71.67 66.35 93.41
CA ARG H 868 71.98 67.20 94.54
C ARG H 868 71.36 66.66 95.83
N LEU H 869 70.23 65.95 95.72
CA LEU H 869 69.63 65.24 96.86
C LEU H 869 70.32 63.90 97.09
N GLU H 870 71.04 63.77 98.21
CA GLU H 870 71.33 62.44 98.74
C GLU H 870 70.01 61.81 99.22
N ARG H 871 69.67 60.64 98.65
CA ARG H 871 68.27 60.17 98.64
C ARG H 871 67.69 59.86 100.02
N LEU H 872 66.43 60.31 100.20
CA LEU H 872 65.51 59.94 101.30
C LEU H 872 66.12 60.02 102.70
N ILE I 245 -47.16 22.75 91.33
CA ILE I 245 -46.11 23.17 90.35
C ILE I 245 -45.22 21.97 90.04
N THR I 246 -44.54 22.01 88.89
CA THR I 246 -43.62 20.96 88.49
C THR I 246 -42.43 21.59 87.75
N GLU I 247 -41.34 20.81 87.66
CA GLU I 247 -40.12 21.28 87.02
C GLU I 247 -40.34 21.77 85.60
N ALA I 248 -41.24 21.13 84.85
CA ALA I 248 -41.41 21.49 83.45
C ALA I 248 -41.97 22.89 83.32
N ALA I 249 -43.05 23.15 84.06
CA ALA I 249 -43.65 24.47 84.07
C ALA I 249 -42.57 25.53 84.22
N LEU I 250 -41.69 25.36 85.20
CA LEU I 250 -40.64 26.34 85.43
C LEU I 250 -39.62 26.38 84.29
N VAL I 251 -39.53 25.37 83.41
CA VAL I 251 -38.57 25.52 82.30
C VAL I 251 -39.13 26.45 81.23
N ARG I 252 -40.44 26.35 80.97
CA ARG I 252 -41.03 27.16 79.86
C ARG I 252 -41.18 28.62 80.34
N ASP I 253 -41.73 28.82 81.55
CA ASP I 253 -41.81 30.18 82.07
C ASP I 253 -40.45 30.88 82.03
N ILE I 254 -39.37 30.19 82.39
CA ILE I 254 -38.02 30.71 82.23
C ILE I 254 -37.68 31.01 80.78
N LEU I 255 -38.13 30.17 79.84
CA LEU I 255 -37.84 30.49 78.44
C LEU I 255 -38.49 31.80 78.00
N TYR I 256 -39.62 32.22 78.59
CA TYR I 256 -40.19 33.56 78.33
C TYR I 256 -39.48 34.65 79.13
N VAL I 257 -39.14 34.37 80.39
CA VAL I 257 -38.43 35.30 81.26
C VAL I 257 -37.02 35.60 80.78
N PHE I 258 -36.48 34.79 79.87
CA PHE I 258 -35.21 35.13 79.25
C PHE I 258 -35.34 36.29 78.27
N GLN I 259 -36.53 36.88 78.13
CA GLN I 259 -36.80 37.97 77.18
C GLN I 259 -37.45 39.19 77.83
N GLY I 260 -38.35 38.98 78.79
CA GLY I 260 -39.00 40.06 79.51
C GLY I 260 -40.49 39.83 79.65
N ILE I 261 -41.05 39.02 78.77
CA ILE I 261 -42.39 38.45 78.91
C ILE I 261 -42.42 37.64 80.21
N ASP I 262 -43.36 37.92 81.10
CA ASP I 262 -43.51 37.19 82.36
C ASP I 262 -44.03 35.76 82.13
N GLY I 263 -43.61 34.84 82.99
CA GLY I 263 -44.22 33.51 83.08
C GLY I 263 -45.57 33.54 83.82
N LYS I 264 -46.12 32.37 84.14
CA LYS I 264 -47.26 32.22 85.05
C LYS I 264 -46.85 32.26 86.53
N ASN I 265 -45.63 31.81 86.87
CA ASN I 265 -45.19 31.65 88.25
C ASN I 265 -43.86 32.31 88.59
N ILE I 266 -43.10 32.78 87.62
CA ILE I 266 -41.92 33.62 87.81
C ILE I 266 -42.29 35.10 87.59
N LYS I 267 -43.54 35.47 87.86
CA LYS I 267 -44.13 36.73 87.39
C LYS I 267 -43.68 37.94 88.21
N MET I 268 -42.46 38.43 88.00
CA MET I 268 -42.17 39.81 88.38
C MET I 268 -41.25 40.41 87.35
N ASN I 269 -41.59 41.62 86.94
CA ASN I 269 -40.81 42.34 85.97
C ASN I 269 -39.57 42.88 86.69
N ASN I 270 -38.69 43.53 85.97
CA ASN I 270 -37.47 44.01 86.60
C ASN I 270 -37.71 45.22 87.64
N THR I 271 -38.91 45.58 88.12
CA THR I 271 -39.12 46.89 88.75
C THR I 271 -38.35 47.04 90.06
N GLU I 272 -38.55 46.13 91.03
CA GLU I 272 -37.72 46.13 92.22
C GLU I 272 -36.49 45.24 92.02
N ASN I 273 -36.13 45.04 90.73
CA ASN I 273 -34.90 44.50 90.16
C ASN I 273 -34.67 43.00 90.21
N CYS I 274 -35.65 42.15 90.55
CA CYS I 274 -35.41 40.72 90.40
C CYS I 274 -36.73 39.97 90.23
N TYR I 275 -36.70 38.94 89.37
CA TYR I 275 -37.90 38.18 89.05
C TYR I 275 -38.30 37.28 90.22
N LYS I 276 -39.05 37.83 91.16
CA LYS I 276 -39.57 37.07 92.28
C LYS I 276 -40.45 35.90 91.87
N VAL I 277 -39.96 34.67 92.07
CA VAL I 277 -40.78 33.46 91.99
C VAL I 277 -41.92 33.49 93.02
N GLU I 278 -43.03 32.82 92.70
CA GLU I 278 -44.21 32.84 93.56
C GLU I 278 -44.89 31.48 93.65
N GLY I 279 -45.76 31.33 94.65
CA GLY I 279 -46.69 30.22 94.76
C GLY I 279 -46.44 29.27 95.94
N LYS I 280 -47.52 28.62 96.40
CA LYS I 280 -47.55 27.71 97.56
C LYS I 280 -47.01 26.31 97.24
N ALA I 281 -45.87 26.24 96.54
CA ALA I 281 -45.31 24.98 96.04
C ALA I 281 -44.25 24.34 96.94
N ASN I 282 -43.64 25.09 97.86
CA ASN I 282 -42.44 24.69 98.63
C ASN I 282 -41.31 24.28 97.67
N LEU I 283 -40.69 23.10 97.85
CA LEU I 283 -39.74 22.53 96.88
C LEU I 283 -38.58 23.47 96.53
N SER I 284 -38.00 24.07 97.57
CA SER I 284 -37.07 25.19 97.48
C SER I 284 -36.04 25.12 96.33
N ARG I 285 -35.34 23.98 96.23
CA ARG I 285 -34.12 23.86 95.42
C ARG I 285 -34.22 24.43 94.01
N SER I 286 -35.08 23.85 93.16
CA SER I 286 -35.24 24.33 91.80
C SER I 286 -36.03 25.62 91.81
N LEU I 287 -37.11 25.59 92.57
CA LEU I 287 -38.16 26.58 92.57
C LEU I 287 -37.64 27.92 93.05
N ARG I 288 -37.84 28.17 94.34
CA ARG I 288 -37.38 29.42 94.95
C ARG I 288 -35.92 29.73 94.66
N ASP I 289 -35.05 28.72 94.55
CA ASP I 289 -33.61 28.95 94.65
C ASP I 289 -32.86 28.93 93.31
N THR I 290 -33.21 28.06 92.36
CA THR I 290 -32.46 28.03 91.09
C THR I 290 -33.00 29.04 90.09
N ALA I 291 -34.32 29.16 90.01
CA ALA I 291 -34.93 29.99 88.98
C ALA I 291 -34.42 31.43 89.06
N VAL I 292 -34.28 31.95 90.28
CA VAL I 292 -33.72 33.28 90.50
C VAL I 292 -32.28 33.40 90.01
N ARG I 293 -31.52 32.31 90.05
CA ARG I 293 -30.14 32.35 89.57
C ARG I 293 -30.09 32.52 88.06
N LEU I 294 -31.04 31.91 87.36
CA LEU I 294 -31.19 32.00 85.91
C LEU I 294 -31.83 33.30 85.46
N SER I 295 -32.78 33.83 86.22
CA SER I 295 -33.56 34.94 85.74
C SER I 295 -32.71 36.15 85.43
N GLU I 296 -31.62 36.34 86.17
CA GLU I 296 -30.67 37.40 85.83
C GLU I 296 -30.29 37.39 84.36
N LEU I 297 -30.34 36.25 83.68
CA LEU I 297 -30.06 36.29 82.25
C LEU I 297 -31.04 37.22 81.56
N GLY I 298 -32.29 37.26 82.04
CA GLY I 298 -33.30 38.13 81.50
C GLY I 298 -33.20 39.57 81.96
N TRP I 299 -32.82 39.80 83.22
CA TRP I 299 -32.67 41.16 83.72
C TRP I 299 -31.66 41.93 82.88
N LEU I 300 -30.62 41.26 82.45
CA LEU I 300 -29.62 41.84 81.58
C LEU I 300 -30.11 42.07 80.17
N HIS I 301 -31.23 41.45 79.77
CA HIS I 301 -31.79 41.73 78.45
C HIS I 301 -32.69 42.96 78.46
N ASN I 302 -33.59 43.06 79.45
CA ASN I 302 -34.46 44.21 79.53
C ASN I 302 -33.69 45.53 79.46
N LYS I 303 -32.59 45.62 80.19
CA LYS I 303 -31.69 46.78 80.15
C LYS I 303 -31.02 47.06 78.81
N ILE I 304 -31.23 46.22 77.81
CA ILE I 304 -30.76 46.52 76.48
C ILE I 304 -31.91 46.90 75.54
N ARG I 305 -33.10 46.33 75.73
CA ARG I 305 -34.28 46.85 75.06
C ARG I 305 -34.64 48.27 75.51
N ARG I 306 -34.76 48.51 76.82
CA ARG I 306 -34.99 49.87 77.28
C ARG I 306 -33.85 50.84 76.98
N TYR I 307 -32.79 50.39 76.33
CA TYR I 307 -31.85 51.32 75.72
C TYR I 307 -32.08 51.49 74.23
N THR I 308 -32.20 50.40 73.47
CA THR I 308 -32.34 50.56 72.03
C THR I 308 -33.70 51.15 71.64
N ASP I 309 -34.75 50.90 72.45
CA ASP I 309 -36.02 51.61 72.29
C ASP I 309 -35.89 53.11 72.49
N GLN I 310 -35.65 53.52 73.74
CA GLN I 310 -35.60 54.92 74.11
C GLN I 310 -34.61 55.75 73.31
N ARG I 311 -33.62 55.13 72.66
CA ARG I 311 -32.64 55.89 71.88
C ARG I 311 -32.68 55.63 70.39
N SER I 312 -33.84 55.21 69.86
CA SER I 312 -34.20 55.52 68.48
C SER I 312 -35.44 56.40 68.40
N LEU I 313 -36.26 56.48 69.46
CA LEU I 313 -37.24 57.55 69.59
C LEU I 313 -36.57 58.92 69.70
N ASP I 314 -35.37 58.98 70.28
CA ASP I 314 -34.55 60.20 70.34
C ASP I 314 -33.87 60.52 69.00
N ARG I 315 -34.62 61.18 68.13
CA ARG I 315 -34.13 61.68 66.85
C ARG I 315 -33.05 62.76 66.97
N SER I 316 -32.74 63.21 68.18
CA SER I 316 -31.58 64.10 68.40
C SER I 316 -30.25 63.35 68.57
N PHE I 317 -30.29 62.02 68.78
CA PHE I 317 -29.10 61.21 68.99
C PHE I 317 -28.25 61.13 67.72
N GLY I 318 -26.94 61.17 67.89
CA GLY I 318 -26.00 61.29 66.77
C GLY I 318 -26.02 60.12 65.82
N LEU I 319 -25.28 60.30 64.73
CA LEU I 319 -25.09 59.25 63.73
C LEU I 319 -24.37 58.02 64.31
N VAL I 320 -23.33 58.24 65.12
CA VAL I 320 -22.71 57.17 65.87
C VAL I 320 -23.72 56.57 66.86
N GLY I 321 -24.53 57.41 67.48
CA GLY I 321 -25.52 56.91 68.42
C GLY I 321 -26.45 55.86 67.83
N GLN I 322 -26.85 56.02 66.58
CA GLN I 322 -27.64 54.98 65.94
C GLN I 322 -26.79 53.79 65.49
N SER I 323 -25.63 54.02 64.90
CA SER I 323 -24.74 52.93 64.53
C SER I 323 -24.39 52.01 65.71
N PHE I 324 -23.95 52.58 66.84
CA PHE I 324 -23.73 51.76 68.03
C PHE I 324 -24.98 51.02 68.42
N CYS I 325 -26.12 51.71 68.39
CA CYS I 325 -27.35 51.06 68.81
C CYS I 325 -27.78 49.96 67.84
N ALA I 326 -27.46 50.11 66.55
CA ALA I 326 -27.81 49.08 65.57
C ALA I 326 -27.05 47.79 65.82
N ALA I 327 -25.75 47.91 66.06
CA ALA I 327 -24.97 46.76 66.52
C ALA I 327 -25.61 46.12 67.74
N LEU I 328 -25.89 46.90 68.77
CA LEU I 328 -26.41 46.41 70.03
C LEU I 328 -27.76 45.68 69.97
N HIS I 329 -28.46 45.61 68.84
CA HIS I 329 -29.52 44.62 68.70
C HIS I 329 -29.37 43.69 67.48
N GLN I 330 -28.35 43.87 66.65
CA GLN I 330 -27.83 42.71 65.93
C GLN I 330 -27.43 41.61 66.90
N GLU I 331 -26.77 41.98 68.01
CA GLU I 331 -26.43 41.05 69.08
C GLU I 331 -27.64 40.43 69.74
N LEU I 332 -28.83 40.96 69.53
CA LEU I 332 -30.03 40.27 69.98
C LEU I 332 -30.60 39.28 68.96
N ARG I 333 -30.21 39.33 67.69
CA ARG I 333 -30.52 38.20 66.83
C ARG I 333 -29.79 36.94 67.28
N GLU I 334 -28.48 37.04 67.52
CA GLU I 334 -27.79 35.92 68.13
C GLU I 334 -28.53 35.43 69.36
N TYR I 335 -29.06 36.35 70.14
CA TYR I 335 -29.70 35.92 71.38
C TYR I 335 -31.04 35.24 71.14
N TYR I 336 -31.84 35.69 70.15
CA TYR I 336 -33.07 34.96 69.87
C TYR I 336 -32.80 33.68 69.08
N ARG I 337 -31.75 33.64 68.27
CA ARG I 337 -31.38 32.39 67.62
C ARG I 337 -31.14 31.32 68.65
N LEU I 338 -30.26 31.61 69.60
CA LEU I 338 -30.03 30.64 70.66
C LEU I 338 -31.30 30.36 71.42
N LEU I 339 -32.06 31.39 71.76
CA LEU I 339 -33.21 31.13 72.60
C LEU I 339 -34.21 30.19 71.90
N SER I 340 -34.25 30.22 70.57
CA SER I 340 -35.11 29.29 69.83
C SER I 340 -34.59 27.87 69.87
N VAL I 341 -33.28 27.68 69.72
CA VAL I 341 -32.67 26.38 69.97
C VAL I 341 -33.11 25.82 71.33
N LEU I 342 -33.05 26.63 72.38
CA LEU I 342 -33.53 26.15 73.67
C LEU I 342 -35.00 25.80 73.64
N HIS I 343 -35.83 26.50 72.89
CA HIS I 343 -37.22 26.07 72.89
C HIS I 343 -37.32 24.74 72.17
N SER I 344 -36.54 24.58 71.11
CA SER I 344 -36.58 23.36 70.30
C SER I 344 -36.34 22.11 71.14
N GLN I 345 -35.45 22.16 72.13
CA GLN I 345 -35.14 20.98 72.93
C GLN I 345 -36.25 20.57 73.90
N LEU I 346 -37.35 21.28 73.98
CA LEU I 346 -38.27 21.15 75.10
C LEU I 346 -39.20 19.94 75.05
N GLN I 347 -38.76 18.87 74.38
CA GLN I 347 -39.54 17.61 74.24
C GLN I 347 -38.65 16.38 74.10
N LEU I 362 -35.17 18.10 77.94
CA LEU I 362 -34.32 19.16 78.45
C LEU I 362 -34.72 19.65 79.82
N THR I 363 -33.82 19.40 80.75
CA THR I 363 -33.63 20.22 81.94
C THR I 363 -32.12 20.22 82.20
N LEU I 364 -31.38 20.54 81.14
CA LEU I 364 -29.93 20.35 81.07
C LEU I 364 -29.22 21.35 81.97
N ARG I 365 -28.81 20.80 83.11
CA ARG I 365 -28.61 21.43 84.41
C ARG I 365 -29.63 22.53 84.70
N ARG I 366 -30.90 22.21 84.45
CA ARG I 366 -31.97 23.20 84.50
C ARG I 366 -31.62 24.45 83.68
N LEU I 367 -31.01 24.23 82.51
CA LEU I 367 -30.45 25.22 81.57
C LEU I 367 -29.05 25.77 81.88
N LEU I 368 -28.56 25.62 83.10
CA LEU I 368 -27.40 26.40 83.55
C LEU I 368 -26.20 26.22 82.62
N VAL I 369 -26.13 25.08 81.93
CA VAL I 369 -25.02 24.78 81.04
C VAL I 369 -25.00 25.71 79.84
N TRP I 370 -26.19 26.02 79.32
CA TRP I 370 -26.35 26.70 78.05
C TRP I 370 -26.33 28.21 78.22
N THR I 371 -27.02 28.69 79.25
CA THR I 371 -27.02 30.10 79.59
C THR I 371 -25.63 30.62 79.91
N TYR I 372 -24.76 29.74 80.42
CA TYR I 372 -23.48 30.19 80.96
C TYR I 372 -22.63 30.95 79.96
N ASP I 373 -22.77 30.70 78.68
CA ASP I 373 -22.01 31.47 77.71
C ASP I 373 -22.68 32.79 77.31
N PRO I 374 -23.98 32.83 76.99
CA PRO I 374 -24.70 34.12 76.92
C PRO I 374 -24.50 35.05 78.10
N LYS I 375 -24.49 34.51 79.31
CA LYS I 375 -24.46 35.30 80.54
C LYS I 375 -23.16 36.04 80.72
N ILE I 376 -22.18 35.85 79.84
CA ILE I 376 -20.98 36.69 79.81
C ILE I 376 -21.16 37.84 78.82
N ARG I 377 -21.77 37.56 77.67
CA ARG I 377 -22.05 38.61 76.68
C ARG I 377 -23.05 39.64 77.20
N LEU I 378 -24.15 39.18 77.80
CA LEU I 378 -25.13 40.11 78.34
C LEU I 378 -24.57 40.94 79.48
N LYS I 379 -23.79 40.33 80.37
CA LYS I 379 -23.15 41.11 81.42
C LYS I 379 -22.19 42.13 80.83
N THR I 380 -21.52 41.80 79.72
CA THR I 380 -20.67 42.78 79.05
C THR I 380 -21.49 43.93 78.45
N LEU I 381 -22.55 43.61 77.73
CA LEU I 381 -23.32 44.66 77.05
C LEU I 381 -24.04 45.59 78.02
N ALA I 382 -24.77 45.04 79.00
CA ALA I 382 -25.38 45.92 80.00
C ALA I 382 -24.35 46.80 80.68
N ALA I 383 -23.16 46.27 80.98
CA ALA I 383 -22.11 47.06 81.61
C ALA I 383 -21.32 47.91 80.63
N LEU I 384 -21.53 47.77 79.32
CA LEU I 384 -21.05 48.72 78.33
C LEU I 384 -22.05 49.84 78.11
N VAL I 385 -23.33 49.49 78.16
CA VAL I 385 -24.43 50.44 78.04
C VAL I 385 -24.41 51.45 79.19
N ASP I 386 -24.44 50.98 80.44
CA ASP I 386 -24.44 51.90 81.57
C ASP I 386 -23.18 52.77 81.60
N HIS I 387 -22.07 52.28 81.08
CA HIS I 387 -20.87 53.10 80.93
C HIS I 387 -20.94 54.12 79.81
N CYS I 388 -21.57 53.79 78.68
CA CYS I 388 -21.71 54.74 77.58
C CYS I 388 -22.87 55.71 77.73
N GLN I 389 -23.72 55.52 78.72
CA GLN I 389 -24.92 56.33 78.94
C GLN I 389 -24.65 57.83 78.83
N GLY I 390 -25.46 58.49 77.99
CA GLY I 390 -25.41 59.93 77.76
C GLY I 390 -24.37 60.47 76.79
N ARG I 391 -23.35 59.71 76.42
CA ARG I 391 -22.34 60.18 75.49
C ARG I 391 -22.84 60.12 74.04
N LYS I 392 -22.02 60.59 73.08
CA LYS I 392 -22.35 60.51 71.65
C LYS I 392 -21.08 60.70 70.82
N GLY I 393 -21.21 60.49 69.51
CA GLY I 393 -20.13 60.81 68.59
C GLY I 393 -18.80 60.17 68.96
N GLY I 394 -17.71 60.92 68.73
CA GLY I 394 -16.41 60.45 69.16
C GLY I 394 -16.28 60.24 70.65
N GLU I 395 -17.13 60.89 71.45
CA GLU I 395 -17.21 60.61 72.89
C GLU I 395 -17.85 59.28 73.20
N LEU I 396 -18.54 58.65 72.25
CA LEU I 396 -19.03 57.28 72.44
C LEU I 396 -18.17 56.25 71.71
N ALA I 397 -17.52 56.62 70.60
CA ALA I 397 -16.52 55.73 70.03
C ALA I 397 -15.32 55.59 70.96
N SER I 398 -14.94 56.65 71.67
CA SER I 398 -13.94 56.55 72.73
C SER I 398 -14.43 55.69 73.89
N ALA I 399 -15.71 55.81 74.22
CA ALA I 399 -16.20 55.18 75.42
C ALA I 399 -16.11 53.66 75.37
N VAL I 400 -16.25 53.05 74.19
CA VAL I 400 -15.92 51.63 74.09
C VAL I 400 -14.44 51.35 73.83
N HIS I 401 -13.69 52.24 73.21
CA HIS I 401 -12.27 51.93 73.13
C HIS I 401 -11.66 51.75 74.51
N ALA I 402 -12.31 52.26 75.56
CA ALA I 402 -11.94 51.90 76.92
C ALA I 402 -11.94 50.40 77.16
N TYR I 403 -13.00 49.71 76.72
CA TYR I 403 -13.18 48.30 77.03
C TYR I 403 -12.32 47.36 76.18
N THR I 404 -11.65 47.86 75.13
CA THR I 404 -10.71 47.02 74.38
C THR I 404 -9.48 46.64 75.20
N LYS I 405 -9.13 47.44 76.21
CA LYS I 405 -8.02 47.18 77.12
C LYS I 405 -8.46 46.19 78.20
N THR I 406 -8.43 44.90 77.87
CA THR I 406 -8.77 43.83 78.81
C THR I 406 -8.08 42.55 78.37
N GLY I 407 -7.71 41.72 79.36
CA GLY I 407 -7.03 40.48 79.04
C GLY I 407 -7.94 39.44 78.42
N ASP I 408 -9.12 39.25 79.02
CA ASP I 408 -10.14 38.27 78.64
C ASP I 408 -10.42 38.30 77.14
N PRO I 409 -9.93 37.32 76.37
CA PRO I 409 -10.00 37.45 74.91
C PRO I 409 -11.40 37.28 74.37
N TYR I 410 -12.28 36.68 75.15
CA TYR I 410 -13.70 36.58 74.80
C TYR I 410 -14.34 37.95 74.78
N MET I 411 -14.26 38.65 75.90
CA MET I 411 -14.76 40.01 75.93
C MET I 411 -14.03 40.89 74.93
N ARG I 412 -12.73 40.68 74.75
CA ARG I 412 -12.01 41.48 73.78
C ARG I 412 -12.57 41.29 72.36
N SER I 413 -13.05 40.09 72.02
CA SER I 413 -13.61 39.86 70.67
C SER I 413 -14.91 40.62 70.43
N LEU I 414 -15.85 40.60 71.37
CA LEU I 414 -17.05 41.42 71.21
C LEU I 414 -16.71 42.89 71.02
N VAL I 415 -15.90 43.44 71.91
CA VAL I 415 -15.70 44.88 71.91
C VAL I 415 -14.83 45.30 70.72
N GLN I 416 -13.88 44.45 70.28
CA GLN I 416 -13.20 44.74 69.02
C GLN I 416 -14.17 44.80 67.84
N HIS I 417 -15.14 43.89 67.80
CA HIS I 417 -16.14 43.94 66.73
C HIS I 417 -17.02 45.18 66.84
N ILE I 418 -17.64 45.40 68.00
CA ILE I 418 -18.52 46.56 68.16
C ILE I 418 -17.80 47.86 67.87
N LEU I 419 -16.55 48.00 68.32
CA LEU I 419 -15.83 49.22 67.98
C LEU I 419 -15.52 49.30 66.49
N SER I 420 -15.22 48.18 65.84
CA SER I 420 -15.00 48.26 64.40
C SER I 420 -16.26 48.66 63.64
N LEU I 421 -17.45 48.43 64.19
CA LEU I 421 -18.66 49.00 63.63
C LEU I 421 -18.73 50.50 63.90
N VAL I 422 -18.79 50.88 65.17
CA VAL I 422 -18.93 52.27 65.58
C VAL I 422 -17.83 53.15 65.04
N SER I 423 -16.66 52.62 64.75
CA SER I 423 -15.61 53.48 64.21
C SER I 423 -15.86 53.80 62.76
N HIS I 424 -16.75 53.08 62.10
CA HIS I 424 -16.97 53.36 60.69
C HIS I 424 -17.62 54.71 60.42
N PRO I 425 -18.77 55.08 61.04
CA PRO I 425 -19.26 56.44 60.89
C PRO I 425 -18.15 57.47 60.98
N VAL I 426 -17.32 57.36 62.01
CA VAL I 426 -16.31 58.39 62.26
C VAL I 426 -15.23 58.35 61.19
N LEU I 427 -14.90 57.17 60.67
CA LEU I 427 -13.98 57.12 59.54
C LEU I 427 -14.61 57.64 58.26
N SER I 428 -15.93 57.48 58.09
CA SER I 428 -16.59 58.11 56.94
C SER I 428 -16.50 59.64 57.03
N PHE I 429 -16.74 60.22 58.20
CA PHE I 429 -16.50 61.65 58.38
C PHE I 429 -15.05 62.01 58.10
N LEU I 430 -14.12 61.27 58.69
CA LEU I 430 -12.70 61.56 58.55
C LEU I 430 -12.24 61.49 57.09
N TYR I 431 -12.61 60.42 56.39
CA TYR I 431 -12.19 60.31 54.99
C TYR I 431 -12.84 61.35 54.09
N ARG I 432 -14.15 61.62 54.22
CA ARG I 432 -14.78 62.57 53.30
C ARG I 432 -14.13 63.95 53.34
N TRP I 433 -13.69 64.40 54.51
CA TRP I 433 -12.98 65.68 54.62
C TRP I 433 -11.46 65.57 54.54
N ILE I 434 -10.92 64.40 54.17
CA ILE I 434 -9.59 64.34 53.57
C ILE I 434 -9.68 64.50 52.06
N TYR I 435 -10.55 63.72 51.43
CA TYR I 435 -10.59 63.59 49.98
C TYR I 435 -11.50 64.62 49.31
N ASP I 436 -12.55 65.10 49.99
CA ASP I 436 -13.37 66.22 49.55
C ASP I 436 -13.23 67.36 50.58
N GLY I 437 -13.91 68.49 50.32
CA GLY I 437 -14.04 69.54 51.32
C GLY I 437 -15.19 69.37 52.28
N GLU I 438 -15.88 68.24 52.27
CA GLU I 438 -17.21 68.08 52.87
C GLU I 438 -17.18 67.80 54.37
N LEU I 439 -17.04 68.86 55.16
CA LEU I 439 -17.60 68.81 56.52
C LEU I 439 -19.12 68.89 56.43
N GLU I 440 -19.82 67.99 57.14
CA GLU I 440 -21.26 68.11 57.34
C GLU I 440 -21.71 67.31 58.55
N ASP I 441 -22.27 67.98 59.56
CA ASP I 441 -22.95 67.28 60.65
C ASP I 441 -24.04 68.16 61.25
N THR I 442 -25.33 67.80 61.01
CA THR I 442 -26.43 68.58 61.56
C THR I 442 -26.52 68.39 63.08
N TYR I 443 -26.23 67.18 63.56
CA TYR I 443 -25.86 66.97 64.96
C TYR I 443 -24.42 67.40 65.16
N HIS I 444 -24.14 68.14 66.23
CA HIS I 444 -22.76 68.46 66.53
C HIS I 444 -22.06 67.21 67.04
N GLU I 445 -21.20 66.63 66.20
CA GLU I 445 -20.77 65.25 66.43
C GLU I 445 -19.35 64.94 66.00
N PHE I 446 -18.88 65.46 64.87
CA PHE I 446 -17.52 65.23 64.40
C PHE I 446 -16.53 65.97 65.31
N PHE I 447 -15.27 65.52 65.32
CA PHE I 447 -14.25 66.13 66.18
C PHE I 447 -13.70 67.47 65.65
N VAL I 448 -14.11 67.96 64.48
CA VAL I 448 -13.91 69.36 64.07
C VAL I 448 -15.25 70.10 64.11
N ALA I 449 -15.30 71.19 64.87
CA ALA I 449 -16.41 72.14 64.86
C ALA I 449 -16.20 73.21 63.77
N SER I 450 -17.28 73.91 63.42
CA SER I 450 -17.20 75.02 62.49
C SER I 450 -18.05 76.19 62.95
N ASP I 451 -17.73 77.39 62.46
CA ASP I 451 -18.61 78.54 62.63
C ASP I 451 -18.75 79.33 61.34
N PRO I 452 -19.93 79.95 61.10
CA PRO I 452 -20.11 80.87 59.96
C PRO I 452 -19.45 82.25 60.06
N THR I 453 -19.84 83.14 59.14
CA THR I 453 -19.59 84.59 59.17
C THR I 453 -18.13 84.97 58.94
N VAL I 454 -17.28 84.07 58.46
CA VAL I 454 -15.88 84.41 58.23
C VAL I 454 -15.47 84.04 56.79
N LYS I 455 -16.37 84.26 55.82
CA LYS I 455 -16.20 83.72 54.48
C LYS I 455 -15.07 84.39 53.68
N THR I 456 -14.46 85.45 54.21
CA THR I 456 -13.35 86.13 53.56
C THR I 456 -12.06 85.34 53.78
N ASP I 457 -10.92 86.04 53.73
CA ASP I 457 -9.62 85.42 53.98
C ASP I 457 -9.36 85.13 55.45
N ARG I 458 -10.39 85.25 56.31
CA ARG I 458 -10.31 84.72 57.67
C ARG I 458 -10.49 83.21 57.71
N LEU I 459 -10.96 82.60 56.62
CA LEU I 459 -11.13 81.15 56.51
C LEU I 459 -9.96 80.35 57.06
N TRP I 460 -8.72 80.84 56.88
CA TRP I 460 -7.56 80.07 57.32
C TRP I 460 -7.41 80.13 58.84
N HIS I 461 -7.56 81.32 59.42
CA HIS I 461 -7.36 81.49 60.84
C HIS I 461 -8.59 81.07 61.66
N ASP I 462 -9.78 81.15 61.06
CA ASP I 462 -11.05 80.94 61.75
C ASP I 462 -11.86 79.84 61.04
N LYS I 463 -13.20 79.94 61.08
CA LYS I 463 -14.16 79.01 60.45
C LYS I 463 -14.19 77.60 61.05
N TYR I 464 -13.08 77.13 61.64
CA TYR I 464 -12.99 75.78 62.19
C TYR I 464 -12.13 75.74 63.46
N THR I 465 -12.52 74.86 64.39
CA THR I 465 -11.74 74.59 65.61
C THR I 465 -11.92 73.13 65.97
N LEU I 466 -10.91 72.51 66.61
CA LEU I 466 -11.09 71.17 67.16
C LEU I 466 -12.23 71.19 68.18
N ARG I 467 -13.26 70.36 67.94
CA ARG I 467 -14.32 70.11 68.91
C ARG I 467 -13.77 69.15 69.97
N LYS I 468 -12.66 69.54 70.57
CA LYS I 468 -11.67 68.62 71.13
C LYS I 468 -12.20 67.45 71.97
N SER I 469 -13.24 67.64 72.79
CA SER I 469 -13.77 66.52 73.56
C SER I 469 -14.28 65.38 72.66
N MET I 470 -14.74 65.69 71.46
CA MET I 470 -15.14 64.69 70.47
C MET I 470 -13.98 64.01 69.73
N ILE I 471 -12.73 64.43 69.89
CA ILE I 471 -11.66 63.65 69.27
C ILE I 471 -11.69 62.23 69.85
N PRO I 472 -11.84 61.21 69.01
CA PRO I 472 -11.98 59.86 69.56
C PRO I 472 -10.65 59.35 70.10
N SER I 473 -10.74 58.41 71.04
CA SER I 473 -9.57 57.93 71.76
C SER I 473 -8.44 57.44 70.85
N PHE I 474 -8.77 56.63 69.85
CA PHE I 474 -7.79 55.88 69.07
C PHE I 474 -7.02 56.67 68.02
N MET I 475 -6.81 57.98 68.23
CA MET I 475 -5.95 58.76 67.36
C MET I 475 -5.33 59.91 68.14
N THR I 476 -4.14 60.36 67.71
CA THR I 476 -3.38 61.37 68.45
C THR I 476 -3.83 62.79 68.11
N MET I 477 -3.41 63.73 68.97
CA MET I 477 -3.59 65.15 68.67
C MET I 477 -2.81 65.53 67.42
N ASP I 478 -1.61 64.99 67.28
CA ASP I 478 -0.81 65.22 66.09
C ASP I 478 -1.54 64.80 64.82
N GLN I 479 -2.32 63.72 64.87
CA GLN I 479 -3.06 63.30 63.69
C GLN I 479 -4.32 64.17 63.51
N SER I 480 -4.98 64.51 64.60
CA SER I 480 -6.23 65.25 64.53
C SER I 480 -5.98 66.66 63.99
N ARG I 481 -4.91 67.29 64.46
CA ARG I 481 -4.46 68.57 63.92
C ARG I 481 -4.07 68.45 62.44
N LYS I 482 -3.48 67.33 62.04
CA LYS I 482 -3.17 67.12 60.62
C LYS I 482 -4.42 67.04 59.74
N VAL I 483 -5.46 66.31 60.16
CA VAL I 483 -6.65 66.25 59.31
C VAL I 483 -7.45 67.56 59.33
N LEU I 484 -7.45 68.30 60.44
CA LEU I 484 -7.94 69.68 60.39
C LEU I 484 -7.16 70.50 59.36
N LEU I 485 -5.84 70.36 59.33
CA LEU I 485 -5.04 71.05 58.33
C LEU I 485 -5.36 70.60 56.91
N ILE I 486 -5.54 69.29 56.67
CA ILE I 486 -5.99 68.85 55.35
C ILE I 486 -7.33 69.48 54.99
N GLY I 487 -8.28 69.41 55.93
CA GLY I 487 -9.62 69.92 55.64
C GLY I 487 -9.65 71.40 55.30
N LYS I 488 -8.93 72.22 56.06
CA LYS I 488 -8.74 73.61 55.67
C LYS I 488 -8.08 73.76 54.31
N SER I 489 -7.06 72.95 54.04
CA SER I 489 -6.32 73.11 52.78
C SER I 489 -7.21 72.90 51.56
N ILE I 490 -8.07 71.88 51.58
CA ILE I 490 -8.95 71.61 50.43
C ILE I 490 -10.15 72.55 50.41
N ASN I 491 -10.71 72.91 51.57
CA ASN I 491 -11.77 73.91 51.56
C ASN I 491 -11.26 75.29 51.14
N PHE I 492 -9.99 75.62 51.45
CA PHE I 492 -9.40 76.85 50.91
C PHE I 492 -9.24 76.74 49.40
N LEU I 493 -8.82 75.58 48.92
CA LEU I 493 -8.71 75.34 47.48
C LEU I 493 -10.05 75.59 46.80
N HIS I 494 -11.14 75.02 47.35
CA HIS I 494 -12.48 75.23 46.80
C HIS I 494 -12.98 76.67 46.93
N GLN I 495 -12.77 77.35 48.08
CA GLN I 495 -13.51 78.59 48.28
C GLN I 495 -12.76 79.85 47.88
N VAL I 496 -11.49 80.00 48.22
CA VAL I 496 -10.79 81.26 48.00
C VAL I 496 -9.81 81.12 46.84
N CYS I 497 -9.14 79.96 46.73
CA CYS I 497 -8.24 79.72 45.62
C CYS I 497 -9.01 79.55 44.31
N HIS I 498 -10.21 78.97 44.38
CA HIS I 498 -11.05 78.65 43.22
C HIS I 498 -10.36 77.71 42.23
N ASP I 499 -9.96 76.54 42.72
CA ASP I 499 -9.62 75.44 41.83
C ASP I 499 -10.26 74.16 42.38
N GLN I 500 -10.87 73.37 41.49
CA GLN I 500 -11.63 72.19 41.88
C GLN I 500 -11.20 70.98 41.07
N THR I 501 -10.64 69.97 41.73
CA THR I 501 -10.41 68.66 41.13
C THR I 501 -10.81 67.59 42.13
N PRO I 502 -11.27 66.44 41.65
CA PRO I 502 -11.81 65.38 42.50
C PRO I 502 -10.73 64.51 43.15
N THR I 503 -9.73 65.17 43.75
CA THR I 503 -8.49 64.50 44.17
C THR I 503 -7.79 65.30 45.26
N THR I 504 -7.04 64.58 46.12
CA THR I 504 -6.04 65.19 46.99
C THR I 504 -4.75 65.47 46.24
N LYS I 505 -4.27 64.47 45.49
CA LYS I 505 -3.06 64.51 44.65
C LYS I 505 -1.95 65.42 45.19
N THR I 524 -1.34 51.17 65.61
CA THR I 524 -1.70 49.84 66.09
C THR I 524 -3.03 49.84 66.85
N ASP I 525 -3.76 50.97 66.80
CA ASP I 525 -4.90 51.18 67.69
C ASP I 525 -6.20 50.56 67.17
N LEU I 526 -6.57 50.83 65.90
CA LEU I 526 -7.72 50.18 65.29
C LEU I 526 -7.61 50.34 63.77
N GLU I 527 -7.31 49.24 63.08
CA GLU I 527 -7.14 49.22 61.63
C GLU I 527 -6.14 50.29 61.18
N ASN I 528 -4.88 50.08 61.61
CA ASN I 528 -3.92 51.16 61.75
C ASN I 528 -3.22 51.54 60.44
N ALA I 529 -3.75 51.17 59.28
CA ALA I 529 -3.22 51.71 58.04
C ALA I 529 -3.64 53.16 57.82
N PHE I 530 -4.63 53.64 58.58
CA PHE I 530 -5.09 55.02 58.44
C PHE I 530 -4.05 56.02 58.91
N GLN I 531 -3.14 55.60 59.81
CA GLN I 531 -2.05 56.47 60.22
C GLN I 531 -1.14 56.79 59.04
N GLY I 532 -0.68 55.75 58.34
CA GLY I 532 0.17 55.98 57.18
C GLY I 532 -0.56 56.62 56.03
N LYS I 533 -1.88 56.38 55.93
CA LYS I 533 -2.71 57.08 54.95
C LYS I 533 -2.74 58.58 55.19
N ILE I 534 -3.00 59.01 56.42
CA ILE I 534 -2.95 60.43 56.78
C ILE I 534 -1.53 60.99 56.57
N ASP I 535 -0.50 60.24 56.96
CA ASP I 535 0.87 60.73 56.80
C ASP I 535 1.17 61.08 55.35
N ALA I 536 0.65 60.30 54.40
CA ALA I 536 0.74 60.63 52.98
C ALA I 536 -0.23 61.74 52.57
N ALA I 537 -1.53 61.61 52.91
CA ALA I 537 -2.55 62.53 52.42
C ALA I 537 -2.30 63.98 52.83
N TYR I 538 -1.77 64.21 54.03
CA TYR I 538 -1.36 65.56 54.43
C TYR I 538 -0.27 66.12 53.51
N PHE I 539 0.76 65.30 53.21
CA PHE I 539 1.77 65.76 52.26
C PHE I 539 1.17 65.92 50.87
N GLU I 540 0.13 65.16 50.56
CA GLU I 540 -0.53 65.18 49.25
C GLU I 540 -1.24 66.51 48.94
N THR I 541 -2.19 66.95 49.79
CA THR I 541 -2.87 68.22 49.49
C THR I 541 -1.97 69.43 49.73
N SER I 542 -1.08 69.36 50.72
CA SER I 542 -0.21 70.50 50.97
C SER I 542 0.76 70.76 49.82
N LYS I 543 1.07 69.75 48.99
CA LYS I 543 1.81 70.03 47.77
C LYS I 543 0.92 70.59 46.66
N TYR I 544 -0.26 70.03 46.41
CA TYR I 544 -1.12 70.59 45.36
C TYR I 544 -1.49 72.05 45.67
N LEU I 545 -1.86 72.35 46.91
CA LEU I 545 -2.08 73.74 47.31
C LEU I 545 -0.89 74.66 47.05
N LEU I 546 0.32 74.24 47.44
CA LEU I 546 1.49 75.10 47.24
C LEU I 546 2.05 75.05 45.82
N ASP I 547 1.54 74.16 44.96
CA ASP I 547 1.74 74.37 43.52
C ASP I 547 0.81 75.43 42.92
N VAL I 548 -0.47 75.49 43.32
CA VAL I 548 -1.34 76.55 42.79
C VAL I 548 -0.99 77.94 43.35
N LEU I 549 -0.58 78.04 44.61
CA LEU I 549 -0.07 79.31 45.11
C LEU I 549 1.20 79.76 44.41
N ASN I 550 1.82 78.90 43.62
CA ASN I 550 2.98 79.26 42.80
C ASN I 550 2.58 79.67 41.38
N LYS I 551 1.46 79.16 40.86
CA LYS I 551 1.07 79.36 39.46
C LYS I 551 -0.19 80.21 39.29
N LYS I 552 -1.30 79.83 39.94
CA LYS I 552 -2.53 80.63 39.85
C LYS I 552 -2.35 82.01 40.47
N TYR I 553 -1.65 82.08 41.58
CA TYR I 553 -1.14 83.32 42.12
C TYR I 553 0.38 83.16 42.02
N SER I 554 1.18 84.05 42.63
CA SER I 554 2.61 83.72 42.75
C SER I 554 3.19 84.21 44.08
N LEU I 555 2.87 83.45 45.14
CA LEU I 555 3.03 83.96 46.50
C LEU I 555 4.47 84.37 46.81
N LEU I 556 5.45 83.58 46.35
CA LEU I 556 6.86 83.94 46.47
C LEU I 556 7.22 85.23 45.74
N ASP I 557 6.61 85.50 44.59
CA ASP I 557 6.84 86.79 43.91
C ASP I 557 6.17 87.95 44.64
N HIS I 558 5.01 87.71 45.26
CA HIS I 558 4.42 88.73 46.11
C HIS I 558 5.31 89.05 47.32
N MET I 559 5.94 88.04 47.93
CA MET I 559 6.91 88.35 48.98
C MET I 559 8.11 89.11 48.43
N GLN I 560 8.71 88.62 47.34
CA GLN I 560 9.86 89.33 46.75
C GLN I 560 9.49 90.75 46.34
N ALA I 561 8.31 90.93 45.74
CA ALA I 561 7.87 92.27 45.38
C ALA I 561 7.57 93.14 46.60
N MET I 562 6.95 92.59 47.63
CA MET I 562 6.73 93.36 48.85
C MET I 562 8.04 93.76 49.53
N ARG I 563 9.07 92.93 49.43
CA ARG I 563 10.42 93.37 49.77
C ARG I 563 10.90 94.50 48.87
N ARG I 564 10.76 94.33 47.56
CA ARG I 564 11.29 95.31 46.62
C ARG I 564 10.69 96.72 46.79
N TYR I 565 9.41 96.83 47.15
CA TYR I 565 8.75 98.13 47.28
C TYR I 565 8.38 98.48 48.71
N LEU I 566 7.57 97.66 49.40
CA LEU I 566 7.12 98.10 50.73
C LEU I 566 8.26 98.20 51.74
N LEU I 567 9.26 97.32 51.66
CA LEU I 567 10.49 97.47 52.43
C LEU I 567 11.54 98.37 51.77
N LEU I 568 11.21 99.05 50.67
CA LEU I 568 12.14 99.92 49.92
C LEU I 568 13.27 99.17 49.23
N GLY I 569 13.19 97.83 49.10
CA GLY I 569 14.35 97.01 48.70
C GLY I 569 14.93 97.27 47.32
N GLN I 570 14.12 97.72 46.36
CA GLN I 570 14.68 98.05 45.03
C GLN I 570 15.75 99.14 45.18
N GLY I 571 15.53 100.10 46.09
CA GLY I 571 16.54 101.16 46.39
C GLY I 571 16.69 102.21 45.31
N ASP I 572 16.89 101.80 44.06
CA ASP I 572 17.06 102.74 42.94
C ASP I 572 15.77 103.51 42.68
N PHE I 573 14.66 102.80 42.52
CA PHE I 573 13.30 103.38 42.48
C PHE I 573 13.10 104.32 43.65
N ILE I 574 13.49 103.89 44.84
CA ILE I 574 13.24 104.67 46.07
C ILE I 574 14.00 106.00 46.01
N ARG I 575 15.19 106.07 45.39
CA ARG I 575 15.90 107.35 45.28
C ARG I 575 15.31 108.24 44.17
N HIS I 576 14.87 107.66 43.04
CA HIS I 576 14.29 108.52 42.01
C HIS I 576 12.98 109.16 42.48
N LEU I 577 12.15 108.39 43.20
CA LEU I 577 10.95 108.98 43.80
C LEU I 577 11.32 110.17 44.68
N MET I 578 12.31 110.01 45.56
CA MET I 578 12.78 111.14 46.38
C MET I 578 13.38 112.25 45.53
N ASP I 579 14.02 111.91 44.42
CA ASP I 579 14.53 112.94 43.52
C ASP I 579 13.40 113.82 42.97
N LEU I 580 12.25 113.22 42.62
CA LEU I 580 11.10 113.98 42.15
C LEU I 580 10.34 114.71 43.26
N LEU I 581 9.96 114.02 44.33
CA LEU I 581 9.00 114.54 45.30
C LEU I 581 9.60 115.42 46.41
N LYS I 582 10.88 115.84 46.29
CA LYS I 582 11.45 116.78 47.26
C LYS I 582 10.62 118.04 47.50
N PRO I 583 10.08 118.73 46.49
CA PRO I 583 9.20 119.88 46.78
C PRO I 583 7.83 119.48 47.29
N GLU I 584 7.38 118.25 47.05
CA GLU I 584 6.04 117.82 47.39
C GLU I 584 5.91 117.26 48.81
N LEU I 585 6.91 116.52 49.30
CA LEU I 585 6.86 116.09 50.70
C LEU I 585 7.03 117.25 51.70
N VAL I 586 7.54 118.41 51.27
CA VAL I 586 7.55 119.63 52.07
C VAL I 586 6.24 120.43 52.00
N ARG I 587 5.20 119.86 51.37
CA ARG I 587 3.84 120.43 51.40
C ARG I 587 3.19 120.31 52.79
N PRO I 588 2.71 121.42 53.40
CA PRO I 588 2.17 121.36 54.77
C PRO I 588 0.81 120.65 54.87
N ALA I 589 0.32 120.51 56.11
CA ALA I 589 -0.83 119.68 56.47
C ALA I 589 -1.97 119.68 55.45
N THR I 590 -2.27 118.48 54.92
CA THR I 590 -3.09 118.19 53.73
C THR I 590 -2.43 118.76 52.47
N THR I 591 -3.06 119.71 51.76
CA THR I 591 -2.54 120.46 50.60
C THR I 591 -2.03 119.66 49.39
N LEU I 592 -2.15 118.32 49.36
CA LEU I 592 -1.66 117.50 48.25
C LEU I 592 -2.70 116.45 47.84
N TYR I 593 -2.89 116.23 46.52
CA TYR I 593 -4.19 115.76 46.00
C TYR I 593 -4.19 114.87 44.75
N GLN I 594 -3.51 113.72 44.76
CA GLN I 594 -3.81 112.59 43.84
C GLN I 594 -3.53 112.84 42.35
N HIS I 595 -3.26 114.09 41.96
CA HIS I 595 -2.64 114.35 40.65
C HIS I 595 -1.13 114.17 40.75
N ASN I 596 -0.55 114.76 41.78
CA ASN I 596 0.69 114.28 42.38
C ASN I 596 0.38 113.01 43.21
N LEU I 597 1.40 112.46 43.88
CA LEU I 597 1.26 111.13 44.46
C LEU I 597 0.86 110.11 43.39
N THR I 598 -0.38 109.60 43.37
CA THR I 598 -0.65 108.41 42.55
C THR I 598 -0.31 108.65 41.09
N GLY I 599 -0.40 109.90 40.63
CA GLY I 599 -0.04 110.26 39.27
C GLY I 599 1.46 110.30 38.98
N ILE I 600 2.28 110.50 40.01
CA ILE I 600 3.74 110.46 39.83
C ILE I 600 4.24 109.03 39.82
N LEU I 601 3.44 108.09 40.34
CA LEU I 601 3.91 106.71 40.53
C LEU I 601 4.30 106.05 39.21
N GLU I 602 3.54 106.29 38.14
CA GLU I 602 3.85 105.63 36.87
C GLU I 602 5.13 106.18 36.23
N THR I 603 5.43 107.47 36.38
CA THR I 603 6.73 107.95 35.91
C THR I 603 7.86 107.41 36.78
N ALA I 604 7.63 107.23 38.08
CA ALA I 604 8.64 106.58 38.91
C ALA I 604 8.87 105.12 38.45
N VAL I 605 7.79 104.39 38.18
CA VAL I 605 7.90 103.02 37.66
C VAL I 605 8.76 102.99 36.38
N ARG I 606 8.57 103.97 35.50
CA ARG I 606 9.31 104.08 34.25
C ARG I 606 10.72 104.65 34.40
N ALA I 607 10.98 105.50 35.41
CA ALA I 607 12.31 106.08 35.59
C ALA I 607 13.32 105.09 36.16
N THR I 608 12.85 104.06 36.89
CA THR I 608 13.64 102.86 37.15
C THR I 608 13.18 101.75 36.19
N ASN I 609 13.73 100.54 36.34
CA ASN I 609 13.30 99.37 35.56
C ASN I 609 12.21 98.56 36.24
N ALA I 610 11.44 99.17 37.15
CA ALA I 610 10.26 98.52 37.68
C ALA I 610 9.27 98.14 36.58
N GLN I 611 9.42 98.74 35.40
CA GLN I 611 8.62 98.37 34.22
C GLN I 611 8.86 96.93 33.76
N PHE I 612 9.98 96.31 34.18
CA PHE I 612 10.17 94.89 33.91
C PHE I 612 9.22 93.99 34.70
N ASP I 613 8.66 94.50 35.81
CA ASP I 613 7.92 93.69 36.77
C ASP I 613 6.53 93.30 36.28
N SER I 614 5.88 92.43 37.07
CA SER I 614 4.55 91.94 36.76
C SER I 614 3.52 93.07 36.79
N PRO I 615 2.57 93.07 35.84
CA PRO I 615 1.41 93.98 35.96
C PRO I 615 0.57 93.75 37.20
N GLU I 616 0.50 92.52 37.71
CA GLU I 616 -0.31 92.24 38.90
C GLU I 616 0.29 92.89 40.15
N ILE I 617 1.61 92.91 40.26
CA ILE I 617 2.23 93.59 41.40
C ILE I 617 2.29 95.10 41.17
N LEU I 618 2.55 95.55 39.94
CA LEU I 618 2.46 96.98 39.65
C LEU I 618 1.04 97.51 39.84
N ARG I 619 0.02 96.65 39.71
CA ARG I 619 -1.35 97.01 40.03
C ARG I 619 -1.58 97.14 41.53
N ARG I 620 -1.06 96.18 42.31
CA ARG I 620 -1.26 96.13 43.75
C ARG I 620 -0.42 97.15 44.48
N LEU I 621 0.70 97.58 43.89
CA LEU I 621 1.47 98.72 44.39
C LEU I 621 0.63 100.00 44.41
N ASP I 622 0.39 100.57 45.60
CA ASP I 622 -0.40 101.80 45.71
C ASP I 622 -0.01 102.59 46.98
N VAL I 623 -0.48 103.84 47.01
CA VAL I 623 -0.04 104.87 47.96
C VAL I 623 -1.13 105.14 49.02
N ARG I 624 -0.75 105.91 50.05
CA ARG I 624 -1.61 106.22 51.19
C ARG I 624 -1.12 107.49 51.87
N LEU I 625 -1.95 108.00 52.82
CA LEU I 625 -1.50 108.93 53.83
C LEU I 625 -1.84 108.42 55.23
N LEU I 626 -0.93 108.66 56.17
CA LEU I 626 -1.26 108.62 57.59
C LEU I 626 -2.18 109.78 57.95
N GLU I 627 -3.02 109.58 58.96
CA GLU I 627 -3.95 110.61 59.41
C GLU I 627 -3.18 111.81 59.98
N VAL I 628 -3.54 113.01 59.50
CA VAL I 628 -2.72 114.21 59.61
C VAL I 628 -2.67 114.70 61.05
N SER I 629 -1.51 114.49 61.73
CA SER I 629 -1.20 115.11 63.00
C SER I 629 -0.83 116.59 62.80
N PRO I 630 -1.02 117.44 63.81
CA PRO I 630 -0.85 118.87 63.59
C PRO I 630 0.56 119.24 63.14
N GLY I 631 0.63 119.96 62.01
CA GLY I 631 1.88 120.36 61.39
C GLY I 631 2.59 119.33 60.54
N ASP I 632 2.04 118.12 60.38
CA ASP I 632 2.66 117.09 59.54
C ASP I 632 2.65 117.48 58.06
N THR I 633 3.82 117.88 57.55
CA THR I 633 4.08 118.03 56.13
C THR I 633 4.01 116.66 55.42
N GLY I 634 4.00 116.69 54.08
CA GLY I 634 3.91 115.47 53.28
C GLY I 634 4.86 114.35 53.68
N TRP I 635 6.13 114.71 53.97
CA TRP I 635 7.10 113.73 54.48
C TRP I 635 6.52 112.88 55.59
N ASP I 636 5.66 113.47 56.41
CA ASP I 636 5.27 112.93 57.69
C ASP I 636 3.91 112.25 57.64
N VAL I 637 3.31 112.10 56.45
CA VAL I 637 2.14 111.22 56.26
C VAL I 637 2.23 110.32 55.03
N PHE I 638 3.00 110.70 54.00
CA PHE I 638 3.13 109.89 52.78
C PHE I 638 3.73 108.51 53.05
N SER I 639 3.06 107.46 52.55
CA SER I 639 3.63 106.11 52.58
C SER I 639 3.09 105.29 51.42
N LEU I 640 3.87 104.29 50.98
CA LEU I 640 3.27 103.17 50.28
C LEU I 640 2.31 102.43 51.20
N ASP I 641 1.47 101.59 50.59
CA ASP I 641 0.57 100.73 51.33
C ASP I 641 0.39 99.41 50.56
N TYR I 642 0.53 99.45 49.23
CA TYR I 642 0.70 98.26 48.39
C TYR I 642 -0.35 97.20 48.74
N HIS I 643 -1.62 97.57 48.58
CA HIS I 643 -2.67 96.71 49.07
C HIS I 643 -2.84 95.45 48.22
N VAL I 644 -2.88 94.30 48.88
CA VAL I 644 -3.21 93.01 48.27
C VAL I 644 -4.37 92.37 49.03
N ASP I 645 -5.34 91.82 48.30
CA ASP I 645 -6.42 91.05 48.91
C ASP I 645 -6.68 89.81 48.07
N GLY I 646 -7.38 88.84 48.67
CA GLY I 646 -7.40 87.47 48.20
C GLY I 646 -6.37 86.59 48.91
N PRO I 647 -5.93 85.50 48.26
CA PRO I 647 -5.12 84.49 48.98
C PRO I 647 -3.94 85.05 49.74
N ILE I 648 -3.22 85.99 49.14
CA ILE I 648 -2.01 86.55 49.72
C ILE I 648 -2.29 87.21 51.06
N ALA I 649 -3.57 87.47 51.38
CA ALA I 649 -3.96 88.12 52.61
C ALA I 649 -4.51 87.15 53.66
N THR I 650 -4.33 85.83 53.45
CA THR I 650 -4.23 84.90 54.57
C THR I 650 -2.82 84.93 55.16
N VAL I 651 -1.82 85.17 54.31
CA VAL I 651 -0.41 85.20 54.67
C VAL I 651 -0.09 86.53 55.34
N PHE I 652 -0.19 87.63 54.58
CA PHE I 652 -0.27 88.96 55.17
C PHE I 652 -1.66 89.12 55.83
N THR I 653 -1.79 90.04 56.80
CA THR I 653 -3.06 90.15 57.54
C THR I 653 -3.43 91.61 57.82
N ARG I 654 -4.50 91.79 58.61
CA ARG I 654 -4.84 93.11 59.15
C ARG I 654 -3.76 93.59 60.09
N GLU I 655 -3.23 92.70 60.94
CA GLU I 655 -1.96 92.94 61.58
C GLU I 655 -0.84 92.76 60.56
N CYS I 656 0.40 92.98 61.00
CA CYS I 656 1.60 92.75 60.19
C CYS I 656 1.81 93.83 59.15
N MET I 657 0.75 94.23 58.43
CA MET I 657 0.89 95.35 57.53
C MET I 657 1.07 96.64 58.30
N SER I 658 0.43 96.74 59.48
CA SER I 658 0.79 97.73 60.48
C SER I 658 2.30 97.73 60.71
N HIS I 659 2.88 96.54 60.87
CA HIS I 659 4.30 96.44 61.16
C HIS I 659 5.12 96.93 59.98
N TYR I 660 4.82 96.45 58.78
CA TYR I 660 5.48 96.97 57.57
C TYR I 660 5.41 98.49 57.47
N LEU I 661 4.28 99.09 57.84
CA LEU I 661 4.21 100.55 57.87
C LEU I 661 5.22 101.16 58.84
N ARG I 662 5.42 100.54 60.01
CA ARG I 662 6.47 101.04 60.89
C ARG I 662 7.84 100.92 60.24
N VAL I 663 8.09 99.83 59.50
CA VAL I 663 9.37 99.69 58.81
C VAL I 663 9.50 100.76 57.72
N PHE I 664 8.45 100.98 56.93
CA PHE I 664 8.52 102.04 55.92
C PHE I 664 8.81 103.40 56.56
N ASN I 665 8.14 103.70 57.67
CA ASN I 665 8.37 104.94 58.41
C ASN I 665 9.86 105.12 58.72
N PHE I 666 10.49 104.13 59.36
CA PHE I 666 11.90 104.21 59.73
C PHE I 666 12.80 104.27 58.49
N LEU I 667 12.56 103.41 57.50
CA LEU I 667 13.46 103.33 56.35
C LEU I 667 13.36 104.57 55.45
N TRP I 668 12.15 105.10 55.24
CA TRP I 668 12.02 106.31 54.44
C TRP I 668 12.71 107.50 55.11
N ARG I 669 12.56 107.61 56.43
CA ARG I 669 13.27 108.65 57.17
C ARG I 669 14.78 108.47 57.09
N ALA I 670 15.27 107.24 57.20
CA ALA I 670 16.70 107.00 57.05
C ALA I 670 17.19 107.43 55.67
N LYS I 671 16.48 107.06 54.61
CA LYS I 671 16.88 107.48 53.27
C LYS I 671 16.84 109.00 53.11
N ARG I 672 15.83 109.66 53.69
CA ARG I 672 15.80 111.12 53.76
C ARG I 672 17.09 111.67 54.38
N MET I 673 17.49 111.13 55.53
CA MET I 673 18.71 111.57 56.19
C MET I 673 19.98 111.31 55.38
N GLU I 674 20.02 110.28 54.52
CA GLU I 674 21.16 110.18 53.60
C GLU I 674 21.13 111.29 52.56
N TYR I 675 20.08 111.34 51.74
CA TYR I 675 20.13 112.21 50.58
C TYR I 675 20.00 113.69 50.92
N ILE I 676 19.40 114.07 52.05
CA ILE I 676 19.56 115.43 52.53
C ILE I 676 21.03 115.78 52.74
N LEU I 677 21.81 114.91 53.38
CA LEU I 677 23.22 115.25 53.60
C LEU I 677 24.07 115.20 52.32
N THR I 678 23.61 114.57 51.24
CA THR I 678 24.30 114.78 49.97
C THR I 678 24.15 116.22 49.47
N ASP I 679 23.08 116.91 49.84
CA ASP I 679 22.96 118.33 49.49
C ASP I 679 24.09 119.12 50.16
N ILE I 680 24.41 118.78 51.41
CA ILE I 680 25.59 119.34 52.08
C ILE I 680 26.87 118.99 51.31
N ARG I 681 27.10 117.69 51.12
CA ARG I 681 28.35 117.12 50.58
C ARG I 681 28.64 117.60 49.17
N LYS I 682 27.65 117.57 48.28
CA LYS I 682 27.78 118.16 46.95
C LYS I 682 27.99 119.68 47.04
N GLY I 683 27.35 120.30 48.03
CA GLY I 683 27.55 121.72 48.27
C GLY I 683 28.97 122.11 48.67
N HIS I 684 29.74 121.21 49.29
CA HIS I 684 31.08 121.51 49.85
C HIS I 684 31.99 122.20 48.84
N MET I 685 32.25 121.58 47.69
CA MET I 685 33.22 122.08 46.70
C MET I 685 32.77 123.35 45.98
N CYS I 686 31.47 123.53 45.70
CA CYS I 686 30.97 124.74 45.05
C CYS I 686 30.77 125.90 46.02
N ASN I 687 31.36 125.76 47.22
CA ASN I 687 31.61 126.84 48.15
C ASN I 687 33.11 126.93 48.48
N ALA I 688 33.73 125.80 48.83
CA ALA I 688 35.13 125.74 49.27
C ALA I 688 36.13 126.22 48.21
N LYS I 689 35.92 125.92 46.92
CA LYS I 689 36.80 126.47 45.87
C LYS I 689 36.59 127.97 45.64
N LEU I 690 35.38 128.50 45.82
CA LEU I 690 35.15 129.94 45.76
C LEU I 690 35.70 130.66 46.98
N LEU I 691 35.72 130.00 48.13
CA LEU I 691 36.36 130.54 49.33
C LEU I 691 37.92 130.61 49.23
N ARG I 692 38.51 130.29 48.06
CA ARG I 692 39.91 130.62 47.81
C ARG I 692 40.17 132.11 47.95
N ASN I 693 39.12 132.93 47.90
CA ASN I 693 39.18 134.37 48.09
C ASN I 693 38.91 134.79 49.54
N MET I 694 38.49 133.87 50.40
CA MET I 694 38.03 134.22 51.75
C MET I 694 38.35 133.09 52.74
N PRO I 695 39.52 133.16 53.41
CA PRO I 695 39.96 132.02 54.22
C PRO I 695 39.22 131.80 55.53
N GLU I 696 38.75 132.87 56.18
CA GLU I 696 38.25 132.72 57.55
C GLU I 696 36.92 131.96 57.59
N PHE I 697 36.08 132.11 56.55
CA PHE I 697 34.87 131.28 56.47
C PHE I 697 35.21 129.81 56.23
N SER I 698 36.30 129.51 55.51
CA SER I 698 36.74 128.12 55.42
C SER I 698 37.17 127.60 56.78
N GLY I 699 37.64 128.47 57.67
CA GLY I 699 37.95 128.06 59.03
C GLY I 699 36.75 127.58 59.83
N VAL I 700 35.64 128.33 59.85
CA VAL I 700 34.45 127.83 60.54
C VAL I 700 33.86 126.65 59.77
N LEU I 701 33.92 126.70 58.44
CA LEU I 701 33.39 125.58 57.67
C LEU I 701 34.19 124.29 57.89
N HIS I 702 35.49 124.34 58.23
CA HIS I 702 36.20 123.13 58.68
C HIS I 702 35.49 122.51 59.89
N GLN I 703 34.97 123.34 60.81
CA GLN I 703 34.23 122.78 61.94
C GLN I 703 32.90 122.19 61.47
N CYS I 704 32.28 122.79 60.46
CA CYS I 704 31.11 122.20 59.82
C CYS I 704 31.48 120.90 59.10
N HIS I 705 32.64 120.82 58.46
CA HIS I 705 33.07 119.68 57.66
C HIS I 705 33.30 118.45 58.54
N ILE I 706 33.91 118.58 59.73
CA ILE I 706 34.05 117.41 60.60
C ILE I 706 32.67 116.99 61.10
N LEU I 707 31.87 117.95 61.54
CA LEU I 707 30.54 117.64 62.05
C LEU I 707 29.69 116.98 60.96
N ALA I 708 29.71 117.54 59.75
CA ALA I 708 28.95 116.97 58.64
C ALA I 708 29.47 115.60 58.25
N SER I 709 30.80 115.42 58.18
CA SER I 709 31.41 114.13 57.83
C SER I 709 31.01 113.06 58.83
N GLU I 710 31.03 113.36 60.14
CA GLU I 710 30.55 112.43 61.15
C GLU I 710 29.06 112.13 60.95
N MET I 711 28.24 113.17 60.77
CA MET I 711 26.81 112.95 60.59
C MET I 711 26.53 112.06 59.37
N VAL I 712 27.18 112.35 58.23
CA VAL I 712 27.10 111.48 57.07
C VAL I 712 27.51 110.06 57.45
N HIS I 713 28.66 109.94 58.10
CA HIS I 713 29.17 108.63 58.42
C HIS I 713 28.25 107.87 59.37
N PHE I 714 27.80 108.53 60.44
CA PHE I 714 26.85 107.89 61.36
C PHE I 714 25.61 107.44 60.63
N ILE I 715 25.01 108.35 59.85
CA ILE I 715 23.79 108.03 59.12
C ILE I 715 24.02 106.81 58.25
N HIS I 716 25.16 106.74 57.56
CA HIS I 716 25.51 105.56 56.78
C HIS I 716 25.51 104.28 57.63
N GLN I 717 26.33 104.23 58.70
CA GLN I 717 26.38 103.00 59.48
C GLN I 717 25.01 102.68 60.08
N MET I 718 24.29 103.70 60.53
CA MET I 718 22.97 103.49 61.10
C MET I 718 22.06 102.76 60.11
N GLN I 719 22.08 103.19 58.86
CA GLN I 719 21.36 102.44 57.85
C GLN I 719 22.12 101.21 57.35
N TYR I 720 23.45 101.16 57.47
CA TYR I 720 24.18 100.00 56.99
C TYR I 720 23.93 98.79 57.90
N TYR I 721 23.92 99.03 59.21
CA TYR I 721 23.44 98.04 60.16
C TYR I 721 22.10 97.44 59.74
N ILE I 722 21.19 98.26 59.17
CA ILE I 722 19.92 97.72 58.71
C ILE I 722 20.14 96.82 57.49
N THR I 723 21.06 97.20 56.60
CA THR I 723 21.27 96.50 55.34
C THR I 723 21.56 95.01 55.56
N PHE I 724 22.64 94.69 56.26
CA PHE I 724 22.96 93.29 56.53
C PHE I 724 22.33 92.85 57.85
N GLU I 725 22.62 93.57 58.93
CA GLU I 725 22.44 93.03 60.27
C GLU I 725 20.98 93.09 60.74
N VAL I 726 20.12 93.87 60.09
CA VAL I 726 18.69 93.75 60.31
C VAL I 726 18.10 92.91 59.19
N LEU I 727 18.28 93.33 57.94
CA LEU I 727 17.51 92.74 56.84
C LEU I 727 18.13 91.52 56.17
N GLU I 728 19.25 91.68 55.46
CA GLU I 728 19.61 90.64 54.49
C GLU I 728 19.84 89.27 55.13
N CYS I 729 20.31 89.18 56.37
CA CYS I 729 20.51 87.85 56.95
C CYS I 729 19.19 87.21 57.39
N SER I 730 18.31 88.00 57.99
CA SER I 730 16.99 87.50 58.37
C SER I 730 16.15 87.21 57.14
N TRP I 731 16.31 88.03 56.09
CA TRP I 731 15.66 87.73 54.82
C TRP I 731 16.20 86.45 54.22
N ASP I 732 17.52 86.24 54.26
CA ASP I 732 18.08 85.02 53.68
C ASP I 732 17.65 83.80 54.48
N GLU I 733 17.49 83.97 55.80
CA GLU I 733 17.00 82.90 56.66
C GLU I 733 15.56 82.54 56.31
N LEU I 734 14.72 83.55 56.19
CA LEU I 734 13.35 83.34 55.77
C LEU I 734 13.33 82.72 54.37
N TRP I 735 14.11 83.29 53.47
CA TRP I 735 14.12 82.84 52.09
C TRP I 735 14.53 81.37 51.99
N ASN I 736 15.54 80.96 52.76
CA ASN I 736 15.97 79.56 52.73
C ASN I 736 14.92 78.64 53.36
N LYS I 737 14.24 79.10 54.41
CA LYS I 737 13.13 78.34 54.97
C LYS I 737 11.98 78.24 53.98
N VAL I 738 11.73 79.31 53.23
CA VAL I 738 10.70 79.30 52.19
C VAL I 738 11.17 78.49 50.99
N GLN I 739 12.48 78.44 50.74
CA GLN I 739 13.00 77.63 49.64
C GLN I 739 12.91 76.14 49.95
N GLN I 740 13.04 75.75 51.22
CA GLN I 740 12.88 74.37 51.65
C GLN I 740 11.46 74.04 52.12
N ALA I 741 10.53 75.00 52.02
CA ALA I 741 9.28 75.00 52.77
C ALA I 741 8.45 73.72 52.64
N GLN I 742 7.93 73.29 53.80
CA GLN I 742 7.12 72.08 53.92
C GLN I 742 5.66 72.33 53.53
N ASP I 743 5.02 73.33 54.16
CA ASP I 743 3.58 73.53 54.09
C ASP I 743 3.26 74.99 54.41
N LEU I 744 1.98 75.34 54.28
CA LEU I 744 1.57 76.75 54.40
C LEU I 744 1.84 77.31 55.78
N ASP I 745 1.64 76.53 56.85
CA ASP I 745 1.89 77.06 58.19
C ASP I 745 3.38 77.31 58.42
N HIS I 746 4.24 76.56 57.74
CA HIS I 746 5.68 76.84 57.81
C HIS I 746 5.99 78.18 57.16
N ILE I 747 5.36 78.49 56.03
CA ILE I 747 5.56 79.77 55.37
C ILE I 747 4.97 80.91 56.22
N ILE I 748 3.74 80.74 56.71
CA ILE I 748 3.12 81.67 57.66
C ILE I 748 4.07 81.94 58.82
N ALA I 749 4.48 80.88 59.51
CA ALA I 749 5.26 81.09 60.72
C ALA I 749 6.62 81.68 60.38
N ALA I 750 7.18 81.31 59.23
CA ALA I 750 8.46 81.86 58.81
C ALA I 750 8.36 83.35 58.54
N HIS I 751 7.30 83.76 57.84
CA HIS I 751 7.08 85.18 57.62
C HIS I 751 6.82 85.93 58.92
N GLU I 752 6.01 85.35 59.80
CA GLU I 752 5.66 86.05 61.03
C GLU I 752 6.91 86.28 61.88
N VAL I 753 7.80 85.28 61.96
CA VAL I 753 9.00 85.41 62.76
C VAL I 753 10.03 86.30 62.05
N PHE I 754 10.04 86.32 60.71
CA PHE I 754 10.89 87.25 59.98
C PHE I 754 10.46 88.69 60.22
N LEU I 755 9.15 88.94 60.20
CA LEU I 755 8.65 90.26 60.51
C LEU I 755 9.00 90.65 61.94
N ASP I 756 8.80 89.72 62.88
CA ASP I 756 9.10 90.01 64.28
C ASP I 756 10.60 90.23 64.50
N THR I 757 11.47 89.57 63.71
CA THR I 757 12.89 89.87 63.80
C THR I 757 13.22 91.25 63.23
N ILE I 758 12.56 91.66 62.15
CA ILE I 758 12.86 92.99 61.61
C ILE I 758 12.45 94.07 62.60
N ILE I 759 11.27 93.95 63.20
CA ILE I 759 10.83 94.98 64.14
C ILE I 759 11.52 94.90 65.48
N SER I 760 12.14 93.77 65.82
CA SER I 760 12.95 93.72 67.02
C SER I 760 14.42 94.08 66.78
N ARG I 761 14.96 93.78 65.60
CA ARG I 761 16.32 94.24 65.31
C ARG I 761 16.36 95.72 65.03
N CYS I 762 15.28 96.28 64.51
CA CYS I 762 15.09 97.70 64.57
C CYS I 762 14.68 98.11 65.98
N LEU I 763 14.95 99.36 66.31
CA LEU I 763 14.68 99.85 67.65
C LEU I 763 13.19 100.11 67.92
N LEU I 764 12.30 99.53 67.12
CA LEU I 764 10.88 99.86 67.15
C LEU I 764 10.13 99.15 68.26
N ASP I 765 10.81 98.29 69.02
CA ASP I 765 10.17 97.54 70.09
C ASP I 765 9.84 98.43 71.30
N SER I 766 8.81 98.02 72.04
CA SER I 766 8.27 98.81 73.13
C SER I 766 9.28 99.02 74.26
N ASP I 767 10.18 98.07 74.46
CA ASP I 767 11.21 98.22 75.47
C ASP I 767 12.48 98.86 74.93
N SER I 768 12.65 98.93 73.62
CA SER I 768 13.71 99.72 73.02
C SER I 768 13.22 101.12 72.67
N ARG I 769 12.03 101.50 73.16
CA ARG I 769 11.45 102.81 72.89
C ARG I 769 12.25 103.92 73.57
N ALA I 770 12.90 103.62 74.70
CA ALA I 770 13.73 104.63 75.35
C ALA I 770 14.98 104.91 74.54
N LEU I 771 15.53 103.90 73.86
CA LEU I 771 16.64 104.13 72.95
C LEU I 771 16.14 104.80 71.67
N LEU I 772 14.90 104.49 71.29
CA LEU I 772 14.31 105.12 70.11
C LEU I 772 14.09 106.61 70.34
N ASN I 773 13.77 107.01 71.58
CA ASN I 773 13.65 108.43 71.89
C ASN I 773 14.97 109.16 71.72
N GLN I 774 16.07 108.52 72.11
CA GLN I 774 17.39 109.12 71.90
C GLN I 774 17.78 109.14 70.43
N LEU I 775 17.37 108.12 69.67
CA LEU I 775 17.67 108.13 68.23
C LEU I 775 16.84 109.21 67.53
N ARG I 776 15.59 109.38 67.95
CA ARG I 776 14.81 110.55 67.55
C ARG I 776 15.53 111.85 67.89
N ALA I 777 16.11 111.91 69.09
CA ALA I 777 16.84 113.11 69.52
C ALA I 777 18.11 113.34 68.71
N VAL I 778 18.75 112.29 68.18
CA VAL I 778 19.82 112.47 67.20
C VAL I 778 19.26 113.03 65.90
N PHE I 779 18.19 112.40 65.39
CA PHE I 779 17.63 112.81 64.10
C PHE I 779 17.14 114.25 64.15
N ASP I 780 16.66 114.69 65.31
CA ASP I 780 16.43 116.10 65.62
C ASP I 780 17.64 117.00 65.35
N GLN I 781 18.85 116.54 65.68
CA GLN I 781 20.06 117.30 65.30
C GLN I 781 20.45 117.10 63.83
N ILE I 782 20.36 115.87 63.32
CA ILE I 782 20.72 115.63 61.92
C ILE I 782 19.95 116.57 61.00
N ILE I 783 18.64 116.67 61.21
CA ILE I 783 17.81 117.50 60.35
C ILE I 783 18.09 118.99 60.55
N GLU I 784 18.46 119.42 61.76
CA GLU I 784 18.73 120.84 61.96
C GLU I 784 19.99 121.30 61.22
N LEU I 785 20.99 120.43 61.03
CA LEU I 785 22.16 120.86 60.25
C LEU I 785 21.80 121.23 58.80
N GLN I 786 20.71 120.73 58.22
CA GLN I 786 20.29 121.28 56.92
C GLN I 786 19.95 122.76 57.08
N ASN I 787 19.08 123.09 58.03
CA ASN I 787 18.66 124.47 58.23
C ASN I 787 19.85 125.35 58.58
N ALA I 788 20.73 124.86 59.44
CA ALA I 788 21.92 125.63 59.80
C ALA I 788 22.89 125.71 58.62
N GLN I 789 22.96 124.66 57.80
CA GLN I 789 23.81 124.72 56.61
C GLN I 789 23.32 125.79 55.62
N ASP I 790 22.05 125.70 55.20
CA ASP I 790 21.59 126.69 54.24
C ASP I 790 21.58 128.09 54.86
N ALA I 791 21.48 128.20 56.18
CA ALA I 791 21.67 129.50 56.83
C ALA I 791 23.11 130.02 56.68
N ILE I 792 24.11 129.21 57.07
CA ILE I 792 25.49 129.71 56.99
C ILE I 792 25.95 129.79 55.53
N TYR I 793 25.51 128.86 54.70
CA TYR I 793 25.87 128.91 53.29
C TYR I 793 25.30 130.16 52.62
N ARG I 794 24.01 130.42 52.80
CA ARG I 794 23.42 131.59 52.17
C ARG I 794 23.96 132.87 52.79
N ALA I 795 24.34 132.82 54.08
CA ALA I 795 24.94 133.98 54.73
C ALA I 795 26.34 134.27 54.19
N ALA I 796 27.17 133.24 54.08
CA ALA I 796 28.49 133.42 53.50
C ALA I 796 28.39 133.73 52.01
N LEU I 797 27.40 133.14 51.34
CA LEU I 797 27.16 133.39 49.93
C LEU I 797 26.77 134.84 49.66
N GLU I 798 26.02 135.45 50.58
CA GLU I 798 25.67 136.86 50.40
C GLU I 798 26.93 137.73 50.46
N GLU I 799 27.87 137.40 51.35
CA GLU I 799 29.12 138.13 51.42
C GLU I 799 29.92 137.93 50.13
N LEU I 800 30.16 136.67 49.76
CA LEU I 800 30.96 136.41 48.56
C LEU I 800 30.29 136.96 47.30
N GLN I 801 28.96 136.88 47.21
CA GLN I 801 28.28 137.43 46.04
C GLN I 801 28.12 138.95 46.09
N ARG I 802 28.52 139.62 47.18
CA ARG I 802 28.82 141.05 47.11
C ARG I 802 30.32 141.32 46.99
N ARG I 803 31.17 140.40 47.45
CA ARG I 803 32.62 140.55 47.25
C ARG I 803 32.97 140.42 45.77
N LEU I 804 32.27 139.55 45.05
CA LEU I 804 32.53 139.33 43.63
C LEU I 804 31.97 140.46 42.77
N GLN I 805 31.16 141.37 43.34
CA GLN I 805 30.81 142.62 42.69
C GLN I 805 31.69 143.77 43.19
N PHE I 806 32.26 143.63 44.40
CA PHE I 806 33.29 144.56 44.86
C PHE I 806 34.57 144.41 44.04
N GLU I 807 34.85 143.19 43.55
CA GLU I 807 35.92 143.01 42.59
C GLU I 807 35.68 143.78 41.30
N GLU I 808 34.41 143.84 40.85
CA GLU I 808 34.08 144.67 39.70
C GLU I 808 34.11 146.16 40.06
N LYS I 809 33.83 146.49 41.32
CA LYS I 809 33.82 147.88 41.76
C LYS I 809 35.23 148.44 41.86
N LYS I 810 36.22 147.57 42.14
CA LYS I 810 37.60 148.02 42.36
C LYS I 810 38.34 148.33 41.06
N LYS I 811 37.75 148.08 39.89
CA LYS I 811 38.41 148.39 38.63
C LYS I 811 38.47 149.89 38.39
N GLU I 827 35.21 149.62 51.19
CA GLU I 827 34.43 150.43 52.10
C GLU I 827 32.92 150.23 51.88
N GLU I 828 32.55 149.64 50.74
CA GLU I 828 31.16 149.26 50.51
C GLU I 828 30.82 147.92 51.14
N GLU I 829 31.84 147.19 51.61
CA GLU I 829 31.65 145.89 52.24
C GLU I 829 31.30 145.98 53.71
N ASN I 830 31.27 147.20 54.26
CA ASN I 830 31.35 147.36 55.72
C ASN I 830 30.05 146.98 56.41
N LYS I 831 28.91 147.08 55.71
CA LYS I 831 27.63 146.81 56.34
C LYS I 831 27.41 145.34 56.60
N ARG I 832 28.08 144.44 55.86
CA ARG I 832 28.04 143.02 56.13
C ARG I 832 29.34 142.50 56.75
N ILE I 833 30.45 143.23 56.58
CA ILE I 833 31.65 142.93 57.35
C ILE I 833 31.39 143.20 58.83
N GLY I 834 30.65 144.25 59.14
CA GLY I 834 30.26 144.54 60.52
C GLY I 834 29.21 143.59 61.07
N GLU I 835 28.62 142.74 60.23
CA GLU I 835 27.91 141.55 60.70
C GLU I 835 28.88 140.39 60.90
N PHE I 836 29.63 140.04 59.85
CA PHE I 836 30.34 138.77 59.82
C PHE I 836 31.58 138.79 60.69
N LYS I 837 32.45 139.81 60.56
CA LYS I 837 33.72 139.78 61.26
C LYS I 837 33.57 139.81 62.78
N GLU I 838 32.44 140.29 63.32
CA GLU I 838 32.19 140.21 64.75
C GLU I 838 31.14 139.16 65.10
N SER I 839 30.51 138.52 64.12
CA SER I 839 29.59 137.43 64.40
C SER I 839 30.25 136.08 64.24
N ILE I 840 31.53 136.01 63.84
CA ILE I 840 32.28 134.74 63.84
C ILE I 840 32.11 134.00 65.17
N PRO I 841 32.33 134.62 66.33
CA PRO I 841 31.93 133.94 67.58
C PRO I 841 30.48 133.48 67.69
N LYS I 842 29.51 134.15 67.03
CA LYS I 842 28.13 133.70 67.16
C LYS I 842 27.90 132.43 66.36
N MET I 843 28.32 132.43 65.10
CA MET I 843 28.20 131.23 64.27
C MET I 843 29.16 130.15 64.71
N CYS I 844 30.35 130.51 65.22
CA CYS I 844 31.21 129.53 65.88
C CYS I 844 30.52 128.87 67.07
N SER I 845 29.99 129.68 68.00
CA SER I 845 29.40 129.12 69.21
C SER I 845 28.12 128.35 68.91
N GLN I 846 27.41 128.75 67.87
CA GLN I 846 26.28 127.98 67.36
C GLN I 846 26.75 126.64 66.83
N LEU I 847 27.87 126.65 66.11
CA LEU I 847 28.41 125.44 65.52
C LEU I 847 29.00 124.52 66.60
N ARG I 848 29.72 125.09 67.58
CA ARG I 848 30.20 124.27 68.70
C ARG I 848 29.04 123.69 69.52
N ILE I 849 28.01 124.49 69.80
CA ILE I 849 26.89 123.96 70.58
C ILE I 849 26.08 122.99 69.76
N LEU I 850 26.12 123.10 68.43
CA LEU I 850 25.55 122.05 67.60
C LEU I 850 26.34 120.75 67.72
N THR I 851 27.68 120.81 67.77
CA THR I 851 28.44 119.59 68.08
C THR I 851 28.12 119.08 69.48
N HIS I 852 27.95 119.98 70.45
CA HIS I 852 27.67 119.52 71.81
C HIS I 852 26.22 119.11 72.03
N PHE I 853 25.32 119.32 71.06
CA PHE I 853 24.09 118.55 71.06
C PHE I 853 24.37 117.17 70.45
N TYR I 854 24.85 117.17 69.20
CA TYR I 854 24.96 115.93 68.42
C TYR I 854 26.02 115.00 69.01
N GLN I 855 27.28 115.45 69.07
CA GLN I 855 28.34 114.57 69.59
C GLN I 855 28.03 114.10 71.00
N GLY I 856 27.47 114.99 71.83
CA GLY I 856 27.17 114.61 73.19
C GLY I 856 26.07 113.58 73.30
N ILE I 857 25.01 113.75 72.50
CA ILE I 857 23.90 112.81 72.58
C ILE I 857 24.23 111.49 71.86
N VAL I 858 25.15 111.50 70.89
CA VAL I 858 25.52 110.23 70.26
C VAL I 858 26.56 109.49 71.10
N GLN I 859 27.43 110.22 71.82
CA GLN I 859 28.27 109.58 72.84
C GLN I 859 27.39 108.96 73.92
N GLN I 860 26.39 109.70 74.40
CA GLN I 860 25.48 109.18 75.41
C GLN I 860 24.63 108.06 74.83
N PHE I 861 24.31 108.14 73.54
CA PHE I 861 23.63 107.03 72.88
C PHE I 861 24.52 105.80 72.80
N LEU I 862 25.80 105.99 72.45
CA LEU I 862 26.70 104.85 72.36
C LEU I 862 26.83 104.15 73.71
N VAL I 863 26.86 104.91 74.81
CA VAL I 863 26.86 104.33 76.14
C VAL I 863 25.53 103.63 76.42
N LEU I 864 24.41 104.26 76.04
CA LEU I 864 23.12 103.65 76.26
C LEU I 864 22.95 102.43 75.36
N LEU I 865 23.58 102.47 74.19
CA LEU I 865 23.50 101.39 73.21
C LEU I 865 24.24 100.17 73.72
N THR I 866 25.44 100.39 74.25
CA THR I 866 26.30 99.32 74.72
C THR I 866 25.87 98.80 76.09
N THR I 867 25.22 99.62 76.91
CA THR I 867 24.53 99.10 78.09
C THR I 867 23.17 98.49 77.70
N SER I 868 22.49 97.96 78.70
CA SER I 868 21.24 97.16 78.58
C SER I 868 21.51 96.00 77.62
N SER I 869 20.53 95.59 76.81
CA SER I 869 20.74 94.54 75.81
C SER I 869 21.55 95.11 74.64
N ASP I 870 22.86 94.83 74.63
CA ASP I 870 23.70 95.26 73.52
C ASP I 870 23.44 94.43 72.26
N GLU I 871 23.15 93.13 72.45
CA GLU I 871 22.43 92.31 71.47
C GLU I 871 23.23 92.10 70.19
N SER I 872 22.58 92.07 69.03
CA SER I 872 23.26 92.14 67.75
C SER I 872 23.46 93.58 67.31
N LEU I 873 22.97 94.52 68.12
CA LEU I 873 23.27 95.93 68.01
C LEU I 873 24.70 96.25 68.41
N ARG I 874 25.39 95.30 69.06
CA ARG I 874 26.80 95.47 69.37
C ARG I 874 27.61 95.68 68.11
N PHE I 875 27.20 95.05 67.00
CA PHE I 875 27.87 95.26 65.73
C PHE I 875 27.74 96.72 65.26
N LEU I 876 26.57 97.33 65.42
CA LEU I 876 26.49 98.77 65.20
C LEU I 876 27.42 99.50 66.17
N SER I 877 27.39 99.11 67.44
CA SER I 877 28.23 99.77 68.43
C SER I 877 29.70 99.74 68.01
N PHE I 878 30.15 98.62 67.41
CA PHE I 878 31.53 98.53 66.92
C PHE I 878 31.77 99.32 65.65
N ARG I 879 30.75 99.47 64.78
CA ARG I 879 30.90 100.31 63.58
C ARG I 879 30.92 101.78 63.91
N LEU I 880 30.22 102.18 64.97
CA LEU I 880 30.28 103.55 65.46
C LEU I 880 31.56 103.78 66.22
N ASP I 881 31.83 102.94 67.22
CA ASP I 881 33.03 103.04 68.03
C ASP I 881 34.21 102.32 67.36
N PHE I 882 34.24 102.31 66.03
CA PHE I 882 35.44 101.89 65.32
C PHE I 882 36.50 102.98 65.48
N ASN I 883 37.76 102.62 65.27
CA ASN I 883 38.87 103.59 65.26
C ASN I 883 39.08 104.22 66.63
N GLU I 884 38.40 103.72 67.68
CA GLU I 884 38.71 103.91 69.11
C GLU I 884 38.32 105.27 69.68
N HIS I 885 38.29 106.32 68.86
CA HIS I 885 38.24 107.67 69.44
C HIS I 885 36.95 107.93 70.20
N TYR I 886 35.83 107.38 69.74
CA TYR I 886 34.53 107.75 70.31
C TYR I 886 34.38 107.34 71.77
N LYS I 887 34.50 106.06 72.11
CA LYS I 887 34.41 105.79 73.55
C LYS I 887 35.65 106.25 74.33
N ALA I 888 36.72 106.60 73.65
CA ALA I 888 37.78 107.42 74.23
C ALA I 888 37.41 108.93 74.27
N ARG I 889 36.10 109.23 74.18
CA ARG I 889 35.50 110.57 74.38
C ARG I 889 35.94 111.59 73.33
N GLU I 890 36.48 111.14 72.20
CA GLU I 890 37.15 112.00 71.21
C GLU I 890 38.14 112.96 71.85
N ARG J 125 45.82 -65.00 86.51
CA ARG J 125 47.02 -65.53 85.81
C ARG J 125 47.59 -64.53 84.80
N ALA J 126 46.82 -64.23 83.75
CA ALA J 126 47.30 -63.43 82.63
C ALA J 126 47.22 -61.92 82.91
N ARG J 127 48.12 -61.18 82.24
CA ARG J 127 48.01 -59.74 82.06
C ARG J 127 48.38 -59.41 80.61
N ASN J 128 47.98 -58.21 80.17
CA ASN J 128 48.11 -57.84 78.76
C ASN J 128 49.53 -57.45 78.37
N MET J 129 50.41 -57.17 79.35
CA MET J 129 51.74 -56.57 79.17
C MET J 129 51.69 -55.13 78.74
N LYS J 130 50.82 -54.83 77.78
CA LYS J 130 50.55 -53.45 77.38
C LYS J 130 49.78 -52.70 78.45
N ASP J 131 49.10 -53.41 79.36
CA ASP J 131 48.53 -52.79 80.55
C ASP J 131 49.61 -52.33 81.53
N PHE J 132 50.57 -53.21 81.87
CA PHE J 132 51.67 -52.80 82.76
C PHE J 132 52.40 -51.58 82.22
N GLU J 133 52.85 -51.64 80.96
CA GLU J 133 53.72 -50.60 80.42
C GLU J 133 52.97 -49.31 80.10
N ASN J 134 51.74 -49.21 80.57
CA ASN J 134 50.98 -47.97 80.66
C ASN J 134 50.57 -47.65 82.09
N GLN J 135 50.10 -48.65 82.86
CA GLN J 135 49.59 -48.40 84.21
C GLN J 135 50.67 -47.89 85.17
N ILE J 136 51.95 -48.17 84.92
CA ILE J 136 53.04 -47.40 85.56
C ILE J 136 52.92 -45.92 85.20
N THR J 137 52.88 -45.63 83.89
CA THR J 137 53.02 -44.27 83.39
C THR J 137 51.89 -43.33 83.84
N GLU J 138 50.65 -43.82 83.89
CA GLU J 138 49.53 -42.94 84.23
C GLU J 138 49.53 -42.52 85.70
N LEU J 139 50.16 -43.29 86.58
CA LEU J 139 50.46 -42.90 87.96
C LEU J 139 51.77 -42.12 88.00
N LYS J 140 52.81 -42.65 87.34
CA LYS J 140 54.15 -42.07 87.38
C LYS J 140 54.16 -40.59 86.99
N LYS J 141 53.46 -40.24 85.90
CA LYS J 141 53.42 -38.85 85.45
C LYS J 141 52.87 -37.94 86.54
N GLU J 142 51.59 -38.07 86.87
CA GLU J 142 50.95 -37.17 87.81
C GLU J 142 51.55 -37.25 89.22
N ASN J 143 52.16 -38.39 89.59
CA ASN J 143 52.93 -38.46 90.83
C ASN J 143 54.00 -37.37 90.98
N PHE J 144 55.06 -37.40 90.18
CA PHE J 144 56.09 -36.36 90.29
C PHE J 144 55.54 -35.00 89.84
N ASN J 145 54.45 -34.96 89.04
CA ASN J 145 53.79 -33.69 88.67
C ASN J 145 53.14 -33.05 89.88
N LEU J 146 52.45 -33.85 90.69
CA LEU J 146 51.90 -33.37 91.94
C LEU J 146 53.00 -33.01 92.94
N LYS J 147 54.05 -33.84 93.03
CA LYS J 147 55.23 -33.49 93.81
C LYS J 147 55.66 -32.05 93.60
N LEU J 148 55.94 -31.72 92.34
CA LEU J 148 56.53 -30.46 91.90
C LEU J 148 55.59 -29.26 92.11
N ARG J 149 54.27 -29.46 91.95
CA ARG J 149 53.23 -28.51 92.39
C ARG J 149 53.34 -28.20 93.89
N ILE J 150 53.51 -29.24 94.70
CA ILE J 150 53.48 -29.15 96.15
C ILE J 150 54.74 -28.50 96.73
N TYR J 151 55.90 -28.63 96.08
CA TYR J 151 57.10 -27.91 96.56
C TYR J 151 56.84 -26.42 96.74
N PHE J 152 56.19 -25.78 95.75
CA PHE J 152 55.80 -24.38 95.83
C PHE J 152 54.63 -24.15 96.79
N LEU J 153 53.76 -25.16 96.98
CA LEU J 153 52.67 -25.09 97.96
C LEU J 153 53.13 -25.14 99.42
N GLU J 154 54.32 -25.71 99.72
CA GLU J 154 54.79 -25.72 101.11
C GLU J 154 55.04 -24.31 101.66
N GLU J 155 55.37 -23.35 100.79
CA GLU J 155 55.66 -21.93 101.11
C GLU J 155 56.79 -21.70 102.12
N ARG K 127 62.03 -57.18 82.95
CA ARG K 127 60.54 -57.10 82.82
C ARG K 127 59.92 -58.49 83.04
N ASN K 128 59.71 -58.88 84.31
CA ASN K 128 59.40 -60.27 84.66
C ASN K 128 57.90 -60.58 84.56
N MET K 129 57.07 -59.54 84.56
CA MET K 129 55.62 -59.52 84.73
C MET K 129 55.19 -60.04 86.10
N LYS K 130 55.79 -61.12 86.60
CA LYS K 130 55.30 -61.72 87.84
C LYS K 130 55.73 -60.93 89.07
N ASP K 131 56.41 -59.78 88.90
CA ASP K 131 56.54 -58.80 89.96
C ASP K 131 55.88 -57.46 89.62
N PHE K 132 55.20 -57.33 88.47
CA PHE K 132 54.34 -56.16 88.25
C PHE K 132 53.30 -56.07 89.35
N GLU K 133 52.91 -57.21 89.93
CA GLU K 133 52.05 -57.27 91.09
C GLU K 133 52.56 -56.37 92.22
N ASN K 134 53.88 -56.31 92.40
CA ASN K 134 54.49 -55.42 93.37
C ASN K 134 54.76 -54.03 92.78
N GLN K 135 55.31 -53.97 91.57
CA GLN K 135 55.70 -52.68 90.97
C GLN K 135 54.49 -51.75 90.82
N ILE K 136 53.36 -52.27 90.32
CA ILE K 136 52.13 -51.47 90.25
C ILE K 136 51.58 -51.19 91.65
N THR K 137 51.67 -52.16 92.57
CA THR K 137 51.25 -51.90 93.95
C THR K 137 52.05 -50.76 94.57
N GLU K 138 53.33 -50.61 94.21
CA GLU K 138 54.07 -49.42 94.63
C GLU K 138 53.53 -48.14 93.98
N LEU K 139 53.35 -48.12 92.65
CA LEU K 139 52.82 -46.90 92.03
C LEU K 139 51.45 -46.57 92.61
N LYS K 140 50.61 -47.59 92.79
CA LYS K 140 49.32 -47.46 93.47
C LYS K 140 49.46 -46.83 94.86
N LYS K 141 50.28 -47.43 95.71
CA LYS K 141 50.42 -46.98 97.10
C LYS K 141 51.16 -45.65 97.19
N GLU K 142 52.10 -45.37 96.29
CA GLU K 142 52.77 -44.08 96.26
C GLU K 142 51.78 -42.93 96.00
N ASN K 143 51.09 -42.98 94.87
CA ASN K 143 50.19 -41.88 94.53
C ASN K 143 49.02 -41.81 95.52
N PHE K 144 48.56 -42.96 96.02
CA PHE K 144 47.58 -43.02 97.11
C PHE K 144 48.10 -42.31 98.36
N ASN K 145 49.32 -42.65 98.79
CA ASN K 145 49.90 -42.02 99.97
C ASN K 145 50.14 -40.53 99.72
N LEU K 146 50.59 -40.17 98.52
CA LEU K 146 50.79 -38.76 98.19
C LEU K 146 49.48 -37.98 98.25
N LYS K 147 48.45 -38.47 97.56
CA LYS K 147 47.13 -37.84 97.60
C LYS K 147 46.59 -37.71 99.03
N LEU K 148 46.63 -38.79 99.82
CA LEU K 148 46.14 -38.68 101.18
C LEU K 148 47.03 -37.78 102.04
N ARG K 149 48.34 -37.75 101.77
CA ARG K 149 49.24 -36.85 102.50
C ARG K 149 48.98 -35.39 102.12
N ILE K 150 48.72 -35.10 100.84
CA ILE K 150 48.34 -33.74 100.43
C ILE K 150 46.96 -33.40 100.97
N TYR K 151 46.07 -34.40 101.08
CA TYR K 151 44.83 -34.22 101.84
C TYR K 151 45.12 -33.88 103.31
N PHE K 152 46.05 -34.60 103.96
CA PHE K 152 46.43 -34.25 105.33
C PHE K 152 47.00 -32.83 105.44
N LEU K 153 47.75 -32.35 104.44
CA LEU K 153 48.30 -30.99 104.54
C LEU K 153 47.30 -29.92 104.11
N GLU K 154 46.48 -30.18 103.11
CA GLU K 154 45.44 -29.21 102.76
C GLU K 154 44.38 -29.12 103.86
N GLU K 155 44.00 -30.24 104.48
CA GLU K 155 43.11 -30.17 105.63
C GLU K 155 43.76 -29.49 106.83
N ARG K 156 45.09 -29.46 106.90
CA ARG K 156 45.76 -28.58 107.86
C ARG K 156 45.60 -27.11 107.46
N MET K 157 45.91 -26.78 106.20
CA MET K 157 45.70 -25.41 105.73
C MET K 157 44.28 -24.93 106.01
N GLN K 158 43.30 -25.75 105.63
CA GLN K 158 41.89 -25.43 105.87
C GLN K 158 41.63 -25.05 107.33
N GLN K 159 42.12 -25.84 108.27
CA GLN K 159 41.85 -25.60 109.69
C GLN K 159 42.68 -24.42 110.23
N GLU K 160 43.95 -24.33 109.82
CA GLU K 160 44.82 -23.27 110.33
C GLU K 160 44.38 -21.89 109.86
N PHE K 161 43.91 -21.80 108.62
CA PHE K 161 43.18 -20.62 108.15
C PHE K 161 41.67 -20.80 108.34
N MET L 1 -63.09 11.91 29.63
CA MET L 1 -63.74 12.15 28.33
C MET L 1 -62.89 12.95 27.35
N ILE L 2 -61.59 12.69 27.22
CA ILE L 2 -60.78 13.62 26.44
C ILE L 2 -60.62 13.25 24.96
N HIS L 3 -60.85 12.00 24.56
CA HIS L 3 -60.89 11.76 23.11
C HIS L 3 -62.22 12.17 22.47
N GLU L 4 -63.37 11.99 23.13
CA GLU L 4 -64.58 12.57 22.57
C GLU L 4 -64.58 14.10 22.50
N LEU L 5 -64.02 14.82 23.47
CA LEU L 5 -63.84 16.24 23.15
C LEU L 5 -63.10 16.39 21.85
N LEU L 6 -62.10 15.56 21.61
CA LEU L 6 -61.27 15.74 20.43
C LEU L 6 -61.89 15.25 19.11
N LEU L 7 -62.76 14.23 19.11
CA LEU L 7 -63.49 13.93 17.89
C LEU L 7 -64.67 14.85 17.65
N ALA L 8 -65.24 15.46 18.68
CA ALA L 8 -66.29 16.44 18.45
C ALA L 8 -65.84 17.89 18.44
N LEU L 9 -64.58 18.19 18.69
CA LEU L 9 -64.03 19.38 18.04
C LEU L 9 -63.61 19.09 16.62
N SER L 10 -63.19 17.87 16.31
CA SER L 10 -63.40 17.41 14.95
C SER L 10 -64.91 17.34 14.72
N GLY L 11 -65.31 16.85 13.55
CA GLY L 11 -66.71 16.68 13.23
C GLY L 11 -67.55 15.85 14.20
N TYR L 12 -67.54 14.56 13.96
CA TYR L 12 -68.56 13.55 14.24
C TYR L 12 -69.33 13.61 15.56
N PRO L 13 -70.66 13.74 15.51
CA PRO L 13 -71.52 13.62 16.72
C PRO L 13 -71.42 12.31 17.49
N GLY L 14 -71.69 12.38 18.82
CA GLY L 14 -71.44 11.30 19.76
C GLY L 14 -72.51 11.09 20.83
N SER L 15 -72.19 11.22 22.13
CA SER L 15 -73.20 10.98 23.19
C SER L 15 -73.02 11.80 24.46
N ILE L 16 -71.80 11.92 25.00
CA ILE L 16 -71.43 13.08 25.79
C ILE L 16 -71.79 14.32 24.98
N PHE L 17 -71.09 14.52 23.88
CA PHE L 17 -71.21 15.69 23.03
C PHE L 17 -72.47 15.66 22.16
N THR L 18 -73.62 15.94 22.77
CA THR L 18 -74.85 15.91 21.97
C THR L 18 -74.82 17.03 20.93
N TRP L 19 -75.49 16.80 19.80
CA TRP L 19 -75.64 17.76 18.71
C TRP L 19 -77.11 18.03 18.41
N ASN L 20 -77.39 19.27 17.98
CA ASN L 20 -78.65 19.64 17.34
C ASN L 20 -78.36 20.69 16.28
N LYS L 21 -79.09 20.66 15.15
CA LYS L 21 -78.75 21.55 14.06
C LYS L 21 -78.96 23.01 14.46
N ARG L 22 -79.94 23.31 15.30
CA ARG L 22 -80.06 24.67 15.80
C ARG L 22 -78.97 25.00 16.80
N SER L 23 -78.98 24.34 17.95
CA SER L 23 -78.15 24.70 19.08
C SER L 23 -76.65 24.43 18.87
N GLY L 24 -76.28 23.62 17.88
CA GLY L 24 -74.89 23.18 17.77
C GLY L 24 -74.58 22.04 18.73
N LEU L 25 -73.29 21.80 18.95
CA LEU L 25 -72.90 20.83 19.97
C LEU L 25 -73.30 21.36 21.36
N GLN L 26 -73.75 20.46 22.23
CA GLN L 26 -74.45 20.91 23.44
C GLN L 26 -74.46 19.84 24.53
N VAL L 27 -73.28 19.49 25.06
CA VAL L 27 -73.20 18.83 26.36
C VAL L 27 -74.11 19.55 27.35
N SER L 28 -75.02 18.80 27.96
CA SER L 28 -76.06 19.40 28.79
C SER L 28 -76.41 18.58 30.03
N GLN L 29 -75.87 17.37 30.16
CA GLN L 29 -76.20 16.41 31.20
C GLN L 29 -75.65 16.87 32.56
N ASP L 30 -76.04 16.16 33.63
CA ASP L 30 -75.63 16.50 34.98
C ASP L 30 -74.62 15.48 35.53
N PHE L 31 -73.44 15.40 34.90
CA PHE L 31 -72.51 14.29 35.09
C PHE L 31 -71.97 14.19 36.52
N PRO L 32 -72.15 13.04 37.19
CA PRO L 32 -71.50 12.83 38.50
C PRO L 32 -70.00 12.55 38.39
N PHE L 33 -69.45 12.37 37.18
CA PHE L 33 -68.04 12.03 37.00
C PHE L 33 -67.14 13.20 36.59
N LEU L 34 -67.60 14.45 36.78
CA LEU L 34 -66.84 15.67 36.49
C LEU L 34 -67.03 16.67 37.63
N HIS L 35 -66.07 17.59 37.81
CA HIS L 35 -66.35 18.70 38.71
C HIS L 35 -67.49 19.53 38.10
N PRO L 36 -68.55 19.82 38.85
CA PRO L 36 -69.74 20.42 38.22
C PRO L 36 -69.50 21.64 37.35
N SER L 37 -68.47 22.45 37.62
CA SER L 37 -68.10 23.55 36.74
C SER L 37 -67.79 23.17 35.29
N GLU L 38 -67.68 21.89 34.94
CA GLU L 38 -67.09 21.54 33.65
C GLU L 38 -67.95 21.90 32.42
N THR L 39 -69.25 21.61 32.41
CA THR L 39 -69.97 21.56 31.13
C THR L 39 -70.04 22.91 30.42
N SER L 40 -69.96 24.02 31.16
CA SER L 40 -69.91 25.31 30.48
C SER L 40 -68.59 25.56 29.75
N VAL L 41 -67.50 24.86 30.10
CA VAL L 41 -66.31 24.92 29.25
C VAL L 41 -66.54 24.16 27.95
N LEU L 42 -67.21 23.01 28.05
CA LEU L 42 -67.47 22.22 26.85
C LEU L 42 -68.40 22.94 25.88
N ASN L 43 -69.45 23.60 26.37
CA ASN L 43 -70.30 24.37 25.47
C ASN L 43 -69.51 25.50 24.78
N ARG L 44 -68.45 26.02 25.43
CA ARG L 44 -67.54 26.98 24.80
C ARG L 44 -66.60 26.36 23.78
N LEU L 45 -66.24 25.10 23.97
CA LEU L 45 -65.44 24.34 23.02
C LEU L 45 -66.31 23.91 21.85
N CYS L 46 -67.52 23.43 22.16
CA CYS L 46 -68.56 23.13 21.20
C CYS L 46 -68.89 24.29 20.28
N ARG L 47 -68.65 25.51 20.72
CA ARG L 47 -68.88 26.71 19.91
C ARG L 47 -67.99 26.70 18.68
N LEU L 48 -66.68 26.64 18.90
CA LEU L 48 -65.74 26.52 17.79
C LEU L 48 -65.94 25.20 17.06
N GLY L 49 -66.16 24.12 17.79
CA GLY L 49 -66.47 22.86 17.15
C GLY L 49 -67.67 22.90 16.22
N THR L 50 -68.68 23.70 16.58
CA THR L 50 -69.84 23.86 15.70
C THR L 50 -69.59 24.84 14.58
N ASP L 51 -68.82 25.86 14.80
CA ASP L 51 -68.20 26.55 13.68
C ASP L 51 -67.13 25.73 13.01
N TYR L 52 -67.00 24.44 13.31
CA TYR L 52 -66.49 23.53 12.29
C TYR L 52 -67.65 22.75 11.72
N ILE L 53 -68.58 22.28 12.55
CA ILE L 53 -69.62 21.43 11.99
C ILE L 53 -70.44 22.22 10.99
N ARG L 54 -71.15 23.26 11.43
CA ARG L 54 -72.00 23.97 10.48
C ARG L 54 -71.15 24.69 9.42
N PHE L 55 -69.93 25.11 9.75
CA PHE L 55 -68.92 25.68 8.85
C PHE L 55 -68.38 24.63 7.86
N THR L 56 -68.53 23.33 8.14
CA THR L 56 -68.23 22.22 7.23
C THR L 56 -69.42 21.80 6.38
N GLU L 57 -70.61 21.83 6.95
CA GLU L 57 -71.81 21.50 6.17
C GLU L 57 -71.89 22.29 4.87
N PHE L 58 -71.63 23.60 4.91
CA PHE L 58 -71.56 24.47 3.74
C PHE L 58 -70.58 23.91 2.70
N ILE L 59 -69.45 23.35 3.16
CA ILE L 59 -68.38 22.90 2.27
C ILE L 59 -68.80 21.65 1.50
N GLU L 60 -69.37 20.66 2.19
CA GLU L 60 -69.85 19.49 1.47
C GLU L 60 -71.08 19.77 0.65
N GLN L 61 -71.83 20.85 0.94
CA GLN L 61 -72.98 21.16 0.11
C GLN L 61 -72.61 21.55 -1.32
N TYR L 62 -71.42 22.08 -1.57
CA TYR L 62 -70.90 22.44 -2.90
C TYR L 62 -69.75 21.51 -3.34
N THR L 63 -69.18 21.75 -4.52
CA THR L 63 -68.09 20.94 -5.14
C THR L 63 -68.29 19.42 -5.04
N GLY L 79 -76.16 27.86 -11.54
CA GLY L 79 -77.44 27.95 -10.82
C GLY L 79 -77.35 28.76 -9.52
N GLY L 80 -78.49 28.98 -8.85
CA GLY L 80 -78.57 29.76 -7.61
C GLY L 80 -77.70 29.16 -6.49
N LEU L 81 -76.82 29.99 -5.90
CA LEU L 81 -75.73 29.65 -4.98
C LEU L 81 -74.68 28.64 -5.50
N HIS L 82 -75.04 27.61 -6.26
CA HIS L 82 -74.11 26.60 -6.81
C HIS L 82 -73.26 27.13 -8.00
N GLY L 83 -72.78 28.36 -7.90
CA GLY L 83 -71.97 29.04 -8.91
C GLY L 83 -70.49 28.70 -8.85
N ILE L 84 -69.74 28.98 -9.91
CA ILE L 84 -68.30 28.62 -9.97
C ILE L 84 -67.46 29.42 -8.98
N TYR L 85 -67.73 30.71 -8.80
CA TYR L 85 -67.02 31.52 -7.81
C TYR L 85 -67.37 31.16 -6.37
N LEU L 86 -68.58 30.65 -6.11
CA LEU L 86 -68.89 30.09 -4.79
C LEU L 86 -68.14 28.76 -4.59
N ARG L 87 -68.00 27.93 -5.63
CA ARG L 87 -67.16 26.72 -5.47
C ARG L 87 -65.70 27.16 -5.19
N ALA L 88 -65.21 28.14 -5.95
CA ALA L 88 -63.83 28.64 -5.80
C ALA L 88 -63.56 29.21 -4.38
N PHE L 89 -64.47 30.05 -3.86
CA PHE L 89 -64.42 30.51 -2.48
C PHE L 89 -64.51 29.33 -1.50
N CYS L 90 -65.41 28.37 -1.75
CA CYS L 90 -65.68 27.24 -0.85
C CYS L 90 -64.55 26.21 -0.80
N THR L 91 -63.90 25.90 -1.94
CA THR L 91 -62.63 25.14 -1.96
C THR L 91 -61.44 25.99 -1.51
N GLY L 92 -61.59 27.32 -1.50
CA GLY L 92 -60.75 28.21 -0.70
C GLY L 92 -60.94 27.94 0.79
N LEU L 93 -62.18 27.93 1.30
CA LEU L 93 -62.64 27.52 2.65
C LEU L 93 -62.45 26.01 2.90
N ASP L 94 -61.37 25.48 2.34
CA ASP L 94 -60.84 24.14 2.50
C ASP L 94 -59.35 24.29 2.68
N SER L 95 -58.71 24.96 1.71
CA SER L 95 -57.32 25.37 1.83
C SER L 95 -57.04 26.13 3.12
N VAL L 96 -57.81 27.19 3.41
CA VAL L 96 -57.60 27.94 4.66
C VAL L 96 -58.19 27.25 5.86
N LEU L 97 -59.00 26.22 5.66
CA LEU L 97 -59.54 25.48 6.78
C LEU L 97 -58.71 24.26 7.17
N GLN L 98 -57.80 23.82 6.30
CA GLN L 98 -56.97 22.66 6.64
C GLN L 98 -56.13 22.86 7.91
N PRO L 99 -55.54 24.02 8.18
CA PRO L 99 -54.92 24.25 9.50
C PRO L 99 -55.79 23.91 10.72
N TYR L 100 -57.11 24.03 10.63
CA TYR L 100 -57.96 23.55 11.72
C TYR L 100 -57.90 22.03 11.83
N ARG L 101 -58.03 21.33 10.70
CA ARG L 101 -57.99 19.88 10.74
C ARG L 101 -56.67 19.39 11.32
N GLN L 102 -55.56 19.91 10.78
CA GLN L 102 -54.24 19.49 11.27
C GLN L 102 -54.01 19.85 12.73
N ALA L 103 -54.34 21.07 13.12
CA ALA L 103 -54.20 21.47 14.52
C ALA L 103 -55.10 20.70 15.48
N LEU L 104 -55.80 19.70 14.98
CA LEU L 104 -56.58 18.82 15.82
C LEU L 104 -56.23 17.36 15.64
N LEU L 105 -55.22 17.05 14.80
CA LEU L 105 -54.47 15.79 14.92
C LEU L 105 -53.42 15.95 16.00
N ASP L 106 -52.67 17.04 15.94
CA ASP L 106 -51.60 17.33 16.89
C ASP L 106 -52.09 17.39 18.35
N LEU L 107 -53.37 17.64 18.58
CA LEU L 107 -53.88 17.62 19.96
C LEU L 107 -54.06 16.22 20.53
N GLU L 108 -53.72 15.16 19.80
CA GLU L 108 -53.64 13.85 20.41
C GLU L 108 -52.33 13.64 21.14
N GLN L 109 -51.23 14.05 20.51
CA GLN L 109 -49.87 13.67 20.95
C GLN L 109 -49.49 14.11 22.35
N GLU L 110 -50.00 15.22 22.87
CA GLU L 110 -49.86 15.40 24.30
C GLU L 110 -50.62 14.31 25.01
N PHE L 111 -51.94 14.39 24.99
CA PHE L 111 -52.71 13.74 26.04
C PHE L 111 -52.45 12.24 26.14
N LEU L 112 -51.96 11.60 25.07
CA LEU L 112 -51.58 10.19 25.17
C LEU L 112 -50.52 10.01 26.25
N GLY L 113 -49.45 10.79 26.15
CA GLY L 113 -48.31 10.80 27.03
C GLY L 113 -48.61 11.22 28.47
N ASP L 114 -48.45 12.51 28.76
CA ASP L 114 -48.81 13.12 30.05
C ASP L 114 -50.17 12.69 30.60
N PRO L 115 -50.23 11.82 31.61
CA PRO L 115 -51.53 11.43 32.15
C PRO L 115 -52.30 12.55 32.83
N HIS L 116 -51.66 13.65 33.23
CA HIS L 116 -52.24 14.65 34.14
C HIS L 116 -52.89 15.87 33.48
N LEU L 117 -52.56 16.19 32.23
CA LEU L 117 -53.12 17.37 31.56
C LEU L 117 -54.65 17.38 31.54
N SER L 118 -55.25 18.47 32.04
CA SER L 118 -56.69 18.66 32.10
C SER L 118 -57.17 19.54 30.93
N ILE L 119 -58.47 19.48 30.62
CA ILE L 119 -58.97 20.11 29.39
C ILE L 119 -58.68 21.60 29.32
N SER L 120 -58.49 22.27 30.45
CA SER L 120 -57.98 23.64 30.44
C SER L 120 -56.73 23.81 29.59
N HIS L 121 -55.89 22.79 29.44
CA HIS L 121 -54.79 22.97 28.49
C HIS L 121 -55.30 23.28 27.08
N VAL L 122 -56.37 22.61 26.64
CA VAL L 122 -56.87 22.74 25.26
C VAL L 122 -57.25 24.16 24.92
N ASN L 123 -57.67 24.93 25.91
CA ASN L 123 -58.00 26.33 25.68
C ASN L 123 -56.79 27.25 25.63
N TYR L 124 -55.69 27.00 26.33
CA TYR L 124 -54.49 27.73 25.95
C TYR L 124 -54.20 27.53 24.47
N PHE L 125 -54.39 26.29 23.99
CA PHE L 125 -54.03 25.92 22.62
C PHE L 125 -54.97 26.49 21.54
N LEU L 126 -56.26 26.10 21.55
CA LEU L 126 -57.15 26.50 20.45
C LEU L 126 -57.57 27.97 20.45
N ASP L 127 -57.44 28.71 21.53
CA ASP L 127 -57.93 30.08 21.51
C ASP L 127 -57.13 31.02 20.61
N GLN L 128 -56.13 30.55 19.86
CA GLN L 128 -55.74 31.28 18.64
C GLN L 128 -56.88 31.38 17.63
N PHE L 129 -57.71 30.32 17.52
CA PHE L 129 -58.82 30.27 16.59
C PHE L 129 -60.08 31.00 17.07
N GLN L 130 -60.18 31.31 18.34
CA GLN L 130 -61.40 31.97 18.82
C GLN L 130 -61.54 33.41 18.33
N LEU L 131 -60.49 34.02 17.79
CA LEU L 131 -60.62 35.26 17.03
C LEU L 131 -61.09 35.04 15.60
N LEU L 132 -60.84 33.84 15.05
CA LEU L 132 -60.96 33.57 13.62
C LEU L 132 -62.30 32.97 13.20
N PHE L 133 -62.69 31.82 13.80
CA PHE L 133 -63.88 31.06 13.33
C PHE L 133 -65.19 31.86 13.40
N PRO L 134 -65.61 32.54 14.48
CA PRO L 134 -66.92 33.20 14.50
C PRO L 134 -66.95 34.50 13.74
N SER L 135 -65.79 35.15 13.57
CA SER L 135 -65.69 36.20 12.56
C SER L 135 -65.86 35.65 11.13
N VAL L 136 -65.02 34.71 10.69
CA VAL L 136 -65.20 34.21 9.32
C VAL L 136 -66.53 33.51 9.13
N MET L 137 -67.14 33.01 10.20
CA MET L 137 -68.51 32.52 10.13
C MET L 137 -69.50 33.57 9.62
N VAL L 138 -69.29 34.87 9.87
CA VAL L 138 -70.24 35.83 9.29
C VAL L 138 -70.13 35.96 7.77
N VAL L 139 -69.03 35.57 7.12
CA VAL L 139 -68.96 35.74 5.67
C VAL L 139 -69.77 34.69 4.92
N VAL L 140 -69.68 33.40 5.27
CA VAL L 140 -70.65 32.49 4.64
C VAL L 140 -72.05 32.63 5.22
N GLU L 141 -72.22 33.02 6.47
CA GLU L 141 -73.60 33.29 6.89
C GLU L 141 -74.18 34.45 6.10
N GLN L 142 -73.38 35.46 5.77
CA GLN L 142 -73.85 36.54 4.89
C GLN L 142 -74.15 36.05 3.46
N ILE L 143 -73.20 35.36 2.82
CA ILE L 143 -73.36 34.78 1.48
C ILE L 143 -74.56 33.82 1.44
N LYS L 144 -74.88 33.18 2.58
CA LYS L 144 -76.01 32.26 2.69
C LYS L 144 -77.33 32.93 3.07
N SER L 145 -77.28 34.04 3.81
CA SER L 145 -78.48 34.75 4.26
C SER L 145 -78.98 35.77 3.24
N GLN L 146 -78.07 36.52 2.63
CA GLN L 146 -78.29 37.12 1.32
C GLN L 146 -78.19 36.03 0.25
N LYS L 147 -78.13 36.41 -1.03
CA LYS L 147 -77.44 35.61 -2.04
C LYS L 147 -76.44 36.48 -2.77
N ILE L 148 -75.29 35.89 -3.12
CA ILE L 148 -74.16 36.55 -3.80
C ILE L 148 -73.64 35.58 -4.88
N HIS L 149 -73.34 36.08 -6.08
CA HIS L 149 -73.04 35.27 -7.27
C HIS L 149 -71.85 35.82 -8.06
N GLY L 150 -71.26 35.01 -8.94
CA GLY L 150 -70.21 35.44 -9.86
C GLY L 150 -69.01 36.10 -9.19
N CYS L 151 -68.35 37.01 -9.91
CA CYS L 151 -67.33 37.88 -9.32
C CYS L 151 -67.83 38.81 -8.21
N GLN L 152 -69.12 38.81 -7.81
CA GLN L 152 -69.51 39.59 -6.64
C GLN L 152 -69.08 38.87 -5.35
N ILE L 153 -68.83 37.55 -5.38
CA ILE L 153 -68.15 36.86 -4.26
C ILE L 153 -66.79 37.52 -4.00
N LEU L 154 -66.02 37.80 -5.05
CA LEU L 154 -64.74 38.51 -5.02
C LEU L 154 -64.86 40.00 -4.63
N GLU L 155 -66.01 40.46 -4.15
CA GLU L 155 -66.10 41.72 -3.41
C GLU L 155 -66.30 41.52 -1.91
N THR L 156 -67.30 40.73 -1.48
CA THR L 156 -67.57 40.67 -0.03
C THR L 156 -66.36 40.14 0.71
N VAL L 157 -65.63 39.22 0.09
CA VAL L 157 -64.32 38.75 0.54
C VAL L 157 -63.42 39.93 0.89
N TYR L 158 -63.22 40.85 -0.05
CA TYR L 158 -62.36 42.02 0.20
C TYR L 158 -62.94 43.01 1.19
N LYS L 159 -64.25 43.26 1.19
CA LYS L 159 -64.82 44.19 2.16
C LYS L 159 -64.77 43.67 3.60
N HIS L 160 -64.73 42.36 3.83
CA HIS L 160 -64.42 41.83 5.15
C HIS L 160 -62.92 41.69 5.40
N SER L 161 -62.09 41.63 4.35
CA SER L 161 -60.65 41.64 4.52
C SER L 161 -60.14 42.93 5.16
N CYS L 162 -60.81 44.05 4.91
CA CYS L 162 -60.50 45.32 5.54
C CYS L 162 -60.93 45.40 7.02
N GLY L 163 -60.43 44.48 7.84
CA GLY L 163 -60.74 44.41 9.25
C GLY L 163 -59.54 44.80 10.13
N GLY L 164 -59.80 44.88 11.43
CA GLY L 164 -58.74 45.17 12.39
C GLY L 164 -57.90 43.96 12.75
N LEU L 165 -58.55 42.91 13.25
CA LEU L 165 -57.98 41.65 13.73
C LEU L 165 -56.99 41.05 12.75
N PRO L 166 -55.70 40.99 13.03
CA PRO L 166 -54.75 40.37 12.08
C PRO L 166 -54.93 38.87 11.82
N PRO L 167 -55.53 38.06 12.72
CA PRO L 167 -55.93 36.71 12.27
C PRO L 167 -56.94 36.73 11.14
N VAL L 168 -58.08 37.40 11.32
CA VAL L 168 -59.13 37.36 10.31
C VAL L 168 -58.67 38.07 9.05
N ARG L 169 -57.97 39.17 9.20
CA ARG L 169 -57.34 39.86 8.07
C ARG L 169 -56.24 39.10 7.35
N SER L 170 -55.95 37.86 7.72
CA SER L 170 -55.19 37.02 6.79
C SER L 170 -55.76 35.62 6.58
N ALA L 171 -56.82 35.23 7.29
CA ALA L 171 -57.72 34.21 6.73
C ALA L 171 -58.31 34.64 5.39
N LEU L 172 -59.12 35.71 5.37
CA LEU L 172 -59.79 36.15 4.13
C LEU L 172 -58.91 36.97 3.22
N GLU L 173 -57.64 36.64 3.16
CA GLU L 173 -56.72 37.19 2.17
C GLU L 173 -56.06 36.02 1.44
N LYS L 174 -55.89 34.90 2.12
CA LYS L 174 -55.71 33.62 1.45
C LYS L 174 -56.95 33.17 0.66
N ILE L 175 -58.16 33.16 1.26
CA ILE L 175 -59.28 32.86 0.36
C ILE L 175 -59.40 33.90 -0.74
N LEU L 176 -59.02 35.14 -0.49
CA LEU L 176 -59.07 36.09 -1.60
C LEU L 176 -58.17 35.66 -2.74
N ALA L 177 -56.93 35.25 -2.48
CA ALA L 177 -56.06 34.98 -3.62
C ALA L 177 -56.38 33.67 -4.34
N VAL L 178 -56.97 32.66 -3.68
CA VAL L 178 -57.31 31.40 -4.36
C VAL L 178 -58.55 31.54 -5.24
N CYS L 179 -59.54 32.35 -4.84
CA CYS L 179 -60.68 32.66 -5.72
C CYS L 179 -60.32 33.72 -6.78
N HIS L 180 -59.41 34.67 -6.51
CA HIS L 180 -58.82 35.49 -7.59
C HIS L 180 -58.07 34.64 -8.62
N GLY L 181 -57.52 33.47 -8.26
CA GLY L 181 -57.04 32.51 -9.23
C GLY L 181 -58.01 32.18 -10.36
N VAL L 182 -59.32 32.10 -10.08
CA VAL L 182 -60.37 31.85 -11.09
C VAL L 182 -60.57 33.08 -11.98
N MET L 183 -60.73 34.26 -11.38
CA MET L 183 -60.86 35.51 -12.12
C MET L 183 -59.65 35.74 -13.01
N TYR L 184 -58.43 35.43 -12.53
CA TYR L 184 -57.25 35.62 -13.36
C TYR L 184 -57.26 34.69 -14.56
N LYS L 185 -57.83 33.49 -14.42
CA LYS L 185 -57.83 32.59 -15.56
C LYS L 185 -58.95 32.89 -16.55
N GLN L 186 -60.20 33.05 -16.09
CA GLN L 186 -61.31 33.41 -16.96
C GLN L 186 -60.98 34.67 -17.77
N LEU L 187 -60.39 35.66 -17.10
CA LEU L 187 -59.77 36.81 -17.74
C LEU L 187 -58.32 36.51 -18.19
N SER L 188 -58.03 35.27 -18.64
CA SER L 188 -56.83 34.92 -19.39
C SER L 188 -57.20 34.16 -20.66
N ALA L 189 -58.27 33.36 -20.62
CA ALA L 189 -58.95 32.98 -21.85
C ALA L 189 -59.35 34.24 -22.57
N TRP L 190 -60.25 34.99 -21.95
CA TRP L 190 -60.85 36.17 -22.58
C TRP L 190 -59.85 37.11 -23.25
N MET L 191 -58.76 37.49 -22.59
CA MET L 191 -57.76 38.28 -23.32
C MET L 191 -56.98 37.43 -24.34
N LEU L 192 -56.20 36.45 -23.89
CA LEU L 192 -55.11 35.96 -24.73
C LEU L 192 -55.59 35.21 -25.97
N HIS L 193 -56.54 34.28 -25.80
CA HIS L 193 -57.10 33.54 -26.92
C HIS L 193 -58.21 34.26 -27.63
N GLY L 194 -58.74 35.32 -27.02
CA GLY L 194 -59.99 35.87 -27.45
C GLY L 194 -61.14 34.94 -27.21
N LEU L 195 -60.87 33.77 -26.63
CA LEU L 195 -61.90 32.77 -26.45
C LEU L 195 -62.96 33.35 -25.52
N LEU L 196 -64.21 33.32 -25.98
CA LEU L 196 -65.27 34.02 -25.30
C LEU L 196 -65.50 33.50 -23.88
N LEU L 197 -66.39 34.22 -23.19
CA LEU L 197 -66.83 33.91 -21.84
C LEU L 197 -67.13 32.43 -21.68
N ASP L 198 -66.40 31.78 -20.76
CA ASP L 198 -66.52 30.36 -20.53
C ASP L 198 -67.69 29.99 -19.63
N GLN L 199 -68.27 30.94 -18.92
CA GLN L 199 -68.96 30.70 -17.65
C GLN L 199 -70.43 31.11 -17.64
N HIS L 200 -71.26 30.31 -16.98
CA HIS L 200 -72.69 30.57 -16.73
C HIS L 200 -72.89 31.56 -15.57
N GLU L 201 -72.36 32.79 -15.70
CA GLU L 201 -72.37 33.83 -14.65
C GLU L 201 -73.77 33.99 -14.04
N GLU L 202 -73.91 33.72 -12.75
CA GLU L 202 -75.19 33.25 -12.19
C GLU L 202 -76.22 34.37 -12.02
N GLN L 256 -71.05 42.73 -29.97
CA GLN L 256 -71.48 41.37 -29.67
C GLN L 256 -71.75 41.13 -28.17
N PHE L 257 -70.80 41.44 -27.28
CA PHE L 257 -71.03 41.30 -25.83
C PHE L 257 -70.92 42.61 -25.08
N SER L 258 -71.65 42.65 -23.97
CA SER L 258 -71.66 43.74 -23.01
C SER L 258 -70.41 43.80 -22.16
N LEU L 259 -70.38 44.83 -21.34
CA LEU L 259 -69.69 44.85 -20.06
C LEU L 259 -70.83 44.75 -19.04
N ARG L 260 -70.81 43.73 -18.19
CA ARG L 260 -71.77 43.61 -17.10
C ARG L 260 -71.54 44.74 -16.09
N VAL L 261 -72.55 45.01 -15.23
CA VAL L 261 -72.37 46.06 -14.23
C VAL L 261 -72.67 45.59 -12.80
N GLU L 262 -73.59 44.63 -12.62
CA GLU L 262 -73.94 44.07 -11.31
C GLU L 262 -72.88 43.15 -10.72
N ILE L 263 -71.89 42.77 -11.51
CA ILE L 263 -70.90 41.74 -11.20
C ILE L 263 -69.59 42.25 -11.78
N LEU L 264 -69.23 43.43 -11.32
CA LEU L 264 -67.95 44.05 -11.65
C LEU L 264 -67.43 44.62 -10.35
N PRO L 265 -66.73 43.79 -9.57
CA PRO L 265 -66.49 44.12 -8.16
C PRO L 265 -65.70 45.41 -8.03
N SER L 266 -66.01 46.19 -7.00
CA SER L 266 -65.84 47.65 -7.03
C SER L 266 -64.35 48.15 -7.09
N TYR L 267 -63.33 47.31 -7.23
CA TYR L 267 -61.97 47.70 -7.57
C TYR L 267 -61.65 47.44 -9.05
N ILE L 268 -62.63 47.00 -9.82
CA ILE L 268 -62.51 46.94 -11.28
C ILE L 268 -63.42 48.02 -11.85
N PRO L 269 -62.93 49.23 -12.06
CA PRO L 269 -63.77 50.29 -12.62
C PRO L 269 -64.06 50.04 -14.10
N VAL L 270 -65.20 50.54 -14.56
CA VAL L 270 -65.63 50.22 -15.92
C VAL L 270 -64.62 50.62 -16.99
N ARG L 271 -63.67 51.51 -16.67
CA ARG L 271 -62.53 51.74 -17.56
C ARG L 271 -61.73 50.47 -17.86
N VAL L 272 -61.26 49.77 -16.82
CA VAL L 272 -60.44 48.60 -17.09
C VAL L 272 -61.30 47.48 -17.67
N ALA L 273 -62.57 47.41 -17.28
CA ALA L 273 -63.45 46.40 -17.84
C ALA L 273 -63.79 46.66 -19.30
N GLU L 274 -63.95 47.91 -19.73
CA GLU L 274 -64.14 48.15 -21.16
C GLU L 274 -62.83 48.02 -21.94
N LYS L 275 -61.67 48.31 -21.33
CA LYS L 275 -60.42 47.88 -21.93
C LYS L 275 -60.40 46.36 -22.12
N ILE L 276 -60.78 45.63 -21.08
CA ILE L 276 -60.82 44.17 -21.15
C ILE L 276 -61.83 43.71 -22.19
N LEU L 277 -63.00 44.35 -22.25
CA LEU L 277 -63.96 44.05 -23.30
C LEU L 277 -63.37 44.33 -24.68
N PHE L 278 -62.83 45.52 -24.92
CA PHE L 278 -62.27 45.77 -26.25
C PHE L 278 -61.11 44.84 -26.56
N VAL L 279 -60.29 44.51 -25.57
CA VAL L 279 -59.21 43.56 -25.76
C VAL L 279 -59.78 42.19 -26.14
N GLY L 280 -60.50 41.57 -25.22
CA GLY L 280 -61.06 40.27 -25.50
C GLY L 280 -62.04 40.21 -26.66
N GLU L 281 -62.80 41.28 -26.91
CA GLU L 281 -63.57 41.33 -28.16
C GLU L 281 -62.69 41.42 -29.39
N SER L 282 -61.74 42.36 -29.43
CA SER L 282 -61.11 42.66 -30.70
C SER L 282 -59.99 41.68 -31.06
N VAL L 283 -59.68 40.72 -30.19
CA VAL L 283 -58.86 39.58 -30.57
C VAL L 283 -59.58 38.65 -31.54
N GLN L 284 -60.91 38.67 -31.55
CA GLN L 284 -61.70 37.92 -32.53
C GLN L 284 -61.68 38.51 -33.95
N MET L 285 -60.50 38.88 -34.44
CA MET L 285 -60.30 39.46 -35.77
C MET L 285 -59.14 38.76 -36.46
N SER L 298 -54.35 41.11 -34.10
CA SER L 298 -54.57 39.94 -33.25
C SER L 298 -53.34 39.01 -33.20
N ILE L 299 -52.14 39.58 -33.38
CA ILE L 299 -50.86 38.87 -33.31
C ILE L 299 -50.51 38.42 -31.89
N LEU L 300 -51.37 38.78 -30.92
CA LEU L 300 -51.40 38.26 -29.56
C LEU L 300 -51.19 36.75 -29.44
N LYS L 301 -51.72 36.04 -30.44
CA LYS L 301 -51.52 34.60 -30.65
C LYS L 301 -50.07 34.14 -30.65
N ASN L 302 -49.15 35.00 -31.06
CA ASN L 302 -47.71 34.72 -31.00
C ASN L 302 -47.16 34.98 -29.60
N GLN L 303 -47.47 36.14 -29.05
CA GLN L 303 -47.03 36.63 -27.74
C GLN L 303 -47.64 35.85 -26.57
N GLU L 304 -48.55 34.90 -26.82
CA GLU L 304 -49.41 34.34 -25.78
C GLU L 304 -48.65 33.90 -24.52
N ASP L 305 -47.68 32.99 -24.65
CA ASP L 305 -47.03 32.45 -23.45
C ASP L 305 -46.37 33.54 -22.63
N THR L 306 -45.73 34.52 -23.28
CA THR L 306 -45.13 35.65 -22.58
C THR L 306 -46.16 36.37 -21.73
N PHE L 307 -47.32 36.65 -22.31
CA PHE L 307 -48.37 37.34 -21.60
C PHE L 307 -49.03 36.41 -20.58
N ALA L 308 -49.02 35.09 -20.84
CA ALA L 308 -49.57 34.14 -19.88
C ALA L 308 -48.68 34.02 -18.64
N ALA L 309 -47.36 34.05 -18.84
CA ALA L 309 -46.44 34.06 -17.71
C ALA L 309 -46.64 35.31 -16.87
N GLU L 310 -46.72 36.45 -17.53
CA GLU L 310 -47.02 37.72 -16.86
C GLU L 310 -48.32 37.66 -16.09
N LEU L 311 -49.36 37.10 -16.69
CA LEU L 311 -50.59 36.88 -15.95
C LEU L 311 -50.42 35.89 -14.81
N HIS L 312 -49.65 34.83 -15.03
CA HIS L 312 -49.50 33.79 -14.02
C HIS L 312 -48.78 34.34 -12.79
N ARG L 313 -47.76 35.16 -13.04
CA ARG L 313 -47.06 35.89 -11.99
C ARG L 313 -48.01 36.60 -11.04
N LEU L 314 -49.01 37.31 -11.57
CA LEU L 314 -49.99 37.95 -10.70
C LEU L 314 -50.79 36.95 -9.90
N LYS L 315 -51.01 35.75 -10.47
CA LYS L 315 -52.00 34.84 -9.92
C LYS L 315 -51.61 34.31 -8.55
N GLN L 316 -50.32 34.19 -8.29
CA GLN L 316 -49.79 33.56 -7.08
C GLN L 316 -49.47 34.52 -5.95
N GLN L 317 -49.19 35.79 -6.26
CA GLN L 317 -48.92 36.77 -5.20
C GLN L 317 -50.09 36.86 -4.22
N PRO L 318 -49.81 36.89 -2.92
CA PRO L 318 -50.83 36.61 -1.89
C PRO L 318 -51.68 37.80 -1.49
N LEU L 319 -51.53 38.90 -2.23
CA LEU L 319 -52.00 40.23 -1.83
C LEU L 319 -52.25 41.03 -3.11
N PHE L 320 -53.52 41.29 -3.47
CA PHE L 320 -53.88 41.84 -4.79
C PHE L 320 -53.43 43.29 -4.96
N SER L 321 -52.49 43.50 -5.89
CA SER L 321 -52.00 44.82 -6.33
C SER L 321 -52.77 45.35 -7.55
N LEU L 322 -53.75 46.23 -7.34
CA LEU L 322 -54.42 46.81 -8.51
C LEU L 322 -53.44 47.56 -9.41
N VAL L 323 -52.37 48.12 -8.87
CA VAL L 323 -51.42 48.82 -9.74
C VAL L 323 -50.81 47.86 -10.76
N ASP L 324 -50.47 46.63 -10.35
CA ASP L 324 -49.83 45.72 -11.31
C ASP L 324 -50.83 45.06 -12.24
N PHE L 325 -52.07 44.84 -11.78
CA PHE L 325 -53.06 44.12 -12.59
C PHE L 325 -53.25 44.70 -13.98
N GLU L 326 -53.47 46.01 -14.07
CA GLU L 326 -53.97 46.61 -15.30
C GLU L 326 -52.89 46.76 -16.38
N GLN L 327 -51.61 46.72 -16.01
CA GLN L 327 -50.53 46.95 -16.97
C GLN L 327 -50.40 45.81 -17.96
N VAL L 328 -50.81 44.60 -17.58
CA VAL L 328 -50.89 43.50 -18.54
C VAL L 328 -51.97 43.79 -19.59
N VAL L 329 -53.17 44.14 -19.12
CA VAL L 329 -54.29 44.44 -20.00
C VAL L 329 -53.95 45.58 -20.96
N ASP L 330 -53.47 46.69 -20.44
CA ASP L 330 -53.22 47.81 -21.34
C ASP L 330 -52.07 47.55 -22.31
N ARG L 331 -51.15 46.64 -21.98
CA ARG L 331 -50.17 46.22 -22.98
C ARG L 331 -50.75 45.22 -23.97
N ILE L 332 -51.66 44.35 -23.56
CA ILE L 332 -52.39 43.54 -24.54
C ILE L 332 -53.21 44.45 -25.45
N ARG L 333 -53.98 45.36 -24.86
CA ARG L 333 -54.72 46.35 -25.64
C ARG L 333 -53.81 47.08 -26.62
N SER L 334 -52.78 47.75 -26.11
CA SER L 334 -51.83 48.44 -26.97
C SER L 334 -51.00 47.52 -27.85
N THR L 335 -51.20 46.21 -27.81
CA THR L 335 -50.72 45.33 -28.89
C THR L 335 -51.86 44.90 -29.83
N VAL L 336 -52.92 44.23 -29.34
CA VAL L 336 -54.00 43.86 -30.25
C VAL L 336 -54.59 45.08 -30.95
N ALA L 337 -54.80 46.19 -30.24
CA ALA L 337 -55.26 47.40 -30.91
C ALA L 337 -54.19 48.03 -31.79
N GLU L 338 -52.91 47.75 -31.55
CA GLU L 338 -51.87 48.19 -32.48
C GLU L 338 -51.71 47.19 -33.62
N HIS L 339 -52.11 45.93 -33.39
CA HIS L 339 -52.19 44.96 -34.48
C HIS L 339 -53.38 45.27 -35.37
N LEU L 340 -54.48 45.72 -34.77
CA LEU L 340 -55.58 46.33 -35.52
C LEU L 340 -55.18 47.66 -36.15
N TRP L 341 -54.36 48.48 -35.48
CA TRP L 341 -53.87 49.67 -36.18
C TRP L 341 -53.00 49.27 -37.36
N LYS L 342 -52.00 48.40 -37.12
CA LYS L 342 -51.20 47.88 -38.22
C LYS L 342 -52.06 47.22 -39.29
N LEU L 343 -53.17 46.61 -38.87
CA LEU L 343 -54.07 45.97 -39.83
C LEU L 343 -54.87 47.03 -40.59
N MET L 344 -55.47 47.97 -39.85
CA MET L 344 -56.35 48.95 -40.46
C MET L 344 -55.64 49.86 -41.46
N VAL L 345 -54.39 50.22 -41.18
CA VAL L 345 -53.73 51.14 -42.10
C VAL L 345 -53.27 50.41 -43.35
N GLU L 346 -52.48 49.35 -43.18
CA GLU L 346 -51.81 48.76 -44.33
C GLU L 346 -52.61 47.68 -45.02
N GLU L 347 -53.61 47.09 -44.36
CA GLU L 347 -54.35 45.96 -44.93
C GLU L 347 -55.77 46.34 -45.31
N SER L 348 -56.42 47.22 -44.55
CA SER L 348 -57.75 47.71 -44.89
C SER L 348 -57.69 48.89 -45.86
N ASP L 349 -56.54 49.56 -45.92
CA ASP L 349 -56.34 50.82 -46.65
C ASP L 349 -57.40 51.85 -46.30
N LEU L 350 -57.38 52.23 -45.01
CA LEU L 350 -58.38 53.14 -44.48
C LEU L 350 -58.18 54.56 -44.98
N LEU L 351 -56.94 54.93 -45.30
CA LEU L 351 -56.67 56.29 -45.73
C LEU L 351 -57.17 56.53 -47.16
N GLY L 352 -57.27 55.47 -47.96
CA GLY L 352 -57.94 55.56 -49.25
C GLY L 352 -59.44 55.41 -49.17
N GLN L 353 -59.93 54.42 -48.42
CA GLN L 353 -61.32 53.97 -48.61
C GLN L 353 -62.29 55.13 -48.34
N LEU L 354 -61.95 56.00 -47.38
CA LEU L 354 -62.75 57.19 -47.11
C LEU L 354 -62.89 58.13 -48.31
N LYS L 355 -61.95 58.11 -49.27
CA LYS L 355 -62.09 58.89 -50.49
C LYS L 355 -63.32 58.49 -51.31
N ILE L 356 -63.63 57.19 -51.35
CA ILE L 356 -64.85 56.75 -52.04
C ILE L 356 -66.09 57.23 -51.32
N ILE L 357 -66.13 57.11 -50.00
CA ILE L 357 -67.31 57.57 -49.27
C ILE L 357 -67.48 59.08 -49.39
N LYS L 358 -66.38 59.83 -49.39
CA LYS L 358 -66.46 61.26 -49.70
C LYS L 358 -67.02 61.52 -51.10
N ASP L 359 -66.47 60.85 -52.12
CA ASP L 359 -66.92 61.11 -53.48
C ASP L 359 -68.43 61.05 -53.60
N PHE L 360 -69.06 60.08 -52.95
CA PHE L 360 -70.50 59.88 -53.09
C PHE L 360 -71.32 60.51 -51.96
N TYR L 361 -71.04 60.20 -50.68
CA TYR L 361 -71.87 60.75 -49.59
C TYR L 361 -71.70 62.25 -49.37
N LEU L 362 -70.53 62.79 -49.68
CA LEU L 362 -70.27 64.22 -49.52
C LEU L 362 -70.27 64.93 -50.87
N LEU L 363 -70.88 64.28 -51.87
CA LEU L 363 -71.00 64.74 -53.26
C LEU L 363 -69.67 65.21 -53.86
N GLY L 364 -68.55 64.72 -53.31
CA GLY L 364 -67.26 65.22 -53.76
C GLY L 364 -67.03 65.02 -55.24
N ARG L 365 -67.64 63.98 -55.83
CA ARG L 365 -67.63 63.77 -57.28
C ARG L 365 -68.66 64.69 -57.96
N GLY L 366 -68.34 65.98 -57.94
CA GLY L 366 -69.29 67.00 -58.35
C GLY L 366 -69.88 66.82 -59.74
N GLU L 367 -69.12 66.25 -60.68
CA GLU L 367 -69.68 65.95 -62.00
C GLU L 367 -70.83 64.97 -61.92
N LEU L 368 -70.58 63.78 -61.39
CA LEU L 368 -71.63 62.80 -61.41
C LEU L 368 -72.79 63.18 -60.52
N PHE L 369 -72.62 64.15 -59.62
CA PHE L 369 -73.77 64.70 -58.90
C PHE L 369 -74.44 65.90 -59.59
N GLN L 370 -73.68 66.81 -60.22
CA GLN L 370 -74.34 67.85 -61.00
C GLN L 370 -75.11 67.21 -62.14
N ALA L 371 -74.45 66.33 -62.88
CA ALA L 371 -75.16 65.53 -63.86
C ALA L 371 -76.21 64.61 -63.23
N PHE L 372 -76.11 64.26 -61.93
CA PHE L 372 -77.23 63.50 -61.37
C PHE L 372 -78.42 64.40 -61.06
N ILE L 373 -78.20 65.61 -60.54
CA ILE L 373 -79.36 66.49 -60.40
C ILE L 373 -79.93 66.88 -61.76
N ASP L 374 -79.09 67.06 -62.79
CA ASP L 374 -79.64 67.21 -64.14
C ASP L 374 -80.27 65.93 -64.69
N THR L 375 -79.64 64.76 -64.49
CA THR L 375 -80.18 63.57 -65.13
C THR L 375 -81.23 62.86 -64.27
N ALA L 376 -81.20 63.04 -62.95
CA ALA L 376 -82.19 62.44 -62.05
C ALA L 376 -83.28 63.44 -61.67
N GLN L 377 -83.31 64.58 -62.34
CA GLN L 377 -84.06 65.79 -61.97
C GLN L 377 -85.50 65.55 -61.50
N HIS L 378 -86.18 64.60 -62.12
CA HIS L 378 -87.59 64.32 -61.90
C HIS L 378 -87.88 63.55 -60.62
N MET L 379 -86.89 63.28 -59.80
CA MET L 379 -87.27 63.00 -58.41
C MET L 379 -87.86 64.31 -57.66
N LEU L 380 -88.12 65.37 -58.41
CA LEU L 380 -88.98 66.45 -57.93
C LEU L 380 -90.30 65.97 -57.31
N LYS L 381 -90.91 64.91 -57.85
CA LYS L 381 -92.22 64.48 -57.39
C LYS L 381 -92.10 63.50 -56.19
N THR L 382 -93.25 62.96 -55.73
CA THR L 382 -93.37 62.40 -54.37
C THR L 382 -93.76 60.91 -54.32
N PRO L 383 -93.00 60.03 -54.97
CA PRO L 383 -93.40 58.61 -55.12
C PRO L 383 -93.40 57.82 -53.82
N PRO L 384 -94.56 57.14 -53.48
CA PRO L 384 -94.61 56.28 -52.27
C PRO L 384 -94.03 54.88 -52.47
N THR L 385 -92.70 54.74 -52.32
CA THR L 385 -91.97 53.47 -52.38
C THR L 385 -92.19 52.77 -53.72
N ALA L 386 -92.04 53.55 -54.79
CA ALA L 386 -92.38 53.14 -56.14
C ALA L 386 -91.18 52.52 -56.86
N VAL L 387 -91.24 52.57 -58.19
CA VAL L 387 -90.17 52.15 -59.08
C VAL L 387 -89.01 53.14 -59.04
N THR L 388 -89.24 54.32 -58.49
CA THR L 388 -88.29 55.42 -58.59
C THR L 388 -86.99 55.12 -57.86
N GLU L 389 -87.00 54.25 -56.84
CA GLU L 389 -85.76 53.89 -56.16
C GLU L 389 -84.80 53.22 -57.13
N HIS L 390 -85.31 52.26 -57.91
CA HIS L 390 -84.49 51.64 -58.95
C HIS L 390 -84.18 52.64 -60.04
N ASP L 391 -85.12 53.56 -60.31
CA ASP L 391 -84.95 54.53 -61.37
C ASP L 391 -83.86 55.55 -61.01
N VAL L 392 -83.84 56.04 -59.76
CA VAL L 392 -82.79 56.99 -59.38
C VAL L 392 -81.43 56.29 -59.36
N ASN L 393 -81.39 55.02 -58.93
CA ASN L 393 -80.14 54.29 -58.99
C ASN L 393 -79.67 54.14 -60.44
N VAL L 394 -80.60 53.82 -61.36
CA VAL L 394 -80.28 53.81 -62.78
C VAL L 394 -79.77 55.17 -63.22
N ALA L 395 -80.43 56.23 -62.77
CA ALA L 395 -79.98 57.58 -63.08
C ALA L 395 -78.59 57.83 -62.53
N PHE L 396 -78.33 57.35 -61.31
CA PHE L 396 -77.01 57.48 -60.70
C PHE L 396 -75.93 56.75 -61.50
N GLN L 397 -76.18 55.51 -61.93
CA GLN L 397 -75.13 54.83 -62.70
C GLN L 397 -74.97 55.43 -64.10
N GLN L 398 -76.00 56.06 -64.67
CA GLN L 398 -75.76 56.88 -65.86
C GLN L 398 -74.84 58.03 -65.49
N SER L 399 -75.20 58.78 -64.45
CA SER L 399 -74.48 60.01 -64.14
C SER L 399 -73.03 59.70 -63.82
N ALA L 400 -72.79 58.58 -63.11
CA ALA L 400 -71.43 58.11 -62.84
C ALA L 400 -70.61 57.92 -64.11
N HIS L 401 -71.25 57.68 -65.23
CA HIS L 401 -70.57 57.45 -66.50
C HIS L 401 -70.56 58.66 -67.42
N LYS L 402 -71.03 59.81 -66.93
CA LYS L 402 -70.97 61.08 -67.70
C LYS L 402 -69.48 61.37 -67.93
N VAL L 403 -68.63 61.29 -66.90
CA VAL L 403 -67.17 61.33 -67.07
C VAL L 403 -66.62 59.98 -67.57
N LEU L 404 -67.42 58.92 -67.44
CA LEU L 404 -67.02 57.51 -67.59
C LEU L 404 -66.04 57.08 -66.50
N LEU L 405 -66.51 57.19 -65.24
CA LEU L 405 -65.76 56.72 -64.08
C LEU L 405 -65.78 55.19 -64.03
N ASP L 406 -64.59 54.56 -64.12
CA ASP L 406 -64.46 53.08 -64.14
C ASP L 406 -63.81 52.62 -62.84
N ASP L 407 -64.02 53.34 -61.74
CA ASP L 407 -63.47 52.97 -60.40
C ASP L 407 -64.63 52.56 -59.50
N ASP L 408 -64.55 51.37 -58.88
CA ASP L 408 -65.62 50.84 -57.99
C ASP L 408 -66.98 51.24 -58.61
N ASN L 409 -67.84 51.94 -57.87
CA ASN L 409 -69.20 52.37 -58.34
C ASN L 409 -70.19 51.23 -58.08
N LEU L 410 -69.71 50.02 -57.80
CA LEU L 410 -70.58 48.89 -57.46
C LEU L 410 -71.20 49.06 -56.07
N LEU L 411 -70.52 49.75 -55.14
CA LEU L 411 -70.90 49.76 -53.73
C LEU L 411 -71.92 50.84 -53.34
N PRO L 412 -71.77 52.11 -53.79
CA PRO L 412 -72.78 53.13 -53.45
C PRO L 412 -74.20 52.71 -53.77
N LEU L 413 -75.12 52.74 -52.80
CA LEU L 413 -76.52 52.48 -53.08
C LEU L 413 -77.39 53.60 -52.51
N LEU L 414 -78.07 54.33 -53.41
CA LEU L 414 -78.93 55.46 -53.06
C LEU L 414 -80.35 54.98 -52.74
N HIS L 415 -80.61 54.76 -51.45
CA HIS L 415 -81.94 54.33 -50.96
C HIS L 415 -82.94 55.47 -50.90
N LEU L 416 -84.22 55.12 -51.10
CA LEU L 416 -85.35 56.01 -50.83
C LEU L 416 -86.16 55.49 -49.65
N THR L 417 -86.23 56.27 -48.58
CA THR L 417 -87.06 55.92 -47.42
C THR L 417 -88.55 56.02 -47.72
N SER L 448 -92.00 66.40 -50.62
CA SER L 448 -91.41 65.25 -49.93
C SER L 448 -90.69 64.33 -50.92
N GLY L 449 -90.28 64.87 -52.07
CA GLY L 449 -89.56 64.08 -53.05
C GLY L 449 -88.16 63.71 -52.64
N TRP L 450 -87.19 64.60 -52.89
CA TRP L 450 -85.79 64.30 -52.62
C TRP L 450 -85.51 64.13 -51.13
N ALA L 451 -86.44 64.55 -50.26
CA ALA L 451 -86.43 64.27 -48.82
C ALA L 451 -86.68 62.79 -48.49
N ALA L 452 -85.99 61.90 -49.21
CA ALA L 452 -86.01 60.46 -48.95
C ALA L 452 -84.68 59.79 -49.30
N LEU L 453 -83.85 60.47 -50.11
CA LEU L 453 -82.64 59.90 -50.70
C LEU L 453 -81.49 59.82 -49.70
N GLY L 454 -81.34 58.64 -49.07
CA GLY L 454 -80.28 58.30 -48.13
C GLY L 454 -79.20 57.41 -48.72
N LEU L 455 -77.98 57.88 -48.95
CA LEU L 455 -76.93 56.98 -49.45
C LEU L 455 -76.61 55.89 -48.42
N SER L 456 -76.44 54.66 -48.93
CA SER L 456 -76.14 53.44 -48.16
C SER L 456 -75.00 52.66 -48.82
N TYR L 457 -74.17 51.99 -48.00
CA TYR L 457 -72.88 51.45 -48.43
C TYR L 457 -72.47 50.35 -47.45
N LYS L 458 -71.38 49.63 -47.76
CA LYS L 458 -71.07 48.35 -47.12
C LYS L 458 -69.54 48.14 -47.08
N VAL L 459 -69.09 47.38 -46.07
CA VAL L 459 -67.67 47.29 -45.71
C VAL L 459 -67.27 45.88 -45.26
N GLN L 460 -66.00 45.54 -45.48
CA GLN L 460 -65.37 44.25 -45.14
C GLN L 460 -65.11 44.15 -43.63
N TRP L 461 -66.08 43.59 -42.89
CA TRP L 461 -66.16 43.78 -41.44
C TRP L 461 -64.88 43.48 -40.65
N PRO L 462 -64.13 42.38 -40.89
CA PRO L 462 -62.85 42.22 -40.17
C PRO L 462 -61.87 43.37 -40.40
N LEU L 463 -61.93 44.00 -41.56
CA LEU L 463 -61.12 45.16 -41.92
C LEU L 463 -61.77 46.52 -41.67
N HIS L 464 -63.01 46.54 -41.20
CA HIS L 464 -63.76 47.78 -40.94
C HIS L 464 -64.77 47.57 -39.82
N ILE L 465 -64.35 47.81 -38.58
CA ILE L 465 -65.22 47.81 -37.40
C ILE L 465 -65.66 49.23 -37.05
N LEU L 466 -65.00 50.25 -37.64
CA LEU L 466 -65.26 51.68 -37.39
C LEU L 466 -66.64 52.12 -37.90
N PHE L 467 -66.92 51.99 -39.21
CA PHE L 467 -68.16 52.52 -39.81
C PHE L 467 -69.28 51.65 -39.36
N THR L 468 -69.44 51.53 -38.05
CA THR L 468 -70.40 50.60 -37.45
C THR L 468 -71.78 51.11 -37.65
N PRO L 469 -72.81 50.28 -37.47
CA PRO L 469 -74.16 50.80 -37.48
C PRO L 469 -74.12 52.00 -36.58
N ALA L 470 -74.74 53.12 -36.97
CA ALA L 470 -74.80 54.38 -36.19
C ALA L 470 -73.79 55.35 -36.77
N VAL L 471 -72.56 54.93 -36.93
CA VAL L 471 -71.49 55.82 -37.44
C VAL L 471 -71.66 55.91 -38.95
N LEU L 472 -72.73 55.34 -39.50
CA LEU L 472 -73.04 55.50 -40.94
C LEU L 472 -74.47 56.06 -41.05
N GLU L 473 -75.26 56.02 -39.99
CA GLU L 473 -76.60 56.64 -40.01
C GLU L 473 -76.40 58.13 -39.96
N LYS L 474 -75.67 58.60 -38.95
CA LYS L 474 -75.32 60.01 -38.81
C LYS L 474 -74.53 60.49 -40.02
N TYR L 475 -73.86 59.56 -40.71
CA TYR L 475 -73.23 59.82 -42.01
C TYR L 475 -74.24 60.16 -43.11
N ASN L 476 -75.33 59.37 -43.24
CA ASN L 476 -76.36 59.79 -44.19
C ASN L 476 -77.06 61.07 -43.75
N VAL L 477 -76.99 61.44 -42.48
CA VAL L 477 -77.72 62.63 -42.04
C VAL L 477 -77.05 63.92 -42.52
N VAL L 478 -75.77 63.93 -42.91
CA VAL L 478 -75.27 64.95 -43.84
C VAL L 478 -75.83 64.82 -45.28
N PHE L 479 -75.90 63.61 -45.87
CA PHE L 479 -76.17 63.50 -47.31
C PHE L 479 -77.53 64.05 -47.75
N LYS L 480 -78.60 63.71 -47.05
CA LYS L 480 -79.93 64.18 -47.45
C LYS L 480 -80.01 65.71 -47.51
N TYR L 481 -79.45 66.39 -46.52
CA TYR L 481 -79.34 67.84 -46.56
C TYR L 481 -78.45 68.32 -47.70
N LEU L 482 -77.27 67.72 -47.84
CA LEU L 482 -76.27 68.27 -48.76
C LEU L 482 -76.72 68.20 -50.21
N LEU L 483 -77.43 67.13 -50.60
CA LEU L 483 -78.02 67.09 -51.94
C LEU L 483 -79.20 68.05 -52.09
N SER L 484 -79.95 68.31 -51.03
CA SER L 484 -81.02 69.30 -51.12
C SER L 484 -80.50 70.69 -51.50
N VAL L 485 -79.35 71.10 -50.95
CA VAL L 485 -78.71 72.33 -51.39
C VAL L 485 -78.31 72.23 -52.85
N ARG L 486 -77.82 71.06 -53.27
CA ARG L 486 -77.33 70.90 -54.67
C ARG L 486 -78.46 71.13 -55.67
N ARG L 487 -79.72 70.81 -55.35
CA ARG L 487 -80.84 71.10 -56.23
C ARG L 487 -81.16 72.58 -56.27
N VAL L 488 -81.35 73.19 -55.10
CA VAL L 488 -81.67 74.61 -55.07
C VAL L 488 -80.57 75.42 -55.75
N GLN L 489 -79.31 75.04 -55.57
CA GLN L 489 -78.22 75.63 -56.35
C GLN L 489 -78.42 75.44 -57.86
N ALA L 490 -78.79 74.23 -58.30
CA ALA L 490 -78.95 73.97 -59.73
C ALA L 490 -80.10 74.80 -60.34
N GLU L 491 -81.22 74.90 -59.65
CA GLU L 491 -82.31 75.76 -60.11
C GLU L 491 -81.93 77.24 -60.07
N LEU L 492 -81.32 77.66 -58.96
CA LEU L 492 -80.99 79.07 -58.79
C LEU L 492 -79.94 79.56 -59.80
N GLN L 493 -79.01 78.69 -60.22
CA GLN L 493 -78.06 79.03 -61.28
C GLN L 493 -78.62 78.79 -62.67
N HIS L 494 -79.77 78.12 -62.80
CA HIS L 494 -80.56 78.26 -64.02
C HIS L 494 -81.23 79.63 -64.09
N CYS L 495 -81.48 80.18 -62.88
CA CYS L 495 -81.94 81.57 -62.75
C CYS L 495 -80.66 82.40 -62.95
N TRP L 496 -80.56 83.62 -62.42
CA TRP L 496 -79.44 84.49 -62.85
C TRP L 496 -79.63 84.38 -64.36
N ALA L 497 -80.87 84.06 -64.79
CA ALA L 497 -81.24 83.86 -66.17
C ALA L 497 -81.22 85.16 -66.96
N LEU L 498 -80.99 86.28 -66.27
CA LEU L 498 -80.79 87.57 -66.92
C LEU L 498 -79.65 87.57 -67.93
N GLN L 499 -78.56 86.87 -67.64
CA GLN L 499 -77.39 86.99 -68.51
C GLN L 499 -77.55 86.16 -69.77
N MET L 500 -78.38 85.13 -69.74
CA MET L 500 -78.55 84.29 -70.92
C MET L 500 -79.65 84.83 -71.85
N GLN L 501 -80.86 85.08 -71.34
CA GLN L 501 -81.92 85.58 -72.23
C GLN L 501 -82.98 86.51 -71.63
N ARG L 502 -83.26 86.45 -70.31
CA ARG L 502 -84.41 87.21 -69.79
C ARG L 502 -84.18 88.73 -69.75
N LYS L 503 -82.92 89.19 -69.73
CA LYS L 503 -82.56 90.59 -69.81
C LYS L 503 -81.36 90.82 -70.72
N HIS L 504 -80.82 89.76 -71.32
CA HIS L 504 -79.63 89.87 -72.15
C HIS L 504 -79.91 90.45 -73.54
N LEU L 505 -79.04 91.35 -73.98
CA LEU L 505 -79.10 92.11 -75.24
C LEU L 505 -80.33 93.00 -75.36
N LYS L 506 -81.49 92.57 -74.83
CA LYS L 506 -82.74 93.33 -74.88
C LYS L 506 -82.83 94.37 -73.75
N SER L 507 -83.64 95.43 -73.98
CA SER L 507 -83.95 96.36 -72.90
C SER L 507 -85.00 95.81 -71.93
N ASN L 508 -86.10 95.27 -72.46
CA ASN L 508 -87.25 94.76 -71.69
C ASN L 508 -87.79 95.80 -70.68
N GLN L 509 -87.72 95.56 -69.36
CA GLN L 509 -88.38 96.43 -68.39
C GLN L 509 -87.49 96.71 -67.15
N THR L 510 -87.90 97.71 -66.33
CA THR L 510 -87.03 98.34 -65.32
C THR L 510 -87.74 98.57 -63.99
N ASP L 511 -86.92 98.80 -62.93
CA ASP L 511 -87.29 99.17 -61.56
C ASP L 511 -88.34 98.24 -60.92
N ALA L 512 -89.62 98.61 -60.92
CA ALA L 512 -90.65 97.74 -60.33
C ALA L 512 -91.05 96.56 -61.21
N ILE L 513 -90.90 96.68 -62.54
CA ILE L 513 -91.43 95.70 -63.49
C ILE L 513 -90.34 94.67 -63.83
N LYS L 514 -89.97 93.86 -62.84
CA LYS L 514 -88.95 92.83 -62.96
C LYS L 514 -89.13 91.84 -61.82
N TRP L 515 -88.51 90.66 -61.93
CA TRP L 515 -88.21 89.89 -60.73
C TRP L 515 -87.07 90.61 -59.99
N ARG L 516 -87.25 90.84 -58.68
CA ARG L 516 -86.61 91.96 -58.00
C ARG L 516 -85.07 91.89 -57.90
N LEU L 517 -84.41 90.84 -58.44
CA LEU L 517 -82.97 90.58 -58.28
C LEU L 517 -82.49 90.52 -56.82
N ARG L 518 -83.42 90.36 -55.88
CA ARG L 518 -83.12 89.77 -54.57
C ARG L 518 -82.48 88.41 -54.69
N ASN L 519 -82.51 87.82 -55.87
CA ASN L 519 -81.57 86.78 -56.28
C ASN L 519 -80.15 86.96 -55.74
N HIS L 520 -79.60 88.18 -55.79
CA HIS L 520 -78.25 88.38 -55.27
C HIS L 520 -78.17 88.38 -53.74
N MET L 521 -79.25 88.73 -53.04
CA MET L 521 -79.26 88.59 -51.59
C MET L 521 -79.33 87.11 -51.19
N ALA L 522 -80.21 86.34 -51.86
CA ALA L 522 -80.27 84.90 -51.65
C ALA L 522 -78.97 84.22 -52.05
N PHE L 523 -78.41 84.61 -53.20
CA PHE L 523 -77.13 84.07 -53.64
C PHE L 523 -76.01 84.33 -52.63
N LEU L 524 -75.93 85.54 -52.04
CA LEU L 524 -74.92 85.77 -51.01
C LEU L 524 -75.08 84.83 -49.81
N VAL L 525 -76.29 84.74 -49.25
CA VAL L 525 -76.52 83.86 -48.10
C VAL L 525 -76.13 82.42 -48.44
N ASP L 526 -76.61 81.92 -49.58
CA ASP L 526 -76.30 80.57 -50.03
C ASP L 526 -74.81 80.35 -50.26
N ASN L 527 -74.20 81.21 -51.06
CA ASN L 527 -72.89 80.89 -51.58
C ASN L 527 -71.79 81.11 -50.55
N LEU L 528 -71.94 82.09 -49.65
CA LEU L 528 -71.00 82.20 -48.54
C LEU L 528 -71.23 81.09 -47.51
N GLN L 529 -72.47 80.60 -47.38
CA GLN L 529 -72.71 79.29 -46.75
C GLN L 529 -71.89 78.21 -47.44
N TYR L 530 -72.12 78.14 -48.67
CA TYR L 530 -71.51 77.02 -49.39
C TYR L 530 -70.01 77.01 -49.25
N TYR L 531 -69.36 78.16 -49.14
CA TYR L 531 -67.90 78.20 -48.89
C TYR L 531 -67.56 77.97 -47.40
N LEU L 532 -68.33 78.43 -46.43
CA LEU L 532 -68.09 78.01 -45.04
C LEU L 532 -68.14 76.46 -45.01
N GLN L 533 -69.05 75.83 -45.73
CA GLN L 533 -69.12 74.36 -45.75
C GLN L 533 -67.82 73.77 -46.23
N VAL L 534 -67.46 73.87 -47.47
CA VAL L 534 -66.27 73.20 -47.93
C VAL L 534 -65.00 73.60 -47.17
N ASP L 535 -64.97 74.76 -46.50
CA ASP L 535 -63.84 75.08 -45.63
C ASP L 535 -63.85 74.31 -44.30
N VAL L 536 -65.01 74.26 -43.61
CA VAL L 536 -65.19 73.34 -42.49
C VAL L 536 -64.81 71.91 -42.89
N LEU L 537 -65.37 71.41 -43.98
CA LEU L 537 -65.10 70.04 -44.40
C LEU L 537 -63.60 69.80 -44.57
N GLU L 538 -62.92 70.60 -45.39
CA GLU L 538 -61.51 70.32 -45.66
C GLU L 538 -60.63 70.52 -44.43
N SER L 539 -60.91 71.52 -43.60
CA SER L 539 -60.15 71.65 -42.35
C SER L 539 -60.33 70.43 -41.47
N GLN L 540 -61.56 69.97 -41.31
CA GLN L 540 -61.83 68.85 -40.42
C GLN L 540 -61.23 67.55 -40.97
N PHE L 541 -61.31 67.34 -42.29
CA PHE L 541 -60.69 66.17 -42.91
C PHE L 541 -59.18 66.19 -42.76
N SER L 542 -58.56 67.35 -42.93
CA SER L 542 -57.11 67.41 -42.80
C SER L 542 -56.70 67.13 -41.35
N GLN L 543 -57.52 67.57 -40.40
CA GLN L 543 -57.25 67.30 -38.99
C GLN L 543 -57.36 65.81 -38.71
N LEU L 544 -58.39 65.15 -39.24
CA LEU L 544 -58.54 63.71 -39.05
C LEU L 544 -57.36 62.95 -39.65
N LEU L 545 -56.95 63.31 -40.86
CA LEU L 545 -55.84 62.63 -41.50
C LEU L 545 -54.54 62.85 -40.75
N HIS L 546 -54.34 64.04 -40.19
CA HIS L 546 -53.09 64.31 -39.48
C HIS L 546 -53.06 63.61 -38.12
N GLN L 547 -54.23 63.43 -37.48
CA GLN L 547 -54.26 62.68 -36.23
C GLN L 547 -54.06 61.20 -36.49
N ILE L 548 -54.62 60.69 -37.58
CA ILE L 548 -54.55 59.27 -37.90
C ILE L 548 -53.14 58.89 -38.33
N ASN L 549 -52.45 59.76 -39.08
CA ASN L 549 -51.03 59.51 -39.37
C ASN L 549 -50.11 60.12 -38.32
N SER L 550 -50.50 60.04 -37.08
CA SER L 550 -49.61 60.21 -35.94
C SER L 550 -49.81 59.12 -34.91
N THR L 551 -51.06 58.76 -34.65
CA THR L 551 -51.44 57.88 -33.56
C THR L 551 -51.44 56.44 -34.05
N ARG L 552 -50.67 55.57 -33.40
CA ARG L 552 -50.59 54.16 -33.77
C ARG L 552 -51.45 53.25 -32.90
N ASP L 553 -52.44 53.78 -32.19
CA ASP L 553 -53.39 52.97 -31.45
C ASP L 553 -54.76 53.07 -32.11
N PHE L 554 -55.33 51.91 -32.47
CA PHE L 554 -56.67 51.87 -33.04
C PHE L 554 -57.72 52.61 -32.23
N GLU L 555 -57.66 52.55 -30.91
CA GLU L 555 -58.65 53.31 -30.15
C GLU L 555 -58.41 54.82 -30.23
N SER L 556 -57.16 55.25 -30.41
CA SER L 556 -56.93 56.66 -30.75
C SER L 556 -57.49 57.00 -32.12
N ILE L 557 -57.46 56.05 -33.06
CA ILE L 557 -58.12 56.25 -34.33
C ILE L 557 -59.63 56.38 -34.13
N ARG L 558 -60.21 55.53 -33.29
CA ARG L 558 -61.64 55.65 -32.99
C ARG L 558 -61.97 57.00 -32.38
N LEU L 559 -61.15 57.46 -31.42
CA LEU L 559 -61.41 58.74 -30.78
C LEU L 559 -61.25 59.89 -31.76
N ALA L 560 -60.23 59.83 -32.62
CA ALA L 560 -60.02 60.88 -33.60
C ALA L 560 -61.19 60.95 -34.57
N HIS L 561 -61.71 59.78 -34.96
CA HIS L 561 -62.80 59.75 -35.92
C HIS L 561 -64.10 60.20 -35.27
N ASP L 562 -64.31 59.88 -34.00
CA ASP L 562 -65.53 60.33 -33.34
C ASP L 562 -65.52 61.83 -33.17
N HIS L 563 -64.37 62.41 -32.87
CA HIS L 563 -64.29 63.86 -32.74
C HIS L 563 -64.40 64.53 -34.10
N PHE L 564 -63.88 63.89 -35.15
CA PHE L 564 -64.08 64.40 -36.51
C PHE L 564 -65.56 64.44 -36.84
N LEU L 565 -66.28 63.37 -36.55
CA LEU L 565 -67.70 63.31 -36.88
C LEU L 565 -68.49 64.33 -36.06
N SER L 566 -68.17 64.47 -34.77
CA SER L 566 -68.89 65.41 -33.92
C SER L 566 -68.57 66.85 -34.30
N ASN L 567 -67.33 67.11 -34.71
CA ASN L 567 -66.97 68.43 -35.21
C ASN L 567 -67.69 68.74 -36.54
N LEU L 568 -67.79 67.75 -37.43
CA LEU L 568 -68.49 67.98 -38.69
C LEU L 568 -70.00 68.14 -38.48
N LEU L 569 -70.55 67.59 -37.40
CA LEU L 569 -71.91 67.95 -37.06
C LEU L 569 -71.98 69.37 -36.53
N ALA L 570 -71.09 69.73 -35.61
CA ALA L 570 -71.27 70.95 -34.83
C ALA L 570 -70.93 72.21 -35.64
N GLN L 571 -69.84 72.17 -36.41
CA GLN L 571 -69.44 73.30 -37.24
C GLN L 571 -70.29 73.46 -38.49
N SER L 572 -70.96 72.40 -38.95
CA SER L 572 -71.89 72.47 -40.08
C SER L 572 -73.32 72.80 -39.66
N PHE L 573 -73.54 73.15 -38.39
CA PHE L 573 -74.82 73.61 -37.84
C PHE L 573 -75.96 72.58 -37.94
N ILE L 574 -75.67 71.31 -38.20
CA ILE L 574 -76.74 70.32 -38.42
C ILE L 574 -77.12 69.71 -37.08
N LEU L 575 -76.24 69.79 -36.08
CA LEU L 575 -76.62 69.65 -34.68
C LEU L 575 -77.70 70.64 -34.35
N LEU L 576 -78.73 70.17 -33.65
CA LEU L 576 -80.06 70.75 -33.76
C LEU L 576 -80.17 72.01 -32.91
N LYS L 577 -80.49 73.11 -33.59
CA LYS L 577 -80.49 74.45 -33.06
C LYS L 577 -81.59 75.22 -33.76
N PRO L 578 -82.05 76.34 -33.19
CA PRO L 578 -82.85 77.29 -33.98
C PRO L 578 -82.17 77.82 -35.23
N VAL L 579 -80.84 77.83 -35.26
CA VAL L 579 -80.07 78.18 -36.45
C VAL L 579 -80.44 77.27 -37.61
N PHE L 580 -80.56 75.96 -37.34
CA PHE L 580 -80.87 74.99 -38.37
C PHE L 580 -82.29 75.15 -38.87
N HIS L 581 -83.21 75.49 -37.97
CA HIS L 581 -84.61 75.65 -38.36
C HIS L 581 -84.77 76.88 -39.24
N CYS L 582 -84.12 77.98 -38.86
CA CYS L 582 -84.18 79.20 -39.65
C CYS L 582 -83.52 79.03 -41.01
N LEU L 583 -82.42 78.27 -41.07
CA LEU L 583 -81.85 77.92 -42.37
C LEU L 583 -82.81 77.06 -43.19
N ASN L 584 -83.59 76.18 -42.54
CA ASN L 584 -84.54 75.36 -43.28
C ASN L 584 -85.61 76.22 -43.92
N GLU L 585 -86.12 77.24 -43.22
CA GLU L 585 -87.13 78.08 -43.83
C GLU L 585 -86.52 78.99 -44.87
N ILE L 586 -85.25 79.39 -44.70
CA ILE L 586 -84.58 80.16 -45.73
C ILE L 586 -84.44 79.34 -47.01
N LEU L 587 -84.08 78.06 -46.88
CA LEU L 587 -83.98 77.19 -48.05
C LEU L 587 -85.34 76.94 -48.70
N ASP L 588 -86.39 76.82 -47.89
CA ASP L 588 -87.74 76.70 -48.44
C ASP L 588 -88.11 77.95 -49.21
N LEU L 589 -87.77 79.12 -48.66
CA LEU L 589 -88.04 80.38 -49.34
C LEU L 589 -87.23 80.50 -50.63
N CYS L 590 -85.97 80.06 -50.62
CA CYS L 590 -85.19 80.02 -51.85
C CYS L 590 -85.85 79.15 -52.92
N HIS L 591 -86.12 77.89 -52.62
CA HIS L 591 -86.77 77.03 -53.61
C HIS L 591 -88.08 77.61 -54.12
N SER L 592 -88.88 78.22 -53.25
CA SER L 592 -90.14 78.76 -53.74
C SER L 592 -89.90 79.93 -54.67
N PHE L 593 -88.88 80.76 -54.40
CA PHE L 593 -88.55 81.86 -55.31
C PHE L 593 -88.00 81.33 -56.61
N CYS L 594 -87.15 80.30 -56.54
CA CYS L 594 -86.72 79.60 -57.76
C CYS L 594 -87.93 79.16 -58.56
N SER L 595 -88.85 78.47 -57.90
CA SER L 595 -90.05 77.98 -58.57
C SER L 595 -90.82 79.13 -59.23
N LEU L 596 -90.92 80.26 -58.54
CA LEU L 596 -91.66 81.41 -59.08
C LEU L 596 -91.01 81.96 -60.35
N VAL L 597 -89.71 82.26 -60.32
CA VAL L 597 -89.07 82.79 -61.52
C VAL L 597 -88.89 81.71 -62.58
N SER L 598 -88.97 80.43 -62.20
CA SER L 598 -88.85 79.36 -63.18
C SER L 598 -90.19 79.00 -63.82
N GLN L 599 -91.31 79.45 -63.26
CA GLN L 599 -92.61 79.18 -63.84
C GLN L 599 -93.22 80.41 -64.49
N ASN L 600 -93.04 81.59 -63.90
CA ASN L 600 -93.59 82.81 -64.48
C ASN L 600 -92.81 83.21 -65.73
N LEU L 601 -91.48 83.11 -65.66
CA LEU L 601 -90.58 83.22 -66.80
C LEU L 601 -90.59 84.60 -67.46
N GLY L 602 -91.64 84.91 -68.23
CA GLY L 602 -91.72 86.18 -68.93
C GLY L 602 -92.00 87.35 -67.99
N PRO L 603 -91.75 88.59 -68.46
CA PRO L 603 -91.89 89.79 -67.60
C PRO L 603 -93.35 90.22 -67.41
N LEU L 604 -94.16 89.35 -66.79
CA LEU L 604 -95.59 89.55 -66.58
C LEU L 604 -96.00 89.28 -65.14
N ASP L 605 -96.75 90.22 -64.55
CA ASP L 605 -97.38 90.09 -63.23
C ASP L 605 -98.62 89.19 -63.29
N GLU L 606 -98.41 87.88 -63.12
CA GLU L 606 -99.51 86.90 -63.10
C GLU L 606 -100.06 86.74 -61.68
N ARG L 607 -100.43 87.87 -61.08
CA ARG L 607 -100.52 88.02 -59.62
C ARG L 607 -99.25 87.49 -58.94
N GLY L 608 -98.10 87.86 -59.52
CA GLY L 608 -96.81 87.43 -59.03
C GLY L 608 -96.29 88.39 -57.99
N ALA L 609 -96.86 89.59 -57.96
CA ALA L 609 -96.38 90.65 -57.07
C ALA L 609 -96.65 90.34 -55.60
N ALA L 610 -97.78 89.69 -55.31
CA ALA L 610 -98.12 89.37 -53.93
C ALA L 610 -97.20 88.30 -53.38
N GLN L 611 -96.99 87.23 -54.15
CA GLN L 611 -96.08 86.16 -53.74
C GLN L 611 -94.65 86.69 -53.65
N LEU L 612 -94.24 87.49 -54.63
CA LEU L 612 -92.87 88.04 -54.62
C LEU L 612 -92.64 88.96 -53.43
N SER L 613 -93.61 89.84 -53.12
CA SER L 613 -93.44 90.75 -51.99
C SER L 613 -93.50 89.99 -50.68
N ILE L 614 -94.29 88.91 -50.62
CA ILE L 614 -94.31 88.07 -49.42
C ILE L 614 -92.96 87.41 -49.20
N LEU L 615 -92.29 86.95 -50.26
CA LEU L 615 -90.95 86.41 -50.11
C LEU L 615 -89.89 87.50 -49.85
N VAL L 616 -90.08 88.73 -50.37
CA VAL L 616 -89.24 89.86 -49.95
C VAL L 616 -89.35 90.10 -48.45
N LYS L 617 -90.56 89.98 -47.89
CA LYS L 617 -90.74 90.15 -46.44
C LYS L 617 -90.18 88.97 -45.66
N GLY L 618 -90.41 87.75 -46.15
CA GLY L 618 -89.86 86.58 -45.48
C GLY L 618 -88.35 86.56 -45.50
N PHE L 619 -87.74 86.97 -46.61
CA PHE L 619 -86.29 87.03 -46.67
C PHE L 619 -85.73 88.13 -45.77
N SER L 620 -86.30 89.34 -45.84
CA SER L 620 -85.84 90.41 -44.96
C SER L 620 -85.96 90.03 -43.49
N ARG L 621 -87.03 89.31 -43.14
CA ARG L 621 -87.26 88.92 -41.75
C ARG L 621 -86.28 87.84 -41.32
N GLN L 622 -86.08 86.82 -42.15
CA GLN L 622 -85.21 85.73 -41.75
C GLN L 622 -83.73 86.05 -41.99
N SER L 623 -83.42 87.03 -42.83
CA SER L 623 -82.04 87.53 -42.88
C SER L 623 -81.71 88.29 -41.60
N SER L 624 -82.69 89.03 -41.08
CA SER L 624 -82.53 89.72 -39.80
C SER L 624 -82.55 88.75 -38.64
N LEU L 625 -83.23 87.60 -38.79
CA LEU L 625 -83.14 86.55 -37.80
C LEU L 625 -81.89 85.71 -37.97
N LEU L 626 -81.28 85.73 -39.16
CA LEU L 626 -79.97 85.11 -39.34
C LEU L 626 -78.90 85.90 -38.59
N PHE L 627 -79.05 87.22 -38.54
CA PHE L 627 -78.12 88.08 -37.82
C PHE L 627 -78.32 88.06 -36.28
N LYS L 628 -78.93 87.01 -35.71
CA LYS L 628 -78.95 86.77 -34.26
C LYS L 628 -77.66 86.15 -33.74
N ILE L 629 -76.72 85.80 -34.64
CA ILE L 629 -75.62 84.93 -34.26
C ILE L 629 -74.55 85.66 -33.49
N LEU L 630 -74.61 86.98 -33.43
CA LEU L 630 -73.57 87.80 -32.82
C LEU L 630 -73.82 88.08 -31.34
N SER L 631 -74.77 87.38 -30.72
CA SER L 631 -75.08 87.59 -29.32
C SER L 631 -73.99 87.01 -28.44
N ASN M 241 -58.36 5.43 34.96
CA ASN M 241 -57.23 5.50 33.98
C ASN M 241 -57.13 6.83 33.17
N LEU M 242 -58.27 7.51 32.92
CA LEU M 242 -58.51 8.46 31.81
C LEU M 242 -58.90 7.83 30.47
N ALA M 243 -58.12 6.88 29.95
CA ALA M 243 -58.55 6.05 28.82
C ALA M 243 -59.44 4.90 29.33
N ALA M 244 -60.67 5.27 29.69
CA ALA M 244 -61.71 4.31 30.08
C ALA M 244 -63.08 4.98 29.98
N VAL M 245 -63.29 5.88 29.00
CA VAL M 245 -64.49 6.73 29.00
C VAL M 245 -65.74 5.86 28.95
N TRP M 246 -66.76 6.25 29.72
CA TRP M 246 -68.08 5.65 29.63
C TRP M 246 -68.01 4.13 29.75
N ASP M 247 -66.94 3.64 30.37
CA ASP M 247 -66.92 2.30 30.96
C ASP M 247 -67.25 2.41 32.44
N GLN M 248 -67.32 3.66 32.93
CA GLN M 248 -67.97 4.09 34.17
C GLN M 248 -69.14 5.03 33.86
N HIS M 249 -69.70 4.89 32.67
CA HIS M 249 -71.09 5.19 32.37
C HIS M 249 -72.02 4.64 33.43
N LEU M 250 -71.51 3.71 34.24
CA LEU M 250 -72.27 2.92 35.21
C LEU M 250 -73.10 3.73 36.19
N TYR M 251 -72.90 5.05 36.24
CA TYR M 251 -73.86 5.89 36.93
C TYR M 251 -75.25 5.74 36.31
N SER M 252 -75.30 5.21 35.09
CA SER M 252 -76.56 4.81 34.48
C SER M 252 -77.35 3.84 35.36
N SER M 253 -76.66 3.10 36.22
CA SER M 253 -77.32 2.18 37.15
C SER M 253 -78.04 2.91 38.30
N ASP M 254 -77.80 4.21 38.50
CA ASP M 254 -78.48 4.98 39.53
C ASP M 254 -79.89 5.42 39.12
N PRO M 255 -80.12 5.85 37.86
CA PRO M 255 -81.48 5.74 37.28
C PRO M 255 -81.76 4.31 36.83
N LEU M 256 -82.59 4.08 35.80
CA LEU M 256 -82.88 2.73 35.31
C LEU M 256 -82.18 2.46 33.98
N TYR M 257 -81.54 1.29 33.88
CA TYR M 257 -80.75 0.89 32.71
C TYR M 257 -80.59 -0.62 32.66
N VAL M 258 -80.79 -1.21 31.48
CA VAL M 258 -80.48 -2.62 31.20
C VAL M 258 -79.12 -2.69 30.51
N PRO M 259 -78.24 -3.61 30.90
CA PRO M 259 -76.93 -3.72 30.24
C PRO M 259 -77.03 -4.03 28.75
N ASP M 260 -76.29 -3.27 27.94
CA ASP M 260 -75.95 -3.72 26.60
C ASP M 260 -74.96 -4.88 26.68
N ASP M 261 -75.02 -5.77 25.69
CA ASP M 261 -73.98 -6.78 25.46
C ASP M 261 -73.15 -6.36 24.24
N ARG M 262 -71.83 -6.21 24.44
CA ARG M 262 -70.97 -5.54 23.47
C ARG M 262 -69.60 -6.22 23.38
N VAL M 263 -68.96 -6.07 22.21
CA VAL M 263 -67.65 -6.65 21.95
C VAL M 263 -66.60 -5.54 21.84
N LEU M 264 -65.55 -5.65 22.66
CA LEU M 264 -64.42 -4.72 22.59
C LEU M 264 -63.59 -5.03 21.34
N VAL M 265 -63.09 -3.99 20.68
CA VAL M 265 -62.19 -4.17 19.56
C VAL M 265 -61.04 -3.16 19.60
N THR M 266 -59.83 -3.64 19.31
CA THR M 266 -58.68 -2.75 19.22
C THR M 266 -58.86 -1.91 17.97
N GLU M 267 -58.63 -0.61 18.09
CA GLU M 267 -58.86 0.27 16.95
C GLU M 267 -58.01 -0.10 15.74
N THR M 268 -56.79 -0.65 15.93
CA THR M 268 -56.03 -1.13 14.78
C THR M 268 -56.73 -2.28 14.06
N GLN M 269 -57.58 -3.03 14.73
CA GLN M 269 -58.37 -4.01 14.00
C GLN M 269 -59.39 -3.32 13.09
N VAL M 270 -60.14 -2.36 13.63
CA VAL M 270 -60.95 -1.48 12.79
C VAL M 270 -60.15 -0.88 11.64
N ILE M 271 -58.90 -0.47 11.89
CA ILE M 271 -58.11 0.10 10.79
C ILE M 271 -57.71 -0.97 9.77
N ARG M 272 -57.32 -2.17 10.21
CA ARG M 272 -57.11 -3.26 9.27
C ARG M 272 -58.36 -3.45 8.40
N GLU M 273 -59.53 -3.48 9.02
CA GLU M 273 -60.76 -3.69 8.26
C GLU M 273 -61.01 -2.62 7.21
N THR M 274 -60.92 -1.34 7.58
CA THR M 274 -61.15 -0.33 6.53
C THR M 274 -60.10 -0.43 5.43
N LEU M 275 -58.83 -0.68 5.78
CA LEU M 275 -57.84 -0.82 4.71
C LEU M 275 -58.17 -1.99 3.78
N TRP M 276 -58.88 -3.01 4.27
CA TRP M 276 -59.40 -4.05 3.38
C TRP M 276 -60.61 -3.57 2.58
N LEU M 277 -61.64 -3.06 3.26
CA LEU M 277 -62.81 -2.56 2.54
C LEU M 277 -62.41 -1.57 1.46
N LEU M 278 -61.51 -0.65 1.78
CA LEU M 278 -61.10 0.36 0.81
C LEU M 278 -60.08 -0.17 -0.20
N SER M 279 -59.31 -1.19 0.14
CA SER M 279 -58.67 -1.95 -0.94
C SER M 279 -59.67 -2.81 -1.72
N GLY M 280 -60.98 -2.59 -1.58
CA GLY M 280 -61.93 -3.22 -2.46
C GLY M 280 -62.01 -4.72 -2.24
N VAL M 281 -62.31 -5.14 -1.01
CA VAL M 281 -62.43 -6.56 -0.62
C VAL M 281 -63.90 -6.83 -0.25
N LYS M 282 -64.21 -7.93 0.47
CA LYS M 282 -65.58 -8.30 0.86
C LYS M 282 -65.66 -8.91 2.27
N LYS M 283 -66.79 -8.66 2.94
CA LYS M 283 -67.26 -9.39 4.16
C LYS M 283 -66.31 -9.33 5.36
N LEU M 284 -65.91 -8.11 5.70
CA LEU M 284 -65.15 -7.83 6.90
C LEU M 284 -66.07 -8.11 8.11
N PHE M 285 -65.49 -8.30 9.30
CA PHE M 285 -66.33 -8.56 10.48
C PHE M 285 -67.02 -7.29 10.97
N ILE M 286 -66.26 -6.22 11.10
CA ILE M 286 -66.74 -4.85 11.04
C ILE M 286 -67.11 -4.57 9.59
N PHE M 287 -67.84 -3.48 9.32
CA PHE M 287 -68.31 -3.20 7.96
C PHE M 287 -69.09 -4.37 7.34
N GLN M 288 -69.91 -5.07 8.14
CA GLN M 288 -70.76 -6.10 7.56
C GLN M 288 -71.71 -5.54 6.49
N LEU M 289 -71.92 -6.35 5.43
CA LEU M 289 -72.91 -6.10 4.37
C LEU M 289 -74.33 -6.49 4.82
N ILE M 290 -75.36 -5.71 4.45
CA ILE M 290 -76.74 -6.13 4.65
C ILE M 290 -77.46 -6.39 3.32
N ASP M 291 -77.25 -5.55 2.30
CA ASP M 291 -77.96 -5.71 1.02
C ASP M 291 -77.21 -5.06 -0.13
N GLY M 292 -75.89 -5.13 -0.10
CA GLY M 292 -75.06 -4.40 -1.03
C GLY M 292 -74.78 -2.99 -0.58
N LYS M 293 -75.50 -2.53 0.46
CA LYS M 293 -75.05 -1.46 1.35
C LYS M 293 -74.17 -2.02 2.47
N VAL M 294 -72.93 -1.52 2.57
CA VAL M 294 -72.01 -1.80 3.69
C VAL M 294 -72.53 -1.13 4.98
N THR M 295 -72.49 -1.83 6.13
CA THR M 295 -73.09 -1.36 7.41
C THR M 295 -72.10 -1.43 8.56
N VAL M 296 -72.35 -0.70 9.65
CA VAL M 296 -71.40 -0.59 10.82
C VAL M 296 -71.07 -1.94 11.49
N ARG M 297 -72.04 -2.75 11.95
CA ARG M 297 -71.85 -4.04 12.69
C ARG M 297 -72.57 -3.96 14.06
N ASN M 298 -73.34 -2.91 14.33
CA ASN M 298 -74.07 -2.65 15.59
C ASN M 298 -73.21 -2.56 16.85
N ASN M 299 -73.39 -3.43 17.87
CA ASN M 299 -72.88 -3.30 19.25
C ASN M 299 -71.38 -3.52 19.48
N ILE M 300 -70.58 -2.92 18.61
CA ILE M 300 -69.11 -3.00 18.55
C ILE M 300 -68.47 -1.72 19.13
N ILE M 301 -67.48 -1.85 20.06
CA ILE M 301 -67.11 -0.76 20.96
C ILE M 301 -65.59 -0.74 21.31
N VAL M 302 -65.10 0.39 21.83
CA VAL M 302 -63.68 0.44 22.30
C VAL M 302 -63.73 0.93 23.77
N THR M 303 -63.00 2.00 24.10
CA THR M 303 -62.97 2.53 25.48
C THR M 303 -62.96 4.04 25.45
N HIS M 304 -61.92 4.62 24.83
CA HIS M 304 -61.77 6.10 24.77
C HIS M 304 -62.94 6.72 23.99
N LEU M 305 -63.62 5.92 23.15
CA LEU M 305 -64.82 6.42 22.44
C LEU M 305 -66.04 5.61 22.93
N THR M 306 -67.25 6.15 22.77
CA THR M 306 -68.46 5.41 23.18
C THR M 306 -68.92 4.52 22.06
N HIS M 307 -70.17 4.07 22.11
CA HIS M 307 -70.70 3.13 21.08
C HIS M 307 -71.22 3.90 19.86
N SER M 308 -72.00 4.96 20.08
CA SER M 308 -72.61 5.64 18.94
C SER M 308 -71.70 6.65 18.27
N CYS M 309 -70.65 7.14 18.93
CA CYS M 309 -69.65 7.91 18.21
C CYS M 309 -68.87 7.02 17.23
N LEU M 310 -68.42 5.86 17.69
CA LEU M 310 -67.78 4.94 16.74
C LEU M 310 -68.71 4.63 15.59
N ARG M 311 -69.95 4.26 15.89
CA ARG M 311 -70.90 3.96 14.84
C ARG M 311 -70.90 5.05 13.77
N SER M 312 -70.86 6.32 14.19
CA SER M 312 -70.96 7.39 13.22
C SER M 312 -69.68 7.58 12.38
N VAL M 313 -68.50 7.26 12.91
CA VAL M 313 -67.32 7.31 12.03
C VAL M 313 -67.28 6.10 11.08
N LEU M 314 -67.81 4.95 11.49
CA LEU M 314 -67.94 3.85 10.54
C LEU M 314 -68.93 4.18 9.42
N GLU M 315 -70.08 4.76 9.74
CA GLU M 315 -71.04 5.12 8.69
C GLU M 315 -70.36 5.92 7.58
N GLN M 316 -69.57 6.93 7.97
CA GLN M 316 -68.92 7.76 6.97
C GLN M 316 -67.93 6.98 6.12
N ILE M 317 -67.21 6.02 6.70
CA ILE M 317 -66.29 5.21 5.91
C ILE M 317 -67.03 4.14 5.09
N ALA M 318 -68.13 3.59 5.62
CA ALA M 318 -68.91 2.62 4.86
C ALA M 318 -69.52 3.24 3.61
N ALA M 319 -70.04 4.47 3.71
CA ALA M 319 -70.52 5.17 2.54
C ALA M 319 -69.41 5.48 1.54
N TYR M 320 -68.16 5.57 1.99
CA TYR M 320 -67.01 5.58 1.09
C TYR M 320 -66.68 4.20 0.57
N GLY M 321 -66.92 3.17 1.39
CA GLY M 321 -66.79 1.82 0.91
C GLY M 321 -67.71 1.55 -0.27
N GLN M 322 -68.97 1.91 -0.14
CA GLN M 322 -69.95 1.75 -1.21
C GLN M 322 -69.42 2.16 -2.58
N VAL M 323 -68.81 3.33 -2.68
CA VAL M 323 -68.24 3.82 -3.94
C VAL M 323 -67.29 2.80 -4.56
N VAL M 324 -66.42 2.22 -3.76
CA VAL M 324 -65.35 1.38 -4.27
C VAL M 324 -65.69 -0.10 -4.13
N PHE M 325 -66.60 -0.47 -3.23
CA PHE M 325 -67.33 -1.73 -3.36
C PHE M 325 -68.19 -1.77 -4.60
N ARG M 326 -68.73 -0.63 -5.04
CA ARG M 326 -69.56 -0.59 -6.24
C ARG M 326 -68.71 -0.47 -7.49
N LEU M 327 -67.68 0.35 -7.47
CA LEU M 327 -66.71 0.27 -8.55
C LEU M 327 -66.03 -1.11 -8.60
N GLN M 328 -65.74 -1.73 -7.45
CA GLN M 328 -65.25 -3.11 -7.55
C GLN M 328 -66.36 -4.07 -7.99
N GLU M 329 -67.55 -3.94 -7.40
CA GLU M 329 -68.70 -4.65 -7.94
C GLU M 329 -68.97 -4.37 -9.41
N PHE M 330 -68.36 -3.35 -10.02
CA PHE M 330 -68.44 -3.25 -11.47
C PHE M 330 -67.13 -3.63 -12.14
N ILE M 331 -65.97 -3.43 -11.50
CA ILE M 331 -64.76 -3.98 -12.09
C ILE M 331 -64.77 -5.51 -12.12
N ASP M 332 -65.52 -6.18 -11.23
CA ASP M 332 -65.66 -7.64 -11.34
C ASP M 332 -66.49 -8.06 -12.56
N GLU M 333 -67.72 -7.54 -12.70
CA GLU M 333 -68.51 -7.89 -13.88
C GLU M 333 -67.89 -7.61 -15.25
N VAL M 334 -67.68 -6.37 -15.69
CA VAL M 334 -67.54 -6.20 -17.12
C VAL M 334 -66.16 -6.69 -17.59
N MET M 335 -65.33 -7.18 -16.66
CA MET M 335 -64.06 -7.85 -16.98
C MET M 335 -64.09 -9.34 -16.69
N GLY M 336 -65.09 -9.85 -15.98
CA GLY M 336 -65.47 -11.26 -16.03
C GLY M 336 -64.89 -12.18 -14.98
N HIS M 337 -64.28 -11.65 -13.91
CA HIS M 337 -63.70 -12.53 -12.89
C HIS M 337 -64.77 -13.37 -12.19
N SER M 338 -66.04 -12.95 -12.21
CA SER M 338 -67.15 -13.77 -11.72
C SER M 338 -67.29 -15.07 -12.52
N SER M 353 -71.98 -11.67 -23.76
CA SER M 353 -72.34 -12.76 -24.65
C SER M 353 -71.23 -13.05 -25.67
N THR M 354 -71.30 -14.23 -26.29
CA THR M 354 -70.39 -14.57 -27.40
C THR M 354 -70.55 -13.58 -28.55
N GLU M 355 -69.40 -13.06 -29.03
CA GLU M 355 -69.33 -12.00 -30.05
C GLU M 355 -70.11 -10.73 -29.67
N ALA M 356 -70.20 -10.43 -28.36
CA ALA M 356 -70.65 -9.12 -27.90
C ALA M 356 -69.59 -8.35 -27.09
N PRO M 357 -68.30 -8.29 -27.53
CA PRO M 357 -67.31 -7.48 -26.82
C PRO M 357 -67.47 -5.97 -27.07
N PHE M 358 -68.12 -5.24 -26.15
CA PHE M 358 -68.17 -3.78 -26.17
C PHE M 358 -66.74 -3.24 -26.06
N ARG M 359 -66.09 -2.85 -27.16
CA ARG M 359 -64.73 -2.36 -27.04
C ARG M 359 -64.61 -1.08 -26.20
N THR M 360 -65.67 -0.29 -25.98
CA THR M 360 -65.64 0.91 -25.09
C THR M 360 -65.71 0.58 -23.60
N TYR M 361 -66.61 -0.30 -23.17
CA TYR M 361 -66.59 -0.78 -21.78
C TYR M 361 -65.51 -1.86 -21.55
N GLN M 362 -64.60 -2.07 -22.52
CA GLN M 362 -63.31 -2.71 -22.24
C GLN M 362 -62.15 -1.78 -22.59
N ALA M 363 -62.40 -0.47 -22.49
CA ALA M 363 -61.34 0.51 -22.33
C ALA M 363 -61.68 1.34 -21.10
N PHE M 364 -62.92 1.82 -20.97
CA PHE M 364 -63.43 2.04 -19.62
C PHE M 364 -63.53 0.67 -18.94
N MET M 365 -63.56 0.65 -17.62
CA MET M 365 -63.35 -0.55 -16.81
C MET M 365 -62.01 -1.28 -17.03
N TRP M 366 -61.16 -0.81 -17.92
CA TRP M 366 -59.73 -1.02 -17.72
C TRP M 366 -59.05 0.18 -17.13
N ALA M 367 -59.48 1.37 -17.54
CA ALA M 367 -58.95 2.58 -16.97
C ALA M 367 -59.35 2.78 -15.50
N LEU M 368 -60.39 2.07 -15.01
CA LEU M 368 -60.80 2.08 -13.61
C LEU M 368 -59.85 1.33 -12.69
N TYR M 369 -58.70 0.87 -13.16
CA TYR M 369 -57.95 -0.23 -12.55
C TYR M 369 -56.50 0.19 -12.27
N LYS M 370 -55.76 0.66 -13.28
CA LYS M 370 -54.41 1.19 -13.10
C LYS M 370 -54.36 2.59 -12.48
N TYR M 371 -55.48 3.07 -11.91
CA TYR M 371 -55.46 4.05 -10.83
C TYR M 371 -55.49 3.34 -9.48
N PHE M 372 -56.46 2.44 -9.34
CA PHE M 372 -56.72 1.61 -8.16
C PHE M 372 -55.42 1.09 -7.54
N ILE M 373 -54.43 0.64 -8.33
CA ILE M 373 -53.19 0.12 -7.73
C ILE M 373 -52.57 1.17 -6.81
N SER M 374 -52.37 2.38 -7.30
CA SER M 374 -51.72 3.43 -6.54
C SER M 374 -52.59 3.99 -5.42
N PHE M 375 -53.56 3.20 -4.93
CA PHE M 375 -54.26 3.51 -3.69
C PHE M 375 -54.61 2.25 -2.91
N LYS M 376 -54.88 1.14 -3.60
CA LYS M 376 -54.79 -0.17 -2.96
C LYS M 376 -53.40 -0.38 -2.37
N GLU M 377 -52.38 0.18 -3.02
CA GLU M 377 -51.01 0.18 -2.51
C GLU M 377 -50.81 1.08 -1.29
N GLU M 378 -51.36 2.29 -1.30
CA GLU M 378 -51.06 3.19 -0.18
C GLU M 378 -51.55 2.56 1.11
N LEU M 379 -52.71 1.93 1.01
CA LEU M 379 -53.31 0.99 1.93
C LEU M 379 -52.56 -0.32 2.19
N ALA M 380 -51.41 -0.54 1.53
CA ALA M 380 -50.44 -1.52 2.02
C ALA M 380 -49.37 -0.85 2.87
N GLU M 381 -48.73 0.20 2.34
CA GLU M 381 -47.63 0.87 3.01
C GLU M 381 -48.09 1.52 4.32
N ILE M 382 -49.39 1.75 4.42
CA ILE M 382 -50.11 2.02 5.67
C ILE M 382 -50.18 0.79 6.58
N GLU M 383 -50.76 -0.31 6.10
CA GLU M 383 -50.78 -1.56 6.88
C GLU M 383 -49.39 -1.94 7.36
N LYS M 384 -48.39 -1.65 6.53
CA LYS M 384 -46.98 -1.89 6.85
C LYS M 384 -46.48 -1.22 8.13
N CYS M 385 -46.51 0.11 8.25
CA CYS M 385 -46.12 0.68 9.55
C CYS M 385 -47.01 0.15 10.68
N ILE M 386 -48.25 -0.16 10.37
CA ILE M 386 -49.22 -0.71 11.32
C ILE M 386 -48.96 -2.15 11.76
N ILE M 387 -48.05 -2.92 11.13
CA ILE M 387 -47.59 -4.15 11.78
C ILE M 387 -46.08 -4.13 12.06
N ASN M 388 -45.29 -3.37 11.29
CA ASN M 388 -43.85 -3.60 11.17
C ASN M 388 -43.00 -2.50 11.84
N ASN M 389 -43.50 -1.85 12.89
CA ASN M 389 -42.77 -0.73 13.51
C ASN M 389 -43.39 -0.45 14.89
N ASP M 390 -43.04 0.71 15.46
CA ASP M 390 -43.47 1.18 16.78
C ASP M 390 -44.45 2.34 16.73
N THR M 391 -44.24 3.29 15.81
CA THR M 391 -44.75 4.67 15.90
C THR M 391 -46.26 4.74 16.07
N THR M 392 -46.72 5.72 16.85
CA THR M 392 -48.14 5.86 17.20
C THR M 392 -48.98 6.28 15.98
N ILE M 393 -50.01 5.45 15.66
CA ILE M 393 -51.04 5.67 14.64
C ILE M 393 -52.41 5.35 15.24
N THR M 394 -53.44 6.09 14.79
CA THR M 394 -54.81 5.97 15.30
C THR M 394 -55.73 6.64 14.27
N LEU M 395 -57.04 6.44 14.43
CA LEU M 395 -58.02 7.01 13.49
C LEU M 395 -57.82 8.50 13.21
N ALA M 396 -57.64 9.34 14.23
CA ALA M 396 -57.40 10.75 13.89
C ALA M 396 -56.06 10.95 13.20
N ILE M 397 -55.06 10.12 13.44
CA ILE M 397 -53.80 10.29 12.70
C ILE M 397 -53.91 9.74 11.27
N VAL M 398 -54.89 8.87 10.95
CA VAL M 398 -54.96 8.25 9.62
C VAL M 398 -56.09 8.74 8.69
N VAL M 399 -57.28 9.11 9.19
CA VAL M 399 -58.23 9.67 8.23
C VAL M 399 -57.72 10.99 7.66
N ASP M 400 -57.06 11.79 8.47
CA ASP M 400 -56.45 13.02 7.91
C ASP M 400 -55.28 12.59 7.03
N LYS M 401 -54.77 11.34 7.12
CA LYS M 401 -53.62 10.99 6.28
C LYS M 401 -54.11 10.74 4.88
N LEU M 402 -55.25 10.05 4.79
CA LEU M 402 -55.98 9.68 3.59
C LEU M 402 -56.80 10.82 3.00
N ALA M 403 -56.86 11.98 3.64
CA ALA M 403 -57.77 13.02 3.16
C ALA M 403 -57.51 13.43 1.72
N PRO M 404 -56.28 13.55 1.22
CA PRO M 404 -56.10 13.92 -0.18
C PRO M 404 -56.40 12.81 -1.19
N ARG M 405 -57.05 11.68 -0.78
CA ARG M 405 -57.35 10.53 -1.66
C ARG M 405 -58.77 10.02 -1.56
N LEU M 406 -59.41 10.03 -0.39
CA LEU M 406 -60.85 9.85 -0.35
C LEU M 406 -61.57 11.04 -0.97
N SER M 407 -60.95 12.20 -0.96
CA SER M 407 -61.46 13.32 -1.72
C SER M 407 -61.58 12.99 -3.20
N GLN M 408 -60.64 12.22 -3.77
CA GLN M 408 -60.85 11.73 -5.13
C GLN M 408 -62.00 10.74 -5.24
N LEU M 409 -62.15 9.75 -4.36
CA LEU M 409 -63.16 8.72 -4.67
C LEU M 409 -64.57 9.30 -4.76
N LYS M 410 -64.91 10.32 -3.98
CA LYS M 410 -66.24 10.92 -4.15
C LYS M 410 -66.38 11.77 -5.41
N VAL M 411 -65.29 12.34 -5.95
CA VAL M 411 -65.36 12.75 -7.35
C VAL M 411 -65.74 11.56 -8.22
N LEU M 412 -64.92 10.51 -8.16
CA LEU M 412 -65.03 9.34 -9.03
C LEU M 412 -66.41 8.67 -8.89
N HIS M 413 -67.07 8.78 -7.72
CA HIS M 413 -68.42 8.22 -7.63
C HIS M 413 -69.47 9.05 -8.35
N LYS M 414 -69.38 10.39 -8.32
CA LYS M 414 -70.36 11.18 -9.07
C LYS M 414 -70.15 10.99 -10.56
N VAL M 415 -68.89 10.90 -11.00
CA VAL M 415 -68.55 10.63 -12.40
C VAL M 415 -69.11 9.29 -12.87
N PHE M 416 -68.87 8.19 -12.16
CA PHE M 416 -69.48 6.91 -12.54
C PHE M 416 -70.95 6.79 -12.18
N SER M 417 -71.41 7.36 -11.07
CA SER M 417 -72.84 7.30 -10.86
C SER M 417 -73.60 7.90 -12.04
N THR M 418 -73.23 9.12 -12.46
CA THR M 418 -73.91 9.87 -13.52
C THR M 418 -73.67 9.21 -14.88
N GLY M 419 -72.44 8.73 -15.11
CA GLY M 419 -72.00 8.21 -16.39
C GLY M 419 -72.45 6.79 -16.73
N VAL M 420 -72.76 5.96 -15.73
CA VAL M 420 -73.02 4.53 -15.96
C VAL M 420 -74.09 3.94 -15.03
N ALA M 421 -74.03 4.17 -13.71
CA ALA M 421 -75.09 3.63 -12.87
C ALA M 421 -76.46 4.24 -13.11
N GLU M 422 -76.61 5.35 -13.84
CA GLU M 422 -77.91 5.91 -14.24
C GLU M 422 -78.54 5.28 -15.51
N VAL M 423 -77.83 4.40 -16.24
CA VAL M 423 -78.30 3.85 -17.53
C VAL M 423 -79.44 2.80 -17.34
N PRO M 424 -80.54 2.85 -18.12
CA PRO M 424 -81.67 1.91 -18.01
C PRO M 424 -81.36 0.48 -18.53
N PRO M 425 -82.20 -0.55 -18.23
CA PRO M 425 -81.77 -1.95 -18.38
C PRO M 425 -81.51 -2.42 -19.80
N ASP M 426 -82.32 -2.04 -20.79
CA ASP M 426 -82.15 -2.42 -22.19
C ASP M 426 -81.74 -1.21 -23.02
N THR M 427 -80.60 -1.31 -23.72
CA THR M 427 -80.13 -0.27 -24.65
C THR M 427 -79.15 -0.90 -25.64
N ARG M 428 -78.97 -0.22 -26.78
CA ARG M 428 -78.13 -0.65 -27.89
C ARG M 428 -76.66 -0.26 -27.67
N ASN M 429 -75.76 -1.01 -28.34
CA ASN M 429 -74.31 -0.77 -28.25
C ASN M 429 -73.86 0.55 -28.89
N VAL M 430 -74.73 1.44 -29.40
CA VAL M 430 -74.36 2.84 -29.65
C VAL M 430 -74.50 3.76 -28.41
N VAL M 431 -75.64 3.78 -27.72
CA VAL M 431 -75.97 4.81 -26.71
C VAL M 431 -75.22 4.63 -25.38
N ARG M 432 -75.02 3.40 -24.93
CA ARG M 432 -74.40 3.08 -23.62
C ARG M 432 -72.93 3.49 -23.56
N ALA M 433 -72.22 3.43 -24.69
CA ALA M 433 -70.89 4.03 -24.86
C ALA M 433 -70.97 5.56 -25.01
N SER M 434 -71.90 6.07 -25.83
CA SER M 434 -72.05 7.51 -26.11
C SER M 434 -72.26 8.37 -24.86
N HIS M 435 -73.11 7.93 -23.92
CA HIS M 435 -73.37 8.65 -22.67
C HIS M 435 -72.11 8.78 -21.80
N LEU M 436 -71.31 7.72 -21.70
CA LEU M 436 -70.02 7.73 -20.99
C LEU M 436 -68.97 8.60 -21.70
N LEU M 437 -68.87 8.51 -23.04
CA LEU M 437 -67.96 9.36 -23.82
C LEU M 437 -68.29 10.86 -23.64
N ASN M 438 -69.58 11.20 -23.46
CA ASN M 438 -70.03 12.57 -23.16
C ASN M 438 -69.81 12.99 -21.70
N THR M 439 -70.09 12.12 -20.71
CA THR M 439 -70.09 12.52 -19.29
C THR M 439 -68.70 12.91 -18.76
N LEU M 440 -67.63 12.22 -19.19
CA LEU M 440 -66.26 12.53 -18.77
C LEU M 440 -65.82 13.92 -19.24
N TYR M 441 -66.25 14.34 -20.42
CA TYR M 441 -65.94 15.66 -21.00
C TYR M 441 -66.55 16.80 -20.16
N LYS M 442 -67.85 16.75 -19.83
CA LYS M 442 -68.43 17.76 -18.93
C LYS M 442 -67.87 17.69 -17.50
N ALA M 443 -67.52 16.49 -17.01
CA ALA M 443 -66.90 16.33 -15.69
C ALA M 443 -65.54 17.02 -15.59
N ILE M 444 -64.64 16.89 -16.58
CA ILE M 444 -63.36 17.64 -16.53
C ILE M 444 -63.56 19.15 -16.69
N LEU M 445 -64.49 19.62 -17.52
CA LEU M 445 -64.77 21.06 -17.65
C LEU M 445 -65.23 21.70 -16.33
N GLU M 446 -65.94 20.95 -15.50
CA GLU M 446 -66.38 21.38 -14.15
C GLU M 446 -65.20 21.66 -13.20
N TYR M 447 -64.06 20.97 -13.38
CA TYR M 447 -62.83 21.17 -12.59
C TYR M 447 -61.71 21.96 -13.29
N ASP M 448 -61.67 22.03 -14.63
CA ASP M 448 -60.65 22.78 -15.38
C ASP M 448 -60.63 24.30 -15.05
N ASN M 449 -61.81 24.89 -14.83
CA ASN M 449 -61.97 26.33 -14.68
C ASN M 449 -61.88 26.86 -13.22
N VAL M 450 -62.11 26.01 -12.21
CA VAL M 450 -62.32 26.40 -10.79
C VAL M 450 -61.04 26.68 -9.98
N GLY M 451 -60.02 27.26 -10.62
CA GLY M 451 -58.78 27.68 -9.94
C GLY M 451 -57.85 26.51 -9.65
N GLU M 452 -56.80 26.69 -8.83
CA GLU M 452 -55.80 25.65 -8.66
C GLU M 452 -56.08 24.87 -7.39
N ALA M 453 -57.34 24.92 -6.92
CA ALA M 453 -57.76 24.47 -5.61
C ALA M 453 -57.48 22.99 -5.40
N SER M 454 -57.54 22.15 -6.45
CA SER M 454 -56.96 20.81 -6.34
C SER M 454 -56.54 20.33 -7.73
N GLU M 455 -55.29 20.63 -8.09
CA GLU M 455 -54.77 20.25 -9.39
C GLU M 455 -54.60 18.75 -9.51
N GLN M 456 -54.79 18.01 -8.42
CA GLN M 456 -55.08 16.59 -8.52
C GLN M 456 -56.26 16.34 -9.46
N THR M 457 -57.42 16.94 -9.18
CA THR M 457 -58.63 16.37 -9.75
C THR M 457 -58.72 16.62 -11.27
N VAL M 458 -58.11 17.69 -11.82
CA VAL M 458 -58.09 17.76 -13.28
C VAL M 458 -57.23 16.65 -13.86
N SER M 459 -56.05 16.40 -13.29
CA SER M 459 -55.18 15.38 -13.85
C SER M 459 -55.51 13.98 -13.33
N LEU M 460 -56.49 13.87 -12.44
CA LEU M 460 -57.20 12.59 -12.31
C LEU M 460 -58.09 12.35 -13.51
N LEU M 461 -59.04 13.27 -13.74
CA LEU M 461 -60.10 13.09 -14.72
C LEU M 461 -59.62 13.08 -16.18
N PHE M 462 -58.52 13.76 -16.55
CA PHE M 462 -58.13 13.71 -17.97
C PHE M 462 -57.67 12.30 -18.39
N SER M 463 -57.02 11.55 -17.50
CA SER M 463 -56.49 10.24 -17.88
C SER M 463 -57.57 9.21 -18.19
N LEU M 464 -58.73 9.29 -17.56
CA LEU M 464 -59.83 8.34 -17.73
C LEU M 464 -60.45 8.46 -19.13
N TRP M 465 -60.61 9.70 -19.62
CA TRP M 465 -61.16 9.97 -20.94
C TRP M 465 -60.25 9.44 -22.06
N VAL M 466 -58.93 9.65 -21.96
CA VAL M 466 -58.01 9.32 -23.07
C VAL M 466 -57.98 7.82 -23.32
N GLU M 467 -58.06 7.00 -22.28
CA GLU M 467 -58.18 5.57 -22.53
C GLU M 467 -59.54 5.19 -23.11
N THR M 468 -60.61 5.76 -22.53
CA THR M 468 -62.00 5.44 -22.89
C THR M 468 -62.29 5.73 -24.36
N VAL M 469 -61.61 6.69 -24.99
CA VAL M 469 -61.74 6.96 -26.43
C VAL M 469 -60.95 6.01 -27.35
N ARG M 470 -60.06 5.13 -26.84
CA ARG M 470 -59.29 4.20 -27.67
C ARG M 470 -60.11 3.47 -28.74
N PRO M 471 -61.26 2.83 -28.47
CA PRO M 471 -61.93 2.05 -29.52
C PRO M 471 -62.62 2.91 -30.58
N TYR M 472 -63.09 4.11 -30.22
CA TYR M 472 -63.62 5.08 -31.18
C TYR M 472 -62.48 5.64 -32.03
N LEU M 473 -61.40 6.11 -31.40
CA LEU M 473 -60.25 6.64 -32.13
C LEU M 473 -59.50 5.56 -32.90
N GLN M 474 -59.56 4.30 -32.45
CA GLN M 474 -59.07 3.23 -33.33
C GLN M 474 -60.00 3.01 -34.53
N THR M 475 -61.31 2.85 -34.31
CA THR M 475 -62.22 2.58 -35.41
C THR M 475 -62.08 3.62 -36.51
N VAL M 476 -61.99 4.89 -36.13
CA VAL M 476 -61.80 5.97 -37.08
C VAL M 476 -60.47 5.88 -37.84
N ASP M 477 -59.42 5.33 -37.22
CA ASP M 477 -58.16 5.20 -37.95
C ASP M 477 -58.25 4.20 -39.09
N GLU M 478 -58.87 3.04 -38.84
CA GLU M 478 -59.03 2.02 -39.88
C GLU M 478 -59.80 2.60 -41.07
N TRP M 479 -60.91 3.26 -40.76
CA TRP M 479 -61.76 3.93 -41.73
C TRP M 479 -61.01 5.00 -42.53
N ILE M 480 -60.29 5.88 -41.84
CA ILE M 480 -59.59 6.99 -42.48
C ILE M 480 -58.41 6.55 -43.35
N VAL M 481 -57.68 5.50 -42.96
CA VAL M 481 -56.41 5.16 -43.61
C VAL M 481 -56.52 3.90 -44.46
N HIS M 482 -57.28 2.89 -44.01
CA HIS M 482 -57.46 1.65 -44.75
C HIS M 482 -58.86 1.49 -45.33
N GLY M 483 -59.68 2.53 -45.26
CA GLY M 483 -60.94 2.59 -45.96
C GLY M 483 -62.06 1.79 -45.31
N HIS M 484 -61.92 0.47 -45.20
CA HIS M 484 -62.92 -0.34 -44.52
C HIS M 484 -62.99 0.02 -43.04
N LEU M 485 -64.19 -0.10 -42.46
CA LEU M 485 -64.36 0.08 -41.02
C LEU M 485 -65.09 -1.11 -40.40
N TRP M 486 -64.64 -1.50 -39.20
CA TRP M 486 -65.02 -2.74 -38.53
C TRP M 486 -65.85 -2.46 -37.26
N ASP M 487 -67.06 -1.91 -37.45
CA ASP M 487 -67.90 -1.52 -36.33
C ASP M 487 -68.58 -2.70 -35.63
N GLY M 488 -67.95 -3.87 -35.63
CA GLY M 488 -68.49 -5.10 -35.09
C GLY M 488 -69.11 -5.01 -33.70
N ALA M 489 -70.16 -5.81 -33.47
CA ALA M 489 -71.11 -5.66 -32.37
C ALA M 489 -71.80 -4.28 -32.35
N ARG M 490 -71.79 -3.57 -33.50
CA ARG M 490 -72.51 -2.31 -33.71
C ARG M 490 -72.10 -1.21 -32.71
N GLU M 491 -70.80 -1.04 -32.55
CA GLU M 491 -70.22 -0.18 -31.52
C GLU M 491 -70.37 1.32 -31.80
N PHE M 492 -70.49 1.72 -33.06
CA PHE M 492 -70.08 3.05 -33.53
C PHE M 492 -71.28 3.85 -34.05
N ILE M 493 -71.27 5.17 -33.82
CA ILE M 493 -72.44 6.03 -34.06
C ILE M 493 -72.92 6.00 -35.52
N ILE M 494 -72.00 6.07 -36.50
CA ILE M 494 -72.42 6.17 -37.90
C ILE M 494 -72.95 4.88 -38.50
N GLN M 495 -73.00 3.79 -37.73
CA GLN M 495 -73.70 2.56 -38.10
C GLN M 495 -73.70 2.23 -39.59
N ARG M 496 -72.57 1.72 -40.10
CA ARG M 496 -72.40 1.38 -41.51
C ARG M 496 -73.14 0.11 -41.93
N ASN M 497 -74.29 -0.14 -41.29
CA ASN M 497 -75.28 -1.07 -41.83
C ASN M 497 -75.70 -0.69 -43.25
N LYS M 498 -75.51 0.56 -43.66
CA LYS M 498 -75.68 0.92 -45.06
C LYS M 498 -74.74 0.13 -45.99
N ASN M 499 -73.47 -0.06 -45.63
CA ASN M 499 -72.57 -0.77 -46.54
C ASN M 499 -73.04 -2.20 -46.82
N VAL M 500 -73.89 -2.78 -45.97
CA VAL M 500 -74.39 -4.14 -46.23
C VAL M 500 -75.06 -4.23 -47.59
N PRO M 501 -76.04 -3.38 -47.94
CA PRO M 501 -76.54 -3.32 -49.33
C PRO M 501 -75.80 -2.46 -50.34
N VAL M 502 -74.68 -1.79 -50.03
CA VAL M 502 -74.07 -0.82 -50.96
C VAL M 502 -72.57 -1.00 -51.23
N ASN M 503 -71.91 0.08 -51.66
CA ASN M 503 -70.72 0.08 -52.53
C ASN M 503 -71.04 -0.65 -53.84
N HIS M 504 -72.29 -0.50 -54.28
CA HIS M 504 -72.70 -0.87 -55.64
C HIS M 504 -74.01 -0.17 -56.02
N ARG M 505 -74.78 0.33 -55.04
CA ARG M 505 -75.89 1.22 -55.31
C ARG M 505 -75.47 2.68 -55.47
N ASP M 506 -74.19 2.99 -55.26
CA ASP M 506 -73.50 4.12 -55.87
C ASP M 506 -74.38 5.35 -56.07
N ASN M 530 -72.54 9.76 -51.72
CA ASN M 530 -73.27 9.10 -50.63
C ASN M 530 -73.14 7.56 -50.68
N ALA M 531 -74.00 6.85 -51.43
CA ALA M 531 -74.14 5.40 -51.21
C ALA M 531 -72.92 4.53 -51.68
N SER M 532 -71.75 5.09 -52.02
CA SER M 532 -70.48 4.36 -51.92
C SER M 532 -70.11 4.20 -50.45
N ALA M 533 -71.13 3.89 -49.64
CA ALA M 533 -71.21 4.22 -48.21
C ALA M 533 -70.08 3.63 -47.40
N SER M 534 -69.15 4.48 -46.98
CA SER M 534 -68.41 4.19 -45.77
C SER M 534 -69.20 4.58 -44.52
N SER M 535 -70.45 5.05 -44.67
CA SER M 535 -71.23 5.58 -43.57
C SER M 535 -72.74 5.41 -43.77
N GLY M 536 -73.45 5.10 -42.67
CA GLY M 536 -74.86 5.34 -42.52
C GLY M 536 -75.16 6.69 -41.88
N SER M 537 -74.44 7.71 -42.34
CA SER M 537 -74.56 9.05 -41.80
C SER M 537 -75.93 9.67 -42.03
N ASP M 538 -76.81 9.00 -42.78
CA ASP M 538 -78.22 9.40 -42.89
C ASP M 538 -79.01 9.07 -41.63
N GLN M 539 -78.67 8.01 -40.93
CA GLN M 539 -79.51 7.45 -39.88
C GLN M 539 -78.78 7.37 -38.54
N GLY M 540 -77.51 6.97 -38.50
CA GLY M 540 -76.76 6.99 -37.28
C GLY M 540 -76.79 8.33 -36.54
N PRO M 541 -76.44 9.42 -37.22
CA PRO M 541 -76.47 10.76 -36.61
C PRO M 541 -77.84 11.36 -36.21
N SER M 542 -78.94 10.59 -36.20
CA SER M 542 -80.27 11.13 -35.90
C SER M 542 -80.40 11.62 -34.46
N SER M 543 -81.41 12.48 -34.24
CA SER M 543 -81.65 13.14 -32.95
C SER M 543 -82.53 12.36 -31.96
N ARG M 544 -83.24 11.30 -32.40
CA ARG M 544 -84.19 10.61 -31.52
C ARG M 544 -83.96 9.09 -31.45
N GLN M 545 -84.20 8.37 -32.54
CA GLN M 545 -84.09 6.92 -32.56
C GLN M 545 -82.66 6.42 -32.85
N HIS M 546 -81.67 7.33 -32.88
CA HIS M 546 -80.24 7.00 -32.84
C HIS M 546 -79.57 8.05 -31.93
N THR M 547 -78.24 8.05 -31.82
CA THR M 547 -77.51 8.92 -30.88
C THR M 547 -76.16 9.39 -31.47
N MET M 548 -75.64 10.52 -30.99
CA MET M 548 -74.48 11.23 -31.55
C MET M 548 -73.49 11.63 -30.43
N VAL M 549 -72.16 11.49 -30.57
CA VAL M 549 -71.13 11.75 -29.53
C VAL M 549 -70.54 13.17 -29.60
N SER M 550 -70.68 13.93 -28.51
CA SER M 550 -70.46 15.39 -28.48
C SER M 550 -69.08 15.89 -28.92
N PHE M 551 -67.98 15.32 -28.43
CA PHE M 551 -66.63 15.86 -28.71
C PHE M 551 -66.13 15.62 -30.16
N LEU M 552 -66.76 14.70 -30.91
CA LEU M 552 -66.42 14.40 -32.30
C LEU M 552 -67.10 15.36 -33.30
N LYS M 553 -68.27 15.90 -33.00
CA LYS M 553 -69.09 16.83 -33.80
C LYS M 553 -68.29 17.94 -34.50
N PRO M 554 -67.41 18.68 -33.80
CA PRO M 554 -66.61 19.75 -34.42
C PRO M 554 -65.75 19.26 -35.59
N VAL M 555 -65.37 17.97 -35.58
CA VAL M 555 -64.61 17.36 -36.65
C VAL M 555 -65.33 16.20 -37.31
N LEU M 556 -66.61 15.94 -36.99
CA LEU M 556 -67.22 14.71 -37.48
C LEU M 556 -67.45 14.78 -38.98
N LYS M 557 -67.78 15.96 -39.50
CA LYS M 557 -67.95 16.10 -40.94
C LYS M 557 -66.65 15.76 -41.64
N GLN M 558 -65.53 16.22 -41.09
CA GLN M 558 -64.22 15.94 -41.66
C GLN M 558 -63.92 14.44 -41.63
N ILE M 559 -64.32 13.77 -40.55
CA ILE M 559 -64.13 12.32 -40.42
C ILE M 559 -64.94 11.58 -41.48
N ILE M 560 -66.24 11.84 -41.58
CA ILE M 560 -67.05 11.10 -42.54
C ILE M 560 -66.58 11.35 -43.97
N MET M 561 -66.26 12.59 -44.32
CA MET M 561 -65.82 12.84 -45.70
C MET M 561 -64.48 12.16 -45.96
N ALA M 562 -63.57 12.22 -44.99
CA ALA M 562 -62.24 11.64 -45.20
C ALA M 562 -62.30 10.11 -45.24
N GLY M 563 -63.23 9.52 -44.48
CA GLY M 563 -63.40 8.08 -44.44
C GLY M 563 -64.09 7.53 -45.67
N LYS M 564 -65.07 8.25 -46.21
CA LYS M 564 -65.51 7.96 -47.57
C LYS M 564 -64.32 8.03 -48.51
N SER M 565 -63.63 9.17 -48.51
CA SER M 565 -62.57 9.43 -49.46
C SER M 565 -61.56 8.29 -49.56
N MET M 566 -61.15 7.71 -48.43
CA MET M 566 -60.21 6.59 -48.47
C MET M 566 -60.83 5.20 -48.63
N GLN M 567 -62.08 4.95 -48.22
CA GLN M 567 -62.73 3.71 -48.70
C GLN M 567 -62.73 3.68 -50.20
N LEU M 568 -63.08 4.81 -50.81
CA LEU M 568 -63.24 4.88 -52.25
C LEU M 568 -61.89 4.82 -52.97
N LEU M 569 -60.87 5.53 -52.47
CA LEU M 569 -59.59 5.48 -53.16
C LEU M 569 -58.97 4.09 -53.11
N LYS M 570 -59.28 3.30 -52.08
CA LYS M 570 -58.66 1.98 -51.95
C LYS M 570 -59.04 1.03 -53.08
N ASN M 571 -60.20 1.23 -53.72
CA ASN M 571 -60.54 0.42 -54.89
C ASN M 571 -59.71 0.79 -56.11
N LEU M 572 -59.04 1.92 -56.08
CA LEU M 572 -58.27 2.41 -57.21
C LEU M 572 -56.76 2.29 -56.97
N GLU M 637 -52.28 4.99 -35.17
CA GLU M 637 -51.45 5.47 -34.08
C GLU M 637 -51.97 6.82 -33.60
N LEU M 638 -53.15 7.16 -34.10
CA LEU M 638 -53.78 8.44 -33.76
C LEU M 638 -53.86 8.61 -32.24
N ASP M 639 -54.28 7.56 -31.56
CA ASP M 639 -54.25 7.35 -30.13
C ASP M 639 -52.80 7.25 -29.56
N ASP M 640 -51.81 7.59 -30.41
CA ASP M 640 -50.40 7.67 -30.05
C ASP M 640 -49.72 8.86 -30.72
N VAL M 641 -50.49 9.77 -31.32
CA VAL M 641 -50.03 11.07 -31.77
C VAL M 641 -50.63 12.14 -30.87
N HIS M 642 -51.86 11.89 -30.43
CA HIS M 642 -52.56 12.64 -29.41
C HIS M 642 -51.71 12.76 -28.14
N ASP M 643 -51.14 11.62 -27.69
CA ASP M 643 -50.27 11.61 -26.51
C ASP M 643 -49.00 12.45 -26.62
N PRO M 644 -48.08 12.22 -27.59
CA PRO M 644 -46.89 13.09 -27.65
C PRO M 644 -47.17 14.55 -27.93
N LEU M 645 -48.43 14.92 -28.15
CA LEU M 645 -48.78 16.33 -28.23
C LEU M 645 -49.32 16.84 -26.90
N LEU M 646 -50.03 16.00 -26.14
CA LEU M 646 -50.45 16.41 -24.80
C LEU M 646 -49.26 16.41 -23.85
N ALA M 647 -48.24 15.60 -24.14
CA ALA M 647 -47.08 15.50 -23.27
C ALA M 647 -46.14 16.68 -23.42
N ILE M 648 -46.26 17.45 -24.50
CA ILE M 648 -45.48 18.66 -24.66
C ILE M 648 -46.39 19.88 -24.53
N THR M 682 -57.12 24.89 -17.14
CA THR M 682 -56.00 24.46 -17.95
C THR M 682 -56.35 24.46 -19.44
N PHE M 683 -57.52 24.99 -19.77
CA PHE M 683 -58.05 25.06 -21.14
C PHE M 683 -58.05 23.69 -21.83
N GLU M 684 -58.82 22.77 -21.26
CA GLU M 684 -59.24 21.49 -21.85
C GLU M 684 -59.79 21.69 -23.28
N LEU M 685 -60.54 22.76 -23.52
CA LEU M 685 -61.01 23.13 -24.87
C LEU M 685 -59.82 23.39 -25.80
N THR M 686 -58.74 24.02 -25.32
CA THR M 686 -57.62 24.29 -26.22
C THR M 686 -56.76 23.04 -26.37
N LEU M 687 -56.71 22.18 -25.36
CA LEU M 687 -55.97 20.93 -25.52
C LEU M 687 -56.54 20.15 -26.70
N ARG M 688 -57.86 19.91 -26.66
CA ARG M 688 -58.59 19.26 -27.76
C ARG M 688 -58.34 19.99 -29.08
N SER M 689 -58.18 21.32 -29.03
CA SER M 689 -57.95 22.09 -30.23
C SER M 689 -56.49 22.17 -30.64
N CYS M 690 -55.63 21.34 -30.05
CA CYS M 690 -54.38 21.01 -30.72
C CYS M 690 -54.23 19.51 -31.07
N LEU M 691 -55.17 18.63 -30.68
CA LEU M 691 -55.31 17.33 -31.35
C LEU M 691 -55.74 17.49 -32.80
N TYR M 692 -56.86 18.22 -33.03
CA TYR M 692 -57.58 18.23 -34.32
C TYR M 692 -56.74 18.51 -35.60
N PRO M 693 -55.58 19.20 -35.58
CA PRO M 693 -54.66 19.24 -36.73
C PRO M 693 -54.25 17.90 -37.32
N HIS M 694 -54.25 16.82 -36.54
CA HIS M 694 -53.90 15.52 -37.08
C HIS M 694 -54.98 15.01 -38.04
N ILE M 695 -56.24 15.02 -37.63
CA ILE M 695 -57.29 14.62 -38.55
C ILE M 695 -57.45 15.69 -39.64
N ASP M 696 -57.20 16.96 -39.33
CA ASP M 696 -57.21 17.97 -40.37
C ASP M 696 -56.21 17.62 -41.45
N LYS M 697 -55.00 17.23 -41.04
CA LYS M 697 -53.94 16.94 -42.01
C LYS M 697 -54.24 15.65 -42.79
N GLN M 698 -54.78 14.63 -42.12
CA GLN M 698 -55.10 13.38 -42.80
C GLN M 698 -56.26 13.58 -43.78
N TYR M 699 -57.24 14.40 -43.41
CA TYR M 699 -58.35 14.70 -44.30
C TYR M 699 -57.85 15.44 -45.54
N LEU M 700 -56.98 16.43 -45.33
CA LEU M 700 -56.44 17.19 -46.45
C LEU M 700 -55.61 16.30 -47.36
N ASP M 701 -54.84 15.39 -46.75
CA ASP M 701 -53.98 14.50 -47.53
C ASP M 701 -54.78 13.52 -48.38
N CYS M 702 -55.78 12.89 -47.78
CA CYS M 702 -56.51 11.85 -48.51
C CYS M 702 -57.38 12.44 -49.60
N CYS M 703 -58.01 13.59 -49.36
CA CYS M 703 -58.83 14.21 -50.39
C CYS M 703 -57.96 14.88 -51.43
N GLY M 704 -56.81 15.42 -51.02
CA GLY M 704 -55.88 15.99 -51.97
C GLY M 704 -55.29 14.96 -52.89
N ASN M 705 -55.19 13.71 -52.42
CA ASN M 705 -54.83 12.62 -53.32
C ASN M 705 -56.01 12.17 -54.16
N LEU M 706 -57.24 12.24 -53.62
CA LEU M 706 -58.39 11.66 -54.29
C LEU M 706 -58.81 12.46 -55.50
N MET M 707 -58.84 13.79 -55.41
CA MET M 707 -59.29 14.55 -56.57
C MET M 707 -58.23 14.56 -57.66
N GLN M 708 -56.94 14.57 -57.31
CA GLN M 708 -55.94 14.46 -58.36
C GLN M 708 -56.00 13.08 -59.03
N THR M 709 -56.37 12.04 -58.28
CA THR M 709 -56.53 10.72 -58.90
C THR M 709 -57.61 10.74 -59.97
N LEU M 710 -58.79 11.28 -59.66
CA LEU M 710 -59.84 11.33 -60.68
C LEU M 710 -59.46 12.24 -61.85
N LYS M 711 -58.57 13.21 -61.66
CA LYS M 711 -58.10 14.03 -62.77
C LYS M 711 -57.09 13.34 -63.69
N LYS M 712 -56.68 12.10 -63.37
CA LYS M 712 -55.90 11.29 -64.30
C LYS M 712 -56.59 9.96 -64.57
N ASP M 713 -56.91 9.17 -63.54
CA ASP M 713 -57.50 7.84 -63.78
C ASP M 713 -58.86 7.92 -64.45
N TYR M 714 -59.60 9.00 -64.24
CA TYR M 714 -60.84 9.22 -64.97
C TYR M 714 -60.80 10.58 -65.67
N ARG M 715 -59.59 11.13 -65.77
CA ARG M 715 -59.26 12.35 -66.52
C ARG M 715 -60.37 13.39 -66.46
N LEU M 716 -60.85 13.64 -65.23
CA LEU M 716 -62.21 14.11 -65.03
C LEU M 716 -62.50 15.51 -65.62
N VAL M 717 -61.50 16.40 -65.75
CA VAL M 717 -61.73 17.65 -66.47
C VAL M 717 -62.19 17.35 -67.91
N GLU M 718 -61.61 16.33 -68.53
CA GLU M 718 -61.91 16.04 -69.93
C GLU M 718 -63.33 15.48 -70.09
N TYR M 719 -63.74 14.62 -69.17
CA TYR M 719 -65.10 14.10 -69.17
C TYR M 719 -66.13 15.22 -69.03
N LEU M 720 -65.87 16.18 -68.13
CA LEU M 720 -66.82 17.27 -67.94
C LEU M 720 -66.79 18.24 -69.12
N GLN M 721 -65.61 18.56 -69.64
CA GLN M 721 -65.51 19.31 -70.88
C GLN M 721 -66.35 18.66 -71.97
N ALA M 722 -66.15 17.36 -72.18
CA ALA M 722 -66.85 16.66 -73.25
C ALA M 722 -68.35 16.62 -73.00
N MET M 723 -68.78 16.68 -71.73
CA MET M 723 -70.19 16.80 -71.41
C MET M 723 -70.81 18.08 -71.93
N ARG M 724 -70.02 18.94 -72.58
CA ARG M 724 -70.49 20.16 -73.22
C ARG M 724 -70.00 20.31 -74.65
N ASN M 725 -68.75 19.94 -74.94
CA ASN M 725 -68.08 20.35 -76.18
C ASN M 725 -68.57 19.58 -77.41
N PHE M 726 -68.59 18.23 -77.36
CA PHE M 726 -69.05 17.43 -78.49
C PHE M 726 -70.51 17.02 -78.34
N PHE M 727 -71.17 17.39 -77.24
CA PHE M 727 -72.56 17.01 -76.98
C PHE M 727 -73.18 18.00 -76.00
N LEU M 728 -74.51 18.05 -76.02
CA LEU M 728 -75.39 18.72 -75.05
C LEU M 728 -75.22 20.23 -74.91
N MET M 729 -74.28 20.85 -75.65
CA MET M 729 -74.19 22.31 -75.67
C MET M 729 -73.58 22.82 -76.98
N GLU M 730 -72.26 22.73 -77.10
CA GLU M 730 -71.49 23.60 -77.98
C GLU M 730 -71.69 23.25 -79.45
N GLY M 731 -72.15 24.21 -80.25
CA GLY M 731 -72.35 23.98 -81.67
C GLY M 731 -71.17 23.30 -82.36
N GLY M 732 -69.95 23.58 -81.90
CA GLY M 732 -68.73 22.82 -82.26
C GLY M 732 -68.47 22.73 -83.76
N ASP M 733 -67.70 21.70 -84.14
CA ASP M 733 -67.84 21.13 -85.48
C ASP M 733 -69.06 20.24 -85.52
N THR M 734 -69.29 19.53 -84.41
CA THR M 734 -70.16 18.36 -84.42
C THR M 734 -71.61 18.72 -84.68
N MET M 735 -72.18 19.63 -83.90
CA MET M 735 -73.63 19.73 -83.96
C MET M 735 -74.12 20.47 -85.22
N TYR M 736 -73.28 21.25 -85.93
CA TYR M 736 -73.72 21.70 -87.25
C TYR M 736 -73.67 20.61 -88.33
N ASP M 737 -72.65 19.74 -88.33
CA ASP M 737 -72.73 18.64 -89.29
C ASP M 737 -73.93 17.75 -89.00
N PHE M 738 -74.51 17.82 -87.79
CA PHE M 738 -75.84 17.26 -87.56
C PHE M 738 -77.02 18.22 -87.80
N TYR M 739 -76.92 19.52 -87.49
CA TYR M 739 -78.05 20.38 -87.82
C TYR M 739 -78.29 20.44 -89.34
N THR M 740 -77.32 20.04 -90.16
CA THR M 740 -77.50 19.99 -91.61
C THR M 740 -78.16 18.71 -92.13
N SER M 741 -78.40 17.69 -91.30
CA SER M 741 -78.89 16.40 -91.83
C SER M 741 -80.39 16.19 -91.61
N ILE M 742 -80.84 15.92 -90.36
CA ILE M 742 -82.26 15.65 -90.09
C ILE M 742 -83.18 16.77 -90.57
N PHE M 743 -82.75 18.02 -90.44
CA PHE M 743 -83.55 19.18 -90.79
C PHE M 743 -83.54 19.55 -92.29
N ASP M 744 -82.99 18.71 -93.18
CA ASP M 744 -83.00 18.97 -94.61
C ASP M 744 -84.43 19.01 -95.17
N LYS M 745 -84.58 19.62 -96.36
CA LYS M 745 -85.88 19.82 -97.02
C LYS M 745 -85.91 19.26 -98.45
N ILE M 746 -85.73 17.93 -98.56
CA ILE M 746 -86.33 17.24 -99.69
C ILE M 746 -87.84 17.22 -99.48
N ARG M 747 -88.24 16.78 -98.28
CA ARG M 747 -89.46 17.18 -97.59
C ARG M 747 -89.01 17.36 -96.15
N GLU M 748 -88.51 16.27 -95.56
CA GLU M 748 -87.53 16.22 -94.49
C GLU M 748 -86.22 15.77 -95.13
N LYS M 749 -85.36 15.06 -94.39
CA LYS M 749 -84.43 14.15 -95.08
C LYS M 749 -85.08 12.80 -95.35
N GLU M 750 -85.90 12.31 -94.41
CA GLU M 750 -86.84 11.21 -94.63
C GLU M 750 -88.06 11.38 -93.73
N THR M 751 -87.83 11.28 -92.41
CA THR M 751 -88.86 11.46 -91.39
C THR M 751 -88.16 11.49 -90.02
N TRP M 752 -88.45 12.50 -89.18
CA TRP M 752 -87.75 12.71 -87.91
C TRP M 752 -87.99 11.58 -86.93
N GLN M 753 -89.16 10.94 -87.03
CA GLN M 753 -89.60 9.85 -86.18
C GLN M 753 -88.75 8.58 -86.28
N ASN M 754 -87.96 8.41 -87.35
CA ASN M 754 -87.16 7.21 -87.55
C ASN M 754 -86.04 7.12 -86.51
N VAL M 755 -86.22 6.22 -85.54
CA VAL M 755 -85.30 6.07 -84.41
C VAL M 755 -83.89 5.63 -84.79
N SER M 756 -83.70 5.09 -85.99
CA SER M 756 -82.37 4.67 -86.44
C SER M 756 -81.64 5.78 -87.17
N PHE M 757 -82.36 6.57 -87.98
CA PHE M 757 -81.73 7.60 -88.79
C PHE M 757 -81.01 8.63 -87.93
N LEU M 758 -81.53 8.89 -86.74
CA LEU M 758 -80.97 9.89 -85.83
C LEU M 758 -79.55 9.51 -85.41
N ASN M 759 -79.44 8.40 -84.68
CA ASN M 759 -78.15 7.91 -84.19
C ASN M 759 -77.16 7.68 -85.34
N VAL M 760 -77.64 7.14 -86.47
CA VAL M 760 -76.78 6.93 -87.63
C VAL M 760 -76.19 8.27 -88.11
N GLN M 761 -77.05 9.25 -88.36
CA GLN M 761 -76.58 10.55 -88.86
C GLN M 761 -75.84 11.35 -87.80
N LEU M 762 -75.98 11.00 -86.52
CA LEU M 762 -75.11 11.54 -85.48
C LEU M 762 -73.67 11.04 -85.58
N GLN M 763 -73.41 9.99 -86.35
CA GLN M 763 -72.02 9.61 -86.62
C GLN M 763 -71.38 10.57 -87.63
N GLU M 764 -70.07 10.36 -87.86
CA GLU M 764 -69.14 11.41 -88.28
C GLU M 764 -68.96 12.48 -87.22
N ALA M 765 -69.25 12.14 -85.95
CA ALA M 765 -68.88 12.95 -84.80
C ALA M 765 -67.38 12.80 -84.53
N VAL M 766 -66.58 13.17 -85.54
CA VAL M 766 -65.15 12.86 -85.59
C VAL M 766 -64.30 14.04 -85.11
N GLY M 767 -64.77 15.26 -85.39
CA GLY M 767 -64.23 16.49 -84.85
C GLY M 767 -62.74 16.58 -84.55
N GLN M 768 -62.43 17.11 -83.35
CA GLN M 768 -61.10 16.98 -82.77
C GLN M 768 -60.83 15.60 -82.19
N ARG M 769 -61.88 14.85 -81.83
CA ARG M 769 -61.75 13.46 -81.42
C ARG M 769 -63.08 12.76 -81.66
N TYR M 770 -63.02 11.42 -81.80
CA TYR M 770 -64.23 10.66 -82.13
C TYR M 770 -64.57 9.55 -81.13
N PRO M 771 -64.20 9.64 -79.84
CA PRO M 771 -64.55 8.58 -78.88
C PRO M 771 -65.98 8.67 -78.35
N GLU M 772 -66.93 8.85 -79.26
CA GLU M 772 -68.34 9.00 -78.92
C GLU M 772 -68.92 7.74 -78.27
N ASP M 773 -69.92 7.97 -77.39
CA ASP M 773 -70.57 6.89 -76.68
C ASP M 773 -72.01 7.24 -76.28
N SER M 774 -72.64 8.20 -76.96
CA SER M 774 -74.00 8.64 -76.68
C SER M 774 -75.00 7.97 -77.61
N SER M 775 -76.27 8.38 -77.51
CA SER M 775 -77.34 7.86 -78.35
C SER M 775 -78.46 8.88 -78.48
N ARG M 776 -78.71 9.35 -79.71
CA ARG M 776 -79.65 10.44 -79.97
C ARG M 776 -81.10 9.96 -79.88
N LEU M 777 -81.43 9.32 -78.77
CA LEU M 777 -82.58 8.42 -78.64
C LEU M 777 -83.93 9.14 -78.68
N SER M 778 -84.99 8.39 -78.39
CA SER M 778 -86.33 8.91 -78.10
C SER M 778 -86.83 9.89 -79.17
N ILE M 779 -86.76 9.44 -80.43
CA ILE M 779 -86.88 10.32 -81.61
C ILE M 779 -88.03 11.32 -81.49
N SER M 780 -89.17 10.87 -81.03
CA SER M 780 -90.21 11.76 -80.49
C SER M 780 -90.63 11.33 -79.10
N PHE M 781 -90.67 10.03 -78.84
CA PHE M 781 -91.03 9.46 -77.55
C PHE M 781 -92.29 10.11 -76.99
N GLU M 782 -93.31 10.21 -77.83
CA GLU M 782 -94.53 10.95 -77.50
C GLU M 782 -95.28 10.31 -76.34
N LEU M 791 -96.40 19.30 -79.32
CA LEU M 791 -97.06 20.58 -79.03
C LEU M 791 -97.70 21.14 -80.31
N PRO M 792 -98.51 22.20 -80.20
CA PRO M 792 -99.16 22.79 -81.40
C PRO M 792 -98.23 23.48 -82.40
N VAL M 793 -97.00 23.82 -82.04
CA VAL M 793 -96.15 24.64 -82.90
C VAL M 793 -95.52 23.82 -84.02
N HIS M 794 -95.00 24.55 -85.02
CA HIS M 794 -94.07 23.97 -85.98
C HIS M 794 -92.77 23.56 -85.30
N ILE M 795 -92.41 24.24 -84.21
CA ILE M 795 -91.42 23.73 -83.27
C ILE M 795 -92.02 22.54 -82.54
N LEU M 796 -91.35 21.38 -82.62
CA LEU M 796 -91.92 20.13 -82.11
C LEU M 796 -90.98 19.41 -81.14
N ASP M 797 -91.60 18.57 -80.28
CA ASP M 797 -91.05 17.98 -79.06
C ASP M 797 -90.34 16.65 -79.32
N GLY M 798 -89.46 16.24 -78.35
CA GLY M 798 -88.89 14.91 -78.28
C GLY M 798 -87.37 14.90 -78.08
N LEU M 799 -86.74 13.78 -78.46
CA LEU M 799 -85.27 13.58 -78.46
C LEU M 799 -84.64 13.66 -77.06
N THR M 800 -85.15 12.86 -76.12
CA THR M 800 -84.59 12.81 -74.77
C THR M 800 -83.21 12.12 -74.78
N LEU M 801 -82.19 12.89 -75.17
CA LEU M 801 -80.85 12.37 -75.45
C LEU M 801 -80.20 11.79 -74.18
N SER M 802 -79.19 10.91 -74.35
CA SER M 802 -78.39 10.44 -73.21
C SER M 802 -76.97 10.01 -73.61
N TYR M 803 -76.07 10.00 -72.60
CA TYR M 803 -74.63 9.75 -72.78
C TYR M 803 -74.12 8.74 -71.74
N LYS M 804 -73.30 7.79 -72.21
CA LYS M 804 -72.64 6.77 -71.37
C LYS M 804 -71.71 7.42 -70.36
N VAL M 805 -71.98 7.25 -69.05
CA VAL M 805 -71.03 7.67 -68.02
C VAL M 805 -70.79 6.57 -66.99
N PRO M 806 -69.55 6.13 -66.78
CA PRO M 806 -69.25 4.97 -65.93
C PRO M 806 -69.20 5.28 -64.43
N TRP M 807 -69.14 4.19 -63.64
CA TRP M 807 -69.21 4.27 -62.17
C TRP M 807 -68.24 5.25 -61.50
N PRO M 808 -66.98 5.38 -61.93
CA PRO M 808 -66.09 6.38 -61.29
C PRO M 808 -66.63 7.77 -61.37
N VAL M 809 -67.49 8.06 -62.34
CA VAL M 809 -68.03 9.38 -62.59
C VAL M 809 -69.55 9.37 -62.57
N ASP M 810 -70.15 8.28 -62.08
CA ASP M 810 -71.58 8.25 -61.77
C ASP M 810 -71.89 9.03 -60.50
N ILE M 811 -70.93 9.11 -59.58
CA ILE M 811 -71.15 9.83 -58.33
C ILE M 811 -71.23 11.33 -58.58
N VAL M 812 -70.40 11.85 -59.49
CA VAL M 812 -70.47 13.24 -59.93
C VAL M 812 -71.66 13.48 -60.86
N ILE M 813 -71.57 12.95 -62.09
CA ILE M 813 -72.53 13.22 -63.16
C ILE M 813 -73.74 12.32 -63.01
N SER M 814 -74.59 12.60 -62.02
CA SER M 814 -75.72 11.71 -61.74
C SER M 814 -76.70 11.67 -62.91
N LEU M 815 -77.53 10.64 -62.90
CA LEU M 815 -78.64 10.56 -63.85
C LEU M 815 -79.60 11.73 -63.67
N GLU M 816 -79.79 12.20 -62.44
CA GLU M 816 -80.65 13.37 -62.26
C GLU M 816 -80.00 14.62 -62.82
N CYS M 817 -78.68 14.76 -62.70
CA CYS M 817 -78.03 15.85 -63.41
C CYS M 817 -78.28 15.74 -64.91
N GLN M 818 -78.20 14.53 -65.46
CA GLN M 818 -78.42 14.35 -66.88
C GLN M 818 -79.83 14.76 -67.27
N LYS M 819 -80.81 14.41 -66.44
CA LYS M 819 -82.21 14.76 -66.70
C LYS M 819 -82.42 16.27 -66.81
N ILE M 820 -81.61 17.08 -66.13
CA ILE M 820 -81.64 18.53 -66.35
C ILE M 820 -80.78 18.93 -67.54
N TYR M 821 -79.61 18.31 -67.70
CA TYR M 821 -78.69 18.63 -68.80
C TYR M 821 -79.31 18.46 -70.18
N ASN M 822 -80.34 17.63 -70.34
CA ASN M 822 -81.02 17.54 -71.63
C ASN M 822 -81.75 18.82 -71.97
N GLN M 823 -82.31 19.46 -70.95
CA GLN M 823 -83.28 20.51 -71.20
C GLN M 823 -82.60 21.71 -71.86
N VAL M 824 -81.42 22.09 -71.37
CA VAL M 824 -80.61 23.09 -72.06
C VAL M 824 -80.33 22.69 -73.50
N PHE M 825 -79.97 21.43 -73.72
CA PHE M 825 -79.69 21.00 -75.09
C PHE M 825 -80.90 21.20 -76.00
N LEU M 826 -82.06 20.71 -75.55
CA LEU M 826 -83.27 20.77 -76.37
C LEU M 826 -83.66 22.20 -76.69
N LEU M 827 -83.82 23.03 -75.66
CA LEU M 827 -84.21 24.41 -75.87
C LEU M 827 -83.22 25.11 -76.80
N LEU M 828 -81.93 24.84 -76.62
CA LEU M 828 -80.93 25.41 -77.51
C LEU M 828 -81.16 24.94 -78.94
N LEU M 829 -81.39 23.64 -79.12
CA LEU M 829 -81.70 23.12 -80.44
C LEU M 829 -82.85 23.90 -81.07
N GLN M 830 -83.94 24.10 -80.32
CA GLN M 830 -85.07 24.86 -80.85
C GLN M 830 -84.63 26.24 -81.32
N ILE M 831 -83.93 26.99 -80.48
CA ILE M 831 -83.49 28.30 -80.91
C ILE M 831 -82.66 28.17 -82.18
N LYS M 832 -81.73 27.20 -82.20
CA LYS M 832 -80.86 27.07 -83.37
C LYS M 832 -81.67 26.75 -84.64
N TRP M 833 -82.74 25.95 -84.51
CA TRP M 833 -83.53 25.61 -85.71
C TRP M 833 -84.48 26.71 -86.15
N ALA M 834 -85.09 27.45 -85.22
CA ALA M 834 -85.88 28.59 -85.66
C ALA M 834 -84.97 29.65 -86.30
N LYS M 835 -83.80 29.90 -85.70
CA LYS M 835 -82.77 30.71 -86.34
C LYS M 835 -82.35 30.15 -87.69
N TYR M 836 -82.07 28.85 -87.76
CA TYR M 836 -81.70 28.22 -89.03
C TYR M 836 -82.74 28.45 -90.12
N SER M 837 -84.02 28.37 -89.76
CA SER M 837 -85.06 28.45 -90.78
C SER M 837 -85.26 29.86 -91.31
N LEU M 838 -84.87 30.88 -90.55
CA LEU M 838 -84.79 32.21 -91.12
C LEU M 838 -83.42 32.50 -91.71
N ASP M 839 -82.44 31.64 -91.45
CA ASP M 839 -81.21 31.61 -92.25
C ASP M 839 -81.44 31.09 -93.67
N VAL M 840 -81.85 29.83 -93.83
CA VAL M 840 -81.83 29.18 -95.14
C VAL M 840 -83.09 29.49 -95.96
N LEU M 841 -83.21 30.77 -96.34
CA LEU M 841 -84.15 31.28 -97.33
C LEU M 841 -83.36 31.96 -98.46
N LEU M 842 -83.96 32.94 -99.16
CA LEU M 842 -83.32 33.68 -100.27
C LEU M 842 -82.23 32.91 -101.01
N GLN M 879 -95.47 45.38 -101.80
CA GLN M 879 -95.75 44.17 -101.03
C GLN M 879 -94.54 43.24 -100.98
N ILE M 880 -93.69 43.28 -102.02
CA ILE M 880 -92.57 42.34 -102.12
C ILE M 880 -91.50 42.67 -101.09
N HIS M 881 -91.43 43.92 -100.64
CA HIS M 881 -90.49 44.30 -99.59
C HIS M 881 -90.99 43.94 -98.20
N ARG M 882 -92.28 43.59 -98.08
CA ARG M 882 -92.85 43.39 -96.75
C ARG M 882 -92.34 42.08 -96.14
N MET M 883 -92.17 41.04 -96.96
CA MET M 883 -91.41 39.87 -96.51
C MET M 883 -90.07 40.30 -95.93
N PHE M 884 -89.33 41.14 -96.66
CA PHE M 884 -88.03 41.57 -96.17
C PHE M 884 -88.15 42.22 -94.79
N LEU M 885 -89.18 43.06 -94.60
CA LEU M 885 -89.35 43.72 -93.30
C LEU M 885 -89.65 42.69 -92.22
N LEU M 886 -90.66 41.86 -92.44
CA LEU M 886 -91.00 40.86 -91.42
C LEU M 886 -89.79 39.99 -91.10
N ARG M 887 -89.01 39.61 -92.11
CA ARG M 887 -87.78 38.88 -91.81
C ARG M 887 -86.85 39.70 -90.92
N VAL M 888 -86.53 40.95 -91.30
CA VAL M 888 -85.56 41.72 -90.52
C VAL M 888 -86.02 41.90 -89.07
N LYS M 889 -87.30 42.24 -88.87
CA LYS M 889 -87.82 42.37 -87.51
C LYS M 889 -88.03 41.02 -86.84
N LEU M 890 -87.83 39.91 -87.57
CA LEU M 890 -87.72 38.60 -86.95
C LEU M 890 -86.27 38.30 -86.57
N MET M 891 -85.34 38.55 -87.49
CA MET M 891 -83.93 38.37 -87.18
C MET M 891 -83.59 39.04 -85.85
N HIS M 892 -83.79 40.35 -85.80
CA HIS M 892 -83.37 41.17 -84.67
C HIS M 892 -83.64 40.45 -83.36
N PHE M 893 -84.89 40.02 -83.18
CA PHE M 893 -85.29 39.25 -82.02
C PHE M 893 -84.49 37.96 -81.85
N VAL M 894 -84.65 37.02 -82.79
CA VAL M 894 -84.16 35.66 -82.54
C VAL M 894 -82.65 35.70 -82.38
N ASN M 895 -82.00 36.50 -83.22
CA ASN M 895 -80.55 36.64 -83.21
C ASN M 895 -80.04 37.14 -81.86
N SER M 896 -80.69 38.16 -81.28
CA SER M 896 -80.25 38.66 -79.98
C SER M 896 -80.57 37.67 -78.85
N LEU M 897 -81.77 37.09 -78.84
CA LEU M 897 -82.07 36.05 -77.85
C LEU M 897 -81.06 34.91 -77.95
N HIS M 898 -80.87 34.41 -79.17
CA HIS M 898 -79.99 33.27 -79.46
C HIS M 898 -78.57 33.54 -79.03
N ASN M 899 -78.06 34.73 -79.31
CA ASN M 899 -76.81 35.15 -78.71
C ASN M 899 -76.90 35.23 -77.18
N TYR M 900 -78.07 35.59 -76.61
CA TYR M 900 -78.25 35.40 -75.16
C TYR M 900 -78.18 33.92 -74.74
N ILE M 901 -78.83 32.98 -75.46
CA ILE M 901 -78.67 31.57 -75.07
C ILE M 901 -77.24 31.10 -75.28
N MET M 902 -76.74 31.10 -76.52
CA MET M 902 -75.39 30.56 -76.75
C MET M 902 -74.31 31.30 -75.96
N THR M 903 -74.38 32.63 -75.85
CA THR M 903 -73.34 33.37 -75.11
C THR M 903 -73.77 33.79 -73.71
N ARG M 904 -74.84 34.58 -73.56
CA ARG M 904 -75.16 35.15 -72.24
C ARG M 904 -75.45 34.07 -71.19
N ILE M 905 -76.10 32.97 -71.55
CA ILE M 905 -76.44 31.90 -70.60
C ILE M 905 -75.48 30.71 -70.71
N LEU M 906 -75.27 30.16 -71.91
CA LEU M 906 -74.52 28.92 -72.01
C LEU M 906 -73.00 29.12 -72.02
N HIS M 907 -72.46 29.99 -72.87
CA HIS M 907 -71.01 30.20 -72.79
C HIS M 907 -70.59 30.75 -71.43
N SER M 908 -71.34 31.69 -70.87
CA SER M 908 -70.98 32.25 -69.56
C SER M 908 -70.93 31.19 -68.46
N THR M 909 -72.01 30.44 -68.26
CA THR M 909 -71.98 29.39 -67.23
C THR M 909 -71.00 28.28 -67.57
N GLY M 910 -70.83 27.95 -68.85
CA GLY M 910 -69.85 26.96 -69.24
C GLY M 910 -68.42 27.39 -68.98
N LEU M 911 -68.14 28.69 -69.06
CA LEU M 911 -66.80 29.20 -68.79
C LEU M 911 -66.53 29.40 -67.29
N GLU M 912 -67.46 30.02 -66.56
CA GLU M 912 -67.23 30.21 -65.13
C GLU M 912 -67.18 28.89 -64.37
N PHE M 913 -67.86 27.86 -64.86
CA PHE M 913 -67.70 26.52 -64.29
C PHE M 913 -66.27 26.01 -64.39
N GLN M 914 -65.61 26.25 -65.52
CA GLN M 914 -64.34 25.59 -65.83
C GLN M 914 -63.18 25.97 -64.89
N HIS M 915 -63.20 27.17 -64.29
CA HIS M 915 -62.17 27.53 -63.32
C HIS M 915 -62.40 26.82 -61.98
N GLN M 916 -63.60 26.99 -61.42
CA GLN M 916 -63.83 26.71 -60.01
C GLN M 916 -63.69 25.22 -59.67
N VAL M 917 -63.84 24.31 -60.64
CA VAL M 917 -63.65 22.88 -60.39
C VAL M 917 -62.25 22.55 -59.90
N GLU M 918 -61.27 23.43 -60.17
CA GLU M 918 -59.90 23.18 -59.74
C GLU M 918 -59.74 23.32 -58.24
N GLU M 919 -60.74 23.87 -57.56
CA GLU M 919 -60.60 24.33 -56.19
C GLU M 919 -61.60 23.70 -55.25
N ALA M 920 -62.74 23.23 -55.77
CA ALA M 920 -63.48 22.19 -55.06
C ALA M 920 -62.54 21.00 -54.90
N LYS M 921 -62.38 20.54 -53.66
CA LYS M 921 -61.29 19.62 -53.34
C LYS M 921 -61.78 18.42 -52.53
N ASP M 922 -63.07 18.08 -52.63
CA ASP M 922 -63.60 16.86 -52.06
C ASP M 922 -64.82 16.38 -52.82
N LEU M 923 -65.09 15.06 -52.71
CA LEU M 923 -66.34 14.48 -53.18
C LEU M 923 -67.52 15.39 -52.93
N ASP M 924 -67.74 15.79 -51.68
CA ASP M 924 -68.91 16.58 -51.34
C ASP M 924 -68.65 18.09 -51.43
N GLN M 925 -67.59 18.48 -52.14
CA GLN M 925 -67.46 19.85 -52.62
C GLN M 925 -67.66 19.90 -54.11
N LEU M 926 -67.07 18.95 -54.84
CA LEU M 926 -67.16 18.95 -56.29
C LEU M 926 -68.50 18.44 -56.79
N ILE M 927 -69.23 17.64 -56.00
CA ILE M 927 -70.66 17.50 -56.26
C ILE M 927 -71.36 18.84 -56.14
N LYS M 928 -71.14 19.55 -55.03
CA LYS M 928 -72.06 20.64 -54.68
C LYS M 928 -71.88 21.84 -55.61
N ILE M 929 -70.64 22.17 -55.99
CA ILE M 929 -70.42 23.14 -57.05
C ILE M 929 -71.23 22.81 -58.30
N HIS M 930 -71.18 21.55 -58.73
CA HIS M 930 -71.89 21.13 -59.92
C HIS M 930 -73.41 21.19 -59.72
N TYR M 931 -73.90 20.72 -58.57
CA TYR M 931 -75.34 20.76 -58.31
C TYR M 931 -75.87 22.19 -58.31
N ARG M 932 -75.13 23.14 -57.73
CA ARG M 932 -75.52 24.54 -57.86
C ARG M 932 -75.54 24.95 -59.34
N TYR M 933 -74.46 24.64 -60.06
CA TYR M 933 -74.30 25.09 -61.44
C TYR M 933 -75.49 24.74 -62.33
N LEU M 934 -75.99 23.50 -62.22
CA LEU M 934 -77.18 23.16 -63.03
C LEU M 934 -78.42 23.90 -62.55
N SER M 935 -78.63 24.02 -61.24
CA SER M 935 -79.83 24.70 -60.78
C SER M 935 -79.75 26.19 -61.09
N THR M 936 -78.55 26.69 -61.42
CA THR M 936 -78.36 28.02 -62.01
C THR M 936 -78.72 28.06 -63.50
N ILE M 937 -78.24 27.10 -64.30
CA ILE M 937 -78.67 27.00 -65.69
C ILE M 937 -80.18 26.88 -65.78
N HIS M 938 -80.77 26.10 -64.88
CA HIS M 938 -82.22 25.88 -64.85
C HIS M 938 -83.01 27.16 -64.61
N ASP M 939 -82.50 28.06 -63.75
CA ASP M 939 -83.16 29.33 -63.46
C ASP M 939 -82.82 30.43 -64.48
N ARG M 940 -81.54 30.57 -64.87
CA ARG M 940 -81.12 31.66 -65.75
C ARG M 940 -81.54 31.44 -67.20
N CYS M 941 -81.73 30.20 -67.63
CA CYS M 941 -82.45 29.94 -68.88
C CYS M 941 -83.97 29.91 -68.67
N LEU M 942 -84.42 29.94 -67.41
CA LEU M 942 -85.84 29.95 -67.00
C LEU M 942 -86.64 28.78 -67.57
N LEU M 943 -86.18 27.59 -67.22
CA LEU M 943 -86.97 26.39 -67.36
C LEU M 943 -87.88 26.14 -66.16
N ARG M 944 -87.66 26.88 -65.06
CA ARG M 944 -88.38 26.71 -63.81
C ARG M 944 -89.84 27.15 -63.91
N GLU M 945 -90.58 26.89 -62.82
CA GLU M 945 -92.03 26.99 -62.77
C GLU M 945 -92.61 28.36 -63.15
N LYS M 946 -91.78 29.34 -63.44
CA LYS M 946 -92.26 30.59 -64.03
C LYS M 946 -92.41 30.47 -65.55
N VAL M 947 -92.84 29.29 -66.00
CA VAL M 947 -93.07 29.04 -67.43
C VAL M 947 -94.14 29.98 -67.97
N SER M 948 -95.23 30.15 -67.22
CA SER M 948 -96.46 30.71 -67.77
C SER M 948 -96.35 32.21 -68.07
N PHE M 949 -95.28 32.86 -67.61
CA PHE M 949 -95.12 34.30 -67.81
C PHE M 949 -94.19 34.63 -68.96
N VAL M 950 -93.18 33.81 -69.22
CA VAL M 950 -92.13 34.10 -70.18
C VAL M 950 -92.04 33.01 -71.25
N LYS M 951 -92.00 31.74 -70.82
CA LYS M 951 -91.73 30.64 -71.73
C LYS M 951 -92.87 30.41 -72.72
N GLU M 952 -94.11 30.70 -72.34
CA GLU M 952 -95.22 30.60 -73.27
C GLU M 952 -95.06 31.64 -74.38
N ALA M 953 -94.64 32.85 -74.00
CA ALA M 953 -94.39 33.92 -74.95
C ALA M 953 -93.21 33.58 -75.86
N ILE M 954 -92.10 33.13 -75.28
CA ILE M 954 -90.90 32.83 -76.07
C ILE M 954 -91.15 31.66 -77.00
N MET M 955 -91.95 30.68 -76.57
CA MET M 955 -92.25 29.58 -77.46
C MET M 955 -93.10 30.03 -78.65
N LYS M 956 -94.06 30.94 -78.45
CA LYS M 956 -94.85 31.38 -79.61
C LYS M 956 -93.98 32.16 -80.60
N VAL M 957 -93.16 33.10 -80.11
CA VAL M 957 -92.35 33.89 -81.05
C VAL M 957 -91.21 33.08 -81.62
N LEU M 958 -90.84 31.96 -80.98
CA LEU M 958 -89.99 30.98 -81.63
C LEU M 958 -90.73 30.29 -82.77
N ASN M 959 -92.00 29.93 -82.55
CA ASN M 959 -92.79 29.23 -83.55
C ASN M 959 -93.16 30.13 -84.73
N LEU M 960 -93.58 31.37 -84.47
CA LEU M 960 -94.02 32.24 -85.56
C LEU M 960 -92.95 32.34 -86.65
N ALA M 961 -91.68 32.34 -86.25
CA ALA M 961 -90.58 32.33 -87.21
C ALA M 961 -90.62 31.08 -88.10
N LEU M 962 -90.81 29.90 -87.52
CA LEU M 962 -90.94 28.70 -88.33
C LEU M 962 -92.15 28.82 -89.25
N MET M 963 -93.26 29.34 -88.71
CA MET M 963 -94.47 29.49 -89.50
C MET M 963 -94.26 30.38 -90.72
N PHE M 964 -93.55 31.49 -90.54
CA PHE M 964 -93.15 32.41 -91.60
C PHE M 964 -92.17 31.77 -92.58
N ALA M 965 -91.29 30.89 -92.09
CA ALA M 965 -90.34 30.20 -92.96
C ALA M 965 -91.01 29.14 -93.86
N ASP M 966 -92.06 28.48 -93.38
CA ASP M 966 -92.84 27.62 -94.27
C ASP M 966 -93.80 28.40 -95.15
N GLY M 967 -94.22 29.58 -94.73
CA GLY M 967 -95.02 30.46 -95.58
C GLY M 967 -94.23 30.99 -96.76
N TRP M 968 -93.20 31.80 -96.47
CA TRP M 968 -92.27 32.33 -97.47
C TRP M 968 -91.31 31.24 -97.94
N GLN M 969 -91.65 30.60 -99.07
CA GLN M 969 -90.90 29.48 -99.63
C GLN M 969 -89.60 29.88 -100.33
N ALA M 970 -89.00 31.01 -99.90
CA ALA M 970 -87.70 31.53 -100.36
C ALA M 970 -87.48 31.53 -101.88
N GLY M 971 -88.49 31.96 -102.65
CA GLY M 971 -88.30 32.19 -104.08
C GLY M 971 -89.54 32.50 -104.93
N LEU M 972 -90.69 31.90 -104.58
CA LEU M 972 -91.84 31.85 -105.51
C LEU M 972 -92.52 33.19 -105.71
N GLY M 973 -92.85 33.90 -104.63
CA GLY M 973 -93.52 35.18 -104.68
C GLY M 973 -95.04 35.11 -104.65
N THR M 974 -95.61 33.92 -104.83
CA THR M 974 -97.06 33.70 -104.77
C THR M 974 -97.50 33.39 -103.34
N TRP M 975 -97.47 34.42 -102.49
CA TRP M 975 -97.87 34.22 -101.10
C TRP M 975 -99.36 34.54 -100.93
N ARG M 976 -99.74 35.80 -101.18
CA ARG M 976 -101.10 36.21 -101.55
C ARG M 976 -102.12 36.22 -100.42
N MET M 977 -101.78 35.77 -99.20
CA MET M 977 -102.76 35.47 -98.16
C MET M 977 -102.48 36.32 -96.93
N GLU M 978 -103.51 37.04 -96.44
CA GLU M 978 -103.31 38.22 -95.59
C GLU M 978 -103.26 37.91 -94.09
N SER M 979 -103.61 36.70 -93.66
CA SER M 979 -103.52 36.37 -92.23
C SER M 979 -102.11 36.52 -91.70
N ILE M 980 -101.11 36.28 -92.55
CA ILE M 980 -99.71 36.36 -92.13
C ILE M 980 -99.32 37.79 -91.76
N GLU M 981 -99.98 38.80 -92.34
CA GLU M 981 -99.79 40.17 -91.86
C GLU M 981 -100.47 40.43 -90.51
N LYS M 982 -101.55 39.71 -90.17
CA LYS M 982 -102.01 39.74 -88.78
C LYS M 982 -101.04 38.97 -87.87
N MET M 983 -100.44 37.89 -88.37
CA MET M 983 -99.38 37.23 -87.61
C MET M 983 -98.18 38.15 -87.41
N GLU M 984 -97.91 39.05 -88.36
CA GLU M 984 -96.91 40.09 -88.12
C GLU M 984 -97.35 41.01 -86.96
N SER M 985 -98.62 41.38 -86.91
CA SER M 985 -99.13 42.14 -85.78
C SER M 985 -99.12 41.30 -84.50
N ASP M 986 -99.36 40.00 -84.61
CA ASP M 986 -99.20 39.11 -83.46
C ASP M 986 -97.80 39.24 -82.88
N PHE M 987 -96.78 39.08 -83.73
CA PHE M 987 -95.40 39.29 -83.30
C PHE M 987 -95.21 40.66 -82.66
N LYS M 988 -95.79 41.71 -83.24
CA LYS M 988 -95.64 43.04 -82.65
C LYS M 988 -96.21 43.10 -81.24
N ASN M 989 -97.46 42.67 -81.04
CA ASN M 989 -97.96 42.62 -79.67
C ASN M 989 -97.21 41.60 -78.81
N CYS M 990 -96.65 40.53 -79.40
CA CYS M 990 -95.74 39.67 -78.64
C CYS M 990 -94.50 40.43 -78.16
N HIS M 991 -94.03 41.43 -78.92
CA HIS M 991 -92.84 42.15 -78.50
C HIS M 991 -93.17 42.97 -77.26
N MET M 992 -94.44 43.31 -77.09
CA MET M 992 -94.90 43.95 -75.87
C MET M 992 -95.02 42.91 -74.78
N PHE M 993 -95.69 41.80 -75.10
CA PHE M 993 -95.75 40.71 -74.15
C PHE M 993 -94.36 40.39 -73.61
N LEU M 994 -93.30 40.88 -74.27
CA LEU M 994 -91.93 40.59 -73.88
C LEU M 994 -91.37 41.71 -73.01
N VAL M 995 -91.35 42.95 -73.51
CA VAL M 995 -90.66 44.00 -72.78
C VAL M 995 -91.45 44.41 -71.53
N THR M 996 -92.79 44.33 -71.58
CA THR M 996 -93.59 44.72 -70.41
C THR M 996 -93.56 43.65 -69.32
N ILE M 997 -93.68 42.38 -69.69
CA ILE M 997 -93.68 41.31 -68.67
C ILE M 997 -92.27 41.11 -68.13
N LEU M 998 -91.23 41.39 -68.95
CA LEU M 998 -89.88 41.39 -68.41
C LEU M 998 -89.63 42.58 -67.50
N ASN M 999 -90.28 43.71 -67.75
CA ASN M 999 -90.13 44.86 -66.86
C ASN M 999 -91.07 44.79 -65.68
N LYS M 1000 -91.98 43.82 -65.67
CA LYS M 1000 -92.81 43.55 -64.49
C LYS M 1000 -92.08 42.66 -63.48
N ALA M 1001 -90.89 42.17 -63.81
CA ALA M 1001 -90.13 41.35 -62.89
C ALA M 1001 -89.40 42.20 -61.85
N VAL M 1002 -89.37 43.52 -62.05
CA VAL M 1002 -88.70 44.42 -61.11
C VAL M 1002 -89.51 44.51 -59.82
N CYS M 1003 -90.82 44.29 -59.90
CA CYS M 1003 -91.66 44.17 -58.72
C CYS M 1003 -91.27 42.94 -57.91
N ARG M 1004 -91.33 41.76 -58.55
CA ARG M 1004 -90.96 40.51 -57.91
C ARG M 1004 -90.51 39.53 -58.99
N GLY M 1005 -89.53 38.67 -58.64
CA GLY M 1005 -89.09 37.62 -59.53
C GLY M 1005 -87.57 37.46 -59.51
N SER M 1006 -87.08 36.59 -60.41
CA SER M 1006 -85.65 36.37 -60.65
C SER M 1006 -85.07 37.46 -61.58
N PHE M 1007 -85.01 38.70 -61.06
CA PHE M 1007 -85.09 39.81 -62.02
C PHE M 1007 -83.81 40.18 -62.79
N PRO M 1008 -82.59 40.02 -62.26
CA PRO M 1008 -81.49 40.82 -62.82
C PRO M 1008 -80.90 40.28 -64.13
N HIS M 1009 -80.85 38.96 -64.31
CA HIS M 1009 -80.53 38.44 -65.64
C HIS M 1009 -81.67 38.72 -66.63
N LEU M 1010 -82.89 38.82 -66.13
CA LEU M 1010 -84.01 39.15 -67.00
C LEU M 1010 -83.94 40.60 -67.46
N GLU M 1011 -83.57 41.51 -66.56
CA GLU M 1011 -83.33 42.89 -66.96
C GLU M 1011 -82.21 43.02 -67.98
N SER M 1012 -81.31 42.04 -68.07
CA SER M 1012 -80.33 42.02 -69.16
C SER M 1012 -80.88 41.42 -70.46
N LEU M 1013 -81.90 40.55 -70.39
CA LEU M 1013 -82.65 40.20 -71.61
C LEU M 1013 -83.61 41.31 -72.04
N ALA M 1014 -84.09 42.12 -71.11
CA ALA M 1014 -85.11 43.11 -71.45
C ALA M 1014 -84.52 44.32 -72.16
N LEU M 1015 -83.20 44.42 -72.25
CA LEU M 1015 -82.54 45.37 -73.14
C LEU M 1015 -82.43 44.79 -74.54
N SER M 1016 -83.60 44.59 -75.16
CA SER M 1016 -83.68 44.00 -76.49
C SER M 1016 -83.86 45.06 -77.57
N LEU M 1017 -83.73 46.35 -77.21
CA LEU M 1017 -83.60 47.52 -78.06
C LEU M 1017 -84.92 47.93 -78.71
N MET M 1018 -85.94 47.08 -78.68
CA MET M 1018 -87.26 47.32 -79.26
C MET M 1018 -87.18 47.72 -80.73
N ALA M 1019 -87.78 48.86 -81.08
CA ALA M 1019 -87.84 49.33 -82.47
C ALA M 1019 -87.80 50.84 -82.54
N MET N 1 -51.59 -19.79 5.50
CA MET N 1 -50.97 -18.43 5.35
C MET N 1 -49.50 -18.47 4.82
N ILE N 2 -48.47 -18.24 5.63
CA ILE N 2 -47.15 -17.91 5.08
C ILE N 2 -46.46 -19.12 4.43
N HIS N 3 -45.89 -18.87 3.24
CA HIS N 3 -45.08 -19.70 2.32
C HIS N 3 -45.86 -20.89 1.76
N GLU N 4 -46.85 -21.38 2.50
CA GLU N 4 -47.77 -22.38 2.00
C GLU N 4 -48.53 -21.86 0.77
N LEU N 5 -48.95 -20.59 0.83
CA LEU N 5 -49.62 -19.97 -0.32
C LEU N 5 -48.74 -19.95 -1.56
N LEU N 6 -47.48 -19.56 -1.43
CA LEU N 6 -46.61 -19.59 -2.60
C LEU N 6 -46.40 -20.99 -3.16
N LEU N 7 -46.45 -22.04 -2.34
CA LEU N 7 -46.53 -23.35 -2.98
C LEU N 7 -47.89 -23.58 -3.61
N ALA N 8 -48.96 -23.00 -3.06
CA ALA N 8 -50.25 -23.17 -3.70
C ALA N 8 -50.35 -22.43 -5.04
N LEU N 9 -49.90 -21.17 -5.16
CA LEU N 9 -50.07 -20.53 -6.47
C LEU N 9 -49.16 -21.10 -7.56
N SER N 10 -48.16 -21.90 -7.23
CA SER N 10 -47.21 -22.42 -8.21
C SER N 10 -47.62 -23.78 -8.77
N GLY N 11 -48.65 -24.43 -8.20
CA GLY N 11 -49.11 -25.73 -8.62
C GLY N 11 -48.85 -26.90 -7.69
N TYR N 12 -48.44 -26.67 -6.44
CA TYR N 12 -48.19 -27.74 -5.47
C TYR N 12 -49.11 -27.60 -4.24
N PRO N 13 -50.36 -28.00 -4.36
CA PRO N 13 -51.36 -27.87 -3.29
C PRO N 13 -51.24 -28.89 -2.16
N GLY N 14 -51.88 -28.58 -1.02
CA GLY N 14 -51.95 -29.50 0.11
C GLY N 14 -52.57 -28.85 1.34
N SER N 15 -52.87 -29.70 2.33
CA SER N 15 -53.30 -29.32 3.69
C SER N 15 -54.32 -28.17 3.81
N ILE N 16 -53.89 -26.90 3.77
CA ILE N 16 -54.85 -25.79 3.90
C ILE N 16 -55.49 -25.44 2.57
N PHE N 17 -54.67 -25.24 1.54
CA PHE N 17 -55.14 -24.98 0.17
C PHE N 17 -55.51 -26.31 -0.48
N THR N 18 -56.68 -26.85 -0.10
CA THR N 18 -57.11 -28.14 -0.65
C THR N 18 -57.44 -27.97 -2.13
N TRP N 19 -56.67 -28.61 -3.01
CA TRP N 19 -57.05 -28.70 -4.42
C TRP N 19 -58.26 -29.61 -4.58
N ASN N 20 -59.20 -29.17 -5.39
CA ASN N 20 -60.34 -29.96 -5.83
C ASN N 20 -60.52 -29.71 -7.32
N LYS N 21 -60.71 -30.79 -8.11
CA LYS N 21 -60.66 -30.62 -9.57
C LYS N 21 -61.83 -29.79 -10.11
N ARG N 22 -62.95 -29.72 -9.39
CA ARG N 22 -64.11 -28.94 -9.79
C ARG N 22 -63.91 -27.44 -9.57
N SER N 23 -63.68 -27.04 -8.32
CA SER N 23 -63.63 -25.65 -7.92
C SER N 23 -62.23 -25.07 -8.11
N GLY N 24 -61.22 -25.93 -8.06
CA GLY N 24 -59.83 -25.54 -8.07
C GLY N 24 -59.21 -25.51 -6.69
N LEU N 25 -58.27 -24.59 -6.46
CA LEU N 25 -57.75 -24.34 -5.12
C LEU N 25 -58.85 -23.81 -4.22
N GLN N 26 -59.01 -24.39 -3.03
CA GLN N 26 -60.05 -23.95 -2.12
C GLN N 26 -59.52 -24.01 -0.68
N VAL N 27 -59.84 -22.96 0.14
CA VAL N 27 -59.44 -22.81 1.54
C VAL N 27 -60.59 -23.27 2.44
N SER N 28 -60.28 -23.72 3.66
CA SER N 28 -61.21 -24.64 4.33
C SER N 28 -62.29 -23.97 5.17
N GLN N 29 -62.42 -22.64 5.14
CA GLN N 29 -63.60 -21.92 5.59
C GLN N 29 -63.89 -21.93 7.11
N ASP N 30 -63.07 -22.57 7.96
CA ASP N 30 -63.27 -22.43 9.40
C ASP N 30 -61.95 -22.71 10.11
N PHE N 31 -61.46 -21.72 10.86
CA PHE N 31 -60.21 -21.83 11.58
C PHE N 31 -60.27 -21.03 12.87
N PRO N 32 -59.48 -21.39 13.88
CA PRO N 32 -59.26 -20.47 15.02
C PRO N 32 -58.34 -19.27 14.75
N PHE N 33 -57.30 -19.35 13.90
CA PHE N 33 -56.46 -18.18 13.62
C PHE N 33 -57.17 -17.17 12.70
N LEU N 34 -57.56 -17.60 11.49
CA LEU N 34 -58.04 -16.71 10.41
C LEU N 34 -59.40 -16.08 10.67
N HIS N 35 -59.45 -14.75 10.81
CA HIS N 35 -60.75 -14.11 11.00
C HIS N 35 -61.50 -13.87 9.68
N PRO N 36 -62.81 -13.60 9.76
CA PRO N 36 -63.59 -13.39 8.55
C PRO N 36 -63.00 -12.44 7.52
N SER N 37 -62.17 -11.48 7.90
CA SER N 37 -61.56 -10.60 6.92
C SER N 37 -60.89 -11.27 5.73
N GLU N 38 -60.37 -12.50 5.85
CA GLU N 38 -59.24 -12.89 4.99
C GLU N 38 -59.33 -14.20 4.18
N THR N 39 -60.22 -15.16 4.46
CA THR N 39 -60.32 -16.28 3.54
C THR N 39 -60.80 -15.85 2.15
N SER N 40 -61.69 -14.84 2.10
CA SER N 40 -62.16 -14.29 0.83
C SER N 40 -61.11 -13.47 0.08
N VAL N 41 -59.95 -13.19 0.67
CA VAL N 41 -58.83 -12.72 -0.13
C VAL N 41 -58.06 -13.89 -0.72
N LEU N 42 -57.99 -15.01 0.00
CA LEU N 42 -57.38 -16.20 -0.57
C LEU N 42 -58.16 -16.75 -1.76
N ASN N 43 -59.48 -16.71 -1.73
CA ASN N 43 -60.21 -17.19 -2.89
C ASN N 43 -59.91 -16.37 -4.15
N ARG N 44 -59.73 -15.04 -4.07
CA ARG N 44 -59.27 -14.32 -5.27
C ARG N 44 -57.95 -14.85 -5.78
N LEU N 45 -56.98 -15.04 -4.88
CA LEU N 45 -55.69 -15.58 -5.28
C LEU N 45 -55.81 -17.02 -5.78
N CYS N 46 -56.65 -17.83 -5.13
CA CYS N 46 -56.88 -19.20 -5.57
C CYS N 46 -57.53 -19.30 -6.94
N ARG N 47 -58.38 -18.36 -7.32
CA ARG N 47 -58.88 -18.42 -8.69
C ARG N 47 -57.77 -18.11 -9.70
N LEU N 48 -56.89 -17.15 -9.41
CA LEU N 48 -55.74 -16.97 -10.30
C LEU N 48 -54.87 -18.22 -10.30
N GLY N 49 -54.57 -18.76 -9.12
CA GLY N 49 -53.75 -19.95 -9.07
C GLY N 49 -54.44 -21.18 -9.63
N THR N 50 -55.76 -21.24 -9.53
CA THR N 50 -56.51 -22.30 -10.19
C THR N 50 -56.34 -22.22 -11.70
N ASP N 51 -56.49 -21.03 -12.25
CA ASP N 51 -56.14 -20.86 -13.67
C ASP N 51 -54.66 -21.14 -13.97
N TYR N 52 -53.74 -21.05 -13.01
CA TYR N 52 -52.38 -21.51 -13.31
C TYR N 52 -52.20 -23.02 -13.22
N ILE N 53 -52.73 -23.64 -12.16
CA ILE N 53 -52.86 -25.09 -12.19
C ILE N 53 -53.54 -25.51 -13.48
N ARG N 54 -54.69 -24.92 -13.80
CA ARG N 54 -55.37 -25.22 -15.04
C ARG N 54 -54.61 -24.78 -16.29
N PHE N 55 -53.65 -23.86 -16.18
CA PHE N 55 -52.77 -23.63 -17.33
C PHE N 55 -51.65 -24.66 -17.47
N THR N 56 -50.97 -25.04 -16.38
CA THR N 56 -49.89 -26.03 -16.53
C THR N 56 -50.39 -27.35 -17.08
N GLU N 57 -51.60 -27.76 -16.69
CA GLU N 57 -52.19 -28.98 -17.24
C GLU N 57 -52.33 -28.90 -18.76
N PHE N 58 -52.97 -27.86 -19.26
CA PHE N 58 -53.11 -27.74 -20.71
C PHE N 58 -51.79 -27.51 -21.44
N ILE N 59 -50.73 -26.98 -20.82
CA ILE N 59 -49.43 -26.98 -21.52
C ILE N 59 -48.86 -28.39 -21.59
N GLU N 60 -48.70 -29.05 -20.43
CA GLU N 60 -47.98 -30.32 -20.43
C GLU N 60 -48.71 -31.39 -21.26
N GLN N 61 -50.03 -31.33 -21.34
CA GLN N 61 -50.78 -32.38 -22.03
C GLN N 61 -50.67 -32.34 -23.56
N TYR N 62 -50.02 -31.32 -24.14
CA TYR N 62 -49.93 -31.21 -25.59
C TYR N 62 -48.55 -30.77 -26.11
N THR N 63 -47.47 -31.02 -25.37
CA THR N 63 -46.18 -31.20 -26.02
C THR N 63 -45.34 -32.17 -25.18
N GLY N 64 -44.49 -32.93 -25.87
CA GLY N 64 -43.75 -34.03 -25.28
C GLY N 64 -44.53 -35.28 -24.90
N HIS N 65 -45.82 -35.13 -24.59
CA HIS N 65 -46.61 -36.22 -24.03
C HIS N 65 -46.92 -37.32 -25.05
N VAL N 66 -47.18 -36.99 -26.33
CA VAL N 66 -47.59 -37.97 -27.34
C VAL N 66 -46.92 -37.65 -28.67
N GLN N 67 -46.58 -38.71 -29.45
CA GLN N 67 -46.00 -38.54 -30.80
C GLN N 67 -46.71 -39.44 -31.84
N GLN N 68 -47.93 -39.01 -32.22
CA GLN N 68 -48.68 -39.42 -33.40
C GLN N 68 -49.17 -40.88 -33.44
N GLN N 69 -48.61 -41.77 -32.61
CA GLN N 69 -49.07 -43.17 -32.54
C GLN N 69 -49.14 -43.85 -33.90
N GLN N 76 -55.77 -42.87 -32.05
CA GLN N 76 -55.60 -42.02 -33.22
C GLN N 76 -55.17 -40.61 -32.80
N GLY N 77 -54.09 -40.11 -33.41
CA GLY N 77 -53.63 -38.75 -33.18
C GLY N 77 -54.47 -37.68 -33.86
N GLN N 78 -55.72 -37.54 -33.41
CA GLN N 78 -56.71 -36.70 -34.08
C GLN N 78 -56.29 -35.24 -34.15
N GLY N 79 -56.43 -34.66 -35.36
CA GLY N 79 -56.09 -33.27 -35.56
C GLY N 79 -56.80 -32.32 -34.62
N GLY N 80 -58.13 -32.41 -34.55
CA GLY N 80 -58.93 -31.60 -33.64
C GLY N 80 -58.55 -31.69 -32.17
N LEU N 81 -57.62 -32.58 -31.81
CA LEU N 81 -57.05 -32.62 -30.47
C LEU N 81 -55.53 -32.76 -30.51
N HIS N 82 -54.88 -32.26 -31.58
CA HIS N 82 -53.44 -32.10 -31.55
C HIS N 82 -52.98 -31.24 -32.73
N GLY N 83 -51.72 -31.40 -33.15
CA GLY N 83 -51.27 -30.81 -34.40
C GLY N 83 -50.12 -29.84 -34.25
N ILE N 84 -49.41 -29.61 -35.36
CA ILE N 84 -48.27 -28.72 -35.40
C ILE N 84 -48.61 -27.32 -34.88
N TYR N 85 -49.89 -26.96 -34.81
CA TYR N 85 -50.29 -25.70 -34.20
C TYR N 85 -50.51 -25.80 -32.69
N LEU N 86 -51.38 -26.70 -32.25
CA LEU N 86 -51.68 -26.75 -30.82
C LEU N 86 -50.43 -27.06 -29.99
N ARG N 87 -49.45 -27.79 -30.53
CA ARG N 87 -48.15 -27.87 -29.88
C ARG N 87 -47.56 -26.49 -29.67
N ALA N 88 -47.55 -25.67 -30.71
CA ALA N 88 -46.81 -24.42 -30.69
C ALA N 88 -47.58 -23.31 -29.99
N PHE N 89 -48.90 -23.41 -29.92
CA PHE N 89 -49.64 -22.57 -28.98
C PHE N 89 -49.16 -22.78 -27.55
N CYS N 90 -49.14 -24.03 -27.09
CA CYS N 90 -48.67 -24.26 -25.72
C CYS N 90 -47.20 -23.94 -25.48
N THR N 91 -46.35 -23.77 -26.51
CA THR N 91 -45.07 -23.11 -26.24
C THR N 91 -45.21 -21.59 -26.18
N GLY N 92 -45.98 -20.96 -27.07
CA GLY N 92 -46.29 -19.56 -26.87
C GLY N 92 -46.83 -19.33 -25.47
N LEU N 93 -47.78 -20.17 -25.07
CA LEU N 93 -48.37 -20.12 -23.74
C LEU N 93 -47.34 -20.33 -22.64
N ASP N 94 -46.39 -21.25 -22.83
CA ASP N 94 -45.25 -21.35 -21.92
C ASP N 94 -44.47 -20.04 -21.86
N SER N 95 -44.20 -19.41 -23.01
CA SER N 95 -43.49 -18.15 -23.02
C SER N 95 -44.32 -16.99 -22.43
N VAL N 96 -45.65 -17.08 -22.51
CA VAL N 96 -46.56 -16.13 -21.87
C VAL N 96 -46.67 -16.33 -20.37
N LEU N 97 -46.35 -17.52 -19.88
CA LEU N 97 -46.33 -17.81 -18.46
C LEU N 97 -44.98 -17.53 -17.79
N GLN N 98 -43.91 -17.26 -18.55
CA GLN N 98 -42.68 -16.82 -17.90
C GLN N 98 -42.89 -15.58 -17.03
N PRO N 99 -43.57 -14.52 -17.49
CA PRO N 99 -43.93 -13.43 -16.57
C PRO N 99 -44.63 -13.85 -15.28
N TYR N 100 -45.57 -14.80 -15.32
CA TYR N 100 -46.21 -15.25 -14.07
C TYR N 100 -45.24 -16.00 -13.18
N ARG N 101 -44.40 -16.87 -13.76
CA ARG N 101 -43.41 -17.59 -12.97
C ARG N 101 -42.41 -16.62 -12.33
N GLN N 102 -41.91 -15.66 -13.11
CA GLN N 102 -41.04 -14.63 -12.55
C GLN N 102 -41.72 -13.86 -11.43
N ALA N 103 -42.94 -13.39 -11.66
CA ALA N 103 -43.74 -12.70 -10.63
C ALA N 103 -44.25 -13.62 -9.51
N LEU N 104 -43.78 -14.86 -9.45
CA LEU N 104 -44.09 -15.75 -8.34
C LEU N 104 -42.83 -16.29 -7.69
N LEU N 105 -41.69 -16.22 -8.37
CA LEU N 105 -40.39 -16.28 -7.69
C LEU N 105 -40.06 -14.99 -6.94
N ASP N 106 -40.45 -13.83 -7.49
CA ASP N 106 -40.16 -12.57 -6.82
C ASP N 106 -40.89 -12.38 -5.49
N LEU N 107 -41.88 -13.21 -5.16
CA LEU N 107 -42.40 -13.29 -3.80
C LEU N 107 -41.67 -14.27 -2.89
N GLU N 108 -40.94 -15.22 -3.46
CA GLU N 108 -40.25 -16.23 -2.65
C GLU N 108 -39.14 -15.60 -1.82
N GLN N 109 -38.50 -14.57 -2.36
CA GLN N 109 -37.49 -13.78 -1.67
C GLN N 109 -38.10 -12.73 -0.73
N GLU N 110 -39.38 -12.89 -0.37
CA GLU N 110 -40.01 -12.08 0.70
C GLU N 110 -40.80 -12.91 1.70
N PHE N 111 -41.63 -13.88 1.27
CA PHE N 111 -42.39 -14.66 2.25
C PHE N 111 -41.51 -15.36 3.28
N LEU N 112 -40.23 -15.64 2.95
CA LEU N 112 -39.15 -15.88 3.93
C LEU N 112 -37.88 -15.17 3.48
N GLY N 113 -38.02 -13.89 3.14
CA GLY N 113 -36.91 -12.97 2.95
C GLY N 113 -37.20 -11.60 3.53
N ASP N 114 -38.46 -11.39 3.95
CA ASP N 114 -38.96 -10.22 4.67
C ASP N 114 -39.97 -10.76 5.69
N PRO N 115 -39.62 -10.78 6.98
CA PRO N 115 -40.22 -11.77 7.90
C PRO N 115 -41.73 -11.68 8.11
N HIS N 116 -42.40 -10.58 7.73
CA HIS N 116 -43.86 -10.50 7.76
C HIS N 116 -44.42 -9.95 6.45
N LEU N 117 -45.44 -10.63 5.93
CA LEU N 117 -46.35 -10.13 4.93
C LEU N 117 -47.78 -10.48 5.34
N SER N 118 -48.73 -9.73 4.80
CA SER N 118 -50.13 -10.12 4.82
C SER N 118 -50.63 -10.19 3.38
N ILE N 119 -51.58 -11.10 3.15
CA ILE N 119 -52.01 -11.40 1.80
C ILE N 119 -52.61 -10.20 1.08
N SER N 120 -52.93 -9.10 1.78
CA SER N 120 -53.27 -7.87 1.09
C SER N 120 -52.13 -7.39 0.18
N HIS N 121 -50.87 -7.48 0.61
CA HIS N 121 -49.79 -7.15 -0.32
C HIS N 121 -49.66 -8.19 -1.45
N VAL N 122 -49.95 -9.46 -1.17
CA VAL N 122 -49.87 -10.49 -2.19
C VAL N 122 -50.97 -10.28 -3.22
N ASN N 123 -52.20 -10.15 -2.73
CA ASN N 123 -53.34 -9.84 -3.57
C ASN N 123 -53.09 -8.63 -4.46
N TYR N 124 -52.54 -7.55 -3.91
CA TYR N 124 -52.12 -6.44 -4.76
C TYR N 124 -51.04 -6.84 -5.75
N PHE N 125 -49.94 -7.45 -5.27
CA PHE N 125 -48.80 -7.65 -6.17
C PHE N 125 -49.17 -8.55 -7.35
N LEU N 126 -49.93 -9.61 -7.09
CA LEU N 126 -50.47 -10.46 -8.14
C LEU N 126 -51.78 -9.96 -8.74
N ASP N 127 -52.36 -8.87 -8.23
CA ASP N 127 -53.54 -8.36 -8.93
C ASP N 127 -53.22 -7.92 -10.34
N GLN N 128 -51.96 -7.66 -10.67
CA GLN N 128 -51.64 -7.45 -12.09
C GLN N 128 -52.09 -8.65 -12.92
N PHE N 129 -51.71 -9.86 -12.51
CA PHE N 129 -52.10 -11.09 -13.21
C PHE N 129 -53.55 -11.46 -12.97
N GLN N 130 -54.23 -10.86 -12.01
CA GLN N 130 -55.65 -11.13 -11.95
C GLN N 130 -56.33 -10.63 -13.21
N LEU N 131 -55.71 -9.68 -13.91
CA LEU N 131 -56.28 -9.16 -15.15
C LEU N 131 -55.97 -10.05 -16.36
N LEU N 132 -54.72 -10.52 -16.50
CA LEU N 132 -54.34 -11.22 -17.73
C LEU N 132 -54.95 -12.61 -17.82
N PHE N 133 -54.99 -13.38 -16.72
CA PHE N 133 -55.33 -14.79 -16.88
C PHE N 133 -56.76 -15.04 -17.37
N PRO N 134 -57.82 -14.45 -16.84
CA PRO N 134 -59.12 -14.83 -17.43
C PRO N 134 -59.20 -14.43 -18.90
N SER N 135 -58.41 -13.45 -19.35
CA SER N 135 -58.46 -13.03 -20.75
C SER N 135 -57.83 -14.05 -21.67
N VAL N 136 -56.93 -14.90 -21.16
CA VAL N 136 -56.43 -16.03 -21.93
C VAL N 136 -57.12 -17.32 -21.50
N MET N 137 -57.71 -17.36 -20.30
CA MET N 137 -58.57 -18.48 -19.94
C MET N 137 -59.76 -18.62 -20.87
N VAL N 138 -60.32 -17.49 -21.34
CA VAL N 138 -61.41 -17.58 -22.31
C VAL N 138 -60.89 -18.09 -23.66
N VAL N 139 -59.63 -17.83 -23.98
CA VAL N 139 -59.07 -18.35 -25.23
C VAL N 139 -58.96 -19.88 -25.18
N VAL N 140 -58.32 -20.45 -24.15
CA VAL N 140 -58.27 -21.91 -24.08
C VAL N 140 -59.63 -22.54 -23.77
N GLU N 141 -60.59 -21.82 -23.20
CA GLU N 141 -61.91 -22.42 -23.08
C GLU N 141 -62.64 -22.37 -24.40
N GLN N 142 -62.29 -21.42 -25.26
CA GLN N 142 -62.81 -21.40 -26.63
C GLN N 142 -62.22 -22.58 -27.42
N ILE N 143 -60.93 -22.86 -27.25
CA ILE N 143 -60.33 -24.01 -27.93
C ILE N 143 -60.98 -25.31 -27.45
N LYS N 144 -61.03 -25.53 -26.14
CA LYS N 144 -61.58 -26.78 -25.61
C LYS N 144 -63.06 -27.00 -25.92
N SER N 145 -63.80 -25.98 -26.35
CA SER N 145 -65.22 -26.21 -26.65
C SER N 145 -65.49 -26.21 -28.15
N GLN N 146 -64.75 -25.42 -28.92
CA GLN N 146 -64.97 -25.30 -30.35
C GLN N 146 -64.17 -26.31 -31.15
N LYS N 147 -63.27 -27.05 -30.50
CA LYS N 147 -62.45 -28.06 -31.17
C LYS N 147 -61.69 -27.44 -32.33
N ILE N 148 -61.06 -26.30 -32.04
CA ILE N 148 -60.29 -25.54 -33.01
C ILE N 148 -59.07 -26.37 -33.44
N HIS N 149 -58.57 -26.07 -34.63
CA HIS N 149 -57.58 -26.93 -35.27
C HIS N 149 -56.68 -26.13 -36.21
N GLY N 150 -55.47 -26.65 -36.44
CA GLY N 150 -54.67 -26.29 -37.60
C GLY N 150 -54.42 -24.79 -37.63
N CYS N 151 -54.38 -24.20 -38.83
CA CYS N 151 -54.27 -22.73 -38.84
C CYS N 151 -55.55 -22.03 -38.43
N GLN N 152 -56.63 -22.74 -38.20
CA GLN N 152 -57.85 -22.05 -37.78
C GLN N 152 -57.80 -21.61 -36.27
N ILE N 153 -56.65 -21.78 -35.63
CA ILE N 153 -56.41 -21.16 -34.33
C ILE N 153 -55.86 -19.74 -34.49
N LEU N 154 -55.10 -19.46 -35.56
CA LEU N 154 -54.58 -18.11 -35.78
C LEU N 154 -55.69 -17.06 -35.88
N GLU N 155 -56.89 -17.45 -36.31
CA GLU N 155 -58.01 -16.51 -36.29
C GLU N 155 -58.50 -16.23 -34.87
N THR N 156 -58.54 -17.23 -34.01
CA THR N 156 -58.95 -17.03 -32.62
C THR N 156 -57.96 -16.14 -31.90
N VAL N 157 -56.68 -16.44 -32.05
CA VAL N 157 -55.61 -15.63 -31.48
C VAL N 157 -55.70 -14.20 -32.00
N TYR N 158 -55.82 -14.01 -33.32
CA TYR N 158 -55.80 -12.66 -33.86
C TYR N 158 -57.11 -11.93 -33.57
N LYS N 159 -58.21 -12.65 -33.37
CA LYS N 159 -59.44 -12.01 -32.96
C LYS N 159 -59.25 -11.37 -31.58
N HIS N 160 -58.95 -12.17 -30.56
CA HIS N 160 -58.81 -11.61 -29.23
C HIS N 160 -57.54 -10.80 -29.05
N SER N 161 -56.62 -10.80 -30.01
CA SER N 161 -55.58 -9.80 -30.03
C SER N 161 -56.08 -8.42 -30.44
N CYS N 162 -57.35 -8.29 -30.83
CA CYS N 162 -58.01 -7.01 -31.08
C CYS N 162 -58.79 -6.48 -29.89
N GLY N 163 -58.91 -7.27 -28.82
CA GLY N 163 -59.27 -6.70 -27.53
C GLY N 163 -58.30 -5.62 -27.12
N GLY N 164 -58.83 -4.43 -26.79
CA GLY N 164 -58.00 -3.24 -26.70
C GLY N 164 -57.05 -3.18 -25.51
N LEU N 165 -57.22 -4.03 -24.48
CA LEU N 165 -56.45 -4.02 -23.24
C LEU N 165 -54.96 -4.26 -23.53
N PRO N 166 -54.09 -3.26 -23.41
CA PRO N 166 -52.65 -3.45 -23.73
C PRO N 166 -51.95 -4.63 -23.08
N PRO N 167 -52.17 -5.00 -21.81
CA PRO N 167 -51.50 -6.25 -21.37
C PRO N 167 -51.93 -7.46 -22.19
N VAL N 168 -53.23 -7.63 -22.38
CA VAL N 168 -53.75 -8.78 -23.09
C VAL N 168 -53.27 -8.74 -24.54
N ARG N 169 -53.26 -7.55 -25.14
CA ARG N 169 -52.82 -7.37 -26.51
C ARG N 169 -51.32 -7.58 -26.68
N SER N 170 -50.57 -7.79 -25.60
CA SER N 170 -49.17 -8.18 -25.71
C SER N 170 -49.01 -9.67 -25.52
N ALA N 171 -49.77 -10.23 -24.57
CA ALA N 171 -49.71 -11.66 -24.27
C ALA N 171 -50.09 -12.48 -25.49
N LEU N 172 -51.26 -12.21 -26.06
CA LEU N 172 -51.67 -12.93 -27.24
C LEU N 172 -50.94 -12.47 -28.48
N GLU N 173 -50.19 -11.36 -28.44
CA GLU N 173 -49.25 -11.11 -29.52
C GLU N 173 -48.06 -12.07 -29.45
N LYS N 174 -47.59 -12.39 -28.24
CA LYS N 174 -46.43 -13.27 -28.12
C LYS N 174 -46.78 -14.72 -28.39
N ILE N 175 -48.04 -15.10 -28.20
CA ILE N 175 -48.52 -16.38 -28.69
C ILE N 175 -48.54 -16.37 -30.21
N LEU N 176 -48.93 -15.24 -30.79
CA LEU N 176 -49.13 -15.16 -32.23
C LEU N 176 -47.81 -15.26 -32.96
N ALA N 177 -46.73 -14.76 -32.36
CA ALA N 177 -45.43 -14.84 -33.01
C ALA N 177 -44.95 -16.29 -33.12
N VAL N 178 -45.22 -17.11 -32.10
CA VAL N 178 -44.85 -18.53 -32.15
C VAL N 178 -45.59 -19.24 -33.28
N CYS N 179 -46.91 -19.06 -33.33
CA CYS N 179 -47.69 -19.83 -34.28
C CYS N 179 -47.45 -19.35 -35.71
N HIS N 180 -47.29 -18.04 -35.92
CA HIS N 180 -46.76 -17.61 -37.21
C HIS N 180 -45.41 -18.24 -37.50
N GLY N 181 -44.59 -18.45 -36.49
CA GLY N 181 -43.38 -19.22 -36.72
C GLY N 181 -43.69 -20.53 -37.40
N VAL N 182 -44.59 -21.32 -36.81
CA VAL N 182 -44.90 -22.63 -37.37
C VAL N 182 -45.38 -22.50 -38.81
N MET N 183 -46.44 -21.72 -39.03
CA MET N 183 -46.96 -21.64 -40.39
C MET N 183 -45.91 -21.10 -41.33
N TYR N 184 -44.99 -20.24 -40.84
CA TYR N 184 -43.90 -19.84 -41.73
C TYR N 184 -43.03 -21.04 -42.07
N LYS N 185 -42.72 -21.87 -41.09
CA LYS N 185 -41.94 -23.07 -41.38
C LYS N 185 -42.62 -23.91 -42.45
N GLN N 186 -43.93 -24.15 -42.31
CA GLN N 186 -44.62 -24.92 -43.33
C GLN N 186 -44.56 -24.25 -44.68
N LEU N 187 -44.60 -22.92 -44.70
CA LEU N 187 -44.54 -22.24 -45.97
C LEU N 187 -43.12 -22.17 -46.51
N SER N 188 -42.09 -22.10 -45.66
CA SER N 188 -40.74 -22.28 -46.15
C SER N 188 -40.57 -23.70 -46.68
N ALA N 189 -41.25 -24.66 -46.07
CA ALA N 189 -41.18 -26.04 -46.53
C ALA N 189 -41.75 -26.16 -47.94
N TRP N 190 -42.98 -25.69 -48.13
CA TRP N 190 -43.66 -25.97 -49.39
C TRP N 190 -43.04 -25.22 -50.57
N MET N 191 -42.75 -23.92 -50.43
CA MET N 191 -42.69 -23.10 -51.63
C MET N 191 -41.40 -23.24 -52.42
N LEU N 192 -40.28 -23.56 -51.79
CA LEU N 192 -39.03 -23.70 -52.53
C LEU N 192 -38.69 -25.16 -52.86
N HIS N 193 -39.36 -26.11 -52.21
CA HIS N 193 -39.02 -27.52 -52.30
C HIS N 193 -40.25 -28.39 -52.52
N GLY N 194 -41.42 -27.79 -52.79
CA GLY N 194 -42.57 -28.55 -53.21
C GLY N 194 -43.08 -29.53 -52.19
N LEU N 195 -42.71 -29.35 -50.92
CA LEU N 195 -43.01 -30.31 -49.87
C LEU N 195 -44.20 -29.85 -49.03
N LEU N 196 -45.34 -30.51 -49.22
CA LEU N 196 -46.49 -30.29 -48.36
C LEU N 196 -46.33 -31.15 -47.10
N LEU N 197 -45.60 -30.61 -46.11
CA LEU N 197 -45.25 -31.32 -44.89
C LEU N 197 -46.41 -31.41 -43.91
N ASP N 198 -47.63 -31.22 -44.40
CA ASP N 198 -48.80 -30.99 -43.54
C ASP N 198 -49.53 -32.28 -43.15
N GLN N 199 -48.81 -33.18 -42.47
CA GLN N 199 -49.45 -34.44 -42.11
C GLN N 199 -50.54 -34.23 -41.06
N HIS N 200 -51.61 -35.01 -41.22
CA HIS N 200 -52.75 -35.11 -40.28
C HIS N 200 -53.42 -33.75 -40.00
N GLU N 201 -53.41 -32.83 -40.97
CA GLU N 201 -53.62 -31.42 -40.67
C GLU N 201 -54.30 -30.70 -41.83
N GLU N 202 -54.48 -29.38 -41.67
CA GLU N 202 -54.52 -28.43 -42.78
C GLU N 202 -53.66 -27.21 -42.51
N PHE N 203 -52.62 -27.04 -43.32
CA PHE N 203 -51.96 -25.77 -43.64
C PHE N 203 -52.67 -25.09 -44.82
N PHE N 204 -54.00 -25.10 -44.77
CA PHE N 204 -54.88 -24.45 -45.73
C PHE N 204 -54.72 -24.91 -47.19
N ILE N 205 -53.55 -25.37 -47.63
CA ILE N 205 -53.46 -26.14 -48.88
C ILE N 205 -53.95 -27.56 -48.59
N LYS N 206 -55.08 -27.93 -49.16
CA LYS N 206 -55.56 -29.31 -49.13
C LYS N 206 -54.46 -30.20 -49.70
N SER N 253 -51.28 -33.72 -58.24
CA SER N 253 -51.53 -32.90 -59.41
C SER N 253 -52.83 -32.10 -59.26
N LEU N 254 -52.72 -30.87 -58.74
CA LEU N 254 -53.82 -29.99 -58.37
C LEU N 254 -54.70 -30.52 -57.24
N LYS N 255 -54.73 -31.83 -57.01
CA LYS N 255 -55.40 -32.39 -55.84
C LYS N 255 -54.35 -32.80 -54.83
N GLN N 256 -54.53 -32.37 -53.58
CA GLN N 256 -53.46 -32.13 -52.63
C GLN N 256 -52.60 -30.95 -53.09
N PHE N 257 -53.10 -30.17 -54.06
CA PHE N 257 -52.52 -28.92 -54.51
C PHE N 257 -53.63 -27.91 -54.80
N SER N 258 -54.65 -27.93 -53.92
CA SER N 258 -55.85 -27.12 -54.04
C SER N 258 -55.96 -26.24 -52.79
N LEU N 259 -56.20 -24.95 -52.98
CA LEU N 259 -56.40 -24.04 -51.84
C LEU N 259 -57.72 -24.32 -51.12
N ARG N 260 -57.64 -24.87 -49.91
CA ARG N 260 -58.76 -24.73 -48.99
C ARG N 260 -58.84 -23.26 -48.60
N VAL N 261 -60.05 -22.75 -48.38
CA VAL N 261 -60.20 -21.43 -47.80
C VAL N 261 -61.12 -21.41 -46.58
N GLU N 262 -61.74 -22.53 -46.21
CA GLU N 262 -62.48 -22.53 -44.96
C GLU N 262 -61.52 -22.32 -43.80
N ILE N 263 -60.53 -23.21 -43.66
CA ILE N 263 -59.45 -23.07 -42.69
C ILE N 263 -58.35 -22.21 -43.29
N LEU N 264 -58.59 -20.90 -43.43
CA LEU N 264 -57.59 -19.90 -43.83
C LEU N 264 -57.77 -18.67 -42.93
N PRO N 265 -56.69 -18.06 -42.45
CA PRO N 265 -56.81 -16.82 -41.67
C PRO N 265 -57.51 -15.66 -42.38
N SER N 266 -58.45 -15.05 -41.64
CA SER N 266 -59.21 -13.91 -42.13
C SER N 266 -58.31 -12.76 -42.50
N TYR N 267 -57.17 -12.61 -41.82
CA TYR N 267 -56.27 -11.50 -42.05
C TYR N 267 -55.24 -11.80 -43.12
N ILE N 268 -55.34 -12.97 -43.73
CA ILE N 268 -54.59 -13.31 -44.94
C ILE N 268 -55.59 -13.36 -46.08
N PRO N 269 -55.38 -12.62 -47.18
CA PRO N 269 -56.34 -12.66 -48.28
C PRO N 269 -56.13 -13.82 -49.24
N VAL N 270 -57.23 -14.13 -49.94
CA VAL N 270 -57.21 -15.07 -51.05
C VAL N 270 -56.47 -14.46 -52.24
N ARG N 271 -56.43 -13.12 -52.28
CA ARG N 271 -55.68 -12.38 -53.29
C ARG N 271 -54.20 -12.74 -53.31
N VAL N 272 -53.64 -13.15 -52.18
CA VAL N 272 -52.25 -13.61 -52.14
C VAL N 272 -52.14 -15.11 -51.90
N ALA N 273 -53.16 -15.76 -51.34
CA ALA N 273 -53.15 -17.22 -51.26
C ALA N 273 -53.18 -17.85 -52.65
N GLU N 274 -53.87 -17.22 -53.61
CA GLU N 274 -53.83 -17.70 -54.99
C GLU N 274 -52.40 -17.64 -55.53
N LYS N 275 -51.66 -16.59 -55.18
CA LYS N 275 -50.27 -16.48 -55.59
C LYS N 275 -49.42 -17.57 -54.94
N ILE N 276 -49.67 -17.84 -53.66
CA ILE N 276 -48.94 -18.91 -52.98
C ILE N 276 -49.19 -20.22 -53.69
N LEU N 277 -50.46 -20.57 -53.88
CA LEU N 277 -50.81 -21.84 -54.48
C LEU N 277 -50.14 -21.97 -55.85
N PHE N 278 -50.11 -20.89 -56.63
CA PHE N 278 -49.53 -20.98 -57.98
C PHE N 278 -48.03 -21.26 -57.95
N VAL N 279 -47.25 -20.58 -57.10
CA VAL N 279 -45.83 -20.91 -57.06
C VAL N 279 -45.63 -22.31 -56.46
N GLY N 280 -46.57 -22.78 -55.64
CA GLY N 280 -46.50 -24.15 -55.15
C GLY N 280 -46.68 -25.20 -56.24
N GLU N 281 -47.71 -25.07 -57.06
CA GLU N 281 -47.82 -25.91 -58.24
C GLU N 281 -46.64 -25.71 -59.19
N SER N 282 -46.04 -24.51 -59.21
CA SER N 282 -44.86 -24.29 -60.06
C SER N 282 -43.70 -25.20 -59.66
N VAL N 283 -43.34 -25.24 -58.38
CA VAL N 283 -42.23 -26.09 -57.98
C VAL N 283 -42.58 -27.56 -58.19
N GLN N 284 -43.85 -27.91 -57.98
CA GLN N 284 -44.31 -29.27 -58.22
C GLN N 284 -44.07 -29.77 -59.63
N MET N 285 -43.87 -28.89 -60.63
CA MET N 285 -43.58 -29.37 -61.98
C MET N 285 -42.17 -28.99 -62.40
N PHE N 286 -41.26 -28.88 -61.43
CA PHE N 286 -39.85 -28.94 -61.80
C PHE N 286 -39.04 -29.67 -60.73
N GLU N 287 -39.65 -29.97 -59.58
CA GLU N 287 -39.01 -30.78 -58.56
C GLU N 287 -38.89 -32.24 -58.98
N ASN N 288 -39.83 -32.76 -59.77
CA ASN N 288 -39.62 -33.98 -60.54
C ASN N 288 -39.06 -33.60 -61.93
N GLN N 289 -38.55 -34.60 -62.66
CA GLN N 289 -37.74 -34.41 -63.87
C GLN N 289 -36.40 -33.73 -63.56
N ASN N 290 -35.96 -33.82 -62.29
CA ASN N 290 -34.57 -33.62 -61.91
C ASN N 290 -33.87 -34.93 -61.61
N VAL N 291 -34.56 -36.07 -61.72
CA VAL N 291 -33.91 -37.39 -61.64
C VAL N 291 -33.33 -37.75 -63.01
N LEU N 300 -36.64 -22.59 -60.66
CA LEU N 300 -35.58 -23.55 -60.35
C LEU N 300 -34.19 -22.89 -60.45
N LYS N 301 -33.75 -22.29 -59.34
CA LYS N 301 -32.43 -21.65 -59.23
C LYS N 301 -32.06 -21.54 -57.76
N ASN N 302 -30.77 -21.34 -57.49
CA ASN N 302 -30.20 -21.49 -56.14
C ASN N 302 -30.22 -20.16 -55.36
N GLN N 303 -31.43 -19.66 -55.08
CA GLN N 303 -31.61 -18.52 -54.19
C GLN N 303 -32.48 -18.90 -52.99
N GLU N 304 -32.67 -20.20 -52.77
CA GLU N 304 -33.57 -20.66 -51.72
C GLU N 304 -33.05 -20.27 -50.34
N ASP N 305 -31.75 -20.41 -50.13
CA ASP N 305 -31.14 -19.95 -48.88
C ASP N 305 -31.46 -18.49 -48.62
N THR N 306 -31.33 -17.63 -49.64
CA THR N 306 -31.63 -16.22 -49.47
C THR N 306 -33.10 -16.02 -49.11
N PHE N 307 -33.99 -16.76 -49.77
CA PHE N 307 -35.41 -16.64 -49.46
C PHE N 307 -35.71 -17.21 -48.08
N ALA N 308 -34.98 -18.26 -47.66
CA ALA N 308 -35.17 -18.80 -46.32
C ALA N 308 -34.74 -17.79 -45.27
N ALA N 309 -33.60 -17.12 -45.50
CA ALA N 309 -33.14 -16.08 -44.58
C ALA N 309 -34.12 -14.91 -44.55
N GLU N 310 -34.72 -14.55 -45.69
CA GLU N 310 -35.76 -13.52 -45.69
C GLU N 310 -36.97 -13.98 -44.89
N LEU N 311 -37.35 -15.25 -45.01
CA LEU N 311 -38.50 -15.74 -44.26
C LEU N 311 -38.18 -15.86 -42.78
N HIS N 312 -36.93 -16.19 -42.44
CA HIS N 312 -36.57 -16.17 -41.04
C HIS N 312 -36.57 -14.74 -40.51
N ARG N 313 -36.13 -13.80 -41.33
CA ARG N 313 -36.16 -12.40 -40.92
C ARG N 313 -37.58 -11.96 -40.62
N LEU N 314 -38.53 -12.37 -41.46
CA LEU N 314 -39.92 -12.04 -41.19
C LEU N 314 -40.46 -12.88 -40.04
N LYS N 315 -39.86 -14.04 -39.76
CA LYS N 315 -40.26 -14.84 -38.61
C LYS N 315 -39.92 -14.15 -37.30
N GLN N 316 -38.76 -13.50 -37.26
CA GLN N 316 -38.30 -12.86 -36.02
C GLN N 316 -39.02 -11.57 -35.68
N GLN N 317 -39.91 -11.07 -36.54
CA GLN N 317 -40.66 -9.87 -36.19
C GLN N 317 -41.67 -10.23 -35.11
N PRO N 318 -41.71 -9.49 -33.97
CA PRO N 318 -42.76 -9.68 -32.97
C PRO N 318 -43.99 -8.79 -33.20
N LEU N 319 -44.45 -8.75 -34.45
CA LEU N 319 -45.66 -8.09 -34.90
C LEU N 319 -45.88 -8.58 -36.33
N PHE N 320 -47.13 -8.80 -36.73
CA PHE N 320 -47.37 -9.40 -38.03
C PHE N 320 -47.34 -8.33 -39.11
N SER N 321 -46.34 -8.40 -39.98
CA SER N 321 -46.22 -7.48 -41.12
C SER N 321 -46.84 -8.15 -42.34
N LEU N 322 -48.15 -7.90 -42.50
CA LEU N 322 -48.90 -8.55 -43.57
C LEU N 322 -48.41 -8.08 -44.93
N VAL N 323 -48.08 -6.79 -45.03
CA VAL N 323 -47.69 -6.24 -46.32
C VAL N 323 -46.31 -6.72 -46.73
N ASP N 324 -45.43 -7.00 -45.77
CA ASP N 324 -44.10 -7.49 -46.11
C ASP N 324 -44.13 -8.99 -46.41
N PHE N 325 -44.98 -9.72 -45.69
CA PHE N 325 -45.21 -11.13 -45.97
C PHE N 325 -45.78 -11.31 -47.37
N GLU N 326 -46.79 -10.50 -47.71
CA GLU N 326 -47.33 -10.47 -49.06
C GLU N 326 -46.28 -10.01 -50.07
N GLN N 327 -45.42 -9.07 -49.67
CA GLN N 327 -44.41 -8.56 -50.57
C GLN N 327 -43.37 -9.62 -50.93
N VAL N 328 -42.91 -10.38 -49.93
CA VAL N 328 -41.85 -11.35 -50.23
C VAL N 328 -42.41 -12.55 -50.98
N VAL N 329 -43.65 -12.95 -50.70
CA VAL N 329 -44.17 -14.13 -51.39
C VAL N 329 -44.61 -13.72 -52.80
N ASP N 330 -44.96 -12.44 -53.00
CA ASP N 330 -45.23 -11.95 -54.35
C ASP N 330 -43.93 -11.79 -55.12
N ARG N 331 -42.83 -11.49 -54.42
CA ARG N 331 -41.52 -11.44 -55.06
C ARG N 331 -41.08 -12.84 -55.50
N ILE N 332 -41.35 -13.85 -54.66
CA ILE N 332 -41.00 -15.22 -55.01
C ILE N 332 -41.88 -15.68 -56.18
N ARG N 333 -43.16 -15.30 -56.14
CA ARG N 333 -44.08 -15.60 -57.24
C ARG N 333 -43.64 -14.92 -58.53
N SER N 334 -43.14 -13.69 -58.44
CA SER N 334 -42.54 -13.06 -59.60
C SER N 334 -41.35 -13.86 -60.10
N THR N 335 -40.42 -14.17 -59.19
CA THR N 335 -39.17 -14.81 -59.61
C THR N 335 -39.34 -16.27 -60.02
N VAL N 336 -40.53 -16.89 -59.87
CA VAL N 336 -40.80 -18.12 -60.63
C VAL N 336 -41.51 -17.81 -61.94
N ALA N 337 -42.44 -16.85 -61.93
CA ALA N 337 -43.16 -16.53 -63.16
C ALA N 337 -42.20 -16.05 -64.25
N GLU N 338 -41.11 -15.41 -63.84
CA GLU N 338 -40.03 -14.97 -64.71
C GLU N 338 -39.31 -16.13 -65.40
N HIS N 339 -39.52 -17.36 -64.96
CA HIS N 339 -38.89 -18.55 -65.51
C HIS N 339 -39.90 -19.45 -66.19
N LEU N 340 -41.10 -19.60 -65.61
CA LEU N 340 -42.18 -20.32 -66.29
C LEU N 340 -42.59 -19.65 -67.59
N TRP N 341 -42.72 -18.30 -67.60
CA TRP N 341 -42.91 -17.62 -68.87
C TRP N 341 -41.79 -18.01 -69.83
N LYS N 342 -40.56 -17.93 -69.35
CA LYS N 342 -39.39 -18.10 -70.20
C LYS N 342 -39.35 -19.49 -70.83
N LEU N 343 -39.60 -20.54 -70.04
CA LEU N 343 -39.60 -21.88 -70.60
C LEU N 343 -40.78 -22.10 -71.55
N MET N 344 -41.95 -21.51 -71.26
CA MET N 344 -43.07 -21.67 -72.19
C MET N 344 -42.80 -21.02 -73.55
N VAL N 345 -42.14 -19.86 -73.60
CA VAL N 345 -41.79 -19.31 -74.91
C VAL N 345 -40.45 -19.87 -75.39
N GLU N 346 -39.36 -19.63 -74.64
CA GLU N 346 -38.02 -19.86 -75.19
C GLU N 346 -37.69 -21.35 -75.32
N GLU N 347 -38.28 -22.21 -74.50
CA GLU N 347 -37.93 -23.62 -74.44
C GLU N 347 -39.11 -24.52 -74.78
N SER N 348 -40.24 -23.94 -75.20
CA SER N 348 -41.41 -24.73 -75.55
C SER N 348 -42.15 -24.19 -76.78
N ASP N 349 -41.77 -23.02 -77.29
CA ASP N 349 -42.34 -22.43 -78.51
C ASP N 349 -43.87 -22.41 -78.47
N LEU N 350 -44.39 -21.72 -77.46
CA LEU N 350 -45.83 -21.56 -77.31
C LEU N 350 -46.43 -20.91 -78.55
N LEU N 351 -45.67 -20.02 -79.19
CA LEU N 351 -46.08 -19.40 -80.46
C LEU N 351 -46.32 -20.46 -81.54
N GLY N 352 -45.34 -21.35 -81.74
CA GLY N 352 -45.46 -22.36 -82.76
C GLY N 352 -46.60 -23.33 -82.50
N GLN N 353 -46.78 -23.73 -81.25
CA GLN N 353 -47.91 -24.59 -80.91
C GLN N 353 -49.23 -23.91 -81.21
N LEU N 354 -49.40 -22.67 -80.74
CA LEU N 354 -50.63 -21.94 -81.03
C LEU N 354 -50.81 -21.76 -82.52
N LYS N 355 -49.71 -21.62 -83.27
CA LYS N 355 -49.82 -21.53 -84.72
C LYS N 355 -50.36 -22.83 -85.30
N ILE N 356 -49.94 -23.98 -84.75
CA ILE N 356 -50.49 -25.26 -85.19
C ILE N 356 -51.97 -25.31 -84.85
N ILE N 357 -52.32 -24.92 -83.63
CA ILE N 357 -53.70 -24.93 -83.20
C ILE N 357 -54.54 -24.02 -84.10
N LYS N 358 -54.01 -22.84 -84.46
CA LYS N 358 -54.67 -21.99 -85.44
C LYS N 358 -54.83 -22.70 -86.77
N ASP N 359 -53.79 -23.41 -87.21
CA ASP N 359 -53.81 -23.98 -88.54
C ASP N 359 -54.84 -25.10 -88.64
N PHE N 360 -55.07 -25.81 -87.54
CA PHE N 360 -55.98 -26.96 -87.54
C PHE N 360 -57.28 -26.63 -86.80
N TYR N 361 -57.26 -26.42 -85.48
CA TYR N 361 -58.53 -26.16 -84.80
C TYR N 361 -59.28 -24.95 -85.36
N LEU N 362 -58.56 -23.94 -85.85
CA LEU N 362 -59.21 -22.77 -86.43
C LEU N 362 -59.12 -22.74 -87.96
N LEU N 363 -58.91 -23.91 -88.59
CA LEU N 363 -58.90 -24.06 -90.06
C LEU N 363 -57.96 -23.08 -90.76
N GLY N 364 -56.85 -22.74 -90.11
CA GLY N 364 -55.90 -21.81 -90.71
C GLY N 364 -55.20 -22.32 -91.97
N ARG N 365 -55.36 -23.60 -92.31
CA ARG N 365 -54.90 -24.14 -93.59
C ARG N 365 -56.09 -24.38 -94.54
N GLY N 366 -56.51 -23.29 -95.20
CA GLY N 366 -57.66 -23.38 -96.09
C GLY N 366 -57.47 -24.33 -97.25
N GLU N 367 -56.28 -24.32 -97.85
CA GLU N 367 -55.97 -25.27 -98.92
C GLU N 367 -56.06 -26.71 -98.44
N LEU N 368 -55.59 -26.98 -97.22
CA LEU N 368 -55.59 -28.35 -96.71
C LEU N 368 -57.01 -28.83 -96.42
N PHE N 369 -57.80 -28.04 -95.71
CA PHE N 369 -59.17 -28.45 -95.42
C PHE N 369 -60.02 -28.55 -96.68
N GLN N 370 -59.75 -27.69 -97.67
CA GLN N 370 -60.44 -27.80 -98.96
C GLN N 370 -60.17 -29.15 -99.63
N ALA N 371 -58.89 -29.51 -99.74
CA ALA N 371 -58.54 -30.83 -100.30
C ALA N 371 -59.01 -31.97 -99.41
N PHE N 372 -58.99 -31.81 -98.08
CA PHE N 372 -59.51 -32.86 -97.21
C PHE N 372 -60.99 -33.11 -97.44
N ILE N 373 -61.81 -32.06 -97.37
CA ILE N 373 -63.24 -32.26 -97.55
C ILE N 373 -63.52 -32.80 -98.96
N ASP N 374 -62.85 -32.26 -99.98
CA ASP N 374 -63.07 -32.74 -101.34
C ASP N 374 -62.74 -34.22 -101.48
N THR N 375 -61.57 -34.65 -101.00
CA THR N 375 -61.19 -36.06 -101.10
C THR N 375 -61.86 -36.95 -100.06
N ALA N 376 -62.43 -36.40 -98.98
CA ALA N 376 -63.01 -37.21 -97.92
C ALA N 376 -64.43 -36.77 -97.61
N GLN N 377 -65.18 -36.38 -98.66
CA GLN N 377 -66.55 -35.90 -98.48
C GLN N 377 -67.50 -37.05 -98.14
N HIS N 378 -67.57 -38.06 -99.00
CA HIS N 378 -68.77 -38.88 -99.05
C HIS N 378 -68.79 -40.01 -98.04
N MET N 379 -67.63 -40.49 -97.58
CA MET N 379 -67.64 -41.50 -96.53
C MET N 379 -67.86 -40.86 -95.16
N LEU N 380 -67.73 -39.53 -95.07
CA LEU N 380 -68.16 -38.77 -93.90
C LEU N 380 -69.55 -38.18 -94.08
N LYS N 381 -69.99 -38.01 -95.34
CA LYS N 381 -71.39 -37.71 -95.63
C LYS N 381 -72.28 -38.87 -95.21
N THR N 382 -71.88 -40.10 -95.53
CA THR N 382 -72.52 -41.28 -94.98
C THR N 382 -72.24 -41.38 -93.48
N PRO N 383 -73.14 -42.00 -92.71
CA PRO N 383 -72.83 -42.38 -91.31
C PRO N 383 -71.61 -43.29 -91.21
N PRO N 384 -70.78 -43.10 -90.16
CA PRO N 384 -69.45 -43.71 -90.11
C PRO N 384 -69.45 -45.18 -89.70
N THR N 385 -68.56 -45.97 -90.33
CA THR N 385 -68.23 -47.32 -89.90
C THR N 385 -66.95 -47.31 -89.06
N ALA N 386 -66.41 -48.50 -88.78
CA ALA N 386 -65.33 -48.63 -87.81
C ALA N 386 -63.98 -48.19 -88.36
N VAL N 387 -63.77 -48.32 -89.67
CA VAL N 387 -62.45 -48.10 -90.26
C VAL N 387 -62.37 -46.76 -90.98
N THR N 388 -63.46 -46.01 -91.01
CA THR N 388 -63.49 -44.79 -91.80
C THR N 388 -62.75 -43.64 -91.11
N GLU N 389 -62.59 -43.72 -89.79
CA GLU N 389 -61.73 -42.76 -89.09
C GLU N 389 -60.27 -42.97 -89.50
N HIS N 390 -59.88 -44.24 -89.63
CA HIS N 390 -58.55 -44.58 -90.13
C HIS N 390 -58.41 -44.13 -91.59
N ASP N 391 -59.47 -44.26 -92.38
CA ASP N 391 -59.40 -43.88 -93.79
C ASP N 391 -59.34 -42.36 -93.95
N VAL N 392 -60.05 -41.61 -93.11
CA VAL N 392 -59.92 -40.16 -93.21
C VAL N 392 -58.64 -39.69 -92.54
N ASN N 393 -58.04 -40.48 -91.65
CA ASN N 393 -56.70 -40.15 -91.18
C ASN N 393 -55.68 -40.29 -92.31
N VAL N 394 -55.75 -41.35 -93.11
CA VAL N 394 -54.80 -41.46 -94.23
C VAL N 394 -55.19 -40.49 -95.34
N ALA N 395 -56.48 -40.17 -95.47
CA ALA N 395 -56.88 -39.12 -96.41
C ALA N 395 -56.47 -37.74 -95.89
N PHE N 396 -56.39 -37.58 -94.56
CA PHE N 396 -55.88 -36.35 -93.97
C PHE N 396 -54.38 -36.23 -94.23
N GLN N 397 -53.61 -37.27 -93.90
CA GLN N 397 -52.21 -37.31 -94.33
C GLN N 397 -52.08 -36.99 -95.81
N GLN N 398 -52.89 -37.64 -96.65
CA GLN N 398 -52.82 -37.37 -98.09
C GLN N 398 -53.14 -35.92 -98.40
N SER N 399 -54.15 -35.36 -97.74
CA SER N 399 -54.52 -33.98 -97.97
C SER N 399 -53.43 -33.01 -97.50
N ALA N 400 -52.66 -33.40 -96.48
CA ALA N 400 -51.60 -32.54 -95.97
C ALA N 400 -50.40 -32.51 -96.91
N HIS N 401 -50.21 -33.56 -97.70
CA HIS N 401 -49.12 -33.65 -98.66
C HIS N 401 -49.55 -33.24 -100.06
N LYS N 402 -50.82 -33.49 -100.41
CA LYS N 402 -51.37 -33.15 -101.71
C LYS N 402 -51.34 -31.65 -102.02
N VAL N 403 -51.26 -30.78 -101.01
CA VAL N 403 -51.13 -29.34 -101.27
C VAL N 403 -49.75 -28.95 -101.80
N LEU N 404 -48.77 -29.86 -101.75
CA LEU N 404 -47.36 -29.68 -102.12
C LEU N 404 -46.57 -28.63 -101.33
N LEU N 405 -47.25 -27.74 -100.60
CA LEU N 405 -46.65 -26.93 -99.54
C LEU N 405 -46.40 -27.78 -98.29
N ASP N 406 -45.34 -28.59 -98.32
CA ASP N 406 -44.99 -29.35 -97.11
C ASP N 406 -44.53 -28.40 -96.01
N ASP N 407 -45.10 -28.57 -94.81
CA ASP N 407 -44.72 -27.81 -93.62
C ASP N 407 -43.64 -28.57 -92.84
N ASP N 408 -43.51 -28.28 -91.54
CA ASP N 408 -42.50 -28.86 -90.65
C ASP N 408 -42.83 -30.30 -90.26
N ASN N 409 -43.50 -31.03 -91.15
CA ASN N 409 -43.93 -32.42 -90.94
C ASN N 409 -44.70 -32.58 -89.62
N LEU N 410 -45.86 -31.90 -89.59
CA LEU N 410 -46.69 -31.76 -88.39
C LEU N 410 -47.51 -33.01 -88.08
N LEU N 411 -47.67 -33.89 -89.06
CA LEU N 411 -48.67 -34.97 -89.00
C LEU N 411 -48.58 -35.86 -87.76
N PRO N 412 -47.39 -36.18 -87.22
CA PRO N 412 -47.32 -37.14 -86.10
C PRO N 412 -48.25 -36.87 -84.92
N LEU N 413 -48.49 -35.61 -84.55
CA LEU N 413 -49.34 -35.30 -83.41
C LEU N 413 -50.83 -35.27 -83.77
N LEU N 414 -51.17 -35.35 -85.05
CA LEU N 414 -52.47 -34.96 -85.56
C LEU N 414 -53.29 -36.20 -85.96
N HIS N 415 -54.40 -36.43 -85.26
CA HIS N 415 -55.33 -37.50 -85.61
C HIS N 415 -56.77 -37.04 -85.48
N LEU N 416 -57.59 -37.52 -86.43
CA LEU N 416 -58.98 -37.13 -86.58
C LEU N 416 -59.85 -38.22 -85.96
N THR N 417 -60.55 -37.90 -84.87
CA THR N 417 -61.24 -38.91 -84.06
C THR N 417 -62.74 -38.68 -84.11
N ILE N 418 -63.49 -39.74 -84.42
CA ILE N 418 -64.94 -39.69 -84.58
C ILE N 418 -65.56 -40.39 -83.38
N GLU N 419 -66.66 -39.83 -82.86
CA GLU N 419 -67.51 -40.56 -81.92
C GLU N 419 -68.36 -41.54 -82.72
N TYR N 420 -67.77 -42.70 -82.99
CA TYR N 420 -68.38 -43.72 -83.83
C TYR N 420 -69.34 -44.61 -83.03
N HIS N 421 -70.46 -44.95 -83.66
CA HIS N 421 -71.40 -46.01 -83.26
C HIS N 421 -72.28 -45.60 -82.08
N GLY N 422 -73.58 -45.88 -82.21
CA GLY N 422 -74.58 -45.49 -81.24
C GLY N 422 -75.55 -44.50 -81.83
N SER N 448 -73.25 -38.94 -91.26
CA SER N 448 -73.16 -38.47 -89.89
C SER N 448 -71.72 -38.53 -89.39
N GLY N 449 -70.81 -38.93 -90.29
CA GLY N 449 -69.39 -38.90 -89.94
C GLY N 449 -68.87 -37.48 -89.76
N TRP N 450 -69.37 -36.53 -90.56
CA TRP N 450 -69.05 -35.12 -90.36
C TRP N 450 -69.68 -34.58 -89.07
N ALA N 451 -70.82 -35.11 -88.66
CA ALA N 451 -71.45 -34.69 -87.42
C ALA N 451 -70.67 -35.17 -86.19
N ALA N 452 -70.16 -36.41 -86.23
CA ALA N 452 -69.53 -37.04 -85.09
C ALA N 452 -68.02 -36.87 -85.05
N LEU N 453 -67.40 -36.41 -86.13
CA LEU N 453 -65.96 -36.15 -86.18
C LEU N 453 -65.54 -34.93 -85.34
N GLY N 454 -64.39 -35.06 -84.68
CA GLY N 454 -63.65 -33.95 -84.09
C GLY N 454 -62.14 -34.10 -84.31
N LEU N 455 -61.31 -33.22 -83.73
CA LEU N 455 -59.86 -33.31 -83.89
C LEU N 455 -59.17 -33.53 -82.55
N SER N 456 -58.38 -34.59 -82.45
CA SER N 456 -57.57 -34.89 -81.27
C SER N 456 -56.19 -34.27 -81.40
N TYR N 457 -55.58 -33.96 -80.25
CA TYR N 457 -54.22 -33.44 -80.26
C TYR N 457 -53.47 -33.87 -79.00
N LYS N 458 -52.15 -34.02 -79.15
CA LYS N 458 -51.24 -34.44 -78.08
C LYS N 458 -50.13 -33.40 -77.89
N VAL N 459 -49.64 -33.29 -76.64
CA VAL N 459 -48.75 -32.21 -76.23
C VAL N 459 -47.61 -32.74 -75.33
N GLN N 460 -46.51 -31.97 -75.29
CA GLN N 460 -45.34 -32.29 -74.49
C GLN N 460 -45.40 -31.70 -73.07
N TRP N 461 -44.74 -32.38 -72.13
CA TRP N 461 -44.72 -31.97 -70.72
C TRP N 461 -44.41 -30.49 -70.47
N PRO N 462 -43.49 -29.85 -71.18
CA PRO N 462 -43.27 -28.41 -70.96
C PRO N 462 -44.48 -27.52 -71.17
N LEU N 463 -45.50 -27.98 -71.90
CA LEU N 463 -46.73 -27.21 -72.08
C LEU N 463 -47.98 -27.98 -71.64
N HIS N 464 -47.82 -29.25 -71.25
CA HIS N 464 -48.95 -30.13 -70.98
C HIS N 464 -49.94 -29.53 -69.98
N ILE N 465 -49.44 -28.68 -69.06
CA ILE N 465 -50.30 -28.02 -68.07
C ILE N 465 -51.26 -27.04 -68.73
N LEU N 466 -50.77 -26.20 -69.65
CA LEU N 466 -51.59 -25.12 -70.18
C LEU N 466 -52.73 -25.67 -71.04
N PHE N 467 -52.38 -26.51 -72.01
CA PHE N 467 -53.36 -27.20 -72.83
C PHE N 467 -53.92 -28.43 -72.10
N THR N 468 -54.35 -28.24 -70.85
CA THR N 468 -55.16 -29.25 -70.19
C THR N 468 -56.43 -29.49 -71.02
N PRO N 469 -56.88 -30.73 -71.15
CA PRO N 469 -58.05 -31.02 -72.00
C PRO N 469 -59.24 -30.09 -71.85
N ALA N 470 -59.46 -29.50 -70.68
CA ALA N 470 -60.52 -28.51 -70.51
C ALA N 470 -60.48 -27.42 -71.58
N VAL N 471 -59.30 -27.08 -72.09
CA VAL N 471 -59.16 -26.01 -73.10
C VAL N 471 -59.34 -26.57 -74.51
N LEU N 472 -58.82 -27.76 -74.80
CA LEU N 472 -58.96 -28.25 -76.16
C LEU N 472 -60.38 -28.74 -76.42
N GLU N 473 -61.09 -29.18 -75.37
CA GLU N 473 -62.50 -29.57 -75.53
C GLU N 473 -63.28 -28.47 -76.21
N LYS N 474 -63.02 -27.22 -75.81
CA LYS N 474 -63.67 -26.07 -76.40
C LYS N 474 -63.21 -25.89 -77.85
N TYR N 475 -61.90 -25.90 -78.09
CA TYR N 475 -61.38 -25.76 -79.44
C TYR N 475 -61.98 -26.79 -80.40
N ASN N 476 -62.21 -28.01 -79.89
CA ASN N 476 -62.84 -29.06 -80.68
C ASN N 476 -64.26 -28.69 -81.13
N VAL N 477 -65.05 -28.09 -80.23
CA VAL N 477 -66.40 -27.66 -80.61
C VAL N 477 -66.33 -26.51 -81.62
N VAL N 478 -65.39 -25.58 -81.44
CA VAL N 478 -65.21 -24.50 -82.41
C VAL N 478 -64.78 -25.07 -83.76
N PHE N 479 -63.88 -26.04 -83.75
CA PHE N 479 -63.47 -26.72 -84.98
C PHE N 479 -64.67 -27.41 -85.65
N LYS N 480 -65.51 -28.10 -84.87
CA LYS N 480 -66.76 -28.64 -85.39
C LYS N 480 -67.61 -27.57 -86.05
N TYR N 481 -67.89 -26.48 -85.32
CA TYR N 481 -68.65 -25.37 -85.88
C TYR N 481 -68.07 -24.95 -87.23
N LEU N 482 -66.78 -24.59 -87.24
CA LEU N 482 -66.16 -24.03 -88.44
C LEU N 482 -66.23 -25.01 -89.60
N LEU N 483 -65.83 -26.25 -89.36
CA LEU N 483 -65.84 -27.26 -90.40
C LEU N 483 -67.25 -27.49 -90.93
N SER N 484 -68.22 -27.60 -90.02
CA SER N 484 -69.59 -27.93 -90.44
C SER N 484 -70.12 -26.89 -91.41
N VAL N 485 -69.97 -25.60 -91.10
CA VAL N 485 -70.44 -24.58 -92.03
C VAL N 485 -69.55 -24.58 -93.28
N ARG N 486 -68.24 -24.76 -93.09
CA ARG N 486 -67.33 -24.71 -94.24
C ARG N 486 -67.66 -25.81 -95.26
N ARG N 487 -68.04 -27.02 -94.81
CA ARG N 487 -68.30 -28.09 -95.76
C ARG N 487 -69.57 -27.80 -96.56
N VAL N 488 -70.59 -27.21 -95.93
CA VAL N 488 -71.83 -26.95 -96.65
C VAL N 488 -71.67 -25.74 -97.56
N GLN N 489 -71.06 -24.67 -97.06
CA GLN N 489 -70.70 -23.53 -97.92
C GLN N 489 -69.93 -24.01 -99.15
N ALA N 490 -69.06 -25.02 -98.97
CA ALA N 490 -68.36 -25.62 -100.10
C ALA N 490 -69.29 -26.43 -100.99
N GLU N 491 -70.02 -27.41 -100.43
CA GLU N 491 -70.77 -28.34 -101.26
C GLU N 491 -71.81 -27.59 -102.09
N LEU N 492 -72.40 -26.55 -101.50
CA LEU N 492 -73.31 -25.66 -102.23
C LEU N 492 -72.66 -25.13 -103.52
N GLN N 493 -71.47 -24.56 -103.39
CA GLN N 493 -70.81 -23.93 -104.53
C GLN N 493 -70.40 -24.93 -105.62
N HIS N 494 -70.08 -26.17 -105.26
CA HIS N 494 -69.89 -27.15 -106.33
C HIS N 494 -71.22 -27.57 -106.96
N CYS N 495 -72.29 -27.66 -106.16
CA CYS N 495 -73.60 -28.00 -106.71
C CYS N 495 -74.10 -26.94 -107.68
N TRP N 496 -73.83 -25.67 -107.39
CA TRP N 496 -74.11 -24.59 -108.33
C TRP N 496 -73.51 -24.84 -109.72
N ALA N 497 -72.33 -25.45 -109.79
CA ALA N 497 -71.69 -25.72 -111.08
C ALA N 497 -72.39 -26.81 -111.88
N LEU N 498 -73.26 -27.61 -111.26
CA LEU N 498 -73.93 -28.70 -111.96
C LEU N 498 -74.93 -28.18 -112.98
N GLN N 499 -75.59 -27.06 -112.67
CA GLN N 499 -76.41 -26.33 -113.63
C GLN N 499 -75.56 -25.64 -114.69
N MET N 500 -74.39 -25.15 -114.30
CA MET N 500 -73.57 -24.31 -115.16
C MET N 500 -73.08 -25.05 -116.42
N GLN N 501 -73.14 -26.38 -116.46
CA GLN N 501 -72.81 -27.09 -117.70
C GLN N 501 -73.57 -26.61 -118.93
N ARG N 502 -74.74 -25.97 -118.80
CA ARG N 502 -75.30 -25.15 -119.87
C ARG N 502 -74.93 -23.67 -119.76
N GLN N 509 -83.54 -23.78 -119.67
CA GLN N 509 -84.92 -23.59 -119.26
C GLN N 509 -85.08 -22.55 -118.14
N THR N 510 -86.30 -22.00 -118.08
CA THR N 510 -86.67 -20.97 -117.11
C THR N 510 -86.39 -21.38 -115.66
N ASP N 511 -86.49 -22.68 -115.35
CA ASP N 511 -86.24 -23.15 -113.98
C ASP N 511 -84.81 -22.87 -113.52
N ALA N 512 -83.85 -22.79 -114.45
CA ALA N 512 -82.47 -22.41 -114.11
C ALA N 512 -82.35 -20.97 -113.60
N ILE N 513 -83.40 -20.16 -113.70
CA ILE N 513 -83.47 -18.92 -112.91
C ILE N 513 -83.74 -19.26 -111.44
N LYS N 514 -84.84 -19.98 -111.18
CA LYS N 514 -85.25 -20.31 -109.82
C LYS N 514 -84.18 -21.11 -109.05
N TRP N 515 -83.59 -22.13 -109.68
CA TRP N 515 -82.51 -22.90 -109.04
C TRP N 515 -81.33 -22.05 -108.60
N ARG N 516 -81.12 -20.90 -109.22
CA ARG N 516 -79.87 -20.18 -109.07
C ARG N 516 -80.07 -18.82 -108.40
N LEU N 517 -81.27 -18.24 -108.48
CA LEU N 517 -81.74 -17.32 -107.44
C LEU N 517 -81.77 -18.01 -106.08
N ARG N 518 -82.35 -19.22 -106.02
CA ARG N 518 -82.30 -20.02 -104.79
C ARG N 518 -80.86 -20.23 -104.33
N ASN N 519 -79.94 -20.52 -105.26
CA ASN N 519 -78.54 -20.69 -104.87
C ASN N 519 -78.00 -19.46 -104.13
N HIS N 520 -78.27 -18.26 -104.65
CA HIS N 520 -77.92 -17.03 -103.93
C HIS N 520 -78.54 -17.01 -102.54
N MET N 521 -79.84 -17.32 -102.46
CA MET N 521 -80.59 -17.28 -101.21
C MET N 521 -80.16 -18.36 -100.22
N ALA N 522 -79.49 -19.42 -100.68
CA ALA N 522 -78.75 -20.30 -99.77
C ALA N 522 -77.40 -19.70 -99.38
N PHE N 523 -76.62 -19.27 -100.38
CA PHE N 523 -75.29 -18.69 -100.25
C PHE N 523 -75.25 -17.62 -99.14
N LEU N 524 -76.24 -16.72 -99.10
CA LEU N 524 -76.22 -15.61 -98.14
C LEU N 524 -76.20 -16.01 -96.66
N VAL N 525 -76.93 -17.04 -96.22
CA VAL N 525 -76.95 -17.31 -94.77
C VAL N 525 -75.63 -17.95 -94.32
N ASP N 526 -75.17 -18.98 -95.01
CA ASP N 526 -73.92 -19.63 -94.63
C ASP N 526 -72.69 -18.75 -94.93
N ASN N 527 -72.72 -17.89 -95.94
CA ASN N 527 -71.63 -16.92 -96.01
C ASN N 527 -71.70 -15.90 -94.88
N LEU N 528 -72.89 -15.58 -94.36
CA LEU N 528 -72.98 -14.59 -93.29
C LEU N 528 -72.44 -15.15 -91.97
N GLN N 529 -72.72 -16.42 -91.66
CA GLN N 529 -72.20 -17.01 -90.42
C GLN N 529 -70.69 -17.20 -90.45
N TYR N 530 -70.04 -16.95 -91.59
CA TYR N 530 -68.69 -17.44 -91.84
C TYR N 530 -67.73 -16.36 -92.36
N TYR N 531 -68.17 -15.52 -93.32
CA TYR N 531 -67.35 -14.39 -93.73
C TYR N 531 -67.01 -13.48 -92.56
N LEU N 532 -67.92 -13.38 -91.58
CA LEU N 532 -67.61 -12.77 -90.29
C LEU N 532 -66.43 -13.47 -89.63
N GLN N 533 -66.55 -14.79 -89.46
CA GLN N 533 -65.61 -15.52 -88.62
C GLN N 533 -64.19 -15.38 -89.16
N VAL N 534 -64.03 -15.36 -90.48
CA VAL N 534 -62.72 -15.16 -91.10
C VAL N 534 -62.05 -13.89 -90.56
N ASP N 535 -62.84 -12.85 -90.29
CA ASP N 535 -62.36 -11.65 -89.62
C ASP N 535 -62.28 -11.82 -88.10
N VAL N 536 -63.38 -12.27 -87.46
CA VAL N 536 -63.46 -12.33 -86.00
C VAL N 536 -62.36 -13.22 -85.40
N LEU N 537 -62.05 -14.34 -86.06
CA LEU N 537 -60.97 -15.18 -85.59
C LEU N 537 -59.64 -14.45 -85.62
N GLU N 538 -59.17 -14.09 -86.82
CA GLU N 538 -57.84 -13.50 -86.95
C GLU N 538 -57.72 -12.26 -86.06
N SER N 539 -58.76 -11.41 -86.05
CA SER N 539 -58.79 -10.25 -85.18
C SER N 539 -58.66 -10.64 -83.70
N GLN N 540 -59.47 -11.60 -83.22
CA GLN N 540 -59.38 -11.99 -81.82
C GLN N 540 -58.01 -12.57 -81.50
N PHE N 541 -57.46 -13.35 -82.42
CA PHE N 541 -56.14 -13.94 -82.25
C PHE N 541 -55.04 -12.89 -82.32
N SER N 542 -55.27 -11.78 -83.04
CA SER N 542 -54.32 -10.67 -82.98
C SER N 542 -54.24 -10.07 -81.58
N GLN N 543 -55.35 -10.09 -80.82
CA GLN N 543 -55.29 -9.63 -79.44
C GLN N 543 -54.45 -10.58 -78.61
N LEU N 544 -54.71 -11.88 -78.74
CA LEU N 544 -53.98 -12.87 -77.95
C LEU N 544 -52.48 -12.81 -78.22
N LEU N 545 -52.06 -12.73 -79.49
CA LEU N 545 -50.63 -12.74 -79.77
C LEU N 545 -49.94 -11.52 -79.18
N HIS N 546 -50.61 -10.36 -79.19
CA HIS N 546 -50.05 -9.19 -78.52
C HIS N 546 -50.02 -9.34 -77.00
N GLN N 547 -51.01 -10.04 -76.42
CA GLN N 547 -50.98 -10.27 -74.98
C GLN N 547 -49.93 -11.31 -74.58
N ILE N 548 -49.55 -12.21 -75.49
CA ILE N 548 -48.41 -13.09 -75.24
C ILE N 548 -47.11 -12.30 -75.37
N ASN N 549 -47.02 -11.43 -76.38
CA ASN N 549 -45.85 -10.59 -76.56
C ASN N 549 -45.72 -9.53 -75.47
N SER N 550 -46.76 -9.32 -74.65
CA SER N 550 -46.77 -8.25 -73.67
C SER N 550 -45.67 -8.40 -72.59
N THR N 551 -45.74 -9.41 -71.73
CA THR N 551 -44.95 -9.39 -70.51
C THR N 551 -44.55 -10.80 -70.08
N ARG N 552 -43.52 -10.85 -69.21
CA ARG N 552 -42.77 -12.05 -68.89
C ARG N 552 -43.38 -12.83 -67.73
N ASP N 553 -44.70 -12.98 -67.71
CA ASP N 553 -45.42 -13.51 -66.55
C ASP N 553 -46.43 -14.57 -66.99
N PHE N 554 -46.24 -15.80 -66.51
CA PHE N 554 -47.13 -16.90 -66.89
C PHE N 554 -48.58 -16.60 -66.50
N GLU N 555 -48.81 -15.87 -65.42
CA GLU N 555 -50.19 -15.52 -65.06
C GLU N 555 -50.84 -14.67 -66.15
N SER N 556 -50.08 -13.76 -66.76
CA SER N 556 -50.60 -12.96 -67.87
C SER N 556 -50.84 -13.85 -69.09
N ILE N 557 -49.92 -14.77 -69.36
CA ILE N 557 -50.06 -15.72 -70.44
C ILE N 557 -51.31 -16.56 -70.23
N ARG N 558 -51.47 -17.09 -69.02
CA ARG N 558 -52.63 -17.93 -68.69
C ARG N 558 -53.94 -17.17 -68.86
N LEU N 559 -54.04 -15.99 -68.26
CA LEU N 559 -55.28 -15.22 -68.32
C LEU N 559 -55.48 -14.62 -69.71
N ALA N 560 -54.40 -14.43 -70.48
CA ALA N 560 -54.53 -13.99 -71.85
C ALA N 560 -55.23 -15.05 -72.70
N HIS N 561 -54.81 -16.32 -72.56
CA HIS N 561 -55.46 -17.38 -73.31
C HIS N 561 -56.88 -17.63 -72.78
N ASP N 562 -57.08 -17.51 -71.46
CA ASP N 562 -58.42 -17.65 -70.92
C ASP N 562 -59.33 -16.56 -71.45
N HIS N 563 -58.81 -15.35 -71.58
CA HIS N 563 -59.57 -14.25 -72.17
C HIS N 563 -59.86 -14.53 -73.63
N PHE N 564 -58.89 -15.11 -74.34
CA PHE N 564 -59.05 -15.37 -75.75
C PHE N 564 -60.12 -16.41 -76.04
N LEU N 565 -60.06 -17.57 -75.37
CA LEU N 565 -61.08 -18.59 -75.60
C LEU N 565 -62.44 -18.16 -75.08
N SER N 566 -62.52 -17.55 -73.90
CA SER N 566 -63.82 -17.12 -73.41
C SER N 566 -64.42 -16.04 -74.30
N ASN N 567 -63.58 -15.26 -74.99
CA ASN N 567 -64.08 -14.39 -76.07
C ASN N 567 -64.67 -15.21 -77.21
N LEU N 568 -63.86 -16.09 -77.82
CA LEU N 568 -64.32 -16.83 -78.99
C LEU N 568 -65.51 -17.73 -78.68
N LEU N 569 -65.71 -18.12 -77.42
CA LEU N 569 -66.94 -18.78 -77.03
C LEU N 569 -68.17 -17.92 -77.33
N ALA N 570 -68.10 -16.62 -77.04
CA ALA N 570 -69.18 -15.72 -77.46
C ALA N 570 -69.31 -15.67 -78.97
N GLN N 571 -68.17 -15.50 -79.66
CA GLN N 571 -68.15 -15.48 -81.12
C GLN N 571 -68.64 -16.78 -81.75
N SER N 572 -68.76 -17.86 -80.96
CA SER N 572 -69.34 -19.10 -81.48
C SER N 572 -70.86 -19.06 -81.59
N PHE N 573 -71.48 -17.93 -81.25
CA PHE N 573 -72.91 -17.66 -81.33
C PHE N 573 -73.76 -18.51 -80.40
N ILE N 574 -73.15 -19.41 -79.60
CA ILE N 574 -73.92 -20.20 -78.64
C ILE N 574 -74.65 -19.29 -77.65
N LEU N 575 -74.07 -18.13 -77.32
CA LEU N 575 -74.74 -17.21 -76.40
C LEU N 575 -75.93 -16.53 -77.08
N LEU N 576 -75.86 -16.31 -78.39
CA LEU N 576 -77.02 -15.96 -79.20
C LEU N 576 -77.86 -17.23 -79.47
N LYS N 577 -78.32 -17.81 -78.35
CA LYS N 577 -79.01 -19.09 -78.31
C LYS N 577 -80.05 -19.32 -79.42
N PRO N 578 -80.97 -18.39 -79.74
CA PRO N 578 -81.93 -18.68 -80.82
C PRO N 578 -81.30 -19.00 -82.17
N VAL N 579 -80.29 -18.24 -82.60
CA VAL N 579 -79.66 -18.52 -83.89
C VAL N 579 -78.71 -19.71 -83.77
N PHE N 580 -78.15 -19.95 -82.59
CA PHE N 580 -77.45 -21.21 -82.38
C PHE N 580 -78.39 -22.41 -82.53
N HIS N 581 -79.60 -22.31 -81.96
CA HIS N 581 -80.62 -23.34 -82.13
C HIS N 581 -81.22 -23.39 -83.53
N CYS N 582 -80.70 -22.60 -84.46
CA CYS N 582 -81.06 -22.75 -85.86
C CYS N 582 -79.82 -22.96 -86.74
N LEU N 583 -78.64 -23.13 -86.13
CA LEU N 583 -77.39 -23.32 -86.87
C LEU N 583 -77.42 -24.61 -87.71
N ASN N 584 -77.30 -25.77 -87.06
CA ASN N 584 -77.31 -27.04 -87.79
C ASN N 584 -78.65 -27.29 -88.46
N GLU N 585 -79.70 -26.63 -87.98
CA GLU N 585 -81.02 -26.71 -88.61
C GLU N 585 -81.01 -26.03 -89.97
N ILE N 586 -80.59 -24.76 -90.03
CA ILE N 586 -80.57 -24.05 -91.30
C ILE N 586 -79.42 -24.57 -92.17
N LEU N 587 -78.36 -25.08 -91.55
CA LEU N 587 -77.37 -25.86 -92.29
C LEU N 587 -78.01 -27.05 -93.00
N ASP N 588 -78.94 -27.74 -92.33
CA ASP N 588 -79.69 -28.83 -92.98
C ASP N 588 -80.73 -28.34 -93.98
N LEU N 589 -81.30 -27.15 -93.79
CA LEU N 589 -82.07 -26.56 -94.89
C LEU N 589 -81.18 -26.32 -96.10
N CYS N 590 -79.95 -25.87 -95.88
CA CYS N 590 -79.00 -25.79 -96.99
C CYS N 590 -78.61 -27.17 -97.54
N HIS N 591 -78.53 -28.21 -96.69
CA HIS N 591 -78.37 -29.57 -97.25
C HIS N 591 -79.54 -29.93 -98.15
N SER N 592 -80.77 -29.58 -97.74
CA SER N 592 -81.93 -29.93 -98.53
C SER N 592 -81.92 -29.24 -99.88
N PHE N 593 -81.27 -28.06 -99.98
CA PHE N 593 -81.02 -27.49 -101.31
C PHE N 593 -79.84 -28.16 -102.01
N CYS N 594 -78.72 -28.35 -101.32
CA CYS N 594 -77.54 -28.92 -101.96
C CYS N 594 -77.80 -30.31 -102.54
N SER N 595 -78.51 -31.17 -101.80
CA SER N 595 -78.87 -32.49 -102.32
C SER N 595 -79.76 -32.42 -103.56
N LEU N 596 -80.77 -31.55 -103.58
CA LEU N 596 -81.88 -31.73 -104.53
C LEU N 596 -81.46 -31.42 -105.97
N VAL N 597 -80.51 -30.49 -106.18
CA VAL N 597 -80.03 -30.10 -107.51
C VAL N 597 -79.06 -31.10 -108.15
N SER N 598 -78.64 -32.14 -107.41
CA SER N 598 -77.52 -33.06 -107.70
C SER N 598 -77.74 -33.98 -108.96
N GLN N 599 -78.74 -33.76 -109.82
CA GLN N 599 -79.26 -34.80 -110.69
C GLN N 599 -79.52 -34.35 -112.13
N ASN N 600 -80.10 -33.16 -112.35
CA ASN N 600 -80.41 -32.69 -113.71
C ASN N 600 -80.12 -31.19 -113.88
N LEU N 601 -79.51 -30.85 -115.04
CA LEU N 601 -79.51 -29.47 -115.55
C LEU N 601 -80.91 -28.96 -115.88
N GLY N 602 -81.82 -29.87 -116.20
CA GLY N 602 -83.09 -29.58 -116.82
C GLY N 602 -84.16 -28.94 -115.94
N PRO N 603 -85.38 -28.85 -116.49
CA PRO N 603 -86.52 -28.29 -115.73
C PRO N 603 -87.08 -29.28 -114.72
N LEU N 604 -87.24 -28.82 -113.48
CA LEU N 604 -87.64 -29.62 -112.33
C LEU N 604 -88.83 -28.99 -111.60
N ASP N 605 -89.76 -28.39 -112.37
CA ASP N 605 -91.04 -27.89 -111.87
C ASP N 605 -91.93 -28.98 -111.28
N GLU N 606 -91.55 -30.26 -111.40
CA GLU N 606 -92.35 -31.35 -110.86
C GLU N 606 -92.59 -31.19 -109.36
N ARG N 607 -91.54 -30.98 -108.58
CA ARG N 607 -91.63 -30.62 -107.15
C ARG N 607 -90.43 -29.81 -106.71
N GLY N 608 -89.28 -30.00 -107.36
CA GLY N 608 -88.07 -29.27 -107.04
C GLY N 608 -88.25 -27.78 -106.85
N ALA N 609 -88.78 -27.13 -107.90
CA ALA N 609 -89.04 -25.68 -107.84
C ALA N 609 -90.05 -25.30 -106.76
N ALA N 610 -90.97 -26.20 -106.39
CA ALA N 610 -91.93 -25.89 -105.33
C ALA N 610 -91.32 -26.03 -103.93
N GLN N 611 -90.62 -27.14 -103.67
CA GLN N 611 -90.00 -27.32 -102.35
C GLN N 611 -88.85 -26.36 -102.15
N LEU N 612 -88.18 -25.99 -103.25
CA LEU N 612 -87.25 -24.87 -103.30
C LEU N 612 -87.83 -23.56 -102.76
N SER N 613 -89.13 -23.32 -102.99
CA SER N 613 -89.73 -22.06 -102.57
C SER N 613 -89.89 -21.95 -101.05
N ILE N 614 -90.00 -23.07 -100.31
CA ILE N 614 -89.96 -22.98 -98.84
C ILE N 614 -88.61 -22.45 -98.40
N LEU N 615 -87.54 -22.85 -99.10
CA LEU N 615 -86.20 -22.45 -98.76
C LEU N 615 -85.92 -20.99 -99.15
N VAL N 616 -86.58 -20.47 -100.21
CA VAL N 616 -86.52 -19.04 -100.52
C VAL N 616 -87.09 -18.20 -99.38
N LYS N 617 -88.31 -18.53 -98.92
CA LYS N 617 -88.94 -17.76 -97.85
C LYS N 617 -88.32 -18.07 -96.49
N GLY N 618 -88.02 -19.34 -96.23
CA GLY N 618 -87.54 -19.75 -94.92
C GLY N 618 -86.25 -19.06 -94.50
N PHE N 619 -85.24 -19.11 -95.36
CA PHE N 619 -83.95 -18.49 -95.05
C PHE N 619 -84.11 -17.00 -94.79
N SER N 620 -84.80 -16.29 -95.71
CA SER N 620 -85.04 -14.86 -95.54
C SER N 620 -85.88 -14.52 -94.31
N ARG N 621 -86.83 -15.39 -93.94
CA ARG N 621 -87.65 -15.16 -92.74
C ARG N 621 -86.84 -15.39 -91.47
N GLN N 622 -86.11 -16.51 -91.40
CA GLN N 622 -85.25 -16.74 -90.26
C GLN N 622 -84.22 -15.62 -90.11
N SER N 623 -83.65 -15.17 -91.23
CA SER N 623 -82.72 -14.04 -91.22
C SER N 623 -83.36 -12.76 -90.71
N SER N 624 -84.70 -12.63 -90.81
CA SER N 624 -85.39 -11.48 -90.26
C SER N 624 -85.52 -11.57 -88.74
N LEU N 625 -85.80 -12.76 -88.21
CA LEU N 625 -85.74 -12.96 -86.76
C LEU N 625 -84.33 -12.69 -86.27
N LEU N 626 -83.33 -13.16 -87.03
CA LEU N 626 -81.93 -12.93 -86.72
C LEU N 626 -81.54 -11.45 -86.83
N PHE N 627 -82.05 -10.73 -87.84
CA PHE N 627 -81.75 -9.30 -87.94
C PHE N 627 -82.17 -8.53 -86.69
N LYS N 628 -83.34 -8.85 -86.14
CA LYS N 628 -83.76 -8.26 -84.87
C LYS N 628 -82.78 -8.60 -83.74
N ILE N 629 -82.20 -9.80 -83.79
CA ILE N 629 -81.19 -10.24 -82.82
C ILE N 629 -79.85 -9.53 -83.04
N LEU N 630 -79.49 -9.22 -84.29
CA LEU N 630 -78.25 -8.51 -84.60
C LEU N 630 -78.36 -6.99 -84.44
N SER N 631 -79.50 -6.49 -83.95
CA SER N 631 -79.68 -5.08 -83.62
C SER N 631 -78.80 -4.64 -82.47
N HIS N 636 -74.83 -9.40 -78.44
CA HIS N 636 -74.26 -8.62 -77.34
C HIS N 636 -74.06 -7.14 -77.68
N GLN N 637 -74.56 -6.70 -78.84
CA GLN N 637 -74.10 -5.46 -79.46
C GLN N 637 -72.57 -5.42 -79.53
N ILE N 638 -71.96 -6.59 -79.73
CA ILE N 638 -70.51 -6.71 -79.96
C ILE N 638 -70.23 -6.46 -81.44
N ASN N 639 -69.04 -5.94 -81.74
CA ASN N 639 -68.73 -5.54 -83.11
C ASN N 639 -69.02 -6.66 -84.12
N SER N 640 -68.84 -7.91 -83.72
CA SER N 640 -69.10 -9.03 -84.62
C SER N 640 -70.58 -9.10 -85.04
N ASP N 641 -71.49 -9.15 -84.07
CA ASP N 641 -72.91 -9.15 -84.42
C ASP N 641 -73.26 -7.87 -85.19
N LEU N 642 -72.71 -6.73 -84.76
CA LEU N 642 -72.86 -5.45 -85.44
C LEU N 642 -72.18 -5.39 -86.82
N ALA N 643 -71.39 -6.40 -87.20
CA ALA N 643 -70.99 -6.49 -88.61
C ALA N 643 -71.99 -7.31 -89.43
N GLN N 644 -72.44 -8.46 -88.90
CA GLN N 644 -73.46 -9.25 -89.60
C GLN N 644 -74.72 -8.43 -89.83
N LEU N 645 -75.04 -7.55 -88.89
CA LEU N 645 -76.07 -6.52 -89.05
C LEU N 645 -75.99 -5.85 -90.42
N LEU N 646 -74.77 -5.51 -90.84
CA LEU N 646 -74.53 -4.68 -92.01
C LEU N 646 -74.97 -5.34 -93.33
N LEU N 647 -75.02 -6.67 -93.37
CA LEU N 647 -74.84 -7.41 -94.61
C LEU N 647 -76.13 -7.67 -95.38
N ARG N 648 -77.25 -7.07 -94.95
CA ARG N 648 -78.55 -7.30 -95.58
C ARG N 648 -79.31 -6.02 -95.89
N LEU N 649 -78.73 -4.84 -95.66
CA LEU N 649 -79.41 -3.59 -95.93
C LEU N 649 -79.53 -3.32 -97.44
N ASP N 650 -80.45 -2.40 -97.77
CA ASP N 650 -80.72 -1.94 -99.13
C ASP N 650 -81.46 -3.00 -99.92
N TYR N 651 -80.89 -4.21 -100.01
CA TYR N 651 -81.58 -5.39 -100.50
C TYR N 651 -82.44 -5.96 -99.37
N ASN N 652 -83.43 -5.17 -98.96
CA ASN N 652 -83.98 -5.31 -97.61
C ASN N 652 -84.66 -6.66 -97.38
N LYS N 653 -84.82 -7.48 -98.43
CA LYS N 653 -85.42 -8.81 -98.39
C LYS N 653 -85.16 -9.60 -97.10
N TYR N 654 -83.89 -9.82 -96.75
CA TYR N 654 -83.52 -10.69 -95.63
C TYR N 654 -83.73 -10.08 -94.23
N TYR N 655 -84.43 -8.94 -94.10
CA TYR N 655 -85.04 -8.59 -92.83
C TYR N 655 -86.50 -8.17 -92.96
N THR N 656 -87.06 -8.20 -94.19
CA THR N 656 -88.44 -7.80 -94.46
C THR N 656 -89.27 -8.95 -95.04
N GLN N 657 -88.67 -10.12 -95.25
CA GLN N 657 -89.40 -11.33 -95.66
C GLN N 657 -89.27 -12.40 -94.60
N GLU O 351 -32.64 -26.42 5.86
CA GLU O 351 -33.94 -27.15 5.85
C GLU O 351 -33.73 -28.63 5.59
N LEU O 352 -34.82 -29.40 5.65
CA LEU O 352 -34.78 -30.86 5.67
C LEU O 352 -34.47 -31.50 4.31
N VAL O 353 -34.54 -30.77 3.18
CA VAL O 353 -34.51 -31.33 1.82
C VAL O 353 -33.56 -30.55 0.89
N LYS O 354 -33.95 -30.32 -0.38
CA LYS O 354 -33.22 -29.64 -1.45
C LYS O 354 -31.89 -30.27 -1.89
N ASP O 355 -31.57 -31.49 -1.45
CA ASP O 355 -30.51 -32.26 -2.12
C ASP O 355 -30.95 -32.81 -3.49
N VAL O 356 -32.21 -32.59 -3.89
CA VAL O 356 -32.71 -32.99 -5.22
C VAL O 356 -31.83 -32.50 -6.37
N LEU O 357 -31.08 -31.41 -6.21
CA LEU O 357 -30.27 -30.89 -7.31
C LEU O 357 -29.27 -31.91 -7.85
N ASN O 358 -28.34 -32.41 -7.02
CA ASN O 358 -27.43 -33.46 -7.48
C ASN O 358 -28.16 -34.77 -7.71
N VAL O 359 -29.32 -34.96 -7.08
CA VAL O 359 -30.14 -36.15 -7.19
C VAL O 359 -30.91 -36.25 -8.51
N LEU O 360 -30.96 -35.16 -9.30
CA LEU O 360 -31.27 -35.32 -10.72
C LEU O 360 -30.27 -36.21 -11.44
N ILE O 361 -29.07 -36.39 -10.88
CA ILE O 361 -28.16 -37.44 -11.32
C ILE O 361 -28.41 -38.72 -10.50
N GLY O 362 -28.12 -38.71 -9.19
CA GLY O 362 -28.53 -39.83 -8.34
C GLY O 362 -27.88 -39.96 -6.96
N VAL O 363 -28.67 -40.27 -5.92
CA VAL O 363 -28.23 -40.83 -4.64
C VAL O 363 -29.40 -41.27 -3.76
N VAL O 364 -30.39 -40.40 -3.48
CA VAL O 364 -31.53 -40.80 -2.64
C VAL O 364 -32.89 -40.09 -2.87
N SER O 365 -32.94 -38.71 -2.86
CA SER O 365 -34.28 -38.01 -2.87
C SER O 365 -35.06 -38.09 -4.24
N ALA O 366 -34.58 -38.88 -5.22
CA ALA O 366 -35.33 -39.13 -6.46
C ALA O 366 -34.94 -40.48 -7.08
N THR O 367 -34.36 -41.42 -6.31
CA THR O 367 -33.81 -42.65 -6.87
C THR O 367 -34.88 -43.53 -7.53
N PHE O 368 -34.41 -44.37 -8.47
CA PHE O 368 -35.13 -45.51 -9.05
C PHE O 368 -35.09 -46.75 -8.15
N SER O 369 -33.91 -47.20 -7.70
CA SER O 369 -33.79 -48.42 -6.90
C SER O 369 -34.60 -49.56 -7.51
N LEU O 370 -33.99 -50.29 -8.44
CA LEU O 370 -34.66 -51.31 -9.24
C LEU O 370 -35.12 -52.47 -8.35
N CYS O 371 -36.31 -52.34 -7.77
CA CYS O 371 -36.76 -53.16 -6.66
C CYS O 371 -38.27 -53.33 -6.77
N GLN O 372 -38.92 -53.64 -5.64
CA GLN O 372 -40.38 -53.77 -5.62
C GLN O 372 -41.03 -52.40 -5.78
N PRO O 373 -41.92 -52.22 -6.76
CA PRO O 373 -42.61 -50.93 -6.93
C PRO O 373 -43.45 -50.48 -5.74
N ALA O 374 -44.02 -51.41 -4.95
CA ALA O 374 -44.93 -50.97 -3.90
C ALA O 374 -44.19 -50.35 -2.72
N GLN O 375 -43.09 -50.95 -2.27
CA GLN O 375 -42.40 -50.47 -1.08
C GLN O 375 -40.94 -50.15 -1.35
N ALA O 376 -40.21 -51.03 -2.03
CA ALA O 376 -38.76 -50.93 -2.06
C ALA O 376 -38.25 -50.06 -3.19
N PHE O 377 -39.14 -49.64 -4.09
CA PHE O 377 -38.89 -48.51 -4.98
C PHE O 377 -38.85 -47.26 -4.11
N VAL O 378 -37.64 -46.74 -3.80
CA VAL O 378 -37.48 -45.81 -2.68
C VAL O 378 -36.96 -44.42 -3.09
N VAL O 379 -37.46 -43.44 -2.33
CA VAL O 379 -37.22 -42.00 -2.43
C VAL O 379 -37.10 -41.52 -0.98
N LYS O 380 -36.61 -40.28 -0.77
CA LYS O 380 -36.56 -39.73 0.59
C LYS O 380 -37.94 -39.33 1.15
N ARG O 381 -38.95 -40.19 0.95
CA ARG O 381 -40.37 -39.88 1.20
C ARG O 381 -40.79 -40.06 2.67
N GLY O 382 -40.56 -39.00 3.45
CA GLY O 382 -41.09 -38.84 4.80
C GLY O 382 -42.59 -38.65 4.89
N VAL O 383 -43.35 -39.72 4.60
CA VAL O 383 -44.81 -39.74 4.71
C VAL O 383 -45.25 -39.51 6.16
N HIS O 384 -46.11 -38.51 6.37
CA HIS O 384 -46.53 -37.98 7.68
C HIS O 384 -45.39 -37.40 8.54
N VAL O 385 -45.75 -36.50 9.46
CA VAL O 385 -44.93 -35.94 10.54
C VAL O 385 -43.55 -35.44 10.08
N SER O 386 -42.50 -36.25 10.22
CA SER O 386 -41.21 -36.04 9.52
C SER O 386 -40.61 -34.62 9.64
N GLY O 387 -40.66 -34.04 10.84
CA GLY O 387 -40.03 -32.76 11.08
C GLY O 387 -40.75 -31.56 10.51
N ALA O 388 -42.05 -31.68 10.27
CA ALA O 388 -42.96 -30.62 9.84
C ALA O 388 -42.66 -30.02 8.47
N SER O 389 -43.03 -30.75 7.40
CA SER O 389 -43.32 -30.17 6.08
C SER O 389 -44.54 -30.90 5.48
N PRO O 390 -45.50 -30.17 4.91
CA PRO O 390 -46.80 -30.75 4.56
C PRO O 390 -46.81 -31.47 3.20
N GLU O 391 -47.97 -32.08 2.90
CA GLU O 391 -48.23 -32.75 1.63
C GLU O 391 -47.76 -31.97 0.41
N SER O 392 -47.97 -30.65 0.45
CA SER O 392 -47.54 -29.78 -0.63
C SER O 392 -46.08 -30.00 -1.04
N ILE O 393 -45.16 -30.10 -0.08
CA ILE O 393 -43.78 -30.32 -0.49
C ILE O 393 -43.58 -31.72 -1.07
N SER O 394 -44.32 -32.71 -0.59
CA SER O 394 -44.25 -34.02 -1.21
C SER O 394 -44.68 -33.97 -2.67
N SER O 395 -45.70 -33.15 -3.00
CA SER O 395 -46.10 -32.99 -4.39
C SER O 395 -45.10 -32.23 -5.25
N LEU O 396 -44.23 -31.42 -4.67
CA LEU O 396 -43.11 -30.89 -5.45
C LEU O 396 -42.00 -31.92 -5.61
N LEU O 397 -41.65 -32.61 -4.52
CA LEU O 397 -40.54 -33.55 -4.57
C LEU O 397 -40.84 -34.73 -5.49
N SER O 398 -42.04 -35.30 -5.41
CA SER O 398 -42.48 -36.33 -6.33
C SER O 398 -42.73 -35.81 -7.76
N GLU O 399 -42.40 -34.56 -8.12
CA GLU O 399 -42.22 -34.24 -9.54
C GLU O 399 -40.80 -34.52 -10.00
N VAL O 400 -39.79 -34.09 -9.23
CA VAL O 400 -38.42 -34.41 -9.60
C VAL O 400 -38.09 -35.89 -9.42
N ALA O 401 -38.94 -36.66 -8.73
CA ALA O 401 -38.91 -38.11 -8.88
C ALA O 401 -39.16 -38.55 -10.32
N GLU O 402 -40.05 -37.86 -11.04
CA GLU O 402 -40.29 -38.22 -12.44
C GLU O 402 -39.10 -37.87 -13.32
N TYR O 403 -38.60 -36.63 -13.23
CA TYR O 403 -37.43 -36.27 -14.02
C TYR O 403 -36.25 -37.14 -13.61
N GLY O 404 -36.10 -37.38 -12.32
CA GLY O 404 -34.98 -38.12 -11.79
C GLY O 404 -34.95 -39.56 -12.21
N THR O 405 -36.02 -40.32 -11.95
CA THR O 405 -36.04 -41.71 -12.38
C THR O 405 -35.96 -41.87 -13.89
N CYS O 406 -36.47 -40.91 -14.67
CA CYS O 406 -36.17 -40.94 -16.09
C CYS O 406 -34.72 -40.61 -16.43
N TYR O 407 -34.03 -39.74 -15.68
CA TYR O 407 -32.60 -39.64 -15.91
C TYR O 407 -31.86 -40.90 -15.45
N THR O 408 -32.16 -41.42 -14.25
CA THR O 408 -31.44 -42.62 -13.83
C THR O 408 -31.70 -43.78 -14.79
N ARG O 409 -32.95 -43.95 -15.23
CA ARG O 409 -33.25 -45.06 -16.14
C ARG O 409 -32.80 -44.82 -17.57
N LEU O 410 -33.03 -43.63 -18.14
CA LEU O 410 -32.49 -43.38 -19.48
C LEU O 410 -30.95 -43.39 -19.49
N SER O 411 -30.28 -42.86 -18.46
CA SER O 411 -28.84 -43.03 -18.39
C SER O 411 -28.45 -44.49 -18.15
N HIS O 412 -29.18 -45.19 -17.27
CA HIS O 412 -28.99 -46.63 -17.12
C HIS O 412 -29.18 -47.35 -18.45
N PHE O 413 -30.08 -46.85 -19.29
CA PHE O 413 -30.34 -47.44 -20.58
C PHE O 413 -29.22 -47.11 -21.57
N SER O 414 -28.64 -45.91 -21.47
CA SER O 414 -27.63 -45.45 -22.41
C SER O 414 -26.21 -45.73 -21.94
N LEU O 415 -26.04 -46.23 -20.72
CA LEU O 415 -24.71 -46.27 -20.10
C LEU O 415 -23.87 -47.42 -20.66
N GLN O 416 -24.46 -48.61 -20.79
CA GLN O 416 -23.69 -49.79 -21.16
C GLN O 416 -23.32 -49.73 -22.63
N PRO O 417 -22.06 -49.91 -22.99
CA PRO O 417 -21.69 -49.96 -24.41
C PRO O 417 -22.13 -51.27 -25.07
N VAL O 418 -22.00 -51.27 -26.39
CA VAL O 418 -22.41 -52.39 -27.22
C VAL O 418 -21.20 -53.04 -27.89
N LEU O 419 -20.18 -52.26 -28.25
CA LEU O 419 -18.86 -52.71 -28.70
C LEU O 419 -18.91 -53.55 -29.97
N ASP O 420 -19.99 -53.46 -30.74
CA ASP O 420 -20.33 -54.44 -31.77
C ASP O 420 -20.27 -55.88 -31.23
N SER O 421 -20.98 -56.12 -30.13
CA SER O 421 -20.87 -57.41 -29.42
C SER O 421 -22.17 -57.91 -28.79
N LEU O 422 -23.24 -57.11 -28.77
CA LEU O 422 -24.47 -57.51 -28.07
C LEU O 422 -25.35 -58.46 -28.88
N TYR O 423 -25.07 -58.65 -30.17
CA TYR O 423 -25.68 -59.65 -31.04
C TYR O 423 -27.07 -59.22 -31.51
N SER O 424 -27.72 -58.30 -30.79
CA SER O 424 -29.04 -57.78 -31.18
C SER O 424 -28.97 -56.36 -31.71
N LYS O 425 -27.79 -55.73 -31.76
CA LYS O 425 -27.65 -54.28 -31.93
C LYS O 425 -26.70 -53.92 -33.07
N GLY O 426 -27.25 -53.83 -34.29
CA GLY O 426 -26.54 -53.27 -35.43
C GLY O 426 -25.92 -51.91 -35.15
N LEU O 427 -24.81 -51.61 -35.84
CA LEU O 427 -23.90 -50.55 -35.45
C LEU O 427 -24.53 -49.16 -35.34
N VAL O 428 -25.65 -48.89 -36.04
CA VAL O 428 -26.31 -47.59 -35.90
C VAL O 428 -26.63 -47.30 -34.43
N PHE O 429 -27.08 -48.33 -33.70
CA PHE O 429 -27.48 -48.20 -32.31
C PHE O 429 -26.31 -47.73 -31.43
N GLN O 430 -25.07 -48.09 -31.80
CA GLN O 430 -23.89 -47.62 -31.09
C GLN O 430 -23.74 -46.11 -31.20
N ALA O 431 -23.86 -45.57 -32.41
CA ALA O 431 -23.71 -44.13 -32.61
C ALA O 431 -24.86 -43.38 -31.97
N PHE O 432 -26.05 -43.96 -32.04
CA PHE O 432 -27.24 -43.47 -31.36
C PHE O 432 -27.00 -43.35 -29.85
N THR O 433 -26.50 -44.43 -29.23
CA THR O 433 -26.25 -44.43 -27.79
C THR O 433 -25.11 -43.50 -27.41
N SER O 434 -24.15 -43.31 -28.31
CA SER O 434 -23.07 -42.35 -28.07
C SER O 434 -23.59 -40.92 -28.02
N GLY O 435 -24.44 -40.53 -28.97
CA GLY O 435 -25.00 -39.20 -28.94
C GLY O 435 -25.93 -39.02 -27.76
N LEU O 436 -26.59 -40.10 -27.36
CA LEU O 436 -27.46 -40.08 -26.19
C LEU O 436 -26.65 -39.85 -24.92
N ARG O 437 -25.43 -40.39 -24.86
CA ARG O 437 -24.53 -40.10 -23.74
C ARG O 437 -23.92 -38.70 -23.84
N ARG O 438 -23.77 -38.15 -25.05
CA ARG O 438 -23.35 -36.77 -25.19
C ARG O 438 -24.39 -35.86 -24.55
N TYR O 439 -25.67 -36.13 -24.82
CA TYR O 439 -26.76 -35.39 -24.22
C TYR O 439 -26.79 -35.52 -22.71
N LEU O 440 -26.66 -36.75 -22.19
CA LEU O 440 -26.62 -36.93 -20.73
C LEU O 440 -25.39 -36.28 -20.09
N GLN O 441 -24.27 -36.14 -20.82
CA GLN O 441 -23.12 -35.41 -20.30
C GLN O 441 -23.38 -33.92 -20.26
N TYR O 442 -24.08 -33.39 -21.26
CA TYR O 442 -24.48 -31.99 -21.24
C TYR O 442 -25.45 -31.72 -20.08
N TYR O 443 -26.31 -32.68 -19.77
CA TYR O 443 -27.27 -32.55 -18.68
C TYR O 443 -26.57 -32.46 -17.32
N ARG O 444 -25.61 -33.35 -17.08
CA ARG O 444 -24.76 -33.23 -15.90
C ARG O 444 -24.03 -31.89 -15.87
N ALA O 445 -23.43 -31.48 -16.98
CA ALA O 445 -22.73 -30.21 -17.01
C ALA O 445 -23.65 -29.05 -16.65
N CYS O 446 -24.93 -29.14 -17.00
CA CYS O 446 -25.89 -28.12 -16.60
C CYS O 446 -26.26 -28.22 -15.12
N VAL O 447 -26.71 -29.40 -14.66
CA VAL O 447 -27.06 -29.57 -13.25
C VAL O 447 -25.95 -29.07 -12.32
N LEU O 448 -24.72 -29.53 -12.53
CA LEU O 448 -23.63 -29.29 -11.59
C LEU O 448 -23.10 -27.85 -11.60
N SER O 449 -23.45 -27.04 -12.60
CA SER O 449 -23.09 -25.62 -12.63
C SER O 449 -23.99 -24.78 -11.73
N THR O 450 -25.08 -25.36 -11.25
CA THR O 450 -26.18 -24.65 -10.61
C THR O 450 -25.83 -24.33 -9.15
N PRO O 451 -25.80 -23.06 -8.74
CA PRO O 451 -25.59 -22.76 -7.31
C PRO O 451 -26.61 -23.48 -6.44
N PRO O 452 -26.17 -24.13 -5.36
CA PRO O 452 -27.14 -24.70 -4.40
C PRO O 452 -27.89 -23.64 -3.60
N THR O 453 -27.48 -22.37 -3.70
CA THR O 453 -28.13 -21.22 -3.08
C THR O 453 -29.39 -20.74 -3.84
N LEU O 454 -30.31 -21.68 -4.15
CA LEU O 454 -31.59 -21.39 -4.80
C LEU O 454 -32.72 -22.09 -4.03
N SER O 455 -33.91 -21.48 -4.03
CA SER O 455 -35.07 -22.09 -3.39
C SER O 455 -35.59 -23.30 -4.16
N LEU O 456 -36.35 -24.15 -3.45
CA LEU O 456 -37.01 -25.30 -4.05
C LEU O 456 -37.92 -24.93 -5.21
N LEU O 457 -38.66 -23.82 -5.11
CA LEU O 457 -39.49 -23.41 -6.24
C LEU O 457 -38.62 -23.07 -7.45
N THR O 458 -37.48 -22.42 -7.25
CA THR O 458 -36.61 -22.12 -8.38
C THR O 458 -36.17 -23.39 -9.09
N ILE O 459 -35.88 -24.45 -8.33
CA ILE O 459 -35.57 -25.74 -8.92
C ILE O 459 -36.79 -26.31 -9.65
N GLY O 460 -37.94 -26.34 -8.99
CA GLY O 460 -39.15 -26.88 -9.60
C GLY O 460 -39.60 -26.19 -10.88
N PHE O 461 -39.27 -24.90 -11.05
CA PHE O 461 -39.51 -24.20 -12.30
C PHE O 461 -38.35 -24.27 -13.28
N LEU O 462 -37.11 -24.16 -12.81
CA LEU O 462 -35.97 -24.09 -13.75
C LEU O 462 -35.85 -25.33 -14.63
N PHE O 463 -36.15 -26.52 -14.08
CA PHE O 463 -36.09 -27.76 -14.85
C PHE O 463 -37.37 -28.13 -15.61
N LYS O 464 -38.35 -27.23 -15.73
CA LYS O 464 -39.50 -27.51 -16.58
C LYS O 464 -39.10 -27.77 -18.04
N LYS O 465 -38.14 -27.01 -18.58
CA LYS O 465 -37.67 -27.25 -19.95
C LYS O 465 -37.09 -28.66 -20.11
N LEU O 466 -36.01 -28.95 -19.38
CA LEU O 466 -35.33 -30.23 -19.55
C LEU O 466 -36.18 -31.39 -19.03
N GLY O 467 -36.89 -31.22 -17.92
CA GLY O 467 -37.73 -32.29 -17.42
C GLY O 467 -38.86 -32.67 -18.37
N ARG O 468 -39.45 -31.69 -19.05
CA ARG O 468 -40.42 -32.00 -20.10
C ARG O 468 -39.76 -32.65 -21.32
N GLN O 469 -38.65 -32.09 -21.81
CA GLN O 469 -38.04 -32.58 -23.04
C GLN O 469 -37.27 -33.90 -22.85
N LEU O 470 -36.93 -34.27 -21.62
CA LEU O 470 -36.32 -35.57 -21.36
C LEU O 470 -37.34 -36.67 -21.10
N ARG O 471 -38.48 -36.34 -20.50
CA ARG O 471 -39.59 -37.28 -20.45
C ARG O 471 -39.98 -37.77 -21.84
N TYR O 472 -39.84 -36.91 -22.86
CA TYR O 472 -39.97 -37.34 -24.25
C TYR O 472 -38.94 -38.42 -24.63
N LEU O 473 -37.64 -38.11 -24.56
CA LEU O 473 -36.66 -39.11 -24.98
C LEU O 473 -36.82 -40.41 -24.22
N ALA O 474 -37.23 -40.37 -22.96
CA ALA O 474 -37.47 -41.59 -22.21
C ALA O 474 -38.65 -42.39 -22.78
N GLU O 475 -39.78 -41.74 -23.03
CA GLU O 475 -40.95 -42.44 -23.55
C GLU O 475 -40.89 -42.63 -25.05
N LEU O 476 -39.98 -41.93 -25.73
CA LEU O 476 -39.58 -42.29 -27.09
C LEU O 476 -39.02 -43.70 -27.12
N CYS O 477 -38.01 -43.97 -26.30
CA CYS O 477 -37.49 -45.30 -26.04
C CYS O 477 -38.49 -46.12 -25.21
N GLY O 478 -38.13 -47.38 -24.92
CA GLY O 478 -38.94 -48.19 -24.04
C GLY O 478 -38.86 -47.82 -22.58
N VAL O 479 -37.93 -46.93 -22.22
CA VAL O 479 -37.46 -46.75 -20.85
C VAL O 479 -38.35 -45.83 -20.00
N GLY O 480 -39.04 -44.86 -20.61
CA GLY O 480 -39.69 -43.81 -19.83
C GLY O 480 -40.92 -44.25 -19.08
N ALA O 481 -41.52 -45.38 -19.46
CA ALA O 481 -42.73 -45.89 -18.81
C ALA O 481 -42.49 -47.17 -18.00
N VAL O 482 -41.25 -47.46 -17.58
CA VAL O 482 -40.98 -48.69 -16.84
C VAL O 482 -41.55 -48.54 -15.43
N LEU O 483 -40.89 -47.71 -14.60
CA LEU O 483 -41.12 -47.76 -13.15
C LEU O 483 -40.80 -46.42 -12.48
N PRO O 484 -41.39 -45.31 -12.95
CA PRO O 484 -41.17 -44.01 -12.30
C PRO O 484 -41.99 -43.83 -11.01
N GLY O 485 -42.92 -44.74 -10.73
CA GLY O 485 -43.81 -44.70 -9.58
C GLY O 485 -45.27 -44.87 -9.98
N THR O 486 -45.65 -44.29 -11.13
CA THR O 486 -46.97 -44.56 -11.70
C THR O 486 -47.05 -45.95 -12.33
N CYS O 487 -46.12 -46.26 -13.23
CA CYS O 487 -46.12 -47.55 -13.91
C CYS O 487 -45.39 -48.59 -13.07
N GLY O 488 -45.78 -49.85 -13.25
CA GLY O 488 -45.27 -50.93 -12.43
C GLY O 488 -44.53 -51.99 -13.23
N GLY O 489 -43.69 -51.54 -14.16
CA GLY O 489 -42.88 -52.45 -14.95
C GLY O 489 -43.61 -53.06 -16.13
N GLY O 490 -44.65 -52.39 -16.61
CA GLY O 490 -45.53 -52.93 -17.63
C GLY O 490 -45.17 -52.64 -19.08
N PRO O 491 -45.24 -51.35 -19.50
CA PRO O 491 -45.11 -51.01 -20.94
C PRO O 491 -43.77 -51.19 -21.65
N ARG O 492 -42.86 -52.05 -21.18
CA ARG O 492 -41.64 -52.32 -21.95
C ARG O 492 -41.95 -53.07 -23.24
N ALA O 493 -41.32 -52.65 -24.34
CA ALA O 493 -41.53 -53.26 -25.64
C ALA O 493 -40.24 -53.18 -26.47
N ALA O 494 -40.33 -53.54 -27.75
CA ALA O 494 -39.16 -53.65 -28.62
C ALA O 494 -38.76 -52.28 -29.16
N PHE O 495 -37.62 -51.76 -28.69
CA PHE O 495 -37.03 -50.59 -29.33
C PHE O 495 -36.38 -51.00 -30.66
N PRO O 496 -36.60 -50.26 -31.74
CA PRO O 496 -36.09 -50.70 -33.04
C PRO O 496 -34.59 -50.52 -33.21
N THR O 497 -34.06 -51.23 -34.21
CA THR O 497 -32.61 -51.26 -34.49
C THR O 497 -32.39 -51.37 -35.99
N GLY O 498 -31.48 -50.55 -36.52
CA GLY O 498 -31.18 -50.58 -37.94
C GLY O 498 -32.08 -49.66 -38.73
N VAL O 499 -32.53 -50.10 -39.91
CA VAL O 499 -33.41 -49.27 -40.74
C VAL O 499 -34.63 -48.85 -39.93
N LYS O 500 -35.21 -49.78 -39.18
CA LYS O 500 -36.42 -49.51 -38.40
C LYS O 500 -36.16 -48.49 -37.29
N LEU O 501 -34.92 -48.40 -36.82
CA LEU O 501 -34.56 -47.34 -35.88
C LEU O 501 -34.47 -46.01 -36.60
N LEU O 502 -33.70 -46.00 -37.69
CA LEU O 502 -33.24 -44.75 -38.28
C LEU O 502 -34.32 -44.08 -39.11
N SER O 503 -35.30 -44.85 -39.59
CA SER O 503 -36.50 -44.27 -40.18
C SER O 503 -37.44 -43.70 -39.13
N TYR O 504 -37.69 -44.46 -38.05
CA TYR O 504 -38.58 -44.01 -36.98
C TYR O 504 -38.01 -42.75 -36.35
N LEU O 505 -36.68 -42.65 -36.30
CA LEU O 505 -36.00 -41.45 -35.85
C LEU O 505 -36.31 -40.27 -36.76
N TYR O 506 -36.26 -40.50 -38.08
CA TYR O 506 -36.66 -39.47 -39.05
C TYR O 506 -38.13 -39.09 -38.91
N GLN O 507 -39.02 -40.05 -38.67
CA GLN O 507 -40.42 -39.70 -38.40
C GLN O 507 -40.57 -38.82 -37.16
N GLU O 508 -39.85 -39.14 -36.09
CA GLU O 508 -39.86 -38.26 -34.92
C GLU O 508 -39.35 -36.87 -35.28
N ALA O 509 -38.33 -36.77 -36.15
CA ALA O 509 -37.85 -35.46 -36.59
C ALA O 509 -38.90 -34.69 -37.38
N LEU O 510 -39.72 -35.37 -38.18
CA LEU O 510 -40.83 -34.68 -38.83
C LEU O 510 -41.84 -34.20 -37.79
N HIS O 511 -42.35 -35.13 -36.98
CA HIS O 511 -43.39 -34.81 -36.02
C HIS O 511 -42.99 -33.66 -35.10
N ASN O 512 -41.69 -33.44 -34.93
CA ASN O 512 -41.15 -32.35 -34.12
C ASN O 512 -40.21 -31.45 -34.94
N CYS O 513 -40.56 -31.13 -36.20
CA CYS O 513 -39.65 -30.36 -37.06
C CYS O 513 -39.53 -28.90 -36.66
N SER O 514 -40.31 -28.45 -35.68
CA SER O 514 -40.37 -27.05 -35.25
C SER O 514 -40.20 -26.91 -33.76
N ASN O 515 -40.44 -27.97 -33.00
CA ASN O 515 -40.69 -27.97 -31.57
C ASN O 515 -39.40 -27.74 -30.79
N GLU O 516 -39.55 -27.43 -29.49
CA GLU O 516 -38.42 -27.37 -28.57
C GLU O 516 -37.54 -28.63 -28.60
N HIS O 517 -38.11 -29.80 -28.84
CA HIS O 517 -37.32 -31.03 -28.93
C HIS O 517 -36.47 -31.16 -30.19
N TYR O 518 -36.56 -30.24 -31.16
CA TYR O 518 -36.05 -30.57 -32.49
C TYR O 518 -34.53 -30.72 -32.56
N PRO O 519 -33.71 -29.84 -32.00
CA PRO O 519 -32.26 -29.98 -32.27
C PRO O 519 -31.66 -31.21 -31.60
N VAL O 520 -32.27 -31.70 -30.52
CA VAL O 520 -31.87 -32.98 -29.93
C VAL O 520 -32.07 -34.11 -30.93
N LEU O 521 -33.26 -34.20 -31.51
CA LEU O 521 -33.50 -35.21 -32.52
C LEU O 521 -32.58 -35.07 -33.72
N LEU O 522 -32.21 -33.84 -34.10
CA LEU O 522 -31.28 -33.72 -35.21
C LEU O 522 -29.89 -34.18 -34.78
N SER O 523 -29.47 -33.87 -33.54
CA SER O 523 -28.16 -34.32 -33.07
C SER O 523 -28.09 -35.84 -32.98
N LEU O 524 -29.16 -36.49 -32.48
CA LEU O 524 -29.18 -37.94 -32.42
C LEU O 524 -29.21 -38.56 -33.80
N LEU O 525 -29.97 -37.97 -34.73
CA LEU O 525 -30.02 -38.52 -36.07
C LEU O 525 -28.72 -38.27 -36.82
N LYS O 526 -28.02 -37.18 -36.53
CA LYS O 526 -26.75 -36.94 -37.20
C LYS O 526 -25.63 -37.77 -36.59
N THR O 527 -25.76 -38.23 -35.34
CA THR O 527 -24.86 -39.28 -34.87
C THR O 527 -25.20 -40.60 -35.55
N SER O 528 -26.47 -40.96 -35.56
CA SER O 528 -26.89 -42.30 -35.93
C SER O 528 -26.81 -42.56 -37.43
N CYS O 529 -26.62 -41.52 -38.24
CA CYS O 529 -26.36 -41.72 -39.65
C CYS O 529 -24.97 -42.27 -39.93
N GLU O 530 -24.03 -42.14 -38.97
CA GLU O 530 -22.61 -42.47 -39.19
C GLU O 530 -22.46 -43.84 -39.86
N PRO O 531 -22.86 -44.94 -39.23
CA PRO O 531 -22.69 -46.25 -39.89
C PRO O 531 -23.21 -46.31 -41.33
N TYR O 532 -24.29 -45.61 -41.66
CA TYR O 532 -24.78 -45.66 -43.03
C TYR O 532 -23.98 -44.78 -43.98
N THR O 533 -23.24 -43.78 -43.49
CA THR O 533 -22.23 -43.16 -44.35
C THR O 533 -21.12 -44.16 -44.68
N ARG O 534 -20.69 -44.95 -43.70
CA ARG O 534 -19.66 -45.97 -43.95
C ARG O 534 -20.20 -47.06 -44.86
N PHE O 535 -21.42 -47.56 -44.57
CA PHE O 535 -21.99 -48.63 -45.38
C PHE O 535 -22.23 -48.20 -46.82
N ILE O 536 -22.61 -46.93 -47.01
CA ILE O 536 -22.61 -46.34 -48.35
C ILE O 536 -21.22 -46.49 -48.97
N HIS O 537 -20.20 -45.94 -48.31
CA HIS O 537 -18.85 -46.06 -48.84
C HIS O 537 -18.46 -47.51 -49.15
N ASP O 538 -18.74 -48.44 -48.22
CA ASP O 538 -18.32 -49.82 -48.43
C ASP O 538 -18.81 -50.35 -49.77
N TRP O 539 -20.03 -49.96 -50.15
CA TRP O 539 -20.74 -50.47 -51.31
C TRP O 539 -20.65 -49.52 -52.51
N VAL O 540 -19.90 -48.42 -52.40
CA VAL O 540 -19.89 -47.35 -53.40
C VAL O 540 -18.48 -46.84 -53.70
N TYR O 541 -17.62 -46.91 -52.70
CA TYR O 541 -16.22 -46.52 -52.81
C TYR O 541 -15.29 -47.71 -52.59
N SER O 542 -15.70 -48.67 -51.78
CA SER O 542 -15.28 -50.06 -51.91
C SER O 542 -16.38 -50.78 -52.67
N GLY O 543 -16.26 -52.10 -52.80
CA GLY O 543 -17.38 -52.91 -53.26
C GLY O 543 -17.95 -53.84 -52.20
N VAL O 544 -17.37 -53.79 -51.00
CA VAL O 544 -17.69 -54.67 -49.88
C VAL O 544 -18.97 -54.22 -49.17
N PHE O 545 -19.36 -54.92 -48.10
CA PHE O 545 -20.35 -54.41 -47.16
C PHE O 545 -20.10 -55.02 -45.79
N ARG O 546 -19.56 -54.22 -44.85
CA ARG O 546 -19.43 -54.64 -43.47
C ARG O 546 -20.82 -54.82 -42.86
N ASP O 547 -21.15 -56.06 -42.53
CA ASP O 547 -22.44 -56.43 -42.00
C ASP O 547 -22.26 -57.76 -41.27
N ALA O 548 -23.04 -57.94 -40.22
CA ALA O 548 -23.09 -59.20 -39.49
C ALA O 548 -24.49 -59.57 -39.05
N TYR O 549 -25.35 -58.59 -38.79
CA TYR O 549 -26.68 -58.77 -38.24
C TYR O 549 -27.76 -58.51 -39.29
N GLY O 550 -27.37 -58.24 -40.53
CA GLY O 550 -28.30 -57.70 -41.50
C GLY O 550 -28.62 -56.24 -41.24
N GLU O 551 -27.69 -55.51 -40.63
CA GLU O 551 -27.90 -54.10 -40.35
C GLU O 551 -27.93 -53.24 -41.62
N PHE O 552 -27.57 -53.83 -42.77
CA PHE O 552 -27.60 -53.21 -44.09
C PHE O 552 -28.30 -54.21 -45.04
N MET O 553 -29.04 -53.70 -46.05
CA MET O 553 -29.91 -54.56 -46.86
C MET O 553 -29.16 -55.33 -47.98
N ILE O 554 -27.83 -55.40 -47.91
CA ILE O 554 -27.02 -56.02 -48.96
C ILE O 554 -26.92 -57.53 -48.71
N GLN O 555 -26.61 -58.29 -49.77
CA GLN O 555 -26.40 -59.75 -49.64
C GLN O 555 -25.21 -60.22 -50.46
N VAL O 556 -24.80 -61.47 -50.23
CA VAL O 556 -23.82 -62.19 -51.06
C VAL O 556 -24.14 -63.69 -51.04
N ASN O 557 -23.70 -64.40 -52.09
CA ASN O 557 -24.17 -65.75 -52.42
C ASN O 557 -23.00 -66.64 -52.82
N HIS O 558 -23.25 -67.96 -52.85
CA HIS O 558 -22.34 -68.87 -53.56
C HIS O 558 -22.23 -68.50 -55.04
N GLU O 559 -23.27 -67.88 -55.61
CA GLU O 559 -23.16 -67.27 -56.93
C GLU O 559 -21.94 -66.36 -57.05
N TYR O 560 -21.57 -65.69 -55.94
CA TYR O 560 -20.47 -64.73 -55.94
C TYR O 560 -19.12 -65.36 -56.21
N LEU O 561 -19.03 -66.70 -56.20
CA LEU O 561 -17.76 -67.39 -56.25
C LEU O 561 -17.51 -68.12 -57.57
N SER O 562 -18.38 -67.93 -58.58
CA SER O 562 -17.99 -68.07 -59.99
C SER O 562 -18.48 -66.85 -60.78
N PHE O 563 -19.64 -66.32 -60.39
CA PHE O 563 -20.13 -64.98 -60.70
C PHE O 563 -20.21 -64.64 -62.21
N ARG O 564 -20.34 -65.65 -63.08
CA ARG O 564 -20.73 -65.48 -64.48
C ARG O 564 -22.23 -65.22 -64.59
N ASP O 565 -22.69 -64.85 -65.79
CA ASP O 565 -24.05 -65.16 -66.22
C ASP O 565 -25.13 -64.68 -65.22
N LYS O 566 -26.19 -65.47 -65.03
CA LYS O 566 -27.28 -65.13 -64.10
C LYS O 566 -26.80 -64.99 -62.68
N LEU O 567 -25.61 -65.51 -62.39
CA LEU O 567 -25.08 -65.50 -61.03
C LEU O 567 -24.68 -64.09 -60.63
N TYR O 568 -24.05 -63.35 -61.57
CA TYR O 568 -23.94 -61.90 -61.45
C TYR O 568 -25.30 -61.21 -61.40
N TRP O 569 -26.31 -61.71 -62.18
CA TRP O 569 -27.67 -61.16 -62.08
C TRP O 569 -28.37 -61.55 -60.72
N THR O 570 -27.65 -62.10 -59.74
CA THR O 570 -28.21 -62.53 -58.47
C THR O 570 -27.46 -61.95 -57.27
N HIS O 571 -26.13 -61.85 -57.33
CA HIS O 571 -25.37 -61.12 -56.32
C HIS O 571 -25.85 -59.67 -56.22
N GLY O 572 -26.18 -59.21 -55.00
CA GLY O 572 -26.79 -57.90 -54.85
C GLY O 572 -27.30 -57.50 -53.48
N TYR O 573 -28.51 -56.93 -53.44
CA TYR O 573 -29.16 -56.48 -52.21
C TYR O 573 -30.65 -56.87 -52.23
N VAL O 574 -31.19 -57.16 -51.04
CA VAL O 574 -32.38 -58.02 -50.94
C VAL O 574 -33.63 -57.32 -51.50
N LEU O 575 -33.75 -56.01 -51.30
CA LEU O 575 -34.79 -55.18 -51.91
C LEU O 575 -34.24 -53.76 -52.04
N ILE O 576 -35.07 -52.87 -52.58
CA ILE O 576 -34.73 -51.44 -52.62
C ILE O 576 -34.66 -50.87 -51.21
N SER O 577 -35.25 -51.57 -50.24
CA SER O 577 -35.45 -51.19 -48.85
C SER O 577 -35.05 -52.38 -47.97
N LYS O 578 -35.26 -52.26 -46.64
CA LYS O 578 -35.25 -53.43 -45.76
C LYS O 578 -36.72 -53.83 -45.53
N GLU O 579 -37.08 -55.01 -46.02
CA GLU O 579 -38.48 -55.36 -46.28
C GLU O 579 -39.03 -54.26 -47.18
N VAL O 580 -40.10 -53.54 -46.80
CA VAL O 580 -40.53 -52.37 -47.57
C VAL O 580 -40.59 -51.12 -46.68
N GLU O 581 -39.47 -50.77 -46.04
CA GLU O 581 -39.24 -49.46 -45.43
C GLU O 581 -37.73 -49.17 -45.38
N ASP O 582 -37.38 -47.88 -45.23
CA ASP O 582 -36.02 -47.40 -45.39
C ASP O 582 -35.85 -46.08 -44.63
N CYS O 583 -34.61 -45.77 -44.23
CA CYS O 583 -34.30 -44.42 -43.73
C CYS O 583 -34.19 -43.45 -44.89
N VAL O 584 -35.30 -42.75 -45.16
CA VAL O 584 -35.35 -41.85 -46.31
C VAL O 584 -34.24 -40.80 -46.28
N PRO O 585 -33.83 -40.24 -45.12
CA PRO O 585 -32.66 -39.35 -45.10
C PRO O 585 -31.37 -39.79 -45.78
N VAL O 586 -31.17 -41.06 -46.12
CA VAL O 586 -29.90 -41.44 -46.72
C VAL O 586 -30.07 -42.41 -47.89
N PHE O 587 -30.93 -43.42 -47.75
CA PHE O 587 -31.17 -44.35 -48.84
C PHE O 587 -32.44 -44.02 -49.63
N LEU O 588 -33.27 -43.09 -49.13
CA LEU O 588 -34.33 -42.38 -49.85
C LEU O 588 -35.55 -43.21 -50.27
N LYS O 589 -35.37 -44.52 -50.45
CA LYS O 589 -36.23 -45.32 -51.32
C LYS O 589 -36.24 -44.80 -52.77
N HIS O 590 -35.25 -43.98 -53.14
CA HIS O 590 -35.12 -43.51 -54.52
C HIS O 590 -33.80 -43.98 -55.12
N ILE O 591 -32.69 -43.33 -54.78
CA ILE O 591 -31.41 -43.54 -55.46
C ILE O 591 -30.67 -44.74 -54.89
N ALA O 592 -31.34 -45.50 -54.02
CA ALA O 592 -30.82 -46.79 -53.56
C ALA O 592 -30.41 -47.71 -54.71
N HIS O 593 -31.10 -47.63 -55.86
CA HIS O 593 -30.68 -48.37 -57.04
C HIS O 593 -29.35 -47.87 -57.61
N ASP O 594 -29.25 -46.58 -57.91
CA ASP O 594 -28.02 -46.07 -58.53
C ASP O 594 -26.81 -46.29 -57.63
N ILE O 595 -27.02 -46.24 -56.31
CA ILE O 595 -26.05 -46.72 -55.34
C ILE O 595 -25.54 -48.11 -55.73
N TYR O 596 -26.46 -49.05 -55.92
CA TYR O 596 -26.08 -50.42 -56.27
C TYR O 596 -25.52 -50.54 -57.69
N VAL O 597 -25.88 -49.65 -58.62
CA VAL O 597 -25.23 -49.68 -59.95
C VAL O 597 -23.73 -49.47 -59.81
N CYS O 598 -23.31 -48.41 -59.12
CA CYS O 598 -21.89 -48.23 -58.91
C CYS O 598 -21.34 -49.36 -58.05
N GLY O 599 -22.16 -49.89 -57.13
CA GLY O 599 -21.76 -51.06 -56.37
C GLY O 599 -21.29 -52.21 -57.25
N LYS O 600 -22.07 -52.56 -58.27
CA LYS O 600 -21.60 -53.54 -59.25
C LYS O 600 -20.33 -53.04 -59.93
N THR O 601 -20.35 -51.78 -60.37
CA THR O 601 -19.26 -51.23 -61.17
C THR O 601 -17.94 -51.23 -60.41
N ILE O 602 -17.97 -51.10 -59.09
CA ILE O 602 -16.77 -51.04 -58.27
C ILE O 602 -16.41 -52.41 -57.70
N ASN O 603 -17.41 -53.19 -57.31
CA ASN O 603 -17.16 -54.54 -56.80
C ASN O 603 -16.65 -55.45 -57.92
N LEU O 604 -17.46 -55.66 -58.95
CA LEU O 604 -17.36 -56.89 -59.73
C LEU O 604 -16.54 -56.72 -61.00
N LEU O 605 -16.40 -55.50 -61.55
CA LEU O 605 -15.56 -55.35 -62.73
C LEU O 605 -14.11 -55.76 -62.42
N LYS O 606 -13.55 -55.30 -61.30
CA LYS O 606 -12.22 -55.75 -60.88
C LYS O 606 -12.21 -57.22 -60.50
N LEU O 607 -13.35 -57.77 -60.03
CA LEU O 607 -13.38 -59.12 -59.49
C LEU O 607 -13.10 -60.15 -60.58
N CYS O 608 -13.72 -59.97 -61.74
CA CYS O 608 -13.51 -60.84 -62.89
C CYS O 608 -12.07 -60.73 -63.40
N CYS O 609 -11.53 -59.51 -63.41
CA CYS O 609 -10.27 -59.16 -64.05
C CYS O 609 -9.85 -57.78 -63.53
N PRO O 610 -8.62 -57.59 -63.06
CA PRO O 610 -8.24 -56.26 -62.57
C PRO O 610 -8.37 -55.22 -63.68
N ARG O 611 -8.85 -54.04 -63.29
CA ARG O 611 -9.57 -53.14 -64.19
C ARG O 611 -8.84 -51.80 -64.34
N HIS O 612 -9.06 -51.15 -65.49
CA HIS O 612 -8.33 -49.95 -65.89
C HIS O 612 -8.55 -48.75 -64.98
N TYR O 613 -9.45 -48.84 -63.99
CA TYR O 613 -9.62 -47.80 -62.98
C TYR O 613 -9.53 -48.33 -61.55
N LEU O 614 -9.22 -49.62 -61.36
CA LEU O 614 -9.18 -50.21 -60.02
C LEU O 614 -7.89 -50.98 -59.70
N CYS O 615 -7.19 -51.49 -60.73
CA CYS O 615 -6.13 -52.49 -60.55
C CYS O 615 -6.66 -53.67 -59.73
N TRP O 616 -5.88 -54.27 -58.82
CA TRP O 616 -6.48 -55.19 -57.88
C TRP O 616 -7.43 -54.46 -56.94
N SER O 617 -6.93 -53.46 -56.21
CA SER O 617 -7.74 -52.53 -55.44
C SER O 617 -6.90 -51.30 -55.11
N ASP O 618 -6.10 -50.84 -56.09
CA ASP O 618 -4.95 -49.97 -55.86
C ASP O 618 -5.00 -48.72 -56.72
N VAL O 619 -6.17 -48.35 -57.23
CA VAL O 619 -6.50 -46.98 -57.57
C VAL O 619 -6.43 -46.19 -56.26
N PRO O 620 -6.08 -44.87 -56.28
CA PRO O 620 -5.81 -44.18 -55.00
C PRO O 620 -6.83 -44.49 -53.90
N VAL O 621 -6.29 -44.93 -52.76
CA VAL O 621 -6.94 -45.84 -51.82
C VAL O 621 -8.23 -45.23 -51.24
N PRO O 622 -9.32 -45.99 -51.13
CA PRO O 622 -10.65 -45.45 -50.77
C PRO O 622 -10.76 -44.58 -49.51
N ARG O 623 -11.68 -43.60 -49.59
CA ARG O 623 -12.14 -42.78 -48.47
C ARG O 623 -13.65 -42.55 -48.57
N ILE O 624 -14.27 -42.23 -47.42
CA ILE O 624 -15.71 -42.51 -47.22
C ILE O 624 -16.60 -41.45 -47.89
N SER O 625 -16.20 -40.18 -47.90
CA SER O 625 -17.05 -39.02 -48.22
C SER O 625 -18.24 -38.95 -47.25
N VAL O 626 -19.39 -38.43 -47.70
CA VAL O 626 -20.66 -38.45 -46.94
C VAL O 626 -20.44 -38.21 -45.45
N LEU O 1477 -34.24 -23.99 -35.06
CA LEU O 1477 -33.94 -25.35 -34.66
C LEU O 1477 -33.53 -26.22 -35.89
N LEU O 1478 -34.03 -25.88 -37.08
CA LEU O 1478 -33.37 -26.14 -38.38
C LEU O 1478 -34.22 -25.45 -39.44
N THR O 1479 -33.62 -24.63 -40.31
CA THR O 1479 -34.39 -23.92 -41.32
C THR O 1479 -34.52 -24.69 -42.66
N LEU O 1480 -34.28 -26.03 -42.68
CA LEU O 1480 -34.45 -26.83 -43.90
C LEU O 1480 -34.86 -28.28 -43.61
N PRO O 1481 -35.87 -28.53 -42.74
CA PRO O 1481 -35.97 -29.81 -42.02
C PRO O 1481 -35.80 -31.14 -42.78
N VAL O 1482 -36.78 -31.57 -43.60
CA VAL O 1482 -36.54 -32.64 -44.58
C VAL O 1482 -35.87 -32.07 -45.80
N LEU O 1483 -36.12 -30.78 -46.04
CA LEU O 1483 -35.93 -30.17 -47.34
C LEU O 1483 -34.56 -30.47 -47.93
N MET O 1484 -33.52 -30.55 -47.06
CA MET O 1484 -32.17 -30.66 -47.57
C MET O 1484 -31.32 -31.65 -46.77
N LYS O 1485 -31.94 -32.61 -46.08
CA LYS O 1485 -31.18 -33.73 -45.54
C LYS O 1485 -30.47 -34.48 -46.65
N ARG O 1486 -31.25 -34.87 -47.67
CA ARG O 1486 -30.71 -35.55 -48.84
C ARG O 1486 -29.61 -34.73 -49.55
N SER O 1487 -29.70 -33.40 -49.51
CA SER O 1487 -28.74 -32.58 -50.23
C SER O 1487 -27.34 -32.67 -49.63
N ILE O 1488 -27.22 -33.09 -48.38
CA ILE O 1488 -25.91 -33.40 -47.80
C ILE O 1488 -25.30 -34.63 -48.47
N THR O 1489 -26.10 -35.68 -48.66
CA THR O 1489 -25.60 -36.92 -49.23
C THR O 1489 -25.54 -36.88 -50.77
N ALA O 1490 -26.29 -35.96 -51.39
CA ALA O 1490 -26.50 -35.96 -52.84
C ALA O 1490 -25.26 -35.83 -53.75
N PRO O 1491 -24.14 -35.25 -53.33
CA PRO O 1491 -22.89 -35.38 -54.11
C PRO O 1491 -22.39 -36.81 -54.28
N LEU O 1492 -22.86 -37.75 -53.49
CA LEU O 1492 -22.60 -39.16 -53.77
C LEU O 1492 -23.12 -39.54 -55.16
N ALA O 1493 -24.32 -39.06 -55.51
CA ALA O 1493 -24.91 -39.40 -56.80
C ALA O 1493 -24.07 -38.86 -57.95
N ALA O 1494 -23.33 -37.76 -57.72
CA ALA O 1494 -22.38 -37.29 -58.72
C ALA O 1494 -21.20 -38.27 -58.88
N HIS O 1495 -20.59 -38.69 -57.76
CA HIS O 1495 -19.59 -39.77 -57.83
C HIS O 1495 -20.14 -40.97 -58.58
N ILE O 1496 -21.35 -41.41 -58.23
CA ILE O 1496 -21.99 -42.52 -58.92
C ILE O 1496 -22.09 -42.25 -60.42
N SER O 1497 -22.55 -41.06 -60.80
CA SER O 1497 -22.68 -40.74 -62.22
C SER O 1497 -21.33 -40.79 -62.93
N LEU O 1498 -20.24 -40.42 -62.24
CA LEU O 1498 -18.92 -40.55 -62.82
C LEU O 1498 -18.51 -42.02 -62.96
N VAL O 1499 -18.66 -42.80 -61.88
CA VAL O 1499 -18.38 -44.22 -61.96
C VAL O 1499 -19.20 -44.86 -63.09
N ASN O 1500 -20.46 -44.42 -63.25
CA ASN O 1500 -21.29 -44.89 -64.37
C ASN O 1500 -20.70 -44.51 -65.73
N LYS O 1501 -20.31 -43.24 -65.91
CA LYS O 1501 -19.67 -42.84 -67.15
C LYS O 1501 -18.40 -43.65 -67.40
N ALA O 1502 -17.73 -44.05 -66.33
CA ALA O 1502 -16.54 -44.88 -66.39
C ALA O 1502 -16.86 -46.36 -66.33
N ALA O 1503 -18.12 -46.74 -66.59
CA ALA O 1503 -18.52 -48.12 -66.77
C ALA O 1503 -18.73 -48.47 -68.24
N VAL O 1504 -18.97 -47.47 -69.09
CA VAL O 1504 -19.36 -47.71 -70.48
C VAL O 1504 -18.16 -48.20 -71.29
N ASP O 1505 -16.96 -47.71 -70.98
CA ASP O 1505 -15.77 -47.97 -71.78
C ASP O 1505 -15.37 -49.44 -71.77
N TYR O 1506 -15.53 -50.14 -70.64
CA TYR O 1506 -15.18 -51.55 -70.57
C TYR O 1506 -15.90 -52.35 -71.65
N PHE O 1507 -17.13 -51.97 -71.97
CA PHE O 1507 -17.89 -52.62 -73.01
C PHE O 1507 -17.58 -52.03 -74.38
N PHE O 1508 -17.37 -50.72 -74.48
CA PHE O 1508 -17.08 -50.11 -75.77
C PHE O 1508 -15.69 -50.52 -76.30
N VAL O 1509 -14.68 -50.74 -75.43
CA VAL O 1509 -13.33 -51.10 -75.89
C VAL O 1509 -12.78 -52.40 -75.29
N GLU O 1510 -12.90 -52.60 -73.97
CA GLU O 1510 -12.33 -53.83 -73.42
C GLU O 1510 -13.06 -55.06 -73.95
N LEU O 1511 -14.28 -54.88 -74.44
CA LEU O 1511 -14.98 -55.88 -75.25
C LEU O 1511 -14.93 -55.59 -76.74
N HIS O 1512 -14.98 -54.30 -77.13
CA HIS O 1512 -15.41 -53.89 -78.47
C HIS O 1512 -16.81 -54.40 -78.77
N LEU O 1513 -17.67 -54.34 -77.75
CA LEU O 1513 -18.98 -54.98 -77.76
C LEU O 1513 -19.80 -54.67 -79.01
N GLU O 1514 -20.03 -53.39 -79.30
CA GLU O 1514 -20.90 -53.06 -80.42
C GLU O 1514 -20.21 -53.20 -81.77
N ALA O 1515 -18.88 -53.15 -81.83
CA ALA O 1515 -18.20 -53.59 -83.04
C ALA O 1515 -18.50 -55.07 -83.31
N HIS O 1516 -18.58 -55.90 -82.25
CA HIS O 1516 -19.03 -57.27 -82.42
C HIS O 1516 -20.53 -57.34 -82.72
N TYR O 1517 -21.33 -56.34 -82.32
CA TYR O 1517 -22.72 -56.32 -82.78
C TYR O 1517 -22.79 -56.17 -84.29
N GLU O 1518 -21.93 -55.35 -84.88
CA GLU O 1518 -21.83 -55.31 -86.33
C GLU O 1518 -21.41 -56.67 -86.87
N ALA O 1519 -20.41 -57.30 -86.26
CA ALA O 1519 -20.00 -58.64 -86.69
C ALA O 1519 -21.14 -59.63 -86.54
N LEU O 1520 -21.91 -59.52 -85.45
CA LEU O 1520 -23.07 -60.38 -85.26
C LEU O 1520 -24.10 -60.15 -86.37
N ARG O 1521 -24.31 -58.89 -86.75
CA ARG O 1521 -25.18 -58.56 -87.87
C ARG O 1521 -24.58 -59.07 -89.19
N HIS O 1522 -23.26 -59.03 -89.32
CA HIS O 1522 -22.63 -59.57 -90.53
C HIS O 1522 -22.89 -61.06 -90.70
N PHE O 1523 -22.64 -61.86 -89.66
CA PHE O 1523 -22.68 -63.30 -89.80
C PHE O 1523 -24.09 -63.83 -89.51
N LEU O 1524 -24.61 -63.57 -88.31
CA LEU O 1524 -25.88 -64.16 -87.91
C LEU O 1524 -27.05 -63.47 -88.62
N LEU O 1525 -26.97 -62.16 -88.85
CA LEU O 1525 -28.00 -61.47 -89.61
C LEU O 1525 -27.54 -61.18 -91.04
N MET O 1526 -26.51 -61.91 -91.49
CA MET O 1526 -26.27 -62.19 -92.90
C MET O 1526 -25.93 -60.97 -93.74
N GLU O 1527 -25.69 -59.80 -93.13
CA GLU O 1527 -25.32 -58.64 -93.94
C GLU O 1527 -23.99 -58.85 -94.65
N ASP O 1528 -23.13 -59.76 -94.17
CA ASP O 1528 -22.10 -60.35 -95.02
C ASP O 1528 -22.75 -61.43 -95.88
N GLY O 1529 -23.45 -60.97 -96.91
CA GLY O 1529 -24.13 -61.86 -97.84
C GLY O 1529 -23.23 -62.85 -98.57
N GLU O 1530 -21.91 -62.59 -98.60
CA GLU O 1530 -21.00 -63.56 -99.23
C GLU O 1530 -20.71 -64.77 -98.35
N PHE O 1531 -20.47 -64.57 -97.04
CA PHE O 1531 -20.64 -65.68 -96.09
C PHE O 1531 -22.02 -66.30 -96.23
N ALA O 1532 -23.07 -65.50 -96.12
CA ALA O 1532 -24.40 -66.08 -96.00
C ALA O 1532 -24.78 -66.84 -97.27
N GLN O 1533 -24.34 -66.36 -98.45
CA GLN O 1533 -24.58 -67.10 -99.68
C GLN O 1533 -23.62 -68.29 -99.85
N SER O 1534 -22.36 -68.20 -99.41
CA SER O 1534 -21.51 -69.38 -99.38
C SER O 1534 -22.09 -70.46 -98.48
N LEU O 1535 -22.57 -70.06 -97.29
CA LEU O 1535 -23.27 -70.98 -96.42
C LEU O 1535 -24.50 -71.55 -97.12
N SER O 1536 -25.31 -70.68 -97.72
CA SER O 1536 -26.51 -71.11 -98.41
C SER O 1536 -26.17 -72.02 -99.58
N ASP O 1537 -25.10 -71.69 -100.31
CA ASP O 1537 -24.73 -72.48 -101.49
C ASP O 1537 -24.31 -73.88 -101.08
N LEU O 1538 -23.42 -73.99 -100.09
CA LEU O 1538 -22.98 -75.29 -99.61
C LEU O 1538 -24.15 -76.04 -98.99
N LEU O 1539 -24.78 -75.44 -97.97
CA LEU O 1539 -25.81 -76.12 -97.20
C LEU O 1539 -26.99 -76.54 -98.06
N PHE O 1540 -27.45 -75.66 -98.96
CA PHE O 1540 -28.65 -75.96 -99.73
C PHE O 1540 -28.33 -76.65 -101.05
N GLU O 1541 -27.05 -76.69 -101.45
CA GLU O 1541 -26.63 -77.60 -102.52
C GLU O 1541 -26.66 -79.03 -102.01
N LYS O 1542 -26.14 -79.23 -100.80
CA LYS O 1542 -26.17 -80.54 -100.16
C LYS O 1542 -27.60 -80.93 -99.81
N LEU O 1543 -28.48 -79.95 -99.57
CA LEU O 1543 -29.87 -80.23 -99.26
C LEU O 1543 -30.70 -80.43 -100.52
N GLY O 1544 -30.35 -79.74 -101.61
CA GLY O 1544 -31.01 -79.93 -102.89
C GLY O 1544 -30.49 -81.11 -103.67
N ALA O 1545 -29.45 -81.78 -103.16
CA ALA O 1545 -29.05 -83.09 -103.66
C ALA O 1545 -29.99 -84.19 -103.19
N GLY O 1546 -30.85 -83.90 -102.22
CA GLY O 1546 -31.82 -84.85 -101.72
C GLY O 1546 -31.55 -85.25 -100.27
N GLN O 1547 -31.18 -86.51 -100.08
CA GLN O 1547 -30.85 -87.07 -98.77
C GLN O 1547 -32.01 -86.95 -97.78
N THR O 1548 -33.22 -87.28 -98.27
CA THR O 1548 -34.49 -86.91 -97.62
C THR O 1548 -34.78 -87.62 -96.29
N PRO O 1549 -34.28 -88.86 -96.02
CA PRO O 1549 -34.43 -89.40 -94.66
C PRO O 1549 -33.34 -88.90 -93.69
N GLY O 1550 -33.24 -87.58 -93.58
CA GLY O 1550 -32.38 -86.94 -92.61
C GLY O 1550 -30.89 -87.23 -92.78
N GLU O 1551 -30.51 -87.79 -93.93
CA GLU O 1551 -29.19 -88.38 -94.06
C GLU O 1551 -28.09 -87.34 -94.25
N LEU O 1552 -28.44 -86.07 -94.49
CA LEU O 1552 -27.45 -84.99 -94.47
C LEU O 1552 -27.06 -84.58 -93.06
N LEU O 1553 -27.95 -84.77 -92.06
CA LEU O 1553 -27.74 -84.25 -90.71
C LEU O 1553 -26.84 -85.16 -89.88
N ASN O 1554 -25.54 -85.15 -90.23
CA ASN O 1554 -24.50 -85.83 -89.47
C ASN O 1554 -23.50 -84.80 -88.94
N PRO O 1555 -22.99 -84.98 -87.72
CA PRO O 1555 -22.09 -83.95 -87.14
C PRO O 1555 -20.94 -83.52 -88.03
N LEU O 1556 -20.30 -84.47 -88.72
CA LEU O 1556 -19.06 -84.18 -89.43
C LEU O 1556 -19.32 -83.45 -90.75
N VAL O 1557 -20.35 -83.83 -91.51
CA VAL O 1557 -20.63 -83.09 -92.74
C VAL O 1557 -21.13 -81.70 -92.37
N LEU O 1558 -22.00 -81.62 -91.37
CA LEU O 1558 -22.50 -80.33 -90.89
C LEU O 1558 -21.34 -79.40 -90.49
N ASN O 1559 -20.43 -79.88 -89.63
CA ASN O 1559 -19.28 -79.05 -89.25
C ASN O 1559 -18.44 -78.67 -90.47
N SER O 1560 -18.27 -79.60 -91.42
CA SER O 1560 -17.45 -79.29 -92.58
C SER O 1560 -18.07 -78.17 -93.42
N VAL O 1561 -19.40 -78.15 -93.58
CA VAL O 1561 -20.00 -77.05 -94.35
C VAL O 1561 -19.98 -75.76 -93.54
N LEU O 1562 -20.27 -75.82 -92.22
CA LEU O 1562 -20.13 -74.60 -91.41
C LEU O 1562 -18.71 -74.07 -91.51
N SER O 1563 -17.71 -74.92 -91.25
CA SER O 1563 -16.32 -74.49 -91.35
C SER O 1563 -16.03 -73.95 -92.75
N LYS O 1564 -16.40 -74.70 -93.79
CA LYS O 1564 -16.10 -74.30 -95.16
C LYS O 1564 -16.76 -72.96 -95.50
N ALA O 1565 -18.04 -72.80 -95.14
CA ALA O 1565 -18.70 -71.50 -95.31
C ALA O 1565 -17.95 -70.39 -94.60
N LEU O 1566 -17.50 -70.64 -93.36
CA LEU O 1566 -16.71 -69.66 -92.65
C LEU O 1566 -15.38 -69.37 -93.35
N GLN O 1567 -14.74 -70.37 -93.97
CA GLN O 1567 -13.51 -70.06 -94.70
C GLN O 1567 -13.80 -69.24 -95.97
N CYS O 1568 -14.97 -69.44 -96.59
CA CYS O 1568 -15.32 -68.77 -97.85
C CYS O 1568 -15.97 -67.41 -97.65
N SER O 1569 -16.08 -66.95 -96.40
CA SER O 1569 -16.73 -65.67 -96.09
C SER O 1569 -16.02 -64.47 -96.73
N LEU O 1570 -14.69 -64.54 -96.84
CA LEU O 1570 -13.80 -63.53 -97.41
C LEU O 1570 -13.61 -62.32 -96.49
N HIS O 1571 -14.45 -62.17 -95.46
CA HIS O 1571 -14.16 -61.17 -94.44
C HIS O 1571 -13.01 -61.67 -93.56
N GLY O 1572 -12.89 -62.98 -93.45
CA GLY O 1572 -11.83 -63.64 -92.71
C GLY O 1572 -12.29 -64.01 -91.31
N ASP O 1573 -11.59 -64.97 -90.72
CA ASP O 1573 -11.88 -65.39 -89.34
C ASP O 1573 -11.12 -64.50 -88.36
N THR O 1574 -11.62 -63.27 -88.23
CA THR O 1574 -11.00 -62.24 -87.41
C THR O 1574 -11.35 -62.49 -85.94
N PRO O 1575 -10.71 -61.75 -85.01
CA PRO O 1575 -11.08 -61.92 -83.59
C PRO O 1575 -12.55 -61.68 -83.35
N HIS O 1576 -13.07 -60.63 -84.00
CA HIS O 1576 -14.51 -60.38 -84.05
C HIS O 1576 -15.23 -61.54 -84.70
N ALA O 1577 -14.71 -62.03 -85.81
CA ALA O 1577 -15.29 -63.18 -86.51
C ALA O 1577 -14.71 -64.50 -86.01
N SER O 1578 -14.58 -64.65 -84.69
CA SER O 1578 -14.29 -65.93 -84.07
C SER O 1578 -15.59 -66.47 -83.47
N ASN O 1579 -15.50 -67.48 -82.61
CA ASN O 1579 -16.59 -67.85 -81.70
C ASN O 1579 -17.86 -68.33 -82.40
N LEU O 1580 -17.79 -68.89 -83.61
CA LEU O 1580 -19.00 -69.29 -84.33
C LEU O 1580 -19.21 -70.80 -84.30
N SER O 1581 -20.43 -71.23 -83.94
CA SER O 1581 -20.81 -72.63 -83.78
C SER O 1581 -22.23 -72.86 -84.31
N LEU O 1582 -22.53 -74.11 -84.71
CA LEU O 1582 -23.86 -74.45 -85.23
C LEU O 1582 -24.86 -74.59 -84.07
N ALA O 1583 -26.08 -75.09 -84.36
CA ALA O 1583 -26.93 -75.70 -83.35
C ALA O 1583 -28.10 -76.44 -84.02
N LEU O 1584 -28.78 -77.30 -83.24
CA LEU O 1584 -30.14 -77.74 -83.52
C LEU O 1584 -30.77 -78.41 -82.30
N LYS O 1585 -32.09 -78.64 -82.36
CA LYS O 1585 -32.83 -79.46 -81.40
C LYS O 1585 -33.71 -80.48 -82.11
N TYR O 1586 -33.74 -81.70 -81.57
CA TYR O 1586 -34.40 -82.88 -82.15
C TYR O 1586 -34.08 -83.00 -83.64
N LEU O 1587 -32.77 -83.15 -83.93
CA LEU O 1587 -32.26 -83.25 -85.33
C LEU O 1587 -33.13 -84.25 -86.10
N PRO O 1588 -33.84 -83.77 -87.12
CA PRO O 1588 -34.71 -84.61 -87.98
C PRO O 1588 -34.03 -85.73 -88.74
N GLU O 1589 -34.45 -86.96 -88.43
CA GLU O 1589 -34.13 -88.14 -89.23
C GLU O 1589 -34.99 -88.25 -90.50
N VAL O 1590 -35.79 -87.22 -90.82
CA VAL O 1590 -36.58 -87.18 -92.06
C VAL O 1590 -36.87 -85.72 -92.45
N PHE O 1591 -36.99 -85.50 -93.77
CA PHE O 1591 -37.27 -84.20 -94.37
C PHE O 1591 -38.58 -84.24 -95.16
N ALA O 1592 -39.22 -83.07 -95.30
CA ALA O 1592 -40.35 -82.89 -96.20
C ALA O 1592 -39.87 -82.88 -97.66
N PRO O 1593 -40.77 -83.10 -98.63
CA PRO O 1593 -40.41 -82.86 -100.04
C PRO O 1593 -39.87 -81.47 -100.38
N ASN O 1594 -38.97 -81.45 -101.38
CA ASN O 1594 -38.08 -80.37 -101.79
C ASN O 1594 -36.98 -80.10 -100.76
N ALA O 1595 -36.89 -80.94 -99.70
CA ALA O 1595 -36.02 -80.81 -98.54
C ALA O 1595 -35.94 -79.39 -97.96
N PRO O 1596 -37.01 -78.89 -97.31
CA PRO O 1596 -36.96 -77.51 -96.77
C PRO O 1596 -36.38 -77.38 -95.36
N ASP O 1597 -36.50 -78.43 -94.56
CA ASP O 1597 -36.46 -78.33 -93.09
C ASP O 1597 -37.40 -77.21 -92.61
N VAL O 1598 -38.69 -77.41 -92.91
CA VAL O 1598 -39.70 -76.39 -92.69
C VAL O 1598 -39.90 -76.16 -91.20
N LEU O 1599 -39.74 -77.20 -90.38
CA LEU O 1599 -39.41 -77.07 -88.97
C LEU O 1599 -37.91 -76.78 -88.90
N SER O 1600 -37.56 -75.49 -88.82
CA SER O 1600 -36.19 -75.05 -89.08
C SER O 1600 -35.25 -75.38 -87.93
N CYS O 1601 -34.69 -76.59 -87.99
CA CYS O 1601 -33.67 -77.09 -87.07
C CYS O 1601 -32.29 -77.06 -87.71
N LEU O 1602 -31.98 -75.95 -88.38
CA LEU O 1602 -30.64 -75.57 -88.79
C LEU O 1602 -30.35 -74.19 -88.20
N GLU O 1603 -29.23 -74.05 -87.48
CA GLU O 1603 -29.03 -72.89 -86.60
C GLU O 1603 -27.55 -72.50 -86.47
N LEU O 1604 -27.33 -71.27 -85.97
CA LEU O 1604 -26.00 -70.72 -85.71
C LEU O 1604 -25.99 -69.98 -84.37
N ARG O 1605 -24.83 -70.04 -83.70
CA ARG O 1605 -24.64 -69.55 -82.34
C ARG O 1605 -23.31 -68.79 -82.25
N TYR O 1606 -23.28 -67.67 -81.53
CA TYR O 1606 -22.02 -67.00 -81.22
C TYR O 1606 -21.60 -67.34 -79.80
N LYS O 1607 -20.47 -68.04 -79.68
CA LYS O 1607 -19.96 -68.41 -78.36
C LYS O 1607 -19.59 -67.15 -77.59
N VAL O 1608 -20.10 -67.06 -76.36
CA VAL O 1608 -20.13 -65.81 -75.62
C VAL O 1608 -19.10 -65.87 -74.49
N ASP O 1609 -18.27 -64.82 -74.42
CA ASP O 1609 -17.29 -64.59 -73.38
C ASP O 1609 -17.96 -64.01 -72.13
N TRP O 1610 -17.29 -64.15 -70.97
CA TRP O 1610 -17.93 -63.66 -69.74
C TRP O 1610 -18.29 -62.18 -69.83
N PRO O 1611 -17.35 -61.26 -70.05
CA PRO O 1611 -17.76 -59.85 -70.04
C PRO O 1611 -18.71 -59.49 -71.18
N LEU O 1612 -18.65 -60.20 -72.32
CA LEU O 1612 -19.75 -60.11 -73.29
C LEU O 1612 -21.08 -60.54 -72.67
N ASN O 1613 -21.06 -61.60 -71.87
CA ASN O 1613 -22.27 -62.23 -71.36
C ASN O 1613 -22.94 -61.43 -70.23
N ILE O 1614 -22.54 -60.18 -69.99
CA ILE O 1614 -23.42 -59.26 -69.27
C ILE O 1614 -24.49 -58.74 -70.21
N VAL O 1615 -24.15 -58.44 -71.47
CA VAL O 1615 -25.07 -57.76 -72.38
C VAL O 1615 -25.62 -58.72 -73.43
N ILE O 1616 -24.80 -59.64 -73.94
CA ILE O 1616 -25.33 -60.83 -74.58
C ILE O 1616 -26.10 -61.64 -73.53
N THR O 1617 -27.19 -62.32 -73.93
CA THR O 1617 -28.05 -62.94 -72.92
C THR O 1617 -28.85 -64.08 -73.56
N GLU O 1618 -29.27 -65.02 -72.73
CA GLU O 1618 -29.83 -66.29 -73.21
C GLU O 1618 -31.06 -66.07 -74.09
N GLY O 1619 -32.00 -65.23 -73.65
CA GLY O 1619 -33.17 -64.94 -74.48
C GLY O 1619 -32.83 -64.17 -75.72
N CYS O 1620 -31.80 -63.32 -75.64
CA CYS O 1620 -31.35 -62.56 -76.81
C CYS O 1620 -30.78 -63.47 -77.89
N VAL O 1621 -29.94 -64.44 -77.50
CA VAL O 1621 -29.38 -65.33 -78.49
C VAL O 1621 -30.41 -66.36 -78.95
N SER O 1622 -31.43 -66.63 -78.12
CA SER O 1622 -32.53 -67.49 -78.54
C SER O 1622 -33.35 -66.83 -79.65
N LYS O 1623 -33.71 -65.56 -79.44
CA LYS O 1623 -34.43 -64.80 -80.46
C LYS O 1623 -33.54 -64.56 -81.69
N TYR O 1624 -32.24 -64.34 -81.47
CA TYR O 1624 -31.32 -64.21 -82.60
C TYR O 1624 -31.32 -65.48 -83.46
N SER O 1625 -31.12 -66.64 -82.85
CA SER O 1625 -31.11 -67.86 -83.65
C SER O 1625 -32.49 -68.13 -84.25
N GLY O 1626 -33.55 -67.69 -83.57
CA GLY O 1626 -34.88 -67.75 -84.15
C GLY O 1626 -34.97 -67.00 -85.47
N VAL O 1627 -34.69 -65.69 -85.47
CA VAL O 1627 -34.69 -64.94 -86.73
C VAL O 1627 -33.65 -65.51 -87.70
N PHE O 1628 -32.53 -66.02 -87.21
CA PHE O 1628 -31.57 -66.66 -88.12
C PHE O 1628 -32.19 -67.84 -88.84
N SER O 1629 -32.90 -68.70 -88.11
CA SER O 1629 -33.47 -69.89 -88.72
C SER O 1629 -34.63 -69.55 -89.65
N PHE O 1630 -35.35 -68.47 -89.36
CA PHE O 1630 -36.46 -67.98 -90.18
C PHE O 1630 -35.97 -67.29 -91.44
N LEU O 1631 -34.92 -66.47 -91.33
CA LEU O 1631 -34.28 -65.94 -92.54
C LEU O 1631 -33.52 -67.03 -93.30
N LEU O 1632 -33.01 -68.07 -92.61
CA LEU O 1632 -32.25 -69.10 -93.32
C LEU O 1632 -33.17 -69.96 -94.19
N GLN O 1633 -34.40 -70.22 -93.74
CA GLN O 1633 -35.35 -70.88 -94.63
C GLN O 1633 -35.81 -69.93 -95.72
N LEU O 1634 -35.81 -68.61 -95.47
CA LEU O 1634 -35.99 -67.68 -96.58
C LEU O 1634 -34.83 -67.76 -97.55
N LYS O 1635 -33.58 -67.88 -97.06
CA LYS O 1635 -32.46 -68.13 -97.97
C LYS O 1635 -32.59 -69.48 -98.66
N LEU O 1636 -33.31 -70.44 -98.07
CA LEU O 1636 -33.60 -71.67 -98.80
C LEU O 1636 -34.60 -71.41 -99.93
N MET O 1637 -35.51 -70.46 -99.73
CA MET O 1637 -36.44 -70.12 -100.81
C MET O 1637 -35.72 -69.31 -101.87
N MET O 1638 -34.78 -68.44 -101.47
CA MET O 1638 -33.87 -67.86 -102.46
C MET O 1638 -33.05 -68.93 -103.18
N TRP O 1639 -32.63 -69.98 -102.47
CA TRP O 1639 -31.92 -71.05 -103.17
C TRP O 1639 -32.86 -71.79 -104.11
N ALA O 1640 -34.11 -72.01 -103.69
CA ALA O 1640 -35.09 -72.57 -104.61
C ALA O 1640 -35.20 -71.69 -105.85
N LEU O 1641 -35.27 -70.37 -105.64
CA LEU O 1641 -35.27 -69.42 -106.74
C LEU O 1641 -34.15 -69.72 -107.74
N LYS O 1642 -32.93 -69.91 -107.27
CA LYS O 1642 -31.86 -70.37 -108.16
C LYS O 1642 -32.23 -71.68 -108.83
N ASP O 1643 -32.68 -72.67 -108.06
CA ASP O 1643 -32.84 -74.01 -108.63
C ASP O 1643 -33.90 -74.04 -109.73
N VAL O 1644 -35.01 -73.33 -109.53
CA VAL O 1644 -36.07 -73.34 -110.54
C VAL O 1644 -35.64 -72.57 -111.80
N CYS O 1645 -34.87 -71.49 -111.63
CA CYS O 1645 -34.30 -70.80 -112.78
C CYS O 1645 -33.16 -71.58 -113.42
N PHE O 1646 -32.43 -72.35 -112.62
CA PHE O 1646 -31.41 -73.24 -113.19
C PHE O 1646 -32.04 -74.36 -114.00
N HIS O 1647 -33.27 -74.78 -113.68
CA HIS O 1647 -33.98 -75.76 -114.51
C HIS O 1647 -34.20 -75.28 -115.94
N LEU O 1648 -34.29 -73.96 -116.15
CA LEU O 1648 -34.25 -73.42 -117.51
C LEU O 1648 -32.89 -73.68 -118.16
N LYS O 1649 -31.81 -73.23 -117.50
CA LYS O 1649 -30.43 -73.40 -117.97
C LYS O 1649 -29.99 -74.86 -118.06
N ARG O 1650 -30.61 -75.74 -117.28
CA ARG O 1650 -30.17 -77.13 -117.12
C ARG O 1650 -30.25 -77.92 -118.43
N THR O 1651 -31.39 -77.82 -119.13
CA THR O 1651 -31.53 -78.35 -120.47
C THR O 1651 -31.41 -77.24 -121.52
N ALA O 1652 -31.17 -76.01 -121.06
CA ALA O 1652 -30.84 -74.83 -121.87
C ALA O 1652 -31.80 -74.54 -123.02
N LEU O 1653 -32.96 -75.19 -123.04
CA LEU O 1653 -33.81 -75.31 -124.23
C LEU O 1653 -32.93 -75.54 -125.46
N LEU O 1654 -32.05 -76.52 -125.32
CA LEU O 1654 -31.00 -76.84 -126.28
C LEU O 1654 -31.53 -77.03 -127.71
N SER O 1655 -32.80 -77.42 -127.86
CA SER O 1655 -33.49 -77.29 -129.14
C SER O 1655 -33.76 -75.82 -129.46
N HIS O 1656 -32.66 -75.12 -129.84
CA HIS O 1656 -32.68 -73.66 -130.01
C HIS O 1656 -33.75 -73.17 -130.99
N MET O 1657 -34.09 -74.00 -131.99
CA MET O 1657 -34.93 -73.63 -133.12
C MET O 1657 -36.44 -73.64 -132.82
N ALA O 1658 -36.87 -74.14 -131.66
CA ALA O 1658 -38.28 -74.40 -131.35
C ALA O 1658 -38.74 -73.68 -130.08
N GLY O 1659 -39.38 -72.52 -130.26
CA GLY O 1659 -40.07 -71.80 -129.18
C GLY O 1659 -41.27 -72.59 -128.62
N SER O 1660 -41.60 -72.36 -127.36
CA SER O 1660 -42.53 -73.19 -126.59
C SER O 1660 -43.54 -72.34 -125.81
N VAL O 1661 -44.83 -72.70 -125.84
CA VAL O 1661 -45.81 -71.98 -125.01
C VAL O 1661 -45.66 -72.35 -123.53
N GLN O 1662 -45.38 -73.62 -123.22
CA GLN O 1662 -45.14 -73.96 -121.82
C GLN O 1662 -43.88 -73.28 -121.28
N PHE O 1663 -42.90 -72.94 -122.14
CA PHE O 1663 -41.80 -72.04 -121.79
C PHE O 1663 -42.33 -70.64 -121.49
N ARG O 1664 -43.02 -69.98 -122.44
CA ARG O 1664 -43.52 -68.60 -122.20
C ARG O 1664 -44.45 -68.52 -120.99
N GLN O 1665 -45.22 -69.58 -120.73
CA GLN O 1665 -46.07 -69.68 -119.54
C GLN O 1665 -45.23 -69.95 -118.30
N LEU O 1666 -44.63 -71.14 -118.18
CA LEU O 1666 -44.00 -71.56 -116.93
C LEU O 1666 -42.83 -70.66 -116.52
N GLN O 1667 -42.03 -70.18 -117.47
CA GLN O 1667 -40.95 -69.26 -117.14
C GLN O 1667 -41.46 -67.85 -116.79
N LEU O 1668 -42.75 -67.54 -117.00
CA LEU O 1668 -43.45 -66.41 -116.39
C LEU O 1668 -44.19 -66.80 -115.11
N PHE O 1669 -44.62 -68.05 -114.91
CA PHE O 1669 -45.18 -68.45 -113.63
C PHE O 1669 -44.14 -68.23 -112.52
N LYS O 1670 -42.91 -68.73 -112.73
CA LYS O 1670 -41.83 -68.54 -111.78
C LYS O 1670 -41.48 -67.07 -111.60
N HIS O 1671 -41.79 -66.21 -112.56
CA HIS O 1671 -41.44 -64.81 -112.45
C HIS O 1671 -42.19 -64.11 -111.32
N GLU O 1672 -43.50 -64.34 -111.21
CA GLU O 1672 -44.21 -63.77 -110.06
C GLU O 1672 -43.74 -64.40 -108.75
N MET O 1673 -43.61 -65.72 -108.69
CA MET O 1673 -43.14 -66.32 -107.44
C MET O 1673 -41.78 -65.77 -107.01
N GLN O 1674 -40.85 -65.56 -107.94
CA GLN O 1674 -39.54 -65.03 -107.53
C GLN O 1674 -39.66 -63.55 -107.19
N HIS O 1675 -40.42 -62.81 -107.98
CA HIS O 1675 -40.71 -61.42 -107.68
C HIS O 1675 -41.33 -61.27 -106.29
N PHE O 1676 -42.28 -62.16 -105.97
CA PHE O 1676 -42.94 -62.21 -104.66
C PHE O 1676 -41.97 -62.53 -103.52
N VAL O 1677 -41.28 -63.67 -103.57
CA VAL O 1677 -40.39 -63.99 -102.46
C VAL O 1677 -39.25 -62.98 -102.36
N LYS O 1678 -38.86 -62.34 -103.47
CA LYS O 1678 -37.83 -61.32 -103.40
C LYS O 1678 -38.33 -59.97 -102.85
N VAL O 1679 -39.58 -59.56 -103.14
CA VAL O 1679 -40.09 -58.35 -102.48
C VAL O 1679 -40.35 -58.62 -100.99
N ILE O 1680 -40.77 -59.83 -100.63
CA ILE O 1680 -40.79 -60.18 -99.21
C ILE O 1680 -39.38 -60.13 -98.63
N GLN O 1681 -38.39 -60.61 -99.36
CA GLN O 1681 -37.01 -60.50 -98.90
C GLN O 1681 -36.59 -59.03 -98.71
N GLY O 1682 -36.78 -58.18 -99.72
CA GLY O 1682 -36.47 -56.76 -99.55
C GLY O 1682 -37.21 -56.15 -98.37
N TYR O 1683 -38.49 -56.49 -98.23
CA TYR O 1683 -39.29 -56.02 -97.10
C TYR O 1683 -38.69 -56.41 -95.75
N ILE O 1684 -38.41 -57.69 -95.54
CA ILE O 1684 -37.83 -58.14 -94.27
C ILE O 1684 -36.44 -57.55 -94.07
N ALA O 1685 -35.68 -57.39 -95.16
CA ALA O 1685 -34.36 -56.75 -95.07
C ALA O 1685 -34.47 -55.31 -94.61
N ASN O 1686 -35.54 -54.61 -94.98
CA ASN O 1686 -35.86 -53.35 -94.33
C ASN O 1686 -36.22 -53.59 -92.86
N GLN O 1687 -37.29 -54.37 -92.61
CA GLN O 1687 -37.88 -54.47 -91.26
C GLN O 1687 -36.87 -54.71 -90.14
N ILE O 1688 -35.83 -55.55 -90.36
CA ILE O 1688 -34.76 -55.64 -89.37
C ILE O 1688 -33.60 -54.72 -89.72
N LEU O 1689 -32.96 -54.91 -90.89
CA LEU O 1689 -31.55 -54.52 -91.01
C LEU O 1689 -31.32 -53.01 -91.10
N HIS O 1690 -32.35 -52.21 -91.27
CA HIS O 1690 -32.26 -50.79 -90.93
C HIS O 1690 -33.52 -50.22 -90.30
N VAL O 1691 -34.73 -50.70 -90.63
CA VAL O 1691 -35.94 -50.25 -89.94
C VAL O 1691 -35.81 -50.42 -88.43
N THR O 1692 -35.23 -51.55 -87.99
CA THR O 1692 -35.00 -51.76 -86.57
C THR O 1692 -33.56 -51.48 -86.13
N TRP O 1693 -32.57 -51.62 -87.02
CA TRP O 1693 -31.18 -51.44 -86.59
C TRP O 1693 -30.72 -49.99 -86.62
N CYS O 1694 -31.22 -49.17 -87.56
CA CYS O 1694 -30.67 -47.83 -87.73
C CYS O 1694 -31.01 -46.95 -86.52
N GLU O 1695 -32.19 -47.16 -85.94
CA GLU O 1695 -32.56 -46.51 -84.69
C GLU O 1695 -31.68 -46.96 -83.53
N PHE O 1696 -31.32 -48.25 -83.49
CA PHE O 1696 -30.49 -48.80 -82.42
C PHE O 1696 -29.06 -48.25 -82.50
N ARG O 1697 -28.59 -47.90 -83.71
CA ARG O 1697 -27.26 -47.30 -83.88
C ARG O 1697 -27.11 -45.98 -83.14
N ALA O 1698 -28.20 -45.22 -82.98
CA ALA O 1698 -28.15 -44.01 -82.17
C ALA O 1698 -28.61 -44.29 -80.74
N ARG O 1699 -29.45 -45.30 -80.54
CA ARG O 1699 -29.98 -45.60 -79.21
C ARG O 1699 -28.90 -46.18 -78.30
N LEU O 1700 -27.99 -46.99 -78.86
CA LEU O 1700 -26.90 -47.51 -78.04
C LEU O 1700 -25.86 -46.42 -77.76
N ALA O 1701 -25.70 -45.47 -78.70
CA ALA O 1701 -24.78 -44.36 -78.49
C ALA O 1701 -25.32 -43.37 -77.46
N THR O 1702 -26.64 -43.33 -77.27
CA THR O 1702 -27.26 -42.40 -76.33
C THR O 1702 -26.96 -42.76 -74.88
N VAL O 1703 -27.06 -44.05 -74.53
CA VAL O 1703 -27.18 -44.50 -73.15
C VAL O 1703 -25.83 -44.48 -72.42
N GLY O 1704 -25.88 -44.62 -71.09
CA GLY O 1704 -24.68 -44.62 -70.27
C GLY O 1704 -24.71 -45.53 -69.06
N ASP O 1705 -25.58 -46.54 -69.06
CA ASP O 1705 -25.68 -47.51 -67.97
C ASP O 1705 -25.68 -48.92 -68.55
N LEU O 1706 -25.05 -49.85 -67.83
CA LEU O 1706 -25.13 -51.26 -68.21
C LEU O 1706 -26.57 -51.69 -68.42
N GLU O 1707 -27.44 -51.35 -67.47
CA GLU O 1707 -28.82 -51.83 -67.55
C GLU O 1707 -29.54 -51.16 -68.72
N GLU O 1708 -29.21 -49.89 -69.00
CA GLU O 1708 -29.74 -49.24 -70.20
C GLU O 1708 -29.22 -49.89 -71.47
N ILE O 1709 -27.97 -50.35 -71.45
CA ILE O 1709 -27.38 -51.02 -72.61
C ILE O 1709 -28.08 -52.36 -72.84
N GLN O 1710 -28.25 -53.14 -71.78
CA GLN O 1710 -29.00 -54.38 -71.85
C GLN O 1710 -30.43 -54.15 -72.32
N ARG O 1711 -31.08 -53.11 -71.76
CA ARG O 1711 -32.47 -52.82 -72.08
C ARG O 1711 -32.62 -52.31 -73.52
N ALA O 1712 -31.64 -51.53 -74.00
CA ALA O 1712 -31.70 -51.02 -75.37
C ALA O 1712 -31.46 -52.13 -76.38
N HIS O 1713 -30.58 -53.07 -76.05
CA HIS O 1713 -30.40 -54.27 -76.88
C HIS O 1713 -31.70 -55.07 -76.89
N ALA O 1714 -32.38 -55.17 -75.73
CA ALA O 1714 -33.66 -55.88 -75.67
C ALA O 1714 -34.75 -55.14 -76.47
N GLU O 1715 -34.74 -53.80 -76.49
CA GLU O 1715 -35.65 -53.08 -77.38
C GLU O 1715 -35.39 -53.47 -78.83
N TYR O 1716 -34.13 -53.35 -79.25
CA TYR O 1716 -33.75 -53.66 -80.62
C TYR O 1716 -34.23 -55.06 -81.03
N LEU O 1717 -33.96 -56.06 -80.20
CA LEU O 1717 -34.37 -57.42 -80.52
C LEU O 1717 -35.88 -57.64 -80.43
N HIS O 1718 -36.55 -57.05 -79.44
CA HIS O 1718 -37.99 -57.22 -79.35
C HIS O 1718 -38.69 -56.60 -80.56
N LYS O 1719 -38.30 -55.37 -80.93
CA LYS O 1719 -38.86 -54.75 -82.13
C LYS O 1719 -38.43 -55.45 -83.41
N ALA O 1720 -37.28 -56.13 -83.43
CA ALA O 1720 -36.92 -56.93 -84.60
C ALA O 1720 -37.89 -58.11 -84.81
N VAL O 1721 -38.25 -58.81 -83.73
CA VAL O 1721 -39.26 -59.86 -83.80
C VAL O 1721 -40.65 -59.28 -84.11
N PHE O 1722 -40.98 -58.12 -83.55
CA PHE O 1722 -42.30 -57.52 -83.76
C PHE O 1722 -42.47 -56.95 -85.17
N ARG O 1723 -41.44 -56.30 -85.72
CA ARG O 1723 -41.50 -55.78 -87.09
C ARG O 1723 -41.21 -56.85 -88.16
N GLY O 1724 -40.28 -57.76 -87.89
CA GLY O 1724 -39.90 -58.79 -88.86
C GLY O 1724 -40.86 -59.95 -89.04
N LEU O 1725 -42.16 -59.68 -88.91
CA LEU O 1725 -43.28 -60.63 -88.99
C LEU O 1725 -43.30 -61.74 -87.93
N LEU O 1726 -42.16 -62.09 -87.33
CA LEU O 1726 -42.04 -63.32 -86.56
C LEU O 1726 -42.91 -63.36 -85.28
N THR O 1727 -43.35 -62.21 -84.75
CA THR O 1727 -44.18 -62.18 -83.53
C THR O 1727 -45.46 -63.02 -83.62
N GLU O 1728 -45.81 -63.61 -82.47
CA GLU O 1728 -47.05 -64.35 -82.23
C GLU O 1728 -48.33 -63.57 -82.55
N LYS O 1729 -48.29 -62.24 -82.60
CA LYS O 1729 -49.48 -61.44 -82.92
C LYS O 1729 -49.72 -61.34 -84.42
N ALA O 1730 -48.67 -61.22 -85.22
CA ALA O 1730 -48.76 -61.22 -86.68
C ALA O 1730 -48.72 -62.63 -87.27
N ALA O 1731 -48.53 -63.66 -86.45
CA ALA O 1731 -48.48 -65.05 -86.91
C ALA O 1731 -49.60 -65.49 -87.86
N PRO O 1732 -50.85 -65.03 -87.75
CA PRO O 1732 -51.85 -65.39 -88.78
C PRO O 1732 -51.43 -65.11 -90.21
N VAL O 1733 -50.65 -64.05 -90.44
CA VAL O 1733 -50.10 -63.77 -91.76
C VAL O 1733 -48.89 -64.65 -92.04
N MET O 1734 -48.04 -64.90 -91.02
CA MET O 1734 -46.95 -65.86 -91.16
C MET O 1734 -47.46 -67.26 -91.52
N ASN O 1735 -48.69 -67.60 -91.15
CA ASN O 1735 -49.28 -68.84 -91.61
C ASN O 1735 -49.53 -68.82 -93.12
N VAL O 1736 -50.00 -67.70 -93.66
CA VAL O 1736 -50.14 -67.59 -95.12
C VAL O 1736 -48.77 -67.67 -95.79
N ILE O 1737 -47.73 -67.10 -95.17
CA ILE O 1737 -46.38 -67.26 -95.73
C ILE O 1737 -45.99 -68.74 -95.83
N HIS O 1738 -46.19 -69.52 -94.75
CA HIS O 1738 -45.99 -70.95 -94.86
C HIS O 1738 -46.84 -71.58 -95.96
N SER O 1739 -48.10 -71.17 -96.09
CA SER O 1739 -48.95 -71.74 -97.13
C SER O 1739 -48.38 -71.48 -98.52
N ILE O 1740 -47.81 -70.30 -98.77
CA ILE O 1740 -47.16 -70.03 -100.04
C ILE O 1740 -45.88 -70.86 -100.17
N PHE O 1741 -45.06 -70.85 -99.11
CA PHE O 1741 -43.76 -71.52 -99.19
C PHE O 1741 -43.92 -73.00 -99.51
N SER O 1742 -44.76 -73.69 -98.73
CA SER O 1742 -44.98 -75.11 -98.95
C SER O 1742 -45.46 -75.42 -100.37
N LEU O 1743 -46.36 -74.60 -100.91
CA LEU O 1743 -46.84 -74.85 -102.28
C LEU O 1743 -45.71 -74.73 -103.28
N VAL O 1744 -44.93 -73.64 -103.22
CA VAL O 1744 -43.80 -73.48 -104.12
C VAL O 1744 -42.77 -74.59 -103.90
N LEU O 1745 -42.56 -75.03 -102.65
CA LEU O 1745 -41.64 -76.14 -102.44
C LEU O 1745 -42.13 -77.39 -103.15
N LYS O 1746 -43.33 -77.86 -102.82
CA LYS O 1746 -43.77 -79.19 -103.21
C LYS O 1746 -44.20 -79.27 -104.67
N PHE O 1747 -44.49 -78.14 -105.32
CA PHE O 1747 -44.86 -78.17 -106.73
C PHE O 1747 -43.71 -77.85 -107.68
N ARG O 1748 -42.68 -77.10 -107.27
CA ARG O 1748 -41.49 -76.97 -108.10
C ARG O 1748 -40.45 -78.08 -107.90
N SER O 1749 -40.52 -78.85 -106.82
CA SER O 1749 -39.78 -80.11 -106.79
C SER O 1749 -40.26 -81.04 -107.89
N GLN O 1750 -41.57 -81.06 -108.14
CA GLN O 1750 -42.18 -81.85 -109.19
C GLN O 1750 -41.80 -81.36 -110.58
N LEU O 1751 -41.54 -80.06 -110.73
CA LEU O 1751 -40.87 -79.55 -111.93
C LEU O 1751 -39.42 -80.01 -111.99
N ILE O 1752 -38.68 -79.86 -110.88
CA ILE O 1752 -37.26 -80.17 -110.89
C ILE O 1752 -37.03 -81.59 -111.41
N SER O 1753 -37.87 -82.54 -111.00
CA SER O 1753 -37.73 -83.93 -111.40
C SER O 1753 -38.40 -84.25 -112.75
N GLN O 1754 -38.77 -83.25 -113.54
CA GLN O 1754 -39.44 -83.46 -114.84
C GLN O 1754 -38.87 -82.53 -115.90
N ALA O 1755 -39.14 -82.85 -117.18
CA ALA O 1755 -38.76 -82.03 -118.33
C ALA O 1755 -39.83 -80.98 -118.68
N TRP O 1756 -40.32 -80.89 -119.93
CA TRP O 1756 -40.90 -79.62 -120.43
C TRP O 1756 -42.24 -79.79 -121.20
N GLY O 1757 -43.19 -80.57 -120.66
CA GLY O 1757 -44.57 -80.55 -121.13
C GLY O 1757 -44.87 -81.41 -122.36
N PRO O 1758 -46.14 -81.41 -122.81
CA PRO O 1758 -46.53 -82.14 -124.07
C PRO O 1758 -45.94 -81.57 -125.35
N PRO O 1759 -45.48 -82.42 -126.27
CA PRO O 1759 -45.19 -82.01 -127.67
C PRO O 1759 -46.39 -81.46 -128.43
N GLY O 1760 -46.11 -80.98 -129.66
CA GLY O 1760 -47.12 -80.45 -130.59
C GLY O 1760 -47.22 -78.94 -130.62
N GLY O 1761 -47.15 -78.34 -131.82
CA GLY O 1761 -47.24 -76.89 -131.98
C GLY O 1761 -45.98 -76.17 -131.49
N PRO O 1762 -46.14 -74.95 -130.92
CA PRO O 1762 -44.99 -74.31 -130.25
C PRO O 1762 -44.69 -75.00 -128.92
N ARG O 1763 -43.78 -75.98 -128.94
CA ARG O 1763 -43.76 -77.06 -127.96
C ARG O 1763 -42.44 -77.22 -127.23
N GLY O 1764 -42.54 -77.64 -125.96
CA GLY O 1764 -41.50 -78.40 -125.29
C GLY O 1764 -41.77 -79.90 -125.43
N ALA O 1765 -41.11 -80.69 -124.58
CA ALA O 1765 -41.41 -82.12 -124.54
C ALA O 1765 -41.05 -82.73 -123.19
N GLU O 1766 -41.64 -83.91 -122.92
CA GLU O 1766 -41.21 -84.87 -121.91
C GLU O 1766 -41.67 -84.60 -120.47
N HIS O 1767 -42.78 -83.86 -120.23
CA HIS O 1767 -43.56 -84.07 -118.97
C HIS O 1767 -45.07 -84.03 -119.19
N PRO O 1768 -45.82 -84.99 -118.61
CA PRO O 1768 -47.28 -85.04 -118.80
C PRO O 1768 -48.11 -84.16 -117.88
N ASN O 1769 -47.57 -83.77 -116.73
CA ASN O 1769 -48.32 -83.13 -115.65
C ASN O 1769 -48.39 -81.60 -115.77
N PHE O 1770 -48.29 -81.07 -117.01
CA PHE O 1770 -48.23 -79.62 -117.21
C PHE O 1770 -49.46 -78.89 -116.68
N ALA O 1771 -50.64 -79.52 -116.77
CA ALA O 1771 -51.85 -78.94 -116.19
C ALA O 1771 -51.82 -78.85 -114.66
N LEU O 1772 -51.11 -79.76 -113.98
CA LEU O 1772 -50.92 -79.64 -112.53
C LEU O 1772 -49.90 -78.59 -112.16
N MET O 1773 -48.86 -78.40 -112.98
CA MET O 1773 -47.95 -77.26 -112.79
C MET O 1773 -48.69 -75.93 -112.98
N GLN O 1774 -49.63 -75.87 -113.93
CA GLN O 1774 -50.50 -74.72 -114.07
C GLN O 1774 -51.45 -74.54 -112.89
N GLN O 1775 -52.16 -75.60 -112.47
CA GLN O 1775 -53.16 -75.48 -111.41
C GLN O 1775 -52.54 -75.17 -110.05
N SER O 1776 -51.34 -75.69 -109.76
CA SER O 1776 -50.64 -75.28 -108.55
C SER O 1776 -50.22 -73.80 -108.57
N TYR O 1777 -49.80 -73.30 -109.73
CA TYR O 1777 -49.58 -71.86 -109.91
C TYR O 1777 -50.88 -71.05 -109.75
N ASN O 1778 -52.03 -71.61 -110.10
CA ASN O 1778 -53.30 -70.97 -109.73
C ASN O 1778 -53.54 -71.02 -108.23
N THR O 1779 -53.21 -72.13 -107.57
CA THR O 1779 -53.33 -72.21 -106.11
C THR O 1779 -52.42 -71.21 -105.42
N PHE O 1780 -51.18 -71.04 -105.91
CA PHE O 1780 -50.31 -69.97 -105.41
C PHE O 1780 -50.97 -68.60 -105.54
N LYS O 1781 -51.46 -68.27 -106.74
CA LYS O 1781 -52.09 -66.97 -106.94
C LYS O 1781 -53.26 -66.76 -105.99
N TYR O 1782 -54.13 -67.75 -105.85
CA TYR O 1782 -55.18 -67.67 -104.83
C TYR O 1782 -54.64 -67.31 -103.45
N TYR O 1783 -53.60 -68.01 -102.98
CA TYR O 1783 -53.07 -67.66 -101.65
C TYR O 1783 -52.45 -66.26 -101.60
N SER O 1784 -51.94 -65.74 -102.72
CA SER O 1784 -51.56 -64.32 -102.74
C SER O 1784 -52.77 -63.39 -102.75
N HIS O 1785 -53.90 -63.80 -103.36
CA HIS O 1785 -55.13 -63.03 -103.23
C HIS O 1785 -55.60 -63.02 -101.79
N PHE O 1786 -55.59 -64.20 -101.16
CA PHE O 1786 -55.95 -64.35 -99.75
C PHE O 1786 -55.04 -63.53 -98.85
N LEU O 1787 -53.73 -63.55 -99.13
CA LEU O 1787 -52.78 -62.74 -98.38
C LEU O 1787 -53.22 -61.28 -98.35
N PHE O 1788 -53.49 -60.69 -99.52
CA PHE O 1788 -53.94 -59.30 -99.55
C PHE O 1788 -55.24 -59.09 -98.77
N LYS O 1789 -56.22 -60.00 -98.90
CA LYS O 1789 -57.44 -59.82 -98.11
C LYS O 1789 -57.14 -59.85 -96.61
N VAL O 1790 -56.21 -60.70 -96.17
CA VAL O 1790 -56.00 -60.90 -94.74
C VAL O 1790 -55.22 -59.73 -94.14
N VAL O 1791 -54.12 -59.31 -94.80
CA VAL O 1791 -53.15 -58.45 -94.12
C VAL O 1791 -53.75 -57.08 -93.79
N THR O 1792 -54.74 -56.61 -94.57
CA THR O 1792 -55.43 -55.35 -94.23
C THR O 1792 -56.01 -55.38 -92.83
N LYS O 1793 -56.51 -56.54 -92.39
CA LYS O 1793 -57.27 -56.62 -91.15
C LYS O 1793 -56.45 -56.14 -89.95
N LEU O 1794 -55.16 -56.49 -89.91
CA LEU O 1794 -54.36 -56.14 -88.74
C LEU O 1794 -54.11 -54.64 -88.66
N VAL O 1795 -53.94 -53.96 -89.80
CA VAL O 1795 -53.70 -52.52 -89.77
C VAL O 1795 -55.00 -51.72 -89.77
N ASN O 1796 -56.14 -52.37 -90.00
CA ASN O 1796 -57.44 -51.73 -89.77
C ASN O 1796 -57.86 -51.87 -88.30
N ARG O 1797 -57.55 -53.00 -87.65
CA ARG O 1797 -57.87 -53.15 -86.23
C ARG O 1797 -56.79 -52.51 -85.36
N GLY O 1798 -55.58 -53.09 -85.39
CA GLY O 1798 -54.48 -52.65 -84.57
C GLY O 1798 -53.62 -51.60 -85.26
N TYR O 1799 -52.40 -51.42 -84.75
CA TYR O 1799 -51.48 -50.38 -85.21
C TYR O 1799 -50.09 -50.96 -85.41
N GLN O 1800 -49.77 -51.27 -86.68
CA GLN O 1800 -48.52 -51.92 -87.07
C GLN O 1800 -48.02 -51.33 -88.39
N PRO O 1801 -47.29 -50.20 -88.34
CA PRO O 1801 -46.89 -49.51 -89.56
C PRO O 1801 -46.13 -50.37 -90.56
N HIS O 1802 -45.37 -51.35 -90.08
CA HIS O 1802 -44.67 -52.29 -90.96
C HIS O 1802 -45.60 -53.16 -91.80
N LEU O 1803 -46.84 -53.36 -91.37
CA LEU O 1803 -47.79 -54.12 -92.18
C LEU O 1803 -48.52 -53.24 -93.19
N GLU O 1804 -48.73 -51.96 -92.89
CA GLU O 1804 -49.13 -51.01 -93.94
C GLU O 1804 -48.04 -50.90 -94.99
N ASP O 1805 -46.81 -50.68 -94.55
CA ASP O 1805 -45.63 -50.73 -95.41
C ASP O 1805 -45.64 -51.98 -96.30
N PHE O 1806 -45.93 -53.16 -95.72
CA PHE O 1806 -46.00 -54.40 -96.50
C PHE O 1806 -47.07 -54.34 -97.59
N LEU O 1807 -48.31 -54.08 -97.22
CA LEU O 1807 -49.41 -54.16 -98.18
C LEU O 1807 -49.45 -52.93 -99.08
N LEU O 1808 -48.78 -51.85 -98.68
CA LEU O 1808 -48.44 -50.77 -99.60
C LEU O 1808 -47.57 -51.28 -100.75
N ARG O 1809 -46.66 -52.21 -100.45
CA ARG O 1809 -45.65 -52.69 -101.38
C ARG O 1809 -46.14 -53.88 -102.21
N ILE O 1810 -46.57 -54.96 -101.54
CA ILE O 1810 -46.59 -56.27 -102.21
C ILE O 1810 -47.62 -56.31 -103.33
N ASN O 1811 -48.67 -55.50 -103.25
CA ASN O 1811 -49.64 -55.32 -104.34
C ASN O 1811 -49.67 -53.84 -104.72
N PHE O 1812 -48.46 -53.32 -105.00
CA PHE O 1812 -48.15 -51.90 -105.09
C PHE O 1812 -49.21 -51.05 -105.78
N ASN O 1813 -49.60 -51.43 -106.99
CA ASN O 1813 -50.36 -50.54 -107.87
C ASN O 1813 -51.88 -50.63 -107.72
N ASN O 1814 -52.42 -51.76 -107.26
CA ASN O 1814 -53.88 -51.91 -107.14
C ASN O 1814 -54.21 -53.08 -106.23
N TYR O 1815 -55.52 -53.18 -105.92
CA TYR O 1815 -56.16 -54.20 -105.09
C TYR O 1815 -55.51 -55.58 -105.23
N TYR O 1816 -55.44 -56.11 -106.46
CA TYR O 1816 -54.49 -57.17 -106.83
C TYR O 1816 -54.29 -57.13 -108.34
N GLN O 1817 -53.07 -57.46 -108.78
CA GLN O 1817 -52.67 -57.38 -110.20
C GLN O 1817 -53.28 -58.48 -111.08
N LEU P 150 -0.95 -69.55 -15.66
CA LEU P 150 0.22 -68.63 -15.55
C LEU P 150 1.53 -69.43 -15.37
N GLN P 151 1.67 -70.15 -14.25
CA GLN P 151 2.97 -70.68 -13.83
C GLN P 151 3.51 -71.81 -14.71
N GLN P 152 2.69 -72.41 -15.58
CA GLN P 152 3.18 -73.40 -16.53
C GLN P 152 3.84 -72.78 -17.77
N SER P 153 3.73 -71.46 -17.97
CA SER P 153 3.96 -70.83 -19.27
C SER P 153 5.44 -70.69 -19.64
N LEU P 154 6.36 -71.12 -18.77
CA LEU P 154 7.78 -71.16 -19.13
C LEU P 154 8.03 -72.00 -20.38
N GLU P 155 7.39 -73.18 -20.44
CA GLU P 155 7.42 -74.00 -21.64
C GLU P 155 6.75 -73.31 -22.82
N LEU P 156 5.73 -72.46 -22.57
CA LEU P 156 5.09 -71.64 -23.60
C LEU P 156 5.93 -70.42 -24.01
N LYS P 157 7.19 -70.37 -23.57
CA LYS P 157 8.26 -69.60 -24.19
C LYS P 157 9.28 -70.53 -24.85
N ARG P 158 9.78 -71.53 -24.13
CA ARG P 158 10.88 -72.38 -24.60
C ARG P 158 10.47 -73.40 -25.70
N LYS P 159 9.30 -74.05 -25.60
CA LYS P 159 8.95 -75.09 -26.57
C LYS P 159 8.89 -74.56 -28.01
N MET P 160 8.65 -73.26 -28.18
CA MET P 160 8.46 -72.64 -29.48
C MET P 160 9.61 -72.93 -30.46
N LEU P 161 10.82 -73.05 -29.94
CA LEU P 161 12.02 -73.37 -30.71
C LEU P 161 11.80 -74.63 -31.54
N ARG P 162 11.24 -75.68 -30.94
CA ARG P 162 11.16 -77.00 -31.56
C ARG P 162 10.35 -76.97 -32.86
N ASP P 163 9.25 -76.22 -32.85
CA ASP P 163 8.37 -76.09 -34.01
C ASP P 163 9.08 -75.55 -35.25
N LYS P 164 10.07 -74.68 -35.04
CA LYS P 164 10.88 -74.07 -36.10
C LYS P 164 12.15 -74.88 -36.39
N GLN P 165 12.78 -75.35 -35.33
CA GLN P 165 14.10 -76.01 -35.32
C GLN P 165 14.06 -77.49 -35.76
N ASN P 166 12.92 -78.19 -35.70
CA ASN P 166 12.87 -79.60 -36.09
C ASN P 166 13.05 -79.82 -37.59
N LYS P 167 12.72 -78.81 -38.43
CA LYS P 167 12.74 -78.92 -39.90
C LYS P 167 13.86 -78.14 -40.60
N LYS P 168 14.76 -77.49 -39.85
CA LYS P 168 15.92 -76.75 -40.39
C LYS P 168 17.15 -76.82 -39.47
N ASN P 169 18.32 -76.66 -40.07
CA ASN P 169 19.64 -77.09 -39.59
C ASN P 169 20.78 -76.20 -40.10
N SER P 170 20.52 -74.93 -40.47
CA SER P 170 21.64 -74.00 -40.76
C SER P 170 22.30 -73.54 -39.46
N GLY P 171 21.52 -73.32 -38.38
CA GLY P 171 22.09 -73.15 -37.06
C GLY P 171 21.18 -73.78 -36.03
N GLN P 172 21.79 -74.34 -34.98
CA GLN P 172 21.06 -75.07 -33.93
C GLN P 172 21.20 -74.39 -32.57
N HIS P 173 20.14 -74.45 -31.76
CA HIS P 173 19.81 -73.43 -30.74
C HIS P 173 19.68 -72.04 -31.39
N LEU P 174 18.74 -71.91 -32.33
CA LEU P 174 18.22 -70.60 -32.74
C LEU P 174 17.74 -69.83 -31.48
N PRO P 175 17.75 -68.50 -31.48
CA PRO P 175 17.92 -67.72 -30.25
C PRO P 175 16.88 -67.95 -29.16
N ILE P 176 17.41 -68.08 -27.95
CA ILE P 176 16.76 -68.40 -26.68
C ILE P 176 17.04 -67.31 -25.65
N PHE P 177 16.03 -67.10 -24.71
CA PHE P 177 16.32 -66.57 -23.36
C PHE P 177 16.84 -67.69 -22.44
N PRO P 178 17.91 -67.43 -21.67
CA PRO P 178 18.20 -68.25 -20.49
C PRO P 178 17.11 -68.15 -19.43
N ALA P 179 17.08 -69.17 -18.55
CA ALA P 179 15.98 -69.32 -17.60
C ALA P 179 15.80 -68.09 -16.69
N TRP P 180 16.91 -67.55 -16.17
CA TRP P 180 16.84 -66.38 -15.28
C TRP P 180 16.29 -65.11 -15.96
N VAL P 181 16.32 -65.03 -17.29
CA VAL P 181 15.82 -63.85 -18.00
C VAL P 181 14.29 -63.89 -18.18
N TYR P 182 13.66 -65.06 -17.99
CA TYR P 182 12.20 -65.18 -18.05
C TYR P 182 11.45 -64.68 -16.79
N GLU P 183 12.11 -64.60 -15.62
CA GLU P 183 11.41 -64.45 -14.33
C GLU P 183 12.14 -63.48 -13.38
N ARG P 184 11.70 -62.21 -13.35
CA ARG P 184 12.16 -61.21 -12.37
C ARG P 184 11.05 -60.17 -12.15
N PRO P 185 10.97 -59.55 -10.95
CA PRO P 185 9.90 -58.55 -10.72
C PRO P 185 9.87 -57.40 -11.70
N ALA P 186 11.04 -56.96 -12.20
CA ALA P 186 11.13 -55.86 -13.15
C ALA P 186 10.51 -56.18 -14.51
N LEU P 187 10.22 -57.46 -14.80
CA LEU P 187 9.52 -57.83 -16.03
C LEU P 187 8.03 -57.48 -15.98
N ILE P 188 7.47 -57.27 -14.79
CA ILE P 188 6.04 -57.17 -14.54
C ILE P 188 5.76 -55.85 -13.83
N GLY P 189 4.59 -55.26 -14.12
CA GLY P 189 4.17 -54.08 -13.40
C GLY P 189 3.77 -54.36 -11.97
N ASP P 190 2.69 -55.13 -11.83
CA ASP P 190 1.99 -55.37 -10.58
C ASP P 190 2.36 -56.77 -10.07
N PHE P 191 3.31 -56.85 -9.13
CA PHE P 191 3.99 -58.12 -8.88
C PHE P 191 4.26 -58.33 -7.39
N THR P 201 -0.83 -47.58 12.30
CA THR P 201 -1.56 -48.56 11.50
C THR P 201 -2.58 -47.82 10.62
N ALA P 202 -2.65 -48.22 9.35
CA ALA P 202 -3.50 -47.54 8.37
C ALA P 202 -4.97 -47.85 8.60
N LEU P 203 -5.80 -46.80 8.67
CA LEU P 203 -7.23 -46.97 8.87
C LEU P 203 -7.89 -47.52 7.60
N PRO P 204 -8.99 -48.28 7.74
CA PRO P 204 -9.76 -48.69 6.55
C PRO P 204 -10.42 -47.53 5.81
N ILE P 205 -10.85 -47.84 4.58
CA ILE P 205 -11.20 -46.81 3.60
C ILE P 205 -12.50 -46.11 3.95
N GLY P 206 -13.33 -46.72 4.81
CA GLY P 206 -14.58 -46.12 5.21
C GLY P 206 -14.45 -44.94 6.16
N THR P 207 -13.27 -44.75 6.77
CA THR P 207 -13.13 -43.79 7.86
C THR P 207 -11.91 -42.87 7.69
N LEU P 208 -11.39 -42.75 6.46
CA LEU P 208 -10.62 -41.56 6.09
C LEU P 208 -11.57 -40.36 5.94
N PRO P 209 -11.08 -39.13 6.13
CA PRO P 209 -11.96 -37.95 6.15
C PRO P 209 -12.90 -37.74 4.96
N LEU P 210 -14.17 -37.46 5.30
CA LEU P 210 -15.32 -37.54 4.40
C LEU P 210 -15.47 -36.31 3.52
N ALA P 211 -14.79 -35.20 3.85
CA ALA P 211 -14.84 -34.00 3.02
C ALA P 211 -13.96 -34.15 1.79
N SER P 212 -12.90 -34.96 1.88
CA SER P 212 -11.94 -35.16 0.81
C SER P 212 -11.70 -36.65 0.61
N GLN P 213 -12.79 -37.43 0.63
CA GLN P 213 -12.69 -38.88 0.56
C GLN P 213 -12.31 -39.33 -0.85
N GLU P 214 -12.81 -38.63 -1.87
CA GLU P 214 -12.45 -38.98 -3.24
C GLU P 214 -10.99 -38.67 -3.51
N SER P 215 -10.45 -37.60 -2.89
CA SER P 215 -9.02 -37.30 -2.99
C SER P 215 -8.20 -38.34 -2.24
N ALA P 216 -8.64 -38.72 -1.04
CA ALA P 216 -8.00 -39.81 -0.30
C ALA P 216 -8.04 -41.14 -1.07
N VAL P 217 -9.00 -41.32 -1.97
CA VAL P 217 -9.01 -42.47 -2.88
C VAL P 217 -8.05 -42.25 -4.06
N VAL P 218 -8.14 -41.08 -4.71
CA VAL P 218 -7.27 -40.76 -5.85
C VAL P 218 -5.81 -40.85 -5.45
N GLU P 219 -5.52 -40.53 -4.18
CA GLU P 219 -4.19 -40.74 -3.61
C GLU P 219 -3.67 -42.17 -3.73
N ASP P 220 -4.54 -43.19 -3.69
CA ASP P 220 -4.07 -44.52 -4.09
C ASP P 220 -4.00 -44.70 -5.60
N LEU P 221 -4.95 -44.12 -6.34
CA LEU P 221 -5.08 -44.41 -7.76
C LEU P 221 -3.86 -43.97 -8.57
N LEU P 222 -3.04 -43.06 -8.05
CA LEU P 222 -1.75 -42.76 -8.72
C LEU P 222 -0.93 -44.05 -8.82
N TYR P 223 -0.92 -44.84 -7.74
CA TYR P 223 -0.19 -46.14 -7.74
C TYR P 223 -0.90 -47.14 -8.62
N VAL P 224 -2.24 -47.04 -8.74
CA VAL P 224 -3.02 -47.93 -9.62
C VAL P 224 -2.70 -47.65 -11.09
N LEU P 225 -2.74 -46.38 -11.50
CA LEU P 225 -2.58 -46.06 -12.93
C LEU P 225 -1.22 -46.54 -13.46
N VAL P 226 -0.19 -46.52 -12.62
CA VAL P 226 1.17 -47.01 -13.01
C VAL P 226 1.29 -48.52 -12.77
N GLY P 227 0.43 -49.14 -11.93
CA GLY P 227 0.32 -50.59 -11.81
C GLY P 227 1.18 -51.28 -10.76
N VAL P 228 1.01 -50.85 -9.48
CA VAL P 228 1.69 -51.40 -8.30
C VAL P 228 0.76 -51.39 -7.09
N ASP P 229 1.09 -52.23 -6.11
CA ASP P 229 0.37 -52.21 -4.83
C ASP P 229 0.46 -50.85 -4.15
N GLY P 230 -0.69 -50.35 -3.70
CA GLY P 230 -0.77 -49.02 -3.11
C GLY P 230 -0.62 -48.99 -1.60
N ARG P 231 -1.40 -48.12 -0.96
CA ARG P 231 -1.48 -47.97 0.49
C ARG P 231 -2.86 -48.37 1.03
N TYR P 232 -3.91 -47.91 0.36
CA TYR P 232 -5.27 -48.10 0.83
C TYR P 232 -5.90 -49.38 0.26
N VAL P 233 -5.52 -49.77 -0.97
CA VAL P 233 -6.06 -50.97 -1.61
C VAL P 233 -4.94 -51.71 -2.35
N SER P 234 -5.16 -53.01 -2.60
CA SER P 234 -4.15 -53.95 -3.10
C SER P 234 -4.61 -54.58 -4.44
N ALA P 235 -3.91 -55.65 -4.86
CA ALA P 235 -4.27 -56.39 -6.07
C ALA P 235 -3.85 -57.85 -5.95
N GLN P 236 -4.44 -58.71 -6.81
CA GLN P 236 -4.05 -60.10 -6.93
C GLN P 236 -3.15 -60.29 -8.15
N PRO P 237 -1.85 -60.56 -7.98
CA PRO P 237 -0.91 -60.52 -9.11
C PRO P 237 -0.95 -61.72 -10.06
N LEU P 238 -1.63 -62.82 -9.71
CA LEU P 238 -1.48 -64.11 -10.38
C LEU P 238 -2.55 -64.38 -11.44
N ALA P 239 -3.24 -63.34 -11.92
CA ALA P 239 -4.29 -63.47 -12.92
C ALA P 239 -3.71 -63.80 -14.31
N GLY P 240 -4.39 -64.68 -15.04
CA GLY P 240 -3.79 -65.36 -16.18
C GLY P 240 -3.60 -64.55 -17.44
N ARG P 241 -2.32 -64.31 -17.79
CA ARG P 241 -1.83 -63.84 -19.09
C ARG P 241 -2.39 -62.47 -19.51
N GLN P 242 -3.66 -62.43 -19.90
CA GLN P 242 -4.32 -61.22 -20.38
C GLN P 242 -5.29 -60.65 -19.35
N SER P 243 -5.76 -61.48 -18.43
CA SER P 243 -6.48 -61.02 -17.25
C SER P 243 -5.55 -60.32 -16.26
N ARG P 244 -6.03 -59.25 -15.64
CA ARG P 244 -5.37 -58.57 -14.52
C ARG P 244 -6.44 -58.07 -13.56
N THR P 245 -6.17 -58.16 -12.25
CA THR P 245 -7.21 -57.96 -11.22
C THR P 245 -6.70 -57.06 -10.09
N PHE P 246 -7.05 -55.78 -10.16
CA PHE P 246 -7.02 -54.87 -9.03
C PHE P 246 -8.10 -55.23 -7.99
N LEU P 247 -7.99 -54.61 -6.82
CA LEU P 247 -8.99 -54.74 -5.76
C LEU P 247 -9.91 -53.53 -5.77
N VAL P 248 -11.20 -53.77 -5.56
CA VAL P 248 -12.18 -52.72 -5.31
C VAL P 248 -12.29 -52.59 -3.79
N ASP P 249 -12.94 -51.54 -3.30
CA ASP P 249 -13.05 -51.35 -1.85
C ASP P 249 -14.47 -51.62 -1.38
N PRO P 250 -14.75 -52.83 -0.87
CA PRO P 250 -16.14 -53.24 -0.57
C PRO P 250 -16.68 -52.72 0.75
N ASN P 251 -15.86 -52.08 1.58
CA ASN P 251 -16.28 -51.52 2.86
C ASN P 251 -16.66 -50.04 2.72
N LEU P 252 -17.07 -49.64 1.52
CA LEU P 252 -17.42 -48.26 1.20
C LEU P 252 -18.50 -48.30 0.13
N ASP P 253 -19.25 -47.19 -0.01
CA ASP P 253 -20.42 -47.17 -0.87
C ASP P 253 -20.04 -47.22 -2.35
N LEU P 254 -21.06 -47.47 -3.18
CA LEU P 254 -20.84 -47.83 -4.58
C LEU P 254 -20.44 -46.62 -5.41
N SER P 255 -20.82 -45.42 -4.96
CA SER P 255 -20.51 -44.18 -5.68
C SER P 255 -19.02 -43.86 -5.69
N ILE P 256 -18.24 -44.45 -4.80
CA ILE P 256 -16.78 -44.29 -4.78
C ILE P 256 -16.10 -45.49 -5.43
N ARG P 257 -16.48 -46.71 -5.04
CA ARG P 257 -15.75 -47.90 -5.46
C ARG P 257 -16.03 -48.21 -6.92
N GLU P 258 -17.23 -47.89 -7.42
CA GLU P 258 -17.50 -48.06 -8.85
C GLU P 258 -16.75 -47.04 -9.68
N LEU P 259 -16.48 -45.86 -9.12
CA LEU P 259 -15.67 -44.89 -9.83
C LEU P 259 -14.19 -45.24 -9.78
N VAL P 260 -13.75 -46.02 -8.79
CA VAL P 260 -12.43 -46.65 -8.91
C VAL P 260 -12.49 -47.71 -10.01
N HIS P 261 -13.56 -48.50 -10.05
CA HIS P 261 -13.69 -49.56 -11.05
C HIS P 261 -13.87 -49.00 -12.45
N ARG P 262 -14.15 -47.69 -12.59
CA ARG P 262 -14.03 -47.03 -13.88
C ARG P 262 -12.59 -46.92 -14.34
N ILE P 263 -11.63 -46.77 -13.42
CA ILE P 263 -10.23 -46.66 -13.81
C ILE P 263 -9.49 -48.00 -13.75
N LEU P 264 -10.04 -49.00 -13.05
CA LEU P 264 -9.35 -50.28 -12.95
C LEU P 264 -9.03 -50.95 -14.30
N PRO P 265 -9.92 -51.02 -15.30
CA PRO P 265 -9.57 -51.84 -16.48
C PRO P 265 -8.45 -51.29 -17.37
N VAL P 266 -8.25 -49.98 -17.47
CA VAL P 266 -7.11 -49.48 -18.25
C VAL P 266 -5.81 -49.83 -17.55
N ALA P 267 -5.76 -49.65 -16.22
CA ALA P 267 -4.60 -50.05 -15.45
C ALA P 267 -4.38 -51.56 -15.50
N ALA P 268 -5.46 -52.34 -15.54
CA ALA P 268 -5.37 -53.79 -15.74
C ALA P 268 -4.82 -54.12 -17.12
N SER P 269 -5.35 -53.45 -18.15
CA SER P 269 -4.87 -53.60 -19.52
C SER P 269 -3.36 -53.40 -19.67
N TYR P 270 -2.78 -52.42 -18.95
CA TYR P 270 -1.33 -52.21 -18.97
C TYR P 270 -0.52 -53.44 -18.57
N SER P 271 -0.96 -54.18 -17.54
CA SER P 271 -0.20 -55.35 -17.11
C SER P 271 -0.24 -56.50 -18.12
N ALA P 272 -1.25 -56.55 -18.99
CA ALA P 272 -1.23 -57.53 -20.08
C ALA P 272 -0.20 -57.16 -21.14
N VAL P 273 0.04 -55.87 -21.34
CA VAL P 273 0.83 -55.39 -22.47
C VAL P 273 2.32 -55.32 -22.14
N THR P 274 2.69 -55.02 -20.89
CA THR P 274 4.08 -55.20 -20.47
C THR P 274 4.45 -56.69 -20.30
N ARG P 275 3.48 -57.57 -20.04
CA ARG P 275 3.72 -59.00 -20.26
C ARG P 275 3.88 -59.34 -21.73
N PHE P 276 3.18 -58.64 -22.64
CA PHE P 276 3.38 -58.91 -24.06
C PHE P 276 4.79 -58.47 -24.50
N ILE P 277 5.41 -57.51 -23.81
CA ILE P 277 6.85 -57.33 -23.96
C ILE P 277 7.62 -58.56 -23.48
N GLU P 278 7.51 -58.89 -22.18
CA GLU P 278 8.47 -59.83 -21.59
C GLU P 278 8.12 -61.31 -21.83
N GLU P 279 7.22 -61.63 -22.76
CA GLU P 279 7.22 -62.95 -23.38
C GLU P 279 7.52 -62.87 -24.87
N LYS P 280 6.83 -61.99 -25.62
CA LYS P 280 6.94 -62.02 -27.08
C LYS P 280 8.21 -61.36 -27.59
N SER P 281 9.03 -60.78 -26.70
CA SER P 281 10.39 -60.36 -26.99
C SER P 281 11.45 -61.25 -26.34
N SER P 282 11.09 -62.41 -25.78
CA SER P 282 12.05 -63.51 -25.71
C SER P 282 12.06 -64.20 -27.08
N PHE P 283 13.25 -64.58 -27.55
CA PHE P 283 13.52 -64.79 -28.97
C PHE P 283 13.08 -66.15 -29.57
N GLU P 284 12.29 -66.95 -28.86
CA GLU P 284 11.86 -68.26 -29.34
C GLU P 284 10.61 -68.24 -30.25
N TYR P 285 9.79 -67.19 -30.18
CA TYR P 285 8.45 -67.17 -30.78
C TYR P 285 8.44 -67.06 -32.31
N GLY P 286 9.29 -66.22 -32.90
CA GLY P 286 9.37 -66.05 -34.35
C GLY P 286 9.62 -64.61 -34.82
N GLN P 287 10.11 -64.48 -36.05
CA GLN P 287 10.52 -63.23 -36.68
C GLN P 287 9.44 -62.15 -36.68
N VAL P 288 8.22 -62.52 -37.08
CA VAL P 288 7.11 -61.57 -37.06
C VAL P 288 6.77 -61.17 -35.62
N ASN P 289 6.82 -62.12 -34.69
CA ASN P 289 6.35 -61.88 -33.33
C ASN P 289 7.27 -60.95 -32.54
N HIS P 290 8.59 -61.11 -32.65
CA HIS P 290 9.53 -60.25 -31.91
C HIS P 290 9.40 -58.80 -32.38
N ALA P 291 9.16 -58.61 -33.69
CA ALA P 291 8.96 -57.29 -34.26
C ALA P 291 7.66 -56.62 -33.81
N LEU P 292 6.64 -57.41 -33.41
CA LEU P 292 5.49 -56.82 -32.73
C LEU P 292 5.85 -56.32 -31.34
N ALA P 293 6.62 -57.11 -30.58
CA ALA P 293 6.96 -56.71 -29.22
C ALA P 293 7.96 -55.56 -29.23
N ALA P 294 8.68 -55.39 -30.34
CA ALA P 294 9.60 -54.25 -30.53
C ALA P 294 8.85 -52.92 -30.58
N ALA P 295 7.60 -52.92 -31.03
CA ALA P 295 6.76 -51.73 -30.99
C ALA P 295 5.88 -51.69 -29.75
N MET P 296 5.65 -52.85 -29.11
CA MET P 296 4.93 -52.86 -27.84
C MET P 296 5.83 -52.35 -26.72
N ARG P 297 7.15 -52.47 -26.90
CA ARG P 297 8.12 -51.68 -26.13
C ARG P 297 7.75 -50.20 -26.14
N THR P 298 7.43 -49.67 -27.32
CA THR P 298 7.10 -48.26 -27.44
C THR P 298 5.73 -47.95 -26.86
N LEU P 299 4.80 -48.90 -26.92
CA LEU P 299 3.45 -48.66 -26.43
C LEU P 299 3.38 -48.60 -24.91
N VAL P 300 4.20 -49.38 -24.20
CA VAL P 300 4.21 -49.31 -22.74
C VAL P 300 4.80 -47.97 -22.27
N LYS P 301 5.91 -47.52 -22.85
CA LYS P 301 6.41 -46.19 -22.48
C LYS P 301 5.48 -45.07 -22.95
N GLU P 302 4.72 -45.26 -24.05
CA GLU P 302 3.75 -44.23 -24.44
C GLU P 302 2.66 -44.11 -23.38
N HIS P 303 2.13 -45.24 -22.93
CA HIS P 303 1.09 -45.24 -21.90
C HIS P 303 1.62 -44.72 -20.57
N LEU P 304 2.84 -45.10 -20.18
CA LEU P 304 3.44 -44.57 -18.96
C LEU P 304 3.81 -43.09 -19.08
N ILE P 305 4.23 -42.62 -20.26
CA ILE P 305 4.41 -41.18 -20.46
C ILE P 305 3.08 -40.45 -20.36
N LEU P 306 2.00 -41.03 -20.87
CA LEU P 306 0.67 -40.48 -20.63
C LEU P 306 0.37 -40.38 -19.13
N VAL P 307 0.55 -41.48 -18.39
CA VAL P 307 0.34 -41.44 -16.94
C VAL P 307 1.25 -40.44 -16.25
N SER P 308 2.48 -40.24 -16.74
CA SER P 308 3.36 -39.21 -16.20
C SER P 308 2.86 -37.78 -16.38
N GLN P 309 1.85 -37.54 -17.23
CA GLN P 309 1.18 -36.26 -17.28
C GLN P 309 0.20 -36.03 -16.12
N LEU P 310 -0.21 -37.10 -15.43
CA LEU P 310 -1.15 -37.05 -14.30
C LEU P 310 -0.54 -37.40 -12.95
N GLU P 311 0.41 -38.33 -12.89
CA GLU P 311 0.87 -38.88 -11.62
C GLU P 311 1.53 -37.85 -10.70
N GLN P 312 2.01 -36.72 -11.25
CA GLN P 312 2.52 -35.61 -10.41
C GLN P 312 1.43 -34.94 -9.56
N LEU P 313 0.17 -34.97 -10.00
CA LEU P 313 -0.83 -33.97 -9.63
C LEU P 313 -1.33 -34.05 -8.18
N HIS P 314 -1.13 -35.16 -7.46
CA HIS P 314 -1.66 -35.29 -6.10
C HIS P 314 -1.14 -34.22 -5.13
N ARG P 315 0.07 -33.70 -5.34
CA ARG P 315 0.62 -32.61 -4.51
C ARG P 315 0.01 -31.23 -4.78
N GLN P 316 -0.90 -31.10 -5.75
CA GLN P 316 -1.61 -29.84 -6.02
C GLN P 316 -3.11 -29.99 -6.29
N GLY P 317 -3.65 -31.22 -6.37
CA GLY P 317 -5.08 -31.47 -6.29
C GLY P 317 -5.91 -31.25 -7.53
N LEU P 318 -5.28 -31.23 -8.72
CA LEU P 318 -6.03 -31.07 -9.97
C LEU P 318 -6.94 -32.28 -10.27
N LEU P 319 -6.52 -33.49 -9.91
CA LEU P 319 -7.31 -34.71 -10.10
C LEU P 319 -8.60 -34.72 -9.27
N SER P 320 -9.61 -35.41 -9.80
CA SER P 320 -10.80 -35.79 -9.03
C SER P 320 -11.39 -37.09 -9.59
N LEU P 321 -12.14 -37.79 -8.73
CA LEU P 321 -12.49 -39.19 -8.99
C LEU P 321 -13.53 -39.32 -10.12
N GLN P 322 -14.47 -38.38 -10.20
CA GLN P 322 -15.47 -38.40 -11.27
C GLN P 322 -14.83 -38.06 -12.62
N LYS P 323 -13.95 -37.06 -12.65
CA LYS P 323 -13.43 -36.51 -13.89
C LYS P 323 -12.14 -37.18 -14.36
N LEU P 324 -11.58 -38.11 -13.56
CA LEU P 324 -10.53 -38.98 -14.07
C LEU P 324 -11.07 -39.91 -15.15
N TRP P 325 -12.35 -40.26 -15.08
CA TRP P 325 -13.03 -40.94 -16.18
C TRP P 325 -13.04 -40.09 -17.45
N PHE P 326 -13.32 -38.79 -17.31
CA PHE P 326 -13.30 -37.88 -18.45
C PHE P 326 -11.88 -37.71 -19.01
N TYR P 327 -10.86 -37.73 -18.14
CA TYR P 327 -9.47 -37.70 -18.61
C TYR P 327 -9.07 -39.00 -19.31
N ILE P 328 -9.57 -40.14 -18.87
CA ILE P 328 -9.14 -41.43 -19.42
C ILE P 328 -9.91 -41.87 -20.66
N GLN P 329 -11.08 -41.27 -20.93
CA GLN P 329 -11.92 -41.74 -22.03
C GLN P 329 -11.32 -41.57 -23.43
N PRO P 330 -10.64 -40.46 -23.77
CA PRO P 330 -9.81 -40.50 -25.00
C PRO P 330 -8.47 -41.19 -24.83
N ALA P 331 -8.02 -41.42 -23.60
CA ALA P 331 -6.66 -41.88 -23.34
C ALA P 331 -6.52 -43.40 -23.30
N MET P 332 -7.62 -44.18 -23.34
CA MET P 332 -7.45 -45.63 -23.40
C MET P 332 -6.99 -46.09 -24.77
N ARG P 333 -7.13 -45.25 -25.79
CA ARG P 333 -6.89 -45.68 -27.17
C ARG P 333 -5.41 -45.88 -27.46
N THR P 334 -4.52 -45.30 -26.65
CA THR P 334 -3.12 -45.65 -26.73
C THR P 334 -2.83 -47.00 -26.10
N MET P 335 -3.71 -47.51 -25.23
CA MET P 335 -3.43 -48.72 -24.45
C MET P 335 -4.42 -49.84 -24.73
N ASP P 336 -5.74 -49.56 -24.70
CA ASP P 336 -6.75 -50.62 -24.61
C ASP P 336 -7.13 -51.24 -25.96
N ILE P 337 -6.23 -51.16 -26.94
CA ILE P 337 -6.41 -51.87 -28.20
C ILE P 337 -5.71 -53.23 -28.10
N LEU P 338 -4.61 -53.26 -27.35
CA LEU P 338 -3.56 -54.27 -27.41
C LEU P 338 -3.90 -55.54 -26.63
N ALA P 339 -4.84 -55.46 -25.68
CA ALA P 339 -5.32 -56.64 -24.97
C ALA P 339 -5.90 -57.68 -25.91
N SER P 340 -6.45 -57.24 -27.04
CA SER P 340 -6.95 -58.11 -28.09
C SER P 340 -5.81 -58.60 -29.01
N LEU P 341 -4.82 -57.74 -29.27
CA LEU P 341 -3.64 -58.12 -30.02
C LEU P 341 -2.85 -59.24 -29.34
N ALA P 342 -3.00 -59.40 -28.02
CA ALA P 342 -2.47 -60.58 -27.35
C ALA P 342 -3.17 -61.86 -27.86
N THR P 343 -4.50 -61.93 -27.73
CA THR P 343 -5.25 -63.06 -28.29
C THR P 343 -4.88 -63.32 -29.75
N SER P 344 -4.59 -62.25 -30.52
CA SER P 344 -4.30 -62.37 -31.95
C SER P 344 -3.00 -63.09 -32.23
N VAL P 345 -2.09 -63.19 -31.26
CA VAL P 345 -0.89 -63.99 -31.41
C VAL P 345 -0.97 -65.27 -30.59
N ASP P 346 -1.69 -65.25 -29.46
CA ASP P 346 -1.81 -66.37 -28.55
C ASP P 346 -2.88 -67.39 -28.96
N LYS P 347 -3.33 -67.39 -30.22
CA LYS P 347 -4.36 -68.35 -30.63
C LYS P 347 -3.81 -69.77 -30.67
N GLY P 348 -2.62 -69.95 -31.28
CA GLY P 348 -1.98 -71.25 -31.29
C GLY P 348 -0.47 -71.11 -31.25
N GLU P 349 -0.01 -70.00 -30.69
CA GLU P 349 1.36 -69.48 -30.87
C GLU P 349 1.67 -69.32 -32.36
N CYS P 350 0.93 -68.39 -32.97
CA CYS P 350 1.06 -68.18 -34.41
C CYS P 350 2.28 -67.33 -34.73
N LEU P 351 2.81 -67.53 -35.94
CA LEU P 351 4.09 -66.98 -36.41
C LEU P 351 4.02 -66.70 -37.91
N GLY P 352 5.00 -65.99 -38.43
CA GLY P 352 5.22 -65.84 -39.87
C GLY P 352 4.03 -65.29 -40.63
N GLY P 353 3.94 -65.68 -41.91
CA GLY P 353 2.81 -65.26 -42.72
C GLY P 353 1.46 -65.67 -42.18
N SER P 354 1.41 -66.81 -41.47
CA SER P 354 0.16 -67.30 -40.89
C SER P 354 -0.36 -66.48 -39.71
N THR P 355 0.45 -65.59 -39.13
CA THR P 355 -0.11 -64.57 -38.24
C THR P 355 -0.26 -63.22 -38.93
N LEU P 356 0.56 -62.93 -39.96
CA LEU P 356 0.43 -61.69 -40.73
C LEU P 356 -0.89 -61.61 -41.51
N SER P 357 -1.46 -62.76 -41.89
CA SER P 357 -2.81 -62.77 -42.45
C SER P 357 -3.82 -62.23 -41.44
N LEU P 358 -3.71 -62.68 -40.18
CA LEU P 358 -4.64 -62.24 -39.14
C LEU P 358 -4.40 -60.78 -38.77
N LEU P 359 -3.14 -60.35 -38.74
CA LEU P 359 -2.85 -58.93 -38.51
C LEU P 359 -3.25 -58.09 -39.70
N HIS P 360 -3.18 -58.67 -40.92
CA HIS P 360 -3.65 -57.98 -42.12
C HIS P 360 -5.16 -57.72 -42.04
N ASP P 361 -5.96 -58.74 -41.71
CA ASP P 361 -7.40 -58.50 -41.59
C ASP P 361 -7.74 -57.70 -40.34
N ARG P 362 -6.86 -57.70 -39.32
CA ARG P 362 -7.06 -56.85 -38.16
C ARG P 362 -6.68 -55.39 -38.42
N SER P 363 -5.88 -55.13 -39.47
CA SER P 363 -5.51 -53.76 -39.85
C SER P 363 -6.65 -52.99 -40.51
N PHE P 364 -7.81 -53.63 -40.70
CA PHE P 364 -9.01 -53.00 -41.24
C PHE P 364 -10.21 -53.30 -40.36
N SER P 365 -9.98 -53.67 -39.09
CA SER P 365 -10.98 -54.39 -38.31
C SER P 365 -12.09 -53.47 -37.79
N TYR P 366 -11.73 -52.50 -36.94
CA TYR P 366 -12.73 -51.65 -36.30
C TYR P 366 -12.91 -50.37 -37.10
N THR P 367 -14.16 -50.09 -37.47
CA THR P 367 -14.48 -49.05 -38.44
C THR P 367 -15.53 -48.06 -37.94
N GLY P 368 -16.30 -48.39 -36.90
CA GLY P 368 -17.30 -47.49 -36.35
C GLY P 368 -16.68 -46.47 -35.41
N ASP P 369 -15.81 -46.95 -34.50
CA ASP P 369 -15.04 -46.09 -33.62
C ASP P 369 -13.72 -45.69 -34.26
N SER P 370 -13.11 -46.63 -34.99
CA SER P 370 -11.95 -46.38 -35.84
C SER P 370 -10.77 -45.78 -35.07
N GLN P 371 -10.53 -46.30 -33.87
CA GLN P 371 -9.28 -46.06 -33.16
C GLN P 371 -8.48 -47.35 -32.96
N ALA P 372 -9.09 -48.51 -33.17
CA ALA P 372 -8.40 -49.79 -33.01
C ALA P 372 -7.71 -50.20 -34.30
N GLN P 373 -7.93 -49.47 -35.40
CA GLN P 373 -7.34 -49.84 -36.68
C GLN P 373 -5.86 -49.45 -36.71
N GLU P 374 -5.52 -48.27 -36.18
CA GLU P 374 -4.21 -47.68 -36.40
C GLU P 374 -3.12 -48.46 -35.66
N LEU P 375 -3.44 -48.97 -34.48
CA LEU P 375 -2.46 -49.72 -33.70
C LEU P 375 -2.12 -51.04 -34.38
N CYS P 376 -3.15 -51.73 -34.91
CA CYS P 376 -2.93 -52.96 -35.66
C CYS P 376 -2.19 -52.67 -36.97
N LEU P 377 -2.55 -51.57 -37.62
CA LEU P 377 -1.86 -51.13 -38.83
C LEU P 377 -0.39 -50.86 -38.55
N TYR P 378 -0.12 -50.03 -37.55
CA TYR P 378 1.24 -49.60 -37.24
C TYR P 378 2.08 -50.78 -36.74
N LEU P 379 1.45 -51.72 -36.05
CA LEU P 379 2.17 -52.93 -35.65
C LEU P 379 2.45 -53.83 -36.85
N THR P 380 1.51 -53.94 -37.80
CA THR P 380 1.78 -54.70 -39.02
C THR P 380 2.92 -54.08 -39.84
N LYS P 381 3.01 -52.75 -39.89
CA LYS P 381 4.17 -52.10 -40.53
C LYS P 381 5.50 -52.58 -39.93
N ALA P 382 5.62 -52.55 -38.60
CA ALA P 382 6.85 -53.01 -37.96
C ALA P 382 7.03 -54.53 -38.07
N ALA P 383 5.94 -55.29 -37.92
CA ALA P 383 6.00 -56.74 -37.82
C ALA P 383 6.21 -57.45 -39.17
N SER P 384 5.64 -56.92 -40.25
CA SER P 384 5.77 -57.53 -41.57
C SER P 384 7.09 -57.20 -42.26
N ALA P 385 7.70 -56.07 -41.93
CA ALA P 385 8.92 -55.62 -42.61
C ALA P 385 10.00 -56.69 -42.74
N PRO P 386 10.38 -57.47 -41.69
CA PRO P 386 11.44 -58.46 -41.84
C PRO P 386 10.99 -59.72 -42.61
N TYR P 387 9.70 -60.07 -42.56
CA TYR P 387 9.14 -61.12 -43.42
C TYR P 387 9.19 -60.68 -44.89
N PHE P 388 8.79 -59.45 -45.18
CA PHE P 388 8.87 -58.88 -46.53
C PHE P 388 10.30 -58.66 -47.01
N GLU P 389 11.27 -58.36 -46.14
CA GLU P 389 12.70 -58.30 -46.50
C GLU P 389 13.22 -59.68 -46.90
N VAL P 390 12.81 -60.75 -46.21
CA VAL P 390 13.15 -62.13 -46.63
C VAL P 390 12.51 -62.47 -47.97
N LEU P 391 11.23 -62.13 -48.16
CA LEU P 391 10.59 -62.23 -49.47
C LEU P 391 11.37 -61.46 -50.56
N GLU P 392 11.79 -60.24 -50.25
CA GLU P 392 12.57 -59.44 -51.20
C GLU P 392 13.82 -60.19 -51.68
N LYS P 393 14.60 -60.80 -50.75
CA LYS P 393 15.82 -61.54 -51.12
C LYS P 393 15.48 -62.69 -52.05
N TRP P 394 14.41 -63.45 -51.75
CA TRP P 394 13.96 -64.58 -52.57
C TRP P 394 13.36 -64.15 -53.93
N ILE P 395 12.69 -63.00 -54.00
CA ILE P 395 12.06 -62.55 -55.24
C ILE P 395 13.08 -61.99 -56.24
N TYR P 396 14.06 -61.21 -55.77
CA TYR P 396 14.93 -60.49 -56.70
C TYR P 396 16.31 -61.11 -56.84
N ARG P 397 16.62 -62.09 -55.97
CA ARG P 397 17.89 -62.85 -56.08
C ARG P 397 17.55 -64.33 -55.91
N GLY P 398 18.50 -65.23 -56.17
CA GLY P 398 18.25 -66.67 -55.92
C GLY P 398 18.68 -67.02 -54.51
N ILE P 399 18.25 -66.23 -53.52
CA ILE P 399 18.73 -66.45 -52.11
C ILE P 399 17.54 -66.75 -51.19
N ILE P 400 17.61 -67.87 -50.45
CA ILE P 400 16.56 -68.17 -49.44
C ILE P 400 17.16 -67.71 -48.10
N HIS P 401 16.66 -66.60 -47.54
CA HIS P 401 17.19 -66.11 -46.24
C HIS P 401 16.76 -67.04 -45.11
N ASP P 402 15.52 -67.55 -45.16
CA ASP P 402 15.02 -68.54 -44.16
C ASP P 402 15.04 -68.02 -42.71
N PRO P 403 14.11 -67.12 -42.26
CA PRO P 403 14.05 -66.73 -40.84
C PRO P 403 13.24 -67.75 -40.04
N TYR P 404 13.90 -68.50 -39.12
CA TYR P 404 13.21 -69.51 -38.26
C TYR P 404 12.39 -70.52 -39.09
N SER P 405 12.58 -70.57 -40.42
CA SER P 405 11.74 -71.40 -41.34
C SER P 405 10.25 -71.00 -41.30
N GLU P 406 9.95 -69.74 -40.93
CA GLU P 406 8.53 -69.24 -40.89
C GLU P 406 8.17 -68.52 -42.20
N PHE P 407 9.14 -68.32 -43.09
CA PHE P 407 8.83 -67.73 -44.43
C PHE P 407 8.11 -68.77 -45.29
N MET P 408 7.36 -68.32 -46.29
CA MET P 408 6.55 -69.26 -47.07
C MET P 408 7.35 -70.29 -47.89
N VAL P 409 8.60 -70.01 -48.26
CA VAL P 409 9.48 -70.95 -49.02
C VAL P 409 10.66 -71.40 -48.16
N GLU P 410 11.04 -72.68 -48.29
CA GLU P 410 12.30 -73.20 -47.75
C GLU P 410 12.94 -74.24 -48.70
N GLU P 411 14.26 -74.39 -48.62
CA GLU P 411 15.07 -75.32 -49.42
C GLU P 411 15.56 -76.50 -48.56
N HIS P 412 15.43 -77.71 -49.13
CA HIS P 412 15.99 -78.92 -48.47
C HIS P 412 16.99 -79.52 -49.47
N GLU P 413 17.64 -80.63 -49.13
CA GLU P 413 18.69 -81.16 -50.05
C GLU P 413 18.15 -82.37 -50.81
N LEU P 414 16.89 -82.32 -51.26
CA LEU P 414 16.29 -83.42 -52.04
C LEU P 414 16.95 -83.45 -53.43
N ARG P 415 17.80 -82.47 -53.75
CA ARG P 415 18.35 -82.42 -55.11
C ARG P 415 18.87 -83.77 -55.61
N LYS P 416 19.40 -84.62 -54.73
CA LYS P 416 20.01 -85.88 -55.12
C LYS P 416 19.00 -86.92 -55.59
N GLU P 417 17.72 -86.71 -55.30
CA GLU P 417 16.70 -87.69 -55.65
C GLU P 417 16.44 -87.71 -57.15
N ARG P 418 16.54 -86.56 -57.81
CA ARG P 418 16.19 -86.37 -59.22
C ARG P 418 16.90 -85.13 -59.77
N ILE P 419 18.25 -85.19 -59.75
CA ILE P 419 19.11 -84.01 -59.82
C ILE P 419 18.90 -83.20 -61.10
N GLN P 420 19.10 -83.80 -62.27
CA GLN P 420 18.93 -83.05 -63.51
C GLN P 420 17.45 -82.97 -63.92
N GLU P 421 16.90 -84.04 -64.48
CA GLU P 421 15.49 -84.11 -64.89
C GLU P 421 14.51 -84.05 -63.72
N ASP P 422 13.30 -83.54 -63.99
CA ASP P 422 12.16 -83.71 -63.10
C ASP P 422 11.52 -85.10 -63.29
N TYR P 423 12.32 -86.12 -62.96
CA TYR P 423 11.91 -87.53 -63.02
C TYR P 423 10.57 -87.73 -62.33
N ASN P 424 10.37 -87.03 -61.22
CA ASN P 424 9.09 -86.60 -60.68
C ASN P 424 9.31 -85.15 -60.27
N ASP P 425 8.26 -84.45 -59.82
CA ASP P 425 8.43 -83.06 -59.41
C ASP P 425 9.46 -82.92 -58.28
N LYS P 426 10.24 -81.80 -58.30
CA LYS P 426 11.16 -81.45 -57.21
C LYS P 426 11.08 -80.02 -56.70
N TYR P 427 10.85 -79.03 -57.57
CA TYR P 427 11.11 -77.63 -57.25
C TYR P 427 9.86 -76.86 -56.75
N TRP P 428 8.85 -77.55 -56.22
CA TRP P 428 7.62 -76.90 -55.73
C TRP P 428 7.18 -77.37 -54.34
N ASP P 429 7.13 -78.69 -54.06
CA ASP P 429 6.80 -79.20 -52.72
C ASP P 429 7.94 -79.95 -52.04
N GLN P 430 9.02 -80.27 -52.75
CA GLN P 430 9.97 -81.31 -52.33
C GLN P 430 11.37 -80.79 -52.01
N ARG P 431 12.19 -80.50 -53.04
CA ARG P 431 13.49 -79.84 -52.82
C ARG P 431 13.29 -78.39 -52.40
N TYR P 432 12.47 -77.67 -53.15
CA TYR P 432 11.91 -76.39 -52.71
C TYR P 432 10.49 -76.70 -52.30
N THR P 433 10.07 -76.22 -51.13
CA THR P 433 8.75 -76.51 -50.61
C THR P 433 8.06 -75.24 -50.12
N ILE P 434 6.74 -75.17 -50.32
CA ILE P 434 5.90 -74.07 -49.84
C ILE P 434 5.08 -74.55 -48.65
N VAL P 435 5.21 -73.83 -47.53
CA VAL P 435 4.33 -74.15 -46.37
C VAL P 435 3.05 -73.37 -46.65
N GLN P 436 2.00 -74.03 -47.14
CA GLN P 436 0.78 -73.33 -47.63
C GLN P 436 0.15 -72.36 -46.62
N GLN P 437 0.24 -72.67 -45.34
CA GLN P 437 -0.42 -71.80 -44.31
C GLN P 437 0.51 -70.67 -43.86
N GLN P 438 1.79 -70.67 -44.25
CA GLN P 438 2.76 -69.62 -43.80
C GLN P 438 2.69 -68.43 -44.74
N ILE P 439 1.76 -68.43 -45.70
CA ILE P 439 1.60 -67.25 -46.59
C ILE P 439 0.44 -66.39 -46.07
N PRO P 440 0.50 -65.03 -46.21
CA PRO P 440 -0.65 -64.17 -45.87
C PRO P 440 -1.76 -64.38 -46.91
N SER P 441 -2.85 -63.59 -46.84
CA SER P 441 -3.96 -63.68 -47.84
C SER P 441 -3.58 -62.89 -49.11
N PHE P 442 -3.14 -61.65 -48.94
CA PHE P 442 -2.87 -60.79 -50.12
C PHE P 442 -1.65 -61.31 -50.93
N LEU P 443 -0.86 -62.25 -50.37
CA LEU P 443 0.20 -62.84 -51.20
C LEU P 443 -0.13 -64.27 -51.68
N GLN P 444 -1.00 -65.00 -50.96
CA GLN P 444 -1.33 -66.36 -51.36
C GLN P 444 -1.98 -66.42 -52.73
N LYS P 445 -2.63 -65.34 -53.14
CA LYS P 445 -3.28 -65.23 -54.44
C LYS P 445 -2.30 -65.42 -55.61
N MET P 446 -0.98 -65.38 -55.35
CA MET P 446 0.04 -65.64 -56.36
C MET P 446 1.30 -66.25 -55.75
N ALA P 447 1.15 -66.96 -54.63
CA ALA P 447 2.28 -67.60 -53.95
C ALA P 447 2.92 -68.70 -54.79
N ASP P 448 2.17 -69.32 -55.72
CA ASP P 448 2.79 -70.16 -56.74
C ASP P 448 3.83 -69.40 -57.57
N LYS P 449 3.52 -68.16 -57.96
CA LYS P 449 4.50 -67.34 -58.68
C LYS P 449 5.65 -66.88 -57.79
N ILE P 450 5.43 -66.69 -56.49
CA ILE P 450 6.54 -66.41 -55.58
C ILE P 450 7.47 -67.62 -55.54
N LEU P 451 6.90 -68.78 -55.21
CA LEU P 451 7.62 -70.06 -55.23
C LEU P 451 8.30 -70.37 -56.57
N SER P 452 7.77 -69.83 -57.67
CA SER P 452 8.32 -70.07 -59.00
C SER P 452 9.16 -68.91 -59.54
N THR P 453 9.35 -67.83 -58.77
CA THR P 453 10.22 -66.74 -59.22
C THR P 453 11.68 -67.11 -58.95
N GLY P 454 12.00 -67.42 -57.70
CA GLY P 454 13.40 -67.53 -57.29
C GLY P 454 14.12 -68.71 -57.92
N LYS P 455 13.41 -69.82 -58.13
CA LYS P 455 13.98 -70.98 -58.81
C LYS P 455 14.65 -70.61 -60.13
N TYR P 456 14.04 -69.72 -60.90
CA TYR P 456 14.62 -69.29 -62.18
C TYR P 456 15.92 -68.52 -61.97
N LEU P 457 16.09 -67.84 -60.83
CA LEU P 457 17.35 -67.20 -60.48
C LEU P 457 18.40 -68.16 -59.92
N ASN P 458 18.01 -69.35 -59.46
CA ASN P 458 18.92 -70.30 -58.82
C ASN P 458 18.84 -71.75 -59.36
N VAL P 459 18.58 -71.91 -60.67
CA VAL P 459 18.89 -73.16 -61.37
C VAL P 459 19.87 -72.99 -62.53
N VAL P 460 20.04 -71.80 -63.10
CA VAL P 460 20.99 -71.59 -64.19
C VAL P 460 22.25 -70.95 -63.65
N ARG P 461 22.25 -70.51 -62.38
CA ARG P 461 23.43 -70.09 -61.64
C ARG P 461 24.41 -71.27 -61.47
N GLU P 462 23.88 -72.50 -61.38
CA GLU P 462 24.68 -73.72 -61.41
C GLU P 462 25.12 -74.14 -62.80
N CYS P 463 24.55 -73.54 -63.85
CA CYS P 463 24.70 -74.05 -65.22
C CYS P 463 25.53 -73.16 -66.12
N GLY P 464 25.66 -71.87 -65.81
CA GLY P 464 26.67 -71.06 -66.48
C GLY P 464 26.30 -69.64 -66.88
N HIS P 465 25.09 -69.15 -66.55
CA HIS P 465 24.79 -67.74 -66.70
C HIS P 465 24.35 -67.16 -65.34
N ASP P 466 24.79 -65.93 -65.07
CA ASP P 466 24.37 -65.20 -63.87
C ASP P 466 22.96 -64.67 -64.10
N VAL P 467 21.98 -65.53 -63.82
CA VAL P 467 20.58 -65.18 -63.91
C VAL P 467 20.21 -64.33 -62.69
N THR P 468 19.89 -63.06 -62.92
CA THR P 468 19.66 -62.10 -61.84
C THR P 468 18.58 -61.10 -62.25
N CYS P 469 18.02 -60.41 -61.25
CA CYS P 469 17.08 -59.32 -61.47
C CYS P 469 17.71 -58.00 -61.00
N PRO P 470 18.22 -57.16 -61.91
CA PRO P 470 18.60 -55.80 -61.51
C PRO P 470 17.46 -54.92 -61.03
N VAL P 471 16.20 -55.22 -61.37
CA VAL P 471 15.07 -54.59 -60.68
C VAL P 471 15.01 -55.08 -59.23
N ALA P 472 14.79 -54.15 -58.30
CA ALA P 472 14.71 -54.48 -56.87
C ALA P 472 13.82 -53.43 -56.20
N LYS P 473 12.56 -53.80 -55.94
CA LYS P 473 11.57 -52.92 -55.34
C LYS P 473 11.26 -53.42 -53.93
N GLU P 474 11.65 -52.61 -52.93
CA GLU P 474 11.46 -52.93 -51.52
C GLU P 474 9.99 -53.17 -51.17
N ILE P 475 9.75 -54.17 -50.31
CA ILE P 475 8.41 -54.63 -49.95
C ILE P 475 8.13 -54.23 -48.49
N ILE P 476 7.02 -53.50 -48.26
CA ILE P 476 6.63 -53.00 -46.93
C ILE P 476 5.11 -52.83 -46.89
N TYR P 477 4.50 -52.95 -45.69
CA TYR P 477 3.05 -52.80 -45.53
C TYR P 477 2.60 -51.34 -45.73
N THR P 478 1.33 -51.18 -46.15
CA THR P 478 0.69 -49.86 -46.20
C THR P 478 -0.82 -50.01 -46.07
N LEU P 479 -1.47 -48.99 -45.49
CA LEU P 479 -2.91 -48.96 -45.29
C LEU P 479 -3.70 -49.26 -46.57
N LYS P 480 -4.46 -50.36 -46.52
CA LYS P 480 -5.42 -50.74 -47.58
C LYS P 480 -4.78 -50.85 -48.97
N GLU P 481 -3.48 -51.17 -49.02
CA GLU P 481 -2.69 -51.23 -50.24
C GLU P 481 -2.00 -52.59 -50.36
N ARG P 482 -1.83 -53.08 -51.60
CA ARG P 482 -0.92 -54.20 -51.84
C ARG P 482 -0.15 -54.07 -53.16
N ALA P 483 0.00 -52.84 -53.68
CA ALA P 483 0.87 -52.57 -54.82
C ALA P 483 2.28 -53.15 -54.67
N TYR P 484 2.82 -53.21 -53.45
CA TYR P 484 4.12 -53.84 -53.21
C TYR P 484 4.10 -55.35 -53.48
N VAL P 485 2.93 -55.99 -53.41
CA VAL P 485 2.76 -57.36 -53.92
C VAL P 485 2.43 -57.36 -55.41
N GLU P 486 1.82 -56.31 -55.94
CA GLU P 486 1.71 -56.20 -57.40
C GLU P 486 3.08 -56.19 -58.09
N GLN P 487 4.15 -55.83 -57.37
CA GLN P 487 5.50 -55.92 -57.93
C GLN P 487 5.93 -57.37 -58.21
N ILE P 488 5.25 -58.37 -57.63
CA ILE P 488 5.67 -59.77 -57.78
C ILE P 488 5.58 -60.22 -59.24
N GLU P 489 4.55 -59.76 -59.97
CA GLU P 489 4.37 -60.18 -61.35
C GLU P 489 5.55 -59.73 -62.22
N LYS P 490 5.97 -58.47 -62.09
CA LYS P 490 7.10 -57.97 -62.86
C LYS P 490 8.38 -58.75 -62.56
N ALA P 491 8.62 -59.06 -61.29
CA ALA P 491 9.82 -59.80 -60.91
C ALA P 491 9.76 -61.24 -61.41
N PHE P 492 8.58 -61.87 -61.32
CA PHE P 492 8.42 -63.23 -61.84
C PHE P 492 8.68 -63.25 -63.35
N ASN P 493 8.02 -62.35 -64.08
CA ASN P 493 8.21 -62.31 -65.53
C ASN P 493 9.65 -61.95 -65.90
N TYR P 494 10.33 -61.16 -65.06
CA TYR P 494 11.74 -60.86 -65.34
C TYR P 494 12.62 -62.08 -65.10
N ALA P 495 12.33 -62.84 -64.03
CA ALA P 495 13.06 -64.09 -63.80
C ALA P 495 12.77 -65.09 -64.91
N SER P 496 11.52 -65.14 -65.37
CA SER P 496 11.17 -65.96 -66.52
C SER P 496 11.91 -65.49 -67.77
N LYS P 497 12.05 -64.18 -67.93
CA LYS P 497 12.70 -63.62 -69.12
C LYS P 497 14.19 -63.96 -69.15
N VAL P 498 14.90 -63.79 -68.03
CA VAL P 498 16.34 -64.09 -68.04
C VAL P 498 16.58 -65.59 -68.08
N LEU P 499 15.71 -66.42 -67.47
CA LEU P 499 15.87 -67.87 -67.57
C LEU P 499 15.76 -68.36 -69.00
N LEU P 500 14.68 -68.03 -69.69
CA LEU P 500 14.56 -68.49 -71.08
C LEU P 500 15.48 -67.68 -72.01
N ASP P 501 15.92 -66.48 -71.60
CA ASP P 501 16.96 -65.78 -72.34
C ASP P 501 18.29 -66.52 -72.29
N PHE P 502 18.51 -67.36 -71.27
CA PHE P 502 19.49 -68.43 -71.38
C PHE P 502 18.97 -69.55 -72.29
N LEU P 503 17.86 -70.18 -71.88
CA LEU P 503 17.57 -71.54 -72.32
C LEU P 503 17.27 -71.61 -73.81
N MET P 504 16.70 -70.55 -74.38
CA MET P 504 16.30 -70.59 -75.78
C MET P 504 17.48 -70.36 -76.73
N GLU P 505 18.61 -69.84 -76.21
CA GLU P 505 19.74 -69.42 -77.04
C GLU P 505 21.11 -69.85 -76.53
N GLU P 506 21.28 -70.25 -75.26
CA GLU P 506 22.48 -70.95 -74.80
C GLU P 506 22.03 -72.32 -74.29
N LYS P 507 22.46 -73.39 -74.97
CA LYS P 507 21.81 -74.73 -74.76
C LYS P 507 20.43 -74.51 -75.40
N GLU P 508 20.42 -73.94 -76.62
CA GLU P 508 19.18 -73.50 -77.32
C GLU P 508 18.16 -74.61 -77.58
N LEU P 509 17.05 -74.60 -76.85
CA LEU P 509 15.99 -75.62 -77.03
C LEU P 509 15.38 -75.55 -78.44
N VAL P 510 15.21 -74.38 -79.03
CA VAL P 510 14.52 -74.25 -80.35
C VAL P 510 15.33 -74.93 -81.45
N ALA P 511 16.63 -75.10 -81.23
CA ALA P 511 17.49 -75.83 -82.16
C ALA P 511 17.93 -77.18 -81.60
N HIS P 512 18.18 -77.25 -80.28
CA HIS P 512 18.57 -78.51 -79.63
C HIS P 512 17.45 -79.57 -79.71
N LEU P 513 16.22 -79.18 -79.36
CA LEU P 513 15.12 -80.15 -79.29
C LEU P 513 14.86 -80.84 -80.62
N ARG P 514 15.13 -80.17 -81.74
CA ARG P 514 14.88 -80.75 -83.05
C ARG P 514 15.45 -82.15 -83.19
N SER P 515 16.62 -82.39 -82.59
CA SER P 515 17.29 -83.69 -82.61
C SER P 515 16.35 -84.87 -82.37
N ILE P 516 15.40 -84.74 -81.44
CA ILE P 516 14.50 -85.85 -81.12
C ILE P 516 13.61 -86.21 -82.31
N LYS P 517 12.77 -85.27 -82.77
CA LYS P 517 11.84 -85.56 -83.85
C LYS P 517 12.54 -85.68 -85.20
N ARG P 518 13.75 -85.11 -85.31
CA ARG P 518 14.62 -85.31 -86.46
C ARG P 518 15.13 -86.75 -86.55
N TYR P 519 15.51 -87.35 -85.43
CA TYR P 519 16.08 -88.70 -85.43
C TYR P 519 15.01 -89.78 -85.25
N PHE P 520 13.96 -89.53 -84.46
CA PHE P 520 12.79 -90.39 -84.47
C PHE P 520 12.08 -90.29 -85.82
N LEU P 521 11.28 -91.31 -86.15
CA LEU P 521 10.44 -91.32 -87.35
C LEU P 521 11.25 -91.04 -88.62
N MET P 522 12.51 -91.49 -88.60
CA MET P 522 13.49 -91.40 -89.71
C MET P 522 13.61 -90.04 -90.42
N ASP P 523 13.37 -88.93 -89.73
CA ASP P 523 13.33 -87.62 -90.41
C ASP P 523 14.71 -87.14 -90.87
N GLN P 524 15.81 -87.55 -90.24
CA GLN P 524 17.12 -87.40 -90.88
C GLN P 524 17.25 -88.44 -92.00
N GLY P 525 16.42 -88.25 -93.03
CA GLY P 525 16.24 -89.24 -94.08
C GLY P 525 17.53 -89.65 -94.78
N ASP P 526 18.49 -88.73 -94.91
CA ASP P 526 19.74 -89.03 -95.58
C ASP P 526 20.65 -89.90 -94.72
N PHE P 527 20.48 -89.90 -93.40
CA PHE P 527 21.08 -90.94 -92.57
C PHE P 527 20.34 -92.27 -92.75
N PHE P 528 19.02 -92.26 -92.56
CA PHE P 528 18.27 -93.51 -92.51
C PHE P 528 18.25 -94.26 -93.85
N VAL P 529 18.26 -93.56 -94.99
CA VAL P 529 18.36 -94.29 -96.26
C VAL P 529 19.69 -95.04 -96.33
N HIS P 530 20.77 -94.44 -95.83
CA HIS P 530 22.03 -95.15 -95.70
C HIS P 530 21.97 -96.21 -94.59
N PHE P 531 21.23 -95.96 -93.51
CA PHE P 531 21.22 -96.86 -92.34
C PHE P 531 20.63 -98.23 -92.72
N MET P 532 19.38 -98.23 -93.18
CA MET P 532 18.70 -99.52 -93.52
C MET P 532 19.10 -99.92 -94.95
N ASP P 533 20.41 -99.98 -95.22
CA ASP P 533 20.86 -100.27 -96.61
C ASP P 533 22.24 -100.91 -96.59
N LEU P 534 23.24 -100.21 -96.03
CA LEU P 534 24.62 -100.73 -96.01
C LEU P 534 24.68 -102.01 -95.16
N ALA P 535 24.11 -101.98 -93.96
CA ALA P 535 24.15 -103.15 -93.04
C ALA P 535 22.80 -103.86 -93.07
N GLU P 536 21.96 -103.57 -94.07
CA GLU P 536 20.61 -104.15 -94.11
C GLU P 536 20.65 -105.67 -93.92
N GLU P 537 21.63 -106.35 -94.51
CA GLU P 537 21.59 -107.80 -94.52
C GLU P 537 21.75 -108.41 -93.13
N GLU P 538 22.30 -107.66 -92.15
CA GLU P 538 22.40 -108.12 -90.77
C GLU P 538 21.62 -107.22 -89.80
N LEU P 539 20.58 -106.56 -90.31
CA LEU P 539 19.60 -105.85 -89.50
C LEU P 539 18.20 -106.42 -89.70
N ARG P 540 17.88 -106.82 -90.94
CA ARG P 540 16.56 -107.17 -91.47
C ARG P 540 15.91 -108.42 -90.84
N LYS P 541 16.63 -109.20 -90.02
CA LYS P 541 16.33 -110.62 -89.87
C LYS P 541 15.03 -110.88 -89.07
N PRO P 542 14.32 -111.99 -89.39
CA PRO P 542 12.95 -112.19 -88.82
C PRO P 542 12.85 -112.32 -87.30
N VAL P 543 13.79 -112.97 -86.62
CA VAL P 543 13.69 -113.21 -85.17
C VAL P 543 15.06 -113.06 -84.53
N GLU P 544 15.20 -112.03 -83.66
CA GLU P 544 16.45 -111.44 -83.22
C GLU P 544 17.50 -111.40 -84.34
N ASP P 545 18.73 -111.89 -84.11
CA ASP P 545 19.73 -112.11 -85.18
C ASP P 545 20.20 -110.80 -85.84
N ILE P 546 20.16 -109.68 -85.09
CA ILE P 546 20.87 -108.45 -85.45
C ILE P 546 22.33 -108.56 -84.98
N THR P 547 23.23 -107.77 -85.57
CA THR P 547 24.58 -107.61 -85.04
C THR P 547 24.84 -106.12 -84.76
N PRO P 548 24.53 -105.65 -83.55
CA PRO P 548 24.58 -104.19 -83.22
C PRO P 548 25.91 -103.49 -83.52
N PRO P 549 27.07 -104.11 -83.27
CA PRO P 549 28.33 -103.44 -83.66
C PRO P 549 28.41 -102.96 -85.11
N ARG P 550 27.77 -103.64 -86.07
CA ARG P 550 27.81 -103.17 -87.45
C ARG P 550 27.08 -101.85 -87.61
N LEU P 551 25.86 -101.74 -87.08
CA LEU P 551 25.12 -100.48 -87.18
C LEU P 551 25.72 -99.40 -86.29
N GLU P 552 26.53 -99.75 -85.29
CA GLU P 552 27.23 -98.73 -84.51
C GLU P 552 28.35 -98.07 -85.32
N ALA P 553 28.98 -98.80 -86.26
CA ALA P 553 29.94 -98.17 -87.16
C ALA P 553 29.23 -97.37 -88.25
N LEU P 554 28.07 -97.87 -88.69
CA LEU P 554 27.26 -97.16 -89.67
C LEU P 554 26.61 -95.91 -89.05
N LEU P 555 26.30 -95.96 -87.75
CA LEU P 555 25.89 -94.77 -87.01
C LEU P 555 26.89 -93.63 -87.12
N GLU P 556 28.18 -93.92 -87.27
CA GLU P 556 29.17 -92.88 -87.51
C GLU P 556 29.29 -92.54 -89.01
N LEU P 557 29.51 -93.54 -89.86
CA LEU P 557 29.73 -93.27 -91.29
C LEU P 557 28.49 -92.64 -91.91
N ALA P 558 27.31 -93.22 -91.66
CA ALA P 558 26.08 -92.77 -92.30
C ALA P 558 25.54 -91.48 -91.71
N LEU P 559 25.98 -91.09 -90.51
CA LEU P 559 25.61 -89.76 -90.01
C LEU P 559 26.49 -88.70 -90.64
N ARG P 560 27.80 -88.97 -90.70
CA ARG P 560 28.73 -88.02 -91.36
C ARG P 560 28.37 -87.94 -92.85
N MET P 561 27.91 -89.05 -93.43
CA MET P 561 27.51 -89.07 -94.86
C MET P 561 26.18 -88.34 -95.03
N SER P 562 25.41 -88.22 -93.95
CA SER P 562 24.06 -87.58 -94.03
C SER P 562 24.19 -86.07 -93.85
N THR P 563 23.37 -85.50 -92.95
CA THR P 563 23.36 -84.03 -92.77
C THR P 563 23.96 -83.65 -91.41
N ALA P 564 24.42 -84.60 -90.60
CA ALA P 564 25.03 -84.17 -89.36
C ALA P 564 26.17 -83.18 -89.61
N ASN P 565 26.59 -83.01 -90.87
CA ASN P 565 27.58 -82.00 -91.23
C ASN P 565 27.02 -80.58 -91.12
N THR P 566 25.68 -80.43 -91.09
CA THR P 566 25.03 -79.13 -90.87
C THR P 566 25.21 -78.65 -89.43
N ASP P 567 25.27 -79.57 -88.47
CA ASP P 567 25.38 -79.29 -87.03
C ASP P 567 25.77 -80.60 -86.35
N PRO P 568 26.90 -80.63 -85.60
CA PRO P 568 27.43 -81.91 -85.09
C PRO P 568 26.69 -82.53 -83.90
N PHE P 569 25.39 -82.29 -83.79
CA PHE P 569 24.58 -82.69 -82.64
C PHE P 569 24.22 -84.19 -82.65
N LYS P 570 25.24 -85.07 -82.56
CA LYS P 570 25.01 -86.51 -82.56
C LYS P 570 24.99 -87.13 -81.16
N ASP P 571 25.76 -86.56 -80.21
CA ASP P 571 26.13 -87.26 -79.00
C ASP P 571 24.94 -87.66 -78.13
N ASP P 572 23.79 -86.99 -78.30
CA ASP P 572 22.59 -87.33 -77.55
C ASP P 572 21.99 -88.67 -77.96
N LEU P 573 22.28 -89.14 -79.18
CA LEU P 573 21.81 -90.44 -79.66
C LEU P 573 22.50 -91.62 -78.96
N LYS P 574 21.71 -92.42 -78.25
CA LYS P 574 22.14 -93.72 -77.73
C LYS P 574 21.06 -94.77 -78.01
N ILE P 575 21.47 -95.97 -78.44
CA ILE P 575 20.55 -97.07 -78.72
C ILE P 575 19.96 -97.65 -77.43
N ASP P 576 18.68 -98.00 -77.48
CA ASP P 576 17.95 -98.63 -76.38
C ASP P 576 17.09 -99.77 -76.94
N LEU P 577 16.67 -100.69 -76.06
CA LEU P 577 15.95 -101.90 -76.47
C LEU P 577 14.91 -102.32 -75.42
N MET P 578 13.98 -103.18 -75.86
CA MET P 578 12.71 -103.46 -75.17
C MET P 578 12.89 -104.12 -73.80
N PRO P 579 12.41 -103.49 -72.70
CA PRO P 579 12.20 -104.25 -71.45
C PRO P 579 10.89 -105.02 -71.48
N HIS P 580 9.81 -104.39 -71.96
CA HIS P 580 8.46 -104.93 -71.89
C HIS P 580 7.57 -104.43 -73.04
N ASP P 581 8.07 -104.58 -74.27
CA ASP P 581 7.28 -104.51 -75.52
C ASP P 581 6.52 -103.20 -75.65
N LEU P 582 5.19 -103.20 -75.85
CA LEU P 582 4.50 -102.02 -76.38
C LEU P 582 4.19 -100.94 -75.33
N ILE P 583 3.59 -101.30 -74.19
CA ILE P 583 2.85 -100.30 -73.39
C ILE P 583 3.74 -99.19 -72.84
N THR P 584 5.06 -99.40 -72.72
CA THR P 584 5.95 -98.33 -72.26
C THR P 584 5.97 -97.13 -73.20
N GLN P 585 5.58 -97.32 -74.47
CA GLN P 585 5.70 -96.29 -75.50
C GLN P 585 4.75 -95.11 -75.29
N LEU P 586 3.69 -95.28 -74.49
CA LEU P 586 2.58 -94.33 -74.41
C LEU P 586 2.18 -93.83 -75.80
N LEU P 610 11.03 -109.39 -82.98
CA LEU P 610 11.34 -109.15 -84.38
C LEU P 610 12.41 -108.06 -84.53
N SER P 611 13.18 -108.14 -85.63
CA SER P 611 14.23 -107.16 -85.94
C SER P 611 14.13 -106.67 -87.38
N GLY P 612 14.66 -105.47 -87.62
CA GLY P 612 14.33 -104.69 -88.79
C GLY P 612 12.91 -104.17 -88.68
N LEU P 613 11.98 -105.10 -88.52
CA LEU P 613 10.71 -104.83 -87.86
C LEU P 613 10.97 -104.35 -86.43
N GLU P 614 10.72 -103.07 -86.14
CA GLU P 614 10.72 -102.52 -84.78
C GLU P 614 12.06 -102.67 -84.06
N ALA P 615 13.16 -102.58 -84.81
CA ALA P 615 14.49 -103.03 -84.37
C ALA P 615 14.98 -102.39 -83.07
N PHE P 616 14.85 -101.07 -82.92
CA PHE P 616 15.48 -100.33 -81.81
C PHE P 616 14.85 -98.94 -81.69
N SER P 617 15.13 -98.26 -80.57
CA SER P 617 14.76 -96.85 -80.40
C SER P 617 15.72 -96.16 -79.44
N PHE P 618 15.70 -94.81 -79.45
CA PHE P 618 16.83 -94.01 -79.00
C PHE P 618 16.57 -93.25 -77.70
N ASP P 619 17.52 -93.37 -76.75
CA ASP P 619 17.52 -92.72 -75.43
C ASP P 619 17.85 -91.22 -75.54
N TYR P 620 17.39 -90.44 -74.54
CA TYR P 620 17.62 -88.99 -74.53
C TYR P 620 17.69 -88.43 -73.11
N ILE P 621 18.90 -88.01 -72.68
CA ILE P 621 19.09 -87.27 -71.43
C ILE P 621 20.05 -86.09 -71.63
N VAL P 622 19.89 -85.06 -70.78
CA VAL P 622 20.52 -83.74 -70.94
C VAL P 622 20.75 -83.15 -69.55
N LYS P 623 21.54 -82.06 -69.49
CA LYS P 623 21.83 -81.36 -68.23
C LYS P 623 20.84 -80.23 -67.91
N TRP P 624 20.84 -79.84 -66.63
CA TRP P 624 19.68 -79.28 -65.92
C TRP P 624 18.72 -78.37 -66.67
N PRO P 625 19.13 -77.29 -67.34
CA PRO P 625 18.11 -76.40 -67.92
C PRO P 625 17.33 -77.01 -69.08
N LEU P 626 17.96 -77.84 -69.92
CA LEU P 626 17.23 -78.67 -70.87
C LEU P 626 16.45 -79.80 -70.20
N SER P 627 16.85 -80.21 -68.99
CA SER P 627 16.17 -81.27 -68.25
C SER P 627 14.87 -80.80 -67.60
N LEU P 628 14.63 -79.48 -67.56
CA LEU P 628 13.28 -78.99 -67.30
C LEU P 628 12.31 -79.48 -68.36
N ILE P 629 12.80 -79.70 -69.58
CA ILE P 629 12.01 -80.10 -70.73
C ILE P 629 12.04 -81.62 -70.94
N ILE P 630 13.22 -82.23 -70.87
CA ILE P 630 13.40 -83.68 -71.03
C ILE P 630 13.45 -84.38 -69.66
N ASN P 631 12.42 -85.19 -69.35
CA ASN P 631 12.26 -85.89 -68.06
C ASN P 631 11.40 -87.15 -68.22
N ARG P 632 11.50 -88.08 -67.24
CA ARG P 632 11.00 -89.46 -67.37
C ARG P 632 9.66 -89.64 -68.09
N LYS P 633 8.60 -88.95 -67.65
CA LYS P 633 7.30 -89.12 -68.30
C LYS P 633 7.33 -88.74 -69.77
N ALA P 634 8.20 -87.80 -70.16
CA ALA P 634 8.38 -87.45 -71.57
C ALA P 634 9.36 -88.39 -72.28
N LEU P 635 10.53 -88.65 -71.69
CA LEU P 635 11.56 -89.45 -72.33
C LEU P 635 11.23 -90.94 -72.39
N THR P 636 10.10 -91.40 -71.81
CA THR P 636 9.59 -92.73 -72.08
C THR P 636 8.71 -92.74 -73.34
N ARG P 637 8.29 -91.56 -73.82
CA ARG P 637 7.88 -91.39 -75.22
C ARG P 637 9.10 -91.21 -76.13
N TYR P 638 10.21 -90.72 -75.60
CA TYR P 638 11.51 -91.06 -76.16
C TYR P 638 11.87 -92.49 -75.71
N GLN P 639 13.12 -92.91 -75.96
CA GLN P 639 13.64 -94.25 -75.64
C GLN P 639 13.00 -95.36 -76.47
N MET P 640 11.66 -95.44 -76.47
CA MET P 640 11.02 -96.60 -77.15
C MET P 640 9.84 -96.15 -78.01
N LEU P 641 10.09 -95.30 -79.01
CA LEU P 641 9.00 -94.93 -79.95
C LEU P 641 9.60 -94.90 -81.36
N PHE P 642 8.77 -94.71 -82.40
CA PHE P 642 9.22 -94.73 -83.81
C PHE P 642 9.53 -96.19 -84.21
N ARG P 643 9.59 -97.10 -83.24
CA ARG P 643 9.79 -98.54 -83.56
C ARG P 643 8.52 -99.01 -84.28
N HIS P 644 7.36 -98.55 -83.83
CA HIS P 644 6.06 -98.90 -84.48
C HIS P 644 5.94 -98.13 -85.81
N MET P 645 6.99 -97.41 -86.22
CA MET P 645 6.98 -96.75 -87.54
C MET P 645 8.07 -97.42 -88.37
N PHE P 646 9.15 -97.85 -87.70
CA PHE P 646 10.28 -98.45 -88.42
C PHE P 646 9.88 -99.71 -89.20
N TYR P 647 8.97 -100.54 -88.64
CA TYR P 647 8.60 -101.78 -89.32
C TYR P 647 7.96 -101.54 -90.68
N CYS P 648 7.25 -100.42 -90.86
CA CYS P 648 6.66 -100.16 -92.18
C CYS P 648 7.74 -100.03 -93.24
N LYS P 649 8.74 -99.17 -93.01
CA LYS P 649 9.83 -98.99 -93.96
C LYS P 649 10.59 -100.29 -94.21
N HIS P 650 10.81 -101.09 -93.16
CA HIS P 650 11.40 -102.41 -93.35
C HIS P 650 10.51 -103.30 -94.22
N VAL P 651 9.22 -103.43 -93.87
CA VAL P 651 8.40 -104.44 -94.56
C VAL P 651 8.19 -104.06 -96.02
N GLU P 652 8.01 -102.76 -96.33
CA GLU P 652 7.87 -102.41 -97.74
C GLU P 652 9.19 -102.57 -98.48
N ARG P 653 10.31 -102.14 -97.90
CA ARG P 653 11.58 -102.25 -98.63
C ARG P 653 11.96 -103.72 -98.81
N GLN P 654 11.64 -104.58 -97.85
CA GLN P 654 11.85 -106.02 -98.02
C GLN P 654 10.90 -106.63 -99.06
N LEU P 655 9.62 -106.23 -99.07
CA LEU P 655 8.76 -106.58 -100.21
C LEU P 655 9.39 -106.13 -101.53
N CYS P 656 9.94 -104.92 -101.54
CA CYS P 656 10.54 -104.40 -102.77
C CYS P 656 11.81 -105.16 -103.16
N SER P 657 12.54 -105.71 -102.19
CA SER P 657 13.66 -106.58 -102.54
C SER P 657 13.19 -107.81 -103.32
N VAL P 658 11.95 -108.28 -103.08
CA VAL P 658 11.37 -109.33 -103.92
C VAL P 658 11.18 -108.80 -105.34
N TRP P 659 10.66 -107.58 -105.46
CA TRP P 659 10.50 -106.89 -106.74
C TRP P 659 11.82 -106.71 -107.49
N ILE P 660 12.95 -106.56 -106.78
CA ILE P 660 14.27 -106.60 -107.43
C ILE P 660 14.56 -107.95 -108.09
N SER P 661 14.21 -109.07 -107.44
CA SER P 661 14.59 -110.38 -107.99
C SER P 661 13.81 -110.78 -109.24
N ASN P 662 12.76 -110.05 -109.63
CA ASN P 662 12.32 -110.03 -111.03
C ASN P 662 11.98 -108.58 -111.46
N LYS P 663 12.97 -107.70 -111.28
CA LYS P 663 12.92 -106.30 -111.73
C LYS P 663 11.61 -105.62 -111.33
N GLN P 674 2.04 -116.53 -119.34
CA GLN P 674 3.09 -116.34 -118.35
C GLN P 674 2.99 -114.95 -117.67
N TRP P 675 3.53 -114.84 -116.45
CA TRP P 675 3.64 -113.57 -115.70
C TRP P 675 2.29 -112.84 -115.52
N PHE P 676 1.27 -113.55 -115.00
CA PHE P 676 -0.06 -112.99 -114.76
C PHE P 676 0.00 -111.72 -113.90
N ALA P 677 -0.39 -110.58 -114.49
CA ALA P 677 -0.13 -109.26 -113.92
C ALA P 677 -1.01 -108.93 -112.71
N GLY P 678 -1.99 -109.79 -112.36
CA GLY P 678 -2.72 -109.59 -111.12
C GLY P 678 -1.84 -109.74 -109.89
N ALA P 679 -0.85 -110.64 -109.96
CA ALA P 679 0.13 -110.78 -108.88
C ALA P 679 1.02 -109.54 -108.79
N PHE P 680 1.53 -109.08 -109.94
CA PHE P 680 2.32 -107.85 -109.98
C PHE P 680 1.53 -106.66 -109.43
N THR P 681 0.24 -106.56 -109.80
CA THR P 681 -0.60 -105.46 -109.35
C THR P 681 -0.87 -105.49 -107.84
N LEU P 682 -1.02 -106.68 -107.25
CA LEU P 682 -1.17 -106.71 -105.79
C LEU P 682 0.13 -106.32 -105.09
N ARG P 683 1.28 -106.71 -105.65
CA ARG P 683 2.58 -106.27 -105.11
C ARG P 683 2.67 -104.74 -105.07
N GLN P 684 2.22 -104.08 -106.14
CA GLN P 684 2.05 -102.62 -106.16
C GLN P 684 1.01 -102.14 -105.14
N ARG P 685 -0.14 -102.81 -105.09
CA ARG P 685 -1.30 -102.31 -104.37
C ARG P 685 -1.15 -102.42 -102.85
N MET P 686 -0.73 -103.60 -102.37
CA MET P 686 -0.49 -103.77 -100.93
C MET P 686 0.65 -102.87 -100.46
N LEU P 687 1.67 -102.70 -101.30
CA LEU P 687 2.72 -101.73 -101.03
C LEU P 687 2.17 -100.30 -100.89
N ASN P 688 1.27 -99.89 -101.78
CA ASN P 688 0.65 -98.57 -101.62
C ASN P 688 -0.08 -98.43 -100.30
N PHE P 689 -0.71 -99.51 -99.81
CA PHE P 689 -1.32 -99.46 -98.48
C PHE P 689 -0.27 -99.11 -97.41
N VAL P 690 0.96 -99.61 -97.55
CA VAL P 690 2.04 -99.19 -96.65
C VAL P 690 2.46 -97.75 -96.97
N GLN P 691 2.76 -97.48 -98.25
CA GLN P 691 3.40 -96.22 -98.63
C GLN P 691 2.55 -95.00 -98.32
N ASN P 692 1.25 -95.04 -98.63
CA ASN P 692 0.43 -93.85 -98.42
C ASN P 692 0.06 -93.68 -96.95
N ILE P 693 -0.11 -94.76 -96.18
CA ILE P 693 -0.30 -94.57 -94.74
C ILE P 693 1.01 -94.09 -94.11
N GLN P 694 2.17 -94.60 -94.55
CA GLN P 694 3.44 -94.01 -94.11
C GLN P 694 3.54 -92.52 -94.44
N TYR P 695 3.07 -92.11 -95.62
CA TYR P 695 2.92 -90.68 -95.88
C TYR P 695 2.05 -90.02 -94.82
N TYR P 696 0.85 -90.56 -94.60
CA TYR P 696 -0.01 -89.97 -93.59
C TYR P 696 0.65 -89.93 -92.20
N MET P 697 1.33 -91.01 -91.80
CA MET P 697 1.81 -91.12 -90.43
C MET P 697 2.74 -90.00 -90.03
N MET P 698 3.49 -89.43 -90.99
CA MET P 698 4.51 -88.41 -90.63
C MET P 698 4.60 -87.27 -91.65
N PHE P 699 4.31 -87.53 -92.93
CA PHE P 699 4.48 -86.47 -93.96
C PHE P 699 3.20 -85.64 -93.98
N GLU P 700 2.58 -85.48 -92.81
CA GLU P 700 1.32 -84.69 -92.71
C GLU P 700 1.63 -83.37 -91.99
N VAL P 701 1.20 -83.23 -90.73
CA VAL P 701 1.49 -81.99 -89.94
C VAL P 701 2.99 -81.95 -89.64
N MET P 702 3.70 -80.98 -90.23
CA MET P 702 5.15 -80.85 -89.98
C MET P 702 5.44 -79.40 -89.57
N GLU P 703 5.29 -78.46 -90.50
CA GLU P 703 5.62 -77.02 -90.20
C GLU P 703 4.78 -76.49 -89.02
N PRO P 704 3.42 -76.42 -89.09
CA PRO P 704 2.62 -75.82 -88.01
C PRO P 704 3.16 -76.14 -86.61
N THR P 705 3.40 -77.42 -86.28
CA THR P 705 3.81 -77.70 -84.90
C THR P 705 5.07 -76.91 -84.52
N TRP P 706 5.96 -76.65 -85.48
CA TRP P 706 7.15 -75.87 -85.19
C TRP P 706 6.79 -74.39 -85.04
N HIS P 707 5.94 -73.88 -85.93
CA HIS P 707 5.41 -72.52 -85.90
C HIS P 707 4.66 -72.27 -84.58
N ILE P 708 3.86 -73.25 -84.13
CA ILE P 708 3.21 -73.18 -82.82
C ILE P 708 4.24 -73.17 -81.70
N LEU P 709 5.17 -74.13 -81.71
CA LEU P 709 6.15 -74.25 -80.63
C LEU P 709 6.88 -72.93 -80.39
N GLU P 710 7.34 -72.28 -81.46
CA GLU P 710 7.95 -70.96 -81.32
C GLU P 710 7.04 -69.95 -80.61
N LYS P 711 5.89 -69.65 -81.21
CA LYS P 711 5.06 -68.58 -80.68
C LYS P 711 4.45 -68.92 -79.33
N ASN P 712 4.34 -70.21 -78.99
CA ASN P 712 4.04 -70.64 -77.63
C ASN P 712 5.19 -70.27 -76.67
N LEU P 713 6.35 -70.91 -76.84
CA LEU P 713 7.40 -70.87 -75.82
C LEU P 713 8.12 -69.52 -75.79
N LYS P 714 8.40 -68.97 -76.97
CA LYS P 714 9.24 -67.77 -77.07
C LYS P 714 8.57 -66.54 -76.47
N SER P 715 7.23 -66.52 -76.44
CA SER P 715 6.48 -65.43 -75.84
C SER P 715 6.26 -65.63 -74.34
N ALA P 716 5.99 -66.89 -73.93
CA ALA P 716 5.63 -67.18 -72.54
C ALA P 716 6.77 -66.89 -71.57
N SER P 717 7.92 -67.55 -71.77
CA SER P 717 9.17 -67.47 -71.00
C SER P 717 9.15 -68.20 -69.63
N ASN P 718 7.99 -68.68 -69.12
CA ASN P 718 7.87 -69.14 -67.73
C ASN P 718 7.54 -70.63 -67.62
N ILE P 719 8.38 -71.37 -66.85
CA ILE P 719 8.32 -72.84 -66.78
C ILE P 719 6.92 -73.36 -66.42
N ASP P 720 6.19 -72.63 -65.57
CA ASP P 720 4.82 -73.01 -65.21
C ASP P 720 3.87 -73.16 -66.40
N ASP P 721 4.14 -72.48 -67.51
CA ASP P 721 3.38 -72.67 -68.75
C ASP P 721 4.21 -73.32 -69.85
N VAL P 722 5.51 -73.01 -69.87
CA VAL P 722 6.44 -73.53 -70.87
C VAL P 722 6.40 -75.06 -70.94
N LEU P 723 6.42 -75.72 -69.78
CA LEU P 723 6.36 -77.18 -69.79
C LEU P 723 5.01 -77.68 -70.32
N GLY P 724 3.93 -76.96 -70.03
CA GLY P 724 2.63 -77.29 -70.62
C GLY P 724 2.61 -77.13 -72.13
N HIS P 725 3.13 -76.01 -72.63
CA HIS P 725 3.29 -75.81 -74.07
C HIS P 725 4.12 -76.91 -74.72
N HIS P 726 5.27 -77.25 -74.11
CA HIS P 726 6.12 -78.29 -74.69
C HIS P 726 5.45 -79.66 -74.67
N THR P 727 4.94 -80.09 -73.52
CA THR P 727 4.33 -81.41 -73.44
C THR P 727 3.11 -81.50 -74.35
N GLY P 728 2.36 -80.41 -74.50
CA GLY P 728 1.33 -80.35 -75.52
C GLY P 728 1.86 -80.49 -76.94
N PHE P 729 2.93 -79.75 -77.27
CA PHE P 729 3.56 -79.84 -78.59
C PHE P 729 3.99 -81.27 -78.89
N LEU P 730 4.58 -81.96 -77.92
CA LEU P 730 5.09 -83.31 -78.14
C LEU P 730 3.99 -84.27 -78.59
N ASP P 731 2.87 -84.30 -77.86
CA ASP P 731 1.72 -85.12 -78.28
C ASP P 731 1.15 -84.65 -79.61
N THR P 732 1.19 -83.34 -79.88
CA THR P 732 0.65 -82.81 -81.13
C THR P 732 1.41 -83.37 -82.33
N CYS P 733 2.74 -83.40 -82.26
CA CYS P 733 3.53 -84.02 -83.32
C CYS P 733 3.19 -85.50 -83.49
N LEU P 734 3.01 -86.22 -82.38
CA LEU P 734 2.70 -87.65 -82.45
C LEU P 734 1.33 -87.95 -83.06
N LYS P 735 0.37 -87.01 -82.99
CA LYS P 735 -1.01 -87.38 -83.33
C LYS P 735 -1.20 -87.66 -84.82
N ASP P 736 -0.21 -87.34 -85.68
CA ASP P 736 -0.19 -87.95 -87.01
C ASP P 736 -0.03 -89.46 -86.92
N CYS P 737 1.07 -89.90 -86.31
CA CYS P 737 1.45 -91.30 -86.20
C CYS P 737 0.40 -92.16 -85.52
N MET P 738 -0.24 -93.08 -86.26
CA MET P 738 -1.15 -94.01 -85.60
C MET P 738 -0.45 -95.00 -84.70
N LEU P 739 0.87 -94.94 -84.62
CA LEU P 739 1.61 -95.41 -83.46
C LEU P 739 0.90 -95.03 -82.16
N THR P 740 0.41 -93.78 -82.07
CA THR P 740 -0.51 -93.36 -81.02
C THR P 740 -1.95 -93.63 -81.46
N ASN P 741 -2.58 -94.68 -80.87
CA ASN P 741 -4.01 -94.97 -81.05
C ASN P 741 -4.57 -95.80 -79.90
N PRO P 742 -5.66 -95.35 -79.25
CA PRO P 742 -6.21 -96.11 -78.10
C PRO P 742 -6.76 -97.48 -78.43
N GLU P 743 -7.24 -97.73 -79.65
CA GLU P 743 -7.71 -99.06 -80.03
C GLU P 743 -6.58 -99.94 -80.53
N LEU P 744 -5.35 -99.43 -80.53
CA LEU P 744 -4.18 -100.03 -81.17
C LEU P 744 -4.42 -100.33 -82.66
N LEU P 745 -5.50 -99.81 -83.24
CA LEU P 745 -5.99 -100.18 -84.56
C LEU P 745 -5.82 -101.67 -84.87
N LYS P 746 -6.17 -102.53 -83.91
CA LYS P 746 -5.54 -103.85 -83.80
C LYS P 746 -5.72 -104.77 -85.02
N VAL P 747 -6.73 -104.59 -85.90
CA VAL P 747 -6.75 -105.40 -87.12
C VAL P 747 -5.52 -105.16 -87.99
N PHE P 748 -4.96 -103.95 -87.95
CA PHE P 748 -3.74 -103.66 -88.71
C PHE P 748 -2.56 -104.49 -88.20
N SER P 749 -2.47 -104.66 -86.86
CA SER P 749 -1.46 -105.55 -86.29
C SER P 749 -1.63 -107.01 -86.76
N LYS P 750 -2.89 -107.50 -86.85
CA LYS P 750 -3.13 -108.82 -87.42
C LYS P 750 -2.80 -108.88 -88.90
N LEU P 751 -3.17 -107.85 -89.66
CA LEU P 751 -2.79 -107.75 -91.07
C LEU P 751 -1.28 -107.81 -91.24
N MET P 752 -0.52 -107.19 -90.33
CA MET P 752 0.94 -107.20 -90.39
C MET P 752 1.53 -108.62 -90.49
N SER P 753 0.90 -109.60 -89.83
CA SER P 753 1.37 -110.99 -89.90
C SER P 753 1.38 -111.55 -91.32
N VAL P 754 0.45 -111.15 -92.20
CA VAL P 754 0.55 -111.54 -93.61
C VAL P 754 1.43 -110.56 -94.38
N CYS P 755 1.48 -109.30 -93.97
CA CYS P 755 2.35 -108.33 -94.64
C CYS P 755 3.81 -108.81 -94.67
N VAL P 756 4.33 -109.30 -93.54
CA VAL P 756 5.71 -109.80 -93.51
C VAL P 756 5.88 -111.00 -94.43
N MET P 757 4.86 -111.87 -94.51
CA MET P 757 4.92 -112.99 -95.45
C MET P 757 5.01 -112.54 -96.90
N PHE P 758 4.33 -111.44 -97.25
CA PHE P 758 4.51 -110.84 -98.58
C PHE P 758 5.97 -110.54 -98.86
N THR P 759 6.79 -110.28 -97.82
CA THR P 759 8.23 -110.14 -98.01
C THR P 759 8.93 -111.50 -98.03
N ASN P 760 8.88 -112.23 -96.91
CA ASN P 760 9.78 -113.38 -96.73
C ASN P 760 9.35 -114.55 -97.61
N CYS P 761 8.08 -114.98 -97.51
CA CYS P 761 7.63 -116.12 -98.29
C CYS P 761 7.74 -115.88 -99.79
N MET P 762 7.54 -114.65 -100.23
CA MET P 762 7.69 -114.35 -101.66
C MET P 762 9.14 -114.12 -102.04
N GLN P 763 9.99 -113.65 -101.12
CA GLN P 763 11.42 -113.73 -101.40
C GLN P 763 11.84 -115.18 -101.58
N LYS P 764 11.39 -116.06 -100.67
CA LYS P 764 11.57 -117.50 -100.87
C LYS P 764 11.00 -117.95 -102.21
N PHE P 765 9.86 -117.42 -102.62
CA PHE P 765 9.36 -117.80 -103.95
C PHE P 765 10.22 -117.23 -105.08
N THR P 766 10.83 -116.05 -104.92
CA THR P 766 11.71 -115.59 -106.00
C THR P 766 12.98 -116.40 -106.13
N GLN P 767 13.16 -117.45 -105.32
CA GLN P 767 14.01 -118.57 -105.75
C GLN P 767 13.16 -119.74 -106.24
N SER P 768 12.18 -120.23 -105.47
CA SER P 768 11.49 -121.47 -105.83
C SER P 768 10.64 -121.34 -107.10
N MET P 769 10.47 -120.13 -107.68
CA MET P 769 9.78 -120.03 -108.98
C MET P 769 10.58 -120.68 -110.11
N LYS P 770 11.90 -120.88 -109.92
CA LYS P 770 12.74 -121.62 -110.87
C LYS P 770 13.58 -122.66 -110.16
N LEU P 771 13.97 -122.40 -108.91
CA LEU P 771 14.69 -123.38 -108.10
C LEU P 771 13.77 -124.54 -107.70
N LEU P 814 5.67 -117.24 -110.66
CA LEU P 814 4.77 -116.20 -110.18
C LEU P 814 3.36 -116.40 -110.75
N VAL P 815 3.24 -117.24 -111.77
CA VAL P 815 1.92 -117.61 -112.30
C VAL P 815 1.21 -118.57 -111.34
N SER P 816 1.95 -119.22 -110.43
CA SER P 816 1.42 -120.29 -109.59
C SER P 816 1.52 -119.96 -108.09
N GLY P 817 2.74 -120.01 -107.52
CA GLY P 817 2.89 -119.93 -106.07
C GLY P 817 2.83 -118.53 -105.49
N PHE P 818 3.04 -117.49 -106.30
CA PHE P 818 2.49 -116.18 -105.96
C PHE P 818 0.96 -116.24 -106.03
N GLU P 819 0.43 -116.57 -107.22
CA GLU P 819 -1.00 -116.46 -107.50
C GLU P 819 -1.88 -117.09 -106.42
N ALA P 820 -1.52 -118.29 -105.95
CA ALA P 820 -2.29 -118.98 -104.92
C ALA P 820 -2.38 -118.22 -103.59
N THR P 821 -1.61 -117.14 -103.41
CA THR P 821 -1.70 -116.29 -102.23
C THR P 821 -2.19 -114.89 -102.56
N ILE P 822 -2.25 -114.51 -103.85
CA ILE P 822 -2.68 -113.17 -104.23
C ILE P 822 -4.13 -112.93 -103.82
N ASN P 823 -5.01 -113.88 -104.16
CA ASN P 823 -6.39 -113.85 -103.68
C ASN P 823 -6.48 -113.78 -102.15
N LYS P 824 -5.56 -114.45 -101.45
CA LYS P 824 -5.56 -114.41 -99.98
C LYS P 824 -5.12 -113.03 -99.47
N PHE P 825 -3.95 -112.54 -99.89
CA PHE P 825 -3.50 -111.23 -99.44
C PHE P 825 -4.53 -110.16 -99.79
N ASP P 826 -5.07 -110.20 -101.01
CA ASP P 826 -6.03 -109.22 -101.53
C ASP P 826 -7.18 -108.92 -100.56
N LYS P 827 -7.93 -109.94 -100.15
CA LYS P 827 -9.11 -109.75 -99.30
C LYS P 827 -8.84 -110.05 -97.83
N ASN P 828 -7.60 -110.40 -97.47
CA ASN P 828 -7.15 -110.20 -96.10
C ASN P 828 -7.00 -108.70 -95.85
N PHE P 829 -6.25 -108.00 -96.71
CA PHE P 829 -6.00 -106.57 -96.49
C PHE P 829 -7.27 -105.76 -96.77
N SER P 830 -7.90 -105.96 -97.94
CA SER P 830 -8.97 -105.04 -98.38
C SER P 830 -10.22 -105.10 -97.51
N ALA P 831 -10.47 -106.21 -96.79
CA ALA P 831 -11.60 -106.25 -95.87
C ALA P 831 -11.32 -105.38 -94.64
N HIS P 832 -10.25 -105.70 -93.91
CA HIS P 832 -9.93 -104.98 -92.68
C HIS P 832 -9.58 -103.52 -92.97
N LEU P 833 -8.84 -103.26 -94.05
CA LEU P 833 -8.48 -101.89 -94.43
C LEU P 833 -9.71 -101.02 -94.60
N LEU P 834 -10.73 -101.52 -95.28
CA LEU P 834 -11.95 -100.77 -95.53
C LEU P 834 -13.05 -101.10 -94.51
N ASP P 835 -12.63 -101.30 -93.26
CA ASP P 835 -13.50 -101.12 -92.09
C ASP P 835 -12.81 -100.29 -91.00
N LEU P 836 -11.48 -100.40 -90.82
CA LEU P 836 -10.84 -99.86 -89.62
C LEU P 836 -10.77 -98.32 -89.62
N LEU P 837 -10.70 -97.67 -90.79
CA LEU P 837 -10.79 -96.20 -90.81
C LEU P 837 -12.16 -95.76 -90.31
N ALA P 838 -13.21 -96.43 -90.73
CA ALA P 838 -14.55 -96.20 -90.20
C ALA P 838 -14.60 -96.45 -88.70
N ARG P 839 -13.94 -97.52 -88.25
CA ARG P 839 -13.88 -97.69 -86.77
C ARG P 839 -13.33 -96.40 -86.15
N LEU P 840 -12.22 -95.88 -86.66
CA LEU P 840 -11.77 -94.58 -86.11
C LEU P 840 -12.47 -93.44 -86.85
N SER P 841 -13.75 -93.15 -86.58
CA SER P 841 -14.45 -91.99 -87.20
C SER P 841 -14.72 -90.96 -86.08
N ILE P 842 -13.66 -90.47 -85.44
CA ILE P 842 -13.87 -89.62 -84.23
C ILE P 842 -13.90 -88.12 -84.52
N TYR P 843 -13.24 -87.64 -85.59
CA TYR P 843 -13.21 -86.17 -85.70
C TYR P 843 -14.29 -85.65 -86.64
N SER P 844 -14.85 -84.49 -86.29
CA SER P 844 -15.92 -83.85 -87.06
C SER P 844 -15.40 -83.37 -88.41
N GLY P 851 -4.57 -81.33 -91.40
CA GLY P 851 -3.97 -81.25 -90.08
C GLY P 851 -4.75 -82.02 -89.02
N MET P 852 -6.00 -82.37 -89.33
CA MET P 852 -6.76 -83.32 -88.52
C MET P 852 -7.82 -83.98 -89.39
N ALA P 853 -8.32 -85.12 -88.91
CA ALA P 853 -9.10 -86.06 -89.71
C ALA P 853 -8.32 -86.54 -90.94
N SER P 854 -6.98 -86.50 -90.86
CA SER P 854 -6.12 -86.78 -92.01
C SER P 854 -5.99 -88.28 -92.32
N VAL P 855 -5.96 -89.16 -91.30
CA VAL P 855 -5.83 -90.59 -91.61
C VAL P 855 -7.03 -91.04 -92.43
N ILE P 856 -8.22 -90.60 -92.03
CA ILE P 856 -9.44 -91.02 -92.70
C ILE P 856 -9.54 -90.34 -94.07
N SER P 857 -9.45 -89.00 -94.10
CA SER P 857 -9.56 -88.27 -95.36
C SER P 857 -8.55 -88.74 -96.41
N ARG P 858 -7.38 -89.24 -95.99
CA ARG P 858 -6.27 -89.50 -96.92
C ARG P 858 -6.28 -90.92 -97.51
N LEU P 859 -7.03 -91.86 -96.94
CA LEU P 859 -7.34 -93.11 -97.64
C LEU P 859 -8.84 -93.27 -97.87
N ASP P 860 -9.62 -92.19 -97.67
CA ASP P 860 -10.91 -92.00 -98.38
C ASP P 860 -10.67 -91.56 -99.82
N PHE P 861 -9.59 -90.80 -100.02
CA PHE P 861 -9.35 -89.97 -101.20
C PHE P 861 -9.47 -90.72 -102.53
N ASN P 862 -9.14 -92.01 -102.55
CA ASN P 862 -9.08 -92.78 -103.81
C ASN P 862 -10.44 -92.92 -104.52
N GLY P 863 -11.53 -93.06 -103.77
CA GLY P 863 -12.85 -93.06 -104.38
C GLY P 863 -13.37 -94.46 -104.68
N PHE P 864 -12.56 -95.30 -105.33
CA PHE P 864 -12.74 -96.74 -105.26
C PHE P 864 -11.98 -97.27 -104.04
N TYR P 865 -12.59 -98.23 -103.37
CA TYR P 865 -12.25 -98.63 -101.99
C TYR P 865 -12.11 -97.40 -101.07
N THR P 866 -13.17 -96.57 -101.07
CA THR P 866 -13.33 -95.51 -100.08
C THR P 866 -13.75 -96.14 -98.74
N GLU P 867 -14.66 -97.14 -98.82
CA GLU P 867 -14.93 -98.06 -97.72
C GLU P 867 -15.63 -99.27 -98.35
N ARG P 868 -15.76 -100.35 -97.58
CA ARG P 868 -16.49 -101.55 -97.95
C ARG P 868 -17.42 -101.97 -96.83
N LEU P 869 -17.02 -101.69 -95.58
CA LEU P 869 -17.87 -101.86 -94.41
C LEU P 869 -17.88 -100.51 -93.70
N GLU P 870 -18.97 -99.76 -93.86
CA GLU P 870 -18.99 -98.34 -93.57
C GLU P 870 -19.22 -98.07 -92.08
N ARG P 871 -18.80 -96.87 -91.66
CA ARG P 871 -19.15 -96.37 -90.34
C ARG P 871 -20.64 -96.11 -90.22
N LEU P 872 -21.23 -95.50 -91.25
CA LEU P 872 -22.66 -95.19 -91.24
C LEU P 872 -23.38 -96.06 -92.26
N ALA Q 248 15.25 -39.36 1.33
CA ALA Q 248 16.43 -38.73 0.74
C ALA Q 248 17.55 -39.75 0.56
N ALA Q 249 17.78 -40.59 1.58
CA ALA Q 249 18.75 -41.66 1.47
C ALA Q 249 18.37 -42.66 0.39
N LEU Q 250 17.06 -42.90 0.18
CA LEU Q 250 16.63 -43.81 -0.87
C LEU Q 250 16.84 -43.24 -2.28
N VAL Q 251 16.40 -42.01 -2.55
CA VAL Q 251 16.70 -41.45 -3.88
C VAL Q 251 18.20 -41.36 -4.11
N ARG Q 252 18.98 -41.06 -3.07
CA ARG Q 252 20.44 -41.08 -3.26
C ARG Q 252 20.97 -42.49 -3.54
N ASP Q 253 20.28 -43.53 -3.04
CA ASP Q 253 20.77 -44.90 -3.22
C ASP Q 253 20.26 -45.53 -4.52
N ILE Q 254 19.07 -45.15 -4.96
CA ILE Q 254 18.54 -45.62 -6.24
C ILE Q 254 19.45 -45.18 -7.38
N LEU Q 255 19.95 -43.95 -7.31
CA LEU Q 255 20.94 -43.41 -8.23
C LEU Q 255 22.27 -44.17 -8.18
N TYR Q 256 22.54 -44.94 -7.12
CA TYR Q 256 23.83 -45.56 -6.92
C TYR Q 256 23.85 -47.08 -7.13
N VAL Q 257 22.71 -47.76 -7.09
CA VAL Q 257 22.67 -49.21 -7.28
C VAL Q 257 22.88 -49.62 -8.75
N PHE Q 258 22.71 -48.68 -9.69
CA PHE Q 258 22.94 -48.98 -11.11
C PHE Q 258 24.34 -49.50 -11.42
N GLN Q 259 25.34 -49.20 -10.59
CA GLN Q 259 26.72 -49.57 -10.89
C GLN Q 259 27.09 -50.95 -10.34
N GLY Q 260 26.11 -51.83 -10.12
CA GLY Q 260 26.35 -53.21 -9.75
C GLY Q 260 26.36 -53.42 -8.26
N ILE Q 261 26.94 -52.46 -7.52
CA ILE Q 261 27.13 -52.63 -6.09
C ILE Q 261 25.82 -52.27 -5.39
N ASP Q 262 25.64 -52.78 -4.17
CA ASP Q 262 24.48 -52.41 -3.39
C ASP Q 262 24.52 -50.93 -2.98
N GLY Q 263 23.33 -50.41 -2.66
CA GLY Q 263 23.25 -49.16 -1.94
C GLY Q 263 23.48 -49.40 -0.45
N LYS Q 264 23.54 -48.28 0.29
CA LYS Q 264 23.71 -48.38 1.74
C LYS Q 264 22.39 -48.81 2.39
N ASN Q 265 21.25 -48.55 1.73
CA ASN Q 265 19.94 -48.97 2.20
C ASN Q 265 19.18 -49.88 1.23
N ILE Q 266 19.63 -50.03 -0.02
CA ILE Q 266 18.99 -50.92 -1.00
C ILE Q 266 20.00 -51.99 -1.39
N LYS Q 267 19.71 -53.25 -1.07
CA LYS Q 267 20.66 -54.35 -1.12
C LYS Q 267 20.17 -55.44 -2.08
N MET Q 268 21.02 -56.44 -2.32
CA MET Q 268 20.56 -57.72 -2.81
C MET Q 268 19.99 -58.49 -1.62
N ASN Q 269 18.68 -58.40 -1.43
CA ASN Q 269 18.03 -59.19 -0.39
C ASN Q 269 18.01 -60.66 -0.79
N ASN Q 270 17.78 -60.92 -2.08
CA ASN Q 270 17.96 -62.24 -2.68
C ASN Q 270 19.09 -62.16 -3.70
N THR Q 271 19.75 -63.29 -3.95
CA THR Q 271 20.99 -63.28 -4.70
C THR Q 271 20.76 -63.10 -6.21
N GLU Q 272 19.84 -63.84 -6.81
CA GLU Q 272 19.59 -63.68 -8.25
C GLU Q 272 18.43 -62.72 -8.57
N ASN Q 273 17.71 -62.22 -7.57
CA ASN Q 273 16.60 -61.28 -7.74
C ASN Q 273 17.12 -59.87 -8.08
N CYS Q 274 16.20 -58.99 -8.50
CA CYS Q 274 16.44 -57.55 -8.47
C CYS Q 274 16.56 -57.06 -7.01
N TYR Q 275 17.14 -55.86 -6.84
CA TYR Q 275 17.44 -55.37 -5.49
C TYR Q 275 16.15 -54.86 -4.82
N LYS Q 276 16.01 -55.14 -3.53
CA LYS Q 276 14.82 -54.78 -2.75
C LYS Q 276 15.18 -53.79 -1.64
N VAL Q 277 14.26 -52.89 -1.35
CA VAL Q 277 14.46 -51.80 -0.39
C VAL Q 277 14.36 -52.32 1.04
N GLU Q 278 15.46 -52.21 1.79
CA GLU Q 278 15.47 -52.52 3.21
C GLU Q 278 14.96 -51.34 4.04
N ARG Q 285 2.84 -46.83 2.23
CA ARG Q 285 3.86 -47.92 2.27
C ARG Q 285 4.57 -48.13 0.95
N SER Q 286 3.98 -47.69 -0.17
CA SER Q 286 4.50 -48.01 -1.52
C SER Q 286 5.87 -47.39 -1.83
N LEU Q 287 6.46 -46.59 -0.94
CA LEU Q 287 7.81 -46.04 -1.17
C LEU Q 287 8.79 -47.17 -1.46
N ARG Q 288 8.71 -48.27 -0.72
CA ARG Q 288 9.66 -49.38 -0.93
C ARG Q 288 9.43 -50.09 -2.27
N ASP Q 289 8.23 -50.14 -2.83
CA ASP Q 289 7.97 -50.87 -4.07
C ASP Q 289 8.57 -50.17 -5.30
N THR Q 290 8.70 -48.85 -5.28
CA THR Q 290 9.14 -48.11 -6.47
C THR Q 290 10.52 -48.52 -6.98
N ALA Q 291 11.42 -49.01 -6.12
CA ALA Q 291 12.76 -49.38 -6.58
C ALA Q 291 12.83 -50.73 -7.31
N VAL Q 292 11.90 -51.67 -7.08
CA VAL Q 292 12.08 -53.04 -7.55
C VAL Q 292 12.04 -53.13 -9.10
N ARG Q 293 11.37 -52.20 -9.76
CA ARG Q 293 11.40 -52.13 -11.23
C ARG Q 293 12.63 -51.39 -11.77
N LEU Q 294 13.23 -50.50 -10.98
CA LEU Q 294 14.45 -49.78 -11.37
C LEU Q 294 15.72 -50.62 -11.22
N SER Q 295 15.79 -51.46 -10.18
CA SER Q 295 17.01 -52.17 -9.80
C SER Q 295 17.40 -53.33 -10.72
N GLU Q 296 16.69 -53.59 -11.82
CA GLU Q 296 17.17 -54.54 -12.82
C GLU Q 296 18.54 -54.14 -13.37
N LEU Q 297 18.78 -52.84 -13.49
CA LEU Q 297 20.05 -52.32 -13.99
C LEU Q 297 21.25 -52.79 -13.15
N GLY Q 298 21.10 -52.88 -11.84
CA GLY Q 298 22.18 -53.39 -11.01
C GLY Q 298 22.55 -54.84 -11.34
N TRP Q 299 21.54 -55.71 -11.45
CA TRP Q 299 21.80 -57.08 -11.88
C TRP Q 299 22.43 -57.14 -13.26
N LEU Q 300 21.91 -56.37 -14.22
CA LEU Q 300 22.46 -56.36 -15.56
C LEU Q 300 23.94 -55.95 -15.59
N HIS Q 301 24.32 -54.91 -14.82
CA HIS Q 301 25.72 -54.50 -14.69
C HIS Q 301 26.57 -55.69 -14.24
N ASN Q 302 26.19 -56.30 -13.11
CA ASN Q 302 26.95 -57.36 -12.49
C ASN Q 302 27.10 -58.57 -13.42
N LYS Q 303 25.98 -59.01 -14.01
CA LYS Q 303 25.96 -60.17 -14.89
C LYS Q 303 26.90 -59.99 -16.07
N ILE Q 304 26.74 -58.88 -16.81
CA ILE Q 304 27.49 -58.67 -18.05
C ILE Q 304 28.95 -58.33 -17.74
N ARG Q 305 29.19 -57.55 -16.68
CA ARG Q 305 30.55 -57.22 -16.28
C ARG Q 305 31.30 -58.46 -15.82
N ARG Q 306 30.66 -59.30 -14.99
CA ARG Q 306 31.34 -60.47 -14.43
C ARG Q 306 31.65 -61.48 -15.53
N TYR Q 307 30.68 -61.74 -16.41
CA TYR Q 307 30.94 -62.62 -17.56
C TYR Q 307 32.02 -62.02 -18.45
N THR Q 308 31.99 -60.70 -18.65
CA THR Q 308 32.88 -60.05 -19.61
C THR Q 308 34.33 -60.08 -19.14
N ASP Q 309 34.60 -59.71 -17.88
CA ASP Q 309 35.98 -59.76 -17.41
C ASP Q 309 36.43 -61.21 -17.18
N GLN Q 310 35.53 -62.09 -16.71
CA GLN Q 310 35.94 -63.48 -16.49
C GLN Q 310 36.17 -64.24 -17.80
N ARG Q 311 35.60 -63.76 -18.92
CA ARG Q 311 35.94 -64.35 -20.21
C ARG Q 311 37.13 -63.66 -20.86
N SER Q 312 37.31 -62.35 -20.64
CA SER Q 312 38.41 -61.64 -21.28
C SER Q 312 39.74 -61.88 -20.58
N LEU Q 313 39.72 -62.33 -19.32
CA LEU Q 313 40.97 -62.66 -18.64
C LEU Q 313 41.58 -63.96 -19.15
N ASP Q 314 40.76 -64.84 -19.73
CA ASP Q 314 41.20 -66.15 -20.20
C ASP Q 314 42.04 -66.00 -21.47
N ARG Q 315 43.33 -66.30 -21.36
CA ARG Q 315 44.24 -66.15 -22.51
C ARG Q 315 44.00 -67.23 -23.56
N SER Q 316 43.39 -68.36 -23.18
CA SER Q 316 43.08 -69.40 -24.14
C SER Q 316 41.81 -69.11 -24.92
N PHE Q 317 41.05 -68.08 -24.52
CA PHE Q 317 39.75 -67.77 -25.13
C PHE Q 317 39.93 -67.08 -26.48
N GLY Q 318 41.10 -66.53 -26.77
CA GLY Q 318 41.44 -66.12 -28.12
C GLY Q 318 40.94 -64.75 -28.50
N LEU Q 319 41.35 -64.32 -29.70
CA LEU Q 319 40.99 -62.99 -30.19
C LEU Q 319 39.49 -62.89 -30.45
N VAL Q 320 38.89 -63.94 -31.03
CA VAL Q 320 37.44 -64.02 -31.15
C VAL Q 320 36.91 -64.41 -29.77
N GLY Q 321 36.49 -63.41 -29.00
CA GLY Q 321 36.20 -63.56 -27.60
C GLY Q 321 36.84 -62.44 -26.80
N GLN Q 322 38.11 -62.14 -27.08
CA GLN Q 322 38.74 -61.00 -26.43
C GLN Q 322 38.26 -59.69 -27.04
N SER Q 323 38.20 -59.60 -28.37
CA SER Q 323 37.65 -58.42 -29.02
C SER Q 323 36.15 -58.32 -28.77
N PHE Q 324 35.49 -59.47 -28.66
CA PHE Q 324 34.07 -59.56 -28.33
C PHE Q 324 33.81 -58.99 -26.95
N CYS Q 325 34.60 -59.41 -25.94
CA CYS Q 325 34.44 -58.84 -24.61
C CYS Q 325 34.98 -57.41 -24.51
N ALA Q 326 35.89 -57.00 -25.41
CA ALA Q 326 36.28 -55.59 -25.50
C ALA Q 326 35.11 -54.73 -25.99
N ALA Q 327 34.34 -55.25 -26.95
CA ALA Q 327 33.13 -54.58 -27.38
C ALA Q 327 32.12 -54.50 -26.22
N LEU Q 328 32.03 -55.57 -25.43
CA LEU Q 328 31.17 -55.54 -24.25
C LEU Q 328 31.65 -54.49 -23.25
N HIS Q 329 32.98 -54.33 -23.11
CA HIS Q 329 33.51 -53.28 -22.24
C HIS Q 329 33.13 -51.89 -22.74
N GLN Q 330 33.28 -51.65 -24.03
CA GLN Q 330 32.97 -50.33 -24.58
C GLN Q 330 31.48 -50.05 -24.53
N GLU Q 331 30.64 -51.06 -24.73
CA GLU Q 331 29.21 -50.85 -24.58
C GLU Q 331 28.84 -50.60 -23.12
N LEU Q 332 29.60 -51.17 -22.17
CA LEU Q 332 29.41 -50.81 -20.77
C LEU Q 332 29.84 -49.36 -20.51
N ARG Q 333 30.91 -48.90 -21.16
CA ARG Q 333 31.32 -47.50 -21.02
C ARG Q 333 30.27 -46.56 -21.61
N GLU Q 334 29.65 -46.96 -22.72
CA GLU Q 334 28.55 -46.16 -23.26
C GLU Q 334 27.32 -46.27 -22.37
N TYR Q 335 27.15 -47.39 -21.68
CA TYR Q 335 26.01 -47.56 -20.77
C TYR Q 335 26.15 -46.63 -19.55
N TYR Q 336 27.39 -46.29 -19.16
CA TYR Q 336 27.61 -45.46 -17.97
C TYR Q 336 27.22 -44.00 -18.16
N ARG Q 337 26.74 -43.59 -19.34
CA ARG Q 337 26.45 -42.19 -19.59
C ARG Q 337 25.22 -41.73 -18.82
N LEU Q 338 24.12 -42.48 -18.95
CA LEU Q 338 22.81 -42.02 -18.49
C LEU Q 338 22.66 -42.06 -16.98
N LEU Q 339 23.56 -42.73 -16.26
CA LEU Q 339 23.38 -42.86 -14.82
C LEU Q 339 23.62 -41.53 -14.11
N SER Q 340 24.46 -40.66 -14.69
CA SER Q 340 24.61 -39.29 -14.18
C SER Q 340 23.48 -38.38 -14.67
N VAL Q 341 22.82 -38.69 -15.79
CA VAL Q 341 21.65 -37.94 -16.23
C VAL Q 341 20.50 -38.14 -15.23
N LEU Q 342 20.23 -39.39 -14.88
CA LEU Q 342 19.20 -39.71 -13.89
C LEU Q 342 19.46 -38.98 -12.56
N HIS Q 343 20.75 -38.82 -12.21
CA HIS Q 343 21.19 -37.92 -11.14
C HIS Q 343 20.80 -36.46 -11.41
N SER Q 344 21.31 -35.89 -12.51
CA SER Q 344 21.24 -34.45 -12.75
C SER Q 344 19.85 -33.95 -13.12
N GLN Q 345 18.91 -34.83 -13.50
CA GLN Q 345 17.54 -34.39 -13.71
C GLN Q 345 16.78 -34.26 -12.38
N LEU Q 346 17.21 -34.97 -11.33
CA LEU Q 346 16.79 -34.64 -9.97
C LEU Q 346 17.55 -33.45 -9.39
N GLN Q 347 18.82 -33.26 -9.74
CA GLN Q 347 19.56 -32.06 -9.32
C GLN Q 347 19.06 -30.86 -10.12
N SER Q 361 7.72 -35.31 -19.32
CA SER Q 361 7.65 -35.61 -17.90
C SER Q 361 8.41 -36.91 -17.56
N LEU Q 362 9.20 -36.85 -16.48
CA LEU Q 362 10.01 -38.00 -16.04
C LEU Q 362 9.22 -39.05 -15.27
N THR Q 363 8.09 -38.66 -14.65
CA THR Q 363 7.45 -39.45 -13.60
C THR Q 363 6.55 -40.59 -14.13
N LEU Q 364 7.09 -41.37 -15.09
CA LEU Q 364 6.43 -42.59 -15.55
C LEU Q 364 6.11 -43.51 -14.36
N ARG Q 365 7.08 -43.67 -13.45
CA ARG Q 365 6.86 -43.98 -12.05
C ARG Q 365 7.89 -43.18 -11.25
N ARG Q 366 9.15 -43.63 -11.22
CA ARG Q 366 10.33 -42.80 -10.99
C ARG Q 366 11.41 -43.26 -11.95
N LEU Q 367 12.14 -42.31 -12.55
CA LEU Q 367 13.34 -42.55 -13.34
C LEU Q 367 13.18 -43.55 -14.51
N LEU Q 368 11.96 -43.99 -14.88
CA LEU Q 368 11.84 -45.15 -15.76
C LEU Q 368 12.32 -44.88 -17.21
N VAL Q 369 11.98 -43.74 -17.83
CA VAL Q 369 12.21 -43.59 -19.28
C VAL Q 369 13.70 -43.68 -19.65
N TRP Q 370 14.59 -42.99 -18.92
CA TRP Q 370 16.03 -43.09 -19.22
C TRP Q 370 16.76 -44.24 -18.49
N THR Q 371 16.06 -45.08 -17.73
CA THR Q 371 16.57 -46.41 -17.37
C THR Q 371 16.02 -47.49 -18.28
N TYR Q 372 14.86 -47.26 -18.90
CA TYR Q 372 14.32 -48.14 -19.93
C TYR Q 372 15.21 -48.14 -21.18
N ASP Q 373 15.67 -46.96 -21.62
CA ASP Q 373 16.64 -46.93 -22.71
C ASP Q 373 17.86 -47.81 -22.44
N PRO Q 374 18.56 -47.71 -21.30
CA PRO Q 374 19.58 -48.73 -20.98
C PRO Q 374 19.08 -50.16 -20.99
N LYS Q 375 17.89 -50.43 -20.44
CA LYS Q 375 17.37 -51.79 -20.40
C LYS Q 375 17.29 -52.42 -21.79
N ILE Q 376 16.95 -51.63 -22.82
CA ILE Q 376 16.94 -52.16 -24.18
C ILE Q 376 18.37 -52.48 -24.66
N ARG Q 377 19.36 -51.66 -24.27
CA ARG Q 377 20.77 -51.96 -24.56
C ARG Q 377 21.28 -53.20 -23.82
N LEU Q 378 20.77 -53.47 -22.62
CA LEU Q 378 21.31 -54.47 -21.70
C LEU Q 378 20.61 -55.82 -21.75
N LYS Q 379 19.27 -55.86 -21.84
CA LYS Q 379 18.56 -57.14 -21.77
C LYS Q 379 18.90 -58.04 -22.95
N THR Q 380 19.16 -57.47 -24.14
CA THR Q 380 19.61 -58.25 -25.28
C THR Q 380 20.91 -59.00 -24.97
N LEU Q 381 21.90 -58.33 -24.37
CA LEU Q 381 23.14 -58.99 -23.99
C LEU Q 381 22.93 -60.05 -22.92
N ALA Q 382 22.11 -59.76 -21.91
CA ALA Q 382 21.89 -60.70 -20.81
C ALA Q 382 21.29 -62.02 -21.28
N ALA Q 383 20.59 -62.05 -22.42
CA ALA Q 383 20.24 -63.29 -23.09
C ALA Q 383 21.32 -63.76 -24.07
N LEU Q 384 21.78 -62.87 -24.97
CA LEU Q 384 22.68 -63.26 -26.06
C LEU Q 384 24.06 -63.73 -25.59
N VAL Q 385 24.73 -62.98 -24.71
CA VAL Q 385 26.06 -63.42 -24.29
C VAL Q 385 25.97 -64.68 -23.43
N ASP Q 386 24.77 -64.93 -22.89
CA ASP Q 386 24.50 -66.09 -21.98
C ASP Q 386 24.23 -67.31 -22.86
N HIS Q 387 23.80 -67.14 -24.10
CA HIS Q 387 23.81 -68.16 -25.16
C HIS Q 387 25.20 -68.30 -25.80
N CYS Q 388 26.03 -67.24 -25.79
CA CYS Q 388 27.37 -67.27 -26.37
C CYS Q 388 28.47 -67.51 -25.33
N GLN Q 389 28.17 -68.21 -24.25
CA GLN Q 389 29.19 -68.56 -23.25
C GLN Q 389 30.11 -69.65 -23.78
N GLY Q 390 31.43 -69.43 -23.65
CA GLY Q 390 32.40 -70.50 -23.79
C GLY Q 390 32.94 -70.68 -25.19
N ARG Q 391 32.21 -70.23 -26.20
CA ARG Q 391 32.55 -70.46 -27.59
C ARG Q 391 33.67 -69.53 -28.01
N LYS Q 392 34.77 -70.10 -28.53
CA LYS Q 392 35.95 -69.38 -28.98
C LYS Q 392 36.18 -69.58 -30.47
N GLY Q 393 36.97 -68.67 -31.06
CA GLY Q 393 37.28 -68.74 -32.48
C GLY Q 393 36.03 -68.74 -33.34
N GLY Q 394 36.05 -69.55 -34.40
CA GLY Q 394 34.87 -69.72 -35.24
C GLY Q 394 33.66 -70.34 -34.58
N GLU Q 395 33.79 -70.91 -33.38
CA GLU Q 395 32.62 -71.44 -32.68
C GLU Q 395 31.71 -70.33 -32.16
N LEU Q 396 32.30 -69.19 -31.76
CA LEU Q 396 31.51 -67.99 -31.49
C LEU Q 396 30.87 -67.46 -32.76
N ALA Q 397 31.56 -67.58 -33.90
CA ALA Q 397 30.97 -67.16 -35.17
C ALA Q 397 29.81 -68.04 -35.60
N SER Q 398 29.84 -69.34 -35.27
CA SER Q 398 28.68 -70.18 -35.55
C SER Q 398 27.51 -69.90 -34.59
N ALA Q 399 27.78 -69.40 -33.39
CA ALA Q 399 26.70 -68.88 -32.55
C ALA Q 399 26.15 -67.59 -33.13
N VAL Q 400 27.04 -66.76 -33.68
CA VAL Q 400 26.64 -65.50 -34.30
C VAL Q 400 25.89 -65.73 -35.60
N HIS Q 401 26.12 -66.86 -36.27
CA HIS Q 401 25.19 -67.31 -37.32
C HIS Q 401 23.77 -67.53 -36.77
N ALA Q 402 23.63 -68.37 -35.74
CA ALA Q 402 22.29 -68.59 -35.17
C ALA Q 402 21.64 -67.30 -34.67
N TYR Q 403 22.42 -66.37 -34.09
CA TYR Q 403 21.88 -65.07 -33.70
C TYR Q 403 21.71 -64.07 -34.86
N THR Q 404 22.42 -64.29 -35.98
CA THR Q 404 22.18 -63.43 -37.17
C THR Q 404 20.82 -63.84 -37.75
N LYS Q 405 20.53 -65.15 -37.76
CA LYS Q 405 19.22 -65.69 -38.25
C LYS Q 405 18.10 -65.44 -37.21
N THR Q 406 18.37 -64.63 -36.19
CA THR Q 406 17.33 -64.30 -35.17
C THR Q 406 16.07 -63.76 -35.84
N GLY Q 407 14.93 -63.93 -35.18
CA GLY Q 407 13.69 -63.33 -35.71
C GLY Q 407 13.61 -61.85 -35.38
N ASP Q 408 14.41 -61.38 -34.42
CA ASP Q 408 14.23 -59.98 -34.02
C ASP Q 408 14.99 -59.01 -34.93
N PRO Q 409 14.29 -58.06 -35.62
CA PRO Q 409 14.97 -57.18 -36.59
C PRO Q 409 15.69 -55.97 -36.00
N TYR Q 410 15.21 -55.44 -34.86
CA TYR Q 410 15.86 -54.27 -34.27
C TYR Q 410 17.07 -54.69 -33.45
N MET Q 411 16.97 -55.86 -32.80
CA MET Q 411 18.09 -56.39 -32.01
C MET Q 411 19.32 -56.71 -32.88
N ARG Q 412 19.13 -57.11 -34.15
CA ARG Q 412 20.22 -57.26 -35.14
C ARG Q 412 21.07 -55.98 -35.24
N SER Q 413 20.44 -54.85 -35.55
CA SER Q 413 21.15 -53.57 -35.70
C SER Q 413 21.65 -53.05 -34.36
N LEU Q 414 20.87 -53.23 -33.29
CA LEU Q 414 21.26 -52.77 -31.96
C LEU Q 414 22.48 -53.48 -31.40
N VAL Q 415 22.72 -54.73 -31.79
CA VAL Q 415 23.89 -55.51 -31.34
C VAL Q 415 24.97 -55.64 -32.42
N GLN Q 416 24.78 -55.05 -33.61
CA GLN Q 416 25.78 -55.12 -34.67
C GLN Q 416 27.15 -54.60 -34.22
N HIS Q 417 27.18 -53.62 -33.32
CA HIS Q 417 28.43 -53.11 -32.74
C HIS Q 417 29.30 -54.20 -32.15
N ILE Q 418 28.70 -55.16 -31.47
CA ILE Q 418 29.39 -56.31 -30.88
C ILE Q 418 29.52 -57.45 -31.87
N LEU Q 419 28.46 -57.69 -32.65
CA LEU Q 419 28.46 -58.77 -33.63
C LEU Q 419 29.54 -58.57 -34.69
N SER Q 420 29.85 -57.32 -35.06
CA SER Q 420 30.99 -57.06 -35.93
C SER Q 420 32.34 -57.28 -35.23
N LEU Q 421 32.45 -56.96 -33.93
CA LEU Q 421 33.68 -57.30 -33.19
C LEU Q 421 33.75 -58.77 -32.79
N VAL Q 422 32.77 -59.58 -33.16
CA VAL Q 422 33.00 -61.02 -33.29
C VAL Q 422 33.57 -61.34 -34.66
N SER Q 423 32.99 -60.75 -35.70
CA SER Q 423 33.34 -61.12 -37.08
C SER Q 423 34.74 -60.62 -37.45
N HIS Q 424 35.15 -59.47 -36.89
CA HIS Q 424 36.45 -58.88 -37.24
C HIS Q 424 37.66 -59.69 -36.77
N PRO Q 425 37.76 -60.17 -35.53
CA PRO Q 425 38.85 -61.09 -35.21
C PRO Q 425 38.78 -62.45 -35.91
N VAL Q 426 37.62 -62.87 -36.43
CA VAL Q 426 37.61 -64.01 -37.36
C VAL Q 426 38.32 -63.63 -38.65
N LEU Q 427 37.95 -62.48 -39.22
CA LEU Q 427 38.47 -62.09 -40.53
C LEU Q 427 39.94 -61.71 -40.45
N SER Q 428 40.40 -61.22 -39.29
CA SER Q 428 41.79 -60.82 -39.14
C SER Q 428 42.74 -62.01 -39.30
N PHE Q 429 42.29 -63.22 -38.94
CA PHE Q 429 43.04 -64.44 -39.21
C PHE Q 429 42.63 -65.10 -40.52
N LEU Q 430 41.35 -64.97 -40.93
CA LEU Q 430 40.91 -65.64 -42.14
C LEU Q 430 41.48 -64.99 -43.40
N TYR Q 431 41.74 -63.68 -43.40
CA TYR Q 431 42.35 -63.06 -44.57
C TYR Q 431 43.81 -63.50 -44.72
N ARG Q 432 44.53 -63.62 -43.60
CA ARG Q 432 45.89 -64.12 -43.64
C ARG Q 432 45.93 -65.60 -44.02
N TRP Q 433 44.87 -66.36 -43.72
CA TRP Q 433 44.75 -67.71 -44.26
C TRP Q 433 44.60 -67.69 -45.79
N ILE Q 434 43.73 -66.82 -46.32
CA ILE Q 434 43.46 -66.88 -47.76
C ILE Q 434 44.61 -66.31 -48.61
N TYR Q 435 45.31 -65.24 -48.17
CA TYR Q 435 46.33 -64.71 -49.08
C TYR Q 435 47.68 -65.39 -48.90
N ASP Q 436 48.02 -65.84 -47.69
CA ASP Q 436 49.28 -66.54 -47.44
C ASP Q 436 49.12 -68.05 -47.52
N GLY Q 437 47.99 -68.56 -47.02
CA GLY Q 437 47.81 -69.97 -46.76
C GLY Q 437 48.39 -70.45 -45.45
N GLU Q 438 48.64 -69.53 -44.50
CA GLU Q 438 49.51 -69.80 -43.36
C GLU Q 438 49.28 -68.76 -42.24
N LEU Q 439 48.26 -68.93 -41.40
CA LEU Q 439 48.06 -68.07 -40.23
C LEU Q 439 48.91 -68.50 -39.05
N GLU Q 440 49.36 -67.53 -38.26
CA GLU Q 440 49.97 -67.75 -36.95
C GLU Q 440 49.09 -67.07 -35.91
N ASP Q 441 47.95 -67.69 -35.62
CA ASP Q 441 46.93 -67.09 -34.76
C ASP Q 441 47.20 -67.37 -33.28
N THR Q 442 46.26 -66.90 -32.44
CA THR Q 442 46.40 -66.88 -30.99
C THR Q 442 46.39 -68.28 -30.40
N TYR Q 443 45.25 -68.99 -30.48
CA TYR Q 443 45.24 -70.44 -30.28
C TYR Q 443 44.05 -71.05 -31.05
N HIS Q 444 44.33 -71.49 -32.28
CA HIS Q 444 43.43 -72.33 -33.07
C HIS Q 444 42.08 -71.65 -33.33
N GLU Q 445 42.15 -70.45 -33.91
CA GLU Q 445 41.01 -69.56 -34.09
C GLU Q 445 40.20 -69.91 -35.35
N PHE Q 446 40.88 -70.20 -36.44
CA PHE Q 446 40.30 -70.86 -37.60
C PHE Q 446 40.25 -72.38 -37.35
N PHE Q 447 39.55 -73.11 -38.23
CA PHE Q 447 39.21 -74.50 -37.98
C PHE Q 447 40.33 -75.52 -38.31
N VAL Q 448 41.60 -75.10 -38.50
CA VAL Q 448 42.66 -75.94 -39.07
C VAL Q 448 43.95 -75.88 -38.24
N ALA Q 449 44.83 -76.89 -38.44
CA ALA Q 449 46.17 -76.95 -37.85
C ALA Q 449 47.17 -77.67 -38.76
N SER Q 450 48.46 -77.28 -38.66
CA SER Q 450 49.55 -77.84 -39.47
C SER Q 450 49.79 -79.33 -39.22
N ASP Q 451 50.21 -80.02 -40.29
CA ASP Q 451 50.89 -81.32 -40.19
C ASP Q 451 52.17 -81.20 -39.35
N PRO Q 452 52.40 -82.10 -38.38
CA PRO Q 452 53.66 -82.05 -37.59
C PRO Q 452 54.92 -82.41 -38.35
N THR Q 453 54.83 -83.17 -39.44
CA THR Q 453 55.99 -83.46 -40.27
C THR Q 453 56.19 -82.29 -41.23
N VAL Q 454 57.17 -81.43 -40.94
CA VAL Q 454 57.38 -80.25 -41.78
C VAL Q 454 58.09 -80.66 -43.08
N LYS Q 455 59.08 -81.56 -42.97
CA LYS Q 455 59.76 -82.15 -44.13
C LYS Q 455 60.36 -81.13 -45.09
N THR Q 456 60.64 -81.58 -46.32
CA THR Q 456 61.09 -80.73 -47.42
C THR Q 456 60.11 -80.79 -48.59
N ASP Q 457 59.66 -82.00 -48.94
CA ASP Q 457 58.78 -82.23 -50.09
C ASP Q 457 57.43 -82.80 -49.66
N ARG Q 458 57.41 -83.93 -48.94
CA ARG Q 458 56.22 -84.76 -48.81
C ARG Q 458 55.24 -84.26 -47.74
N LEU Q 459 55.30 -82.98 -47.33
CA LEU Q 459 54.29 -82.39 -46.43
C LEU Q 459 53.08 -81.93 -47.26
N TRP Q 460 53.29 -81.57 -48.53
CA TRP Q 460 52.28 -80.97 -49.43
C TRP Q 460 50.91 -81.64 -49.44
N HIS Q 461 50.84 -82.93 -49.67
CA HIS Q 461 49.54 -83.60 -49.91
C HIS Q 461 48.61 -83.63 -48.69
N ASP Q 462 49.07 -83.53 -47.45
CA ASP Q 462 48.30 -83.60 -46.21
C ASP Q 462 48.58 -82.42 -45.27
N LYS Q 463 49.13 -81.32 -45.80
CA LYS Q 463 49.73 -80.24 -45.01
C LYS Q 463 48.85 -79.67 -43.88
N TYR Q 464 47.52 -79.75 -43.97
CA TYR Q 464 46.64 -79.27 -42.88
C TYR Q 464 45.58 -80.29 -42.42
N THR Q 465 45.39 -80.34 -41.09
CA THR Q 465 44.31 -81.06 -40.38
C THR Q 465 43.24 -80.06 -39.92
N LEU Q 466 42.08 -80.58 -39.47
CA LEU Q 466 40.92 -79.74 -39.19
C LEU Q 466 40.10 -80.18 -37.96
N ARG Q 467 39.42 -79.20 -37.34
CA ARG Q 467 38.46 -79.36 -36.25
C ARG Q 467 37.04 -78.98 -36.71
N LYS Q 468 36.11 -79.94 -36.61
CA LYS Q 468 34.72 -79.74 -37.06
C LYS Q 468 33.98 -78.63 -36.30
N SER Q 469 34.23 -78.51 -34.99
CA SER Q 469 33.49 -77.57 -34.13
C SER Q 469 33.85 -76.09 -34.34
N MET Q 470 35.02 -75.78 -34.87
CA MET Q 470 35.55 -74.43 -34.96
C MET Q 470 35.29 -73.73 -36.29
N ILE Q 471 34.49 -74.33 -37.18
CA ILE Q 471 34.15 -73.75 -38.48
C ILE Q 471 33.30 -72.50 -38.31
N PRO Q 472 33.78 -71.29 -38.75
CA PRO Q 472 32.97 -70.07 -38.59
C PRO Q 472 31.77 -70.05 -39.54
N SER Q 473 30.57 -70.29 -39.01
CA SER Q 473 29.43 -70.65 -39.85
C SER Q 473 28.70 -69.46 -40.48
N PHE Q 474 29.25 -68.23 -40.53
CA PHE Q 474 28.65 -67.27 -41.44
C PHE Q 474 29.13 -67.51 -42.88
N MET Q 475 29.88 -68.61 -43.05
CA MET Q 475 30.18 -69.34 -44.29
C MET Q 475 29.76 -70.82 -44.14
N THR Q 476 29.37 -71.45 -45.25
CA THR Q 476 28.75 -72.79 -45.18
C THR Q 476 29.79 -73.89 -44.88
N MET Q 477 29.24 -75.04 -44.42
CA MET Q 477 29.97 -76.29 -44.19
C MET Q 477 30.58 -76.91 -45.46
N ASP Q 478 30.19 -76.43 -46.65
CA ASP Q 478 30.84 -76.84 -47.90
C ASP Q 478 31.97 -75.88 -48.29
N GLN Q 479 31.70 -74.57 -48.22
CA GLN Q 479 32.71 -73.58 -48.54
C GLN Q 479 33.88 -73.56 -47.56
N SER Q 480 33.68 -74.00 -46.31
CA SER Q 480 34.79 -74.18 -45.39
C SER Q 480 35.86 -75.12 -45.94
N ARG Q 481 35.46 -76.23 -46.55
CA ARG Q 481 36.43 -77.09 -47.23
C ARG Q 481 37.07 -76.40 -48.44
N LYS Q 482 36.31 -75.60 -49.19
CA LYS Q 482 36.92 -74.88 -50.31
C LYS Q 482 38.04 -73.94 -49.85
N VAL Q 483 37.80 -73.16 -48.78
CA VAL Q 483 38.87 -72.30 -48.27
C VAL Q 483 39.99 -73.08 -47.57
N LEU Q 484 39.71 -74.26 -47.00
CA LEU Q 484 40.82 -75.13 -46.57
C LEU Q 484 41.68 -75.55 -47.76
N LEU Q 485 41.05 -75.98 -48.85
CA LEU Q 485 41.80 -76.37 -50.05
C LEU Q 485 42.61 -75.19 -50.62
N ILE Q 486 42.03 -73.98 -50.66
CA ILE Q 486 42.79 -72.79 -51.05
C ILE Q 486 44.05 -72.63 -50.18
N GLY Q 487 43.89 -72.70 -48.84
CA GLY Q 487 45.04 -72.51 -47.97
C GLY Q 487 46.10 -73.60 -48.09
N LYS Q 488 45.68 -74.86 -48.14
CA LYS Q 488 46.63 -75.97 -48.31
C LYS Q 488 47.44 -75.81 -49.60
N SER Q 489 46.76 -75.48 -50.69
CA SER Q 489 47.37 -75.48 -52.01
C SER Q 489 48.22 -74.25 -52.33
N ILE Q 490 47.84 -73.07 -51.84
CA ILE Q 490 48.53 -71.85 -52.27
C ILE Q 490 49.82 -71.61 -51.48
N ASN Q 491 49.96 -72.23 -50.31
CA ASN Q 491 51.10 -71.89 -49.44
C ASN Q 491 52.43 -72.44 -49.98
N PHE Q 492 52.41 -73.50 -50.79
CA PHE Q 492 53.65 -74.03 -51.37
C PHE Q 492 54.31 -73.02 -52.31
N LEU Q 493 53.51 -72.12 -52.91
CA LEU Q 493 54.05 -71.02 -53.71
C LEU Q 493 54.92 -70.06 -52.90
N HIS Q 494 54.59 -69.85 -51.63
CA HIS Q 494 55.40 -68.98 -50.77
C HIS Q 494 56.42 -69.77 -49.96
N GLN Q 495 56.14 -71.05 -49.67
CA GLN Q 495 57.00 -71.83 -48.78
C GLN Q 495 58.20 -72.42 -49.51
N VAL Q 496 57.98 -73.10 -50.64
CA VAL Q 496 59.02 -73.96 -51.23
C VAL Q 496 59.41 -73.40 -52.60
N CYS Q 497 58.46 -72.75 -53.28
CA CYS Q 497 58.68 -72.35 -54.68
C CYS Q 497 59.65 -71.18 -54.80
N HIS Q 498 59.74 -70.35 -53.76
CA HIS Q 498 60.82 -69.40 -53.54
C HIS Q 498 60.93 -68.30 -54.60
N ASP Q 525 24.92 -64.73 -43.42
CA ASP Q 525 26.35 -64.48 -43.63
C ASP Q 525 26.86 -63.21 -42.92
N LEU Q 526 28.19 -63.02 -42.88
CA LEU Q 526 28.83 -61.84 -42.31
C LEU Q 526 28.52 -60.63 -43.18
N GLU Q 527 27.55 -59.83 -42.73
CA GLU Q 527 27.07 -58.62 -43.39
C GLU Q 527 26.43 -58.91 -44.74
N ASN Q 528 26.02 -60.18 -44.98
CA ASN Q 528 25.50 -60.68 -46.25
C ASN Q 528 26.42 -60.35 -47.45
N ALA Q 529 27.73 -60.50 -47.24
CA ALA Q 529 28.70 -60.14 -48.31
C ALA Q 529 29.32 -61.38 -48.95
N PHE Q 530 28.84 -62.58 -48.60
CA PHE Q 530 29.41 -63.85 -49.10
C PHE Q 530 28.87 -64.21 -50.50
N GLN Q 531 29.17 -65.43 -50.97
CA GLN Q 531 28.70 -65.92 -52.32
C GLN Q 531 29.33 -65.07 -53.44
N GLY Q 532 30.62 -64.77 -53.32
CA GLY Q 532 31.32 -63.97 -54.32
C GLY Q 532 32.77 -64.39 -54.55
N LYS Q 533 33.71 -63.50 -54.20
CA LYS Q 533 35.11 -63.60 -54.60
C LYS Q 533 35.83 -64.69 -53.81
N ILE Q 534 35.23 -65.12 -52.70
CA ILE Q 534 35.76 -66.15 -51.80
C ILE Q 534 35.93 -67.49 -52.50
N ASP Q 535 34.97 -67.86 -53.36
CA ASP Q 535 35.11 -69.05 -54.20
C ASP Q 535 36.15 -68.85 -55.30
N ALA Q 536 36.32 -67.61 -55.75
CA ALA Q 536 37.05 -67.27 -56.96
C ALA Q 536 38.52 -66.92 -56.70
N ALA Q 537 38.94 -66.88 -55.43
CA ALA Q 537 40.33 -66.58 -55.09
C ALA Q 537 41.28 -67.70 -55.51
N TYR Q 538 40.77 -68.92 -55.74
CA TYR Q 538 41.56 -70.06 -56.21
C TYR Q 538 42.17 -69.83 -57.60
N PHE Q 539 41.76 -68.78 -58.31
CA PHE Q 539 42.45 -68.35 -59.53
C PHE Q 539 43.95 -68.15 -59.31
N GLU Q 540 44.33 -67.60 -58.15
CA GLU Q 540 45.75 -67.42 -57.85
C GLU Q 540 46.50 -68.74 -57.70
N THR Q 541 45.84 -69.80 -57.21
CA THR Q 541 46.45 -71.13 -57.25
C THR Q 541 46.44 -71.68 -58.68
N SER Q 542 45.32 -71.51 -59.37
CA SER Q 542 44.96 -72.24 -60.59
C SER Q 542 46.04 -72.29 -61.68
N LYS Q 543 46.90 -71.29 -61.79
CA LYS Q 543 47.98 -71.30 -62.78
C LYS Q 543 49.35 -70.87 -62.27
N TYR Q 544 49.44 -69.98 -61.28
CA TYR Q 544 50.74 -69.40 -60.91
C TYR Q 544 51.68 -70.47 -60.37
N LEU Q 545 51.15 -71.43 -59.60
CA LEU Q 545 51.97 -72.49 -59.04
C LEU Q 545 52.52 -73.43 -60.11
N LEU Q 546 51.68 -73.80 -61.08
CA LEU Q 546 52.08 -74.73 -62.14
C LEU Q 546 53.17 -74.20 -63.08
N ASP Q 547 53.47 -72.91 -63.08
CA ASP Q 547 54.61 -72.44 -63.87
C ASP Q 547 55.93 -72.75 -63.17
N VAL Q 548 56.02 -72.46 -61.87
CA VAL Q 548 57.27 -72.67 -61.15
C VAL Q 548 57.50 -74.14 -60.87
N LEU Q 549 56.43 -74.90 -60.57
CA LEU Q 549 56.54 -76.34 -60.32
C LEU Q 549 56.54 -77.17 -61.61
N ASN Q 550 56.48 -76.54 -62.80
CA ASN Q 550 56.78 -77.22 -64.06
C ASN Q 550 58.10 -76.80 -64.69
N LYS Q 551 58.53 -75.54 -64.56
CA LYS Q 551 59.68 -75.03 -65.31
C LYS Q 551 60.89 -74.76 -64.43
N LYS Q 552 60.71 -74.02 -63.32
CA LYS Q 552 61.83 -73.72 -62.44
C LYS Q 552 62.22 -74.97 -61.65
N TYR Q 553 61.25 -75.56 -60.96
CA TYR Q 553 61.35 -76.93 -60.50
C TYR Q 553 60.71 -77.79 -61.58
N SER Q 554 61.50 -78.65 -62.21
CA SER Q 554 61.10 -79.28 -63.47
C SER Q 554 60.04 -80.37 -63.32
N LEU Q 555 58.93 -80.19 -64.04
CA LEU Q 555 57.97 -81.25 -64.31
C LEU Q 555 57.50 -81.26 -65.76
N LEU Q 556 57.56 -80.15 -66.49
CA LEU Q 556 57.39 -80.20 -67.95
C LEU Q 556 58.54 -80.96 -68.59
N ASP Q 557 59.77 -80.71 -68.12
CA ASP Q 557 60.93 -81.52 -68.50
C ASP Q 557 60.77 -82.98 -68.10
N HIS Q 558 60.38 -83.22 -66.85
CA HIS Q 558 60.32 -84.59 -66.35
C HIS Q 558 59.17 -85.37 -66.97
N MET Q 559 58.00 -84.75 -67.17
CA MET Q 559 56.92 -85.48 -67.83
C MET Q 559 57.20 -85.75 -69.31
N GLN Q 560 57.87 -84.83 -70.00
CA GLN Q 560 58.41 -85.15 -71.30
C GLN Q 560 59.37 -86.34 -71.25
N ALA Q 561 60.25 -86.37 -70.25
CA ALA Q 561 61.14 -87.51 -70.06
C ALA Q 561 60.41 -88.80 -69.69
N MET Q 562 59.31 -88.75 -68.94
CA MET Q 562 58.52 -89.96 -68.69
C MET Q 562 57.91 -90.54 -69.97
N ARG Q 563 57.19 -89.71 -70.74
CA ARG Q 563 56.58 -90.21 -71.96
C ARG Q 563 57.62 -90.66 -72.99
N ARG Q 564 58.74 -89.92 -73.12
CA ARG Q 564 59.74 -90.34 -74.09
C ARG Q 564 60.59 -91.53 -73.61
N TYR Q 565 61.02 -91.57 -72.35
CA TYR Q 565 61.97 -92.58 -71.89
C TYR Q 565 61.38 -93.53 -70.85
N LEU Q 566 61.03 -93.07 -69.63
CA LEU Q 566 60.69 -94.01 -68.56
C LEU Q 566 59.50 -94.91 -68.90
N LEU Q 567 58.46 -94.36 -69.55
CA LEU Q 567 57.27 -95.16 -69.91
C LEU Q 567 57.54 -96.17 -71.10
N LEU Q 568 58.81 -96.33 -71.50
CA LEU Q 568 59.22 -96.92 -72.78
C LEU Q 568 58.54 -96.24 -73.96
N GLY Q 569 57.95 -95.06 -73.76
CA GLY Q 569 56.91 -94.54 -74.61
C GLY Q 569 57.38 -93.83 -75.87
N GLN Q 570 58.69 -93.88 -76.19
CA GLN Q 570 59.19 -93.61 -77.53
C GLN Q 570 59.86 -94.79 -78.19
N GLY Q 571 60.35 -95.78 -77.42
CA GLY Q 571 60.95 -97.01 -77.93
C GLY Q 571 62.32 -96.91 -78.55
N ASP Q 572 62.64 -95.75 -79.15
CA ASP Q 572 63.91 -95.52 -79.83
C ASP Q 572 65.11 -95.65 -78.89
N PHE Q 573 65.19 -94.74 -77.89
CA PHE Q 573 66.30 -94.76 -76.94
C PHE Q 573 66.37 -96.08 -76.21
N ILE Q 574 65.21 -96.64 -75.88
CA ILE Q 574 65.17 -97.91 -75.20
C ILE Q 574 65.91 -98.97 -76.03
N ARG Q 575 65.46 -99.19 -77.27
CA ARG Q 575 66.14 -100.19 -78.14
C ARG Q 575 67.60 -99.84 -78.41
N HIS Q 576 67.94 -98.57 -78.54
CA HIS Q 576 69.34 -98.25 -78.79
C HIS Q 576 70.25 -98.66 -77.64
N LEU Q 577 69.87 -98.38 -76.39
CA LEU Q 577 70.70 -98.88 -75.30
C LEU Q 577 70.77 -100.41 -75.34
N MET Q 578 69.60 -101.06 -75.42
CA MET Q 578 69.58 -102.52 -75.41
C MET Q 578 70.43 -103.11 -76.54
N ASP Q 579 70.50 -102.43 -77.71
CA ASP Q 579 71.32 -102.89 -78.82
C ASP Q 579 72.78 -102.43 -78.79
N LEU Q 580 73.12 -101.34 -78.09
CA LEU Q 580 74.53 -101.16 -77.75
C LEU Q 580 75.00 -102.30 -76.83
N LEU Q 581 74.09 -102.86 -76.04
CA LEU Q 581 74.43 -103.86 -75.04
C LEU Q 581 73.81 -105.25 -75.28
N LYS Q 582 73.41 -105.58 -76.52
CA LYS Q 582 73.05 -106.96 -76.83
C LYS Q 582 74.16 -107.95 -76.47
N PRO Q 583 75.43 -107.69 -76.77
CA PRO Q 583 76.52 -108.57 -76.29
C PRO Q 583 76.65 -108.71 -74.78
N GLU Q 584 76.12 -107.79 -73.97
CA GLU Q 584 76.48 -107.73 -72.57
C GLU Q 584 75.27 -107.57 -71.63
N LEU Q 585 74.06 -107.87 -72.13
CA LEU Q 585 72.88 -108.06 -71.28
C LEU Q 585 72.34 -109.49 -71.33
N VAL Q 586 72.49 -110.20 -72.45
CA VAL Q 586 72.18 -111.63 -72.50
C VAL Q 586 73.27 -112.42 -71.80
N ARG Q 587 74.51 -112.13 -72.15
CA ARG Q 587 75.64 -112.32 -71.24
C ARG Q 587 75.41 -111.42 -70.03
N PRO Q 588 75.54 -111.93 -68.80
CA PRO Q 588 74.88 -111.27 -67.67
C PRO Q 588 75.27 -109.80 -67.47
N ALA Q 589 74.28 -109.03 -67.02
CA ALA Q 589 74.40 -107.59 -66.79
C ALA Q 589 75.42 -107.25 -65.69
N THR Q 590 75.87 -108.25 -64.93
CA THR Q 590 77.01 -108.06 -64.03
C THR Q 590 78.27 -107.62 -64.75
N THR Q 591 78.29 -107.78 -66.08
CA THR Q 591 79.45 -107.29 -66.88
C THR Q 591 79.42 -105.76 -67.00
N LEU Q 592 78.31 -105.13 -66.58
CA LEU Q 592 78.18 -103.64 -66.65
C LEU Q 592 78.00 -103.08 -65.23
N TYR Q 593 78.85 -102.15 -64.82
CA TYR Q 593 78.77 -101.61 -63.43
C TYR Q 593 78.80 -100.08 -63.43
N GLN Q 594 79.19 -99.46 -62.30
CA GLN Q 594 79.12 -97.97 -62.21
C GLN Q 594 79.99 -97.31 -63.28
N HIS Q 595 81.06 -97.97 -63.71
CA HIS Q 595 81.91 -97.40 -64.79
C HIS Q 595 81.38 -97.86 -66.15
N ASN Q 596 80.14 -98.35 -66.19
CA ASN Q 596 79.51 -98.76 -67.43
C ASN Q 596 78.06 -98.26 -67.55
N LEU Q 597 77.19 -98.72 -66.63
CA LEU Q 597 75.74 -98.55 -66.77
C LEU Q 597 75.34 -97.08 -66.93
N THR Q 598 75.64 -96.26 -65.93
CA THR Q 598 75.26 -94.85 -65.93
C THR Q 598 75.97 -94.10 -67.05
N GLY Q 599 77.18 -94.53 -67.41
CA GLY Q 599 77.91 -93.92 -68.52
C GLY Q 599 77.30 -94.21 -69.88
N ILE Q 600 76.94 -95.47 -70.13
CA ILE Q 600 76.48 -95.86 -71.46
C ILE Q 600 75.01 -95.51 -71.67
N LEU Q 601 74.23 -95.38 -70.60
CA LEU Q 601 72.90 -94.77 -70.71
C LEU Q 601 72.98 -93.36 -71.28
N GLU Q 602 73.71 -92.48 -70.62
CA GLU Q 602 73.77 -91.08 -71.04
C GLU Q 602 74.38 -90.94 -72.43
N THR Q 603 75.33 -91.82 -72.77
CA THR Q 603 75.89 -91.86 -74.12
C THR Q 603 74.84 -92.29 -75.13
N ALA Q 604 74.04 -93.30 -74.80
CA ALA Q 604 73.00 -93.78 -75.71
C ALA Q 604 72.00 -92.67 -76.05
N VAL Q 605 71.63 -91.84 -75.07
CA VAL Q 605 70.74 -90.71 -75.33
C VAL Q 605 71.38 -89.67 -76.27
N ARG Q 606 72.71 -89.57 -76.28
CA ARG Q 606 73.39 -88.68 -77.24
C ARG Q 606 73.48 -89.29 -78.63
N ALA Q 607 73.68 -90.61 -78.70
CA ALA Q 607 74.02 -91.29 -79.94
C ALA Q 607 72.80 -91.67 -80.79
N THR Q 608 71.63 -91.87 -80.17
CA THR Q 608 70.37 -92.04 -80.88
C THR Q 608 69.62 -90.71 -81.04
N ASN Q 609 68.49 -90.78 -81.78
CA ASN Q 609 67.63 -89.61 -82.01
C ASN Q 609 67.09 -88.97 -80.73
N ALA Q 610 67.17 -89.63 -79.58
CA ALA Q 610 66.92 -88.97 -78.29
C ALA Q 610 67.84 -87.76 -78.03
N GLN Q 611 68.87 -87.54 -78.86
CA GLN Q 611 69.60 -86.28 -78.86
C GLN Q 611 68.72 -85.06 -79.21
N PHE Q 612 67.56 -85.25 -79.84
CA PHE Q 612 66.55 -84.17 -80.00
C PHE Q 612 65.72 -83.93 -78.72
N ASP Q 613 66.42 -83.47 -77.66
CA ASP Q 613 65.84 -83.13 -76.35
C ASP Q 613 66.88 -82.28 -75.62
N SER Q 614 66.50 -81.65 -74.48
CA SER Q 614 67.46 -80.75 -73.78
C SER Q 614 68.51 -81.53 -72.98
N PRO Q 615 69.80 -81.33 -73.27
CA PRO Q 615 70.91 -82.03 -72.56
C PRO Q 615 70.88 -81.99 -71.03
N GLU Q 616 70.38 -80.93 -70.41
CA GLU Q 616 70.33 -80.85 -68.94
C GLU Q 616 69.31 -81.84 -68.37
N ILE Q 617 68.31 -82.23 -69.17
CA ILE Q 617 67.19 -83.06 -68.72
C ILE Q 617 67.56 -84.54 -68.80
N LEU Q 618 68.33 -84.90 -69.83
CA LEU Q 618 68.81 -86.27 -70.05
C LEU Q 618 69.53 -86.82 -68.82
N ARG Q 619 70.08 -85.93 -68.00
CA ARG Q 619 70.98 -86.28 -66.90
C ARG Q 619 70.35 -87.18 -65.85
N ARG Q 620 69.04 -87.05 -65.62
CA ARG Q 620 68.37 -87.77 -64.54
C ARG Q 620 67.85 -89.13 -64.97
N LEU Q 621 68.20 -89.54 -66.19
CA LEU Q 621 67.81 -90.88 -66.67
C LEU Q 621 68.88 -91.89 -66.26
N ASP Q 622 68.59 -92.73 -65.26
CA ASP Q 622 69.60 -93.69 -64.72
C ASP Q 622 68.97 -95.08 -64.54
N VAL Q 623 69.34 -95.80 -63.47
CA VAL Q 623 68.84 -97.20 -63.30
C VAL Q 623 68.26 -97.44 -61.91
N ARG Q 624 67.45 -98.49 -61.76
CA ARG Q 624 66.89 -98.87 -60.45
C ARG Q 624 66.79 -100.40 -60.41
N LEU Q 625 67.84 -101.06 -59.89
CA LEU Q 625 67.86 -102.51 -59.96
C LEU Q 625 66.85 -103.14 -58.99
N LEU Q 626 66.53 -104.42 -59.23
CA LEU Q 626 65.55 -105.14 -58.43
C LEU Q 626 66.08 -105.37 -57.00
N GLU Q 627 65.14 -105.51 -56.06
CA GLU Q 627 65.42 -105.21 -54.66
C GLU Q 627 66.38 -106.22 -54.04
N VAL Q 628 66.04 -107.51 -54.07
CA VAL Q 628 67.02 -108.58 -53.84
C VAL Q 628 66.90 -109.54 -55.03
N SER Q 629 67.89 -109.49 -55.93
CA SER Q 629 67.91 -110.37 -57.11
C SER Q 629 69.35 -110.56 -57.58
N PRO Q 630 70.03 -111.61 -57.12
CA PRO Q 630 71.39 -111.87 -57.60
C PRO Q 630 71.46 -112.40 -59.04
N GLY Q 631 70.36 -112.90 -59.60
CA GLY Q 631 70.36 -113.38 -60.98
C GLY Q 631 70.27 -112.26 -61.99
N ASP Q 632 71.37 -111.52 -62.13
CA ASP Q 632 71.38 -110.23 -62.84
C ASP Q 632 71.78 -110.41 -64.31
N THR Q 633 70.82 -110.89 -65.10
CA THR Q 633 71.02 -110.88 -66.57
C THR Q 633 70.26 -109.63 -67.01
N GLY Q 634 70.45 -109.15 -68.23
CA GLY Q 634 69.85 -107.85 -68.62
C GLY Q 634 68.35 -107.91 -68.81
N TRP Q 635 67.68 -108.89 -68.20
CA TRP Q 635 66.24 -109.12 -68.47
C TRP Q 635 65.47 -109.28 -67.16
N ASP Q 636 65.76 -110.34 -66.38
CA ASP Q 636 65.13 -110.42 -65.07
C ASP Q 636 65.24 -109.09 -64.31
N VAL Q 637 66.43 -108.45 -64.31
CA VAL Q 637 66.75 -107.40 -63.35
C VAL Q 637 67.22 -106.12 -64.07
N PHE Q 638 66.30 -105.28 -64.57
CA PHE Q 638 66.72 -104.06 -65.26
C PHE Q 638 65.60 -103.00 -65.28
N SER Q 639 65.98 -101.72 -65.18
CA SER Q 639 65.05 -100.60 -65.36
C SER Q 639 65.81 -99.32 -65.64
N LEU Q 640 65.47 -98.67 -66.76
CA LEU Q 640 66.10 -97.41 -67.18
C LEU Q 640 65.33 -96.24 -66.54
N ASP Q 641 65.50 -96.16 -65.22
CA ASP Q 641 64.79 -95.26 -64.32
C ASP Q 641 65.02 -93.78 -64.65
N TYR Q 642 64.16 -92.91 -64.10
CA TYR Q 642 64.31 -91.45 -64.19
C TYR Q 642 64.12 -90.82 -62.81
N HIS Q 643 65.22 -90.44 -62.15
CA HIS Q 643 65.22 -90.13 -60.72
C HIS Q 643 65.11 -88.63 -60.42
N VAL Q 644 64.27 -88.31 -59.43
CA VAL Q 644 63.76 -86.96 -59.14
C VAL Q 644 64.12 -86.56 -57.71
N ASP Q 645 64.82 -85.41 -57.55
CA ASP Q 645 65.06 -84.79 -56.25
C ASP Q 645 64.49 -83.38 -56.21
N GLY Q 646 63.98 -82.98 -55.04
CA GLY Q 646 63.24 -81.74 -54.88
C GLY Q 646 61.72 -81.91 -54.89
N PRO Q 647 61.01 -80.80 -55.05
CA PRO Q 647 59.54 -80.79 -54.85
C PRO Q 647 58.79 -81.86 -55.61
N ILE Q 648 59.20 -82.14 -56.85
CA ILE Q 648 58.50 -83.06 -57.74
C ILE Q 648 58.55 -84.50 -57.25
N ALA Q 649 59.36 -84.81 -56.23
CA ALA Q 649 59.31 -86.12 -55.59
C ALA Q 649 57.95 -86.40 -54.96
N THR Q 650 57.12 -85.36 -54.75
CA THR Q 650 55.73 -85.56 -54.36
C THR Q 650 54.88 -86.18 -55.47
N VAL Q 651 55.23 -85.91 -56.74
CA VAL Q 651 54.60 -86.61 -57.87
C VAL Q 651 55.12 -88.03 -57.97
N PHE Q 652 56.44 -88.19 -57.86
CA PHE Q 652 57.12 -89.47 -58.02
C PHE Q 652 57.62 -89.99 -56.67
N THR Q 653 56.71 -90.20 -55.72
CA THR Q 653 57.05 -90.72 -54.40
C THR Q 653 57.40 -92.22 -54.46
N ARG Q 654 57.65 -92.78 -53.27
CA ARG Q 654 58.17 -94.14 -53.11
C ARG Q 654 57.19 -95.18 -53.66
N GLU Q 655 55.91 -95.03 -53.34
CA GLU Q 655 54.89 -95.91 -53.91
C GLU Q 655 54.73 -95.67 -55.40
N CYS Q 656 54.85 -94.41 -55.84
CA CYS Q 656 54.80 -94.10 -57.26
C CYS Q 656 56.00 -94.63 -58.04
N MET Q 657 57.21 -94.63 -57.47
CA MET Q 657 58.31 -95.25 -58.17
C MET Q 657 58.28 -96.78 -58.11
N SER Q 658 57.60 -97.36 -57.12
CA SER Q 658 57.30 -98.79 -57.19
C SER Q 658 56.30 -99.05 -58.31
N HIS Q 659 55.31 -98.17 -58.49
CA HIS Q 659 54.35 -98.32 -59.57
C HIS Q 659 54.99 -98.12 -60.95
N TYR Q 660 55.87 -97.13 -61.11
CA TYR Q 660 56.56 -97.00 -62.40
C TYR Q 660 57.57 -98.13 -62.63
N LEU Q 661 58.22 -98.62 -61.57
CA LEU Q 661 59.01 -99.85 -61.70
C LEU Q 661 58.16 -101.03 -62.18
N ARG Q 662 56.91 -101.13 -61.74
CA ARG Q 662 56.05 -102.21 -62.23
C ARG Q 662 55.60 -101.97 -63.68
N VAL Q 663 55.32 -100.72 -64.03
CA VAL Q 663 55.03 -100.40 -65.44
C VAL Q 663 56.26 -100.70 -66.30
N PHE Q 664 57.43 -100.24 -65.86
CA PHE Q 664 58.66 -100.59 -66.57
C PHE Q 664 58.86 -102.10 -66.67
N ASN Q 665 58.63 -102.85 -65.59
CA ASN Q 665 58.81 -104.30 -65.64
C ASN Q 665 57.86 -104.99 -66.64
N PHE Q 666 56.57 -104.63 -66.64
CA PHE Q 666 55.63 -105.26 -67.58
C PHE Q 666 55.98 -104.92 -69.02
N LEU Q 667 56.32 -103.66 -69.29
CA LEU Q 667 56.67 -103.24 -70.64
C LEU Q 667 58.05 -103.74 -71.08
N TRP Q 668 59.02 -103.82 -70.15
CA TRP Q 668 60.32 -104.44 -70.46
C TRP Q 668 60.21 -105.96 -70.62
N ARG Q 669 59.30 -106.61 -69.89
CA ARG Q 669 59.10 -108.04 -70.08
C ARG Q 669 58.31 -108.32 -71.36
N ALA Q 670 57.38 -107.45 -71.73
CA ALA Q 670 56.80 -107.49 -73.08
C ALA Q 670 57.85 -107.18 -74.15
N LYS Q 671 58.77 -106.24 -73.88
CA LYS Q 671 59.92 -106.04 -74.77
C LYS Q 671 60.82 -107.28 -74.81
N ARG Q 672 60.96 -107.98 -73.68
CA ARG Q 672 61.72 -109.24 -73.69
C ARG Q 672 60.97 -110.33 -74.47
N MET Q 673 59.63 -110.33 -74.45
CA MET Q 673 58.87 -111.15 -75.39
C MET Q 673 59.10 -110.76 -76.85
N GLU Q 674 59.16 -109.46 -77.16
CA GLU Q 674 59.52 -109.07 -78.53
C GLU Q 674 60.90 -109.59 -78.89
N TYR Q 675 61.91 -109.24 -78.09
CA TYR Q 675 63.27 -109.69 -78.35
C TYR Q 675 63.37 -111.21 -78.45
N ILE Q 676 62.81 -111.95 -77.49
CA ILE Q 676 62.88 -113.42 -77.53
C ILE Q 676 62.07 -113.99 -78.71
N LEU Q 677 60.79 -113.63 -78.82
CA LEU Q 677 59.97 -114.28 -79.83
C LEU Q 677 60.42 -113.95 -81.25
N THR Q 678 61.00 -112.77 -81.46
CA THR Q 678 61.57 -112.41 -82.76
C THR Q 678 63.01 -112.87 -82.92
N ASP Q 679 63.83 -112.98 -81.88
CA ASP Q 679 65.08 -113.74 -82.00
C ASP Q 679 64.81 -115.21 -82.28
N ILE Q 680 63.77 -115.76 -81.65
CA ILE Q 680 63.28 -117.09 -82.01
C ILE Q 680 62.97 -117.17 -83.51
N ARG Q 681 62.13 -116.27 -84.03
CA ARG Q 681 61.92 -116.29 -85.49
C ARG Q 681 63.15 -115.87 -86.29
N LYS Q 682 64.18 -115.25 -85.73
CA LYS Q 682 65.44 -115.01 -86.47
C LYS Q 682 66.19 -116.31 -86.69
N GLY Q 683 66.13 -117.26 -85.74
CA GLY Q 683 66.57 -118.62 -86.04
C GLY Q 683 65.69 -119.33 -87.06
N HIS Q 684 64.37 -119.18 -86.94
CA HIS Q 684 63.48 -119.67 -87.99
C HIS Q 684 63.78 -119.02 -89.33
N MET Q 685 64.12 -117.74 -89.39
CA MET Q 685 64.42 -117.03 -90.63
C MET Q 685 65.78 -117.44 -91.15
N CYS Q 686 66.75 -117.83 -90.31
CA CYS Q 686 67.93 -118.57 -90.76
C CYS Q 686 67.50 -119.86 -91.49
N ASN Q 687 66.51 -120.59 -90.94
CA ASN Q 687 65.79 -121.67 -91.61
C ASN Q 687 64.85 -121.22 -92.73
N ALA Q 688 65.12 -120.02 -93.30
CA ALA Q 688 64.49 -119.61 -94.55
C ALA Q 688 65.39 -118.63 -95.32
N LYS Q 689 66.68 -118.55 -94.96
CA LYS Q 689 67.65 -117.56 -95.46
C LYS Q 689 68.97 -118.22 -95.84
N LEU Q 690 69.53 -119.00 -94.92
CA LEU Q 690 70.55 -120.00 -95.20
C LEU Q 690 69.91 -121.22 -95.89
N LEU Q 691 68.60 -121.44 -95.69
CA LEU Q 691 67.94 -122.72 -95.94
C LEU Q 691 67.46 -122.94 -97.37
N ARG Q 692 68.39 -122.75 -98.32
CA ARG Q 692 68.03 -122.88 -99.76
C ARG Q 692 68.68 -124.12 -100.38
N ASN Q 693 68.82 -125.22 -99.63
CA ASN Q 693 69.33 -126.47 -100.24
C ASN Q 693 68.27 -127.58 -100.10
N MET Q 694 67.80 -127.83 -98.89
CA MET Q 694 66.83 -128.94 -98.71
C MET Q 694 65.40 -128.43 -98.89
N PRO Q 695 64.55 -129.06 -99.73
CA PRO Q 695 63.14 -128.64 -99.85
C PRO Q 695 62.32 -128.83 -98.59
N GLU Q 696 62.50 -129.91 -97.84
CA GLU Q 696 61.46 -130.39 -96.95
C GLU Q 696 61.58 -129.84 -95.53
N PHE Q 697 62.37 -128.79 -95.31
CA PHE Q 697 62.57 -128.31 -93.94
C PHE Q 697 61.42 -127.45 -93.43
N SER Q 698 60.50 -126.97 -94.28
CA SER Q 698 59.20 -126.57 -93.75
C SER Q 698 58.49 -127.79 -93.18
N GLY Q 699 58.55 -128.93 -93.89
CA GLY Q 699 57.96 -130.16 -93.42
C GLY Q 699 58.49 -130.69 -92.10
N VAL Q 700 59.72 -130.33 -91.71
CA VAL Q 700 60.15 -130.61 -90.33
C VAL Q 700 59.77 -129.47 -89.38
N LEU Q 701 60.07 -128.23 -89.73
CA LEU Q 701 60.04 -127.17 -88.72
C LEU Q 701 58.64 -126.53 -88.56
N HIS Q 702 57.62 -127.00 -89.30
CA HIS Q 702 56.28 -126.42 -89.25
C HIS Q 702 55.66 -126.39 -87.85
N GLN Q 703 55.85 -127.45 -87.06
CA GLN Q 703 55.25 -127.47 -85.73
C GLN Q 703 55.86 -126.42 -84.81
N CYS Q 704 57.07 -125.96 -85.11
CA CYS Q 704 57.68 -124.85 -84.39
C CYS Q 704 57.40 -123.50 -85.09
N HIS Q 705 57.35 -123.49 -86.44
CA HIS Q 705 56.97 -122.26 -87.16
C HIS Q 705 55.57 -121.78 -86.77
N ILE Q 706 54.60 -122.70 -86.61
CA ILE Q 706 53.24 -122.32 -86.22
C ILE Q 706 53.12 -122.05 -84.73
N LEU Q 707 53.92 -122.69 -83.89
CA LEU Q 707 54.08 -122.19 -82.52
C LEU Q 707 54.55 -120.74 -82.54
N ALA Q 708 55.52 -120.44 -83.41
CA ALA Q 708 55.95 -119.02 -83.54
C ALA Q 708 54.76 -118.17 -84.03
N SER Q 709 53.86 -118.77 -84.82
CA SER Q 709 52.63 -118.02 -85.22
C SER Q 709 51.76 -117.78 -83.99
N GLU Q 710 51.68 -118.77 -83.10
CA GLU Q 710 50.92 -118.61 -81.84
C GLU Q 710 51.73 -117.73 -80.89
N MET Q 711 52.81 -117.08 -81.37
CA MET Q 711 53.65 -116.18 -80.54
C MET Q 711 53.88 -114.82 -81.23
N VAL Q 712 54.74 -114.72 -82.25
CA VAL Q 712 55.04 -113.37 -82.85
C VAL Q 712 53.81 -112.82 -83.58
N HIS Q 713 53.12 -113.65 -84.37
CA HIS Q 713 51.96 -113.16 -85.11
C HIS Q 713 50.84 -112.81 -84.12
N PHE Q 714 50.62 -113.68 -83.14
CA PHE Q 714 49.75 -113.42 -81.99
C PHE Q 714 50.13 -112.13 -81.26
N ILE Q 715 51.42 -111.94 -80.94
CA ILE Q 715 51.85 -110.71 -80.25
C ILE Q 715 52.03 -109.50 -81.16
N HIS Q 716 51.80 -109.58 -82.48
CA HIS Q 716 51.78 -108.33 -83.25
C HIS Q 716 50.64 -107.42 -82.78
N GLN Q 717 49.42 -107.94 -82.77
CA GLN Q 717 48.30 -107.21 -82.20
C GLN Q 717 48.43 -107.02 -80.69
N MET Q 718 49.23 -107.85 -79.99
CA MET Q 718 49.48 -107.59 -78.56
C MET Q 718 50.44 -106.43 -78.36
N GLN Q 719 51.52 -106.40 -79.16
CA GLN Q 719 52.53 -105.36 -79.02
C GLN Q 719 51.97 -103.99 -79.41
N TYR Q 720 51.20 -103.90 -80.50
CA TYR Q 720 50.48 -102.68 -80.80
C TYR Q 720 49.20 -102.50 -79.96
N TYR Q 721 48.65 -103.55 -79.34
CA TYR Q 721 47.70 -103.29 -78.25
C TYR Q 721 48.38 -102.54 -77.09
N ILE Q 722 49.58 -102.99 -76.70
CA ILE Q 722 50.34 -102.29 -75.65
C ILE Q 722 50.66 -100.85 -76.11
N THR Q 723 50.93 -100.66 -77.40
CA THR Q 723 51.07 -99.31 -77.96
C THR Q 723 49.80 -98.49 -77.80
N PHE Q 724 48.70 -98.92 -78.42
CA PHE Q 724 47.51 -98.10 -78.47
C PHE Q 724 46.80 -98.02 -77.12
N GLU Q 725 46.61 -99.16 -76.43
CA GLU Q 725 45.98 -99.11 -75.11
C GLU Q 725 46.95 -98.64 -74.02
N VAL Q 726 47.98 -99.43 -73.72
CA VAL Q 726 48.72 -99.21 -72.48
C VAL Q 726 49.50 -97.89 -72.55
N LEU Q 727 49.98 -97.50 -73.73
CA LEU Q 727 50.84 -96.29 -73.80
C LEU Q 727 50.10 -95.07 -74.34
N GLU Q 728 49.49 -95.13 -75.54
CA GLU Q 728 48.93 -93.93 -76.13
C GLU Q 728 47.66 -93.46 -75.42
N CYS Q 729 46.73 -94.38 -75.14
CA CYS Q 729 45.48 -93.98 -74.50
C CYS Q 729 45.68 -93.48 -73.05
N SER Q 730 46.75 -93.91 -72.38
CA SER Q 730 47.07 -93.32 -71.07
C SER Q 730 47.46 -91.85 -71.17
N TRP Q 731 48.23 -91.49 -72.20
CA TRP Q 731 48.83 -90.16 -72.32
C TRP Q 731 47.80 -89.04 -72.55
N ASP Q 732 46.65 -89.33 -73.19
CA ASP Q 732 45.67 -88.30 -73.49
C ASP Q 732 44.98 -87.77 -72.24
N GLU Q 733 44.97 -88.57 -71.17
CA GLU Q 733 44.42 -88.13 -69.89
C GLU Q 733 45.24 -86.99 -69.27
N LEU Q 734 46.55 -86.98 -69.53
CA LEU Q 734 47.47 -86.16 -68.72
C LEU Q 734 48.17 -85.05 -69.49
N TRP Q 735 48.50 -85.23 -70.78
CA TRP Q 735 49.12 -84.16 -71.56
C TRP Q 735 48.14 -83.01 -71.84
N ASN Q 736 46.84 -83.30 -71.86
CA ASN Q 736 45.81 -82.27 -71.87
C ASN Q 736 45.75 -81.49 -70.56
N LYS Q 737 46.48 -81.92 -69.52
CA LYS Q 737 46.16 -81.60 -68.13
C LYS Q 737 47.31 -80.96 -67.35
N VAL Q 738 48.57 -81.39 -67.55
CA VAL Q 738 49.73 -80.86 -66.84
C VAL Q 738 49.95 -79.36 -67.06
N GLN Q 739 49.56 -78.82 -68.22
CA GLN Q 739 49.67 -77.38 -68.49
C GLN Q 739 48.61 -76.54 -67.76
N GLN Q 740 47.54 -77.18 -67.24
CA GLN Q 740 46.28 -76.54 -66.88
C GLN Q 740 45.80 -76.79 -65.45
N ALA Q 741 46.00 -77.99 -64.90
CA ALA Q 741 45.13 -78.55 -63.87
C ALA Q 741 45.34 -78.00 -62.43
N GLN Q 742 45.19 -76.68 -62.29
CA GLN Q 742 44.97 -75.96 -61.03
C GLN Q 742 46.11 -75.91 -60.01
N ASP Q 743 46.75 -77.05 -59.74
CA ASP Q 743 47.37 -77.30 -58.45
C ASP Q 743 48.26 -78.55 -58.51
N LEU Q 744 49.50 -78.49 -58.04
CA LEU Q 744 50.33 -79.70 -58.12
C LEU Q 744 49.73 -80.85 -57.32
N ASP Q 745 49.02 -80.56 -56.22
CA ASP Q 745 48.35 -81.62 -55.47
C ASP Q 745 47.24 -82.27 -56.27
N HIS Q 746 46.63 -81.52 -57.20
CA HIS Q 746 45.56 -82.03 -58.04
C HIS Q 746 46.09 -82.61 -59.35
N ILE Q 747 47.23 -82.12 -59.85
CA ILE Q 747 47.99 -82.90 -60.84
C ILE Q 747 48.43 -84.23 -60.23
N ILE Q 748 48.87 -84.21 -58.96
CA ILE Q 748 49.19 -85.47 -58.28
C ILE Q 748 47.97 -86.38 -58.17
N ALA Q 749 46.80 -85.83 -57.81
CA ALA Q 749 45.58 -86.63 -57.82
C ALA Q 749 45.29 -87.19 -59.22
N ALA Q 750 45.34 -86.34 -60.24
CA ALA Q 750 45.15 -86.79 -61.61
C ALA Q 750 46.20 -87.80 -62.03
N HIS Q 751 47.45 -87.58 -61.59
CA HIS Q 751 48.55 -88.52 -61.84
C HIS Q 751 48.34 -89.86 -61.14
N GLU Q 752 47.75 -89.85 -59.94
CA GLU Q 752 47.46 -91.11 -59.25
C GLU Q 752 46.37 -91.89 -59.98
N VAL Q 753 45.33 -91.20 -60.46
CA VAL Q 753 44.29 -91.84 -61.24
C VAL Q 753 44.85 -92.32 -62.60
N PHE Q 754 45.72 -91.50 -63.22
CA PHE Q 754 46.39 -91.84 -64.48
C PHE Q 754 47.32 -93.04 -64.33
N LEU Q 755 48.14 -93.05 -63.28
CA LEU Q 755 49.03 -94.19 -63.05
C LEU Q 755 48.25 -95.46 -62.68
N ASP Q 756 47.18 -95.33 -61.88
CA ASP Q 756 46.31 -96.48 -61.66
C ASP Q 756 45.60 -96.90 -62.93
N THR Q 757 45.33 -95.98 -63.84
CA THR Q 757 44.78 -96.36 -65.14
C THR Q 757 45.80 -97.17 -65.95
N ILE Q 758 47.05 -96.71 -66.02
CA ILE Q 758 48.11 -97.50 -66.66
C ILE Q 758 48.22 -98.88 -66.00
N ILE Q 759 48.25 -98.90 -64.67
CA ILE Q 759 48.41 -100.12 -63.90
C ILE Q 759 47.24 -101.07 -64.09
N SER Q 760 46.05 -100.56 -64.39
CA SER Q 760 44.88 -101.38 -64.71
C SER Q 760 44.66 -101.60 -66.20
N ARG Q 761 45.33 -100.84 -67.09
CA ARG Q 761 45.47 -101.26 -68.48
C ARG Q 761 46.51 -102.36 -68.61
N CYS Q 762 47.54 -102.29 -67.79
CA CYS Q 762 48.52 -103.34 -67.62
C CYS Q 762 47.96 -104.53 -66.84
N LEU Q 763 48.74 -105.60 -66.82
CA LEU Q 763 48.38 -106.82 -66.09
C LEU Q 763 49.08 -106.82 -64.73
N LEU Q 764 48.81 -105.77 -63.95
CA LEU Q 764 49.60 -105.43 -62.77
C LEU Q 764 48.80 -105.02 -61.53
N ASP Q 765 47.51 -104.69 -61.67
CA ASP Q 765 46.76 -104.05 -60.60
C ASP Q 765 46.38 -105.04 -59.49
N SER Q 766 46.05 -104.48 -58.32
CA SER Q 766 45.48 -105.28 -57.23
C SER Q 766 44.09 -105.80 -57.57
N ASP Q 767 43.39 -105.14 -58.50
CA ASP Q 767 42.13 -105.67 -58.99
C ASP Q 767 42.31 -106.87 -59.90
N SER Q 768 43.48 -107.01 -60.54
CA SER Q 768 43.69 -108.04 -61.56
C SER Q 768 44.90 -108.91 -61.24
N ARG Q 769 45.17 -109.14 -59.95
CA ARG Q 769 46.31 -109.98 -59.55
C ARG Q 769 46.10 -111.45 -59.89
N ALA Q 770 44.85 -111.86 -60.13
CA ALA Q 770 44.54 -113.27 -60.35
C ALA Q 770 45.08 -113.75 -61.70
N LEU Q 771 45.18 -112.83 -62.67
CA LEU Q 771 45.64 -113.13 -64.01
C LEU Q 771 47.10 -113.56 -64.06
N LEU Q 772 47.90 -113.05 -63.12
CA LEU Q 772 49.36 -113.10 -63.24
C LEU Q 772 49.92 -114.53 -63.21
N ASN Q 773 49.29 -115.46 -62.47
CA ASN Q 773 49.82 -116.82 -62.42
C ASN Q 773 49.66 -117.52 -63.78
N GLN Q 774 48.52 -117.33 -64.44
CA GLN Q 774 48.35 -117.87 -65.79
C GLN Q 774 49.27 -117.15 -66.77
N LEU Q 775 49.39 -115.82 -66.60
CA LEU Q 775 50.20 -115.03 -67.51
C LEU Q 775 51.68 -115.40 -67.40
N ARG Q 776 52.16 -115.64 -66.18
CA ARG Q 776 53.54 -116.07 -66.01
C ARG Q 776 53.77 -117.43 -66.65
N ALA Q 777 52.78 -118.33 -66.57
CA ALA Q 777 52.88 -119.62 -67.24
C ALA Q 777 52.91 -119.50 -68.76
N VAL Q 778 52.30 -118.45 -69.33
CA VAL Q 778 52.49 -118.15 -70.75
C VAL Q 778 53.90 -117.61 -70.99
N PHE Q 779 54.31 -116.62 -70.21
CA PHE Q 779 55.57 -115.93 -70.44
C PHE Q 779 56.76 -116.87 -70.22
N ASP Q 780 56.64 -117.84 -69.30
CA ASP Q 780 57.73 -118.79 -69.04
C ASP Q 780 58.08 -119.61 -70.28
N GLN Q 781 57.07 -120.21 -70.93
CA GLN Q 781 57.34 -120.95 -72.17
C GLN Q 781 57.66 -120.03 -73.33
N ILE Q 782 57.62 -118.70 -73.14
CA ILE Q 782 58.19 -117.76 -74.10
C ILE Q 782 59.68 -117.55 -73.78
N ILE Q 783 59.99 -117.01 -72.61
CA ILE Q 783 61.36 -116.55 -72.35
C ILE Q 783 62.32 -117.72 -72.07
N GLU Q 784 61.81 -118.92 -71.78
CA GLU Q 784 62.67 -120.11 -71.68
C GLU Q 784 62.93 -120.77 -73.03
N LEU Q 785 62.11 -120.51 -74.05
CA LEU Q 785 62.11 -121.31 -75.28
C LEU Q 785 63.30 -121.00 -76.21
N GLN Q 786 63.85 -119.77 -76.17
CA GLN Q 786 64.90 -119.37 -77.11
C GLN Q 786 66.02 -120.40 -77.19
N ASN Q 787 66.59 -120.74 -76.03
CA ASN Q 787 67.68 -121.70 -75.95
C ASN Q 787 67.28 -123.07 -76.49
N ALA Q 788 66.03 -123.48 -76.24
CA ALA Q 788 65.57 -124.80 -76.69
C ALA Q 788 65.42 -124.86 -78.22
N GLN Q 789 64.71 -123.91 -78.82
CA GLN Q 789 64.53 -123.96 -80.28
C GLN Q 789 65.83 -123.64 -81.02
N ASP Q 790 66.75 -122.86 -80.42
CA ASP Q 790 68.10 -122.76 -80.96
C ASP Q 790 68.88 -124.07 -80.83
N ALA Q 791 68.64 -124.86 -79.78
CA ALA Q 791 69.26 -126.17 -79.67
C ALA Q 791 68.85 -127.08 -80.83
N ILE Q 792 67.68 -126.82 -81.39
CA ILE Q 792 67.19 -127.60 -82.56
C ILE Q 792 67.99 -127.18 -83.79
N TYR Q 793 68.19 -125.87 -83.96
CA TYR Q 793 68.96 -125.38 -85.13
C TYR Q 793 70.41 -125.85 -85.06
N ARG Q 794 70.95 -126.08 -83.85
CA ARG Q 794 72.32 -126.66 -83.76
C ARG Q 794 72.44 -127.82 -84.74
N ALA Q 795 71.45 -128.72 -84.78
CA ALA Q 795 71.44 -129.86 -85.72
C ALA Q 795 71.26 -129.33 -87.14
N ALA Q 796 70.22 -128.54 -87.39
CA ALA Q 796 69.93 -128.04 -88.75
C ALA Q 796 71.09 -127.15 -89.25
N LEU Q 797 71.63 -126.29 -88.39
CA LEU Q 797 72.81 -125.49 -88.84
C LEU Q 797 73.93 -126.47 -89.16
N GLU Q 798 74.23 -127.41 -88.26
CA GLU Q 798 75.26 -128.44 -88.54
C GLU Q 798 74.98 -129.01 -89.93
N GLU Q 799 73.73 -129.37 -90.21
CA GLU Q 799 73.37 -129.95 -91.52
C GLU Q 799 73.51 -128.88 -92.62
N LEU Q 800 73.03 -127.67 -92.38
CA LEU Q 800 73.23 -126.61 -93.37
C LEU Q 800 74.71 -126.36 -93.64
N GLN Q 801 75.53 -126.20 -92.58
CA GLN Q 801 76.97 -125.96 -92.71
C GLN Q 801 77.65 -127.14 -93.41
N ARG Q 802 77.17 -128.38 -93.19
CA ARG Q 802 77.65 -129.55 -93.93
C ARG Q 802 77.29 -129.45 -95.42
N ARG Q 803 76.03 -129.09 -95.71
CA ARG Q 803 75.59 -128.94 -97.10
C ARG Q 803 76.23 -127.73 -97.76
N LEU Q 804 76.56 -126.68 -97.01
CA LEU Q 804 77.25 -125.49 -97.48
C LEU Q 804 78.73 -125.79 -97.74
N GLN Q 805 79.37 -126.62 -96.90
CA GLN Q 805 80.73 -127.04 -97.20
C GLN Q 805 80.77 -127.98 -98.41
N PHE Q 806 79.70 -128.77 -98.61
CA PHE Q 806 79.57 -129.55 -99.83
C PHE Q 806 79.37 -128.64 -101.04
N GLU Q 807 78.62 -127.54 -100.91
CA GLU Q 807 78.45 -126.54 -101.99
C GLU Q 807 79.78 -125.81 -102.30
N GLU Q 808 80.53 -125.43 -101.27
CA GLU Q 808 81.89 -124.91 -101.41
C GLU Q 808 82.82 -125.92 -102.09
N LYS Q 809 82.68 -127.23 -101.82
CA LYS Q 809 83.48 -128.24 -102.49
C LYS Q 809 83.05 -128.43 -103.94
N LYS Q 810 81.77 -128.25 -104.23
CA LYS Q 810 81.28 -128.39 -105.60
C LYS Q 810 81.72 -127.21 -106.46
N LYS Q 811 81.66 -126.00 -105.90
CA LYS Q 811 82.07 -124.79 -106.62
C LYS Q 811 82.68 -123.78 -105.66
N GLU Q 827 79.57 -135.82 -104.96
CA GLU Q 827 78.58 -136.81 -105.33
C GLU Q 827 78.22 -137.71 -104.14
N GLU Q 828 78.82 -137.44 -102.98
CA GLU Q 828 78.72 -138.33 -101.82
C GLU Q 828 77.66 -137.86 -100.83
N GLU Q 829 76.90 -136.82 -101.16
CA GLU Q 829 76.04 -136.14 -100.21
C GLU Q 829 74.61 -136.70 -100.20
N ASN Q 830 74.35 -137.76 -100.98
CA ASN Q 830 72.98 -138.24 -101.14
C ASN Q 830 72.50 -139.04 -99.93
N LYS Q 831 73.42 -139.55 -99.10
CA LYS Q 831 73.01 -140.38 -97.96
C LYS Q 831 72.49 -139.53 -96.81
N ARG Q 832 72.95 -138.27 -96.70
CA ARG Q 832 72.47 -137.39 -95.62
C ARG Q 832 71.01 -137.00 -95.81
N ILE Q 833 70.55 -136.88 -97.07
CA ILE Q 833 69.14 -136.62 -97.34
C ILE Q 833 68.28 -137.81 -96.88
N GLY Q 834 68.75 -139.04 -97.16
CA GLY Q 834 68.03 -140.21 -96.67
C GLY Q 834 68.05 -140.28 -95.14
N GLU Q 835 69.16 -139.87 -94.53
CA GLU Q 835 69.28 -139.87 -93.08
C GLU Q 835 68.34 -138.85 -92.45
N PHE Q 836 68.26 -137.66 -93.06
CA PHE Q 836 67.29 -136.67 -92.60
C PHE Q 836 65.86 -137.08 -92.92
N LYS Q 837 65.61 -137.73 -94.07
CA LYS Q 837 64.29 -138.29 -94.32
C LYS Q 837 63.89 -139.30 -93.24
N GLU Q 838 64.84 -140.04 -92.67
CA GLU Q 838 64.52 -140.92 -91.55
C GLU Q 838 64.36 -140.16 -90.23
N SER Q 839 65.07 -139.05 -90.05
CA SER Q 839 65.07 -138.36 -88.76
C SER Q 839 63.95 -137.33 -88.64
N ILE Q 840 63.70 -136.55 -89.69
CA ILE Q 840 62.71 -135.47 -89.73
C ILE Q 840 61.41 -135.75 -88.98
N PRO Q 841 60.76 -136.91 -89.11
CA PRO Q 841 59.52 -137.12 -88.33
C PRO Q 841 59.65 -136.95 -86.81
N LYS Q 842 60.78 -137.25 -86.19
CA LYS Q 842 60.91 -137.01 -84.75
C LYS Q 842 61.05 -135.52 -84.47
N MET Q 843 61.99 -134.85 -85.14
CA MET Q 843 62.31 -133.46 -84.81
C MET Q 843 61.13 -132.52 -85.07
N CYS Q 844 60.24 -132.85 -85.99
CA CYS Q 844 58.98 -132.11 -86.09
C CYS Q 844 58.09 -132.33 -84.87
N SER Q 845 57.81 -133.61 -84.58
CA SER Q 845 56.93 -133.94 -83.44
C SER Q 845 57.61 -133.63 -82.12
N GLN Q 846 58.81 -133.04 -82.18
CA GLN Q 846 59.58 -132.74 -80.95
C GLN Q 846 59.09 -131.43 -80.31
N LEU Q 847 57.88 -130.99 -80.67
CA LEU Q 847 57.37 -129.70 -80.16
C LEU Q 847 55.85 -129.79 -79.93
N ARG Q 848 55.20 -130.82 -80.47
CA ARG Q 848 53.74 -130.90 -80.33
C ARG Q 848 53.31 -130.70 -78.88
N ILE Q 849 53.97 -131.41 -77.96
CA ILE Q 849 53.65 -131.36 -76.54
C ILE Q 849 53.96 -129.98 -75.99
N LEU Q 850 55.08 -129.40 -76.40
CA LEU Q 850 55.46 -128.07 -75.92
C LEU Q 850 54.51 -127.00 -76.43
N THR Q 851 54.09 -127.11 -77.70
CA THR Q 851 53.20 -126.11 -78.31
C THR Q 851 51.89 -126.00 -77.54
N HIS Q 852 51.29 -127.15 -77.19
CA HIS Q 852 49.98 -127.15 -76.55
C HIS Q 852 50.06 -126.88 -75.05
N PHE Q 853 51.18 -127.22 -74.40
CA PHE Q 853 51.35 -126.82 -73.01
C PHE Q 853 51.47 -125.30 -72.89
N TYR Q 854 52.10 -124.66 -73.88
CA TYR Q 854 52.04 -123.21 -74.02
C TYR Q 854 50.60 -122.75 -74.36
N GLN Q 855 50.00 -123.27 -75.45
CA GLN Q 855 48.76 -122.71 -75.96
C GLN Q 855 47.58 -122.88 -75.01
N GLY Q 856 47.48 -123.99 -74.29
CA GLY Q 856 46.33 -124.19 -73.43
C GLY Q 856 46.16 -123.09 -72.40
N ILE Q 857 47.25 -122.67 -71.76
CA ILE Q 857 47.17 -121.64 -70.74
C ILE Q 857 47.10 -120.23 -71.34
N VAL Q 858 47.56 -120.05 -72.59
CA VAL Q 858 47.25 -118.81 -73.32
C VAL Q 858 45.74 -118.69 -73.51
N GLN Q 859 45.10 -119.77 -73.98
CA GLN Q 859 43.67 -119.73 -74.27
C GLN Q 859 42.85 -119.56 -73.00
N GLN Q 860 43.23 -120.26 -71.92
CA GLN Q 860 42.52 -120.08 -70.66
C GLN Q 860 42.77 -118.69 -70.07
N PHE Q 861 44.01 -118.18 -70.19
CA PHE Q 861 44.27 -116.83 -69.69
C PHE Q 861 43.42 -115.78 -70.39
N LEU Q 862 43.45 -115.74 -71.73
CA LEU Q 862 42.84 -114.64 -72.45
C LEU Q 862 41.31 -114.68 -72.39
N VAL Q 863 40.72 -115.79 -71.97
CA VAL Q 863 39.29 -115.83 -71.65
C VAL Q 863 39.06 -115.55 -70.16
N LEU Q 864 39.98 -115.96 -69.29
CA LEU Q 864 39.92 -115.59 -67.87
C LEU Q 864 40.06 -114.08 -67.68
N LEU Q 865 40.71 -113.43 -68.64
CA LEU Q 865 40.86 -111.98 -68.74
C LEU Q 865 39.54 -111.19 -68.70
N THR Q 866 38.40 -111.89 -68.83
CA THR Q 866 37.08 -111.31 -68.60
C THR Q 866 36.79 -111.01 -67.14
N THR Q 867 37.66 -111.44 -66.21
CA THR Q 867 37.46 -111.22 -64.78
C THR Q 867 38.22 -109.98 -64.30
N SER Q 868 38.35 -108.96 -65.15
CA SER Q 868 39.19 -107.79 -64.90
C SER Q 868 38.73 -106.60 -65.75
N SER Q 869 39.63 -105.63 -66.00
CA SER Q 869 39.32 -104.31 -66.54
C SER Q 869 38.42 -104.33 -67.78
N ASP Q 870 37.20 -103.78 -67.62
CA ASP Q 870 36.08 -104.08 -68.52
C ASP Q 870 36.18 -103.40 -69.89
N GLU Q 871 36.91 -102.29 -70.02
CA GLU Q 871 37.25 -101.77 -71.35
C GLU Q 871 38.66 -102.19 -71.76
N SER Q 872 39.65 -101.92 -70.90
CA SER Q 872 41.05 -101.96 -71.31
C SER Q 872 41.57 -103.39 -71.54
N LEU Q 873 41.11 -104.35 -70.73
CA LEU Q 873 41.59 -105.71 -70.88
C LEU Q 873 40.64 -106.56 -71.72
N ARG Q 874 39.37 -106.20 -71.80
CA ARG Q 874 38.53 -106.73 -72.86
C ARG Q 874 39.13 -106.43 -74.23
N PHE Q 875 39.69 -105.22 -74.40
CA PHE Q 875 40.42 -104.90 -75.62
C PHE Q 875 41.60 -105.86 -75.84
N LEU Q 876 42.38 -106.14 -74.79
CA LEU Q 876 43.47 -107.11 -74.96
C LEU Q 876 42.94 -108.46 -75.44
N SER Q 877 41.87 -108.95 -74.80
CA SER Q 877 41.31 -110.24 -75.19
C SER Q 877 40.84 -110.25 -76.64
N PHE Q 878 40.15 -109.18 -77.07
CA PHE Q 878 39.45 -109.16 -78.35
C PHE Q 878 40.36 -108.74 -79.50
N ARG Q 879 41.41 -107.95 -79.22
CA ARG Q 879 42.38 -107.55 -80.23
C ARG Q 879 43.28 -108.72 -80.62
N LEU Q 880 43.66 -109.53 -79.64
CA LEU Q 880 44.61 -110.62 -79.85
C LEU Q 880 44.02 -111.71 -80.75
N ASP Q 881 42.88 -112.26 -80.35
CA ASP Q 881 42.07 -113.11 -81.22
C ASP Q 881 41.28 -112.22 -82.17
N PHE Q 882 42.01 -111.65 -83.14
CA PHE Q 882 41.37 -110.69 -84.03
C PHE Q 882 40.34 -111.38 -84.91
N ASN Q 883 40.66 -112.57 -85.43
CA ASN Q 883 39.71 -113.31 -86.26
C ASN Q 883 40.00 -114.80 -86.21
N GLU Q 884 39.07 -115.56 -85.64
CA GLU Q 884 38.96 -117.02 -85.77
C GLU Q 884 40.23 -117.77 -85.39
N HIS Q 885 40.98 -117.26 -84.40
CA HIS Q 885 42.00 -118.11 -83.76
C HIS Q 885 41.37 -118.88 -82.60
N TYR Q 886 40.91 -118.17 -81.56
CA TYR Q 886 39.97 -118.78 -80.63
C TYR Q 886 38.61 -118.79 -81.31
N LYS Q 887 37.76 -119.72 -80.87
CA LYS Q 887 36.42 -119.92 -81.50
C LYS Q 887 36.57 -120.64 -82.86
N ALA Q 888 37.80 -120.91 -83.33
CA ALA Q 888 37.95 -121.69 -84.59
C ALA Q 888 39.17 -122.63 -84.55
N ARG Q 889 40.33 -122.17 -84.07
CA ARG Q 889 41.50 -123.10 -83.94
C ARG Q 889 41.27 -124.03 -82.74
N GLU Q 890 40.55 -123.54 -81.73
CA GLU Q 890 40.29 -124.35 -80.51
C GLU Q 890 39.44 -125.59 -80.86
N ARG R 3 30.66 -98.63 30.93
CA ARG R 3 31.74 -99.17 30.03
C ARG R 3 31.46 -98.77 28.56
N GLU R 4 32.49 -98.26 27.86
CA GLU R 4 32.32 -97.39 26.69
C GLU R 4 33.00 -97.94 25.43
N ILE R 5 32.48 -97.50 24.27
CA ILE R 5 32.59 -98.21 23.00
C ILE R 5 33.52 -97.47 22.02
N ILE R 6 34.35 -98.23 21.32
CA ILE R 6 35.17 -97.75 20.20
C ILE R 6 34.56 -98.27 18.89
N THR R 7 35.01 -97.73 17.73
CA THR R 7 34.71 -98.33 16.43
C THR R 7 35.99 -98.52 15.61
N LEU R 8 36.10 -99.68 14.95
CA LEU R 8 37.04 -99.93 13.88
C LEU R 8 36.25 -100.02 12.57
N GLN R 9 36.56 -99.15 11.61
CA GLN R 9 35.88 -99.16 10.31
C GLN R 9 36.90 -99.26 9.18
N LEU R 10 36.58 -100.06 8.16
CA LEU R 10 37.61 -100.53 7.24
C LEU R 10 37.04 -100.89 5.86
N GLY R 11 37.88 -100.72 4.83
CA GLY R 11 37.53 -100.94 3.42
C GLY R 11 36.51 -99.93 2.88
N GLN R 12 36.11 -100.11 1.61
CA GLN R 12 35.09 -99.23 1.04
C GLN R 12 33.77 -99.37 1.77
N CYS R 13 33.27 -100.60 1.92
CA CYS R 13 32.01 -100.84 2.62
C CYS R 13 32.03 -100.28 4.05
N GLY R 14 33.02 -100.66 4.85
CA GLY R 14 33.05 -100.22 6.24
C GLY R 14 33.22 -98.72 6.42
N ASN R 15 34.00 -98.07 5.57
CA ASN R 15 34.12 -96.61 5.62
C ASN R 15 32.90 -95.89 5.05
N GLN R 16 32.27 -96.44 3.99
CA GLN R 16 31.05 -95.84 3.48
C GLN R 16 29.98 -95.73 4.57
N ILE R 17 29.72 -96.82 5.30
CA ILE R 17 28.74 -96.75 6.37
C ILE R 17 29.30 -95.97 7.56
N GLY R 18 30.62 -96.07 7.79
CA GLY R 18 31.18 -95.46 8.98
C GLY R 18 31.23 -93.94 8.95
N PHE R 19 31.55 -93.35 7.79
CA PHE R 19 31.63 -91.89 7.72
C PHE R 19 30.24 -91.26 7.84
N GLU R 20 29.21 -91.89 7.27
CA GLU R 20 27.85 -91.44 7.52
C GLU R 20 27.45 -91.62 8.99
N PHE R 21 27.85 -92.71 9.62
CA PHE R 21 27.57 -92.88 11.06
C PHE R 21 28.23 -91.82 11.92
N TRP R 22 29.51 -91.58 11.69
CA TRP R 22 30.22 -90.57 12.43
C TRP R 22 29.95 -89.14 11.96
N LYS R 23 29.13 -88.97 10.91
CA LYS R 23 28.51 -87.68 10.65
C LYS R 23 27.15 -87.54 11.34
N GLN R 24 26.42 -88.65 11.49
CA GLN R 24 25.20 -88.64 12.29
C GLN R 24 25.55 -88.46 13.77
N LEU R 25 26.67 -89.06 14.19
CA LEU R 25 27.18 -88.76 15.55
C LEU R 25 28.00 -87.47 15.45
N CYS R 26 28.39 -86.89 16.60
CA CYS R 26 28.95 -85.51 16.63
C CYS R 26 27.75 -84.55 16.44
N ALA R 27 27.03 -84.66 15.33
CA ALA R 27 25.77 -83.87 15.16
C ALA R 27 24.78 -84.30 16.23
N GLU R 28 25.00 -85.51 16.75
CA GLU R 28 24.18 -86.04 17.85
C GLU R 28 24.18 -85.23 19.16
N HIS R 29 25.32 -84.64 19.58
CA HIS R 29 25.53 -84.45 21.02
C HIS R 29 26.26 -83.17 21.45
N GLY R 30 26.41 -82.15 20.61
CA GLY R 30 27.13 -80.93 20.97
C GLY R 30 28.64 -81.06 20.84
N ILE R 31 29.11 -81.19 19.58
CA ILE R 31 30.44 -81.63 19.21
C ILE R 31 30.83 -80.90 17.91
N SER R 32 32.08 -80.99 17.48
CA SER R 32 32.50 -80.52 16.17
C SER R 32 33.59 -81.42 15.60
N PRO R 33 33.96 -81.25 14.32
CA PRO R 33 35.20 -81.87 13.80
C PRO R 33 36.46 -81.56 14.58
N GLU R 34 36.55 -80.40 15.24
CA GLU R 34 37.62 -80.08 16.18
C GLU R 34 37.38 -80.66 17.57
N GLY R 35 36.31 -81.43 17.77
CA GLY R 35 35.89 -81.92 19.07
C GLY R 35 35.15 -80.90 19.94
N ILE R 36 35.54 -79.63 19.79
CA ILE R 36 34.89 -78.52 20.54
C ILE R 36 33.36 -78.58 20.37
N VAL R 37 32.61 -78.12 21.38
CA VAL R 37 31.13 -78.19 21.33
C VAL R 37 30.57 -77.34 20.18
N GLU R 38 29.80 -77.98 19.29
CA GLU R 38 29.10 -77.27 18.21
C GLU R 38 27.77 -77.99 17.92
N GLU R 39 27.25 -77.87 16.69
CA GLU R 39 25.96 -78.50 16.26
C GLU R 39 24.84 -77.97 17.18
N PHE R 40 24.51 -78.70 18.24
CA PHE R 40 23.74 -78.05 19.32
C PHE R 40 24.25 -78.49 20.69
N ALA R 41 24.56 -77.51 21.53
CA ALA R 41 25.13 -77.74 22.86
C ALA R 41 24.13 -78.42 23.79
N THR R 45 22.18 -82.35 28.95
CA THR R 45 21.67 -82.12 27.61
C THR R 45 22.14 -83.21 26.63
N ASP R 46 23.14 -84.00 27.02
CA ASP R 46 23.79 -84.96 26.12
C ASP R 46 24.60 -85.95 26.95
N ARG R 47 25.01 -87.06 26.30
CA ARG R 47 25.68 -88.19 26.97
C ARG R 47 26.89 -88.70 26.17
N LYS R 48 27.71 -87.78 25.64
CA LYS R 48 28.85 -88.06 24.76
C LYS R 48 30.03 -88.77 25.42
N ASP R 49 30.05 -88.95 26.75
CA ASP R 49 31.06 -89.77 27.42
C ASP R 49 31.15 -91.19 26.85
N VAL R 50 30.03 -91.74 26.36
CA VAL R 50 29.91 -93.15 25.96
C VAL R 50 30.66 -93.51 24.65
N PHE R 51 30.84 -92.55 23.73
CA PHE R 51 31.37 -92.85 22.39
C PHE R 51 32.42 -91.86 21.88
N PHE R 52 32.73 -90.77 22.59
CA PHE R 52 33.62 -89.71 22.11
C PHE R 52 34.79 -89.48 23.06
N TYR R 53 35.94 -89.09 22.48
CA TYR R 53 37.22 -88.88 23.18
C TYR R 53 37.14 -87.70 24.17
N GLN R 54 38.05 -87.70 25.18
CA GLN R 54 38.17 -86.54 26.08
C GLN R 54 39.58 -86.44 26.67
N ALA R 55 40.39 -85.54 26.09
CA ALA R 55 41.74 -85.28 26.59
C ALA R 55 41.72 -84.25 27.71
N ASP R 56 41.11 -83.09 27.44
CA ASP R 56 41.22 -81.91 28.30
C ASP R 56 39.97 -81.06 28.10
N ASP R 57 40.02 -80.19 27.08
CA ASP R 57 39.01 -79.17 26.78
C ASP R 57 37.84 -79.72 25.95
N GLU R 58 37.19 -80.76 26.47
CA GLU R 58 35.95 -81.29 25.88
C GLU R 58 36.13 -81.63 24.39
N HIS R 59 37.34 -82.10 24.05
CA HIS R 59 37.68 -82.50 22.65
C HIS R 59 36.99 -83.80 22.29
N TYR R 60 35.65 -83.77 22.18
CA TYR R 60 34.84 -85.01 21.99
C TYR R 60 34.89 -85.58 20.59
N ILE R 61 36.05 -85.53 19.91
CA ILE R 61 36.20 -86.28 18.66
C ILE R 61 35.80 -87.74 18.87
N PRO R 62 35.03 -88.33 17.94
CA PRO R 62 34.72 -89.77 17.90
C PRO R 62 35.82 -90.74 18.28
N ARG R 63 35.46 -91.81 19.00
CA ARG R 63 36.29 -93.00 19.12
C ARG R 63 36.25 -93.83 17.83
N ALA R 64 36.73 -93.25 16.73
CA ALA R 64 36.69 -93.82 15.39
C ALA R 64 38.10 -94.15 14.89
N VAL R 65 38.36 -95.43 14.62
CA VAL R 65 39.63 -95.91 14.06
C VAL R 65 39.39 -96.36 12.61
N LEU R 66 40.11 -95.76 11.66
CA LEU R 66 39.86 -95.94 10.23
C LEU R 66 41.03 -96.61 9.53
N LEU R 67 40.72 -97.66 8.75
CA LEU R 67 41.66 -98.34 7.88
C LEU R 67 41.28 -98.17 6.40
N ASP R 68 42.23 -97.67 5.60
CA ASP R 68 41.98 -97.13 4.25
C ASP R 68 43.07 -97.55 3.25
N LEU R 69 43.42 -98.84 3.26
CA LEU R 69 44.63 -99.39 2.62
C LEU R 69 44.52 -99.49 1.08
N GLU R 70 45.70 -99.36 0.40
CA GLU R 70 45.90 -99.31 -1.06
C GLU R 70 44.76 -98.60 -1.79
N PRO R 71 44.45 -97.36 -1.41
CA PRO R 71 43.12 -96.79 -1.70
C PRO R 71 42.91 -96.28 -3.12
N ARG R 72 41.63 -96.34 -3.54
CA ARG R 72 41.19 -95.74 -4.83
C ARG R 72 40.19 -94.62 -4.46
N VAL R 73 38.93 -94.95 -4.14
CA VAL R 73 37.98 -93.95 -3.66
C VAL R 73 38.04 -93.72 -2.14
N ILE R 74 38.57 -94.68 -1.36
CA ILE R 74 38.53 -94.54 0.10
C ILE R 74 39.29 -93.29 0.57
N HIS R 75 40.43 -92.97 -0.05
CA HIS R 75 41.15 -91.76 0.36
C HIS R 75 40.31 -90.49 0.15
N SER R 76 39.41 -90.50 -0.84
CA SER R 76 38.47 -89.38 -1.01
C SER R 76 37.37 -89.37 0.06
N ILE R 77 36.93 -90.54 0.53
CA ILE R 77 36.01 -90.59 1.67
C ILE R 77 36.71 -90.10 2.93
N LEU R 78 37.98 -90.48 3.10
CA LEU R 78 38.79 -90.04 4.23
C LEU R 78 39.11 -88.54 4.19
N ASN R 79 39.28 -87.96 3.00
CA ASN R 79 39.50 -86.52 2.82
C ASN R 79 38.22 -85.69 2.66
N SER R 80 37.05 -86.35 2.68
CA SER R 80 35.74 -85.65 2.55
C SER R 80 35.70 -84.42 3.46
N PRO R 81 34.87 -83.39 3.19
CA PRO R 81 34.94 -82.16 3.97
C PRO R 81 34.69 -82.20 5.49
N TYR R 82 34.31 -83.33 6.11
CA TYR R 82 34.18 -83.37 7.60
C TYR R 82 35.59 -83.42 8.20
N ALA R 83 36.61 -83.72 7.40
CA ALA R 83 38.04 -83.64 7.82
C ALA R 83 38.40 -84.50 9.04
N LYS R 84 38.76 -83.85 10.15
CA LYS R 84 39.30 -84.58 11.32
C LYS R 84 38.21 -85.31 12.12
N LEU R 85 36.94 -84.93 11.94
CA LEU R 85 35.89 -85.58 12.71
C LEU R 85 36.07 -87.09 12.82
N TYR R 86 36.44 -87.77 11.74
CA TYR R 86 36.70 -89.19 11.77
C TYR R 86 38.13 -89.54 11.33
N ASN R 87 39.03 -88.59 11.53
CA ASN R 87 40.49 -88.89 11.32
C ASN R 87 41.26 -88.52 12.60
N PRO R 88 41.05 -89.18 13.77
CA PRO R 88 41.75 -88.80 15.00
C PRO R 88 43.26 -89.11 15.04
N GLU R 89 43.95 -89.01 13.91
CA GLU R 89 45.41 -89.30 13.77
C GLU R 89 45.74 -90.78 14.04
N ASN R 90 44.72 -91.54 14.50
CA ASN R 90 44.94 -93.02 14.64
C ASN R 90 44.94 -93.64 13.23
N ILE R 91 45.62 -93.00 12.30
CA ILE R 91 45.58 -93.35 10.87
C ILE R 91 46.98 -93.75 10.38
N TYR R 92 47.07 -94.90 9.68
CA TYR R 92 48.21 -95.17 8.80
C TYR R 92 47.82 -96.19 7.72
N LEU R 93 48.42 -96.07 6.54
CA LEU R 93 48.31 -97.07 5.47
C LEU R 93 49.26 -98.24 5.73
N GLY R 101 45.13 -103.50 -4.22
CA GLY R 101 44.43 -104.67 -4.74
C GLY R 101 42.93 -104.65 -4.49
N ASN R 102 42.22 -105.64 -5.04
CA ASN R 102 40.76 -105.62 -5.15
C ASN R 102 40.10 -106.82 -4.44
N ASN R 103 40.77 -107.44 -3.45
CA ASN R 103 40.43 -108.79 -3.03
C ASN R 103 40.93 -109.12 -1.62
N TRP R 104 40.30 -110.15 -1.00
CA TRP R 104 40.59 -110.57 0.38
C TRP R 104 42.06 -110.90 0.58
N ALA R 105 42.74 -111.41 -0.46
CA ALA R 105 44.16 -111.68 -0.39
C ALA R 105 44.98 -110.39 -0.25
N SER R 106 44.70 -109.40 -1.09
CA SER R 106 45.35 -108.10 -0.95
C SER R 106 44.99 -107.45 0.38
N GLY R 107 43.73 -107.56 0.79
CA GLY R 107 43.35 -107.09 2.10
C GLY R 107 44.10 -107.76 3.23
N PHE R 108 44.39 -109.06 3.11
CA PHE R 108 45.29 -109.67 4.09
C PHE R 108 46.68 -109.04 4.09
N SER R 109 47.31 -108.90 2.91
CA SER R 109 48.63 -108.27 2.86
C SER R 109 48.59 -106.83 3.37
N GLN R 110 47.50 -106.13 3.11
CA GLN R 110 47.28 -104.78 3.64
C GLN R 110 47.17 -104.80 5.16
N GLY R 111 46.44 -105.77 5.71
CA GLY R 111 46.39 -105.95 7.15
C GLY R 111 47.71 -106.37 7.75
N GLU R 112 48.48 -107.20 7.04
CA GLU R 112 49.79 -107.61 7.54
C GLU R 112 50.75 -106.43 7.69
N LYS R 113 50.75 -105.47 6.76
CA LYS R 113 51.71 -104.38 6.80
C LYS R 113 51.30 -103.22 7.73
N ILE R 114 50.19 -103.34 8.48
CA ILE R 114 49.75 -102.33 9.45
C ILE R 114 49.66 -102.90 10.89
N HIS R 115 50.39 -103.99 11.15
CA HIS R 115 50.23 -104.76 12.40
C HIS R 115 50.32 -103.94 13.69
N GLU R 116 51.29 -103.03 13.80
CA GLU R 116 51.61 -102.44 15.10
C GLU R 116 50.56 -101.43 15.58
N ASP R 117 50.21 -100.44 14.74
CA ASP R 117 49.37 -99.34 15.22
C ASP R 117 47.97 -99.79 15.65
N ILE R 118 47.40 -100.80 14.98
CA ILE R 118 46.09 -101.32 15.39
C ILE R 118 46.07 -101.89 16.81
N PHE R 119 47.23 -102.20 17.40
CA PHE R 119 47.31 -102.56 18.81
C PHE R 119 47.69 -101.38 19.70
N ASP R 120 48.54 -100.47 19.20
CA ASP R 120 48.93 -99.26 19.93
C ASP R 120 47.78 -98.27 20.13
N ILE R 121 46.94 -98.08 19.09
CA ILE R 121 45.93 -97.03 19.08
C ILE R 121 45.01 -97.12 20.30
N ILE R 122 44.51 -98.31 20.64
CA ILE R 122 43.49 -98.41 21.69
C ILE R 122 44.06 -98.02 23.07
N ASP R 123 45.38 -98.14 23.30
CA ASP R 123 45.97 -97.67 24.56
C ASP R 123 45.92 -96.14 24.72
N ARG R 124 45.70 -95.40 23.63
CA ARG R 124 45.45 -93.96 23.68
C ARG R 124 44.00 -93.56 23.42
N GLU R 125 43.18 -94.45 22.85
CA GLU R 125 41.74 -94.24 22.85
C GLU R 125 41.10 -94.47 24.23
N ALA R 126 41.56 -95.48 24.97
CA ALA R 126 40.85 -95.97 26.15
C ALA R 126 41.02 -95.13 27.42
N ASP R 127 42.15 -94.43 27.62
CA ASP R 127 42.40 -93.74 28.89
C ASP R 127 41.43 -92.59 29.19
N GLY R 128 40.70 -92.08 28.20
CA GLY R 128 39.65 -91.09 28.43
C GLY R 128 38.31 -91.62 28.90
N SER R 129 38.13 -92.94 28.91
CA SER R 129 36.90 -93.61 29.32
C SER R 129 36.81 -93.76 30.84
N ASP R 130 35.59 -94.13 31.30
CA ASP R 130 35.45 -94.82 32.58
C ASP R 130 36.04 -96.23 32.49
N SER R 131 35.64 -97.00 31.47
CA SER R 131 36.26 -98.28 31.13
C SER R 131 35.79 -98.73 29.75
N LEU R 132 36.71 -99.27 28.94
CA LEU R 132 36.33 -99.76 27.62
C LEU R 132 35.46 -101.02 27.70
N GLU R 133 34.65 -101.21 26.63
CA GLU R 133 33.65 -102.26 26.50
C GLU R 133 33.92 -103.14 25.28
N GLY R 134 34.27 -102.54 24.14
CA GLY R 134 34.41 -103.29 22.89
C GLY R 134 34.36 -102.38 21.66
N PHE R 135 33.95 -102.97 20.53
CA PHE R 135 33.86 -102.29 19.25
C PHE R 135 32.44 -102.39 18.67
N VAL R 136 32.03 -101.33 17.96
CA VAL R 136 30.97 -101.40 16.95
C VAL R 136 31.66 -101.30 15.60
N LEU R 137 32.16 -102.45 15.12
CA LEU R 137 33.10 -102.54 14.00
C LEU R 137 32.38 -102.49 12.66
N CYS R 138 32.58 -101.43 11.87
CA CYS R 138 32.04 -101.34 10.52
C CYS R 138 32.96 -102.08 9.54
N HIS R 139 32.77 -103.39 9.41
CA HIS R 139 33.59 -104.22 8.54
C HIS R 139 33.20 -104.03 7.06
N SER R 140 34.14 -104.32 6.16
CA SER R 140 33.87 -104.51 4.73
C SER R 140 33.49 -105.96 4.39
N ILE R 141 32.19 -106.27 4.37
CA ILE R 141 31.80 -107.61 3.91
C ILE R 141 32.01 -107.71 2.39
N ALA R 142 32.95 -108.61 2.02
CA ALA R 142 33.33 -108.83 0.60
C ALA R 142 34.15 -107.68 0.03
N GLY R 143 33.84 -106.43 0.39
CA GLY R 143 34.48 -105.28 -0.24
C GLY R 143 36.00 -105.32 -0.17
N GLY R 144 36.64 -105.43 -1.34
CA GLY R 144 37.96 -106.04 -1.49
C GLY R 144 39.05 -105.75 -0.48
N THR R 145 39.48 -104.48 -0.43
CA THR R 145 40.56 -104.06 0.48
C THR R 145 40.23 -104.31 1.95
N GLY R 146 38.98 -104.08 2.37
CA GLY R 146 38.64 -104.29 3.76
C GLY R 146 38.40 -105.74 4.12
N SER R 147 37.87 -106.51 3.17
CA SER R 147 37.88 -107.96 3.28
C SER R 147 39.33 -108.42 3.45
N GLY R 148 39.54 -109.43 4.31
CA GLY R 148 40.88 -109.74 4.78
C GLY R 148 41.34 -108.79 5.86
N LEU R 149 41.62 -107.54 5.46
CA LEU R 149 42.18 -106.52 6.35
C LEU R 149 41.54 -106.46 7.74
N GLY R 150 40.22 -106.27 7.81
CA GLY R 150 39.57 -106.15 9.11
C GLY R 150 39.39 -107.45 9.83
N SER R 151 39.29 -108.55 9.07
CA SER R 151 39.18 -109.89 9.66
C SER R 151 40.52 -110.41 10.15
N TYR R 152 41.63 -110.01 9.54
CA TYR R 152 42.94 -110.24 10.13
C TYR R 152 43.09 -109.45 11.42
N LEU R 153 42.61 -108.20 11.42
CA LEU R 153 42.58 -107.38 12.62
C LEU R 153 41.80 -108.07 13.73
N LEU R 154 40.64 -108.62 13.40
CA LEU R 154 39.84 -109.28 14.41
C LEU R 154 40.46 -110.61 14.85
N GLU R 155 41.18 -111.28 13.95
CA GLU R 155 41.92 -112.48 14.33
C GLU R 155 43.04 -112.15 15.32
N ARG R 156 43.68 -110.99 15.18
CA ARG R 156 44.71 -110.56 16.11
C ARG R 156 44.15 -109.91 17.37
N LEU R 157 42.88 -109.49 17.36
CA LEU R 157 42.24 -108.90 18.54
C LEU R 157 41.50 -109.94 19.39
N ASN R 158 40.75 -110.86 18.77
CA ASN R 158 39.98 -111.83 19.54
C ASN R 158 40.87 -112.82 20.30
N ASP R 159 42.15 -112.94 19.92
CA ASP R 159 43.10 -113.71 20.71
C ASP R 159 43.37 -113.09 22.07
N ARG R 160 43.28 -111.76 22.18
CA ARG R 160 43.55 -111.07 23.42
C ARG R 160 42.27 -110.64 24.15
N TYR R 161 41.14 -110.50 23.42
CA TYR R 161 39.97 -109.76 23.91
C TYR R 161 38.66 -110.54 23.75
N PRO R 162 38.47 -111.64 24.49
CA PRO R 162 37.13 -112.29 24.48
C PRO R 162 36.07 -111.52 25.26
N LYS R 163 36.43 -110.84 26.37
CA LYS R 163 35.43 -110.10 27.14
C LYS R 163 35.06 -108.77 26.49
N LYS R 164 36.05 -108.10 25.90
CA LYS R 164 35.85 -106.85 25.18
C LYS R 164 35.16 -107.13 23.85
N LEU R 165 33.82 -106.99 23.83
CA LEU R 165 32.95 -107.60 22.82
C LEU R 165 32.89 -106.78 21.53
N VAL R 166 32.59 -107.47 20.42
CA VAL R 166 32.53 -106.86 19.09
C VAL R 166 31.12 -106.99 18.53
N GLN R 167 30.36 -105.89 18.57
CA GLN R 167 29.26 -105.69 17.62
C GLN R 167 29.85 -105.30 16.26
N THR R 168 29.19 -105.74 15.19
CA THR R 168 29.59 -105.47 13.80
C THR R 168 28.41 -104.93 13.02
N TYR R 169 28.64 -103.87 12.23
CA TYR R 169 27.66 -103.42 11.25
C TYR R 169 28.18 -103.66 9.83
N SER R 170 27.27 -104.04 8.92
CA SER R 170 27.66 -104.47 7.58
C SER R 170 26.55 -104.19 6.57
N VAL R 171 26.93 -103.95 5.31
CA VAL R 171 26.00 -103.86 4.19
C VAL R 171 26.31 -104.96 3.16
N PHE R 172 25.35 -105.88 2.98
CA PHE R 172 25.67 -107.19 2.44
C PHE R 172 25.84 -107.21 0.92
N PRO R 173 26.95 -107.77 0.41
CA PRO R 173 27.24 -107.81 -1.02
C PRO R 173 26.39 -108.83 -1.77
N ASN R 174 25.16 -108.44 -2.13
CA ASN R 174 24.42 -109.14 -3.17
C ASN R 174 23.80 -108.15 -4.13
N GLN R 175 24.04 -108.40 -5.42
CA GLN R 175 23.35 -107.78 -6.54
C GLN R 175 22.87 -108.86 -7.51
N ASP R 176 22.75 -110.10 -7.02
CA ASP R 176 22.64 -111.34 -7.79
C ASP R 176 23.83 -111.56 -8.73
N GLU R 177 24.88 -110.76 -8.60
CA GLU R 177 26.18 -111.01 -9.22
C GLU R 177 26.16 -111.56 -10.64
N ASP R 180 30.61 -105.07 -8.99
CA ASP R 180 30.26 -106.46 -8.78
C ASP R 180 31.41 -107.40 -9.13
N VAL R 181 32.50 -107.50 -8.33
CA VAL R 181 33.68 -108.10 -8.91
C VAL R 181 33.56 -109.62 -8.79
N VAL R 182 34.33 -110.35 -9.62
CA VAL R 182 34.16 -111.79 -9.77
C VAL R 182 34.70 -112.62 -8.61
N VAL R 183 35.44 -112.01 -7.68
CA VAL R 183 35.97 -112.69 -6.50
C VAL R 183 35.26 -112.27 -5.21
N GLN R 184 34.25 -111.41 -5.33
CA GLN R 184 33.51 -110.92 -4.13
C GLN R 184 32.78 -112.07 -3.41
N PRO R 185 32.02 -112.98 -4.09
CA PRO R 185 31.42 -114.10 -3.40
C PRO R 185 32.43 -114.82 -2.53
N TYR R 186 33.64 -115.04 -3.06
CA TYR R 186 34.73 -115.69 -2.27
C TYR R 186 35.02 -114.83 -1.05
N ASN R 187 35.24 -113.53 -1.27
CA ASN R 187 35.53 -112.61 -0.15
C ASN R 187 34.40 -112.67 0.89
N SER R 188 33.14 -112.53 0.45
CA SER R 188 32.02 -112.64 1.38
C SER R 188 32.14 -113.90 2.23
N LEU R 189 32.40 -115.03 1.59
CA LEU R 189 32.56 -116.30 2.27
C LEU R 189 33.70 -116.28 3.28
N LEU R 190 34.82 -115.65 2.90
CA LEU R 190 35.96 -115.53 3.81
C LEU R 190 35.67 -114.57 4.98
N THR R 191 35.02 -113.42 4.71
CA THR R 191 34.57 -112.56 5.80
C THR R 191 33.51 -113.23 6.68
N LEU R 192 32.58 -113.99 6.09
CA LEU R 192 31.56 -114.66 6.89
C LEU R 192 32.12 -115.75 7.81
N LYS R 193 33.07 -116.58 7.35
CA LYS R 193 33.70 -117.51 8.30
C LYS R 193 34.49 -116.77 9.37
N ARG R 194 35.32 -115.79 9.00
CA ARG R 194 36.10 -115.09 10.01
C ARG R 194 35.21 -114.32 10.99
N LEU R 195 34.17 -113.63 10.52
CA LEU R 195 33.31 -112.89 11.43
C LEU R 195 32.35 -113.78 12.23
N THR R 196 31.88 -114.92 11.71
CA THR R 196 31.22 -115.88 12.60
C THR R 196 32.19 -116.45 13.64
N GLN R 197 33.46 -116.67 13.25
CA GLN R 197 34.46 -117.20 14.17
C GLN R 197 34.98 -116.17 15.17
N ASN R 198 34.93 -114.86 14.87
CA ASN R 198 35.58 -113.86 15.71
C ASN R 198 34.65 -112.76 16.24
N ALA R 199 33.69 -112.26 15.44
CA ALA R 199 32.76 -111.26 15.97
C ALA R 199 31.75 -111.91 16.91
N ASP R 200 31.26 -111.12 17.88
CA ASP R 200 30.26 -111.61 18.81
C ASP R 200 28.83 -111.36 18.34
N CYS R 201 28.60 -110.24 17.65
CA CYS R 201 27.31 -109.87 17.08
C CYS R 201 27.53 -109.18 15.74
N VAL R 202 26.62 -109.42 14.78
CA VAL R 202 26.61 -108.66 13.53
C VAL R 202 25.20 -108.16 13.22
N VAL R 203 25.13 -106.89 12.81
CA VAL R 203 23.93 -106.32 12.19
C VAL R 203 24.19 -106.19 10.69
N VAL R 204 23.25 -106.68 9.88
CA VAL R 204 23.44 -106.76 8.45
C VAL R 204 22.20 -106.23 7.71
N LEU R 205 22.44 -105.50 6.63
CA LEU R 205 21.43 -104.83 5.82
C LEU R 205 21.76 -105.12 4.36
N ASP R 206 20.78 -105.64 3.60
CA ASP R 206 21.04 -106.31 2.32
C ASP R 206 20.80 -105.37 1.14
N ASN R 207 21.77 -105.33 0.22
CA ASN R 207 21.69 -104.47 -0.95
C ASN R 207 20.42 -104.70 -1.79
N THR R 208 20.15 -105.96 -2.20
CA THR R 208 18.93 -106.22 -2.98
C THR R 208 17.66 -105.89 -2.20
N ALA R 209 17.64 -106.13 -0.88
CA ALA R 209 16.42 -105.85 -0.11
C ALA R 209 16.18 -104.34 0.00
N LEU R 210 17.23 -103.57 0.26
CA LEU R 210 17.11 -102.12 0.25
C LEU R 210 16.86 -101.56 -1.15
N ASN R 211 17.30 -102.26 -2.21
CA ASN R 211 16.85 -101.90 -3.56
C ASN R 211 15.36 -102.15 -3.75
N ARG R 212 14.82 -103.23 -3.16
CA ARG R 212 13.38 -103.48 -3.19
C ARG R 212 12.60 -102.45 -2.36
N ILE R 213 13.16 -102.00 -1.23
CA ILE R 213 12.65 -100.81 -0.55
C ILE R 213 12.72 -99.58 -1.45
N ALA R 214 13.87 -99.35 -2.10
CA ALA R 214 14.12 -98.16 -2.89
C ALA R 214 13.49 -98.18 -4.29
N THR R 215 12.62 -99.16 -4.60
CA THR R 215 11.66 -99.06 -5.71
C THR R 215 10.24 -98.77 -5.23
N ASP R 216 9.97 -98.81 -3.92
CA ASP R 216 8.72 -98.33 -3.34
C ASP R 216 8.85 -96.90 -2.82
N ARG R 217 9.77 -96.66 -1.86
CA ARG R 217 9.93 -95.34 -1.26
C ARG R 217 10.58 -94.36 -2.24
N LEU R 218 11.21 -94.89 -3.29
CA LEU R 218 12.09 -94.19 -4.22
C LEU R 218 12.06 -94.93 -5.55
N HIS R 219 12.96 -94.55 -6.46
CA HIS R 219 13.03 -95.25 -7.77
C HIS R 219 14.50 -95.58 -8.06
N ILE R 220 15.18 -96.20 -7.10
CA ILE R 220 16.65 -96.48 -7.28
C ILE R 220 16.94 -97.96 -6.97
N GLN R 221 18.09 -98.46 -7.43
CA GLN R 221 18.50 -99.87 -7.17
C GLN R 221 19.96 -100.02 -7.64
N ASN R 222 20.38 -99.19 -8.60
CA ASN R 222 21.79 -99.21 -9.08
C ASN R 222 22.42 -97.82 -8.87
N PRO R 223 21.85 -96.70 -9.38
CA PRO R 223 22.41 -95.39 -9.10
C PRO R 223 22.39 -95.17 -7.60
N SER R 224 21.18 -95.16 -7.00
CA SER R 224 21.07 -95.03 -5.53
C SER R 224 21.43 -96.36 -4.88
N PHE R 225 22.73 -96.64 -4.72
CA PHE R 225 23.19 -97.92 -4.11
C PHE R 225 23.91 -97.61 -2.81
N SER R 226 25.01 -96.86 -2.88
CA SER R 226 25.79 -96.52 -1.66
C SER R 226 24.98 -95.54 -0.78
N GLN R 227 23.94 -94.93 -1.34
CA GLN R 227 23.07 -94.00 -0.55
C GLN R 227 22.64 -94.73 0.73
N ILE R 228 22.54 -96.06 0.68
CA ILE R 228 22.12 -96.89 1.84
C ILE R 228 22.79 -96.41 3.13
N ASN R 229 23.91 -95.70 3.05
CA ASN R 229 24.63 -95.35 4.30
C ASN R 229 23.72 -94.59 5.28
N GLN R 230 22.83 -93.72 4.76
CA GLN R 230 21.86 -93.04 5.63
C GLN R 230 20.97 -94.04 6.35
N LEU R 231 20.41 -95.01 5.61
CA LEU R 231 19.53 -95.99 6.21
C LEU R 231 20.26 -96.87 7.23
N VAL R 232 21.48 -97.33 6.90
CA VAL R 232 22.31 -98.02 7.90
C VAL R 232 22.47 -97.16 9.14
N SER R 233 22.75 -95.87 8.92
CA SER R 233 22.92 -94.93 10.02
C SER R 233 21.65 -94.70 10.84
N THR R 234 20.45 -94.83 10.26
CA THR R 234 19.25 -94.77 11.10
C THR R 234 19.24 -95.85 12.18
N ILE R 235 19.65 -97.08 11.85
CA ILE R 235 19.58 -98.15 12.83
C ILE R 235 20.84 -98.16 13.69
N MET R 236 21.98 -97.89 13.08
CA MET R 236 23.21 -97.76 13.85
C MET R 236 23.14 -96.59 14.84
N SER R 237 22.52 -95.47 14.46
CA SER R 237 22.15 -94.46 15.45
C SER R 237 21.12 -95.01 16.44
N ALA R 238 20.01 -95.57 15.96
CA ALA R 238 18.94 -95.97 16.88
C ALA R 238 19.43 -96.90 17.98
N SER R 239 20.25 -97.89 17.62
CA SER R 239 20.87 -98.76 18.61
C SER R 239 21.72 -97.97 19.60
N THR R 240 22.55 -97.06 19.09
CA THR R 240 23.43 -96.28 19.95
C THR R 240 22.70 -95.09 20.57
N THR R 241 21.49 -94.78 20.10
CA THR R 241 20.73 -93.62 20.59
C THR R 241 20.01 -93.98 21.88
N THR R 242 19.31 -95.12 21.90
CA THR R 242 18.71 -95.62 23.13
C THR R 242 19.79 -95.98 24.16
N LEU R 243 20.99 -96.32 23.68
CA LEU R 243 22.17 -96.53 24.53
C LEU R 243 22.61 -95.28 25.29
N ARG R 244 22.37 -94.08 24.75
CA ARG R 244 22.87 -92.84 25.34
C ARG R 244 21.73 -92.00 25.90
N TYR R 245 20.89 -91.44 25.05
CA TYR R 245 19.71 -90.68 25.51
C TYR R 245 18.66 -91.65 26.06
N PRO R 246 18.08 -91.39 27.24
CA PRO R 246 17.52 -92.48 28.05
C PRO R 246 16.21 -93.04 27.50
N GLY R 247 16.19 -94.36 27.30
CA GLY R 247 14.95 -95.10 27.31
C GLY R 247 14.60 -95.51 28.75
N TYR R 248 13.58 -96.35 28.87
CA TYR R 248 13.35 -97.03 30.15
C TYR R 248 14.38 -98.13 30.36
N MET R 249 15.02 -98.57 29.27
CA MET R 249 16.01 -99.66 29.38
C MET R 249 16.98 -99.58 28.20
N ASN R 250 17.99 -100.44 28.19
CA ASN R 250 18.99 -100.56 27.12
C ASN R 250 19.89 -99.32 27.04
N ASN R 251 20.18 -98.68 28.17
CA ASN R 251 21.27 -97.70 28.22
C ASN R 251 22.64 -98.38 28.28
N ASP R 252 22.69 -99.70 28.39
CA ASP R 252 23.84 -100.51 27.99
C ASP R 252 23.58 -101.11 26.61
N LEU R 253 24.63 -101.16 25.79
CA LEU R 253 24.54 -101.84 24.50
C LEU R 253 24.34 -103.35 24.68
N ILE R 254 24.98 -103.94 25.69
CA ILE R 254 25.02 -105.39 25.85
C ILE R 254 23.63 -105.96 26.14
N GLY R 255 22.76 -105.18 26.80
CA GLY R 255 21.36 -105.57 26.93
C GLY R 255 20.63 -105.73 25.61
N LEU R 256 20.95 -104.89 24.62
CA LEU R 256 20.39 -105.06 23.29
C LEU R 256 20.92 -106.31 22.60
N ILE R 257 22.24 -106.52 22.62
CA ILE R 257 22.78 -107.72 21.97
C ILE R 257 22.19 -108.97 22.58
N ALA R 258 22.10 -109.02 23.92
CA ALA R 258 21.47 -110.14 24.60
C ALA R 258 20.00 -110.35 24.21
N SER R 259 19.28 -109.29 23.88
CA SER R 259 17.89 -109.41 23.45
C SER R 259 17.75 -109.90 22.00
N LEU R 260 18.76 -109.64 21.17
CA LEU R 260 18.74 -109.86 19.74
C LEU R 260 19.38 -111.19 19.29
N ILE R 261 20.46 -111.62 19.91
CA ILE R 261 21.34 -112.66 19.38
C ILE R 261 21.08 -114.00 20.09
N PRO R 262 20.73 -115.09 19.32
CA PRO R 262 20.45 -116.40 19.97
C PRO R 262 21.67 -117.31 20.24
N THR R 263 22.48 -117.66 19.21
CA THR R 263 23.26 -118.92 19.16
C THR R 263 24.65 -118.70 18.53
N PRO R 264 25.60 -119.65 18.60
CA PRO R 264 27.01 -119.29 18.33
C PRO R 264 27.37 -119.05 16.87
N ARG R 265 26.62 -119.61 15.91
CA ARG R 265 26.77 -119.25 14.49
C ARG R 265 25.69 -118.29 14.00
N LEU R 266 24.41 -118.51 14.34
CA LEU R 266 23.35 -117.57 13.96
C LEU R 266 23.37 -116.33 14.87
N HIS R 267 24.18 -115.34 14.46
CA HIS R 267 24.33 -114.07 15.17
C HIS R 267 24.47 -112.87 14.21
N PHE R 268 23.96 -113.01 12.98
CA PHE R 268 23.84 -111.91 12.01
C PHE R 268 22.36 -111.50 11.94
N LEU R 269 22.07 -110.23 12.22
CA LEU R 269 20.71 -109.76 12.50
C LEU R 269 20.04 -109.11 11.30
N MET R 270 18.80 -109.55 11.02
CA MET R 270 17.85 -108.85 10.16
C MET R 270 17.45 -107.49 10.75
N THR R 271 17.00 -106.59 9.86
CA THR R 271 16.34 -105.34 10.24
C THR R 271 15.17 -105.06 9.29
N GLY R 272 14.16 -104.31 9.77
CA GLY R 272 12.97 -104.02 8.96
C GLY R 272 12.22 -102.78 9.42
N TYR R 273 11.66 -102.06 8.44
CA TYR R 273 11.03 -100.73 8.71
C TYR R 273 9.77 -100.59 7.85
N THR R 274 9.12 -99.40 7.87
CA THR R 274 7.85 -99.17 7.11
C THR R 274 7.65 -97.69 6.76
N PRO R 275 7.85 -96.71 7.66
CA PRO R 275 7.95 -95.31 7.23
C PRO R 275 9.31 -95.12 6.58
N LEU R 276 9.43 -95.65 5.35
CA LEU R 276 10.75 -95.71 4.67
C LEU R 276 11.18 -94.32 4.16
N THR R 277 10.25 -93.49 3.72
CA THR R 277 10.60 -92.10 3.42
C THR R 277 11.04 -91.42 4.72
N THR R 278 12.17 -91.89 5.25
CA THR R 278 12.64 -91.53 6.59
C THR R 278 13.21 -90.11 6.65
N ASP R 279 13.63 -89.57 5.51
CA ASP R 279 14.35 -88.29 5.46
C ASP R 279 13.42 -87.11 5.72
N LYS R 287 1.55 -87.45 16.63
CA LYS R 287 2.14 -88.74 16.30
C LYS R 287 1.05 -89.80 15.95
N THR R 288 1.44 -90.76 15.09
CA THR R 288 0.53 -91.62 14.33
C THR R 288 -0.05 -92.77 15.17
N THR R 289 -1.23 -93.26 14.76
CA THR R 289 -1.86 -94.46 15.34
C THR R 289 -0.99 -95.69 15.08
N VAL R 290 -0.44 -96.26 16.15
CA VAL R 290 0.67 -97.22 16.07
C VAL R 290 0.34 -98.48 15.27
N LEU R 291 -0.91 -98.93 15.24
CA LEU R 291 -1.25 -100.12 14.44
C LEU R 291 -0.98 -99.94 12.95
N ASP R 292 -1.12 -98.73 12.41
CA ASP R 292 -0.87 -98.51 11.00
C ASP R 292 0.62 -98.59 10.63
N VAL R 293 1.53 -98.60 11.60
CA VAL R 293 2.90 -99.04 11.34
C VAL R 293 2.99 -100.57 11.36
N MET R 294 2.59 -101.19 12.47
CA MET R 294 2.79 -102.63 12.64
C MET R 294 1.97 -103.50 11.66
N ARG R 295 0.87 -102.98 11.10
CA ARG R 295 0.17 -103.65 10.00
C ARG R 295 1.04 -103.89 8.76
N ARG R 296 2.12 -103.11 8.59
CA ARG R 296 3.02 -103.21 7.45
C ARG R 296 4.41 -103.76 7.80
N LEU R 297 4.81 -103.70 9.07
CA LEU R 297 6.19 -103.89 9.51
C LEU R 297 6.73 -105.33 9.35
N LEU R 298 5.92 -106.32 8.98
CA LEU R 298 6.30 -107.75 8.92
C LEU R 298 6.00 -108.40 7.56
N GLN R 299 6.52 -107.87 6.44
CA GLN R 299 6.41 -108.53 5.14
C GLN R 299 7.60 -108.21 4.22
N PRO R 300 7.86 -109.09 3.22
CA PRO R 300 9.13 -109.03 2.44
C PRO R 300 9.43 -107.74 1.67
N LYS R 301 8.46 -106.84 1.47
CA LYS R 301 8.70 -105.61 0.71
C LYS R 301 9.60 -104.62 1.44
N ASN R 302 9.54 -104.62 2.76
CA ASN R 302 10.05 -103.52 3.58
C ASN R 302 10.92 -103.98 4.76
N VAL R 303 11.27 -105.27 4.82
CA VAL R 303 12.39 -105.74 5.64
C VAL R 303 13.68 -105.51 4.86
N MET R 304 14.69 -104.88 5.51
CA MET R 304 16.00 -104.66 4.90
C MET R 304 16.84 -105.94 4.74
N VAL R 305 16.23 -107.10 5.02
CA VAL R 305 16.89 -108.40 5.00
C VAL R 305 15.84 -109.41 4.53
N SER R 306 15.86 -109.72 3.23
CA SER R 306 14.67 -110.29 2.56
C SER R 306 15.08 -111.28 1.47
N THR R 313 14.00 -125.00 4.59
CA THR R 313 12.90 -124.78 5.51
C THR R 313 12.20 -123.44 5.28
N ASN R 314 11.08 -123.22 5.99
CA ASN R 314 10.36 -121.95 6.00
C ASN R 314 11.14 -120.88 6.79
N HIS R 315 10.64 -119.64 6.78
CA HIS R 315 11.28 -118.49 7.43
C HIS R 315 10.62 -118.14 8.76
N CYS R 316 11.42 -118.00 9.83
CA CYS R 316 10.92 -117.83 11.19
C CYS R 316 11.73 -116.80 11.99
N TYR R 317 11.05 -116.01 12.84
CA TYR R 317 11.69 -114.96 13.65
C TYR R 317 12.20 -115.54 14.97
N ILE R 318 13.47 -115.96 14.96
CA ILE R 318 14.07 -116.70 16.07
C ILE R 318 14.14 -115.84 17.33
N ALA R 319 14.38 -114.53 17.19
CA ALA R 319 14.25 -113.53 18.24
C ALA R 319 13.94 -112.17 17.60
N ILE R 320 13.22 -111.28 18.32
CA ILE R 320 12.96 -109.91 17.87
C ILE R 320 13.10 -108.93 19.04
N LEU R 321 13.67 -107.74 18.79
CA LEU R 321 13.36 -106.52 19.54
C LEU R 321 13.24 -105.34 18.59
N ASN R 322 12.18 -104.53 18.75
CA ASN R 322 11.96 -103.34 17.92
C ASN R 322 12.41 -102.07 18.67
N ILE R 323 13.15 -101.19 17.96
CA ILE R 323 13.79 -99.99 18.52
C ILE R 323 13.16 -98.74 17.91
N ILE R 324 12.09 -98.23 18.54
CA ILE R 324 11.27 -97.17 17.97
C ILE R 324 11.96 -95.81 18.17
N GLN R 325 12.40 -95.21 17.06
CA GLN R 325 13.01 -93.88 17.04
C GLN R 325 11.98 -92.77 17.29
N GLY R 326 12.46 -91.64 17.84
CA GLY R 326 11.66 -90.43 17.95
C GLY R 326 11.65 -89.80 19.34
N GLU R 327 10.45 -89.45 19.83
CA GLU R 327 10.20 -89.10 21.22
C GLU R 327 8.82 -89.69 21.55
N VAL R 328 8.80 -90.91 22.14
CA VAL R 328 7.69 -91.86 21.99
C VAL R 328 6.78 -91.90 23.23
N ASP R 329 5.49 -92.20 22.98
CA ASP R 329 4.50 -92.49 24.03
C ASP R 329 4.70 -93.93 24.55
N PRO R 330 5.06 -94.11 25.84
CA PRO R 330 5.25 -95.47 26.37
C PRO R 330 4.00 -96.35 26.41
N THR R 331 2.80 -95.78 26.28
CA THR R 331 1.58 -96.60 26.39
C THR R 331 1.31 -97.32 25.09
N GLN R 332 1.43 -96.57 23.99
CA GLN R 332 0.97 -97.03 22.69
C GLN R 332 1.92 -98.07 22.11
N VAL R 333 3.23 -97.96 22.37
CA VAL R 333 4.15 -99.02 21.98
C VAL R 333 3.80 -100.36 22.63
N HIS R 334 3.36 -100.38 23.90
CA HIS R 334 3.01 -101.65 24.53
C HIS R 334 1.66 -102.17 24.00
N LYS R 335 0.68 -101.27 23.79
CA LYS R 335 -0.59 -101.64 23.17
C LYS R 335 -0.39 -102.22 21.77
N SER R 336 0.54 -101.64 21.00
CA SER R 336 0.87 -102.16 19.67
C SER R 336 1.32 -103.62 19.69
N LEU R 337 2.15 -104.00 20.67
CA LEU R 337 2.58 -105.40 20.84
C LEU R 337 1.47 -106.33 21.36
N GLN R 338 0.50 -105.82 22.12
CA GLN R 338 -0.71 -106.61 22.39
C GLN R 338 -1.46 -106.88 21.08
N ARG R 339 -1.64 -105.85 20.23
CA ARG R 339 -2.43 -106.02 19.01
C ARG R 339 -1.68 -106.69 17.85
N ILE R 340 -0.34 -106.72 17.81
CA ILE R 340 0.39 -107.46 16.77
C ILE R 340 0.21 -108.98 16.91
N ARG R 341 -0.01 -109.48 18.14
CA ARG R 341 -0.46 -110.87 18.37
C ARG R 341 -1.91 -111.09 17.94
N GLU R 342 -2.78 -110.07 17.94
CA GLU R 342 -4.07 -110.18 17.27
C GLU R 342 -3.92 -110.24 15.75
N ARG R 343 -2.95 -109.49 15.19
CA ARG R 343 -2.64 -109.58 13.76
C ARG R 343 -1.84 -110.84 13.37
N LYS R 344 -1.23 -111.57 14.30
CA LYS R 344 -0.59 -112.89 14.09
C LYS R 344 0.50 -112.94 13.00
N LEU R 345 1.17 -111.81 12.70
CA LEU R 345 2.07 -111.70 11.55
C LEU R 345 3.45 -112.37 11.74
N ALA R 346 3.95 -112.48 12.98
CA ALA R 346 5.27 -113.03 13.27
C ALA R 346 5.25 -114.56 13.43
N ASN R 347 6.03 -115.28 12.62
CA ASN R 347 6.30 -116.72 12.78
C ASN R 347 7.27 -116.97 13.96
N PHE R 348 7.00 -117.98 14.79
CA PHE R 348 7.83 -118.41 15.93
C PHE R 348 7.88 -119.94 16.03
N ILE R 349 8.99 -120.48 16.57
CA ILE R 349 9.23 -121.96 16.63
C ILE R 349 9.82 -122.31 18.01
N PRO R 350 9.53 -123.51 18.58
CA PRO R 350 9.98 -123.88 19.91
C PRO R 350 11.40 -123.51 20.38
N TRP R 351 12.44 -123.67 19.56
CA TRP R 351 13.78 -123.21 20.01
C TRP R 351 14.03 -121.74 19.62
N GLY R 352 13.24 -121.20 18.67
CA GLY R 352 13.31 -119.75 18.36
C GLY R 352 11.98 -119.05 18.54
N PRO R 353 11.39 -119.02 19.76
CA PRO R 353 10.10 -118.36 19.96
C PRO R 353 10.19 -116.94 20.49
N ALA R 354 11.39 -116.43 20.67
CA ALA R 354 11.63 -115.17 21.41
C ALA R 354 10.72 -114.01 20.98
N SER R 355 9.65 -113.79 21.76
CA SER R 355 8.58 -112.84 21.39
C SER R 355 9.05 -111.39 21.27
N ILE R 356 8.29 -110.61 20.50
CA ILE R 356 8.64 -109.19 20.26
C ILE R 356 8.63 -108.32 21.54
N GLN R 357 9.50 -107.32 21.60
CA GLN R 357 9.63 -106.29 22.65
C GLN R 357 9.81 -104.89 22.03
N VAL R 358 9.51 -103.85 22.83
CA VAL R 358 9.58 -102.42 22.44
C VAL R 358 10.62 -101.64 23.25
N ALA R 359 11.63 -101.10 22.60
CA ALA R 359 12.62 -100.16 23.15
C ALA R 359 12.40 -98.75 22.61
N LEU R 360 12.56 -97.76 23.50
CA LEU R 360 12.34 -96.35 23.21
C LEU R 360 13.67 -95.67 22.88
N SER R 361 13.69 -94.86 21.81
CA SER R 361 14.94 -94.29 21.28
C SER R 361 14.85 -92.78 21.01
N ARG R 362 15.17 -91.97 22.04
CA ARG R 362 15.05 -90.51 21.99
C ARG R 362 16.18 -89.93 21.15
N LYS R 363 15.90 -89.52 19.90
CA LYS R 363 16.97 -88.97 19.07
C LYS R 363 17.49 -87.63 19.62
N SER R 364 18.81 -87.57 19.79
CA SER R 364 19.51 -86.50 20.51
C SER R 364 19.50 -85.18 19.71
N PRO R 365 19.70 -84.04 20.39
CA PRO R 365 19.58 -82.75 19.69
C PRO R 365 20.57 -82.58 18.53
N TYR R 366 20.05 -81.98 17.45
CA TYR R 366 20.69 -81.69 16.15
C TYR R 366 20.96 -82.96 15.31
N LEU R 367 20.72 -84.15 15.87
CA LEU R 367 20.47 -85.29 15.00
C LEU R 367 19.15 -85.07 14.24
N PRO R 368 19.02 -85.63 13.01
CA PRO R 368 17.74 -85.51 12.28
C PRO R 368 16.54 -86.08 13.03
N SER R 369 15.79 -85.15 13.66
CA SER R 369 14.75 -85.44 14.64
C SER R 369 13.33 -85.39 14.04
N ALA R 370 13.22 -85.44 12.72
CA ALA R 370 11.94 -85.68 12.04
C ALA R 370 11.41 -87.08 12.29
N HIS R 371 10.08 -87.27 12.10
CA HIS R 371 9.45 -88.57 12.44
C HIS R 371 9.51 -88.76 13.96
N ARG R 372 8.80 -87.90 14.71
CA ARG R 372 8.77 -87.99 16.17
C ARG R 372 8.26 -89.33 16.71
N VAL R 373 7.67 -90.20 15.87
CA VAL R 373 7.68 -91.65 16.10
C VAL R 373 8.01 -92.35 14.78
N SER R 374 8.91 -93.35 14.84
CA SER R 374 9.25 -94.15 13.66
C SER R 374 9.79 -95.52 14.08
N GLY R 375 8.97 -96.56 13.88
CA GLY R 375 9.26 -97.92 14.38
C GLY R 375 9.97 -98.85 13.40
N LEU R 376 10.95 -99.62 13.93
CA LEU R 376 11.74 -100.59 13.18
C LEU R 376 12.07 -101.82 14.04
N MET R 377 12.15 -103.01 13.41
CA MET R 377 12.48 -104.27 14.07
C MET R 377 13.88 -104.75 13.73
N MET R 378 14.65 -105.18 14.75
CA MET R 378 15.90 -105.90 14.56
C MET R 378 15.76 -107.31 15.15
N ALA R 379 16.18 -108.36 14.41
CA ALA R 379 15.79 -109.74 14.70
C ALA R 379 16.74 -110.74 13.99
N ASN R 380 16.60 -112.04 14.33
CA ASN R 380 17.35 -113.14 13.69
C ASN R 380 16.39 -114.06 12.91
N HIS R 381 16.71 -114.34 11.63
CA HIS R 381 15.72 -114.87 10.69
C HIS R 381 16.44 -115.56 9.52
N THR R 382 15.67 -116.35 8.73
CA THR R 382 16.20 -117.15 7.61
C THR R 382 16.34 -116.36 6.31
N SER R 383 15.85 -115.11 6.25
CA SER R 383 16.00 -114.32 5.03
C SER R 383 17.44 -113.86 4.80
N ILE R 384 18.21 -113.58 5.87
CA ILE R 384 19.66 -113.40 5.68
C ILE R 384 20.29 -114.70 5.19
N SER R 385 19.75 -115.86 5.58
CA SER R 385 20.29 -117.11 5.06
C SER R 385 20.13 -117.20 3.54
N SER R 386 19.05 -116.64 2.98
CA SER R 386 18.88 -116.63 1.54
C SER R 386 19.94 -115.77 0.85
N LEU R 387 20.38 -114.68 1.50
CA LEU R 387 21.45 -113.85 0.93
C LEU R 387 22.80 -114.54 1.08
N PHE R 388 23.07 -115.14 2.25
CA PHE R 388 24.30 -115.91 2.43
C PHE R 388 24.33 -117.08 1.44
N GLU R 389 23.18 -117.70 1.19
CA GLU R 389 23.12 -118.81 0.24
C GLU R 389 23.29 -118.31 -1.19
N ARG R 390 22.82 -117.09 -1.49
CA ARG R 390 23.11 -116.50 -2.79
C ARG R 390 24.61 -116.26 -2.99
N THR R 391 25.33 -115.72 -1.99
CA THR R 391 26.78 -115.63 -2.13
C THR R 391 27.41 -117.01 -2.25
N CYS R 392 26.88 -118.01 -1.56
CA CYS R 392 27.39 -119.37 -1.72
C CYS R 392 27.13 -119.89 -3.12
N ARG R 393 25.95 -119.60 -3.69
CA ARG R 393 25.65 -120.02 -5.05
C ARG R 393 26.54 -119.30 -6.05
N GLN R 394 26.77 -118.00 -5.80
CA GLN R 394 27.68 -117.22 -6.64
C GLN R 394 29.09 -117.75 -6.53
N TYR R 395 29.52 -118.12 -5.32
CA TYR R 395 30.85 -118.68 -5.11
C TYR R 395 30.98 -120.03 -5.84
N ASP R 396 29.95 -120.89 -5.73
CA ASP R 396 29.97 -122.15 -6.46
C ASP R 396 29.96 -121.92 -7.97
N LYS R 397 29.15 -120.97 -8.45
CA LYS R 397 28.99 -120.76 -9.87
C LYS R 397 30.29 -120.28 -10.50
N LEU R 398 31.09 -119.53 -9.74
CA LEU R 398 32.35 -119.02 -10.23
C LEU R 398 33.51 -119.97 -9.91
N ARG R 399 33.44 -120.70 -8.79
CA ARG R 399 34.58 -121.49 -8.30
C ARG R 399 34.63 -122.88 -8.94
N LYS R 400 33.47 -123.53 -9.17
CA LYS R 400 33.49 -124.86 -9.75
C LYS R 400 33.78 -124.85 -11.25
N ARG R 401 33.64 -123.71 -11.91
CA ARG R 401 34.10 -123.51 -13.28
C ARG R 401 35.62 -123.33 -13.39
N GLU R 402 36.29 -122.97 -12.28
CA GLU R 402 37.71 -122.56 -12.25
C GLU R 402 37.97 -121.37 -13.17
N ALA R 403 36.96 -120.53 -13.35
CA ALA R 403 37.02 -119.46 -14.34
C ALA R 403 37.64 -118.18 -13.78
N PHE R 404 37.58 -117.98 -12.47
CA PHE R 404 37.84 -116.67 -11.85
C PHE R 404 38.83 -116.79 -10.69
N LEU R 405 40.11 -116.71 -11.03
CA LEU R 405 41.19 -116.58 -10.05
C LEU R 405 41.83 -115.19 -10.10
N GLU R 406 41.60 -114.42 -11.18
CA GLU R 406 42.09 -113.01 -11.35
C GLU R 406 43.61 -112.95 -11.65
N GLN R 407 44.40 -113.83 -11.04
CA GLN R 407 45.85 -113.97 -11.28
C GLN R 407 46.64 -112.67 -11.10
N PHE R 408 46.24 -111.84 -10.15
CA PHE R 408 47.13 -110.82 -9.62
C PHE R 408 48.07 -111.44 -8.58
N ARG R 409 49.14 -110.72 -8.26
CA ARG R 409 50.22 -111.28 -7.43
C ARG R 409 49.80 -111.44 -5.97
N LYS R 410 48.98 -110.51 -5.46
CA LYS R 410 48.42 -110.63 -4.11
C LYS R 410 47.61 -111.91 -3.95
N GLU R 411 46.79 -112.22 -4.97
CA GLU R 411 45.91 -113.37 -5.01
C GLU R 411 46.64 -114.70 -5.12
N ASP R 412 47.96 -114.69 -5.35
CA ASP R 412 48.77 -115.91 -5.17
C ASP R 412 49.62 -115.89 -3.90
N MET R 413 50.17 -114.74 -3.48
CA MET R 413 51.14 -114.76 -2.38
C MET R 413 50.47 -114.92 -1.03
N PHE R 414 49.20 -114.49 -0.89
CA PHE R 414 48.43 -114.88 0.28
C PHE R 414 47.98 -116.33 0.14
N LYS R 415 47.48 -116.69 -1.04
CA LYS R 415 46.69 -117.88 -1.28
C LYS R 415 47.52 -119.06 -1.80
N ASP R 416 48.83 -119.09 -1.47
CA ASP R 416 49.69 -120.20 -1.86
C ASP R 416 49.24 -121.55 -1.32
N ASN R 417 48.41 -121.59 -0.28
CA ASN R 417 47.96 -122.85 0.29
C ASN R 417 46.56 -123.25 -0.19
N PHE R 418 45.74 -122.27 -0.56
CA PHE R 418 44.37 -122.42 -1.05
C PHE R 418 43.41 -123.09 -0.07
N ASP R 419 43.78 -123.27 1.20
CA ASP R 419 42.91 -123.95 2.15
C ASP R 419 42.10 -122.97 2.99
N GLU R 420 42.34 -121.66 2.79
CA GLU R 420 41.68 -120.63 3.55
C GLU R 420 40.18 -120.55 3.21
N MET R 421 39.83 -120.85 1.95
CA MET R 421 38.43 -120.94 1.55
C MET R 421 37.85 -122.31 1.86
N ASP R 422 38.70 -123.34 1.86
CA ASP R 422 38.27 -124.68 2.24
C ASP R 422 37.83 -124.73 3.69
N THR R 423 38.49 -123.94 4.54
CA THR R 423 38.05 -123.85 5.96
C THR R 423 37.10 -122.67 6.08
N SER R 424 36.31 -122.41 5.04
CA SER R 424 35.36 -121.27 5.06
C SER R 424 34.04 -121.68 4.38
N ARG R 425 34.14 -122.31 3.21
CA ARG R 425 32.96 -122.80 2.50
C ARG R 425 32.10 -123.70 3.36
N GLU R 426 32.73 -124.55 4.17
CA GLU R 426 31.98 -125.44 5.06
C GLU R 426 31.29 -124.66 6.16
N ILE R 427 31.94 -123.63 6.72
CA ILE R 427 31.31 -122.83 7.78
C ILE R 427 30.15 -122.01 7.24
N VAL R 428 30.30 -121.40 6.06
CA VAL R 428 29.21 -120.57 5.55
C VAL R 428 28.07 -121.43 5.00
N GLN R 429 28.34 -122.68 4.59
CA GLN R 429 27.23 -123.52 4.17
C GLN R 429 26.52 -124.10 5.40
N GLN R 430 27.29 -124.51 6.42
CA GLN R 430 26.67 -124.97 7.66
C GLN R 430 25.89 -123.84 8.32
N LEU R 431 26.33 -122.60 8.13
CA LEU R 431 25.55 -121.43 8.55
C LEU R 431 24.18 -121.39 7.85
N ILE R 432 24.11 -121.68 6.54
CA ILE R 432 22.81 -121.77 5.86
C ILE R 432 21.91 -122.82 6.51
N ASP R 433 22.47 -124.02 6.72
CA ASP R 433 21.69 -125.13 7.25
C ASP R 433 21.18 -124.88 8.67
N GLU R 434 22.00 -124.28 9.54
CA GLU R 434 21.47 -123.87 10.84
C GLU R 434 20.32 -122.88 10.72
N TYR R 435 20.40 -121.90 9.82
CA TYR R 435 19.30 -120.97 9.64
C TYR R 435 18.02 -121.62 9.10
N HIS R 436 18.09 -122.81 8.50
CA HIS R 436 16.90 -123.57 8.20
C HIS R 436 16.45 -124.44 9.38
N ALA R 437 17.39 -125.07 10.09
CA ALA R 437 17.09 -125.78 11.32
C ALA R 437 16.50 -124.87 12.39
N ALA R 438 16.75 -123.56 12.29
CA ALA R 438 16.10 -122.58 13.15
C ALA R 438 14.57 -122.57 13.03
N THR R 439 14.01 -122.98 11.88
CA THR R 439 12.56 -123.08 11.71
C THR R 439 12.01 -124.49 12.02
N ARG R 440 12.79 -125.36 12.68
CA ARG R 440 12.40 -126.71 13.09
C ARG R 440 12.44 -126.85 14.62
N PRO R 441 11.59 -127.71 15.20
CA PRO R 441 11.59 -127.89 16.67
C PRO R 441 12.79 -128.67 17.21
N ASP R 442 13.58 -129.32 16.37
CA ASP R 442 14.74 -130.12 16.77
C ASP R 442 16.05 -129.46 16.32
N TYR R 443 16.97 -129.21 17.27
CA TYR R 443 18.23 -128.50 17.01
C TYR R 443 19.26 -128.76 18.12
N ILE R 444 20.44 -129.32 17.76
CA ILE R 444 21.54 -129.55 18.68
C ILE R 444 22.88 -129.22 18.02
N SER R 445 23.13 -129.79 16.83
CA SER R 445 24.40 -129.71 16.12
C SER R 445 24.67 -128.34 15.49
N TRP R 446 25.93 -128.12 15.09
CA TRP R 446 26.32 -126.85 14.40
C TRP R 446 26.00 -126.98 12.90
N GLY R 447 24.77 -127.36 12.57
CA GLY R 447 24.30 -127.57 11.21
C GLY R 447 24.24 -129.04 10.81
N ARG S 3 64.66 -62.14 51.36
CA ARG S 3 64.18 -63.54 51.38
C ARG S 3 63.51 -63.90 50.04
N GLU S 4 64.19 -63.51 48.96
CA GLU S 4 63.66 -63.58 47.60
C GLU S 4 64.44 -64.58 46.76
N ILE S 5 63.73 -65.52 46.13
CA ILE S 5 64.36 -66.51 45.24
C ILE S 5 64.73 -65.80 43.94
N ILE S 6 66.02 -65.67 43.67
CA ILE S 6 66.55 -65.01 42.49
C ILE S 6 66.44 -65.98 41.31
N THR S 7 66.17 -65.48 40.10
CA THR S 7 66.08 -66.33 38.92
C THR S 7 67.06 -65.93 37.82
N LEU S 8 67.59 -66.97 37.15
CA LEU S 8 68.74 -66.92 36.23
C LEU S 8 68.39 -67.67 34.93
N GLN S 9 67.59 -67.03 34.06
CA GLN S 9 67.35 -67.56 32.72
C GLN S 9 68.67 -67.61 31.94
N LEU S 10 68.99 -68.74 31.31
CA LEU S 10 70.24 -68.80 30.56
C LEU S 10 70.23 -69.75 29.37
N GLY S 11 71.03 -69.37 28.37
CA GLY S 11 71.04 -69.90 27.02
C GLY S 11 69.84 -69.46 26.24
N GLN S 12 69.98 -69.30 24.93
CA GLN S 12 68.93 -68.63 24.17
C GLN S 12 67.61 -69.39 24.21
N CYS S 13 67.66 -70.73 24.28
CA CYS S 13 66.46 -71.52 24.54
C CYS S 13 65.80 -71.15 25.86
N GLY S 14 66.56 -71.20 26.96
CA GLY S 14 66.08 -70.74 28.26
C GLY S 14 65.61 -69.30 28.28
N ASN S 15 66.22 -68.45 27.45
CA ASN S 15 65.92 -67.03 27.47
C ASN S 15 64.67 -66.72 26.65
N GLN S 16 64.35 -67.56 25.67
CA GLN S 16 63.07 -67.43 24.95
C GLN S 16 61.88 -68.10 25.69
N ILE S 17 62.08 -69.11 26.56
CA ILE S 17 61.02 -69.38 27.54
C ILE S 17 60.96 -68.24 28.57
N GLY S 18 62.11 -67.64 28.90
CA GLY S 18 62.14 -66.59 29.91
C GLY S 18 61.40 -65.32 29.51
N PHE S 19 61.72 -64.77 28.33
CA PHE S 19 61.03 -63.57 27.83
C PHE S 19 59.55 -63.83 27.62
N GLU S 20 59.16 -65.05 27.23
CA GLU S 20 57.74 -65.36 27.12
C GLU S 20 57.11 -65.42 28.50
N PHE S 21 57.82 -66.00 29.48
CA PHE S 21 57.36 -66.12 30.86
C PHE S 21 57.11 -64.75 31.52
N TRP S 22 58.03 -63.79 31.37
CA TRP S 22 57.82 -62.46 31.95
C TRP S 22 56.62 -61.74 31.33
N LYS S 23 56.40 -61.89 30.02
CA LYS S 23 55.19 -61.35 29.40
C LYS S 23 53.94 -62.06 29.91
N GLN S 24 54.01 -63.39 30.05
CA GLN S 24 52.87 -64.15 30.55
C GLN S 24 52.56 -63.80 32.01
N LEU S 25 53.60 -63.59 32.83
CA LEU S 25 53.36 -63.19 34.22
C LEU S 25 52.76 -61.79 34.29
N CYS S 26 53.30 -60.86 33.51
CA CYS S 26 52.87 -59.47 33.61
C CYS S 26 51.46 -59.29 33.06
N ALA S 27 51.02 -60.18 32.16
CA ALA S 27 49.63 -60.17 31.67
C ALA S 27 48.59 -60.47 32.75
N GLU S 28 48.95 -61.21 33.82
CA GLU S 28 47.98 -61.60 34.84
C GLU S 28 48.26 -61.08 36.24
N HIS S 29 49.54 -60.89 36.61
CA HIS S 29 49.88 -60.35 37.92
C HIS S 29 49.58 -58.85 38.03
N GLY S 30 49.41 -58.37 39.27
CA GLY S 30 49.01 -56.96 39.53
C GLY S 30 50.11 -55.95 39.35
N ILE S 31 50.76 -55.95 38.19
CA ILE S 31 51.82 -55.00 37.83
C ILE S 31 51.63 -54.55 36.37
N SER S 32 51.79 -53.23 36.13
CA SER S 32 51.70 -52.64 34.79
C SER S 32 52.78 -53.17 33.84
N PRO S 33 52.57 -53.05 32.52
CA PRO S 33 53.66 -53.38 31.58
C PRO S 33 54.96 -52.62 31.77
N GLU S 34 54.97 -51.44 32.41
CA GLU S 34 56.21 -50.75 32.70
C GLU S 34 56.76 -51.09 34.09
N GLY S 35 56.10 -51.99 34.83
CA GLY S 35 56.56 -52.45 36.12
C GLY S 35 55.96 -51.75 37.33
N ILE S 36 55.06 -50.77 37.11
CA ILE S 36 54.41 -49.98 38.16
C ILE S 36 53.22 -50.75 38.72
N VAL S 37 52.91 -50.55 40.01
CA VAL S 37 51.59 -50.95 40.53
C VAL S 37 50.53 -49.96 40.01
N GLU S 38 49.86 -50.33 38.91
CA GLU S 38 49.04 -49.37 38.17
C GLU S 38 47.72 -49.94 37.62
N GLU S 39 47.62 -51.27 37.40
CA GLU S 39 46.47 -51.90 36.77
C GLU S 39 45.17 -51.84 37.60
N PHE S 40 44.06 -51.55 36.90
CA PHE S 40 42.76 -51.24 37.57
C PHE S 40 42.94 -49.88 38.25
N ALA S 41 43.38 -49.88 39.50
CA ALA S 41 43.74 -48.67 40.25
C ALA S 41 44.89 -48.98 41.19
N THR S 45 47.29 -56.21 46.73
CA THR S 45 46.76 -57.03 47.81
C THR S 45 47.31 -58.47 47.75
N ASP S 46 48.41 -58.67 47.03
CA ASP S 46 49.02 -59.99 46.83
C ASP S 46 50.54 -59.89 46.92
N ARG S 47 51.19 -61.05 47.18
CA ARG S 47 52.59 -61.16 47.59
C ARG S 47 53.57 -60.93 46.43
N LYS S 48 53.73 -59.66 46.00
CA LYS S 48 54.83 -59.30 45.10
C LYS S 48 56.19 -59.70 45.68
N ASP S 49 56.42 -59.37 46.95
CA ASP S 49 57.76 -59.25 47.54
C ASP S 49 58.76 -60.34 47.13
N VAL S 50 58.41 -61.63 47.27
CA VAL S 50 59.36 -62.71 47.00
C VAL S 50 59.90 -62.64 45.58
N PHE S 51 59.09 -62.19 44.61
CA PHE S 51 59.45 -62.24 43.20
C PHE S 51 59.63 -60.86 42.57
N PHE S 52 58.95 -59.82 43.09
CA PHE S 52 59.06 -58.43 42.66
C PHE S 52 59.18 -57.51 43.88
N TYR S 53 60.02 -56.45 43.81
CA TYR S 53 60.21 -55.55 44.97
C TYR S 53 60.39 -54.07 44.57
N GLN S 54 59.96 -53.17 45.48
CA GLN S 54 59.75 -51.72 45.27
C GLN S 54 61.04 -50.93 44.97
N ALA S 55 61.11 -50.29 43.79
CA ALA S 55 62.09 -49.25 43.43
C ALA S 55 61.69 -47.86 43.95
N ASP S 56 62.54 -46.85 43.70
CA ASP S 56 62.18 -45.45 44.02
C ASP S 56 61.18 -44.85 43.02
N ASP S 57 61.16 -45.30 41.77
CA ASP S 57 60.22 -44.81 40.76
C ASP S 57 59.04 -45.76 40.57
N GLU S 58 58.64 -46.44 41.65
CA GLU S 58 57.45 -47.28 41.75
C GLU S 58 57.48 -48.54 40.88
N HIS S 59 58.57 -48.81 40.14
CA HIS S 59 58.78 -50.10 39.47
C HIS S 59 58.98 -51.19 40.52
N TYR S 60 58.15 -52.25 40.49
CA TYR S 60 58.38 -53.46 41.29
C TYR S 60 59.37 -54.39 40.54
N ILE S 61 60.65 -54.26 40.90
CA ILE S 61 61.79 -54.95 40.29
C ILE S 61 61.63 -56.48 40.36
N PRO S 62 61.51 -57.18 39.24
CA PRO S 62 61.50 -58.65 39.25
C PRO S 62 62.88 -59.25 39.46
N ARG S 63 62.89 -60.49 39.94
CA ARG S 63 64.12 -61.30 39.96
C ARG S 63 64.27 -62.10 38.66
N ALA S 64 65.15 -61.61 37.76
CA ALA S 64 65.01 -61.85 36.33
C ALA S 64 66.30 -61.80 35.51
N VAL S 65 67.43 -62.33 36.02
CA VAL S 65 68.67 -62.37 35.24
C VAL S 65 68.50 -63.22 33.97
N LEU S 66 69.05 -62.75 32.84
CA LEU S 66 68.92 -63.41 31.54
C LEU S 66 70.24 -63.29 30.77
N LEU S 67 70.92 -64.44 30.52
CA LEU S 67 72.25 -64.42 29.88
C LEU S 67 72.49 -65.59 28.91
N ASP S 68 73.29 -65.32 27.86
CA ASP S 68 73.76 -66.31 26.88
C ASP S 68 74.95 -65.70 26.12
N LEU S 69 75.61 -66.53 25.30
CA LEU S 69 76.82 -66.05 24.58
C LEU S 69 76.39 -65.40 23.25
N GLU S 70 75.89 -66.20 22.32
CA GLU S 70 75.47 -65.69 20.99
C GLU S 70 74.56 -64.46 21.16
N PRO S 71 75.01 -63.25 20.76
CA PRO S 71 74.17 -62.06 20.84
C PRO S 71 73.19 -62.02 19.65
N ARG S 72 72.98 -63.17 19.00
CA ARG S 72 72.09 -63.25 17.82
C ARG S 72 71.06 -62.12 17.86
N VAL S 73 70.31 -62.00 18.96
CA VAL S 73 69.22 -60.98 19.03
C VAL S 73 69.17 -60.34 20.43
N ILE S 74 70.13 -60.66 21.30
CA ILE S 74 70.02 -60.12 22.67
C ILE S 74 69.74 -58.61 22.73
N HIS S 75 70.18 -57.82 21.74
CA HIS S 75 69.93 -56.39 21.79
C HIS S 75 68.45 -56.05 21.88
N SER S 76 67.57 -56.87 21.28
CA SER S 76 66.13 -56.64 21.36
C SER S 76 65.61 -56.83 22.78
N ILE S 77 66.18 -57.78 23.51
CA ILE S 77 65.87 -57.99 24.94
C ILE S 77 66.39 -56.83 25.77
N LEU S 78 67.52 -56.23 25.38
CA LEU S 78 68.03 -55.06 26.08
C LEU S 78 67.15 -53.82 25.87
N ASN S 79 66.71 -53.56 24.64
CA ASN S 79 65.96 -52.34 24.37
C ASN S 79 64.45 -52.54 24.41
N SER S 80 63.98 -53.73 24.80
CA SER S 80 62.55 -54.01 24.84
C SER S 80 61.88 -53.22 25.96
N PRO S 81 60.57 -52.93 25.82
CA PRO S 81 59.81 -52.42 26.98
C PRO S 81 59.74 -53.33 28.19
N TYR S 82 60.00 -54.64 28.05
CA TYR S 82 60.06 -55.49 29.24
C TYR S 82 61.38 -55.38 29.98
N ALA S 83 62.37 -54.67 29.42
CA ALA S 83 63.54 -54.30 30.21
C ALA S 83 63.17 -53.33 31.32
N LYS S 84 62.15 -52.49 31.07
CA LYS S 84 61.63 -51.62 32.11
C LYS S 84 60.83 -52.39 33.16
N LEU S 85 60.40 -53.62 32.87
CA LEU S 85 60.09 -54.53 33.96
C LEU S 85 61.36 -55.03 34.67
N TYR S 86 62.25 -55.76 33.99
CA TYR S 86 63.51 -56.23 34.59
C TYR S 86 64.61 -55.15 34.65
N ASN S 87 64.35 -54.13 35.49
CA ASN S 87 65.20 -52.94 35.62
C ASN S 87 66.71 -53.13 35.86
N PRO S 88 67.19 -54.14 36.63
CA PRO S 88 68.62 -54.16 37.05
C PRO S 88 69.71 -54.26 35.99
N GLU S 89 69.36 -54.15 34.71
CA GLU S 89 70.30 -54.32 33.58
C GLU S 89 70.99 -55.68 33.61
N ASN S 90 70.25 -56.69 34.06
CA ASN S 90 70.76 -58.03 34.39
C ASN S 90 70.94 -58.96 33.17
N ILE S 91 71.46 -58.43 32.04
CA ILE S 91 71.71 -59.19 30.81
C ILE S 91 73.16 -58.98 30.36
N TYR S 92 73.89 -60.09 30.16
CA TYR S 92 75.32 -60.10 29.80
C TYR S 92 75.58 -61.14 28.72
N LEU S 93 76.43 -60.79 27.74
CA LEU S 93 76.78 -61.68 26.63
C LEU S 93 77.65 -62.85 27.08
N GLY S 101 79.74 -70.76 20.75
CA GLY S 101 78.96 -70.99 21.96
C GLY S 101 77.97 -72.14 21.90
N ASN S 102 77.80 -72.73 20.70
CA ASN S 102 76.80 -73.77 20.50
C ASN S 102 77.22 -75.11 21.12
N ASN S 103 78.51 -75.45 21.09
CA ASN S 103 79.04 -76.64 21.76
C ASN S 103 79.02 -76.45 23.28
N TRP S 104 78.74 -77.54 24.03
CA TRP S 104 78.84 -77.49 25.48
C TRP S 104 80.15 -76.86 25.95
N ALA S 105 81.26 -77.23 25.30
CA ALA S 105 82.58 -76.83 25.79
C ALA S 105 82.82 -75.33 25.57
N SER S 106 82.46 -74.81 24.40
CA SER S 106 82.63 -73.37 24.18
C SER S 106 81.72 -72.57 25.10
N GLY S 107 80.44 -72.97 25.22
CA GLY S 107 79.55 -72.33 26.18
C GLY S 107 80.06 -72.38 27.61
N PHE S 108 80.54 -73.54 28.07
CA PHE S 108 81.09 -73.71 29.42
C PHE S 108 82.36 -72.90 29.63
N SER S 109 83.28 -72.91 28.66
CA SER S 109 84.52 -72.15 28.79
C SER S 109 84.29 -70.65 28.60
N GLN S 110 83.27 -70.25 27.85
CA GLN S 110 82.83 -68.86 27.90
C GLN S 110 82.27 -68.51 29.29
N GLY S 111 81.48 -69.43 29.87
CA GLY S 111 81.09 -69.27 31.27
C GLY S 111 82.28 -69.09 32.20
N GLU S 112 83.30 -69.94 32.05
CA GLU S 112 84.51 -69.85 32.87
C GLU S 112 85.16 -68.47 32.79
N LYS S 113 85.25 -67.92 31.58
CA LYS S 113 85.96 -66.65 31.41
C LYS S 113 85.12 -65.45 31.83
N ILE S 114 83.79 -65.60 31.97
CA ILE S 114 82.92 -64.51 32.41
C ILE S 114 82.32 -64.78 33.80
N HIS S 115 82.82 -65.79 34.53
CA HIS S 115 82.09 -66.30 35.69
C HIS S 115 82.04 -65.31 36.86
N GLU S 116 83.01 -64.39 37.01
CA GLU S 116 82.95 -63.49 38.16
C GLU S 116 81.88 -62.43 37.98
N ASP S 117 81.80 -61.81 36.79
CA ASP S 117 80.88 -60.71 36.59
C ASP S 117 79.42 -61.19 36.46
N ILE S 118 79.18 -62.47 36.14
CA ILE S 118 77.81 -62.97 36.14
C ILE S 118 77.36 -63.36 37.55
N PHE S 119 78.29 -63.78 38.42
CA PHE S 119 77.98 -63.85 39.86
C PHE S 119 77.76 -62.45 40.43
N ASP S 120 78.39 -61.42 39.84
CA ASP S 120 78.21 -60.05 40.31
C ASP S 120 76.76 -59.58 40.16
N ILE S 121 75.99 -60.18 39.24
CA ILE S 121 74.61 -59.75 39.01
C ILE S 121 73.75 -60.04 40.23
N ILE S 122 74.11 -61.06 41.01
CA ILE S 122 73.36 -61.42 42.22
C ILE S 122 73.25 -60.24 43.18
N ASP S 123 74.32 -59.45 43.30
CA ASP S 123 74.26 -58.25 44.14
C ASP S 123 73.28 -57.21 43.60
N ARG S 124 73.17 -57.08 42.28
CA ARG S 124 72.17 -56.17 41.72
C ARG S 124 70.75 -56.72 41.88
N GLU S 125 70.57 -58.04 41.85
CA GLU S 125 69.30 -58.64 42.24
C GLU S 125 69.02 -58.44 43.73
N ALA S 126 70.07 -58.52 44.57
CA ALA S 126 69.93 -58.29 46.01
C ALA S 126 69.61 -56.82 46.32
N ASP S 127 70.21 -55.87 45.58
CA ASP S 127 69.81 -54.47 45.71
C ASP S 127 68.39 -54.23 45.23
N GLY S 128 67.93 -55.00 44.23
CA GLY S 128 66.54 -55.07 43.83
C GLY S 128 65.67 -55.91 44.74
N SER S 129 66.16 -56.23 45.95
CA SER S 129 65.50 -57.13 46.89
C SER S 129 65.70 -56.61 48.31
N ASP S 130 65.17 -57.36 49.30
CA ASP S 130 65.69 -57.27 50.67
C ASP S 130 66.90 -58.18 50.89
N SER S 131 66.84 -59.45 50.46
CA SER S 131 67.91 -60.41 50.74
C SER S 131 67.68 -61.70 49.98
N LEU S 132 68.71 -62.54 49.99
CA LEU S 132 68.79 -63.84 49.32
C LEU S 132 67.68 -64.82 49.73
N GLU S 133 67.40 -65.81 48.82
CA GLU S 133 66.71 -67.04 49.19
C GLU S 133 67.08 -68.24 48.29
N GLY S 134 68.24 -68.23 47.61
CA GLY S 134 68.61 -69.22 46.60
C GLY S 134 68.13 -68.89 45.19
N PHE S 135 68.30 -69.84 44.27
CA PHE S 135 68.28 -69.56 42.83
C PHE S 135 67.48 -70.58 42.02
N VAL S 136 66.78 -70.07 40.98
CA VAL S 136 66.20 -70.88 39.90
C VAL S 136 66.88 -70.51 38.58
N LEU S 137 67.50 -71.50 37.93
CA LEU S 137 68.01 -71.37 36.57
C LEU S 137 66.96 -71.93 35.60
N CYS S 138 66.47 -71.10 34.69
CA CYS S 138 65.69 -71.58 33.54
C CYS S 138 66.70 -72.00 32.47
N HIS S 139 67.12 -73.27 32.54
CA HIS S 139 68.41 -73.72 32.04
C HIS S 139 68.22 -74.40 30.69
N SER S 140 68.78 -73.80 29.62
CA SER S 140 68.86 -74.47 28.33
C SER S 140 69.59 -75.81 28.46
N ILE S 141 68.95 -76.89 28.02
CA ILE S 141 69.68 -78.07 27.57
C ILE S 141 69.81 -77.98 26.04
N ALA S 142 70.76 -78.76 25.48
CA ALA S 142 70.94 -78.88 24.03
C ALA S 142 70.90 -77.53 23.29
N GLY S 143 71.52 -76.54 23.95
CA GLY S 143 71.70 -75.19 23.37
C GLY S 143 72.91 -74.63 24.09
N GLY S 144 74.13 -74.89 23.60
CA GLY S 144 75.39 -74.54 24.29
C GLY S 144 75.46 -73.24 25.08
N THR S 145 74.84 -72.18 24.58
CA THR S 145 74.90 -70.86 25.27
C THR S 145 74.24 -70.96 26.62
N GLY S 146 73.56 -72.07 26.89
CA GLY S 146 73.04 -72.36 28.24
C GLY S 146 73.43 -73.77 28.63
N SER S 147 73.36 -74.71 27.68
CA SER S 147 73.80 -76.11 27.95
C SER S 147 75.33 -76.13 27.94
N GLY S 148 75.93 -75.39 28.88
CA GLY S 148 77.38 -75.26 28.98
C GLY S 148 77.61 -74.09 29.91
N LEU S 149 77.23 -72.88 29.47
CA LEU S 149 77.32 -71.75 30.39
C LEU S 149 76.65 -72.05 31.73
N GLY S 150 75.43 -72.59 31.68
CA GLY S 150 74.68 -72.85 32.91
C GLY S 150 75.32 -73.89 33.81
N SER S 151 75.87 -74.96 33.21
CA SER S 151 76.62 -75.92 34.01
C SER S 151 77.82 -75.28 34.69
N TYR S 152 78.41 -74.24 34.11
CA TYR S 152 79.48 -73.54 34.81
C TYR S 152 78.92 -72.67 35.93
N LEU S 153 77.93 -71.83 35.62
CA LEU S 153 77.40 -70.89 36.59
C LEU S 153 76.80 -71.62 37.78
N LEU S 154 76.14 -72.75 37.51
CA LEU S 154 75.70 -73.67 38.56
C LEU S 154 76.83 -74.07 39.50
N GLU S 155 77.98 -74.46 38.93
CA GLU S 155 79.16 -74.83 39.69
C GLU S 155 79.82 -73.67 40.40
N ARG S 156 79.28 -72.46 40.28
CA ARG S 156 79.75 -71.30 41.03
C ARG S 156 78.75 -70.89 42.08
N LEU S 157 77.46 -70.87 41.75
CA LEU S 157 76.42 -70.57 42.74
C LEU S 157 76.41 -71.61 43.88
N ASN S 158 76.45 -72.90 43.54
CA ASN S 158 76.13 -73.95 44.51
C ASN S 158 77.08 -74.00 45.71
N ASP S 159 78.37 -73.64 45.53
CA ASP S 159 79.33 -73.69 46.63
C ASP S 159 79.37 -72.38 47.41
N ARG S 160 78.92 -71.28 46.82
CA ARG S 160 78.98 -69.96 47.41
C ARG S 160 77.69 -69.57 48.15
N TYR S 161 76.54 -70.06 47.68
CA TYR S 161 75.26 -69.95 48.40
C TYR S 161 74.61 -71.32 48.60
N PRO S 162 75.26 -72.20 49.39
CA PRO S 162 74.75 -73.57 49.59
C PRO S 162 73.51 -73.67 50.48
N LYS S 163 73.12 -72.58 51.15
CA LYS S 163 72.09 -72.62 52.19
C LYS S 163 70.67 -72.82 51.64
N LYS S 164 70.45 -72.53 50.36
CA LYS S 164 69.16 -72.64 49.70
C LYS S 164 69.33 -73.37 48.35
N LEU S 165 68.24 -73.48 47.58
CA LEU S 165 68.27 -74.19 46.30
C LEU S 165 69.14 -73.49 45.26
N VAL S 166 69.69 -74.29 44.32
CA VAL S 166 70.17 -73.81 43.02
C VAL S 166 69.55 -74.73 41.97
N GLN S 167 68.23 -74.58 41.86
CA GLN S 167 67.34 -75.38 41.02
C GLN S 167 67.57 -75.06 39.54
N THR S 168 67.47 -76.07 38.65
CA THR S 168 67.71 -75.87 37.22
C THR S 168 66.61 -76.53 36.38
N TYR S 169 65.60 -75.73 35.96
CA TYR S 169 64.57 -76.20 35.05
C TYR S 169 65.20 -76.58 33.71
N SER S 170 65.25 -77.88 33.39
CA SER S 170 65.85 -78.36 32.14
C SER S 170 64.79 -78.42 31.03
N VAL S 171 64.61 -77.29 30.33
CA VAL S 171 63.98 -77.34 29.00
C VAL S 171 64.89 -78.14 28.07
N PHE S 172 64.37 -79.25 27.53
CA PHE S 172 65.18 -80.34 27.00
C PHE S 172 64.90 -80.57 25.51
N PRO S 173 65.65 -79.90 24.59
CA PRO S 173 65.62 -80.24 23.16
C PRO S 173 66.09 -81.65 22.82
N ASN S 174 65.10 -82.53 23.00
CA ASN S 174 64.95 -83.80 22.28
C ASN S 174 63.67 -83.62 21.47
N GLN S 175 63.73 -83.87 20.13
CA GLN S 175 62.63 -83.47 19.26
C GLN S 175 62.30 -84.55 18.22
N ASP S 176 62.73 -85.79 18.45
CA ASP S 176 62.78 -86.89 17.48
C ASP S 176 63.65 -86.60 16.24
N GLU S 177 64.23 -85.40 16.13
CA GLU S 177 65.26 -85.13 15.11
C GLU S 177 64.78 -85.50 13.71
N ASP S 180 66.71 -77.13 15.26
CA ASP S 180 67.42 -78.08 16.12
C ASP S 180 68.92 -78.11 15.72
N VAL S 181 69.81 -78.63 16.58
CA VAL S 181 71.23 -78.77 16.25
C VAL S 181 71.75 -80.16 16.64
N VAL S 182 72.46 -80.83 15.70
CA VAL S 182 72.89 -82.27 15.84
C VAL S 182 73.89 -82.55 16.96
N VAL S 183 74.17 -81.60 17.85
CA VAL S 183 75.02 -81.81 19.02
C VAL S 183 74.22 -82.18 20.27
N GLN S 184 72.89 -82.37 20.13
CA GLN S 184 72.01 -82.54 21.29
C GLN S 184 72.39 -83.68 22.25
N PRO S 185 72.72 -84.91 21.82
CA PRO S 185 73.09 -85.93 22.83
C PRO S 185 74.34 -85.57 23.62
N TYR S 186 75.33 -84.95 22.96
CA TYR S 186 76.57 -84.57 23.63
C TYR S 186 76.33 -83.43 24.61
N ASN S 187 75.63 -82.38 24.17
CA ASN S 187 75.32 -81.27 25.08
C ASN S 187 74.44 -81.71 26.25
N SER S 188 73.42 -82.54 25.99
CA SER S 188 72.57 -83.02 27.08
C SER S 188 73.31 -83.93 28.04
N LEU S 189 74.16 -84.83 27.54
CA LEU S 189 74.92 -85.70 28.44
C LEU S 189 75.93 -84.92 29.27
N LEU S 190 76.63 -83.96 28.66
CA LEU S 190 77.57 -83.14 29.42
C LEU S 190 76.86 -82.29 30.48
N THR S 191 75.60 -81.84 30.23
CA THR S 191 74.79 -81.31 31.33
C THR S 191 74.27 -82.38 32.30
N LEU S 192 74.04 -83.63 31.86
CA LEU S 192 73.42 -84.59 32.74
C LEU S 192 74.28 -84.96 33.96
N LYS S 193 75.61 -84.79 33.91
CA LYS S 193 76.38 -84.84 35.15
C LYS S 193 75.94 -83.73 36.11
N ARG S 194 75.72 -82.53 35.59
CA ARG S 194 75.27 -81.42 36.43
C ARG S 194 73.83 -81.60 36.89
N LEU S 195 72.94 -82.02 35.99
CA LEU S 195 71.54 -82.25 36.34
C LEU S 195 71.34 -83.37 37.36
N THR S 196 72.31 -84.29 37.52
CA THR S 196 72.27 -85.24 38.62
C THR S 196 72.92 -84.70 39.89
N GLN S 197 74.17 -84.21 39.80
CA GLN S 197 75.01 -84.03 40.98
C GLN S 197 75.70 -82.67 41.09
N ASN S 198 75.23 -81.64 40.37
CA ASN S 198 75.62 -80.25 40.64
C ASN S 198 74.42 -79.31 40.74
N ALA S 199 73.24 -79.73 40.28
CA ALA S 199 71.95 -79.13 40.59
C ALA S 199 71.23 -79.99 41.63
N ASP S 200 70.21 -79.41 42.25
CA ASP S 200 69.51 -80.08 43.35
C ASP S 200 68.02 -80.27 43.09
N CYS S 201 67.37 -79.47 42.23
CA CYS S 201 66.07 -79.78 41.63
C CYS S 201 66.15 -79.56 40.12
N VAL S 202 65.60 -80.50 39.36
CA VAL S 202 65.60 -80.46 37.89
C VAL S 202 64.19 -80.74 37.37
N VAL S 203 63.36 -79.69 37.27
CA VAL S 203 62.07 -79.79 36.56
C VAL S 203 62.38 -79.96 35.07
N VAL S 204 62.09 -81.14 34.53
CA VAL S 204 62.54 -81.59 33.21
C VAL S 204 61.37 -81.61 32.21
N LEU S 205 61.61 -81.05 31.01
CA LEU S 205 60.61 -80.82 29.96
C LEU S 205 61.11 -81.37 28.62
N ASP S 206 60.63 -82.55 28.20
CA ASP S 206 60.94 -83.14 26.89
C ASP S 206 60.30 -82.30 25.78
N ASN S 207 61.13 -81.62 24.98
CA ASN S 207 60.60 -80.81 23.89
C ASN S 207 59.81 -81.62 22.85
N THR S 208 60.02 -82.95 22.74
CA THR S 208 59.18 -83.74 21.84
C THR S 208 57.75 -83.81 22.34
N ALA S 209 57.56 -84.05 23.64
CA ALA S 209 56.22 -84.07 24.21
C ALA S 209 55.58 -82.68 24.18
N LEU S 210 56.36 -81.63 24.44
CA LEU S 210 55.82 -80.28 24.34
C LEU S 210 55.51 -79.91 22.89
N ASN S 211 56.33 -80.39 21.93
CA ASN S 211 56.03 -80.15 20.52
C ASN S 211 54.76 -80.85 20.07
N ARG S 212 54.55 -82.10 20.51
CA ARG S 212 53.34 -82.83 20.15
C ARG S 212 52.12 -82.25 20.85
N ILE S 213 52.26 -81.88 22.12
CA ILE S 213 51.13 -81.40 22.91
C ILE S 213 50.73 -79.98 22.48
N ALA S 214 51.70 -79.11 22.19
CA ALA S 214 51.37 -77.74 21.77
C ALA S 214 50.63 -77.73 20.44
N THR S 215 51.03 -78.59 19.51
CA THR S 215 50.36 -78.77 18.24
C THR S 215 49.07 -79.59 18.36
N ASP S 216 48.66 -79.92 19.59
CA ASP S 216 47.37 -80.52 19.89
C ASP S 216 46.44 -79.55 20.63
N ARG S 217 46.99 -78.45 21.17
CA ARG S 217 46.20 -77.31 21.66
C ARG S 217 45.43 -76.64 20.53
N LEU S 218 46.13 -76.40 19.42
CA LEU S 218 45.59 -76.01 18.13
C LEU S 218 46.54 -76.59 17.09
N HIS S 219 45.98 -77.00 15.94
CA HIS S 219 46.76 -77.77 14.90
C HIS S 219 47.77 -76.95 14.11
N ILE S 220 48.38 -75.95 14.73
CA ILE S 220 49.47 -75.17 14.07
C ILE S 220 50.82 -75.86 14.37
N GLN S 221 51.41 -76.52 13.38
CA GLN S 221 52.68 -77.25 13.59
C GLN S 221 53.81 -76.54 12.81
N ASN S 222 54.09 -75.29 13.14
CA ASN S 222 55.14 -74.51 12.41
C ASN S 222 56.19 -73.99 13.40
N PRO S 223 55.86 -73.12 14.38
CA PRO S 223 56.85 -72.69 15.35
C PRO S 223 57.34 -73.89 16.14
N SER S 224 58.58 -74.31 15.90
CA SER S 224 59.12 -75.53 16.57
C SER S 224 59.40 -75.27 18.05
N PHE S 225 59.68 -74.01 18.42
CA PHE S 225 60.05 -73.71 19.83
C PHE S 225 59.12 -72.63 20.41
N SER S 226 58.66 -71.70 19.58
CA SER S 226 57.69 -70.68 20.07
C SER S 226 56.47 -71.41 20.66
N GLN S 227 55.93 -72.38 19.92
CA GLN S 227 54.76 -73.13 20.40
C GLN S 227 55.09 -73.95 21.65
N ILE S 228 56.35 -74.38 21.80
CA ILE S 228 56.82 -74.90 23.08
C ILE S 228 56.84 -73.81 24.16
N ASN S 229 57.40 -72.62 23.87
CA ASN S 229 57.33 -71.54 24.86
C ASN S 229 55.91 -71.32 25.39
N GLN S 230 54.91 -71.34 24.51
CA GLN S 230 53.52 -71.12 24.93
C GLN S 230 53.00 -72.16 25.92
N LEU S 231 53.55 -73.38 25.93
CA LEU S 231 53.25 -74.31 27.02
C LEU S 231 54.06 -73.99 28.27
N VAL S 232 55.35 -73.72 28.12
CA VAL S 232 56.24 -73.56 29.27
C VAL S 232 55.87 -72.32 30.09
N SER S 233 55.59 -71.19 29.42
CA SER S 233 55.27 -69.96 30.17
C SER S 233 54.00 -70.09 31.00
N THR S 234 52.96 -70.73 30.47
CA THR S 234 51.74 -70.93 31.24
C THR S 234 51.98 -71.90 32.41
N ILE S 235 52.74 -72.96 32.16
CA ILE S 235 53.16 -73.87 33.23
C ILE S 235 53.99 -73.11 34.27
N MET S 236 54.94 -72.29 33.81
CA MET S 236 55.76 -71.52 34.73
C MET S 236 54.92 -70.56 35.57
N SER S 237 53.96 -69.86 34.93
CA SER S 237 53.09 -68.95 35.66
C SER S 237 52.29 -69.67 36.75
N ALA S 238 51.72 -70.83 36.41
CA ALA S 238 51.03 -71.62 37.45
C ALA S 238 52.00 -72.06 38.54
N SER S 239 53.25 -72.39 38.19
CA SER S 239 54.26 -72.78 39.18
C SER S 239 54.73 -71.63 40.06
N THR S 240 54.70 -70.38 39.57
CA THR S 240 55.16 -69.24 40.35
C THR S 240 54.09 -68.69 41.28
N THR S 241 52.87 -69.22 41.23
CA THR S 241 51.79 -68.76 42.11
C THR S 241 52.20 -68.83 43.58
N THR S 242 52.91 -69.89 43.99
CA THR S 242 53.42 -70.01 45.35
C THR S 242 54.40 -68.90 45.73
N LEU S 243 55.00 -68.21 44.76
CA LEU S 243 55.82 -67.03 45.05
C LEU S 243 54.97 -65.75 45.07
N ARG S 244 54.02 -65.66 44.14
CA ARG S 244 53.22 -64.45 43.89
C ARG S 244 52.00 -64.30 44.81
N TYR S 245 51.51 -65.37 45.45
CA TYR S 245 50.29 -65.32 46.26
C TYR S 245 50.52 -65.69 47.72
N PRO S 246 49.82 -65.05 48.66
CA PRO S 246 49.93 -65.41 50.08
C PRO S 246 49.15 -66.68 50.42
N GLY S 247 49.63 -67.39 51.45
CA GLY S 247 48.88 -68.48 52.04
C GLY S 247 49.46 -69.02 53.34
N TYR S 248 48.59 -69.56 54.19
CA TYR S 248 49.02 -70.24 55.43
C TYR S 248 50.09 -71.29 55.09
N MET S 249 49.84 -72.09 54.06
CA MET S 249 50.83 -72.94 53.40
C MET S 249 51.13 -72.40 52.00
N ASN S 250 52.17 -72.96 51.36
CA ASN S 250 52.45 -72.68 49.95
C ASN S 250 52.75 -71.20 49.70
N ASN S 251 53.71 -70.67 50.47
CA ASN S 251 54.19 -69.30 50.38
C ASN S 251 55.62 -69.18 49.81
N ASP S 252 56.20 -70.27 49.27
CA ASP S 252 57.46 -70.22 48.51
C ASP S 252 57.56 -71.42 47.58
N LEU S 253 58.50 -71.32 46.60
CA LEU S 253 58.68 -72.38 45.60
C LEU S 253 59.40 -73.63 46.13
N ILE S 254 60.27 -73.50 47.14
CA ILE S 254 60.92 -74.70 47.69
C ILE S 254 59.88 -75.62 48.31
N GLY S 255 58.89 -75.02 49.00
CA GLY S 255 57.81 -75.77 49.61
C GLY S 255 56.91 -76.49 48.63
N LEU S 256 56.76 -75.94 47.42
CA LEU S 256 56.06 -76.67 46.36
C LEU S 256 56.89 -77.85 45.84
N ILE S 257 58.19 -77.63 45.66
CA ILE S 257 59.10 -78.63 45.10
C ILE S 257 59.41 -79.78 46.08
N ALA S 258 59.20 -79.58 47.39
CA ALA S 258 59.77 -80.45 48.43
C ALA S 258 59.37 -81.94 48.32
N SER S 259 58.08 -82.27 48.50
CA SER S 259 57.70 -83.70 48.52
C SER S 259 57.78 -84.39 47.16
N LEU S 260 57.95 -83.65 46.08
CA LEU S 260 58.01 -84.23 44.73
C LEU S 260 59.35 -84.92 44.47
N ILE S 261 60.44 -84.43 45.05
CA ILE S 261 61.75 -85.09 44.95
C ILE S 261 61.79 -86.24 45.96
N PRO S 262 61.78 -87.51 45.51
CA PRO S 262 61.60 -88.62 46.46
C PRO S 262 62.89 -89.06 47.14
N THR S 263 64.02 -88.82 46.49
CA THR S 263 65.35 -89.27 46.89
C THR S 263 66.35 -88.34 46.20
N PRO S 264 67.62 -88.20 46.73
CA PRO S 264 68.30 -86.92 46.49
C PRO S 264 68.87 -86.70 45.08
N ARG S 265 69.54 -87.67 44.45
CA ARG S 265 70.09 -87.47 43.12
C ARG S 265 69.05 -87.61 41.99
N LEU S 266 67.85 -88.13 42.30
CA LEU S 266 66.83 -88.46 41.30
C LEU S 266 65.86 -87.29 40.98
N HIS S 267 66.26 -86.07 41.36
CA HIS S 267 65.38 -84.87 41.31
C HIS S 267 64.89 -84.48 39.91
N PHE S 268 64.89 -85.42 38.96
CA PHE S 268 64.29 -85.20 37.60
C PHE S 268 62.75 -85.15 37.69
N LEU S 269 62.21 -83.96 37.98
CA LEU S 269 60.77 -83.74 38.15
C LEU S 269 60.10 -83.44 36.81
N MET S 270 59.28 -84.36 36.28
CA MET S 270 58.54 -84.05 35.07
C MET S 270 57.39 -83.07 35.35
N THR S 271 57.20 -82.11 34.42
CA THR S 271 56.04 -81.23 34.45
C THR S 271 54.76 -82.03 34.17
N GLY S 272 53.66 -81.60 34.80
CA GLY S 272 52.34 -82.08 34.44
C GLY S 272 51.26 -81.04 34.70
N TYR S 273 50.44 -80.74 33.70
CA TYR S 273 49.40 -79.71 33.80
C TYR S 273 48.09 -80.23 33.21
N THR S 274 46.96 -80.01 33.92
CA THR S 274 45.67 -80.52 33.40
C THR S 274 45.19 -79.69 32.22
N PRO S 275 44.85 -78.40 32.37
CA PRO S 275 44.36 -77.62 31.19
C PRO S 275 45.48 -77.06 30.32
N LEU S 276 46.15 -77.94 29.57
CA LEU S 276 47.12 -77.48 28.59
C LEU S 276 46.50 -76.64 27.48
N THR S 277 45.19 -76.78 27.24
CA THR S 277 44.42 -75.91 26.37
C THR S 277 43.84 -74.69 27.11
N THR S 278 44.51 -74.22 28.18
CA THR S 278 44.07 -73.02 28.88
C THR S 278 44.12 -71.75 28.02
N ASP S 279 44.95 -71.74 26.97
CA ASP S 279 44.99 -70.59 26.06
C ASP S 279 43.72 -70.42 25.25
N LYS S 287 37.47 -75.23 33.92
CA LYS S 287 36.28 -75.77 34.57
C LYS S 287 36.41 -77.28 34.76
N THR S 288 37.65 -77.78 34.76
CA THR S 288 37.89 -79.18 35.05
C THR S 288 37.59 -79.45 36.54
N THR S 289 36.94 -80.58 36.84
CA THR S 289 36.29 -80.74 38.14
C THR S 289 37.30 -81.04 39.25
N VAL S 290 36.77 -81.19 40.47
CA VAL S 290 37.63 -81.42 41.64
C VAL S 290 38.28 -82.79 41.58
N LEU S 291 37.61 -83.79 41.02
CA LEU S 291 38.30 -85.04 40.72
C LEU S 291 39.34 -84.84 39.62
N ASP S 292 38.95 -84.17 38.54
CA ASP S 292 39.72 -84.23 37.30
C ASP S 292 40.97 -83.34 37.31
N VAL S 293 41.07 -82.37 38.23
CA VAL S 293 42.36 -81.68 38.40
C VAL S 293 43.47 -82.66 38.76
N MET S 294 43.14 -83.77 39.44
CA MET S 294 44.10 -84.83 39.73
C MET S 294 44.01 -86.00 38.73
N ARG S 295 42.78 -86.46 38.44
CA ARG S 295 42.58 -87.59 37.54
C ARG S 295 43.09 -87.33 36.11
N ARG S 296 42.94 -86.10 35.59
CA ARG S 296 43.48 -85.76 34.27
C ARG S 296 44.98 -85.50 34.30
N LEU S 297 45.57 -85.40 35.49
CA LEU S 297 46.94 -84.97 35.69
C LEU S 297 47.94 -86.11 35.60
N LEU S 298 47.46 -87.36 35.70
CA LEU S 298 48.28 -88.57 35.75
C LEU S 298 48.21 -89.40 34.47
N GLN S 299 48.05 -88.76 33.30
CA GLN S 299 47.64 -89.41 32.07
C GLN S 299 48.47 -88.94 30.87
N PRO S 300 48.42 -89.70 29.70
CA PRO S 300 49.29 -89.38 28.54
C PRO S 300 49.25 -87.96 28.00
N LYS S 301 48.19 -87.20 28.32
CA LYS S 301 48.13 -85.78 27.95
C LYS S 301 49.15 -84.92 28.69
N ASN S 302 49.68 -85.40 29.82
CA ASN S 302 50.61 -84.62 30.65
C ASN S 302 51.71 -85.47 31.26
N VAL S 303 51.73 -86.79 31.03
CA VAL S 303 52.97 -87.56 31.15
C VAL S 303 53.84 -87.11 29.97
N MET S 304 54.80 -86.23 30.24
CA MET S 304 55.56 -85.53 29.21
C MET S 304 56.72 -86.37 28.67
N VAL S 305 56.39 -87.59 28.23
CA VAL S 305 57.29 -88.50 27.51
C VAL S 305 56.63 -88.99 26.23
N SER S 306 57.42 -89.03 25.16
CA SER S 306 56.98 -89.50 23.86
C SER S 306 58.16 -90.06 23.06
N THR S 313 60.37 -102.23 31.53
CA THR S 313 59.19 -101.49 31.13
C THR S 313 58.35 -101.05 32.34
N ASN S 314 58.92 -101.18 33.54
CA ASN S 314 58.31 -100.67 34.76
C ASN S 314 58.44 -99.15 34.84
N HIS S 315 57.31 -98.42 34.86
CA HIS S 315 57.30 -96.95 34.86
C HIS S 315 56.37 -96.36 35.95
N CYS S 316 56.62 -96.69 37.23
CA CYS S 316 55.88 -96.16 38.37
C CYS S 316 56.11 -94.65 38.57
N TYR S 317 55.07 -93.91 38.99
CA TYR S 317 55.32 -92.65 39.68
C TYR S 317 55.94 -92.91 41.04
N ILE S 318 57.01 -92.17 41.34
CA ILE S 318 57.74 -92.32 42.59
C ILE S 318 57.18 -91.40 43.69
N ALA S 319 56.62 -90.24 43.32
CA ALA S 319 55.97 -89.31 44.26
C ALA S 319 54.89 -88.51 43.51
N ILE S 320 53.80 -88.15 44.19
CA ILE S 320 52.77 -87.29 43.57
C ILE S 320 52.34 -86.17 44.53
N LEU S 321 52.33 -84.93 44.03
CA LEU S 321 51.83 -83.73 44.71
C LEU S 321 51.47 -82.69 43.64
N ASN S 322 50.56 -81.74 43.99
CA ASN S 322 50.16 -80.69 43.03
C ASN S 322 49.89 -79.35 43.73
N ILE S 323 49.93 -78.27 42.93
CA ILE S 323 49.28 -76.99 43.27
C ILE S 323 47.96 -76.88 42.51
N ILE S 324 46.89 -76.57 43.23
CA ILE S 324 45.53 -76.38 42.71
C ILE S 324 45.22 -74.88 42.65
N GLN S 325 44.63 -74.41 41.55
CA GLN S 325 44.26 -73.01 41.42
C GLN S 325 42.95 -72.81 40.65
N GLY S 326 42.37 -71.61 40.80
CA GLY S 326 41.04 -71.28 40.33
C GLY S 326 39.97 -71.42 41.41
N GLU S 327 38.70 -71.33 40.98
CA GLU S 327 37.54 -71.42 41.93
C GLU S 327 37.27 -72.90 42.27
N VAL S 328 38.30 -73.62 42.71
CA VAL S 328 38.20 -75.05 43.01
C VAL S 328 37.58 -75.27 44.38
N ASP S 329 36.78 -76.33 44.49
CA ASP S 329 36.06 -76.72 45.70
C ASP S 329 37.03 -77.18 46.79
N PRO S 330 37.13 -76.46 47.92
CA PRO S 330 38.31 -76.61 48.79
C PRO S 330 38.20 -77.80 49.72
N THR S 331 37.00 -78.38 49.85
CA THR S 331 36.74 -79.43 50.83
C THR S 331 36.76 -80.80 50.17
N GLN S 332 35.92 -81.00 49.14
CA GLN S 332 35.75 -82.36 48.54
C GLN S 332 37.02 -82.89 47.85
N VAL S 333 38.11 -82.12 47.79
CA VAL S 333 39.38 -82.69 47.33
C VAL S 333 39.74 -84.00 48.03
N HIS S 334 39.30 -84.19 49.28
CA HIS S 334 39.40 -85.50 49.91
C HIS S 334 38.76 -86.60 49.08
N LYS S 335 37.69 -86.29 48.34
CA LYS S 335 37.07 -87.27 47.43
C LYS S 335 38.03 -87.67 46.31
N SER S 336 38.82 -86.72 45.81
CA SER S 336 39.55 -86.89 44.56
C SER S 336 40.59 -88.02 44.63
N LEU S 337 41.51 -87.97 45.61
CA LEU S 337 42.51 -89.05 45.72
C LEU S 337 41.87 -90.37 46.11
N GLN S 338 40.78 -90.33 46.87
CA GLN S 338 40.00 -91.54 47.14
C GLN S 338 39.34 -92.13 45.89
N ARG S 339 39.18 -91.40 44.79
CA ARG S 339 38.90 -92.09 43.51
C ARG S 339 40.15 -92.75 42.93
N ILE S 340 41.29 -92.04 42.92
CA ILE S 340 42.54 -92.59 42.39
C ILE S 340 42.96 -93.83 43.16
N ARG S 341 42.60 -93.92 44.44
CA ARG S 341 42.81 -95.12 45.25
C ARG S 341 42.30 -96.39 44.58
N GLU S 342 41.23 -96.31 43.78
CA GLU S 342 40.78 -97.45 42.99
C GLU S 342 41.41 -97.50 41.60
N ARG S 343 41.61 -96.35 40.94
CA ARG S 343 42.07 -96.31 39.55
C ARG S 343 43.57 -96.61 39.43
N LYS S 344 44.35 -96.23 40.45
CA LYS S 344 45.81 -96.43 40.53
C LYS S 344 46.57 -95.84 39.33
N LEU S 345 46.12 -94.66 38.87
CA LEU S 345 46.70 -93.97 37.71
C LEU S 345 48.16 -93.60 37.90
N ALA S 346 48.58 -93.34 39.12
CA ALA S 346 49.99 -93.09 39.44
C ALA S 346 50.90 -94.32 39.27
N ASN S 347 50.35 -95.49 38.93
CA ASN S 347 51.13 -96.73 38.79
C ASN S 347 51.94 -96.95 40.08
N PHE S 348 51.21 -96.91 41.21
CA PHE S 348 51.74 -96.52 42.51
C PHE S 348 52.41 -97.65 43.31
N ILE S 349 53.40 -98.33 42.72
CA ILE S 349 54.22 -99.36 43.40
C ILE S 349 55.70 -98.99 43.48
N PRO S 350 56.07 -97.73 43.88
CA PRO S 350 57.49 -97.36 44.09
C PRO S 350 58.09 -97.85 45.41
N TRP S 351 59.32 -97.42 45.76
CA TRP S 351 59.87 -97.69 47.09
C TRP S 351 58.93 -97.26 48.23
N GLY S 352 58.14 -96.18 48.03
CA GLY S 352 57.23 -95.68 49.04
C GLY S 352 56.45 -94.45 48.58
N PRO S 353 55.39 -94.06 49.36
CA PRO S 353 54.31 -93.23 48.79
C PRO S 353 54.66 -91.82 48.33
N ALA S 354 55.18 -90.96 49.21
CA ALA S 354 55.36 -89.52 48.94
C ALA S 354 54.15 -88.88 48.22
N SER S 355 52.95 -89.12 48.78
CA SER S 355 51.64 -88.79 48.20
C SER S 355 51.22 -87.31 48.34
N ILE S 356 50.01 -87.01 47.80
CA ILE S 356 49.50 -85.65 47.61
C ILE S 356 49.51 -84.82 48.89
N GLN S 357 49.88 -83.55 48.76
CA GLN S 357 49.53 -82.49 49.69
C GLN S 357 48.78 -81.39 48.92
N VAL S 358 47.52 -81.14 49.28
CA VAL S 358 46.61 -80.39 48.40
C VAL S 358 46.70 -78.88 48.59
N ALA S 359 47.80 -78.28 48.11
CA ALA S 359 47.97 -76.83 48.06
C ALA S 359 46.92 -76.16 47.15
N LEU S 360 46.36 -75.04 47.62
CA LEU S 360 45.31 -74.30 46.91
C LEU S 360 45.63 -72.80 46.87
N SER S 361 45.38 -72.15 45.71
CA SER S 361 45.68 -70.73 45.50
C SER S 361 44.68 -70.06 44.56
N ARG S 362 44.48 -68.74 44.74
CA ARG S 362 43.53 -67.96 43.94
C ARG S 362 44.08 -67.63 42.54
N LYS S 363 43.15 -67.34 41.62
CA LYS S 363 43.46 -66.90 40.25
C LYS S 363 43.14 -65.42 40.08
N SER S 364 44.10 -64.66 39.50
CA SER S 364 44.06 -63.20 39.39
C SER S 364 42.87 -62.70 38.56
N PRO S 365 42.46 -61.40 38.77
CA PRO S 365 41.57 -60.73 37.82
C PRO S 365 42.31 -60.25 36.56
N TYR S 366 41.60 -59.49 35.68
CA TYR S 366 42.21 -58.81 34.50
C TYR S 366 42.70 -59.72 33.37
N LEU S 367 43.22 -60.90 33.67
CA LEU S 367 43.86 -61.78 32.69
C LEU S 367 42.85 -62.40 31.69
N PRO S 368 43.33 -62.75 30.44
CA PRO S 368 42.45 -63.46 29.48
C PRO S 368 42.16 -64.91 29.85
N SER S 369 41.09 -65.08 30.63
CA SER S 369 40.78 -66.29 31.38
C SER S 369 40.27 -67.42 30.50
N ALA S 370 40.82 -68.63 30.67
CA ALA S 370 40.09 -69.84 30.31
C ALA S 370 40.60 -71.07 31.06
N HIS S 371 39.66 -71.96 31.43
CA HIS S 371 39.90 -73.17 32.25
C HIS S 371 40.73 -72.88 33.52
N ARG S 372 40.27 -71.87 34.27
CA ARG S 372 40.87 -71.50 35.56
C ARG S 372 40.98 -72.67 36.53
N VAL S 373 39.94 -73.52 36.60
CA VAL S 373 39.78 -74.54 37.65
C VAL S 373 40.71 -75.71 37.31
N SER S 374 41.83 -75.87 38.01
CA SER S 374 42.99 -76.53 37.42
C SER S 374 43.98 -77.05 38.47
N GLY S 375 44.85 -77.97 38.04
CA GLY S 375 45.93 -78.48 38.88
C GLY S 375 47.22 -78.68 38.10
N LEU S 376 48.35 -78.52 38.80
CA LEU S 376 49.70 -78.64 38.23
C LEU S 376 50.63 -79.41 39.17
N MET S 377 51.34 -80.42 38.64
CA MET S 377 52.31 -81.22 39.39
C MET S 377 53.69 -81.16 38.74
N MET S 378 54.74 -81.32 39.55
CA MET S 378 56.11 -81.53 39.06
C MET S 378 56.66 -82.85 39.59
N ALA S 379 55.90 -83.93 39.36
CA ALA S 379 56.12 -85.25 39.96
C ALA S 379 57.33 -85.98 39.40
N ASN S 380 57.74 -87.00 40.14
CA ASN S 380 58.81 -87.91 39.77
C ASN S 380 58.19 -89.20 39.22
N HIS S 381 58.50 -89.53 37.96
CA HIS S 381 57.83 -90.63 37.24
C HIS S 381 58.85 -91.41 36.41
N THR S 382 58.88 -92.74 36.59
CA THR S 382 59.93 -93.59 36.00
C THR S 382 59.76 -93.74 34.49
N SER S 383 58.73 -93.13 33.90
CA SER S 383 58.61 -93.02 32.45
C SER S 383 59.72 -92.15 31.82
N ILE S 384 60.14 -91.06 32.49
CA ILE S 384 61.12 -90.15 31.89
C ILE S 384 62.48 -90.83 31.74
N SER S 385 62.70 -91.94 32.46
CA SER S 385 63.82 -92.85 32.19
C SER S 385 63.92 -93.22 30.71
N SER S 386 62.79 -93.36 30.01
CA SER S 386 62.81 -93.67 28.59
C SER S 386 63.41 -92.53 27.75
N LEU S 387 63.19 -91.26 28.14
CA LEU S 387 63.89 -90.16 27.48
C LEU S 387 65.39 -90.23 27.70
N PHE S 388 65.80 -90.40 28.95
CA PHE S 388 67.22 -90.53 29.25
C PHE S 388 67.83 -91.73 28.52
N GLU S 389 67.03 -92.78 28.28
CA GLU S 389 67.53 -93.93 27.53
C GLU S 389 67.58 -93.61 26.03
N ARG S 390 66.63 -92.80 25.53
CA ARG S 390 66.68 -92.38 24.15
C ARG S 390 67.90 -91.49 23.87
N THR S 391 68.20 -90.53 24.75
CA THR S 391 69.41 -89.74 24.54
C THR S 391 70.66 -90.60 24.75
N CYS S 392 70.59 -91.64 25.60
CA CYS S 392 71.69 -92.60 25.65
C CYS S 392 71.87 -93.31 24.32
N ARG S 393 70.76 -93.70 23.68
CA ARG S 393 70.85 -94.37 22.39
C ARG S 393 71.37 -93.42 21.32
N GLN S 394 70.92 -92.17 21.35
CA GLN S 394 71.41 -91.18 20.40
C GLN S 394 72.89 -90.89 20.65
N TYR S 395 73.29 -90.87 21.92
CA TYR S 395 74.71 -90.67 22.24
C TYR S 395 75.56 -91.84 21.75
N ASP S 396 75.15 -93.08 22.07
CA ASP S 396 75.96 -94.25 21.71
C ASP S 396 76.06 -94.42 20.19
N LYS S 397 74.93 -94.31 19.49
CA LYS S 397 74.89 -94.49 18.03
C LYS S 397 75.71 -93.45 17.27
N LEU S 398 76.08 -92.33 17.90
CA LEU S 398 77.02 -91.36 17.35
C LEU S 398 78.42 -91.52 17.93
N ARG S 399 78.54 -91.63 19.25
CA ARG S 399 79.85 -91.73 19.91
C ARG S 399 80.68 -92.93 19.41
N LYS S 400 80.04 -94.09 19.24
CA LYS S 400 80.74 -95.28 18.72
C LYS S 400 81.27 -95.10 17.29
N ARG S 401 80.86 -94.04 16.60
CA ARG S 401 81.31 -93.72 15.25
C ARG S 401 82.13 -92.43 15.18
N GLU S 402 82.38 -91.77 16.33
CA GLU S 402 82.93 -90.40 16.39
C GLU S 402 82.11 -89.38 15.59
N ALA S 403 80.81 -89.65 15.41
CA ALA S 403 79.94 -88.91 14.51
C ALA S 403 79.27 -87.70 15.17
N PHE S 404 79.01 -86.66 14.34
CA PHE S 404 78.27 -85.44 14.68
C PHE S 404 78.81 -84.68 15.92
N LEU S 405 80.09 -84.84 16.28
CA LEU S 405 80.76 -83.78 17.04
C LEU S 405 80.88 -82.52 16.18
N GLU S 406 80.80 -81.35 16.82
CA GLU S 406 80.95 -80.11 16.06
C GLU S 406 82.35 -79.98 15.43
N GLN S 407 83.33 -80.74 15.94
CA GLN S 407 84.69 -80.90 15.41
C GLN S 407 85.47 -79.57 15.22
N PHE S 408 85.09 -78.51 15.96
CA PHE S 408 85.93 -77.32 16.13
C PHE S 408 87.24 -77.72 16.83
N ARG S 409 88.39 -77.25 16.30
CA ARG S 409 89.71 -77.55 16.90
C ARG S 409 90.03 -76.67 18.12
N LYS S 410 89.13 -76.75 19.11
CA LYS S 410 89.27 -76.09 20.39
C LYS S 410 88.82 -76.96 21.57
N GLU S 411 88.31 -78.18 21.33
CA GLU S 411 88.39 -79.26 22.30
C GLU S 411 89.73 -80.01 22.14
N ASP S 412 89.91 -81.13 22.83
CA ASP S 412 91.22 -81.75 23.04
C ASP S 412 92.16 -80.84 23.83
N MET S 413 91.62 -79.85 24.54
CA MET S 413 92.45 -78.84 25.21
C MET S 413 91.99 -78.65 26.65
N PHE S 414 90.71 -78.97 26.93
CA PHE S 414 90.13 -78.89 28.28
C PHE S 414 89.65 -80.26 28.75
N LYS S 415 89.36 -81.18 27.82
CA LYS S 415 89.03 -82.57 28.11
C LYS S 415 89.78 -83.45 27.11
N ASP S 416 90.94 -84.00 27.50
CA ASP S 416 91.79 -84.70 26.53
C ASP S 416 91.30 -86.13 26.34
N ASN S 417 91.26 -86.91 27.43
CA ASN S 417 91.02 -88.34 27.36
C ASN S 417 89.53 -88.67 27.57
N PHE S 418 88.66 -87.67 27.45
CA PHE S 418 87.20 -87.78 27.61
C PHE S 418 86.80 -88.33 28.99
N ASP S 419 87.59 -88.04 30.04
CA ASP S 419 87.28 -88.58 31.37
C ASP S 419 85.98 -88.00 31.94
N GLU S 420 85.69 -86.72 31.68
CA GLU S 420 84.42 -86.17 32.17
C GLU S 420 83.24 -86.67 31.33
N MET S 421 83.48 -86.95 30.04
CA MET S 421 82.44 -87.56 29.22
C MET S 421 82.15 -88.98 29.68
N ASP S 422 83.18 -89.72 30.10
CA ASP S 422 82.96 -91.04 30.66
C ASP S 422 82.24 -90.94 32.01
N THR S 423 82.60 -89.93 32.82
CA THR S 423 81.94 -89.71 34.10
C THR S 423 80.47 -89.36 33.89
N SER S 424 80.17 -88.55 32.87
CA SER S 424 78.79 -88.20 32.57
C SER S 424 78.01 -89.40 32.09
N ARG S 425 78.65 -90.28 31.30
CA ARG S 425 77.93 -91.43 30.76
C ARG S 425 77.64 -92.47 31.84
N GLU S 426 78.59 -92.68 32.76
CA GLU S 426 78.32 -93.59 33.86
C GLU S 426 77.28 -93.00 34.82
N ILE S 427 77.25 -91.67 34.95
CA ILE S 427 76.24 -91.02 35.78
C ILE S 427 74.86 -91.06 35.11
N VAL S 428 74.78 -91.04 33.77
CA VAL S 428 73.46 -91.20 33.14
C VAL S 428 73.01 -92.66 33.18
N GLN S 429 73.95 -93.62 33.15
CA GLN S 429 73.55 -95.00 33.38
C GLN S 429 73.12 -95.21 34.83
N GLN S 430 73.79 -94.55 35.77
CA GLN S 430 73.29 -94.53 37.14
C GLN S 430 71.92 -93.86 37.23
N LEU S 431 71.66 -92.84 36.42
CA LEU S 431 70.32 -92.23 36.40
C LEU S 431 69.25 -93.23 35.94
N ILE S 432 69.54 -94.07 34.94
CA ILE S 432 68.58 -95.12 34.58
C ILE S 432 68.42 -96.09 35.75
N ASP S 433 69.55 -96.57 36.27
CA ASP S 433 69.53 -97.60 37.32
C ASP S 433 68.84 -97.09 38.58
N GLU S 434 69.10 -95.83 38.95
CA GLU S 434 68.40 -95.21 40.09
C GLU S 434 66.90 -95.04 39.85
N TYR S 435 66.46 -94.57 38.69
CA TYR S 435 65.01 -94.43 38.46
C TYR S 435 64.28 -95.76 38.57
N HIS S 436 64.83 -96.84 38.00
CA HIS S 436 64.20 -98.14 38.23
C HIS S 436 64.43 -98.68 39.64
N ALA S 437 65.57 -98.33 40.25
CA ALA S 437 65.83 -98.77 41.64
C ALA S 437 64.93 -97.99 42.61
N ALA S 438 64.09 -97.11 42.08
CA ALA S 438 63.17 -96.31 42.93
C ALA S 438 61.91 -97.12 43.23
N THR S 439 61.95 -98.44 42.96
CA THR S 439 60.79 -99.32 43.26
C THR S 439 61.27 -100.41 44.18
N ARG S 440 62.58 -100.49 44.41
CA ARG S 440 63.16 -101.52 45.30
C ARG S 440 62.59 -101.49 46.73
N PRO S 441 62.70 -102.62 47.46
CA PRO S 441 62.42 -102.60 48.91
C PRO S 441 63.28 -101.62 49.72
N ASP S 442 64.57 -101.50 49.40
CA ASP S 442 65.45 -100.47 49.94
C ASP S 442 66.05 -99.66 48.79
N TYR S 443 65.82 -98.35 48.79
CA TYR S 443 66.42 -97.50 47.76
C TYR S 443 67.95 -97.42 47.89
N ILE S 444 68.50 -97.70 49.07
CA ILE S 444 69.96 -97.74 49.26
C ILE S 444 70.64 -98.84 48.44
N SER S 445 69.89 -99.85 47.97
CA SER S 445 70.43 -100.85 47.06
C SER S 445 70.80 -100.26 45.70
N TRP S 446 72.00 -100.59 45.21
CA TRP S 446 72.58 -100.03 43.99
C TRP S 446 72.12 -100.77 42.72
N GLY S 447 72.51 -100.23 41.56
CA GLY S 447 72.25 -100.83 40.26
C GLY S 447 72.87 -102.19 40.02
N ARG T 3 80.44 -16.94 68.95
CA ARG T 3 80.86 -15.73 68.17
C ARG T 3 80.87 -16.01 66.63
N GLU T 4 80.97 -14.91 65.86
CA GLU T 4 80.97 -14.93 64.39
C GLU T 4 82.29 -15.51 63.79
N ILE T 5 82.25 -15.83 62.47
CA ILE T 5 83.32 -16.54 61.76
C ILE T 5 83.82 -15.75 60.55
N ILE T 6 85.14 -15.88 60.25
CA ILE T 6 85.84 -15.26 59.11
C ILE T 6 86.28 -16.36 58.12
N THR T 7 86.42 -16.00 56.81
CA THR T 7 86.82 -16.96 55.77
C THR T 7 87.96 -16.45 54.89
N LEU T 8 88.72 -17.40 54.30
CA LEU T 8 89.81 -17.14 53.35
C LEU T 8 89.71 -18.08 52.13
N GLN T 9 90.40 -17.71 51.03
CA GLN T 9 90.29 -18.43 49.75
C GLN T 9 91.62 -18.36 48.98
N LEU T 10 92.28 -19.49 48.69
CA LEU T 10 93.64 -19.43 48.16
C LEU T 10 94.01 -20.59 47.22
N GLY T 11 94.88 -20.28 46.24
CA GLY T 11 95.05 -21.02 44.99
C GLY T 11 94.08 -20.50 43.95
N GLN T 12 94.43 -20.41 42.66
CA GLN T 12 93.43 -19.97 41.69
C GLN T 12 92.16 -20.83 41.80
N CYS T 13 92.32 -22.14 41.99
CA CYS T 13 91.18 -23.01 42.30
C CYS T 13 90.49 -22.59 43.60
N GLY T 14 91.28 -22.42 44.66
CA GLY T 14 90.69 -22.12 45.97
C GLY T 14 89.94 -20.82 45.98
N ASN T 15 90.47 -19.81 45.28
CA ASN T 15 89.74 -18.56 45.07
C ASN T 15 88.44 -18.78 44.31
N GLN T 16 88.50 -19.52 43.19
CA GLN T 16 87.30 -19.84 42.43
C GLN T 16 86.23 -20.53 43.27
N ILE T 17 86.60 -21.57 44.03
CA ILE T 17 85.60 -22.29 44.82
C ILE T 17 85.17 -21.46 46.04
N GLY T 18 86.08 -20.69 46.64
CA GLY T 18 85.68 -19.80 47.72
C GLY T 18 84.70 -18.72 47.27
N PHE T 19 84.99 -18.10 46.12
CA PHE T 19 84.13 -17.05 45.56
C PHE T 19 82.79 -17.58 45.05
N GLU T 20 82.81 -18.72 44.35
CA GLU T 20 81.56 -19.32 43.91
C GLU T 20 80.74 -19.85 45.09
N PHE T 21 81.41 -20.35 46.14
CA PHE T 21 80.75 -20.63 47.42
C PHE T 21 80.06 -19.40 47.96
N TRP T 22 80.79 -18.29 48.09
CA TRP T 22 80.19 -17.07 48.62
C TRP T 22 79.09 -16.53 47.71
N LYS T 23 79.22 -16.72 46.40
CA LYS T 23 78.13 -16.34 45.49
C LYS T 23 76.87 -17.16 45.74
N GLN T 24 77.01 -18.48 45.90
CA GLN T 24 75.86 -19.32 46.22
C GLN T 24 75.35 -19.05 47.63
N LEU T 25 76.27 -18.80 48.57
CA LEU T 25 75.88 -18.46 49.93
C LEU T 25 75.06 -17.17 49.98
N CYS T 26 75.45 -16.17 49.18
CA CYS T 26 74.64 -14.97 49.06
C CYS T 26 73.29 -15.29 48.43
N ALA T 27 73.28 -16.12 47.39
CA ALA T 27 72.07 -16.41 46.65
C ALA T 27 71.10 -17.30 47.42
N GLU T 28 71.46 -17.81 48.60
CA GLU T 28 70.55 -18.58 49.43
C GLU T 28 70.04 -17.84 50.66
N HIS T 29 70.70 -16.74 51.06
CA HIS T 29 70.26 -15.84 52.12
C HIS T 29 69.37 -14.74 51.52
N GLY T 30 68.71 -13.99 52.41
CA GLY T 30 68.20 -12.67 52.05
C GLY T 30 69.30 -11.62 52.04
N ILE T 31 70.04 -11.54 50.93
CA ILE T 31 71.17 -10.61 50.77
C ILE T 31 71.08 -10.00 49.37
N SER T 32 71.04 -8.63 49.30
CA SER T 32 71.03 -7.91 48.03
C SER T 32 72.45 -7.83 47.46
N PRO T 33 72.60 -7.73 46.12
CA PRO T 33 73.95 -7.77 45.53
C PRO T 33 74.93 -6.71 46.01
N GLU T 34 74.48 -5.62 46.62
CA GLU T 34 75.37 -4.63 47.22
C GLU T 34 75.50 -4.78 48.75
N GLY T 35 75.11 -5.94 49.29
CA GLY T 35 75.32 -6.24 50.70
C GLY T 35 74.11 -5.97 51.59
N ILE T 36 73.08 -5.32 51.05
CA ILE T 36 71.99 -4.80 51.86
C ILE T 36 71.07 -5.95 52.26
N VAL T 37 70.67 -6.01 53.53
CA VAL T 37 69.75 -7.02 54.03
C VAL T 37 68.29 -6.63 53.79
N GLU T 38 68.01 -6.10 52.59
CA GLU T 38 66.69 -5.59 52.22
C GLU T 38 65.72 -6.70 51.79
N GLU T 39 66.23 -7.90 51.54
CA GLU T 39 65.53 -8.90 50.75
C GLU T 39 64.34 -9.54 51.46
N PHE T 40 63.22 -9.63 50.73
CA PHE T 40 62.04 -10.40 51.12
C PHE T 40 62.22 -11.89 50.92
N ALA T 41 63.18 -12.31 50.10
CA ALA T 41 63.34 -13.71 49.71
C ALA T 41 63.71 -14.59 50.91
N THR T 45 64.73 -13.96 59.99
CA THR T 45 64.57 -15.19 59.22
C THR T 45 65.90 -15.96 59.09
N ASP T 46 67.04 -15.27 59.24
CA ASP T 46 68.35 -15.87 58.97
C ASP T 46 69.43 -15.00 59.59
N ARG T 47 70.30 -15.58 60.44
CA ARG T 47 71.36 -14.81 61.10
C ARG T 47 72.56 -14.66 60.17
N LYS T 48 72.44 -13.67 59.28
CA LYS T 48 73.55 -13.29 58.39
C LYS T 48 74.79 -12.85 59.17
N ASP T 49 74.61 -12.25 60.34
CA ASP T 49 75.70 -11.88 61.24
C ASP T 49 76.76 -12.99 61.51
N VAL T 50 76.40 -14.29 61.42
CA VAL T 50 77.41 -15.33 61.70
C VAL T 50 78.58 -15.28 60.72
N PHE T 51 78.30 -15.16 59.43
CA PHE T 51 79.33 -15.17 58.39
C PHE T 51 79.46 -13.84 57.66
N PHE T 52 78.38 -13.05 57.58
CA PHE T 52 78.39 -11.72 56.99
C PHE T 52 78.53 -10.64 58.06
N TYR T 53 79.39 -9.66 57.80
CA TYR T 53 79.78 -8.60 58.75
C TYR T 53 78.87 -7.38 58.58
N GLN T 54 78.23 -6.95 59.67
CA GLN T 54 77.39 -5.76 59.63
C GLN T 54 78.25 -4.50 59.45
N ALA T 55 77.84 -3.62 58.53
CA ALA T 55 78.36 -2.26 58.37
C ALA T 55 77.19 -1.26 58.44
N ASP T 56 77.54 0.04 58.48
CA ASP T 56 76.55 1.06 58.87
C ASP T 56 75.49 1.33 57.80
N ASP T 57 75.75 1.04 56.51
CA ASP T 57 74.72 1.03 55.46
C ASP T 57 73.84 -0.22 55.49
N GLU T 58 73.80 -0.94 56.62
CA GLU T 58 73.26 -2.30 56.68
C GLU T 58 73.88 -3.19 55.60
N HIS T 59 75.16 -2.96 55.32
CA HIS T 59 75.94 -3.89 54.50
C HIS T 59 76.28 -5.12 55.33
N TYR T 60 75.67 -6.26 55.03
CA TYR T 60 76.14 -7.54 55.57
C TYR T 60 77.21 -8.06 54.61
N ILE T 61 78.45 -7.66 54.87
CA ILE T 61 79.59 -7.91 53.98
C ILE T 61 80.11 -9.32 54.23
N PRO T 62 80.26 -10.15 53.19
CA PRO T 62 81.03 -11.40 53.31
C PRO T 62 82.43 -11.21 53.85
N ARG T 63 82.77 -11.93 54.93
CA ARG T 63 84.10 -11.89 55.53
C ARG T 63 85.06 -12.77 54.71
N ALA T 64 85.35 -12.32 53.47
CA ALA T 64 86.08 -13.08 52.46
C ALA T 64 87.50 -12.52 52.25
N VAL T 65 88.53 -13.30 52.61
CA VAL T 65 89.93 -12.95 52.32
C VAL T 65 90.40 -13.70 51.07
N LEU T 66 90.26 -13.07 49.91
CA LEU T 66 90.82 -13.59 48.66
C LEU T 66 92.36 -13.61 48.73
N LEU T 67 92.98 -14.69 48.20
CA LEU T 67 94.46 -14.86 48.24
C LEU T 67 94.96 -15.70 47.06
N ASP T 68 94.94 -15.14 45.85
CA ASP T 68 95.76 -15.65 44.75
C ASP T 68 97.24 -15.40 45.01
N LEU T 69 98.09 -15.87 44.09
CA LEU T 69 99.37 -15.24 43.82
C LEU T 69 99.41 -14.89 42.32
N GLU T 70 99.69 -13.62 42.01
CA GLU T 70 99.61 -12.95 40.70
C GLU T 70 98.20 -12.88 40.09
N PRO T 71 97.88 -11.76 39.42
CA PRO T 71 96.50 -11.30 39.26
C PRO T 71 95.67 -11.97 38.15
N ARG T 72 96.21 -12.95 37.42
CA ARG T 72 95.54 -13.52 36.25
C ARG T 72 94.08 -13.87 36.53
N VAL T 73 93.83 -14.65 37.58
CA VAL T 73 92.49 -15.11 37.94
C VAL T 73 91.67 -14.02 38.61
N ILE T 74 92.27 -13.23 39.51
CA ILE T 74 91.50 -12.56 40.54
C ILE T 74 90.63 -11.43 40.00
N HIS T 75 91.02 -10.77 38.91
CA HIS T 75 90.15 -9.74 38.33
C HIS T 75 88.95 -10.35 37.61
N SER T 76 89.15 -11.43 36.86
CA SER T 76 88.02 -12.17 36.31
C SER T 76 87.14 -12.79 37.40
N ILE T 77 87.64 -12.88 38.63
CA ILE T 77 86.81 -13.19 39.80
C ILE T 77 86.05 -11.93 40.27
N LEU T 78 86.75 -10.81 40.42
CA LEU T 78 86.11 -9.57 40.86
C LEU T 78 84.96 -9.09 39.95
N ASN T 79 85.09 -9.19 38.63
CA ASN T 79 84.02 -8.74 37.75
C ASN T 79 82.89 -9.76 37.70
N SER T 80 81.73 -9.34 38.25
CA SER T 80 80.60 -10.17 38.67
C SER T 80 79.41 -9.26 38.97
N PRO T 81 78.19 -9.79 39.12
CA PRO T 81 77.12 -9.07 39.84
C PRO T 81 77.30 -8.99 41.35
N TYR T 82 78.46 -9.39 41.88
CA TYR T 82 78.68 -9.54 43.32
C TYR T 82 79.88 -8.70 43.81
N ALA T 83 80.32 -7.73 43.01
CA ALA T 83 81.61 -7.07 43.23
C ALA T 83 81.60 -6.19 44.48
N LYS T 84 80.49 -5.50 44.75
CA LYS T 84 80.37 -4.67 45.95
C LYS T 84 80.10 -5.49 47.20
N LEU T 85 79.73 -6.77 47.07
CA LEU T 85 79.27 -7.53 48.22
C LEU T 85 80.44 -7.91 49.15
N TYR T 86 81.35 -8.76 48.66
CA TYR T 86 82.49 -9.27 49.45
C TYR T 86 83.65 -8.27 49.54
N ASN T 87 83.41 -7.16 50.28
CA ASN T 87 84.30 -5.99 50.23
C ASN T 87 85.08 -5.63 51.52
N PRO T 88 86.03 -6.50 52.05
CA PRO T 88 86.97 -6.05 53.11
C PRO T 88 88.24 -5.34 52.63
N GLU T 89 88.27 -4.87 51.37
CA GLU T 89 89.38 -4.09 50.80
C GLU T 89 90.75 -4.80 50.84
N ASN T 90 90.75 -6.10 50.49
CA ASN T 90 91.90 -6.99 50.67
C ASN T 90 92.44 -7.59 49.36
N ILE T 91 92.12 -7.01 48.20
CA ILE T 91 92.25 -7.60 46.86
C ILE T 91 93.67 -7.70 46.27
N TYR T 92 94.72 -7.61 47.09
CA TYR T 92 96.10 -7.69 46.57
C TYR T 92 96.50 -9.10 46.12
N LEU T 93 97.50 -9.15 45.23
CA LEU T 93 97.92 -10.34 44.46
C LEU T 93 98.29 -11.52 45.35
N GLY T 101 103.93 -17.58 39.56
CA GLY T 101 104.55 -18.46 40.53
C GLY T 101 103.77 -19.75 40.73
N ASN T 102 104.34 -20.89 40.33
CA ASN T 102 103.58 -22.13 40.21
C ASN T 102 103.99 -23.19 41.23
N ASN T 103 104.89 -22.87 42.17
CA ASN T 103 105.51 -23.88 43.02
C ASN T 103 105.34 -23.48 44.49
N TRP T 104 105.30 -24.50 45.38
CA TRP T 104 105.06 -24.28 46.80
C TRP T 104 105.99 -23.25 47.44
N ALA T 105 107.27 -23.25 47.06
CA ALA T 105 108.17 -22.24 47.59
C ALA T 105 107.82 -20.83 47.09
N SER T 106 107.46 -20.69 45.81
CA SER T 106 106.98 -19.41 45.32
C SER T 106 105.68 -18.98 46.02
N GLY T 107 104.68 -19.86 46.06
CA GLY T 107 103.46 -19.53 46.81
C GLY T 107 103.72 -19.11 48.24
N PHE T 108 104.54 -19.89 48.95
CA PHE T 108 104.90 -19.60 50.34
C PHE T 108 105.65 -18.28 50.48
N SER T 109 106.74 -18.11 49.74
CA SER T 109 107.65 -17.00 50.00
C SER T 109 107.33 -15.71 49.24
N GLN T 110 106.65 -15.79 48.09
CA GLN T 110 106.13 -14.58 47.45
C GLN T 110 104.87 -14.05 48.11
N GLY T 111 104.25 -14.83 48.98
CA GLY T 111 103.38 -14.28 50.00
C GLY T 111 104.17 -13.67 51.16
N GLU T 112 105.13 -14.43 51.69
CA GLU T 112 105.90 -13.99 52.86
C GLU T 112 106.69 -12.70 52.63
N LYS T 113 107.16 -12.42 51.40
CA LYS T 113 107.78 -11.13 51.09
C LYS T 113 106.85 -9.94 51.25
N ILE T 114 105.56 -10.18 51.48
CA ILE T 114 104.53 -9.15 51.55
C ILE T 114 103.51 -9.55 52.62
N HIS T 115 104.03 -10.07 53.76
CA HIS T 115 103.17 -10.36 54.91
C HIS T 115 102.55 -9.12 55.54
N GLU T 116 103.12 -7.92 55.32
CA GLU T 116 102.63 -6.71 55.96
C GLU T 116 101.25 -6.25 55.46
N ASP T 117 100.66 -6.89 54.45
CA ASP T 117 99.19 -6.85 54.32
C ASP T 117 98.57 -8.24 54.07
N ILE T 118 99.00 -8.99 53.05
CA ILE T 118 98.41 -10.31 52.79
C ILE T 118 98.87 -11.39 53.77
N PHE T 119 99.17 -10.98 55.02
CA PHE T 119 98.99 -11.83 56.20
C PHE T 119 98.52 -10.99 57.39
N ASP T 120 99.07 -9.79 57.55
CA ASP T 120 98.58 -8.87 58.59
C ASP T 120 97.09 -8.53 58.47
N ILE T 121 96.46 -8.75 57.31
CA ILE T 121 95.02 -8.66 57.14
C ILE T 121 94.24 -9.54 58.13
N ILE T 122 94.89 -10.58 58.67
CA ILE T 122 94.34 -11.33 59.80
C ILE T 122 94.00 -10.44 60.99
N ASP T 123 94.75 -9.36 61.22
CA ASP T 123 94.41 -8.33 62.19
C ASP T 123 93.83 -7.06 61.55
N ARG T 124 94.34 -6.64 60.38
CA ARG T 124 93.87 -5.41 59.75
C ARG T 124 92.37 -5.44 59.49
N GLU T 125 91.82 -6.61 59.13
CA GLU T 125 90.40 -6.80 58.93
C GLU T 125 89.73 -7.60 60.05
N ALA T 126 90.39 -7.72 61.21
CA ALA T 126 89.68 -8.12 62.42
C ALA T 126 88.64 -7.08 62.83
N ASP T 127 88.80 -5.83 62.39
CA ASP T 127 87.72 -4.85 62.44
C ASP T 127 86.48 -5.27 61.65
N GLY T 128 86.62 -6.25 60.75
CA GLY T 128 85.50 -6.96 60.15
C GLY T 128 84.75 -7.89 61.09
N SER T 129 84.95 -7.72 62.40
CA SER T 129 84.22 -8.46 63.42
C SER T 129 84.00 -7.58 64.64
N ASP T 130 82.98 -7.92 65.44
CA ASP T 130 82.89 -7.43 66.81
C ASP T 130 83.80 -8.25 67.74
N SER T 131 83.84 -9.58 67.52
CA SER T 131 84.89 -10.48 68.00
C SER T 131 84.78 -11.83 67.30
N LEU T 132 85.85 -12.27 66.64
CA LEU T 132 85.88 -13.54 65.92
C LEU T 132 85.84 -14.77 66.82
N GLU T 133 85.22 -15.85 66.30
CA GLU T 133 85.43 -17.21 66.78
C GLU T 133 86.56 -17.92 66.05
N GLY T 134 86.94 -17.45 64.86
CA GLY T 134 88.08 -17.98 64.12
C GLY T 134 87.85 -17.93 62.61
N PHE T 135 88.64 -18.75 61.91
CA PHE T 135 88.85 -18.66 60.46
C PHE T 135 88.50 -19.95 59.72
N VAL T 136 88.05 -19.80 58.46
CA VAL T 136 87.72 -20.91 57.55
C VAL T 136 88.42 -20.71 56.20
N LEU T 137 89.56 -21.39 55.99
CA LEU T 137 90.32 -21.32 54.74
C LEU T 137 89.70 -22.21 53.65
N CYS T 138 89.83 -21.77 52.38
CA CYS T 138 89.60 -22.61 51.20
C CYS T 138 90.93 -22.75 50.44
N HIS T 139 91.52 -23.95 50.44
CA HIS T 139 92.92 -24.15 50.06
C HIS T 139 93.06 -25.16 48.91
N SER T 140 93.64 -24.75 47.77
CA SER T 140 94.10 -25.70 46.74
C SER T 140 95.41 -26.36 47.20
N ILE T 141 95.32 -27.64 47.54
CA ILE T 141 96.38 -28.36 48.24
C ILE T 141 97.71 -28.38 47.47
N ALA T 142 97.66 -28.57 46.15
CA ALA T 142 98.87 -28.43 45.32
C ALA T 142 98.77 -27.29 44.33
N GLY T 143 97.76 -26.42 44.44
CA GLY T 143 97.64 -25.31 43.52
C GLY T 143 98.89 -24.46 43.55
N GLY T 144 99.51 -24.27 42.38
CA GLY T 144 100.85 -23.72 42.32
C GLY T 144 100.98 -22.34 42.93
N THR T 145 99.90 -21.58 42.98
CA THR T 145 99.85 -20.31 43.68
C THR T 145 99.51 -20.47 45.17
N GLY T 146 98.47 -21.25 45.47
CA GLY T 146 97.91 -21.30 46.82
C GLY T 146 98.60 -22.24 47.78
N SER T 147 98.96 -23.43 47.31
CA SER T 147 99.82 -24.31 48.08
C SER T 147 101.16 -23.60 48.35
N GLY T 148 101.68 -23.78 49.57
CA GLY T 148 102.73 -22.92 50.07
C GLY T 148 102.18 -21.65 50.71
N LEU T 149 101.40 -20.89 49.95
CA LEU T 149 100.79 -19.68 50.48
C LEU T 149 99.92 -20.00 51.69
N GLY T 150 99.02 -20.96 51.55
CA GLY T 150 98.18 -21.37 52.67
C GLY T 150 98.95 -21.89 53.88
N SER T 151 100.10 -22.55 53.65
CA SER T 151 100.88 -23.08 54.77
C SER T 151 101.62 -22.02 55.59
N TYR T 152 102.18 -20.97 54.97
CA TYR T 152 102.79 -19.93 55.81
C TYR T 152 101.72 -19.14 56.54
N LEU T 153 100.60 -18.86 55.86
CA LEU T 153 99.42 -18.33 56.54
C LEU T 153 99.03 -19.19 57.74
N LEU T 154 98.86 -20.49 57.53
CA LEU T 154 98.37 -21.38 58.57
C LEU T 154 99.32 -21.50 59.77
N GLU T 155 100.62 -21.69 59.54
CA GLU T 155 101.55 -21.82 60.67
C GLU T 155 101.72 -20.51 61.44
N ARG T 156 101.69 -19.36 60.76
CA ARG T 156 101.80 -18.08 61.44
C ARG T 156 100.49 -17.65 62.11
N LEU T 157 99.35 -18.09 61.57
CA LEU T 157 98.06 -17.81 62.21
C LEU T 157 97.95 -18.43 63.60
N ASN T 158 98.61 -19.58 63.84
CA ASN T 158 98.71 -20.12 65.20
C ASN T 158 99.44 -19.17 66.16
N ASP T 159 100.39 -18.36 65.66
CA ASP T 159 101.09 -17.39 66.51
C ASP T 159 100.25 -16.14 66.79
N ARG T 160 99.42 -15.72 65.84
CA ARG T 160 98.56 -14.55 66.00
C ARG T 160 97.29 -14.86 66.79
N TYR T 161 96.63 -15.99 66.53
CA TYR T 161 95.39 -16.39 67.20
C TYR T 161 95.44 -17.84 67.66
N PRO T 162 96.25 -18.13 68.69
CA PRO T 162 96.19 -19.47 69.32
C PRO T 162 94.91 -19.74 70.08
N LYS T 163 94.14 -18.70 70.43
CA LYS T 163 92.91 -18.79 71.21
C LYS T 163 91.66 -19.10 70.38
N LYS T 164 91.72 -19.08 69.04
CA LYS T 164 90.53 -19.12 68.18
C LYS T 164 90.73 -20.08 66.99
N LEU T 165 89.61 -20.48 66.36
CA LEU T 165 89.53 -21.58 65.41
C LEU T 165 90.28 -21.32 64.09
N VAL T 166 90.79 -22.41 63.49
CA VAL T 166 91.37 -22.42 62.15
C VAL T 166 90.97 -23.68 61.37
N GLN T 167 89.73 -23.73 60.86
CA GLN T 167 89.27 -24.77 59.93
C GLN T 167 89.76 -24.47 58.51
N THR T 168 90.06 -25.54 57.75
CA THR T 168 90.34 -25.45 56.31
C THR T 168 89.46 -26.43 55.53
N TYR T 169 88.81 -25.94 54.47
CA TYR T 169 88.25 -26.82 53.45
C TYR T 169 89.26 -26.86 52.31
N SER T 170 89.79 -28.04 52.03
CA SER T 170 90.93 -28.22 51.12
C SER T 170 90.56 -29.14 49.96
N VAL T 171 90.90 -28.72 48.75
CA VAL T 171 90.63 -29.47 47.52
C VAL T 171 91.89 -30.25 47.16
N PHE T 172 91.72 -31.60 46.95
CA PHE T 172 92.87 -32.50 46.94
C PHE T 172 93.20 -32.92 45.51
N PRO T 173 94.48 -32.85 45.09
CA PRO T 173 94.85 -33.11 43.68
C PRO T 173 94.93 -34.59 43.36
N ASN T 174 93.99 -35.07 42.54
CA ASN T 174 93.97 -36.44 42.06
C ASN T 174 93.16 -36.44 40.76
N GLN T 175 93.78 -36.85 39.64
CA GLN T 175 93.33 -36.48 38.30
C GLN T 175 93.27 -37.72 37.38
N ASP T 176 92.87 -38.85 37.96
CA ASP T 176 92.88 -40.20 37.38
C ASP T 176 94.28 -40.68 37.00
N GLU T 177 95.01 -39.86 36.23
CA GLU T 177 96.38 -40.16 35.78
C GLU T 177 96.58 -41.64 35.47
N ASP T 180 99.63 -35.58 34.12
CA ASP T 180 99.94 -35.21 35.50
C ASP T 180 100.82 -33.94 35.50
N VAL T 181 100.87 -33.24 36.63
CA VAL T 181 101.78 -32.12 36.83
C VAL T 181 102.95 -32.54 37.72
N VAL T 182 104.17 -32.15 37.31
CA VAL T 182 105.39 -32.68 37.92
C VAL T 182 105.73 -32.04 39.25
N VAL T 183 105.09 -30.93 39.61
CA VAL T 183 105.34 -30.27 40.90
C VAL T 183 104.20 -30.61 41.86
N GLN T 184 103.09 -31.15 41.35
CA GLN T 184 101.87 -31.38 42.13
C GLN T 184 102.08 -32.29 43.34
N PRO T 185 102.69 -33.48 43.23
CA PRO T 185 102.86 -34.31 44.45
C PRO T 185 103.71 -33.64 45.50
N TYR T 186 104.78 -32.96 45.08
CA TYR T 186 105.61 -32.17 45.98
C TYR T 186 104.77 -31.14 46.74
N ASN T 187 104.05 -30.31 46.00
CA ASN T 187 103.34 -29.19 46.61
C ASN T 187 102.18 -29.67 47.47
N SER T 188 101.52 -30.77 47.10
CA SER T 188 100.47 -31.30 47.95
C SER T 188 101.04 -31.86 49.25
N LEU T 189 102.09 -32.68 49.17
CA LEU T 189 102.63 -33.30 50.37
C LEU T 189 103.26 -32.28 51.32
N LEU T 190 103.88 -31.23 50.78
CA LEU T 190 104.39 -30.16 51.64
C LEU T 190 103.28 -29.48 52.45
N THR T 191 102.12 -29.19 51.83
CA THR T 191 101.03 -28.57 52.59
C THR T 191 100.40 -29.52 53.61
N LEU T 192 100.38 -30.82 53.36
CA LEU T 192 99.71 -31.71 54.31
C LEU T 192 100.39 -31.73 55.67
N LYS T 193 101.71 -31.55 55.72
CA LYS T 193 102.41 -31.50 57.00
C LYS T 193 101.95 -30.29 57.82
N ARG T 194 101.88 -29.12 57.19
CA ARG T 194 101.42 -27.93 57.89
C ARG T 194 99.95 -28.06 58.31
N LEU T 195 99.11 -28.52 57.39
CA LEU T 195 97.68 -28.70 57.67
C LEU T 195 97.43 -29.60 58.89
N THR T 196 98.04 -30.79 58.93
CA THR T 196 97.82 -31.70 60.05
C THR T 196 98.40 -31.18 61.38
N GLN T 197 99.53 -30.45 61.36
CA GLN T 197 100.07 -29.91 62.61
C GLN T 197 99.36 -28.63 63.08
N ASN T 198 98.97 -27.73 62.16
CA ASN T 198 98.59 -26.37 62.54
C ASN T 198 97.12 -26.02 62.35
N ALA T 199 96.35 -26.74 61.52
CA ALA T 199 94.91 -26.52 61.43
C ALA T 199 94.14 -27.22 62.56
N ASP T 200 92.91 -26.74 62.82
CA ASP T 200 92.00 -27.43 63.75
C ASP T 200 91.18 -28.51 63.07
N CYS T 201 90.66 -28.25 61.87
CA CYS T 201 90.02 -29.25 61.04
C CYS T 201 90.41 -28.99 59.59
N VAL T 202 90.55 -30.08 58.81
CA VAL T 202 90.89 -30.00 57.38
C VAL T 202 89.91 -30.86 56.59
N VAL T 203 88.81 -30.26 56.12
CA VAL T 203 87.74 -30.95 55.38
C VAL T 203 88.24 -31.16 53.95
N VAL T 204 88.69 -32.38 53.66
CA VAL T 204 89.27 -32.72 52.35
C VAL T 204 88.16 -32.98 51.33
N LEU T 205 88.39 -32.54 50.09
CA LEU T 205 87.50 -32.73 48.95
C LEU T 205 88.24 -33.45 47.81
N ASP T 206 87.89 -34.73 47.55
CA ASP T 206 88.51 -35.54 46.49
C ASP T 206 87.95 -35.22 45.12
N ASN T 207 88.76 -34.58 44.25
CA ASN T 207 88.31 -34.31 42.89
C ASN T 207 87.95 -35.60 42.15
N THR T 208 88.72 -36.68 42.34
CA THR T 208 88.37 -37.99 41.80
C THR T 208 86.97 -38.43 42.19
N ALA T 209 86.62 -38.31 43.48
CA ALA T 209 85.31 -38.77 43.94
C ALA T 209 84.19 -37.89 43.43
N LEU T 210 84.42 -36.58 43.36
CA LEU T 210 83.43 -35.66 42.81
C LEU T 210 83.21 -35.86 41.31
N ASN T 211 84.23 -36.28 40.56
CA ASN T 211 84.00 -36.74 39.20
C ASN T 211 83.27 -38.10 39.13
N ARG T 212 83.54 -39.03 40.06
CA ARG T 212 82.73 -40.24 40.14
C ARG T 212 81.25 -39.94 40.41
N ILE T 213 80.95 -38.98 41.29
CA ILE T 213 79.58 -38.52 41.50
C ILE T 213 79.00 -37.91 40.21
N ALA T 214 79.77 -37.06 39.52
CA ALA T 214 79.30 -36.47 38.27
C ALA T 214 79.06 -37.50 37.16
N THR T 215 79.86 -38.58 37.10
CA THR T 215 79.61 -39.65 36.12
C THR T 215 78.53 -40.63 36.55
N ASP T 216 78.26 -40.79 37.85
CA ASP T 216 77.08 -41.53 38.28
C ASP T 216 75.81 -40.71 38.07
N ARG T 217 75.90 -39.37 38.21
CA ARG T 217 74.79 -38.49 37.85
C ARG T 217 74.49 -38.53 36.35
N LEU T 218 75.51 -38.34 35.51
CA LEU T 218 75.29 -38.26 34.06
C LEU T 218 76.43 -38.92 33.28
N HIS T 219 77.44 -38.14 32.81
CA HIS T 219 78.56 -38.73 32.06
C HIS T 219 79.85 -37.93 32.14
N ILE T 220 79.88 -36.81 32.88
CA ILE T 220 80.91 -35.76 32.67
C ILE T 220 82.14 -36.09 33.53
N GLN T 221 83.09 -36.79 32.90
CA GLN T 221 84.38 -37.07 33.60
C GLN T 221 85.48 -36.20 32.98
N ASN T 222 85.36 -35.87 31.69
CA ASN T 222 86.45 -35.12 30.98
C ASN T 222 86.56 -33.67 31.50
N PRO T 223 85.52 -32.82 31.47
CA PRO T 223 85.41 -31.74 32.44
C PRO T 223 85.59 -32.38 33.80
N SER T 224 86.73 -32.13 34.45
CA SER T 224 87.03 -32.82 35.73
C SER T 224 87.17 -31.81 36.88
N PHE T 225 86.67 -30.57 36.71
CA PHE T 225 86.87 -29.52 37.75
C PHE T 225 85.68 -28.57 37.79
N SER T 226 85.28 -28.03 36.62
CA SER T 226 84.20 -27.04 36.61
C SER T 226 82.87 -27.58 37.14
N GLN T 227 82.54 -28.84 36.83
CA GLN T 227 81.36 -29.47 37.42
C GLN T 227 81.51 -29.68 38.92
N ILE T 228 82.73 -29.98 39.39
CA ILE T 228 83.00 -30.08 40.82
C ILE T 228 82.72 -28.75 41.52
N ASN T 229 83.07 -27.63 40.88
CA ASN T 229 82.82 -26.31 41.46
C ASN T 229 81.35 -26.09 41.80
N GLN T 230 80.42 -26.66 41.03
CA GLN T 230 79.00 -26.52 41.35
C GLN T 230 78.65 -27.22 42.66
N LEU T 231 79.03 -28.50 42.77
CA LEU T 231 78.80 -29.23 44.01
C LEU T 231 79.53 -28.60 45.19
N VAL T 232 80.83 -28.26 45.02
CA VAL T 232 81.59 -27.64 46.10
C VAL T 232 80.99 -26.29 46.55
N SER T 233 80.44 -25.48 45.62
CA SER T 233 79.80 -24.25 46.06
C SER T 233 78.53 -24.52 46.86
N THR T 234 77.71 -25.47 46.40
CA THR T 234 76.47 -25.79 47.11
C THR T 234 76.77 -26.53 48.41
N ILE T 235 77.85 -27.31 48.45
CA ILE T 235 78.19 -28.07 49.66
C ILE T 235 78.96 -27.20 50.64
N MET T 236 79.76 -26.25 50.18
CA MET T 236 80.37 -25.32 51.10
C MET T 236 79.32 -24.41 51.73
N SER T 237 78.29 -24.02 50.98
CA SER T 237 77.11 -23.40 51.58
C SER T 237 76.39 -24.35 52.52
N ALA T 238 76.07 -25.56 52.07
CA ALA T 238 75.30 -26.48 52.91
C ALA T 238 76.04 -26.82 54.21
N SER T 239 77.36 -27.02 54.15
CA SER T 239 78.15 -27.25 55.35
C SER T 239 78.36 -26.00 56.21
N THR T 240 77.74 -24.88 55.84
CA THR T 240 77.57 -23.74 56.74
C THR T 240 76.10 -23.42 57.01
N THR T 241 75.17 -24.06 56.30
CA THR T 241 73.74 -23.86 56.52
C THR T 241 73.33 -24.27 57.93
N THR T 242 73.98 -25.32 58.47
CA THR T 242 73.73 -25.75 59.84
C THR T 242 74.03 -24.65 60.87
N LEU T 243 74.91 -23.69 60.54
CA LEU T 243 75.15 -22.54 61.41
C LEU T 243 74.16 -21.41 61.17
N ARG T 244 73.81 -21.15 59.93
CA ARG T 244 73.24 -19.86 59.54
C ARG T 244 71.72 -19.81 59.63
N TYR T 245 71.05 -20.92 59.95
CA TYR T 245 69.58 -20.95 60.12
C TYR T 245 69.22 -21.75 61.37
N PRO T 246 68.37 -21.22 62.25
CA PRO T 246 68.20 -21.80 63.60
C PRO T 246 67.67 -23.23 63.63
N GLY T 247 68.20 -23.99 64.58
CA GLY T 247 67.57 -25.16 65.15
C GLY T 247 67.95 -25.27 66.62
N TYR T 248 67.61 -26.39 67.25
CA TYR T 248 67.82 -26.55 68.69
C TYR T 248 69.30 -26.59 69.05
N MET T 249 70.15 -27.07 68.15
CA MET T 249 71.54 -27.33 68.48
C MET T 249 72.39 -27.19 67.22
N ASN T 250 73.69 -26.93 67.43
CA ASN T 250 74.73 -26.91 66.39
C ASN T 250 74.54 -25.75 65.40
N ASN T 251 74.05 -24.62 65.89
CA ASN T 251 74.10 -23.36 65.14
C ASN T 251 75.47 -22.71 65.22
N ASP T 252 76.36 -23.21 66.09
CA ASP T 252 77.69 -22.66 66.32
C ASP T 252 78.79 -23.59 65.82
N LEU T 253 79.72 -23.03 65.03
CA LEU T 253 80.76 -23.84 64.38
C LEU T 253 81.70 -24.49 65.40
N ILE T 254 82.00 -23.79 66.49
CA ILE T 254 82.85 -24.31 67.56
C ILE T 254 82.31 -25.62 68.13
N GLY T 255 81.02 -25.68 68.45
CA GLY T 255 80.41 -26.93 68.91
C GLY T 255 80.14 -27.96 67.84
N LEU T 256 79.74 -27.51 66.65
CA LEU T 256 79.51 -28.40 65.52
C LEU T 256 80.75 -29.23 65.18
N ILE T 257 81.92 -28.59 65.07
CA ILE T 257 83.15 -29.29 64.74
C ILE T 257 83.77 -30.03 65.94
N ALA T 258 83.59 -29.51 67.16
CA ALA T 258 84.01 -30.24 68.35
C ALA T 258 83.38 -31.63 68.44
N SER T 259 82.18 -31.81 67.88
CA SER T 259 81.45 -33.07 67.96
C SER T 259 82.04 -34.18 67.10
N LEU T 260 83.08 -33.91 66.30
CA LEU T 260 83.60 -34.87 65.33
C LEU T 260 85.07 -35.25 65.53
N ILE T 261 85.85 -34.48 66.27
CA ILE T 261 87.31 -34.55 66.19
C ILE T 261 87.93 -34.94 67.53
N PRO T 262 88.11 -36.23 67.81
CA PRO T 262 88.62 -36.68 69.12
C PRO T 262 90.14 -36.68 69.28
N THR T 263 90.91 -36.07 68.38
CA THR T 263 92.38 -36.15 68.36
C THR T 263 92.94 -34.86 67.76
N PRO T 264 94.11 -34.41 68.21
CA PRO T 264 94.60 -33.09 67.77
C PRO T 264 95.18 -33.04 66.36
N ARG T 265 95.44 -34.18 65.71
CA ARG T 265 96.19 -34.20 64.45
C ARG T 265 95.37 -34.78 63.31
N LEU T 266 94.60 -35.84 63.56
CA LEU T 266 93.80 -36.53 62.53
C LEU T 266 92.37 -35.97 62.45
N HIS T 267 92.29 -34.71 62.03
CA HIS T 267 91.06 -33.93 61.96
C HIS T 267 90.51 -33.78 60.53
N PHE T 268 90.71 -34.80 59.69
CA PHE T 268 90.35 -34.79 58.27
C PHE T 268 88.92 -35.26 57.99
N LEU T 269 87.98 -34.33 58.05
CA LEU T 269 86.60 -34.56 57.63
C LEU T 269 86.44 -34.73 56.11
N MET T 270 85.44 -35.56 55.71
CA MET T 270 85.08 -35.72 54.30
C MET T 270 83.55 -35.72 54.22
N THR T 271 82.97 -35.12 53.16
CA THR T 271 81.51 -34.99 53.04
C THR T 271 80.85 -36.08 52.19
N GLY T 272 79.55 -36.30 52.44
CA GLY T 272 78.67 -37.06 51.55
C GLY T 272 77.28 -36.43 51.49
N TYR T 273 76.51 -36.80 50.46
CA TYR T 273 75.26 -36.10 50.17
C TYR T 273 74.28 -37.00 49.41
N THR T 274 72.99 -37.04 49.85
CA THR T 274 72.10 -38.10 49.38
C THR T 274 71.65 -37.93 47.93
N PRO T 275 71.11 -36.79 47.47
CA PRO T 275 70.89 -36.61 46.02
C PRO T 275 72.17 -36.31 45.25
N LEU T 276 72.48 -37.14 44.25
CA LEU T 276 73.58 -36.85 43.33
C LEU T 276 73.35 -35.54 42.58
N THR T 277 72.10 -35.29 42.21
CA THR T 277 71.61 -34.05 41.59
C THR T 277 71.31 -32.98 42.65
N THR T 278 72.32 -32.17 43.02
CA THR T 278 72.11 -31.13 44.03
C THR T 278 71.33 -29.91 43.49
N ASP T 279 71.62 -29.45 42.27
CA ASP T 279 70.88 -28.30 41.70
C ASP T 279 69.43 -28.66 41.39
N LYS T 287 58.79 -38.14 51.63
CA LYS T 287 58.67 -38.96 50.42
C LYS T 287 59.57 -40.20 50.56
N THR T 288 60.75 -40.06 51.16
CA THR T 288 61.52 -41.18 51.69
C THR T 288 61.91 -40.89 53.13
N THR T 289 61.78 -41.89 54.00
CA THR T 289 61.77 -41.63 55.44
C THR T 289 63.17 -41.37 55.99
N VAL T 290 63.20 -40.80 57.21
CA VAL T 290 64.40 -40.66 58.02
C VAL T 290 65.10 -42.00 58.28
N LEU T 291 64.37 -43.10 58.15
CA LEU T 291 64.99 -44.43 58.20
C LEU T 291 65.91 -44.66 57.02
N ASP T 292 65.59 -44.08 55.86
CA ASP T 292 66.12 -44.48 54.57
C ASP T 292 67.04 -43.43 53.93
N VAL T 293 66.86 -42.14 54.22
CA VAL T 293 67.67 -41.12 53.54
C VAL T 293 69.14 -41.21 53.95
N MET T 294 69.40 -41.54 55.20
CA MET T 294 70.77 -41.80 55.65
C MET T 294 71.30 -43.16 55.21
N ARG T 295 70.41 -44.11 54.93
CA ARG T 295 70.81 -45.39 54.35
C ARG T 295 71.42 -45.24 52.95
N ARG T 296 70.94 -44.27 52.15
CA ARG T 296 71.64 -43.93 50.91
C ARG T 296 72.97 -43.25 51.20
N LEU T 297 72.94 -42.26 52.11
CA LEU T 297 74.10 -41.44 52.42
C LEU T 297 75.31 -42.25 52.87
N LEU T 298 75.07 -43.38 53.54
CA LEU T 298 76.13 -44.23 54.09
C LEU T 298 76.50 -45.35 53.14
N GLN T 299 76.69 -45.05 51.85
CA GLN T 299 77.06 -46.01 50.81
C GLN T 299 78.28 -45.54 50.02
N PRO T 300 79.10 -46.48 49.51
CA PRO T 300 80.39 -46.09 48.90
C PRO T 300 80.29 -45.08 47.75
N LYS T 301 79.20 -45.08 46.98
CA LYS T 301 79.01 -44.20 45.83
C LYS T 301 78.55 -42.78 46.18
N ASN T 302 78.04 -42.55 47.39
CA ASN T 302 77.46 -41.26 47.77
C ASN T 302 78.37 -40.41 48.66
N VAL T 303 79.65 -40.80 48.84
CA VAL T 303 80.63 -40.11 49.68
C VAL T 303 81.87 -39.75 48.84
N MET T 304 82.48 -38.60 49.16
CA MET T 304 83.58 -38.01 48.39
C MET T 304 84.96 -38.65 48.69
N VAL T 305 85.06 -39.97 48.41
CA VAL T 305 86.29 -40.77 48.53
C VAL T 305 86.55 -41.58 47.26
N SER T 306 87.83 -41.87 46.99
CA SER T 306 88.23 -42.90 46.01
C SER T 306 89.49 -43.64 46.47
N THR T 313 89.53 -53.10 53.38
CA THR T 313 90.40 -53.21 54.53
C THR T 313 89.64 -52.84 55.81
N ASN T 314 90.27 -53.06 56.97
CA ASN T 314 89.68 -52.68 58.25
C ASN T 314 89.75 -51.16 58.42
N HIS T 315 88.62 -50.50 58.12
CA HIS T 315 88.51 -49.05 58.17
C HIS T 315 87.17 -48.63 58.78
N CYS T 316 87.14 -47.36 59.19
CA CYS T 316 86.16 -46.80 60.10
C CYS T 316 85.98 -45.31 59.80
N TYR T 317 84.86 -44.74 60.26
CA TYR T 317 84.70 -43.30 60.37
C TYR T 317 84.77 -42.93 61.85
N ILE T 318 85.66 -42.00 62.20
CA ILE T 318 85.85 -41.62 63.59
C ILE T 318 84.71 -40.73 64.09
N ALA T 319 83.98 -40.07 63.18
CA ALA T 319 82.66 -39.51 63.48
C ALA T 319 81.87 -39.37 62.17
N ILE T 320 80.54 -39.30 62.29
CA ILE T 320 79.65 -39.10 61.15
C ILE T 320 78.51 -38.15 61.53
N LEU T 321 78.71 -36.83 61.42
CA LEU T 321 77.57 -35.92 61.52
C LEU T 321 76.72 -36.04 60.27
N ASN T 322 75.41 -36.13 60.45
CA ASN T 322 74.50 -36.18 59.30
C ASN T 322 73.25 -35.38 59.61
N ILE T 323 72.58 -34.94 58.54
CA ILE T 323 71.58 -33.87 58.60
C ILE T 323 70.27 -34.37 58.00
N ILE T 324 69.15 -34.02 58.65
CA ILE T 324 67.80 -34.39 58.22
C ILE T 324 67.03 -33.15 57.78
N GLN T 325 66.39 -33.24 56.60
CA GLN T 325 65.43 -32.26 56.12
C GLN T 325 64.40 -32.98 55.26
N GLY T 326 63.25 -32.32 55.06
CA GLY T 326 62.11 -32.96 54.42
C GLY T 326 61.24 -33.67 55.44
N GLU T 327 61.44 -34.98 55.59
CA GLU T 327 60.71 -35.75 56.60
C GLU T 327 61.32 -35.51 57.98
N VAL T 328 61.03 -34.33 58.54
CA VAL T 328 61.51 -34.00 59.89
C VAL T 328 60.56 -34.62 60.90
N ASP T 329 60.50 -35.95 60.86
CA ASP T 329 59.80 -36.78 61.83
C ASP T 329 60.58 -36.73 63.15
N PRO T 330 59.97 -36.30 64.26
CA PRO T 330 60.73 -36.13 65.51
C PRO T 330 61.19 -37.41 66.20
N THR T 331 60.70 -38.58 65.82
CA THR T 331 60.72 -39.70 66.75
C THR T 331 61.11 -41.03 66.12
N GLN T 332 61.00 -41.20 64.81
CA GLN T 332 61.61 -42.33 64.11
C GLN T 332 63.15 -42.20 64.00
N VAL T 333 63.77 -41.13 64.56
CA VAL T 333 65.23 -41.04 64.55
C VAL T 333 65.88 -42.07 65.47
N HIS T 334 65.40 -42.19 66.71
CA HIS T 334 65.97 -43.21 67.60
C HIS T 334 65.77 -44.62 67.04
N LYS T 335 64.65 -44.86 66.36
CA LYS T 335 64.44 -46.13 65.67
C LYS T 335 65.36 -46.25 64.45
N SER T 336 65.59 -45.13 63.74
CA SER T 336 66.30 -45.15 62.45
C SER T 336 67.68 -45.80 62.55
N LEU T 337 68.48 -45.42 63.55
CA LEU T 337 69.80 -46.06 63.67
C LEU T 337 69.71 -47.55 63.98
N GLN T 338 68.69 -47.99 64.72
CA GLN T 338 68.48 -49.44 64.85
C GLN T 338 68.17 -50.10 63.49
N ARG T 339 67.43 -49.41 62.61
CA ARG T 339 67.24 -49.95 61.25
C ARG T 339 68.55 -49.95 60.44
N ILE T 340 69.42 -48.94 60.64
CA ILE T 340 70.75 -48.95 60.04
C ILE T 340 71.58 -50.10 60.61
N ARG T 341 71.40 -50.39 61.89
CA ARG T 341 72.14 -51.45 62.56
C ARG T 341 71.68 -52.82 62.07
N GLU T 342 70.37 -53.00 61.83
CA GLU T 342 69.84 -54.32 61.52
C GLU T 342 70.27 -54.82 60.14
N ARG T 343 70.33 -53.95 59.13
CA ARG T 343 70.96 -54.30 57.86
C ARG T 343 72.36 -53.70 57.74
N LYS T 344 73.00 -53.45 58.90
CA LYS T 344 74.41 -53.14 59.08
C LYS T 344 74.84 -51.81 58.46
N LEU T 345 74.84 -51.71 57.14
CA LEU T 345 75.29 -50.52 56.42
C LEU T 345 76.60 -49.89 56.92
N ALA T 346 76.54 -48.87 57.77
CA ALA T 346 77.75 -48.18 58.26
C ALA T 346 78.37 -48.94 59.43
N ASN T 347 79.30 -49.84 59.10
CA ASN T 347 80.25 -50.37 60.06
C ASN T 347 81.30 -49.33 60.46
N PHE T 348 81.40 -49.00 61.75
CA PHE T 348 82.53 -48.19 62.21
C PHE T 348 82.71 -48.28 63.73
N ILE T 349 83.90 -48.64 64.17
CA ILE T 349 84.27 -48.77 65.59
C ILE T 349 85.80 -48.74 65.74
N PRO T 350 86.38 -47.59 66.14
CA PRO T 350 87.82 -47.51 66.46
C PRO T 350 88.13 -47.97 67.88
N TRP T 351 89.21 -47.43 68.46
CA TRP T 351 89.59 -47.64 69.85
C TRP T 351 88.58 -47.15 70.89
N GLY T 352 87.43 -46.64 70.44
CA GLY T 352 86.43 -46.09 71.33
C GLY T 352 85.20 -45.62 70.58
N PRO T 353 84.34 -44.83 71.24
CA PRO T 353 83.06 -44.42 70.63
C PRO T 353 83.23 -43.40 69.50
N ALA T 354 82.80 -43.80 68.29
CA ALA T 354 82.73 -42.90 67.14
C ALA T 354 81.35 -42.24 67.08
N SER T 355 81.32 -40.89 67.03
CA SER T 355 80.07 -40.13 67.20
C SER T 355 79.27 -40.05 65.90
N ILE T 356 77.96 -40.27 65.98
CA ILE T 356 77.05 -40.09 64.85
C ILE T 356 75.78 -39.38 65.33
N GLN T 357 75.38 -38.32 64.61
CA GLN T 357 74.39 -37.35 65.08
C GLN T 357 73.43 -37.02 63.94
N VAL T 358 72.13 -36.97 64.27
CA VAL T 358 71.08 -36.87 63.25
C VAL T 358 70.40 -35.50 63.37
N ALA T 359 71.08 -34.48 62.83
CA ALA T 359 70.77 -33.06 63.04
C ALA T 359 69.56 -32.63 62.20
N LEU T 360 68.41 -32.44 62.86
CA LEU T 360 67.22 -31.90 62.21
C LEU T 360 67.44 -30.43 61.82
N SER T 361 67.09 -30.07 60.57
CA SER T 361 67.57 -28.80 59.97
C SER T 361 66.47 -28.09 59.18
N ARG T 362 66.87 -27.08 58.39
CA ARG T 362 65.95 -26.07 57.84
C ARG T 362 66.43 -25.53 56.49
N LYS T 363 65.46 -25.04 55.69
CA LYS T 363 65.73 -24.41 54.40
C LYS T 363 66.35 -23.01 54.57
N SER T 364 67.29 -22.68 53.68
CA SER T 364 67.77 -21.31 53.48
C SER T 364 66.66 -20.45 52.86
N PRO T 365 66.33 -19.30 53.44
CA PRO T 365 65.01 -18.70 53.18
C PRO T 365 64.81 -18.09 51.79
N TYR T 366 65.87 -17.93 51.00
CA TYR T 366 65.73 -17.54 49.59
C TYR T 366 65.20 -18.69 48.73
N LEU T 367 65.59 -19.95 49.04
CA LEU T 367 65.69 -20.99 48.03
C LEU T 367 64.34 -21.62 47.69
N PRO T 368 64.13 -22.04 46.43
CA PRO T 368 63.15 -23.08 46.10
C PRO T 368 63.37 -24.39 46.85
N SER T 369 62.30 -25.21 46.86
CA SER T 369 62.22 -26.44 47.65
C SER T 369 62.56 -27.69 46.82
N ALA T 370 63.50 -27.57 45.87
CA ALA T 370 63.83 -28.66 44.95
C ALA T 370 64.63 -29.76 45.64
N HIS T 371 64.16 -31.01 45.50
CA HIS T 371 64.63 -32.18 46.25
C HIS T 371 64.61 -31.91 47.76
N ARG T 372 63.37 -31.75 48.24
CA ARG T 372 63.10 -31.31 49.60
C ARG T 372 63.58 -32.34 50.62
N VAL T 373 63.27 -33.62 50.39
CA VAL T 373 63.73 -34.72 51.22
C VAL T 373 65.18 -35.03 50.86
N SER T 374 66.09 -34.86 51.82
CA SER T 374 67.52 -34.83 51.54
C SER T 374 68.31 -35.16 52.80
N GLY T 375 69.60 -35.49 52.60
CA GLY T 375 70.54 -35.65 53.70
C GLY T 375 71.98 -35.30 53.33
N LEU T 376 72.69 -34.64 54.24
CA LEU T 376 74.12 -34.40 54.12
C LEU T 376 74.87 -35.04 55.28
N MET T 377 76.11 -35.47 55.00
CA MET T 377 77.00 -36.00 56.02
C MET T 377 78.33 -35.26 55.98
N MET T 378 78.94 -35.13 57.16
CA MET T 378 80.37 -34.86 57.31
C MET T 378 81.00 -35.85 58.29
N ALA T 379 82.07 -36.53 57.85
CA ALA T 379 82.67 -37.65 58.58
C ALA T 379 84.18 -37.74 58.48
N ASN T 380 84.78 -38.07 59.62
CA ASN T 380 86.22 -38.20 59.73
C ASN T 380 86.61 -39.63 59.30
N HIS T 381 86.70 -39.86 57.97
CA HIS T 381 86.84 -41.20 57.38
C HIS T 381 88.30 -41.68 57.39
N THR T 382 88.58 -42.77 58.12
CA THR T 382 89.96 -43.26 58.28
C THR T 382 90.61 -43.67 56.97
N SER T 383 89.79 -43.87 55.94
CA SER T 383 90.27 -44.23 54.60
C SER T 383 91.17 -43.18 53.94
N ILE T 384 91.10 -41.91 54.35
CA ILE T 384 91.87 -40.86 53.71
C ILE T 384 93.38 -41.13 53.77
N SER T 385 93.82 -41.94 54.73
CA SER T 385 95.16 -42.53 54.73
C SER T 385 95.58 -43.12 53.39
N SER T 386 94.63 -43.67 52.62
CA SER T 386 94.95 -44.20 51.29
C SER T 386 95.36 -43.10 50.32
N LEU T 387 94.73 -41.92 50.38
CA LEU T 387 95.17 -40.82 49.52
C LEU T 387 96.42 -40.15 50.07
N PHE T 388 96.58 -40.07 51.40
CA PHE T 388 97.86 -39.66 51.96
C PHE T 388 98.99 -40.55 51.46
N GLU T 389 98.75 -41.86 51.40
CA GLU T 389 99.72 -42.81 50.87
C GLU T 389 99.96 -42.58 49.38
N ARG T 390 98.91 -42.27 48.62
CA ARG T 390 99.08 -42.05 47.19
C ARG T 390 99.96 -40.82 46.92
N THR T 391 99.67 -39.70 47.60
CA THR T 391 100.49 -38.51 47.35
C THR T 391 101.88 -38.69 47.96
N CYS T 392 102.01 -39.50 49.02
CA CYS T 392 103.34 -39.83 49.53
C CYS T 392 104.15 -40.62 48.50
N ARG T 393 103.51 -41.60 47.84
CA ARG T 393 104.23 -42.41 46.86
C ARG T 393 104.55 -41.58 45.63
N GLN T 394 103.62 -40.72 45.22
CA GLN T 394 103.87 -39.86 44.07
C GLN T 394 104.94 -38.81 44.38
N TYR T 395 105.05 -38.36 45.63
CA TYR T 395 106.21 -37.57 46.01
C TYR T 395 107.47 -38.43 45.92
N ASP T 396 107.41 -39.65 46.48
CA ASP T 396 108.64 -40.42 46.72
C ASP T 396 109.27 -40.89 45.41
N LYS T 397 108.46 -41.23 44.40
CA LYS T 397 109.04 -41.63 43.11
C LYS T 397 109.74 -40.45 42.44
N LEU T 398 109.13 -39.25 42.50
CA LEU T 398 109.69 -38.09 41.84
C LEU T 398 110.83 -37.47 42.65
N ARG T 399 110.87 -37.75 43.96
CA ARG T 399 111.99 -37.31 44.79
C ARG T 399 113.18 -38.24 44.65
N LYS T 400 112.94 -39.56 44.57
CA LYS T 400 114.04 -40.50 44.49
C LYS T 400 114.54 -40.69 43.05
N ARG T 401 113.86 -40.11 42.07
CA ARG T 401 114.46 -39.87 40.76
C ARG T 401 115.25 -38.57 40.69
N GLU T 402 115.03 -37.63 41.62
CA GLU T 402 115.87 -36.46 41.87
C GLU T 402 115.90 -35.47 40.71
N ALA T 403 114.97 -35.57 39.77
CA ALA T 403 115.00 -34.74 38.57
C ALA T 403 114.01 -33.59 38.66
N PHE T 404 112.93 -33.76 39.45
CA PHE T 404 111.74 -32.95 39.37
C PHE T 404 111.69 -31.94 40.51
N LEU T 405 112.85 -31.50 40.99
CA LEU T 405 112.97 -30.43 41.96
C LEU T 405 112.76 -29.06 41.31
N GLU T 406 112.88 -28.96 39.99
CA GLU T 406 112.45 -27.86 39.13
C GLU T 406 113.32 -26.60 39.25
N GLN T 407 114.32 -26.58 40.13
CA GLN T 407 115.44 -25.62 40.12
C GLN T 407 115.01 -24.15 40.27
N PHE T 408 113.81 -23.89 40.81
CA PHE T 408 113.29 -22.52 40.91
C PHE T 408 113.98 -21.77 42.05
N ARG T 409 113.94 -20.44 41.97
CA ARG T 409 114.81 -19.60 42.80
C ARG T 409 114.32 -19.55 44.25
N LYS T 410 113.00 -19.49 44.46
CA LYS T 410 112.49 -19.54 45.82
C LYS T 410 112.65 -20.94 46.41
N GLU T 411 112.49 -21.96 45.57
CA GLU T 411 112.77 -23.34 45.98
C GLU T 411 114.23 -23.54 46.34
N ASP T 412 115.13 -22.74 45.78
CA ASP T 412 116.55 -22.87 46.06
C ASP T 412 116.99 -22.03 47.26
N MET T 413 116.30 -20.91 47.58
CA MET T 413 116.79 -20.03 48.63
C MET T 413 116.12 -20.31 49.99
N PHE T 414 114.89 -20.83 50.00
CA PHE T 414 114.20 -21.23 51.24
C PHE T 414 114.52 -22.67 51.63
N LYS T 415 114.92 -23.52 50.64
CA LYS T 415 114.95 -24.98 50.75
C LYS T 415 116.22 -25.53 50.05
N ASP T 416 117.40 -25.17 50.58
CA ASP T 416 118.62 -25.12 49.79
C ASP T 416 119.06 -26.51 49.31
N ASN T 417 119.02 -27.50 50.19
CA ASN T 417 119.42 -28.87 49.87
C ASN T 417 118.22 -29.81 49.81
N PHE T 418 117.01 -29.25 49.76
CA PHE T 418 115.75 -29.99 49.60
C PHE T 418 115.53 -31.04 50.69
N ASP T 419 116.06 -30.79 51.89
CA ASP T 419 115.70 -31.60 53.06
C ASP T 419 114.36 -31.18 53.64
N GLU T 420 113.92 -29.96 53.34
CA GLU T 420 112.59 -29.47 53.69
C GLU T 420 111.50 -30.21 52.92
N MET T 421 111.83 -30.83 51.77
CA MET T 421 110.92 -31.78 51.13
C MET T 421 110.62 -32.96 52.04
N ASP T 422 111.67 -33.57 52.58
CA ASP T 422 111.56 -34.80 53.36
C ASP T 422 111.05 -34.53 54.76
N THR T 423 111.23 -33.31 55.25
CA THR T 423 110.67 -32.90 56.54
C THR T 423 109.15 -33.07 56.58
N SER T 424 108.46 -32.78 55.47
CA SER T 424 107.03 -33.05 55.38
C SER T 424 106.78 -34.56 55.43
N ARG T 425 107.58 -35.32 54.68
CA ARG T 425 107.30 -36.74 54.47
C ARG T 425 107.53 -37.57 55.73
N GLU T 426 108.48 -37.17 56.57
CA GLU T 426 108.66 -37.81 57.88
C GLU T 426 107.41 -37.73 58.74
N ILE T 427 106.56 -36.72 58.57
CA ILE T 427 105.33 -36.60 59.34
C ILE T 427 104.13 -37.24 58.63
N VAL T 428 104.02 -37.08 57.31
CA VAL T 428 102.84 -37.62 56.62
C VAL T 428 102.98 -39.13 56.42
N GLN T 429 104.20 -39.64 56.28
CA GLN T 429 104.37 -41.09 56.23
C GLN T 429 104.10 -41.73 57.59
N GLN T 430 104.43 -41.02 58.67
CA GLN T 430 103.95 -41.40 59.99
C GLN T 430 102.43 -41.33 60.04
N LEU T 431 101.85 -40.30 59.41
CA LEU T 431 100.43 -39.98 59.59
C LEU T 431 99.51 -41.04 58.97
N ILE T 432 99.92 -41.68 57.87
CA ILE T 432 99.17 -42.81 57.33
C ILE T 432 99.08 -43.95 58.35
N ASP T 433 100.21 -44.27 58.97
CA ASP T 433 100.25 -45.32 59.98
C ASP T 433 99.54 -44.87 61.26
N GLU T 434 99.57 -43.57 61.54
CA GLU T 434 98.75 -43.02 62.61
C GLU T 434 97.26 -43.20 62.38
N TYR T 435 96.75 -42.97 61.16
CA TYR T 435 95.34 -43.27 60.93
C TYR T 435 95.04 -44.77 61.02
N HIS T 436 95.94 -45.62 60.54
CA HIS T 436 95.75 -47.05 60.78
C HIS T 436 95.73 -47.39 62.26
N ALA T 437 96.62 -46.77 63.06
CA ALA T 437 96.63 -47.05 64.50
C ALA T 437 95.43 -46.43 65.19
N ALA T 438 94.95 -45.29 64.69
CA ALA T 438 93.71 -44.69 65.15
C ALA T 438 92.49 -45.50 64.75
N THR T 439 92.64 -46.42 63.78
CA THR T 439 91.58 -47.36 63.44
C THR T 439 91.61 -48.59 64.35
N ARG T 440 92.81 -49.02 64.76
CA ARG T 440 93.02 -50.19 65.62
C ARG T 440 92.64 -49.89 67.08
N PRO T 441 92.46 -50.94 67.90
CA PRO T 441 91.97 -50.73 69.28
C PRO T 441 92.86 -49.93 70.24
N ASP T 442 94.10 -49.57 69.89
CA ASP T 442 95.05 -49.10 70.93
C ASP T 442 96.01 -48.02 70.43
N TYR T 443 95.46 -46.88 69.99
CA TYR T 443 96.22 -45.77 69.43
C TYR T 443 97.08 -45.03 70.46
N ILE T 444 96.91 -45.32 71.75
CA ILE T 444 97.83 -44.84 72.78
C ILE T 444 99.26 -45.32 72.54
N SER T 445 99.41 -46.47 71.89
CA SER T 445 100.65 -46.86 71.20
C SER T 445 100.70 -46.09 69.88
N TRP T 446 101.30 -44.90 69.93
CA TRP T 446 101.17 -43.89 68.89
C TRP T 446 102.09 -44.21 67.71
N GLY T 447 101.56 -44.09 66.50
CA GLY T 447 102.32 -44.43 65.30
C GLY T 447 103.29 -43.33 64.91
N ARG U 3 73.33 37.19 71.06
CA ARG U 3 74.68 37.19 70.42
C ARG U 3 74.79 36.06 69.37
N GLU U 4 75.55 36.30 68.32
CA GLU U 4 75.46 35.59 67.04
C GLU U 4 76.83 35.01 66.65
N ILE U 5 76.99 34.61 65.36
CA ILE U 5 78.25 34.07 64.82
C ILE U 5 78.45 34.50 63.37
N ILE U 6 79.47 35.36 63.09
CA ILE U 6 79.88 35.64 61.71
C ILE U 6 80.86 34.56 61.24
N THR U 7 80.71 34.12 59.98
CA THR U 7 81.47 32.98 59.42
C THR U 7 82.70 33.49 58.65
N LEU U 8 83.80 33.68 59.39
CA LEU U 8 85.11 34.05 58.88
C LEU U 8 85.82 32.97 58.05
N GLN U 9 85.17 32.48 56.99
CA GLN U 9 85.80 31.55 56.05
C GLN U 9 86.81 32.24 55.14
N LEU U 10 88.03 31.68 55.05
CA LEU U 10 89.18 32.43 54.53
C LEU U 10 90.20 31.53 53.82
N GLY U 11 90.89 32.13 52.83
CA GLY U 11 91.63 31.47 51.77
C GLY U 11 90.70 30.82 50.76
N GLN U 12 91.19 30.51 49.55
CA GLN U 12 90.28 30.03 48.51
C GLN U 12 89.70 28.66 48.85
N CYS U 13 90.54 27.70 49.27
CA CYS U 13 90.02 26.40 49.67
C CYS U 13 89.03 26.52 50.83
N GLY U 14 89.35 27.31 51.84
CA GLY U 14 88.43 27.55 52.94
C GLY U 14 87.11 28.15 52.53
N ASN U 15 87.12 29.01 51.51
CA ASN U 15 85.88 29.54 50.95
C ASN U 15 85.19 28.59 49.98
N GLN U 16 85.92 27.70 49.32
CA GLN U 16 85.23 26.68 48.53
C GLN U 16 84.41 25.76 49.44
N ILE U 17 85.02 25.19 50.48
CA ILE U 17 84.25 24.44 51.48
C ILE U 17 83.27 25.37 52.20
N GLY U 18 83.65 26.63 52.41
CA GLY U 18 82.74 27.58 53.06
C GLY U 18 81.52 27.85 52.21
N PHE U 19 81.69 27.89 50.88
CA PHE U 19 80.56 27.96 49.96
C PHE U 19 79.67 26.74 50.00
N GLU U 20 80.22 25.53 49.85
CA GLU U 20 79.29 24.42 49.78
C GLU U 20 78.66 24.14 51.15
N PHE U 21 79.28 24.60 52.26
CA PHE U 21 78.54 24.80 53.51
C PHE U 21 77.43 25.84 53.39
N TRP U 22 77.75 27.05 52.92
CA TRP U 22 76.70 28.08 52.86
C TRP U 22 75.60 27.72 51.87
N LYS U 23 75.91 26.98 50.80
CA LYS U 23 74.90 26.44 49.90
C LYS U 23 73.96 25.45 50.61
N GLN U 24 74.51 24.50 51.35
CA GLN U 24 73.65 23.58 52.07
C GLN U 24 72.92 24.24 53.23
N LEU U 25 73.56 25.19 53.91
CA LEU U 25 72.93 25.86 55.05
C LEU U 25 71.65 26.62 54.68
N CYS U 26 71.66 27.39 53.60
CA CYS U 26 70.43 28.02 53.11
C CYS U 26 69.45 27.04 52.49
N ALA U 27 69.79 25.74 52.42
CA ALA U 27 68.89 24.70 51.95
C ALA U 27 68.42 23.75 53.05
N GLU U 28 68.87 23.94 54.29
CA GLU U 28 68.36 23.23 55.46
C GLU U 28 67.53 24.09 56.40
N HIS U 29 67.86 25.38 56.57
CA HIS U 29 66.86 26.34 57.04
C HIS U 29 65.89 26.66 55.91
N GLY U 30 64.61 26.77 56.25
CA GLY U 30 63.56 27.12 55.30
C GLY U 30 63.68 28.52 54.73
N ILE U 31 64.48 28.65 53.67
CA ILE U 31 64.90 29.92 53.07
C ILE U 31 64.89 29.74 51.56
N SER U 32 64.49 30.79 50.80
CA SER U 32 64.52 30.73 49.33
C SER U 32 65.95 30.70 48.79
N PRO U 33 66.13 30.40 47.47
CA PRO U 33 67.48 30.45 46.86
C PRO U 33 68.25 31.74 47.02
N GLU U 34 67.58 32.83 47.40
CA GLU U 34 68.25 34.11 47.58
C GLU U 34 67.78 34.88 48.82
N GLY U 35 67.01 34.26 49.71
CA GLY U 35 66.91 34.67 51.09
C GLY U 35 65.65 35.40 51.51
N ILE U 36 64.56 35.31 50.73
CA ILE U 36 63.24 35.69 51.23
C ILE U 36 62.63 34.54 52.03
N VAL U 37 61.69 34.87 52.92
CA VAL U 37 60.98 33.90 53.76
C VAL U 37 60.39 32.75 52.92
N GLU U 38 60.60 31.51 53.38
CA GLU U 38 60.19 30.31 52.64
C GLU U 38 59.70 29.23 53.62
N GLU U 39 59.04 28.19 53.06
CA GLU U 39 58.61 26.98 53.78
C GLU U 39 59.74 26.25 54.53
N PHE U 40 59.37 25.44 55.55
CA PHE U 40 60.26 24.81 56.54
C PHE U 40 60.83 25.78 57.58
N ALA U 41 61.46 25.23 58.63
CA ALA U 41 61.91 25.99 59.80
C ALA U 41 63.04 26.98 59.50
N THR U 45 60.88 29.39 64.82
CA THR U 45 61.28 27.99 64.93
C THR U 45 62.81 27.80 64.78
N ASP U 46 63.56 28.91 64.58
CA ASP U 46 65.02 28.88 64.46
C ASP U 46 65.67 29.82 65.44
N ARG U 47 66.98 29.64 65.64
CA ARG U 47 67.86 30.75 66.05
C ARG U 47 68.79 31.09 64.88
N LYS U 48 68.21 31.26 63.70
CA LYS U 48 68.96 31.37 62.45
C LYS U 48 69.90 32.58 62.46
N ASP U 49 69.53 33.65 63.17
CA ASP U 49 70.35 34.84 63.23
C ASP U 49 71.75 34.59 63.82
N VAL U 50 71.99 33.45 64.47
CA VAL U 50 73.37 33.07 64.79
C VAL U 50 74.24 33.12 63.52
N PHE U 51 73.85 32.36 62.49
CA PHE U 51 74.64 32.34 61.26
C PHE U 51 74.13 33.32 60.19
N PHE U 52 72.89 33.80 60.27
CA PHE U 52 72.35 34.73 59.28
C PHE U 52 72.39 36.18 59.77
N TYR U 53 72.84 37.07 58.88
CA TYR U 53 72.70 38.51 59.02
C TYR U 53 71.22 38.90 58.86
N GLN U 54 70.91 40.20 59.02
CA GLN U 54 69.53 40.65 58.90
C GLN U 54 69.47 42.06 58.30
N ALA U 55 68.37 42.32 57.60
CA ALA U 55 67.95 43.68 57.23
C ALA U 55 66.58 43.99 57.84
N ASP U 56 66.21 45.28 57.83
CA ASP U 56 64.89 45.69 58.30
C ASP U 56 63.74 45.04 57.53
N ASP U 57 63.98 44.53 56.32
CA ASP U 57 62.95 43.92 55.48
C ASP U 57 62.88 42.39 55.65
N GLU U 58 63.48 41.85 56.72
CA GLU U 58 63.32 40.44 57.12
C GLU U 58 63.85 39.47 56.07
N HIS U 59 64.98 39.83 55.42
CA HIS U 59 65.66 38.97 54.46
C HIS U 59 66.88 38.27 55.07
N TYR U 60 66.92 36.93 54.95
CA TYR U 60 67.94 36.14 55.64
C TYR U 60 69.22 36.08 54.79
N ILE U 61 69.88 37.24 54.74
CA ILE U 61 71.28 37.39 54.36
C ILE U 61 72.16 36.57 55.31
N PRO U 62 73.11 35.78 54.81
CA PRO U 62 74.07 35.13 55.71
C PRO U 62 75.16 36.08 56.21
N ARG U 63 75.72 35.73 57.37
CA ARG U 63 76.90 36.43 57.91
C ARG U 63 78.18 35.94 57.23
N ALA U 64 78.19 35.92 55.90
CA ALA U 64 79.18 35.18 55.10
C ALA U 64 80.28 36.09 54.57
N VAL U 65 81.33 36.31 55.38
CA VAL U 65 82.49 37.10 54.92
C VAL U 65 83.46 36.20 54.15
N LEU U 66 83.55 36.43 52.83
CA LEU U 66 84.30 35.59 51.88
C LEU U 66 85.67 36.20 51.59
N LEU U 67 86.69 35.77 52.33
CA LEU U 67 88.07 36.26 52.16
C LEU U 67 88.91 35.40 51.20
N ASP U 68 88.82 35.69 49.89
CA ASP U 68 89.82 35.22 48.93
C ASP U 68 91.10 36.06 48.99
N LEU U 69 92.19 35.52 48.42
CA LEU U 69 93.47 36.23 48.29
C LEU U 69 94.24 35.73 47.06
N GLU U 70 94.85 36.66 46.33
CA GLU U 70 95.29 36.46 44.95
C GLU U 70 94.15 35.81 44.12
N PRO U 71 93.02 36.52 44.03
CA PRO U 71 91.72 35.87 43.79
C PRO U 71 91.47 35.40 42.36
N ARG U 72 90.82 34.23 42.25
CA ARG U 72 90.29 33.74 40.99
C ARG U 72 89.07 32.84 41.21
N VAL U 73 89.21 31.85 42.11
CA VAL U 73 88.25 30.75 42.19
C VAL U 73 86.90 31.19 42.74
N ILE U 74 86.89 32.18 43.65
CA ILE U 74 85.64 32.57 44.30
C ILE U 74 84.71 33.34 43.37
N HIS U 75 85.19 33.83 42.22
CA HIS U 75 84.29 34.31 41.17
C HIS U 75 83.36 33.21 40.66
N SER U 76 83.77 31.93 40.77
CA SER U 76 82.87 30.82 40.44
C SER U 76 81.83 30.56 41.53
N ILE U 77 81.86 31.31 42.62
CA ILE U 77 80.68 31.46 43.49
C ILE U 77 79.88 32.69 43.12
N LEU U 78 80.56 33.81 42.85
CA LEU U 78 79.90 35.08 42.55
C LEU U 78 79.15 35.09 41.21
N ASN U 79 79.40 34.13 40.33
CA ASN U 79 78.58 33.96 39.14
C ASN U 79 77.26 33.24 39.38
N SER U 80 77.07 32.56 40.53
CA SER U 80 75.92 31.70 40.72
C SER U 80 74.65 32.52 40.98
N PRO U 81 73.47 31.98 40.64
CA PRO U 81 72.20 32.66 41.01
C PRO U 81 71.94 32.83 42.50
N TYR U 82 72.75 32.24 43.37
CA TYR U 82 72.66 32.43 44.81
C TYR U 82 73.13 33.82 45.27
N ALA U 83 73.52 34.71 44.34
CA ALA U 83 74.24 35.93 44.72
C ALA U 83 73.46 36.85 45.65
N LYS U 84 72.13 36.84 45.55
CA LYS U 84 71.31 37.71 46.40
C LYS U 84 71.19 37.18 47.83
N LEU U 85 71.58 35.93 48.08
CA LEU U 85 71.73 35.47 49.45
C LEU U 85 72.85 36.20 50.19
N TYR U 86 74.12 35.97 49.81
CA TYR U 86 75.28 36.46 50.58
C TYR U 86 75.63 37.89 50.17
N ASN U 87 74.70 38.82 50.46
CA ASN U 87 74.74 40.20 50.00
C ASN U 87 75.13 41.30 51.00
N PRO U 88 75.91 41.04 52.06
CA PRO U 88 76.42 42.16 52.88
C PRO U 88 77.42 43.10 52.19
N GLU U 89 77.95 42.73 51.01
CA GLU U 89 79.10 43.40 50.39
C GLU U 89 80.38 43.31 51.24
N ASN U 90 81.02 42.12 51.18
CA ASN U 90 82.26 41.84 51.89
C ASN U 90 83.28 41.10 51.01
N ILE U 91 83.01 40.90 49.71
CA ILE U 91 83.73 39.95 48.87
C ILE U 91 85.03 40.58 48.40
N TYR U 92 86.09 40.48 49.22
CA TYR U 92 87.29 41.29 49.04
C TYR U 92 88.56 40.58 49.49
N LEU U 93 89.66 40.90 48.79
CA LEU U 93 90.97 40.28 48.97
C LEU U 93 91.40 40.28 50.44
N GLY U 101 102.70 32.22 46.81
CA GLY U 101 102.68 30.89 46.23
C GLY U 101 101.80 29.90 46.98
N ASN U 102 102.38 28.81 47.50
CA ASN U 102 101.64 27.95 48.41
C ASN U 102 102.45 27.52 49.63
N ASN U 103 103.72 27.94 49.75
CA ASN U 103 104.55 27.79 50.95
C ASN U 103 104.00 28.64 52.12
N TRP U 104 104.33 28.24 53.37
CA TRP U 104 103.62 28.73 54.56
C TRP U 104 103.24 30.21 54.56
N ALA U 105 104.15 31.13 54.22
CA ALA U 105 103.83 32.56 54.30
C ALA U 105 103.39 33.13 52.97
N SER U 106 102.75 32.31 52.12
CA SER U 106 102.23 32.80 50.85
C SER U 106 101.14 33.83 51.07
N GLY U 107 100.15 33.51 51.90
CA GLY U 107 99.07 34.44 52.15
C GLY U 107 99.50 35.53 53.10
N PHE U 108 100.47 35.24 53.97
CA PHE U 108 101.06 36.24 54.84
C PHE U 108 101.82 37.30 54.05
N SER U 109 102.55 36.89 53.00
CA SER U 109 103.21 37.84 52.12
C SER U 109 102.23 38.55 51.19
N GLN U 110 101.20 37.84 50.67
CA GLN U 110 100.35 38.46 49.66
C GLN U 110 99.39 39.46 50.29
N GLY U 111 98.81 39.11 51.44
CA GLY U 111 97.86 39.99 52.09
C GLY U 111 98.14 40.08 53.57
N GLU U 112 98.65 41.23 54.01
CA GLU U 112 98.93 41.49 55.42
C GLU U 112 98.15 42.69 55.93
N LYS U 113 98.09 43.78 55.16
CA LYS U 113 97.51 45.03 55.65
C LYS U 113 96.03 45.15 55.28
N ILE U 114 95.35 44.02 55.04
CA ILE U 114 93.91 43.98 54.89
C ILE U 114 93.20 43.81 56.22
N HIS U 115 93.95 43.75 57.33
CA HIS U 115 93.37 43.40 58.62
C HIS U 115 92.39 44.46 59.10
N GLU U 116 92.68 45.75 58.85
CA GLU U 116 91.84 46.79 59.46
C GLU U 116 90.50 46.90 58.75
N ASP U 117 90.49 46.90 57.41
CA ASP U 117 89.21 47.11 56.73
C ASP U 117 88.41 45.80 56.67
N ILE U 118 89.06 44.63 56.69
CA ILE U 118 88.29 43.38 56.81
C ILE U 118 87.68 43.26 58.21
N PHE U 119 88.42 43.68 59.25
CA PHE U 119 87.85 43.74 60.61
C PHE U 119 86.65 44.69 60.68
N ASP U 120 86.74 45.84 59.99
CA ASP U 120 85.59 46.73 59.89
C ASP U 120 84.43 46.07 59.16
N ILE U 121 84.74 45.31 58.11
CA ILE U 121 83.72 44.57 57.36
C ILE U 121 83.04 43.54 58.26
N ILE U 122 83.79 42.89 59.17
CA ILE U 122 83.14 42.03 60.16
C ILE U 122 82.23 42.87 61.04
N ASP U 123 82.77 43.97 61.58
CA ASP U 123 82.07 44.74 62.60
C ASP U 123 80.79 45.36 62.08
N ARG U 124 80.81 45.80 60.82
CA ARG U 124 79.61 46.32 60.18
C ARG U 124 78.48 45.30 60.16
N GLU U 125 78.82 44.03 60.04
CA GLU U 125 77.84 42.95 60.09
C GLU U 125 77.53 42.53 61.53
N ALA U 126 78.41 42.84 62.48
CA ALA U 126 78.08 42.70 63.90
C ALA U 126 77.15 43.81 64.39
N ASP U 127 77.18 44.99 63.77
CA ASP U 127 76.28 46.07 64.16
C ASP U 127 74.80 45.72 63.95
N GLY U 128 74.51 44.81 63.03
CA GLY U 128 73.20 44.18 62.97
C GLY U 128 73.00 43.07 63.99
N SER U 129 73.42 43.29 65.24
CA SER U 129 73.20 42.32 66.30
C SER U 129 73.27 43.04 67.65
N ASP U 130 73.02 42.28 68.73
CA ASP U 130 73.51 42.68 70.05
C ASP U 130 75.03 42.56 70.11
N SER U 131 75.57 41.40 69.71
CA SER U 131 77.00 41.09 69.72
C SER U 131 77.18 39.71 69.08
N LEU U 132 78.42 39.25 68.92
CA LEU U 132 78.67 37.83 68.67
C LEU U 132 78.85 37.08 69.98
N GLU U 133 78.48 35.79 69.96
CA GLU U 133 79.08 34.82 70.88
C GLU U 133 80.38 34.24 70.35
N GLY U 134 80.54 34.19 69.02
CA GLY U 134 81.77 33.65 68.47
C GLY U 134 81.90 33.90 66.98
N PHE U 135 82.87 33.21 66.36
CA PHE U 135 83.16 33.26 64.93
C PHE U 135 83.51 31.86 64.41
N VAL U 136 83.16 31.58 63.15
CA VAL U 136 83.38 30.27 62.50
C VAL U 136 84.25 30.44 61.25
N LEU U 137 85.48 29.86 61.29
CA LEU U 137 86.42 29.85 60.15
C LEU U 137 86.35 28.53 59.39
N CYS U 138 85.86 28.57 58.15
CA CYS U 138 86.11 27.53 57.16
C CYS U 138 87.41 27.92 56.43
N HIS U 139 88.50 27.21 56.70
CA HIS U 139 89.86 27.75 56.64
C HIS U 139 90.76 26.89 55.75
N SER U 140 91.53 27.56 54.87
CA SER U 140 92.65 26.96 54.14
C SER U 140 93.92 26.90 55.02
N ILE U 141 93.89 26.01 56.01
CA ILE U 141 95.10 25.69 56.79
C ILE U 141 96.12 24.96 55.91
N ALA U 142 97.39 25.03 56.33
CA ALA U 142 98.52 24.40 55.62
C ALA U 142 98.73 24.93 54.19
N GLY U 143 97.90 24.53 53.20
CA GLY U 143 98.04 24.98 51.84
C GLY U 143 97.23 26.24 51.49
N GLY U 144 97.33 26.65 50.21
CA GLY U 144 96.55 27.75 49.66
C GLY U 144 96.88 29.13 50.25
N THR U 145 96.21 30.16 49.71
CA THR U 145 96.45 31.54 50.13
C THR U 145 95.86 31.86 51.50
N GLY U 146 95.17 30.92 52.15
CA GLY U 146 94.88 31.04 53.58
C GLY U 146 96.02 30.67 54.49
N SER U 147 97.01 29.93 54.00
CA SER U 147 98.21 29.66 54.77
C SER U 147 99.01 30.94 55.00
N GLY U 148 99.49 31.11 56.23
CA GLY U 148 100.15 32.34 56.62
C GLY U 148 99.18 33.46 56.89
N LEU U 149 98.35 33.80 55.89
CA LEU U 149 97.29 34.78 56.05
C LEU U 149 96.47 34.50 57.30
N GLY U 150 95.87 33.32 57.34
CA GLY U 150 94.91 33.01 58.38
C GLY U 150 95.55 32.91 59.76
N SER U 151 96.74 32.32 59.82
CA SER U 151 97.48 32.25 61.08
C SER U 151 97.81 33.64 61.64
N TYR U 152 98.21 34.57 60.76
CA TYR U 152 98.41 35.97 61.19
C TYR U 152 97.09 36.66 61.53
N LEU U 153 96.06 36.49 60.70
CA LEU U 153 94.80 37.17 60.94
C LEU U 153 94.10 36.61 62.18
N LEU U 154 94.29 35.32 62.46
CA LEU U 154 93.74 34.74 63.68
C LEU U 154 94.38 35.36 64.93
N GLU U 155 95.68 35.68 64.89
CA GLU U 155 96.27 36.46 65.97
C GLU U 155 95.59 37.83 66.11
N ARG U 156 95.44 38.55 65.01
CA ARG U 156 94.96 39.92 65.06
C ARG U 156 93.47 39.98 65.36
N LEU U 157 92.68 39.11 64.73
CA LEU U 157 91.24 39.12 64.96
C LEU U 157 90.90 38.76 66.40
N ASN U 158 91.60 37.78 66.99
CA ASN U 158 91.31 37.44 68.39
C ASN U 158 92.04 38.37 69.37
N ASP U 159 93.08 39.10 68.94
CA ASP U 159 93.51 40.26 69.72
C ASP U 159 92.40 41.30 69.80
N ARG U 160 91.71 41.54 68.69
CA ARG U 160 90.66 42.55 68.64
C ARG U 160 89.30 42.04 69.13
N TYR U 161 89.14 40.75 69.43
CA TYR U 161 87.86 40.21 69.89
C TYR U 161 88.03 39.35 71.16
N PRO U 162 88.36 39.97 72.30
CA PRO U 162 88.43 39.18 73.55
C PRO U 162 87.09 38.70 74.07
N LYS U 163 85.97 39.30 73.62
CA LYS U 163 84.67 39.06 74.22
C LYS U 163 83.96 37.82 73.67
N LYS U 164 84.32 37.34 72.46
CA LYS U 164 83.61 36.29 71.75
C LYS U 164 84.55 35.25 71.12
N LEU U 165 84.12 33.98 71.15
CA LEU U 165 84.95 32.78 70.89
C LEU U 165 85.17 32.49 69.40
N VAL U 166 86.44 32.34 68.97
CA VAL U 166 86.79 31.99 67.58
C VAL U 166 87.01 30.47 67.45
N GLN U 167 86.22 29.83 66.57
CA GLN U 167 86.27 28.38 66.31
C GLN U 167 86.56 28.08 64.83
N THR U 168 87.61 27.28 64.55
CA THR U 168 88.06 26.97 63.19
C THR U 168 87.73 25.53 62.79
N TYR U 169 86.95 25.35 61.71
CA TYR U 169 86.78 24.03 61.07
C TYR U 169 87.96 23.80 60.11
N SER U 170 89.08 23.33 60.67
CA SER U 170 90.34 23.29 59.94
C SER U 170 90.39 22.09 58.97
N VAL U 171 89.84 22.26 57.77
CA VAL U 171 90.31 21.49 56.62
C VAL U 171 91.81 21.73 56.46
N PHE U 172 92.57 20.62 56.35
CA PHE U 172 93.98 20.57 56.70
C PHE U 172 94.75 19.83 55.59
N PRO U 173 94.93 20.48 54.42
CA PRO U 173 95.56 19.79 53.28
C PRO U 173 96.95 19.26 53.58
N ASN U 174 97.08 17.92 53.49
CA ASN U 174 98.31 17.14 53.70
C ASN U 174 98.09 15.88 52.84
N GLN U 175 98.28 16.06 51.53
CA GLN U 175 97.76 15.14 50.50
C GLN U 175 98.64 13.90 50.29
N ASP U 176 98.67 13.04 51.32
CA ASP U 176 99.20 11.67 51.26
C ASP U 176 100.68 11.56 50.89
N GLU U 177 101.50 12.53 51.33
CA GLU U 177 102.97 12.47 51.22
C GLU U 177 103.49 12.09 49.84
N ASP U 180 101.57 22.22 43.97
CA ASP U 180 102.05 21.17 44.86
C ASP U 180 102.85 21.79 46.01
N VAL U 181 102.70 21.27 47.23
CA VAL U 181 103.39 21.78 48.41
C VAL U 181 104.28 20.68 48.98
N VAL U 182 105.59 20.78 48.73
CA VAL U 182 106.55 19.84 49.35
C VAL U 182 106.78 20.17 50.81
N VAL U 183 106.52 21.41 51.20
CA VAL U 183 106.85 21.90 52.53
C VAL U 183 105.57 21.94 53.39
N GLN U 184 104.59 21.10 53.02
CA GLN U 184 103.28 21.06 53.66
C GLN U 184 103.31 20.70 55.16
N PRO U 185 104.08 19.70 55.60
CA PRO U 185 104.14 19.45 57.05
C PRO U 185 104.55 20.69 57.83
N TYR U 186 105.54 21.42 57.31
CA TYR U 186 105.97 22.67 57.95
C TYR U 186 104.87 23.73 57.93
N ASN U 187 104.16 23.88 56.79
CA ASN U 187 103.02 24.80 56.77
C ASN U 187 101.97 24.43 57.80
N SER U 188 101.61 23.15 57.83
CA SER U 188 100.60 22.68 58.78
C SER U 188 101.06 22.90 60.22
N LEU U 189 102.35 22.66 60.46
CA LEU U 189 102.95 22.86 61.78
C LEU U 189 102.93 24.34 62.20
N LEU U 190 103.39 25.23 61.33
CA LEU U 190 103.45 26.66 61.66
C LEU U 190 102.06 27.31 61.73
N THR U 191 101.10 26.88 60.90
CA THR U 191 99.71 27.31 61.12
C THR U 191 99.14 26.71 62.41
N LEU U 192 99.50 25.47 62.72
CA LEU U 192 99.02 24.84 63.96
C LEU U 192 99.50 25.56 65.23
N LYS U 193 100.76 26.02 65.30
CA LYS U 193 101.17 26.86 66.44
C LYS U 193 100.32 28.13 66.55
N ARG U 194 99.92 28.75 65.43
CA ARG U 194 99.02 29.90 65.53
C ARG U 194 97.60 29.48 65.92
N LEU U 195 97.13 28.30 65.48
CA LEU U 195 95.88 27.78 66.01
C LEU U 195 95.94 27.56 67.53
N THR U 196 96.99 26.90 68.04
CA THR U 196 97.08 26.70 69.49
C THR U 196 97.17 28.03 70.24
N GLN U 197 98.00 28.96 69.76
CA GLN U 197 98.17 30.24 70.45
C GLN U 197 96.99 31.21 70.33
N ASN U 198 96.10 31.07 69.33
CA ASN U 198 95.15 32.15 69.05
C ASN U 198 93.71 31.75 68.75
N ALA U 199 93.38 30.54 68.27
CA ALA U 199 91.99 30.12 68.21
C ALA U 199 91.48 29.73 69.59
N ASP U 200 90.20 29.98 69.86
CA ASP U 200 89.64 29.49 71.12
C ASP U 200 89.17 28.04 71.01
N CYS U 201 88.90 27.57 69.79
CA CYS U 201 88.57 26.17 69.53
C CYS U 201 88.96 25.87 68.08
N VAL U 202 89.27 24.59 67.78
CA VAL U 202 89.38 24.09 66.42
C VAL U 202 88.61 22.76 66.30
N VAL U 203 87.77 22.64 65.27
CA VAL U 203 87.21 21.34 64.87
C VAL U 203 88.04 20.87 63.67
N VAL U 204 88.82 19.78 63.86
CA VAL U 204 89.77 19.31 62.85
C VAL U 204 89.09 18.49 61.76
N LEU U 205 89.53 18.71 60.50
CA LEU U 205 89.12 17.93 59.32
C LEU U 205 90.39 17.51 58.55
N ASP U 206 90.92 16.32 58.85
CA ASP U 206 92.19 15.85 58.29
C ASP U 206 92.02 15.40 56.83
N ASN U 207 92.66 16.12 55.90
CA ASN U 207 92.61 15.70 54.49
C ASN U 207 93.25 14.32 54.28
N THR U 208 94.26 13.97 55.09
CA THR U 208 94.85 12.63 55.05
C THR U 208 93.84 11.55 55.44
N ALA U 209 92.96 11.85 56.39
CA ALA U 209 91.86 10.93 56.72
C ALA U 209 90.77 10.97 55.67
N LEU U 210 90.33 12.17 55.29
CA LEU U 210 89.23 12.32 54.33
C LEU U 210 89.52 11.64 52.99
N ASN U 211 90.76 11.74 52.48
CA ASN U 211 91.05 11.05 51.21
C ASN U 211 91.07 9.53 51.39
N ARG U 212 91.58 9.02 52.50
CA ARG U 212 91.44 7.59 52.77
C ARG U 212 89.96 7.18 52.83
N ILE U 213 89.16 7.89 53.63
CA ILE U 213 87.72 7.62 53.70
C ILE U 213 87.09 7.67 52.31
N ALA U 214 87.48 8.66 51.49
CA ALA U 214 86.94 8.75 50.13
C ALA U 214 87.28 7.52 49.28
N THR U 215 88.53 7.04 49.35
CA THR U 215 88.89 5.81 48.65
C THR U 215 88.25 4.56 49.27
N ASP U 216 87.91 4.61 50.57
CA ASP U 216 87.26 3.47 51.22
C ASP U 216 85.77 3.36 50.90
N ARG U 217 85.06 4.50 50.83
CA ARG U 217 83.62 4.48 50.62
C ARG U 217 83.21 4.24 49.17
N LEU U 218 83.89 4.83 48.18
CA LEU U 218 83.56 4.70 46.76
C LEU U 218 84.85 4.52 45.96
N HIS U 219 84.71 4.01 44.73
CA HIS U 219 85.84 3.87 43.80
C HIS U 219 86.24 5.21 43.15
N ILE U 220 86.69 6.14 44.00
CA ILE U 220 87.14 7.47 43.51
C ILE U 220 88.62 7.63 43.91
N GLN U 221 89.25 8.75 43.55
CA GLN U 221 90.70 8.92 43.83
C GLN U 221 90.93 10.18 44.68
N ASN U 222 92.15 10.71 44.66
CA ASN U 222 92.48 11.94 45.43
C ASN U 222 91.55 13.09 45.01
N PRO U 223 91.65 13.65 43.78
CA PRO U 223 91.22 15.01 43.53
C PRO U 223 89.71 15.07 43.41
N SER U 224 89.04 13.95 43.66
CA SER U 224 87.55 13.90 43.60
C SER U 224 86.95 14.52 44.86
N PHE U 225 87.49 15.65 45.32
CA PHE U 225 86.91 16.35 46.49
C PHE U 225 85.44 16.56 46.22
N SER U 226 85.03 16.49 44.94
CA SER U 226 83.59 16.55 44.66
C SER U 226 82.76 15.73 45.64
N GLN U 227 83.35 14.73 46.30
CA GLN U 227 82.70 13.94 47.34
C GLN U 227 83.22 14.22 48.75
N ILE U 228 84.53 14.47 48.93
CA ILE U 228 85.00 14.90 50.25
C ILE U 228 84.29 16.18 50.70
N ASN U 229 84.06 17.12 49.78
CA ASN U 229 83.34 18.33 50.20
C ASN U 229 81.84 18.10 50.40
N GLN U 230 81.28 16.99 49.90
CA GLN U 230 79.95 16.59 50.37
C GLN U 230 80.00 16.10 51.83
N LEU U 231 81.02 15.31 52.20
CA LEU U 231 81.24 15.01 53.61
C LEU U 231 81.44 16.28 54.44
N VAL U 232 82.35 17.17 54.02
CA VAL U 232 82.56 18.41 54.76
C VAL U 232 81.29 19.25 54.86
N SER U 233 80.55 19.41 53.74
CA SER U 233 79.35 20.24 53.79
C SER U 233 78.27 19.65 54.70
N THR U 234 78.05 18.34 54.63
CA THR U 234 77.09 17.70 55.54
C THR U 234 77.60 17.69 56.98
N ILE U 235 78.91 17.51 57.19
CA ILE U 235 79.49 17.67 58.51
C ILE U 235 79.30 19.10 59.05
N MET U 236 79.60 20.11 58.23
CA MET U 236 79.37 21.50 58.65
C MET U 236 77.90 21.74 58.97
N SER U 237 77.00 21.33 58.07
CA SER U 237 75.57 21.37 58.37
C SER U 237 75.22 20.68 59.69
N ALA U 238 75.59 19.42 59.84
CA ALA U 238 75.26 18.67 61.04
C ALA U 238 75.84 19.29 62.30
N SER U 239 77.14 19.61 62.30
CA SER U 239 77.76 20.20 63.48
C SER U 239 77.12 21.53 63.88
N THR U 240 76.86 22.41 62.90
CA THR U 240 76.23 23.68 63.22
C THR U 240 74.71 23.62 63.39
N THR U 241 74.07 22.46 63.16
CA THR U 241 72.63 22.38 63.42
C THR U 241 72.32 22.66 64.89
N THR U 242 73.10 22.06 65.81
CA THR U 242 72.85 22.30 67.23
C THR U 242 73.23 23.73 67.65
N LEU U 243 74.15 24.38 66.93
CA LEU U 243 74.45 25.80 67.14
C LEU U 243 73.32 26.73 66.70
N ARG U 244 72.28 26.22 66.03
CA ARG U 244 71.23 27.03 65.42
C ARG U 244 69.81 26.71 65.90
N TYR U 245 69.62 25.79 66.85
CA TYR U 245 68.30 25.35 67.28
C TYR U 245 68.20 25.16 68.78
N PRO U 246 66.95 25.27 69.37
CA PRO U 246 66.72 24.98 70.80
C PRO U 246 67.17 23.61 71.31
N GLY U 247 67.43 23.57 72.62
CA GLY U 247 67.83 22.37 73.35
C GLY U 247 68.30 22.75 74.75
N TYR U 248 68.19 21.83 75.72
CA TYR U 248 68.48 22.17 77.12
C TYR U 248 69.95 22.58 77.33
N MET U 249 70.85 22.06 76.49
CA MET U 249 72.26 22.43 76.37
C MET U 249 72.76 22.25 74.94
N ASN U 250 73.96 22.77 74.70
CA ASN U 250 74.61 22.70 73.38
C ASN U 250 73.77 23.33 72.27
N ASN U 251 72.86 24.24 72.63
CA ASN U 251 72.04 25.01 71.68
C ASN U 251 72.82 26.15 71.02
N ASP U 252 74.16 26.13 71.11
CA ASP U 252 75.01 27.31 71.01
C ASP U 252 76.44 26.87 70.70
N LEU U 253 77.26 27.83 70.25
CA LEU U 253 78.70 27.57 70.15
C LEU U 253 79.37 27.64 71.51
N ILE U 254 79.05 28.69 72.28
CA ILE U 254 79.74 28.90 73.56
C ILE U 254 79.52 27.72 74.51
N GLY U 255 78.28 27.24 74.65
CA GLY U 255 78.04 26.05 75.46
C GLY U 255 78.59 24.74 74.90
N LEU U 256 78.57 24.56 73.58
CA LEU U 256 79.20 23.36 73.01
C LEU U 256 80.72 23.37 73.20
N ILE U 257 81.37 24.47 72.83
CA ILE U 257 82.82 24.59 73.03
C ILE U 257 83.16 24.47 74.52
N ALA U 258 82.38 25.11 75.39
CA ALA U 258 82.60 25.01 76.84
C ALA U 258 82.44 23.60 77.39
N SER U 259 81.47 22.82 76.88
CA SER U 259 81.30 21.45 77.36
C SER U 259 82.29 20.45 76.74
N LEU U 260 82.91 20.78 75.60
CA LEU U 260 83.91 19.92 74.97
C LEU U 260 85.34 20.13 75.47
N ILE U 261 85.79 21.38 75.59
CA ILE U 261 87.16 21.68 76.02
C ILE U 261 87.49 21.08 77.38
N PRO U 262 88.54 20.22 77.49
CA PRO U 262 89.03 19.82 78.81
C PRO U 262 90.07 20.78 79.37
N THR U 263 90.81 21.47 78.47
CA THR U 263 91.88 22.41 78.82
C THR U 263 92.16 23.22 77.55
N PRO U 264 92.57 24.49 77.66
CA PRO U 264 92.76 25.31 76.45
C PRO U 264 93.98 24.99 75.58
N ARG U 265 94.72 23.91 75.86
CA ARG U 265 95.62 23.32 74.86
C ARG U 265 94.91 22.28 73.97
N LEU U 266 94.04 21.45 74.53
CA LEU U 266 93.33 20.41 73.79
C LEU U 266 91.97 20.90 73.25
N HIS U 267 91.87 22.18 72.86
CA HIS U 267 90.67 22.72 72.22
C HIS U 267 90.48 22.23 70.77
N PHE U 268 91.37 21.37 70.27
CA PHE U 268 91.27 20.74 68.96
C PHE U 268 90.29 19.56 68.97
N LEU U 269 89.02 19.89 68.80
CA LEU U 269 87.93 18.91 68.77
C LEU U 269 87.95 18.06 67.50
N MET U 270 87.42 16.84 67.63
CA MET U 270 87.24 15.88 66.56
C MET U 270 85.93 16.13 65.80
N THR U 271 85.84 15.52 64.60
CA THR U 271 84.57 15.35 63.91
C THR U 271 84.54 13.98 63.23
N GLY U 272 83.33 13.55 62.87
CA GLY U 272 83.15 12.35 62.06
C GLY U 272 81.70 12.06 61.70
N TYR U 273 81.40 11.95 60.41
CA TYR U 273 80.09 11.50 59.95
C TYR U 273 79.87 10.01 60.24
N THR U 274 78.59 9.62 60.43
CA THR U 274 78.28 8.31 60.98
C THR U 274 78.66 7.16 60.04
N PRO U 275 78.11 7.07 58.83
CA PRO U 275 78.51 5.99 57.91
C PRO U 275 79.71 6.36 57.05
N LEU U 276 80.30 5.34 56.41
CA LEU U 276 81.08 5.57 55.20
C LEU U 276 80.17 5.85 54.00
N THR U 277 79.23 4.94 53.72
CA THR U 277 78.30 5.04 52.60
C THR U 277 76.91 5.41 53.12
N THR U 278 76.39 6.57 52.67
CA THR U 278 75.13 7.11 53.16
C THR U 278 73.90 6.63 52.36
N ASP U 279 74.11 5.87 51.29
CA ASP U 279 73.05 5.23 50.48
C ASP U 279 73.54 3.87 50.02
N LYS U 287 64.43 2.16 62.90
CA LYS U 287 65.62 2.29 62.07
C LYS U 287 66.85 1.74 62.82
N THR U 288 67.94 1.52 62.08
CA THR U 288 69.23 1.13 62.65
C THR U 288 69.57 1.98 63.88
N THR U 289 69.88 1.32 65.00
CA THR U 289 69.65 1.87 66.34
C THR U 289 70.79 2.78 66.81
N VAL U 290 70.57 3.41 67.98
CA VAL U 290 71.62 4.15 68.68
C VAL U 290 72.83 3.27 68.93
N LEU U 291 72.61 2.00 69.26
CA LEU U 291 73.71 1.07 69.42
C LEU U 291 74.48 0.92 68.10
N ASP U 292 73.75 0.69 67.01
CA ASP U 292 74.41 0.49 65.73
C ASP U 292 75.24 1.69 65.33
N VAL U 293 74.72 2.92 65.52
CA VAL U 293 75.51 4.09 65.12
C VAL U 293 76.72 4.30 66.01
N MET U 294 76.58 4.24 67.34
CA MET U 294 77.76 4.54 68.14
C MET U 294 78.77 3.38 68.12
N ARG U 295 78.33 2.14 67.94
CA ARG U 295 79.28 1.07 67.63
C ARG U 295 80.07 1.37 66.35
N ARG U 296 79.37 1.56 65.23
CA ARG U 296 80.06 1.82 63.96
C ARG U 296 80.91 3.08 64.02
N LEU U 297 80.39 4.15 64.64
CA LEU U 297 81.13 5.40 64.73
C LEU U 297 82.47 5.24 65.44
N LEU U 298 82.47 4.53 66.58
CA LEU U 298 83.69 4.33 67.36
C LEU U 298 84.64 3.30 66.75
N GLN U 299 84.13 2.35 65.98
CA GLN U 299 84.97 1.43 65.22
C GLN U 299 85.81 2.18 64.17
N PRO U 300 87.15 1.99 64.14
CA PRO U 300 88.06 2.93 63.46
C PRO U 300 87.79 3.34 62.00
N LYS U 301 86.98 2.60 61.23
CA LYS U 301 86.75 2.95 59.83
C LYS U 301 85.86 4.19 59.62
N ASN U 302 85.30 4.79 60.68
CA ASN U 302 84.26 5.81 60.55
C ASN U 302 84.59 7.14 61.25
N VAL U 303 85.89 7.53 61.31
CA VAL U 303 86.33 8.81 61.86
C VAL U 303 87.16 9.58 60.82
N MET U 304 86.97 10.91 60.78
CA MET U 304 87.62 11.82 59.83
C MET U 304 88.90 12.45 60.35
N VAL U 305 89.61 11.72 61.20
CA VAL U 305 90.87 12.16 61.80
C VAL U 305 91.86 11.00 61.71
N SER U 306 93.08 11.30 61.29
CA SER U 306 93.94 10.31 60.64
C SER U 306 94.40 9.22 61.60
N THR U 313 102.50 7.10 73.64
CA THR U 313 101.41 6.25 74.12
C THR U 313 100.52 5.76 72.97
N ASN U 314 99.57 4.88 73.28
CA ASN U 314 98.54 4.47 72.34
C ASN U 314 97.58 5.64 72.05
N HIS U 315 97.04 5.69 70.83
CA HIS U 315 96.15 6.77 70.39
C HIS U 315 94.71 6.65 70.96
N CYS U 316 94.63 6.67 72.28
CA CYS U 316 93.40 6.52 73.06
C CYS U 316 92.32 7.58 72.79
N TYR U 317 91.07 7.19 73.12
CA TYR U 317 89.81 7.95 72.99
C TYR U 317 89.54 8.94 74.15
N ILE U 318 90.51 9.77 74.52
CA ILE U 318 90.42 10.71 75.65
C ILE U 318 89.25 11.69 75.52
N ALA U 319 88.31 11.63 76.48
CA ALA U 319 87.22 12.63 76.69
C ALA U 319 86.27 12.80 75.50
N ILE U 320 85.64 11.68 75.09
CA ILE U 320 84.65 11.66 73.99
C ILE U 320 83.40 12.49 74.30
N LEU U 321 82.84 13.17 73.28
CA LEU U 321 81.41 13.49 73.19
C LEU U 321 80.88 12.96 71.85
N ASN U 322 79.66 12.43 71.84
CA ASN U 322 78.91 12.24 70.61
C ASN U 322 77.64 13.10 70.59
N ILE U 323 77.52 13.97 69.58
CA ILE U 323 76.20 14.46 69.17
C ILE U 323 75.41 13.28 68.59
N ILE U 324 74.11 13.24 68.86
CA ILE U 324 73.27 12.12 68.41
C ILE U 324 71.84 12.61 68.17
N GLN U 325 71.40 12.66 66.90
CA GLN U 325 69.99 12.88 66.60
C GLN U 325 69.23 11.55 66.65
N GLY U 326 68.00 11.59 67.16
CA GLY U 326 67.10 10.45 67.09
C GLY U 326 65.60 10.76 67.12
N GLU U 327 64.80 9.98 66.37
CA GLU U 327 63.39 9.77 66.65
C GLU U 327 63.24 8.82 67.84
N VAL U 328 63.86 9.15 68.97
CA VAL U 328 64.27 8.18 69.99
C VAL U 328 63.90 8.64 71.39
N ASP U 329 63.31 7.73 72.17
CA ASP U 329 63.13 7.89 73.62
C ASP U 329 64.51 7.72 74.27
N PRO U 330 65.07 8.75 74.91
CA PRO U 330 66.51 8.77 75.21
C PRO U 330 66.97 7.79 76.29
N THR U 331 66.07 7.03 76.93
CA THR U 331 66.50 5.87 77.70
C THR U 331 67.21 4.83 76.85
N GLN U 332 66.91 4.77 75.55
CA GLN U 332 67.75 4.00 74.62
C GLN U 332 69.16 4.57 74.52
N VAL U 333 69.32 5.90 74.54
CA VAL U 333 70.65 6.51 74.52
C VAL U 333 71.42 6.22 75.82
N HIS U 334 70.75 6.31 76.98
CA HIS U 334 71.36 5.86 78.23
C HIS U 334 71.83 4.41 78.18
N LYS U 335 70.94 3.49 77.75
CA LYS U 335 71.31 2.10 77.62
C LYS U 335 72.45 1.88 76.62
N SER U 336 72.42 2.60 75.50
CA SER U 336 73.51 2.54 74.52
C SER U 336 74.84 2.94 75.13
N LEU U 337 74.86 4.06 75.85
CA LEU U 337 76.08 4.55 76.47
C LEU U 337 76.64 3.56 77.51
N GLN U 338 75.77 2.97 78.34
CA GLN U 338 76.20 1.91 79.25
C GLN U 338 76.85 0.74 78.53
N ARG U 339 76.22 0.25 77.46
CA ARG U 339 76.79 -0.87 76.70
C ARG U 339 78.11 -0.52 76.02
N ILE U 340 78.34 0.75 75.69
CA ILE U 340 79.67 1.18 75.26
C ILE U 340 80.68 1.13 76.42
N ARG U 341 80.27 1.37 77.68
CA ARG U 341 81.16 1.08 78.82
C ARG U 341 81.48 -0.41 78.95
N GLU U 342 80.51 -1.29 78.68
CA GLU U 342 80.77 -2.73 78.72
C GLU U 342 81.76 -3.16 77.63
N ARG U 343 81.54 -2.72 76.39
CA ARG U 343 82.37 -3.13 75.26
C ARG U 343 83.71 -2.39 75.16
N LYS U 344 83.80 -1.16 75.69
CA LYS U 344 84.97 -0.26 75.59
C LYS U 344 85.56 -0.17 74.17
N LEU U 345 84.70 0.22 73.21
CA LEU U 345 85.20 0.63 71.90
C LEU U 345 86.03 1.92 72.02
N ALA U 346 85.53 2.89 72.79
CA ALA U 346 86.29 4.07 73.23
C ALA U 346 87.28 3.69 74.34
N ASN U 347 88.41 3.09 73.94
CA ASN U 347 89.46 2.71 74.88
C ASN U 347 90.30 3.93 75.30
N PHE U 348 90.30 4.29 76.59
CA PHE U 348 91.22 5.32 77.10
C PHE U 348 91.53 5.18 78.60
N ILE U 349 92.71 5.69 78.98
CA ILE U 349 93.17 5.83 80.37
C ILE U 349 93.34 7.31 80.68
N PRO U 350 92.29 7.99 81.18
CA PRO U 350 92.30 9.45 81.41
C PRO U 350 93.07 9.89 82.66
N TRP U 351 93.16 11.23 82.83
CA TRP U 351 93.69 11.81 84.07
C TRP U 351 92.84 11.46 85.29
N GLY U 352 91.54 11.19 85.09
CA GLY U 352 90.57 11.09 86.17
C GLY U 352 89.22 10.62 85.62
N PRO U 353 88.13 10.98 86.31
CA PRO U 353 86.78 10.54 85.89
C PRO U 353 86.26 11.09 84.56
N ALA U 354 87.00 11.92 83.81
CA ALA U 354 86.49 12.55 82.59
C ALA U 354 85.89 11.53 81.62
N SER U 355 84.65 11.80 81.13
CA SER U 355 83.71 10.76 80.71
C SER U 355 83.13 10.99 79.30
N ILE U 356 82.54 9.92 78.74
CA ILE U 356 81.86 9.91 77.45
C ILE U 356 80.53 10.66 77.56
N GLN U 357 80.45 11.86 76.98
CA GLN U 357 79.24 12.68 76.91
C GLN U 357 78.39 12.33 75.67
N VAL U 358 77.06 12.47 75.79
CA VAL U 358 76.13 12.34 74.65
C VAL U 358 74.94 13.29 74.80
N ALA U 359 74.36 13.68 73.64
CA ALA U 359 73.30 14.69 73.59
C ALA U 359 72.29 14.43 72.47
N LEU U 360 71.03 14.15 72.83
CA LEU U 360 69.90 14.06 71.88
C LEU U 360 69.64 15.40 71.19
N SER U 361 70.02 15.52 69.90
CA SER U 361 69.80 16.72 69.09
C SER U 361 68.58 16.58 68.15
N ARG U 362 68.29 17.66 67.42
CA ARG U 362 67.28 17.71 66.36
C ARG U 362 67.89 18.03 64.99
N LYS U 363 67.28 17.47 63.94
CA LYS U 363 67.76 17.56 62.55
C LYS U 363 66.89 18.47 61.69
N SER U 364 67.53 19.37 60.95
CA SER U 364 66.86 20.24 59.97
C SER U 364 66.21 19.46 58.81
N PRO U 365 64.89 19.77 58.41
CA PRO U 365 64.33 19.19 57.17
C PRO U 365 64.85 19.96 55.95
N TYR U 366 64.05 19.99 54.87
CA TYR U 366 64.29 20.72 53.62
C TYR U 366 65.44 20.16 52.78
N LEU U 367 66.56 19.73 53.37
CA LEU U 367 67.46 18.79 52.71
C LEU U 367 66.92 17.35 52.75
N PRO U 368 67.20 16.54 51.71
CA PRO U 368 66.93 15.10 51.84
C PRO U 368 67.91 14.44 52.80
N SER U 369 67.44 13.43 53.56
CA SER U 369 68.32 12.76 54.52
C SER U 369 67.84 11.36 54.91
N ALA U 370 68.77 10.39 54.92
CA ALA U 370 68.64 9.11 55.62
C ALA U 370 69.07 9.25 57.09
N HIS U 371 69.27 8.11 57.77
CA HIS U 371 69.81 8.02 59.14
C HIS U 371 69.00 8.85 60.16
N ARG U 372 67.73 8.43 60.34
CA ARG U 372 66.85 8.99 61.37
C ARG U 372 67.46 8.90 62.77
N VAL U 373 68.33 7.92 63.02
CA VAL U 373 69.31 7.94 64.10
C VAL U 373 70.66 8.31 63.47
N SER U 374 71.31 9.38 63.97
CA SER U 374 72.60 9.80 63.39
C SER U 374 73.52 10.43 64.45
N GLY U 375 74.52 9.64 64.85
CA GLY U 375 75.53 10.00 65.84
C GLY U 375 76.84 10.39 65.19
N LEU U 376 77.60 11.27 65.86
CA LEU U 376 78.71 11.96 65.21
C LEU U 376 79.89 12.10 66.18
N MET U 377 81.13 11.92 65.67
CA MET U 377 82.32 11.94 66.52
C MET U 377 82.81 13.37 66.80
N MET U 378 81.88 14.21 67.25
CA MET U 378 82.13 15.62 67.54
C MET U 378 82.83 15.73 68.91
N ALA U 379 83.97 15.05 69.01
CA ALA U 379 84.52 14.52 70.26
C ALA U 379 85.85 15.19 70.62
N ASN U 380 86.51 14.65 71.65
CA ASN U 380 87.97 14.71 71.82
C ASN U 380 88.50 13.27 71.77
N HIS U 381 89.65 13.04 71.14
CA HIS U 381 90.27 11.71 71.03
C HIS U 381 91.66 11.85 70.42
N THR U 382 92.65 11.20 71.00
CA THR U 382 94.04 11.48 70.59
C THR U 382 94.38 10.94 69.17
N SER U 383 93.52 10.40 68.32
CA SER U 383 93.92 10.21 66.93
C SER U 383 94.17 11.51 66.17
N ILE U 384 93.80 12.68 66.71
CA ILE U 384 94.36 13.93 66.19
C ILE U 384 95.87 13.97 66.45
N SER U 385 96.32 13.46 67.59
CA SER U 385 97.75 13.23 67.77
C SER U 385 98.30 12.23 66.75
N SER U 386 97.50 11.23 66.33
CA SER U 386 97.93 10.36 65.24
C SER U 386 98.09 11.06 63.89
N LEU U 387 97.58 12.29 63.71
CA LEU U 387 98.10 13.15 62.64
C LEU U 387 99.22 14.07 63.12
N PHE U 388 99.00 14.82 64.21
CA PHE U 388 100.01 15.80 64.63
C PHE U 388 101.37 15.15 64.92
N GLU U 389 101.39 14.00 65.61
CA GLU U 389 102.65 13.26 65.76
C GLU U 389 103.20 12.76 64.42
N ARG U 390 102.34 12.44 63.45
CA ARG U 390 102.86 12.21 62.09
C ARG U 390 103.32 13.49 61.40
N THR U 391 102.77 14.68 61.72
CA THR U 391 103.44 15.89 61.23
C THR U 391 104.80 16.07 61.88
N CYS U 392 104.95 15.70 63.16
CA CYS U 392 106.30 15.62 63.74
C CYS U 392 107.15 14.54 63.09
N ARG U 393 106.57 13.39 62.75
CA ARG U 393 107.33 12.35 62.04
C ARG U 393 107.75 12.84 60.65
N GLN U 394 106.84 13.48 59.92
CA GLN U 394 107.18 14.11 58.64
C GLN U 394 108.24 15.18 58.83
N TYR U 395 108.06 16.07 59.81
CA TYR U 395 109.05 17.09 60.10
C TYR U 395 110.40 16.49 60.48
N ASP U 396 110.41 15.50 61.39
CA ASP U 396 111.67 14.85 61.76
C ASP U 396 112.31 14.06 60.61
N LYS U 397 111.53 13.48 59.71
CA LYS U 397 112.12 12.95 58.47
C LYS U 397 112.86 14.04 57.71
N LEU U 398 112.21 15.18 57.50
CA LEU U 398 112.67 16.20 56.57
C LEU U 398 113.65 17.20 57.18
N ARG U 399 113.64 17.38 58.52
CA ARG U 399 114.53 18.33 59.19
C ARG U 399 115.96 17.81 59.34
N LYS U 400 116.14 16.48 59.36
CA LYS U 400 117.48 15.92 59.38
C LYS U 400 118.15 15.99 58.01
N ARG U 401 117.36 16.05 56.94
CA ARG U 401 117.89 16.20 55.60
C ARG U 401 118.05 17.68 55.20
N GLU U 402 117.28 18.57 55.83
CA GLU U 402 117.32 20.03 55.60
C GLU U 402 117.05 20.40 54.14
N ALA U 403 116.21 19.62 53.46
CA ALA U 403 115.98 19.82 52.04
C ALA U 403 114.89 20.86 51.78
N PHE U 404 113.97 21.05 52.72
CA PHE U 404 112.76 21.83 52.51
C PHE U 404 112.79 23.16 53.28
N LEU U 405 113.96 23.83 53.30
CA LEU U 405 114.05 25.15 53.90
C LEU U 405 113.49 26.23 52.96
N GLU U 406 113.57 26.00 51.65
CA GLU U 406 112.81 26.67 50.58
C GLU U 406 113.28 28.10 50.25
N GLN U 407 114.02 28.76 51.13
CA GLN U 407 114.83 29.95 50.84
C GLN U 407 114.03 31.15 50.29
N PHE U 408 112.69 31.13 50.36
CA PHE U 408 111.93 32.17 49.65
C PHE U 408 111.85 33.46 50.49
N ARG U 409 111.42 34.55 49.84
CA ARG U 409 111.27 35.84 50.52
C ARG U 409 110.13 35.85 51.53
N LYS U 410 109.05 35.10 51.25
CA LYS U 410 107.95 34.99 52.21
C LYS U 410 108.37 34.21 53.44
N GLU U 411 109.14 33.13 53.25
CA GLU U 411 109.66 32.38 54.38
C GLU U 411 110.74 33.17 55.11
N ASP U 412 111.43 34.08 54.41
CA ASP U 412 112.55 34.80 54.97
C ASP U 412 112.14 36.08 55.71
N MET U 413 110.95 36.64 55.44
CA MET U 413 110.51 37.80 56.19
C MET U 413 110.07 37.44 57.60
N PHE U 414 109.71 36.17 57.85
CA PHE U 414 109.38 35.69 59.19
C PHE U 414 110.47 34.76 59.76
N LYS U 415 111.30 34.15 58.91
CA LYS U 415 112.30 33.16 59.32
C LYS U 415 113.66 33.42 58.65
N ASP U 416 114.50 34.24 59.31
CA ASP U 416 115.89 34.38 58.84
C ASP U 416 116.75 33.25 59.40
N ASN U 417 116.67 33.02 60.72
CA ASN U 417 117.41 31.95 61.37
C ASN U 417 116.76 30.58 61.19
N PHE U 418 115.50 30.56 60.74
CA PHE U 418 114.68 29.34 60.63
C PHE U 418 114.59 28.58 61.96
N ASP U 419 114.53 29.32 63.06
CA ASP U 419 114.32 28.74 64.38
C ASP U 419 112.82 28.49 64.64
N GLU U 420 111.93 29.20 63.94
CA GLU U 420 110.51 29.19 64.28
C GLU U 420 109.85 27.88 63.92
N MET U 421 110.37 27.16 62.91
CA MET U 421 109.85 25.84 62.59
C MET U 421 110.13 24.88 63.74
N ASP U 422 111.34 24.96 64.32
CA ASP U 422 111.67 24.15 65.49
C ASP U 422 110.90 24.61 66.71
N THR U 423 110.65 25.93 66.83
CA THR U 423 109.86 26.45 67.93
C THR U 423 108.41 26.00 67.81
N SER U 424 107.92 25.89 66.57
CA SER U 424 106.62 25.29 66.31
C SER U 424 106.62 23.79 66.60
N ARG U 425 107.70 23.09 66.25
CA ARG U 425 107.83 21.66 66.58
C ARG U 425 107.76 21.41 68.08
N GLU U 426 108.51 22.18 68.87
CA GLU U 426 108.52 21.93 70.31
C GLU U 426 107.20 22.32 70.96
N ILE U 427 106.49 23.32 70.42
CA ILE U 427 105.16 23.64 70.94
C ILE U 427 104.17 22.51 70.62
N VAL U 428 104.09 22.04 69.36
CA VAL U 428 103.21 20.91 69.06
C VAL U 428 103.70 19.61 69.68
N GLN U 429 105.03 19.42 69.82
CA GLN U 429 105.48 18.20 70.48
C GLN U 429 105.14 18.22 71.97
N GLN U 430 105.18 19.38 72.63
CA GLN U 430 104.62 19.44 73.97
C GLN U 430 103.12 19.15 73.96
N LEU U 431 102.39 19.58 72.93
CA LEU U 431 100.97 19.25 72.81
C LEU U 431 100.77 17.74 72.60
N ILE U 432 101.58 17.13 71.72
CA ILE U 432 101.55 15.68 71.49
C ILE U 432 101.92 14.92 72.75
N ASP U 433 102.98 15.36 73.44
CA ASP U 433 103.35 14.75 74.71
C ASP U 433 102.30 14.96 75.79
N GLU U 434 101.58 16.08 75.77
CA GLU U 434 100.43 16.23 76.67
C GLU U 434 99.21 15.43 76.23
N TYR U 435 99.06 15.09 74.94
CA TYR U 435 98.04 14.12 74.56
C TYR U 435 98.40 12.73 75.06
N HIS U 436 99.65 12.30 74.86
CA HIS U 436 100.12 11.05 75.43
C HIS U 436 100.17 11.11 76.96
N ALA U 437 100.40 12.29 77.54
CA ALA U 437 100.34 12.45 78.99
C ALA U 437 98.92 12.72 79.47
N ALA U 438 97.94 12.78 78.56
CA ALA U 438 96.54 12.66 78.94
C ALA U 438 96.11 11.21 78.96
N THR U 439 96.82 10.36 78.21
CA THR U 439 96.75 8.91 78.28
C THR U 439 97.43 8.35 79.54
N ARG U 440 98.02 9.22 80.38
CA ARG U 440 98.38 8.88 81.76
C ARG U 440 97.92 10.01 82.68
N PRO U 441 98.05 9.89 84.03
CA PRO U 441 97.73 11.04 84.91
C PRO U 441 98.63 12.28 84.90
N ASP U 442 99.48 12.48 83.88
CA ASP U 442 100.42 13.61 83.85
C ASP U 442 99.90 14.86 83.13
N TYR U 443 99.04 15.64 83.82
CA TYR U 443 98.88 17.07 83.54
C TYR U 443 98.75 17.90 84.81
N ILE U 444 98.37 17.33 85.96
CA ILE U 444 98.52 18.04 87.23
C ILE U 444 100.00 18.20 87.54
N SER U 445 100.80 17.18 87.23
CA SER U 445 102.23 17.32 87.02
C SER U 445 102.40 17.42 85.51
N TRP U 446 103.02 18.52 85.07
CA TRP U 446 102.99 18.93 83.68
C TRP U 446 103.86 18.05 82.79
N GLY U 447 103.63 18.18 81.48
CA GLY U 447 104.36 17.44 80.47
C GLY U 447 103.78 16.07 80.26
N ARG V 3 53.07 81.66 64.40
CA ARG V 3 54.09 82.69 64.07
C ARG V 3 54.95 82.17 62.90
N GLU V 4 55.07 82.94 61.82
CA GLU V 4 55.50 82.41 60.54
C GLU V 4 56.94 82.83 60.25
N ILE V 5 57.64 82.00 59.49
CA ILE V 5 59.10 81.96 59.47
C ILE V 5 59.63 82.62 58.19
N ILE V 6 60.56 83.56 58.36
CA ILE V 6 61.21 84.32 57.28
C ILE V 6 62.48 83.59 56.87
N THR V 7 62.41 82.79 55.81
CA THR V 7 63.62 82.25 55.19
C THR V 7 64.50 83.39 54.68
N LEU V 8 65.83 83.24 54.83
CA LEU V 8 66.74 84.34 54.49
C LEU V 8 68.01 83.84 53.79
N GLN V 9 67.88 82.78 52.98
CA GLN V 9 69.00 82.16 52.27
C GLN V 9 69.75 83.14 51.35
N LEU V 10 71.08 83.01 51.31
CA LEU V 10 71.96 83.83 50.46
C LEU V 10 73.21 83.05 50.05
N GLY V 11 73.88 83.52 48.98
CA GLY V 11 75.04 82.86 48.35
C GLY V 11 74.78 81.60 47.52
N GLN V 12 75.73 81.17 46.67
CA GLN V 12 75.49 80.05 45.77
C GLN V 12 75.12 78.76 46.50
N CYS V 13 75.97 78.29 47.42
CA CYS V 13 75.70 77.04 48.12
C CYS V 13 74.44 77.14 48.97
N GLY V 14 74.25 78.27 49.65
CA GLY V 14 73.02 78.46 50.40
C GLY V 14 71.77 78.38 49.54
N ASN V 15 71.84 78.89 48.30
CA ASN V 15 70.73 78.77 47.37
C ASN V 15 70.63 77.39 46.72
N GLN V 16 71.74 76.70 46.53
CA GLN V 16 71.67 75.32 46.05
C GLN V 16 70.98 74.39 47.06
N ILE V 17 71.36 74.46 48.34
CA ILE V 17 70.64 73.71 49.37
C ILE V 17 69.23 74.27 49.58
N GLY V 18 69.06 75.59 49.47
CA GLY V 18 67.73 76.17 49.63
C GLY V 18 66.74 75.75 48.55
N PHE V 19 67.15 75.81 47.29
CA PHE V 19 66.31 75.33 46.19
C PHE V 19 65.92 73.87 46.37
N GLU V 20 66.89 73.02 46.71
CA GLU V 20 66.59 71.62 46.95
C GLU V 20 65.70 71.42 48.19
N PHE V 21 65.86 72.26 49.23
CA PHE V 21 64.95 72.23 50.38
C PHE V 21 63.53 72.62 49.99
N TRP V 22 63.35 73.68 49.20
CA TRP V 22 62.02 74.01 48.70
C TRP V 22 61.45 72.92 47.80
N LYS V 23 62.29 72.32 46.95
CA LYS V 23 61.85 71.18 46.16
C LYS V 23 61.41 70.03 47.06
N GLN V 24 62.14 69.76 48.14
CA GLN V 24 61.74 68.74 49.10
C GLN V 24 60.44 69.11 49.85
N LEU V 25 60.28 70.37 50.25
CA LEU V 25 59.00 70.79 50.83
C LEU V 25 57.84 70.66 49.85
N CYS V 26 58.07 70.93 48.57
CA CYS V 26 57.06 70.69 47.54
C CYS V 26 56.85 69.22 47.24
N ALA V 27 57.67 68.33 47.80
CA ALA V 27 57.34 66.91 47.84
C ALA V 27 56.59 66.53 49.13
N GLU V 28 56.97 67.13 50.26
CA GLU V 28 56.34 66.88 51.55
C GLU V 28 55.04 67.67 51.77
N HIS V 29 54.63 68.54 50.84
CA HIS V 29 53.35 69.24 50.88
C HIS V 29 52.75 69.24 49.47
N GLY V 30 51.42 69.27 49.38
CA GLY V 30 50.75 69.16 48.09
C GLY V 30 50.70 70.46 47.31
N ILE V 31 51.86 70.91 46.82
CA ILE V 31 52.03 72.17 46.08
C ILE V 31 52.55 71.90 44.66
N SER V 32 51.88 72.48 43.64
CA SER V 32 52.25 72.26 42.24
C SER V 32 53.55 72.96 41.89
N PRO V 33 54.32 72.42 40.93
CA PRO V 33 55.44 73.21 40.38
C PRO V 33 55.02 74.58 39.86
N GLU V 34 53.78 74.73 39.40
CA GLU V 34 53.32 75.97 38.79
C GLU V 34 52.76 76.95 39.82
N GLY V 35 53.22 76.86 41.06
CA GLY V 35 52.97 77.87 42.08
C GLY V 35 51.72 77.56 42.87
N ILE V 36 50.71 77.01 42.20
CA ILE V 36 49.37 76.78 42.75
C ILE V 36 49.33 75.56 43.66
N VAL V 37 48.21 75.40 44.38
CA VAL V 37 47.76 74.12 44.92
C VAL V 37 47.89 72.99 43.90
N GLU V 38 48.44 71.85 44.33
CA GLU V 38 48.47 70.66 43.49
C GLU V 38 47.15 69.93 43.64
N GLU V 39 46.66 69.35 42.53
CA GLU V 39 45.44 68.56 42.54
C GLU V 39 45.34 67.66 43.76
N PHE V 40 46.40 66.90 44.04
CA PHE V 40 46.49 65.98 45.18
C PHE V 40 45.63 66.51 46.32
N ALA V 41 45.95 67.69 46.83
CA ALA V 41 45.26 68.26 47.97
C ALA V 41 43.76 68.51 47.69
N THR V 45 44.85 69.29 56.20
CA THR V 45 45.20 68.98 57.58
C THR V 45 46.59 69.50 57.95
N ASP V 46 47.30 70.16 57.02
CA ASP V 46 48.62 70.74 57.26
C ASP V 46 48.62 72.24 56.97
N ARG V 47 49.54 72.97 57.63
CA ARG V 47 49.69 74.41 57.47
C ARG V 47 50.96 74.73 56.69
N LYS V 48 50.81 75.48 55.60
CA LYS V 48 51.93 75.78 54.71
C LYS V 48 52.51 77.17 54.94
N ASP V 49 51.64 78.14 55.30
CA ASP V 49 52.03 79.53 55.50
C ASP V 49 53.12 79.71 56.56
N VAL V 50 53.39 78.71 57.40
CA VAL V 50 54.55 78.77 58.30
C VAL V 50 55.84 79.06 57.53
N PHE V 51 55.98 78.55 56.31
CA PHE V 51 57.17 78.75 55.50
C PHE V 51 56.93 79.48 54.18
N PHE V 52 55.78 79.27 53.52
CA PHE V 52 55.51 79.79 52.18
C PHE V 52 54.66 81.08 52.23
N TYR V 53 55.08 82.12 51.49
CA TYR V 53 54.21 83.27 51.19
C TYR V 53 52.97 82.80 50.42
N GLN V 54 51.85 83.52 50.58
CA GLN V 54 50.58 83.10 49.98
C GLN V 54 49.82 84.31 49.44
N ALA V 55 49.61 84.35 48.12
CA ALA V 55 48.53 85.12 47.53
C ALA V 55 47.26 84.25 47.44
N ASP V 56 46.10 84.91 47.33
CA ASP V 56 44.81 84.24 47.48
C ASP V 56 44.53 83.22 46.40
N ASP V 57 45.18 83.34 45.24
CA ASP V 57 45.13 82.38 44.14
C ASP V 57 46.09 81.22 44.36
N GLU V 58 46.30 80.86 45.63
CA GLU V 58 47.07 79.68 46.05
C GLU V 58 48.53 79.69 45.59
N HIS V 59 49.14 80.85 45.34
CA HIS V 59 50.56 80.89 44.98
C HIS V 59 51.44 80.83 46.22
N TYR V 60 51.79 79.61 46.62
CA TYR V 60 52.46 79.34 47.90
C TYR V 60 53.98 79.53 47.70
N ILE V 61 54.33 80.79 47.47
CA ILE V 61 55.67 81.23 47.02
C ILE V 61 56.69 81.06 48.15
N PRO V 62 57.93 80.62 47.84
CA PRO V 62 59.04 80.67 48.80
C PRO V 62 59.36 82.09 49.27
N ARG V 63 59.51 82.29 50.59
CA ARG V 63 59.96 83.57 51.12
C ARG V 63 61.47 83.84 50.93
N ALA V 64 62.00 83.48 49.76
CA ALA V 64 63.43 83.57 49.45
C ALA V 64 63.93 85.02 49.38
N VAL V 65 65.21 85.24 49.71
CA VAL V 65 65.86 86.56 49.71
C VAL V 65 67.25 86.46 49.03
N LEU V 66 67.28 85.76 47.90
CA LEU V 66 68.46 85.47 47.07
C LEU V 66 69.34 86.69 46.80
N LEU V 67 70.67 86.51 46.94
CA LEU V 67 71.65 87.60 46.79
C LEU V 67 72.99 87.06 46.23
N ASP V 68 73.66 87.90 45.43
CA ASP V 68 74.94 87.58 44.77
C ASP V 68 75.74 88.87 44.60
N LEU V 69 77.07 88.74 44.35
CA LEU V 69 77.93 89.89 44.00
C LEU V 69 78.85 89.63 42.80
N GLU V 70 79.00 88.39 42.36
CA GLU V 70 79.87 88.02 41.24
C GLU V 70 79.12 87.00 40.39
N PRO V 71 78.30 87.47 39.44
CA PRO V 71 77.12 86.70 38.99
C PRO V 71 77.43 85.33 38.38
N ARG V 72 76.93 84.27 39.04
CA ARG V 72 77.12 82.90 38.57
C ARG V 72 75.93 81.96 38.82
N VAL V 73 75.13 82.15 39.87
CA VAL V 73 74.16 81.13 40.28
C VAL V 73 72.72 81.32 39.77
N ILE V 74 71.98 82.34 40.22
CA ILE V 74 70.51 82.21 40.17
C ILE V 74 69.96 82.17 38.73
N HIS V 75 70.62 82.82 37.75
CA HIS V 75 70.16 82.69 36.36
C HIS V 75 70.24 81.26 35.82
N SER V 76 71.06 80.39 36.43
CA SER V 76 71.07 78.97 36.11
C SER V 76 70.02 78.18 36.89
N ILE V 77 69.39 78.78 37.90
CA ILE V 77 68.27 78.17 38.62
C ILE V 77 66.92 78.61 38.04
N LEU V 78 66.84 79.83 37.50
CA LEU V 78 65.64 80.36 36.83
C LEU V 78 65.38 79.73 35.45
N ASN V 79 65.39 78.39 35.39
CA ASN V 79 65.03 77.64 34.19
C ASN V 79 64.16 76.41 34.46
N SER V 80 64.11 75.85 35.68
CA SER V 80 63.23 74.71 35.99
C SER V 80 61.75 75.12 36.03
N PRO V 81 60.85 74.14 35.79
CA PRO V 81 59.39 74.37 36.00
C PRO V 81 58.96 74.85 37.38
N TYR V 82 59.78 74.74 38.42
CA TYR V 82 59.44 75.26 39.74
C TYR V 82 59.63 76.78 39.85
N ALA V 83 60.11 77.44 38.80
CA ALA V 83 60.27 78.89 38.78
C ALA V 83 58.97 79.65 39.07
N LYS V 84 57.79 79.06 38.84
CA LYS V 84 56.55 79.74 39.18
C LYS V 84 56.28 79.77 40.68
N LEU V 85 56.87 78.85 41.44
CA LEU V 85 56.95 79.03 42.89
C LEU V 85 57.93 80.14 43.28
N TYR V 86 59.21 79.98 42.96
CA TYR V 86 60.24 80.92 43.41
C TYR V 86 60.30 82.24 42.61
N ASN V 87 59.19 83.01 42.69
CA ASN V 87 59.19 84.45 42.41
C ASN V 87 59.31 85.25 43.71
N PRO V 88 60.53 85.54 44.19
CA PRO V 88 60.68 86.51 45.28
C PRO V 88 60.69 87.98 44.87
N GLU V 89 60.50 88.26 43.57
CA GLU V 89 60.78 89.54 42.91
C GLU V 89 62.26 89.95 42.93
N ASN V 90 62.98 89.71 44.03
CA ASN V 90 64.36 90.17 44.18
C ASN V 90 65.39 89.05 43.98
N ILE V 91 66.34 89.28 43.06
CA ILE V 91 67.40 88.37 42.61
C ILE V 91 68.72 89.15 42.52
N TYR V 92 69.03 89.95 43.54
CA TYR V 92 69.98 91.05 43.37
C TYR V 92 71.44 90.61 43.19
N LEU V 93 72.15 91.30 42.30
CA LEU V 93 73.61 91.15 42.09
C LEU V 93 74.41 92.10 43.00
N GLY V 101 83.98 89.46 46.07
CA GLY V 101 85.08 88.55 45.79
C GLY V 101 85.01 87.25 46.58
N ASN V 102 86.12 86.51 46.59
CA ASN V 102 86.25 85.24 47.29
C ASN V 102 87.07 85.34 48.58
N ASN V 103 87.33 86.56 49.07
CA ASN V 103 88.24 86.85 50.18
C ASN V 103 87.54 87.83 51.13
N TRP V 104 87.98 87.88 52.41
CA TRP V 104 87.10 88.44 53.45
C TRP V 104 86.80 89.93 53.29
N ALA V 105 87.80 90.82 53.46
CA ALA V 105 87.48 92.24 53.53
C ALA V 105 87.07 92.78 52.17
N SER V 106 87.69 92.26 51.10
CA SER V 106 87.25 92.56 49.74
C SER V 106 85.82 92.10 49.48
N GLY V 107 85.44 90.93 49.99
CA GLY V 107 84.05 90.52 49.94
C GLY V 107 83.14 91.36 50.82
N PHE V 108 83.69 91.91 51.91
CA PHE V 108 82.93 92.77 52.83
C PHE V 108 82.70 94.16 52.24
N SER V 109 83.65 94.63 51.41
CA SER V 109 83.56 95.96 50.81
C SER V 109 82.67 95.96 49.57
N GLN V 110 82.55 94.81 48.89
CA GLN V 110 81.58 94.64 47.82
C GLN V 110 80.18 94.46 48.39
N GLY V 111 80.06 93.84 49.56
CA GLY V 111 78.95 94.10 50.44
C GLY V 111 78.98 95.51 51.03
N GLU V 112 78.03 95.74 51.94
CA GLU V 112 77.84 96.97 52.72
C GLU V 112 77.49 98.22 51.89
N LYS V 113 77.95 98.31 50.63
CA LYS V 113 77.41 99.32 49.72
C LYS V 113 75.99 98.98 49.28
N ILE V 114 75.61 97.71 49.31
CA ILE V 114 74.23 97.27 49.15
C ILE V 114 73.59 97.20 50.54
N HIS V 115 72.69 98.15 50.83
CA HIS V 115 72.22 98.35 52.20
C HIS V 115 70.73 98.70 52.24
N GLU V 116 70.34 99.79 51.57
CA GLU V 116 68.93 100.23 51.55
C GLU V 116 68.03 99.22 50.85
N ASP V 117 68.52 98.56 49.80
CA ASP V 117 67.72 97.58 49.07
C ASP V 117 67.38 96.36 49.93
N ILE V 118 68.38 95.80 50.62
CA ILE V 118 68.14 94.67 51.50
C ILE V 118 67.21 95.06 52.65
N PHE V 119 67.39 96.26 53.20
CA PHE V 119 66.51 96.77 54.26
C PHE V 119 65.07 96.89 53.78
N ASP V 120 64.86 97.48 52.61
CA ASP V 120 63.53 97.59 52.02
C ASP V 120 62.90 96.22 51.73
N ILE V 121 63.68 95.29 51.17
CA ILE V 121 63.18 93.94 50.88
C ILE V 121 62.71 93.24 52.16
N ILE V 122 63.54 93.22 53.19
CA ILE V 122 63.16 92.48 54.40
C ILE V 122 62.04 93.22 55.16
N ASP V 123 62.06 94.57 55.16
CA ASP V 123 60.91 95.30 55.72
C ASP V 123 59.61 95.00 54.99
N ARG V 124 59.65 94.95 53.66
CA ARG V 124 58.43 94.66 52.89
C ARG V 124 57.81 93.34 53.31
N GLU V 125 58.62 92.31 53.55
CA GLU V 125 58.07 91.06 54.07
C GLU V 125 57.75 91.12 55.56
N ALA V 126 58.62 91.72 56.37
CA ALA V 126 58.34 91.81 57.81
C ALA V 126 57.06 92.60 58.09
N ASP V 127 56.72 93.58 57.24
CA ASP V 127 55.42 94.25 57.33
C ASP V 127 54.27 93.46 56.72
N GLY V 128 54.48 92.76 55.60
CA GLY V 128 53.36 92.11 54.94
C GLY V 128 53.00 90.75 55.53
N SER V 129 54.00 90.06 56.07
CA SER V 129 53.80 88.81 56.79
C SER V 129 52.98 88.99 58.06
N ASP V 130 52.20 87.96 58.39
CA ASP V 130 51.14 88.11 59.38
C ASP V 130 51.72 88.20 60.80
N SER V 131 52.65 87.29 61.16
CA SER V 131 53.14 87.18 62.54
C SER V 131 54.59 86.72 62.52
N LEU V 132 55.53 87.64 62.82
CA LEU V 132 56.93 87.41 62.49
C LEU V 132 57.58 86.50 63.54
N GLU V 133 58.25 85.44 63.08
CA GLU V 133 58.91 84.48 63.97
C GLU V 133 60.43 84.69 64.04
N GLY V 134 61.12 84.71 62.89
CA GLY V 134 62.57 84.64 62.89
C GLY V 134 63.21 84.33 61.54
N PHE V 135 64.49 84.73 61.40
CA PHE V 135 65.20 84.76 60.13
C PHE V 135 66.13 83.55 59.98
N VAL V 136 65.84 82.68 59.00
CA VAL V 136 66.55 81.41 58.82
C VAL V 136 67.66 81.54 57.77
N LEU V 137 68.81 82.09 58.17
CA LEU V 137 69.94 82.30 57.27
C LEU V 137 70.60 81.00 56.83
N CYS V 138 70.95 80.93 55.54
CA CYS V 138 71.61 79.77 54.93
C CYS V 138 72.69 80.27 53.97
N HIS V 139 73.97 80.10 54.31
CA HIS V 139 75.08 80.61 53.50
C HIS V 139 76.41 79.99 53.88
N SER V 140 77.41 80.21 53.01
CA SER V 140 78.79 79.85 53.28
C SER V 140 79.39 80.60 54.48
N ILE V 141 80.20 79.85 55.23
CA ILE V 141 81.06 80.37 56.27
C ILE V 141 82.53 80.27 55.86
N ALA V 142 82.85 79.46 54.85
CA ALA V 142 84.22 79.12 54.43
C ALA V 142 84.90 80.25 53.66
N GLY V 143 84.15 81.02 52.88
CA GLY V 143 84.72 81.72 51.74
C GLY V 143 83.62 82.28 50.83
N GLY V 144 83.98 82.48 49.57
CA GLY V 144 83.18 83.31 48.70
C GLY V 144 82.99 84.73 49.23
N THR V 145 81.81 85.28 48.91
CA THR V 145 81.30 86.46 49.60
C THR V 145 80.78 86.13 50.99
N GLY V 146 80.48 84.86 51.27
CA GLY V 146 80.19 84.45 52.64
C GLY V 146 81.23 84.98 53.60
N SER V 147 82.50 84.77 53.26
CA SER V 147 83.60 85.55 53.80
C SER V 147 83.48 86.98 53.27
N GLY V 148 83.00 87.88 54.11
CA GLY V 148 82.63 89.21 53.65
C GLY V 148 81.15 89.51 53.80
N LEU V 149 80.47 89.65 52.66
CA LEU V 149 79.01 89.82 52.63
C LEU V 149 78.26 88.99 53.67
N GLY V 150 78.60 87.72 53.81
CA GLY V 150 77.89 86.88 54.76
C GLY V 150 78.03 87.35 56.20
N SER V 151 79.28 87.60 56.62
CA SER V 151 79.54 88.27 57.89
C SER V 151 78.98 89.69 57.96
N TYR V 152 78.92 90.42 56.84
CA TYR V 152 78.32 91.75 56.84
C TYR V 152 76.82 91.74 57.13
N LEU V 153 76.06 90.87 56.45
CA LEU V 153 74.63 90.80 56.72
C LEU V 153 74.37 90.39 58.17
N LEU V 154 75.18 89.46 58.69
CA LEU V 154 75.18 89.07 60.09
C LEU V 154 75.73 90.15 61.03
N GLU V 155 76.15 91.31 60.51
CA GLU V 155 76.40 92.50 61.31
C GLU V 155 75.27 93.54 61.20
N ARG V 156 74.21 93.26 60.43
CA ARG V 156 73.05 94.14 60.32
C ARG V 156 71.79 93.59 61.01
N LEU V 157 71.49 92.29 60.89
CA LEU V 157 70.24 91.75 61.47
C LEU V 157 70.12 92.11 62.96
N ASN V 158 71.23 92.09 63.69
CA ASN V 158 71.26 92.50 65.10
C ASN V 158 70.64 93.87 65.38
N ASP V 159 70.81 94.84 64.48
CA ASP V 159 70.24 96.17 64.65
C ASP V 159 68.93 96.36 63.91
N ARG V 160 68.75 95.63 62.80
CA ARG V 160 67.53 95.71 62.01
C ARG V 160 66.29 95.23 62.78
N TYR V 161 66.35 94.04 63.37
CA TYR V 161 65.19 93.41 64.01
C TYR V 161 65.59 92.77 65.35
N PRO V 162 65.96 93.60 66.33
CA PRO V 162 66.63 93.07 67.54
C PRO V 162 65.80 92.12 68.39
N LYS V 163 64.48 92.01 68.17
CA LYS V 163 63.58 91.26 69.06
C LYS V 163 63.20 89.88 68.50
N LYS V 164 64.00 89.31 67.58
CA LYS V 164 63.78 87.96 67.06
C LYS V 164 65.11 87.19 67.04
N LEU V 165 65.02 85.85 67.16
CA LEU V 165 66.22 84.99 67.09
C LEU V 165 66.70 84.82 65.66
N VAL V 166 67.89 85.37 65.38
CA VAL V 166 68.63 85.15 64.14
C VAL V 166 69.26 83.76 64.13
N GLN V 167 68.52 82.76 63.65
CA GLN V 167 69.08 81.44 63.40
C GLN V 167 70.09 81.51 62.24
N THR V 168 70.98 80.52 62.17
CA THR V 168 71.64 80.12 60.92
C THR V 168 71.56 78.60 60.77
N TYR V 169 71.32 78.12 59.53
CA TYR V 169 71.67 76.76 59.12
C TYR V 169 72.97 76.72 58.31
N SER V 170 73.87 77.68 58.53
CA SER V 170 74.99 77.96 57.63
C SER V 170 76.06 76.86 57.67
N VAL V 171 76.83 76.77 56.58
CA VAL V 171 77.62 75.58 56.23
C VAL V 171 79.11 75.95 56.33
N PHE V 172 79.88 75.08 57.02
CA PHE V 172 81.16 75.40 57.67
C PHE V 172 82.39 74.95 56.86
N PRO V 173 83.51 75.76 56.92
CA PRO V 173 84.78 75.36 56.28
C PRO V 173 85.43 74.07 56.75
N ASN V 174 85.22 73.01 55.97
CA ASN V 174 85.76 71.69 56.26
C ASN V 174 86.02 70.98 54.91
N GLN V 175 87.09 71.40 54.21
CA GLN V 175 87.34 70.99 52.82
C GLN V 175 88.84 70.76 52.59
N ASP V 176 89.56 70.39 53.67
CA ASP V 176 91.00 70.18 53.69
C ASP V 176 91.84 71.41 53.32
N GLU V 177 91.22 72.56 53.07
CA GLU V 177 91.90 73.87 53.17
C GLU V 177 93.19 73.90 52.35
N ASP V 180 92.02 79.07 43.84
CA ASP V 180 91.93 78.21 45.03
C ASP V 180 91.39 79.03 46.21
N VAL V 181 90.85 78.34 47.21
CA VAL V 181 90.20 79.00 48.34
C VAL V 181 91.08 78.84 49.58
N VAL V 182 92.34 79.24 49.40
CA VAL V 182 93.39 79.15 50.41
C VAL V 182 93.29 80.27 51.47
N VAL V 183 92.43 81.26 51.25
CA VAL V 183 92.22 82.34 52.22
C VAL V 183 91.11 81.93 53.18
N GLN V 184 90.68 80.67 53.08
CA GLN V 184 89.75 80.04 54.02
C GLN V 184 90.08 80.18 55.51
N PRO V 185 91.32 80.06 55.99
CA PRO V 185 91.54 80.28 57.44
C PRO V 185 91.18 81.66 57.91
N TYR V 186 91.58 82.72 57.19
CA TYR V 186 91.18 84.07 57.57
C TYR V 186 89.67 84.21 57.47
N ASN V 187 89.12 83.76 56.35
CA ASN V 187 87.67 83.77 56.12
C ASN V 187 86.92 83.11 57.27
N SER V 188 87.36 81.91 57.63
CA SER V 188 86.68 81.11 58.62
C SER V 188 86.76 81.74 60.01
N LEU V 189 87.94 82.26 60.36
CA LEU V 189 88.11 82.91 61.64
C LEU V 189 87.19 84.12 61.76
N LEU V 190 87.20 84.99 60.76
CA LEU V 190 86.41 86.21 60.79
C LEU V 190 84.91 85.91 60.80
N THR V 191 84.46 84.99 59.95
CA THR V 191 83.04 84.62 59.95
C THR V 191 82.65 83.88 61.23
N LEU V 192 83.55 83.07 61.79
CA LEU V 192 83.25 82.39 63.05
C LEU V 192 83.14 83.34 64.22
N LYS V 193 83.84 84.48 64.21
CA LYS V 193 83.55 85.54 65.18
C LYS V 193 82.13 86.08 65.02
N ARG V 194 81.72 86.37 63.77
CA ARG V 194 80.35 86.84 63.57
C ARG V 194 79.30 85.78 63.93
N LEU V 195 79.56 84.51 63.67
CA LEU V 195 78.70 83.47 64.23
C LEU V 195 78.63 83.55 65.76
N THR V 196 79.78 83.45 66.43
CA THR V 196 79.78 83.37 67.90
C THR V 196 79.23 84.62 68.57
N GLN V 197 79.57 85.82 68.09
CA GLN V 197 79.08 87.03 68.76
C GLN V 197 77.70 87.48 68.27
N ASN V 198 77.38 87.39 66.97
CA ASN V 198 76.19 88.03 66.43
C ASN V 198 75.03 87.08 66.14
N ALA V 199 75.27 85.83 65.72
CA ALA V 199 74.16 84.89 65.53
C ALA V 199 73.51 84.53 66.86
N ASP V 200 72.22 84.16 66.80
CA ASP V 200 71.50 83.70 67.97
C ASP V 200 71.36 82.19 68.03
N CYS V 201 71.50 81.50 66.89
CA CYS V 201 71.68 80.06 66.88
C CYS V 201 72.50 79.67 65.65
N VAL V 202 73.27 78.57 65.75
CA VAL V 202 74.00 78.04 64.61
C VAL V 202 73.84 76.52 64.54
N VAL V 203 72.82 76.05 63.81
CA VAL V 203 72.63 74.62 63.56
C VAL V 203 73.57 74.21 62.43
N VAL V 204 74.87 74.22 62.73
CA VAL V 204 75.96 74.10 61.76
C VAL V 204 76.04 72.70 61.14
N LEU V 205 76.49 72.63 59.87
CA LEU V 205 76.99 71.40 59.28
C LEU V 205 78.37 71.66 58.65
N ASP V 206 79.21 70.61 58.55
CA ASP V 206 80.63 70.82 58.24
C ASP V 206 81.11 70.09 56.99
N ASN V 207 80.44 70.36 55.86
CA ASN V 207 80.95 70.17 54.50
C ASN V 207 81.50 68.76 54.23
N THR V 208 82.83 68.56 54.17
CA THR V 208 83.29 67.21 53.79
C THR V 208 83.09 66.15 54.88
N ALA V 209 82.85 66.52 56.13
CA ALA V 209 82.41 65.51 57.09
C ALA V 209 81.06 64.89 56.70
N LEU V 210 80.18 65.64 56.00
CA LEU V 210 79.08 65.00 55.28
C LEU V 210 79.57 64.29 54.02
N ASN V 211 80.40 64.96 53.22
CA ASN V 211 80.75 64.44 51.90
C ASN V 211 81.45 63.09 51.99
N ARG V 212 82.26 62.90 53.04
CA ARG V 212 82.93 61.63 53.33
C ARG V 212 82.00 60.56 53.91
N ILE V 213 80.90 60.95 54.56
CA ILE V 213 79.81 60.00 54.80
C ILE V 213 79.05 59.70 53.52
N ALA V 214 78.96 60.67 52.60
CA ALA V 214 78.40 60.38 51.28
C ALA V 214 79.21 59.31 50.53
N THR V 215 80.55 59.34 50.63
CA THR V 215 81.36 58.29 50.03
C THR V 215 81.23 56.97 50.78
N ASP V 216 80.80 57.00 52.04
CA ASP V 216 80.49 55.75 52.75
C ASP V 216 79.23 55.12 52.19
N ARG V 217 78.17 55.91 51.99
CA ARG V 217 76.87 55.36 51.61
C ARG V 217 76.85 54.97 50.13
N LEU V 218 77.53 55.73 49.27
CA LEU V 218 77.54 55.50 47.83
C LEU V 218 78.90 55.91 47.25
N HIS V 219 79.08 55.69 45.94
CA HIS V 219 80.35 55.77 45.22
C HIS V 219 80.85 57.21 44.97
N ILE V 220 80.10 58.19 45.48
CA ILE V 220 80.41 59.62 45.15
C ILE V 220 81.76 60.05 45.74
N GLN V 221 82.85 59.43 45.31
CA GLN V 221 84.21 59.79 45.79
C GLN V 221 84.36 61.31 45.88
N ASN V 222 84.15 62.02 44.77
CA ASN V 222 84.33 63.50 44.76
C ASN V 222 83.02 64.19 44.35
N PRO V 223 82.39 63.91 43.18
CA PRO V 223 81.20 64.64 42.78
C PRO V 223 80.03 64.29 43.67
N SER V 224 80.02 64.84 44.89
CA SER V 224 78.95 64.54 45.87
C SER V 224 78.51 65.83 46.57
N PHE V 225 79.22 66.93 46.31
CA PHE V 225 78.81 68.23 46.91
C PHE V 225 77.35 68.47 46.53
N SER V 226 76.97 68.20 45.28
CA SER V 226 75.57 68.32 44.91
C SER V 226 74.68 67.26 45.55
N GLN V 227 75.25 66.11 45.90
CA GLN V 227 74.52 65.04 46.57
C GLN V 227 74.39 65.25 48.07
N ILE V 228 75.29 66.06 48.69
CA ILE V 228 75.03 66.58 50.03
C ILE V 228 73.72 67.36 50.05
N ASN V 229 73.45 68.14 49.00
CA ASN V 229 72.26 68.98 48.96
C ASN V 229 70.98 68.15 49.07
N GLN V 230 70.97 66.92 48.56
CA GLN V 230 69.84 66.03 48.77
C GLN V 230 69.68 65.65 50.23
N LEU V 231 70.77 65.19 50.86
CA LEU V 231 70.70 64.74 52.25
C LEU V 231 70.40 65.91 53.19
N VAL V 232 71.11 67.04 53.05
CA VAL V 232 70.84 68.18 53.91
C VAL V 232 69.42 68.72 53.71
N SER V 233 68.84 68.57 52.51
CA SER V 233 67.42 68.89 52.36
C SER V 233 66.54 68.00 53.23
N THR V 234 66.86 66.71 53.36
CA THR V 234 66.15 65.89 54.35
C THR V 234 66.50 66.30 55.78
N ILE V 235 67.73 66.74 56.06
CA ILE V 235 68.05 67.30 57.37
C ILE V 235 67.22 68.55 57.66
N MET V 236 67.08 69.45 56.68
CA MET V 236 66.22 70.63 56.87
C MET V 236 64.74 70.25 57.04
N SER V 237 64.21 69.38 56.18
CA SER V 237 62.79 69.03 56.27
C SER V 237 62.49 68.21 57.53
N ALA V 238 63.41 67.33 57.93
CA ALA V 238 63.25 66.64 59.21
C ALA V 238 63.27 67.62 60.38
N SER V 239 64.21 68.58 60.37
CA SER V 239 64.32 69.58 61.42
C SER V 239 63.08 70.44 61.60
N THR V 240 62.14 70.41 60.67
CA THR V 240 60.92 71.22 60.71
C THR V 240 59.65 70.38 60.84
N THR V 241 59.75 69.06 61.08
CA THR V 241 58.61 68.14 60.99
C THR V 241 57.42 68.57 61.84
N THR V 242 57.61 68.77 63.15
CA THR V 242 56.49 69.09 64.04
C THR V 242 56.09 70.56 64.02
N LEU V 243 56.77 71.40 63.24
CA LEU V 243 56.22 72.69 62.84
C LEU V 243 55.20 72.52 61.73
N ARG V 244 55.53 71.72 60.73
CA ARG V 244 54.76 71.61 59.50
C ARG V 244 53.51 70.72 59.62
N TYR V 245 53.43 69.81 60.60
CA TYR V 245 52.25 68.96 60.84
C TYR V 245 51.71 69.13 62.27
N PRO V 246 50.41 68.94 62.49
CA PRO V 246 49.86 69.01 63.85
C PRO V 246 50.52 68.11 64.89
N GLY V 247 50.75 68.67 66.08
CA GLY V 247 51.26 67.94 67.24
C GLY V 247 51.09 68.77 68.49
N TYR V 248 51.16 68.08 69.65
CA TYR V 248 50.83 68.71 70.93
C TYR V 248 51.81 69.81 71.35
N MET V 249 53.09 69.67 70.98
CA MET V 249 54.08 70.65 71.48
C MET V 249 55.20 70.90 70.47
N ASN V 250 55.93 72.00 70.63
CA ASN V 250 57.07 72.37 69.79
C ASN V 250 56.70 72.79 68.36
N ASN V 251 55.53 73.42 68.19
CA ASN V 251 55.00 73.87 66.91
C ASN V 251 55.73 75.09 66.33
N ASP V 252 56.93 75.44 66.81
CA ASP V 252 57.47 76.79 66.67
C ASP V 252 59.00 76.79 66.66
N LEU V 253 59.59 77.85 66.07
CA LEU V 253 61.04 77.94 65.93
C LEU V 253 61.72 78.11 67.28
N ILE V 254 61.19 79.02 68.10
CA ILE V 254 61.87 79.44 69.32
C ILE V 254 61.97 78.27 70.28
N GLY V 255 60.89 77.51 70.43
CA GLY V 255 60.91 76.35 71.30
C GLY V 255 61.83 75.24 70.82
N LEU V 256 61.88 75.03 69.50
CA LEU V 256 62.80 74.04 68.94
C LEU V 256 64.26 74.36 69.23
N ILE V 257 64.58 75.60 69.59
CA ILE V 257 65.92 75.98 69.99
C ILE V 257 66.04 76.26 71.49
N ALA V 258 64.95 76.64 72.17
CA ALA V 258 65.01 77.18 73.53
C ALA V 258 65.45 76.17 74.59
N SER V 259 65.11 74.89 74.42
CA SER V 259 65.54 73.88 75.40
C SER V 259 66.98 73.45 75.21
N LEU V 260 67.58 73.72 74.05
CA LEU V 260 68.86 73.17 73.65
C LEU V 260 70.03 74.15 73.79
N ILE V 261 69.76 75.45 73.72
CA ILE V 261 70.77 76.49 73.86
C ILE V 261 70.68 77.07 75.28
N PRO V 262 71.72 76.89 76.14
CA PRO V 262 71.58 77.29 77.56
C PRO V 262 71.79 78.78 77.82
N THR V 263 72.75 79.39 77.11
CA THR V 263 73.18 80.76 77.29
C THR V 263 73.35 81.36 75.90
N PRO V 264 73.40 82.70 75.78
CA PRO V 264 73.50 83.31 74.45
C PRO V 264 74.85 83.06 73.78
N ARG V 265 75.81 82.49 74.50
CA ARG V 265 77.15 82.14 74.06
C ARG V 265 77.24 80.73 73.48
N LEU V 266 76.67 79.74 74.18
CA LEU V 266 76.76 78.33 73.78
C LEU V 266 75.72 77.92 72.73
N HIS V 267 75.59 78.69 71.64
CA HIS V 267 74.44 78.66 70.74
C HIS V 267 74.56 77.73 69.51
N PHE V 268 75.65 76.97 69.33
CA PHE V 268 75.76 75.98 68.25
C PHE V 268 74.95 74.70 68.51
N LEU V 269 74.56 74.00 67.43
CA LEU V 269 73.84 72.72 67.52
C LEU V 269 74.37 71.72 66.48
N MET V 270 74.47 70.44 66.89
CA MET V 270 74.96 69.34 66.05
C MET V 270 73.78 68.50 65.51
N THR V 271 74.05 67.61 64.54
CA THR V 271 73.01 66.92 63.78
C THR V 271 73.34 65.43 63.55
N GLY V 272 72.29 64.65 63.20
CA GLY V 272 72.42 63.25 62.79
C GLY V 272 71.14 62.65 62.22
N TYR V 273 71.23 61.75 61.22
CA TYR V 273 70.04 61.24 60.54
C TYR V 273 70.04 59.72 60.46
N THR V 274 68.80 59.13 60.49
CA THR V 274 68.64 57.71 60.83
C THR V 274 68.82 56.80 59.60
N PRO V 275 67.82 56.63 58.67
CA PRO V 275 68.13 55.85 57.47
C PRO V 275 68.88 56.69 56.44
N LEU V 276 70.01 57.26 56.90
CA LEU V 276 70.95 57.92 56.03
C LEU V 276 71.49 56.97 54.97
N THR V 277 71.62 55.69 55.31
CA THR V 277 71.88 54.62 54.35
C THR V 277 70.57 54.18 53.68
N THR V 278 69.90 55.16 53.05
CA THR V 278 68.61 54.95 52.41
C THR V 278 68.66 53.97 51.23
N ASP V 279 69.82 53.74 50.65
CA ASP V 279 70.03 52.61 49.75
C ASP V 279 69.97 51.27 50.49
N LYS V 287 58.50 45.86 61.32
CA LYS V 287 59.56 46.86 61.37
C LYS V 287 60.18 46.90 62.78
N THR V 288 61.38 47.47 62.85
CA THR V 288 62.11 47.68 64.10
C THR V 288 61.41 48.71 64.99
N THR V 289 61.76 48.69 66.29
CA THR V 289 61.20 49.65 67.24
C THR V 289 62.11 50.88 67.38
N VAL V 290 61.62 51.87 68.13
CA VAL V 290 62.35 53.13 68.28
C VAL V 290 63.71 52.93 68.94
N LEU V 291 63.88 51.83 69.69
CA LEU V 291 65.17 51.49 70.26
C LEU V 291 66.22 51.23 69.18
N ASP V 292 65.81 50.58 68.09
CA ASP V 292 66.75 50.25 67.03
C ASP V 292 67.21 51.50 66.32
N VAL V 293 66.26 52.37 65.96
CA VAL V 293 66.61 53.57 65.21
C VAL V 293 67.43 54.53 66.06
N MET V 294 67.09 54.67 67.34
CA MET V 294 67.86 55.61 68.15
C MET V 294 69.20 55.00 68.58
N ARG V 295 69.28 53.67 68.77
CA ARG V 295 70.58 53.07 69.03
C ARG V 295 71.52 53.25 67.84
N ARG V 296 70.99 53.12 66.62
CA ARG V 296 71.81 53.38 65.43
C ARG V 296 72.21 54.84 65.35
N LEU V 297 71.24 55.71 65.65
CA LEU V 297 71.40 57.14 65.47
C LEU V 297 72.41 57.74 66.45
N LEU V 298 72.42 57.21 67.67
CA LEU V 298 73.25 57.73 68.74
C LEU V 298 74.73 57.39 68.57
N GLN V 299 75.09 56.55 67.59
CA GLN V 299 76.49 56.30 67.26
C GLN V 299 77.11 57.54 66.60
N PRO V 300 78.22 58.08 67.12
CA PRO V 300 78.83 59.27 66.50
C PRO V 300 79.31 59.08 65.07
N LYS V 301 79.30 57.84 64.56
CA LYS V 301 79.35 57.55 63.13
C LYS V 301 78.30 58.28 62.29
N ASN V 302 77.10 58.47 62.82
CA ASN V 302 76.05 59.20 62.13
C ASN V 302 76.01 60.69 62.45
N VAL V 303 76.83 61.15 63.41
CA VAL V 303 76.98 62.59 63.63
C VAL V 303 78.02 63.06 62.61
N MET V 304 77.53 63.74 61.57
CA MET V 304 78.24 63.95 60.31
C MET V 304 79.18 65.15 60.34
N VAL V 305 79.82 65.35 61.49
CA VAL V 305 80.81 66.40 61.71
C VAL V 305 81.95 65.79 62.53
N SER V 306 83.18 66.01 62.09
CA SER V 306 84.31 65.20 62.54
C SER V 306 85.60 66.03 62.55
N THR V 313 90.17 66.44 76.04
CA THR V 313 89.28 66.34 77.18
C THR V 313 87.94 65.73 76.75
N ASN V 314 87.36 64.86 77.59
CA ASN V 314 86.22 64.04 77.16
C ASN V 314 84.95 64.87 77.23
N HIS V 315 84.53 65.41 76.08
CA HIS V 315 83.45 66.37 75.94
C HIS V 315 82.05 65.72 75.95
N CYS V 316 81.01 66.58 75.92
CA CYS V 316 79.63 66.19 76.18
C CYS V 316 78.66 66.96 75.27
N TYR V 317 77.39 66.51 75.21
CA TYR V 317 76.29 67.37 74.77
C TYR V 317 75.88 68.35 75.88
N ILE V 318 74.82 69.12 75.62
CA ILE V 318 74.05 69.83 76.64
C ILE V 318 72.63 69.27 76.75
N ALA V 319 71.97 69.09 75.59
CA ALA V 319 70.63 68.51 75.51
C ALA V 319 70.52 67.69 74.22
N ILE V 320 69.58 66.73 74.21
CA ILE V 320 69.23 65.98 73.00
C ILE V 320 67.79 66.28 72.60
N LEU V 321 67.59 66.57 71.32
CA LEU V 321 66.30 66.56 70.66
C LEU V 321 66.36 65.56 69.51
N ASN V 322 65.57 64.48 69.57
CA ASN V 322 65.50 63.60 68.41
C ASN V 322 64.06 63.22 68.12
N ILE V 323 63.71 63.29 66.83
CA ILE V 323 62.34 63.34 66.32
C ILE V 323 62.11 62.14 65.40
N ILE V 324 61.02 61.41 65.62
CA ILE V 324 60.66 60.23 64.82
C ILE V 324 59.32 60.45 64.13
N GLN V 325 59.19 59.92 62.90
CA GLN V 325 57.92 59.77 62.19
C GLN V 325 57.73 58.35 61.66
N GLY V 326 56.47 57.88 61.63
CA GLY V 326 56.16 56.54 61.15
C GLY V 326 54.89 56.01 61.80
N GLU V 327 54.59 54.73 61.52
CA GLU V 327 53.43 54.07 62.12
C GLU V 327 53.65 53.67 63.58
N VAL V 328 54.87 53.84 64.11
CA VAL V 328 55.19 53.36 65.45
C VAL V 328 54.43 54.14 66.51
N ASP V 329 53.96 53.42 67.54
CA ASP V 329 53.33 53.99 68.72
C ASP V 329 54.37 54.67 69.63
N PRO V 330 53.93 55.59 70.49
CA PRO V 330 54.88 56.28 71.39
C PRO V 330 55.31 55.45 72.59
N THR V 331 54.59 54.38 72.90
CA THR V 331 54.82 53.64 74.14
C THR V 331 56.28 53.20 74.28
N GLN V 332 56.96 52.92 73.18
CA GLN V 332 58.35 52.47 73.20
C GLN V 332 59.39 53.59 73.37
N VAL V 333 59.04 54.87 73.21
CA VAL V 333 60.08 55.89 73.39
C VAL V 333 60.53 55.97 74.85
N HIS V 334 59.61 55.90 75.82
CA HIS V 334 60.03 55.79 77.21
C HIS V 334 60.90 54.56 77.46
N LYS V 335 60.47 53.39 76.98
CA LYS V 335 61.30 52.21 77.14
C LYS V 335 62.68 52.43 76.55
N SER V 336 62.74 53.13 75.42
CA SER V 336 64.02 53.42 74.79
C SER V 336 64.89 54.33 75.66
N LEU V 337 64.29 55.35 76.28
CA LEU V 337 65.06 56.21 77.15
C LEU V 337 65.64 55.42 78.34
N GLN V 338 64.89 54.48 78.91
CA GLN V 338 65.50 53.62 79.92
C GLN V 338 66.71 52.86 79.37
N ARG V 339 66.62 52.37 78.13
CA ARG V 339 67.75 51.64 77.55
C ARG V 339 68.95 52.54 77.25
N ILE V 340 68.76 53.80 76.88
CA ILE V 340 69.93 54.67 76.75
C ILE V 340 70.45 55.03 78.14
N ARG V 341 69.53 55.25 79.08
CA ARG V 341 69.90 55.64 80.44
C ARG V 341 70.71 54.54 81.12
N GLU V 342 70.37 53.27 80.88
CA GLU V 342 71.13 52.15 81.43
C GLU V 342 72.41 51.90 80.64
N ARG V 343 72.38 52.08 79.31
CA ARG V 343 73.57 51.84 78.48
C ARG V 343 74.67 52.87 78.72
N LYS V 344 74.30 54.11 79.07
CA LYS V 344 75.22 55.24 79.07
C LYS V 344 75.95 55.36 77.72
N LEU V 345 75.20 55.15 76.64
CA LEU V 345 75.79 54.92 75.32
C LEU V 345 76.45 56.18 74.78
N ALA V 346 75.78 57.32 74.91
CA ALA V 346 76.38 58.65 74.78
C ALA V 346 76.07 59.41 76.05
N ASN V 347 77.04 60.18 76.53
CA ASN V 347 76.92 60.80 77.84
C ASN V 347 77.14 62.30 77.75
N PHE V 348 76.33 63.06 78.49
CA PHE V 348 76.48 64.50 78.55
C PHE V 348 76.25 65.02 79.96
N ILE V 349 77.32 65.56 80.54
CA ILE V 349 77.28 66.30 81.80
C ILE V 349 77.56 67.78 81.51
N PRO V 350 76.55 68.52 81.09
CA PRO V 350 76.55 69.97 81.36
C PRO V 350 76.40 70.20 82.85
N TRP V 351 76.92 71.34 83.33
CA TRP V 351 76.99 71.56 84.77
C TRP V 351 75.60 71.40 85.41
N GLY V 352 74.54 71.92 84.75
CA GLY V 352 73.16 71.59 85.06
C GLY V 352 72.48 70.79 83.94
N PRO V 353 71.50 69.94 84.28
CA PRO V 353 70.90 69.05 83.26
C PRO V 353 69.99 69.78 82.27
N ALA V 354 69.96 69.26 81.02
CA ALA V 354 69.04 69.81 80.02
C ALA V 354 68.39 68.73 79.12
N SER V 355 68.44 67.46 79.52
CA SER V 355 67.55 66.36 79.11
C SER V 355 67.57 65.87 77.66
N ILE V 356 66.92 64.72 77.46
CA ILE V 356 66.62 64.13 76.16
C ILE V 356 65.13 64.23 75.87
N GLN V 357 64.81 64.60 74.62
CA GLN V 357 63.49 65.10 74.23
C GLN V 357 63.10 64.44 72.90
N VAL V 358 62.18 63.47 72.93
CA VAL V 358 61.86 62.68 71.75
C VAL V 358 60.36 62.45 71.60
N ALA V 359 59.90 62.48 70.34
CA ALA V 359 58.50 62.70 69.99
C ALA V 359 58.11 61.97 68.70
N LEU V 360 57.02 61.22 68.76
CA LEU V 360 56.33 60.70 67.57
C LEU V 360 55.53 61.80 66.86
N SER V 361 55.65 61.82 65.52
CA SER V 361 55.04 62.87 64.69
C SER V 361 54.48 62.30 63.39
N ARG V 362 53.52 63.02 62.80
CA ARG V 362 52.84 62.58 61.58
C ARG V 362 53.81 62.41 60.40
N LYS V 363 53.69 61.28 59.69
CA LYS V 363 54.51 61.02 58.51
C LYS V 363 54.21 62.02 57.38
N SER V 364 55.25 62.40 56.65
CA SER V 364 55.13 63.44 55.62
C SER V 364 54.22 63.03 54.47
N PRO V 365 53.24 63.86 54.08
CA PRO V 365 52.34 63.53 52.98
C PRO V 365 52.91 63.84 51.59
N TYR V 366 52.12 63.46 50.57
CA TYR V 366 52.33 63.62 49.13
C TYR V 366 53.49 62.80 48.47
N LEU V 367 54.68 62.78 49.07
CA LEU V 367 55.86 62.09 48.49
C LEU V 367 55.95 60.65 49.01
N PRO V 368 56.44 59.67 48.22
CA PRO V 368 56.64 58.31 48.70
C PRO V 368 57.91 58.31 49.53
N SER V 369 58.01 57.43 50.52
CA SER V 369 59.18 57.41 51.44
C SER V 369 59.56 55.98 51.85
N ALA V 370 60.83 55.61 51.73
CA ALA V 370 61.32 54.28 52.20
C ALA V 370 61.51 54.32 53.72
N HIS V 371 62.03 53.22 54.29
CA HIS V 371 62.43 53.17 55.74
C HIS V 371 61.22 53.56 56.57
N ARG V 372 60.19 52.69 56.63
CA ARG V 372 58.85 53.12 57.01
C ARG V 372 58.74 53.74 58.42
N VAL V 373 59.78 53.72 59.25
CA VAL V 373 59.85 54.60 60.43
C VAL V 373 61.27 55.18 60.50
N SER V 374 61.39 56.50 60.67
CA SER V 374 62.66 57.20 60.49
C SER V 374 62.71 58.47 61.33
N GLY V 375 63.92 59.03 61.52
CA GLY V 375 64.05 60.21 62.36
C GLY V 375 65.44 60.85 62.35
N LEU V 376 65.56 61.92 63.13
CA LEU V 376 66.76 62.76 63.17
C LEU V 376 67.06 63.12 64.63
N MET V 377 68.35 63.26 64.94
CA MET V 377 68.80 63.84 66.20
C MET V 377 69.44 65.20 65.96
N MET V 378 69.21 66.14 66.88
CA MET V 378 70.07 67.30 67.05
C MET V 378 70.44 67.39 68.53
N ALA V 379 71.69 67.74 68.82
CA ALA V 379 72.15 67.93 70.19
C ALA V 379 73.32 68.91 70.22
N ASN V 380 73.46 69.62 71.35
CA ASN V 380 74.48 70.67 71.51
C ASN V 380 75.83 70.04 71.88
N HIS V 381 76.47 69.38 70.91
CA HIS V 381 77.65 68.55 71.18
C HIS V 381 78.90 69.45 71.28
N THR V 382 79.36 69.68 72.51
CA THR V 382 80.48 70.58 72.78
C THR V 382 81.79 70.14 72.11
N SER V 383 81.89 68.88 71.68
CA SER V 383 83.03 68.43 70.88
C SER V 383 83.23 69.24 69.60
N ILE V 384 82.20 69.96 69.15
CA ILE V 384 82.29 70.89 68.03
C ILE V 384 83.40 71.92 68.21
N SER V 385 83.75 72.22 69.46
CA SER V 385 84.95 72.98 69.78
C SER V 385 86.19 72.52 69.02
N SER V 386 86.31 71.21 68.79
CA SER V 386 87.45 70.70 68.01
C SER V 386 87.46 71.20 66.57
N LEU V 387 86.31 71.45 65.96
CA LEU V 387 86.29 72.03 64.62
C LEU V 387 86.76 73.48 64.64
N PHE V 388 86.25 74.26 65.59
CA PHE V 388 86.75 75.62 65.76
C PHE V 388 88.24 75.64 66.08
N GLU V 389 88.71 74.66 66.84
CA GLU V 389 90.14 74.54 67.13
C GLU V 389 90.95 74.18 65.88
N ARG V 390 90.43 73.27 65.04
CA ARG V 390 91.10 73.00 63.77
C ARG V 390 91.17 74.26 62.92
N THR V 391 90.07 75.02 62.91
CA THR V 391 90.03 76.31 62.22
C THR V 391 91.08 77.26 62.74
N CYS V 392 91.23 77.30 64.07
CA CYS V 392 92.23 78.16 64.68
C CYS V 392 93.64 77.67 64.36
N ARG V 393 93.84 76.36 64.32
CA ARG V 393 95.15 75.82 63.97
C ARG V 393 95.51 76.16 62.53
N GLN V 394 94.54 76.04 61.63
CA GLN V 394 94.78 76.42 60.24
C GLN V 394 95.02 77.92 60.13
N TYR V 395 94.31 78.73 60.92
CA TYR V 395 94.58 80.17 60.92
C TYR V 395 95.98 80.46 61.45
N ASP V 396 96.40 79.79 62.52
CA ASP V 396 97.74 80.02 63.06
C ASP V 396 98.82 79.58 62.09
N LYS V 397 98.61 78.48 61.37
CA LYS V 397 99.66 78.00 60.48
C LYS V 397 99.73 78.82 59.21
N LEU V 398 98.65 79.51 58.83
CA LEU V 398 98.75 80.47 57.74
C LEU V 398 99.17 81.86 58.23
N ARG V 399 98.79 82.23 59.46
CA ARG V 399 99.12 83.54 60.03
C ARG V 399 100.60 83.63 60.41
N LYS V 400 101.26 82.51 60.70
CA LYS V 400 102.68 82.53 60.99
C LYS V 400 103.56 82.59 59.75
N ARG V 401 103.02 82.39 58.54
CA ARG V 401 103.77 82.60 57.30
C ARG V 401 103.29 83.82 56.52
N GLU V 402 101.97 84.05 56.43
CA GLU V 402 101.35 85.20 55.74
C GLU V 402 101.75 85.31 54.26
N ALA V 403 101.39 84.29 53.49
CA ALA V 403 101.52 84.36 52.04
C ALA V 403 100.25 84.92 51.41
N PHE V 404 99.08 84.60 51.96
CA PHE V 404 97.80 84.90 51.33
C PHE V 404 97.12 86.09 51.97
N LEU V 405 97.92 87.12 52.27
CA LEU V 405 97.39 88.44 52.61
C LEU V 405 96.80 89.13 51.38
N GLU V 406 97.31 88.78 50.18
CA GLU V 406 97.01 89.37 48.88
C GLU V 406 97.53 90.80 48.71
N GLN V 407 97.68 91.54 49.81
CA GLN V 407 97.97 92.99 49.78
C GLN V 407 97.01 93.81 48.90
N PHE V 408 95.80 93.32 48.62
CA PHE V 408 94.81 94.11 47.89
C PHE V 408 94.29 95.23 48.80
N ARG V 409 93.97 96.39 48.21
CA ARG V 409 93.90 97.61 49.03
C ARG V 409 92.67 97.64 49.93
N LYS V 410 91.55 97.03 49.53
CA LYS V 410 90.41 96.81 50.43
C LYS V 410 90.47 95.47 51.15
N GLU V 411 91.58 94.75 51.07
CA GLU V 411 91.90 93.72 52.04
C GLU V 411 92.78 94.30 53.15
N ASP V 412 93.77 95.12 52.79
CA ASP V 412 94.65 95.75 53.78
C ASP V 412 94.01 96.93 54.50
N MET V 413 93.80 98.04 53.78
CA MET V 413 93.41 99.31 54.41
C MET V 413 91.95 99.31 54.86
N PHE V 414 91.11 98.46 54.29
CA PHE V 414 89.76 98.26 54.84
C PHE V 414 89.81 97.75 56.28
N LYS V 415 90.92 97.11 56.68
CA LYS V 415 91.14 96.63 58.04
C LYS V 415 92.54 97.07 58.52
N ASP V 416 92.71 98.39 58.66
CA ASP V 416 94.01 99.07 58.67
C ASP V 416 94.87 98.74 59.89
N ASN V 417 94.34 98.07 60.92
CA ASN V 417 95.18 97.58 62.02
C ASN V 417 94.85 96.13 62.41
N PHE V 418 94.07 95.42 61.58
CA PHE V 418 93.90 93.97 61.65
C PHE V 418 93.18 93.52 62.92
N ASP V 419 92.52 94.41 63.66
CA ASP V 419 92.16 94.06 65.03
C ASP V 419 90.99 93.07 65.03
N GLU V 420 90.12 93.12 64.02
CA GLU V 420 89.02 92.17 63.96
C GLU V 420 89.45 90.79 63.48
N MET V 421 90.57 90.66 62.74
CA MET V 421 91.16 89.34 62.57
C MET V 421 91.71 88.87 63.91
N ASP V 422 92.41 89.77 64.59
CA ASP V 422 93.21 89.42 65.76
C ASP V 422 92.32 88.96 66.91
N THR V 423 91.20 89.65 67.17
CA THR V 423 90.31 89.26 68.26
C THR V 423 89.34 88.16 67.84
N SER V 424 89.24 87.86 66.54
CA SER V 424 88.30 86.84 66.09
C SER V 424 88.63 85.48 66.72
N ARG V 425 89.92 85.18 66.88
CA ARG V 425 90.34 83.93 67.51
C ARG V 425 89.84 83.81 68.95
N GLU V 426 90.06 84.83 69.78
CA GLU V 426 89.87 84.66 71.22
C GLU V 426 88.38 84.55 71.57
N ILE V 427 87.51 85.17 70.77
CA ILE V 427 86.07 85.17 71.05
C ILE V 427 85.44 83.80 70.76
N VAL V 428 85.89 83.09 69.73
CA VAL V 428 85.52 81.67 69.62
C VAL V 428 86.31 80.80 70.60
N GLN V 429 87.53 81.20 70.97
CA GLN V 429 88.19 80.52 72.08
C GLN V 429 87.38 80.61 73.37
N GLN V 430 86.70 81.74 73.61
CA GLN V 430 85.75 81.76 74.71
C GLN V 430 84.63 80.75 74.53
N LEU V 431 84.16 80.48 73.30
CA LEU V 431 83.22 79.37 73.11
C LEU V 431 83.88 78.01 73.40
N ILE V 432 85.14 77.80 73.00
CA ILE V 432 85.85 76.58 73.40
C ILE V 432 85.88 76.47 74.91
N ASP V 433 86.26 77.57 75.57
CA ASP V 433 86.51 77.56 77.00
C ASP V 433 85.21 77.47 77.79
N GLU V 434 84.19 78.21 77.36
CA GLU V 434 82.89 78.11 78.01
C GLU V 434 82.29 76.72 77.85
N TYR V 435 82.50 76.09 76.69
CA TYR V 435 82.16 74.67 76.54
C TYR V 435 82.94 73.78 77.52
N HIS V 436 84.26 73.96 77.65
CA HIS V 436 84.99 73.12 78.60
C HIS V 436 84.47 73.32 80.01
N ALA V 437 84.16 74.57 80.36
CA ALA V 437 83.75 74.90 81.71
C ALA V 437 82.32 74.43 81.99
N ALA V 438 81.42 74.64 81.03
CA ALA V 438 80.05 74.19 81.15
C ALA V 438 79.91 72.67 81.18
N THR V 439 80.91 71.96 80.63
CA THR V 439 80.95 70.50 80.59
C THR V 439 81.41 69.89 81.92
N ARG V 440 81.76 70.74 82.92
CA ARG V 440 82.31 70.33 84.21
C ARG V 440 81.63 71.16 85.32
N PRO V 441 81.80 70.81 86.62
CA PRO V 441 81.18 71.62 87.68
C PRO V 441 81.82 72.99 87.89
N ASP V 442 81.73 73.83 86.86
CA ASP V 442 82.32 75.17 86.79
C ASP V 442 81.32 76.08 86.06
N TYR V 443 81.84 77.11 85.37
CA TYR V 443 81.02 78.05 84.57
C TYR V 443 79.92 78.70 85.42
N ILE V 444 80.17 78.87 86.72
CA ILE V 444 79.19 79.39 87.65
C ILE V 444 79.17 80.92 87.62
N SER V 445 79.89 81.52 86.65
CA SER V 445 79.89 82.96 86.43
C SER V 445 79.99 83.25 84.93
N TRP V 446 79.53 84.44 84.53
CA TRP V 446 79.89 85.03 83.26
C TRP V 446 81.37 85.43 83.23
N GLY V 447 81.93 85.45 82.01
CA GLY V 447 83.29 85.93 81.79
C GLY V 447 84.39 85.07 82.37
N ARG W 3 19.10 108.62 38.23
CA ARG W 3 19.98 109.64 37.56
C ARG W 3 20.87 108.97 36.52
N GLU W 4 21.69 109.77 35.82
CA GLU W 4 22.50 109.30 34.71
C GLU W 4 23.93 109.86 34.82
N ILE W 5 24.87 109.21 34.11
CA ILE W 5 26.27 109.61 34.10
C ILE W 5 26.75 109.71 32.65
N ILE W 6 27.56 110.75 32.34
CA ILE W 6 28.26 110.91 31.06
C ILE W 6 29.71 110.45 31.24
N THR W 7 30.24 109.67 30.29
CA THR W 7 31.63 109.19 30.35
C THR W 7 32.47 109.82 29.24
N LEU W 8 33.50 110.58 29.62
CA LEU W 8 34.44 111.21 28.70
C LEU W 8 35.80 110.54 28.80
N GLN W 9 36.34 110.06 27.69
CA GLN W 9 37.75 109.70 27.56
C GLN W 9 38.45 110.70 26.65
N LEU W 10 39.68 111.09 27.02
CA LEU W 10 40.33 112.23 26.38
C LEU W 10 41.85 112.06 26.32
N GLY W 11 42.46 112.80 25.40
CA GLY W 11 43.91 112.79 25.17
C GLY W 11 44.34 111.53 24.45
N GLN W 12 45.41 111.60 23.65
CA GLN W 12 45.79 110.42 22.87
C GLN W 12 46.30 109.29 23.76
N CYS W 13 47.08 109.60 24.80
CA CYS W 13 47.50 108.56 25.73
C CYS W 13 46.28 107.95 26.42
N GLY W 14 45.47 108.80 27.06
CA GLY W 14 44.37 108.31 27.86
C GLY W 14 43.34 107.52 27.08
N ASN W 15 43.14 107.86 25.80
CA ASN W 15 42.13 107.18 24.99
C ASN W 15 42.43 105.70 24.76
N GLN W 16 43.70 105.30 24.79
CA GLN W 16 44.02 103.87 24.73
C GLN W 16 43.38 103.12 25.90
N ILE W 17 43.30 103.76 27.06
CA ILE W 17 42.62 103.16 28.22
C ILE W 17 41.11 103.26 28.06
N GLY W 18 40.61 104.45 27.70
CA GLY W 18 39.18 104.65 27.58
C GLY W 18 38.51 103.69 26.61
N PHE W 19 39.21 103.33 25.54
CA PHE W 19 38.83 102.21 24.67
C PHE W 19 38.53 100.95 25.47
N GLU W 20 39.50 100.50 26.25
CA GLU W 20 39.39 99.24 26.96
C GLU W 20 38.27 99.31 28.01
N PHE W 21 38.17 100.47 28.67
CA PHE W 21 37.11 100.72 29.64
C PHE W 21 35.72 100.58 29.02
N TRP W 22 35.46 101.21 27.86
CA TRP W 22 34.11 101.10 27.34
C TRP W 22 33.82 99.72 26.77
N LYS W 23 34.81 99.05 26.16
CA LYS W 23 34.54 97.71 25.69
C LYS W 23 34.36 96.74 26.86
N GLN W 24 35.02 96.95 28.01
CA GLN W 24 34.71 96.13 29.19
C GLN W 24 33.29 96.41 29.69
N LEU W 25 32.91 97.69 29.80
CA LEU W 25 31.56 98.03 30.21
C LEU W 25 30.52 97.35 29.33
N CYS W 26 30.77 97.31 28.03
CA CYS W 26 29.93 96.53 27.11
C CYS W 26 29.90 95.06 27.52
N ALA W 27 31.08 94.42 27.54
CA ALA W 27 31.17 92.98 27.74
C ALA W 27 30.63 92.54 29.10
N GLU W 28 30.66 93.42 30.10
CA GLU W 28 30.08 93.16 31.41
C GLU W 28 28.56 93.02 31.40
N HIS W 29 27.87 93.54 30.38
CA HIS W 29 26.43 93.41 30.23
C HIS W 29 26.06 92.51 29.05
N GLY W 30 24.76 92.25 28.93
CA GLY W 30 24.17 91.79 27.69
C GLY W 30 24.13 92.91 26.67
N ILE W 31 25.26 93.18 26.03
CA ILE W 31 25.42 94.26 25.06
C ILE W 31 26.26 93.80 23.86
N SER W 32 25.70 93.97 22.64
CA SER W 32 26.39 93.70 21.37
C SER W 32 27.38 94.83 21.08
N PRO W 33 28.38 94.60 20.18
CA PRO W 33 29.23 95.73 19.74
C PRO W 33 28.52 96.96 19.20
N GLU W 34 27.28 96.84 18.74
CA GLU W 34 26.53 98.00 18.25
C GLU W 34 25.59 98.56 19.29
N GLY W 35 25.55 97.96 20.48
CA GLY W 35 24.62 98.38 21.52
C GLY W 35 23.19 97.99 21.28
N ILE W 36 22.96 96.99 20.43
CA ILE W 36 21.63 96.44 20.21
C ILE W 36 21.44 95.16 21.03
N VAL W 37 20.20 94.65 21.07
CA VAL W 37 19.78 93.63 22.02
C VAL W 37 20.66 92.38 22.01
N GLU W 38 20.96 91.87 23.22
CA GLU W 38 21.94 90.80 23.39
C GLU W 38 21.78 90.14 24.76
N GLU W 39 21.65 88.80 24.79
CA GLU W 39 21.80 87.93 25.95
C GLU W 39 20.82 88.17 27.10
N PHE W 40 21.23 88.93 28.13
CA PHE W 40 20.46 89.15 29.35
C PHE W 40 20.23 90.63 29.61
N ALA W 41 19.08 90.95 30.21
CA ALA W 41 18.73 92.34 30.54
C ALA W 41 19.68 92.94 31.59
N THR W 45 18.49 91.28 35.48
CA THR W 45 17.51 92.32 35.18
C THR W 45 17.90 93.68 35.78
N ASP W 46 19.22 93.95 35.87
CA ASP W 46 19.73 95.24 36.33
C ASP W 46 19.43 96.35 35.32
N ARG W 47 19.47 97.61 35.81
CA ARG W 47 19.20 98.77 34.96
C ARG W 47 20.42 99.21 34.16
N LYS W 48 20.25 99.25 32.82
CA LYS W 48 21.25 99.80 31.89
C LYS W 48 21.33 101.33 31.91
N ASP W 49 20.21 102.02 32.16
CA ASP W 49 20.12 103.47 32.07
C ASP W 49 20.76 104.25 33.24
N VAL W 50 21.92 103.80 33.72
CA VAL W 50 22.90 104.71 34.35
C VAL W 50 23.79 105.33 33.28
N PHE W 51 24.29 104.48 32.38
CA PHE W 51 25.23 104.82 31.32
C PHE W 51 24.63 104.68 29.93
N PHE W 52 23.81 103.64 29.71
CA PHE W 52 23.12 103.41 28.42
C PHE W 52 21.81 104.19 28.36
N TYR W 53 21.85 105.40 27.79
CA TYR W 53 20.64 106.06 27.31
C TYR W 53 19.96 105.17 26.24
N GLN W 54 18.70 105.49 25.92
CA GLN W 54 17.84 104.68 25.05
C GLN W 54 17.54 105.43 23.76
N ALA W 55 17.95 104.86 22.62
CA ALA W 55 17.49 105.31 21.31
C ALA W 55 16.01 104.98 21.06
N ASP W 56 15.47 105.56 19.97
CA ASP W 56 14.08 105.32 19.59
C ASP W 56 13.78 103.85 19.30
N ASP W 57 14.78 103.07 18.87
CA ASP W 57 14.60 101.70 18.41
C ASP W 57 15.64 100.78 19.03
N GLU W 58 15.75 100.83 20.37
CA GLU W 58 16.41 99.84 21.22
C GLU W 58 17.92 99.79 21.06
N HIS W 59 18.53 100.73 20.32
CA HIS W 59 19.96 100.97 20.43
C HIS W 59 20.27 101.63 21.78
N TYR W 60 20.96 100.90 22.67
CA TYR W 60 21.31 101.35 24.02
C TYR W 60 22.47 102.35 24.01
N ILE W 61 22.15 103.56 23.55
CA ILE W 61 23.11 104.67 23.43
C ILE W 61 23.93 104.85 24.70
N PRO W 62 25.17 104.37 24.74
CA PRO W 62 26.09 104.78 25.80
C PRO W 62 26.27 106.27 25.78
N ARG W 63 26.00 106.89 26.90
CA ARG W 63 26.15 108.33 27.06
C ARG W 63 27.63 108.68 27.13
N ALA W 64 28.36 108.37 26.04
CA ALA W 64 29.80 108.20 26.02
C ALA W 64 30.42 109.00 24.87
N VAL W 65 31.58 109.60 25.14
CA VAL W 65 32.20 110.60 24.27
C VAL W 65 33.70 110.30 24.16
N LEU W 66 34.24 110.40 22.95
CA LEU W 66 35.69 110.28 22.72
C LEU W 66 36.25 111.61 22.20
N LEU W 67 37.19 112.18 22.95
CA LEU W 67 37.73 113.52 22.73
C LEU W 67 39.25 113.42 22.59
N ASP W 68 39.88 114.32 21.82
CA ASP W 68 41.35 114.31 21.82
C ASP W 68 41.91 115.68 21.44
N LEU W 69 43.24 115.75 21.29
CA LEU W 69 44.00 116.89 20.80
C LEU W 69 45.23 116.37 20.05
N GLU W 70 45.60 117.03 18.93
CA GLU W 70 46.76 116.69 18.08
C GLU W 70 46.74 115.20 17.74
N PRO W 71 45.78 114.75 16.91
CA PRO W 71 45.50 113.31 16.74
C PRO W 71 46.54 112.49 15.99
N ARG W 72 46.67 111.20 16.37
CA ARG W 72 47.58 110.29 15.70
C ARG W 72 47.08 108.84 15.65
N VAL W 73 46.70 108.27 16.80
CA VAL W 73 46.32 106.85 16.89
C VAL W 73 44.87 106.62 16.49
N ILE W 74 44.07 107.68 16.46
CA ILE W 74 42.62 107.61 16.61
C ILE W 74 41.91 106.98 15.43
N HIS W 75 42.59 106.80 14.28
CA HIS W 75 42.00 106.07 13.17
C HIS W 75 41.63 104.64 13.56
N SER W 76 42.40 104.00 14.45
CA SER W 76 42.05 102.69 14.98
C SER W 76 40.78 102.74 15.80
N ILE W 77 40.64 103.79 16.62
CA ILE W 77 39.50 103.99 17.49
C ILE W 77 38.23 104.22 16.67
N LEU W 78 38.34 105.00 15.59
CA LEU W 78 37.18 105.32 14.78
C LEU W 78 36.54 104.08 14.15
N ASN W 79 37.35 103.18 13.59
CA ASN W 79 36.82 102.03 12.87
C ASN W 79 36.60 100.82 13.78
N SER W 80 37.07 100.88 15.02
CA SER W 80 36.83 99.82 16.01
C SER W 80 35.32 99.62 16.23
N PRO W 81 34.84 98.37 16.32
CA PRO W 81 33.40 98.12 16.40
C PRO W 81 32.66 98.83 17.54
N TYR W 82 33.35 99.26 18.60
CA TYR W 82 32.70 99.97 19.70
C TYR W 82 32.22 101.36 19.29
N ALA W 83 32.69 101.87 18.14
CA ALA W 83 32.12 103.07 17.54
C ALA W 83 30.67 102.87 17.06
N LYS W 84 30.23 101.63 16.82
CA LYS W 84 28.81 101.37 16.54
C LYS W 84 27.99 101.42 17.81
N LEU W 85 28.62 101.13 18.94
CA LEU W 85 27.94 101.10 20.23
C LEU W 85 27.53 102.50 20.69
N TYR W 86 28.49 103.40 20.90
CA TYR W 86 28.20 104.80 21.18
C TYR W 86 28.43 105.60 19.90
N ASN W 87 27.38 106.24 19.40
CA ASN W 87 27.51 107.20 18.31
C ASN W 87 26.42 108.28 18.30
N PRO W 88 26.37 109.14 19.35
CA PRO W 88 25.65 110.43 19.23
C PRO W 88 26.29 111.42 18.27
N GLU W 89 26.99 110.89 17.25
CA GLU W 89 27.73 111.66 16.25
C GLU W 89 28.73 112.65 16.86
N ASN W 90 29.28 112.29 18.02
CA ASN W 90 30.09 113.19 18.84
C ASN W 90 31.61 113.01 18.63
N ILE W 91 32.04 111.97 17.90
CA ILE W 91 33.42 111.51 17.93
C ILE W 91 34.36 112.53 17.28
N TYR W 92 35.07 113.30 18.11
CA TYR W 92 35.94 114.39 17.68
C TYR W 92 37.38 113.87 17.45
N LEU W 93 38.15 114.64 16.67
CA LEU W 93 39.58 114.37 16.40
C LEU W 93 40.46 115.58 16.68
N GLY W 101 48.76 121.30 23.17
CA GLY W 101 49.35 120.04 22.75
C GLY W 101 49.77 119.17 23.92
N ASN W 102 50.96 118.56 23.80
CA ASN W 102 51.33 117.42 24.64
C ASN W 102 51.98 117.82 25.96
N ASN W 103 52.08 119.12 26.26
CA ASN W 103 52.51 119.65 27.54
C ASN W 103 51.31 120.34 28.21
N TRP W 104 51.38 120.57 29.54
CA TRP W 104 50.13 120.84 30.28
C TRP W 104 49.50 122.15 29.83
N ALA W 105 50.27 123.24 29.82
CA ALA W 105 49.68 124.55 29.63
C ALA W 105 49.28 124.76 28.17
N SER W 106 50.05 124.20 27.23
CA SER W 106 49.62 124.12 25.83
C SER W 106 48.35 123.30 25.68
N GLY W 107 48.29 122.13 26.34
CA GLY W 107 47.08 121.32 26.29
C GLY W 107 45.87 122.03 26.89
N PHE W 108 46.08 122.79 27.97
CA PHE W 108 45.01 123.61 28.55
C PHE W 108 44.56 124.69 27.58
N SER W 109 45.52 125.43 27.01
CA SER W 109 45.20 126.59 26.19
C SER W 109 44.78 126.21 24.77
N GLN W 110 45.20 125.05 24.26
CA GLN W 110 44.64 124.54 23.02
C GLN W 110 43.26 123.91 23.25
N GLY W 111 43.00 123.39 24.45
CA GLY W 111 41.64 123.09 24.83
C GLY W 111 40.73 124.31 24.76
N GLU W 112 41.19 125.45 25.28
CA GLU W 112 40.49 126.72 25.11
C GLU W 112 40.33 127.11 23.63
N LYS W 113 41.37 126.88 22.83
CA LYS W 113 41.33 127.26 21.41
C LYS W 113 40.24 126.53 20.65
N ILE W 114 40.01 125.26 20.99
CA ILE W 114 39.03 124.43 20.31
C ILE W 114 37.67 124.48 21.03
N HIS W 115 37.49 125.40 21.98
CA HIS W 115 36.41 125.25 22.96
C HIS W 115 35.02 125.16 22.31
N GLU W 116 34.71 126.06 21.38
CA GLU W 116 33.34 126.07 20.85
C GLU W 116 33.11 124.90 19.89
N ASP W 117 34.18 124.37 19.30
CA ASP W 117 34.04 123.19 18.45
C ASP W 117 33.71 121.96 19.27
N ILE W 118 34.29 121.84 20.47
CA ILE W 118 34.14 120.63 21.27
C ILE W 118 32.90 120.72 22.16
N PHE W 119 32.52 121.93 22.59
CA PHE W 119 31.52 122.05 23.65
C PHE W 119 30.13 121.65 23.17
N ASP W 120 29.87 121.72 21.86
CA ASP W 120 28.56 121.40 21.30
C ASP W 120 28.11 119.97 21.61
N ILE W 121 29.05 119.10 22.01
CA ILE W 121 28.70 117.75 22.47
C ILE W 121 27.94 117.82 23.79
N ILE W 122 28.51 118.56 24.76
CA ILE W 122 28.16 118.42 26.17
C ILE W 122 26.68 118.65 26.42
N ASP W 123 26.10 119.66 25.75
CA ASP W 123 24.72 120.04 26.02
C ASP W 123 23.75 119.10 25.32
N ARG W 124 24.14 118.49 24.20
CA ARG W 124 23.30 117.50 23.56
C ARG W 124 23.17 116.26 24.44
N GLU W 125 24.30 115.78 24.97
CA GLU W 125 24.27 114.65 25.90
C GLU W 125 23.41 114.98 27.12
N ALA W 126 23.55 116.20 27.66
CA ALA W 126 22.77 116.64 28.81
C ALA W 126 21.28 116.85 28.51
N ASP W 127 20.92 117.20 27.27
CA ASP W 127 19.50 117.29 26.91
C ASP W 127 18.87 115.93 26.65
N GLY W 128 19.64 114.94 26.23
CA GLY W 128 19.15 113.58 26.10
C GLY W 128 19.05 112.87 27.44
N SER W 129 18.36 113.48 28.40
CA SER W 129 18.42 113.08 29.80
C SER W 129 17.13 113.39 30.55
N ASP W 130 16.86 112.60 31.59
CA ASP W 130 15.93 113.00 32.65
C ASP W 130 16.66 113.77 33.77
N SER W 131 17.73 113.17 34.34
CA SER W 131 18.43 113.75 35.51
C SER W 131 19.91 113.34 35.48
N LEU W 132 20.74 114.18 34.88
CA LEU W 132 22.19 113.98 34.91
C LEU W 132 22.78 114.21 36.31
N GLU W 133 23.74 113.34 36.70
CA GLU W 133 24.50 113.48 37.95
C GLU W 133 25.95 113.93 37.75
N GLY W 134 26.70 113.41 36.77
CA GLY W 134 28.13 113.73 36.68
C GLY W 134 28.80 113.26 35.39
N PHE W 135 30.06 113.71 35.22
CA PHE W 135 30.91 113.44 34.05
C PHE W 135 32.18 112.70 34.47
N VAL W 136 32.42 111.48 33.90
CA VAL W 136 33.71 110.79 34.08
C VAL W 136 34.75 111.39 33.15
N LEU W 137 36.01 111.51 33.60
CA LEU W 137 37.13 111.90 32.75
C LEU W 137 38.28 110.91 32.91
N CYS W 138 38.36 109.97 31.95
CA CYS W 138 39.36 108.90 31.95
C CYS W 138 40.68 109.40 31.35
N HIS W 139 41.22 110.40 32.01
CA HIS W 139 42.35 111.21 31.59
C HIS W 139 43.69 110.64 32.07
N SER W 140 44.79 111.09 31.44
CA SER W 140 46.14 110.60 31.72
C SER W 140 47.01 111.68 32.38
N ILE W 141 47.40 111.44 33.64
CA ILE W 141 47.93 112.46 34.54
C ILE W 141 49.20 113.15 34.05
N ALA W 142 50.09 112.48 33.31
CA ALA W 142 51.30 113.14 32.83
C ALA W 142 51.13 113.89 31.51
N GLY W 143 50.03 113.68 30.78
CA GLY W 143 49.93 114.17 29.41
C GLY W 143 49.50 115.63 29.33
N GLY W 144 49.95 116.31 28.26
CA GLY W 144 49.36 117.60 27.93
C GLY W 144 47.97 117.49 27.32
N THR W 145 47.79 116.54 26.41
CA THR W 145 46.43 116.22 25.97
C THR W 145 45.75 115.38 27.04
N GLY W 146 46.51 114.49 27.67
CA GLY W 146 45.95 113.57 28.65
C GLY W 146 45.45 114.27 29.90
N SER W 147 46.08 115.37 30.30
CA SER W 147 45.65 116.08 31.49
C SER W 147 45.91 117.58 31.46
N GLY W 148 46.56 118.12 30.43
CA GLY W 148 46.42 119.53 30.15
C GLY W 148 45.02 119.84 29.69
N LEU W 149 44.64 119.30 28.53
CA LEU W 149 43.24 119.31 28.11
C LEU W 149 42.35 118.62 29.16
N GLY W 150 42.82 117.50 29.73
CA GLY W 150 42.08 116.84 30.78
C GLY W 150 41.85 117.67 32.04
N SER W 151 42.73 118.65 32.30
CA SER W 151 42.49 119.62 33.37
C SER W 151 41.56 120.74 32.92
N TYR W 152 41.79 121.21 31.69
CA TYR W 152 41.01 122.30 31.11
C TYR W 152 39.54 121.91 30.98
N LEU W 153 39.28 120.70 30.47
CA LEU W 153 37.92 120.33 30.07
C LEU W 153 36.99 120.26 31.27
N LEU W 154 37.43 119.62 32.36
CA LEU W 154 36.59 119.61 33.56
C LEU W 154 36.51 120.99 34.19
N GLU W 155 37.50 121.86 34.00
CA GLU W 155 37.33 123.25 34.42
C GLU W 155 36.23 123.96 33.63
N ARG W 156 36.06 123.62 32.34
CA ARG W 156 34.88 124.10 31.62
C ARG W 156 33.62 123.40 32.10
N LEU W 157 33.71 122.13 32.49
CA LEU W 157 32.55 121.48 33.09
C LEU W 157 32.14 122.19 34.39
N ASN W 158 33.11 122.65 35.20
CA ASN W 158 32.73 123.47 36.35
C ASN W 158 32.10 124.79 35.91
N ASP W 159 32.70 125.45 34.92
CA ASP W 159 32.23 126.76 34.51
C ASP W 159 30.87 126.73 33.82
N ARG W 160 30.43 125.57 33.34
CA ARG W 160 29.15 125.45 32.66
C ARG W 160 28.17 124.60 33.45
N TYR W 161 28.67 123.62 34.21
CA TYR W 161 27.86 122.76 35.06
C TYR W 161 28.46 122.75 36.47
N PRO W 162 28.35 123.87 37.21
CA PRO W 162 29.01 123.98 38.52
C PRO W 162 28.47 123.04 39.61
N LYS W 163 27.32 122.40 39.40
CA LYS W 163 26.70 121.56 40.42
C LYS W 163 26.65 120.07 40.05
N LYS W 164 27.23 119.67 38.90
CA LYS W 164 27.31 118.28 38.47
C LYS W 164 28.73 117.75 38.65
N LEU W 165 28.88 116.55 39.21
CA LEU W 165 30.18 116.07 39.68
C LEU W 165 31.06 115.59 38.53
N VAL W 166 32.29 116.12 38.42
CA VAL W 166 33.31 115.47 37.59
C VAL W 166 33.98 114.37 38.41
N GLN W 167 34.04 113.16 37.83
CA GLN W 167 34.74 112.01 38.41
C GLN W 167 35.98 111.68 37.58
N THR W 168 37.15 111.86 38.19
CA THR W 168 38.44 111.85 37.50
C THR W 168 39.06 110.45 37.58
N TYR W 169 38.49 109.50 36.81
CA TYR W 169 38.86 108.07 36.92
C TYR W 169 40.14 107.79 36.12
N SER W 170 41.20 108.46 36.56
CA SER W 170 42.47 108.69 35.89
C SER W 170 43.30 107.42 35.67
N VAL W 171 44.43 107.63 34.98
CA VAL W 171 45.58 106.73 35.02
C VAL W 171 46.83 107.58 35.25
N PHE W 172 47.76 107.06 36.05
CA PHE W 172 49.06 107.68 36.31
C PHE W 172 50.15 106.92 35.57
N PRO W 173 50.82 107.52 34.57
CA PRO W 173 51.92 106.84 33.85
C PRO W 173 53.25 106.98 34.61
N ASN W 174 53.39 106.17 35.66
CA ASN W 174 54.63 106.09 36.42
C ASN W 174 55.42 104.86 35.99
N GLN W 175 56.62 105.10 35.46
CA GLN W 175 57.64 104.09 35.18
C GLN W 175 58.98 104.77 35.52
N ASP W 176 59.09 105.22 36.77
CA ASP W 176 59.99 106.29 37.17
C ASP W 176 59.64 107.58 36.44
N GLU W 177 58.33 107.85 36.41
CA GLU W 177 57.74 108.96 35.68
C GLU W 177 58.36 109.14 34.29
N ASP W 180 58.94 108.32 29.06
CA ASP W 180 59.32 109.52 29.81
C ASP W 180 58.47 110.71 29.34
N VAL W 181 58.25 111.67 30.25
CA VAL W 181 57.68 112.98 29.93
C VAL W 181 58.47 113.99 30.75
N VAL W 182 59.17 114.91 30.07
CA VAL W 182 60.07 115.81 30.77
C VAL W 182 59.32 116.86 31.58
N VAL W 183 58.06 117.12 31.23
CA VAL W 183 57.22 118.07 31.94
C VAL W 183 56.36 117.38 33.00
N GLN W 184 56.58 116.08 33.24
CA GLN W 184 55.68 115.31 34.11
C GLN W 184 55.45 115.96 35.48
N PRO W 185 56.47 116.38 36.24
CA PRO W 185 56.17 116.97 37.55
C PRO W 185 55.43 118.28 37.45
N TYR W 186 55.88 119.15 36.55
CA TYR W 186 55.23 120.43 36.30
C TYR W 186 53.80 120.22 35.85
N ASN W 187 53.62 119.30 34.90
CA ASN W 187 52.32 118.99 34.34
C ASN W 187 51.37 118.49 35.41
N SER W 188 51.69 117.36 36.02
CA SER W 188 50.77 116.76 36.96
C SER W 188 50.64 117.57 38.24
N LEU W 189 51.58 118.49 38.52
CA LEU W 189 51.35 119.49 39.56
C LEU W 189 50.18 120.41 39.22
N LEU W 190 50.18 120.98 38.01
CA LEU W 190 49.04 121.78 37.59
C LEU W 190 47.77 120.93 37.44
N THR W 191 47.87 119.64 37.11
CA THR W 191 46.70 118.78 37.28
C THR W 191 46.30 118.66 38.75
N LEU W 192 47.27 118.56 39.66
CA LEU W 192 46.92 118.57 41.08
C LEU W 192 46.38 119.92 41.57
N LYS W 193 46.31 120.95 40.72
CA LYS W 193 45.38 122.06 40.97
C LYS W 193 44.02 121.81 40.33
N ARG W 194 44.00 121.47 39.04
CA ARG W 194 42.73 121.35 38.33
C ARG W 194 41.93 120.12 38.76
N LEU W 195 42.60 118.98 38.94
CA LEU W 195 41.96 117.77 39.45
C LEU W 195 41.68 117.75 40.95
N THR W 196 42.12 118.74 41.74
CA THR W 196 41.78 118.84 43.17
C THR W 196 40.84 120.02 43.43
N GLN W 197 41.30 121.25 43.22
CA GLN W 197 40.55 122.48 43.46
C GLN W 197 39.50 122.71 42.36
N ASN W 198 39.77 122.37 41.10
CA ASN W 198 38.80 122.57 40.03
C ASN W 198 38.09 121.27 39.63
N ALA W 199 37.83 120.35 40.58
CA ALA W 199 37.18 119.06 40.33
C ALA W 199 36.44 118.54 41.57
N ASP W 200 35.48 117.63 41.38
CA ASP W 200 34.58 117.17 42.45
C ASP W 200 34.98 115.83 43.10
N CYS W 201 35.52 114.88 42.33
CA CYS W 201 36.12 113.65 42.87
C CYS W 201 37.14 113.01 41.89
N VAL W 202 38.04 112.15 42.41
CA VAL W 202 39.14 111.56 41.64
C VAL W 202 39.40 110.10 42.05
N VAL W 203 39.76 109.25 41.09
CA VAL W 203 40.33 107.91 41.34
C VAL W 203 41.54 107.75 40.42
N VAL W 204 42.62 107.12 40.90
CA VAL W 204 43.86 106.96 40.14
C VAL W 204 44.34 105.51 40.16
N LEU W 205 44.78 105.03 39.00
CA LEU W 205 45.47 103.75 38.84
C LEU W 205 46.95 103.97 38.46
N ASP W 206 47.85 103.30 39.17
CA ASP W 206 49.29 103.54 39.10
C ASP W 206 50.00 102.40 38.38
N ASN W 207 50.74 102.74 37.33
CA ASN W 207 51.36 101.70 36.51
C ASN W 207 52.69 101.15 37.07
N THR W 208 53.33 101.75 38.09
CA THR W 208 54.42 101.01 38.73
C THR W 208 53.86 99.82 39.48
N ALA W 209 52.83 100.05 40.32
CA ALA W 209 52.27 98.96 41.10
C ALA W 209 51.60 97.92 40.21
N LEU W 210 50.89 98.37 39.17
CA LEU W 210 50.34 97.44 38.19
C LEU W 210 51.43 96.75 37.37
N ASN W 211 52.57 97.42 37.14
CA ASN W 211 53.67 96.78 36.41
C ASN W 211 54.29 95.66 37.25
N ARG W 212 54.60 95.93 38.52
CA ARG W 212 55.07 94.87 39.41
C ARG W 212 54.08 93.72 39.45
N ILE W 213 52.78 94.04 39.50
CA ILE W 213 51.73 93.04 39.43
C ILE W 213 51.75 92.30 38.10
N ALA W 214 52.10 92.99 37.02
CA ALA W 214 52.20 92.31 35.73
C ALA W 214 53.31 91.26 35.72
N THR W 215 54.49 91.55 36.32
CA THR W 215 55.52 90.53 36.44
C THR W 215 55.10 89.39 37.36
N ASP W 216 54.15 89.63 38.26
CA ASP W 216 53.71 88.59 39.19
C ASP W 216 52.74 87.59 38.55
N ARG W 217 52.53 87.63 37.24
CA ARG W 217 51.82 86.56 36.53
C ARG W 217 52.65 85.98 35.38
N LEU W 218 52.61 86.56 34.19
CA LEU W 218 53.69 86.45 33.22
C LEU W 218 54.83 87.38 33.67
N HIS W 219 55.99 87.27 33.04
CA HIS W 219 57.08 88.23 33.38
C HIS W 219 56.85 89.54 32.62
N ILE W 220 55.63 90.09 32.72
CA ILE W 220 55.30 91.35 31.99
C ILE W 220 56.01 92.52 32.68
N GLN W 221 57.13 92.98 32.14
CA GLN W 221 57.86 94.14 32.72
C GLN W 221 57.84 95.28 31.69
N ASN W 222 58.19 94.98 30.44
CA ASN W 222 58.16 96.01 29.36
C ASN W 222 56.74 96.16 28.80
N PRO W 223 56.05 95.10 28.31
CA PRO W 223 54.73 95.27 27.70
C PRO W 223 53.83 96.18 28.53
N SER W 224 53.85 96.04 29.85
CA SER W 224 53.06 96.92 30.75
C SER W 224 51.85 97.51 30.03
N PHE W 225 51.97 98.71 29.47
CA PHE W 225 50.85 99.39 28.75
C PHE W 225 50.07 98.37 27.92
N SER W 226 50.67 97.85 26.85
CA SER W 226 50.00 96.89 25.98
C SER W 226 49.23 95.82 26.77
N GLN W 227 49.59 95.57 28.02
CA GLN W 227 49.15 94.39 28.78
C GLN W 227 48.18 94.75 29.90
N ILE W 228 48.56 95.72 30.75
CA ILE W 228 47.92 95.98 32.04
C ILE W 228 46.46 96.37 31.89
N ASN W 229 46.06 96.84 30.71
CA ASN W 229 44.74 97.41 30.48
C ASN W 229 43.59 96.49 30.91
N GLN W 230 43.79 95.17 30.92
CA GLN W 230 42.76 94.24 31.41
C GLN W 230 42.48 94.41 32.91
N LEU W 231 43.52 94.49 33.74
CA LEU W 231 43.29 94.71 35.17
C LEU W 231 42.63 96.07 35.37
N VAL W 232 43.13 97.05 34.63
CA VAL W 232 42.58 98.38 34.58
C VAL W 232 41.07 98.32 34.29
N SER W 233 40.67 97.59 33.27
CA SER W 233 39.27 97.63 32.84
C SER W 233 38.36 96.89 33.81
N THR W 234 38.86 95.81 34.42
CA THR W 234 38.10 95.12 35.45
C THR W 234 37.98 95.94 36.75
N ILE W 235 38.93 96.85 37.03
CA ILE W 235 38.74 97.82 38.10
C ILE W 235 37.62 98.81 37.77
N MET W 236 37.67 99.46 36.60
CA MET W 236 36.65 100.47 36.26
C MET W 236 35.24 99.91 36.22
N SER W 237 35.03 98.77 35.57
CA SER W 237 33.67 98.26 35.44
C SER W 237 33.12 97.79 36.79
N ALA W 238 33.94 97.10 37.59
CA ALA W 238 33.53 96.68 38.93
C ALA W 238 33.12 97.86 39.82
N SER W 239 33.84 98.98 39.73
CA SER W 239 33.50 100.17 40.51
C SER W 239 32.16 100.79 40.16
N THR W 240 31.52 100.37 39.06
CA THR W 240 30.25 100.95 38.63
C THR W 240 29.10 99.95 38.51
N THR W 241 29.34 98.63 38.56
CA THR W 241 28.22 97.70 38.65
C THR W 241 27.47 97.86 39.96
N THR W 242 28.18 98.27 41.03
CA THR W 242 27.54 98.63 42.29
C THR W 242 26.53 99.77 42.15
N LEU W 243 26.74 100.71 41.22
CA LEU W 243 25.71 101.70 40.92
C LEU W 243 24.53 101.07 40.19
N ARG W 244 24.79 100.31 39.13
CA ARG W 244 23.72 99.76 38.25
C ARG W 244 22.89 98.67 38.94
N TYR W 245 23.51 97.86 39.80
CA TYR W 245 22.76 96.73 40.42
C TYR W 245 21.76 97.31 41.41
N PRO W 246 20.45 97.04 41.21
CA PRO W 246 19.43 97.59 42.11
C PRO W 246 19.78 97.17 43.52
N GLY W 247 20.35 98.09 44.30
CA GLY W 247 20.78 97.77 45.67
C GLY W 247 20.16 98.72 46.67
N TYR W 248 20.21 98.37 47.96
CA TYR W 248 19.64 99.23 49.02
C TYR W 248 20.35 100.58 48.98
N MET W 249 21.67 100.58 48.72
CA MET W 249 22.44 101.86 48.77
C MET W 249 23.34 102.01 47.53
N ASN W 250 24.37 102.86 47.63
CA ASN W 250 25.30 103.12 46.54
C ASN W 250 24.64 103.20 45.16
N ASN W 251 23.32 103.50 45.11
CA ASN W 251 22.58 103.58 43.85
C ASN W 251 23.05 104.69 42.92
N ASP W 252 23.81 105.68 43.40
CA ASP W 252 24.28 106.80 42.57
C ASP W 252 25.70 107.20 42.96
N LEU W 253 26.34 108.00 42.10
CA LEU W 253 27.76 108.31 42.23
C LEU W 253 28.10 109.01 43.55
N ILE W 254 27.24 109.90 44.06
CA ILE W 254 27.53 110.51 45.35
C ILE W 254 27.43 109.49 46.49
N GLY W 255 26.56 108.48 46.37
CA GLY W 255 26.54 107.35 47.30
C GLY W 255 27.82 106.53 47.32
N LEU W 256 28.78 106.74 46.40
CA LEU W 256 30.16 106.24 46.54
C LEU W 256 31.05 107.30 47.22
N ILE W 257 31.04 108.52 46.69
CA ILE W 257 31.98 109.60 47.06
C ILE W 257 31.75 110.19 48.46
N ALA W 258 30.53 110.17 49.00
CA ALA W 258 30.20 110.90 50.23
C ALA W 258 30.90 110.42 51.52
N SER W 259 31.32 109.15 51.59
CA SER W 259 31.70 108.50 52.86
C SER W 259 33.20 108.52 53.22
N LEU W 260 34.10 108.95 52.32
CA LEU W 260 35.55 108.66 52.45
C LEU W 260 36.49 109.86 52.21
N ILE W 261 35.98 111.09 52.29
CA ILE W 261 36.68 112.35 51.97
C ILE W 261 36.35 113.42 53.03
N PRO W 262 37.28 113.86 53.91
CA PRO W 262 36.98 114.84 54.96
C PRO W 262 36.87 116.30 54.47
N THR W 263 37.38 116.65 53.29
CA THR W 263 37.20 117.96 52.60
C THR W 263 37.54 117.78 51.10
N PRO W 264 36.75 118.30 50.15
CA PRO W 264 36.87 117.93 48.73
C PRO W 264 38.02 118.66 47.98
N ARG W 265 39.26 118.29 48.32
CA ARG W 265 40.47 118.53 47.50
C ARG W 265 41.40 117.32 47.54
N LEU W 266 41.65 116.73 48.72
CA LEU W 266 42.28 115.41 48.87
C LEU W 266 41.34 114.24 48.51
N HIS W 267 40.52 114.40 47.47
CA HIS W 267 39.57 113.39 46.99
C HIS W 267 40.14 112.40 45.96
N PHE W 268 41.48 112.36 45.82
CA PHE W 268 42.19 111.32 45.05
C PHE W 268 42.13 109.96 45.75
N LEU W 269 41.25 109.07 45.29
CA LEU W 269 41.22 107.68 45.76
C LEU W 269 42.35 106.83 45.14
N MET W 270 43.16 106.18 45.99
CA MET W 270 44.02 105.06 45.63
C MET W 270 43.17 103.82 45.29
N THR W 271 43.84 102.71 44.93
CA THR W 271 43.12 101.56 44.39
C THR W 271 43.71 100.24 44.90
N GLY W 272 42.96 99.15 44.66
CA GLY W 272 43.31 97.80 45.03
C GLY W 272 42.36 96.76 44.45
N TYR W 273 42.88 95.57 44.14
CA TYR W 273 42.10 94.45 43.58
C TYR W 273 42.85 93.16 43.93
N THR W 274 42.12 92.08 44.30
CA THR W 274 42.84 90.92 44.86
C THR W 274 43.42 90.01 43.77
N PRO W 275 42.60 89.27 42.93
CA PRO W 275 43.11 88.16 42.13
C PRO W 275 43.91 88.58 40.89
N LEU W 276 44.90 89.46 41.11
CA LEU W 276 45.50 90.26 40.06
C LEU W 276 46.23 89.40 39.04
N THR W 277 46.79 88.29 39.50
CA THR W 277 47.76 87.49 38.76
C THR W 277 47.13 86.27 38.12
N THR W 278 45.80 86.12 38.15
CA THR W 278 45.19 84.80 38.03
C THR W 278 45.19 84.33 36.58
N ASP W 279 45.96 83.26 36.32
CA ASP W 279 45.92 82.51 35.07
C ASP W 279 46.57 81.15 35.29
N LYS W 287 36.01 77.36 48.45
CA LYS W 287 35.86 78.77 48.13
C LYS W 287 36.74 79.65 49.01
N THR W 288 37.03 80.86 48.52
CA THR W 288 37.56 81.94 49.34
C THR W 288 36.43 82.56 50.16
N THR W 289 36.78 83.21 51.26
CA THR W 289 35.83 83.98 52.06
C THR W 289 36.23 85.45 52.13
N VAL W 290 35.29 86.27 52.61
CA VAL W 290 35.45 87.72 52.61
C VAL W 290 36.61 88.16 53.48
N LEU W 291 36.94 87.35 54.49
CA LEU W 291 38.15 87.56 55.28
C LEU W 291 39.39 87.55 54.41
N ASP W 292 39.39 86.71 53.36
CA ASP W 292 40.51 86.73 52.43
C ASP W 292 40.67 88.08 51.76
N VAL W 293 39.58 88.65 51.20
CA VAL W 293 39.82 89.85 50.41
C VAL W 293 40.19 91.02 51.31
N MET W 294 39.59 91.12 52.50
CA MET W 294 39.97 92.27 53.30
C MET W 294 41.40 92.11 53.82
N ARG W 295 41.81 90.91 54.25
CA ARG W 295 43.18 90.74 54.73
C ARG W 295 44.14 90.84 53.55
N ARG W 296 43.87 90.11 52.47
CA ARG W 296 44.79 90.03 51.35
C ARG W 296 44.96 91.39 50.68
N LEU W 297 43.91 92.19 50.64
CA LEU W 297 43.98 93.52 50.07
C LEU W 297 44.41 94.58 51.06
N LEU W 298 44.49 94.24 52.36
CA LEU W 298 45.25 95.05 53.29
C LEU W 298 46.77 94.82 53.22
N GLN W 299 47.27 93.85 52.42
CA GLN W 299 48.72 93.64 52.31
C GLN W 299 49.42 94.82 51.63
N PRO W 300 50.52 95.34 52.20
CA PRO W 300 51.29 96.38 51.50
C PRO W 300 51.84 95.98 50.13
N LYS W 301 52.01 94.69 49.83
CA LYS W 301 52.39 94.29 48.48
C LYS W 301 51.22 94.42 47.52
N ASN W 302 49.98 94.41 48.01
CA ASN W 302 48.79 94.64 47.20
C ASN W 302 48.24 96.06 47.34
N VAL W 303 49.01 96.99 47.92
CA VAL W 303 48.74 98.42 47.80
C VAL W 303 49.07 98.81 46.36
N MET W 304 48.04 99.00 45.54
CA MET W 304 48.22 99.17 44.09
C MET W 304 48.54 100.60 43.71
N VAL W 305 49.27 101.31 44.58
CA VAL W 305 49.78 102.65 44.29
C VAL W 305 51.17 102.78 44.89
N SER W 306 52.13 103.21 44.07
CA SER W 306 53.40 103.82 44.49
C SER W 306 54.05 104.46 43.27
N THR W 313 56.60 110.72 59.21
CA THR W 313 56.65 109.50 58.41
C THR W 313 55.61 108.48 58.90
N ASN W 314 55.13 108.64 60.14
CA ASN W 314 54.07 107.78 60.66
C ASN W 314 52.72 108.21 60.09
N HIS W 315 51.97 107.22 59.59
CA HIS W 315 50.77 107.48 58.79
C HIS W 315 49.76 106.36 58.98
N CYS W 316 48.49 106.69 58.69
CA CYS W 316 47.37 105.75 58.73
C CYS W 316 46.36 106.14 57.66
N TYR W 317 45.38 105.26 57.42
CA TYR W 317 44.33 105.55 56.44
C TYR W 317 43.52 106.78 56.82
N ILE W 318 42.89 107.42 55.82
CA ILE W 318 41.74 108.31 56.06
C ILE W 318 40.46 107.46 56.10
N ALA W 319 40.18 106.75 55.01
CA ALA W 319 38.96 105.95 54.82
C ALA W 319 39.12 104.96 53.65
N ILE W 320 38.20 104.00 53.51
CA ILE W 320 38.36 102.83 52.62
C ILE W 320 37.00 102.50 51.96
N LEU W 321 36.98 101.81 50.80
CA LEU W 321 35.74 101.34 50.15
C LEU W 321 35.52 99.81 50.24
N ASN W 322 36.50 98.96 49.87
CA ASN W 322 36.35 97.48 49.92
C ASN W 322 35.03 96.96 49.34
N ILE W 323 34.90 97.09 48.01
CA ILE W 323 33.80 96.44 47.29
C ILE W 323 33.99 94.93 47.36
N ILE W 324 32.94 94.19 47.78
CA ILE W 324 32.86 92.74 47.63
C ILE W 324 31.91 92.38 46.50
N GLN W 325 32.30 91.38 45.69
CA GLN W 325 31.52 90.92 44.55
C GLN W 325 31.39 89.40 44.59
N GLY W 326 30.32 88.89 43.98
CA GLY W 326 30.13 87.45 43.80
C GLY W 326 29.05 86.88 44.72
N GLU W 327 28.80 85.59 44.54
CA GLU W 327 27.93 84.81 45.43
C GLU W 327 28.68 84.48 46.71
N VAL W 328 28.74 85.47 47.59
CA VAL W 328 29.23 85.30 48.93
C VAL W 328 28.02 85.19 49.86
N ASP W 329 28.23 84.60 51.03
CA ASP W 329 27.23 84.62 52.08
C ASP W 329 27.14 86.03 52.67
N PRO W 330 25.97 86.68 52.59
CA PRO W 330 25.86 88.05 53.14
C PRO W 330 25.91 88.13 54.66
N THR W 331 25.86 87.00 55.38
CA THR W 331 26.00 87.07 56.84
C THR W 331 27.43 87.34 57.26
N GLN W 332 28.40 86.94 56.43
CA GLN W 332 29.80 86.91 56.84
C GLN W 332 30.41 88.30 56.93
N VAL W 333 29.78 89.29 56.28
CA VAL W 333 30.43 90.57 56.07
C VAL W 333 30.52 91.37 57.36
N HIS W 334 29.51 91.28 58.25
CA HIS W 334 29.65 91.96 59.53
C HIS W 334 30.68 91.24 60.41
N LYS W 335 30.61 89.90 60.48
CA LYS W 335 31.48 89.14 61.36
C LYS W 335 32.95 89.28 60.98
N SER W 336 33.25 89.29 59.68
CA SER W 336 34.62 89.47 59.22
C SER W 336 35.15 90.85 59.60
N LEU W 337 34.29 91.86 59.56
CA LEU W 337 34.67 93.19 60.04
C LEU W 337 35.04 93.15 61.53
N GLN W 338 34.26 92.41 62.35
CA GLN W 338 34.66 92.25 63.75
C GLN W 338 36.03 91.59 63.86
N ARG W 339 36.31 90.58 63.02
CA ARG W 339 37.62 89.94 63.08
C ARG W 339 38.75 90.86 62.64
N ILE W 340 38.51 91.77 61.71
CA ILE W 340 39.52 92.77 61.38
C ILE W 340 39.67 93.77 62.52
N ARG W 341 38.57 94.09 63.21
CA ARG W 341 38.67 94.92 64.41
C ARG W 341 39.50 94.26 65.50
N GLU W 342 39.39 92.94 65.67
CA GLU W 342 40.27 92.24 66.60
C GLU W 342 41.71 92.19 66.13
N ARG W 343 41.94 92.00 64.82
CA ARG W 343 43.31 91.96 64.30
C ARG W 343 43.98 93.34 64.31
N LYS W 344 43.20 94.41 64.33
CA LYS W 344 43.68 95.81 64.33
C LYS W 344 44.63 96.12 63.18
N LEU W 345 44.38 95.50 62.03
CA LEU W 345 45.06 95.89 60.79
C LEU W 345 44.55 97.23 60.29
N ALA W 346 43.30 97.58 60.65
CA ALA W 346 42.59 98.74 60.14
C ALA W 346 43.06 100.01 60.85
N ASN W 347 44.23 100.51 60.42
CA ASN W 347 44.79 101.78 60.87
C ASN W 347 43.99 102.95 60.29
N PHE W 348 42.91 103.34 60.97
CA PHE W 348 42.14 104.54 60.61
C PHE W 348 42.76 105.82 61.21
N ILE W 349 42.24 106.95 60.73
CA ILE W 349 42.63 108.35 61.00
C ILE W 349 42.58 108.69 62.50
N PRO W 350 43.43 109.56 63.06
CA PRO W 350 43.38 109.91 64.50
C PRO W 350 42.18 110.75 65.01
N TRP W 351 41.03 110.74 64.34
CA TRP W 351 39.81 111.30 64.90
C TRP W 351 38.54 110.61 64.39
N GLY W 352 37.51 110.54 65.22
CA GLY W 352 36.16 110.30 64.76
C GLY W 352 35.83 108.82 64.53
N PRO W 353 34.54 108.53 64.20
CA PRO W 353 34.09 107.14 64.03
C PRO W 353 34.41 106.50 62.69
N ALA W 354 35.39 107.04 61.95
CA ALA W 354 35.69 106.60 60.59
C ALA W 354 35.85 105.08 60.48
N SER W 355 35.07 104.46 59.57
CA SER W 355 34.87 103.01 59.53
C SER W 355 34.48 102.58 58.11
N ILE W 356 34.07 101.31 57.94
CA ILE W 356 34.08 100.64 56.64
C ILE W 356 32.80 99.83 56.42
N GLN W 357 32.29 99.90 55.17
CA GLN W 357 31.08 99.26 54.68
C GLN W 357 31.43 98.24 53.60
N VAL W 358 30.97 97.00 53.76
CA VAL W 358 31.31 95.90 52.84
C VAL W 358 30.24 95.91 51.74
N ALA W 359 30.53 96.63 50.65
CA ALA W 359 29.55 96.90 49.59
C ALA W 359 29.43 95.70 48.62
N LEU W 360 28.25 95.05 48.62
CA LEU W 360 28.00 93.78 47.94
C LEU W 360 27.19 93.96 46.64
N SER W 361 27.61 93.29 45.55
CA SER W 361 26.85 93.22 44.29
C SER W 361 27.18 91.92 43.53
N ARG W 362 26.28 91.51 42.59
CA ARG W 362 26.42 90.25 41.84
C ARG W 362 27.49 90.31 40.69
N LYS W 363 28.46 91.21 40.79
CA LYS W 363 29.55 91.42 39.83
C LYS W 363 29.15 91.90 38.43
N SER W 364 27.84 92.04 38.12
CA SER W 364 27.31 91.94 36.75
C SER W 364 27.72 90.64 36.10
N PRO W 365 26.93 89.59 36.29
CA PRO W 365 27.38 88.21 36.07
C PRO W 365 27.49 87.82 34.59
N TYR W 366 27.97 86.58 34.38
CA TYR W 366 28.10 85.85 33.11
C TYR W 366 29.19 86.42 32.19
N LEU W 367 29.91 87.46 32.60
CA LEU W 367 31.26 87.68 32.09
C LEU W 367 32.20 86.63 32.69
N PRO W 368 33.38 86.37 32.04
CA PRO W 368 34.30 85.34 32.57
C PRO W 368 34.72 85.51 34.04
N SER W 369 34.07 84.73 34.91
CA SER W 369 34.06 84.94 36.37
C SER W 369 35.21 84.24 37.10
N ALA W 370 36.44 84.63 36.77
CA ALA W 370 37.62 84.21 37.53
C ALA W 370 37.63 84.82 38.95
N HIS W 371 38.05 84.02 39.93
CA HIS W 371 38.01 84.33 41.37
C HIS W 371 36.60 84.79 41.77
N ARG W 372 35.67 83.81 41.73
CA ARG W 372 34.23 84.09 41.71
C ARG W 372 33.85 85.20 42.69
N VAL W 373 34.29 85.09 43.94
CA VAL W 373 34.05 86.11 44.95
C VAL W 373 35.33 86.93 45.08
N SER W 374 35.23 88.22 44.73
CA SER W 374 36.39 89.08 44.49
C SER W 374 36.11 90.50 44.98
N GLY W 375 37.17 91.27 45.21
CA GLY W 375 37.06 92.53 45.92
C GLY W 375 38.06 93.59 45.50
N LEU W 376 37.70 94.85 45.79
CA LEU W 376 38.42 96.01 45.31
C LEU W 376 38.54 97.06 46.41
N MET W 377 39.72 97.67 46.55
CA MET W 377 39.99 98.67 47.58
C MET W 377 40.27 100.02 46.91
N MET W 378 39.21 100.70 46.45
CA MET W 378 39.31 102.16 46.35
C MET W 378 39.43 102.70 47.78
N ALA W 379 40.31 103.65 48.03
CA ALA W 379 40.57 104.12 49.39
C ALA W 379 41.23 105.49 49.39
N ASN W 380 41.26 106.15 50.55
CA ASN W 380 42.01 107.37 50.77
C ASN W 380 42.99 107.12 51.92
N HIS W 381 44.31 107.22 51.70
CA HIS W 381 45.29 106.90 52.74
C HIS W 381 46.37 107.98 52.76
N THR W 382 46.72 108.44 53.97
CA THR W 382 47.60 109.60 54.17
C THR W 382 49.03 109.34 53.72
N SER W 383 49.55 108.10 53.78
CA SER W 383 50.86 107.81 53.22
C SER W 383 50.81 107.77 51.70
N ILE W 384 49.66 107.37 51.14
CA ILE W 384 49.52 107.26 49.69
C ILE W 384 49.32 108.61 49.04
N SER W 385 49.27 109.69 49.81
CA SER W 385 49.61 111.01 49.29
C SER W 385 51.01 111.05 48.65
N SER W 386 51.82 110.00 48.88
CA SER W 386 53.04 109.75 48.10
C SER W 386 52.88 109.86 46.58
N LEU W 387 51.74 109.44 46.02
CA LEU W 387 51.57 109.61 44.57
C LEU W 387 51.53 111.08 44.14
N PHE W 388 51.21 111.99 45.06
CA PHE W 388 51.11 113.42 44.77
C PHE W 388 52.32 114.17 45.31
N GLU W 389 52.88 113.75 46.45
CA GLU W 389 54.07 114.40 46.98
C GLU W 389 55.34 113.92 46.25
N ARG W 390 55.36 112.69 45.72
CA ARG W 390 56.46 112.31 44.83
C ARG W 390 56.46 113.21 43.60
N THR W 391 55.29 113.39 42.99
CA THR W 391 55.11 114.32 41.89
C THR W 391 55.64 115.70 42.23
N CYS W 392 55.25 116.22 43.39
CA CYS W 392 55.63 117.58 43.76
C CYS W 392 57.07 117.65 44.28
N ARG W 393 57.59 116.55 44.84
CA ARG W 393 59.03 116.50 45.15
C ARG W 393 59.85 116.51 43.86
N GLN W 394 59.37 115.83 42.83
CA GLN W 394 60.01 115.89 41.52
C GLN W 394 59.86 117.28 40.89
N TYR W 395 58.74 117.96 41.13
CA TYR W 395 58.64 119.36 40.71
C TYR W 395 59.62 120.23 41.48
N ASP W 396 59.73 120.03 42.80
CA ASP W 396 60.73 120.76 43.60
C ASP W 396 62.16 120.46 43.13
N LYS W 397 62.42 119.28 42.60
CA LYS W 397 63.72 118.98 41.99
C LYS W 397 63.99 119.86 40.76
N LEU W 398 62.97 120.12 39.95
CA LEU W 398 63.13 120.81 38.68
C LEU W 398 62.91 122.32 38.73
N ARG W 399 62.14 122.83 39.70
CA ARG W 399 61.73 124.23 39.67
C ARG W 399 62.88 125.21 39.84
N LYS W 400 63.96 124.83 40.53
CA LYS W 400 65.12 125.70 40.63
C LYS W 400 66.11 125.51 39.48
N ARG W 401 65.92 124.49 38.64
CA ARG W 401 66.71 124.29 37.44
C ARG W 401 66.24 125.16 36.27
N GLU W 402 65.00 125.66 36.31
CA GLU W 402 64.27 126.20 35.13
C GLU W 402 64.21 125.19 33.97
N ALA W 403 64.21 123.88 34.29
CA ALA W 403 64.60 122.87 33.31
C ALA W 403 63.55 122.66 32.21
N PHE W 404 62.27 122.60 32.55
CA PHE W 404 61.24 122.31 31.54
C PHE W 404 60.04 123.24 31.66
N LEU W 405 60.23 124.44 32.21
CA LEU W 405 59.29 125.53 32.04
C LEU W 405 59.46 126.20 30.67
N GLU W 406 59.57 125.41 29.59
CA GLU W 406 60.28 125.84 28.39
C GLU W 406 59.47 126.75 27.45
N GLN W 407 58.24 127.15 27.83
CA GLN W 407 57.53 128.28 27.22
C GLN W 407 57.36 128.19 25.69
N PHE W 408 57.05 126.98 25.21
CA PHE W 408 56.58 126.74 23.84
C PHE W 408 55.36 127.63 23.55
N ARG W 409 55.07 127.90 22.27
CA ARG W 409 54.18 129.03 21.92
C ARG W 409 52.73 128.86 22.38
N LYS W 410 52.30 127.69 22.86
CA LYS W 410 51.06 127.61 23.65
C LYS W 410 51.31 127.24 25.11
N GLU W 411 52.46 126.67 25.43
CA GLU W 411 52.82 126.40 26.83
C GLU W 411 53.06 127.70 27.59
N ASP W 412 53.55 128.72 26.87
CA ASP W 412 53.75 130.06 27.42
C ASP W 412 52.43 130.80 27.65
N MET W 413 51.60 130.96 26.61
CA MET W 413 50.55 131.98 26.62
C MET W 413 49.38 131.65 27.56
N PHE W 414 49.32 130.44 28.12
CA PHE W 414 48.45 130.20 29.27
C PHE W 414 48.81 131.13 30.42
N LYS W 415 50.11 131.21 30.77
CA LYS W 415 50.66 132.12 31.77
C LYS W 415 52.19 132.18 31.64
N ASP W 416 52.72 133.33 31.18
CA ASP W 416 54.13 133.43 30.79
C ASP W 416 55.06 133.20 31.98
N ASN W 417 54.84 133.90 33.11
CA ASN W 417 55.81 133.93 34.21
C ASN W 417 55.75 132.65 35.07
N PHE W 418 54.65 131.90 34.95
CA PHE W 418 54.33 130.73 35.77
C PHE W 418 54.43 130.99 37.28
N ASP W 419 54.02 132.21 37.68
CA ASP W 419 53.54 132.44 39.03
C ASP W 419 52.26 131.66 39.30
N GLU W 420 51.53 131.28 38.23
CA GLU W 420 50.44 130.32 38.36
C GLU W 420 50.93 128.92 38.68
N MET W 421 52.12 128.55 38.21
CA MET W 421 52.70 127.27 38.64
C MET W 421 53.15 127.36 40.10
N ASP W 422 53.70 128.51 40.51
CA ASP W 422 54.04 128.68 41.93
C ASP W 422 52.79 128.67 42.80
N THR W 423 51.69 129.24 42.29
CA THR W 423 50.40 129.16 42.98
C THR W 423 49.92 127.70 43.02
N SER W 424 50.13 126.96 41.93
CA SER W 424 49.77 125.55 41.90
C SER W 424 50.59 124.76 42.91
N ARG W 425 51.87 125.13 43.09
CA ARG W 425 52.69 124.50 44.12
C ARG W 425 52.16 124.76 45.53
N GLU W 426 51.78 126.00 45.84
CA GLU W 426 51.30 126.27 47.20
C GLU W 426 49.94 125.63 47.43
N ILE W 427 49.13 125.45 46.38
CA ILE W 427 47.88 124.69 46.45
C ILE W 427 48.17 123.21 46.73
N VAL W 428 49.23 122.61 46.16
CA VAL W 428 49.53 121.22 46.48
C VAL W 428 50.24 121.11 47.82
N GLN W 429 50.97 122.14 48.25
CA GLN W 429 51.48 122.13 49.60
C GLN W 429 50.36 122.21 50.63
N GLN W 430 49.23 122.85 50.29
CA GLN W 430 48.00 122.68 51.07
C GLN W 430 47.44 121.26 50.90
N LEU W 431 47.36 120.70 49.68
CA LEU W 431 46.90 119.32 49.48
C LEU W 431 47.69 118.31 50.34
N ILE W 432 49.03 118.41 50.36
CA ILE W 432 49.83 117.46 51.12
C ILE W 432 49.75 117.74 52.61
N ASP W 433 49.85 119.00 53.01
CA ASP W 433 49.70 119.34 54.41
C ASP W 433 48.28 119.09 54.93
N GLU W 434 47.26 118.94 54.07
CA GLU W 434 45.91 118.55 54.46
C GLU W 434 45.83 117.05 54.69
N TYR W 435 46.48 116.23 53.86
CA TYR W 435 46.72 114.82 54.17
C TYR W 435 47.51 114.65 55.47
N HIS W 436 48.56 115.45 55.67
CA HIS W 436 49.45 115.28 56.82
C HIS W 436 48.89 115.99 58.05
N ALA W 437 47.88 116.84 57.89
CA ALA W 437 47.09 117.34 59.01
C ALA W 437 45.91 116.42 59.32
N ALA W 438 45.34 115.72 58.34
CA ALA W 438 44.40 114.63 58.58
C ALA W 438 45.07 113.51 59.39
N THR W 439 46.40 113.40 59.28
CA THR W 439 47.24 112.57 60.13
C THR W 439 47.45 113.13 61.54
N ARG W 440 46.81 114.27 61.91
CA ARG W 440 46.82 114.80 63.27
C ARG W 440 45.40 114.75 63.87
N PRO W 441 45.27 114.54 65.19
CA PRO W 441 43.92 114.43 65.78
C PRO W 441 43.01 115.63 65.55
N ASP W 442 43.55 116.85 65.50
CA ASP W 442 42.75 118.06 65.33
C ASP W 442 42.60 118.38 63.85
N TYR W 443 41.47 117.94 63.28
CA TYR W 443 40.85 118.58 62.13
C TYR W 443 40.05 119.83 62.56
N ILE W 444 40.22 120.27 63.83
CA ILE W 444 39.49 121.39 64.43
C ILE W 444 40.25 122.70 64.12
N SER W 445 41.10 122.66 63.07
CA SER W 445 41.80 123.83 62.53
C SER W 445 42.15 123.49 61.08
N TRP W 446 42.57 124.52 60.31
CA TRP W 446 42.72 124.35 58.87
C TRP W 446 43.80 123.33 58.50
N GLY W 447 43.52 122.59 57.42
CA GLY W 447 44.43 121.66 56.73
C GLY W 447 44.98 122.25 55.42
N ARG X 3 -19.80 118.74 2.90
CA ARG X 3 -19.05 120.03 2.86
C ARG X 3 -17.76 119.87 2.07
N GLU X 4 -17.36 120.91 1.34
CA GLU X 4 -16.22 120.85 0.43
C GLU X 4 -15.26 121.99 0.74
N ILE X 5 -13.97 121.75 0.48
CA ILE X 5 -12.93 122.76 0.68
C ILE X 5 -12.11 122.87 -0.60
N ILE X 6 -11.91 124.11 -1.04
CA ILE X 6 -11.38 124.47 -2.36
C ILE X 6 -9.90 124.82 -2.23
N THR X 7 -9.02 124.08 -2.90
CA THR X 7 -7.58 124.14 -2.61
C THR X 7 -6.84 124.82 -3.76
N LEU X 8 -6.74 126.15 -3.69
CA LEU X 8 -6.30 126.98 -4.79
C LEU X 8 -4.88 127.50 -4.54
N GLN X 9 -4.08 127.51 -5.61
CA GLN X 9 -2.63 127.54 -5.56
C GLN X 9 -2.17 128.82 -6.24
N LEU X 10 -1.00 129.35 -5.88
CA LEU X 10 -0.62 130.70 -6.31
C LEU X 10 0.86 130.82 -6.66
N GLY X 11 1.16 130.89 -7.97
CA GLY X 11 2.52 130.91 -8.47
C GLY X 11 3.20 129.56 -8.32
N GLN X 12 4.48 129.52 -8.68
CA GLN X 12 5.18 128.25 -8.81
C GLN X 12 5.32 127.56 -7.46
N CYS X 13 5.74 128.29 -6.43
CA CYS X 13 6.05 127.67 -5.14
C CYS X 13 4.82 127.00 -4.54
N GLY X 14 3.70 127.73 -4.45
CA GLY X 14 2.51 127.16 -3.86
C GLY X 14 1.96 126.01 -4.69
N ASN X 15 2.09 126.11 -6.02
CA ASN X 15 1.68 125.04 -6.92
C ASN X 15 2.55 123.80 -6.72
N GLN X 16 3.84 124.01 -6.47
CA GLN X 16 4.75 122.89 -6.25
C GLN X 16 4.39 122.11 -5.00
N ILE X 17 4.18 122.82 -3.87
CA ILE X 17 3.82 122.12 -2.65
C ILE X 17 2.38 121.61 -2.73
N GLY X 18 1.51 122.28 -3.48
CA GLY X 18 0.20 121.73 -3.75
C GLY X 18 0.27 120.44 -4.55
N PHE X 19 1.13 120.40 -5.56
CA PHE X 19 1.33 119.20 -6.38
C PHE X 19 1.81 118.04 -5.54
N GLU X 20 2.82 118.27 -4.70
CA GLU X 20 3.30 117.23 -3.81
C GLU X 20 2.23 116.85 -2.77
N PHE X 21 1.44 117.83 -2.32
CA PHE X 21 0.37 117.57 -1.38
C PHE X 21 -0.68 116.64 -2.00
N TRP X 22 -1.11 116.95 -3.23
CA TRP X 22 -2.06 116.07 -3.92
C TRP X 22 -1.45 114.71 -4.24
N LYS X 23 -0.16 114.64 -4.54
CA LYS X 23 0.51 113.34 -4.68
C LYS X 23 0.49 112.57 -3.37
N GLN X 24 0.75 113.25 -2.25
CA GLN X 24 0.71 112.58 -0.94
C GLN X 24 -0.70 112.13 -0.58
N LEU X 25 -1.71 112.96 -0.85
CA LEU X 25 -3.09 112.55 -0.54
C LEU X 25 -3.53 111.43 -1.47
N CYS X 26 -3.11 111.50 -2.73
CA CYS X 26 -3.44 110.48 -3.72
C CYS X 26 -2.90 109.11 -3.31
N ALA X 27 -1.71 109.08 -2.71
CA ALA X 27 -1.18 107.84 -2.17
C ALA X 27 -1.86 107.48 -0.85
N GLU X 28 -2.14 108.49 -0.01
CA GLU X 28 -2.65 108.26 1.33
C GLU X 28 -4.05 107.67 1.35
N HIS X 29 -4.84 107.88 0.28
CA HIS X 29 -6.06 107.14 -0.03
C HIS X 29 -5.80 106.21 -1.21
N GLY X 30 -6.74 105.31 -1.46
CA GLY X 30 -6.52 104.27 -2.47
C GLY X 30 -6.72 104.73 -3.92
N ILE X 31 -6.01 105.76 -4.36
CA ILE X 31 -6.31 106.47 -5.61
C ILE X 31 -5.10 106.41 -6.55
N SER X 32 -5.33 105.97 -7.80
CA SER X 32 -4.24 105.90 -8.78
C SER X 32 -3.89 107.29 -9.31
N PRO X 33 -2.73 107.45 -9.98
CA PRO X 33 -2.48 108.69 -10.76
C PRO X 33 -3.51 109.12 -11.78
N GLU X 34 -4.39 108.25 -12.23
CA GLU X 34 -5.52 108.54 -13.12
C GLU X 34 -6.82 108.85 -12.36
N GLY X 35 -6.79 108.94 -11.03
CA GLY X 35 -7.95 109.25 -10.19
C GLY X 35 -8.91 108.08 -9.91
N ILE X 36 -8.87 107.00 -10.71
CA ILE X 36 -9.64 105.78 -10.45
C ILE X 36 -9.18 105.11 -9.14
N VAL X 37 -10.14 104.61 -8.35
CA VAL X 37 -9.84 103.83 -7.13
C VAL X 37 -9.14 102.50 -7.44
N GLU X 38 -8.40 101.97 -6.48
CA GLU X 38 -7.83 100.63 -6.57
C GLU X 38 -7.89 99.95 -5.20
N GLU X 39 -7.90 98.62 -5.22
CA GLU X 39 -7.79 97.74 -4.05
C GLU X 39 -9.00 97.83 -3.13
N PHE X 40 -10.07 98.52 -3.54
CA PHE X 40 -11.16 99.05 -2.74
C PHE X 40 -10.71 99.95 -1.59
N ALA X 41 -9.44 100.39 -1.59
CA ALA X 41 -8.83 101.06 -0.45
C ALA X 41 -9.38 102.49 -0.34
N THR X 45 -15.13 104.02 5.29
CA THR X 45 -13.91 103.88 6.09
C THR X 45 -13.05 105.14 6.13
N ASP X 46 -13.11 105.97 5.09
CA ASP X 46 -12.24 107.14 4.91
C ASP X 46 -12.91 108.11 3.96
N ARG X 47 -12.62 109.41 4.11
CA ARG X 47 -13.45 110.49 3.58
C ARG X 47 -12.80 111.28 2.44
N LYS X 48 -13.01 110.83 1.19
CA LYS X 48 -12.58 111.58 0.00
C LYS X 48 -13.36 112.89 -0.18
N ASP X 49 -14.63 112.93 0.21
CA ASP X 49 -15.60 113.92 -0.33
C ASP X 49 -15.24 115.39 -0.09
N VAL X 50 -14.51 115.75 0.99
CA VAL X 50 -14.17 117.15 1.22
C VAL X 50 -13.14 117.63 0.20
N PHE X 51 -12.24 116.74 -0.20
CA PHE X 51 -11.03 117.05 -0.95
C PHE X 51 -11.15 116.67 -2.43
N PHE X 52 -11.80 115.55 -2.75
CA PHE X 52 -11.99 115.08 -4.12
C PHE X 52 -13.46 115.21 -4.58
N TYR X 53 -13.65 115.70 -5.81
CA TYR X 53 -14.90 115.50 -6.56
C TYR X 53 -14.96 114.04 -7.06
N GLN X 54 -16.16 113.48 -7.17
CA GLN X 54 -16.39 112.08 -7.56
C GLN X 54 -17.06 112.02 -8.94
N ALA X 55 -16.37 111.46 -9.94
CA ALA X 55 -16.95 111.18 -11.26
C ALA X 55 -17.64 109.80 -11.30
N ASP X 56 -18.60 109.63 -12.21
CA ASP X 56 -19.43 108.41 -12.27
C ASP X 56 -18.67 107.14 -12.72
N ASP X 57 -17.50 107.31 -13.33
CA ASP X 57 -16.56 106.22 -13.65
C ASP X 57 -15.77 105.68 -12.42
N GLU X 58 -16.03 106.20 -11.21
CA GLU X 58 -15.24 106.01 -9.97
C GLU X 58 -13.86 106.70 -9.99
N HIS X 59 -13.64 107.64 -10.92
CA HIS X 59 -12.50 108.56 -10.90
C HIS X 59 -12.74 109.69 -9.90
N TYR X 60 -12.04 109.66 -8.77
CA TYR X 60 -11.92 110.83 -7.89
C TYR X 60 -10.94 111.84 -8.51
N ILE X 61 -11.29 113.14 -8.48
CA ILE X 61 -10.46 114.23 -9.02
C ILE X 61 -10.31 115.38 -8.01
N PRO X 62 -9.15 116.05 -7.92
CA PRO X 62 -8.66 116.68 -6.70
C PRO X 62 -9.21 118.10 -6.39
N ARG X 63 -10.31 118.55 -7.03
CA ARG X 63 -10.84 119.92 -6.88
C ARG X 63 -9.77 121.03 -7.06
N ALA X 64 -8.75 120.77 -7.88
CA ALA X 64 -7.59 121.65 -8.05
C ALA X 64 -7.96 123.01 -8.69
N VAL X 65 -7.07 124.01 -8.52
CA VAL X 65 -7.13 125.29 -9.24
C VAL X 65 -5.71 125.88 -9.26
N LEU X 66 -5.14 126.18 -10.44
CA LEU X 66 -3.69 126.35 -10.54
C LEU X 66 -3.18 127.79 -10.75
N LEU X 67 -3.97 128.71 -11.30
CA LEU X 67 -3.64 130.16 -11.37
C LEU X 67 -2.16 130.50 -11.63
N ASP X 68 -1.56 129.87 -12.63
CA ASP X 68 -0.11 129.67 -12.72
C ASP X 68 0.65 130.78 -13.48
N LEU X 69 0.27 132.06 -13.30
CA LEU X 69 0.71 133.18 -14.14
C LEU X 69 2.21 133.19 -14.44
N GLU X 70 2.55 133.39 -15.75
CA GLU X 70 3.90 133.47 -16.34
C GLU X 70 4.67 132.18 -16.03
N PRO X 71 4.26 131.07 -16.62
CA PRO X 71 4.56 129.75 -16.06
C PRO X 71 5.98 129.25 -16.34
N ARG X 72 6.36 128.24 -15.54
CA ARG X 72 7.55 127.42 -15.73
C ARG X 72 7.28 125.97 -15.32
N VAL X 73 6.53 125.77 -14.23
CA VAL X 73 6.39 124.45 -13.61
C VAL X 73 5.34 123.59 -14.30
N ILE X 74 4.43 124.19 -15.09
CA ILE X 74 3.24 123.48 -15.52
C ILE X 74 3.59 122.38 -16.52
N HIS X 75 4.67 122.51 -17.29
CA HIS X 75 5.08 121.43 -18.16
C HIS X 75 5.47 120.18 -17.38
N SER X 76 6.02 120.34 -16.19
CA SER X 76 6.37 119.16 -15.40
C SER X 76 5.13 118.53 -14.79
N ILE X 77 4.17 119.35 -14.37
CA ILE X 77 2.97 118.83 -13.77
C ILE X 77 2.16 118.09 -14.82
N LEU X 78 2.14 118.61 -16.04
CA LEU X 78 1.45 117.96 -17.14
C LEU X 78 2.17 116.72 -17.66
N ASN X 79 3.50 116.63 -17.53
CA ASN X 79 4.16 115.41 -17.95
C ASN X 79 4.13 114.31 -16.88
N SER X 80 3.81 114.65 -15.63
CA SER X 80 3.75 113.65 -14.57
C SER X 80 2.56 112.70 -14.80
N PRO X 81 2.63 111.46 -14.31
CA PRO X 81 1.42 110.61 -14.28
C PRO X 81 0.21 111.24 -13.65
N TYR X 82 0.41 112.12 -12.68
CA TYR X 82 -0.64 112.79 -11.94
C TYR X 82 -1.26 113.95 -12.69
N ALA X 83 -0.84 114.20 -13.94
CA ALA X 83 -1.59 115.08 -14.83
C ALA X 83 -3.04 114.63 -15.01
N LYS X 84 -3.31 113.32 -15.05
CA LYS X 84 -4.67 112.84 -15.24
C LYS X 84 -5.33 112.46 -13.92
N LEU X 85 -4.73 112.86 -12.81
CA LEU X 85 -5.51 113.06 -11.60
C LEU X 85 -6.13 114.45 -11.71
N TYR X 86 -5.31 115.41 -12.12
CA TYR X 86 -5.66 116.80 -12.34
C TYR X 86 -6.50 117.07 -13.60
N ASN X 87 -7.48 116.19 -13.88
CA ASN X 87 -8.44 116.26 -14.98
C ASN X 87 -9.35 117.50 -15.07
N PRO X 88 -9.59 118.32 -14.02
CA PRO X 88 -10.29 119.59 -14.20
C PRO X 88 -9.64 120.50 -15.25
N GLU X 89 -8.30 120.47 -15.38
CA GLU X 89 -7.52 121.32 -16.28
C GLU X 89 -7.87 122.81 -16.16
N ASN X 90 -7.50 123.38 -15.00
CA ASN X 90 -7.86 124.74 -14.61
C ASN X 90 -6.69 125.74 -14.72
N ILE X 91 -5.62 125.38 -15.45
CA ILE X 91 -4.48 126.24 -15.76
C ILE X 91 -4.86 127.58 -16.45
N TYR X 92 -4.09 128.65 -16.20
CA TYR X 92 -4.21 129.84 -17.04
C TYR X 92 -2.92 130.67 -17.07
N LEU X 93 -2.56 131.16 -18.26
CA LEU X 93 -1.43 132.08 -18.46
C LEU X 93 -1.87 133.55 -18.52
N GLY X 101 5.12 139.19 -13.95
CA GLY X 101 6.35 139.58 -13.29
C GLY X 101 6.43 139.15 -11.83
N ASN X 102 7.65 139.09 -11.29
CA ASN X 102 7.90 138.64 -9.92
C ASN X 102 7.83 139.78 -8.90
N ASN X 103 7.53 141.01 -9.32
CA ASN X 103 7.57 142.22 -8.50
C ASN X 103 6.13 142.67 -8.19
N TRP X 104 5.85 142.93 -6.90
CA TRP X 104 4.47 142.84 -6.38
C TRP X 104 3.43 143.62 -7.18
N ALA X 105 3.72 144.86 -7.60
CA ALA X 105 2.69 145.64 -8.30
C ALA X 105 2.44 145.16 -9.72
N SER X 106 3.45 144.58 -10.38
CA SER X 106 3.21 143.90 -11.65
C SER X 106 2.32 142.68 -11.46
N GLY X 107 2.56 141.89 -10.42
CA GLY X 107 1.69 140.76 -10.13
C GLY X 107 0.29 141.17 -9.70
N PHE X 108 0.15 142.29 -8.98
CA PHE X 108 -1.16 142.69 -8.47
C PHE X 108 -2.07 143.16 -9.60
N SER X 109 -1.54 143.98 -10.52
CA SER X 109 -2.32 144.46 -11.65
C SER X 109 -2.58 143.41 -12.73
N GLN X 110 -1.65 142.46 -12.96
CA GLN X 110 -1.97 141.30 -13.78
C GLN X 110 -3.05 140.43 -13.13
N GLY X 111 -2.99 140.22 -11.82
CA GLY X 111 -4.02 139.45 -11.15
C GLY X 111 -5.37 140.15 -11.12
N GLU X 112 -5.36 141.49 -11.20
CA GLU X 112 -6.62 142.23 -11.34
C GLU X 112 -7.22 142.01 -12.73
N LYS X 113 -6.46 142.30 -13.78
CA LYS X 113 -7.03 142.39 -15.13
C LYS X 113 -7.50 141.02 -15.61
N ILE X 114 -6.89 139.93 -15.13
CA ILE X 114 -7.27 138.57 -15.49
C ILE X 114 -8.45 138.05 -14.70
N HIS X 115 -8.96 138.81 -13.71
CA HIS X 115 -9.79 138.23 -12.66
C HIS X 115 -11.05 137.54 -13.18
N GLU X 116 -11.69 138.05 -14.24
CA GLU X 116 -12.90 137.36 -14.72
C GLU X 116 -12.59 135.96 -15.24
N ASP X 117 -11.44 135.79 -15.89
CA ASP X 117 -11.07 134.47 -16.40
C ASP X 117 -10.71 133.48 -15.31
N ILE X 118 -10.65 133.92 -14.05
CA ILE X 118 -10.30 133.03 -12.96
C ILE X 118 -11.38 133.01 -11.88
N PHE X 119 -12.12 134.10 -11.70
CA PHE X 119 -13.37 133.95 -10.96
C PHE X 119 -14.42 133.16 -11.73
N ASP X 120 -14.30 133.13 -13.06
CA ASP X 120 -14.91 132.10 -13.89
C ASP X 120 -14.72 130.71 -13.27
N ILE X 121 -13.46 130.28 -13.10
CA ILE X 121 -13.22 128.91 -12.64
C ILE X 121 -13.63 128.75 -11.17
N ILE X 122 -13.30 129.73 -10.32
CA ILE X 122 -13.69 129.64 -8.92
C ILE X 122 -15.22 129.54 -8.78
N ASP X 123 -15.96 130.38 -9.51
CA ASP X 123 -17.42 130.26 -9.45
C ASP X 123 -17.92 128.97 -10.09
N ARG X 124 -17.24 128.46 -11.12
CA ARG X 124 -17.64 127.17 -11.69
C ARG X 124 -17.51 126.05 -10.67
N GLU X 125 -16.37 125.99 -9.99
CA GLU X 125 -16.17 124.93 -9.00
C GLU X 125 -17.02 125.18 -7.75
N ALA X 126 -17.28 126.46 -7.42
CA ALA X 126 -18.19 126.77 -6.32
C ALA X 126 -19.65 126.47 -6.63
N ASP X 127 -20.06 126.49 -7.91
CA ASP X 127 -21.38 126.00 -8.26
C ASP X 127 -21.43 124.48 -8.34
N GLY X 128 -20.32 123.84 -8.68
CA GLY X 128 -20.15 122.39 -8.61
C GLY X 128 -20.12 121.84 -7.18
N SER X 129 -20.24 122.70 -6.17
CA SER X 129 -20.31 122.31 -4.77
C SER X 129 -21.63 121.64 -4.43
N ASP X 130 -21.70 121.15 -3.19
CA ASP X 130 -22.94 120.77 -2.55
C ASP X 130 -23.17 121.59 -1.28
N SER X 131 -22.14 121.74 -0.42
CA SER X 131 -22.13 122.78 0.61
C SER X 131 -20.69 123.27 0.81
N LEU X 132 -20.33 124.33 0.10
CA LEU X 132 -18.98 124.90 0.19
C LEU X 132 -18.70 125.42 1.59
N GLU X 133 -17.56 124.98 2.17
CA GLU X 133 -17.09 125.47 3.46
C GLU X 133 -16.10 126.62 3.30
N GLY X 134 -15.13 126.52 2.39
CA GLY X 134 -14.11 127.56 2.31
C GLY X 134 -12.93 127.18 1.45
N PHE X 135 -11.92 128.05 1.52
CA PHE X 135 -10.75 128.06 0.65
C PHE X 135 -9.48 127.70 1.41
N VAL X 136 -8.62 126.91 0.76
CA VAL X 136 -7.33 126.48 1.29
C VAL X 136 -6.28 127.03 0.33
N LEU X 137 -5.76 128.24 0.60
CA LEU X 137 -4.74 128.84 -0.26
C LEU X 137 -3.38 128.20 -0.02
N CYS X 138 -2.61 127.99 -1.10
CA CYS X 138 -1.22 127.54 -1.02
C CYS X 138 -0.33 128.60 -1.64
N HIS X 139 0.51 129.25 -0.84
CA HIS X 139 0.92 130.60 -1.18
C HIS X 139 2.38 130.85 -0.79
N SER X 140 3.08 131.66 -1.62
CA SER X 140 4.44 132.13 -1.37
C SER X 140 4.44 133.62 -1.00
N ILE X 141 4.69 133.93 0.27
CA ILE X 141 4.77 135.32 0.71
C ILE X 141 6.02 135.96 0.12
N ALA X 142 5.86 137.17 -0.40
CA ALA X 142 6.84 137.84 -1.26
C ALA X 142 7.22 137.08 -2.53
N GLY X 143 6.58 135.94 -2.82
CA GLY X 143 7.02 135.08 -3.92
C GLY X 143 6.39 135.42 -5.27
N GLY X 144 7.23 135.84 -6.23
CA GLY X 144 6.88 135.99 -7.62
C GLY X 144 5.50 136.54 -7.92
N THR X 145 4.64 135.72 -8.51
CA THR X 145 3.28 136.15 -8.85
C THR X 145 2.32 135.94 -7.70
N GLY X 146 2.70 135.12 -6.71
CA GLY X 146 1.92 135.04 -5.49
C GLY X 146 1.85 136.39 -4.78
N SER X 147 3.02 137.02 -4.59
CA SER X 147 3.05 138.46 -4.37
C SER X 147 2.40 139.18 -5.53
N GLY X 148 1.35 139.95 -5.22
CA GLY X 148 0.53 140.56 -6.24
C GLY X 148 -0.75 139.79 -6.51
N LEU X 149 -0.70 138.74 -7.32
CA LEU X 149 -1.94 138.09 -7.73
C LEU X 149 -2.66 137.49 -6.53
N GLY X 150 -1.92 136.77 -5.68
CA GLY X 150 -2.54 136.19 -4.49
C GLY X 150 -3.13 137.23 -3.55
N SER X 151 -2.45 138.38 -3.40
CA SER X 151 -3.05 139.48 -2.66
C SER X 151 -4.27 140.06 -3.37
N TYR X 152 -4.29 140.11 -4.70
CA TYR X 152 -5.52 140.55 -5.37
C TYR X 152 -6.65 139.55 -5.19
N LEU X 153 -6.36 138.26 -5.34
CA LEU X 153 -7.37 137.22 -5.14
C LEU X 153 -8.00 137.31 -3.76
N LEU X 154 -7.16 137.48 -2.73
CA LEU X 154 -7.64 137.65 -1.37
C LEU X 154 -8.43 138.94 -1.18
N GLU X 155 -8.27 139.93 -2.05
CA GLU X 155 -9.08 141.15 -2.05
C GLU X 155 -10.38 141.03 -2.85
N ARG X 156 -10.68 139.87 -3.44
CA ARG X 156 -11.95 139.59 -4.10
C ARG X 156 -12.72 138.42 -3.49
N LEU X 157 -12.02 137.41 -2.94
CA LEU X 157 -12.72 136.33 -2.24
C LEU X 157 -13.57 136.83 -1.09
N ASN X 158 -13.13 137.89 -0.39
CA ASN X 158 -13.93 138.51 0.65
C ASN X 158 -15.13 139.29 0.12
N ASP X 159 -15.12 139.72 -1.15
CA ASP X 159 -16.31 140.33 -1.75
C ASP X 159 -17.29 139.27 -2.25
N ARG X 160 -16.78 138.25 -2.95
CA ARG X 160 -17.61 137.24 -3.58
C ARG X 160 -18.11 136.18 -2.58
N TYR X 161 -17.32 135.86 -1.54
CA TYR X 161 -17.63 134.79 -0.60
C TYR X 161 -17.36 135.18 0.86
N PRO X 162 -17.89 136.31 1.34
CA PRO X 162 -17.64 136.72 2.73
C PRO X 162 -18.16 135.73 3.77
N LYS X 163 -19.21 134.98 3.44
CA LYS X 163 -19.79 133.96 4.30
C LYS X 163 -19.00 132.65 4.38
N LYS X 164 -17.83 132.56 3.72
CA LYS X 164 -17.01 131.35 3.65
C LYS X 164 -15.63 131.60 4.26
N LEU X 165 -15.04 130.55 4.88
CA LEU X 165 -13.72 130.66 5.48
C LEU X 165 -12.61 130.70 4.43
N VAL X 166 -11.53 131.44 4.74
CA VAL X 166 -10.41 131.64 3.83
C VAL X 166 -9.07 131.38 4.54
N GLN X 167 -8.66 130.11 4.59
CA GLN X 167 -7.42 129.68 5.23
C GLN X 167 -6.27 129.85 4.22
N THR X 168 -5.07 130.21 4.72
CA THR X 168 -3.84 130.17 3.92
C THR X 168 -2.78 129.29 4.56
N TYR X 169 -2.31 128.28 3.83
CA TYR X 169 -1.02 127.64 4.11
C TYR X 169 0.03 128.45 3.35
N SER X 170 0.75 129.34 4.06
CA SER X 170 1.70 130.26 3.45
C SER X 170 3.11 129.95 3.90
N VAL X 171 4.02 129.70 2.96
CA VAL X 171 5.43 129.70 3.32
C VAL X 171 5.85 131.15 3.53
N PHE X 172 6.80 131.37 4.46
CA PHE X 172 7.29 132.73 4.74
C PHE X 172 8.74 132.88 4.33
N PRO X 173 9.08 133.96 3.60
CA PRO X 173 10.41 134.07 3.00
C PRO X 173 11.48 134.32 4.05
N ASN X 174 12.30 133.30 4.28
CA ASN X 174 13.47 133.42 5.14
C ASN X 174 14.67 132.81 4.42
N GLN X 175 15.74 133.61 4.32
CA GLN X 175 17.00 133.22 3.72
C GLN X 175 18.18 133.72 4.58
N ASP X 176 17.89 134.04 5.85
CA ASP X 176 18.69 134.93 6.69
C ASP X 176 18.82 136.34 6.11
N GLU X 177 18.15 136.60 4.98
CA GLU X 177 17.96 137.97 4.46
C GLU X 177 19.25 138.78 4.31
N ASP X 180 16.81 140.42 -7.72
CA ASP X 180 17.06 139.49 -6.62
C ASP X 180 15.80 139.26 -5.79
N VAL X 181 15.93 138.38 -4.79
CA VAL X 181 14.80 138.06 -3.91
C VAL X 181 14.51 139.23 -2.97
N VAL X 182 15.57 139.91 -2.51
CA VAL X 182 15.61 140.65 -1.26
C VAL X 182 14.82 141.96 -1.22
N VAL X 183 14.16 142.34 -2.33
CA VAL X 183 13.04 143.28 -2.23
C VAL X 183 11.87 142.80 -1.38
N GLN X 184 11.84 141.49 -1.11
CA GLN X 184 10.76 140.85 -0.30
C GLN X 184 10.24 141.73 0.84
N PRO X 185 11.02 142.27 1.81
CA PRO X 185 10.44 143.06 2.89
C PRO X 185 9.27 143.88 2.33
N TYR X 186 9.48 144.48 1.17
CA TYR X 186 8.41 145.23 0.49
C TYR X 186 7.26 144.28 0.15
N ASN X 187 7.55 143.27 -0.67
CA ASN X 187 6.53 142.37 -1.19
C ASN X 187 5.84 141.58 -0.08
N SER X 188 6.59 141.18 0.96
CA SER X 188 5.96 140.48 2.08
C SER X 188 5.03 141.39 2.89
N LEU X 189 5.52 142.56 3.33
CA LEU X 189 4.66 143.40 4.16
C LEU X 189 3.43 143.89 3.40
N LEU X 190 3.54 144.07 2.07
CA LEU X 190 2.36 144.30 1.26
C LEU X 190 1.36 143.13 1.34
N THR X 191 1.84 141.90 1.18
CA THR X 191 0.95 140.76 1.41
C THR X 191 0.44 140.69 2.86
N LEU X 192 1.16 141.25 3.84
CA LEU X 192 0.66 141.19 5.20
C LEU X 192 -0.58 142.07 5.46
N LYS X 193 -0.72 143.26 4.84
CA LYS X 193 -2.00 143.94 5.04
C LYS X 193 -3.16 143.12 4.47
N ARG X 194 -2.95 142.39 3.37
CA ARG X 194 -3.97 141.49 2.84
C ARG X 194 -4.19 140.29 3.77
N LEU X 195 -3.11 139.58 4.12
CA LEU X 195 -3.25 138.42 4.99
C LEU X 195 -3.95 138.78 6.31
N THR X 196 -3.47 139.81 7.00
CA THR X 196 -4.04 140.16 8.30
C THR X 196 -5.52 140.53 8.21
N GLN X 197 -5.90 141.37 7.25
CA GLN X 197 -7.27 141.87 7.22
C GLN X 197 -8.25 140.87 6.60
N ASN X 198 -7.84 140.09 5.59
CA ASN X 198 -8.79 139.29 4.81
C ASN X 198 -8.72 137.78 5.02
N ALA X 199 -7.58 137.20 5.40
CA ALA X 199 -7.56 135.77 5.71
C ALA X 199 -8.15 135.49 7.09
N ASP X 200 -8.77 134.31 7.22
CA ASP X 200 -9.38 133.88 8.48
C ASP X 200 -8.48 132.93 9.27
N CYS X 201 -7.46 132.34 8.64
CA CYS X 201 -6.39 131.64 9.34
C CYS X 201 -5.16 131.71 8.44
N VAL X 202 -3.96 131.82 9.05
CA VAL X 202 -2.69 131.82 8.32
C VAL X 202 -1.71 130.86 9.00
N VAL X 203 -1.67 129.61 8.55
CA VAL X 203 -0.63 128.66 9.00
C VAL X 203 0.65 129.03 8.23
N VAL X 204 1.68 129.44 8.96
CA VAL X 204 2.83 130.13 8.36
C VAL X 204 4.08 129.28 8.54
N LEU X 205 4.80 129.05 7.44
CA LEU X 205 5.89 128.08 7.33
C LEU X 205 7.20 128.76 6.92
N ASP X 206 8.09 129.00 7.89
CA ASP X 206 9.38 129.65 7.66
C ASP X 206 10.36 128.71 6.95
N ASN X 207 10.91 129.17 5.82
CA ASN X 207 11.80 128.32 5.02
C ASN X 207 12.99 127.80 5.82
N THR X 208 13.63 128.67 6.62
CA THR X 208 14.81 128.24 7.36
C THR X 208 14.44 127.30 8.49
N ALA X 209 13.34 127.56 9.17
CA ALA X 209 12.92 126.69 10.27
C ALA X 209 12.68 125.27 9.77
N LEU X 210 12.10 125.11 8.57
CA LEU X 210 12.00 123.79 7.95
C LEU X 210 13.36 123.28 7.46
N ASN X 211 14.12 124.11 6.74
CA ASN X 211 15.38 123.65 6.16
C ASN X 211 16.37 123.20 7.22
N ARG X 212 16.37 123.85 8.39
CA ARG X 212 17.17 123.40 9.52
C ARG X 212 16.87 121.95 9.94
N ILE X 213 15.61 121.49 9.81
CA ILE X 213 15.31 120.09 10.10
C ILE X 213 16.12 119.16 9.19
N ALA X 214 16.22 119.50 7.90
CA ALA X 214 17.00 118.67 6.97
C ALA X 214 18.48 118.61 7.36
N THR X 215 19.04 119.72 7.87
CA THR X 215 20.39 119.67 8.45
C THR X 215 20.40 118.89 9.76
N ASP X 216 19.34 119.02 10.57
CA ASP X 216 19.26 118.38 11.89
C ASP X 216 19.14 116.86 11.83
N ARG X 217 18.59 116.29 10.74
CA ARG X 217 18.69 114.85 10.52
C ARG X 217 20.12 114.41 10.28
N LEU X 218 21.05 115.36 10.11
CA LEU X 218 22.44 115.17 9.65
C LEU X 218 22.51 114.63 8.22
N HIS X 219 21.44 114.78 7.45
CA HIS X 219 21.36 114.29 6.07
C HIS X 219 21.74 115.36 5.04
N ILE X 220 21.20 116.57 5.16
CA ILE X 220 20.97 117.45 4.00
C ILE X 220 21.36 118.90 4.31
N GLN X 221 21.98 119.56 3.33
CA GLN X 221 22.37 120.99 3.50
C GLN X 221 22.65 121.60 2.11
N ASN X 222 22.36 120.87 1.04
CA ASN X 222 22.70 121.37 -0.33
C ASN X 222 21.46 121.39 -1.24
N PRO X 223 20.86 120.24 -1.67
CA PRO X 223 19.74 120.30 -2.59
C PRO X 223 18.60 121.01 -1.88
N SER X 224 18.13 120.44 -0.77
CA SER X 224 17.09 121.09 0.06
C SER X 224 15.93 121.67 -0.77
N PHE X 225 15.34 120.88 -1.68
CA PHE X 225 14.12 121.37 -2.36
C PHE X 225 13.05 120.29 -2.25
N SER X 226 13.32 119.14 -2.87
CA SER X 226 12.37 118.02 -2.79
C SER X 226 12.24 117.46 -1.37
N GLN X 227 13.35 117.37 -0.63
CA GLN X 227 13.25 116.87 0.74
C GLN X 227 12.62 117.87 1.72
N ILE X 228 12.89 119.17 1.63
CA ILE X 228 12.05 120.10 2.39
C ILE X 228 10.60 120.01 1.96
N ASN X 229 10.33 119.83 0.67
CA ASN X 229 8.95 119.62 0.25
C ASN X 229 8.32 118.38 0.88
N GLN X 230 9.09 117.31 1.12
CA GLN X 230 8.52 116.18 1.86
C GLN X 230 8.10 116.59 3.28
N LEU X 231 8.90 117.41 3.95
CA LEU X 231 8.49 117.92 5.26
C LEU X 231 7.21 118.72 5.14
N VAL X 232 7.17 119.69 4.22
CA VAL X 232 6.02 120.57 4.09
C VAL X 232 4.78 119.75 3.74
N SER X 233 4.93 118.82 2.80
CA SER X 233 3.79 118.07 2.30
C SER X 233 3.27 117.07 3.34
N THR X 234 4.16 116.46 4.12
CA THR X 234 3.66 115.66 5.24
C THR X 234 2.97 116.53 6.29
N ILE X 235 3.45 117.75 6.53
CA ILE X 235 2.75 118.64 7.46
C ILE X 235 1.35 118.98 6.94
N MET X 236 1.23 119.37 5.67
CA MET X 236 -0.10 119.63 5.13
C MET X 236 -0.98 118.40 5.11
N SER X 237 -0.39 117.23 4.87
CA SER X 237 -1.18 116.00 4.92
C SER X 237 -1.69 115.77 6.34
N ALA X 238 -0.79 115.89 7.32
CA ALA X 238 -1.14 115.58 8.70
C ALA X 238 -2.14 116.59 9.25
N SER X 239 -2.06 117.83 8.77
CA SER X 239 -2.92 118.92 9.23
C SER X 239 -4.42 118.65 9.06
N THR X 240 -4.83 117.71 8.21
CA THR X 240 -6.24 117.56 7.83
C THR X 240 -6.82 116.23 8.28
N THR X 241 -6.07 115.45 9.07
CA THR X 241 -6.43 114.07 9.37
C THR X 241 -7.78 113.97 10.08
N THR X 242 -8.10 114.94 10.93
CA THR X 242 -9.35 114.94 11.70
C THR X 242 -10.58 115.03 10.80
N LEU X 243 -10.44 115.61 9.59
CA LEU X 243 -11.49 115.56 8.58
C LEU X 243 -11.47 114.24 7.83
N ARG X 244 -10.32 113.91 7.22
CA ARG X 244 -10.26 112.84 6.24
C ARG X 244 -10.42 111.47 6.89
N TYR X 245 -10.11 111.35 8.17
CA TYR X 245 -10.39 110.17 8.97
C TYR X 245 -11.29 110.61 10.11
N PRO X 246 -12.63 110.67 9.90
CA PRO X 246 -13.53 111.19 10.91
C PRO X 246 -13.12 110.94 12.36
N GLY X 247 -12.57 111.94 13.04
CA GLY X 247 -12.29 111.85 14.46
C GLY X 247 -13.58 111.74 15.30
N TYR X 248 -13.43 111.42 16.59
CA TYR X 248 -14.55 111.52 17.52
C TYR X 248 -15.14 112.94 17.49
N MET X 249 -14.30 113.96 17.29
CA MET X 249 -14.76 115.37 17.29
C MET X 249 -13.96 116.18 16.26
N ASN X 250 -14.39 117.40 15.90
CA ASN X 250 -13.67 118.30 15.00
C ASN X 250 -13.60 117.76 13.57
N ASN X 251 -14.77 117.45 12.98
CA ASN X 251 -14.90 116.87 11.66
C ASN X 251 -15.08 117.92 10.56
N ASP X 252 -14.72 119.18 10.80
CA ASP X 252 -15.01 120.26 9.87
C ASP X 252 -14.01 121.39 10.06
N LEU X 253 -14.06 122.40 9.17
CA LEU X 253 -13.06 123.47 9.23
C LEU X 253 -13.32 124.38 10.42
N ILE X 254 -14.57 124.83 10.61
CA ILE X 254 -14.81 125.98 11.47
C ILE X 254 -14.57 125.63 12.93
N GLY X 255 -14.92 124.39 13.33
CA GLY X 255 -14.65 123.97 14.70
C GLY X 255 -13.17 123.93 15.00
N LEU X 256 -12.34 123.63 14.01
CA LEU X 256 -10.90 123.70 14.16
C LEU X 256 -10.44 125.16 14.34
N ILE X 257 -10.81 126.04 13.40
CA ILE X 257 -10.26 127.40 13.39
C ILE X 257 -10.78 128.23 14.56
N ALA X 258 -12.04 128.07 14.95
CA ALA X 258 -12.57 128.85 16.07
C ALA X 258 -11.88 128.54 17.40
N SER X 259 -11.37 127.31 17.56
CA SER X 259 -10.66 126.88 18.78
C SER X 259 -9.30 127.57 18.93
N LEU X 260 -8.65 127.93 17.81
CA LEU X 260 -7.31 128.51 17.80
C LEU X 260 -7.27 130.03 17.68
N ILE X 261 -8.30 130.66 17.11
CA ILE X 261 -8.33 132.11 16.90
C ILE X 261 -9.30 132.76 17.88
N PRO X 262 -8.85 133.17 19.09
CA PRO X 262 -9.74 133.60 20.17
C PRO X 262 -10.32 135.01 19.98
N THR X 263 -9.68 135.82 19.14
CA THR X 263 -10.00 137.23 18.93
C THR X 263 -9.37 137.56 17.57
N PRO X 264 -10.09 138.24 16.67
CA PRO X 264 -9.84 138.05 15.23
C PRO X 264 -8.47 138.54 14.73
N ARG X 265 -7.75 139.36 15.49
CA ARG X 265 -6.42 139.80 15.07
C ARG X 265 -5.37 138.69 15.21
N LEU X 266 -5.47 137.89 16.27
CA LEU X 266 -4.46 136.90 16.66
C LEU X 266 -4.63 135.58 15.89
N HIS X 267 -4.35 135.61 14.58
CA HIS X 267 -4.76 134.52 13.68
C HIS X 267 -3.65 133.84 12.85
N PHE X 268 -2.36 134.15 13.05
CA PHE X 268 -1.28 133.34 12.47
C PHE X 268 -0.98 132.13 13.37
N LEU X 269 -0.50 131.02 12.76
CA LEU X 269 -0.29 129.76 13.47
C LEU X 269 1.05 129.10 13.11
N MET X 270 1.58 128.28 14.04
CA MET X 270 2.87 127.61 13.85
C MET X 270 2.73 126.11 14.12
N THR X 271 3.66 125.35 13.55
CA THR X 271 3.52 123.91 13.30
C THR X 271 4.64 123.10 13.95
N GLY X 272 4.29 121.98 14.60
CA GLY X 272 5.28 121.05 15.12
C GLY X 272 4.94 119.62 14.73
N TYR X 273 5.92 118.83 14.23
CA TYR X 273 5.70 117.44 13.87
C TYR X 273 6.75 116.54 14.51
N THR X 274 6.34 115.37 15.07
CA THR X 274 7.29 114.60 15.89
C THR X 274 8.30 113.79 15.05
N PRO X 275 7.94 112.64 14.37
CA PRO X 275 9.02 111.80 13.78
C PRO X 275 9.53 112.30 12.42
N LEU X 276 10.07 113.52 12.39
CA LEU X 276 10.72 114.07 11.22
C LEU X 276 11.90 113.23 10.71
N THR X 277 12.43 112.30 11.52
CA THR X 277 13.52 111.40 11.16
C THR X 277 13.04 109.96 10.92
N THR X 278 11.73 109.74 10.73
CA THR X 278 11.17 108.38 10.70
C THR X 278 11.84 107.45 9.68
N ASP X 279 12.21 107.96 8.49
CA ASP X 279 13.06 107.17 7.58
C ASP X 279 14.52 107.13 8.01
N LYS X 287 8.98 100.89 23.66
CA LYS X 287 8.50 102.00 22.86
C LYS X 287 8.06 103.17 23.76
N THR X 288 8.17 104.41 23.26
CA THR X 288 7.61 105.59 23.93
C THR X 288 6.09 105.56 23.93
N THR X 289 5.47 105.63 25.11
CA THR X 289 4.13 106.22 25.21
C THR X 289 4.17 107.69 24.80
N VAL X 290 2.98 108.23 24.51
CA VAL X 290 2.84 109.54 23.86
C VAL X 290 3.48 110.68 24.66
N LEU X 291 3.69 110.48 25.96
CA LEU X 291 4.18 111.52 26.84
C LEU X 291 5.51 112.11 26.37
N ASP X 292 6.51 111.25 26.14
CA ASP X 292 7.83 111.76 25.77
C ASP X 292 7.81 112.35 24.38
N VAL X 293 7.02 111.74 23.48
CA VAL X 293 7.01 112.14 22.07
C VAL X 293 6.10 113.34 21.81
N MET X 294 5.26 113.74 22.78
CA MET X 294 4.55 115.02 22.79
C MET X 294 5.31 116.08 23.59
N ARG X 295 6.07 115.71 24.64
CA ARG X 295 7.05 116.63 25.22
C ARG X 295 8.12 117.04 24.20
N ARG X 296 8.51 116.10 23.32
CA ARG X 296 9.40 116.44 22.21
C ARG X 296 8.84 117.58 21.38
N LEU X 297 7.53 117.56 21.19
CA LEU X 297 6.79 118.54 20.40
C LEU X 297 6.64 119.87 21.13
N LEU X 298 6.43 119.85 22.45
CA LEU X 298 6.41 121.07 23.26
C LEU X 298 7.80 121.70 23.39
N GLN X 299 8.87 120.90 23.28
CA GLN X 299 10.24 121.45 23.17
C GLN X 299 10.44 122.17 21.83
N PRO X 300 11.04 123.37 21.83
CA PRO X 300 11.21 124.16 20.59
C PRO X 300 12.03 123.50 19.49
N LYS X 301 12.70 122.37 19.77
CA LYS X 301 13.55 121.71 18.76
C LYS X 301 12.73 121.14 17.61
N ASN X 302 11.54 120.61 17.88
CA ASN X 302 10.67 120.04 16.85
C ASN X 302 9.57 120.99 16.36
N VAL X 303 9.42 122.17 16.96
CA VAL X 303 8.54 123.21 16.42
C VAL X 303 9.24 123.91 15.27
N MET X 304 8.60 123.91 14.09
CA MET X 304 9.22 124.31 12.84
C MET X 304 9.00 125.79 12.51
N VAL X 305 9.17 126.67 13.49
CA VAL X 305 9.09 128.13 13.31
C VAL X 305 10.24 128.78 14.09
N SER X 306 10.74 129.90 13.56
CA SER X 306 11.96 130.55 14.05
C SER X 306 11.73 131.30 15.36
N THR X 313 12.63 137.31 24.47
CA THR X 313 11.67 138.19 25.12
C THR X 313 10.54 137.39 25.78
N ASN X 314 9.80 138.05 26.68
CA ASN X 314 8.66 137.45 27.39
C ASN X 314 7.45 137.35 26.47
N HIS X 315 7.20 136.15 25.94
CA HIS X 315 6.08 135.92 25.02
C HIS X 315 5.29 134.68 25.42
N CYS X 316 3.96 134.81 25.40
CA CYS X 316 3.01 133.83 25.90
C CYS X 316 2.32 133.11 24.74
N TYR X 317 2.09 131.80 24.88
CA TYR X 317 1.24 131.07 23.94
C TYR X 317 -0.24 131.50 24.04
N ILE X 318 -1.07 131.18 23.04
CA ILE X 318 -2.44 131.74 22.90
C ILE X 318 -3.51 130.67 22.69
N ALA X 319 -3.20 129.54 22.05
CA ALA X 319 -4.04 128.34 21.98
C ALA X 319 -3.24 127.17 21.36
N ILE X 320 -3.57 125.92 21.66
CA ILE X 320 -2.90 124.74 21.07
C ILE X 320 -3.92 123.65 20.71
N LEU X 321 -3.69 122.93 19.60
CA LEU X 321 -4.36 121.66 19.27
C LEU X 321 -3.29 120.64 18.86
N ASN X 322 -3.33 119.40 19.34
CA ASN X 322 -2.42 118.35 18.87
C ASN X 322 -3.14 117.02 18.60
N ILE X 323 -2.71 116.32 17.55
CA ILE X 323 -3.33 115.06 17.09
C ILE X 323 -2.29 113.95 17.21
N ILE X 324 -2.57 112.94 18.02
CA ILE X 324 -1.65 111.83 18.33
C ILE X 324 -1.98 110.60 17.48
N GLN X 325 -1.63 110.65 16.19
CA GLN X 325 -1.99 109.64 15.20
C GLN X 325 -1.45 108.23 15.54
N GLY X 326 -2.33 107.22 15.44
CA GLY X 326 -1.97 105.80 15.56
C GLY X 326 -2.54 105.12 16.81
N GLU X 327 -1.88 104.05 17.25
CA GLU X 327 -2.27 103.31 18.43
C GLU X 327 -1.99 104.09 19.71
N VAL X 328 -3.03 104.35 20.48
CA VAL X 328 -2.95 104.96 21.80
C VAL X 328 -3.96 104.22 22.67
N ASP X 329 -3.51 103.59 23.77
CA ASP X 329 -4.47 103.10 24.77
C ASP X 329 -5.24 104.34 25.29
N PRO X 330 -6.58 104.35 25.30
CA PRO X 330 -7.34 105.58 25.52
C PRO X 330 -6.91 106.41 26.75
N THR X 331 -6.37 105.76 27.79
CA THR X 331 -5.97 106.45 29.02
C THR X 331 -4.63 107.16 28.90
N GLN X 332 -3.80 106.93 27.87
CA GLN X 332 -2.56 107.71 27.73
C GLN X 332 -2.85 109.22 27.56
N VAL X 333 -3.98 109.58 26.95
CA VAL X 333 -4.50 110.96 26.90
C VAL X 333 -4.75 111.52 28.30
N HIS X 334 -5.30 110.70 29.21
CA HIS X 334 -5.68 111.12 30.56
C HIS X 334 -4.46 111.61 31.35
N LYS X 335 -3.36 110.84 31.32
CA LYS X 335 -2.15 111.20 32.06
C LYS X 335 -1.43 112.39 31.41
N SER X 336 -1.50 112.50 30.08
CA SER X 336 -0.77 113.50 29.28
C SER X 336 -0.97 114.94 29.77
N LEU X 337 -2.21 115.32 30.10
CA LEU X 337 -2.53 116.67 30.58
C LEU X 337 -1.82 117.00 31.90
N GLN X 338 -1.85 116.09 32.89
CA GLN X 338 -1.26 116.38 34.21
C GLN X 338 0.26 116.59 34.12
N ARG X 339 0.95 115.74 33.36
CA ARG X 339 2.41 115.77 33.25
C ARG X 339 2.94 117.06 32.61
N ILE X 340 2.10 117.79 31.88
CA ILE X 340 2.41 119.13 31.35
C ILE X 340 1.93 120.22 32.32
N ARG X 341 0.72 120.10 32.89
CA ARG X 341 0.14 121.10 33.78
C ARG X 341 1.00 121.37 35.02
N GLU X 342 1.64 120.33 35.56
CA GLU X 342 2.53 120.46 36.72
C GLU X 342 3.93 120.95 36.39
N ARG X 343 4.35 120.96 35.12
CA ARG X 343 5.73 121.25 34.74
C ARG X 343 5.90 122.41 33.76
N LYS X 344 4.81 123.03 33.29
CA LYS X 344 4.79 124.38 32.71
C LYS X 344 5.56 124.56 31.39
N LEU X 345 5.65 123.51 30.54
CA LEU X 345 6.44 123.58 29.32
C LEU X 345 5.96 124.66 28.34
N ALA X 346 4.65 124.88 28.23
CA ALA X 346 4.04 125.93 27.40
C ALA X 346 2.92 126.61 28.19
N ASN X 347 2.77 127.93 28.06
CA ASN X 347 1.91 128.71 28.96
C ASN X 347 1.03 129.75 28.26
N PHE X 348 -0.21 129.82 28.71
CA PHE X 348 -1.30 130.64 28.14
C PHE X 348 -1.95 131.57 29.18
N ILE X 349 -1.28 131.79 30.32
CA ILE X 349 -1.88 132.28 31.57
C ILE X 349 -2.72 133.56 31.45
N PRO X 350 -2.16 134.70 30.97
CA PRO X 350 -2.64 136.04 31.39
C PRO X 350 -4.14 136.38 31.34
N TRP X 351 -4.74 136.65 30.16
CA TRP X 351 -6.00 137.39 30.04
C TRP X 351 -7.20 136.55 29.63
N GLY X 352 -7.02 135.33 29.12
CA GLY X 352 -8.07 134.62 28.38
C GLY X 352 -8.12 133.10 28.63
N PRO X 353 -9.14 132.43 28.08
CA PRO X 353 -9.48 131.02 28.31
C PRO X 353 -8.55 130.00 27.61
N ALA X 354 -7.33 130.41 27.28
CA ALA X 354 -6.42 129.63 26.48
C ALA X 354 -5.97 128.32 27.17
N SER X 355 -5.84 127.25 26.39
CA SER X 355 -5.60 125.88 26.85
C SER X 355 -5.10 125.01 25.68
N ILE X 356 -4.59 123.80 25.97
CA ILE X 356 -4.14 122.83 24.96
C ILE X 356 -5.18 121.72 24.76
N GLN X 357 -5.67 121.60 23.53
CA GLN X 357 -6.53 120.50 23.07
C GLN X 357 -5.69 119.31 22.58
N VAL X 358 -6.18 118.09 22.78
CA VAL X 358 -5.58 116.85 22.26
C VAL X 358 -6.66 115.94 21.65
N ALA X 359 -6.37 115.39 20.48
CA ALA X 359 -7.24 114.44 19.78
C ALA X 359 -6.52 113.11 19.53
N LEU X 360 -7.07 112.01 20.05
CA LEU X 360 -6.71 110.65 19.67
C LEU X 360 -7.38 110.33 18.32
N SER X 361 -6.62 109.85 17.34
CA SER X 361 -7.20 109.43 16.05
C SER X 361 -6.47 108.26 15.39
N ARG X 362 -7.22 107.47 14.62
CA ARG X 362 -6.68 106.58 13.60
C ARG X 362 -6.04 107.35 12.44
N LYS X 363 -5.31 106.61 11.60
CA LYS X 363 -4.63 107.07 10.38
C LYS X 363 -4.75 106.01 9.29
N SER X 364 -4.21 106.32 8.10
CA SER X 364 -4.33 105.46 6.92
C SER X 364 -3.86 104.03 7.21
N PRO X 365 -4.66 102.99 6.89
CA PRO X 365 -4.09 101.64 6.78
C PRO X 365 -3.22 101.46 5.53
N TYR X 366 -2.63 100.26 5.41
CA TYR X 366 -1.70 99.84 4.35
C TYR X 366 -0.37 100.60 4.30
N LEU X 367 -0.37 101.90 4.62
CA LEU X 367 0.80 102.75 4.41
C LEU X 367 1.84 102.54 5.52
N PRO X 368 3.15 102.57 5.20
CA PRO X 368 4.15 102.53 6.27
C PRO X 368 4.19 103.81 7.11
N SER X 369 4.08 103.63 8.43
CA SER X 369 4.28 104.70 9.43
C SER X 369 4.55 103.98 10.76
N ALA X 370 5.82 103.69 11.01
CA ALA X 370 6.23 102.94 12.20
C ALA X 370 5.95 103.72 13.51
N HIS X 371 6.19 103.04 14.65
CA HIS X 371 6.14 103.62 16.00
C HIS X 371 4.72 103.94 16.45
N ARG X 372 3.81 104.27 15.52
CA ARG X 372 2.39 104.44 15.81
C ARG X 372 2.11 105.50 16.89
N VAL X 373 2.96 106.53 16.98
CA VAL X 373 2.73 107.64 17.92
C VAL X 373 3.01 108.98 17.25
N SER X 374 2.76 109.06 15.94
CA SER X 374 3.45 110.01 15.05
C SER X 374 2.70 111.33 14.93
N GLY X 375 2.65 112.09 16.04
CA GLY X 375 1.73 113.19 16.19
C GLY X 375 2.19 114.49 15.51
N LEU X 376 1.24 115.43 15.44
CA LEU X 376 1.45 116.79 14.99
C LEU X 376 0.76 117.75 15.96
N MET X 377 1.30 118.95 16.13
CA MET X 377 0.75 120.00 16.98
C MET X 377 0.63 121.30 16.20
N MET X 378 -0.50 121.98 16.39
CA MET X 378 -0.72 123.31 15.83
C MET X 378 -0.86 124.31 16.98
N ALA X 379 -0.17 125.44 16.89
CA ALA X 379 -0.14 126.42 17.97
C ALA X 379 -0.44 127.84 17.49
N ASN X 380 -0.98 128.64 18.41
CA ASN X 380 -0.99 130.10 18.33
C ASN X 380 -0.07 130.60 19.45
N HIS X 381 0.93 131.43 19.13
CA HIS X 381 1.97 131.80 20.08
C HIS X 381 2.45 133.22 19.75
N THR X 382 2.53 134.11 20.74
CA THR X 382 2.92 135.49 20.45
C THR X 382 4.37 135.61 19.97
N SER X 383 5.17 134.54 20.07
CA SER X 383 6.51 134.56 19.49
C SER X 383 6.53 134.90 18.01
N ILE X 384 5.44 134.65 17.29
CA ILE X 384 5.41 134.89 15.86
C ILE X 384 5.54 136.38 15.54
N SER X 385 5.21 137.24 16.50
CA SER X 385 5.50 138.66 16.39
C SER X 385 6.96 138.95 16.04
N SER X 386 7.89 138.10 16.48
CA SER X 386 9.29 138.25 16.12
C SER X 386 9.54 138.16 14.62
N LEU X 387 8.78 137.34 13.90
CA LEU X 387 8.94 137.30 12.44
C LEU X 387 8.42 138.58 11.79
N PHE X 388 7.30 139.10 12.28
CA PHE X 388 6.79 140.38 11.80
C PHE X 388 7.80 141.48 12.09
N GLU X 389 8.44 141.42 13.27
CA GLU X 389 9.47 142.40 13.61
C GLU X 389 10.70 142.22 12.74
N ARG X 390 11.02 140.98 12.36
CA ARG X 390 12.16 140.75 11.47
C ARG X 390 11.92 141.39 10.11
N THR X 391 10.75 141.15 9.51
CA THR X 391 10.50 141.74 8.21
C THR X 391 10.39 143.26 8.30
N CYS X 392 9.80 143.80 9.38
CA CYS X 392 9.85 145.25 9.57
C CYS X 392 11.29 145.76 9.67
N ARG X 393 12.16 145.05 10.40
CA ARG X 393 13.55 145.48 10.52
C ARG X 393 14.28 145.38 9.20
N GLN X 394 14.02 144.32 8.44
CA GLN X 394 14.61 144.19 7.12
C GLN X 394 14.01 145.21 6.17
N TYR X 395 12.73 145.58 6.35
CA TYR X 395 12.12 146.58 5.49
C TYR X 395 12.71 147.96 5.75
N ASP X 396 12.92 148.33 7.01
CA ASP X 396 13.24 149.71 7.33
C ASP X 396 14.62 150.09 6.80
N LYS X 397 15.57 149.14 6.83
CA LYS X 397 16.92 149.39 6.34
C LYS X 397 16.95 149.60 4.83
N LEU X 398 16.00 149.02 4.11
CA LEU X 398 15.88 149.20 2.67
C LEU X 398 15.06 150.46 2.38
N ARG X 399 13.99 150.65 3.15
CA ARG X 399 13.08 151.80 3.02
C ARG X 399 13.76 153.15 3.30
N LYS X 400 14.74 153.22 4.21
CA LYS X 400 15.29 154.54 4.51
C LYS X 400 16.29 155.03 3.45
N ARG X 401 16.86 154.12 2.67
CA ARG X 401 17.63 154.51 1.49
C ARG X 401 16.77 154.49 0.23
N GLU X 402 15.64 153.75 0.26
CA GLU X 402 14.87 153.29 -0.92
C GLU X 402 15.72 152.50 -1.90
N ALA X 403 16.27 151.40 -1.38
CA ALA X 403 17.04 150.44 -2.19
C ALA X 403 16.18 149.82 -3.30
N PHE X 404 14.87 149.76 -3.13
CA PHE X 404 13.93 149.23 -4.13
C PHE X 404 12.86 150.24 -4.50
N LEU X 405 13.30 151.41 -4.99
CA LEU X 405 12.41 152.37 -5.62
C LEU X 405 11.88 151.88 -6.98
N GLU X 406 12.57 150.91 -7.59
CA GLU X 406 12.27 150.18 -8.83
C GLU X 406 12.23 151.03 -10.11
N GLN X 407 11.46 152.12 -10.12
CA GLN X 407 11.11 152.88 -11.33
C GLN X 407 10.55 152.04 -12.50
N PHE X 408 10.29 150.75 -12.28
CA PHE X 408 9.48 149.94 -13.20
C PHE X 408 8.08 150.56 -13.34
N ARG X 409 7.55 150.65 -14.57
CA ARG X 409 6.28 151.37 -14.74
C ARG X 409 5.11 150.67 -14.02
N LYS X 410 5.11 149.33 -13.94
CA LYS X 410 4.08 148.62 -13.15
C LYS X 410 4.16 148.94 -11.66
N GLU X 411 5.34 149.26 -11.13
CA GLU X 411 5.46 149.74 -9.76
C GLU X 411 5.07 151.22 -9.67
N ASP X 412 5.81 152.06 -10.39
CA ASP X 412 5.73 153.52 -10.23
C ASP X 412 4.38 154.10 -10.68
N MET X 413 3.68 153.46 -11.64
CA MET X 413 2.35 153.91 -12.08
C MET X 413 1.19 153.25 -11.34
N PHE X 414 1.46 152.23 -10.52
CA PHE X 414 0.47 151.82 -9.52
C PHE X 414 0.72 152.51 -8.18
N LYS X 415 1.96 152.92 -7.91
CA LYS X 415 2.37 153.60 -6.68
C LYS X 415 2.95 154.99 -7.01
N ASP X 416 2.07 155.94 -7.37
CA ASP X 416 2.48 157.33 -7.60
C ASP X 416 3.03 158.00 -6.35
N ASN X 417 2.96 157.36 -5.18
CA ASN X 417 3.17 158.03 -3.90
C ASN X 417 3.72 157.07 -2.84
N PHE X 418 3.62 155.76 -3.10
CA PHE X 418 3.91 154.70 -2.13
C PHE X 418 3.11 154.81 -0.82
N ASP X 419 1.94 155.45 -0.85
CA ASP X 419 1.17 155.68 0.38
C ASP X 419 0.61 154.38 0.95
N GLU X 420 0.30 153.39 0.11
CA GLU X 420 -0.10 152.08 0.58
C GLU X 420 1.03 151.32 1.28
N MET X 421 2.30 151.66 1.02
CA MET X 421 3.36 151.10 1.85
C MET X 421 3.25 151.59 3.29
N ASP X 422 2.98 152.88 3.47
CA ASP X 422 2.83 153.39 4.83
C ASP X 422 1.62 152.75 5.51
N THR X 423 0.53 152.60 4.76
CA THR X 423 -0.67 151.92 5.26
C THR X 423 -0.35 150.48 5.63
N SER X 424 0.35 149.77 4.73
CA SER X 424 0.66 148.37 4.94
C SER X 424 1.69 148.17 6.04
N ARG X 425 2.57 149.15 6.24
CA ARG X 425 3.48 149.18 7.38
C ARG X 425 2.74 149.37 8.70
N GLU X 426 1.81 150.31 8.76
CA GLU X 426 1.21 150.66 10.04
C GLU X 426 0.25 149.58 10.52
N ILE X 427 -0.36 148.82 9.62
CA ILE X 427 -1.22 147.73 10.05
C ILE X 427 -0.39 146.54 10.57
N VAL X 428 0.79 146.26 9.98
CA VAL X 428 1.66 145.27 10.62
C VAL X 428 2.26 145.81 11.92
N GLN X 429 2.49 147.13 12.03
CA GLN X 429 2.96 147.67 13.30
C GLN X 429 1.87 147.55 14.37
N GLN X 430 0.60 147.73 13.98
CA GLN X 430 -0.51 147.43 14.89
C GLN X 430 -0.53 145.95 15.22
N LEU X 431 -0.15 145.09 14.27
CA LEU X 431 -0.03 143.67 14.54
C LEU X 431 1.06 143.38 15.58
N ILE X 432 2.20 144.06 15.51
CA ILE X 432 3.20 143.89 16.57
C ILE X 432 2.59 144.25 17.92
N ASP X 433 2.02 145.45 18.01
CA ASP X 433 1.46 145.94 19.27
C ASP X 433 0.37 145.02 19.81
N GLU X 434 -0.49 144.50 18.94
CA GLU X 434 -1.52 143.54 19.36
C GLU X 434 -0.93 142.22 19.85
N TYR X 435 0.05 141.66 19.14
CA TYR X 435 0.61 140.38 19.54
C TYR X 435 1.49 140.51 20.78
N HIS X 436 2.05 141.69 21.04
CA HIS X 436 2.66 141.97 22.34
C HIS X 436 1.62 142.19 23.42
N ALA X 437 0.56 142.96 23.13
CA ALA X 437 -0.50 143.21 24.10
C ALA X 437 -1.17 141.93 24.59
N ALA X 438 -1.30 140.93 23.72
CA ALA X 438 -1.81 139.61 24.09
C ALA X 438 -0.95 138.84 25.10
N THR X 439 0.13 139.43 25.61
CA THR X 439 0.87 138.90 26.76
C THR X 439 0.51 139.56 28.10
N ARG X 440 -0.19 140.70 28.10
CA ARG X 440 -0.52 141.42 29.32
C ARG X 440 -1.61 140.71 30.14
N PRO X 441 -1.63 140.92 31.46
CA PRO X 441 -2.83 140.55 32.24
C PRO X 441 -4.10 141.24 31.79
N ASP X 442 -3.99 142.42 31.17
CA ASP X 442 -5.12 143.10 30.53
C ASP X 442 -4.88 143.19 29.03
N TYR X 443 -5.45 142.24 28.29
CA TYR X 443 -5.78 142.37 26.87
C TYR X 443 -7.29 142.26 26.67
N ILE X 444 -8.05 142.72 27.68
CA ILE X 444 -9.48 142.95 27.53
C ILE X 444 -9.72 144.38 27.02
N SER X 445 -8.81 145.30 27.33
CA SER X 445 -8.57 146.54 26.60
C SER X 445 -7.88 146.27 25.24
N TRP X 446 -7.88 147.30 24.38
CA TRP X 446 -7.26 147.24 23.06
C TRP X 446 -5.74 147.00 23.12
N GLY X 447 -5.16 146.74 21.94
CA GLY X 447 -3.73 146.53 21.77
C GLY X 447 -2.88 147.72 22.16
N ARG Y 3 -47.58 101.04 -34.83
CA ARG Y 3 -47.36 102.48 -35.17
C ARG Y 3 -45.86 102.78 -35.29
N GLU Y 4 -45.46 103.68 -36.21
CA GLU Y 4 -44.10 103.69 -36.76
C GLU Y 4 -43.49 105.10 -36.78
N ILE Y 5 -42.15 105.15 -36.83
CA ILE Y 5 -41.38 106.40 -36.90
C ILE Y 5 -40.35 106.34 -38.03
N ILE Y 6 -40.35 107.36 -38.92
CA ILE Y 6 -39.38 107.55 -39.99
C ILE Y 6 -38.26 108.49 -39.52
N THR Y 7 -37.10 108.43 -40.21
CA THR Y 7 -35.81 108.90 -39.65
C THR Y 7 -34.96 109.70 -40.65
N LEU Y 8 -35.53 110.81 -41.16
CA LEU Y 8 -34.92 111.61 -42.22
C LEU Y 8 -33.58 112.28 -41.88
N GLN Y 9 -32.51 111.52 -41.74
CA GLN Y 9 -31.17 112.08 -41.52
C GLN Y 9 -30.70 112.89 -42.73
N LEU Y 10 -30.22 114.13 -42.49
CA LEU Y 10 -29.97 115.12 -43.53
C LEU Y 10 -28.55 115.65 -43.49
N GLY Y 11 -28.01 115.96 -44.67
CA GLY Y 11 -26.72 116.65 -44.77
C GLY Y 11 -25.52 115.88 -44.27
N GLN Y 12 -24.32 116.44 -44.47
CA GLN Y 12 -23.09 115.67 -44.30
C GLN Y 12 -22.88 115.23 -42.87
N CYS Y 13 -22.98 116.17 -41.92
CA CYS Y 13 -22.87 115.82 -40.51
C CYS Y 13 -24.02 114.93 -40.05
N GLY Y 14 -25.24 115.22 -40.49
CA GLY Y 14 -26.38 114.45 -40.01
C GLY Y 14 -26.38 113.01 -40.46
N ASN Y 15 -25.85 112.73 -41.63
CA ASN Y 15 -25.77 111.34 -42.07
C ASN Y 15 -24.59 110.59 -41.48
N GLN Y 16 -23.53 111.29 -41.07
CA GLN Y 16 -22.51 110.61 -40.25
C GLN Y 16 -23.09 110.19 -38.91
N ILE Y 17 -23.73 111.11 -38.17
CA ILE Y 17 -24.29 110.71 -36.87
C ILE Y 17 -25.50 109.80 -37.06
N GLY Y 18 -26.21 109.92 -38.18
CA GLY Y 18 -27.26 108.95 -38.49
C GLY Y 18 -26.71 107.56 -38.76
N PHE Y 19 -25.61 107.48 -39.52
CA PHE Y 19 -24.93 106.19 -39.70
C PHE Y 19 -24.50 105.61 -38.36
N GLU Y 20 -23.89 106.43 -37.51
CA GLU Y 20 -23.50 105.96 -36.19
C GLU Y 20 -24.71 105.52 -35.38
N PHE Y 21 -25.82 106.23 -35.50
CA PHE Y 21 -27.06 105.87 -34.83
C PHE Y 21 -27.56 104.49 -35.28
N TRP Y 22 -27.71 104.28 -36.59
CA TRP Y 22 -28.14 102.95 -37.05
C TRP Y 22 -27.11 101.88 -36.72
N LYS Y 23 -25.82 102.20 -36.77
CA LYS Y 23 -24.81 101.22 -36.38
C LYS Y 23 -24.95 100.85 -34.91
N GLN Y 24 -25.22 101.82 -34.04
CA GLN Y 24 -25.47 101.51 -32.64
C GLN Y 24 -26.77 100.73 -32.46
N LEU Y 25 -27.83 101.10 -33.19
CA LEU Y 25 -29.08 100.35 -33.10
C LEU Y 25 -28.91 98.94 -33.64
N CYS Y 26 -28.11 98.80 -34.70
CA CYS Y 26 -27.85 97.48 -35.25
C CYS Y 26 -27.11 96.61 -34.23
N ALA Y 27 -26.09 97.18 -33.59
CA ALA Y 27 -25.33 96.41 -32.61
C ALA Y 27 -26.15 96.11 -31.37
N GLU Y 28 -27.09 96.99 -31.01
CA GLU Y 28 -27.96 96.76 -29.86
C GLU Y 28 -29.10 95.79 -30.13
N HIS Y 29 -29.72 95.85 -31.31
CA HIS Y 29 -30.76 94.90 -31.69
C HIS Y 29 -30.16 93.59 -32.21
N GLY Y 30 -31.00 92.55 -32.29
CA GLY Y 30 -30.60 91.27 -32.84
C GLY Y 30 -30.42 91.23 -34.35
N ILE Y 31 -29.64 92.17 -34.91
CA ILE Y 31 -29.53 92.38 -36.35
C ILE Y 31 -28.06 92.38 -36.78
N SER Y 32 -27.72 91.58 -37.81
CA SER Y 32 -26.37 91.55 -38.40
C SER Y 32 -26.10 92.82 -39.21
N PRO Y 33 -24.80 93.18 -39.43
CA PRO Y 33 -24.48 94.21 -40.44
C PRO Y 33 -25.01 93.97 -41.85
N GLU Y 34 -25.38 92.72 -42.15
CA GLU Y 34 -26.05 92.40 -43.40
C GLU Y 34 -27.51 92.86 -43.40
N GLY Y 35 -28.07 93.12 -42.22
CA GLY Y 35 -29.48 93.36 -42.09
C GLY Y 35 -30.28 92.13 -41.74
N ILE Y 36 -29.64 90.95 -41.67
CA ILE Y 36 -30.32 89.67 -41.44
C ILE Y 36 -30.39 89.42 -39.92
N VAL Y 37 -31.44 88.70 -39.50
CA VAL Y 37 -31.62 88.32 -38.09
C VAL Y 37 -30.38 87.61 -37.55
N GLU Y 38 -29.86 88.13 -36.44
CA GLU Y 38 -28.70 87.55 -35.78
C GLU Y 38 -29.10 86.29 -35.00
N GLU Y 39 -28.13 85.40 -34.77
CA GLU Y 39 -28.46 84.02 -34.44
C GLU Y 39 -28.88 83.89 -32.98
N PHE Y 40 -28.30 84.70 -32.09
CA PHE Y 40 -28.59 84.58 -30.67
C PHE Y 40 -29.84 85.33 -30.25
N ALA Y 41 -30.42 86.12 -31.15
CA ALA Y 41 -31.57 86.97 -30.84
C ALA Y 41 -32.72 86.18 -30.21
N THR Y 45 -37.55 90.53 -25.27
CA THR Y 45 -37.55 90.71 -26.71
C THR Y 45 -37.54 92.19 -27.08
N ASP Y 46 -36.50 92.61 -27.81
CA ASP Y 46 -36.45 93.96 -28.37
C ASP Y 46 -37.56 94.18 -29.38
N ARG Y 47 -38.00 95.44 -29.52
CA ARG Y 47 -39.05 95.82 -30.47
C ARG Y 47 -38.48 96.56 -31.66
N LYS Y 48 -38.69 96.01 -32.85
CA LYS Y 48 -38.13 96.53 -34.09
C LYS Y 48 -39.11 97.32 -34.97
N ASP Y 49 -40.42 97.07 -34.89
CA ASP Y 49 -41.34 97.61 -35.90
C ASP Y 49 -41.32 99.14 -35.94
N VAL Y 50 -41.01 99.82 -34.82
CA VAL Y 50 -40.94 101.28 -34.81
C VAL Y 50 -39.88 101.80 -35.78
N PHE Y 51 -38.78 101.07 -35.94
CA PHE Y 51 -37.60 101.59 -36.61
C PHE Y 51 -37.17 100.80 -37.84
N PHE Y 52 -37.54 99.53 -37.95
CA PHE Y 52 -37.10 98.64 -39.02
C PHE Y 52 -38.29 98.08 -39.79
N TYR Y 53 -38.08 97.79 -41.08
CA TYR Y 53 -39.04 97.11 -41.94
C TYR Y 53 -38.57 95.68 -42.25
N GLN Y 54 -39.44 94.70 -42.02
CA GLN Y 54 -39.17 93.28 -42.29
C GLN Y 54 -39.40 92.99 -43.78
N ALA Y 55 -38.40 93.30 -44.59
CA ALA Y 55 -38.39 92.95 -46.01
C ALA Y 55 -38.26 91.44 -46.23
N ASP Y 56 -38.69 91.02 -47.44
CA ASP Y 56 -38.94 89.63 -47.82
C ASP Y 56 -37.73 88.71 -47.75
N ASP Y 57 -36.50 89.22 -47.62
CA ASP Y 57 -35.32 88.40 -47.40
C ASP Y 57 -35.08 88.07 -45.93
N GLU Y 58 -36.07 88.34 -45.05
CA GLU Y 58 -35.85 88.49 -43.62
C GLU Y 58 -34.80 89.54 -43.33
N HIS Y 59 -34.84 90.58 -44.15
CA HIS Y 59 -33.95 91.73 -44.07
C HIS Y 59 -34.67 92.73 -43.17
N TYR Y 60 -34.18 92.95 -41.96
CA TYR Y 60 -34.58 94.14 -41.23
C TYR Y 60 -33.85 95.34 -41.82
N ILE Y 61 -34.59 96.17 -42.54
CA ILE Y 61 -34.08 97.40 -43.13
C ILE Y 61 -34.57 98.58 -42.29
N PRO Y 62 -33.66 99.40 -41.75
CA PRO Y 62 -34.07 100.69 -41.18
C PRO Y 62 -34.88 101.58 -42.12
N ARG Y 63 -35.89 102.23 -41.54
CA ARG Y 63 -36.82 103.13 -42.22
C ARG Y 63 -36.18 104.44 -42.64
N ALA Y 64 -34.89 104.40 -42.97
CA ALA Y 64 -34.03 105.55 -43.22
C ALA Y 64 -34.44 106.42 -44.40
N VAL Y 65 -33.72 107.54 -44.61
CA VAL Y 65 -33.58 108.23 -45.90
C VAL Y 65 -32.25 108.97 -45.86
N LEU Y 66 -31.25 108.53 -46.64
CA LEU Y 66 -29.96 109.24 -46.69
C LEU Y 66 -30.07 110.47 -47.60
N LEU Y 67 -30.90 111.40 -47.16
CA LEU Y 67 -31.42 112.52 -47.95
C LEU Y 67 -30.38 113.62 -48.20
N ASP Y 68 -29.18 113.27 -48.59
CA ASP Y 68 -28.11 114.25 -48.74
C ASP Y 68 -28.28 115.19 -49.95
N LEU Y 69 -27.24 116.03 -50.18
CA LEU Y 69 -27.22 117.04 -51.24
C LEU Y 69 -25.91 117.06 -52.06
N GLU Y 70 -24.79 116.65 -51.50
CA GLU Y 70 -23.49 116.64 -52.17
C GLU Y 70 -22.75 115.36 -51.77
N PRO Y 71 -21.74 114.91 -52.58
CA PRO Y 71 -21.42 113.45 -52.64
C PRO Y 71 -20.54 112.81 -51.57
N ARG Y 72 -19.64 113.55 -50.92
CA ARG Y 72 -18.41 112.98 -50.36
C ARG Y 72 -18.57 111.77 -49.43
N VAL Y 73 -19.15 111.96 -48.24
CA VAL Y 73 -19.15 110.89 -47.23
C VAL Y 73 -20.15 109.77 -47.50
N ILE Y 74 -21.15 109.99 -48.37
CA ILE Y 74 -22.17 108.97 -48.61
C ILE Y 74 -21.53 107.72 -49.22
N HIS Y 75 -20.60 107.90 -50.15
CA HIS Y 75 -19.93 106.75 -50.75
C HIS Y 75 -19.15 105.94 -49.71
N SER Y 76 -18.51 106.60 -48.75
CA SER Y 76 -17.82 105.89 -47.68
C SER Y 76 -18.77 105.25 -46.67
N ILE Y 77 -19.99 105.78 -46.53
CA ILE Y 77 -21.03 105.09 -45.78
C ILE Y 77 -21.50 103.85 -46.54
N LEU Y 78 -21.72 104.01 -47.85
CA LEU Y 78 -22.19 102.90 -48.68
C LEU Y 78 -21.20 101.75 -48.74
N ASN Y 79 -19.93 102.03 -48.99
CA ASN Y 79 -18.94 100.97 -49.10
C ASN Y 79 -18.52 100.36 -47.75
N SER Y 80 -19.21 100.66 -46.65
CA SER Y 80 -19.00 100.00 -45.36
C SER Y 80 -19.59 98.57 -45.32
N PRO Y 81 -19.21 97.80 -44.30
CA PRO Y 81 -19.94 96.55 -43.96
C PRO Y 81 -21.43 96.68 -43.65
N TYR Y 82 -21.97 97.89 -43.48
CA TYR Y 82 -23.40 98.12 -43.29
C TYR Y 82 -24.08 98.55 -44.58
N ALA Y 83 -23.45 98.27 -45.73
CA ALA Y 83 -23.88 98.78 -47.03
C ALA Y 83 -25.35 98.54 -47.35
N LYS Y 84 -25.91 97.43 -46.88
CA LYS Y 84 -27.27 97.03 -47.23
C LYS Y 84 -28.16 96.90 -45.99
N LEU Y 85 -27.79 97.60 -44.92
CA LEU Y 85 -28.65 97.69 -43.74
C LEU Y 85 -29.74 98.73 -43.99
N TYR Y 86 -29.41 100.02 -43.86
CA TYR Y 86 -30.41 101.11 -43.88
C TYR Y 86 -30.80 101.51 -45.30
N ASN Y 87 -30.93 100.53 -46.21
CA ASN Y 87 -30.76 100.76 -47.64
C ASN Y 87 -31.61 99.82 -48.50
N PRO Y 88 -32.91 100.14 -48.68
CA PRO Y 88 -33.66 99.58 -49.83
C PRO Y 88 -33.50 100.43 -51.08
N GLU Y 89 -32.38 101.16 -51.15
CA GLU Y 89 -32.13 102.25 -52.08
C GLU Y 89 -33.27 103.27 -52.17
N ASN Y 90 -33.31 104.11 -51.13
CA ASN Y 90 -34.13 105.32 -51.03
C ASN Y 90 -33.26 106.56 -50.83
N ILE Y 91 -31.96 106.46 -51.17
CA ILE Y 91 -30.93 107.48 -51.03
C ILE Y 91 -31.19 108.63 -52.02
N TYR Y 92 -30.45 109.75 -51.93
CA TYR Y 92 -30.56 110.79 -52.96
C TYR Y 92 -29.24 111.53 -53.23
N LEU Y 93 -29.19 112.22 -54.37
CA LEU Y 93 -28.27 113.35 -54.65
C LEU Y 93 -28.83 114.27 -55.74
N GLY Y 101 -22.50 123.33 -51.59
CA GLY Y 101 -23.73 123.92 -51.08
C GLY Y 101 -23.58 124.49 -49.70
N ASN Y 102 -23.18 125.77 -49.63
CA ASN Y 102 -22.44 126.29 -48.49
C ASN Y 102 -23.24 127.19 -47.54
N ASN Y 103 -24.45 127.64 -47.89
CA ASN Y 103 -25.12 128.67 -47.09
C ASN Y 103 -26.64 128.62 -47.29
N TRP Y 104 -27.37 129.31 -46.39
CA TRP Y 104 -28.83 129.19 -46.34
C TRP Y 104 -29.50 129.55 -47.65
N ALA Y 105 -29.07 130.63 -48.30
CA ALA Y 105 -29.67 131.02 -49.57
C ALA Y 105 -29.48 129.95 -50.65
N SER Y 106 -28.24 129.50 -50.85
CA SER Y 106 -27.99 128.46 -51.85
C SER Y 106 -28.73 127.17 -51.51
N GLY Y 107 -28.69 126.75 -50.26
CA GLY Y 107 -29.31 125.48 -49.90
C GLY Y 107 -30.81 125.45 -50.12
N PHE Y 108 -31.49 126.56 -49.82
CA PHE Y 108 -32.94 126.65 -50.01
C PHE Y 108 -33.32 126.55 -51.49
N SER Y 109 -32.57 127.24 -52.36
CA SER Y 109 -32.83 127.19 -53.80
C SER Y 109 -32.65 125.80 -54.39
N GLN Y 110 -31.78 124.97 -53.80
CA GLN Y 110 -31.61 123.59 -54.25
C GLN Y 110 -32.63 122.65 -53.60
N GLY Y 111 -33.00 122.88 -52.35
CA GLY Y 111 -34.06 122.10 -51.73
C GLY Y 111 -35.40 122.23 -52.44
N GLU Y 112 -35.64 123.40 -53.05
CA GLU Y 112 -36.80 123.59 -53.92
C GLU Y 112 -36.80 122.67 -55.14
N LYS Y 113 -35.80 122.79 -56.01
CA LYS Y 113 -35.92 122.22 -57.36
C LYS Y 113 -36.01 120.70 -57.31
N ILE Y 114 -35.22 120.05 -56.47
CA ILE Y 114 -35.20 118.60 -56.37
C ILE Y 114 -36.45 118.00 -55.78
N HIS Y 115 -37.37 118.80 -55.23
CA HIS Y 115 -38.21 118.26 -54.18
C HIS Y 115 -39.18 117.19 -54.70
N GLU Y 116 -39.51 117.19 -56.00
CA GLU Y 116 -40.28 116.09 -56.59
C GLU Y 116 -39.55 114.75 -56.46
N ASP Y 117 -38.21 114.75 -56.63
CA ASP Y 117 -37.45 113.50 -56.57
C ASP Y 117 -37.48 112.89 -55.18
N ILE Y 118 -37.50 113.73 -54.15
CA ILE Y 118 -37.33 113.29 -52.77
C ILE Y 118 -38.66 113.17 -52.07
N PHE Y 119 -39.64 114.01 -52.42
CA PHE Y 119 -40.96 113.88 -51.80
C PHE Y 119 -41.60 112.54 -52.15
N ASP Y 120 -41.35 112.04 -53.37
CA ASP Y 120 -41.73 110.67 -53.72
C ASP Y 120 -41.14 109.65 -52.76
N ILE Y 121 -39.92 109.88 -52.29
CA ILE Y 121 -39.30 108.95 -51.34
C ILE Y 121 -40.03 109.00 -50.01
N ILE Y 122 -40.35 110.21 -49.54
CA ILE Y 122 -41.08 110.33 -48.29
C ILE Y 122 -42.42 109.62 -48.40
N ASP Y 123 -43.14 109.87 -49.49
CA ASP Y 123 -44.46 109.26 -49.69
C ASP Y 123 -44.34 107.75 -49.82
N ARG Y 124 -43.28 107.29 -50.48
CA ARG Y 124 -43.04 105.86 -50.64
C ARG Y 124 -42.89 105.18 -49.30
N GLU Y 125 -42.02 105.72 -48.44
CA GLU Y 125 -41.82 105.16 -47.11
C GLU Y 125 -43.02 105.41 -46.19
N ALA Y 126 -43.73 106.53 -46.37
CA ALA Y 126 -44.96 106.76 -45.63
C ALA Y 126 -46.05 105.76 -46.00
N ASP Y 127 -46.17 105.41 -47.29
CA ASP Y 127 -47.11 104.36 -47.66
C ASP Y 127 -46.64 102.99 -47.24
N GLY Y 128 -45.35 102.81 -46.95
CA GLY Y 128 -44.87 101.67 -46.21
C GLY Y 128 -45.09 101.76 -44.72
N SER Y 129 -46.31 102.06 -44.27
CA SER Y 129 -46.64 102.09 -42.84
C SER Y 129 -48.00 101.49 -42.53
N ASP Y 130 -48.14 100.95 -41.31
CA ASP Y 130 -49.46 100.63 -40.75
C ASP Y 130 -50.10 101.87 -40.13
N SER Y 131 -49.28 102.72 -39.49
CA SER Y 131 -49.62 104.10 -39.14
C SER Y 131 -48.35 104.86 -38.79
N LEU Y 132 -47.85 105.66 -39.71
CA LEU Y 132 -46.76 106.60 -39.42
C LEU Y 132 -47.17 107.62 -38.36
N GLU Y 133 -46.24 107.96 -37.45
CA GLU Y 133 -46.43 109.10 -36.56
C GLU Y 133 -45.11 109.73 -36.08
N GLY Y 134 -44.13 109.93 -36.98
CA GLY Y 134 -42.96 110.74 -36.64
C GLY Y 134 -41.87 110.88 -37.71
N PHE Y 135 -41.27 112.08 -37.83
CA PHE Y 135 -40.11 112.35 -38.70
C PHE Y 135 -38.89 112.84 -37.89
N VAL Y 136 -38.06 111.92 -37.41
CA VAL Y 136 -36.83 112.25 -36.68
C VAL Y 136 -35.75 112.77 -37.64
N LEU Y 137 -35.34 114.03 -37.47
CA LEU Y 137 -34.27 114.64 -38.26
C LEU Y 137 -32.96 114.72 -37.47
N CYS Y 138 -31.84 114.47 -38.15
CA CYS Y 138 -30.50 114.67 -37.62
C CYS Y 138 -29.87 115.92 -38.26
N HIS Y 139 -30.21 117.10 -37.76
CA HIS Y 139 -29.97 118.36 -38.47
C HIS Y 139 -28.71 119.10 -37.98
N SER Y 140 -27.79 119.38 -38.90
CA SER Y 140 -26.59 120.18 -38.64
C SER Y 140 -26.90 121.69 -38.75
N ILE Y 141 -26.88 122.40 -37.63
CA ILE Y 141 -27.13 123.83 -37.60
C ILE Y 141 -25.87 124.59 -38.10
N ALA Y 142 -26.09 125.73 -38.78
CA ALA Y 142 -25.11 126.58 -39.47
C ALA Y 142 -24.32 125.94 -40.63
N GLY Y 143 -24.23 124.61 -40.71
CA GLY Y 143 -23.68 123.96 -41.88
C GLY Y 143 -24.48 124.25 -43.15
N GLY Y 144 -23.78 124.22 -44.29
CA GLY Y 144 -24.39 124.64 -45.56
C GLY Y 144 -25.53 123.74 -46.05
N THR Y 145 -25.28 122.43 -46.17
CA THR Y 145 -26.36 121.51 -46.54
C THR Y 145 -27.43 121.41 -45.47
N GLY Y 146 -27.12 121.73 -44.22
CA GLY Y 146 -28.15 121.82 -43.20
C GLY Y 146 -29.00 123.08 -43.36
N SER Y 147 -28.35 124.21 -43.57
CA SER Y 147 -29.02 125.47 -43.85
C SER Y 147 -29.75 125.42 -45.18
N GLY Y 148 -30.85 126.17 -45.26
CA GLY Y 148 -31.53 126.36 -46.54
C GLY Y 148 -32.34 125.16 -47.00
N LEU Y 149 -31.65 124.10 -47.42
CA LEU Y 149 -32.35 122.88 -47.80
C LEU Y 149 -33.15 122.33 -46.62
N GLY Y 150 -32.52 122.21 -45.46
CA GLY Y 150 -33.24 121.74 -44.29
C GLY Y 150 -34.40 122.63 -43.91
N SER Y 151 -34.21 123.95 -43.96
CA SER Y 151 -35.29 124.89 -43.69
C SER Y 151 -36.43 124.79 -44.70
N TYR Y 152 -36.10 124.67 -45.99
CA TYR Y 152 -37.14 124.42 -46.99
C TYR Y 152 -37.88 123.12 -46.69
N LEU Y 153 -37.11 122.07 -46.43
CA LEU Y 153 -37.68 120.74 -46.21
C LEU Y 153 -38.57 120.72 -44.96
N LEU Y 154 -38.19 121.43 -43.89
CA LEU Y 154 -38.95 121.53 -42.65
C LEU Y 154 -40.35 122.14 -42.89
N GLU Y 155 -40.45 123.18 -43.71
CA GLU Y 155 -41.74 123.79 -44.08
C GLU Y 155 -42.61 122.80 -44.86
N ARG Y 156 -42.02 122.07 -45.82
CA ARG Y 156 -42.76 121.14 -46.66
C ARG Y 156 -43.24 119.91 -45.90
N LEU Y 157 -42.49 119.48 -44.87
CA LEU Y 157 -42.92 118.33 -44.09
C LEU Y 157 -44.27 118.59 -43.40
N ASN Y 158 -44.46 119.79 -42.82
CA ASN Y 158 -45.72 120.13 -42.18
C ASN Y 158 -46.81 120.52 -43.21
N ASP Y 159 -46.43 120.99 -44.40
CA ASP Y 159 -47.43 121.24 -45.45
C ASP Y 159 -48.02 119.93 -45.97
N ARG Y 160 -47.17 118.94 -46.22
CA ARG Y 160 -47.62 117.70 -46.83
C ARG Y 160 -48.23 116.74 -45.82
N TYR Y 161 -47.75 116.74 -44.58
CA TYR Y 161 -48.24 115.85 -43.53
C TYR Y 161 -48.55 116.65 -42.28
N PRO Y 162 -49.60 117.47 -42.33
CA PRO Y 162 -49.91 118.36 -41.21
C PRO Y 162 -50.37 117.66 -39.93
N LYS Y 163 -50.51 116.34 -39.92
CA LYS Y 163 -50.79 115.59 -38.69
C LYS Y 163 -49.61 114.76 -38.19
N LYS Y 164 -48.40 114.91 -38.73
CA LYS Y 164 -47.22 114.08 -38.37
C LYS Y 164 -46.12 114.95 -37.74
N LEU Y 165 -45.60 114.53 -36.59
CA LEU Y 165 -44.60 115.31 -35.85
C LEU Y 165 -43.25 115.37 -36.58
N VAL Y 166 -42.60 116.53 -36.48
CA VAL Y 166 -41.20 116.73 -36.86
C VAL Y 166 -40.38 116.94 -35.57
N GLN Y 167 -39.44 116.03 -35.29
CA GLN Y 167 -38.54 116.12 -34.13
C GLN Y 167 -37.09 116.21 -34.59
N THR Y 168 -36.34 117.20 -34.10
CA THR Y 168 -34.98 117.47 -34.61
C THR Y 168 -33.92 117.24 -33.52
N TYR Y 169 -33.03 116.27 -33.73
CA TYR Y 169 -31.80 116.12 -32.95
C TYR Y 169 -30.73 117.07 -33.51
N SER Y 170 -30.91 118.36 -33.27
CA SER Y 170 -30.04 119.41 -33.83
C SER Y 170 -28.68 119.44 -33.14
N VAL Y 171 -27.60 119.31 -33.92
CA VAL Y 171 -26.25 119.52 -33.41
C VAL Y 171 -25.82 120.96 -33.72
N PHE Y 172 -25.46 121.70 -32.68
CA PHE Y 172 -25.48 123.15 -32.65
C PHE Y 172 -24.06 123.74 -32.59
N PRO Y 173 -23.74 124.75 -33.42
CA PRO Y 173 -22.38 125.31 -33.57
C PRO Y 173 -21.97 126.28 -32.47
N ASN Y 174 -22.27 125.94 -31.22
CA ASN Y 174 -21.75 126.70 -30.08
C ASN Y 174 -20.24 126.46 -29.97
N GLN Y 175 -19.47 127.43 -30.47
CA GLN Y 175 -18.01 127.43 -30.46
C GLN Y 175 -17.52 128.83 -30.81
N ASP Y 176 -16.23 129.09 -30.59
CA ASP Y 176 -15.60 130.28 -31.16
C ASP Y 176 -15.42 130.14 -32.66
N GLU Y 177 -15.75 131.21 -33.40
CA GLU Y 177 -15.45 131.25 -34.83
C GLU Y 177 -13.97 131.02 -35.09
N ASP Y 180 -13.37 127.74 -42.41
CA ASP Y 180 -14.29 128.51 -41.56
C ASP Y 180 -15.13 129.48 -42.43
N VAL Y 181 -16.31 129.87 -41.93
CA VAL Y 181 -17.34 130.55 -42.71
C VAL Y 181 -17.82 131.80 -41.97
N VAL Y 182 -17.83 132.95 -42.67
CA VAL Y 182 -18.26 134.22 -42.07
C VAL Y 182 -19.79 134.35 -41.93
N VAL Y 183 -20.57 133.69 -42.79
CA VAL Y 183 -22.04 133.72 -42.70
C VAL Y 183 -22.58 132.77 -41.63
N GLN Y 184 -21.67 132.18 -40.85
CA GLN Y 184 -22.01 131.24 -39.78
C GLN Y 184 -23.10 131.69 -38.81
N PRO Y 185 -23.12 132.93 -38.29
CA PRO Y 185 -24.26 133.31 -37.43
C PRO Y 185 -25.60 133.27 -38.14
N TYR Y 186 -25.66 133.80 -39.37
CA TYR Y 186 -26.90 133.82 -40.15
C TYR Y 186 -27.45 132.42 -40.39
N ASN Y 187 -26.58 131.49 -40.81
CA ASN Y 187 -27.04 130.13 -41.06
C ASN Y 187 -27.67 129.50 -39.82
N SER Y 188 -27.17 129.83 -38.62
CA SER Y 188 -27.86 129.40 -37.40
C SER Y 188 -29.17 130.16 -37.16
N LEU Y 189 -29.21 131.47 -37.41
CA LEU Y 189 -30.44 132.23 -37.18
C LEU Y 189 -31.57 131.81 -38.13
N LEU Y 190 -31.27 131.71 -39.42
CA LEU Y 190 -32.29 131.38 -40.41
C LEU Y 190 -32.77 129.94 -40.29
N THR Y 191 -31.95 129.00 -39.81
CA THR Y 191 -32.42 127.65 -39.40
C THR Y 191 -33.26 127.70 -38.13
N LEU Y 192 -32.85 128.47 -37.12
CA LEU Y 192 -33.59 128.63 -35.87
C LEU Y 192 -35.03 129.11 -36.09
N LYS Y 193 -35.31 129.99 -37.08
CA LYS Y 193 -36.70 130.40 -37.42
C LYS Y 193 -37.64 129.21 -37.58
N ARG Y 194 -37.24 128.24 -38.40
CA ARG Y 194 -38.11 127.06 -38.63
C ARG Y 194 -38.24 126.26 -37.33
N LEU Y 195 -37.12 125.97 -36.67
CA LEU Y 195 -37.18 125.26 -35.38
C LEU Y 195 -38.21 125.93 -34.44
N THR Y 196 -38.26 127.26 -34.40
CA THR Y 196 -39.15 128.05 -33.52
C THR Y 196 -40.64 128.14 -33.97
N GLN Y 197 -41.06 127.41 -35.01
CA GLN Y 197 -42.49 127.36 -35.41
C GLN Y 197 -42.92 126.08 -36.16
N ASN Y 198 -42.09 125.51 -37.03
CA ASN Y 198 -42.43 124.32 -37.84
C ASN Y 198 -42.21 123.00 -37.07
N ALA Y 199 -41.10 122.89 -36.32
CA ALA Y 199 -40.76 121.69 -35.55
C ALA Y 199 -41.64 121.50 -34.29
N ASP Y 200 -41.82 120.26 -33.85
CA ASP Y 200 -42.61 119.90 -32.67
C ASP Y 200 -41.77 119.57 -31.42
N CYS Y 201 -40.50 119.15 -31.62
CA CYS Y 201 -39.50 119.01 -30.56
C CYS Y 201 -38.08 119.21 -31.12
N VAL Y 202 -37.17 119.74 -30.31
CA VAL Y 202 -35.76 119.95 -30.67
C VAL Y 202 -34.86 119.54 -29.50
N VAL Y 203 -34.29 118.32 -29.56
CA VAL Y 203 -33.25 117.90 -28.61
C VAL Y 203 -31.93 118.47 -29.10
N VAL Y 204 -31.36 119.44 -28.38
CA VAL Y 204 -30.20 120.20 -28.87
C VAL Y 204 -28.91 119.72 -28.20
N LEU Y 205 -27.91 119.43 -29.04
CA LEU Y 205 -26.58 118.96 -28.69
C LEU Y 205 -25.56 120.05 -29.08
N ASP Y 206 -24.61 120.34 -28.20
CA ASP Y 206 -23.73 121.50 -28.31
C ASP Y 206 -22.29 121.06 -28.65
N ASN Y 207 -21.72 121.64 -29.73
CA ASN Y 207 -20.37 121.29 -30.19
C ASN Y 207 -19.29 121.53 -29.13
N THR Y 208 -19.27 122.70 -28.48
CA THR Y 208 -18.26 122.93 -27.45
C THR Y 208 -18.49 122.05 -26.22
N ALA Y 209 -19.73 121.88 -25.80
CA ALA Y 209 -19.99 121.05 -24.62
C ALA Y 209 -19.52 119.61 -24.84
N LEU Y 210 -19.80 119.03 -26.00
CA LEU Y 210 -19.25 117.72 -26.33
C LEU Y 210 -17.72 117.77 -26.51
N ASN Y 211 -17.20 118.81 -27.15
CA ASN Y 211 -15.76 118.94 -27.34
C ASN Y 211 -15.02 119.08 -26.01
N ARG Y 212 -15.61 119.80 -25.05
CA ARG Y 212 -15.09 119.80 -23.69
C ARG Y 212 -15.19 118.41 -23.05
N ILE Y 213 -16.37 117.80 -23.10
CA ILE Y 213 -16.59 116.49 -22.49
C ILE Y 213 -15.66 115.42 -23.07
N ALA Y 214 -15.20 115.57 -24.31
CA ALA Y 214 -14.15 114.68 -24.81
C ALA Y 214 -12.92 114.68 -23.90
N THR Y 215 -12.31 115.86 -23.67
CA THR Y 215 -11.18 115.94 -22.74
C THR Y 215 -11.55 115.50 -21.32
N ASP Y 216 -12.83 115.61 -20.96
CA ASP Y 216 -13.33 115.23 -19.65
C ASP Y 216 -13.47 113.71 -19.50
N ARG Y 217 -13.10 112.92 -20.50
CA ARG Y 217 -12.90 111.47 -20.36
C ARG Y 217 -11.67 110.98 -21.11
N LEU Y 218 -11.51 111.36 -22.39
CA LEU Y 218 -10.45 110.86 -23.27
C LEU Y 218 -10.15 111.92 -24.33
N HIS Y 219 -9.00 112.59 -24.21
CA HIS Y 219 -8.70 113.79 -25.00
C HIS Y 219 -8.77 113.63 -26.52
N ILE Y 220 -9.10 114.76 -27.19
CA ILE Y 220 -8.92 115.01 -28.62
C ILE Y 220 -8.37 116.43 -28.79
N GLN Y 221 -7.88 116.72 -30.00
CA GLN Y 221 -7.20 117.98 -30.32
C GLN Y 221 -7.87 118.64 -31.55
N ASN Y 222 -7.15 118.85 -32.67
CA ASN Y 222 -7.79 119.15 -33.95
C ASN Y 222 -8.74 117.99 -34.35
N PRO Y 223 -9.77 118.27 -35.22
CA PRO Y 223 -10.98 117.41 -35.27
C PRO Y 223 -10.78 115.90 -35.27
N SER Y 224 -11.57 115.24 -34.42
CA SER Y 224 -11.70 113.78 -34.34
C SER Y 224 -13.16 113.43 -34.01
N PHE Y 225 -14.07 113.86 -34.90
CA PHE Y 225 -15.50 113.75 -34.67
C PHE Y 225 -15.93 112.34 -34.25
N SER Y 226 -15.24 111.32 -34.76
CA SER Y 226 -15.53 109.93 -34.43
C SER Y 226 -15.52 109.62 -32.93
N GLN Y 227 -14.85 110.43 -32.11
CA GLN Y 227 -14.94 110.24 -30.67
C GLN Y 227 -16.23 110.83 -30.07
N ILE Y 228 -16.46 112.13 -30.23
CA ILE Y 228 -17.68 112.75 -29.70
C ILE Y 228 -18.93 112.11 -30.31
N ASN Y 229 -18.85 111.60 -31.54
CA ASN Y 229 -19.95 110.84 -32.12
C ASN Y 229 -20.34 109.61 -31.31
N GLN Y 230 -19.41 109.00 -30.57
CA GLN Y 230 -19.82 107.88 -29.72
C GLN Y 230 -20.83 108.32 -28.68
N LEU Y 231 -20.60 109.47 -28.05
CA LEU Y 231 -21.56 110.03 -27.12
C LEU Y 231 -22.87 110.40 -27.82
N VAL Y 232 -22.78 111.05 -28.99
CA VAL Y 232 -24.00 111.36 -29.75
C VAL Y 232 -24.82 110.10 -30.00
N SER Y 233 -24.17 109.00 -30.40
CA SER Y 233 -24.92 107.77 -30.65
C SER Y 233 -25.57 107.23 -29.38
N THR Y 234 -24.87 107.32 -28.24
CA THR Y 234 -25.50 106.92 -26.99
C THR Y 234 -26.65 107.85 -26.60
N ILE Y 235 -26.58 109.15 -26.94
CA ILE Y 235 -27.73 110.04 -26.72
C ILE Y 235 -28.94 109.61 -27.55
N MET Y 236 -28.77 109.41 -28.86
CA MET Y 236 -29.92 108.96 -29.66
C MET Y 236 -30.45 107.62 -29.17
N SER Y 237 -29.56 106.66 -28.92
CA SER Y 237 -30.02 105.33 -28.54
C SER Y 237 -30.69 105.36 -27.17
N ALA Y 238 -30.09 106.08 -26.21
CA ALA Y 238 -30.74 106.23 -24.91
C ALA Y 238 -32.12 106.86 -25.03
N SER Y 239 -32.23 107.96 -25.78
CA SER Y 239 -33.53 108.63 -25.91
C SER Y 239 -34.58 107.79 -26.61
N THR Y 240 -34.19 106.87 -27.49
CA THR Y 240 -35.17 106.03 -28.18
C THR Y 240 -35.33 104.66 -27.52
N THR Y 241 -34.65 104.42 -26.40
CA THR Y 241 -34.68 103.13 -25.72
C THR Y 241 -36.11 102.74 -25.33
N THR Y 242 -36.85 103.67 -24.72
CA THR Y 242 -38.20 103.36 -24.28
C THR Y 242 -39.16 103.16 -25.46
N LEU Y 243 -38.79 103.58 -26.67
CA LEU Y 243 -39.55 103.21 -27.85
C LEU Y 243 -39.26 101.77 -28.25
N ARG Y 244 -38.02 101.33 -28.08
CA ARG Y 244 -37.51 100.08 -28.64
C ARG Y 244 -37.65 98.87 -27.72
N TYR Y 245 -38.28 99.02 -26.55
CA TYR Y 245 -38.64 97.92 -25.65
C TYR Y 245 -40.03 98.18 -25.10
N PRO Y 246 -40.77 97.12 -24.68
CA PRO Y 246 -42.02 97.31 -23.92
C PRO Y 246 -41.92 98.18 -22.67
N GLY Y 247 -43.06 98.74 -22.24
CA GLY Y 247 -43.18 99.33 -20.91
C GLY Y 247 -44.58 99.83 -20.68
N TYR Y 248 -44.94 99.98 -19.40
CA TYR Y 248 -46.29 100.47 -19.10
C TYR Y 248 -46.49 101.90 -19.57
N MET Y 249 -45.41 102.66 -19.73
CA MET Y 249 -45.51 104.09 -20.15
C MET Y 249 -44.46 104.45 -21.22
N ASN Y 250 -44.75 105.43 -22.07
CA ASN Y 250 -43.78 106.00 -23.02
C ASN Y 250 -43.40 105.05 -24.16
N ASN Y 251 -44.35 104.22 -24.62
CA ASN Y 251 -44.16 103.41 -25.81
C ASN Y 251 -44.20 104.21 -27.10
N ASP Y 252 -44.56 105.49 -27.07
CA ASP Y 252 -44.72 106.29 -28.28
C ASP Y 252 -44.19 107.70 -28.07
N LEU Y 253 -43.74 108.31 -29.17
CA LEU Y 253 -43.00 109.57 -29.12
C LEU Y 253 -43.85 110.72 -28.57
N ILE Y 254 -45.13 110.83 -28.93
CA ILE Y 254 -45.92 111.97 -28.46
C ILE Y 254 -46.27 111.81 -26.99
N GLY Y 255 -46.63 110.59 -26.56
CA GLY Y 255 -46.82 110.32 -25.14
C GLY Y 255 -45.60 110.55 -24.28
N LEU Y 256 -44.40 110.46 -24.87
CA LEU Y 256 -43.17 110.85 -24.20
C LEU Y 256 -42.98 112.37 -24.16
N ILE Y 257 -43.12 113.05 -25.31
CA ILE Y 257 -42.84 114.49 -25.44
C ILE Y 257 -43.88 115.35 -24.72
N ALA Y 258 -45.09 114.84 -24.48
CA ALA Y 258 -46.18 115.64 -23.92
C ALA Y 258 -45.89 116.23 -22.53
N SER Y 259 -45.20 115.49 -21.65
CA SER Y 259 -44.93 116.03 -20.31
C SER Y 259 -43.87 117.12 -20.29
N LEU Y 260 -43.03 117.21 -21.32
CA LEU Y 260 -41.88 118.11 -21.25
C LEU Y 260 -42.19 119.50 -21.84
N ILE Y 261 -42.91 119.57 -22.96
CA ILE Y 261 -43.16 120.82 -23.70
C ILE Y 261 -44.58 121.32 -23.36
N PRO Y 262 -44.76 122.28 -22.42
CA PRO Y 262 -46.12 122.57 -21.93
C PRO Y 262 -46.87 123.58 -22.78
N THR Y 263 -46.17 124.48 -23.47
CA THR Y 263 -46.78 125.32 -24.48
C THR Y 263 -46.00 125.13 -25.79
N PRO Y 264 -46.63 125.35 -26.96
CA PRO Y 264 -45.99 124.94 -28.22
C PRO Y 264 -44.73 125.68 -28.63
N ARG Y 265 -44.34 126.71 -27.88
CA ARG Y 265 -43.15 127.52 -28.26
C ARG Y 265 -41.93 127.10 -27.42
N LEU Y 266 -42.15 126.28 -26.39
CA LEU Y 266 -41.06 125.80 -25.54
C LEU Y 266 -40.44 124.49 -26.05
N HIS Y 267 -40.46 124.27 -27.36
CA HIS Y 267 -40.06 123.03 -28.03
C HIS Y 267 -38.54 122.78 -28.16
N PHE Y 268 -37.74 123.12 -27.15
CA PHE Y 268 -36.30 122.81 -27.10
C PHE Y 268 -35.92 122.09 -25.79
N LEU Y 269 -35.04 121.09 -25.83
CA LEU Y 269 -34.64 120.29 -24.66
C LEU Y 269 -33.12 120.17 -24.52
N MET Y 270 -32.59 120.53 -23.33
CA MET Y 270 -31.22 120.22 -22.92
C MET Y 270 -31.13 118.78 -22.42
N THR Y 271 -29.91 118.23 -22.47
CA THR Y 271 -29.73 116.83 -22.12
C THR Y 271 -28.47 116.59 -21.27
N GLY Y 272 -28.58 115.60 -20.37
CA GLY Y 272 -27.49 115.21 -19.47
C GLY Y 272 -27.22 113.71 -19.57
N TYR Y 273 -25.98 113.28 -19.26
CA TYR Y 273 -25.62 111.86 -19.35
C TYR Y 273 -24.48 111.53 -18.38
N THR Y 274 -24.68 110.55 -17.51
CA THR Y 274 -23.86 110.34 -16.30
C THR Y 274 -22.45 109.74 -16.48
N PRO Y 275 -22.19 108.72 -17.33
CA PRO Y 275 -20.95 107.94 -17.27
C PRO Y 275 -19.79 108.64 -18.00
N LEU Y 276 -19.27 109.71 -17.40
CA LEU Y 276 -18.20 110.56 -17.92
C LEU Y 276 -17.07 110.71 -16.88
N LYS Y 287 -20.87 98.29 -9.60
CA LYS Y 287 -22.07 98.61 -8.82
C LYS Y 287 -22.46 100.09 -8.94
N THR Y 288 -23.74 100.40 -8.75
CA THR Y 288 -24.31 101.77 -8.72
C THR Y 288 -25.68 101.74 -8.01
N THR Y 289 -26.15 102.88 -7.51
CA THR Y 289 -27.52 103.04 -7.00
C THR Y 289 -28.15 104.31 -7.57
N VAL Y 290 -29.48 104.25 -7.76
CA VAL Y 290 -30.25 105.29 -8.46
C VAL Y 290 -30.04 106.68 -7.88
N LEU Y 291 -29.94 106.79 -6.56
CA LEU Y 291 -29.80 108.12 -5.95
C LEU Y 291 -28.53 108.82 -6.41
N ASP Y 292 -27.45 108.07 -6.64
CA ASP Y 292 -26.17 108.65 -7.09
C ASP Y 292 -26.18 109.02 -8.58
N VAL Y 293 -26.84 108.23 -9.45
CA VAL Y 293 -27.05 108.66 -10.85
C VAL Y 293 -28.03 109.83 -10.93
N MET Y 294 -29.10 109.90 -10.14
CA MET Y 294 -29.93 111.11 -10.10
C MET Y 294 -29.12 112.32 -9.67
N ARG Y 295 -28.38 112.19 -8.57
CA ARG Y 295 -27.61 113.34 -8.04
C ARG Y 295 -26.60 113.80 -9.11
N ARG Y 296 -25.88 112.85 -9.70
CA ARG Y 296 -24.86 113.20 -10.74
C ARG Y 296 -25.54 113.97 -11.87
N LEU Y 297 -26.56 113.38 -12.51
CA LEU Y 297 -27.23 114.02 -13.66
C LEU Y 297 -27.54 115.50 -13.32
N LEU Y 298 -27.97 115.78 -12.10
CA LEU Y 298 -28.37 117.14 -11.74
C LEU Y 298 -27.21 118.16 -11.70
N GLN Y 299 -25.96 117.73 -11.50
CA GLN Y 299 -24.82 118.65 -11.36
C GLN Y 299 -24.48 119.35 -12.70
N PRO Y 300 -24.16 120.67 -12.71
CA PRO Y 300 -23.96 121.42 -13.96
C PRO Y 300 -22.92 120.85 -14.91
N LYS Y 301 -21.86 120.22 -14.38
CA LYS Y 301 -20.75 119.65 -15.16
C LYS Y 301 -21.19 118.57 -16.15
N ASN Y 302 -22.25 117.82 -15.82
CA ASN Y 302 -22.76 116.71 -16.63
C ASN Y 302 -23.75 117.13 -17.74
N VAL Y 303 -24.19 118.40 -17.81
CA VAL Y 303 -25.05 118.82 -18.91
C VAL Y 303 -24.21 119.01 -20.18
N MET Y 304 -24.62 118.36 -21.27
CA MET Y 304 -23.95 118.43 -22.56
C MET Y 304 -24.32 119.68 -23.36
N VAL Y 305 -24.63 120.77 -22.66
CA VAL Y 305 -24.89 122.08 -23.24
C VAL Y 305 -24.32 123.14 -22.29
N SER Y 306 -23.76 124.20 -22.88
CA SER Y 306 -23.09 125.25 -22.14
C SER Y 306 -24.04 126.02 -21.23
N THR Y 313 -29.90 136.93 -13.96
CA THR Y 313 -31.27 136.53 -14.27
C THR Y 313 -31.58 135.16 -13.65
N ASN Y 314 -32.81 134.98 -13.14
CA ASN Y 314 -33.22 133.71 -12.57
C ASN Y 314 -33.51 132.70 -13.68
N HIS Y 315 -33.15 131.44 -13.45
CA HIS Y 315 -33.52 130.35 -14.34
C HIS Y 315 -33.97 129.13 -13.54
N CYS Y 316 -34.88 128.36 -14.13
CA CYS Y 316 -35.48 127.21 -13.45
C CYS Y 316 -35.91 126.17 -14.46
N TYR Y 317 -35.97 124.92 -14.01
CA TYR Y 317 -36.44 123.83 -14.83
C TYR Y 317 -37.94 123.93 -15.07
N ILE Y 318 -38.39 123.35 -16.17
CA ILE Y 318 -39.79 123.35 -16.58
C ILE Y 318 -40.37 121.93 -16.45
N ALA Y 319 -39.66 120.94 -17.01
CA ALA Y 319 -39.93 119.54 -16.72
C ALA Y 319 -38.67 118.73 -17.03
N ILE Y 320 -38.34 117.78 -16.16
CA ILE Y 320 -37.15 116.93 -16.27
C ILE Y 320 -37.60 115.49 -16.44
N LEU Y 321 -37.09 114.81 -17.48
CA LEU Y 321 -37.25 113.36 -17.57
C LEU Y 321 -35.89 112.70 -17.76
N ASN Y 322 -35.65 111.63 -17.01
CA ASN Y 322 -34.40 110.88 -17.08
C ASN Y 322 -34.64 109.38 -17.21
N ILE Y 323 -33.80 108.74 -18.02
CA ILE Y 323 -33.92 107.33 -18.41
C ILE Y 323 -32.79 106.59 -17.72
N ILE Y 324 -33.13 105.66 -16.82
CA ILE Y 324 -32.15 104.88 -16.08
C ILE Y 324 -32.11 103.47 -16.67
N GLN Y 325 -31.13 103.24 -17.55
CA GLN Y 325 -30.99 102.02 -18.32
C GLN Y 325 -30.07 101.11 -17.51
N GLY Y 326 -30.58 100.02 -16.94
CA GLY Y 326 -29.71 99.29 -16.03
C GLY Y 326 -30.34 98.10 -15.34
N GLU Y 327 -29.47 97.40 -14.61
CA GLU Y 327 -29.79 96.26 -13.75
C GLU Y 327 -30.41 96.71 -12.39
N VAL Y 328 -30.89 97.96 -12.35
CA VAL Y 328 -31.44 98.59 -11.14
C VAL Y 328 -32.61 97.82 -10.54
N ASP Y 329 -32.67 97.72 -9.21
CA ASP Y 329 -33.87 97.31 -8.47
C ASP Y 329 -34.94 98.42 -8.50
N PRO Y 330 -36.15 98.19 -9.06
CA PRO Y 330 -37.19 99.23 -9.15
C PRO Y 330 -37.66 99.73 -7.79
N THR Y 331 -37.50 98.93 -6.72
CA THR Y 331 -37.89 99.30 -5.35
C THR Y 331 -37.18 100.60 -4.89
N GLN Y 332 -35.97 100.84 -5.41
CA GLN Y 332 -35.17 102.01 -5.03
C GLN Y 332 -35.66 103.30 -5.68
N VAL Y 333 -36.35 103.21 -6.82
CA VAL Y 333 -36.53 104.36 -7.70
C VAL Y 333 -37.42 105.44 -7.06
N HIS Y 334 -38.58 105.06 -6.52
CA HIS Y 334 -39.48 106.03 -5.88
C HIS Y 334 -38.81 106.71 -4.69
N LYS Y 335 -38.27 105.94 -3.75
CA LYS Y 335 -37.71 106.51 -2.53
C LYS Y 335 -36.49 107.37 -2.86
N SER Y 336 -35.81 107.10 -3.99
CA SER Y 336 -34.79 107.99 -4.51
C SER Y 336 -35.35 109.34 -4.96
N LEU Y 337 -36.49 109.37 -5.64
CA LEU Y 337 -37.12 110.65 -5.95
C LEU Y 337 -37.42 111.45 -4.70
N GLN Y 338 -38.05 110.82 -3.70
CA GLN Y 338 -38.41 111.52 -2.48
C GLN Y 338 -37.21 112.16 -1.81
N ARG Y 339 -36.12 111.41 -1.66
CA ARG Y 339 -34.89 111.96 -1.10
C ARG Y 339 -34.34 113.13 -1.93
N ILE Y 340 -34.34 113.00 -3.26
CA ILE Y 340 -33.90 114.10 -4.13
C ILE Y 340 -34.85 115.29 -4.06
N ARG Y 341 -36.14 115.08 -3.80
CA ARG Y 341 -37.06 116.18 -3.53
C ARG Y 341 -36.73 116.90 -2.22
N GLU Y 342 -36.60 116.15 -1.12
CA GLU Y 342 -36.51 116.77 0.21
C GLU Y 342 -35.36 117.78 0.31
N ARG Y 343 -34.22 117.48 -0.30
CA ARG Y 343 -33.05 118.35 -0.28
C ARG Y 343 -33.07 119.47 -1.34
N LYS Y 344 -34.11 119.53 -2.19
CA LYS Y 344 -34.29 120.61 -3.18
C LYS Y 344 -33.06 120.89 -4.05
N LEU Y 345 -32.39 119.81 -4.49
CA LEU Y 345 -31.26 119.95 -5.40
C LEU Y 345 -31.68 120.43 -6.80
N ALA Y 346 -32.96 120.36 -7.14
CA ALA Y 346 -33.52 120.88 -8.38
C ALA Y 346 -34.58 121.95 -8.09
N ASN Y 347 -34.66 122.98 -8.95
CA ASN Y 347 -35.62 124.07 -8.78
C ASN Y 347 -36.48 124.21 -10.04
N PHE Y 348 -37.77 124.51 -9.85
CA PHE Y 348 -38.69 124.75 -10.97
C PHE Y 348 -39.35 126.11 -10.79
N ILE Y 349 -40.47 126.34 -11.48
CA ILE Y 349 -41.15 127.63 -11.52
C ILE Y 349 -42.60 127.45 -11.09
N PRO Y 350 -43.13 128.23 -10.15
CA PRO Y 350 -44.42 127.91 -9.52
C PRO Y 350 -45.70 128.36 -10.21
N TRP Y 351 -45.70 128.83 -11.46
CA TRP Y 351 -47.00 129.05 -12.09
C TRP Y 351 -47.75 127.76 -12.39
N GLY Y 352 -47.04 126.63 -12.42
CA GLY Y 352 -47.67 125.33 -12.57
C GLY Y 352 -46.87 124.24 -11.85
N PRO Y 353 -47.50 123.10 -11.58
CA PRO Y 353 -46.73 121.94 -11.11
C PRO Y 353 -45.65 121.48 -12.08
N ALA Y 354 -44.67 120.74 -11.55
CA ALA Y 354 -43.64 120.06 -12.33
C ALA Y 354 -43.00 118.97 -11.46
N SER Y 355 -42.14 118.14 -12.05
CA SER Y 355 -41.23 117.29 -11.28
C SER Y 355 -40.11 116.77 -12.18
N ILE Y 356 -39.14 116.10 -11.56
CA ILE Y 356 -38.34 115.11 -12.27
C ILE Y 356 -39.16 113.83 -12.49
N GLN Y 357 -38.96 113.20 -13.66
CA GLN Y 357 -39.70 112.02 -14.08
C GLN Y 357 -38.72 110.94 -14.52
N VAL Y 358 -38.90 109.70 -14.04
CA VAL Y 358 -37.90 108.63 -14.20
C VAL Y 358 -38.47 107.49 -15.06
N ALA Y 359 -37.82 107.24 -16.20
CA ALA Y 359 -38.11 106.13 -17.11
C ALA Y 359 -37.12 105.00 -16.87
N LEU Y 360 -37.46 104.09 -15.95
CA LEU Y 360 -36.66 102.90 -15.71
C LEU Y 360 -36.77 101.93 -16.90
N SER Y 361 -35.63 101.53 -17.49
CA SER Y 361 -35.60 100.61 -18.62
C SER Y 361 -34.62 99.45 -18.40
N ARG Y 362 -34.90 98.32 -19.07
CA ARG Y 362 -33.96 97.21 -19.19
C ARG Y 362 -32.74 97.60 -20.03
N LYS Y 363 -31.55 97.34 -19.50
CA LYS Y 363 -30.32 97.53 -20.28
C LYS Y 363 -30.23 96.43 -21.36
N SER Y 364 -29.63 96.77 -22.49
CA SER Y 364 -29.71 95.91 -23.69
C SER Y 364 -28.75 94.73 -23.59
N PRO Y 365 -29.23 93.48 -23.72
CA PRO Y 365 -28.33 92.36 -24.04
C PRO Y 365 -27.78 92.43 -25.47
N TYR Y 366 -27.04 91.41 -25.91
CA TYR Y 366 -26.31 91.42 -27.18
C TYR Y 366 -25.21 92.48 -27.21
N LEU Y 367 -24.86 93.05 -26.05
CA LEU Y 367 -23.82 94.04 -25.80
C LEU Y 367 -22.79 93.47 -24.83
N PRO Y 368 -21.53 93.91 -24.90
CA PRO Y 368 -20.62 93.72 -23.76
C PRO Y 368 -20.98 94.56 -22.53
N SER Y 369 -20.73 93.98 -21.35
CA SER Y 369 -20.90 94.65 -20.05
C SER Y 369 -22.26 95.36 -19.94
N ALA Y 370 -23.31 94.63 -20.33
CA ALA Y 370 -24.68 95.12 -20.27
C ALA Y 370 -25.19 95.14 -18.83
N HIS Y 371 -24.47 95.85 -17.96
CA HIS Y 371 -24.75 95.91 -16.52
C HIS Y 371 -24.37 97.28 -15.93
N ARG Y 372 -23.45 98.03 -16.54
CA ARG Y 372 -23.13 99.35 -15.99
C ARG Y 372 -24.36 100.26 -16.13
N VAL Y 373 -24.89 100.75 -15.01
CA VAL Y 373 -26.01 101.69 -15.01
C VAL Y 373 -25.55 102.95 -15.76
N SER Y 374 -26.34 103.42 -16.73
CA SER Y 374 -25.89 104.48 -17.64
C SER Y 374 -27.06 105.44 -17.95
N GLY Y 375 -27.45 106.21 -16.94
CA GLY Y 375 -28.59 107.13 -17.02
C GLY Y 375 -28.38 108.37 -17.90
N LEU Y 376 -29.44 108.79 -18.58
CA LEU Y 376 -29.51 110.02 -19.38
C LEU Y 376 -30.70 110.87 -18.91
N MET Y 377 -30.58 112.21 -19.00
CA MET Y 377 -31.73 113.10 -18.82
C MET Y 377 -31.96 113.98 -20.05
N MET Y 378 -33.23 114.38 -20.23
CA MET Y 378 -33.61 115.51 -21.07
C MET Y 378 -34.55 116.38 -20.26
N ALA Y 379 -34.38 117.71 -20.34
CA ALA Y 379 -35.22 118.58 -19.54
C ALA Y 379 -35.35 119.95 -20.20
N ASN Y 380 -36.48 120.60 -19.95
CA ASN Y 380 -36.69 121.96 -20.46
C ASN Y 380 -36.23 122.92 -19.36
N HIS Y 381 -35.17 123.66 -19.64
CA HIS Y 381 -34.60 124.62 -18.70
C HIS Y 381 -34.27 125.90 -19.46
N THR Y 382 -34.50 127.02 -18.80
CA THR Y 382 -34.60 128.29 -19.50
C THR Y 382 -33.25 128.93 -19.78
N SER Y 383 -32.14 128.29 -19.39
CA SER Y 383 -30.83 128.82 -19.71
C SER Y 383 -30.45 128.58 -21.17
N ILE Y 384 -31.25 127.80 -21.90
CA ILE Y 384 -30.99 127.60 -23.32
C ILE Y 384 -31.26 128.89 -24.07
N SER Y 385 -32.09 129.76 -23.51
CA SER Y 385 -32.38 131.06 -24.10
C SER Y 385 -31.09 131.85 -24.35
N SER Y 386 -30.14 131.76 -23.41
CA SER Y 386 -28.88 132.47 -23.56
C SER Y 386 -28.06 131.94 -24.73
N LEU Y 387 -28.20 130.64 -25.03
CA LEU Y 387 -27.50 130.05 -26.16
C LEU Y 387 -28.01 130.63 -27.49
N PHE Y 388 -29.32 130.83 -27.59
CA PHE Y 388 -29.88 131.54 -28.73
C PHE Y 388 -29.45 132.99 -28.73
N GLU Y 389 -29.42 133.61 -27.56
CA GLU Y 389 -29.12 135.03 -27.41
C GLU Y 389 -27.68 135.34 -27.81
N ARG Y 390 -26.77 134.38 -27.65
CA ARG Y 390 -25.42 134.53 -28.18
C ARG Y 390 -25.42 134.78 -29.68
N THR Y 391 -26.11 133.92 -30.43
CA THR Y 391 -26.15 134.07 -31.88
C THR Y 391 -27.00 135.26 -32.30
N CYS Y 392 -28.03 135.61 -31.53
CA CYS Y 392 -28.69 136.90 -31.73
C CYS Y 392 -27.71 138.05 -31.62
N ARG Y 393 -26.84 138.04 -30.60
CA ARG Y 393 -25.89 139.14 -30.44
C ARG Y 393 -24.86 139.13 -31.56
N GLN Y 394 -24.42 137.95 -32.00
CA GLN Y 394 -23.55 137.86 -33.17
C GLN Y 394 -24.21 138.40 -34.43
N TYR Y 395 -25.50 138.09 -34.64
CA TYR Y 395 -26.24 138.72 -35.74
C TYR Y 395 -26.25 140.24 -35.60
N ASP Y 396 -26.62 140.75 -34.42
CA ASP Y 396 -26.68 142.20 -34.23
C ASP Y 396 -25.33 142.88 -34.48
N LYS Y 397 -24.22 142.26 -34.07
CA LYS Y 397 -22.91 142.82 -34.41
C LYS Y 397 -22.71 142.93 -35.92
N LEU Y 398 -23.00 141.86 -36.68
CA LEU Y 398 -22.85 141.93 -38.13
C LEU Y 398 -23.90 142.84 -38.79
N ARG Y 399 -25.12 142.90 -38.25
CA ARG Y 399 -26.19 143.72 -38.82
C ARG Y 399 -26.06 145.21 -38.48
N LYS Y 400 -25.37 145.56 -37.39
CA LYS Y 400 -25.00 146.94 -37.11
C LYS Y 400 -23.67 147.34 -37.74
N ARG Y 401 -22.76 146.40 -37.98
CA ARG Y 401 -21.66 146.58 -38.92
C ARG Y 401 -22.18 146.67 -40.36
N GLU Y 402 -21.25 146.83 -41.31
CA GLU Y 402 -21.42 146.34 -42.68
C GLU Y 402 -20.68 145.02 -42.80
N ALA Y 403 -21.33 144.01 -43.40
CA ALA Y 403 -20.88 142.63 -43.26
C ALA Y 403 -21.11 141.82 -44.55
N PHE Y 404 -20.49 140.64 -44.60
CA PHE Y 404 -20.64 139.65 -45.67
C PHE Y 404 -22.01 138.94 -45.60
N LEU Y 405 -23.06 139.63 -46.03
CA LEU Y 405 -24.36 138.98 -46.24
C LEU Y 405 -24.31 138.08 -47.47
N GLU Y 406 -23.95 136.81 -47.27
CA GLU Y 406 -24.03 135.72 -48.26
C GLU Y 406 -23.71 136.16 -49.70
N GLN Y 407 -22.47 136.61 -49.89
CA GLN Y 407 -22.00 137.20 -51.15
C GLN Y 407 -21.77 136.16 -52.26
N PHE Y 408 -22.81 135.37 -52.57
CA PHE Y 408 -22.89 134.41 -53.66
C PHE Y 408 -24.21 134.68 -54.40
N ARG Y 409 -24.23 134.56 -55.75
CA ARG Y 409 -25.40 134.99 -56.52
C ARG Y 409 -26.69 134.22 -56.20
N LYS Y 410 -26.63 133.05 -55.56
CA LYS Y 410 -27.85 132.37 -55.08
C LYS Y 410 -28.55 133.11 -53.93
N GLU Y 411 -27.88 134.08 -53.28
CA GLU Y 411 -28.56 135.08 -52.45
C GLU Y 411 -29.05 136.25 -53.29
N ASP Y 412 -28.14 136.83 -54.09
CA ASP Y 412 -28.40 138.09 -54.78
C ASP Y 412 -29.54 137.98 -55.80
N MET Y 413 -29.78 136.79 -56.35
CA MET Y 413 -30.91 136.55 -57.25
C MET Y 413 -32.15 136.00 -56.56
N PHE Y 414 -32.17 135.97 -55.21
CA PHE Y 414 -33.19 135.26 -54.44
C PHE Y 414 -33.83 136.15 -53.35
N LYS Y 415 -33.03 136.75 -52.47
CA LYS Y 415 -33.52 137.54 -51.33
C LYS Y 415 -32.66 138.78 -51.09
N ASP Y 416 -32.25 139.47 -52.16
CA ASP Y 416 -31.48 140.71 -52.07
C ASP Y 416 -32.20 141.89 -51.40
N ASN Y 417 -33.47 141.72 -50.98
CA ASN Y 417 -34.14 142.70 -50.13
C ASN Y 417 -33.87 142.46 -48.64
N PHE Y 418 -33.29 141.31 -48.28
CA PHE Y 418 -32.81 140.97 -46.94
C PHE Y 418 -33.89 141.03 -45.84
N ASP Y 419 -35.18 140.88 -46.20
CA ASP Y 419 -36.26 141.03 -45.21
C ASP Y 419 -36.28 139.82 -44.28
N GLU Y 420 -35.99 138.63 -44.81
CA GLU Y 420 -36.21 137.37 -44.10
C GLU Y 420 -35.38 137.25 -42.83
N MET Y 421 -34.11 137.67 -42.87
CA MET Y 421 -33.28 137.57 -41.66
C MET Y 421 -33.73 138.54 -40.56
N ASP Y 422 -34.15 139.76 -40.91
CA ASP Y 422 -34.72 140.64 -39.89
C ASP Y 422 -36.05 140.11 -39.36
N THR Y 423 -36.87 139.52 -40.23
CA THR Y 423 -38.08 138.84 -39.77
C THR Y 423 -37.74 137.68 -38.83
N SER Y 424 -36.71 136.91 -39.18
CA SER Y 424 -36.21 135.87 -38.29
C SER Y 424 -35.70 136.46 -36.97
N ARG Y 425 -35.10 137.65 -37.02
CA ARG Y 425 -34.54 138.24 -35.81
C ARG Y 425 -35.61 138.76 -34.84
N GLU Y 426 -36.73 139.29 -35.35
CA GLU Y 426 -37.80 139.67 -34.44
C GLU Y 426 -38.57 138.45 -33.94
N ILE Y 427 -38.64 137.37 -34.74
CA ILE Y 427 -39.25 136.09 -34.36
C ILE Y 427 -38.45 135.42 -33.23
N VAL Y 428 -37.13 135.36 -33.34
CA VAL Y 428 -36.30 134.86 -32.21
C VAL Y 428 -36.32 135.84 -31.03
N GLN Y 429 -36.44 137.16 -31.22
CA GLN Y 429 -36.55 138.07 -30.08
C GLN Y 429 -37.84 137.83 -29.31
N GLN Y 430 -38.92 137.52 -30.01
CA GLN Y 430 -40.12 137.07 -29.31
C GLN Y 430 -39.88 135.76 -28.58
N LEU Y 431 -39.07 134.84 -29.14
CA LEU Y 431 -38.70 133.59 -28.47
C LEU Y 431 -37.88 133.87 -27.20
N ILE Y 432 -36.87 134.75 -27.25
CA ILE Y 432 -36.13 135.10 -26.02
C ILE Y 432 -37.07 135.67 -24.97
N ASP Y 433 -37.93 136.60 -25.38
CA ASP Y 433 -38.89 137.20 -24.46
C ASP Y 433 -39.87 136.17 -23.89
N GLU Y 434 -40.29 135.20 -24.71
CA GLU Y 434 -41.14 134.13 -24.19
C GLU Y 434 -40.39 133.25 -23.18
N TYR Y 435 -39.15 132.87 -23.48
CA TYR Y 435 -38.38 132.05 -22.55
C TYR Y 435 -38.11 132.78 -21.23
N HIS Y 436 -37.80 134.07 -21.29
CA HIS Y 436 -37.60 134.83 -20.06
C HIS Y 436 -38.92 135.13 -19.37
N ALA Y 437 -40.02 135.20 -20.13
CA ALA Y 437 -41.33 135.36 -19.53
C ALA Y 437 -41.75 134.10 -18.77
N ALA Y 438 -41.25 132.95 -19.19
CA ALA Y 438 -41.53 131.69 -18.51
C ALA Y 438 -40.99 131.64 -17.08
N THR Y 439 -40.06 132.51 -16.71
CA THR Y 439 -39.43 132.48 -15.38
C THR Y 439 -40.06 133.47 -14.40
N ARG Y 440 -41.36 133.75 -14.51
CA ARG Y 440 -42.09 134.59 -13.57
C ARG Y 440 -43.25 133.80 -12.96
N PRO Y 441 -43.76 134.22 -11.79
CA PRO Y 441 -44.98 133.58 -11.25
C PRO Y 441 -46.27 133.82 -12.05
N ASP Y 442 -46.27 134.67 -13.06
CA ASP Y 442 -47.49 134.97 -13.80
C ASP Y 442 -47.33 134.66 -15.28
N TYR Y 443 -46.83 133.46 -15.58
CA TYR Y 443 -46.89 132.92 -16.93
C TYR Y 443 -48.22 132.25 -17.22
N ILE Y 444 -49.17 132.31 -16.26
CA ILE Y 444 -50.57 132.08 -16.60
C ILE Y 444 -51.08 133.20 -17.50
N SER Y 445 -50.52 134.41 -17.36
CA SER Y 445 -50.68 135.46 -18.36
C SER Y 445 -49.75 135.21 -19.55
N TRP Y 446 -49.85 136.05 -20.58
CA TRP Y 446 -49.27 135.78 -21.89
C TRP Y 446 -47.76 136.04 -21.90
N GLY Y 447 -47.05 135.24 -22.70
CA GLY Y 447 -45.61 135.36 -22.81
C GLY Y 447 -45.15 136.57 -23.59
N GLU Z 4 -70.52 71.14 -70.32
CA GLU Z 4 -69.37 70.91 -71.17
C GLU Z 4 -69.13 72.11 -72.09
N ILE Z 5 -67.85 72.37 -72.42
CA ILE Z 5 -67.42 73.66 -72.98
C ILE Z 5 -66.46 73.43 -74.14
N ILE Z 6 -66.48 74.34 -75.12
CA ILE Z 6 -65.58 74.33 -76.27
C ILE Z 6 -64.93 75.70 -76.44
N THR Z 7 -63.71 75.70 -76.99
CA THR Z 7 -63.03 76.95 -77.38
C THR Z 7 -63.30 77.28 -78.84
N LEU Z 8 -63.38 78.57 -79.14
CA LEU Z 8 -63.64 79.03 -80.51
C LEU Z 8 -62.56 80.02 -80.98
N GLN Z 9 -61.29 79.68 -80.73
CA GLN Z 9 -60.14 80.55 -81.03
C GLN Z 9 -60.17 81.09 -82.45
N LEU Z 10 -59.95 82.40 -82.61
CA LEU Z 10 -60.12 82.99 -83.95
C LEU Z 10 -59.32 84.28 -84.11
N GLY Z 11 -59.03 84.60 -85.38
CA GLY Z 11 -57.97 85.50 -85.76
C GLY Z 11 -56.59 84.93 -85.52
N GLN Z 12 -55.55 85.59 -86.02
CA GLN Z 12 -54.19 85.14 -85.76
C GLN Z 12 -53.84 85.16 -84.27
N CYS Z 13 -54.30 86.18 -83.54
CA CYS Z 13 -54.15 86.16 -82.09
C CYS Z 13 -54.83 84.94 -81.46
N GLY Z 14 -56.08 84.66 -81.86
CA GLY Z 14 -56.81 83.56 -81.26
C GLY Z 14 -56.13 82.22 -81.42
N ASN Z 15 -55.59 81.97 -82.61
CA ASN Z 15 -54.86 80.72 -82.85
C ASN Z 15 -53.61 80.63 -81.99
N GLN Z 16 -52.92 81.75 -81.78
CA GLN Z 16 -51.71 81.73 -80.97
C GLN Z 16 -52.05 81.48 -79.50
N ILE Z 17 -53.06 82.16 -78.96
CA ILE Z 17 -53.47 81.88 -77.59
C ILE Z 17 -54.13 80.50 -77.50
N GLY Z 18 -54.77 80.03 -78.58
CA GLY Z 18 -55.43 78.73 -78.59
C GLY Z 18 -54.50 77.56 -78.83
N PHE Z 19 -53.42 77.80 -79.59
CA PHE Z 19 -52.36 76.82 -79.79
C PHE Z 19 -51.59 76.61 -78.49
N GLU Z 20 -51.22 77.70 -77.83
CA GLU Z 20 -50.73 77.57 -76.46
C GLU Z 20 -51.80 77.04 -75.50
N PHE Z 21 -53.09 77.35 -75.71
CA PHE Z 21 -54.14 76.77 -74.86
C PHE Z 21 -54.13 75.24 -74.92
N TRP Z 22 -54.23 74.65 -76.11
CA TRP Z 22 -54.27 73.19 -76.22
C TRP Z 22 -52.91 72.54 -75.95
N LYS Z 23 -51.82 73.20 -76.37
CA LYS Z 23 -50.48 72.75 -75.99
C LYS Z 23 -50.28 72.74 -74.48
N GLN Z 24 -50.88 73.68 -73.76
CA GLN Z 24 -50.86 73.61 -72.30
C GLN Z 24 -51.90 72.64 -71.74
N LEU Z 25 -53.04 72.48 -72.39
CA LEU Z 25 -54.06 71.60 -71.84
C LEU Z 25 -53.65 70.13 -71.86
N CYS Z 26 -53.05 69.66 -72.95
CA CYS Z 26 -52.54 68.29 -72.96
C CYS Z 26 -51.47 68.12 -71.89
N ALA Z 27 -50.54 69.08 -71.82
CA ALA Z 27 -49.51 69.04 -70.78
C ALA Z 27 -50.08 68.89 -69.37
N GLU Z 28 -51.04 69.72 -68.96
CA GLU Z 28 -51.54 69.59 -67.58
C GLU Z 28 -52.42 68.34 -67.37
N HIS Z 29 -53.13 67.84 -68.39
CA HIS Z 29 -53.89 66.60 -68.28
C HIS Z 29 -53.09 65.33 -68.56
N GLY Z 30 -51.76 65.40 -68.53
CA GLY Z 30 -50.93 64.21 -68.64
C GLY Z 30 -51.03 63.52 -69.99
N ILE Z 31 -51.17 64.32 -71.05
CA ILE Z 31 -51.41 63.83 -72.40
C ILE Z 31 -50.33 64.37 -73.33
N SER Z 32 -49.89 63.53 -74.28
CA SER Z 32 -48.84 63.85 -75.26
C SER Z 32 -49.35 64.80 -76.36
N PRO Z 33 -48.42 65.35 -77.19
CA PRO Z 33 -48.84 66.07 -78.40
C PRO Z 33 -49.75 65.27 -79.33
N GLU Z 34 -49.75 63.95 -79.18
CA GLU Z 34 -50.61 63.08 -79.99
C GLU Z 34 -51.96 62.81 -79.35
N GLY Z 35 -52.22 63.34 -78.15
CA GLY Z 35 -53.41 62.99 -77.42
C GLY Z 35 -53.28 61.77 -76.54
N ILE Z 36 -52.15 61.04 -76.62
CA ILE Z 36 -51.97 59.80 -75.87
C ILE Z 36 -51.87 60.11 -74.38
N VAL Z 37 -52.55 59.30 -73.56
CA VAL Z 37 -52.35 59.35 -72.11
C VAL Z 37 -50.92 58.93 -71.81
N GLU Z 38 -50.14 59.82 -71.21
CA GLU Z 38 -48.75 59.51 -70.93
C GLU Z 38 -48.66 58.49 -69.80
N GLU Z 39 -47.58 57.72 -69.80
CA GLU Z 39 -47.55 56.48 -69.02
C GLU Z 39 -47.41 56.75 -67.53
N PHE Z 40 -47.10 58.00 -67.12
CA PHE Z 40 -47.02 58.34 -65.69
C PHE Z 40 -48.39 58.41 -65.04
N ALA Z 41 -49.46 58.52 -65.81
CA ALA Z 41 -50.82 58.50 -65.28
C ALA Z 41 -51.16 57.16 -64.65
N THR Z 45 -56.71 60.47 -60.91
CA THR Z 45 -57.97 60.82 -61.54
C THR Z 45 -58.01 62.28 -62.03
N ASP Z 46 -58.86 62.53 -63.03
CA ASP Z 46 -59.22 63.87 -63.49
C ASP Z 46 -60.53 63.77 -64.26
N ARG Z 47 -60.89 64.86 -64.98
CA ARG Z 47 -62.11 64.91 -65.81
C ARG Z 47 -61.81 65.81 -67.03
N LYS Z 48 -61.07 65.26 -67.99
CA LYS Z 48 -60.73 66.04 -69.18
C LYS Z 48 -61.94 66.22 -70.10
N ASP Z 49 -62.79 65.20 -70.17
CA ASP Z 49 -64.22 65.25 -70.48
C ASP Z 49 -64.88 66.55 -70.99
N VAL Z 50 -64.87 67.67 -70.25
CA VAL Z 50 -65.50 68.92 -70.69
C VAL Z 50 -64.91 69.41 -72.00
N PHE Z 51 -63.68 69.89 -71.91
CA PHE Z 51 -62.93 70.40 -73.05
C PHE Z 51 -62.52 69.21 -73.89
N PHE Z 52 -61.64 68.38 -73.33
CA PHE Z 52 -61.12 67.24 -74.07
C PHE Z 52 -62.23 66.32 -74.56
N TYR Z 53 -62.40 66.34 -75.87
CA TYR Z 53 -63.11 65.34 -76.65
C TYR Z 53 -62.60 63.94 -76.30
N GLN Z 54 -63.48 63.14 -75.69
CA GLN Z 54 -63.14 61.79 -75.26
C GLN Z 54 -62.98 60.89 -76.47
N ALA Z 55 -61.85 60.16 -76.56
CA ALA Z 55 -61.39 59.62 -77.83
C ALA Z 55 -61.19 58.11 -77.74
N ASP Z 56 -61.24 57.47 -78.90
CA ASP Z 56 -61.33 56.01 -78.98
C ASP Z 56 -60.17 55.31 -78.29
N ASP Z 57 -58.94 55.68 -78.63
CA ASP Z 57 -57.73 55.06 -78.11
C ASP Z 57 -57.25 55.73 -76.82
N GLU Z 58 -58.02 56.68 -76.29
CA GLU Z 58 -57.51 57.74 -75.42
C GLU Z 58 -56.35 58.50 -76.07
N HIS Z 59 -56.40 58.59 -77.40
CA HIS Z 59 -55.77 59.67 -78.17
C HIS Z 59 -56.69 60.89 -78.09
N TYR Z 60 -56.67 61.57 -76.94
CA TYR Z 60 -57.62 62.65 -76.64
C TYR Z 60 -57.52 63.86 -77.57
N ILE Z 61 -58.68 64.49 -77.79
CA ILE Z 61 -58.89 65.55 -78.76
C ILE Z 61 -59.41 66.78 -78.02
N PRO Z 62 -59.31 68.03 -78.62
CA PRO Z 62 -59.88 69.26 -78.01
C PRO Z 62 -61.39 69.57 -78.05
N ARG Z 63 -62.08 69.29 -79.16
CA ARG Z 63 -63.29 70.00 -79.64
C ARG Z 63 -63.07 71.34 -80.32
N ALA Z 64 -61.87 71.66 -80.84
CA ALA Z 64 -61.55 72.97 -81.40
C ALA Z 64 -61.85 73.07 -82.90
N VAL Z 65 -62.70 74.03 -83.29
CA VAL Z 65 -62.98 74.38 -84.69
C VAL Z 65 -61.94 75.41 -85.17
N LEU Z 66 -60.91 74.95 -85.88
CA LEU Z 66 -59.80 75.81 -86.34
C LEU Z 66 -60.16 76.57 -87.63
N LEU Z 67 -61.26 77.32 -87.55
CA LEU Z 67 -61.61 78.36 -88.52
C LEU Z 67 -60.46 79.36 -88.69
N ASP Z 68 -60.21 79.79 -89.93
CA ASP Z 68 -59.21 80.84 -90.15
C ASP Z 68 -59.49 81.68 -91.40
N LEU Z 69 -58.82 82.84 -91.50
CA LEU Z 69 -58.98 83.79 -92.59
C LEU Z 69 -57.67 84.57 -92.81
N GLU Z 70 -57.41 84.97 -94.08
CA GLU Z 70 -56.07 85.25 -94.65
C GLU Z 70 -55.02 84.32 -94.02
N PRO Z 71 -55.00 83.05 -94.46
CA PRO Z 71 -54.24 81.96 -93.82
C PRO Z 71 -52.70 82.07 -93.73
N ARG Z 72 -52.13 83.27 -93.90
CA ARG Z 72 -50.71 83.40 -94.23
C ARG Z 72 -49.78 82.73 -93.22
N VAL Z 73 -50.01 82.94 -91.91
CA VAL Z 73 -49.05 82.44 -90.92
C VAL Z 73 -49.39 81.04 -90.41
N ILE Z 74 -50.65 80.63 -90.49
CA ILE Z 74 -51.17 79.52 -89.68
C ILE Z 74 -50.71 78.14 -90.17
N HIS Z 75 -50.13 78.01 -91.37
CA HIS Z 75 -49.33 76.82 -91.67
C HIS Z 75 -48.32 76.52 -90.57
N SER Z 76 -47.69 77.57 -90.02
CA SER Z 76 -46.63 77.44 -89.02
C SER Z 76 -47.16 77.06 -87.64
N ILE Z 77 -48.47 77.16 -87.43
CA ILE Z 77 -49.10 76.65 -86.21
C ILE Z 77 -49.56 75.21 -86.43
N LEU Z 78 -49.99 74.89 -87.65
CA LEU Z 78 -50.48 73.57 -88.03
C LEU Z 78 -49.37 72.55 -88.33
N ASN Z 79 -48.11 72.96 -88.49
CA ASN Z 79 -47.03 71.99 -88.66
C ASN Z 79 -46.41 71.54 -87.33
N SER Z 80 -46.89 72.07 -86.20
CA SER Z 80 -46.48 71.62 -84.87
C SER Z 80 -46.96 70.18 -84.57
N PRO Z 81 -46.24 69.46 -83.68
CA PRO Z 81 -46.73 68.14 -83.23
C PRO Z 81 -48.09 68.14 -82.52
N TYR Z 82 -48.63 69.29 -82.15
CA TYR Z 82 -49.91 69.37 -81.45
C TYR Z 82 -51.11 69.28 -82.38
N ALA Z 83 -50.90 69.21 -83.70
CA ALA Z 83 -52.01 69.01 -84.63
C ALA Z 83 -52.65 67.64 -84.43
N LYS Z 84 -51.86 66.67 -83.95
CA LYS Z 84 -52.35 65.34 -83.62
C LYS Z 84 -53.26 65.37 -82.42
N LEU Z 85 -53.12 66.38 -81.56
CA LEU Z 85 -54.18 66.68 -80.59
C LEU Z 85 -55.39 67.35 -81.25
N TYR Z 86 -55.21 68.48 -81.96
CA TYR Z 86 -56.33 69.12 -82.73
C TYR Z 86 -56.45 68.38 -84.08
N ASN Z 87 -56.74 67.08 -84.08
CA ASN Z 87 -56.72 66.23 -85.28
C ASN Z 87 -58.00 66.01 -86.12
N PRO Z 88 -59.23 66.50 -85.75
CA PRO Z 88 -60.43 66.01 -86.48
C PRO Z 88 -60.56 66.50 -87.93
N GLU Z 89 -59.53 67.16 -88.47
CA GLU Z 89 -59.54 67.78 -89.81
C GLU Z 89 -60.75 68.70 -90.00
N ASN Z 90 -61.11 69.41 -88.92
CA ASN Z 90 -62.15 70.41 -88.88
C ASN Z 90 -61.56 71.83 -89.02
N ILE Z 91 -60.28 71.91 -89.40
CA ILE Z 91 -59.62 73.15 -89.82
C ILE Z 91 -60.26 73.70 -91.10
N TYR Z 92 -60.45 75.03 -91.16
CA TYR Z 92 -61.08 75.65 -92.34
C TYR Z 92 -60.35 76.94 -92.72
N LEU Z 93 -60.09 77.10 -94.03
CA LEU Z 93 -59.41 78.28 -94.54
C LEU Z 93 -60.32 79.11 -95.47
N GLY Z 101 -59.59 92.63 -95.53
CA GLY Z 101 -58.55 93.38 -94.85
C GLY Z 101 -58.63 93.28 -93.34
N ASN Z 102 -57.73 94.00 -92.67
CA ASN Z 102 -57.56 93.97 -91.22
C ASN Z 102 -58.53 94.89 -90.47
N ASN Z 103 -59.47 95.51 -91.18
CA ASN Z 103 -60.46 96.40 -90.59
C ASN Z 103 -61.65 95.60 -90.04
N TRP Z 104 -62.35 96.19 -89.06
CA TRP Z 104 -63.50 95.52 -88.46
C TRP Z 104 -64.56 95.15 -89.48
N ALA Z 105 -64.87 96.06 -90.42
CA ALA Z 105 -65.92 95.76 -91.38
C ALA Z 105 -65.54 94.61 -92.31
N SER Z 106 -64.29 94.60 -92.79
CA SER Z 106 -63.83 93.52 -93.65
C SER Z 106 -63.78 92.20 -92.88
N GLY Z 107 -63.29 92.23 -91.64
CA GLY Z 107 -63.27 91.02 -90.83
C GLY Z 107 -64.65 90.49 -90.50
N PHE Z 108 -65.61 91.38 -90.26
CA PHE Z 108 -66.99 90.94 -89.97
C PHE Z 108 -67.62 90.34 -91.21
N SER Z 109 -67.49 91.02 -92.35
CA SER Z 109 -68.15 90.61 -93.57
C SER Z 109 -67.49 89.41 -94.24
N GLN Z 110 -66.17 89.24 -94.09
CA GLN Z 110 -65.52 88.03 -94.57
C GLN Z 110 -65.92 86.82 -93.74
N GLY Z 111 -66.19 87.02 -92.45
CA GLY Z 111 -66.88 86.01 -91.66
C GLY Z 111 -68.21 85.58 -92.26
N GLU Z 112 -69.05 86.55 -92.63
CA GLU Z 112 -70.30 86.25 -93.32
C GLU Z 112 -70.09 85.53 -94.65
N LYS Z 113 -69.05 85.89 -95.39
CA LYS Z 113 -68.80 85.28 -96.69
C LYS Z 113 -68.25 83.86 -96.59
N ILE Z 114 -67.92 83.38 -95.39
CA ILE Z 114 -67.48 82.02 -95.18
C ILE Z 114 -68.42 81.25 -94.26
N HIS Z 115 -69.51 81.88 -93.79
CA HIS Z 115 -70.19 81.48 -92.55
C HIS Z 115 -70.78 80.06 -92.57
N GLU Z 116 -71.26 79.57 -93.72
CA GLU Z 116 -72.11 78.38 -93.70
C GLU Z 116 -71.35 77.16 -93.19
N ASP Z 117 -70.20 76.88 -93.77
CA ASP Z 117 -69.40 75.74 -93.32
C ASP Z 117 -69.04 75.91 -91.85
N ILE Z 118 -68.57 77.12 -91.49
CA ILE Z 118 -68.02 77.37 -90.17
C ILE Z 118 -69.11 77.52 -89.12
N PHE Z 119 -70.37 77.61 -89.55
CA PHE Z 119 -71.51 77.44 -88.64
C PHE Z 119 -71.87 75.97 -88.48
N ASP Z 120 -72.00 75.24 -89.58
CA ASP Z 120 -72.37 73.83 -89.51
C ASP Z 120 -71.36 73.00 -88.71
N ILE Z 121 -70.08 73.19 -88.97
CA ILE Z 121 -69.07 72.39 -88.28
C ILE Z 121 -68.94 72.82 -86.81
N ILE Z 122 -69.68 73.85 -86.37
CA ILE Z 122 -69.98 73.98 -84.94
C ILE Z 122 -70.90 72.85 -84.50
N ASP Z 123 -72.07 72.74 -85.13
CA ASP Z 123 -73.00 71.66 -84.78
C ASP Z 123 -72.38 70.28 -84.93
N ARG Z 124 -71.53 70.07 -85.94
CA ARG Z 124 -70.88 68.77 -86.09
C ARG Z 124 -70.07 68.40 -84.85
N GLU Z 125 -69.79 69.37 -83.98
CA GLU Z 125 -69.11 69.15 -82.70
C GLU Z 125 -70.03 69.37 -81.50
N ALA Z 126 -70.92 70.37 -81.56
CA ALA Z 126 -71.89 70.62 -80.50
C ALA Z 126 -72.91 69.49 -80.34
N ASP Z 127 -73.20 68.74 -81.41
CA ASP Z 127 -74.02 67.54 -81.27
C ASP Z 127 -73.22 66.42 -80.62
N GLY Z 128 -71.90 66.44 -80.79
CA GLY Z 128 -71.05 65.43 -80.17
C GLY Z 128 -70.84 65.63 -78.67
N SER Z 129 -70.89 66.88 -78.21
CA SER Z 129 -70.71 67.17 -76.79
C SER Z 129 -71.95 66.79 -75.98
N ASP Z 130 -71.75 66.08 -74.87
CA ASP Z 130 -72.85 65.44 -74.16
C ASP Z 130 -73.86 66.45 -73.59
N SER Z 131 -73.41 67.67 -73.28
CA SER Z 131 -74.27 68.74 -72.77
C SER Z 131 -73.50 70.06 -72.89
N LEU Z 132 -73.62 70.72 -74.04
CA LEU Z 132 -72.93 71.98 -74.25
C LEU Z 132 -73.54 73.06 -73.37
N GLU Z 133 -72.68 73.82 -72.71
CA GLU Z 133 -73.10 74.84 -71.76
C GLU Z 133 -72.78 76.25 -72.25
N GLY Z 134 -71.64 76.45 -72.89
CA GLY Z 134 -71.23 77.77 -73.33
C GLY Z 134 -70.02 77.71 -74.25
N PHE Z 135 -69.71 78.87 -74.83
CA PHE Z 135 -68.71 79.06 -75.87
C PHE Z 135 -67.61 80.00 -75.36
N VAL Z 136 -66.35 79.56 -75.41
CA VAL Z 136 -65.20 80.35 -74.95
C VAL Z 136 -64.51 81.00 -76.14
N LEU Z 137 -64.56 82.34 -76.22
CA LEU Z 137 -64.03 83.07 -77.36
C LEU Z 137 -62.65 83.61 -77.00
N CYS Z 138 -61.63 82.85 -77.39
CA CYS Z 138 -60.24 83.30 -77.40
C CYS Z 138 -60.09 84.35 -78.50
N HIS Z 139 -59.85 85.61 -78.13
CA HIS Z 139 -60.10 86.70 -79.07
C HIS Z 139 -59.33 87.93 -78.63
N SER Z 140 -59.06 88.84 -79.57
CA SER Z 140 -58.50 90.15 -79.25
C SER Z 140 -59.49 91.25 -79.65
N ILE Z 141 -59.56 92.30 -78.83
CA ILE Z 141 -60.19 93.54 -79.25
C ILE Z 141 -59.41 94.14 -80.43
N ALA Z 142 -60.15 94.49 -81.49
CA ALA Z 142 -59.63 95.23 -82.63
C ALA Z 142 -58.51 94.56 -83.43
N GLY Z 143 -58.15 93.32 -83.10
CA GLY Z 143 -56.96 92.75 -83.71
C GLY Z 143 -57.16 92.17 -85.11
N GLY Z 144 -56.91 93.00 -86.13
CA GLY Z 144 -56.74 92.56 -87.51
C GLY Z 144 -57.81 91.67 -88.11
N THR Z 145 -57.41 90.44 -88.43
CA THR Z 145 -58.31 89.43 -89.00
C THR Z 145 -59.26 88.86 -87.96
N GLY Z 146 -58.85 88.86 -86.68
CA GLY Z 146 -59.80 88.60 -85.62
C GLY Z 146 -60.81 89.70 -85.45
N SER Z 147 -60.38 90.94 -85.63
CA SER Z 147 -61.29 92.08 -85.61
C SER Z 147 -62.38 91.90 -86.65
N GLY Z 148 -63.60 92.28 -86.27
CA GLY Z 148 -64.78 91.90 -87.02
C GLY Z 148 -65.19 90.46 -86.76
N LEU Z 149 -64.32 89.54 -87.20
CA LEU Z 149 -64.64 88.11 -87.22
C LEU Z 149 -65.22 87.61 -85.91
N GLY Z 150 -64.49 87.80 -84.80
CA GLY Z 150 -64.98 87.28 -83.54
C GLY Z 150 -66.26 87.94 -83.09
N SER Z 151 -66.32 89.26 -83.26
CA SER Z 151 -67.54 90.01 -82.96
C SER Z 151 -68.68 89.66 -83.92
N TYR Z 152 -68.38 89.22 -85.15
CA TYR Z 152 -69.43 88.75 -86.04
C TYR Z 152 -70.04 87.46 -85.52
N LEU Z 153 -69.19 86.49 -85.19
CA LEU Z 153 -69.66 85.25 -84.58
C LEU Z 153 -70.46 85.53 -83.32
N LEU Z 154 -70.03 86.53 -82.55
CA LEU Z 154 -70.73 86.93 -81.34
C LEU Z 154 -72.14 87.50 -81.63
N GLU Z 155 -72.37 88.09 -82.81
CA GLU Z 155 -73.73 88.48 -83.18
C GLU Z 155 -74.61 87.29 -83.53
N ARG Z 156 -74.02 86.16 -83.91
CA ARG Z 156 -74.73 85.02 -84.49
C ARG Z 156 -75.01 83.94 -83.45
N LEU Z 157 -74.05 83.69 -82.56
CA LEU Z 157 -74.16 82.62 -81.58
C LEU Z 157 -75.42 82.75 -80.72
N ASN Z 158 -75.77 83.99 -80.34
CA ASN Z 158 -76.94 84.22 -79.49
C ASN Z 158 -78.26 84.09 -80.24
N ASP Z 159 -78.26 84.23 -81.57
CA ASP Z 159 -79.49 83.94 -82.32
C ASP Z 159 -79.68 82.45 -82.54
N ARG Z 160 -78.62 81.71 -82.87
CA ARG Z 160 -78.74 80.29 -83.18
C ARG Z 160 -78.66 79.41 -81.93
N TYR Z 161 -78.03 79.89 -80.86
CA TYR Z 161 -77.89 79.17 -79.59
C TYR Z 161 -78.27 80.10 -78.44
N PRO Z 162 -79.56 80.43 -78.29
CA PRO Z 162 -79.95 81.49 -77.35
C PRO Z 162 -79.82 81.11 -75.88
N LYS Z 163 -79.74 79.83 -75.52
CA LYS Z 163 -79.57 79.44 -74.12
C LYS Z 163 -78.10 79.40 -73.70
N LYS Z 164 -77.19 79.11 -74.62
CA LYS Z 164 -75.78 78.91 -74.29
C LYS Z 164 -75.10 80.25 -73.98
N LEU Z 165 -74.13 80.22 -73.06
CA LEU Z 165 -73.48 81.43 -72.54
C LEU Z 165 -72.15 81.66 -73.25
N VAL Z 166 -71.89 82.91 -73.64
CA VAL Z 166 -70.73 83.27 -74.45
C VAL Z 166 -69.77 84.10 -73.62
N GLN Z 167 -68.58 83.57 -73.32
CA GLN Z 167 -67.55 84.27 -72.55
C GLN Z 167 -66.37 84.61 -73.46
N THR Z 168 -65.86 85.84 -73.36
CA THR Z 168 -64.76 86.28 -74.20
C THR Z 168 -63.53 86.60 -73.35
N TYR Z 169 -62.45 85.85 -73.55
CA TYR Z 169 -61.16 86.14 -72.92
C TYR Z 169 -60.36 87.14 -73.77
N SER Z 170 -61.02 88.26 -74.04
CA SER Z 170 -60.54 89.30 -74.95
C SER Z 170 -59.37 90.07 -74.33
N VAL Z 171 -58.17 89.86 -74.88
CA VAL Z 171 -57.07 90.77 -74.61
C VAL Z 171 -57.40 92.11 -75.26
N PHE Z 172 -57.02 93.22 -74.59
CA PHE Z 172 -57.45 94.57 -74.98
C PHE Z 172 -56.34 95.34 -75.70
N PRO Z 173 -56.73 96.36 -76.49
CA PRO Z 173 -55.80 96.95 -77.49
C PRO Z 173 -54.67 97.81 -76.93
N ASN Z 174 -54.72 98.28 -75.69
CA ASN Z 174 -53.70 99.19 -75.16
C ASN Z 174 -52.39 98.42 -74.92
N GLN Z 175 -51.31 98.82 -75.60
CA GLN Z 175 -50.03 98.09 -75.57
C GLN Z 175 -48.92 98.95 -74.94
N ASP Z 176 -49.31 99.83 -74.04
CA ASP Z 176 -48.57 101.01 -73.57
C ASP Z 176 -48.45 102.04 -74.70
N GLU Z 177 -48.21 101.58 -75.94
CA GLU Z 177 -48.49 102.35 -77.15
C GLU Z 177 -48.07 103.82 -77.11
N ASP Z 180 -48.84 99.41 -84.83
CA ASP Z 180 -49.47 100.71 -84.90
C ASP Z 180 -50.54 100.62 -86.00
N VAL Z 181 -51.81 100.56 -85.58
CA VAL Z 181 -52.96 100.44 -86.47
C VAL Z 181 -53.83 101.68 -86.33
N VAL Z 182 -54.14 102.31 -87.47
CA VAL Z 182 -54.87 103.58 -87.46
C VAL Z 182 -56.38 103.38 -87.34
N VAL Z 183 -56.89 102.17 -87.63
CA VAL Z 183 -58.31 101.90 -87.49
C VAL Z 183 -58.61 101.21 -86.17
N GLN Z 184 -57.58 101.02 -85.32
CA GLN Z 184 -57.72 100.28 -84.07
C GLN Z 184 -58.77 100.87 -83.12
N PRO Z 185 -58.81 102.17 -82.84
CA PRO Z 185 -59.87 102.67 -81.94
C PRO Z 185 -61.27 102.47 -82.49
N TYR Z 186 -61.45 102.61 -83.81
CA TYR Z 186 -62.76 102.37 -84.41
C TYR Z 186 -63.13 100.90 -84.28
N ASN Z 187 -62.19 100.00 -84.64
CA ASN Z 187 -62.37 98.57 -84.44
C ASN Z 187 -62.65 98.23 -82.98
N SER Z 188 -61.98 98.92 -82.06
CA SER Z 188 -62.17 98.63 -80.64
C SER Z 188 -63.57 99.03 -80.19
N LEU Z 189 -64.03 100.21 -80.60
CA LEU Z 189 -65.40 100.62 -80.33
C LEU Z 189 -66.41 99.65 -80.91
N LEU Z 190 -66.23 99.27 -82.18
CA LEU Z 190 -67.19 98.43 -82.86
C LEU Z 190 -67.22 97.02 -82.28
N THR Z 191 -66.05 96.47 -81.93
CA THR Z 191 -66.04 95.18 -81.23
C THR Z 191 -66.65 95.32 -79.85
N LEU Z 192 -66.36 96.41 -79.15
CA LEU Z 192 -66.85 96.57 -77.80
C LEU Z 192 -68.37 96.76 -77.74
N LYS Z 193 -69.00 97.29 -78.81
CA LYS Z 193 -70.46 97.25 -78.82
C LYS Z 193 -70.96 95.82 -78.78
N ARG Z 194 -70.31 94.92 -79.51
CA ARG Z 194 -70.65 93.51 -79.43
C ARG Z 194 -70.28 92.91 -78.07
N LEU Z 195 -69.03 93.09 -77.61
CA LEU Z 195 -68.65 92.53 -76.31
C LEU Z 195 -69.53 93.02 -75.17
N THR Z 196 -70.09 94.23 -75.27
CA THR Z 196 -71.04 94.68 -74.26
C THR Z 196 -72.40 94.02 -74.48
N GLN Z 197 -72.94 94.18 -75.69
CA GLN Z 197 -74.36 93.94 -75.95
C GLN Z 197 -74.65 92.46 -76.17
N ASN Z 198 -73.65 91.66 -76.58
CA ASN Z 198 -73.84 90.31 -77.10
C ASN Z 198 -73.16 89.20 -76.29
N ALA Z 199 -72.03 89.47 -75.62
CA ALA Z 199 -71.43 88.48 -74.73
C ALA Z 199 -72.24 88.32 -73.44
N ASP Z 200 -72.00 87.21 -72.72
CA ASP Z 200 -72.49 87.04 -71.36
C ASP Z 200 -71.47 87.47 -70.31
N CYS Z 201 -70.17 87.39 -70.61
CA CYS Z 201 -69.12 87.73 -69.65
C CYS Z 201 -67.82 88.01 -70.42
N VAL Z 202 -66.98 88.91 -69.90
CA VAL Z 202 -65.71 89.24 -70.54
C VAL Z 202 -64.59 89.30 -69.50
N VAL Z 203 -63.48 88.60 -69.76
CA VAL Z 203 -62.28 88.65 -68.94
C VAL Z 203 -61.23 89.45 -69.71
N VAL Z 204 -60.69 90.51 -69.08
CA VAL Z 204 -59.91 91.54 -69.77
C VAL Z 204 -58.45 91.47 -69.35
N LEU Z 205 -57.56 91.67 -70.33
CA LEU Z 205 -56.11 91.72 -70.15
C LEU Z 205 -55.55 92.95 -70.86
N ASP Z 206 -54.72 93.73 -70.17
CA ASP Z 206 -54.06 94.89 -70.77
C ASP Z 206 -52.68 94.47 -71.28
N ASN Z 207 -52.44 94.64 -72.59
CA ASN Z 207 -51.09 94.48 -73.11
C ASN Z 207 -50.10 95.44 -72.44
N THR Z 208 -50.55 96.64 -72.10
CA THR Z 208 -49.78 97.58 -71.28
C THR Z 208 -49.28 96.96 -69.99
N ALA Z 209 -50.19 96.40 -69.21
CA ALA Z 209 -49.83 95.80 -67.93
C ALA Z 209 -48.96 94.56 -68.14
N LEU Z 210 -49.27 93.77 -69.16
CA LEU Z 210 -48.53 92.55 -69.39
C LEU Z 210 -47.09 92.83 -69.82
N ASN Z 211 -46.87 93.89 -70.61
CA ASN Z 211 -45.52 94.33 -70.90
C ASN Z 211 -44.78 94.72 -69.63
N ARG Z 212 -45.45 95.50 -68.78
CA ARG Z 212 -44.85 95.94 -67.53
C ARG Z 212 -44.57 94.76 -66.59
N ILE Z 213 -45.52 93.83 -66.51
CA ILE Z 213 -45.35 92.63 -65.67
C ILE Z 213 -44.17 91.79 -66.17
N ALA Z 214 -44.01 91.69 -67.49
CA ALA Z 214 -42.87 90.97 -68.05
C ALA Z 214 -41.56 91.70 -67.76
N THR Z 215 -41.58 93.04 -67.74
CA THR Z 215 -40.43 93.86 -67.37
C THR Z 215 -40.19 93.86 -65.85
N ASP Z 216 -41.21 93.50 -65.07
CA ASP Z 216 -41.08 93.38 -63.61
C ASP Z 216 -40.47 92.03 -63.20
N ARG Z 217 -41.07 90.92 -63.64
CA ARG Z 217 -40.56 89.60 -63.28
C ARG Z 217 -39.24 89.31 -64.00
N LEU Z 218 -39.07 89.86 -65.19
CA LEU Z 218 -37.96 89.55 -66.09
C LEU Z 218 -37.57 90.85 -66.81
N HIS Z 219 -36.97 90.70 -67.99
CA HIS Z 219 -36.54 91.90 -68.77
C HIS Z 219 -37.20 91.86 -70.15
N ILE Z 220 -38.52 91.96 -70.20
CA ILE Z 220 -39.25 91.89 -71.51
C ILE Z 220 -40.35 92.97 -71.53
N GLN Z 221 -40.43 93.75 -72.61
CA GLN Z 221 -41.51 94.76 -72.74
C GLN Z 221 -42.02 94.71 -74.19
N ASN Z 222 -41.30 95.34 -75.11
CA ASN Z 222 -41.68 95.24 -76.56
C ASN Z 222 -41.66 93.77 -76.99
N PRO Z 223 -40.55 92.99 -76.82
CA PRO Z 223 -40.54 91.61 -77.27
C PRO Z 223 -41.71 90.83 -76.67
N SER Z 224 -42.00 91.07 -75.38
CA SER Z 224 -43.09 90.34 -74.70
C SER Z 224 -44.28 90.17 -75.65
N PHE Z 225 -44.49 88.95 -76.18
CA PHE Z 225 -45.63 88.65 -77.08
C PHE Z 225 -45.80 87.14 -77.04
N SER Z 226 -44.84 86.41 -77.60
CA SER Z 226 -44.88 84.94 -77.44
C SER Z 226 -44.79 84.70 -75.93
N GLN Z 227 -44.16 85.63 -75.21
CA GLN Z 227 -44.12 85.54 -73.75
C GLN Z 227 -45.47 85.84 -73.14
N ILE Z 228 -46.22 86.80 -73.72
CA ILE Z 228 -47.58 87.03 -73.27
C ILE Z 228 -48.44 85.79 -73.43
N ASN Z 229 -48.19 84.98 -74.47
CA ASN Z 229 -48.87 83.69 -74.59
C ASN Z 229 -48.65 82.80 -73.36
N GLN Z 230 -47.44 82.79 -72.79
CA GLN Z 230 -47.25 82.00 -71.58
C GLN Z 230 -48.04 82.59 -70.41
N LEU Z 231 -48.02 83.92 -70.27
CA LEU Z 231 -48.71 84.54 -69.15
C LEU Z 231 -50.21 84.33 -69.24
N VAL Z 232 -50.82 84.57 -70.41
CA VAL Z 232 -52.26 84.32 -70.53
C VAL Z 232 -52.58 82.85 -70.32
N SER Z 233 -51.75 81.95 -70.84
CA SER Z 233 -52.08 80.55 -70.66
C SER Z 233 -51.95 80.13 -69.19
N THR Z 234 -51.00 80.70 -68.45
CA THR Z 234 -51.02 80.48 -67.00
C THR Z 234 -52.27 81.09 -66.34
N ILE Z 235 -52.65 82.33 -66.66
CA ILE Z 235 -53.96 82.82 -66.19
C ILE Z 235 -55.05 81.82 -66.54
N MET Z 236 -55.14 81.50 -67.83
CA MET Z 236 -56.33 80.96 -68.48
C MET Z 236 -56.52 79.47 -68.25
N SER Z 237 -55.43 78.70 -68.12
CA SER Z 237 -55.56 77.36 -67.59
C SER Z 237 -56.23 77.36 -66.22
N ALA Z 238 -55.87 78.32 -65.37
CA ALA Z 238 -56.53 78.43 -64.07
C ALA Z 238 -58.02 78.79 -64.22
N SER Z 239 -58.36 79.78 -65.07
CA SER Z 239 -59.77 80.15 -65.21
C SER Z 239 -60.63 78.98 -65.67
N THR Z 240 -60.07 78.07 -66.44
CA THR Z 240 -60.73 76.85 -66.91
C THR Z 240 -60.49 75.62 -66.02
N THR Z 241 -59.95 75.79 -64.81
CA THR Z 241 -59.57 74.62 -63.99
C THR Z 241 -60.73 73.90 -63.30
N THR Z 242 -61.73 74.59 -62.72
CA THR Z 242 -62.76 73.83 -61.98
C THR Z 242 -63.61 72.98 -62.93
N LEU Z 243 -63.55 73.27 -64.23
CA LEU Z 243 -64.24 72.50 -65.25
C LEU Z 243 -63.60 71.13 -65.48
N ARG Z 244 -62.32 71.01 -65.20
CA ARG Z 244 -61.47 69.97 -65.75
C ARG Z 244 -60.94 68.97 -64.73
N TYR Z 245 -61.09 69.34 -63.41
CA TYR Z 245 -60.56 68.58 -62.25
C TYR Z 245 -61.61 68.40 -61.14
N PRO Z 246 -61.47 67.38 -60.28
CA PRO Z 246 -62.40 67.15 -59.20
C PRO Z 246 -62.34 68.25 -58.20
N GLY Z 247 -63.27 68.24 -57.22
CA GLY Z 247 -63.46 69.38 -56.32
C GLY Z 247 -64.65 70.15 -56.86
N TYR Z 248 -65.80 70.14 -56.19
CA TYR Z 248 -67.05 70.70 -56.79
C TYR Z 248 -67.37 72.14 -56.34
N MET Z 249 -66.39 72.96 -55.97
CA MET Z 249 -66.67 74.40 -55.65
C MET Z 249 -67.69 74.91 -56.67
N ASN Z 250 -67.67 74.44 -57.92
CA ASN Z 250 -68.67 74.69 -58.96
C ASN Z 250 -68.05 74.13 -60.24
N ASN Z 251 -68.53 72.96 -60.62
CA ASN Z 251 -67.79 72.03 -61.47
C ASN Z 251 -68.03 72.23 -62.96
N ASP Z 252 -68.40 73.44 -63.40
CA ASP Z 252 -68.60 73.75 -64.81
C ASP Z 252 -68.49 75.26 -65.02
N LEU Z 253 -68.99 75.77 -66.16
CA LEU Z 253 -68.81 77.19 -66.46
C LEU Z 253 -69.75 78.13 -65.71
N ILE Z 254 -70.92 77.67 -65.25
CA ILE Z 254 -72.03 78.57 -64.95
C ILE Z 254 -72.27 78.74 -63.44
N GLY Z 255 -71.85 77.79 -62.59
CA GLY Z 255 -71.67 78.13 -61.18
C GLY Z 255 -70.54 79.12 -60.97
N LEU Z 256 -69.56 79.09 -61.85
CA LEU Z 256 -68.27 79.75 -61.65
C LEU Z 256 -68.44 81.27 -61.57
N ILE Z 257 -69.01 81.84 -62.63
CA ILE Z 257 -69.15 83.27 -62.93
C ILE Z 257 -70.29 83.99 -62.20
N ALA Z 258 -71.35 83.29 -61.78
CA ALA Z 258 -72.45 84.00 -61.14
C ALA Z 258 -72.03 84.80 -59.89
N SER Z 259 -70.88 84.49 -59.28
CA SER Z 259 -70.31 85.29 -58.20
C SER Z 259 -69.79 86.66 -58.63
N LEU Z 260 -69.64 86.92 -59.94
CA LEU Z 260 -68.91 88.07 -60.44
C LEU Z 260 -69.77 89.09 -61.21
N ILE Z 261 -71.07 88.86 -61.40
CA ILE Z 261 -71.95 89.78 -62.12
C ILE Z 261 -73.27 89.97 -61.38
N PRO Z 262 -73.54 91.18 -60.79
CA PRO Z 262 -74.83 91.40 -60.11
C PRO Z 262 -75.93 91.95 -61.01
N THR Z 263 -75.59 92.74 -62.04
CA THR Z 263 -76.57 93.36 -62.94
C THR Z 263 -76.07 93.19 -64.38
N PRO Z 264 -76.95 92.84 -65.33
CA PRO Z 264 -76.45 92.16 -66.55
C PRO Z 264 -75.44 92.93 -67.38
N ARG Z 265 -75.60 94.25 -67.57
CA ARG Z 265 -74.70 94.93 -68.50
C ARG Z 265 -73.29 95.06 -67.97
N LEU Z 266 -73.06 94.79 -66.68
CA LEU Z 266 -71.81 95.10 -65.98
C LEU Z 266 -71.08 93.81 -65.63
N HIS Z 267 -70.36 93.33 -66.65
CA HIS Z 267 -69.86 91.97 -66.84
C HIS Z 267 -68.40 91.85 -67.25
N PHE Z 268 -67.66 92.95 -67.46
CA PHE Z 268 -66.22 92.89 -67.66
C PHE Z 268 -65.49 92.66 -66.33
N LEU Z 269 -64.47 91.78 -66.33
CA LEU Z 269 -63.77 91.38 -65.11
C LEU Z 269 -62.25 91.54 -65.27
N MET Z 270 -61.58 91.84 -64.15
CA MET Z 270 -60.14 92.11 -64.13
C MET Z 270 -59.31 90.82 -64.02
N THR Z 271 -57.97 90.95 -64.20
CA THR Z 271 -57.06 89.80 -64.08
C THR Z 271 -55.85 90.08 -63.19
N GLY Z 272 -55.35 88.98 -62.58
CA GLY Z 272 -54.23 88.94 -61.65
C GLY Z 272 -53.83 87.50 -61.36
N TYR Z 273 -52.54 87.25 -61.11
CA TYR Z 273 -52.02 85.89 -60.96
C TYR Z 273 -50.80 85.99 -60.05
N THR Z 274 -50.90 85.46 -58.81
CA THR Z 274 -49.98 85.96 -57.76
C THR Z 274 -48.52 85.66 -58.07
N PRO Z 275 -48.02 84.40 -58.00
CA PRO Z 275 -46.58 84.22 -57.86
C PRO Z 275 -45.94 84.14 -59.24
N LEU Z 276 -45.32 85.24 -59.68
CA LEU Z 276 -44.92 85.32 -61.07
C LEU Z 276 -43.56 84.66 -61.32
N THR Z 277 -42.77 84.39 -60.27
CA THR Z 277 -41.60 83.52 -60.36
C THR Z 277 -41.78 82.25 -59.53
N THR Z 278 -42.94 81.58 -59.67
CA THR Z 278 -43.23 80.33 -58.96
C THR Z 278 -42.36 79.16 -59.42
N ASP Z 279 -41.81 79.21 -60.63
CA ASP Z 279 -41.11 78.04 -61.20
C ASP Z 279 -39.78 77.77 -60.48
N LYS Z 287 -42.14 81.74 -46.52
CA LYS Z 287 -42.94 80.59 -46.12
C LYS Z 287 -44.25 80.50 -46.97
N THR Z 288 -44.81 81.65 -47.38
CA THR Z 288 -46.14 81.82 -47.98
C THR Z 288 -47.33 81.34 -47.13
N THR Z 289 -48.55 81.82 -47.45
CA THR Z 289 -49.81 81.42 -46.82
C THR Z 289 -50.96 81.92 -47.70
N VAL Z 290 -52.19 81.46 -47.42
CA VAL Z 290 -53.36 81.96 -48.17
C VAL Z 290 -53.45 83.48 -48.21
N LEU Z 291 -53.27 84.16 -47.09
CA LEU Z 291 -53.41 85.61 -47.13
C LEU Z 291 -52.40 86.22 -48.10
N ASP Z 292 -51.18 85.67 -48.17
CA ASP Z 292 -50.24 86.15 -49.18
C ASP Z 292 -50.76 85.92 -50.60
N VAL Z 293 -51.16 84.68 -50.92
CA VAL Z 293 -51.55 84.40 -52.30
C VAL Z 293 -52.85 85.11 -52.68
N MET Z 294 -53.73 85.39 -51.71
CA MET Z 294 -54.97 86.11 -52.02
C MET Z 294 -54.81 87.63 -52.03
N ARG Z 295 -53.96 88.23 -51.17
CA ARG Z 295 -53.78 89.68 -51.21
C ARG Z 295 -52.79 90.13 -52.31
N ARG Z 296 -51.77 89.33 -52.61
CA ARG Z 296 -50.86 89.63 -53.73
C ARG Z 296 -51.61 89.71 -55.06
N LEU Z 297 -52.86 89.27 -55.06
CA LEU Z 297 -53.77 89.18 -56.19
C LEU Z 297 -54.56 90.46 -56.40
N LEU Z 298 -54.90 91.14 -55.31
CA LEU Z 298 -55.64 92.40 -55.34
C LEU Z 298 -54.76 93.63 -55.51
N GLN Z 299 -53.45 93.52 -55.30
CA GLN Z 299 -52.50 94.61 -55.51
C GLN Z 299 -52.50 95.07 -56.97
N PRO Z 300 -52.97 96.29 -57.27
CA PRO Z 300 -53.07 96.71 -58.68
C PRO Z 300 -51.77 96.68 -59.48
N LYS Z 301 -50.60 96.71 -58.83
CA LYS Z 301 -49.33 96.54 -59.56
C LYS Z 301 -49.07 95.09 -59.99
N ASN Z 302 -49.54 94.10 -59.22
CA ASN Z 302 -49.45 92.70 -59.64
C ASN Z 302 -50.57 92.34 -60.61
N VAL Z 303 -51.69 93.05 -60.50
CA VAL Z 303 -52.80 92.94 -61.45
C VAL Z 303 -52.36 93.30 -62.87
N MET Z 304 -52.81 92.48 -63.83
CA MET Z 304 -52.52 92.65 -65.27
C MET Z 304 -53.46 93.63 -65.94
N VAL Z 305 -53.66 94.78 -65.28
CA VAL Z 305 -54.59 95.83 -65.68
C VAL Z 305 -53.96 97.16 -65.33
N SER Z 306 -54.18 98.17 -66.17
CA SER Z 306 -53.69 99.52 -65.91
C SER Z 306 -54.75 100.55 -66.24
N THR Z 313 -59.79 109.76 -58.77
CA THR Z 313 -60.97 108.93 -58.94
C THR Z 313 -61.34 108.14 -57.66
N ASN Z 314 -62.50 107.48 -57.67
CA ASN Z 314 -62.91 106.51 -56.66
C ASN Z 314 -63.20 105.16 -57.31
N HIS Z 315 -62.82 104.06 -56.63
CA HIS Z 315 -62.92 102.71 -57.23
C HIS Z 315 -63.40 101.65 -56.22
N CYS Z 316 -64.67 101.24 -56.37
CA CYS Z 316 -65.30 100.09 -55.71
C CYS Z 316 -64.84 98.76 -56.33
N TYR Z 317 -64.52 97.73 -55.51
CA TYR Z 317 -64.75 96.37 -56.03
C TYR Z 317 -66.22 95.97 -55.85
N ILE Z 318 -66.89 95.64 -56.96
CA ILE Z 318 -68.28 95.21 -56.88
C ILE Z 318 -68.41 93.77 -56.39
N ALA Z 319 -67.50 92.87 -56.80
CA ALA Z 319 -67.36 91.56 -56.17
C ALA Z 319 -66.04 90.92 -56.56
N ILE Z 320 -65.51 90.06 -55.69
CA ILE Z 320 -64.19 89.46 -55.85
C ILE Z 320 -64.28 87.95 -55.60
N LEU Z 321 -63.50 87.17 -56.37
CA LEU Z 321 -63.25 85.75 -56.11
C LEU Z 321 -61.78 85.46 -56.32
N ASN Z 322 -61.18 84.58 -55.52
CA ASN Z 322 -59.91 83.99 -55.87
C ASN Z 322 -59.97 82.47 -56.01
N ILE Z 323 -59.41 81.95 -57.12
CA ILE Z 323 -59.12 80.53 -57.31
C ILE Z 323 -57.66 80.26 -57.00
N ILE Z 324 -57.40 79.45 -55.98
CA ILE Z 324 -56.11 79.39 -55.30
C ILE Z 324 -55.67 77.93 -55.34
N GLN Z 325 -54.38 77.64 -55.61
CA GLN Z 325 -54.03 76.26 -55.95
C GLN Z 325 -52.68 75.86 -55.36
N GLY Z 326 -52.69 74.85 -54.47
CA GLY Z 326 -51.52 74.36 -53.77
C GLY Z 326 -51.83 73.95 -52.33
N GLU Z 327 -50.76 73.82 -51.54
CA GLU Z 327 -50.81 73.30 -50.17
C GLU Z 327 -51.25 74.40 -49.21
N VAL Z 328 -52.49 74.86 -49.41
CA VAL Z 328 -53.17 75.68 -48.43
C VAL Z 328 -53.42 74.86 -47.17
N ASP Z 329 -53.04 75.41 -46.02
CA ASP Z 329 -53.55 74.94 -44.75
C ASP Z 329 -55.01 75.38 -44.60
N PRO Z 330 -55.97 74.46 -44.53
CA PRO Z 330 -57.38 74.83 -44.63
C PRO Z 330 -57.95 75.59 -43.44
N THR Z 331 -57.25 75.65 -42.30
CA THR Z 331 -57.78 76.40 -41.16
C THR Z 331 -57.41 77.88 -41.22
N GLN Z 332 -56.49 78.27 -42.12
CA GLN Z 332 -55.99 79.64 -42.19
C GLN Z 332 -57.00 80.61 -42.85
N VAL Z 333 -57.69 80.17 -43.91
CA VAL Z 333 -58.52 81.08 -44.72
C VAL Z 333 -59.55 81.81 -43.88
N HIS Z 334 -60.22 81.11 -42.97
CA HIS Z 334 -61.23 81.74 -42.12
C HIS Z 334 -60.66 82.86 -41.26
N LYS Z 335 -59.38 82.77 -40.92
CA LYS Z 335 -58.71 83.76 -40.08
C LYS Z 335 -57.99 84.80 -40.91
N SER Z 336 -57.52 84.40 -42.09
CA SER Z 336 -57.03 85.32 -43.12
C SER Z 336 -57.97 86.48 -43.40
N LEU Z 337 -59.26 86.20 -43.64
CA LEU Z 337 -60.22 87.26 -43.88
C LEU Z 337 -60.24 88.34 -42.78
N GLN Z 338 -59.99 87.99 -41.51
CA GLN Z 338 -59.96 89.04 -40.49
C GLN Z 338 -58.85 90.05 -40.76
N ARG Z 339 -57.63 89.57 -41.04
CA ARG Z 339 -56.48 90.44 -41.20
C ARG Z 339 -56.43 91.10 -42.59
N ILE Z 340 -57.21 90.61 -43.55
CA ILE Z 340 -57.59 91.38 -44.74
C ILE Z 340 -58.53 92.51 -44.34
N ARG Z 341 -59.67 92.11 -43.78
CA ARG Z 341 -60.81 92.99 -43.47
C ARG Z 341 -60.43 94.17 -42.59
N GLU Z 342 -59.91 93.90 -41.38
CA GLU Z 342 -59.72 94.96 -40.39
C GLU Z 342 -58.62 95.95 -40.75
N ARG Z 343 -57.73 95.60 -41.69
CA ARG Z 343 -56.76 96.55 -42.21
C ARG Z 343 -57.22 97.22 -43.51
N LYS Z 344 -58.50 97.01 -43.89
CA LYS Z 344 -59.17 97.76 -44.96
C LYS Z 344 -58.41 97.68 -46.29
N LEU Z 345 -57.84 96.50 -46.53
CA LEU Z 345 -57.10 96.08 -47.70
C LEU Z 345 -58.01 95.67 -48.86
N ALA Z 346 -59.34 95.71 -48.67
CA ALA Z 346 -60.36 95.59 -49.71
C ALA Z 346 -61.48 96.56 -49.37
N ASN Z 347 -62.28 96.97 -50.40
CA ASN Z 347 -63.23 98.09 -50.23
C ASN Z 347 -64.55 97.88 -51.01
N PHE Z 348 -65.42 96.99 -50.48
CA PHE Z 348 -66.72 96.69 -51.09
C PHE Z 348 -67.76 97.77 -50.81
N ILE Z 349 -68.25 98.43 -51.87
CA ILE Z 349 -69.31 99.44 -51.78
C ILE Z 349 -70.30 99.33 -52.94
N PRO Z 350 -70.85 98.11 -53.24
CA PRO Z 350 -72.08 98.04 -54.05
C PRO Z 350 -73.28 98.62 -53.31
N TRP Z 351 -74.42 98.67 -54.00
CA TRP Z 351 -75.70 98.98 -53.38
C TRP Z 351 -76.16 97.95 -52.35
N GLY Z 352 -75.51 96.78 -52.24
CA GLY Z 352 -75.89 95.77 -51.28
C GLY Z 352 -74.70 95.07 -50.59
N PRO Z 353 -74.76 93.74 -50.44
CA PRO Z 353 -73.85 93.04 -49.51
C PRO Z 353 -72.63 92.33 -50.10
N ALA Z 354 -72.44 92.32 -51.41
CA ALA Z 354 -71.46 91.45 -52.06
C ALA Z 354 -70.02 91.77 -51.63
N SER Z 355 -69.17 90.73 -51.63
CA SER Z 355 -67.86 90.73 -50.95
C SER Z 355 -66.84 89.79 -51.60
N ILE Z 356 -65.87 89.26 -50.84
CA ILE Z 356 -64.75 88.47 -51.38
C ILE Z 356 -64.88 87.00 -51.01
N GLN Z 357 -64.58 86.12 -51.99
CA GLN Z 357 -64.76 84.68 -51.92
C GLN Z 357 -63.45 83.94 -52.21
N VAL Z 358 -63.40 82.65 -51.84
CA VAL Z 358 -62.32 81.74 -52.25
C VAL Z 358 -62.87 80.45 -52.83
N ALA Z 359 -62.26 79.99 -53.93
CA ALA Z 359 -62.47 78.68 -54.55
C ALA Z 359 -61.18 77.85 -54.50
N LEU Z 360 -61.04 77.05 -53.43
CA LEU Z 360 -59.90 76.15 -53.26
C LEU Z 360 -59.84 75.10 -54.37
N SER Z 361 -58.62 74.70 -54.77
CA SER Z 361 -58.44 73.67 -55.79
C SER Z 361 -57.10 72.92 -55.68
N ARG Z 362 -57.06 71.76 -56.34
CA ARG Z 362 -55.89 70.88 -56.45
C ARG Z 362 -54.68 71.62 -57.02
N LYS Z 363 -53.47 71.34 -56.53
CA LYS Z 363 -52.30 71.70 -57.32
C LYS Z 363 -52.41 71.09 -58.71
N SER Z 364 -51.97 71.85 -59.79
CA SER Z 364 -52.00 71.33 -61.16
C SER Z 364 -50.64 70.84 -61.62
N PRO Z 365 -50.51 69.64 -62.18
CA PRO Z 365 -49.18 69.06 -62.46
C PRO Z 365 -48.45 69.60 -63.69
N TYR Z 366 -48.90 70.68 -64.36
CA TYR Z 366 -48.06 71.30 -65.40
C TYR Z 366 -46.93 72.13 -64.80
N LEU Z 367 -47.11 72.65 -63.58
CA LEU Z 367 -46.05 73.37 -62.89
C LEU Z 367 -45.03 72.37 -62.34
N PRO Z 368 -43.75 72.36 -62.80
CA PRO Z 368 -42.82 71.36 -62.27
C PRO Z 368 -42.30 71.89 -60.93
N SER Z 369 -41.14 72.56 -60.92
CA SER Z 369 -40.71 73.33 -59.75
C SER Z 369 -41.80 74.33 -59.38
N ALA Z 370 -42.46 74.17 -58.22
CA ALA Z 370 -43.59 75.02 -57.83
C ALA Z 370 -43.33 75.64 -56.46
N HIS Z 371 -43.84 76.86 -56.24
CA HIS Z 371 -44.13 77.27 -54.87
C HIS Z 371 -45.27 76.42 -54.32
N ARG Z 372 -45.15 76.07 -53.03
CA ARG Z 372 -46.14 75.28 -52.33
C ARG Z 372 -47.56 75.87 -52.35
N VAL Z 373 -47.75 77.19 -52.56
CA VAL Z 373 -49.05 77.72 -52.98
C VAL Z 373 -48.91 78.74 -54.12
N SER Z 374 -50.03 78.96 -54.84
CA SER Z 374 -50.20 80.04 -55.82
C SER Z 374 -51.68 80.46 -55.84
N GLY Z 375 -52.03 81.50 -56.63
CA GLY Z 375 -53.44 81.85 -56.80
C GLY Z 375 -53.78 82.76 -57.98
N LEU Z 376 -55.09 82.94 -58.29
CA LEU Z 376 -55.51 83.74 -59.49
C LEU Z 376 -56.76 84.60 -59.26
N MET Z 377 -56.74 85.85 -59.74
CA MET Z 377 -57.82 86.86 -59.49
C MET Z 377 -58.89 86.87 -60.58
N MET Z 378 -60.09 87.27 -60.21
CA MET Z 378 -61.21 87.50 -61.17
C MET Z 378 -62.12 88.41 -60.35
N ALA Z 379 -62.28 89.68 -60.70
CA ALA Z 379 -63.06 90.60 -59.83
C ALA Z 379 -63.70 91.72 -60.64
N ASN Z 380 -65.00 91.95 -60.44
CA ASN Z 380 -65.77 93.00 -61.11
C ASN Z 380 -65.41 94.32 -60.44
N HIS Z 381 -64.40 95.01 -60.98
CA HIS Z 381 -63.93 96.27 -60.41
C HIS Z 381 -64.42 97.46 -61.23
N THR Z 382 -64.26 98.66 -60.65
CA THR Z 382 -64.60 99.91 -61.33
C THR Z 382 -63.48 100.48 -62.20
N SER Z 383 -62.20 100.25 -61.84
CA SER Z 383 -61.09 100.94 -62.52
C SER Z 383 -60.91 100.58 -63.99
N ILE Z 384 -61.49 99.47 -64.46
CA ILE Z 384 -61.43 99.15 -65.89
C ILE Z 384 -62.12 100.22 -66.73
N SER Z 385 -63.03 100.99 -66.13
CA SER Z 385 -63.61 102.16 -66.79
C SER Z 385 -62.55 103.15 -67.31
N SER Z 386 -61.35 103.17 -66.72
CA SER Z 386 -60.27 104.00 -67.27
C SER Z 386 -59.84 103.58 -68.66
N LEU Z 387 -59.72 102.28 -68.94
CA LEU Z 387 -59.33 101.85 -70.28
C LEU Z 387 -60.47 102.06 -71.27
N PHE Z 388 -61.72 101.88 -70.82
CA PHE Z 388 -62.86 102.26 -71.62
C PHE Z 388 -62.82 103.76 -71.94
N GLU Z 389 -62.44 104.60 -70.97
CA GLU Z 389 -62.33 106.04 -71.25
C GLU Z 389 -61.24 106.34 -72.29
N ARG Z 390 -60.07 105.68 -72.18
CA ARG Z 390 -59.06 105.81 -73.24
C ARG Z 390 -59.65 105.43 -74.59
N THR Z 391 -60.37 104.30 -74.63
CA THR Z 391 -60.98 103.83 -75.87
C THR Z 391 -61.94 104.86 -76.44
N CYS Z 392 -62.86 105.36 -75.62
CA CYS Z 392 -63.82 106.34 -76.09
C CYS Z 392 -63.13 107.61 -76.57
N ARG Z 393 -62.10 108.07 -75.87
CA ARG Z 393 -61.37 109.25 -76.32
C ARG Z 393 -60.66 109.00 -77.63
N GLN Z 394 -60.01 107.85 -77.75
CA GLN Z 394 -59.25 107.54 -78.95
C GLN Z 394 -60.16 107.36 -80.16
N TYR Z 395 -61.39 106.86 -79.96
CA TYR Z 395 -62.39 106.97 -81.01
C TYR Z 395 -62.73 108.43 -81.29
N ASP Z 396 -63.08 109.20 -80.25
CA ASP Z 396 -63.71 110.49 -80.48
C ASP Z 396 -62.77 111.47 -81.20
N LYS Z 397 -61.47 111.47 -80.87
CA LYS Z 397 -60.60 112.45 -81.50
C LYS Z 397 -60.33 112.10 -82.96
N LEU Z 398 -60.24 110.81 -83.27
CA LEU Z 398 -59.99 110.42 -84.65
C LEU Z 398 -61.29 110.43 -85.46
N ARG Z 399 -62.44 110.18 -84.80
CA ARG Z 399 -63.74 110.33 -85.42
C ARG Z 399 -64.02 111.79 -85.80
N LYS Z 400 -63.61 112.72 -84.96
CA LYS Z 400 -63.85 114.14 -85.25
C LYS Z 400 -62.71 114.78 -86.04
N ARG Z 401 -61.61 114.04 -86.28
CA ARG Z 401 -60.64 114.42 -87.29
C ARG Z 401 -61.00 113.89 -88.69
N GLU Z 402 -61.73 112.78 -88.77
CA GLU Z 402 -62.22 112.18 -90.02
C GLU Z 402 -61.11 111.78 -90.99
N ALA Z 403 -59.88 111.52 -90.52
CA ALA Z 403 -58.81 111.14 -91.42
C ALA Z 403 -58.65 109.64 -91.48
N PHE Z 404 -58.84 108.95 -90.35
CA PHE Z 404 -58.68 107.51 -90.25
C PHE Z 404 -60.02 106.79 -90.36
N LEU Z 405 -61.03 107.47 -90.88
CA LEU Z 405 -62.21 106.81 -91.43
C LEU Z 405 -61.90 106.09 -92.75
N GLU Z 406 -60.82 106.49 -93.44
CA GLU Z 406 -60.08 105.73 -94.45
C GLU Z 406 -60.76 105.76 -95.82
N GLN Z 407 -62.09 105.96 -95.87
CA GLN Z 407 -62.89 105.79 -97.10
C GLN Z 407 -62.67 104.45 -97.82
N PHE Z 408 -62.32 103.39 -97.09
CA PHE Z 408 -62.14 102.08 -97.71
C PHE Z 408 -63.50 101.47 -98.10
N ARG Z 409 -63.47 100.56 -99.08
CA ARG Z 409 -64.70 100.11 -99.72
C ARG Z 409 -65.51 99.18 -98.81
N LYS Z 410 -64.84 98.32 -98.03
CA LYS Z 410 -65.55 97.49 -97.07
C LYS Z 410 -66.08 98.33 -95.92
N GLU Z 411 -65.25 99.29 -95.49
CA GLU Z 411 -65.55 100.21 -94.41
C GLU Z 411 -66.76 101.08 -94.72
N ASP Z 412 -66.97 101.38 -96.01
CA ASP Z 412 -68.07 102.15 -96.55
C ASP Z 412 -69.32 101.31 -96.86
N MET Z 413 -69.16 100.13 -97.49
CA MET Z 413 -70.36 99.33 -97.81
C MET Z 413 -71.07 98.81 -96.56
N PHE Z 414 -70.33 98.52 -95.49
CA PHE Z 414 -70.95 98.03 -94.27
C PHE Z 414 -71.89 99.05 -93.67
N LYS Z 415 -71.72 100.32 -94.03
CA LYS Z 415 -72.32 101.45 -93.34
C LYS Z 415 -71.99 102.72 -94.12
N ASP Z 416 -72.71 102.96 -95.24
CA ASP Z 416 -72.42 104.13 -96.06
C ASP Z 416 -72.72 105.46 -95.37
N ASN Z 417 -73.50 105.45 -94.29
CA ASN Z 417 -73.73 106.65 -93.48
C ASN Z 417 -73.11 106.51 -92.08
N PHE Z 418 -72.33 105.44 -91.86
CA PHE Z 418 -71.56 105.20 -90.64
C PHE Z 418 -72.44 105.15 -89.38
N ASP Z 419 -73.69 104.72 -89.55
CA ASP Z 419 -74.67 104.77 -88.47
C ASP Z 419 -74.39 103.72 -87.40
N GLU Z 420 -73.78 102.60 -87.78
CA GLU Z 420 -73.36 101.60 -86.80
C GLU Z 420 -72.25 102.14 -85.90
N MET Z 421 -71.34 102.94 -86.46
CA MET Z 421 -70.25 103.50 -85.67
C MET Z 421 -70.73 104.63 -84.78
N ASP Z 422 -71.80 105.32 -85.20
CA ASP Z 422 -72.48 106.27 -84.34
C ASP Z 422 -73.13 105.55 -83.14
N THR Z 423 -73.97 104.54 -83.43
CA THR Z 423 -74.71 103.84 -82.38
C THR Z 423 -73.79 103.02 -81.47
N SER Z 424 -72.64 102.59 -82.01
CA SER Z 424 -71.60 101.94 -81.21
C SER Z 424 -71.03 102.86 -80.15
N ARG Z 425 -71.03 104.18 -80.37
CA ARG Z 425 -70.48 105.11 -79.39
C ARG Z 425 -71.41 105.27 -78.19
N GLU Z 426 -72.71 105.44 -78.44
CA GLU Z 426 -73.65 105.73 -77.34
C GLU Z 426 -73.75 104.58 -76.35
N ILE Z 427 -73.66 103.33 -76.82
CA ILE Z 427 -73.65 102.16 -75.93
C ILE Z 427 -72.40 102.13 -75.04
N VAL Z 428 -71.21 102.36 -75.59
CA VAL Z 428 -70.02 102.39 -74.73
C VAL Z 428 -69.97 103.65 -73.86
N GLN Z 429 -70.55 104.76 -74.32
CA GLN Z 429 -70.74 105.89 -73.42
C GLN Z 429 -71.69 105.52 -72.27
N GLN Z 430 -72.76 104.79 -72.56
CA GLN Z 430 -73.61 104.26 -71.48
C GLN Z 430 -72.84 103.28 -70.58
N LEU Z 431 -71.91 102.50 -71.13
CA LEU Z 431 -71.04 101.67 -70.29
C LEU Z 431 -70.18 102.54 -69.37
N ILE Z 432 -69.64 103.64 -69.90
CA ILE Z 432 -69.02 104.66 -69.06
C ILE Z 432 -70.03 105.19 -68.03
N ASP Z 433 -71.26 105.52 -68.46
CA ASP Z 433 -72.26 106.06 -67.54
C ASP Z 433 -72.73 105.02 -66.52
N GLU Z 434 -72.97 103.79 -66.94
CA GLU Z 434 -73.38 102.72 -66.02
C GLU Z 434 -72.27 102.37 -65.04
N TYR Z 435 -71.03 102.25 -65.54
CA TYR Z 435 -69.91 102.14 -64.62
C TYR Z 435 -69.83 103.35 -63.70
N HIS Z 436 -70.12 104.55 -64.21
CA HIS Z 436 -70.22 105.72 -63.33
C HIS Z 436 -71.49 105.75 -62.48
N ALA Z 437 -72.45 104.83 -62.65
CA ALA Z 437 -73.72 104.92 -61.94
C ALA Z 437 -73.99 103.73 -61.03
N ALA Z 438 -73.65 102.50 -61.45
CA ALA Z 438 -73.66 101.34 -60.56
C ALA Z 438 -72.67 101.48 -59.42
N THR Z 439 -71.69 102.37 -59.58
CA THR Z 439 -70.77 102.75 -58.53
C THR Z 439 -71.44 103.54 -57.39
N ARG Z 440 -72.63 104.13 -57.63
CA ARG Z 440 -73.40 104.88 -56.63
C ARG Z 440 -74.50 104.00 -56.04
N PRO Z 441 -75.09 104.39 -54.88
CA PRO Z 441 -76.25 103.64 -54.34
C PRO Z 441 -77.51 103.60 -55.21
N ASP Z 442 -77.50 104.31 -56.34
CA ASP Z 442 -78.70 104.56 -57.16
C ASP Z 442 -79.31 103.32 -57.84
N TYR Z 443 -78.61 102.19 -57.89
CA TYR Z 443 -78.93 101.12 -58.84
C TYR Z 443 -80.16 100.26 -58.53
N ILE Z 444 -81.09 100.80 -57.75
CA ILE Z 444 -82.49 100.39 -57.89
C ILE Z 444 -83.01 100.88 -59.24
N SER Z 445 -82.28 101.82 -59.87
CA SER Z 445 -82.56 102.44 -61.16
C SER Z 445 -81.30 102.51 -62.04
N ARG AA 3 -68.90 21.11 -94.53
CA ARG AA 3 -69.54 21.63 -95.78
C ARG AA 3 -68.56 22.65 -96.43
N GLU AA 4 -68.36 22.59 -97.75
CA GLU AA 4 -67.13 23.07 -98.37
C GLU AA 4 -67.32 24.28 -99.29
N ILE AA 5 -66.25 25.11 -99.42
CA ILE AA 5 -66.26 26.42 -100.08
C ILE AA 5 -65.06 26.54 -101.04
N ILE AA 6 -65.26 27.26 -102.16
CA ILE AA 6 -64.38 27.24 -103.33
C ILE AA 6 -64.03 28.65 -103.81
N THR AA 7 -62.74 28.90 -104.13
CA THR AA 7 -62.24 30.24 -104.50
C THR AA 7 -62.01 30.36 -106.01
N LEU AA 8 -62.98 30.94 -106.73
CA LEU AA 8 -62.88 31.14 -108.18
C LEU AA 8 -62.06 32.38 -108.54
N GLN AA 9 -60.86 32.50 -107.97
CA GLN AA 9 -60.11 33.76 -107.95
C GLN AA 9 -59.85 34.32 -109.35
N LEU AA 10 -60.30 35.56 -109.57
CA LEU AA 10 -60.46 36.13 -110.90
C LEU AA 10 -60.14 37.63 -110.96
N GLY AA 11 -59.68 38.05 -112.15
CA GLY AA 11 -58.87 39.23 -112.40
C GLY AA 11 -57.49 39.12 -111.79
N GLN AA 12 -56.50 39.82 -112.37
CA GLN AA 12 -55.14 39.67 -111.89
C GLN AA 12 -54.96 40.27 -110.49
N CYS AA 13 -55.56 41.43 -110.19
CA CYS AA 13 -55.55 41.90 -108.81
C CYS AA 13 -56.26 40.90 -107.89
N GLY AA 14 -57.43 40.42 -108.29
CA GLY AA 14 -58.11 39.39 -107.53
C GLY AA 14 -57.26 38.16 -107.25
N ASN AA 15 -56.44 37.76 -108.20
CA ASN AA 15 -55.49 36.66 -107.97
C ASN AA 15 -54.31 37.06 -107.09
N GLN AA 16 -53.81 38.29 -107.20
CA GLN AA 16 -52.76 38.70 -106.28
C GLN AA 16 -53.28 38.75 -104.83
N ILE AA 17 -54.46 39.33 -104.59
CA ILE AA 17 -55.01 39.31 -103.24
C ILE AA 17 -55.42 37.90 -102.83
N GLY AA 18 -55.87 37.07 -103.78
CA GLY AA 18 -56.13 35.67 -103.47
C GLY AA 18 -54.87 34.90 -103.11
N PHE AA 19 -53.78 35.13 -103.84
CA PHE AA 19 -52.48 34.56 -103.51
C PHE AA 19 -52.03 34.99 -102.12
N GLU AA 20 -52.11 36.30 -101.83
CA GLU AA 20 -51.74 36.78 -100.51
C GLU AA 20 -52.68 36.23 -99.42
N PHE AA 21 -53.97 36.07 -99.73
CA PHE AA 21 -54.92 35.50 -98.79
C PHE AA 21 -54.54 34.05 -98.47
N TRP AA 22 -54.27 33.24 -99.52
CA TRP AA 22 -53.81 31.87 -99.31
C TRP AA 22 -52.49 31.84 -98.54
N LYS AA 23 -51.54 32.70 -98.93
CA LYS AA 23 -50.25 32.75 -98.26
C LYS AA 23 -50.40 33.15 -96.79
N GLN AA 24 -51.32 34.05 -96.49
CA GLN AA 24 -51.65 34.35 -95.10
C GLN AA 24 -52.29 33.17 -94.39
N LEU AA 25 -53.19 32.44 -95.06
CA LEU AA 25 -53.78 31.25 -94.46
C LEU AA 25 -52.76 30.12 -94.30
N CYS AA 26 -51.75 30.05 -95.16
CA CYS AA 26 -50.61 29.16 -94.89
C CYS AA 26 -49.90 29.54 -93.59
N ALA AA 27 -49.83 30.82 -93.26
CA ALA AA 27 -49.35 31.23 -91.94
C ALA AA 27 -50.41 30.97 -90.87
N GLU AA 28 -51.68 31.26 -91.19
CA GLU AA 28 -52.79 31.24 -90.25
C GLU AA 28 -53.43 29.84 -90.14
N HIS AA 29 -52.73 28.81 -90.62
CA HIS AA 29 -53.00 27.38 -90.42
C HIS AA 29 -51.69 26.62 -90.34
N GLY AA 30 -51.76 25.41 -89.76
CA GLY AA 30 -50.66 24.47 -89.80
C GLY AA 30 -50.51 23.76 -91.13
N ILE AA 31 -50.35 24.52 -92.22
CA ILE AA 31 -50.09 23.98 -93.56
C ILE AA 31 -48.85 24.68 -94.13
N SER AA 32 -47.90 23.88 -94.63
CA SER AA 32 -46.64 24.35 -95.21
C SER AA 32 -46.87 25.17 -96.49
N PRO AA 33 -45.89 26.01 -96.89
CA PRO AA 33 -45.99 26.68 -98.20
C PRO AA 33 -46.20 25.78 -99.40
N GLU AA 34 -45.54 24.62 -99.46
CA GLU AA 34 -45.74 23.63 -100.50
C GLU AA 34 -47.03 22.79 -100.34
N GLY AA 35 -47.95 23.22 -99.47
CA GLY AA 35 -49.25 22.60 -99.30
C GLY AA 35 -49.29 21.32 -98.48
N ILE AA 36 -48.14 20.73 -98.13
CA ILE AA 36 -48.10 19.64 -97.15
C ILE AA 36 -48.47 20.18 -95.75
N VAL AA 37 -48.92 19.28 -94.86
CA VAL AA 37 -49.13 19.67 -93.46
C VAL AA 37 -47.86 20.33 -92.92
N GLU AA 38 -48.04 21.42 -92.16
CA GLU AA 38 -46.88 22.06 -91.57
C GLU AA 38 -46.29 21.14 -90.50
N GLU AA 39 -44.98 21.25 -90.31
CA GLU AA 39 -44.21 20.42 -89.38
C GLU AA 39 -44.45 20.81 -87.93
N PHE AA 40 -45.05 21.97 -87.70
CA PHE AA 40 -45.60 22.34 -86.40
C PHE AA 40 -46.87 21.55 -86.08
N ALA AA 41 -47.48 20.91 -87.08
CA ALA AA 41 -48.76 20.22 -86.97
C ALA AA 41 -48.72 18.92 -87.78
N THR AA 45 -58.50 19.75 -82.93
CA THR AA 45 -58.53 21.07 -82.33
C THR AA 45 -58.78 22.14 -83.42
N ASP AA 46 -59.05 21.69 -84.64
CA ASP AA 46 -58.90 22.48 -85.85
C ASP AA 46 -59.79 21.85 -86.93
N ARG AA 47 -60.12 22.63 -88.03
CA ARG AA 47 -60.94 22.06 -89.14
C ARG AA 47 -60.52 22.62 -90.52
N LYS AA 48 -59.50 21.97 -91.10
CA LYS AA 48 -59.10 22.13 -92.50
C LYS AA 48 -60.21 21.82 -93.48
N ASP AA 49 -61.11 20.90 -93.11
CA ASP AA 49 -62.07 20.25 -94.00
C ASP AA 49 -62.75 21.15 -95.02
N VAL AA 50 -63.25 22.32 -94.59
CA VAL AA 50 -64.06 23.18 -95.48
C VAL AA 50 -63.28 23.70 -96.69
N PHE AA 51 -61.94 23.84 -96.60
CA PHE AA 51 -61.12 24.36 -97.69
C PHE AA 51 -60.13 23.37 -98.30
N PHE AA 52 -59.60 22.40 -97.53
CA PHE AA 52 -58.41 21.64 -97.90
C PHE AA 52 -58.67 20.14 -98.15
N TYR AA 53 -57.85 19.55 -99.03
CA TYR AA 53 -57.83 18.14 -99.44
C TYR AA 53 -57.00 17.27 -98.47
N GLN AA 54 -57.32 15.97 -98.38
CA GLN AA 54 -56.58 15.05 -97.51
C GLN AA 54 -56.28 13.72 -98.21
N ALA AA 55 -55.01 13.26 -98.13
CA ALA AA 55 -54.57 11.99 -98.75
C ALA AA 55 -53.21 11.56 -98.20
N ASP AA 56 -52.79 10.34 -98.56
CA ASP AA 56 -51.41 9.89 -98.38
C ASP AA 56 -50.44 10.56 -99.34
N ASP AA 57 -50.95 11.10 -100.45
CA ASP AA 57 -50.25 12.06 -101.29
C ASP AA 57 -50.41 13.44 -100.62
N GLU AA 58 -49.57 13.70 -99.60
CA GLU AA 58 -49.89 14.60 -98.49
C GLU AA 58 -50.02 16.10 -98.82
N HIS AA 59 -49.95 16.53 -100.09
CA HIS AA 59 -50.29 17.92 -100.42
C HIS AA 59 -51.78 18.18 -100.22
N TYR AA 60 -52.12 19.01 -99.23
CA TYR AA 60 -53.51 19.31 -98.85
C TYR AA 60 -54.28 20.23 -99.83
N ILE AA 61 -53.88 20.26 -101.10
CA ILE AA 61 -54.28 21.23 -102.13
C ILE AA 61 -55.75 21.65 -102.05
N PRO AA 62 -56.06 22.91 -101.73
CA PRO AA 62 -57.46 23.37 -101.61
C PRO AA 62 -58.08 23.73 -102.95
N ARG AA 63 -59.41 23.94 -102.91
CA ARG AA 63 -60.24 24.15 -104.10
C ARG AA 63 -60.05 25.51 -104.79
N ALA AA 64 -58.86 25.74 -105.37
CA ALA AA 64 -58.46 26.98 -106.03
C ALA AA 64 -58.39 26.83 -107.55
N VAL AA 65 -58.89 27.84 -108.28
CA VAL AA 65 -58.99 27.82 -109.75
C VAL AA 65 -58.47 29.14 -110.33
N LEU AA 66 -57.19 29.18 -110.72
CA LEU AA 66 -56.49 30.43 -111.07
C LEU AA 66 -56.72 30.87 -112.53
N LEU AA 67 -57.96 31.29 -112.82
CA LEU AA 67 -58.34 31.74 -114.16
C LEU AA 67 -57.57 32.98 -114.60
N ASP AA 68 -56.89 32.87 -115.75
CA ASP AA 68 -55.91 33.85 -116.24
C ASP AA 68 -56.19 34.19 -117.70
N LEU AA 69 -56.16 35.48 -118.05
CA LEU AA 69 -56.54 35.93 -119.39
C LEU AA 69 -55.55 36.97 -119.89
N GLU AA 70 -55.16 36.88 -121.18
CA GLU AA 70 -53.93 37.47 -121.71
C GLU AA 70 -52.84 37.47 -120.64
N PRO AA 71 -52.52 36.30 -120.10
CA PRO AA 71 -52.00 36.20 -118.72
C PRO AA 71 -50.54 36.63 -118.52
N ARG AA 72 -50.26 37.14 -117.31
CA ARG AA 72 -48.92 37.51 -116.89
C ARG AA 72 -48.67 37.17 -115.40
N VAL AA 73 -49.50 37.70 -114.49
CA VAL AA 73 -49.12 37.67 -113.06
C VAL AA 73 -49.38 36.29 -112.44
N ILE AA 74 -50.38 35.55 -112.93
CA ILE AA 74 -50.69 34.25 -112.35
C ILE AA 74 -49.56 33.24 -112.56
N HIS AA 75 -48.75 33.40 -113.61
CA HIS AA 75 -47.56 32.54 -113.73
C HIS AA 75 -46.55 32.87 -112.65
N SER AA 76 -46.34 34.16 -112.37
CA SER AA 76 -45.38 34.58 -111.35
C SER AA 76 -45.87 34.26 -109.95
N ILE AA 77 -47.19 34.12 -109.77
CA ILE AA 77 -47.74 33.50 -108.57
C ILE AA 77 -47.43 32.00 -108.53
N LEU AA 78 -47.49 31.33 -109.68
CA LEU AA 78 -47.15 29.90 -109.75
C LEU AA 78 -45.66 29.57 -109.59
N ASN AA 79 -44.72 30.47 -109.90
CA ASN AA 79 -43.31 30.05 -109.74
C ASN AA 79 -42.76 30.48 -108.38
N SER AA 80 -43.49 30.10 -107.36
CA SER AA 80 -43.20 30.37 -105.96
C SER AA 80 -42.97 29.06 -105.21
N PRO AA 81 -42.37 29.11 -104.02
CA PRO AA 81 -42.54 28.00 -103.05
C PRO AA 81 -43.97 27.71 -102.65
N TYR AA 82 -44.88 28.66 -102.81
CA TYR AA 82 -46.28 28.51 -102.45
C TYR AA 82 -47.10 27.83 -103.55
N ALA AA 83 -46.45 27.26 -104.57
CA ALA AA 83 -47.15 26.87 -105.79
C ALA AA 83 -48.00 25.62 -105.58
N LYS AA 84 -47.46 24.65 -104.84
CA LYS AA 84 -48.09 23.36 -104.60
C LYS AA 84 -49.09 23.36 -103.46
N LEU AA 85 -49.34 24.51 -102.81
CA LEU AA 85 -50.57 24.66 -102.04
C LEU AA 85 -51.76 24.81 -102.98
N TYR AA 86 -51.98 25.99 -103.56
CA TYR AA 86 -53.19 26.32 -104.30
C TYR AA 86 -53.23 25.77 -105.76
N ASN AA 87 -52.50 24.71 -106.12
CA ASN AA 87 -52.49 24.21 -107.51
C ASN AA 87 -53.06 22.80 -107.66
N PRO AA 88 -54.39 22.69 -107.88
CA PRO AA 88 -54.96 21.50 -108.54
C PRO AA 88 -54.58 21.32 -110.02
N GLU AA 89 -53.70 22.17 -110.55
CA GLU AA 89 -53.29 22.19 -111.96
C GLU AA 89 -54.41 22.50 -112.95
N ASN AA 90 -54.68 23.82 -113.13
CA ASN AA 90 -55.83 24.31 -113.90
C ASN AA 90 -55.63 25.67 -114.57
N ILE AA 91 -54.42 26.23 -114.60
CA ILE AA 91 -54.15 27.51 -115.28
C ILE AA 91 -54.37 27.36 -116.79
N TYR AA 92 -55.15 28.28 -117.40
CA TYR AA 92 -55.39 28.22 -118.85
C TYR AA 92 -56.00 29.48 -119.48
N LEU AA 93 -55.38 29.98 -120.56
CA LEU AA 93 -55.96 31.04 -121.41
C LEU AA 93 -57.21 30.58 -122.14
N GLY AA 101 -58.23 42.30 -123.65
CA GLY AA 101 -58.65 43.70 -123.59
C GLY AA 101 -59.22 44.07 -122.24
N ASN AA 102 -58.99 45.32 -121.83
CA ASN AA 102 -59.40 45.79 -120.50
C ASN AA 102 -60.87 46.20 -120.41
N ASN AA 103 -61.60 46.28 -121.52
CA ASN AA 103 -63.02 46.63 -121.50
C ASN AA 103 -63.87 45.52 -120.88
N TRP AA 104 -65.07 45.90 -120.42
CA TRP AA 104 -66.01 44.94 -119.84
C TRP AA 104 -66.46 43.91 -120.87
N ALA AA 105 -66.85 44.38 -122.07
CA ALA AA 105 -67.32 43.46 -123.10
C ALA AA 105 -66.20 42.55 -123.60
N SER AA 106 -64.96 43.05 -123.67
CA SER AA 106 -63.83 42.19 -124.00
C SER AA 106 -63.61 41.12 -122.92
N GLY AA 107 -63.68 41.52 -121.65
CA GLY AA 107 -63.59 40.54 -120.58
C GLY AA 107 -64.74 39.55 -120.60
N PHE AA 108 -65.94 40.03 -120.92
CA PHE AA 108 -67.13 39.18 -120.99
C PHE AA 108 -67.02 38.15 -122.12
N SER AA 109 -66.55 38.59 -123.30
CA SER AA 109 -66.38 37.68 -124.42
C SER AA 109 -65.13 36.79 -124.30
N GLN AA 110 -64.06 37.26 -123.67
CA GLN AA 110 -62.96 36.35 -123.33
C GLN AA 110 -63.37 35.33 -122.26
N GLY AA 111 -64.35 35.65 -121.42
CA GLY AA 111 -64.99 34.61 -120.62
C GLY AA 111 -65.82 33.64 -121.46
N GLU AA 112 -66.70 34.17 -122.30
CA GLU AA 112 -67.56 33.35 -123.16
C GLU AA 112 -66.78 32.33 -124.00
N LYS AA 113 -65.65 32.74 -124.59
CA LYS AA 113 -64.87 31.84 -125.42
C LYS AA 113 -64.16 30.73 -124.65
N ILE AA 114 -64.19 30.73 -123.31
CA ILE AA 114 -63.57 29.68 -122.49
C ILE AA 114 -64.54 29.08 -121.47
N HIS AA 115 -65.84 29.41 -121.54
CA HIS AA 115 -66.72 29.25 -120.39
C HIS AA 115 -66.81 27.80 -119.88
N GLU AA 116 -67.30 26.84 -120.68
CA GLU AA 116 -67.29 25.45 -120.22
C GLU AA 116 -65.88 24.88 -120.09
N ASP AA 117 -64.93 25.43 -120.86
CA ASP AA 117 -63.53 25.01 -120.77
C ASP AA 117 -62.90 25.32 -119.42
N ILE AA 118 -63.44 26.30 -118.69
CA ILE AA 118 -63.11 26.49 -117.27
C ILE AA 118 -64.12 25.76 -116.38
N PHE AA 119 -65.41 25.78 -116.72
CA PHE AA 119 -66.43 25.24 -115.82
C PHE AA 119 -66.26 23.75 -115.56
N ASP AA 120 -65.64 23.01 -116.48
CA ASP AA 120 -65.23 21.63 -116.19
C ASP AA 120 -64.41 21.54 -114.90
N ILE AA 121 -63.44 22.45 -114.74
CA ILE AA 121 -62.64 22.49 -113.52
C ILE AA 121 -63.47 23.02 -112.35
N ILE AA 122 -64.31 24.03 -112.60
CA ILE AA 122 -65.20 24.54 -111.56
C ILE AA 122 -65.99 23.37 -110.94
N ASP AA 123 -66.61 22.56 -111.80
CA ASP AA 123 -67.28 21.35 -111.33
C ASP AA 123 -66.31 20.37 -110.66
N ARG AA 124 -65.13 20.15 -111.25
CA ARG AA 124 -64.16 19.21 -110.68
C ARG AA 124 -63.77 19.59 -109.25
N GLU AA 125 -63.58 20.88 -108.98
CA GLU AA 125 -63.36 21.30 -107.60
C GLU AA 125 -64.66 21.40 -106.80
N ALA AA 126 -65.79 21.68 -107.45
CA ALA AA 126 -67.10 21.53 -106.79
C ALA AA 126 -67.31 20.12 -106.24
N ASP AA 127 -66.56 19.14 -106.76
CA ASP AA 127 -66.62 17.76 -106.34
C ASP AA 127 -65.55 17.44 -105.30
N GLY AA 128 -64.60 18.35 -105.07
CA GLY AA 128 -63.61 18.24 -104.02
C GLY AA 128 -64.26 18.45 -102.67
N SER AA 129 -65.36 17.74 -102.42
CA SER AA 129 -66.34 18.08 -101.40
C SER AA 129 -67.26 16.90 -101.18
N ASP AA 130 -67.52 16.60 -99.90
CA ASP AA 130 -68.54 15.63 -99.54
C ASP AA 130 -69.93 16.26 -99.43
N SER AA 131 -69.99 17.58 -99.19
CA SER AA 131 -71.19 18.38 -99.44
C SER AA 131 -70.82 19.84 -99.59
N LEU AA 132 -71.05 20.39 -100.80
CA LEU AA 132 -70.64 21.72 -101.20
C LEU AA 132 -71.54 22.81 -100.62
N GLU AA 133 -70.95 24.01 -100.40
CA GLU AA 133 -71.68 25.10 -99.73
C GLU AA 133 -71.47 26.52 -100.28
N GLY AA 134 -70.50 26.82 -101.15
CA GLY AA 134 -70.41 28.17 -101.72
C GLY AA 134 -69.22 28.40 -102.63
N PHE AA 135 -69.25 29.57 -103.32
CA PHE AA 135 -68.16 30.05 -104.16
C PHE AA 135 -67.81 31.50 -103.80
N VAL AA 136 -66.51 31.82 -103.79
CA VAL AA 136 -65.95 33.04 -103.18
C VAL AA 136 -65.11 33.78 -104.22
N LEU AA 137 -65.36 35.09 -104.42
CA LEU AA 137 -64.69 35.83 -105.49
C LEU AA 137 -63.79 36.93 -104.90
N CYS AA 138 -62.48 36.67 -104.82
CA CYS AA 138 -61.48 37.72 -104.56
C CYS AA 138 -61.24 38.48 -105.86
N HIS AA 139 -61.41 39.81 -105.85
CA HIS AA 139 -61.71 40.46 -107.11
C HIS AA 139 -61.39 41.97 -107.10
N SER AA 140 -61.11 42.52 -108.28
CA SER AA 140 -61.12 43.97 -108.53
C SER AA 140 -62.32 44.36 -109.39
N ILE AA 141 -63.16 45.27 -108.87
CA ILE AA 141 -64.26 45.82 -109.65
C ILE AA 141 -63.74 46.66 -110.81
N ALA AA 142 -64.39 46.50 -111.97
CA ALA AA 142 -64.05 47.20 -113.21
C ALA AA 142 -62.67 46.82 -113.75
N GLY AA 143 -61.97 45.89 -113.10
CA GLY AA 143 -60.59 45.63 -113.45
C GLY AA 143 -60.41 44.74 -114.66
N GLY AA 144 -60.02 45.37 -115.78
CA GLY AA 144 -59.51 44.64 -116.94
C GLY AA 144 -60.42 43.57 -117.53
N THR AA 145 -59.82 42.38 -117.67
CA THR AA 145 -60.53 41.18 -118.09
C THR AA 145 -61.39 40.60 -116.98
N GLY AA 146 -61.07 40.93 -115.73
CA GLY AA 146 -61.99 40.63 -114.64
C GLY AA 146 -63.28 41.42 -114.70
N SER AA 147 -63.23 42.65 -115.20
CA SER AA 147 -64.43 43.30 -115.71
C SER AA 147 -64.99 42.47 -116.86
N GLY AA 148 -66.31 42.35 -116.89
CA GLY AA 148 -66.93 41.37 -117.75
C GLY AA 148 -66.94 39.98 -117.14
N LEU AA 149 -65.75 39.40 -116.94
CA LEU AA 149 -65.67 38.01 -116.49
C LEU AA 149 -66.30 37.81 -115.11
N GLY AA 150 -66.11 38.76 -114.18
CA GLY AA 150 -66.76 38.60 -112.88
C GLY AA 150 -68.27 38.55 -112.98
N SER AA 151 -68.84 39.48 -113.76
CA SER AA 151 -70.26 39.48 -114.07
C SER AA 151 -70.66 38.25 -114.88
N TYR AA 152 -69.76 37.77 -115.73
CA TYR AA 152 -70.04 36.55 -116.48
C TYR AA 152 -70.17 35.33 -115.57
N LEU AA 153 -69.21 35.13 -114.65
CA LEU AA 153 -69.34 34.07 -113.66
C LEU AA 153 -70.61 34.22 -112.82
N LEU AA 154 -70.95 35.44 -112.44
CA LEU AA 154 -72.19 35.68 -111.71
C LEU AA 154 -73.42 35.23 -112.51
N GLU AA 155 -73.38 35.42 -113.82
CA GLU AA 155 -74.47 34.95 -114.67
C GLU AA 155 -74.42 33.44 -114.93
N ARG AA 156 -73.32 32.76 -114.60
CA ARG AA 156 -73.26 31.30 -114.70
C ARG AA 156 -73.56 30.62 -113.36
N LEU AA 157 -72.83 31.00 -112.30
CA LEU AA 157 -73.04 30.37 -111.00
C LEU AA 157 -74.49 30.51 -110.51
N ASN AA 158 -75.17 31.62 -110.83
CA ASN AA 158 -76.52 31.83 -110.33
C ASN AA 158 -77.53 30.82 -110.88
N ASP AA 159 -77.28 30.27 -112.07
CA ASP AA 159 -78.15 29.22 -112.64
C ASP AA 159 -77.54 27.83 -112.57
N ARG AA 160 -76.20 27.72 -112.53
CA ARG AA 160 -75.54 26.42 -112.38
C ARG AA 160 -75.71 25.85 -110.98
N TYR AA 161 -75.56 26.68 -109.94
CA TYR AA 161 -75.59 26.23 -108.54
C TYR AA 161 -76.41 27.21 -107.69
N PRO AA 162 -77.71 27.29 -107.94
CA PRO AA 162 -78.52 28.37 -107.34
C PRO AA 162 -78.71 28.27 -105.83
N LYS AA 163 -78.51 27.10 -105.23
CA LYS AA 163 -78.64 26.97 -103.78
C LYS AA 163 -77.41 27.44 -103.03
N LYS AA 164 -76.25 27.46 -103.70
CA LYS AA 164 -74.98 27.83 -103.09
C LYS AA 164 -74.83 29.33 -102.99
N LEU AA 165 -74.23 29.80 -101.89
CA LEU AA 165 -73.91 31.21 -101.73
C LEU AA 165 -72.79 31.62 -102.69
N VAL AA 166 -72.89 32.82 -103.27
CA VAL AA 166 -71.77 33.42 -104.00
C VAL AA 166 -71.51 34.83 -103.45
N GLN AA 167 -70.29 35.03 -102.95
CA GLN AA 167 -69.88 36.22 -102.21
C GLN AA 167 -68.71 36.89 -102.94
N THR AA 168 -68.79 38.21 -103.18
CA THR AA 168 -67.74 38.91 -103.93
C THR AA 168 -66.96 39.85 -103.02
N TYR AA 169 -65.72 39.46 -102.73
CA TYR AA 169 -64.78 40.23 -101.94
C TYR AA 169 -64.04 41.15 -102.90
N SER AA 170 -64.37 42.43 -102.88
CA SER AA 170 -64.19 43.28 -104.06
C SER AA 170 -63.48 44.58 -103.70
N VAL AA 171 -62.22 44.72 -104.12
CA VAL AA 171 -61.58 46.04 -104.12
C VAL AA 171 -62.20 46.89 -105.22
N PHE AA 172 -62.65 48.08 -104.83
CA PHE AA 172 -63.26 49.04 -105.73
C PHE AA 172 -62.22 50.05 -106.19
N PRO AA 173 -62.22 50.39 -107.49
CA PRO AA 173 -61.17 51.27 -108.03
C PRO AA 173 -61.31 52.72 -107.63
N ASN AA 174 -60.34 53.19 -106.86
CA ASN AA 174 -60.23 54.60 -106.47
C ASN AA 174 -58.75 54.98 -106.51
N GLN AA 175 -58.34 55.64 -107.60
CA GLN AA 175 -56.98 56.15 -107.78
C GLN AA 175 -57.06 57.65 -108.10
N ASP AA 176 -57.97 58.35 -107.41
CA ASP AA 176 -58.15 59.80 -107.43
C ASP AA 176 -58.71 60.31 -108.77
N GLU AA 177 -58.85 59.45 -109.78
CA GLU AA 177 -59.58 59.83 -111.01
C GLU AA 177 -59.08 61.16 -111.57
N ASP AA 180 -53.56 51.09 -114.80
CA ASP AA 180 -54.72 51.85 -114.33
C ASP AA 180 -55.86 51.72 -115.34
N VAL AA 181 -57.11 51.79 -114.86
CA VAL AA 181 -58.28 51.69 -115.72
C VAL AA 181 -59.08 52.99 -115.65
N VAL AA 182 -59.20 53.66 -116.80
CA VAL AA 182 -59.97 54.90 -116.93
C VAL AA 182 -61.37 54.67 -117.52
N VAL AA 183 -61.58 53.59 -118.28
CA VAL AA 183 -62.88 53.07 -118.68
C VAL AA 183 -63.67 52.50 -117.50
N GLN AA 184 -63.11 52.64 -116.28
CA GLN AA 184 -63.68 52.29 -114.98
C GLN AA 184 -65.19 52.52 -114.83
N PRO AA 185 -65.78 53.63 -115.27
CA PRO AA 185 -67.24 53.76 -115.13
C PRO AA 185 -68.01 52.71 -115.93
N TYR AA 186 -67.69 52.53 -117.22
CA TYR AA 186 -68.32 51.49 -118.03
C TYR AA 186 -68.01 50.11 -117.47
N ASN AA 187 -66.75 49.87 -117.10
CA ASN AA 187 -66.32 48.59 -116.54
C ASN AA 187 -67.01 48.27 -115.22
N SER AA 188 -67.24 49.27 -114.37
CA SER AA 188 -67.88 49.01 -113.08
C SER AA 188 -69.37 48.76 -113.25
N LEU AA 189 -70.04 49.58 -114.07
CA LEU AA 189 -71.50 49.71 -114.00
C LEU AA 189 -72.21 48.39 -114.32
N LEU AA 190 -71.78 47.70 -115.38
CA LEU AA 190 -72.34 46.38 -115.67
C LEU AA 190 -72.00 45.36 -114.59
N THR AA 191 -70.82 45.43 -113.97
CA THR AA 191 -70.53 44.50 -112.88
C THR AA 191 -71.42 44.77 -111.67
N LEU AA 192 -71.64 46.05 -111.34
CA LEU AA 192 -72.56 46.37 -110.25
C LEU AA 192 -73.98 45.91 -110.57
N LYS AA 193 -74.39 45.98 -111.83
CA LYS AA 193 -75.70 45.49 -112.24
C LYS AA 193 -75.82 44.00 -111.96
N ARG AA 194 -74.78 43.23 -112.30
CA ARG AA 194 -74.74 41.81 -111.95
C ARG AA 194 -74.66 41.61 -110.44
N LEU AA 195 -73.87 42.44 -109.75
CA LEU AA 195 -73.67 42.26 -108.31
C LEU AA 195 -74.95 42.51 -107.50
N THR AA 196 -75.85 43.40 -107.95
CA THR AA 196 -77.11 43.60 -107.22
C THR AA 196 -78.11 42.46 -107.45
N GLN AA 197 -77.93 41.66 -108.50
CA GLN AA 197 -78.94 40.71 -108.97
C GLN AA 197 -78.51 39.27 -108.81
N ASN AA 198 -77.23 38.96 -109.02
CA ASN AA 198 -76.75 37.58 -109.13
C ASN AA 198 -75.99 37.12 -107.90
N ALA AA 199 -74.98 37.89 -107.47
CA ALA AA 199 -74.24 37.53 -106.28
C ALA AA 199 -75.09 37.75 -105.03
N ASP AA 200 -74.84 36.94 -104.00
CA ASP AA 200 -75.69 36.95 -102.83
C ASP AA 200 -75.25 38.00 -101.83
N CYS AA 201 -73.95 38.28 -101.75
CA CYS AA 201 -73.42 39.28 -100.84
C CYS AA 201 -72.13 39.83 -101.43
N VAL AA 202 -71.87 41.12 -101.19
CA VAL AA 202 -70.75 41.85 -101.78
C VAL AA 202 -70.07 42.65 -100.68
N VAL AA 203 -68.82 42.30 -100.34
CA VAL AA 203 -68.01 43.09 -99.43
C VAL AA 203 -67.18 44.05 -100.30
N VAL AA 204 -67.38 45.37 -100.09
CA VAL AA 204 -66.70 46.39 -100.89
C VAL AA 204 -65.55 46.99 -100.09
N LEU AA 205 -64.39 47.15 -100.73
CA LEU AA 205 -63.20 47.71 -100.10
C LEU AA 205 -62.67 48.87 -100.96
N ASP AA 206 -62.57 50.10 -100.39
CA ASP AA 206 -62.06 51.23 -101.19
C ASP AA 206 -60.54 51.21 -101.27
N ASN AA 207 -60.01 51.37 -102.49
CA ASN AA 207 -58.57 51.58 -102.63
C ASN AA 207 -58.09 52.81 -101.86
N THR AA 208 -58.85 53.91 -101.89
CA THR AA 208 -58.38 55.14 -101.26
C THR AA 208 -58.52 55.09 -99.75
N ALA AA 209 -59.50 54.35 -99.22
CA ALA AA 209 -59.57 54.12 -97.79
C ALA AA 209 -58.45 53.19 -97.30
N LEU AA 210 -58.17 52.13 -98.06
CA LEU AA 210 -57.06 51.24 -97.71
C LEU AA 210 -55.70 51.94 -97.84
N ASN AA 211 -55.50 52.78 -98.86
CA ASN AA 211 -54.30 53.62 -98.89
C ASN AA 211 -54.25 54.62 -97.74
N ARG AA 212 -55.40 55.12 -97.28
CA ARG AA 212 -55.43 55.88 -96.02
C ARG AA 212 -55.05 55.03 -94.81
N ILE AA 213 -55.38 53.73 -94.78
CA ILE AA 213 -54.82 52.85 -93.75
C ILE AA 213 -53.31 52.65 -93.97
N ALA AA 214 -52.86 52.50 -95.22
CA ALA AA 214 -51.44 52.32 -95.53
C ALA AA 214 -50.61 53.59 -95.33
N THR AA 215 -51.24 54.76 -95.16
CA THR AA 215 -50.57 55.94 -94.61
C THR AA 215 -50.78 56.07 -93.10
N ASP AA 216 -51.89 55.55 -92.56
CA ASP AA 216 -52.12 55.61 -91.12
C ASP AA 216 -51.15 54.71 -90.33
N ARG AA 217 -51.07 53.42 -90.67
CA ARG AA 217 -50.47 52.48 -89.74
C ARG AA 217 -48.96 52.70 -89.61
N LEU AA 218 -48.29 53.04 -90.71
CA LEU AA 218 -46.86 53.36 -90.82
C LEU AA 218 -46.71 54.04 -92.18
N HIS AA 219 -45.54 54.61 -92.44
CA HIS AA 219 -45.30 55.19 -93.79
C HIS AA 219 -45.09 54.04 -94.78
N ILE AA 220 -46.02 53.08 -94.80
CA ILE AA 220 -45.87 51.88 -95.69
C ILE AA 220 -46.79 52.05 -96.91
N GLN AA 221 -47.09 53.29 -97.28
CA GLN AA 221 -47.92 53.55 -98.50
C GLN AA 221 -47.00 53.52 -99.72
N ASN AA 222 -45.68 53.49 -99.49
CA ASN AA 222 -44.71 53.41 -100.62
C ASN AA 222 -45.08 52.25 -101.54
N PRO AA 223 -45.21 50.98 -101.08
CA PRO AA 223 -45.63 49.90 -101.95
C PRO AA 223 -47.13 49.65 -101.92
N SER AA 224 -47.92 50.63 -101.47
CA SER AA 224 -49.40 50.46 -101.37
C SER AA 224 -49.90 49.56 -102.49
N PHE AA 225 -49.61 49.91 -103.75
CA PHE AA 225 -50.03 49.09 -104.92
C PHE AA 225 -50.03 47.60 -104.55
N SER AA 226 -48.92 47.10 -104.02
CA SER AA 226 -48.83 45.69 -103.60
C SER AA 226 -49.19 45.57 -102.12
N GLN AA 227 -48.62 46.44 -101.28
CA GLN AA 227 -48.89 46.39 -99.82
C GLN AA 227 -50.38 46.16 -99.58
N ILE AA 228 -51.25 46.73 -100.41
CA ILE AA 228 -52.68 46.60 -100.14
C ILE AA 228 -53.13 45.13 -100.10
N ASN AA 229 -52.43 44.24 -100.82
CA ASN AA 229 -52.72 42.81 -100.70
C ASN AA 229 -52.57 42.30 -99.26
N GLN AA 230 -51.68 42.90 -98.46
CA GLN AA 230 -51.51 42.50 -97.07
C GLN AA 230 -52.74 42.85 -96.23
N LEU AA 231 -53.22 44.09 -96.37
CA LEU AA 231 -54.33 44.58 -95.56
C LEU AA 231 -55.60 43.75 -95.77
N VAL AA 232 -55.97 43.51 -97.03
CA VAL AA 232 -57.14 42.68 -97.30
C VAL AA 232 -56.97 41.27 -96.73
N SER AA 233 -55.75 40.76 -96.65
CA SER AA 233 -55.55 39.44 -96.07
C SER AA 233 -55.79 39.39 -94.56
N THR AA 234 -55.37 40.40 -93.79
CA THR AA 234 -55.78 40.44 -92.38
C THR AA 234 -57.30 40.60 -92.24
N ILE AA 235 -57.92 41.39 -93.12
CA ILE AA 235 -59.37 41.52 -93.15
C ILE AA 235 -60.03 40.18 -93.46
N MET AA 236 -59.52 39.48 -94.47
CA MET AA 236 -60.12 38.22 -94.90
C MET AA 236 -59.91 37.12 -93.89
N SER AA 237 -58.70 37.00 -93.35
CA SER AA 237 -58.44 35.98 -92.34
C SER AA 237 -59.25 36.23 -91.08
N ALA AA 238 -59.35 37.50 -90.66
CA ALA AA 238 -60.26 37.84 -89.57
C ALA AA 238 -61.70 37.44 -89.90
N SER AA 239 -62.19 37.83 -91.08
CA SER AA 239 -63.59 37.58 -91.41
C SER AA 239 -63.93 36.09 -91.46
N THR AA 240 -62.98 35.22 -91.82
CA THR AA 240 -63.22 33.78 -91.85
C THR AA 240 -62.84 33.05 -90.56
N THR AA 241 -62.27 33.74 -89.57
CA THR AA 241 -61.81 33.05 -88.37
C THR AA 241 -62.95 32.35 -87.63
N THR AA 242 -64.20 32.82 -87.76
CA THR AA 242 -65.34 32.06 -87.22
C THR AA 242 -65.60 30.77 -87.99
N LEU AA 243 -65.42 30.78 -89.31
CA LEU AA 243 -65.82 29.63 -90.12
C LEU AA 243 -64.83 28.48 -90.03
N ARG AA 244 -63.53 28.77 -89.88
CA ARG AA 244 -62.49 27.76 -89.93
C ARG AA 244 -62.35 26.93 -88.65
N TYR AA 245 -63.12 27.24 -87.59
CA TYR AA 245 -62.96 26.60 -86.29
C TYR AA 245 -64.30 26.19 -85.69
N PRO AA 246 -64.29 25.24 -84.73
CA PRO AA 246 -65.48 24.97 -83.90
C PRO AA 246 -66.04 26.24 -83.26
N GLY AA 247 -67.37 26.27 -83.07
CA GLY AA 247 -68.01 27.36 -82.35
C GLY AA 247 -69.51 27.12 -82.22
N TYR AA 248 -70.11 27.86 -81.28
CA TYR AA 248 -71.54 27.68 -81.04
C TYR AA 248 -72.38 28.00 -82.28
N MET AA 249 -71.99 29.01 -83.06
CA MET AA 249 -72.73 29.45 -84.25
C MET AA 249 -71.76 30.17 -85.19
N ASN AA 250 -72.17 30.32 -86.46
CA ASN AA 250 -71.32 30.89 -87.51
C ASN AA 250 -70.15 29.99 -87.88
N ASN AA 251 -70.39 28.68 -87.76
CA ASN AA 251 -69.55 27.64 -88.33
C ASN AA 251 -70.07 27.22 -89.70
N ASP AA 252 -70.91 28.07 -90.32
CA ASP AA 252 -71.81 27.72 -91.42
C ASP AA 252 -71.99 28.97 -92.29
N LEU AA 253 -71.40 28.97 -93.50
CA LEU AA 253 -71.13 30.23 -94.20
C LEU AA 253 -72.40 31.03 -94.54
N ILE AA 254 -73.51 30.39 -94.95
CA ILE AA 254 -74.73 31.19 -95.12
C ILE AA 254 -75.22 31.66 -93.76
N GLY AA 255 -75.11 30.81 -92.75
CA GLY AA 255 -75.35 31.22 -91.37
C GLY AA 255 -74.61 32.48 -90.97
N LEU AA 256 -73.38 32.63 -91.46
CA LEU AA 256 -72.55 33.79 -91.13
C LEU AA 256 -73.15 35.13 -91.60
N ILE AA 257 -73.96 35.16 -92.66
CA ILE AA 257 -74.29 36.42 -93.32
C ILE AA 257 -75.78 36.74 -93.53
N ALA AA 258 -76.70 36.02 -92.88
CA ALA AA 258 -78.13 36.34 -93.04
C ALA AA 258 -78.48 37.78 -92.64
N SER AA 259 -78.03 38.24 -91.46
CA SER AA 259 -78.53 39.48 -90.90
C SER AA 259 -77.92 40.73 -91.53
N LEU AA 260 -76.61 40.70 -91.84
CA LEU AA 260 -75.99 41.72 -92.68
C LEU AA 260 -76.67 41.94 -94.04
N ILE AA 261 -77.51 41.02 -94.51
CA ILE AA 261 -78.36 41.23 -95.68
C ILE AA 261 -79.81 41.53 -95.25
N PRO AA 262 -80.19 42.79 -95.05
CA PRO AA 262 -81.61 43.06 -94.69
C PRO AA 262 -82.56 42.88 -95.85
N THR AA 263 -82.10 43.02 -97.09
CA THR AA 263 -82.87 42.86 -98.30
C THR AA 263 -81.88 42.46 -99.39
N PRO AA 264 -82.27 41.61 -100.35
CA PRO AA 264 -81.33 41.23 -101.42
C PRO AA 264 -80.93 42.37 -102.34
N ARG AA 265 -81.60 43.52 -102.31
CA ARG AA 265 -81.08 44.68 -103.03
C ARG AA 265 -79.83 45.22 -102.35
N LEU AA 266 -79.81 45.25 -101.02
CA LEU AA 266 -78.82 45.95 -100.22
C LEU AA 266 -78.04 44.91 -99.43
N HIS AA 267 -76.88 44.52 -99.97
CA HIS AA 267 -75.93 43.68 -99.26
C HIS AA 267 -74.48 44.13 -99.41
N PHE AA 268 -74.26 45.37 -99.85
CA PHE AA 268 -72.91 45.84 -100.18
C PHE AA 268 -72.21 46.29 -98.90
N LEU AA 269 -71.56 45.34 -98.23
CA LEU AA 269 -71.09 45.53 -96.87
C LEU AA 269 -69.86 46.43 -96.81
N MET AA 270 -69.89 47.41 -95.91
CA MET AA 270 -68.71 48.15 -95.51
C MET AA 270 -68.12 47.54 -94.23
N THR AA 271 -66.85 47.82 -93.97
CA THR AA 271 -66.08 47.15 -92.93
C THR AA 271 -65.17 48.10 -92.17
N GLY AA 272 -64.72 47.66 -90.99
CA GLY AA 272 -63.66 48.35 -90.26
C GLY AA 272 -62.76 47.36 -89.54
N TYR AA 273 -61.49 47.76 -89.33
CA TYR AA 273 -60.51 46.95 -88.61
C TYR AA 273 -59.98 47.61 -87.34
N THR AA 274 -59.77 46.79 -86.26
CA THR AA 274 -59.54 47.32 -84.91
C THR AA 274 -58.12 47.86 -84.72
N PRO AA 275 -57.05 47.03 -84.80
CA PRO AA 275 -55.69 47.59 -84.91
C PRO AA 275 -55.30 47.87 -86.35
N LEU AA 276 -55.49 49.10 -86.82
CA LEU AA 276 -54.76 49.53 -88.00
C LEU AA 276 -53.26 49.41 -87.78
N THR AA 277 -52.77 49.77 -86.59
CA THR AA 277 -51.39 49.54 -86.18
C THR AA 277 -51.33 49.03 -84.74
N THR AA 278 -50.28 48.26 -84.43
CA THR AA 278 -50.05 47.72 -83.09
C THR AA 278 -48.58 47.36 -82.83
N ASP AA 279 -47.70 47.66 -83.78
CA ASP AA 279 -46.35 47.07 -83.82
C ASP AA 279 -45.32 47.86 -83.01
N LYS AA 287 -54.41 46.85 -70.56
CA LYS AA 287 -54.64 46.47 -71.94
C LYS AA 287 -55.94 47.08 -72.48
N THR AA 288 -56.17 46.87 -73.78
CA THR AA 288 -57.42 47.21 -74.45
C THR AA 288 -58.53 46.22 -74.07
N THR AA 289 -59.79 46.65 -74.17
CA THR AA 289 -60.91 45.72 -73.91
C THR AA 289 -62.19 46.18 -74.63
N VAL AA 290 -63.32 45.53 -74.29
CA VAL AA 290 -64.47 45.39 -75.20
C VAL AA 290 -65.04 46.76 -75.54
N LEU AA 291 -65.08 47.67 -74.58
CA LEU AA 291 -65.66 48.97 -74.81
C LEU AA 291 -64.79 49.80 -75.75
N ASP AA 292 -63.47 49.74 -75.57
CA ASP AA 292 -62.64 50.54 -76.47
C ASP AA 292 -62.56 49.89 -77.86
N VAL AA 293 -62.64 48.56 -77.99
CA VAL AA 293 -62.61 48.03 -79.35
C VAL AA 293 -63.91 48.38 -80.10
N MET AA 294 -65.06 48.36 -79.42
CA MET AA 294 -66.27 48.76 -80.12
C MET AA 294 -66.27 50.26 -80.41
N ARG AA 295 -65.80 51.06 -79.47
CA ARG AA 295 -65.66 52.49 -79.69
C ARG AA 295 -64.68 52.77 -80.82
N ARG AA 296 -63.66 51.92 -80.95
CA ARG AA 296 -62.62 52.06 -81.96
C ARG AA 296 -63.10 51.65 -83.35
N LEU AA 297 -63.92 50.60 -83.44
CA LEU AA 297 -64.45 50.17 -84.74
C LEU AA 297 -65.45 51.17 -85.31
N LEU AA 298 -66.17 51.90 -84.46
CA LEU AA 298 -67.16 52.87 -84.88
C LEU AA 298 -66.55 54.21 -85.34
N GLN AA 299 -65.35 54.17 -85.93
CA GLN AA 299 -64.59 55.37 -86.30
C GLN AA 299 -64.43 55.49 -87.82
N PRO AA 300 -64.71 56.65 -88.42
CA PRO AA 300 -64.49 56.80 -89.87
C PRO AA 300 -63.04 56.62 -90.32
N LYS AA 301 -62.08 56.84 -89.41
CA LYS AA 301 -60.68 56.47 -89.65
C LYS AA 301 -60.52 54.98 -89.89
N ASN AA 302 -61.21 54.17 -89.07
CA ASN AA 302 -61.07 52.72 -89.08
C ASN AA 302 -62.05 52.03 -90.03
N VAL AA 303 -63.05 52.75 -90.56
CA VAL AA 303 -63.91 52.22 -91.61
C VAL AA 303 -63.21 52.32 -92.96
N MET AA 304 -63.30 51.23 -93.73
CA MET AA 304 -62.70 51.09 -95.06
C MET AA 304 -63.54 51.69 -96.20
N VAL AA 305 -64.51 52.54 -95.94
CA VAL AA 305 -65.28 53.21 -96.99
C VAL AA 305 -65.38 54.69 -96.69
N SER AA 306 -64.95 55.53 -97.65
CA SER AA 306 -65.10 56.99 -97.53
C SER AA 306 -66.50 57.41 -97.97
N THR AA 313 -77.03 66.53 -96.12
CA THR AA 313 -77.53 65.17 -96.30
C THR AA 313 -77.51 64.40 -94.96
N ASN AA 314 -77.95 63.14 -94.99
CA ASN AA 314 -77.98 62.27 -93.82
C ASN AA 314 -77.39 60.90 -94.17
N HIS AA 315 -76.83 60.23 -93.15
CA HIS AA 315 -76.31 58.88 -93.28
C HIS AA 315 -76.66 58.06 -92.03
N CYS AA 316 -76.98 56.78 -92.22
CA CYS AA 316 -77.51 55.95 -91.14
C CYS AA 316 -77.12 54.49 -91.34
N TYR AA 317 -76.76 53.82 -90.25
CA TYR AA 317 -76.51 52.37 -90.30
C TYR AA 317 -77.82 51.58 -90.37
N ILE AA 318 -77.69 50.30 -90.71
CA ILE AA 318 -78.82 49.41 -91.01
C ILE AA 318 -78.70 48.13 -90.16
N ALA AA 319 -77.49 47.55 -90.12
CA ALA AA 319 -77.19 46.37 -89.33
C ALA AA 319 -75.67 46.19 -89.25
N ILE AA 320 -75.17 45.67 -88.12
CA ILE AA 320 -73.74 45.67 -87.83
C ILE AA 320 -73.32 44.31 -87.26
N LEU AA 321 -72.19 43.79 -87.75
CA LEU AA 321 -71.48 42.61 -87.22
C LEU AA 321 -70.08 42.97 -86.77
N ASN AA 322 -69.80 42.89 -85.47
CA ASN AA 322 -68.43 42.94 -84.96
C ASN AA 322 -67.95 41.51 -84.71
N ILE AA 323 -66.72 41.21 -85.12
CA ILE AA 323 -66.11 39.90 -84.86
C ILE AA 323 -64.72 40.15 -84.27
N ILE AA 324 -64.45 39.60 -83.08
CA ILE AA 324 -63.24 39.89 -82.31
C ILE AA 324 -62.61 38.57 -81.85
N GLN AA 325 -61.28 38.49 -82.00
CA GLN AA 325 -60.49 37.40 -81.44
C GLN AA 325 -59.89 37.87 -80.12
N GLY AA 326 -60.07 37.08 -79.05
CA GLY AA 326 -59.56 37.50 -77.76
C GLY AA 326 -60.18 36.76 -76.58
N GLU AA 327 -59.46 36.68 -75.47
CA GLU AA 327 -59.90 35.94 -74.30
C GLU AA 327 -60.93 36.72 -73.47
N VAL AA 328 -61.49 37.80 -74.03
CA VAL AA 328 -62.76 38.38 -73.58
C VAL AA 328 -63.92 37.37 -73.60
N ASP AA 329 -65.01 37.74 -72.90
CA ASP AA 329 -66.10 36.84 -72.55
C ASP AA 329 -67.41 37.61 -72.54
N PRO AA 330 -68.56 36.91 -72.54
CA PRO AA 330 -69.85 37.59 -72.79
C PRO AA 330 -70.28 38.56 -71.69
N THR AA 331 -69.70 38.49 -70.50
CA THR AA 331 -70.09 39.45 -69.47
C THR AA 331 -69.70 40.89 -69.86
N GLN AA 332 -68.52 41.09 -70.44
CA GLN AA 332 -68.14 42.45 -70.79
C GLN AA 332 -68.87 43.00 -72.02
N VAL AA 333 -69.15 42.16 -73.02
CA VAL AA 333 -69.93 42.62 -74.18
C VAL AA 333 -71.34 43.05 -73.78
N HIS AA 334 -71.98 42.35 -72.84
CA HIS AA 334 -73.31 42.78 -72.46
C HIS AA 334 -73.34 44.13 -71.73
N LYS AA 335 -72.36 44.44 -70.88
CA LYS AA 335 -72.25 45.83 -70.45
C LYS AA 335 -71.91 46.73 -71.61
N SER AA 336 -70.94 46.32 -72.43
CA SER AA 336 -70.33 47.22 -73.40
C SER AA 336 -71.35 47.71 -74.43
N LEU AA 337 -72.27 46.84 -74.84
CA LEU AA 337 -73.32 47.26 -75.75
C LEU AA 337 -74.16 48.39 -75.17
N GLN AA 338 -74.59 48.26 -73.92
CA GLN AA 338 -75.35 49.35 -73.31
C GLN AA 338 -74.51 50.61 -73.14
N ARG AA 339 -73.20 50.48 -72.89
CA ARG AA 339 -72.35 51.67 -72.80
C ARG AA 339 -72.18 52.36 -74.15
N ILE AA 340 -72.12 51.60 -75.25
CA ILE AA 340 -72.10 52.21 -76.58
C ILE AA 340 -73.47 52.82 -76.88
N ARG AA 341 -74.53 52.16 -76.46
CA ARG AA 341 -75.89 52.64 -76.71
C ARG AA 341 -76.17 53.96 -75.99
N GLU AA 342 -75.66 54.10 -74.76
CA GLU AA 342 -75.86 55.34 -74.00
C GLU AA 342 -74.82 56.41 -74.31
N ARG AA 343 -73.68 56.04 -74.91
CA ARG AA 343 -72.84 57.03 -75.57
C ARG AA 343 -73.38 57.46 -76.93
N LYS AA 344 -74.39 56.73 -77.45
CA LYS AA 344 -75.10 57.05 -78.69
C LYS AA 344 -74.18 57.09 -79.91
N LEU AA 345 -73.13 56.27 -79.88
CA LEU AA 345 -72.41 55.96 -81.11
C LEU AA 345 -73.22 55.01 -81.99
N ALA AA 346 -74.11 54.22 -81.39
CA ALA AA 346 -75.14 53.48 -82.11
C ALA AA 346 -76.22 54.47 -82.51
N ASN AA 347 -76.06 55.04 -83.70
CA ASN AA 347 -76.86 56.16 -84.19
C ASN AA 347 -78.03 55.72 -85.06
N PHE AA 348 -78.37 54.42 -85.05
CA PHE AA 348 -79.28 53.87 -86.05
C PHE AA 348 -80.43 53.12 -85.40
N ILE AA 349 -81.66 53.54 -85.71
CA ILE AA 349 -82.90 52.79 -85.54
C ILE AA 349 -83.89 53.41 -86.52
N PRO AA 350 -83.61 53.32 -87.86
CA PRO AA 350 -84.16 54.31 -88.82
C PRO AA 350 -85.61 54.12 -89.26
N TRP AA 351 -86.08 52.87 -89.33
CA TRP AA 351 -87.45 52.60 -89.78
C TRP AA 351 -88.08 51.42 -89.06
N GLY AA 352 -87.47 50.92 -88.00
CA GLY AA 352 -87.83 49.66 -87.39
C GLY AA 352 -86.62 49.14 -86.61
N PRO AA 353 -86.66 47.88 -86.19
CA PRO AA 353 -85.52 47.34 -85.43
C PRO AA 353 -84.28 47.08 -86.28
N ALA AA 354 -83.12 47.44 -85.72
CA ALA AA 354 -81.85 47.47 -86.46
C ALA AA 354 -80.73 47.24 -85.44
N SER AA 355 -79.86 46.25 -85.68
CA SER AA 355 -79.12 45.63 -84.58
C SER AA 355 -77.62 45.42 -84.88
N ILE AA 356 -76.91 45.01 -83.82
CA ILE AA 356 -75.45 44.93 -83.77
C ILE AA 356 -75.04 43.65 -83.00
N GLN AA 357 -74.11 42.86 -83.57
CA GLN AA 357 -73.87 41.47 -83.19
C GLN AA 357 -72.82 41.25 -82.08
N VAL AA 358 -72.91 40.08 -81.41
CA VAL AA 358 -71.86 39.58 -80.53
C VAL AA 358 -70.68 39.06 -81.35
N ALA AA 359 -69.48 39.10 -80.75
CA ALA AA 359 -68.24 39.04 -81.53
C ALA AA 359 -67.23 37.97 -81.11
N LEU AA 360 -67.45 37.22 -80.03
CA LEU AA 360 -66.42 36.38 -79.40
C LEU AA 360 -65.89 35.27 -80.31
N SER AA 361 -64.56 35.13 -80.42
CA SER AA 361 -63.93 34.05 -81.17
C SER AA 361 -62.51 33.73 -80.68
N ARG AA 362 -62.03 32.54 -81.06
CA ARG AA 362 -60.68 32.03 -80.80
C ARG AA 362 -59.58 32.79 -81.54
N LYS AA 363 -58.44 33.01 -80.88
CA LYS AA 363 -57.23 33.54 -81.51
C LYS AA 363 -56.28 32.38 -81.87
N SER AA 364 -55.63 32.48 -83.03
CA SER AA 364 -55.06 31.30 -83.70
C SER AA 364 -53.88 30.69 -82.93
N PRO AA 365 -53.94 29.41 -82.55
CA PRO AA 365 -52.79 28.75 -81.92
C PRO AA 365 -51.66 28.47 -82.91
N TYR AA 366 -50.51 28.06 -82.36
CA TYR AA 366 -49.31 27.69 -83.14
C TYR AA 366 -48.80 28.74 -84.13
N LEU AA 367 -49.30 29.99 -84.08
CA LEU AA 367 -48.92 31.03 -85.04
C LEU AA 367 -49.09 32.42 -84.43
N PRO AA 368 -48.28 33.42 -84.87
CA PRO AA 368 -48.23 34.73 -84.17
C PRO AA 368 -49.57 35.45 -84.05
N SER AA 369 -49.75 36.15 -82.92
CA SER AA 369 -51.06 36.39 -82.31
C SER AA 369 -51.24 37.85 -81.85
N ALA AA 370 -50.79 38.80 -82.67
CA ALA AA 370 -50.70 40.21 -82.28
C ALA AA 370 -52.03 40.90 -81.97
N HIS AA 371 -52.02 41.82 -80.97
CA HIS AA 371 -53.13 42.68 -80.52
C HIS AA 371 -54.29 41.87 -79.93
N ARG AA 372 -54.49 41.99 -78.61
CA ARG AA 372 -55.23 41.01 -77.81
C ARG AA 372 -56.73 40.95 -78.10
N VAL AA 373 -57.32 41.96 -78.74
CA VAL AA 373 -58.76 41.98 -79.03
C VAL AA 373 -58.95 42.49 -80.45
N SER AA 374 -58.15 41.95 -81.38
CA SER AA 374 -57.85 42.55 -82.68
C SER AA 374 -58.90 42.34 -83.77
N GLY AA 375 -60.16 42.66 -83.46
CA GLY AA 375 -61.30 42.29 -84.28
C GLY AA 375 -61.59 43.24 -85.44
N LEU AA 376 -62.79 43.06 -86.01
CA LEU AA 376 -63.21 43.62 -87.29
C LEU AA 376 -64.71 43.93 -87.23
N MET AA 377 -65.17 44.87 -88.08
CA MET AA 377 -66.59 45.08 -88.29
C MET AA 377 -66.97 44.79 -89.75
N MET AA 378 -68.19 44.26 -89.93
CA MET AA 378 -68.95 44.34 -91.17
C MET AA 378 -70.26 45.09 -90.89
N ALA AA 379 -70.74 45.90 -91.83
CA ALA AA 379 -71.96 46.67 -91.57
C ALA AA 379 -72.61 47.17 -92.87
N ASN AA 380 -73.91 47.48 -92.77
CA ASN AA 380 -74.65 48.16 -93.83
C ASN AA 380 -74.99 49.60 -93.40
N HIS AA 381 -74.62 50.56 -94.26
CA HIS AA 381 -74.75 51.99 -93.97
C HIS AA 381 -74.67 52.69 -95.32
N THR AA 382 -75.19 53.92 -95.39
CA THR AA 382 -75.62 54.45 -96.69
C THR AA 382 -74.58 55.35 -97.36
N SER AA 383 -73.36 55.43 -96.82
CA SER AA 383 -72.34 56.28 -97.43
C SER AA 383 -71.68 55.62 -98.63
N ILE AA 384 -71.86 54.31 -98.82
CA ILE AA 384 -71.37 53.65 -100.02
C ILE AA 384 -72.19 54.07 -101.22
N SER AA 385 -73.45 54.49 -100.99
CA SER AA 385 -74.25 55.09 -102.05
C SER AA 385 -73.57 56.32 -102.65
N SER AA 386 -72.82 57.08 -101.85
CA SER AA 386 -72.11 58.23 -102.40
C SER AA 386 -71.05 57.81 -103.40
N LEU AA 387 -70.35 56.71 -103.15
CA LEU AA 387 -69.33 56.26 -104.10
C LEU AA 387 -69.96 55.64 -105.34
N PHE AA 388 -71.03 54.87 -105.15
CA PHE AA 388 -71.75 54.34 -106.31
C PHE AA 388 -72.39 55.48 -107.10
N GLU AA 389 -72.84 56.55 -106.43
CA GLU AA 389 -73.38 57.71 -107.13
C GLU AA 389 -72.25 58.48 -107.82
N ARG AA 390 -71.05 58.47 -107.23
CA ARG AA 390 -69.89 59.06 -107.90
C ARG AA 390 -69.57 58.34 -109.21
N THR AA 391 -69.55 57.01 -109.19
CA THR AA 391 -69.26 56.31 -110.44
C THR AA 391 -70.44 56.40 -111.40
N CYS AA 392 -71.67 56.56 -110.89
CA CYS AA 392 -72.80 56.88 -111.76
C CYS AA 392 -72.63 58.24 -112.44
N ARG AA 393 -72.17 59.23 -111.68
CA ARG AA 393 -71.95 60.58 -112.17
C ARG AA 393 -70.73 60.69 -113.07
N GLN AA 394 -69.72 59.84 -112.86
CA GLN AA 394 -68.70 59.63 -113.88
C GLN AA 394 -69.27 59.03 -115.16
N TYR AA 395 -70.16 58.03 -115.06
CA TYR AA 395 -70.75 57.49 -116.28
C TYR AA 395 -71.55 58.55 -117.04
N ASP AA 396 -72.42 59.29 -116.36
CA ASP AA 396 -73.17 60.34 -117.03
C ASP AA 396 -72.27 61.44 -117.61
N LYS AA 397 -71.09 61.67 -117.02
CA LYS AA 397 -70.10 62.55 -117.65
C LYS AA 397 -69.54 61.96 -118.94
N LEU AA 398 -69.04 60.72 -118.89
CA LEU AA 398 -68.42 60.10 -120.07
C LEU AA 398 -69.43 59.75 -121.16
N ARG AA 399 -70.70 59.50 -120.80
CA ARG AA 399 -71.77 59.24 -121.77
C ARG AA 399 -71.98 60.39 -122.76
N LYS AA 400 -71.54 61.61 -122.44
CA LYS AA 400 -71.54 62.74 -123.36
C LYS AA 400 -70.23 62.88 -124.16
N ARG AA 401 -69.34 61.88 -124.08
CA ARG AA 401 -68.06 61.86 -124.81
C ARG AA 401 -67.89 60.57 -125.62
N GLU AA 402 -68.12 59.43 -124.96
CA GLU AA 402 -68.00 58.06 -125.50
C GLU AA 402 -66.61 57.72 -126.06
N ALA AA 403 -65.56 58.47 -125.69
CA ALA AA 403 -64.20 58.18 -126.18
C ALA AA 403 -63.73 56.78 -125.80
N PHE AA 404 -64.05 56.30 -124.59
CA PHE AA 404 -63.66 54.99 -124.09
C PHE AA 404 -64.44 53.82 -124.71
N LEU AA 405 -65.32 54.09 -125.67
CA LEU AA 405 -65.78 53.04 -126.59
C LEU AA 405 -64.63 52.50 -127.45
N GLU AA 406 -63.63 53.34 -127.73
CA GLU AA 406 -62.43 53.05 -128.50
C GLU AA 406 -62.71 52.50 -129.91
N GLN AA 407 -63.98 52.47 -130.33
CA GLN AA 407 -64.42 51.79 -131.56
C GLN AA 407 -63.91 50.35 -131.72
N PHE AA 408 -63.72 49.62 -130.62
CA PHE AA 408 -63.50 48.18 -130.75
C PHE AA 408 -64.86 47.50 -130.96
N ARG AA 409 -64.86 46.45 -131.78
CA ARG AA 409 -66.11 45.98 -132.38
C ARG AA 409 -66.99 45.22 -131.40
N LYS AA 410 -66.38 44.50 -130.44
CA LYS AA 410 -67.14 43.68 -129.51
C LYS AA 410 -67.97 44.53 -128.56
N GLU AA 411 -67.38 45.63 -128.08
CA GLU AA 411 -68.05 46.60 -127.21
C GLU AA 411 -69.26 47.23 -127.88
N ASP AA 412 -69.24 47.35 -129.21
CA ASP AA 412 -70.34 47.89 -130.01
C ASP AA 412 -71.40 46.82 -130.32
N MET AA 413 -70.99 45.67 -130.88
CA MET AA 413 -71.95 44.67 -131.33
C MET AA 413 -72.72 44.03 -130.17
N PHE AA 414 -72.10 43.91 -128.98
CA PHE AA 414 -72.75 43.27 -127.84
C PHE AA 414 -74.00 44.02 -127.42
N LYS AA 415 -74.09 45.34 -127.74
CA LYS AA 415 -75.15 46.25 -127.26
C LYS AA 415 -75.53 47.17 -128.44
N ASP AA 416 -76.31 46.64 -129.38
CA ASP AA 416 -76.60 47.35 -130.63
C ASP AA 416 -77.27 48.71 -130.39
N ASN AA 417 -78.32 48.75 -129.56
CA ASN AA 417 -78.94 50.00 -129.12
C ASN AA 417 -78.26 50.59 -127.88
N PHE AA 418 -77.15 50.00 -127.45
CA PHE AA 418 -76.56 50.17 -126.12
C PHE AA 418 -77.55 49.82 -124.99
N ASP AA 419 -78.47 48.87 -125.25
CA ASP AA 419 -79.59 48.63 -124.34
C ASP AA 419 -79.16 48.07 -122.99
N GLU AA 420 -78.08 47.28 -122.96
CA GLU AA 420 -77.64 46.69 -121.69
C GLU AA 420 -76.94 47.72 -120.81
N MET AA 421 -76.32 48.74 -121.39
CA MET AA 421 -75.81 49.84 -120.56
C MET AA 421 -76.96 50.71 -120.04
N ASP AA 422 -77.96 50.98 -120.88
CA ASP AA 422 -79.11 51.76 -120.43
C ASP AA 422 -79.88 51.03 -119.34
N THR AA 423 -80.04 49.72 -119.47
CA THR AA 423 -80.69 48.92 -118.43
C THR AA 423 -79.82 48.85 -117.18
N SER AA 424 -78.50 48.76 -117.37
CA SER AA 424 -77.58 48.78 -116.24
C SER AA 424 -77.62 50.13 -115.52
N ARG AA 425 -77.76 51.23 -116.27
CA ARG AA 425 -77.91 52.54 -115.65
C ARG AA 425 -79.16 52.62 -114.77
N GLU AA 426 -80.32 52.20 -115.28
CA GLU AA 426 -81.49 52.29 -114.43
C GLU AA 426 -81.41 51.36 -113.23
N ILE AA 427 -80.75 50.21 -113.37
CA ILE AA 427 -80.57 49.32 -112.22
C ILE AA 427 -79.63 49.91 -111.18
N VAL AA 428 -78.48 50.45 -111.61
CA VAL AA 428 -77.55 50.97 -110.61
C VAL AA 428 -78.02 52.34 -110.13
N GLN AA 429 -78.94 52.97 -110.86
CA GLN AA 429 -79.59 54.18 -110.36
C GLN AA 429 -80.62 53.82 -109.30
N GLN AA 430 -81.35 52.72 -109.53
CA GLN AA 430 -82.30 52.21 -108.53
C GLN AA 430 -81.57 51.74 -107.27
N LEU AA 431 -80.33 51.26 -107.41
CA LEU AA 431 -79.46 51.03 -106.25
C LEU AA 431 -79.28 52.29 -105.40
N ILE AA 432 -79.06 53.43 -106.05
CA ILE AA 432 -78.95 54.71 -105.34
C ILE AA 432 -80.30 55.07 -104.71
N ASP AA 433 -81.39 54.84 -105.45
CA ASP AA 433 -82.73 55.11 -104.92
C ASP AA 433 -83.03 54.24 -103.71
N GLU AA 434 -82.62 52.97 -103.76
CA GLU AA 434 -82.83 52.06 -102.64
C GLU AA 434 -82.00 52.46 -101.42
N TYR AA 435 -80.73 52.79 -101.61
CA TYR AA 435 -79.92 53.18 -100.46
C TYR AA 435 -80.37 54.51 -99.88
N HIS AA 436 -80.78 55.47 -100.71
CA HIS AA 436 -81.25 56.73 -100.17
C HIS AA 436 -82.66 56.62 -99.61
N ALA AA 437 -83.44 55.62 -100.05
CA ALA AA 437 -84.69 55.31 -99.37
C ALA AA 437 -84.41 54.63 -98.04
N ALA AA 438 -83.35 53.82 -97.98
CA ALA AA 438 -82.95 53.14 -96.75
C ALA AA 438 -82.40 54.13 -95.73
N THR AA 439 -81.91 55.28 -96.20
CA THR AA 439 -81.47 56.36 -95.31
C THR AA 439 -82.65 56.97 -94.57
N ARG AA 440 -83.83 56.96 -95.19
CA ARG AA 440 -85.02 57.67 -94.75
C ARG AA 440 -86.03 56.66 -94.21
N PRO AA 441 -87.14 57.14 -93.60
CA PRO AA 441 -88.35 56.29 -93.50
C PRO AA 441 -89.12 56.02 -94.79
N ASP AA 442 -88.49 56.14 -95.96
CA ASP AA 442 -89.14 55.78 -97.22
C ASP AA 442 -89.34 54.28 -97.41
N TYR AA 443 -88.75 53.43 -96.58
CA TYR AA 443 -88.88 51.99 -96.78
C TYR AA 443 -90.16 51.42 -96.15
N ILE AA 444 -91.11 52.27 -95.77
CA ILE AA 444 -92.50 51.81 -95.66
C ILE AA 444 -93.04 51.49 -97.05
N SER AA 445 -92.59 52.22 -98.06
CA SER AA 445 -92.77 51.84 -99.46
C SER AA 445 -91.59 50.98 -99.90
N TRP AA 446 -91.44 50.76 -101.21
CA TRP AA 446 -90.21 50.20 -101.75
C TRP AA 446 -89.19 51.27 -102.07
N GLY AA 447 -87.94 50.84 -102.21
CA GLY AA 447 -86.83 51.72 -102.53
C GLY AA 447 -86.78 52.09 -103.99
N ARG BA 3 -59.42 -27.90 -105.34
CA ARG BA 3 -58.45 -28.55 -106.28
C ARG BA 3 -58.07 -27.59 -107.44
N GLU BA 4 -57.52 -28.12 -108.53
CA GLU BA 4 -56.59 -27.39 -109.38
C GLU BA 4 -57.14 -27.19 -110.79
N ILE BA 5 -56.62 -26.14 -111.45
CA ILE BA 5 -57.19 -25.55 -112.67
C ILE BA 5 -56.13 -25.53 -113.78
N ILE BA 6 -56.57 -25.85 -115.03
CA ILE BA 6 -55.78 -25.69 -116.26
C ILE BA 6 -55.94 -24.24 -116.75
N THR BA 7 -54.90 -23.70 -117.43
CA THR BA 7 -54.84 -22.26 -117.74
C THR BA 7 -54.50 -22.01 -119.23
N LEU BA 8 -55.37 -22.45 -120.14
CA LEU BA 8 -55.15 -22.30 -121.58
C LEU BA 8 -55.20 -20.84 -122.05
N GLN BA 9 -54.50 -20.56 -123.16
CA GLN BA 9 -54.61 -19.30 -123.91
C GLN BA 9 -54.48 -19.59 -125.40
N LEU BA 10 -55.17 -18.78 -126.22
CA LEU BA 10 -55.05 -18.84 -127.67
C LEU BA 10 -55.63 -17.57 -128.30
N GLY BA 11 -55.18 -17.27 -129.52
CA GLY BA 11 -55.53 -16.02 -130.17
C GLY BA 11 -54.62 -14.89 -129.76
N GLN BA 12 -54.66 -13.81 -130.53
CA GLN BA 12 -53.59 -12.82 -130.47
C GLN BA 12 -53.70 -12.03 -129.17
N CYS BA 13 -54.91 -11.54 -128.86
CA CYS BA 13 -55.17 -10.91 -127.57
C CYS BA 13 -55.12 -11.91 -126.42
N GLY BA 14 -55.61 -13.14 -126.65
CA GLY BA 14 -55.65 -14.12 -125.57
C GLY BA 14 -54.27 -14.52 -125.10
N ASN BA 15 -53.40 -14.87 -126.06
CA ASN BA 15 -51.99 -15.07 -125.75
C ASN BA 15 -51.39 -13.84 -125.06
N GLN BA 16 -51.71 -12.64 -125.56
CA GLN BA 16 -51.15 -11.42 -124.95
C GLN BA 16 -51.63 -11.18 -123.51
N ILE BA 17 -52.95 -11.22 -123.23
CA ILE BA 17 -53.36 -10.98 -121.84
C ILE BA 17 -52.89 -12.10 -120.91
N GLY BA 18 -52.74 -13.33 -121.41
CA GLY BA 18 -52.10 -14.36 -120.62
C GLY BA 18 -50.63 -14.07 -120.36
N PHE BA 19 -49.89 -13.79 -121.43
CA PHE BA 19 -48.48 -13.40 -121.32
C PHE BA 19 -48.26 -12.23 -120.39
N GLU BA 20 -49.04 -11.15 -120.56
CA GLU BA 20 -48.88 -9.98 -119.72
C GLU BA 20 -49.49 -10.15 -118.33
N PHE BA 21 -50.41 -11.10 -118.13
CA PHE BA 21 -50.74 -11.54 -116.77
C PHE BA 21 -49.57 -12.27 -116.11
N TRP BA 22 -48.90 -13.18 -116.81
CA TRP BA 22 -47.67 -13.78 -116.25
C TRP BA 22 -46.61 -12.72 -115.94
N LYS BA 23 -46.48 -11.69 -116.80
CA LYS BA 23 -45.65 -10.52 -116.48
C LYS BA 23 -46.12 -9.80 -115.22
N GLN BA 24 -47.42 -9.54 -115.09
CA GLN BA 24 -47.92 -8.82 -113.92
C GLN BA 24 -47.77 -9.63 -112.64
N LEU BA 25 -47.95 -10.95 -112.71
CA LEU BA 25 -47.55 -11.83 -111.60
C LEU BA 25 -46.08 -11.66 -111.22
N CYS BA 26 -45.20 -11.48 -112.20
CA CYS BA 26 -43.79 -11.26 -111.91
C CYS BA 26 -43.50 -9.94 -111.19
N ALA BA 27 -44.52 -9.16 -110.81
CA ALA BA 27 -44.37 -8.06 -109.85
C ALA BA 27 -45.52 -8.04 -108.84
N GLU BA 28 -46.26 -9.15 -108.70
CA GLU BA 28 -47.37 -9.31 -107.74
C GLU BA 28 -47.28 -10.63 -106.96
N HIS BA 29 -46.52 -11.61 -107.46
CA HIS BA 29 -46.57 -13.04 -107.16
C HIS BA 29 -45.18 -13.61 -107.37
N GLY BA 30 -45.00 -14.92 -107.15
CA GLY BA 30 -43.68 -15.47 -106.85
C GLY BA 30 -42.81 -16.13 -107.92
N ILE BA 31 -42.96 -15.84 -109.21
CA ILE BA 31 -42.37 -16.69 -110.26
C ILE BA 31 -41.66 -15.84 -111.32
N SER BA 32 -40.38 -16.26 -111.72
CA SER BA 32 -39.57 -15.66 -112.78
C SER BA 32 -39.88 -16.24 -114.17
N PRO BA 33 -39.51 -15.53 -115.23
CA PRO BA 33 -39.92 -15.92 -116.60
C PRO BA 33 -39.53 -17.32 -117.05
N GLU BA 34 -38.48 -17.91 -116.47
CA GLU BA 34 -38.06 -19.28 -116.74
C GLU BA 34 -38.99 -20.34 -116.17
N GLY BA 35 -40.02 -19.95 -115.41
CA GLY BA 35 -40.81 -20.85 -114.60
C GLY BA 35 -40.21 -21.14 -113.24
N ILE BA 36 -38.95 -20.76 -113.02
CA ILE BA 36 -38.28 -20.88 -111.73
C ILE BA 36 -39.00 -20.05 -110.67
N VAL BA 37 -39.28 -20.65 -109.50
CA VAL BA 37 -39.76 -19.92 -108.32
C VAL BA 37 -38.74 -18.89 -107.88
N GLU BA 38 -39.21 -17.72 -107.42
CA GLU BA 38 -38.31 -16.61 -107.18
C GLU BA 38 -37.98 -16.48 -105.69
N GLU BA 39 -37.07 -15.55 -105.39
CA GLU BA 39 -36.75 -15.18 -104.02
C GLU BA 39 -37.59 -14.01 -103.52
N PHE BA 40 -38.67 -13.67 -104.25
CA PHE BA 40 -39.78 -12.89 -103.72
C PHE BA 40 -41.06 -13.72 -103.66
N ALA BA 41 -40.92 -15.05 -103.57
CA ALA BA 41 -42.05 -15.96 -103.53
C ALA BA 41 -42.70 -16.01 -102.14
N THR BA 45 -46.06 -17.45 -98.77
CA THR BA 45 -47.46 -17.34 -98.35
C THR BA 45 -48.38 -17.46 -99.58
N ASP BA 46 -47.93 -18.18 -100.62
CA ASP BA 46 -48.68 -18.34 -101.87
C ASP BA 46 -48.61 -19.80 -102.32
N ARG BA 47 -49.75 -20.35 -102.79
CA ARG BA 47 -49.82 -21.73 -103.28
C ARG BA 47 -49.86 -21.75 -104.81
N LYS BA 48 -48.80 -22.28 -105.43
CA LYS BA 48 -48.64 -22.26 -106.87
C LYS BA 48 -49.38 -23.42 -107.55
N ASP BA 49 -49.47 -24.58 -106.90
CA ASP BA 49 -50.10 -25.78 -107.46
C ASP BA 49 -51.51 -25.55 -108.03
N VAL BA 50 -52.26 -24.58 -107.47
CA VAL BA 50 -53.59 -24.24 -107.96
C VAL BA 50 -53.64 -24.10 -109.49
N PHE BA 51 -52.68 -23.38 -110.05
CA PHE BA 51 -52.60 -23.12 -111.48
C PHE BA 51 -51.30 -23.58 -112.12
N PHE BA 52 -50.23 -23.81 -111.34
CA PHE BA 52 -48.89 -24.11 -111.85
C PHE BA 52 -48.48 -25.55 -111.56
N TYR BA 53 -48.25 -26.32 -112.64
CA TYR BA 53 -47.70 -27.67 -112.58
C TYR BA 53 -46.27 -27.70 -112.01
N GLN BA 54 -46.02 -28.64 -111.08
CA GLN BA 54 -44.68 -28.94 -110.54
C GLN BA 54 -43.91 -29.87 -111.48
N ALA BA 55 -43.10 -29.29 -112.37
CA ALA BA 55 -41.90 -29.97 -112.87
C ALA BA 55 -40.81 -29.90 -111.80
N ASP BA 56 -40.07 -30.99 -111.63
CA ASP BA 56 -39.46 -31.28 -110.33
C ASP BA 56 -38.40 -30.25 -109.88
N ASP BA 57 -37.60 -29.69 -110.80
CA ASP BA 57 -36.49 -28.83 -110.37
C ASP BA 57 -36.92 -27.37 -110.07
N GLU BA 58 -38.06 -27.22 -109.36
CA GLU BA 58 -38.66 -25.95 -108.94
C GLU BA 58 -39.11 -25.05 -110.11
N HIS BA 59 -39.34 -25.66 -111.28
CA HIS BA 59 -40.03 -25.10 -112.45
C HIS BA 59 -41.56 -25.13 -112.28
N TYR BA 60 -42.14 -24.07 -111.66
CA TYR BA 60 -43.59 -23.86 -111.66
C TYR BA 60 -44.09 -23.40 -113.04
N ILE BA 61 -44.79 -24.28 -113.73
CA ILE BA 61 -45.31 -24.07 -115.08
C ILE BA 61 -46.82 -23.85 -115.02
N PRO BA 62 -47.34 -22.69 -115.44
CA PRO BA 62 -48.80 -22.60 -115.57
C PRO BA 62 -49.26 -23.57 -116.65
N ARG BA 63 -50.42 -24.18 -116.41
CA ARG BA 63 -50.97 -25.21 -117.27
C ARG BA 63 -51.46 -24.65 -118.60
N ALA BA 64 -50.50 -24.13 -119.39
CA ALA BA 64 -50.69 -23.07 -120.37
C ALA BA 64 -50.03 -23.43 -121.71
N VAL BA 65 -50.62 -22.93 -122.82
CA VAL BA 65 -50.44 -23.43 -124.19
C VAL BA 65 -50.36 -22.24 -125.15
N LEU BA 66 -49.68 -22.41 -126.30
CA LEU BA 66 -49.66 -21.40 -127.36
C LEU BA 66 -50.26 -21.91 -128.68
N LEU BA 67 -51.35 -21.27 -129.11
CA LEU BA 67 -51.98 -21.46 -130.43
C LEU BA 67 -52.24 -20.12 -131.10
N ASP BA 68 -51.90 -19.99 -132.41
CA ASP BA 68 -51.83 -18.69 -133.06
C ASP BA 68 -51.86 -18.71 -134.60
N LEU BA 69 -52.56 -19.68 -135.23
CA LEU BA 69 -52.63 -19.78 -136.69
C LEU BA 69 -52.93 -18.45 -137.42
N GLU BA 70 -51.94 -17.96 -138.22
CA GLU BA 70 -51.88 -16.69 -138.98
C GLU BA 70 -52.10 -15.41 -138.17
N PRO BA 71 -51.16 -15.09 -137.26
CA PRO BA 71 -51.21 -13.86 -136.44
C PRO BA 71 -50.70 -12.63 -137.20
N ARG BA 72 -50.69 -11.48 -136.49
CA ARG BA 72 -50.07 -10.22 -136.96
C ARG BA 72 -48.81 -9.83 -136.21
N VAL BA 73 -48.83 -9.83 -134.88
CA VAL BA 73 -47.71 -9.32 -134.07
C VAL BA 73 -47.26 -10.35 -133.06
N ILE BA 74 -48.17 -11.26 -132.66
CA ILE BA 74 -47.99 -12.14 -131.51
C ILE BA 74 -47.02 -13.29 -131.77
N HIS BA 75 -46.50 -13.45 -133.00
CA HIS BA 75 -45.34 -14.31 -133.23
C HIS BA 75 -44.17 -13.91 -132.36
N SER BA 76 -44.05 -12.63 -132.01
CA SER BA 76 -42.98 -12.14 -131.15
C SER BA 76 -43.19 -12.48 -129.67
N ILE BA 77 -44.38 -12.95 -129.27
CA ILE BA 77 -44.61 -13.22 -127.84
C ILE BA 77 -43.84 -14.46 -127.39
N LEU BA 78 -43.73 -15.49 -128.23
CA LEU BA 78 -42.94 -16.66 -127.85
C LEU BA 78 -41.45 -16.34 -127.64
N ASN BA 79 -40.92 -15.24 -128.19
CA ASN BA 79 -39.57 -14.80 -127.85
C ASN BA 79 -39.52 -13.73 -126.76
N SER BA 80 -40.65 -13.10 -126.40
CA SER BA 80 -40.69 -12.22 -125.25
C SER BA 80 -40.51 -13.02 -123.95
N PRO BA 81 -39.94 -12.40 -122.87
CA PRO BA 81 -39.49 -13.19 -121.71
C PRO BA 81 -40.54 -14.08 -121.05
N TYR BA 82 -41.67 -13.50 -120.60
CA TYR BA 82 -42.63 -14.20 -119.74
C TYR BA 82 -43.42 -15.29 -120.47
N ALA BA 83 -43.37 -15.38 -121.80
CA ALA BA 83 -44.05 -16.45 -122.52
C ALA BA 83 -43.40 -17.82 -122.29
N LYS BA 84 -42.13 -17.85 -121.87
CA LYS BA 84 -41.38 -19.07 -121.54
C LYS BA 84 -41.80 -19.70 -120.22
N LEU BA 85 -42.53 -18.95 -119.38
CA LEU BA 85 -42.87 -19.40 -118.04
C LEU BA 85 -43.67 -20.72 -118.04
N TYR BA 86 -44.37 -21.03 -119.15
CA TYR BA 86 -44.85 -22.39 -119.43
C TYR BA 86 -43.90 -23.15 -120.38
N ASN BA 87 -42.89 -23.78 -119.77
CA ASN BA 87 -41.81 -24.46 -120.51
C ASN BA 87 -42.16 -25.66 -121.41
N PRO BA 88 -43.20 -26.50 -121.14
CA PRO BA 88 -43.37 -27.78 -121.89
C PRO BA 88 -43.66 -27.79 -123.39
N GLU BA 89 -43.10 -26.87 -124.18
CA GLU BA 89 -42.91 -27.02 -125.64
C GLU BA 89 -44.22 -27.07 -126.45
N ASN BA 90 -45.35 -26.67 -125.87
CA ASN BA 90 -46.68 -26.72 -126.50
C ASN BA 90 -46.99 -25.53 -127.44
N ILE BA 91 -46.04 -25.15 -128.31
CA ILE BA 91 -46.28 -24.24 -129.44
C ILE BA 91 -46.90 -25.01 -130.60
N TYR BA 92 -48.07 -24.57 -131.08
CA TYR BA 92 -48.79 -25.31 -132.12
C TYR BA 92 -49.75 -24.38 -132.86
N LEU BA 93 -50.43 -24.94 -133.88
CA LEU BA 93 -51.39 -24.21 -134.73
C LEU BA 93 -52.53 -23.61 -133.94
N GLY BA 101 -57.24 -19.17 -139.07
CA GLY BA 101 -56.84 -17.79 -139.29
C GLY BA 101 -57.31 -16.84 -138.20
N ASN BA 102 -57.19 -15.53 -138.46
CA ASN BA 102 -57.39 -14.51 -137.43
C ASN BA 102 -58.85 -14.17 -137.15
N ASN BA 103 -59.79 -14.39 -138.08
CA ASN BA 103 -61.21 -14.09 -137.87
C ASN BA 103 -61.99 -15.26 -137.24
N TRP BA 104 -63.19 -14.98 -136.70
CA TRP BA 104 -63.91 -15.92 -135.83
C TRP BA 104 -64.26 -17.25 -136.50
N ALA BA 105 -64.91 -17.23 -137.66
CA ALA BA 105 -65.23 -18.50 -138.32
C ALA BA 105 -63.96 -19.25 -138.75
N SER BA 106 -62.90 -18.51 -139.06
CA SER BA 106 -61.60 -19.11 -139.38
C SER BA 106 -61.04 -19.94 -138.23
N GLY BA 107 -61.45 -19.66 -137.00
CA GLY BA 107 -61.12 -20.49 -135.86
C GLY BA 107 -62.07 -21.65 -135.60
N PHE BA 108 -63.38 -21.37 -135.48
CA PHE BA 108 -64.35 -22.42 -135.17
C PHE BA 108 -64.42 -23.48 -136.27
N SER BA 109 -64.39 -23.07 -137.54
CA SER BA 109 -64.61 -24.02 -138.64
C SER BA 109 -63.40 -24.92 -138.90
N GLN BA 110 -62.19 -24.34 -138.93
CA GLN BA 110 -61.00 -25.16 -139.09
C GLN BA 110 -60.74 -26.02 -137.85
N GLY BA 111 -61.23 -25.61 -136.69
CA GLY BA 111 -61.30 -26.53 -135.56
C GLY BA 111 -61.87 -27.91 -135.87
N GLU BA 112 -62.74 -28.03 -136.86
CA GLU BA 112 -63.29 -29.35 -137.21
C GLU BA 112 -62.20 -30.35 -137.60
N LYS BA 113 -61.05 -29.89 -138.12
CA LYS BA 113 -59.92 -30.79 -138.30
C LYS BA 113 -58.78 -30.51 -137.33
N ILE BA 114 -58.78 -29.36 -136.65
CA ILE BA 114 -57.66 -28.95 -135.81
C ILE BA 114 -57.77 -29.41 -134.35
N HIS BA 115 -58.98 -29.74 -133.87
CA HIS BA 115 -59.15 -30.05 -132.45
C HIS BA 115 -58.42 -31.32 -132.03
N GLU BA 116 -58.14 -32.24 -132.95
CA GLU BA 116 -57.80 -33.62 -132.59
C GLU BA 116 -56.48 -33.75 -131.83
N ASP BA 117 -55.50 -32.89 -132.10
CA ASP BA 117 -54.22 -32.96 -131.39
C ASP BA 117 -54.03 -31.88 -130.33
N ILE BA 118 -54.64 -30.70 -130.49
CA ILE BA 118 -54.64 -29.72 -129.40
C ILE BA 118 -55.48 -30.18 -128.21
N PHE BA 119 -56.50 -31.04 -128.42
CA PHE BA 119 -57.14 -31.73 -127.30
C PHE BA 119 -56.15 -32.60 -126.52
N ASP BA 120 -55.20 -33.23 -127.23
CA ASP BA 120 -54.15 -34.00 -126.57
C ASP BA 120 -53.15 -33.09 -125.84
N ILE BA 121 -52.82 -31.93 -126.40
CA ILE BA 121 -52.00 -30.95 -125.69
C ILE BA 121 -52.70 -30.49 -124.40
N ILE BA 122 -54.02 -30.28 -124.45
CA ILE BA 122 -54.78 -29.96 -123.23
C ILE BA 122 -54.75 -31.12 -122.23
N ASP BA 123 -54.91 -32.36 -122.71
CA ASP BA 123 -54.71 -33.51 -121.82
C ASP BA 123 -53.30 -33.59 -121.23
N ARG BA 124 -52.27 -33.13 -121.96
CA ARG BA 124 -50.94 -33.02 -121.34
C ARG BA 124 -50.91 -31.96 -120.23
N GLU BA 125 -51.65 -30.85 -120.37
CA GLU BA 125 -51.81 -29.96 -119.24
C GLU BA 125 -52.72 -30.55 -118.15
N ALA BA 126 -53.64 -31.44 -118.49
CA ALA BA 126 -54.40 -32.17 -117.48
C ALA BA 126 -53.53 -33.19 -116.72
N ASP BA 127 -52.55 -33.81 -117.39
CA ASP BA 127 -51.54 -34.58 -116.68
C ASP BA 127 -50.70 -33.72 -115.75
N GLY BA 128 -50.63 -32.41 -116.00
CA GLY BA 128 -50.07 -31.46 -115.04
C GLY BA 128 -50.94 -31.16 -113.83
N SER BA 129 -52.17 -31.68 -113.78
CA SER BA 129 -53.11 -31.43 -112.69
C SER BA 129 -53.37 -32.69 -111.87
N ASP BA 130 -53.39 -32.53 -110.53
CA ASP BA 130 -53.59 -33.67 -109.64
C ASP BA 130 -54.98 -34.31 -109.82
N SER BA 131 -56.03 -33.49 -109.93
CA SER BA 131 -57.34 -33.89 -110.44
C SER BA 131 -58.16 -32.64 -110.73
N LEU BA 132 -58.64 -32.51 -111.97
CA LEU BA 132 -59.16 -31.27 -112.51
C LEU BA 132 -60.53 -30.85 -111.93
N GLU BA 133 -60.71 -29.54 -111.73
CA GLU BA 133 -62.02 -28.92 -111.54
C GLU BA 133 -62.47 -28.04 -112.70
N GLY BA 134 -61.56 -27.43 -113.46
CA GLY BA 134 -61.96 -26.55 -114.55
C GLY BA 134 -60.76 -26.01 -115.31
N PHE BA 135 -61.07 -25.27 -116.38
CA PHE BA 135 -60.09 -24.60 -117.24
C PHE BA 135 -60.33 -23.09 -117.17
N VAL BA 136 -59.31 -22.33 -116.79
CA VAL BA 136 -59.22 -20.94 -117.25
C VAL BA 136 -58.85 -20.97 -118.73
N LEU BA 137 -59.70 -20.37 -119.56
CA LEU BA 137 -59.34 -20.04 -120.93
C LEU BA 137 -59.13 -18.54 -121.02
N CYS BA 138 -57.88 -18.13 -121.20
CA CYS BA 138 -57.56 -16.78 -121.65
C CYS BA 138 -57.67 -16.64 -123.16
N HIS BA 139 -58.69 -17.25 -123.78
CA HIS BA 139 -58.85 -17.12 -125.23
C HIS BA 139 -59.33 -15.72 -125.57
N SER BA 140 -58.94 -15.24 -126.76
CA SER BA 140 -59.38 -13.95 -127.26
C SER BA 140 -60.90 -13.82 -127.35
N ILE BA 141 -61.54 -13.08 -126.44
CA ILE BA 141 -62.79 -12.43 -126.83
C ILE BA 141 -62.43 -11.33 -127.83
N ALA BA 142 -63.12 -11.32 -128.96
CA ALA BA 142 -62.81 -10.53 -130.15
C ALA BA 142 -61.43 -10.77 -130.77
N GLY BA 143 -60.33 -10.72 -130.00
CA GLY BA 143 -59.05 -10.39 -130.61
C GLY BA 143 -58.22 -11.56 -131.12
N GLY BA 144 -58.58 -12.14 -132.27
CA GLY BA 144 -57.75 -13.11 -132.95
C GLY BA 144 -58.45 -14.48 -133.04
N THR BA 145 -57.64 -15.55 -132.95
CA THR BA 145 -58.07 -16.90 -133.29
C THR BA 145 -58.88 -17.53 -132.16
N GLY BA 146 -58.63 -17.11 -130.92
CA GLY BA 146 -59.39 -17.63 -129.80
C GLY BA 146 -60.85 -17.28 -129.90
N SER BA 147 -61.17 -16.16 -130.54
CA SER BA 147 -62.49 -15.96 -131.11
C SER BA 147 -62.65 -16.93 -132.27
N GLY BA 148 -63.59 -17.87 -132.12
CA GLY BA 148 -63.58 -19.06 -132.94
C GLY BA 148 -63.01 -20.24 -132.17
N LEU BA 149 -61.68 -20.38 -132.20
CA LEU BA 149 -61.05 -21.62 -131.76
C LEU BA 149 -61.15 -21.81 -130.24
N GLY BA 150 -60.99 -20.74 -129.45
CA GLY BA 150 -61.14 -20.88 -128.01
C GLY BA 150 -62.58 -21.17 -127.60
N SER BA 151 -63.52 -20.42 -128.16
CA SER BA 151 -64.95 -20.62 -128.00
C SER BA 151 -65.45 -21.92 -128.65
N TYR BA 152 -64.55 -22.70 -129.24
CA TYR BA 152 -64.83 -24.05 -129.74
C TYR BA 152 -64.15 -25.14 -128.92
N LEU BA 153 -62.95 -24.86 -128.40
CA LEU BA 153 -62.40 -25.67 -127.32
C LEU BA 153 -63.36 -25.75 -126.14
N LEU BA 154 -64.09 -24.67 -125.86
CA LEU BA 154 -65.25 -24.72 -124.97
C LEU BA 154 -66.14 -25.93 -125.26
N GLU BA 155 -66.53 -26.13 -126.52
CA GLU BA 155 -67.44 -27.22 -126.87
C GLU BA 155 -66.73 -28.58 -126.83
N ARG BA 156 -65.51 -28.66 -127.37
CA ARG BA 156 -64.79 -29.93 -127.42
C ARG BA 156 -64.41 -30.42 -126.03
N LEU BA 157 -64.19 -29.52 -125.08
CA LEU BA 157 -64.07 -29.91 -123.67
C LEU BA 157 -65.43 -30.22 -123.03
N ASN BA 158 -66.48 -29.47 -123.39
CA ASN BA 158 -67.83 -29.79 -122.89
C ASN BA 158 -68.27 -31.20 -123.30
N ASP BA 159 -67.85 -31.65 -124.48
CA ASP BA 159 -68.15 -32.99 -124.98
C ASP BA 159 -67.54 -34.11 -124.16
N ARG BA 160 -66.48 -33.82 -123.40
CA ARG BA 160 -65.59 -34.82 -122.86
C ARG BA 160 -65.32 -34.62 -121.37
N TYR BA 161 -65.53 -33.42 -120.85
CA TYR BA 161 -65.30 -33.00 -119.47
C TYR BA 161 -66.46 -32.11 -119.01
N PRO BA 162 -67.72 -32.58 -119.10
CA PRO BA 162 -68.86 -31.64 -119.09
C PRO BA 162 -69.10 -30.96 -117.75
N LYS BA 163 -68.69 -31.55 -116.64
CA LYS BA 163 -68.81 -30.92 -115.32
C LYS BA 163 -67.63 -30.00 -114.98
N LYS BA 164 -66.63 -29.89 -115.86
CA LYS BA 164 -65.45 -29.06 -115.61
C LYS BA 164 -65.68 -27.66 -116.19
N LEU BA 165 -65.59 -26.62 -115.34
CA LEU BA 165 -65.97 -25.27 -115.73
C LEU BA 165 -64.95 -24.64 -116.68
N VAL BA 166 -65.42 -23.79 -117.60
CA VAL BA 166 -64.58 -22.85 -118.36
C VAL BA 166 -64.86 -21.41 -117.90
N GLN BA 167 -63.91 -20.79 -117.19
CA GLN BA 167 -63.92 -19.34 -117.02
C GLN BA 167 -63.11 -18.67 -118.15
N THR BA 168 -63.71 -17.66 -118.77
CA THR BA 168 -63.14 -16.92 -119.89
C THR BA 168 -62.62 -15.56 -119.41
N TYR BA 169 -61.33 -15.27 -119.65
CA TYR BA 169 -60.84 -13.90 -119.54
C TYR BA 169 -60.90 -13.20 -120.90
N SER BA 170 -61.11 -11.88 -120.88
CA SER BA 170 -61.68 -11.18 -122.03
C SER BA 170 -61.09 -9.79 -122.26
N VAL BA 171 -61.41 -9.27 -123.46
CA VAL BA 171 -61.37 -7.86 -123.81
C VAL BA 171 -62.64 -7.57 -124.61
N PHE BA 172 -63.10 -6.30 -124.61
CA PHE BA 172 -64.41 -6.00 -125.22
C PHE BA 172 -64.50 -4.57 -125.79
N PRO BA 173 -64.80 -4.40 -127.09
CA PRO BA 173 -64.57 -3.11 -127.76
C PRO BA 173 -65.65 -2.06 -127.54
N ASN BA 174 -65.21 -0.82 -127.28
CA ASN BA 174 -65.99 0.40 -127.60
C ASN BA 174 -65.02 1.58 -127.59
N GLN BA 175 -64.38 1.85 -128.74
CA GLN BA 175 -63.44 2.97 -128.90
C GLN BA 175 -63.82 3.81 -130.13
N ASP BA 176 -65.00 4.43 -130.05
CA ASP BA 176 -65.55 5.38 -131.03
C ASP BA 176 -65.83 4.76 -132.41
N GLU BA 177 -65.96 3.43 -132.49
CA GLU BA 177 -66.47 2.73 -133.69
C GLU BA 177 -65.91 3.31 -134.99
N VAL BA 181 -57.81 -2.95 -135.74
CA VAL BA 181 -58.41 -2.31 -136.91
C VAL BA 181 -59.93 -2.27 -136.70
N VAL BA 182 -60.61 -1.39 -137.45
CA VAL BA 182 -62.05 -1.13 -137.27
C VAL BA 182 -62.96 -2.35 -137.46
N VAL BA 183 -62.46 -3.47 -138.01
CA VAL BA 183 -63.22 -4.74 -138.00
C VAL BA 183 -63.43 -5.32 -136.60
N GLN BA 184 -62.82 -4.75 -135.55
CA GLN BA 184 -62.93 -5.11 -134.14
C GLN BA 184 -64.26 -5.72 -133.61
N PRO BA 185 -65.46 -5.16 -133.89
CA PRO BA 185 -66.69 -5.75 -133.32
C PRO BA 185 -67.14 -7.03 -134.01
N TYR BA 186 -66.80 -7.17 -135.30
CA TYR BA 186 -67.31 -8.27 -136.13
C TYR BA 186 -66.92 -9.62 -135.54
N ASN BA 187 -65.73 -9.73 -134.97
CA ASN BA 187 -65.28 -10.94 -134.29
C ASN BA 187 -65.80 -11.10 -132.85
N SER BA 188 -66.49 -10.10 -132.30
CA SER BA 188 -66.97 -10.18 -130.92
C SER BA 188 -68.22 -11.07 -130.77
N LEU BA 189 -69.25 -10.82 -131.57
CA LEU BA 189 -70.60 -11.30 -131.29
C LEU BA 189 -70.69 -12.82 -131.15
N LEU BA 190 -70.01 -13.59 -132.01
CA LEU BA 190 -70.16 -15.04 -131.97
C LEU BA 190 -69.63 -15.66 -130.67
N THR BA 191 -68.67 -15.03 -129.98
CA THR BA 191 -68.34 -15.52 -128.64
C THR BA 191 -69.55 -15.49 -127.74
N LEU BA 192 -70.27 -14.36 -127.73
CA LEU BA 192 -71.42 -14.20 -126.84
C LEU BA 192 -72.50 -15.25 -127.08
N LYS BA 193 -72.77 -15.60 -128.35
CA LYS BA 193 -73.76 -16.63 -128.65
C LYS BA 193 -73.33 -18.00 -128.16
N ARG BA 194 -72.11 -18.45 -128.51
CA ARG BA 194 -71.65 -19.75 -128.04
C ARG BA 194 -71.46 -19.77 -126.52
N LEU BA 195 -70.98 -18.67 -125.93
CA LEU BA 195 -70.88 -18.58 -124.48
C LEU BA 195 -72.24 -18.68 -123.78
N THR BA 196 -73.22 -17.86 -124.20
CA THR BA 196 -74.57 -18.00 -123.63
C THR BA 196 -75.24 -19.31 -123.99
N GLN BA 197 -74.84 -19.98 -125.07
CA GLN BA 197 -75.38 -21.30 -125.37
C GLN BA 197 -74.91 -22.37 -124.36
N ASN BA 198 -73.60 -22.41 -124.04
CA ASN BA 198 -73.08 -23.49 -123.18
C ASN BA 198 -72.09 -23.10 -122.07
N ALA BA 199 -71.38 -21.97 -122.13
CA ALA BA 199 -70.21 -21.68 -121.29
C ALA BA 199 -70.50 -21.24 -119.84
N ASP BA 200 -69.45 -21.31 -119.01
CA ASP BA 200 -69.58 -21.09 -117.58
C ASP BA 200 -69.33 -19.66 -117.09
N CYS BA 201 -68.24 -19.01 -117.47
CA CYS BA 201 -68.02 -17.68 -116.92
C CYS BA 201 -67.21 -16.85 -117.90
N VAL BA 202 -67.44 -15.53 -117.88
CA VAL BA 202 -66.74 -14.59 -118.76
C VAL BA 202 -66.43 -13.29 -118.03
N VAL BA 203 -65.19 -13.12 -117.54
CA VAL BA 203 -64.76 -11.84 -116.99
C VAL BA 203 -64.51 -10.87 -118.16
N VAL BA 204 -65.48 -9.99 -118.41
CA VAL BA 204 -65.54 -9.12 -119.58
C VAL BA 204 -65.20 -7.67 -119.20
N LEU BA 205 -64.31 -7.03 -119.98
CA LEU BA 205 -63.65 -5.77 -119.62
C LEU BA 205 -63.61 -4.89 -120.88
N ASP BA 206 -63.97 -3.60 -120.73
CA ASP BA 206 -64.46 -2.79 -121.84
C ASP BA 206 -63.54 -1.62 -122.22
N ASN BA 207 -63.50 -1.32 -123.52
CA ASN BA 207 -62.50 -0.42 -124.09
C ASN BA 207 -62.95 1.05 -124.20
N THR BA 208 -64.16 1.41 -123.74
CA THR BA 208 -64.33 2.80 -123.32
C THR BA 208 -64.05 2.91 -121.83
N ALA BA 209 -64.47 1.92 -121.04
CA ALA BA 209 -64.42 2.02 -119.58
C ALA BA 209 -62.98 2.06 -119.07
N LEU BA 210 -62.16 1.07 -119.41
CA LEU BA 210 -60.76 1.06 -118.97
C LEU BA 210 -59.90 2.09 -119.68
N ASN BA 211 -60.33 2.61 -120.84
CA ASN BA 211 -59.66 3.74 -121.48
C ASN BA 211 -59.70 4.98 -120.58
N ARG BA 212 -60.89 5.39 -120.16
CA ARG BA 212 -61.05 6.58 -119.33
C ARG BA 212 -60.63 6.37 -117.86
N ILE BA 213 -60.59 5.13 -117.38
CA ILE BA 213 -59.97 4.82 -116.08
C ILE BA 213 -58.45 4.85 -116.16
N ALA BA 214 -57.85 4.36 -117.25
CA ALA BA 214 -56.39 4.44 -117.40
C ALA BA 214 -55.88 5.90 -117.37
N THR BA 215 -56.57 6.82 -118.06
CA THR BA 215 -56.18 8.23 -118.04
C THR BA 215 -56.32 8.91 -116.67
N ASP BA 216 -56.96 8.25 -115.68
CA ASP BA 216 -56.99 8.77 -114.31
C ASP BA 216 -55.75 8.38 -113.51
N ARG BA 217 -54.79 7.63 -114.11
CA ARG BA 217 -53.57 7.21 -113.44
C ARG BA 217 -52.31 7.17 -114.32
N LEU BA 218 -52.43 7.02 -115.65
CA LEU BA 218 -51.27 6.85 -116.54
C LEU BA 218 -51.49 7.54 -117.89
N HIS BA 219 -50.36 7.81 -118.57
CA HIS BA 219 -50.25 8.45 -119.89
C HIS BA 219 -50.58 7.53 -121.08
N ILE BA 220 -50.93 6.27 -120.84
CA ILE BA 220 -50.92 5.18 -121.82
C ILE BA 220 -52.12 5.14 -122.80
N GLN BA 221 -52.47 6.29 -123.36
CA GLN BA 221 -53.69 6.33 -124.21
C GLN BA 221 -53.37 6.01 -125.68
N ASN BA 222 -52.17 6.37 -126.16
CA ASN BA 222 -51.84 6.19 -127.60
C ASN BA 222 -52.34 4.81 -128.10
N PRO BA 223 -51.87 3.66 -127.58
CA PRO BA 223 -52.40 2.36 -127.99
C PRO BA 223 -53.50 1.88 -127.06
N SER BA 224 -54.58 2.67 -126.93
CA SER BA 224 -55.71 2.32 -126.01
C SER BA 224 -55.87 0.79 -125.90
N PHE BA 225 -56.17 0.12 -127.01
CA PHE BA 225 -56.41 -1.33 -126.93
C PHE BA 225 -55.25 -2.08 -126.27
N SER BA 226 -54.04 -1.98 -126.85
CA SER BA 226 -52.88 -2.69 -126.31
C SER BA 226 -52.56 -2.33 -124.87
N GLN BA 227 -52.97 -1.16 -124.40
CA GLN BA 227 -52.59 -0.65 -123.10
C GLN BA 227 -53.61 -0.96 -122.01
N ILE BA 228 -54.89 -1.14 -122.36
CA ILE BA 228 -55.89 -1.68 -121.44
C ILE BA 228 -55.53 -3.10 -120.98
N ASN BA 229 -54.72 -3.82 -121.77
CA ASN BA 229 -54.21 -5.13 -121.36
C ASN BA 229 -53.51 -5.11 -120.01
N GLN BA 230 -52.89 -3.98 -119.62
CA GLN BA 230 -52.28 -3.90 -118.29
C GLN BA 230 -53.33 -3.96 -117.19
N LEU BA 231 -54.36 -3.12 -117.27
CA LEU BA 231 -55.45 -3.18 -116.30
C LEU BA 231 -56.17 -4.54 -116.33
N VAL BA 232 -56.45 -5.07 -117.52
CA VAL BA 232 -57.01 -6.41 -117.65
C VAL BA 232 -56.15 -7.42 -116.89
N SER BA 233 -54.83 -7.33 -117.05
CA SER BA 233 -53.92 -8.22 -116.33
C SER BA 233 -54.00 -8.05 -114.82
N THR BA 234 -54.08 -6.82 -114.32
CA THR BA 234 -54.31 -6.65 -112.88
C THR BA 234 -55.66 -7.21 -112.44
N ILE BA 235 -56.69 -7.10 -113.29
CA ILE BA 235 -58.01 -7.60 -112.92
C ILE BA 235 -58.04 -9.13 -112.88
N MET BA 236 -57.38 -9.81 -113.82
CA MET BA 236 -57.24 -11.25 -113.71
C MET BA 236 -56.24 -11.67 -112.63
N SER BA 237 -55.24 -10.83 -112.30
CA SER BA 237 -54.49 -11.06 -111.06
C SER BA 237 -55.39 -10.96 -109.84
N ALA BA 238 -56.27 -9.95 -109.80
CA ALA BA 238 -57.16 -9.76 -108.67
C ALA BA 238 -58.11 -10.95 -108.50
N SER BA 239 -58.80 -11.31 -109.58
CA SER BA 239 -59.72 -12.44 -109.57
C SER BA 239 -58.99 -13.81 -109.54
N THR BA 240 -57.69 -13.82 -109.26
CA THR BA 240 -56.97 -15.04 -108.88
C THR BA 240 -56.23 -14.91 -107.55
N THR BA 241 -56.29 -13.76 -106.88
CA THR BA 241 -55.54 -13.57 -105.62
C THR BA 241 -55.95 -14.58 -104.56
N THR BA 242 -57.24 -14.60 -104.20
CA THR BA 242 -57.73 -15.48 -103.15
C THR BA 242 -57.60 -16.95 -103.50
N LEU BA 243 -57.38 -17.26 -104.78
CA LEU BA 243 -57.05 -18.63 -105.21
C LEU BA 243 -55.57 -18.92 -105.00
N ARG BA 244 -54.71 -18.01 -105.48
CA ARG BA 244 -53.24 -18.14 -105.36
C ARG BA 244 -52.73 -17.99 -103.92
N TYR BA 245 -53.55 -17.42 -103.03
CA TYR BA 245 -53.19 -17.17 -101.64
C TYR BA 245 -54.18 -17.87 -100.71
N PRO BA 246 -53.75 -18.31 -99.51
CA PRO BA 246 -54.68 -19.04 -98.63
C PRO BA 246 -55.78 -18.16 -98.04
N GLY BA 247 -56.77 -17.82 -98.85
CA GLY BA 247 -57.96 -17.16 -98.34
C GLY BA 247 -58.85 -18.15 -97.61
N TYR BA 248 -59.36 -17.76 -96.44
CA TYR BA 248 -60.15 -18.67 -95.64
C TYR BA 248 -61.59 -18.75 -96.12
N MET BA 249 -61.93 -18.00 -97.17
CA MET BA 249 -63.07 -18.25 -98.04
C MET BA 249 -62.61 -18.07 -99.50
N ASN BA 250 -63.37 -18.67 -100.43
CA ASN BA 250 -63.22 -18.40 -101.88
C ASN BA 250 -61.81 -18.70 -102.38
N ASN BA 251 -61.28 -19.86 -102.00
CA ASN BA 251 -59.97 -20.31 -102.51
C ASN BA 251 -60.09 -21.07 -103.84
N ASP BA 252 -61.26 -21.07 -104.48
CA ASP BA 252 -61.57 -21.85 -105.68
C ASP BA 252 -62.53 -21.06 -106.57
N LEU BA 253 -62.57 -21.41 -107.87
CA LEU BA 253 -63.40 -20.67 -108.82
C LEU BA 253 -64.86 -20.67 -108.42
N ILE BA 254 -65.40 -21.83 -108.03
CA ILE BA 254 -66.80 -21.90 -107.59
C ILE BA 254 -67.08 -20.92 -106.45
N GLY BA 255 -66.12 -20.70 -105.56
CA GLY BA 255 -66.35 -19.78 -104.45
C GLY BA 255 -66.31 -18.32 -104.85
N LEU BA 256 -65.46 -17.98 -105.82
CA LEU BA 256 -65.47 -16.64 -106.41
C LEU BA 256 -66.79 -16.34 -107.13
N ILE BA 257 -67.31 -17.30 -107.91
CA ILE BA 257 -68.35 -17.03 -108.91
C ILE BA 257 -69.76 -17.08 -108.31
N ALA BA 258 -69.99 -17.99 -107.38
CA ALA BA 258 -71.30 -18.61 -107.11
C ALA BA 258 -72.51 -17.67 -106.98
N SER BA 259 -72.29 -16.41 -106.56
CA SER BA 259 -73.38 -15.38 -106.48
C SER BA 259 -73.12 -14.29 -107.53
N LEU BA 260 -71.87 -14.13 -107.96
CA LEU BA 260 -71.59 -13.20 -109.08
C LEU BA 260 -72.42 -13.67 -110.27
N ILE BA 261 -72.52 -14.98 -110.50
CA ILE BA 261 -73.37 -15.52 -111.62
C ILE BA 261 -74.53 -16.30 -110.97
N PRO BA 262 -75.61 -15.62 -110.50
CA PRO BA 262 -76.76 -16.32 -109.91
C PRO BA 262 -77.77 -16.86 -110.92
N THR BA 263 -77.42 -16.95 -112.22
CA THR BA 263 -78.32 -17.32 -113.30
C THR BA 263 -77.53 -17.62 -114.60
N PRO BA 264 -78.00 -18.55 -115.44
CA PRO BA 264 -77.17 -18.96 -116.60
C PRO BA 264 -76.95 -17.89 -117.66
N ARG BA 265 -77.91 -16.99 -117.83
CA ARG BA 265 -77.86 -15.99 -118.90
C ARG BA 265 -76.79 -14.94 -118.63
N LEU BA 266 -76.90 -14.25 -117.49
CA LEU BA 266 -76.07 -13.10 -117.15
C LEU BA 266 -74.70 -13.48 -116.59
N HIS BA 267 -74.06 -14.45 -117.23
CA HIS BA 267 -72.80 -15.06 -116.81
C HIS BA 267 -71.55 -14.28 -117.23
N PHE BA 268 -71.69 -13.12 -117.90
CA PHE BA 268 -70.59 -12.18 -118.05
C PHE BA 268 -70.45 -11.31 -116.79
N LEU BA 269 -69.20 -11.03 -116.39
CA LEU BA 269 -68.93 -10.33 -115.14
C LEU BA 269 -68.07 -9.08 -115.33
N MET BA 270 -68.15 -8.20 -114.33
CA MET BA 270 -67.47 -6.89 -114.30
C MET BA 270 -66.85 -6.66 -112.93
N THR BA 271 -65.93 -5.68 -112.86
CA THR BA 271 -65.03 -5.48 -111.72
C THR BA 271 -64.85 -3.99 -111.44
N GLY BA 272 -64.28 -3.66 -110.27
CA GLY BA 272 -63.95 -2.30 -109.90
C GLY BA 272 -62.71 -2.15 -109.03
N TYR BA 273 -61.70 -1.35 -109.45
CA TYR BA 273 -60.58 -0.93 -108.60
C TYR BA 273 -60.65 0.58 -108.35
N THR BA 274 -60.89 0.95 -107.08
CA THR BA 274 -60.82 2.33 -106.60
C THR BA 274 -59.38 2.77 -106.32
N PRO BA 275 -58.49 1.89 -105.80
CA PRO BA 275 -57.06 2.26 -105.68
C PRO BA 275 -56.30 2.33 -107.01
N LEU BA 276 -56.73 3.28 -107.86
CA LEU BA 276 -56.03 3.60 -109.10
C LEU BA 276 -54.67 4.24 -108.85
N THR BA 277 -54.48 4.90 -107.70
CA THR BA 277 -53.15 5.23 -107.18
C THR BA 277 -52.47 3.97 -106.63
N THR BA 278 -52.10 3.06 -107.54
CA THR BA 278 -51.81 1.67 -107.18
C THR BA 278 -50.56 1.47 -106.32
N ASP BA 279 -49.51 2.27 -106.49
CA ASP BA 279 -48.17 1.85 -106.02
C ASP BA 279 -47.88 2.31 -104.60
N LYS BA 287 -50.04 2.87 -92.58
CA LYS BA 287 -50.57 3.50 -93.78
C LYS BA 287 -51.97 4.08 -93.50
N THR BA 288 -52.57 4.76 -94.48
CA THR BA 288 -54.01 5.04 -94.51
C THR BA 288 -54.82 3.83 -94.05
N THR BA 289 -55.60 4.01 -92.98
CA THR BA 289 -56.39 2.92 -92.43
C THR BA 289 -57.50 2.53 -93.42
N VAL BA 290 -57.93 1.25 -93.37
CA VAL BA 290 -58.81 0.69 -94.39
C VAL BA 290 -60.16 1.40 -94.46
N LEU BA 291 -60.51 2.17 -93.43
CA LEU BA 291 -61.69 3.04 -93.48
C LEU BA 291 -61.61 4.07 -94.60
N ASP BA 292 -60.40 4.52 -94.94
CA ASP BA 292 -60.21 5.63 -95.87
C ASP BA 292 -60.67 5.34 -97.30
N VAL BA 293 -60.72 4.07 -97.71
CA VAL BA 293 -61.23 3.75 -99.05
C VAL BA 293 -62.74 3.68 -99.09
N MET BA 294 -63.42 3.62 -97.93
CA MET BA 294 -64.82 3.23 -97.84
C MET BA 294 -65.79 4.40 -98.04
N ARG BA 295 -65.38 5.44 -98.78
CA ARG BA 295 -66.29 6.28 -99.57
C ARG BA 295 -65.94 6.18 -101.04
N ARG BA 296 -64.64 6.23 -101.36
CA ARG BA 296 -64.16 6.20 -102.73
C ARG BA 296 -64.55 4.91 -103.44
N LEU BA 297 -64.66 3.81 -102.68
CA LEU BA 297 -65.07 2.52 -103.22
C LEU BA 297 -66.52 2.49 -103.72
N LEU BA 298 -67.38 3.36 -103.18
CA LEU BA 298 -68.76 3.44 -103.65
C LEU BA 298 -68.88 3.97 -105.08
N GLN BA 299 -67.89 4.70 -105.59
CA GLN BA 299 -68.07 5.51 -106.79
C GLN BA 299 -68.30 4.67 -108.05
N PRO BA 300 -69.43 4.82 -108.75
CA PRO BA 300 -69.58 4.20 -110.08
C PRO BA 300 -68.57 4.65 -111.12
N LYS BA 301 -67.82 5.73 -110.87
CA LYS BA 301 -66.78 6.18 -111.78
C LYS BA 301 -65.57 5.25 -111.80
N ASN BA 302 -65.38 4.45 -110.75
CA ASN BA 302 -64.30 3.49 -110.67
C ASN BA 302 -64.69 2.08 -111.15
N VAL BA 303 -65.85 1.92 -111.82
CA VAL BA 303 -66.31 0.62 -112.31
C VAL BA 303 -65.75 0.41 -113.71
N MET BA 304 -65.03 -0.71 -113.92
CA MET BA 304 -64.34 -0.94 -115.19
C MET BA 304 -65.22 -1.51 -116.29
N VAL BA 305 -66.54 -1.53 -116.12
CA VAL BA 305 -67.44 -1.80 -117.22
C VAL BA 305 -68.58 -0.79 -117.05
N SER BA 306 -68.20 0.48 -117.23
CA SER BA 306 -68.98 1.66 -116.88
C SER BA 306 -70.30 1.73 -117.65
N THR BA 313 -79.42 4.93 -120.17
CA THR BA 313 -79.89 3.79 -119.39
C THR BA 313 -79.66 4.00 -117.88
N ASN BA 314 -80.15 3.04 -117.08
CA ASN BA 314 -80.16 3.10 -115.62
C ASN BA 314 -79.63 1.78 -115.05
N HIS BA 315 -78.76 1.86 -114.02
CA HIS BA 315 -77.93 0.74 -113.60
C HIS BA 315 -77.97 0.55 -112.07
N CYS BA 316 -77.93 -0.71 -111.60
CA CYS BA 316 -77.85 -1.06 -110.18
C CYS BA 316 -76.84 -2.20 -109.99
N TYR BA 317 -76.63 -2.65 -108.74
CA TYR BA 317 -75.87 -3.86 -108.45
C TYR BA 317 -76.81 -5.01 -108.07
N ILE BA 318 -76.69 -6.14 -108.78
CA ILE BA 318 -77.52 -7.32 -108.51
C ILE BA 318 -77.25 -7.86 -107.10
N ALA BA 319 -75.97 -7.84 -106.68
CA ALA BA 319 -75.55 -8.20 -105.33
C ALA BA 319 -74.15 -7.63 -105.10
N ILE BA 320 -73.74 -7.52 -103.83
CA ILE BA 320 -72.43 -6.95 -103.48
C ILE BA 320 -71.50 -8.03 -102.92
N LEU BA 321 -70.40 -8.29 -103.64
CA LEU BA 321 -69.33 -9.19 -103.20
C LEU BA 321 -67.99 -8.55 -103.56
N ASN BA 322 -67.24 -8.13 -102.54
CA ASN BA 322 -66.06 -7.27 -102.67
C ASN BA 322 -64.92 -7.89 -101.86
N ILE BA 323 -63.70 -7.33 -101.97
CA ILE BA 323 -62.53 -7.93 -101.33
C ILE BA 323 -61.63 -6.88 -100.68
N ILE BA 324 -60.96 -7.29 -99.59
CA ILE BA 324 -59.77 -6.64 -99.03
C ILE BA 324 -58.68 -7.68 -98.83
N GLN BA 325 -57.42 -7.32 -99.10
CA GLN BA 325 -56.29 -8.24 -98.94
C GLN BA 325 -55.02 -7.42 -98.80
N GLY BA 326 -53.93 -8.07 -98.37
CA GLY BA 326 -52.64 -7.41 -98.26
C GLY BA 326 -52.40 -6.79 -96.90
N GLU BA 327 -52.51 -5.46 -96.79
CA GLU BA 327 -52.46 -4.76 -95.49
C GLU BA 327 -53.80 -4.93 -94.77
N VAL BA 328 -54.04 -6.16 -94.31
CA VAL BA 328 -55.23 -6.55 -93.56
C VAL BA 328 -54.98 -6.33 -92.07
N ASP BA 329 -55.43 -5.15 -91.52
CA ASP BA 329 -55.49 -4.92 -90.08
C ASP BA 329 -56.92 -5.13 -89.59
N PRO BA 330 -57.11 -5.87 -88.49
CA PRO BA 330 -58.47 -6.35 -88.15
C PRO BA 330 -59.48 -5.30 -87.70
N THR BA 331 -59.12 -4.34 -86.85
CA THR BA 331 -60.08 -3.29 -86.54
C THR BA 331 -60.33 -2.40 -87.74
N GLN BA 332 -59.32 -2.25 -88.61
CA GLN BA 332 -59.48 -1.42 -89.79
C GLN BA 332 -60.41 -2.06 -90.81
N VAL BA 333 -60.27 -3.36 -91.07
CA VAL BA 333 -61.18 -4.01 -92.00
C VAL BA 333 -62.57 -4.12 -91.39
N HIS BA 334 -62.66 -4.35 -90.07
CA HIS BA 334 -63.99 -4.41 -89.44
C HIS BA 334 -64.69 -3.08 -89.54
N LYS BA 335 -64.01 -1.98 -89.18
CA LYS BA 335 -64.68 -0.69 -89.09
C LYS BA 335 -64.80 -0.01 -90.46
N SER BA 336 -63.89 -0.31 -91.39
CA SER BA 336 -64.08 0.09 -92.78
C SER BA 336 -65.34 -0.54 -93.37
N LEU BA 337 -65.56 -1.84 -93.12
CA LEU BA 337 -66.80 -2.48 -93.53
C LEU BA 337 -68.03 -1.78 -92.96
N GLN BA 338 -67.98 -1.40 -91.68
CA GLN BA 338 -69.06 -0.61 -91.10
C GLN BA 338 -69.25 0.70 -91.85
N ARG BA 339 -68.15 1.40 -92.18
CA ARG BA 339 -68.25 2.76 -92.70
C ARG BA 339 -68.71 2.81 -94.16
N ILE BA 340 -68.44 1.81 -94.99
CA ILE BA 340 -69.03 1.80 -96.33
C ILE BA 340 -70.55 1.62 -96.24
N ARG BA 341 -71.01 0.81 -95.28
CA ARG BA 341 -72.45 0.63 -95.10
C ARG BA 341 -73.09 1.88 -94.52
N GLU BA 342 -72.38 2.61 -93.65
CA GLU BA 342 -72.87 3.89 -93.15
C GLU BA 342 -73.08 4.92 -94.27
N ARG BA 343 -72.22 4.92 -95.29
CA ARG BA 343 -72.41 5.85 -96.40
C ARG BA 343 -73.41 5.30 -97.42
N LYS BA 344 -73.19 4.07 -97.90
CA LYS BA 344 -74.07 3.37 -98.85
C LYS BA 344 -74.44 4.17 -100.11
N LEU BA 345 -73.60 5.12 -100.55
CA LEU BA 345 -74.03 6.04 -101.60
C LEU BA 345 -73.86 5.41 -102.98
N ALA BA 346 -74.46 4.22 -103.18
CA ALA BA 346 -74.39 3.45 -104.41
C ALA BA 346 -75.71 2.67 -104.56
N ASN BA 347 -76.08 2.39 -105.82
CA ASN BA 347 -77.44 1.92 -106.16
C ASN BA 347 -77.64 0.41 -105.91
N PHE BA 348 -77.72 0.05 -104.61
CA PHE BA 348 -77.78 -1.33 -104.13
C PHE BA 348 -79.21 -1.94 -104.13
N ILE BA 349 -80.08 -1.56 -105.08
CA ILE BA 349 -81.54 -1.65 -104.93
C ILE BA 349 -82.33 -2.93 -105.29
N PRO BA 350 -81.84 -3.88 -106.13
CA PRO BA 350 -82.72 -4.97 -106.61
C PRO BA 350 -82.94 -6.11 -105.61
N TRP BA 351 -83.42 -7.27 -106.12
CA TRP BA 351 -83.82 -8.44 -105.31
C TRP BA 351 -82.68 -9.34 -104.79
N GLY BA 352 -81.45 -9.23 -105.30
CA GLY BA 352 -80.39 -10.13 -104.89
C GLY BA 352 -79.76 -9.81 -103.53
N PRO BA 353 -80.09 -10.60 -102.47
CA PRO BA 353 -80.07 -10.07 -101.09
C PRO BA 353 -78.75 -9.74 -100.38
N ALA BA 354 -77.56 -9.73 -101.02
CA ALA BA 354 -76.31 -9.42 -100.32
C ALA BA 354 -75.98 -7.92 -100.38
N SER BA 355 -76.08 -7.23 -99.23
CA SER BA 355 -75.71 -5.81 -99.16
C SER BA 355 -74.20 -5.61 -99.30
N ILE BA 356 -73.41 -6.54 -98.77
CA ILE BA 356 -71.95 -6.57 -98.93
C ILE BA 356 -71.43 -7.87 -98.33
N GLN BA 357 -70.49 -8.52 -99.01
CA GLN BA 357 -69.67 -9.58 -98.41
C GLN BA 357 -68.20 -9.36 -98.76
N VAL BA 358 -67.30 -9.66 -97.80
CA VAL BA 358 -65.87 -9.39 -97.96
C VAL BA 358 -65.01 -10.49 -97.31
N ALA BA 359 -65.08 -10.65 -96.00
CA ALA BA 359 -64.11 -11.41 -95.18
C ALA BA 359 -62.69 -10.84 -95.39
N LEU BA 360 -61.65 -11.68 -95.18
CA LEU BA 360 -60.24 -11.29 -95.29
C LEU BA 360 -59.36 -12.48 -95.67
N SER BA 361 -58.13 -12.18 -96.14
CA SER BA 361 -57.22 -13.17 -96.74
C SER BA 361 -55.75 -12.82 -96.49
N ARG BA 362 -54.89 -13.85 -96.51
CA ARG BA 362 -53.43 -13.67 -96.60
C ARG BA 362 -53.00 -13.21 -98.00
N LYS BA 363 -51.75 -12.70 -98.07
CA LYS BA 363 -51.10 -12.27 -99.30
C LYS BA 363 -49.61 -12.59 -99.20
N SER BA 364 -48.90 -12.66 -100.36
CA SER BA 364 -47.45 -12.89 -100.44
C SER BA 364 -46.59 -12.05 -99.49
N PRO BA 365 -45.49 -12.61 -98.98
CA PRO BA 365 -44.66 -11.88 -98.01
C PRO BA 365 -43.73 -10.80 -98.57
N TYR BA 366 -43.85 -10.38 -99.84
CA TYR BA 366 -42.95 -9.34 -100.37
C TYR BA 366 -43.63 -8.30 -101.26
N LEU BA 367 -44.22 -8.74 -102.40
CA LEU BA 367 -44.57 -7.85 -103.51
C LEU BA 367 -45.88 -7.08 -103.23
N PRO BA 368 -45.99 -5.81 -103.69
CA PRO BA 368 -47.20 -4.99 -103.42
C PRO BA 368 -48.53 -5.47 -104.01
N SER BA 369 -49.57 -4.66 -103.76
CA SER BA 369 -50.87 -4.75 -104.41
C SER BA 369 -51.49 -3.34 -104.36
N ALA BA 370 -52.66 -3.18 -104.98
CA ALA BA 370 -53.22 -1.85 -105.25
C ALA BA 370 -53.48 -0.99 -104.00
N HIS BA 371 -52.67 0.06 -103.81
CA HIS BA 371 -52.58 0.88 -102.60
C HIS BA 371 -52.33 0.06 -101.33
N ARG BA 372 -52.00 -1.23 -101.49
CA ARG BA 372 -51.59 -2.19 -100.46
C ARG BA 372 -52.74 -2.63 -99.55
N VAL BA 373 -53.75 -1.77 -99.32
CA VAL BA 373 -54.99 -2.27 -98.74
C VAL BA 373 -55.84 -3.01 -99.77
N SER BA 374 -55.53 -2.84 -101.07
CA SER BA 374 -55.86 -3.75 -102.18
C SER BA 374 -57.34 -3.89 -102.47
N GLY BA 375 -58.20 -3.05 -101.92
CA GLY BA 375 -59.64 -3.30 -101.96
C GLY BA 375 -60.19 -3.22 -103.39
N LEU BA 376 -60.97 -4.23 -103.78
CA LEU BA 376 -61.60 -4.27 -105.08
C LEU BA 376 -63.08 -4.60 -104.95
N MET BA 377 -63.91 -3.93 -105.74
CA MET BA 377 -65.31 -4.32 -105.87
C MET BA 377 -65.44 -5.44 -106.88
N MET BA 378 -66.32 -6.40 -106.61
CA MET BA 378 -66.79 -7.33 -107.65
C MET BA 378 -68.31 -7.38 -107.71
N ALA BA 379 -68.99 -6.50 -106.98
CA ALA BA 379 -70.44 -6.35 -107.02
C ALA BA 379 -70.97 -6.24 -108.46
N ASN BA 380 -71.94 -7.08 -108.83
CA ASN BA 380 -72.31 -7.27 -110.24
C ASN BA 380 -73.23 -6.14 -110.74
N HIS BA 381 -72.60 -5.03 -111.20
CA HIS BA 381 -73.29 -3.87 -111.76
C HIS BA 381 -73.96 -4.22 -113.09
N THR BA 382 -75.26 -3.89 -113.22
CA THR BA 382 -75.99 -4.12 -114.49
C THR BA 382 -75.53 -3.19 -115.60
N SER BA 383 -74.67 -2.20 -115.29
CA SER BA 383 -74.11 -1.31 -116.31
C SER BA 383 -73.35 -2.04 -117.40
N ILE BA 384 -72.96 -3.30 -117.15
CA ILE BA 384 -72.19 -4.12 -118.09
C ILE BA 384 -72.94 -4.26 -119.41
N SER BA 385 -74.26 -4.25 -119.33
CA SER BA 385 -75.14 -4.36 -120.50
C SER BA 385 -75.13 -3.13 -121.39
N SER BA 386 -74.95 -1.93 -120.81
CA SER BA 386 -74.75 -0.74 -121.64
C SER BA 386 -73.53 -0.87 -122.55
N LEU BA 387 -72.53 -1.64 -122.15
CA LEU BA 387 -71.40 -1.93 -123.04
C LEU BA 387 -71.76 -3.00 -124.07
N PHE BA 388 -72.57 -3.99 -123.70
CA PHE BA 388 -73.10 -4.89 -124.72
C PHE BA 388 -73.94 -4.13 -125.73
N GLU BA 389 -74.68 -3.10 -125.28
CA GLU BA 389 -75.44 -2.27 -126.20
C GLU BA 389 -74.52 -1.39 -127.05
N ARG BA 390 -73.41 -0.92 -126.49
CA ARG BA 390 -72.42 -0.20 -127.28
C ARG BA 390 -71.76 -1.13 -128.31
N THR BA 391 -71.46 -2.37 -127.94
CA THR BA 391 -70.98 -3.36 -128.89
C THR BA 391 -72.01 -3.59 -129.99
N CYS BA 392 -73.30 -3.57 -129.64
CA CYS BA 392 -74.37 -3.65 -130.61
C CYS BA 392 -74.42 -2.42 -131.52
N ARG BA 393 -74.16 -1.22 -130.96
CA ARG BA 393 -74.10 -0.03 -131.80
C ARG BA 393 -72.96 -0.13 -132.80
N GLN BA 394 -71.80 -0.61 -132.34
CA GLN BA 394 -70.69 -0.87 -133.25
C GLN BA 394 -71.09 -1.89 -134.31
N TYR BA 395 -71.64 -3.03 -133.89
CA TYR BA 395 -72.00 -4.05 -134.88
C TYR BA 395 -73.09 -3.57 -135.83
N ASP BA 396 -73.99 -2.69 -135.38
CA ASP BA 396 -74.97 -2.12 -136.31
C ASP BA 396 -74.33 -1.14 -137.28
N LYS BA 397 -73.32 -0.37 -136.84
CA LYS BA 397 -72.60 0.49 -137.78
C LYS BA 397 -71.84 -0.33 -138.83
N LEU BA 398 -71.17 -1.40 -138.43
CA LEU BA 398 -70.54 -2.29 -139.40
C LEU BA 398 -71.57 -3.06 -140.23
N ARG BA 399 -72.66 -3.55 -139.61
CA ARG BA 399 -73.74 -4.21 -140.35
C ARG BA 399 -74.44 -3.29 -141.35
N LYS BA 400 -74.41 -1.97 -141.17
CA LYS BA 400 -75.04 -1.08 -142.14
C LYS BA 400 -74.05 -0.60 -143.21
N ARG BA 401 -72.74 -0.61 -142.95
CA ARG BA 401 -71.76 -0.21 -143.95
C ARG BA 401 -71.17 -1.42 -144.70
N GLU BA 402 -71.09 -2.58 -144.05
CA GLU BA 402 -70.51 -3.84 -144.59
C GLU BA 402 -69.16 -3.66 -145.31
N ALA BA 403 -68.34 -2.70 -144.87
CA ALA BA 403 -67.16 -2.23 -145.60
C ALA BA 403 -65.85 -2.94 -145.25
N PHE BA 404 -65.55 -3.12 -143.95
CA PHE BA 404 -64.32 -3.77 -143.49
C PHE BA 404 -64.37 -5.30 -143.52
N LEU BA 405 -65.15 -5.86 -144.46
CA LEU BA 405 -65.63 -7.24 -144.37
C LEU BA 405 -64.56 -8.29 -144.76
N GLU BA 406 -63.67 -7.97 -145.71
CA GLU BA 406 -62.50 -8.76 -146.16
C GLU BA 406 -62.75 -10.16 -146.73
N GLN BA 407 -63.63 -10.97 -146.10
CA GLN BA 407 -63.83 -12.40 -146.47
C GLN BA 407 -62.52 -13.17 -146.63
N PHE BA 408 -61.75 -13.22 -145.53
CA PHE BA 408 -60.56 -14.07 -145.44
C PHE BA 408 -60.93 -15.52 -145.81
N ARG BA 409 -60.03 -16.22 -146.53
CA ARG BA 409 -60.43 -17.41 -147.30
C ARG BA 409 -60.78 -18.68 -146.42
N LYS BA 410 -60.89 -18.56 -145.09
CA LYS BA 410 -61.48 -19.57 -144.22
C LYS BA 410 -62.61 -19.01 -143.36
N GLU BA 411 -62.96 -17.74 -143.54
CA GLU BA 411 -63.97 -17.04 -142.75
C GLU BA 411 -65.39 -17.23 -143.27
N ASP BA 412 -65.57 -17.69 -144.51
CA ASP BA 412 -66.88 -18.03 -145.06
C ASP BA 412 -67.53 -19.24 -144.40
N MET BA 413 -66.77 -20.04 -143.64
CA MET BA 413 -67.06 -21.46 -143.44
C MET BA 413 -68.04 -21.79 -142.29
N PHE BA 414 -68.28 -20.88 -141.31
CA PHE BA 414 -69.16 -21.18 -140.17
C PHE BA 414 -70.62 -20.78 -140.39
N LYS BA 415 -70.87 -19.72 -141.16
CA LYS BA 415 -72.19 -19.12 -141.34
C LYS BA 415 -72.75 -19.51 -142.71
N ASP BA 416 -73.96 -20.09 -142.75
CA ASP BA 416 -74.55 -20.37 -144.07
C ASP BA 416 -74.93 -19.09 -144.79
N ASN BA 417 -75.37 -18.06 -144.07
CA ASN BA 417 -75.79 -16.78 -144.66
C ASN BA 417 -75.75 -15.66 -143.62
N PHE BA 418 -74.60 -15.53 -142.93
CA PHE BA 418 -74.34 -14.52 -141.88
C PHE BA 418 -75.45 -14.52 -140.81
N ASP BA 419 -75.93 -15.73 -140.52
CA ASP BA 419 -77.03 -16.00 -139.61
C ASP BA 419 -76.63 -16.07 -138.13
N GLU BA 420 -75.45 -16.62 -137.80
CA GLU BA 420 -75.09 -16.70 -136.38
C GLU BA 420 -74.73 -15.33 -135.79
N MET BA 421 -74.24 -14.38 -136.60
CA MET BA 421 -74.10 -13.00 -136.11
C MET BA 421 -75.45 -12.43 -135.68
N ASP BA 422 -76.47 -12.61 -136.52
CA ASP BA 422 -77.81 -12.10 -136.23
C ASP BA 422 -78.42 -12.84 -135.05
N THR BA 423 -78.19 -14.16 -134.97
CA THR BA 423 -78.62 -14.94 -133.82
C THR BA 423 -77.94 -14.45 -132.54
N SER BA 424 -76.65 -14.13 -132.62
CA SER BA 424 -75.97 -13.48 -131.50
C SER BA 424 -76.62 -12.14 -131.16
N ARG BA 425 -77.04 -11.37 -132.17
CA ARG BA 425 -77.61 -10.06 -131.87
C ARG BA 425 -78.95 -10.15 -131.13
N GLU BA 426 -79.81 -11.11 -131.48
CA GLU BA 426 -81.04 -11.25 -130.71
C GLU BA 426 -80.73 -11.80 -129.31
N ILE BA 427 -79.76 -12.71 -129.22
CA ILE BA 427 -79.33 -13.28 -127.95
C ILE BA 427 -78.71 -12.20 -127.04
N VAL BA 428 -77.79 -11.38 -127.57
CA VAL BA 428 -77.20 -10.29 -126.77
C VAL BA 428 -78.20 -9.16 -126.51
N GLN BA 429 -79.19 -8.96 -127.38
CA GLN BA 429 -80.23 -7.98 -127.06
C GLN BA 429 -81.10 -8.48 -125.90
N GLN BA 430 -81.43 -9.77 -125.89
CA GLN BA 430 -82.04 -10.35 -124.70
C GLN BA 430 -81.12 -10.21 -123.49
N LEU BA 431 -79.81 -10.47 -123.68
CA LEU BA 431 -78.85 -10.27 -122.59
C LEU BA 431 -78.86 -8.82 -122.10
N ILE BA 432 -78.95 -7.87 -123.02
CA ILE BA 432 -79.02 -6.45 -122.67
C ILE BA 432 -80.31 -6.17 -121.89
N ASP BA 433 -81.44 -6.62 -122.44
CA ASP BA 433 -82.74 -6.48 -121.78
C ASP BA 433 -82.80 -7.18 -120.42
N GLU BA 434 -82.17 -8.36 -120.30
CA GLU BA 434 -82.20 -9.10 -119.04
C GLU BA 434 -81.35 -8.48 -117.93
N TYR BA 435 -80.16 -7.94 -118.25
CA TYR BA 435 -79.44 -7.15 -117.25
C TYR BA 435 -80.27 -5.95 -116.78
N HIS BA 436 -81.03 -5.33 -117.68
CA HIS BA 436 -81.92 -4.26 -117.29
C HIS BA 436 -83.20 -4.75 -116.61
N ALA BA 437 -83.70 -5.93 -116.97
CA ALA BA 437 -84.78 -6.54 -116.19
C ALA BA 437 -84.33 -6.91 -114.78
N ALA BA 438 -83.07 -7.36 -114.65
CA ALA BA 438 -82.45 -7.56 -113.34
C ALA BA 438 -82.21 -6.26 -112.57
N THR BA 439 -82.26 -5.10 -113.24
CA THR BA 439 -82.32 -3.80 -112.57
C THR BA 439 -83.70 -3.50 -111.99
N ARG BA 440 -84.69 -4.41 -112.17
CA ARG BA 440 -86.10 -4.23 -111.78
C ARG BA 440 -86.66 -5.52 -111.15
N PRO BA 441 -87.84 -5.47 -110.51
CA PRO BA 441 -88.41 -6.68 -109.87
C PRO BA 441 -88.90 -7.79 -110.81
N ASP BA 442 -88.96 -7.58 -112.12
CA ASP BA 442 -89.71 -8.45 -113.02
C ASP BA 442 -88.99 -9.74 -113.43
N TYR BA 443 -87.67 -9.84 -113.23
CA TYR BA 443 -86.85 -10.94 -113.76
C TYR BA 443 -86.91 -12.24 -112.95
N ILE BA 444 -88.08 -12.55 -112.36
CA ILE BA 444 -88.30 -13.82 -111.64
C ILE BA 444 -88.34 -15.00 -112.62
N SER BA 445 -88.82 -14.76 -113.85
CA SER BA 445 -88.86 -15.75 -114.93
C SER BA 445 -88.74 -14.99 -116.25
N TRP BA 446 -88.30 -15.69 -117.31
CA TRP BA 446 -88.11 -15.04 -118.61
C TRP BA 446 -89.43 -14.62 -119.26
N GLY BA 447 -89.42 -13.41 -119.83
CA GLY BA 447 -90.57 -12.83 -120.51
C GLY BA 447 -90.30 -11.42 -121.02
N ARG CA 3 -18.75 -67.77 -107.02
CA ARG CA 3 -19.04 -67.77 -108.49
C ARG CA 3 -18.78 -66.35 -109.04
N GLU CA 4 -18.23 -66.27 -110.25
CA GLU CA 4 -17.49 -65.10 -110.69
C GLU CA 4 -17.86 -64.68 -112.12
N ILE CA 5 -17.49 -63.42 -112.44
CA ILE CA 5 -17.68 -62.85 -113.77
C ILE CA 5 -16.63 -63.35 -114.77
N ILE CA 6 -16.96 -63.26 -116.06
CA ILE CA 6 -15.99 -63.14 -117.15
C ILE CA 6 -16.50 -62.05 -118.10
N THR CA 7 -15.61 -61.18 -118.58
CA THR CA 7 -16.00 -60.00 -119.37
C THR CA 7 -15.27 -60.00 -120.70
N LEU CA 8 -15.96 -59.47 -121.73
CA LEU CA 8 -15.52 -59.52 -123.13
C LEU CA 8 -15.74 -58.18 -123.82
N GLN CA 9 -14.70 -57.36 -123.94
CA GLN CA 9 -14.75 -56.23 -124.87
C GLN CA 9 -14.28 -56.70 -126.25
N LEU CA 10 -15.04 -56.29 -127.28
CA LEU CA 10 -14.83 -56.76 -128.66
C LEU CA 10 -15.27 -55.71 -129.67
N GLY CA 11 -14.79 -55.86 -130.91
CA GLY CA 11 -14.99 -54.91 -132.03
C GLY CA 11 -14.38 -53.55 -131.68
N GLN CA 12 -14.85 -52.50 -132.37
CA GLN CA 12 -14.26 -51.18 -132.11
C GLN CA 12 -15.05 -50.51 -130.98
N CYS CA 13 -16.35 -50.30 -131.21
CA CYS CA 13 -17.21 -49.73 -130.18
C CYS CA 13 -17.15 -50.55 -128.90
N GLY CA 14 -17.30 -51.87 -128.99
CA GLY CA 14 -17.21 -52.71 -127.81
C GLY CA 14 -15.87 -52.60 -127.09
N ASN CA 15 -14.77 -52.49 -127.85
CA ASN CA 15 -13.48 -52.21 -127.22
C ASN CA 15 -13.46 -50.85 -126.54
N GLN CA 16 -14.03 -49.84 -127.18
CA GLN CA 16 -14.04 -48.49 -126.63
C GLN CA 16 -14.85 -48.42 -125.34
N ILE CA 17 -16.07 -48.97 -125.32
CA ILE CA 17 -16.91 -48.95 -124.12
C ILE CA 17 -16.40 -49.93 -123.06
N GLY CA 18 -15.74 -51.04 -123.43
CA GLY CA 18 -15.09 -51.90 -122.45
C GLY CA 18 -13.86 -51.24 -121.84
N PHE CA 19 -13.05 -50.60 -122.68
CA PHE CA 19 -11.92 -49.79 -122.25
C PHE CA 19 -12.36 -48.68 -121.31
N GLU CA 20 -13.42 -47.94 -121.67
CA GLU CA 20 -13.94 -46.89 -120.80
C GLU CA 20 -14.53 -47.47 -119.52
N PHE CA 21 -15.20 -48.62 -119.61
CA PHE CA 21 -15.77 -49.28 -118.43
C PHE CA 21 -14.69 -49.65 -117.44
N TRP CA 22 -13.62 -50.30 -117.90
CA TRP CA 22 -12.53 -50.66 -117.00
C TRP CA 22 -11.71 -49.43 -116.57
N LYS CA 23 -11.68 -48.36 -117.38
CA LYS CA 23 -11.13 -47.09 -116.92
C LYS CA 23 -12.00 -46.44 -115.83
N GLN CA 24 -13.32 -46.61 -115.88
CA GLN CA 24 -14.16 -46.22 -114.74
C GLN CA 24 -13.92 -47.14 -113.54
N LEU CA 25 -13.84 -48.45 -113.77
CA LEU CA 25 -13.51 -49.40 -112.71
C LEU CA 25 -12.09 -49.21 -112.17
N CYS CA 26 -11.23 -48.48 -112.88
CA CYS CA 26 -10.01 -47.95 -112.25
C CYS CA 26 -10.32 -47.05 -111.07
N ALA CA 27 -11.38 -46.25 -111.16
CA ALA CA 27 -11.84 -45.50 -110.00
C ALA CA 27 -12.56 -46.43 -109.03
N GLU CA 28 -13.45 -47.28 -109.53
CA GLU CA 28 -14.33 -48.03 -108.64
C GLU CA 28 -13.63 -49.16 -107.89
N HIS CA 29 -12.51 -49.69 -108.39
CA HIS CA 29 -11.54 -50.33 -107.49
C HIS CA 29 -10.14 -49.82 -107.84
N GLY CA 30 -9.38 -49.47 -106.80
CA GLY CA 30 -8.07 -48.89 -106.98
C GLY CA 30 -7.03 -49.85 -107.53
N ILE CA 31 -6.81 -49.73 -108.84
CA ILE CA 31 -5.96 -50.61 -109.64
C ILE CA 31 -5.06 -49.74 -110.51
N SER CA 32 -3.76 -50.07 -110.57
CA SER CA 32 -2.84 -49.35 -111.47
C SER CA 32 -3.11 -49.72 -112.93
N PRO CA 33 -2.70 -48.87 -113.89
CA PRO CA 33 -2.70 -49.31 -115.30
C PRO CA 33 -1.83 -50.52 -115.58
N GLU CA 34 -0.84 -50.83 -114.74
CA GLU CA 34 -0.13 -52.09 -114.83
C GLU CA 34 -0.86 -53.22 -114.12
N GLY CA 35 -1.84 -52.90 -113.27
CA GLY CA 35 -2.67 -53.91 -112.63
C GLY CA 35 -2.50 -53.98 -111.13
N ILE CA 36 -1.46 -53.36 -110.57
CA ILE CA 36 -1.16 -53.50 -109.14
C ILE CA 36 -2.11 -52.64 -108.31
N VAL CA 37 -2.15 -52.89 -107.00
CA VAL CA 37 -3.16 -52.30 -106.12
C VAL CA 37 -2.92 -50.81 -105.94
N GLU CA 38 -4.04 -50.07 -105.80
CA GLU CA 38 -4.07 -48.78 -105.14
C GLU CA 38 -5.01 -48.87 -103.94
N GLU CA 39 -4.71 -48.12 -102.87
CA GLU CA 39 -5.30 -48.43 -101.58
C GLU CA 39 -6.75 -47.98 -101.49
N PHE CA 40 -7.18 -47.01 -102.31
CA PHE CA 40 -8.57 -46.55 -102.32
C PHE CA 40 -9.46 -47.50 -103.12
N ALA CA 41 -10.76 -47.42 -102.83
CA ALA CA 41 -11.81 -48.15 -103.56
C ALA CA 41 -11.55 -49.64 -103.56
N THR CA 45 -15.74 -51.40 -97.79
CA THR CA 45 -16.32 -52.74 -97.84
C THR CA 45 -16.30 -53.27 -99.28
N ASP CA 46 -15.11 -53.66 -99.74
CA ASP CA 46 -14.97 -54.51 -100.92
C ASP CA 46 -14.04 -55.68 -100.63
N ARG CA 47 -14.36 -56.81 -101.28
CA ARG CA 47 -13.47 -57.94 -101.46
C ARG CA 47 -13.65 -58.34 -102.91
N LYS CA 48 -12.65 -58.01 -103.74
CA LYS CA 48 -12.78 -57.95 -105.19
C LYS CA 48 -12.96 -59.32 -105.87
N ASP CA 49 -13.06 -60.41 -105.09
CA ASP CA 49 -12.98 -61.77 -105.64
C ASP CA 49 -14.02 -62.04 -106.73
N VAL CA 50 -15.18 -61.38 -106.69
CA VAL CA 50 -16.27 -61.65 -107.63
C VAL CA 50 -15.89 -61.27 -109.07
N PHE CA 51 -15.10 -60.22 -109.25
CA PHE CA 51 -14.66 -59.79 -110.58
C PHE CA 51 -13.18 -59.99 -110.84
N PHE CA 52 -12.32 -60.02 -109.82
CA PHE CA 52 -10.88 -59.98 -110.02
C PHE CA 52 -10.20 -61.27 -109.56
N TYR CA 53 -9.43 -61.88 -110.47
CA TYR CA 53 -8.39 -62.86 -110.15
C TYR CA 53 -7.17 -62.15 -109.53
N GLN CA 54 -6.38 -62.91 -108.75
CA GLN CA 54 -5.26 -62.33 -108.02
C GLN CA 54 -3.93 -62.95 -108.45
N ALA CA 55 -3.02 -62.11 -108.95
CA ALA CA 55 -1.59 -62.39 -109.00
C ALA CA 55 -0.98 -61.83 -107.72
N ASP CA 56 -0.42 -62.72 -106.89
CA ASP CA 56 -0.37 -62.53 -105.44
C ASP CA 56 0.38 -61.27 -104.93
N ASP CA 57 1.18 -60.54 -105.72
CA ASP CA 57 1.65 -59.23 -105.21
C ASP CA 57 0.62 -58.13 -105.45
N GLU CA 58 -0.64 -58.48 -105.21
CA GLU CA 58 -1.80 -57.58 -105.32
C GLU CA 58 -1.93 -56.98 -106.72
N HIS CA 59 -1.56 -57.74 -107.74
CA HIS CA 59 -1.87 -57.41 -109.12
C HIS CA 59 -3.31 -57.86 -109.38
N TYR CA 60 -4.23 -56.89 -109.37
CA TYR CA 60 -5.65 -57.16 -109.51
C TYR CA 60 -5.96 -57.41 -110.99
N ILE CA 61 -6.32 -58.65 -111.30
CA ILE CA 61 -6.47 -59.11 -112.67
C ILE CA 61 -7.95 -59.41 -112.90
N PRO CA 62 -8.69 -58.57 -113.63
CA PRO CA 62 -10.06 -58.91 -113.98
C PRO CA 62 -10.11 -60.09 -114.95
N ARG CA 63 -11.13 -60.93 -114.78
CA ARG CA 63 -11.37 -62.06 -115.68
C ARG CA 63 -11.96 -61.52 -116.98
N ALA CA 64 -11.07 -61.02 -117.84
CA ALA CA 64 -11.43 -60.31 -119.06
C ALA CA 64 -10.62 -60.85 -120.24
N VAL CA 65 -11.22 -60.85 -121.42
CA VAL CA 65 -10.54 -61.21 -122.67
C VAL CA 65 -10.60 -60.03 -123.63
N LEU CA 66 -9.44 -59.63 -124.15
CA LEU CA 66 -9.30 -58.52 -125.08
C LEU CA 66 -8.95 -59.00 -126.49
N LEU CA 67 -9.25 -58.11 -127.46
CA LEU CA 67 -8.87 -58.25 -128.87
C LEU CA 67 -8.21 -56.96 -129.36
N ASP CA 68 -7.12 -57.08 -130.12
CA ASP CA 68 -6.65 -55.93 -130.90
C ASP CA 68 -6.98 -56.07 -132.40
N LEU CA 69 -7.04 -57.32 -132.92
CA LEU CA 69 -7.63 -57.68 -134.21
C LEU CA 69 -7.10 -56.87 -135.39
N GLU CA 70 -7.95 -56.55 -136.38
CA GLU CA 70 -7.55 -55.69 -137.49
C GLU CA 70 -7.25 -54.27 -137.01
N PRO CA 71 -6.37 -53.52 -137.73
CA PRO CA 71 -5.99 -52.16 -137.32
C PRO CA 71 -7.04 -51.06 -137.50
N ARG CA 72 -8.31 -51.46 -137.51
CA ARG CA 72 -9.42 -50.55 -137.36
C ARG CA 72 -9.45 -50.11 -135.88
N VAL CA 73 -10.51 -49.42 -135.44
CA VAL CA 73 -10.47 -48.83 -134.09
C VAL CA 73 -10.67 -49.91 -133.03
N ILE CA 74 -10.52 -51.19 -133.42
CA ILE CA 74 -10.23 -52.27 -132.47
C ILE CA 74 -8.83 -52.12 -131.92
N HIS CA 75 -7.90 -51.61 -132.73
CA HIS CA 75 -6.55 -51.32 -132.29
C HIS CA 75 -6.48 -50.16 -131.27
N SER CA 76 -7.62 -49.55 -130.90
CA SER CA 76 -7.65 -48.47 -129.90
C SER CA 76 -7.01 -48.84 -128.57
N ILE CA 77 -6.80 -50.13 -128.28
CA ILE CA 77 -6.20 -50.54 -127.00
C ILE CA 77 -4.70 -50.22 -126.97
N LEU CA 78 -4.02 -50.34 -128.10
CA LEU CA 78 -2.60 -50.01 -128.15
C LEU CA 78 -2.30 -48.54 -127.85
N ASN CA 79 -3.24 -47.64 -128.14
CA ASN CA 79 -3.13 -46.23 -127.74
C ASN CA 79 -3.71 -45.99 -126.35
N SER CA 80 -3.13 -46.65 -125.33
CA SER CA 80 -3.49 -46.41 -123.94
C SER CA 80 -2.34 -46.77 -123.01
N PRO CA 81 -2.16 -46.04 -121.90
CA PRO CA 81 -1.33 -46.55 -120.80
C PRO CA 81 -1.88 -47.77 -120.08
N TYR CA 82 -3.16 -48.13 -120.27
CA TYR CA 82 -3.87 -49.06 -119.40
C TYR CA 82 -3.77 -50.51 -119.89
N ALA CA 83 -2.65 -50.83 -120.55
CA ALA CA 83 -2.50 -52.08 -121.31
C ALA CA 83 -2.47 -53.33 -120.43
N LYS CA 84 -2.27 -53.20 -119.12
CA LYS CA 84 -2.34 -54.35 -118.23
C LYS CA 84 -3.32 -54.19 -117.07
N LEU CA 85 -4.22 -53.19 -117.13
CA LEU CA 85 -5.28 -53.11 -116.14
C LEU CA 85 -6.33 -54.17 -116.44
N TYR CA 86 -7.00 -54.04 -117.60
CA TYR CA 86 -8.10 -54.91 -117.97
C TYR CA 86 -7.61 -56.20 -118.64
N ASN CA 87 -6.30 -56.32 -118.88
CA ASN CA 87 -5.74 -57.34 -119.75
C ASN CA 87 -4.90 -58.31 -118.91
N PRO CA 88 -5.30 -59.59 -118.77
CA PRO CA 88 -4.37 -60.61 -118.25
C PRO CA 88 -3.30 -61.11 -119.24
N GLU CA 89 -2.73 -60.18 -120.00
CA GLU CA 89 -1.74 -60.46 -121.04
C GLU CA 89 -2.25 -61.47 -122.08
N ASN CA 90 -3.47 -61.21 -122.57
CA ASN CA 90 -4.20 -62.17 -123.39
C ASN CA 90 -4.93 -61.52 -124.58
N ILE CA 91 -4.38 -60.44 -125.15
CA ILE CA 91 -5.03 -59.74 -126.26
C ILE CA 91 -4.94 -60.60 -127.52
N TYR CA 92 -6.09 -61.06 -128.03
CA TYR CA 92 -6.11 -61.85 -129.26
C TYR CA 92 -5.70 -60.98 -130.45
N LEU CA 93 -4.89 -61.57 -131.33
CA LEU CA 93 -4.23 -60.86 -132.42
C LEU CA 93 -5.17 -60.03 -133.28
N GLY CA 101 -13.95 -54.52 -141.19
CA GLY CA 101 -15.29 -55.05 -141.39
C GLY CA 101 -16.37 -54.05 -141.04
N ASN CA 102 -16.98 -53.43 -142.06
CA ASN CA 102 -18.09 -52.49 -141.85
C ASN CA 102 -19.46 -53.16 -141.78
N ASN CA 103 -19.58 -54.46 -142.08
CA ASN CA 103 -20.86 -55.16 -142.20
C ASN CA 103 -20.88 -56.44 -141.34
N TRP CA 104 -22.09 -56.83 -140.89
CA TRP CA 104 -22.26 -57.92 -139.92
C TRP CA 104 -21.65 -59.22 -140.39
N ALA CA 105 -21.80 -59.56 -141.68
CA ALA CA 105 -21.25 -60.81 -142.18
C ALA CA 105 -19.72 -60.84 -142.15
N SER CA 106 -19.05 -59.69 -142.22
CA SER CA 106 -17.61 -59.67 -141.98
C SER CA 106 -17.25 -59.98 -140.52
N GLY CA 107 -17.96 -59.41 -139.55
CA GLY CA 107 -17.63 -59.67 -138.16
C GLY CA 107 -18.01 -61.08 -137.73
N PHE CA 108 -19.12 -61.59 -138.28
CA PHE CA 108 -19.53 -62.98 -138.06
C PHE CA 108 -18.53 -63.98 -138.64
N SER CA 109 -18.13 -63.79 -139.90
CA SER CA 109 -17.11 -64.66 -140.47
C SER CA 109 -15.75 -64.51 -139.77
N GLN CA 110 -15.44 -63.34 -139.21
CA GLN CA 110 -14.25 -63.21 -138.37
C GLN CA 110 -14.37 -64.02 -137.08
N GLY CA 111 -15.49 -63.90 -136.37
CA GLY CA 111 -15.73 -64.78 -135.24
C GLY CA 111 -15.66 -66.25 -135.61
N GLU CA 112 -16.40 -66.64 -136.65
CA GLU CA 112 -16.40 -68.01 -137.14
C GLU CA 112 -15.01 -68.56 -137.43
N LYS CA 113 -14.08 -67.71 -137.89
CA LYS CA 113 -12.75 -68.21 -138.22
C LYS CA 113 -11.76 -68.09 -137.06
N ILE CA 114 -12.09 -67.36 -135.98
CA ILE CA 114 -11.21 -67.25 -134.82
C ILE CA 114 -11.79 -67.92 -133.58
N HIS CA 115 -12.95 -68.59 -133.71
CA HIS CA 115 -13.75 -69.03 -132.56
C HIS CA 115 -12.96 -69.91 -131.58
N GLU CA 116 -12.15 -70.85 -132.08
CA GLU CA 116 -11.41 -71.74 -131.18
C GLU CA 116 -10.28 -71.03 -130.44
N ASP CA 117 -9.65 -70.03 -131.07
CA ASP CA 117 -8.53 -69.36 -130.44
C ASP CA 117 -8.99 -68.48 -129.29
N ILE CA 118 -10.13 -67.80 -129.47
CA ILE CA 118 -10.73 -67.04 -128.39
C ILE CA 118 -11.42 -67.95 -127.38
N PHE CA 119 -11.95 -69.11 -127.80
CA PHE CA 119 -12.40 -70.11 -126.83
C PHE CA 119 -11.29 -70.50 -125.85
N ASP CA 120 -10.07 -70.70 -126.38
CA ASP CA 120 -8.93 -71.04 -125.53
C ASP CA 120 -8.70 -69.99 -124.46
N ILE CA 121 -8.83 -68.70 -124.81
CA ILE CA 121 -8.52 -67.63 -123.88
C ILE CA 121 -9.59 -67.52 -122.82
N ILE CA 122 -10.88 -67.57 -123.21
CA ILE CA 122 -11.93 -67.46 -122.20
C ILE CA 122 -11.87 -68.65 -121.25
N ASP CA 123 -11.59 -69.85 -121.78
CA ASP CA 123 -11.50 -71.02 -120.91
C ASP CA 123 -10.29 -70.91 -119.98
N ARG CA 124 -9.16 -70.41 -120.48
CA ARG CA 124 -7.99 -70.23 -119.63
C ARG CA 124 -8.24 -69.24 -118.50
N GLU CA 125 -8.95 -68.13 -118.79
CA GLU CA 125 -9.30 -67.20 -117.72
C GLU CA 125 -10.46 -67.73 -116.87
N ALA CA 126 -11.31 -68.61 -117.42
CA ALA CA 126 -12.45 -69.10 -116.66
C ALA CA 126 -11.99 -70.08 -115.58
N ASP CA 127 -10.93 -70.85 -115.87
CA ASP CA 127 -10.18 -71.58 -114.84
C ASP CA 127 -9.57 -70.66 -113.78
N GLY CA 128 -9.39 -69.38 -114.07
CA GLY CA 128 -8.96 -68.39 -113.09
C GLY CA 128 -10.01 -67.99 -112.06
N SER CA 129 -10.84 -68.95 -111.65
CA SER CA 129 -11.96 -68.72 -110.75
C SER CA 129 -12.02 -69.83 -109.72
N ASP CA 130 -12.83 -69.62 -108.67
CA ASP CA 130 -13.38 -70.75 -107.93
C ASP CA 130 -14.44 -71.45 -108.78
N SER CA 131 -15.36 -70.65 -109.32
CA SER CA 131 -16.40 -71.07 -110.25
C SER CA 131 -16.92 -69.80 -110.92
N LEU CA 132 -17.65 -69.96 -112.02
CA LEU CA 132 -18.15 -68.80 -112.75
C LEU CA 132 -19.65 -68.62 -112.52
N GLU CA 133 -20.17 -67.46 -112.97
CA GLU CA 133 -21.59 -67.11 -112.89
C GLU CA 133 -22.14 -66.65 -114.23
N GLY CA 134 -21.40 -65.81 -114.97
CA GLY CA 134 -21.91 -65.26 -116.22
C GLY CA 134 -20.89 -64.44 -117.01
N PHE CA 135 -21.04 -64.43 -118.34
CA PHE CA 135 -20.30 -63.55 -119.23
C PHE CA 135 -20.90 -62.13 -119.28
N VAL CA 136 -20.06 -61.16 -119.69
CA VAL CA 136 -20.46 -59.77 -119.90
C VAL CA 136 -19.77 -59.18 -121.14
N LEU CA 137 -20.51 -59.12 -122.25
CA LEU CA 137 -20.06 -58.55 -123.53
C LEU CA 137 -20.37 -57.05 -123.58
N CYS CA 138 -19.35 -56.23 -123.82
CA CYS CA 138 -19.56 -54.90 -124.41
C CYS CA 138 -19.86 -55.04 -125.91
N HIS CA 139 -21.14 -55.06 -126.27
CA HIS CA 139 -21.58 -55.44 -127.61
C HIS CA 139 -22.25 -54.24 -128.30
N SER CA 140 -21.71 -53.82 -129.46
CA SER CA 140 -22.38 -52.85 -130.34
C SER CA 140 -23.45 -53.56 -131.16
N ILE CA 141 -24.73 -53.36 -130.82
CA ILE CA 141 -25.77 -53.82 -131.73
C ILE CA 141 -25.65 -53.06 -133.04
N ALA CA 142 -25.75 -53.78 -134.15
CA ALA CA 142 -25.60 -53.24 -135.48
C ALA CA 142 -24.22 -52.62 -135.74
N GLY CA 143 -23.21 -52.90 -134.92
CA GLY CA 143 -21.86 -52.48 -135.24
C GLY CA 143 -21.31 -53.20 -136.46
N GLY CA 144 -20.16 -52.71 -136.95
CA GLY CA 144 -19.47 -53.38 -138.03
C GLY CA 144 -18.89 -54.70 -137.57
N THR CA 145 -17.81 -54.61 -136.81
CA THR CA 145 -17.12 -55.80 -136.32
C THR CA 145 -17.79 -56.33 -135.05
N GLY CA 146 -18.35 -55.43 -134.23
CA GLY CA 146 -18.78 -55.80 -132.90
C GLY CA 146 -20.09 -56.58 -132.93
N SER CA 147 -21.10 -56.10 -133.66
CA SER CA 147 -22.15 -57.00 -134.07
C SER CA 147 -21.57 -57.95 -135.10
N GLY CA 148 -22.08 -59.19 -135.11
CA GLY CA 148 -21.46 -60.20 -135.94
C GLY CA 148 -20.42 -60.95 -135.13
N LEU CA 149 -19.35 -60.29 -134.67
CA LEU CA 149 -18.40 -60.98 -133.81
C LEU CA 149 -19.03 -61.32 -132.46
N GLY CA 150 -19.58 -60.33 -131.77
CA GLY CA 150 -20.19 -60.60 -130.47
C GLY CA 150 -21.41 -61.50 -130.57
N SER CA 151 -22.24 -61.27 -131.58
CA SER CA 151 -23.43 -62.10 -131.80
C SER CA 151 -23.11 -63.47 -132.38
N TYR CA 152 -21.96 -63.64 -133.03
CA TYR CA 152 -21.47 -64.99 -133.32
C TYR CA 152 -20.94 -65.67 -132.06
N LEU CA 153 -20.09 -64.96 -131.32
CA LEU CA 153 -19.52 -65.51 -130.10
C LEU CA 153 -20.59 -65.95 -129.11
N LEU CA 154 -21.72 -65.23 -129.05
CA LEU CA 154 -22.82 -65.65 -128.20
C LEU CA 154 -23.55 -66.90 -128.70
N GLU CA 155 -23.55 -67.20 -130.01
CA GLU CA 155 -23.96 -68.56 -130.42
C GLU CA 155 -22.97 -69.62 -129.92
N ARG CA 156 -21.67 -69.38 -130.12
CA ARG CA 156 -20.66 -70.34 -129.67
C ARG CA 156 -20.68 -70.52 -128.15
N LEU CA 157 -20.88 -69.44 -127.38
CA LEU CA 157 -21.06 -69.60 -125.94
C LEU CA 157 -22.29 -70.45 -125.61
N ASN CA 158 -23.38 -70.29 -126.36
CA ASN CA 158 -24.55 -71.13 -126.12
C ASN CA 158 -24.34 -72.60 -126.51
N ASP CA 159 -23.41 -72.91 -127.43
CA ASP CA 159 -22.98 -74.30 -127.61
C ASP CA 159 -22.00 -74.76 -126.54
N ARG CA 160 -20.92 -73.99 -126.35
CA ARG CA 160 -19.73 -74.45 -125.62
C ARG CA 160 -19.88 -74.29 -124.11
N TYR CA 161 -20.56 -73.23 -123.65
CA TYR CA 161 -20.78 -72.97 -122.24
C TYR CA 161 -22.14 -72.31 -121.97
N PRO CA 162 -23.24 -73.00 -122.29
CA PRO CA 162 -24.59 -72.49 -121.92
C PRO CA 162 -24.82 -72.44 -120.43
N LYS CA 163 -23.86 -72.92 -119.64
CA LYS CA 163 -24.00 -73.22 -118.22
C LYS CA 163 -23.75 -72.02 -117.31
N LYS CA 164 -23.22 -70.90 -117.82
CA LYS CA 164 -23.18 -69.62 -117.12
C LYS CA 164 -24.29 -68.72 -117.68
N LEU CA 165 -24.95 -67.94 -116.80
CA LEU CA 165 -26.02 -67.04 -117.25
C LEU CA 165 -25.43 -65.75 -117.84
N VAL CA 166 -25.34 -65.70 -119.18
CA VAL CA 166 -24.77 -64.58 -119.93
C VAL CA 166 -25.63 -63.31 -119.79
N GLN CA 167 -25.02 -62.23 -119.29
CA GLN CA 167 -25.54 -60.87 -119.43
C GLN CA 167 -24.77 -60.17 -120.57
N THR CA 168 -25.24 -59.01 -121.04
CA THR CA 168 -24.59 -58.34 -122.17
C THR CA 168 -25.00 -56.87 -122.27
N TYR CA 169 -24.04 -55.94 -122.24
CA TYR CA 169 -24.33 -54.52 -122.47
C TYR CA 169 -24.48 -54.24 -123.96
N SER CA 170 -25.58 -53.59 -124.32
CA SER CA 170 -26.14 -53.67 -125.67
C SER CA 170 -26.57 -52.26 -126.14
N VAL CA 171 -25.59 -51.45 -126.51
CA VAL CA 171 -25.84 -50.09 -127.06
C VAL CA 171 -26.58 -50.24 -128.40
N PHE CA 172 -27.66 -49.47 -128.58
CA PHE CA 172 -28.79 -49.85 -129.44
C PHE CA 172 -28.97 -48.89 -130.64
N PRO CA 173 -29.41 -49.37 -131.84
CA PRO CA 173 -29.24 -48.65 -133.10
C PRO CA 173 -30.23 -47.47 -133.30
N ASN CA 174 -29.96 -46.35 -132.62
CA ASN CA 174 -30.69 -45.09 -132.78
C ASN CA 174 -29.80 -43.87 -132.44
N GLN CA 175 -28.75 -43.64 -133.22
CA GLN CA 175 -27.84 -42.48 -133.12
C GLN CA 175 -28.48 -41.16 -133.64
N ASP CA 176 -29.74 -40.89 -133.26
CA ASP CA 176 -30.60 -39.76 -133.70
C ASP CA 176 -30.86 -39.64 -135.21
N GLU CA 177 -30.25 -40.46 -136.06
CA GLU CA 177 -30.46 -40.54 -137.52
C GLU CA 177 -30.48 -39.17 -138.21
N ASP CA 180 -20.54 -44.10 -138.01
CA ASP CA 180 -21.75 -44.90 -138.11
C ASP CA 180 -21.83 -45.52 -139.53
N VAL CA 181 -22.63 -46.57 -139.73
CA VAL CA 181 -22.71 -47.26 -141.02
C VAL CA 181 -24.15 -47.57 -141.44
N VAL CA 182 -24.44 -47.32 -142.73
CA VAL CA 182 -25.79 -47.42 -143.30
C VAL CA 182 -26.33 -48.85 -143.33
N VAL CA 183 -25.47 -49.87 -143.24
CA VAL CA 183 -25.91 -51.27 -143.22
C VAL CA 183 -26.40 -51.69 -141.84
N GLN CA 184 -26.33 -50.80 -140.85
CA GLN CA 184 -26.79 -51.00 -139.47
C GLN CA 184 -28.14 -51.70 -139.33
N PRO CA 185 -29.19 -51.35 -140.09
CA PRO CA 185 -30.47 -52.07 -139.89
C PRO CA 185 -30.35 -53.56 -140.16
N TYR CA 186 -29.66 -53.96 -141.23
CA TYR CA 186 -29.38 -55.37 -141.45
C TYR CA 186 -28.53 -55.95 -140.30
N ASN CA 187 -27.43 -55.29 -139.95
CA ASN CA 187 -26.60 -55.77 -138.85
C ASN CA 187 -27.41 -55.92 -137.57
N SER CA 188 -28.35 -55.00 -137.32
CA SER CA 188 -29.21 -55.12 -136.14
C SER CA 188 -30.08 -56.36 -136.20
N LEU CA 189 -30.80 -56.56 -137.31
CA LEU CA 189 -31.80 -57.61 -137.34
C LEU CA 189 -31.14 -58.98 -137.46
N LEU CA 190 -29.93 -59.07 -138.01
CA LEU CA 190 -29.11 -60.26 -137.85
C LEU CA 190 -28.77 -60.53 -136.38
N THR CA 191 -28.40 -59.48 -135.62
CA THR CA 191 -28.07 -59.63 -134.21
C THR CA 191 -29.28 -60.04 -133.38
N LEU CA 192 -30.45 -59.49 -133.70
CA LEU CA 192 -31.73 -59.80 -133.05
C LEU CA 192 -32.19 -61.22 -133.36
N LYS CA 193 -31.89 -61.76 -134.55
CA LYS CA 193 -32.24 -63.15 -134.86
C LYS CA 193 -31.48 -64.08 -133.93
N ARG CA 194 -30.19 -63.81 -133.71
CA ARG CA 194 -29.40 -64.53 -132.71
C ARG CA 194 -30.01 -64.35 -131.31
N LEU CA 195 -30.07 -63.11 -130.82
CA LEU CA 195 -30.34 -62.82 -129.40
C LEU CA 195 -31.67 -63.44 -128.94
N THR CA 196 -32.74 -63.29 -129.72
CA THR CA 196 -34.08 -63.84 -129.41
C THR CA 196 -34.16 -65.37 -129.38
N GLN CA 197 -33.07 -66.09 -129.74
CA GLN CA 197 -32.93 -67.55 -129.63
C GLN CA 197 -31.64 -67.97 -128.87
N ASN CA 198 -31.03 -67.06 -128.09
CA ASN CA 198 -29.76 -67.30 -127.37
C ASN CA 198 -29.73 -66.77 -125.93
N ALA CA 199 -29.98 -65.47 -125.72
CA ALA CA 199 -29.54 -64.78 -124.51
C ALA CA 199 -30.38 -65.07 -123.25
N ASP CA 200 -29.76 -65.04 -122.07
CA ASP CA 200 -30.46 -65.04 -120.78
C ASP CA 200 -30.94 -63.63 -120.38
N CYS CA 201 -30.18 -62.58 -120.75
CA CYS CA 201 -30.52 -61.17 -120.58
C CYS CA 201 -29.87 -60.29 -121.66
N VAL CA 202 -30.51 -59.20 -122.06
CA VAL CA 202 -29.93 -58.18 -122.94
C VAL CA 202 -30.17 -56.78 -122.35
N VAL CA 203 -29.11 -56.18 -121.79
CA VAL CA 203 -29.15 -54.83 -121.21
C VAL CA 203 -29.05 -53.81 -122.34
N VAL CA 204 -30.17 -53.53 -123.03
CA VAL CA 204 -30.20 -52.54 -124.10
C VAL CA 204 -30.17 -51.11 -123.56
N LEU CA 205 -29.46 -50.23 -124.26
CA LEU CA 205 -29.46 -48.79 -124.00
C LEU CA 205 -29.67 -48.03 -125.31
N ASP CA 206 -30.70 -47.20 -125.41
CA ASP CA 206 -30.90 -46.35 -126.58
C ASP CA 206 -29.81 -45.30 -126.68
N ASN CA 207 -29.18 -45.16 -127.83
CA ASN CA 207 -28.32 -44.01 -128.11
C ASN CA 207 -29.14 -42.70 -128.16
N THR CA 208 -30.37 -42.69 -128.71
CA THR CA 208 -31.25 -41.50 -128.68
C THR CA 208 -31.50 -41.05 -127.25
N ALA CA 209 -31.76 -42.00 -126.36
CA ALA CA 209 -32.09 -41.69 -124.98
C ALA CA 209 -30.85 -41.45 -124.10
N LEU CA 210 -29.71 -42.11 -124.35
CA LEU CA 210 -28.44 -41.77 -123.71
C LEU CA 210 -27.95 -40.36 -124.11
N ASN CA 211 -28.21 -39.95 -125.36
CA ASN CA 211 -27.90 -38.54 -125.71
C ASN CA 211 -28.76 -37.65 -124.83
N ARG CA 212 -30.05 -37.98 -124.71
CA ARG CA 212 -30.99 -37.16 -123.90
C ARG CA 212 -30.61 -37.19 -122.41
N ILE CA 213 -30.27 -38.37 -121.89
CA ILE CA 213 -29.89 -38.50 -120.45
C ILE CA 213 -29.03 -37.29 -120.06
N ALA CA 214 -28.12 -36.87 -120.93
CA ALA CA 214 -27.21 -35.75 -120.64
C ALA CA 214 -27.94 -34.41 -120.44
N THR CA 215 -29.18 -34.22 -120.94
CA THR CA 215 -29.92 -32.95 -120.78
C THR CA 215 -30.08 -32.50 -119.32
N ASP CA 216 -30.10 -33.42 -118.35
CA ASP CA 216 -30.28 -33.04 -116.96
C ASP CA 216 -28.95 -32.88 -116.21
N ARG CA 217 -27.82 -32.76 -116.93
CA ARG CA 217 -26.53 -32.46 -116.31
C ARG CA 217 -25.67 -31.53 -117.18
N LEU CA 218 -25.66 -31.71 -118.50
CA LEU CA 218 -24.62 -31.11 -119.35
C LEU CA 218 -25.17 -30.72 -120.71
N HIS CA 219 -24.42 -29.90 -121.44
CA HIS CA 219 -24.90 -29.43 -122.78
C HIS CA 219 -24.54 -30.43 -123.87
N ILE CA 220 -23.64 -31.38 -123.58
CA ILE CA 220 -23.15 -32.32 -124.63
C ILE CA 220 -24.21 -33.41 -124.88
N GLN CA 221 -24.67 -33.57 -126.12
CA GLN CA 221 -25.64 -34.64 -126.47
C GLN CA 221 -25.51 -34.95 -127.97
N ASN CA 222 -24.34 -34.68 -128.55
CA ASN CA 222 -24.17 -34.84 -130.03
C ASN CA 222 -23.29 -36.07 -130.34
N PRO CA 223 -22.04 -36.20 -129.86
CA PRO CA 223 -21.18 -37.32 -130.26
C PRO CA 223 -21.92 -38.65 -130.34
N SER CA 224 -22.74 -38.98 -129.33
CA SER CA 224 -23.50 -40.25 -129.30
C SER CA 224 -22.53 -41.45 -129.29
N PHE CA 225 -21.26 -41.21 -128.98
CA PHE CA 225 -20.24 -42.29 -128.95
C PHE CA 225 -19.28 -41.99 -127.81
N SER CA 226 -18.13 -41.38 -128.11
CA SER CA 226 -17.19 -40.98 -127.04
C SER CA 226 -17.98 -40.40 -125.86
N GLN CA 227 -18.96 -39.54 -126.15
CA GLN CA 227 -19.74 -38.91 -125.07
C GLN CA 227 -20.62 -39.95 -124.35
N ILE CA 228 -21.23 -40.86 -125.13
CA ILE CA 228 -22.01 -41.98 -124.61
C ILE CA 228 -21.14 -42.94 -123.81
N ASN CA 229 -19.84 -43.05 -124.11
CA ASN CA 229 -19.01 -44.02 -123.39
C ASN CA 229 -18.92 -43.70 -121.89
N GLN CA 230 -18.90 -42.43 -121.49
CA GLN CA 230 -18.87 -42.11 -120.06
C GLN CA 230 -20.16 -42.57 -119.38
N LEU CA 231 -21.31 -42.31 -120.01
CA LEU CA 231 -22.62 -42.72 -119.48
C LEU CA 231 -22.68 -44.25 -119.39
N VAL CA 232 -22.36 -44.96 -120.46
CA VAL CA 232 -22.30 -46.44 -120.47
C VAL CA 232 -21.38 -46.98 -119.37
N SER CA 233 -20.22 -46.37 -119.14
CA SER CA 233 -19.31 -46.81 -118.09
C SER CA 233 -19.88 -46.55 -116.70
N THR CA 234 -20.49 -45.38 -116.49
CA THR CA 234 -21.09 -45.07 -115.19
C THR CA 234 -22.27 -46.01 -114.92
N ILE CA 235 -23.07 -46.28 -115.95
CA ILE CA 235 -24.24 -47.13 -115.89
C ILE CA 235 -23.82 -48.56 -115.59
N MET CA 236 -22.90 -49.13 -116.38
CA MET CA 236 -22.32 -50.45 -116.16
C MET CA 236 -21.71 -50.58 -114.76
N SER CA 237 -20.84 -49.65 -114.35
CA SER CA 237 -20.21 -49.75 -113.04
C SER CA 237 -21.25 -49.69 -111.93
N ALA CA 238 -22.19 -48.75 -112.03
CA ALA CA 238 -23.22 -48.65 -111.00
C ALA CA 238 -24.04 -49.93 -110.91
N SER CA 239 -24.47 -50.45 -112.06
CA SER CA 239 -25.30 -51.65 -112.08
C SER CA 239 -24.53 -52.92 -111.77
N THR CA 240 -23.22 -52.83 -111.52
CA THR CA 240 -22.46 -53.96 -110.99
C THR CA 240 -21.80 -53.69 -109.66
N THR CA 241 -21.89 -52.48 -109.10
CA THR CA 241 -21.09 -52.11 -107.92
C THR CA 241 -21.39 -53.03 -106.73
N THR CA 242 -22.67 -53.33 -106.50
CA THR CA 242 -23.11 -54.26 -105.45
C THR CA 242 -22.68 -55.71 -105.63
N LEU CA 243 -22.16 -56.11 -106.79
CA LEU CA 243 -21.59 -57.44 -106.90
C LEU CA 243 -20.22 -57.53 -106.23
N ARG CA 244 -19.47 -56.43 -106.27
CA ARG CA 244 -18.11 -56.33 -105.78
C ARG CA 244 -18.01 -55.63 -104.43
N TYR CA 245 -18.95 -54.69 -104.12
CA TYR CA 245 -19.08 -54.10 -102.79
C TYR CA 245 -20.27 -54.75 -102.07
N PRO CA 246 -20.14 -56.01 -101.56
CA PRO CA 246 -21.33 -56.89 -101.44
C PRO CA 246 -22.54 -56.47 -100.56
N GLY CA 247 -22.70 -56.94 -99.29
CA GLY CA 247 -23.95 -56.75 -98.53
C GLY CA 247 -24.96 -57.90 -98.61
N TYR CA 248 -26.10 -57.73 -97.91
CA TYR CA 248 -27.02 -58.84 -97.57
C TYR CA 248 -27.44 -59.71 -98.76
N MET CA 249 -28.10 -59.13 -99.77
CA MET CA 249 -28.71 -59.91 -100.85
C MET CA 249 -28.53 -59.27 -102.21
N ASN CA 250 -28.85 -60.05 -103.26
CA ASN CA 250 -28.53 -59.65 -104.63
C ASN CA 250 -27.02 -59.68 -104.88
N ASN CA 251 -26.36 -60.65 -104.26
CA ASN CA 251 -24.92 -60.81 -104.35
C ASN CA 251 -24.50 -61.24 -105.75
N ASP CA 252 -25.03 -62.39 -106.21
CA ASP CA 252 -24.80 -62.90 -107.55
C ASP CA 252 -25.61 -62.12 -108.58
N LEU CA 253 -25.09 -62.05 -109.82
CA LEU CA 253 -25.80 -61.32 -110.86
C LEU CA 253 -27.21 -61.86 -111.08
N ILE CA 254 -27.42 -63.18 -111.01
CA ILE CA 254 -28.78 -63.70 -111.16
C ILE CA 254 -29.71 -63.29 -110.01
N GLY CA 255 -29.19 -62.62 -108.97
CA GLY CA 255 -30.08 -61.89 -108.08
C GLY CA 255 -30.78 -60.71 -108.70
N LEU CA 256 -30.09 -59.96 -109.56
CA LEU CA 256 -30.71 -58.84 -110.29
C LEU CA 256 -31.31 -59.26 -111.63
N ILE CA 257 -30.76 -60.25 -112.34
CA ILE CA 257 -31.18 -60.58 -113.71
C ILE CA 257 -32.60 -61.11 -113.67
N ALA CA 258 -32.97 -61.80 -112.59
CA ALA CA 258 -34.26 -62.50 -112.53
C ALA CA 258 -35.49 -61.59 -112.47
N SER CA 259 -35.36 -60.30 -112.14
CA SER CA 259 -36.49 -59.38 -112.21
C SER CA 259 -36.27 -58.21 -113.16
N LEU CA 260 -35.02 -58.00 -113.59
CA LEU CA 260 -34.70 -57.17 -114.75
C LEU CA 260 -35.36 -57.83 -115.96
N ILE CA 261 -35.02 -59.09 -116.22
CA ILE CA 261 -35.62 -59.91 -117.28
C ILE CA 261 -36.42 -61.06 -116.66
N PRO CA 262 -37.73 -61.18 -116.94
CA PRO CA 262 -38.55 -62.24 -116.37
C PRO CA 262 -38.30 -63.60 -117.04
N THR CA 263 -38.08 -63.61 -118.36
CA THR CA 263 -37.88 -64.79 -119.20
C THR CA 263 -37.10 -64.43 -120.47
N PRO CA 264 -36.32 -65.35 -121.07
CA PRO CA 264 -35.74 -65.18 -122.41
C PRO CA 264 -36.72 -64.80 -123.53
N ARG CA 265 -38.03 -65.01 -123.34
CA ARG CA 265 -39.08 -64.51 -124.28
C ARG CA 265 -39.28 -62.98 -124.26
N LEU CA 266 -38.78 -62.28 -123.24
CA LEU CA 266 -38.99 -60.84 -123.02
C LEU CA 266 -37.69 -60.15 -122.54
N HIS CA 267 -36.54 -60.58 -123.08
CA HIS CA 267 -35.21 -60.28 -122.51
C HIS CA 267 -34.57 -58.94 -122.89
N PHE CA 268 -35.27 -58.07 -123.63
CA PHE CA 268 -34.83 -56.71 -123.88
C PHE CA 268 -35.25 -55.77 -122.74
N LEU CA 269 -34.28 -55.35 -121.94
CA LEU CA 269 -34.45 -54.59 -120.70
C LEU CA 269 -34.75 -53.10 -120.93
N MET CA 270 -35.70 -52.50 -120.22
CA MET CA 270 -35.78 -51.04 -120.07
C MET CA 270 -34.78 -50.55 -119.01
N THR CA 271 -33.98 -49.54 -119.34
CA THR CA 271 -32.84 -49.11 -118.52
C THR CA 271 -32.95 -47.62 -118.16
N GLY CA 272 -32.69 -47.26 -116.89
CA GLY CA 272 -32.95 -45.91 -116.35
C GLY CA 272 -31.93 -45.41 -115.32
N TYR CA 273 -30.89 -44.75 -115.78
CA TYR CA 273 -30.00 -43.88 -115.00
C TYR CA 273 -30.67 -42.51 -114.81
N THR CA 274 -31.81 -42.50 -114.11
CA THR CA 274 -32.77 -41.41 -114.26
C THR CA 274 -32.44 -40.14 -113.48
N PRO CA 275 -32.03 -40.18 -112.20
CA PRO CA 275 -31.34 -39.01 -111.62
C PRO CA 275 -29.90 -38.97 -112.11
N LEU CA 276 -29.50 -37.83 -112.67
CA LEU CA 276 -28.13 -37.73 -113.15
C LEU CA 276 -27.13 -37.63 -112.00
N THR CA 277 -27.62 -37.67 -110.75
CA THR CA 277 -26.84 -37.85 -109.52
C THR CA 277 -26.75 -39.30 -109.05
N THR CA 278 -27.41 -40.27 -109.72
CA THR CA 278 -27.56 -41.63 -109.20
C THR CA 278 -26.29 -42.51 -109.34
N ASP CA 279 -25.16 -41.95 -109.75
CA ASP CA 279 -23.86 -42.64 -109.70
C ASP CA 279 -23.49 -43.08 -108.29
N LYS CA 287 -27.07 -35.88 -100.59
CA LYS CA 287 -28.40 -36.35 -100.96
C LYS CA 287 -29.52 -35.35 -100.63
N THR CA 288 -30.66 -35.50 -101.32
CA THR CA 288 -31.96 -35.11 -100.80
C THR CA 288 -32.64 -36.36 -100.19
N THR CA 289 -33.71 -36.16 -99.42
CA THR CA 289 -34.43 -37.30 -98.89
C THR CA 289 -35.06 -38.11 -100.03
N VAL CA 290 -35.24 -39.43 -99.83
CA VAL CA 290 -35.66 -40.29 -100.94
C VAL CA 290 -37.01 -39.88 -101.54
N LEU CA 291 -37.87 -39.21 -100.77
CA LEU CA 291 -39.10 -38.67 -101.34
C LEU CA 291 -38.81 -37.81 -102.56
N ASP CA 292 -37.72 -37.05 -102.50
CA ASP CA 292 -37.28 -36.19 -103.57
C ASP CA 292 -36.50 -36.95 -104.66
N VAL CA 293 -35.54 -37.82 -104.28
CA VAL CA 293 -34.80 -38.57 -105.28
C VAL CA 293 -35.73 -39.44 -106.14
N MET CA 294 -36.78 -40.03 -105.56
CA MET CA 294 -37.62 -40.93 -106.35
C MET CA 294 -38.46 -40.21 -107.41
N ARG CA 295 -38.77 -38.92 -107.25
CA ARG CA 295 -39.32 -38.17 -108.38
C ARG CA 295 -38.26 -37.98 -109.47
N ARG CA 296 -37.05 -37.55 -109.06
CA ARG CA 296 -35.93 -37.42 -110.00
C ARG CA 296 -35.60 -38.75 -110.66
N LEU CA 297 -35.83 -39.86 -109.96
CA LEU CA 297 -35.65 -41.23 -110.43
C LEU CA 297 -36.71 -41.68 -111.45
N LEU CA 298 -37.78 -40.90 -111.64
CA LEU CA 298 -38.86 -41.20 -112.57
C LEU CA 298 -39.11 -40.07 -113.57
N GLN CA 299 -38.09 -39.21 -113.84
CA GLN CA 299 -38.14 -38.17 -114.86
C GLN CA 299 -38.35 -38.75 -116.27
N PRO CA 300 -39.48 -38.48 -116.94
CA PRO CA 300 -39.71 -39.08 -118.27
C PRO CA 300 -38.84 -38.49 -119.37
N LYS CA 301 -38.27 -37.30 -119.17
CA LYS CA 301 -37.26 -36.75 -120.09
C LYS CA 301 -35.90 -37.41 -119.94
N ASN CA 302 -35.62 -38.11 -118.84
CA ASN CA 302 -34.36 -38.84 -118.66
C ASN CA 302 -34.60 -40.31 -119.10
N VAL CA 303 -34.02 -41.31 -118.43
CA VAL CA 303 -34.09 -42.75 -118.79
C VAL CA 303 -33.37 -43.05 -120.12
N MET CA 304 -32.57 -44.13 -120.22
CA MET CA 304 -31.93 -44.50 -121.50
C MET CA 304 -32.82 -45.40 -122.37
N VAL CA 305 -34.13 -45.11 -122.36
CA VAL CA 305 -35.12 -45.61 -123.32
C VAL CA 305 -35.99 -44.45 -123.81
N SER CA 306 -36.20 -44.37 -125.11
CA SER CA 306 -36.82 -43.22 -125.80
C SER CA 306 -38.31 -43.09 -125.49
N THR CA 313 -49.25 -48.29 -128.06
CA THR CA 313 -50.27 -47.24 -128.01
C THR CA 313 -50.88 -47.11 -126.60
N ASN CA 314 -50.42 -47.95 -125.67
CA ASN CA 314 -50.94 -48.01 -124.30
C ASN CA 314 -49.82 -48.51 -123.36
N HIS CA 315 -48.63 -47.90 -123.45
CA HIS CA 315 -47.41 -48.49 -122.91
C HIS CA 315 -47.30 -48.46 -121.39
N CYS CA 316 -46.76 -49.56 -120.82
CA CYS CA 316 -46.94 -49.95 -119.43
C CYS CA 316 -45.74 -50.78 -118.92
N TYR CA 317 -45.41 -50.66 -117.64
CA TYR CA 317 -44.38 -51.49 -116.98
C TYR CA 317 -44.92 -52.87 -116.58
N ILE CA 318 -44.06 -53.88 -116.62
CA ILE CA 318 -44.18 -55.09 -115.78
C ILE CA 318 -43.34 -54.85 -114.51
N ALA CA 319 -42.40 -55.72 -114.12
CA ALA CA 319 -41.62 -55.47 -112.91
C ALA CA 319 -40.57 -54.36 -113.09
N ILE CA 320 -40.33 -53.60 -112.00
CA ILE CA 320 -39.28 -52.58 -111.93
C ILE CA 320 -38.32 -52.94 -110.79
N LEU CA 321 -37.06 -52.53 -110.95
CA LEU CA 321 -36.01 -52.70 -109.94
C LEU CA 321 -35.31 -51.36 -109.67
N ASN CA 322 -35.17 -50.98 -108.39
CA ASN CA 322 -34.19 -49.99 -107.97
C ASN CA 322 -33.12 -50.72 -107.15
N ILE CA 323 -31.88 -50.67 -107.61
CA ILE CA 323 -30.78 -51.33 -106.91
C ILE CA 323 -30.21 -50.31 -105.92
N ILE CA 324 -31.01 -49.88 -104.92
CA ILE CA 324 -30.59 -48.75 -104.09
C ILE CA 324 -29.41 -49.15 -103.21
N GLN CA 325 -28.23 -48.68 -103.61
CA GLN CA 325 -27.02 -48.60 -102.80
C GLN CA 325 -26.90 -47.12 -102.46
N GLY CA 326 -27.63 -46.71 -101.43
CA GLY CA 326 -27.75 -45.32 -101.05
C GLY CA 326 -27.72 -45.15 -99.55
N GLU CA 327 -27.21 -43.99 -99.12
CA GLU CA 327 -27.29 -43.54 -97.73
C GLU CA 327 -28.74 -43.16 -97.41
N VAL CA 328 -29.55 -44.18 -97.10
CA VAL CA 328 -31.02 -44.11 -97.10
C VAL CA 328 -31.54 -44.63 -95.77
N ASP CA 329 -32.63 -43.98 -95.26
CA ASP CA 329 -33.23 -44.25 -93.96
C ASP CA 329 -34.60 -44.91 -94.12
N PRO CA 330 -34.88 -45.97 -93.34
CA PRO CA 330 -36.17 -46.68 -93.46
C PRO CA 330 -37.42 -45.87 -93.24
N THR CA 331 -37.37 -44.82 -92.43
CA THR CA 331 -38.54 -43.99 -92.19
C THR CA 331 -38.89 -43.17 -93.42
N GLN CA 332 -37.90 -42.88 -94.26
CA GLN CA 332 -38.11 -42.07 -95.44
C GLN CA 332 -38.73 -42.88 -96.57
N VAL CA 333 -38.24 -44.11 -96.80
CA VAL CA 333 -38.66 -44.84 -98.00
C VAL CA 333 -40.13 -45.25 -97.95
N HIS CA 334 -40.66 -45.52 -96.76
CA HIS CA 334 -42.09 -45.83 -96.66
C HIS CA 334 -42.93 -44.64 -97.08
N LYS CA 335 -42.61 -43.46 -96.55
CA LYS CA 335 -43.25 -42.23 -96.98
C LYS CA 335 -42.99 -41.95 -98.47
N SER CA 336 -41.81 -42.31 -98.96
CA SER CA 336 -41.46 -42.12 -100.37
C SER CA 336 -42.31 -42.96 -101.33
N LEU CA 337 -42.33 -44.29 -101.17
CA LEU CA 337 -43.23 -45.08 -101.99
C LEU CA 337 -44.67 -44.62 -101.84
N GLN CA 338 -45.06 -44.19 -100.63
CA GLN CA 338 -46.42 -43.72 -100.44
C GLN CA 338 -46.71 -42.47 -101.27
N ARG CA 339 -45.73 -41.55 -101.38
CA ARG CA 339 -45.90 -40.40 -102.26
C ARG CA 339 -45.84 -40.77 -103.75
N ILE CA 340 -44.95 -41.69 -104.16
CA ILE CA 340 -44.90 -42.11 -105.56
C ILE CA 340 -46.20 -42.81 -105.96
N ARG CA 341 -46.81 -43.57 -105.03
CA ARG CA 341 -48.12 -44.17 -105.25
C ARG CA 341 -49.22 -43.15 -105.51
N GLU CA 342 -49.02 -41.89 -105.13
CA GLU CA 342 -50.00 -40.83 -105.39
C GLU CA 342 -49.59 -39.85 -106.47
N ARG CA 343 -48.30 -39.78 -106.84
CA ARG CA 343 -47.96 -39.25 -108.16
C ARG CA 343 -48.37 -40.21 -109.30
N LYS CA 344 -48.42 -41.52 -109.01
CA LYS CA 344 -48.86 -42.58 -109.94
C LYS CA 344 -48.06 -42.61 -111.25
N LEU CA 345 -46.80 -42.20 -111.16
CA LEU CA 345 -45.89 -42.10 -112.30
C LEU CA 345 -45.60 -43.45 -112.99
N ALA CA 346 -45.49 -44.53 -112.22
CA ALA CA 346 -45.19 -45.87 -112.76
C ALA CA 346 -46.42 -46.50 -113.39
N ASN CA 347 -46.52 -46.45 -114.73
CA ASN CA 347 -47.66 -47.01 -115.45
C ASN CA 347 -47.84 -48.51 -115.24
N PHE CA 348 -49.06 -48.94 -114.91
CA PHE CA 348 -49.29 -50.21 -114.20
C PHE CA 348 -50.44 -51.06 -114.76
N ILE CA 349 -50.89 -52.06 -113.98
CA ILE CA 349 -51.81 -53.17 -114.28
C ILE CA 349 -51.41 -54.05 -115.48
N PRO CA 350 -50.16 -54.60 -115.45
CA PRO CA 350 -49.76 -55.73 -116.30
C PRO CA 350 -50.43 -57.06 -115.92
N TRP CA 351 -49.90 -58.20 -116.36
CA TRP CA 351 -50.39 -59.55 -116.07
C TRP CA 351 -50.29 -59.94 -114.60
N GLY CA 352 -49.37 -59.34 -113.85
CA GLY CA 352 -49.16 -59.71 -112.46
C GLY CA 352 -48.06 -58.87 -111.83
N PRO CA 353 -46.81 -59.36 -111.89
CA PRO CA 353 -45.72 -58.76 -111.11
C PRO CA 353 -45.30 -57.37 -111.59
N ALA CA 354 -46.05 -56.35 -111.16
CA ALA CA 354 -45.81 -54.95 -111.51
C ALA CA 354 -44.95 -54.18 -110.51
N SER CA 355 -44.73 -54.72 -109.31
CA SER CA 355 -44.26 -53.93 -108.17
C SER CA 355 -42.81 -53.47 -108.35
N ILE CA 356 -42.46 -52.37 -107.67
CA ILE CA 356 -41.09 -51.84 -107.69
C ILE CA 356 -40.24 -52.63 -106.70
N GLN CA 357 -39.28 -53.40 -107.21
CA GLN CA 357 -38.22 -54.04 -106.43
C GLN CA 357 -37.18 -53.02 -106.00
N VAL CA 358 -37.51 -52.15 -105.03
CA VAL CA 358 -36.49 -51.45 -104.26
C VAL CA 358 -35.73 -52.45 -103.40
N ALA CA 359 -34.56 -52.86 -103.88
CA ALA CA 359 -33.52 -53.39 -103.01
C ALA CA 359 -32.85 -52.22 -102.30
N LEU CA 360 -32.52 -52.38 -101.02
CA LEU CA 360 -32.09 -51.22 -100.23
C LEU CA 360 -30.88 -51.56 -99.36
N SER CA 361 -29.80 -50.78 -99.55
CA SER CA 361 -28.48 -50.97 -98.96
C SER CA 361 -27.76 -49.62 -98.96
N ARG CA 362 -26.70 -49.51 -98.15
CA ARG CA 362 -25.90 -48.28 -98.08
C ARG CA 362 -25.30 -47.95 -99.46
N LYS CA 363 -24.86 -46.69 -99.63
CA LYS CA 363 -24.07 -46.32 -100.82
C LYS CA 363 -22.72 -47.04 -100.78
N SER CA 364 -22.45 -47.84 -101.81
CA SER CA 364 -21.30 -48.74 -101.84
C SER CA 364 -19.97 -48.00 -101.70
N PRO CA 365 -19.08 -48.41 -100.75
CA PRO CA 365 -17.83 -47.68 -100.47
C PRO CA 365 -16.83 -47.46 -101.61
N TYR CA 366 -17.30 -47.07 -102.80
CA TYR CA 366 -16.54 -46.24 -103.74
C TYR CA 366 -17.37 -45.06 -104.20
N LEU CA 367 -18.67 -45.25 -104.39
CA LEU CA 367 -19.52 -44.37 -105.18
C LEU CA 367 -19.57 -42.96 -104.56
N PRO CA 368 -19.10 -41.92 -105.29
CA PRO CA 368 -18.74 -40.64 -104.65
C PRO CA 368 -19.81 -40.03 -103.75
N SER CA 369 -19.34 -39.37 -102.68
CA SER CA 369 -20.21 -38.78 -101.65
C SER CA 369 -21.05 -37.61 -102.16
N ALA CA 370 -20.75 -37.06 -103.35
CA ALA CA 370 -21.67 -36.15 -104.02
C ALA CA 370 -23.00 -36.84 -104.35
N HIS CA 371 -24.08 -36.31 -103.76
CA HIS CA 371 -25.41 -36.94 -103.69
C HIS CA 371 -25.32 -38.37 -103.16
N ARG CA 372 -25.51 -38.55 -101.85
CA ARG CA 372 -25.25 -39.78 -101.12
C ARG CA 372 -26.25 -40.97 -101.45
N VAL CA 373 -27.13 -40.87 -102.45
CA VAL CA 373 -28.11 -41.91 -102.80
C VAL CA 373 -27.94 -42.29 -104.27
N SER CA 374 -28.06 -43.60 -104.56
CA SER CA 374 -27.80 -44.15 -105.90
C SER CA 374 -28.48 -45.51 -106.05
N GLY CA 375 -28.81 -45.88 -107.30
CA GLY CA 375 -29.32 -47.22 -107.58
C GLY CA 375 -30.10 -47.48 -108.87
N LEU CA 376 -30.28 -46.48 -109.76
CA LEU CA 376 -30.98 -46.60 -111.05
C LEU CA 376 -32.45 -47.08 -110.93
N MET CA 377 -33.16 -47.14 -112.07
CA MET CA 377 -34.51 -47.69 -112.20
C MET CA 377 -34.60 -48.49 -113.50
N MET CA 378 -34.58 -49.82 -113.37
CA MET CA 378 -34.38 -50.77 -114.48
C MET CA 378 -35.55 -51.76 -114.48
N ALA CA 379 -36.14 -52.08 -115.63
CA ALA CA 379 -37.49 -52.65 -115.66
C ALA CA 379 -37.82 -53.36 -116.98
N ASN CA 380 -38.94 -54.06 -117.06
CA ASN CA 380 -39.59 -54.33 -118.35
C ASN CA 380 -40.74 -53.33 -118.55
N HIS CA 381 -40.80 -52.70 -119.72
CA HIS CA 381 -41.72 -51.61 -120.06
C HIS CA 381 -42.00 -51.65 -121.56
N THR CA 382 -43.26 -51.65 -122.02
CA THR CA 382 -43.50 -51.79 -123.46
C THR CA 382 -43.13 -50.55 -124.29
N SER CA 383 -42.57 -49.49 -123.68
CA SER CA 383 -41.76 -48.50 -124.39
C SER CA 383 -40.63 -49.19 -125.17
N ILE CA 384 -39.93 -50.16 -124.58
CA ILE CA 384 -38.97 -51.03 -125.28
C ILE CA 384 -39.65 -51.78 -126.41
N SER CA 385 -40.89 -52.25 -126.25
CA SER CA 385 -41.55 -52.95 -127.35
C SER CA 385 -41.69 -52.02 -128.56
N SER CA 386 -42.02 -50.75 -128.34
CA SER CA 386 -42.00 -49.77 -129.43
C SER CA 386 -40.60 -49.52 -129.98
N LEU CA 387 -39.52 -49.58 -129.17
CA LEU CA 387 -38.16 -49.47 -129.70
C LEU CA 387 -37.81 -50.67 -130.59
N PHE CA 388 -38.29 -51.88 -130.30
CA PHE CA 388 -38.09 -53.02 -131.18
C PHE CA 388 -39.02 -52.98 -132.41
N GLU CA 389 -40.23 -52.44 -132.31
CA GLU CA 389 -41.01 -52.11 -133.50
C GLU CA 389 -40.30 -51.06 -134.36
N ARG CA 390 -39.75 -50.01 -133.75
CA ARG CA 390 -38.95 -48.99 -134.44
C ARG CA 390 -37.71 -49.63 -135.08
N THR CA 391 -37.06 -50.59 -134.42
CA THR CA 391 -35.90 -51.27 -135.00
C THR CA 391 -36.28 -52.09 -136.23
N CYS CA 392 -37.39 -52.83 -136.16
CA CYS CA 392 -37.90 -53.53 -137.34
C CYS CA 392 -38.33 -52.56 -138.45
N ARG CA 393 -38.94 -51.44 -138.08
CA ARG CA 393 -39.30 -50.40 -139.06
C ARG CA 393 -38.07 -49.70 -139.66
N GLN CA 394 -36.98 -49.55 -138.89
CA GLN CA 394 -35.72 -49.09 -139.47
C GLN CA 394 -35.13 -50.12 -140.46
N TYR CA 395 -35.26 -51.42 -140.17
CA TYR CA 395 -34.99 -52.43 -141.20
C TYR CA 395 -35.93 -52.28 -142.41
N ASP CA 396 -37.23 -52.10 -142.17
CA ASP CA 396 -38.15 -51.86 -143.28
C ASP CA 396 -37.80 -50.62 -144.10
N LYS CA 397 -37.24 -49.57 -143.47
CA LYS CA 397 -36.74 -48.42 -144.24
C LYS CA 397 -35.66 -48.79 -145.25
N LEU CA 398 -34.89 -49.86 -145.00
CA LEU CA 398 -34.06 -50.42 -146.06
C LEU CA 398 -34.81 -51.45 -146.92
N ARG CA 399 -35.41 -52.46 -146.30
CA ARG CA 399 -35.89 -53.63 -147.05
C ARG CA 399 -36.85 -53.27 -148.19
N LYS CA 400 -37.69 -52.23 -148.05
CA LYS CA 400 -38.56 -51.84 -149.15
C LYS CA 400 -37.83 -51.13 -150.31
N ARG CA 401 -36.60 -50.63 -150.10
CA ARG CA 401 -35.79 -50.03 -151.15
C ARG CA 401 -34.52 -50.81 -151.51
N GLU CA 402 -34.03 -51.68 -150.60
CA GLU CA 402 -32.66 -52.26 -150.66
C GLU CA 402 -31.55 -51.22 -150.87
N ALA CA 403 -31.63 -50.11 -150.16
CA ALA CA 403 -30.64 -49.04 -150.27
C ALA CA 403 -29.26 -49.44 -149.71
N PHE CA 404 -28.20 -48.95 -150.36
CA PHE CA 404 -26.79 -49.07 -149.91
C PHE CA 404 -26.35 -50.50 -149.56
N LEU CA 405 -26.56 -51.45 -150.50
CA LEU CA 405 -26.40 -52.89 -150.25
C LEU CA 405 -24.95 -53.41 -150.16
N GLU CA 406 -23.93 -52.61 -150.53
CA GLU CA 406 -22.49 -52.94 -150.62
C GLU CA 406 -22.11 -54.04 -151.64
N GLN CA 407 -22.72 -55.23 -151.54
CA GLN CA 407 -22.53 -56.34 -152.50
C GLN CA 407 -21.08 -56.81 -152.74
N PHE CA 408 -20.19 -56.75 -151.74
CA PHE CA 408 -19.09 -57.73 -151.74
C PHE CA 408 -19.71 -59.09 -151.42
N ARG CA 409 -19.18 -60.17 -152.01
CA ARG CA 409 -19.66 -61.49 -151.62
C ARG CA 409 -19.45 -61.79 -150.13
N LYS CA 410 -18.57 -61.06 -149.44
CA LYS CA 410 -18.50 -61.09 -147.98
C LYS CA 410 -19.85 -60.83 -147.32
N GLU CA 411 -20.66 -59.92 -147.87
CA GLU CA 411 -22.03 -59.64 -147.43
C GLU CA 411 -23.06 -60.43 -148.24
N ASP CA 412 -22.94 -60.36 -149.57
CA ASP CA 412 -23.95 -60.82 -150.51
C ASP CA 412 -24.15 -62.34 -150.56
N MET CA 413 -23.19 -63.16 -150.06
CA MET CA 413 -23.34 -64.62 -150.19
C MET CA 413 -24.26 -65.27 -149.15
N PHE CA 414 -24.49 -64.64 -147.98
CA PHE CA 414 -25.23 -65.26 -146.89
C PHE CA 414 -26.61 -64.67 -146.67
N LYS CA 415 -26.72 -63.35 -146.62
CA LYS CA 415 -27.98 -62.67 -146.31
C LYS CA 415 -28.84 -62.45 -147.57
N ASP CA 416 -29.24 -63.55 -148.21
CA ASP CA 416 -29.79 -63.53 -149.57
C ASP CA 416 -31.23 -64.05 -149.70
N ASN CA 417 -31.66 -65.06 -148.93
CA ASN CA 417 -33.08 -65.39 -148.87
C ASN CA 417 -33.88 -64.60 -147.83
N PHE CA 418 -33.23 -63.67 -147.13
CA PHE CA 418 -33.83 -62.75 -146.16
C PHE CA 418 -34.38 -63.43 -144.90
N ASP CA 419 -34.16 -64.74 -144.71
CA ASP CA 419 -34.85 -65.43 -143.62
C ASP CA 419 -34.33 -64.98 -142.27
N GLU CA 420 -33.05 -64.60 -142.21
CA GLU CA 420 -32.40 -64.13 -141.00
C GLU CA 420 -32.89 -62.75 -140.56
N MET CA 421 -33.73 -62.11 -141.37
CA MET CA 421 -34.41 -60.86 -141.05
C MET CA 421 -35.92 -61.05 -140.91
N ASP CA 422 -36.53 -61.78 -141.85
CA ASP CA 422 -37.96 -62.02 -141.81
C ASP CA 422 -38.38 -62.83 -140.56
N THR CA 423 -37.68 -63.93 -140.26
CA THR CA 423 -38.01 -64.71 -139.08
C THR CA 423 -37.55 -64.00 -137.82
N SER CA 424 -36.51 -63.18 -137.93
CA SER CA 424 -36.10 -62.32 -136.84
C SER CA 424 -37.24 -61.38 -136.48
N ARG CA 425 -37.84 -60.75 -137.50
CA ARG CA 425 -39.02 -59.92 -137.32
C ARG CA 425 -40.17 -60.72 -136.70
N GLU CA 426 -40.35 -61.98 -137.11
CA GLU CA 426 -41.43 -62.79 -136.57
C GLU CA 426 -41.23 -63.08 -135.08
N ILE CA 427 -40.03 -63.50 -134.69
CA ILE CA 427 -39.76 -63.91 -133.31
C ILE CA 427 -39.77 -62.68 -132.39
N VAL CA 428 -39.28 -61.53 -132.85
CA VAL CA 428 -39.37 -60.27 -132.09
C VAL CA 428 -40.75 -59.61 -132.19
N GLN CA 429 -41.53 -59.85 -133.24
CA GLN CA 429 -42.94 -59.46 -133.29
C GLN CA 429 -43.76 -60.26 -132.29
N GLN CA 430 -43.47 -61.56 -132.12
CA GLN CA 430 -44.06 -62.37 -131.08
C GLN CA 430 -43.58 -61.89 -129.70
N LEU CA 431 -42.34 -61.42 -129.57
CA LEU CA 431 -41.88 -60.71 -128.37
C LEU CA 431 -42.70 -59.43 -128.14
N ILE CA 432 -42.99 -58.61 -129.16
CA ILE CA 432 -43.86 -57.43 -129.06
C ILE CA 432 -45.24 -57.83 -128.54
N ASP CA 433 -45.86 -58.88 -129.12
CA ASP CA 433 -47.18 -59.32 -128.66
C ASP CA 433 -47.16 -59.85 -127.24
N GLU CA 434 -46.12 -60.58 -126.87
CA GLU CA 434 -45.96 -61.12 -125.52
C GLU CA 434 -45.65 -60.00 -124.52
N TYR CA 435 -44.95 -58.93 -124.92
CA TYR CA 435 -44.71 -57.72 -124.12
C TYR CA 435 -46.03 -56.95 -123.92
N HIS CA 436 -46.83 -56.75 -124.97
CA HIS CA 436 -48.10 -56.03 -124.86
C HIS CA 436 -49.09 -56.83 -124.03
N ALA CA 437 -49.20 -58.13 -124.29
CA ALA CA 437 -50.03 -59.00 -123.48
C ALA CA 437 -49.59 -59.00 -122.02
N ALA CA 438 -48.27 -59.06 -121.77
CA ALA CA 438 -47.72 -58.99 -120.42
C ALA CA 438 -48.09 -57.68 -119.72
N THR CA 439 -48.40 -56.61 -120.45
CA THR CA 439 -48.99 -55.39 -119.89
C THR CA 439 -50.53 -55.41 -119.83
N ARG CA 440 -51.16 -56.57 -119.68
CA ARG CA 440 -52.58 -56.69 -119.35
C ARG CA 440 -52.83 -57.84 -118.39
N PRO CA 441 -53.86 -57.73 -117.54
CA PRO CA 441 -54.17 -58.82 -116.59
C PRO CA 441 -54.63 -60.12 -117.26
N ASP CA 442 -55.14 -60.04 -118.50
CA ASP CA 442 -55.71 -61.20 -119.18
C ASP CA 442 -54.70 -62.33 -119.46
N TYR CA 443 -53.41 -62.02 -119.51
CA TYR CA 443 -52.38 -62.91 -120.03
C TYR CA 443 -52.09 -64.17 -119.18
N ILE CA 444 -52.82 -64.39 -118.08
CA ILE CA 444 -52.84 -65.69 -117.40
C ILE CA 444 -53.51 -66.75 -118.27
N SER CA 445 -54.59 -66.38 -118.96
CA SER CA 445 -55.41 -67.29 -119.77
C SER CA 445 -54.67 -67.82 -120.99
N TRP CA 446 -55.14 -68.98 -121.49
CA TRP CA 446 -54.46 -69.75 -122.51
C TRP CA 446 -54.87 -69.36 -123.94
N GLY CA 447 -55.32 -68.11 -124.13
CA GLY CA 447 -55.70 -67.61 -125.44
C GLY CA 447 -54.49 -67.22 -126.26
N ALA DA 11 -37.88 -8.54 35.88
CA ALA DA 11 -39.31 -8.10 35.82
C ALA DA 11 -39.44 -6.85 34.95
N ALA DA 12 -40.67 -6.54 34.55
CA ALA DA 12 -40.96 -5.34 33.76
C ALA DA 12 -40.67 -4.04 34.48
N ALA DA 13 -40.69 -4.05 35.82
CA ALA DA 13 -40.37 -2.86 36.61
C ALA DA 13 -38.95 -2.34 36.39
N ALA DA 14 -38.04 -3.14 35.82
CA ALA DA 14 -36.71 -2.65 35.45
C ALA DA 14 -36.71 -1.85 34.15
N ALA DA 15 -37.75 -1.98 33.33
CA ALA DA 15 -37.97 -1.07 32.21
C ALA DA 15 -38.81 0.13 32.62
N ALA DA 16 -39.93 -0.11 33.32
CA ALA DA 16 -40.86 0.98 33.66
C ALA DA 16 -40.17 2.09 34.45
N ASN DA 17 -39.32 1.74 35.41
CA ASN DA 17 -38.54 2.74 36.14
C ASN DA 17 -37.38 3.30 35.33
N LEU DA 18 -36.71 2.49 34.51
CA LEU DA 18 -35.64 3.05 33.69
C LEU DA 18 -36.15 4.13 32.76
N ASN DA 19 -37.35 3.95 32.19
CA ASN DA 19 -37.91 5.01 31.36
C ASN DA 19 -38.14 6.31 32.15
N ALA DA 20 -38.69 6.20 33.36
CA ALA DA 20 -38.86 7.39 34.19
C ALA DA 20 -37.55 8.14 34.40
N VAL DA 21 -36.43 7.42 34.53
CA VAL DA 21 -35.12 8.06 34.56
C VAL DA 21 -34.74 8.65 33.21
N ARG DA 22 -35.05 7.98 32.09
CA ARG DA 22 -34.72 8.60 30.81
C ARG DA 22 -35.42 9.93 30.64
N GLU DA 23 -36.67 10.04 31.09
CA GLU DA 23 -37.43 11.28 31.02
C GLU DA 23 -37.02 12.33 32.04
N THR DA 24 -36.97 11.98 33.33
CA THR DA 24 -36.53 12.95 34.32
C THR DA 24 -35.15 13.51 33.99
N MET DA 25 -34.30 12.75 33.30
CA MET DA 25 -33.00 13.30 32.92
C MET DA 25 -33.08 14.31 31.78
N ASP DA 26 -33.95 14.13 30.79
CA ASP DA 26 -33.97 15.12 29.71
C ASP DA 26 -34.93 16.28 29.96
N VAL DA 27 -35.97 16.13 30.82
CA VAL DA 27 -36.66 17.31 31.34
C VAL DA 27 -35.66 18.25 31.97
N LEU DA 28 -34.77 17.71 32.81
CA LEU DA 28 -33.74 18.48 33.47
C LEU DA 28 -32.72 19.03 32.50
N LEU DA 29 -32.43 18.30 31.42
CA LEU DA 29 -31.60 18.85 30.37
C LEU DA 29 -32.22 20.07 29.73
N GLU DA 30 -33.56 20.19 29.75
CA GLU DA 30 -34.18 21.42 29.28
C GLU DA 30 -34.03 22.55 30.29
N ILE DA 31 -34.40 22.32 31.55
CA ILE DA 31 -34.30 23.36 32.56
C ILE DA 31 -32.88 23.91 32.61
N SER DA 32 -31.88 23.05 32.49
CA SER DA 32 -30.50 23.51 32.49
C SER DA 32 -30.07 24.25 31.23
N ARG DA 33 -30.72 24.09 30.08
CA ARG DA 33 -30.40 24.92 28.93
C ARG DA 33 -31.16 26.25 28.86
N ILE DA 34 -32.39 26.33 29.37
CA ILE DA 34 -33.04 27.64 29.46
C ILE DA 34 -32.26 28.56 30.38
N LEU DA 35 -31.59 28.01 31.40
CA LEU DA 35 -30.67 28.73 32.27
C LEU DA 35 -29.30 29.00 31.65
N ASN DA 36 -29.08 28.59 30.40
CA ASN DA 36 -27.84 28.86 29.66
C ASN DA 36 -26.56 28.38 30.39
N THR DA 37 -26.68 27.36 31.26
CA THR DA 37 -25.53 26.74 31.94
C THR DA 37 -24.66 25.94 30.96
N GLY DA 38 -23.39 25.71 31.33
CA GLY DA 38 -22.45 25.00 30.48
C GLY DA 38 -22.51 23.47 30.47
N LEU DA 39 -23.37 22.85 31.28
CA LEU DA 39 -23.31 21.42 31.56
C LEU DA 39 -23.67 20.56 30.33
N ASP DA 40 -22.84 19.55 30.01
CA ASP DA 40 -23.21 18.50 29.05
C ASP DA 40 -24.15 17.47 29.69
N MET DA 41 -24.70 16.57 28.86
CA MET DA 41 -25.64 15.57 29.36
C MET DA 41 -25.03 14.68 30.45
N GLU DA 42 -23.76 14.26 30.29
CA GLU DA 42 -23.16 13.37 31.27
C GLU DA 42 -22.96 14.06 32.61
N THR DA 43 -22.34 15.25 32.61
CA THR DA 43 -21.98 15.90 33.86
C THR DA 43 -23.21 16.16 34.70
N LEU DA 44 -24.30 16.59 34.07
CA LEU DA 44 -25.55 16.76 34.78
C LEU DA 44 -25.99 15.47 35.47
N SER DA 45 -25.77 14.32 34.84
CA SER DA 45 -26.12 13.04 35.44
C SER DA 45 -25.25 12.68 36.65
N ILE DA 46 -23.97 13.07 36.64
CA ILE DA 46 -23.15 12.95 37.86
C ILE DA 46 -23.72 13.83 38.96
N CYS DA 47 -24.03 15.07 38.63
CA CYS DA 47 -24.45 16.05 39.61
C CYS DA 47 -25.78 15.68 40.27
N VAL DA 48 -26.75 15.17 39.52
CA VAL DA 48 -27.97 14.73 40.18
C VAL DA 48 -27.79 13.41 40.93
N ARG DA 49 -26.88 12.54 40.48
CA ARG DA 49 -26.57 11.35 41.27
C ARG DA 49 -26.00 11.73 42.63
N LEU DA 50 -25.09 12.69 42.66
CA LEU DA 50 -24.65 13.25 43.93
C LEU DA 50 -25.83 13.77 44.73
N CYS DA 51 -26.57 14.73 44.18
CA CYS DA 51 -27.60 15.44 44.94
C CYS DA 51 -28.71 14.53 45.47
N GLU DA 52 -28.92 13.36 44.88
CA GLU DA 52 -29.94 12.45 45.41
C GLU DA 52 -29.48 11.70 46.65
N GLN DA 53 -28.17 11.62 46.91
CA GLN DA 53 -27.63 10.98 48.11
C GLN DA 53 -27.82 11.81 49.38
N GLY DA 54 -28.16 13.09 49.26
CA GLY DA 54 -27.93 14.08 50.30
C GLY DA 54 -26.51 14.63 50.20
N ILE DA 55 -26.44 15.90 49.85
CA ILE DA 55 -25.21 16.69 49.81
C ILE DA 55 -25.65 18.14 49.74
N ASN DA 56 -24.75 19.06 50.13
CA ASN DA 56 -25.12 20.48 50.21
C ASN DA 56 -24.76 21.18 48.89
N PRO DA 57 -25.73 21.69 48.12
CA PRO DA 57 -25.45 22.09 46.74
C PRO DA 57 -24.53 23.29 46.63
N GLU DA 58 -24.52 24.16 47.64
CA GLU DA 58 -23.62 25.31 47.68
C GLU DA 58 -22.18 24.89 47.51
N ALA DA 59 -21.81 23.76 48.11
CA ALA DA 59 -20.44 23.29 48.08
C ALA DA 59 -19.99 22.96 46.66
N LEU DA 60 -20.55 21.91 46.07
CA LEU DA 60 -20.13 21.53 44.72
C LEU DA 60 -20.46 22.57 43.66
N SER DA 61 -21.49 23.41 43.85
CA SER DA 61 -21.71 24.49 42.88
C SER DA 61 -20.55 25.48 42.88
N SER DA 62 -19.93 25.75 44.03
CA SER DA 62 -18.71 26.56 44.03
C SER DA 62 -17.53 25.84 43.41
N VAL DA 63 -17.37 24.54 43.71
CA VAL DA 63 -16.25 23.77 43.19
C VAL DA 63 -16.33 23.64 41.66
N ILE DA 64 -17.53 23.47 41.11
CA ILE DA 64 -17.66 23.33 39.66
C ILE DA 64 -17.12 24.57 38.95
N LYS DA 65 -17.39 25.76 39.49
CA LYS DA 65 -16.84 26.98 38.92
C LYS DA 65 -15.32 27.07 39.15
N GLU DA 66 -14.83 26.58 40.29
CA GLU DA 66 -13.39 26.61 40.53
C GLU DA 66 -12.63 25.68 39.59
N LEU DA 67 -13.09 24.44 39.45
CA LEU DA 67 -12.46 23.51 38.53
C LEU DA 67 -12.54 24.00 37.08
N ARG DA 68 -13.65 24.64 36.70
CA ARG DA 68 -13.74 25.29 35.39
C ARG DA 68 -12.68 26.40 35.26
N LYS DA 69 -12.52 27.21 36.29
CA LYS DA 69 -11.53 28.29 36.27
C LYS DA 69 -10.12 27.74 36.01
N ALA DA 70 -9.74 26.67 36.71
CA ALA DA 70 -8.47 26.01 36.46
C ALA DA 70 -8.38 25.50 35.02
N THR DA 71 -9.44 24.88 34.53
CA THR DA 71 -9.41 24.26 33.20
C THR DA 71 -9.22 25.31 32.10
N GLU DA 72 -9.96 26.41 32.18
CA GLU DA 72 -9.89 27.43 31.13
C GLU DA 72 -8.63 28.30 31.26
N ALA DA 73 -8.15 28.54 32.48
CA ALA DA 73 -7.00 29.41 32.69
C ALA DA 73 -5.70 28.82 32.15
N LEU DA 74 -5.63 27.49 31.95
CA LEU DA 74 -4.46 26.87 31.37
C LEU DA 74 -4.42 26.92 29.85
N LYS DA 75 -5.48 27.41 29.22
CA LYS DA 75 -5.58 27.43 27.77
C LYS DA 75 -4.92 28.67 27.19
N LYS EA 7 -22.99 3.11 43.84
CA LYS EA 7 -21.70 3.87 43.93
C LYS EA 7 -21.68 4.78 45.17
N SER EA 8 -20.52 5.41 45.43
CA SER EA 8 -20.30 6.19 46.64
C SER EA 8 -19.77 7.59 46.33
N PRO EA 9 -20.11 8.58 47.17
CA PRO EA 9 -19.85 9.99 46.81
C PRO EA 9 -18.42 10.30 46.40
N ASN EA 10 -17.44 9.68 47.03
CA ASN EA 10 -16.03 9.96 46.73
C ASN EA 10 -15.68 9.63 45.27
N VAL EA 11 -16.01 8.43 44.79
CA VAL EA 11 -15.71 8.11 43.39
C VAL EA 11 -16.56 8.92 42.42
N LEU EA 12 -17.82 9.23 42.78
CA LEU EA 12 -18.61 10.11 41.94
C LEU EA 12 -17.93 11.48 41.82
N LEU EA 13 -17.48 12.01 42.94
CA LEU EA 13 -16.79 13.30 42.92
C LEU EA 13 -15.50 13.22 42.11
N GLN EA 14 -14.77 12.10 42.16
CA GLN EA 14 -13.63 11.95 41.25
C GLN EA 14 -14.07 11.99 39.79
N ASN EA 15 -15.12 11.26 39.43
CA ASN EA 15 -15.58 11.29 38.05
C ASN EA 15 -15.99 12.69 37.63
N LEU EA 16 -16.61 13.45 38.54
CA LEU EA 16 -16.93 14.85 38.22
C LEU EA 16 -15.68 15.60 37.80
N CYS EA 17 -14.62 15.53 38.62
CA CYS EA 17 -13.37 16.20 38.27
C CYS EA 17 -12.90 15.81 36.88
N CYS EA 18 -12.91 14.51 36.59
CA CYS EA 18 -12.46 13.99 35.31
C CYS EA 18 -13.33 14.39 34.12
N ARG EA 19 -14.54 14.88 34.36
CA ARG EA 19 -15.35 15.43 33.27
C ARG EA 19 -15.13 16.92 33.03
N ILE EA 20 -15.07 17.74 34.07
CA ILE EA 20 -14.81 19.16 33.85
C ILE EA 20 -13.35 19.39 33.42
N LEU EA 21 -12.40 18.71 34.04
CA LEU EA 21 -11.01 18.74 33.57
C LEU EA 21 -10.86 17.88 32.32
N GLY EA 22 -10.05 18.35 31.37
CA GLY EA 22 -9.83 17.60 30.14
C GLY EA 22 -8.83 16.47 30.25
N ARG EA 23 -8.80 15.79 31.41
CA ARG EA 23 -7.65 14.96 31.78
C ARG EA 23 -8.03 13.70 32.55
N SER EA 24 -7.02 12.83 32.68
CA SER EA 24 -7.07 11.49 33.26
C SER EA 24 -6.92 11.50 34.79
N GLU EA 25 -7.31 10.35 35.38
CA GLU EA 25 -7.65 10.20 36.79
C GLU EA 25 -6.50 10.42 37.76
N ALA EA 26 -5.26 10.02 37.42
CA ALA EA 26 -4.19 10.11 38.40
C ALA EA 26 -3.60 11.51 38.48
N ASP EA 27 -3.72 12.28 37.41
CA ASP EA 27 -3.01 13.53 37.28
C ASP EA 27 -3.72 14.63 38.05
N VAL EA 28 -5.03 14.50 38.21
CA VAL EA 28 -5.92 15.53 38.76
C VAL EA 28 -6.12 15.37 40.27
N ALA EA 29 -5.26 14.58 40.92
CA ALA EA 29 -5.51 14.24 42.32
C ALA EA 29 -5.30 15.43 43.26
N GLN EA 30 -4.51 16.44 42.89
CA GLN EA 30 -4.48 17.66 43.70
C GLN EA 30 -5.80 18.40 43.62
N GLN EA 31 -6.44 18.40 42.46
CA GLN EA 31 -7.74 19.05 42.34
C GLN EA 31 -8.77 18.29 43.17
N PHE EA 32 -8.73 16.95 43.07
CA PHE EA 32 -9.58 16.09 43.89
C PHE EA 32 -9.27 16.29 45.37
N GLN EA 33 -8.00 16.54 45.71
CA GLN EA 33 -7.65 16.90 47.08
C GLN EA 33 -8.31 18.20 47.50
N TYR EA 34 -8.25 19.24 46.66
CA TYR EA 34 -8.97 20.47 46.94
C TYR EA 34 -10.47 20.23 47.08
N ALA EA 35 -11.06 19.49 46.15
CA ALA EA 35 -12.49 19.18 46.22
C ALA EA 35 -12.83 18.41 47.49
N VAL EA 36 -12.02 17.42 47.85
CA VAL EA 36 -12.23 16.70 49.11
C VAL EA 36 -12.18 17.65 50.30
N ARG EA 37 -11.25 18.60 50.32
CA ARG EA 37 -11.24 19.57 51.40
C ARG EA 37 -12.50 20.46 51.42
N VAL EA 38 -13.04 20.81 50.26
CA VAL EA 38 -14.19 21.75 50.20
C VAL EA 38 -15.55 21.06 50.36
N ILE EA 39 -15.85 19.96 49.65
CA ILE EA 39 -17.12 19.29 49.90
C ILE EA 39 -17.14 18.70 51.31
N GLY EA 40 -16.01 18.16 51.76
CA GLY EA 40 -15.93 17.70 53.13
C GLY EA 40 -16.21 18.81 54.12
N SER EA 41 -16.95 18.46 55.18
CA SER EA 41 -17.47 19.35 56.20
C SER EA 41 -18.68 20.15 55.74
N ASN EA 42 -18.67 20.68 54.51
CA ASN EA 42 -19.84 21.34 53.93
C ASN EA 42 -20.79 20.31 53.32
N PHE EA 43 -21.41 19.48 54.19
CA PHE EA 43 -22.12 18.29 53.70
C PHE EA 43 -23.54 18.15 54.22
N ALA EA 44 -23.79 18.40 55.51
CA ALA EA 44 -25.15 18.45 56.01
C ALA EA 44 -25.91 19.58 55.31
N PRO EA 45 -27.27 19.60 55.39
CA PRO EA 45 -28.01 20.75 54.85
C PRO EA 45 -27.78 22.03 55.65
N THR EA 46 -27.10 23.02 55.05
CA THR EA 46 -26.87 24.31 55.73
C THR EA 46 -28.16 25.11 55.91
N VAL EA 47 -29.06 25.06 54.92
CA VAL EA 47 -30.23 25.93 54.82
C VAL EA 47 -31.49 25.10 54.80
N GLU EA 48 -32.57 25.61 55.39
CA GLU EA 48 -33.80 24.85 55.39
C GLU EA 48 -34.33 24.80 53.97
N ARG EA 49 -34.62 23.60 53.47
CA ARG EA 49 -34.82 23.42 52.03
C ARG EA 49 -36.27 23.12 51.69
N ASP EA 50 -36.85 24.03 50.90
CA ASP EA 50 -38.15 23.93 50.28
C ASP EA 50 -38.09 24.70 48.98
N GLU EA 51 -39.14 24.53 48.18
CA GLU EA 51 -39.09 24.61 46.73
C GLU EA 51 -39.93 25.73 46.12
N PHE EA 52 -41.00 26.16 46.81
CA PHE EA 52 -41.70 27.37 46.38
C PHE EA 52 -40.72 28.52 46.22
N LEU EA 53 -39.72 28.61 47.09
CA LEU EA 53 -38.72 29.67 47.01
C LEU EA 53 -37.76 29.49 45.84
N VAL EA 54 -37.22 28.28 45.65
CA VAL EA 54 -36.18 28.12 44.64
C VAL EA 54 -36.77 28.15 43.25
N ALA EA 55 -38.07 27.90 43.12
CA ALA EA 55 -38.77 28.20 41.87
C ALA EA 55 -38.88 29.70 41.64
N GLU EA 56 -39.34 30.46 42.63
CA GLU EA 56 -39.40 31.90 42.44
C GLU EA 56 -38.04 32.51 42.13
N LYS EA 57 -37.01 32.15 42.88
CA LYS EA 57 -35.71 32.74 42.66
C LYS EA 57 -35.16 32.49 41.25
N ILE EA 58 -35.70 31.55 40.48
CA ILE EA 58 -35.33 31.41 39.06
C ILE EA 58 -36.31 32.12 38.11
N LYS EA 59 -37.63 32.04 38.31
CA LYS EA 59 -38.54 32.81 37.46
C LYS EA 59 -38.13 34.27 37.44
N LYS EA 60 -37.92 34.84 38.62
CA LYS EA 60 -37.46 36.22 38.76
C LYS EA 60 -36.24 36.52 37.90
N GLU EA 61 -35.27 35.61 37.83
CA GLU EA 61 -34.07 35.88 37.03
C GLU EA 61 -34.33 35.82 35.53
N LEU EA 62 -35.17 34.90 35.08
CA LEU EA 62 -35.53 34.85 33.66
C LEU EA 62 -36.34 36.09 33.25
N ILE EA 63 -37.31 36.47 34.06
CA ILE EA 63 -38.08 37.69 33.82
C ILE EA 63 -37.17 38.91 33.80
N ARG EA 64 -36.23 39.00 34.75
CA ARG EA 64 -35.27 40.10 34.73
C ARG EA 64 -34.53 40.20 33.40
N GLN EA 65 -34.14 39.06 32.82
CA GLN EA 65 -33.47 39.04 31.52
C GLN EA 65 -34.41 39.38 30.35
N ARG EA 66 -35.67 39.73 30.60
CA ARG EA 66 -36.75 39.93 29.63
C ARG EA 66 -37.13 38.67 28.84
N ARG EA 67 -36.63 37.51 29.24
CA ARG EA 67 -37.01 36.22 28.63
C ARG EA 67 -38.27 35.66 29.28
N GLU EA 68 -39.35 36.45 29.23
CA GLU EA 68 -40.53 36.17 30.02
C GLU EA 68 -41.25 34.90 29.61
N ALA EA 69 -41.08 34.42 28.38
CA ALA EA 69 -41.66 33.15 27.98
C ALA EA 69 -40.96 31.96 28.64
N ASP EA 70 -39.64 31.98 28.70
CA ASP EA 70 -38.93 30.92 29.42
C ASP EA 70 -39.36 30.86 30.87
N ALA EA 71 -39.70 32.00 31.47
CA ALA EA 71 -40.22 32.03 32.84
C ALA EA 71 -41.60 31.42 32.98
N ALA EA 72 -42.24 31.03 31.88
CA ALA EA 72 -43.46 30.25 31.92
C ALA EA 72 -43.26 28.85 31.40
N LEU EA 73 -42.27 28.66 30.52
CA LEU EA 73 -41.80 27.33 30.18
C LEU EA 73 -41.24 26.61 31.41
N PHE EA 74 -40.44 27.31 32.22
CA PHE EA 74 -39.97 26.69 33.46
C PHE EA 74 -41.13 26.17 34.30
N SER EA 75 -42.23 26.92 34.37
CA SER EA 75 -43.32 26.53 35.26
C SER EA 75 -43.95 25.20 34.88
N GLU EA 76 -43.83 24.78 33.63
CA GLU EA 76 -44.33 23.49 33.18
C GLU EA 76 -43.25 22.42 33.14
N LEU EA 77 -42.01 22.78 32.77
CA LEU EA 77 -40.92 21.83 32.95
C LEU EA 77 -40.83 21.38 34.39
N HIS EA 78 -40.96 22.30 35.32
CA HIS EA 78 -41.00 21.92 36.73
C HIS EA 78 -42.21 21.05 37.06
N ARG EA 79 -43.38 21.27 36.45
CA ARG EA 79 -44.49 20.33 36.65
C ARG EA 79 -44.13 18.94 36.13
N LYS EA 80 -43.52 18.82 34.96
CA LYS EA 80 -43.18 17.52 34.42
C LYS EA 80 -42.16 16.81 35.32
N LEU EA 81 -41.09 17.51 35.70
CA LEU EA 81 -40.07 16.97 36.61
C LEU EA 81 -40.66 16.46 37.92
N HIS EA 82 -41.76 17.03 38.35
CA HIS EA 82 -42.42 16.67 39.59
C HIS EA 82 -43.50 15.61 39.39
N SER EA 83 -43.95 15.40 38.15
CA SER EA 83 -45.01 14.42 37.86
C SER EA 83 -44.53 12.98 38.00
N GLN EA 84 -43.26 12.71 37.68
CA GLN EA 84 -42.75 11.37 37.46
C GLN EA 84 -42.38 10.59 38.72
N GLY EA 85 -42.24 11.24 39.88
CA GLY EA 85 -42.03 10.56 41.15
C GLY EA 85 -40.67 9.93 41.37
N VAL EA 86 -39.69 10.15 40.50
CA VAL EA 86 -38.33 9.64 40.67
C VAL EA 86 -37.53 10.47 41.67
N LEU EA 87 -37.28 11.74 41.33
CA LEU EA 87 -36.36 12.59 42.08
C LEU EA 87 -36.97 12.98 43.42
N LYS EA 88 -36.38 12.49 44.52
CA LYS EA 88 -36.88 12.84 45.84
C LYS EA 88 -36.20 14.08 46.43
N ASN EA 89 -34.97 14.39 46.04
CA ASN EA 89 -34.32 15.66 46.39
C ASN EA 89 -34.22 16.56 45.16
N LYS EA 90 -35.37 17.13 44.78
CA LYS EA 90 -35.45 18.07 43.67
C LYS EA 90 -34.70 19.36 43.99
N TRP EA 91 -34.88 19.87 45.20
CA TRP EA 91 -34.36 21.17 45.59
C TRP EA 91 -32.90 21.34 45.22
N SER EA 92 -32.07 20.37 45.59
CA SER EA 92 -30.63 20.52 45.39
C SER EA 92 -30.27 20.73 43.94
N ILE EA 93 -30.88 19.97 43.03
CA ILE EA 93 -30.48 20.07 41.64
C ILE EA 93 -31.08 21.30 40.96
N LEU EA 94 -32.22 21.82 41.43
CA LEU EA 94 -32.66 23.15 41.01
C LEU EA 94 -31.69 24.21 41.52
N TYR EA 95 -31.38 24.16 42.82
CA TYR EA 95 -30.48 25.13 43.44
C TYR EA 95 -29.14 25.15 42.74
N LEU EA 96 -28.60 23.96 42.46
CA LEU EA 96 -27.33 23.85 41.76
C LEU EA 96 -27.39 24.51 40.38
N LEU EA 97 -28.44 24.23 39.61
CA LEU EA 97 -28.55 24.82 38.28
C LEU EA 97 -28.76 26.32 38.34
N LEU EA 98 -29.58 26.77 39.28
CA LEU EA 98 -29.73 28.20 39.53
C LEU EA 98 -28.37 28.85 39.80
N SER EA 99 -27.62 28.29 40.74
CA SER EA 99 -26.32 28.85 41.12
C SER EA 99 -25.32 28.87 39.97
N LEU EA 100 -25.44 27.94 39.02
CA LEU EA 100 -24.59 27.88 37.83
C LEU EA 100 -25.07 28.77 36.67
N SER EA 101 -26.26 29.34 36.74
CA SER EA 101 -26.87 30.05 35.61
C SER EA 101 -26.06 31.27 35.16
N GLU EA 102 -26.23 31.64 33.87
CA GLU EA 102 -25.54 32.78 33.27
C GLU EA 102 -26.48 33.57 32.36
N ASP EA 103 -26.44 34.91 32.47
CA ASP EA 103 -27.20 35.82 31.60
C ASP EA 103 -26.65 35.83 30.18
N PRO EA 104 -27.41 35.38 29.17
CA PRO EA 104 -26.91 35.41 27.79
C PRO EA 104 -26.84 36.81 27.17
N ARG EA 105 -27.38 37.83 27.83
CA ARG EA 105 -27.18 39.24 27.48
C ARG EA 105 -27.44 39.50 26.00
N SER EA 113 -27.83 44.12 42.20
CA SER EA 113 -26.84 43.51 43.09
C SER EA 113 -27.27 43.54 44.57
N TYR EA 114 -28.48 44.07 44.83
CA TYR EA 114 -28.94 44.26 46.21
C TYR EA 114 -29.02 42.95 46.97
N ALA EA 115 -29.69 41.95 46.38
CA ALA EA 115 -29.66 40.54 46.78
C ALA EA 115 -30.03 40.19 48.23
N THR EA 116 -30.35 41.18 49.07
CA THR EA 116 -30.42 41.00 50.51
C THR EA 116 -31.74 41.50 51.08
N LEU EA 117 -32.44 42.36 50.33
CA LEU EA 117 -33.74 42.89 50.66
C LEU EA 117 -34.86 41.87 50.44
N PHE EA 118 -34.59 40.90 49.57
CA PHE EA 118 -35.55 39.95 49.06
C PHE EA 118 -35.74 38.77 50.01
N ALA EA 119 -36.73 37.93 49.69
CA ALA EA 119 -36.90 36.66 50.39
C ALA EA 119 -35.69 35.76 50.16
N GLN EA 120 -35.27 35.05 51.21
CA GLN EA 120 -34.11 34.18 51.20
C GLN EA 120 -34.46 32.87 51.93
N ALA EA 121 -33.56 31.89 51.82
CA ALA EA 121 -33.76 30.61 52.50
C ALA EA 121 -33.66 30.77 54.03
N LEU EA 122 -34.59 30.18 54.77
CA LEU EA 122 -34.58 30.27 56.22
C LEU EA 122 -33.42 29.44 56.80
N PRO EA 123 -32.80 29.88 57.93
CA PRO EA 123 -31.40 29.53 58.15
C PRO EA 123 -31.10 28.16 58.80
N ARG EA 124 -32.09 27.39 59.26
CA ARG EA 124 -31.95 26.06 59.88
C ARG EA 124 -31.17 25.99 61.19
N ASP EA 125 -30.19 26.88 61.40
CA ASP EA 125 -29.50 26.98 62.69
C ASP EA 125 -30.45 27.14 63.87
N ALA EA 126 -31.66 27.65 63.62
CA ALA EA 126 -32.73 27.77 64.60
C ALA EA 126 -33.28 26.47 65.20
N HIS EA 127 -32.75 25.32 64.78
CA HIS EA 127 -33.16 24.01 65.25
C HIS EA 127 -31.94 23.15 65.60
N SER EA 128 -32.14 22.13 66.44
CA SER EA 128 -31.04 21.32 66.94
C SER EA 128 -31.36 19.82 66.88
N THR EA 129 -30.30 19.01 66.82
CA THR EA 129 -30.39 17.60 66.46
C THR EA 129 -29.42 16.74 67.28
N ASN FA 17 22.70 7.81 56.74
CA ASN FA 17 21.57 7.17 55.99
C ASN FA 17 20.54 6.56 56.96
N LEU FA 18 20.95 5.57 57.76
CA LEU FA 18 20.01 4.59 58.32
C LEU FA 18 18.86 5.19 59.13
N ASN FA 19 19.05 6.30 59.86
CA ASN FA 19 17.94 6.75 60.70
C ASN FA 19 16.75 7.23 59.87
N ALA FA 20 16.97 7.57 58.59
CA ALA FA 20 15.87 7.83 57.69
C ALA FA 20 14.92 6.63 57.58
N VAL FA 21 15.43 5.42 57.78
CA VAL FA 21 14.57 4.23 57.71
C VAL FA 21 13.75 4.10 59.00
N ARG FA 22 14.33 4.42 60.17
CA ARG FA 22 13.53 4.41 61.40
C ARG FA 22 12.39 5.43 61.35
N GLU FA 23 12.68 6.69 60.97
CA GLU FA 23 11.60 7.66 60.87
C GLU FA 23 10.62 7.31 59.76
N THR FA 24 11.08 6.72 58.65
CA THR FA 24 10.16 6.10 57.71
C THR FA 24 9.21 5.14 58.44
N MET FA 25 9.75 4.28 59.31
CA MET FA 25 8.88 3.41 60.10
C MET FA 25 8.05 4.16 61.15
N ASP FA 26 8.30 5.45 61.39
CA ASP FA 26 7.37 6.22 62.22
C ASP FA 26 6.21 6.78 61.40
N VAL FA 27 6.50 7.30 60.21
CA VAL FA 27 5.43 7.62 59.26
C VAL FA 27 4.58 6.38 59.04
N LEU FA 28 5.19 5.34 58.49
CA LEU FA 28 4.47 4.09 58.25
C LEU FA 28 3.96 3.41 59.52
N LEU FA 29 4.27 3.91 60.72
CA LEU FA 29 3.44 3.51 61.87
C LEU FA 29 2.19 4.39 61.90
N GLU FA 30 2.38 5.68 62.12
CA GLU FA 30 1.24 6.50 62.53
C GLU FA 30 0.14 6.47 61.48
N ILE FA 31 0.49 6.42 60.19
CA ILE FA 31 -0.56 6.34 59.19
C ILE FA 31 -1.29 5.00 59.28
N SER FA 32 -0.58 3.91 59.56
CA SER FA 32 -1.27 2.65 59.79
C SER FA 32 -2.11 2.69 61.06
N ARG FA 33 -1.79 3.59 61.99
CA ARG FA 33 -2.57 3.76 63.21
C ARG FA 33 -3.89 4.49 62.93
N ILE FA 34 -3.83 5.59 62.16
CA ILE FA 34 -5.06 6.31 61.83
C ILE FA 34 -5.89 5.58 60.77
N LEU FA 35 -5.24 4.88 59.81
CA LEU FA 35 -6.01 3.96 58.96
C LEU FA 35 -6.57 2.73 59.75
N ASN FA 36 -6.40 2.72 61.08
CA ASN FA 36 -6.99 1.74 61.99
C ASN FA 36 -6.72 0.30 61.53
N THR FA 37 -5.54 0.05 60.97
CA THR FA 37 -5.15 -1.31 60.67
C THR FA 37 -4.89 -2.05 61.98
N GLY FA 38 -4.95 -3.38 61.94
CA GLY FA 38 -4.69 -4.16 63.13
C GLY FA 38 -3.23 -4.33 63.51
N LEU FA 39 -2.32 -3.79 62.69
CA LEU FA 39 -0.90 -4.07 62.66
C LEU FA 39 -0.13 -3.58 63.91
N ASP FA 40 1.12 -4.02 63.99
CA ASP FA 40 2.07 -3.83 65.08
C ASP FA 40 3.45 -3.66 64.47
N MET FA 41 4.41 -3.14 65.27
CA MET FA 41 5.63 -2.63 64.66
C MET FA 41 6.48 -3.76 64.08
N GLU FA 42 6.39 -5.00 64.60
CA GLU FA 42 7.11 -6.10 63.97
C GLU FA 42 6.57 -6.35 62.56
N THR FA 43 5.26 -6.47 62.37
CA THR FA 43 4.69 -6.90 61.08
C THR FA 43 4.90 -5.80 60.07
N LEU FA 44 4.79 -4.53 60.49
CA LEU FA 44 5.06 -3.41 59.61
C LEU FA 44 6.49 -3.46 59.08
N SER FA 45 7.45 -3.65 59.99
CA SER FA 45 8.87 -3.65 59.63
C SER FA 45 9.20 -4.69 58.56
N ILE FA 46 8.53 -5.83 58.60
CA ILE FA 46 8.81 -6.89 57.64
C ILE FA 46 8.01 -6.67 56.37
N CYS FA 47 6.75 -6.20 56.46
CA CYS FA 47 5.91 -5.97 55.27
C CYS FA 47 6.54 -4.98 54.28
N VAL FA 48 7.20 -3.90 54.75
CA VAL FA 48 7.97 -3.02 53.84
C VAL FA 48 9.14 -3.75 53.17
N ARG FA 49 9.87 -4.63 53.89
CA ARG FA 49 10.96 -5.43 53.32
C ARG FA 49 10.48 -6.46 52.30
N LEU FA 50 9.27 -7.00 52.43
CA LEU FA 50 8.62 -7.80 51.38
C LEU FA 50 8.26 -6.94 50.16
N CYS FA 51 7.67 -5.76 50.36
CA CYS FA 51 7.34 -4.84 49.26
C CYS FA 51 8.58 -4.40 48.46
N GLU FA 52 9.74 -4.25 49.11
CA GLU FA 52 11.02 -3.97 48.44
C GLU FA 52 11.49 -5.10 47.50
N GLN FA 53 11.03 -6.34 47.67
CA GLN FA 53 11.29 -7.45 46.73
C GLN FA 53 10.31 -7.48 45.54
N GLY FA 54 9.30 -6.61 45.52
CA GLY FA 54 8.27 -6.55 44.48
C GLY FA 54 7.05 -7.48 44.70
N ILE FA 55 6.92 -8.12 45.87
CA ILE FA 55 5.79 -9.02 46.16
C ILE FA 55 4.46 -8.25 46.15
N ASN FA 56 3.39 -8.85 45.61
CA ASN FA 56 2.11 -8.19 45.43
C ASN FA 56 1.43 -7.80 46.77
N PRO FA 57 1.02 -6.53 46.97
CA PRO FA 57 0.51 -6.06 48.26
C PRO FA 57 -0.91 -6.56 48.56
N GLU FA 58 -1.76 -6.73 47.56
CA GLU FA 58 -3.09 -7.32 47.75
C GLU FA 58 -2.98 -8.80 48.14
N ALA FA 59 -2.03 -9.53 47.55
CA ALA FA 59 -1.73 -10.90 47.95
C ALA FA 59 -1.25 -10.99 49.42
N LEU FA 60 -0.35 -10.10 49.87
CA LEU FA 60 0.00 -9.99 51.30
C LEU FA 60 -1.23 -9.71 52.16
N SER FA 61 -2.10 -8.79 51.75
CA SER FA 61 -3.34 -8.51 52.49
C SER FA 61 -4.24 -9.76 52.64
N SER FA 62 -4.26 -10.63 51.62
CA SER FA 62 -5.04 -11.87 51.64
C SER FA 62 -4.51 -12.90 52.65
N VAL FA 63 -3.19 -13.02 52.84
CA VAL FA 63 -2.65 -13.92 53.89
C VAL FA 63 -2.89 -13.33 55.28
N ILE FA 64 -2.67 -12.02 55.45
CA ILE FA 64 -2.76 -11.36 56.76
C ILE FA 64 -4.19 -11.42 57.34
N LYS FA 65 -5.23 -11.18 56.51
CA LYS FA 65 -6.63 -11.22 56.97
C LYS FA 65 -7.09 -12.63 57.38
N GLU FA 66 -6.63 -13.68 56.70
CA GLU FA 66 -6.98 -15.08 57.02
C GLU FA 66 -6.18 -15.64 58.20
N LEU FA 67 -4.91 -15.25 58.36
CA LEU FA 67 -4.08 -15.71 59.48
C LEU FA 67 -4.59 -15.23 60.85
N ARG FA 68 -5.16 -14.02 60.97
CA ARG FA 68 -5.80 -13.60 62.24
C ARG FA 68 -7.07 -14.39 62.58
N LYS FA 69 -7.83 -14.87 61.59
CA LYS FA 69 -8.94 -15.83 61.82
C LYS FA 69 -8.43 -17.16 62.37
N ALA FA 70 -7.40 -17.77 61.78
CA ALA FA 70 -6.86 -19.01 62.32
C ALA FA 70 -6.27 -18.79 63.72
N THR FA 71 -5.62 -17.64 63.94
CA THR FA 71 -5.01 -17.35 65.24
C THR FA 71 -6.03 -17.42 66.37
N GLU FA 72 -7.24 -16.91 66.13
CA GLU FA 72 -8.32 -17.06 67.10
C GLU FA 72 -8.84 -18.50 67.12
N ALA FA 73 -9.01 -19.11 65.95
CA ALA FA 73 -9.59 -20.44 65.85
C ALA FA 73 -8.82 -21.49 66.65
N LEU FA 74 -7.55 -21.22 66.99
CA LEU FA 74 -6.73 -22.10 67.81
C LEU FA 74 -7.12 -22.10 69.29
N LYS FA 75 -8.19 -21.39 69.67
CA LYS FA 75 -8.67 -21.35 71.05
C LYS FA 75 -10.08 -21.92 71.12
N SER GA 3 16.48 -10.86 51.93
CA SER GA 3 15.87 -12.17 52.26
C SER GA 3 14.48 -12.32 51.62
N ILE GA 4 13.96 -13.55 51.49
CA ILE GA 4 12.66 -13.86 50.85
C ILE GA 4 11.84 -14.87 51.67
N THR GA 5 12.19 -16.17 51.73
CA THR GA 5 11.27 -17.15 52.34
C THR GA 5 11.16 -16.98 53.86
N GLN GA 6 12.23 -16.47 54.48
CA GLN GA 6 12.35 -16.31 55.93
C GLN GA 6 11.40 -15.24 56.47
N LEU GA 7 11.00 -14.29 55.62
CA LEU GA 7 10.07 -13.22 56.00
C LEU GA 7 8.65 -13.76 56.19
N PHE GA 8 8.23 -14.72 55.34
CA PHE GA 8 6.98 -15.44 55.55
C PHE GA 8 7.05 -16.36 56.78
N ASP GA 9 8.23 -16.93 57.09
CA ASP GA 9 8.43 -17.76 58.26
C ASP GA 9 8.12 -17.01 59.55
N ASP GA 10 8.84 -15.92 59.83
CA ASP GA 10 8.67 -15.27 61.13
C ASP GA 10 7.41 -14.41 61.18
N LEU GA 11 6.91 -13.87 60.04
CA LEU GA 11 5.58 -13.22 60.05
C LEU GA 11 4.53 -14.19 60.57
N CYS GA 12 4.64 -15.48 60.21
CA CYS GA 12 3.72 -16.46 60.76
C CYS GA 12 3.91 -16.60 62.27
N GLU GA 13 5.15 -16.47 62.76
CA GLU GA 13 5.40 -16.50 64.20
C GLU GA 13 4.88 -15.26 64.90
N ALA GA 14 4.91 -14.12 64.22
CA ALA GA 14 4.36 -12.90 64.82
C ALA GA 14 2.85 -13.00 64.94
N LEU GA 15 2.19 -13.60 63.95
CA LEU GA 15 0.76 -13.78 63.93
C LEU GA 15 0.30 -14.87 64.92
N LEU GA 16 1.02 -16.00 65.04
CA LEU GA 16 0.81 -17.00 66.09
C LEU GA 16 0.81 -16.34 67.48
N PRO GA 17 -0.10 -16.73 68.38
CA PRO GA 17 -0.22 -16.02 69.65
C PRO GA 17 0.86 -16.42 70.65
N ALA GA 18 1.09 -15.53 71.62
CA ALA GA 18 1.91 -15.85 72.79
C ALA GA 18 1.34 -17.03 73.56
N ALA GA 19 2.22 -17.81 74.18
CA ALA GA 19 1.84 -19.03 74.88
C ALA GA 19 0.99 -18.74 76.10
N ASN GA 29 -0.58 -25.33 70.55
CA ASN GA 29 0.37 -26.17 71.27
C ASN GA 29 1.83 -25.80 70.94
N ARG GA 30 2.01 -24.65 70.28
CA ARG GA 30 3.32 -24.07 69.95
C ARG GA 30 4.25 -25.07 69.26
N LYS GA 31 3.69 -25.95 68.44
CA LYS GA 31 4.46 -26.93 67.67
C LYS GA 31 4.07 -26.92 66.18
N ARG GA 32 3.26 -27.88 65.71
CA ARG GA 32 3.05 -28.02 64.26
C ARG GA 32 2.00 -27.06 63.69
N ALA GA 33 1.22 -26.37 64.53
CA ALA GA 33 0.34 -25.32 64.02
C ALA GA 33 1.12 -24.29 63.22
N LYS GA 34 2.37 -24.04 63.63
CA LYS GA 34 3.27 -23.14 62.91
C LYS GA 34 3.49 -23.57 61.46
N ARG GA 35 3.38 -24.87 61.15
CA ARG GA 35 3.34 -25.30 59.75
C ARG GA 35 1.95 -25.13 59.14
N SER GA 36 0.89 -25.49 59.89
CA SER GA 36 -0.47 -25.33 59.38
C SER GA 36 -0.72 -23.91 58.92
N LEU GA 37 -0.39 -22.93 59.77
CA LEU GA 37 -0.58 -21.53 59.42
C LEU GA 37 0.22 -21.15 58.18
N LYS GA 38 1.47 -21.61 58.08
CA LYS GA 38 2.25 -21.40 56.85
C LYS GA 38 1.54 -21.96 55.62
N LYS GA 39 0.90 -23.12 55.73
CA LYS GA 39 0.16 -23.64 54.59
C LYS GA 39 -1.04 -22.74 54.25
N VAL GA 40 -1.77 -22.25 55.25
CA VAL GA 40 -2.85 -21.25 55.06
C VAL GA 40 -2.33 -20.00 54.34
N ALA GA 41 -1.16 -19.49 54.74
CA ALA GA 41 -0.51 -18.36 54.06
C ALA GA 41 -0.18 -18.67 52.59
N TYR GA 42 0.48 -19.82 52.36
CA TYR GA 42 0.83 -20.22 50.97
C TYR GA 42 -0.44 -20.43 50.14
N ASN GA 43 -1.42 -21.17 50.68
CA ASN GA 43 -2.67 -21.37 49.95
C ASN GA 43 -3.24 -20.03 49.48
N ALA GA 44 -3.46 -19.10 50.42
CA ALA GA 44 -4.05 -17.80 50.13
C ALA GA 44 -3.23 -17.03 49.09
N LEU GA 45 -1.91 -16.96 49.30
CA LEU GA 45 -0.95 -16.35 48.38
C LEU GA 45 -1.08 -16.89 46.94
N PHE GA 46 -1.06 -18.22 46.74
CA PHE GA 46 -1.00 -18.74 45.38
C PHE GA 46 -2.36 -19.03 44.74
N THR GA 47 -3.43 -19.18 45.52
CA THR GA 47 -4.77 -19.20 44.93
C THR GA 47 -5.15 -17.81 44.43
N ASN GA 48 -4.54 -16.74 44.97
CA ASN GA 48 -4.79 -15.36 44.55
C ASN GA 48 -3.89 -14.93 43.38
N LEU GA 49 -2.57 -15.20 43.45
CA LEU GA 49 -1.60 -14.72 42.46
C LEU GA 49 -1.88 -15.17 41.01
N PHE GA 50 -2.46 -16.35 40.79
CA PHE GA 50 -2.64 -16.85 39.42
C PHE GA 50 -3.90 -16.31 38.72
N GLN GA 51 -4.81 -15.65 39.44
CA GLN GA 51 -6.07 -15.21 38.85
C GLN GA 51 -5.89 -13.99 37.96
N LEU GA 64 -5.10 3.83 39.22
CA LEU GA 64 -5.64 4.14 40.55
C LEU GA 64 -4.53 4.08 41.62
N PRO GA 65 -3.58 5.02 41.56
CA PRO GA 65 -2.45 5.03 42.49
C PRO GA 65 -2.80 5.39 43.93
N ALA GA 66 -1.77 5.27 44.79
CA ALA GA 66 -1.95 5.25 46.24
C ALA GA 66 -2.50 6.58 46.75
N ARG GA 67 -2.08 7.69 46.14
CA ARG GA 67 -2.54 9.00 46.59
C ARG GA 67 -4.05 9.10 46.42
N ASN GA 68 -4.57 8.66 45.27
CA ASN GA 68 -6.01 8.66 45.08
C ASN GA 68 -6.69 7.74 46.09
N LYS GA 69 -6.11 6.54 46.30
CA LYS GA 69 -6.70 5.59 47.24
C LYS GA 69 -6.93 6.23 48.60
N ILE GA 70 -5.92 6.91 49.13
CA ILE GA 70 -6.03 7.45 50.49
C ILE GA 70 -7.00 8.61 50.54
N LEU GA 71 -7.12 9.38 49.46
CA LEU GA 71 -8.13 10.43 49.46
C LEU GA 71 -9.53 9.84 49.61
N MET GA 72 -9.81 8.68 49.01
CA MET GA 72 -11.09 8.04 49.22
C MET GA 72 -11.36 7.80 50.71
N LEU GA 73 -10.32 7.44 51.46
CA LEU GA 73 -10.45 7.25 52.90
C LEU GA 73 -10.37 8.56 53.65
N SER GA 74 -9.59 9.51 53.13
CA SER GA 74 -9.58 10.87 53.69
C SER GA 74 -11.01 11.39 53.77
N PHE GA 75 -11.75 11.30 52.66
CA PHE GA 75 -13.09 11.85 52.59
C PHE GA 75 -14.06 11.22 53.60
N ASP GA 76 -14.25 9.90 53.56
CA ASP GA 76 -15.28 9.35 54.43
C ASP GA 76 -14.89 9.36 55.90
N LEU GA 77 -13.63 9.67 56.22
CA LEU GA 77 -13.31 10.13 57.57
C LEU GA 77 -13.92 11.50 57.80
N ARG GA 78 -13.57 12.44 56.92
CA ARG GA 78 -13.89 13.85 57.06
C ARG GA 78 -15.40 14.11 57.13
N VAL GA 79 -16.25 13.18 56.67
CA VAL GA 79 -17.69 13.35 56.81
C VAL GA 79 -18.25 12.86 58.14
N GLY GA 80 -17.53 12.00 58.86
CA GLY GA 80 -18.07 11.36 60.04
C GLY GA 80 -17.91 12.15 61.32
N GLY GA 81 -17.22 13.29 61.23
CA GLY GA 81 -16.54 13.94 62.33
C GLY GA 81 -15.05 14.07 62.05
N LEU GA 82 -14.26 14.12 63.12
CA LEU GA 82 -12.83 13.81 63.07
C LEU GA 82 -12.11 14.34 61.83
N GLY GA 83 -12.36 15.61 61.48
CA GLY GA 83 -11.74 16.26 60.35
C GLY GA 83 -10.23 16.51 60.45
N PRO GA 84 -9.73 16.91 61.62
CA PRO GA 84 -8.28 17.19 61.70
C PRO GA 84 -7.43 15.93 61.63
N LYS GA 85 -7.97 14.79 62.09
CA LYS GA 85 -7.32 13.51 61.89
C LYS GA 85 -7.17 13.22 60.39
N ALA GA 86 -8.26 13.46 59.64
CA ALA GA 86 -8.23 13.28 58.19
C ALA GA 86 -7.22 14.21 57.55
N ASP GA 87 -7.13 15.44 58.06
CA ASP GA 87 -6.10 16.36 57.62
C ASP GA 87 -4.72 15.83 57.94
N ARG GA 88 -4.56 15.28 59.15
CA ARG GA 88 -3.26 14.73 59.52
C ARG GA 88 -2.85 13.63 58.53
N LEU GA 89 -3.79 12.75 58.18
CA LEU GA 89 -3.47 11.65 57.28
C LEU GA 89 -2.82 12.12 56.00
N GLU GA 90 -3.46 13.04 55.29
CA GLU GA 90 -2.91 13.51 54.03
C GLU GA 90 -1.62 14.32 54.18
N GLU GA 91 -1.48 15.13 55.24
CA GLU GA 91 -0.21 15.85 55.40
C GLU GA 91 0.90 14.92 55.86
N LEU GA 92 0.57 13.91 56.67
CA LEU GA 92 1.56 12.94 57.12
C LEU GA 92 2.02 12.01 56.00
N VAL GA 93 1.47 12.10 54.79
CA VAL GA 93 1.97 11.29 53.67
C VAL GA 93 2.14 12.08 52.37
N GLU GA 94 1.96 13.41 52.39
CA GLU GA 94 2.53 14.12 51.25
C GLU GA 94 4.06 14.12 51.36
N GLU GA 95 4.57 13.74 52.52
CA GLU GA 95 5.98 13.78 52.83
C GLU GA 95 6.80 12.65 52.22
N LEU GA 96 6.18 11.60 51.67
CA LEU GA 96 6.90 10.48 51.08
C LEU GA 96 7.25 10.70 49.60
N GLU GA 97 7.34 11.95 49.13
CA GLU GA 97 7.77 12.15 47.74
C GLU GA 97 9.27 11.91 47.56
N ALA GA 98 10.03 11.88 48.66
CA ALA GA 98 11.47 11.66 48.59
C ALA GA 98 11.91 10.71 49.70
N VAL GA 107 7.15 4.10 47.87
CA VAL GA 107 6.44 3.31 48.89
C VAL GA 107 4.97 3.04 48.52
N GLY GA 108 4.59 3.22 47.24
CA GLY GA 108 3.23 3.05 46.77
C GLY GA 108 2.65 1.69 47.10
N SER GA 109 3.44 0.63 46.89
CA SER GA 109 3.05 -0.75 47.23
C SER GA 109 2.88 -0.97 48.75
N VAL GA 110 3.68 -0.29 49.57
CA VAL GA 110 3.56 -0.32 51.04
C VAL GA 110 2.25 0.32 51.49
N LEU GA 111 1.82 1.42 50.85
CA LEU GA 111 0.59 2.10 51.24
C LEU GA 111 -0.61 1.22 50.91
N ASP GA 112 -0.56 0.53 49.76
CA ASP GA 112 -1.58 -0.43 49.30
C ASP GA 112 -1.87 -1.56 50.32
N LEU GA 113 -0.92 -1.91 51.20
CA LEU GA 113 -1.21 -2.79 52.36
C LEU GA 113 -2.22 -2.13 53.30
N LEU GA 114 -1.96 -0.88 53.73
CA LEU GA 114 -2.69 -0.28 54.82
C LEU GA 114 -4.12 0.03 54.39
N VAL GA 115 -4.29 0.48 53.15
CA VAL GA 115 -5.64 0.79 52.70
C VAL GA 115 -6.46 -0.50 52.56
N GLN GA 116 -5.92 -1.56 51.97
CA GLN GA 116 -6.68 -2.81 51.74
C GLN GA 116 -6.93 -3.57 53.04
N LEU GA 117 -6.11 -3.34 54.07
CA LEU GA 117 -6.33 -3.77 55.44
C LEU GA 117 -7.00 -2.70 56.34
N ALA GA 118 -7.52 -1.57 55.85
CA ALA GA 118 -7.84 -0.45 56.73
C ALA GA 118 -8.95 -0.77 57.74
N GLY GA 119 -9.95 -1.55 57.36
CA GLY GA 119 -11.06 -1.74 58.28
C GLY GA 119 -10.75 -2.58 59.50
N SER GA 120 -9.62 -3.30 59.49
CA SER GA 120 -9.44 -4.52 60.26
C SER GA 120 -9.27 -4.31 61.77
N GLY GA 121 -8.83 -3.13 62.21
CA GLY GA 121 -8.26 -3.00 63.54
C GLY GA 121 -9.17 -3.41 64.69
N PRO GA 122 -8.63 -3.38 65.91
CA PRO GA 122 -9.44 -3.70 67.11
C PRO GA 122 -10.42 -2.59 67.46
N PRO GA 123 -11.71 -2.94 67.73
CA PRO GA 123 -12.69 -1.94 68.16
C PRO GA 123 -12.42 -1.38 69.55
N ARG GA 130 -7.85 14.37 77.78
CA ARG GA 130 -8.25 15.09 76.59
C ARG GA 130 -7.74 16.53 76.55
N ASP GA 131 -7.91 17.16 75.38
CA ASP GA 131 -7.38 18.48 75.10
C ASP GA 131 -8.26 19.56 75.74
N TYR GA 132 -7.64 20.70 76.07
CA TYR GA 132 -8.32 21.86 76.64
C TYR GA 132 -8.34 23.05 75.71
N PHE GA 133 -7.37 23.12 74.81
CA PHE GA 133 -7.25 24.18 73.81
C PHE GA 133 -8.11 23.93 72.58
N LEU GA 134 -8.99 22.93 72.65
CA LEU GA 134 -9.59 22.33 71.45
C LEU GA 134 -10.57 23.27 70.74
N ASN GA 135 -11.68 23.57 71.41
CA ASN GA 135 -12.82 24.29 70.83
C ASN GA 135 -13.34 25.23 71.92
N ASN GA 136 -12.47 26.16 72.31
CA ASN GA 136 -12.58 26.91 73.56
C ASN GA 136 -12.29 28.38 73.23
N LYS GA 137 -13.33 29.22 73.22
CA LYS GA 137 -13.21 30.63 72.82
C LYS GA 137 -12.57 31.53 73.87
N HIS GA 138 -12.51 31.10 75.14
CA HIS GA 138 -12.05 31.96 76.23
C HIS GA 138 -10.53 32.11 76.30
N VAL GA 139 -9.75 31.47 75.41
CA VAL GA 139 -8.29 31.42 75.47
C VAL GA 139 -7.73 31.55 74.07
N GLY GA 140 -6.40 31.72 73.98
CA GLY GA 140 -5.74 32.18 72.77
C GLY GA 140 -5.75 33.69 72.64
N ARG GA 141 -5.10 34.20 71.58
CA ARG GA 141 -4.95 35.64 71.46
C ARG GA 141 -6.08 36.32 70.68
N ASN GA 142 -5.91 36.56 69.37
CA ASN GA 142 -6.87 37.30 68.55
C ASN GA 142 -8.04 36.43 68.06
N VAL GA 143 -8.84 35.89 68.97
CA VAL GA 143 -10.04 35.13 68.55
C VAL GA 143 -11.07 36.05 67.89
N PRO GA 144 -11.55 35.72 66.69
CA PRO GA 144 -12.54 36.57 66.00
C PRO GA 144 -13.96 36.41 66.54
N TYR GA 145 -14.82 37.37 66.20
CA TYR GA 145 -16.24 37.29 66.57
C TYR GA 145 -16.91 36.05 65.98
N SER GA 146 -17.82 35.42 66.77
CA SER GA 146 -18.59 34.29 66.25
C SER GA 146 -20.03 34.16 66.74
N GLY GA 147 -20.30 34.40 68.02
CA GLY GA 147 -21.62 34.11 68.57
C GLY GA 147 -21.94 32.63 68.63
N TYR GA 148 -23.02 32.27 69.34
CA TYR GA 148 -23.14 30.95 69.96
C TYR GA 148 -23.09 29.81 68.95
N ASP GA 149 -22.23 28.83 69.22
CA ASP GA 149 -22.17 27.62 68.40
C ASP GA 149 -23.27 26.63 68.79
N CYS GA 150 -23.36 26.31 70.08
CA CYS GA 150 -24.28 25.35 70.67
C CYS GA 150 -24.17 23.90 70.16
N ASP GA 151 -23.68 23.67 68.93
CA ASP GA 151 -23.34 22.30 68.55
C ASP GA 151 -22.02 21.89 69.17
N ASP GA 152 -21.06 22.81 69.19
CA ASP GA 152 -19.82 22.57 69.94
C ASP GA 152 -20.07 22.45 71.43
N LEU GA 153 -21.30 22.71 71.91
CA LEU GA 153 -21.61 22.30 73.27
C LEU GA 153 -22.28 20.93 73.34
N SER GA 154 -23.20 20.57 72.43
CA SER GA 154 -23.76 19.23 72.55
C SER GA 154 -22.74 18.18 72.13
N VAL GA 155 -21.72 18.56 71.36
CA VAL GA 155 -20.55 17.72 71.14
C VAL GA 155 -19.91 17.38 72.49
N PHE GA 156 -19.53 18.41 73.21
CA PHE GA 156 -18.85 18.32 74.50
C PHE GA 156 -19.71 17.55 75.49
N GLU GA 157 -21.03 17.77 75.45
CA GLU GA 157 -21.99 17.05 76.28
C GLU GA 157 -22.15 15.58 75.89
N MET GA 158 -21.90 15.21 74.62
CA MET GA 158 -21.89 13.79 74.24
C MET GA 158 -20.60 13.08 74.64
N ASP GA 159 -19.48 13.80 74.67
CA ASP GA 159 -18.25 13.20 75.19
C ASP GA 159 -18.45 12.76 76.63
N VAL GA 160 -18.95 13.66 77.46
CA VAL GA 160 -19.18 13.34 78.87
C VAL GA 160 -20.25 12.24 79.01
N GLN GA 161 -21.20 12.15 78.08
CA GLN GA 161 -22.14 11.02 78.10
C GLN GA 161 -21.44 9.72 77.72
N SER GA 162 -20.46 9.78 76.83
CA SER GA 162 -19.65 8.61 76.52
C SER GA 162 -18.88 8.12 77.74
N LEU GA 163 -18.28 9.04 78.51
CA LEU GA 163 -17.48 8.67 79.66
C LEU GA 163 -18.30 8.25 80.88
N ILE GA 164 -19.61 8.47 80.90
CA ILE GA 164 -20.44 7.76 81.89
C ILE GA 164 -20.95 6.42 81.33
N SER GA 165 -21.23 6.34 80.03
CA SER GA 165 -21.87 5.15 79.49
C SER GA 165 -20.89 3.98 79.36
N ARG GA 166 -19.64 4.27 79.02
CA ARG GA 166 -18.60 3.24 79.01
C ARG GA 166 -18.44 2.61 80.38
N GLU GA 167 -18.42 3.44 81.43
CA GLU GA 167 -18.24 2.96 82.79
C GLU GA 167 -19.53 2.44 83.42
N GLU GA 168 -20.68 2.55 82.74
CA GLU GA 168 -21.82 1.72 83.13
C GLU GA 168 -21.81 0.35 82.43
N CYS GA 169 -21.41 0.29 81.16
CA CYS GA 169 -21.37 -1.00 80.47
C CYS GA 169 -20.25 -1.87 81.02
N LEU GA 170 -19.16 -1.23 81.44
CA LEU GA 170 -18.10 -1.93 82.18
C LEU GA 170 -18.59 -2.48 83.52
N CYS GA 171 -19.38 -1.70 84.28
CA CYS GA 171 -19.95 -2.28 85.50
C CYS GA 171 -20.92 -3.42 85.21
N HIS GA 172 -21.62 -3.39 84.07
CA HIS GA 172 -22.45 -4.54 83.72
C HIS GA 172 -21.61 -5.75 83.37
N SER GA 173 -20.49 -5.55 82.67
CA SER GA 173 -19.64 -6.67 82.27
C SER GA 173 -18.84 -7.26 83.44
N MET GA 174 -18.64 -6.50 84.52
CA MET GA 174 -18.09 -7.09 85.75
C MET GA 174 -19.13 -7.83 86.58
N ILE GA 175 -20.31 -7.23 86.83
CA ILE GA 175 -21.26 -7.88 87.74
C ILE GA 175 -21.73 -9.23 87.19
N GLN GA 176 -21.97 -9.34 85.89
CA GLN GA 176 -22.38 -10.63 85.33
C GLN GA 176 -21.30 -11.70 85.50
N GLU GA 177 -20.03 -11.33 85.50
CA GLU GA 177 -18.94 -12.31 85.41
C GLU GA 177 -18.86 -13.20 86.65
N THR GA 178 -18.72 -12.61 87.84
CA THR GA 178 -18.60 -13.37 89.07
C THR GA 178 -19.94 -13.90 89.56
N LEU GA 179 -21.05 -13.26 89.17
CA LEU GA 179 -22.36 -13.83 89.48
C LEU GA 179 -22.68 -15.06 88.63
N GLN GA 180 -22.23 -15.09 87.38
CA GLN GA 180 -22.49 -16.26 86.52
C GLN GA 180 -21.88 -17.54 87.09
N VAL GA 181 -20.61 -17.51 87.51
CA VAL GA 181 -20.00 -18.70 88.09
C VAL GA 181 -20.62 -19.10 89.43
N MET GA 182 -21.31 -18.18 90.12
CA MET GA 182 -22.11 -18.59 91.28
C MET GA 182 -23.37 -19.33 90.85
N GLU GA 183 -24.09 -18.78 89.86
CA GLU GA 183 -25.38 -19.32 89.45
C GLU GA 183 -25.25 -20.61 88.64
N ALA GA 184 -24.13 -20.82 87.93
CA ALA GA 184 -23.94 -21.95 87.02
C ALA GA 184 -24.03 -23.34 87.67
N THR HA 35 -12.74 -90.07 -37.96
CA THR HA 35 -12.61 -88.71 -37.38
C THR HA 35 -11.24 -88.56 -36.69
N GLU HA 36 -11.19 -88.89 -35.39
CA GLU HA 36 -9.94 -88.92 -34.62
C GLU HA 36 -9.19 -87.58 -34.59
N GLU HA 37 -9.93 -86.48 -34.46
CA GLU HA 37 -9.33 -85.16 -34.39
C GLU HA 37 -10.24 -84.26 -33.55
N MET HA 38 -9.66 -83.16 -33.05
CA MET HA 38 -10.40 -82.27 -32.17
C MET HA 38 -11.39 -81.41 -32.93
N GLU HA 39 -11.13 -81.13 -34.21
CA GLU HA 39 -12.01 -80.33 -35.04
C GLU HA 39 -12.83 -81.17 -36.01
N LEU HA 40 -12.51 -82.45 -36.14
CA LEU HA 40 -13.27 -83.36 -36.99
C LEU HA 40 -14.41 -84.03 -36.24
N TYR HA 41 -14.23 -84.29 -34.95
CA TYR HA 41 -15.13 -85.13 -34.17
C TYR HA 41 -16.00 -84.34 -33.22
N GLU HA 42 -15.45 -83.30 -32.58
CA GLU HA 42 -16.19 -82.53 -31.60
C GLU HA 42 -17.19 -81.60 -32.28
N LEU HA 43 -16.83 -81.09 -33.47
CA LEU HA 43 -17.69 -80.16 -34.19
C LEU HA 43 -18.81 -80.88 -34.91
N ALA HA 44 -18.66 -82.20 -35.14
CA ALA HA 44 -19.64 -82.96 -35.88
C ALA HA 44 -20.85 -83.36 -35.03
N GLN HA 45 -20.80 -83.15 -33.70
CA GLN HA 45 -21.88 -83.53 -32.82
C GLN HA 45 -22.17 -82.43 -31.79
N ALA HA 46 -22.08 -81.17 -32.23
CA ALA HA 46 -22.25 -80.05 -31.31
C ALA HA 46 -23.73 -79.71 -31.07
N ALA HA 47 -24.44 -79.29 -32.12
CA ALA HA 47 -25.77 -78.72 -31.95
C ALA HA 47 -26.84 -79.82 -31.99
N GLY HA 48 -26.99 -80.48 -33.14
CA GLY HA 48 -27.87 -81.62 -33.27
C GLY HA 48 -27.12 -82.88 -33.65
N GLY HA 49 -26.07 -82.72 -34.45
CA GLY HA 49 -25.14 -83.80 -34.76
C GLY HA 49 -25.70 -84.82 -35.73
N GLY HA 50 -24.89 -85.84 -36.00
CA GLY HA 50 -25.35 -87.00 -36.73
C GLY HA 50 -24.94 -86.99 -38.20
N ILE HA 51 -23.94 -87.81 -38.55
CA ILE HA 51 -23.66 -88.17 -39.94
C ILE HA 51 -23.14 -89.60 -39.98
N ASP HA 52 -22.77 -90.08 -41.16
CA ASP HA 52 -21.88 -91.22 -41.24
C ASP HA 52 -20.50 -90.80 -40.74
N PRO HA 53 -19.83 -91.59 -39.90
CA PRO HA 53 -18.56 -91.11 -39.34
C PRO HA 53 -17.44 -91.00 -40.36
N ASP HA 54 -17.33 -91.96 -41.29
CA ASP HA 54 -16.28 -91.89 -42.31
C ASP HA 54 -16.55 -90.75 -43.27
N VAL HA 55 -17.82 -90.55 -43.64
CA VAL HA 55 -18.19 -89.46 -44.53
C VAL HA 55 -18.01 -88.12 -43.81
N PHE HA 56 -18.24 -88.10 -42.49
CA PHE HA 56 -18.02 -86.87 -41.72
C PHE HA 56 -16.53 -86.55 -41.62
N LYS HA 57 -15.69 -87.59 -41.49
CA LYS HA 57 -14.25 -87.38 -41.50
C LYS HA 57 -13.76 -86.93 -42.86
N ILE HA 58 -14.38 -87.43 -43.93
CA ILE HA 58 -14.02 -87.01 -45.28
C ILE HA 58 -14.46 -85.58 -45.52
N LEU HA 59 -15.62 -85.19 -44.99
CA LEU HA 59 -16.08 -83.81 -45.13
C LEU HA 59 -15.28 -82.86 -44.27
N VAL HA 60 -14.78 -83.34 -43.12
CA VAL HA 60 -13.90 -82.51 -42.29
C VAL HA 60 -12.54 -82.36 -42.95
N ASP HA 61 -12.07 -83.40 -43.64
CA ASP HA 61 -10.81 -83.32 -44.37
C ASP HA 61 -10.95 -82.48 -45.63
N LEU HA 62 -12.17 -82.34 -46.15
CA LEU HA 62 -12.40 -81.55 -47.36
C LEU HA 62 -12.26 -80.06 -47.11
N LEU HA 63 -12.32 -79.62 -45.86
CA LEU HA 63 -12.07 -78.21 -45.56
C LEU HA 63 -10.60 -77.86 -45.75
N LYS HA 64 -9.71 -78.83 -45.54
CA LYS HA 64 -8.29 -78.63 -45.75
C LYS HA 64 -7.89 -78.84 -47.20
N LEU HA 65 -8.82 -79.32 -48.04
CA LEU HA 65 -8.54 -79.59 -49.44
C LEU HA 65 -8.88 -78.40 -50.32
N ASN HA 66 -9.11 -77.23 -49.70
CA ASN HA 66 -9.36 -75.97 -50.39
C ASN HA 66 -10.59 -76.01 -51.28
N VAL HA 67 -11.62 -76.74 -50.86
CA VAL HA 67 -12.83 -76.93 -51.66
C VAL HA 67 -13.75 -75.72 -51.46
N ALA HA 68 -14.55 -75.44 -52.49
CA ALA HA 68 -15.62 -74.44 -52.36
C ALA HA 68 -16.77 -75.02 -51.53
N PRO HA 69 -17.21 -74.34 -50.48
CA PRO HA 69 -18.16 -74.96 -49.53
C PRO HA 69 -19.47 -75.44 -50.17
N LEU HA 70 -19.93 -74.79 -51.23
CA LEU HA 70 -21.23 -75.08 -51.82
C LEU HA 70 -21.17 -76.24 -52.80
N ALA HA 71 -20.04 -76.42 -53.48
CA ALA HA 71 -19.97 -77.36 -54.59
C ALA HA 71 -20.03 -78.80 -54.12
N VAL HA 72 -19.34 -79.13 -53.03
CA VAL HA 72 -19.29 -80.51 -52.56
C VAL HA 72 -20.63 -80.88 -51.94
N PHE HA 73 -21.27 -79.93 -51.26
CA PHE HA 73 -22.59 -80.18 -50.68
C PHE HA 73 -23.65 -80.28 -51.76
N GLN HA 74 -23.49 -79.53 -52.85
CA GLN HA 74 -24.43 -79.63 -53.97
C GLN HA 74 -24.25 -80.94 -54.72
N MET HA 75 -23.01 -81.41 -54.84
CA MET HA 75 -22.75 -82.68 -55.50
C MET HA 75 -23.21 -83.85 -54.65
N LEU HA 76 -23.19 -83.69 -53.32
CA LEU HA 76 -23.73 -84.71 -52.44
C LEU HA 76 -25.26 -84.70 -52.46
N LYS HA 77 -25.85 -83.51 -52.51
CA LYS HA 77 -27.30 -83.39 -52.41
C LYS HA 77 -27.98 -83.69 -53.74
N SER HA 78 -27.23 -83.64 -54.85
CA SER HA 78 -27.77 -83.96 -56.16
C SER HA 78 -27.79 -85.46 -56.42
N MET HA 79 -27.20 -86.27 -55.54
CA MET HA 79 -27.23 -87.71 -55.65
C MET HA 79 -27.92 -88.37 -54.48
N CYS HA 80 -27.81 -87.77 -53.28
CA CYS HA 80 -28.43 -88.33 -52.09
C CYS HA 80 -29.92 -87.97 -52.08
N ARG IA 5 -5.47 -83.30 -58.48
CA ARG IA 5 -4.33 -84.25 -58.44
C ARG IA 5 -4.72 -85.51 -57.64
N ILE IA 6 -4.76 -85.38 -56.32
CA ILE IA 6 -5.15 -86.49 -55.43
C ILE IA 6 -6.66 -86.43 -55.25
N HIS IA 7 -7.38 -86.93 -56.27
CA HIS IA 7 -8.83 -87.07 -56.19
C HIS IA 7 -9.25 -88.51 -55.91
N HIS IA 8 -8.28 -89.40 -55.63
CA HIS IA 8 -8.58 -90.82 -55.44
C HIS IA 8 -9.20 -91.07 -54.08
N ASP IA 9 -8.67 -90.42 -53.04
CA ASP IA 9 -9.02 -90.74 -51.66
C ASP IA 9 -10.18 -89.91 -51.16
N VAL IA 10 -10.35 -88.69 -51.69
CA VAL IA 10 -11.26 -87.71 -51.13
C VAL IA 10 -12.31 -87.25 -52.13
N ASN IA 11 -12.24 -87.71 -53.39
CA ASN IA 11 -13.26 -87.44 -54.40
C ASN IA 11 -13.80 -88.72 -55.00
N GLU IA 12 -12.92 -89.63 -55.43
CA GLU IA 12 -13.36 -90.89 -56.00
C GLU IA 12 -13.90 -91.81 -54.90
N LEU IA 13 -13.17 -91.90 -53.79
CA LEU IA 13 -13.59 -92.72 -52.67
C LEU IA 13 -14.77 -92.09 -51.94
N LEU IA 14 -14.81 -90.76 -51.89
CA LEU IA 14 -15.93 -90.07 -51.26
C LEU IA 14 -17.18 -90.17 -52.13
N SER IA 15 -17.00 -90.23 -53.46
CA SER IA 15 -18.14 -90.45 -54.34
C SER IA 15 -18.62 -91.88 -54.27
N LEU IA 16 -17.70 -92.84 -54.08
CA LEU IA 16 -18.06 -94.24 -53.99
C LEU IA 16 -18.64 -94.60 -52.63
N LEU IA 17 -18.38 -93.79 -51.60
CA LEU IA 17 -18.81 -94.11 -50.25
C LEU IA 17 -20.27 -93.74 -49.99
N ARG IA 18 -20.89 -93.00 -50.91
CA ARG IA 18 -22.30 -92.65 -50.77
C ARG IA 18 -23.19 -93.87 -50.99
N VAL IA 19 -24.27 -93.94 -50.21
CA VAL IA 19 -25.11 -95.13 -50.19
C VAL IA 19 -26.03 -95.22 -51.39
N HIS IA 20 -26.28 -94.10 -52.07
CA HIS IA 20 -27.15 -94.08 -53.23
C HIS IA 20 -26.46 -94.68 -54.45
N ALA IA 25 -25.75 -90.64 -66.08
CA ALA IA 25 -25.78 -90.65 -64.62
C ALA IA 25 -24.62 -89.85 -64.05
N GLU IA 26 -24.72 -89.47 -62.77
CA GLU IA 26 -23.75 -88.62 -62.12
C GLU IA 26 -22.84 -89.41 -61.18
N VAL IA 27 -22.51 -90.64 -61.58
CA VAL IA 27 -21.63 -91.48 -60.77
C VAL IA 27 -20.20 -90.96 -60.85
N TYR IA 28 -19.75 -90.65 -62.06
CA TYR IA 28 -18.44 -90.06 -62.26
C TYR IA 28 -18.53 -88.54 -62.40
N ILE IA 29 -19.73 -88.01 -62.64
CA ILE IA 29 -19.91 -86.58 -62.84
C ILE IA 29 -20.04 -85.83 -61.53
N ASP IA 30 -20.20 -86.56 -60.41
CA ASP IA 30 -20.26 -85.91 -59.11
C ASP IA 30 -18.89 -85.36 -58.70
N LEU IA 31 -17.81 -86.01 -59.14
CA LEU IA 31 -16.48 -85.49 -58.86
C LEU IA 31 -16.20 -84.26 -59.69
N LEU IA 32 -16.75 -84.19 -60.91
CA LEU IA 32 -16.60 -83.00 -61.73
C LEU IA 32 -17.48 -81.87 -61.21
N GLN IA 33 -18.61 -82.21 -60.58
CA GLN IA 33 -19.46 -81.21 -59.95
C GLN IA 33 -18.79 -80.67 -58.69
N LYS IA 34 -18.10 -81.53 -57.95
CA LYS IA 34 -17.37 -81.15 -56.74
C LYS IA 34 -15.87 -81.05 -57.03
N ASN IA 35 -15.52 -80.60 -58.24
CA ASN IA 35 -14.14 -80.46 -58.66
C ASN IA 35 -13.50 -79.30 -57.91
N ARG IA 36 -12.83 -79.62 -56.81
CA ARG IA 36 -12.20 -78.61 -55.96
C ARG IA 36 -10.87 -78.16 -56.56
N THR IA 37 -10.56 -76.87 -56.38
CA THR IA 37 -9.27 -76.31 -56.75
C THR IA 37 -8.38 -76.23 -55.52
N PRO IA 38 -7.24 -76.91 -55.49
CA PRO IA 38 -6.35 -76.84 -54.31
C PRO IA 38 -5.65 -75.51 -54.08
N TYR IA 39 -5.70 -74.56 -55.01
CA TYR IA 39 -4.98 -73.30 -54.86
C TYR IA 39 -5.82 -72.18 -54.25
N VAL IA 40 -7.03 -72.49 -53.77
CA VAL IA 40 -7.97 -71.48 -53.34
C VAL IA 40 -8.10 -71.50 -51.81
N THR IA 41 -8.74 -70.45 -51.28
CA THR IA 41 -9.18 -70.42 -49.88
C THR IA 41 -10.51 -69.69 -49.72
N THR IA 42 -11.32 -69.62 -50.79
CA THR IA 42 -12.46 -68.71 -50.87
C THR IA 42 -13.69 -69.28 -50.17
N THR IA 43 -13.79 -69.05 -48.85
CA THR IA 43 -14.96 -69.44 -48.09
C THR IA 43 -16.12 -68.49 -48.35
N VAL IA 44 -17.32 -69.04 -48.49
CA VAL IA 44 -18.53 -68.25 -48.72
C VAL IA 44 -19.28 -67.95 -47.42
N SER IA 45 -18.63 -68.16 -46.27
CA SER IA 45 -19.24 -67.96 -44.97
C SER IA 45 -19.33 -66.47 -44.62
N ALA IA 46 -20.15 -66.16 -43.61
CA ALA IA 46 -20.25 -64.83 -43.06
C ALA IA 46 -20.57 -64.93 -41.57
N HIS IA 47 -20.65 -63.78 -40.91
CA HIS IA 47 -20.99 -63.74 -39.49
C HIS IA 47 -22.47 -63.95 -39.25
N SER IA 48 -23.30 -63.86 -40.31
CA SER IA 48 -24.72 -64.11 -40.20
C SER IA 48 -25.04 -65.59 -40.05
N ALA IA 49 -24.09 -66.46 -40.39
CA ALA IA 49 -24.30 -67.90 -40.34
C ALA IA 49 -24.01 -68.50 -38.97
N LYS IA 50 -23.72 -67.65 -37.97
CA LYS IA 50 -23.48 -68.13 -36.61
C LYS IA 50 -24.76 -68.46 -35.86
N VAL IA 51 -25.93 -68.06 -36.39
CA VAL IA 51 -27.21 -68.31 -35.74
C VAL IA 51 -27.83 -69.61 -36.23
N LYS IA 52 -27.06 -70.45 -36.91
CA LYS IA 52 -27.59 -71.73 -37.39
C LYS IA 52 -27.70 -72.75 -36.27
N ILE IA 53 -26.94 -72.57 -35.18
CA ILE IA 53 -27.00 -73.48 -34.04
C ILE IA 53 -28.14 -73.13 -33.09
N ALA IA 54 -28.81 -72.00 -33.29
CA ALA IA 54 -29.87 -71.57 -32.41
C ALA IA 54 -31.16 -72.35 -32.63
N GLU IA 55 -31.31 -73.00 -33.79
CA GLU IA 55 -32.48 -73.82 -34.04
C GLU IA 55 -32.45 -75.13 -33.25
N PHE IA 56 -31.24 -75.64 -32.96
CA PHE IA 56 -31.09 -76.87 -32.18
C PHE IA 56 -30.84 -76.52 -30.72
N SER IA 57 -31.92 -76.08 -30.06
CA SER IA 57 -31.84 -75.64 -28.67
C SER IA 57 -32.23 -76.76 -27.71
N ARG IA 58 -31.60 -77.93 -27.88
CA ARG IA 58 -31.73 -78.99 -26.89
C ARG IA 58 -30.91 -78.66 -25.65
N THR IA 59 -29.71 -78.11 -25.85
CA THR IA 59 -28.90 -77.57 -24.77
C THR IA 59 -28.08 -76.43 -25.36
N PRO IA 60 -28.66 -75.23 -25.44
CA PRO IA 60 -28.05 -74.18 -26.29
C PRO IA 60 -26.82 -73.52 -25.72
N GLU IA 61 -26.55 -73.64 -24.41
CA GLU IA 61 -25.30 -73.15 -23.86
C GLU IA 61 -24.13 -73.99 -24.35
N ASP IA 62 -24.29 -75.32 -24.30
CA ASP IA 62 -23.34 -76.24 -24.93
C ASP IA 62 -23.75 -76.58 -26.35
N PHE IA 63 -24.15 -75.54 -27.06
CA PHE IA 63 -24.28 -75.50 -28.52
C PHE IA 63 -23.73 -74.20 -29.06
N LEU IA 64 -23.67 -73.16 -28.24
CA LEU IA 64 -23.11 -71.87 -28.58
C LEU IA 64 -21.70 -71.69 -28.04
N LYS IA 65 -21.33 -72.46 -27.01
CA LYS IA 65 -20.00 -72.33 -26.40
C LYS IA 65 -18.91 -72.98 -27.22
N LYS IA 66 -19.27 -73.87 -28.16
CA LYS IA 66 -18.27 -74.68 -28.84
C LYS IA 66 -17.53 -73.89 -29.91
N TYR IA 67 -18.16 -72.84 -30.43
CA TYR IA 67 -17.64 -72.16 -31.62
C TYR IA 67 -16.43 -71.30 -31.29
N ASP IA 68 -16.43 -70.68 -30.10
CA ASP IA 68 -15.29 -69.89 -29.66
C ASP IA 68 -14.09 -70.79 -29.35
N GLU IA 69 -14.34 -71.98 -28.83
CA GLU IA 69 -13.26 -72.93 -28.58
C GLU IA 69 -12.71 -73.51 -29.87
N LEU IA 70 -13.58 -73.72 -30.87
CA LEU IA 70 -13.10 -74.20 -32.16
C LEU IA 70 -12.35 -73.12 -32.92
N LYS IA 71 -12.70 -71.85 -32.68
CA LYS IA 71 -11.94 -70.75 -33.25
C LYS IA 71 -10.62 -70.55 -32.52
N SER IA 72 -10.62 -70.81 -31.20
CA SER IA 72 -9.41 -70.69 -30.40
C SER IA 72 -8.44 -71.84 -30.66
N LYS IA 73 -8.93 -72.96 -31.19
CA LYS IA 73 -8.05 -73.98 -31.73
C LYS IA 73 -7.33 -73.43 -32.96
N ASN IA 74 -6.13 -73.96 -33.21
CA ASN IA 74 -5.21 -73.37 -34.18
C ASN IA 74 -5.42 -73.88 -35.60
N THR IA 75 -6.59 -74.43 -35.90
CA THR IA 75 -6.92 -74.90 -37.24
C THR IA 75 -7.78 -73.86 -37.95
N ARG IA 76 -7.53 -73.66 -39.23
CA ARG IA 76 -8.27 -72.71 -40.05
C ARG IA 76 -9.38 -73.36 -40.85
N ASN IA 77 -9.82 -74.56 -40.45
CA ASN IA 77 -10.83 -75.30 -41.17
C ASN IA 77 -12.25 -75.08 -40.65
N LEU IA 78 -12.43 -74.18 -39.68
CA LEU IA 78 -13.76 -73.93 -39.16
C LEU IA 78 -14.57 -73.00 -40.05
N ASP IA 79 -13.89 -72.31 -40.98
CA ASP IA 79 -14.55 -71.35 -41.85
C ASP IA 79 -15.55 -71.93 -42.85
N PRO IA 80 -15.26 -73.00 -43.59
CA PRO IA 80 -16.24 -73.48 -44.59
C PRO IA 80 -17.45 -74.21 -44.02
N LEU IA 81 -17.71 -74.20 -42.72
CA LEU IA 81 -18.78 -75.01 -42.15
C LEU IA 81 -20.07 -74.23 -41.99
N VAL IA 82 -20.27 -73.18 -42.78
CA VAL IA 82 -21.49 -72.36 -42.68
C VAL IA 82 -22.69 -73.11 -43.23
N TYR IA 83 -22.54 -73.72 -44.41
CA TYR IA 83 -23.61 -74.54 -44.97
C TYR IA 83 -23.70 -75.88 -44.28
N LEU IA 84 -22.58 -76.36 -43.72
CA LEU IA 84 -22.55 -77.64 -43.04
C LEU IA 84 -23.17 -77.56 -41.65
N LEU IA 85 -23.26 -76.35 -41.07
CA LEU IA 85 -23.96 -76.18 -39.80
C LEU IA 85 -25.46 -76.31 -40.01
N SER IA 86 -25.97 -75.81 -41.14
CA SER IA 86 -27.39 -75.98 -41.45
C SER IA 86 -27.67 -77.40 -41.91
N LYS IA 87 -26.77 -77.94 -42.73
CA LYS IA 87 -26.80 -79.32 -43.24
C LYS IA 87 -28.07 -79.56 -44.06
N LEU IA 88 -28.59 -80.79 -44.03
CA LEU IA 88 -29.74 -81.16 -44.84
C LEU IA 88 -31.04 -80.76 -44.15
N THR IA 89 -31.93 -80.14 -44.93
CA THR IA 89 -33.26 -79.76 -44.43
C THR IA 89 -34.24 -80.92 -44.46
N GLU IA 90 -33.89 -82.03 -45.12
CA GLU IA 90 -34.71 -83.23 -45.08
C GLU IA 90 -34.60 -83.89 -43.72
N ASP IA 91 -35.64 -84.62 -43.33
CA ASP IA 91 -35.74 -85.13 -41.96
C ASP IA 91 -34.83 -86.34 -41.79
N LYS IA 92 -33.65 -86.08 -41.23
CA LYS IA 92 -32.66 -87.09 -40.84
C LYS IA 92 -32.21 -87.94 -42.03
N GLU IA 93 -31.84 -87.28 -43.12
CA GLU IA 93 -31.44 -87.96 -44.35
C GLU IA 93 -29.97 -88.32 -44.34
N THR IA 94 -29.22 -87.87 -43.33
CA THR IA 94 -27.82 -88.26 -43.15
C THR IA 94 -27.61 -88.84 -41.76
N LEU IA 95 -28.36 -88.31 -40.78
CA LEU IA 95 -28.13 -88.66 -39.38
C LEU IA 95 -28.69 -90.02 -39.02
N GLN IA 96 -29.78 -90.45 -39.69
CA GLN IA 96 -30.48 -91.66 -39.29
C GLN IA 96 -29.84 -92.91 -39.89
N TYR IA 97 -28.93 -92.76 -40.85
CA TYR IA 97 -28.29 -93.91 -41.48
C TYR IA 97 -27.28 -94.57 -40.56
N LEU IA 98 -26.76 -93.84 -39.57
CA LEU IA 98 -25.80 -94.40 -38.61
C LEU IA 98 -26.46 -95.41 -37.68
N GLN IA 99 -27.74 -95.22 -37.37
CA GLN IA 99 -28.47 -96.20 -36.57
C GLN IA 99 -28.70 -97.50 -37.33
N GLN IA 100 -28.90 -97.41 -38.65
CA GLN IA 100 -29.00 -98.62 -39.46
C GLN IA 100 -27.62 -99.25 -39.66
N ASN IA 101 -26.57 -98.44 -39.72
CA ASN IA 101 -25.23 -98.94 -39.96
C ASN IA 101 -24.66 -99.61 -38.72
N ALA IA 102 -25.09 -99.18 -37.53
CA ALA IA 102 -24.58 -99.76 -36.28
C ALA IA 102 -25.11 -101.17 -36.05
N LYS IA 103 -26.22 -101.55 -36.68
CA LYS IA 103 -26.76 -102.90 -36.56
C LYS IA 103 -25.92 -103.87 -37.39
N ARG JA 125 -29.21 -76.81 -72.83
CA ARG JA 125 -30.48 -77.31 -73.39
C ARG JA 125 -30.33 -77.64 -74.88
N ALA JA 126 -30.17 -76.61 -75.71
CA ALA JA 126 -29.84 -76.79 -77.11
C ALA JA 126 -28.33 -76.97 -77.28
N ARG JA 127 -27.95 -77.75 -78.29
CA ARG JA 127 -26.56 -78.18 -78.47
C ARG JA 127 -25.94 -77.56 -79.73
N ASN JA 128 -24.77 -76.93 -79.55
CA ASN JA 128 -24.13 -76.11 -80.59
C ASN JA 128 -23.35 -76.91 -81.64
N MET JA 129 -23.20 -78.22 -81.46
CA MET JA 129 -22.50 -79.13 -82.40
C MET JA 129 -21.08 -78.68 -82.78
N LYS JA 130 -20.30 -78.22 -81.80
CA LYS JA 130 -18.86 -78.10 -82.04
C LYS JA 130 -18.00 -78.44 -80.84
N ASP JA 131 -18.51 -78.31 -79.61
CA ASP JA 131 -17.73 -78.57 -78.40
C ASP JA 131 -17.38 -80.04 -78.23
N PHE JA 132 -18.07 -80.94 -78.94
CA PHE JA 132 -17.74 -82.37 -78.86
C PHE JA 132 -16.38 -82.67 -79.48
N GLU JA 133 -15.94 -81.86 -80.45
CA GLU JA 133 -14.60 -81.99 -81.01
C GLU JA 133 -13.53 -81.78 -79.94
N ASN JA 134 -13.64 -80.67 -79.22
CA ASN JA 134 -12.73 -80.36 -78.12
C ASN JA 134 -12.83 -81.40 -77.01
N GLN JA 135 -14.05 -81.88 -76.74
CA GLN JA 135 -14.26 -82.89 -75.72
C GLN JA 135 -13.62 -84.22 -76.12
N ILE JA 136 -13.64 -84.56 -77.42
CA ILE JA 136 -13.03 -85.82 -77.89
C ILE JA 136 -11.52 -85.78 -77.73
N THR JA 137 -10.87 -84.69 -78.17
CA THR JA 137 -9.42 -84.61 -78.02
C THR JA 137 -9.04 -84.43 -76.55
N GLU JA 138 -9.92 -83.84 -75.73
CA GLU JA 138 -9.68 -83.75 -74.30
C GLU JA 138 -9.65 -85.14 -73.64
N LEU JA 139 -10.68 -85.96 -73.91
CA LEU JA 139 -10.73 -87.30 -73.32
C LEU JA 139 -9.64 -88.19 -73.87
N LYS JA 140 -9.30 -88.01 -75.15
CA LYS JA 140 -8.22 -88.77 -75.77
C LYS JA 140 -6.90 -88.46 -75.07
N LYS JA 141 -6.60 -87.17 -74.93
CA LYS JA 141 -5.34 -86.71 -74.35
C LYS JA 141 -5.23 -87.04 -72.86
N GLU JA 142 -6.37 -87.10 -72.13
CA GLU JA 142 -6.34 -87.56 -70.75
C GLU JA 142 -6.22 -89.08 -70.67
N ASN JA 143 -7.16 -89.79 -71.29
CA ASN JA 143 -7.40 -91.20 -70.96
C ASN JA 143 -6.32 -92.12 -71.53
N PHE JA 144 -5.85 -91.88 -72.76
CA PHE JA 144 -4.89 -92.79 -73.39
C PHE JA 144 -3.49 -92.59 -72.80
N ASN JA 145 -3.14 -91.34 -72.52
CA ASN JA 145 -1.96 -91.00 -71.71
C ASN JA 145 -2.00 -91.76 -70.37
N LEU JA 146 -3.03 -91.48 -69.56
CA LEU JA 146 -3.13 -92.06 -68.22
C LEU JA 146 -3.18 -93.58 -68.25
N LYS JA 147 -3.92 -94.15 -69.21
CA LYS JA 147 -4.13 -95.60 -69.30
C LYS JA 147 -2.81 -96.35 -69.47
N LEU JA 148 -2.00 -95.95 -70.44
CA LEU JA 148 -0.73 -96.63 -70.67
C LEU JA 148 0.30 -96.24 -69.62
N ARG JA 149 0.33 -94.97 -69.18
CA ARG JA 149 1.37 -94.55 -68.23
C ARG JA 149 1.16 -95.16 -66.84
N ILE JA 150 -0.05 -95.03 -66.27
CA ILE JA 150 -0.27 -95.49 -64.89
C ILE JA 150 0.11 -96.97 -64.75
N TYR JA 151 -0.32 -97.82 -65.67
CA TYR JA 151 0.06 -99.23 -65.57
C TYR JA 151 1.57 -99.42 -65.65
N PHE JA 152 2.28 -98.65 -66.49
CA PHE JA 152 3.72 -98.78 -66.57
C PHE JA 152 4.47 -97.91 -65.56
N LEU JA 153 3.77 -97.25 -64.64
CA LEU JA 153 4.41 -96.90 -63.37
C LEU JA 153 4.72 -98.16 -62.56
N GLU JA 154 4.05 -99.28 -62.85
CA GLU JA 154 4.54 -100.57 -62.39
C GLU JA 154 5.88 -100.90 -63.03
N GLU JA 155 5.96 -100.85 -64.36
CA GLU JA 155 7.14 -101.33 -65.09
C GLU JA 155 8.41 -100.60 -64.64
N ARG JA 156 8.31 -99.30 -64.33
CA ARG JA 156 9.43 -98.50 -63.84
C ARG JA 156 10.04 -99.07 -62.56
N MET JA 157 9.32 -99.90 -61.83
CA MET JA 157 9.72 -100.41 -60.52
C MET JA 157 9.83 -101.93 -60.53
N GLN JA 158 8.99 -102.59 -61.32
CA GLN JA 158 8.95 -104.04 -61.48
C GLN JA 158 10.07 -104.55 -62.39
N GLN JA 159 10.39 -103.81 -63.44
CA GLN JA 159 11.47 -104.18 -64.36
C GLN JA 159 12.82 -103.80 -63.77
N ARG KA 127 -28.46 -94.16 -84.98
CA ARG KA 127 -28.07 -92.91 -84.25
C ARG KA 127 -29.30 -92.06 -83.89
N ASN KA 128 -29.34 -91.56 -82.65
CA ASN KA 128 -30.43 -90.71 -82.18
C ASN KA 128 -29.91 -89.70 -81.15
N MET KA 129 -28.70 -89.16 -81.36
CA MET KA 129 -28.18 -88.04 -80.57
C MET KA 129 -28.17 -88.29 -79.06
N LYS KA 130 -28.02 -89.56 -78.71
CA LYS KA 130 -27.81 -90.00 -77.33
C LYS KA 130 -26.86 -91.17 -77.28
N ASP KA 131 -26.70 -91.91 -78.39
CA ASP KA 131 -25.74 -92.99 -78.50
C ASP KA 131 -24.32 -92.43 -78.44
N PHE KA 132 -24.09 -91.32 -79.13
CA PHE KA 132 -22.78 -90.69 -79.15
C PHE KA 132 -22.43 -90.11 -77.79
N GLU KA 133 -23.40 -89.45 -77.13
CA GLU KA 133 -23.15 -88.91 -75.80
C GLU KA 133 -23.13 -90.00 -74.73
N ASN KA 134 -23.79 -91.13 -74.98
CA ASN KA 134 -23.68 -92.28 -74.09
C ASN KA 134 -22.29 -92.88 -74.19
N GLN KA 135 -21.72 -92.90 -75.40
CA GLN KA 135 -20.33 -93.32 -75.58
C GLN KA 135 -19.38 -92.32 -74.90
N ILE KA 136 -19.74 -91.03 -74.93
CA ILE KA 136 -18.96 -90.00 -74.24
C ILE KA 136 -18.99 -90.23 -72.74
N THR KA 137 -20.16 -90.57 -72.19
CA THR KA 137 -20.29 -90.86 -70.77
C THR KA 137 -19.56 -92.14 -70.41
N GLU KA 138 -19.52 -93.11 -71.33
CA GLU KA 138 -18.70 -94.31 -71.14
C GLU KA 138 -17.22 -93.95 -71.09
N LEU KA 139 -16.78 -93.00 -71.92
CA LEU KA 139 -15.40 -92.53 -71.88
C LEU KA 139 -15.11 -91.70 -70.64
N LYS KA 140 -16.12 -91.08 -70.02
CA LYS KA 140 -15.94 -90.49 -68.70
C LYS KA 140 -15.80 -91.58 -67.64
N LYS KA 141 -16.55 -92.67 -67.81
CA LYS KA 141 -16.45 -93.81 -66.89
C LYS KA 141 -15.09 -94.47 -67.01
N GLU KA 142 -14.48 -94.43 -68.20
CA GLU KA 142 -13.12 -94.91 -68.38
C GLU KA 142 -12.12 -94.10 -67.54
N ASN KA 143 -12.29 -92.79 -67.51
CA ASN KA 143 -11.43 -91.94 -66.68
C ASN KA 143 -11.66 -92.21 -65.19
N PHE KA 144 -12.91 -92.51 -64.82
CA PHE KA 144 -13.20 -92.86 -63.43
C PHE KA 144 -12.57 -94.20 -63.07
N ASN KA 145 -12.53 -95.13 -64.03
CA ASN KA 145 -11.86 -96.43 -63.81
C ASN KA 145 -10.36 -96.25 -63.69
N LEU KA 146 -9.78 -95.33 -64.47
CA LEU KA 146 -8.36 -95.03 -64.34
C LEU KA 146 -8.07 -94.35 -63.00
N LYS KA 147 -9.00 -93.54 -62.50
CA LYS KA 147 -8.85 -92.96 -61.17
C LYS KA 147 -8.92 -94.03 -60.09
N LEU KA 148 -9.77 -95.05 -60.30
CA LEU KA 148 -9.83 -96.17 -59.36
C LEU KA 148 -8.54 -96.99 -59.41
N ARG KA 149 -7.95 -97.17 -60.60
CA ARG KA 149 -6.66 -97.85 -60.70
C ARG KA 149 -5.55 -97.03 -60.05
N ILE KA 150 -5.64 -95.70 -60.16
CA ILE KA 150 -4.73 -94.81 -59.45
C ILE KA 150 -4.91 -94.95 -57.95
N TYR KA 151 -6.15 -95.12 -57.49
CA TYR KA 151 -6.43 -95.30 -56.06
C TYR KA 151 -5.82 -96.59 -55.53
N PHE KA 152 -5.87 -97.68 -56.32
CA PHE KA 152 -5.24 -98.92 -55.89
C PHE KA 152 -3.71 -98.82 -55.99
N LEU KA 153 -3.21 -98.12 -57.00
CA LEU KA 153 -1.78 -98.00 -57.22
C LEU KA 153 -1.10 -97.21 -56.09
N GLU KA 154 -1.70 -96.10 -55.65
CA GLU KA 154 -1.08 -95.24 -54.66
C GLU KA 154 -1.16 -95.82 -53.26
N GLU KA 155 -1.99 -96.84 -53.03
CA GLU KA 155 -2.00 -97.56 -51.76
C GLU KA 155 -1.14 -98.82 -51.82
N ARG KA 156 -0.85 -99.35 -53.01
CA ARG KA 156 0.12 -100.45 -53.14
C ARG KA 156 1.55 -99.92 -53.15
N MET KA 157 1.75 -98.63 -53.44
CA MET KA 157 3.04 -97.96 -53.29
C MET KA 157 3.66 -98.13 -51.90
N GLN KA 158 2.85 -98.27 -50.85
CA GLN KA 158 3.36 -98.25 -49.48
C GLN KA 158 3.98 -99.56 -49.02
N GLN KA 159 3.77 -100.67 -49.75
CA GLN KA 159 4.06 -101.99 -49.20
C GLN KA 159 5.53 -102.38 -49.33
N GLU KA 160 6.02 -102.50 -50.56
CA GLU KA 160 7.30 -103.14 -50.83
C GLU KA 160 8.39 -102.15 -51.20
N PHE KA 161 8.03 -100.89 -51.44
CA PHE KA 161 8.92 -99.93 -52.07
C PHE KA 161 9.42 -98.88 -51.07
N MET LA 129 -18.63 -107.47 37.15
CA MET LA 129 -17.17 -107.83 37.18
C MET LA 129 -16.29 -106.61 36.81
N LYS LA 130 -16.89 -105.55 36.26
CA LYS LA 130 -16.10 -104.43 35.75
C LYS LA 130 -15.53 -103.59 36.88
N ASP LA 131 -16.39 -103.13 37.80
CA ASP LA 131 -15.90 -102.48 39.00
C ASP LA 131 -15.46 -103.50 40.04
N PHE LA 132 -15.93 -104.73 39.90
CA PHE LA 132 -15.77 -105.74 40.95
C PHE LA 132 -14.36 -106.33 40.96
N GLU LA 133 -13.75 -106.48 39.78
CA GLU LA 133 -12.38 -107.00 39.69
C GLU LA 133 -11.37 -105.98 40.20
N ASN LA 134 -11.72 -104.69 40.16
CA ASN LA 134 -10.88 -103.62 40.66
C ASN LA 134 -11.06 -103.45 42.17
N GLN LA 135 -12.30 -103.59 42.66
CA GLN LA 135 -12.56 -103.56 44.10
C GLN LA 135 -12.01 -104.81 44.80
N ILE LA 136 -12.11 -105.99 44.17
CA ILE LA 136 -11.44 -107.18 44.70
C ILE LA 136 -9.94 -106.93 44.84
N THR LA 137 -9.29 -106.46 43.78
CA THR LA 137 -7.85 -106.26 43.86
C THR LA 137 -7.47 -105.06 44.74
N GLU LA 138 -8.38 -104.09 44.95
CA GLU LA 138 -8.17 -103.08 46.00
C GLU LA 138 -8.04 -103.75 47.37
N LEU LA 139 -9.04 -104.54 47.76
CA LEU LA 139 -9.03 -105.11 49.11
C LEU LA 139 -7.94 -106.18 49.27
N LYS LA 140 -7.68 -106.97 48.23
CA LYS LA 140 -6.62 -107.99 48.32
C LYS LA 140 -5.23 -107.36 48.31
N LYS LA 141 -5.10 -106.16 47.77
CA LYS LA 141 -3.79 -105.46 47.85
C LYS LA 141 -3.73 -104.74 49.21
N GLU LA 142 -4.88 -104.28 49.70
CA GLU LA 142 -4.92 -103.58 51.01
C GLU LA 142 -4.54 -104.57 52.11
N ASN LA 143 -4.92 -105.84 51.95
CA ASN LA 143 -4.52 -106.87 52.91
C ASN LA 143 -3.03 -106.73 53.26
N PHE LA 144 -2.17 -106.52 52.26
CA PHE LA 144 -0.72 -106.35 52.53
C PHE LA 144 -0.41 -104.93 53.02
N ASN LA 145 -1.15 -103.95 52.52
CA ASN LA 145 -0.97 -102.57 53.03
C ASN LA 145 -1.21 -102.63 54.54
N LEU LA 146 -2.31 -103.31 54.94
CA LEU LA 146 -2.55 -103.49 56.37
C LEU LA 146 -1.45 -104.30 57.04
N LYS LA 147 -1.13 -105.47 56.47
CA LYS LA 147 -0.22 -106.43 57.11
C LYS LA 147 1.18 -105.86 57.31
N LEU LA 148 1.57 -104.87 56.49
CA LEU LA 148 2.82 -104.15 56.71
C LEU LA 148 2.92 -103.63 58.15
N ARG LA 149 1.82 -103.06 58.65
CA ARG LA 149 1.77 -102.52 60.01
C ARG LA 149 1.82 -103.61 61.07
N ILE LA 150 1.70 -104.89 60.68
CA ILE LA 150 1.98 -106.04 61.56
C ILE LA 150 3.42 -106.52 61.34
N TYR LA 151 3.68 -107.20 60.21
CA TYR LA 151 4.92 -107.99 60.06
C TYR LA 151 6.16 -107.14 59.76
N PHE LA 152 5.98 -105.96 59.17
CA PHE LA 152 7.14 -105.05 58.95
C PHE LA 152 7.39 -104.26 60.22
N LEU LA 153 6.35 -103.58 60.73
CA LEU LA 153 6.55 -102.73 61.91
C LEU LA 153 6.76 -103.53 63.19
N GLU LA 154 6.64 -104.87 63.14
CA GLU LA 154 7.21 -105.70 64.20
C GLU LA 154 8.72 -105.52 64.32
N GLU LA 155 9.45 -105.44 63.19
CA GLU LA 155 10.88 -105.12 63.29
C GLU LA 155 11.07 -103.72 63.88
N ARG LA 156 10.28 -102.75 63.42
CA ARG LA 156 10.37 -101.38 63.91
C ARG LA 156 9.81 -101.21 65.32
N MET LA 157 9.65 -102.31 66.08
CA MET LA 157 9.49 -102.20 67.53
C MET LA 157 10.46 -103.13 68.25
N GLN LA 158 10.77 -104.28 67.62
CA GLN LA 158 11.74 -105.22 68.19
C GLN LA 158 13.16 -104.65 68.14
N GLN LA 159 13.58 -104.15 66.97
CA GLN LA 159 14.93 -103.65 66.79
C GLN LA 159 15.06 -102.21 67.32
N LYS MA 130 -20.20 -118.75 42.16
CA LYS MA 130 -20.57 -117.95 43.37
C LYS MA 130 -19.35 -117.67 44.25
N ASP MA 131 -18.16 -117.89 43.72
CA ASP MA 131 -16.93 -117.75 44.49
C ASP MA 131 -16.33 -116.37 44.36
N PHE MA 132 -16.89 -115.53 43.48
CA PHE MA 132 -16.46 -114.15 43.37
C PHE MA 132 -16.85 -113.36 44.61
N GLU MA 133 -18.11 -113.47 45.04
CA GLU MA 133 -18.54 -112.84 46.29
C GLU MA 133 -17.91 -113.54 47.49
N ASN MA 134 -17.58 -114.83 47.36
CA ASN MA 134 -16.86 -115.51 48.43
C ASN MA 134 -15.43 -114.99 48.50
N GLN MA 135 -14.87 -114.52 47.38
CA GLN MA 135 -13.61 -113.78 47.45
C GLN MA 135 -13.77 -112.46 48.22
N ILE MA 136 -14.72 -111.60 47.84
CA ILE MA 136 -14.85 -110.36 48.62
C ILE MA 136 -15.24 -110.66 50.07
N THR MA 137 -15.95 -111.77 50.32
CA THR MA 137 -16.27 -112.14 51.70
C THR MA 137 -15.02 -112.63 52.44
N GLU MA 138 -14.17 -113.42 51.77
CA GLU MA 138 -12.87 -113.78 52.32
C GLU MA 138 -12.03 -112.54 52.60
N LEU MA 139 -11.92 -111.66 51.60
CA LEU MA 139 -11.15 -110.42 51.74
C LEU MA 139 -11.72 -109.49 52.82
N LYS MA 140 -13.05 -109.41 52.91
CA LYS MA 140 -13.67 -108.69 54.02
C LYS MA 140 -13.30 -109.31 55.36
N LYS MA 141 -13.55 -110.63 55.54
CA LYS MA 141 -13.28 -111.29 56.81
C LYS MA 141 -11.81 -111.16 57.23
N GLU MA 142 -10.88 -111.43 56.31
CA GLU MA 142 -9.47 -111.40 56.67
C GLU MA 142 -9.02 -109.99 57.04
N ASN MA 143 -9.40 -108.99 56.24
CA ASN MA 143 -9.11 -107.60 56.57
C ASN MA 143 -9.75 -107.21 57.91
N PHE MA 144 -11.06 -107.46 58.06
CA PHE MA 144 -11.80 -107.01 59.23
C PHE MA 144 -11.39 -107.75 60.51
N ASN MA 145 -10.77 -108.91 60.41
CA ASN MA 145 -10.19 -109.61 61.56
C ASN MA 145 -8.78 -109.11 61.86
N LEU MA 146 -7.89 -109.07 60.85
CA LEU MA 146 -6.52 -108.62 61.08
C LEU MA 146 -6.47 -107.22 61.70
N LYS MA 147 -7.38 -106.31 61.29
CA LYS MA 147 -7.36 -104.96 61.82
C LYS MA 147 -7.74 -104.89 63.30
N LEU MA 148 -8.15 -106.02 63.90
CA LEU MA 148 -8.31 -106.10 65.35
C LEU MA 148 -7.01 -106.52 66.04
N ARG MA 149 -6.20 -107.35 65.37
CA ARG MA 149 -4.90 -107.76 65.90
C ARG MA 149 -3.90 -106.59 65.94
N ILE MA 150 -4.11 -105.58 65.09
CA ILE MA 150 -3.35 -104.33 65.09
C ILE MA 150 -3.24 -103.73 66.49
N TYR MA 151 -4.36 -103.69 67.23
CA TYR MA 151 -4.43 -102.93 68.48
C TYR MA 151 -3.48 -103.47 69.56
N PHE MA 152 -3.41 -104.80 69.72
CA PHE MA 152 -2.51 -105.37 70.72
C PHE MA 152 -1.05 -105.16 70.35
N LEU MA 153 -0.75 -105.19 69.05
CA LEU MA 153 0.60 -104.94 68.58
C LEU MA 153 1.03 -103.50 68.88
N GLU MA 154 0.12 -102.53 68.68
CA GLU MA 154 0.39 -101.15 69.08
C GLU MA 154 0.52 -101.02 70.60
N GLU MA 155 -0.34 -101.68 71.37
CA GLU MA 155 -0.25 -101.64 72.83
C GLU MA 155 1.07 -102.21 73.33
N ARG MA 156 1.58 -103.26 72.69
CA ARG MA 156 2.89 -103.79 73.02
C ARG MA 156 3.99 -102.77 72.70
N MET MA 157 3.99 -102.23 71.48
CA MET MA 157 5.00 -101.25 71.11
C MET MA 157 4.99 -100.07 72.07
N GLN MA 158 3.82 -99.67 72.54
CA GLN MA 158 3.70 -98.59 73.53
C GLN MA 158 4.05 -98.98 74.96
N GLN MA 159 4.13 -100.29 75.29
CA GLN MA 159 4.48 -100.67 76.66
C GLN MA 159 5.91 -101.18 76.82
N GLU MA 160 6.65 -101.45 75.74
CA GLU MA 160 8.01 -101.94 75.92
C GLU MA 160 9.01 -100.88 76.40
N PHE MA 161 8.68 -99.59 76.36
CA PHE MA 161 9.57 -98.59 76.95
C PHE MA 161 9.09 -98.28 78.37
N LEU NA 150 -60.08 58.25 57.00
CA LEU NA 150 -60.17 57.27 55.86
C LEU NA 150 -60.77 57.94 54.60
N GLN NA 151 -61.92 58.59 54.73
CA GLN NA 151 -62.65 59.06 53.56
C GLN NA 151 -61.93 60.20 52.83
N GLN NA 152 -61.21 61.05 53.55
CA GLN NA 152 -60.78 62.34 53.03
C GLN NA 152 -59.88 62.25 51.79
N SER NA 153 -59.30 61.08 51.50
CA SER NA 153 -58.53 60.92 50.27
C SER NA 153 -59.35 61.22 49.01
N LEU NA 154 -60.66 61.00 49.05
CA LEU NA 154 -61.51 61.41 47.93
C LEU NA 154 -61.43 62.92 47.71
N GLU NA 155 -61.45 63.69 48.80
CA GLU NA 155 -61.29 65.14 48.70
C GLU NA 155 -59.87 65.55 48.33
N LEU NA 156 -58.85 64.90 48.90
CA LEU NA 156 -57.48 65.20 48.51
C LEU NA 156 -57.25 64.98 47.02
N LYS NA 157 -57.72 63.85 46.49
CA LYS NA 157 -57.67 63.62 45.05
C LYS NA 157 -58.45 64.69 44.28
N ARG NA 158 -59.57 65.17 44.83
CA ARG NA 158 -60.30 66.27 44.19
C ARG NA 158 -59.46 67.56 44.14
N LYS NA 159 -58.89 67.97 45.29
CA LYS NA 159 -58.04 69.17 45.27
C LYS NA 159 -56.86 68.98 44.33
N MET NA 160 -56.20 67.84 44.45
CA MET NA 160 -55.04 67.51 43.63
C MET NA 160 -55.33 67.62 42.13
N LEU NA 161 -56.39 66.96 41.65
CA LEU NA 161 -56.55 66.85 40.20
C LEU NA 161 -56.91 68.20 39.58
N ARG NA 162 -57.67 69.02 40.30
CA ARG NA 162 -57.88 70.42 39.93
C ARG NA 162 -56.55 71.18 39.87
N ASP NA 163 -55.65 70.93 40.84
CA ASP NA 163 -54.34 71.58 40.83
C ASP NA 163 -53.43 71.08 39.72
N LYS NA 164 -53.43 69.76 39.44
CA LYS NA 164 -52.72 69.28 38.27
C LYS NA 164 -53.29 69.89 36.99
N GLN NA 165 -54.59 70.16 36.96
CA GLN NA 165 -55.15 70.89 35.84
C GLN NA 165 -54.66 72.34 35.77
N ASN NA 166 -54.56 73.06 36.90
CA ASN NA 166 -54.15 74.46 36.76
C ASN NA 166 -52.64 74.61 36.61
N LYS NA 167 -51.84 73.59 36.99
CA LYS NA 167 -50.45 73.56 36.55
C LYS NA 167 -50.39 73.30 35.05
N LYS NA 168 -51.14 72.31 34.57
CA LYS NA 168 -51.31 72.02 33.14
C LYS NA 168 -52.38 72.87 32.45
N ASN NA 169 -52.53 74.13 32.87
CA ASN NA 169 -53.28 75.10 32.06
C ASN NA 169 -52.67 75.28 30.67
N SER NA 170 -51.39 74.93 30.49
CA SER NA 170 -50.74 74.85 29.18
C SER NA 170 -51.05 73.53 28.43
N GLY NA 171 -52.06 72.77 28.85
CA GLY NA 171 -52.41 71.52 28.19
C GLY NA 171 -53.82 71.04 28.57
N GLN NA 172 -54.05 69.73 28.39
CA GLN NA 172 -55.37 69.13 28.62
C GLN NA 172 -55.27 67.60 28.77
N HIS NA 173 -56.39 67.01 29.26
CA HIS NA 173 -56.68 65.56 29.20
C HIS NA 173 -55.70 64.65 29.96
N LEU NA 174 -55.45 64.96 31.24
CA LEU NA 174 -54.83 63.99 32.15
C LEU NA 174 -55.66 62.71 32.29
N PRO NA 175 -55.04 61.53 32.37
CA PRO NA 175 -55.79 60.31 32.71
C PRO NA 175 -56.31 60.33 34.15
N ILE NA 176 -57.30 59.46 34.40
CA ILE NA 176 -57.82 59.20 35.75
C ILE NA 176 -58.39 57.77 35.79
N PHE NA 177 -58.32 57.10 37.00
CA PHE NA 177 -58.90 55.76 37.16
C PHE NA 177 -60.43 55.79 37.32
N PRO NA 178 -61.12 54.72 36.87
CA PRO NA 178 -62.52 54.49 37.25
C PRO NA 178 -62.76 54.46 38.74
N ALA NA 179 -63.95 54.90 39.15
CA ALA NA 179 -64.23 54.95 40.56
C ALA NA 179 -64.16 53.58 41.22
N TRP NA 180 -64.47 52.48 40.52
CA TRP NA 180 -64.36 51.16 41.16
C TRP NA 180 -62.95 50.85 41.66
N VAL NA 181 -61.92 51.47 41.07
CA VAL NA 181 -60.55 51.26 41.55
C VAL NA 181 -60.39 51.76 42.99
N TYR NA 182 -61.15 52.78 43.40
CA TYR NA 182 -61.05 53.34 44.75
C TYR NA 182 -62.14 52.86 45.70
N GLU NA 183 -63.30 52.46 45.16
CA GLU NA 183 -64.47 52.05 45.96
C GLU NA 183 -64.33 50.58 46.39
N ARG NA 184 -63.89 49.69 45.50
CA ARG NA 184 -63.76 48.27 45.81
C ARG NA 184 -62.68 48.05 46.90
N PRO NA 185 -62.83 47.00 47.72
CA PRO NA 185 -61.72 46.63 48.63
C PRO NA 185 -60.42 46.21 47.94
N ALA NA 186 -60.48 45.69 46.71
CA ALA NA 186 -59.34 45.45 45.83
C ALA NA 186 -58.06 44.95 46.51
N LEU NA 187 -57.04 45.80 46.72
CA LEU NA 187 -55.74 45.40 47.26
C LEU NA 187 -55.50 45.79 48.73
N ILE NA 188 -56.51 46.34 49.42
CA ILE NA 188 -56.40 46.70 50.86
C ILE NA 188 -56.04 45.49 51.74
N GLY NA 189 -55.50 45.79 52.94
CA GLY NA 189 -55.19 44.78 53.94
C GLY NA 189 -56.38 44.21 54.71
N ASP NA 190 -56.33 44.23 56.04
CA ASP NA 190 -57.31 43.56 56.91
C ASP NA 190 -58.72 44.10 56.74
N PHE NA 191 -59.69 43.31 57.20
CA PHE NA 191 -61.11 43.68 57.23
C PHE NA 191 -61.68 43.50 58.65
N THR NA 201 -67.84 31.46 66.96
CA THR NA 201 -68.09 30.01 66.98
C THR NA 201 -66.82 29.22 67.33
N ALA NA 202 -65.67 29.91 67.43
CA ALA NA 202 -64.39 29.32 67.80
C ALA NA 202 -64.43 28.72 69.22
N LEU NA 203 -63.41 27.90 69.52
CA LEU NA 203 -63.38 27.03 70.69
C LEU NA 203 -63.13 27.80 71.99
N PRO NA 204 -63.52 27.25 73.17
CA PRO NA 204 -63.16 27.76 74.49
C PRO NA 204 -61.63 27.80 74.75
N ILE NA 205 -60.94 28.81 74.23
CA ILE NA 205 -59.47 28.90 74.24
C ILE NA 205 -58.88 29.00 75.66
N GLY NA 206 -59.67 29.43 76.66
CA GLY NA 206 -59.28 29.37 78.07
C GLY NA 206 -59.06 27.95 78.59
N THR NA 207 -59.74 26.93 78.02
CA THR NA 207 -59.58 25.54 78.44
C THR NA 207 -58.67 24.77 77.48
N LEU NA 208 -58.47 25.28 76.26
CA LEU NA 208 -57.49 24.73 75.32
C LEU NA 208 -56.08 24.84 75.90
N PRO NA 209 -55.39 23.71 76.12
CA PRO NA 209 -54.17 23.74 76.95
C PRO NA 209 -52.94 24.36 76.28
N LEU NA 210 -52.05 24.89 77.14
CA LEU NA 210 -51.01 25.86 76.83
C LEU NA 210 -50.18 25.53 75.59
N ALA NA 211 -49.81 24.27 75.36
CA ALA NA 211 -49.05 23.94 74.16
C ALA NA 211 -49.89 24.09 72.90
N SER NA 212 -51.07 23.46 72.88
CA SER NA 212 -51.98 23.61 71.75
C SER NA 212 -52.46 25.04 71.58
N GLN NA 213 -52.53 25.83 72.66
CA GLN NA 213 -52.98 27.21 72.63
C GLN NA 213 -52.03 28.09 71.82
N GLU NA 214 -50.72 27.90 71.98
CA GLU NA 214 -49.71 28.41 71.05
C GLU NA 214 -49.90 27.84 69.63
N SER NA 215 -50.14 26.53 69.49
CA SER NA 215 -50.23 25.90 68.19
C SER NA 215 -51.43 26.41 67.41
N ALA NA 216 -52.51 26.83 68.06
CA ALA NA 216 -53.66 27.50 67.45
C ALA NA 216 -53.35 28.96 67.09
N VAL NA 217 -52.70 29.72 67.99
CA VAL NA 217 -52.37 31.13 67.75
C VAL NA 217 -51.38 31.32 66.60
N VAL NA 218 -50.40 30.42 66.42
CA VAL NA 218 -49.34 30.61 65.43
C VAL NA 218 -49.82 30.53 63.99
N GLU NA 219 -50.94 29.85 63.68
CA GLU NA 219 -51.47 29.96 62.32
C GLU NA 219 -52.20 31.28 62.09
N ASP NA 220 -52.87 31.82 63.10
CA ASP NA 220 -53.51 33.13 62.93
C ASP NA 220 -52.49 34.21 62.59
N LEU NA 221 -51.31 34.17 63.20
CA LEU NA 221 -50.30 35.13 62.78
C LEU NA 221 -49.98 34.98 61.29
N LEU NA 222 -49.94 33.76 60.77
CA LEU NA 222 -49.67 33.60 59.36
C LEU NA 222 -50.80 34.12 58.47
N TYR NA 223 -52.02 34.30 58.98
CA TYR NA 223 -53.04 35.08 58.29
C TYR NA 223 -52.79 36.56 58.51
N VAL NA 224 -52.74 36.98 59.77
CA VAL NA 224 -52.62 38.38 60.15
C VAL NA 224 -51.39 39.06 59.59
N LEU NA 225 -50.33 38.33 59.26
CA LEU NA 225 -49.17 38.94 58.61
C LEU NA 225 -49.42 39.35 57.16
N VAL NA 226 -50.54 38.95 56.55
CA VAL NA 226 -50.93 39.39 55.21
C VAL NA 226 -52.24 40.15 55.18
N GLY NA 227 -52.88 40.36 56.33
CA GLY NA 227 -54.12 41.11 56.35
C GLY NA 227 -55.31 40.22 56.08
N VAL NA 228 -55.63 39.43 57.09
CA VAL NA 228 -56.77 38.53 57.14
C VAL NA 228 -57.16 38.43 58.61
N ASP NA 229 -58.45 38.45 58.91
CA ASP NA 229 -58.86 38.72 60.30
C ASP NA 229 -58.66 37.58 61.29
N GLY NA 230 -57.82 36.59 60.98
CA GLY NA 230 -57.52 35.51 61.92
C GLY NA 230 -58.72 34.78 62.47
N ARG NA 231 -58.58 34.15 63.66
CA ARG NA 231 -59.70 33.56 64.39
C ARG NA 231 -59.73 34.04 65.83
N TYR NA 232 -58.56 34.15 66.42
CA TYR NA 232 -58.21 35.03 67.52
C TYR NA 232 -57.41 36.20 66.91
N VAL NA 233 -56.96 37.18 67.69
CA VAL NA 233 -56.01 38.23 67.21
C VAL NA 233 -56.43 38.92 65.89
N SER NA 234 -57.65 39.45 65.85
CA SER NA 234 -58.33 39.96 64.66
C SER NA 234 -58.31 41.49 64.59
N ALA NA 235 -58.08 42.03 63.39
CA ALA NA 235 -57.91 43.47 63.19
C ALA NA 235 -59.17 44.26 63.56
N GLN NA 236 -58.96 45.57 64.01
CA GLN NA 236 -60.06 46.45 64.43
C GLN NA 236 -60.65 47.26 63.30
N PRO NA 237 -61.92 47.71 63.45
CA PRO NA 237 -62.42 48.83 62.65
C PRO NA 237 -61.69 50.12 63.00
N LEU NA 238 -62.13 51.25 62.44
CA LEU NA 238 -61.30 52.46 62.36
C LEU NA 238 -59.90 52.07 61.94
N ALA NA 239 -59.85 51.54 60.72
CA ALA NA 239 -58.64 51.44 59.93
C ALA NA 239 -58.03 52.81 59.63
N GLY NA 240 -58.75 53.89 59.95
CA GLY NA 240 -58.34 55.25 59.66
C GLY NA 240 -57.13 55.79 60.40
N ARG NA 241 -57.03 57.12 60.52
CA ARG NA 241 -55.85 57.78 61.04
C ARG NA 241 -54.58 57.41 60.26
N GLN NA 242 -53.66 56.66 60.86
CA GLN NA 242 -52.41 56.28 60.23
C GLN NA 242 -51.87 54.89 60.63
N SER NA 243 -52.51 54.18 61.57
CA SER NA 243 -52.03 52.85 61.94
C SER NA 243 -53.13 51.99 62.59
N ARG NA 244 -53.02 50.67 62.36
CA ARG NA 244 -53.97 49.66 62.84
C ARG NA 244 -53.85 49.41 64.36
N THR NA 245 -54.87 48.76 64.93
CA THR NA 245 -54.80 48.09 66.22
C THR NA 245 -55.59 46.78 66.12
N PHE NA 246 -55.35 45.84 67.04
CA PHE NA 246 -55.85 44.48 66.90
C PHE NA 246 -56.44 43.96 68.21
N LEU NA 247 -57.27 42.92 68.12
CA LEU NA 247 -58.11 42.49 69.25
C LEU NA 247 -57.83 41.07 69.76
N VAL NA 248 -56.58 40.76 70.10
CA VAL NA 248 -56.24 39.51 70.81
C VAL NA 248 -57.02 39.36 72.13
N ASP NA 249 -57.55 38.17 72.36
CA ASP NA 249 -58.63 37.90 73.32
C ASP NA 249 -58.25 38.08 74.81
N PRO NA 250 -59.23 38.35 75.70
CA PRO NA 250 -58.97 38.54 77.14
C PRO NA 250 -58.70 37.23 77.92
N ASN NA 251 -59.02 36.07 77.34
CA ASN NA 251 -58.87 34.75 77.97
C ASN NA 251 -57.73 33.88 77.38
N LEU NA 252 -56.95 34.40 76.42
CA LEU NA 252 -55.67 33.82 76.01
C LEU NA 252 -54.62 34.00 77.14
N ASP NA 253 -53.69 33.06 77.32
CA ASP NA 253 -52.71 33.10 78.42
C ASP NA 253 -51.81 34.36 78.35
N LEU NA 254 -51.66 35.06 79.47
CA LEU NA 254 -51.00 36.38 79.53
C LEU NA 254 -49.58 36.38 78.94
N SER NA 255 -48.82 35.31 79.20
CA SER NA 255 -47.47 35.13 78.66
C SER NA 255 -47.48 35.02 77.12
N ILE NA 256 -48.47 34.33 76.54
CA ILE NA 256 -48.66 34.29 75.08
C ILE NA 256 -49.12 35.66 74.56
N ARG NA 257 -50.07 36.34 75.23
CA ARG NA 257 -50.56 37.66 74.77
C ARG NA 257 -49.43 38.68 74.64
N GLU NA 258 -48.56 38.75 75.64
CA GLU NA 258 -47.41 39.66 75.63
C GLU NA 258 -46.35 39.30 74.57
N LEU NA 259 -46.31 38.06 74.07
CA LEU NA 259 -45.50 37.69 72.90
C LEU NA 259 -46.21 38.03 71.59
N VAL NA 260 -47.53 37.79 71.49
CA VAL NA 260 -48.33 38.18 70.32
C VAL NA 260 -48.24 39.69 70.07
N HIS NA 261 -48.45 40.52 71.10
CA HIS NA 261 -48.27 41.99 70.99
C HIS NA 261 -46.85 42.41 70.59
N ARG NA 262 -45.88 41.50 70.68
CA ARG NA 262 -44.49 41.82 70.25
C ARG NA 262 -44.33 41.57 68.75
N ILE NA 263 -45.13 40.65 68.18
CA ILE NA 263 -45.01 40.30 66.77
C ILE NA 263 -45.84 41.26 65.90
N LEU NA 264 -47.09 41.53 66.30
CA LEU NA 264 -48.05 42.26 65.49
C LEU NA 264 -47.56 43.57 64.87
N PRO NA 265 -46.68 44.33 65.47
CA PRO NA 265 -46.09 45.48 64.77
C PRO NA 265 -45.41 45.24 63.41
N VAL NA 266 -45.39 44.02 62.89
CA VAL NA 266 -45.19 43.86 61.44
C VAL NA 266 -46.51 43.80 60.68
N ALA NA 267 -47.55 43.17 61.24
CA ALA NA 267 -48.88 43.21 60.63
C ALA NA 267 -49.53 44.60 60.66
N ALA NA 268 -49.50 45.26 61.81
CA ALA NA 268 -49.98 46.64 61.92
C ALA NA 268 -49.31 47.56 60.94
N SER NA 269 -48.14 47.16 60.45
CA SER NA 269 -47.32 47.90 59.52
C SER NA 269 -47.30 47.27 58.14
N TYR NA 270 -48.17 46.29 57.89
CA TYR NA 270 -48.40 45.81 56.54
C TYR NA 270 -49.62 46.48 55.91
N SER NA 271 -50.76 46.43 56.60
CA SER NA 271 -51.71 47.50 56.44
C SER NA 271 -50.94 48.81 56.63
N ALA NA 272 -51.39 49.87 55.97
CA ALA NA 272 -50.64 51.11 55.89
C ALA NA 272 -49.35 51.04 55.08
N VAL NA 273 -49.01 49.92 54.42
CA VAL NA 273 -48.14 49.94 53.26
C VAL NA 273 -48.86 49.51 51.99
N THR NA 274 -49.78 48.55 52.09
CA THR NA 274 -50.67 48.30 50.96
C THR NA 274 -51.39 49.59 50.55
N ARG NA 275 -51.91 50.33 51.53
CA ARG NA 275 -52.60 51.58 51.25
C ARG NA 275 -51.72 52.69 50.70
N PHE NA 276 -50.41 52.65 50.88
CA PHE NA 276 -49.59 53.59 50.11
C PHE NA 276 -49.24 53.05 48.74
N ILE NA 277 -49.28 51.73 48.54
CA ILE NA 277 -49.08 51.19 47.21
C ILE NA 277 -50.29 51.48 46.32
N GLU NA 278 -51.50 51.38 46.88
CA GLU NA 278 -52.72 51.73 46.15
C GLU NA 278 -52.79 53.20 45.77
N GLU NA 279 -52.86 54.08 46.77
CA GLU NA 279 -53.12 55.50 46.53
C GLU NA 279 -52.09 56.13 45.61
N LYS NA 280 -50.83 56.06 45.99
CA LYS NA 280 -49.80 56.87 45.33
C LYS NA 280 -49.34 56.25 44.02
N SER NA 281 -50.26 55.54 43.36
CA SER NA 281 -50.11 55.03 42.01
C SER NA 281 -50.95 55.75 40.96
N SER NA 282 -52.02 56.45 41.36
CA SER NA 282 -52.89 57.12 40.42
C SER NA 282 -52.34 58.50 40.06
N PHE NA 283 -52.78 59.00 38.90
CA PHE NA 283 -52.16 60.11 38.18
C PHE NA 283 -52.26 61.48 38.88
N GLU NA 284 -53.04 61.61 39.96
CA GLU NA 284 -52.99 62.83 40.77
C GLU NA 284 -51.61 63.14 41.32
N TYR NA 285 -50.76 62.12 41.49
CA TYR NA 285 -49.56 62.19 42.32
C TYR NA 285 -48.22 62.24 41.56
N GLY NA 286 -48.18 62.61 40.30
CA GLY NA 286 -46.90 62.68 39.59
C GLY NA 286 -46.30 61.32 39.29
N GLN NA 287 -45.18 61.35 38.54
CA GLN NA 287 -44.50 60.11 38.17
C GLN NA 287 -43.66 59.54 39.30
N VAL NA 288 -43.07 60.39 40.14
CA VAL NA 288 -42.20 59.91 41.21
C VAL NA 288 -42.97 59.16 42.29
N ASN NA 289 -44.14 59.61 42.70
CA ASN NA 289 -44.83 58.78 43.69
C ASN NA 289 -45.26 57.44 43.13
N HIS NA 290 -45.59 57.36 41.83
CA HIS NA 290 -45.78 56.04 41.23
C HIS NA 290 -44.55 55.16 41.38
N ALA NA 291 -43.40 55.67 40.95
CA ALA NA 291 -42.21 54.83 40.94
C ALA NA 291 -41.80 54.38 42.33
N LEU NA 292 -41.87 55.28 43.32
CA LEU NA 292 -41.71 54.87 44.70
C LEU NA 292 -42.72 53.81 45.10
N ALA NA 293 -44.00 54.09 44.93
CA ALA NA 293 -45.03 53.17 45.38
C ALA NA 293 -45.05 51.87 44.59
N ALA NA 294 -44.31 51.78 43.49
CA ALA NA 294 -44.06 50.50 42.81
C ALA NA 294 -42.83 49.73 43.31
N ALA NA 295 -41.67 50.37 43.54
CA ALA NA 295 -40.59 49.64 44.17
C ALA NA 295 -41.04 49.10 45.52
N MET NA 296 -41.82 49.88 46.25
CA MET NA 296 -42.46 49.40 47.46
C MET NA 296 -43.46 48.27 47.19
N ARG NA 297 -44.09 48.24 46.01
CA ARG NA 297 -44.96 47.11 45.63
C ARG NA 297 -44.16 45.83 45.43
N THR NA 298 -42.94 45.93 44.91
CA THR NA 298 -42.11 44.73 44.73
C THR NA 298 -41.79 44.07 46.07
N LEU NA 299 -41.22 44.83 47.00
CA LEU NA 299 -40.82 44.25 48.28
C LEU NA 299 -41.97 43.64 49.04
N VAL NA 300 -43.20 44.08 48.81
CA VAL NA 300 -44.35 43.41 49.40
C VAL NA 300 -44.66 42.06 48.80
N LYS NA 301 -44.16 41.73 47.60
CA LYS NA 301 -44.19 40.33 47.18
C LYS NA 301 -43.31 39.46 48.06
N GLU NA 302 -42.06 39.89 48.28
CA GLU NA 302 -41.15 39.10 49.11
C GLU NA 302 -41.67 38.91 50.52
N HIS NA 303 -42.46 39.84 51.05
CA HIS NA 303 -43.16 39.52 52.28
C HIS NA 303 -44.18 38.40 52.09
N LEU NA 304 -44.85 38.34 50.94
CA LEU NA 304 -45.74 37.21 50.66
C LEU NA 304 -45.01 35.89 50.39
N ILE NA 305 -43.83 35.90 49.77
CA ILE NA 305 -43.04 34.67 49.73
C ILE NA 305 -42.72 34.21 51.14
N LEU NA 306 -42.18 35.11 51.96
CA LEU NA 306 -41.77 34.72 53.29
C LEU NA 306 -42.91 34.19 54.14
N VAL NA 307 -44.01 34.92 54.27
CA VAL NA 307 -45.13 34.38 55.05
C VAL NA 307 -45.73 33.13 54.44
N SER NA 308 -45.31 32.73 53.24
CA SER NA 308 -45.64 31.40 52.71
C SER NA 308 -44.67 30.32 53.17
N GLN NA 309 -43.37 30.62 53.17
CA GLN NA 309 -42.39 29.68 53.71
C GLN NA 309 -42.76 29.27 55.12
N LEU NA 310 -43.06 30.26 55.96
CA LEU NA 310 -43.39 29.98 57.34
C LEU NA 310 -44.61 29.08 57.49
N GLU NA 311 -45.53 29.06 56.53
CA GLU NA 311 -46.61 28.09 56.65
C GLU NA 311 -46.16 26.69 56.27
N GLN NA 312 -45.25 26.56 55.32
CA GLN NA 312 -44.71 25.25 54.98
C GLN NA 312 -44.03 24.62 56.18
N LEU NA 313 -43.18 25.37 56.88
CA LEU NA 313 -42.62 24.84 58.11
C LEU NA 313 -43.70 24.58 59.15
N HIS NA 314 -44.75 25.38 59.18
CA HIS NA 314 -45.79 25.11 60.17
C HIS NA 314 -46.54 23.81 59.90
N ARG NA 315 -46.82 23.48 58.64
CA ARG NA 315 -47.62 22.28 58.38
C ARG NA 315 -46.89 21.01 58.77
N GLN NA 316 -45.58 21.01 58.68
CA GLN NA 316 -44.70 19.98 59.21
C GLN NA 316 -44.65 19.96 60.78
N GLY NA 317 -45.48 20.67 61.54
CA GLY NA 317 -45.41 20.71 62.99
C GLY NA 317 -44.13 21.32 63.55
N LEU NA 318 -43.33 21.89 62.66
CA LEU NA 318 -41.94 22.24 62.90
C LEU NA 318 -41.71 23.70 63.29
N LEU NA 319 -42.75 24.52 63.45
CA LEU NA 319 -42.61 25.94 63.77
C LEU NA 319 -43.49 26.36 64.93
N SER NA 320 -42.95 27.26 65.77
CA SER NA 320 -43.41 27.60 67.10
C SER NA 320 -42.98 29.03 67.40
N LEU NA 321 -43.63 29.70 68.36
CA LEU NA 321 -43.55 31.15 68.53
C LEU NA 321 -42.13 31.67 68.75
N GLN NA 322 -41.27 31.01 69.54
CA GLN NA 322 -39.88 31.49 69.61
C GLN NA 322 -39.10 31.24 68.34
N LYS NA 323 -39.51 30.28 67.51
CA LYS NA 323 -38.91 30.20 66.18
C LYS NA 323 -39.48 31.30 65.31
N LEU NA 324 -40.78 31.53 65.40
CA LEU NA 324 -41.40 32.54 64.55
C LEU NA 324 -40.78 33.91 64.79
N TRP NA 325 -40.60 34.28 66.06
CA TRP NA 325 -39.94 35.54 66.41
C TRP NA 325 -38.45 35.58 66.10
N PHE NA 326 -37.77 34.45 65.89
CA PHE NA 326 -36.47 34.57 65.22
C PHE NA 326 -36.67 34.95 63.76
N TYR NA 327 -37.52 34.20 63.05
CA TYR NA 327 -37.50 34.26 61.59
C TYR NA 327 -38.00 35.59 61.04
N ILE NA 328 -39.00 36.22 61.66
CA ILE NA 328 -39.54 37.48 61.11
C ILE NA 328 -38.62 38.70 61.24
N GLN NA 329 -37.48 38.58 61.89
CA GLN NA 329 -36.82 39.81 62.32
C GLN NA 329 -36.34 40.68 61.16
N PRO NA 330 -35.72 40.16 60.11
CA PRO NA 330 -35.38 41.04 58.98
C PRO NA 330 -36.60 41.54 58.21
N ALA NA 331 -37.77 40.91 58.37
CA ALA NA 331 -38.99 41.44 57.77
C ALA NA 331 -39.53 42.59 58.63
N MET NA 332 -39.79 42.31 59.90
CA MET NA 332 -40.19 43.34 60.86
C MET NA 332 -39.34 44.59 60.77
N ARG NA 333 -38.07 44.48 60.45
CA ARG NA 333 -37.28 45.68 60.17
C ARG NA 333 -37.78 46.41 58.92
N THR NA 334 -37.78 45.74 57.76
CA THR NA 334 -38.19 46.43 56.53
C THR NA 334 -39.59 47.03 56.59
N MET NA 335 -40.58 46.36 57.19
CA MET NA 335 -41.89 47.02 57.27
C MET NA 335 -41.87 48.26 58.18
N ASP NA 336 -41.05 48.30 59.23
CA ASP NA 336 -40.88 49.58 59.92
C ASP NA 336 -40.27 50.62 59.01
N ILE NA 337 -39.25 50.28 58.24
CA ILE NA 337 -38.66 51.30 57.36
C ILE NA 337 -39.67 51.79 56.35
N LEU NA 338 -40.43 50.87 55.74
CA LEU NA 338 -41.41 51.24 54.71
C LEU NA 338 -42.58 52.02 55.28
N ALA NA 339 -43.24 51.50 56.30
CA ALA NA 339 -44.38 52.22 56.85
C ALA NA 339 -43.99 53.58 57.41
N SER NA 340 -42.78 53.75 57.92
CA SER NA 340 -42.34 55.09 58.29
C SER NA 340 -42.16 55.97 57.06
N LEU NA 341 -41.45 55.48 56.06
CA LEU NA 341 -41.22 56.24 54.83
C LEU NA 341 -42.49 56.42 54.00
N ALA NA 342 -43.55 55.68 54.31
CA ALA NA 342 -44.88 55.96 53.76
C ALA NA 342 -45.60 57.07 54.52
N THR NA 343 -45.84 56.88 55.83
CA THR NA 343 -46.53 57.90 56.62
C THR NA 343 -45.83 59.25 56.58
N SER NA 344 -44.51 59.27 56.47
CA SER NA 344 -43.81 60.55 56.30
C SER NA 344 -44.16 61.26 54.99
N VAL NA 345 -44.50 60.53 53.93
CA VAL NA 345 -44.93 61.17 52.68
C VAL NA 345 -46.38 61.66 52.74
N ASP NA 346 -47.26 61.01 53.52
CA ASP NA 346 -48.60 61.57 53.75
C ASP NA 346 -48.57 62.83 54.61
N LYS NA 347 -47.88 62.83 55.74
CA LYS NA 347 -47.91 64.04 56.55
C LYS NA 347 -47.19 65.14 55.79
N GLY NA 348 -45.95 64.89 55.41
CA GLY NA 348 -45.22 65.83 54.59
C GLY NA 348 -45.72 65.69 53.17
N GLU NA 349 -46.99 66.04 52.98
CA GLU NA 349 -47.81 65.64 51.85
C GLU NA 349 -47.20 65.88 50.47
N CYS NA 350 -46.25 66.79 50.36
CA CYS NA 350 -45.68 67.12 49.07
C CYS NA 350 -45.10 65.91 48.36
N LEU NA 351 -45.03 66.00 47.02
CA LEU NA 351 -44.90 64.93 46.04
C LEU NA 351 -43.54 65.03 45.34
N GLY NA 352 -43.47 64.65 44.05
CA GLY NA 352 -42.20 64.55 43.35
C GLY NA 352 -41.29 65.75 43.48
N GLY NA 353 -39.97 65.51 43.38
CA GLY NA 353 -38.94 66.44 43.80
C GLY NA 353 -38.79 66.55 45.30
N SER NA 354 -39.90 66.57 46.04
CA SER NA 354 -39.83 66.57 47.49
C SER NA 354 -39.74 65.16 48.07
N THR NA 355 -40.52 64.17 47.60
CA THR NA 355 -40.27 62.82 48.08
C THR NA 355 -38.89 62.35 47.67
N LEU NA 356 -38.45 62.69 46.46
CA LEU NA 356 -37.08 62.42 46.06
C LEU NA 356 -36.05 63.12 46.96
N SER NA 357 -36.45 64.11 47.75
CA SER NA 357 -35.57 64.56 48.83
C SER NA 357 -35.71 63.66 50.04
N LEU NA 358 -36.94 63.47 50.49
CA LEU NA 358 -37.19 62.70 51.70
C LEU NA 358 -36.51 61.34 51.69
N LEU NA 359 -36.52 60.63 50.57
CA LEU NA 359 -35.79 59.36 50.51
C LEU NA 359 -34.28 59.57 50.70
N HIS NA 360 -33.69 60.53 50.00
CA HIS NA 360 -32.25 60.77 50.13
C HIS NA 360 -31.84 61.25 51.52
N ASP NA 361 -32.67 62.03 52.21
CA ASP NA 361 -32.34 62.38 53.59
C ASP NA 361 -32.23 61.16 54.49
N ARG NA 362 -33.18 60.23 54.41
CA ARG NA 362 -33.02 59.01 55.18
C ARG NA 362 -31.90 58.11 54.67
N SER NA 363 -31.52 58.22 53.41
CA SER NA 363 -30.30 57.54 52.95
C SER NA 363 -29.01 58.10 53.56
N PHE NA 364 -29.05 59.19 54.31
CA PHE NA 364 -27.97 59.50 55.25
C PHE NA 364 -28.29 59.08 56.67
N SER NA 365 -29.51 59.35 57.15
CA SER NA 365 -29.88 59.00 58.52
C SER NA 365 -29.52 57.58 58.92
N TYR NA 366 -29.60 56.62 57.99
CA TYR NA 366 -29.17 55.23 58.22
C TYR NA 366 -27.76 54.90 57.74
N THR NA 367 -26.77 55.79 57.88
CA THR NA 367 -25.39 55.46 57.50
C THR NA 367 -24.81 54.32 58.36
N GLY NA 368 -25.36 54.07 59.54
CA GLY NA 368 -24.97 52.91 60.34
C GLY NA 368 -25.57 51.57 59.92
N ASP NA 369 -26.91 51.48 59.92
CA ASP NA 369 -27.64 50.22 60.05
C ASP NA 369 -27.43 49.21 58.91
N SER NA 370 -26.96 49.65 57.74
CA SER NA 370 -26.61 48.84 56.57
C SER NA 370 -27.74 47.99 55.95
N GLN NA 371 -28.47 47.18 56.72
CA GLN NA 371 -29.64 46.51 56.17
C GLN NA 371 -30.69 47.50 55.73
N ALA NA 372 -31.09 48.41 56.63
CA ALA NA 372 -31.95 49.51 56.26
C ALA NA 372 -31.26 50.53 55.37
N GLN NA 373 -29.94 50.48 55.22
CA GLN NA 373 -29.29 51.43 54.34
C GLN NA 373 -29.40 51.02 52.88
N GLU NA 374 -29.37 49.71 52.60
CA GLU NA 374 -29.66 49.25 51.23
C GLU NA 374 -31.12 49.48 50.82
N LEU NA 375 -32.09 49.40 51.73
CA LEU NA 375 -33.44 49.80 51.35
C LEU NA 375 -33.45 51.21 50.79
N CYS NA 376 -32.91 52.15 51.53
CA CYS NA 376 -33.05 53.54 51.15
C CYS NA 376 -32.23 53.88 49.92
N LEU NA 377 -31.15 53.15 49.64
CA LEU NA 377 -30.50 53.28 48.34
C LEU NA 377 -31.29 52.59 47.23
N TYR NA 378 -31.97 51.48 47.53
CA TYR NA 378 -32.83 50.85 46.53
C TYR NA 378 -34.03 51.74 46.18
N LEU NA 379 -34.87 52.07 47.16
CA LEU NA 379 -36.02 52.92 46.92
C LEU NA 379 -35.65 54.27 46.29
N THR NA 380 -34.53 54.89 46.68
CA THR NA 380 -34.16 56.12 45.99
C THR NA 380 -33.67 55.86 44.58
N LYS NA 381 -32.88 54.81 44.37
CA LYS NA 381 -32.38 54.60 43.01
C LYS NA 381 -33.50 54.16 42.08
N ALA NA 382 -34.57 53.55 42.60
CA ALA NA 382 -35.76 53.26 41.82
C ALA NA 382 -36.59 54.53 41.58
N ALA NA 383 -37.08 55.14 42.64
CA ALA NA 383 -37.90 56.35 42.51
C ALA NA 383 -37.16 57.52 41.86
N SER NA 384 -35.84 57.47 41.76
CA SER NA 384 -35.10 58.46 40.98
C SER NA 384 -35.50 58.51 39.50
N ALA NA 385 -35.75 57.37 38.88
CA ALA NA 385 -35.68 57.28 37.43
C ALA NA 385 -36.62 58.23 36.69
N PRO NA 386 -37.91 58.35 37.03
CA PRO NA 386 -38.73 59.34 36.35
C PRO NA 386 -38.17 60.74 36.42
N TYR NA 387 -37.72 61.15 37.60
CA TYR NA 387 -37.27 62.53 37.76
C TYR NA 387 -36.03 62.77 36.91
N PHE NA 388 -35.14 61.79 36.85
CA PHE NA 388 -33.93 61.90 36.05
C PHE NA 388 -34.21 61.85 34.54
N GLU NA 389 -35.28 61.18 34.10
CA GLU NA 389 -35.68 61.29 32.69
C GLU NA 389 -36.09 62.71 32.32
N VAL NA 390 -36.97 63.33 33.11
CA VAL NA 390 -37.39 64.70 32.81
C VAL NA 390 -36.18 65.61 32.81
N LEU NA 391 -35.35 65.49 33.84
CA LEU NA 391 -34.14 66.29 33.97
C LEU NA 391 -33.18 66.08 32.81
N GLU NA 392 -33.10 64.87 32.28
CA GLU NA 392 -32.28 64.61 31.10
C GLU NA 392 -32.81 65.29 29.84
N LYS NA 393 -34.13 65.26 29.60
CA LYS NA 393 -34.68 65.99 28.46
C LYS NA 393 -34.35 67.46 28.54
N TRP NA 394 -34.51 68.04 29.73
CA TRP NA 394 -34.19 69.44 29.95
C TRP NA 394 -32.70 69.76 29.76
N ILE NA 395 -31.82 69.01 30.43
CA ILE NA 395 -30.37 69.29 30.35
C ILE NA 395 -29.87 69.22 28.90
N TYR NA 396 -30.22 68.17 28.17
CA TYR NA 396 -29.57 67.91 26.88
C TYR NA 396 -30.28 68.52 25.67
N ARG NA 397 -31.57 68.89 25.79
CA ARG NA 397 -32.30 69.48 24.67
C ARG NA 397 -33.23 70.62 25.04
N GLY NA 398 -33.41 70.95 26.32
CA GLY NA 398 -34.30 72.03 26.73
C GLY NA 398 -35.77 71.72 26.64
N ILE NA 399 -36.15 70.49 26.32
CA ILE NA 399 -37.53 70.12 26.06
C ILE NA 399 -38.24 69.81 27.38
N ILE NA 400 -38.87 70.79 28.03
CA ILE NA 400 -39.72 70.45 29.17
C ILE NA 400 -40.97 69.74 28.66
N HIS NA 401 -41.25 68.55 29.21
CA HIS NA 401 -42.64 68.07 29.28
C HIS NA 401 -42.90 67.24 30.54
N ASP NA 402 -42.79 67.93 31.68
CA ASP NA 402 -43.47 67.56 32.91
C ASP NA 402 -44.99 67.57 32.71
N PRO NA 403 -45.67 66.42 32.77
CA PRO NA 403 -47.15 66.41 32.67
C PRO NA 403 -47.87 66.91 33.89
N TYR NA 404 -47.17 67.06 35.01
CA TYR NA 404 -47.78 67.28 36.32
C TYR NA 404 -47.19 68.53 36.97
N SER NA 405 -47.41 68.68 38.28
CA SER NA 405 -46.53 69.48 39.11
C SER NA 405 -45.45 68.57 39.68
N GLU NA 406 -44.25 68.61 39.10
CA GLU NA 406 -43.20 67.71 39.55
C GLU NA 406 -41.78 68.25 39.38
N PHE NA 407 -41.43 68.77 38.21
CA PHE NA 407 -40.04 69.16 37.94
C PHE NA 407 -39.71 70.51 38.58
N MET NA 408 -38.42 70.75 38.79
CA MET NA 408 -37.86 71.95 39.41
C MET NA 408 -38.01 73.24 38.61
N VAL NA 409 -38.43 73.18 37.33
CA VAL NA 409 -38.52 74.34 36.43
C VAL NA 409 -39.97 74.59 36.02
N GLU NA 410 -40.47 75.82 36.23
CA GLU NA 410 -41.70 76.30 35.59
C GLU NA 410 -41.46 76.68 34.14
N GLU NA 411 -42.50 76.61 33.32
CA GLU NA 411 -42.56 77.39 32.09
C GLU NA 411 -43.76 78.32 32.14
N HIS NA 412 -43.54 79.60 31.85
CA HIS NA 412 -44.60 80.60 31.74
C HIS NA 412 -44.77 80.98 30.29
N GLU NA 413 -45.98 80.84 29.74
CA GLU NA 413 -46.24 81.10 28.33
C GLU NA 413 -46.94 82.44 28.10
N LEU NA 414 -46.90 83.35 29.08
CA LEU NA 414 -47.46 84.69 28.98
C LEU NA 414 -46.66 85.63 28.07
N ARG NA 415 -45.49 85.21 27.56
CA ARG NA 415 -44.56 86.11 26.87
C ARG NA 415 -45.11 86.75 25.59
N LYS NA 416 -46.18 86.20 25.02
CA LYS NA 416 -46.81 86.66 23.77
C LYS NA 416 -47.07 88.17 23.71
N GLU NA 417 -47.19 88.85 24.85
CA GLU NA 417 -47.36 90.30 24.87
C GLU NA 417 -46.15 91.04 24.30
N ARG NA 418 -44.94 90.73 24.80
CA ARG NA 418 -43.73 91.51 24.56
C ARG NA 418 -42.57 90.72 23.97
N ILE NA 419 -42.70 89.39 23.81
CA ILE NA 419 -41.63 88.51 23.34
C ILE NA 419 -40.91 89.02 22.09
N GLN NA 420 -41.60 89.77 21.22
CA GLN NA 420 -41.02 90.33 20.00
C GLN NA 420 -40.29 91.66 20.18
N GLU NA 421 -40.43 92.33 21.33
CA GLU NA 421 -40.07 93.75 21.46
C GLU NA 421 -39.48 94.15 22.82
N ASP NA 422 -39.83 93.40 23.87
CA ASP NA 422 -39.25 93.52 25.22
C ASP NA 422 -39.36 94.92 25.86
N TYR NA 423 -40.42 95.69 25.53
CA TYR NA 423 -40.59 97.05 26.05
C TYR NA 423 -40.78 97.18 27.57
N ASN NA 424 -41.02 96.09 28.33
CA ASN NA 424 -40.74 96.10 29.78
C ASN NA 424 -39.98 94.83 30.21
N ASP NA 425 -39.23 94.23 29.28
CA ASP NA 425 -38.01 93.45 29.52
C ASP NA 425 -38.07 92.17 30.38
N LYS NA 426 -39.25 91.74 30.85
CA LYS NA 426 -39.39 90.62 31.81
C LYS NA 426 -38.97 89.23 31.30
N TYR NA 427 -38.60 89.05 30.04
CA TYR NA 427 -38.41 87.74 29.39
C TYR NA 427 -37.37 86.80 30.05
N TRP NA 428 -36.08 87.03 29.78
CA TRP NA 428 -35.04 86.12 30.27
C TRP NA 428 -35.28 85.74 31.73
N ASP NA 429 -35.70 86.69 32.56
CA ASP NA 429 -35.83 86.46 34.02
C ASP NA 429 -37.10 85.70 34.42
N GLN NA 430 -38.10 85.52 33.53
CA GLN NA 430 -39.35 84.92 33.94
C GLN NA 430 -39.99 83.97 32.92
N ARG NA 431 -39.39 83.74 31.74
CA ARG NA 431 -39.91 82.68 30.88
C ARG NA 431 -39.85 81.31 31.58
N TYR NA 432 -38.69 80.97 32.15
CA TYR NA 432 -38.50 79.78 32.98
C TYR NA 432 -38.01 80.19 34.36
N THR NA 433 -38.49 79.51 35.42
CA THR NA 433 -38.13 79.88 36.79
C THR NA 433 -37.99 78.64 37.67
N ILE NA 434 -37.14 78.73 38.70
CA ILE NA 434 -36.98 77.65 39.69
C ILE NA 434 -38.24 77.57 40.56
N VAL NA 435 -38.86 76.40 40.64
CA VAL NA 435 -39.77 76.11 41.73
C VAL NA 435 -38.94 75.89 42.99
N GLN NA 436 -39.39 76.45 44.11
CA GLN NA 436 -38.52 76.40 45.28
C GLN NA 436 -38.71 75.12 46.11
N GLN NA 437 -39.93 74.64 46.29
CA GLN NA 437 -40.13 73.21 46.50
C GLN NA 437 -39.75 72.49 45.21
N GLN NA 438 -39.97 71.18 45.14
CA GLN NA 438 -39.89 70.43 43.89
C GLN NA 438 -38.50 70.47 43.23
N ILE NA 439 -37.50 71.03 43.89
CA ILE NA 439 -36.09 70.77 43.56
C ILE NA 439 -35.51 69.85 44.62
N PRO NA 440 -34.86 68.73 44.24
CA PRO NA 440 -34.51 67.72 45.23
C PRO NA 440 -33.29 68.11 46.05
N SER NA 441 -33.31 67.74 47.34
CA SER NA 441 -32.35 68.28 48.31
C SER NA 441 -30.90 68.04 47.95
N PHE NA 442 -30.56 66.91 47.31
CA PHE NA 442 -29.18 66.66 46.93
C PHE NA 442 -28.69 67.50 45.75
N LEU NA 443 -29.58 68.18 45.05
CA LEU NA 443 -29.26 68.82 43.78
C LEU NA 443 -29.18 70.35 43.87
N GLN NA 444 -29.32 70.93 45.07
CA GLN NA 444 -29.37 72.38 45.25
C GLN NA 444 -28.18 73.12 44.64
N LYS NA 445 -26.97 72.57 44.78
CA LYS NA 445 -25.70 73.22 44.45
C LYS NA 445 -25.46 73.47 42.96
N MET NA 446 -26.39 73.08 42.08
CA MET NA 446 -26.31 73.46 40.66
C MET NA 446 -27.67 73.84 40.09
N ALA NA 447 -28.62 74.24 40.96
CA ALA NA 447 -29.94 74.65 40.50
C ALA NA 447 -29.84 75.75 39.45
N ASP NA 448 -28.95 76.71 39.65
CA ASP NA 448 -28.71 77.76 38.68
C ASP NA 448 -28.14 77.22 37.36
N LYS NA 449 -27.18 76.30 37.42
CA LYS NA 449 -26.65 75.74 36.18
C LYS NA 449 -27.65 74.85 35.46
N ILE NA 450 -28.51 74.12 36.17
CA ILE NA 450 -29.55 73.36 35.50
C ILE NA 450 -30.48 74.29 34.73
N LEU NA 451 -31.00 75.32 35.40
CA LEU NA 451 -31.87 76.27 34.72
C LEU NA 451 -31.13 76.98 33.59
N SER NA 452 -29.91 77.42 33.84
CA SER NA 452 -29.10 78.04 32.80
C SER NA 452 -28.91 77.13 31.58
N THR NA 453 -28.73 75.84 31.80
CA THR NA 453 -28.43 74.95 30.69
C THR NA 453 -29.57 74.89 29.69
N GLY NA 454 -30.80 74.78 30.17
CA GLY NA 454 -31.92 74.77 29.27
C GLY NA 454 -32.30 76.14 28.73
N LYS NA 455 -32.22 77.19 29.55
CA LYS NA 455 -32.44 78.53 29.01
C LYS NA 455 -31.47 78.84 27.89
N TYR NA 456 -30.18 78.55 28.10
CA TYR NA 456 -29.19 78.81 27.06
C TYR NA 456 -29.45 77.99 25.79
N LEU NA 457 -30.19 76.89 25.88
CA LEU NA 457 -30.41 76.02 24.74
C LEU NA 457 -31.71 76.29 24.00
N ASN NA 458 -32.84 76.52 24.69
CA ASN NA 458 -34.05 76.89 23.97
C ASN NA 458 -33.90 78.20 23.20
N VAL NA 459 -33.06 79.12 23.67
CA VAL NA 459 -32.82 80.36 22.95
C VAL NA 459 -32.17 80.14 21.57
N VAL NA 460 -31.44 79.04 21.35
CA VAL NA 460 -31.08 78.71 19.97
C VAL NA 460 -32.21 77.96 19.25
N ARG NA 461 -32.83 76.98 19.90
CA ARG NA 461 -33.92 76.22 19.27
C ARG NA 461 -35.06 77.11 18.79
N GLU NA 462 -35.44 78.13 19.57
CA GLU NA 462 -36.51 79.03 19.15
C GLU NA 462 -36.16 79.86 17.92
N CYS NA 463 -34.89 79.88 17.53
CA CYS NA 463 -34.44 80.49 16.28
C CYS NA 463 -34.40 79.50 15.12
N GLY NA 464 -35.04 78.35 15.26
CA GLY NA 464 -34.76 77.22 14.39
C GLY NA 464 -33.43 76.59 14.76
N HIS NA 465 -32.59 76.33 13.75
CA HIS NA 465 -31.20 75.92 13.95
C HIS NA 465 -31.06 74.87 15.06
N ASP NA 466 -31.89 73.81 14.96
CA ASP NA 466 -32.20 72.86 16.03
C ASP NA 466 -31.05 71.89 16.35
N VAL NA 467 -29.96 72.42 16.97
CA VAL NA 467 -28.78 71.66 17.45
C VAL NA 467 -29.10 70.91 18.75
N THR NA 468 -28.38 69.80 18.98
CA THR NA 468 -28.56 68.94 20.16
C THR NA 468 -27.22 68.68 20.85
N CYS NA 469 -27.28 68.05 22.04
CA CYS NA 469 -26.13 67.70 22.89
C CYS NA 469 -25.05 66.89 22.16
N PRO NA 470 -23.78 66.91 22.65
CA PRO NA 470 -22.74 66.05 22.07
C PRO NA 470 -22.84 64.59 22.50
N VAL NA 471 -23.27 64.36 23.74
CA VAL NA 471 -23.38 63.00 24.29
C VAL NA 471 -24.48 62.95 25.33
N ALA NA 472 -25.57 62.25 25.00
CA ALA NA 472 -26.74 62.13 25.86
C ALA NA 472 -26.53 61.08 26.95
N LYS NA 473 -25.39 61.16 27.64
CA LYS NA 473 -25.06 60.24 28.74
C LYS NA 473 -26.18 60.21 29.78
N GLU NA 474 -26.63 58.99 30.13
CA GLU NA 474 -27.69 58.81 31.13
C GLU NA 474 -27.24 59.23 32.53
N ILE NA 475 -27.89 60.26 33.12
CA ILE NA 475 -27.72 60.51 34.55
C ILE NA 475 -28.46 59.45 35.35
N ILE NA 476 -27.80 58.90 36.36
CA ILE NA 476 -28.38 57.87 37.23
C ILE NA 476 -27.98 58.13 38.68
N TYR NA 477 -28.96 58.04 39.59
CA TYR NA 477 -28.74 58.35 41.00
C TYR NA 477 -27.63 57.53 41.61
N THR NA 478 -26.82 58.16 42.46
CA THR NA 478 -25.63 57.55 43.05
C THR NA 478 -25.36 58.18 44.41
N LEU NA 479 -25.29 57.39 45.48
CA LEU NA 479 -25.22 57.94 46.84
C LEU NA 479 -23.84 58.54 47.16
N LYS NA 480 -22.79 57.73 47.05
CA LYS NA 480 -21.46 58.24 47.38
C LYS NA 480 -20.93 59.14 46.27
N GLU NA 481 -20.66 58.57 45.10
CA GLU NA 481 -19.99 59.29 44.02
C GLU NA 481 -20.85 60.45 43.52
N ARG NA 482 -20.22 61.63 43.40
CA ARG NA 482 -20.96 62.80 42.93
C ARG NA 482 -21.46 62.59 41.49
N ALA NA 483 -20.71 61.81 40.70
CA ALA NA 483 -21.13 61.22 39.42
C ALA NA 483 -21.92 62.12 38.47
N TYR NA 484 -23.25 62.20 38.63
CA TYR NA 484 -24.05 63.13 37.83
C TYR NA 484 -23.58 64.58 37.98
N VAL NA 485 -23.10 64.94 39.15
CA VAL NA 485 -22.54 66.28 39.37
C VAL NA 485 -21.43 66.58 38.36
N GLU NA 486 -20.44 65.69 38.23
CA GLU NA 486 -19.40 65.93 37.24
C GLU NA 486 -19.91 65.82 35.80
N GLN NA 487 -21.05 65.15 35.58
CA GLN NA 487 -21.62 65.09 34.23
C GLN NA 487 -22.36 66.38 33.85
N ILE NA 488 -23.19 66.91 34.74
CA ILE NA 488 -24.00 68.09 34.45
C ILE NA 488 -23.12 69.24 33.96
N GLU NA 489 -21.89 69.35 34.45
CA GLU NA 489 -20.96 70.36 33.92
C GLU NA 489 -20.70 70.23 32.43
N LYS NA 490 -20.65 69.01 31.89
CA LYS NA 490 -20.38 68.90 30.46
C LYS NA 490 -21.53 69.48 29.64
N ALA NA 491 -22.76 69.27 30.08
CA ALA NA 491 -23.91 69.86 29.41
C ALA NA 491 -23.94 71.38 29.60
N PHE NA 492 -23.78 71.86 30.83
CA PHE NA 492 -23.74 73.29 31.08
C PHE NA 492 -22.62 73.98 30.31
N ASN NA 493 -21.43 73.36 30.27
CA ASN NA 493 -20.36 73.95 29.47
C ASN NA 493 -20.73 73.99 27.99
N TYR NA 494 -21.22 72.88 27.44
CA TYR NA 494 -21.61 72.83 26.04
C TYR NA 494 -22.72 73.82 25.72
N ALA NA 495 -23.78 73.85 26.53
CA ALA NA 495 -24.86 74.80 26.31
C ALA NA 495 -24.36 76.24 26.33
N SER NA 496 -23.51 76.58 27.30
CA SER NA 496 -22.93 77.91 27.32
C SER NA 496 -22.10 78.17 26.07
N LYS NA 497 -21.26 77.20 25.69
CA LYS NA 497 -20.35 77.40 24.57
C LYS NA 497 -21.10 77.49 23.25
N VAL NA 498 -22.10 76.63 23.04
CA VAL NA 498 -22.80 76.63 21.74
C VAL NA 498 -23.59 77.92 21.56
N LEU NA 499 -24.23 78.41 22.62
CA LEU NA 499 -24.91 79.69 22.50
C LEU NA 499 -23.94 80.83 22.21
N LEU NA 500 -22.79 80.88 22.88
CA LEU NA 500 -21.85 81.96 22.57
C LEU NA 500 -21.31 81.85 21.16
N ASP NA 501 -20.74 80.70 20.80
CA ASP NA 501 -20.08 80.61 19.51
C ASP NA 501 -21.08 80.80 18.38
N PHE NA 502 -22.36 80.52 18.64
CA PHE NA 502 -23.45 80.90 17.73
C PHE NA 502 -23.55 82.42 17.68
N LEU NA 503 -23.89 83.05 18.81
CA LEU NA 503 -24.17 84.47 18.89
C LEU NA 503 -22.97 85.37 18.58
N MET NA 504 -21.74 84.84 18.62
CA MET NA 504 -20.54 85.63 18.36
C MET NA 504 -19.96 85.35 16.98
N GLU NA 505 -20.78 84.85 16.05
CA GLU NA 505 -20.42 84.75 14.65
C GLU NA 505 -21.66 84.84 13.75
N GLU NA 506 -22.80 84.31 14.21
CA GLU NA 506 -24.10 84.58 13.62
C GLU NA 506 -24.92 85.51 14.52
N LYS NA 507 -25.60 86.48 13.91
CA LYS NA 507 -26.12 87.63 14.64
C LYS NA 507 -25.00 88.29 15.43
N GLU NA 508 -23.83 88.40 14.78
CA GLU NA 508 -22.59 88.70 15.44
C GLU NA 508 -22.69 90.01 16.23
N LEU NA 509 -22.49 89.92 17.54
CA LEU NA 509 -22.87 91.00 18.44
C LEU NA 509 -22.01 92.25 18.24
N VAL NA 510 -20.73 92.09 17.87
CA VAL NA 510 -19.81 93.22 17.82
C VAL NA 510 -20.15 94.21 16.71
N ALA NA 511 -20.65 93.75 15.56
CA ALA NA 511 -21.06 94.65 14.48
C ALA NA 511 -22.31 95.48 14.86
N HIS NA 512 -23.24 94.88 15.62
CA HIS NA 512 -24.42 95.57 16.13
C HIS NA 512 -24.06 96.62 17.18
N LEU NA 513 -23.27 96.26 18.21
CA LEU NA 513 -22.84 97.21 19.23
C LEU NA 513 -21.96 98.33 18.64
N ARG NA 514 -21.05 98.03 17.72
CA ARG NA 514 -20.23 99.05 17.03
C ARG NA 514 -21.08 100.00 16.18
N SER NA 515 -22.13 99.50 15.53
CA SER NA 515 -23.11 100.36 14.84
C SER NA 515 -23.85 101.28 15.81
N ILE NA 516 -24.21 100.81 17.00
CA ILE NA 516 -24.83 101.66 18.03
C ILE NA 516 -23.82 102.70 18.57
N LYS NA 517 -22.55 102.33 18.81
CA LYS NA 517 -21.48 103.27 19.19
C LYS NA 517 -21.25 104.35 18.11
N ARG NA 518 -21.52 104.03 16.84
CA ARG NA 518 -21.57 105.00 15.73
C ARG NA 518 -22.78 105.93 15.81
N TYR NA 519 -24.01 105.40 15.78
CA TYR NA 519 -25.20 106.25 15.62
C TYR NA 519 -25.65 106.97 16.91
N PHE NA 520 -25.46 106.37 18.10
CA PHE NA 520 -25.84 107.00 19.37
C PHE NA 520 -24.67 107.71 20.06
N LEU NA 521 -23.47 107.12 20.02
CA LEU NA 521 -22.30 107.64 20.74
C LEU NA 521 -21.27 108.35 19.84
N MET NA 522 -21.62 108.62 18.57
CA MET NA 522 -20.90 109.48 17.63
C MET NA 522 -19.48 109.04 17.23
N ASP NA 523 -19.25 107.74 17.01
CA ASP NA 523 -17.96 107.21 16.51
C ASP NA 523 -17.44 107.88 15.21
N GLN NA 524 -18.35 108.36 14.35
CA GLN NA 524 -18.03 109.01 13.07
C GLN NA 524 -18.85 110.31 12.96
N GLY NA 525 -18.22 111.45 12.64
CA GLY NA 525 -18.90 112.76 12.63
C GLY NA 525 -19.61 113.14 11.32
N ASP NA 526 -19.26 112.47 10.21
CA ASP NA 526 -19.87 112.64 8.89
C ASP NA 526 -21.39 112.67 8.95
N PHE NA 527 -21.98 111.63 9.55
CA PHE NA 527 -23.43 111.49 9.65
C PHE NA 527 -24.07 112.72 10.32
N PHE NA 528 -23.44 113.24 11.39
CA PHE NA 528 -23.96 114.36 12.17
C PHE NA 528 -23.72 115.72 11.51
N VAL NA 529 -22.58 116.00 10.87
CA VAL NA 529 -22.41 117.29 10.22
C VAL NA 529 -23.38 117.40 9.04
N HIS NA 530 -23.45 116.35 8.21
CA HIS NA 530 -24.36 116.37 7.07
C HIS NA 530 -25.82 116.46 7.53
N PHE NA 531 -26.22 115.62 8.49
CA PHE NA 531 -27.61 115.65 8.95
C PHE NA 531 -28.01 117.02 9.48
N MET NA 532 -27.16 117.66 10.27
CA MET NA 532 -27.49 119.01 10.73
C MET NA 532 -27.47 120.02 9.59
N ASP NA 533 -26.47 119.97 8.70
CA ASP NA 533 -26.50 120.83 7.51
C ASP NA 533 -27.76 120.67 6.67
N LEU NA 534 -28.45 119.55 6.78
CA LEU NA 534 -29.68 119.28 6.06
C LEU NA 534 -30.94 119.60 6.85
N ALA NA 535 -30.91 119.49 8.18
CA ALA NA 535 -32.12 119.48 9.00
C ALA NA 535 -32.13 120.50 10.13
N GLU NA 536 -31.17 121.44 10.19
CA GLU NA 536 -31.14 122.35 11.33
C GLU NA 536 -32.41 123.20 11.43
N GLU NA 537 -32.98 123.63 10.30
CA GLU NA 537 -34.13 124.52 10.37
C GLU NA 537 -35.42 123.75 10.48
N GLU NA 538 -35.46 122.51 9.98
CA GLU NA 538 -36.59 121.63 10.27
C GLU NA 538 -36.78 121.48 11.77
N LEU NA 539 -35.69 121.22 12.50
CA LEU NA 539 -35.68 120.92 13.93
C LEU NA 539 -35.82 122.16 14.82
N ARG NA 540 -36.04 123.35 14.25
CA ARG NA 540 -36.24 124.57 15.02
C ARG NA 540 -37.72 124.79 15.37
N LYS NA 541 -38.64 124.25 14.56
CA LYS NA 541 -40.07 124.48 14.68
C LYS NA 541 -40.67 123.65 15.81
N PRO NA 542 -41.68 124.17 16.52
CA PRO NA 542 -42.30 123.40 17.61
C PRO NA 542 -43.08 122.16 17.19
N VAL NA 543 -43.61 121.44 18.19
CA VAL NA 543 -44.23 120.13 17.97
C VAL NA 543 -45.65 120.29 17.44
N GLU NA 544 -46.17 119.19 16.90
CA GLU NA 544 -47.42 119.11 16.14
C GLU NA 544 -47.34 119.93 14.86
N ASP NA 545 -46.14 120.22 14.41
CA ASP NA 545 -45.87 121.04 13.24
C ASP NA 545 -44.82 120.37 12.36
N ILE NA 546 -43.76 119.82 12.96
CA ILE NA 546 -42.87 118.90 12.26
C ILE NA 546 -43.59 117.55 12.09
N THR NA 547 -43.24 116.81 11.03
CA THR NA 547 -43.83 115.48 10.81
C THR NA 547 -42.74 114.48 10.43
N PRO NA 548 -42.72 113.29 11.05
CA PRO NA 548 -41.58 112.35 10.87
C PRO NA 548 -41.20 112.05 9.43
N PRO NA 549 -42.13 111.86 8.48
CA PRO NA 549 -41.70 111.56 7.11
C PRO NA 549 -40.72 112.57 6.52
N ARG NA 550 -40.85 113.84 6.88
CA ARG NA 550 -39.89 114.86 6.43
C ARG NA 550 -38.49 114.57 6.95
N LEU NA 551 -38.37 114.18 8.21
CA LEU NA 551 -37.07 113.87 8.82
C LEU NA 551 -36.54 112.50 8.40
N GLU NA 552 -37.39 111.48 8.39
CA GLU NA 552 -36.97 110.13 8.04
C GLU NA 552 -36.24 110.10 6.70
N ALA NA 553 -36.83 110.72 5.67
CA ALA NA 553 -36.20 110.77 4.35
C ALA NA 553 -34.93 111.58 4.36
N LEU NA 554 -34.89 112.63 5.18
CA LEU NA 554 -33.76 113.54 5.21
C LEU NA 554 -32.57 112.96 5.96
N LEU NA 555 -32.84 112.19 7.03
CA LEU NA 555 -31.80 111.34 7.62
C LEU NA 555 -31.24 110.36 6.60
N GLU NA 556 -32.13 109.65 5.91
CA GLU NA 556 -31.68 108.62 4.99
C GLU NA 556 -30.79 109.18 3.90
N LEU NA 557 -31.07 110.39 3.42
CA LEU NA 557 -30.14 111.04 2.49
C LEU NA 557 -28.80 111.38 3.15
N ALA NA 558 -28.82 112.03 4.32
CA ALA NA 558 -27.55 112.35 4.99
C ALA NA 558 -26.71 111.11 5.24
N LEU NA 559 -27.36 110.00 5.60
CA LEU NA 559 -26.74 108.71 5.83
C LEU NA 559 -26.15 108.12 4.55
N ARG NA 560 -26.63 108.51 3.34
CA ARG NA 560 -25.95 108.17 2.09
C ARG NA 560 -24.88 109.19 1.70
N MET NA 561 -25.05 110.46 2.06
CA MET NA 561 -24.02 111.46 1.79
C MET NA 561 -22.76 111.20 2.61
N SER NA 562 -22.94 110.78 3.86
CA SER NA 562 -21.88 110.34 4.77
C SER NA 562 -20.95 109.33 4.10
N THR NA 563 -19.63 109.51 4.17
CA THR NA 563 -18.72 108.49 3.67
C THR NA 563 -18.68 107.28 4.60
N ALA NA 564 -19.11 107.41 5.86
CA ALA NA 564 -19.59 106.28 6.64
C ALA NA 564 -20.98 105.86 6.12
N ASN NA 565 -20.96 105.00 5.09
CA ASN NA 565 -22.12 104.48 4.35
C ASN NA 565 -21.93 102.99 3.92
N THR NA 566 -20.74 102.42 4.10
CA THR NA 566 -20.44 100.99 3.86
C THR NA 566 -20.97 100.06 4.97
N ASP NA 567 -21.54 100.62 6.03
CA ASP NA 567 -22.10 99.90 7.18
C ASP NA 567 -23.36 99.08 6.80
N PRO NA 568 -23.35 97.75 6.95
CA PRO NA 568 -24.43 96.89 6.46
C PRO NA 568 -25.69 96.90 7.31
N PHE NA 569 -25.73 97.63 8.43
CA PHE NA 569 -26.88 97.73 9.33
C PHE NA 569 -27.56 99.11 9.30
N LYS NA 570 -27.13 100.01 8.41
CA LYS NA 570 -27.50 101.44 8.44
C LYS NA 570 -29.01 101.73 8.46
N ASP NA 571 -29.82 101.01 7.69
CA ASP NA 571 -31.27 101.25 7.66
C ASP NA 571 -32.03 100.63 8.83
N ASP NA 572 -31.37 99.95 9.78
CA ASP NA 572 -32.05 99.55 11.01
C ASP NA 572 -32.31 100.74 11.94
N LEU NA 573 -31.64 101.88 11.74
CA LEU NA 573 -31.78 103.11 12.52
C LEU NA 573 -33.11 103.84 12.20
N LYS NA 574 -33.80 104.36 13.22
CA LYS NA 574 -35.06 105.09 13.11
C LYS NA 574 -34.94 106.46 13.78
N ILE NA 575 -35.85 107.41 13.41
CA ILE NA 575 -36.07 108.65 14.16
C ILE NA 575 -37.35 108.55 14.96
N ASP NA 576 -37.36 109.09 16.19
CA ASP NA 576 -38.60 109.42 16.87
C ASP NA 576 -38.40 110.68 17.71
N LEU NA 577 -39.49 111.13 18.33
CA LEU NA 577 -39.57 112.42 19.04
C LEU NA 577 -39.91 112.18 20.51
N MET NA 578 -38.89 111.88 21.33
CA MET NA 578 -39.15 111.64 22.74
C MET NA 578 -39.81 112.86 23.35
N PRO NA 579 -40.87 112.68 24.16
CA PRO NA 579 -41.65 113.81 24.67
C PRO NA 579 -40.97 114.73 25.71
N HIS NA 580 -39.69 114.56 26.10
CA HIS NA 580 -39.09 115.35 27.19
C HIS NA 580 -37.59 115.51 26.96
N ASP NA 581 -36.95 116.34 27.80
CA ASP NA 581 -35.48 116.47 27.85
C ASP NA 581 -34.96 116.32 29.29
N LEU NA 582 -34.07 117.21 29.76
CA LEU NA 582 -33.55 117.13 31.13
C LEU NA 582 -34.67 117.05 32.19
N ILE NA 583 -35.81 117.67 31.92
CA ILE NA 583 -36.98 117.57 32.81
C ILE NA 583 -37.48 116.14 33.01
N THR NA 584 -37.09 115.17 32.16
CA THR NA 584 -37.50 113.79 32.43
C THR NA 584 -36.74 113.18 33.60
N GLN NA 585 -35.56 113.70 33.93
CA GLN NA 585 -34.63 113.05 34.85
C GLN NA 585 -34.94 113.34 36.33
N LEU NA 586 -36.14 113.84 36.64
CA LEU NA 586 -36.60 113.99 38.02
C LEU NA 586 -36.51 112.71 38.82
N GLU NA 607 -39.98 122.04 27.64
CA GLU NA 607 -41.13 121.27 27.20
C GLU NA 607 -40.85 120.47 25.92
N LEU NA 608 -41.94 119.97 25.35
CA LEU NA 608 -41.96 119.42 24.00
C LEU NA 608 -41.99 120.52 22.95
N ALA NA 609 -42.25 121.76 23.39
CA ALA NA 609 -42.41 122.88 22.47
C ALA NA 609 -41.09 123.29 21.82
N LEU NA 610 -39.95 122.84 22.37
CA LEU NA 610 -38.65 123.08 21.74
C LEU NA 610 -38.29 121.88 20.86
N SER NA 611 -39.17 121.59 19.90
CA SER NA 611 -39.21 120.30 19.23
C SER NA 611 -38.09 120.18 18.20
N GLY NA 612 -37.11 119.32 18.47
CA GLY NA 612 -35.94 119.16 17.65
C GLY NA 612 -34.72 119.93 18.11
N LEU NA 613 -34.93 120.99 18.89
CA LEU NA 613 -33.89 121.39 19.82
C LEU NA 613 -33.75 120.33 20.89
N GLU NA 614 -34.88 119.90 21.46
CA GLU NA 614 -34.91 119.10 22.65
C GLU NA 614 -35.74 117.82 22.55
N ALA NA 615 -36.57 117.64 21.52
CA ALA NA 615 -37.45 116.48 21.45
C ALA NA 615 -36.87 115.33 20.61
N PHE NA 616 -35.70 115.52 20.01
CA PHE NA 616 -35.13 114.58 19.04
C PHE NA 616 -34.50 113.35 19.70
N SER NA 617 -34.68 112.18 19.08
CA SER NA 617 -34.03 110.92 19.47
C SER NA 617 -33.91 109.97 18.27
N PHE NA 618 -32.93 109.07 18.34
CA PHE NA 618 -32.93 107.88 17.50
C PHE NA 618 -33.58 106.71 18.23
N ASP NA 619 -33.99 105.71 17.46
CA ASP NA 619 -34.34 104.37 17.93
C ASP NA 619 -33.70 103.33 17.00
N TYR NA 620 -33.56 102.09 17.46
CA TYR NA 620 -32.85 101.04 16.75
C TYR NA 620 -33.56 99.71 16.98
N ILE NA 621 -33.49 98.81 16.00
CA ILE NA 621 -34.28 97.58 16.01
C ILE NA 621 -33.40 96.34 16.06
N VAL NA 622 -33.87 95.28 16.72
CA VAL NA 622 -33.18 93.99 16.87
C VAL NA 622 -34.17 92.82 16.88
N LYS NA 623 -33.66 91.66 16.47
CA LYS NA 623 -34.39 90.40 16.39
C LYS NA 623 -34.17 89.55 17.65
N TRP NA 624 -35.11 88.63 17.89
CA TRP NA 624 -35.18 87.67 19.00
C TRP NA 624 -33.85 87.23 19.61
N PRO NA 625 -32.84 86.81 18.82
CA PRO NA 625 -31.56 86.46 19.45
C PRO NA 625 -30.86 87.63 20.13
N LEU NA 626 -30.74 88.76 19.44
CA LEU NA 626 -30.13 89.96 19.99
C LEU NA 626 -31.08 90.78 20.84
N SER NA 627 -32.39 90.54 20.77
CA SER NA 627 -33.33 91.23 21.64
C SER NA 627 -33.08 90.96 23.12
N LEU NA 628 -32.34 89.89 23.45
CA LEU NA 628 -31.90 89.65 24.83
C LEU NA 628 -30.89 90.68 25.33
N ILE NA 629 -30.14 91.31 24.44
CA ILE NA 629 -28.98 92.10 24.81
C ILE NA 629 -29.21 93.60 24.58
N ILE NA 630 -29.91 93.93 23.50
CA ILE NA 630 -30.14 95.30 23.02
C ILE NA 630 -31.63 95.67 23.16
N ASN NA 631 -32.27 95.21 24.24
CA ASN NA 631 -33.67 95.48 24.58
C ASN NA 631 -33.92 96.92 25.03
N ARG NA 632 -35.20 97.21 25.34
CA ARG NA 632 -35.67 98.55 25.76
C ARG NA 632 -34.78 99.20 26.81
N LYS NA 633 -34.62 98.56 27.97
CA LYS NA 633 -33.82 99.17 29.02
C LYS NA 633 -32.35 99.29 28.64
N ALA NA 634 -31.90 98.56 27.60
CA ALA NA 634 -30.55 98.73 27.09
C ALA NA 634 -30.43 99.77 25.99
N LEU NA 635 -31.52 100.13 25.30
CA LEU NA 635 -31.57 101.21 24.31
C LEU NA 635 -31.88 102.55 24.97
N THR NA 636 -32.69 102.58 26.04
CA THR NA 636 -33.05 103.85 26.66
C THR NA 636 -31.83 104.54 27.28
N ARG NA 637 -30.81 103.79 27.69
CA ARG NA 637 -29.57 104.42 28.14
C ARG NA 637 -28.83 105.10 26.98
N TYR NA 638 -28.73 104.44 25.83
CA TYR NA 638 -28.12 105.05 24.63
C TYR NA 638 -28.93 106.28 24.16
N GLN NA 639 -30.26 106.27 24.32
CA GLN NA 639 -31.10 107.45 24.07
C GLN NA 639 -30.79 108.59 25.06
N MET NA 640 -30.78 108.35 26.38
CA MET NA 640 -30.43 109.39 27.34
C MET NA 640 -29.01 109.91 27.12
N LEU NA 641 -28.06 109.07 26.68
CA LEU NA 641 -26.70 109.51 26.34
C LEU NA 641 -26.71 110.36 25.06
N PHE NA 642 -27.29 109.87 23.97
CA PHE NA 642 -27.38 110.60 22.69
C PHE NA 642 -28.09 111.94 22.85
N ARG NA 643 -29.25 111.97 23.51
CA ARG NA 643 -30.10 113.16 23.62
C ARG NA 643 -29.35 114.31 24.30
N HIS NA 644 -28.61 114.00 25.36
CA HIS NA 644 -27.75 114.98 26.02
C HIS NA 644 -26.58 115.38 25.12
N MET NA 645 -25.83 114.42 24.58
CA MET NA 645 -24.59 114.66 23.82
C MET NA 645 -24.85 115.51 22.56
N PHE NA 646 -25.94 115.23 21.84
CA PHE NA 646 -26.39 115.99 20.68
C PHE NA 646 -26.66 117.47 21.00
N TYR NA 647 -27.07 117.76 22.24
CA TYR NA 647 -27.27 119.18 22.63
C TYR NA 647 -25.92 119.91 22.63
N CYS NA 648 -24.86 119.28 23.17
CA CYS NA 648 -23.57 119.93 23.16
C CYS NA 648 -23.11 120.24 21.74
N LYS NA 649 -23.24 119.25 20.82
CA LYS NA 649 -22.94 119.45 19.40
C LYS NA 649 -23.76 120.58 18.79
N HIS NA 650 -25.03 120.70 19.20
CA HIS NA 650 -25.88 121.80 18.75
C HIS NA 650 -25.31 123.15 19.20
N VAL NA 651 -25.03 123.29 20.50
CA VAL NA 651 -24.50 124.53 21.07
C VAL NA 651 -23.13 124.88 20.49
N GLU NA 652 -22.23 123.91 20.36
CA GLU NA 652 -20.90 124.23 19.80
C GLU NA 652 -21.02 124.75 18.39
N ARG NA 653 -21.82 124.09 17.55
CA ARG NA 653 -21.92 124.48 16.15
C ARG NA 653 -22.63 125.83 16.02
N GLN NA 654 -23.63 126.09 16.86
CA GLN NA 654 -24.23 127.42 16.91
C GLN NA 654 -23.18 128.47 17.21
N LEU NA 655 -22.38 128.22 18.25
CA LEU NA 655 -21.42 129.22 18.69
C LEU NA 655 -20.37 129.52 17.63
N CYS NA 656 -20.00 128.52 16.82
CA CYS NA 656 -19.19 128.78 15.65
C CYS NA 656 -19.91 129.59 14.57
N SER NA 657 -21.23 129.43 14.42
CA SER NA 657 -21.97 130.34 13.56
C SER NA 657 -21.85 131.77 14.04
N VAL NA 658 -21.78 131.97 15.36
CA VAL NA 658 -21.52 133.28 15.95
C VAL NA 658 -20.06 133.71 15.76
N TRP NA 659 -19.11 132.77 15.68
CA TRP NA 659 -17.75 133.13 15.27
C TRP NA 659 -17.72 133.74 13.87
N ILE NA 660 -18.32 133.07 12.89
CA ILE NA 660 -18.25 133.54 11.50
C ILE NA 660 -19.21 134.71 11.22
N SER NA 661 -20.25 134.90 12.05
CA SER NA 661 -21.17 136.01 11.85
C SER NA 661 -20.46 137.34 11.68
N ASN NA 662 -19.36 137.57 12.40
CA ASN NA 662 -18.52 138.76 12.21
C ASN NA 662 -17.05 138.38 12.17
N LYS NA 663 -16.77 137.16 11.72
CA LYS NA 663 -15.45 136.52 11.80
C LYS NA 663 -14.79 136.80 13.14
N GLN NA 674 -11.18 151.82 17.57
CA GLN NA 674 -11.23 150.93 16.41
C GLN NA 674 -12.59 150.21 16.33
N TRP NA 675 -12.71 149.27 15.39
CA TRP NA 675 -13.87 148.36 15.33
C TRP NA 675 -13.99 147.55 16.61
N PHE NA 676 -15.03 147.82 17.41
CA PHE NA 676 -15.28 147.10 18.65
C PHE NA 676 -16.31 146.01 18.42
N ALA NA 677 -15.90 144.76 18.67
CA ALA NA 677 -16.83 143.66 18.87
C ALA NA 677 -16.35 142.80 20.04
N GLY NA 678 -15.90 143.46 21.11
CA GLY NA 678 -15.14 142.86 22.19
C GLY NA 678 -15.81 141.77 23.01
N ALA NA 679 -17.05 141.42 22.67
CA ALA NA 679 -17.68 140.20 23.16
C ALA NA 679 -16.87 138.92 22.89
N PHE NA 680 -15.84 139.00 22.02
CA PHE NA 680 -14.92 137.89 21.80
C PHE NA 680 -14.42 137.22 23.08
N THR NA 681 -14.13 137.99 24.13
CA THR NA 681 -13.65 137.40 25.39
C THR NA 681 -14.73 136.60 26.12
N LEU NA 682 -16.01 136.93 25.93
CA LEU NA 682 -17.07 136.02 26.37
C LEU NA 682 -17.20 134.84 25.40
N ARG NA 683 -17.18 135.11 24.10
CA ARG NA 683 -17.33 134.06 23.10
C ARG NA 683 -16.28 132.95 23.26
N GLN NA 684 -15.02 133.28 23.50
CA GLN NA 684 -14.00 132.25 23.63
C GLN NA 684 -14.10 131.50 24.97
N ARG NA 685 -14.55 132.14 26.06
CA ARG NA 685 -14.82 131.41 27.29
C ARG NA 685 -15.97 130.42 27.10
N MET NA 686 -17.05 130.86 26.45
CA MET NA 686 -18.11 129.95 26.07
C MET NA 686 -17.58 128.79 25.22
N LEU NA 687 -16.82 129.09 24.17
CA LEU NA 687 -16.38 128.05 23.24
C LEU NA 687 -15.40 127.08 23.90
N ASN NA 688 -14.39 127.58 24.60
CA ASN NA 688 -13.37 126.71 25.20
C ASN NA 688 -13.98 125.81 26.29
N PHE NA 689 -14.99 126.32 27.02
CA PHE NA 689 -15.79 125.47 27.91
C PHE NA 689 -16.48 124.33 27.16
N VAL NA 690 -17.35 124.63 26.20
CA VAL NA 690 -18.15 123.57 25.58
C VAL NA 690 -17.28 122.57 24.81
N GLN NA 691 -16.19 123.01 24.18
CA GLN NA 691 -15.26 122.10 23.55
C GLN NA 691 -14.54 121.23 24.59
N ASN NA 692 -14.08 121.77 25.73
CA ASN NA 692 -13.43 120.92 26.74
C ASN NA 692 -14.38 119.98 27.48
N ILE NA 693 -15.64 120.32 27.77
CA ILE NA 693 -16.55 119.31 28.28
C ILE NA 693 -16.80 118.23 27.23
N GLN NA 694 -16.80 118.58 25.94
CA GLN NA 694 -16.94 117.56 24.90
C GLN NA 694 -15.73 116.64 24.80
N TYR NA 695 -14.52 117.19 24.69
CA TYR NA 695 -13.29 116.38 24.66
C TYR NA 695 -13.16 115.53 25.94
N TYR NA 696 -13.54 116.05 27.11
CA TYR NA 696 -13.66 115.23 28.32
C TYR NA 696 -14.64 114.07 28.13
N MET NA 697 -15.88 114.33 27.71
CA MET NA 697 -16.87 113.25 27.66
C MET NA 697 -16.46 112.17 26.67
N MET NA 698 -16.06 112.59 25.47
CA MET NA 698 -15.73 111.69 24.38
C MET NA 698 -14.49 110.87 24.69
N PHE NA 699 -13.39 111.48 25.13
CA PHE NA 699 -12.12 110.78 25.29
C PHE NA 699 -11.86 110.24 26.68
N GLU NA 700 -12.51 110.72 27.76
CA GLU NA 700 -12.29 110.12 29.09
C GLU NA 700 -13.38 109.14 29.46
N VAL NA 701 -14.64 109.37 29.08
CA VAL NA 701 -15.67 108.46 29.55
C VAL NA 701 -15.95 107.41 28.49
N MET NA 702 -16.36 107.83 27.29
CA MET NA 702 -17.01 106.93 26.34
C MET NA 702 -16.00 105.98 25.67
N GLU NA 703 -14.99 106.53 24.99
CA GLU NA 703 -14.02 105.71 24.26
C GLU NA 703 -13.22 104.73 25.15
N PRO NA 704 -12.76 105.07 26.37
CA PRO NA 704 -12.11 104.05 27.21
C PRO NA 704 -13.02 102.93 27.72
N THR NA 705 -14.14 103.31 28.34
CA THR NA 705 -15.06 102.32 28.88
C THR NA 705 -15.56 101.42 27.76
N TRP NA 706 -15.68 101.93 26.53
CA TRP NA 706 -15.93 101.08 25.35
C TRP NA 706 -14.81 100.07 25.15
N HIS NA 707 -13.54 100.44 25.31
CA HIS NA 707 -12.48 99.44 25.20
C HIS NA 707 -12.56 98.41 26.32
N ILE NA 708 -12.89 98.86 27.54
CA ILE NA 708 -13.14 97.93 28.64
C ILE NA 708 -14.23 96.94 28.25
N LEU NA 709 -15.35 97.45 27.72
CA LEU NA 709 -16.43 96.56 27.29
C LEU NA 709 -15.95 95.59 26.23
N GLU NA 710 -15.23 96.08 25.23
CA GLU NA 710 -14.83 95.21 24.13
C GLU NA 710 -13.91 94.10 24.62
N LYS NA 711 -12.97 94.41 25.51
CA LYS NA 711 -12.07 93.37 26.03
C LYS NA 711 -12.83 92.41 26.93
N ASN NA 712 -13.81 92.91 27.68
CA ASN NA 712 -14.63 92.04 28.53
C ASN NA 712 -15.47 91.09 27.71
N LEU NA 713 -16.06 91.58 26.62
CA LEU NA 713 -16.81 90.68 25.75
C LEU NA 713 -15.90 89.66 25.09
N LYS NA 714 -14.74 90.10 24.60
CA LYS NA 714 -13.80 89.15 24.02
C LYS NA 714 -13.39 88.08 25.02
N SER NA 715 -13.37 88.40 26.32
CA SER NA 715 -12.99 87.42 27.34
C SER NA 715 -14.19 86.77 28.01
N ALA NA 716 -15.41 87.09 27.60
CA ALA NA 716 -16.61 86.67 28.33
C ALA NA 716 -16.93 85.21 28.05
N SER NA 717 -17.45 84.53 29.08
CA SER NA 717 -17.57 83.08 29.07
C SER NA 717 -18.99 82.56 28.84
N ASN NA 718 -20.03 83.37 29.09
CA ASN NA 718 -21.41 82.97 28.83
C ASN NA 718 -22.26 84.24 28.74
N ILE NA 719 -23.52 84.08 28.33
CA ILE NA 719 -24.38 85.26 28.08
C ILE NA 719 -24.66 86.08 29.33
N ASP NA 720 -24.69 85.47 30.52
CA ASP NA 720 -24.84 86.32 31.71
C ASP NA 720 -23.60 87.17 31.99
N ASP NA 721 -22.41 86.71 31.61
CA ASP NA 721 -21.27 87.61 31.64
C ASP NA 721 -21.42 88.73 30.62
N VAL NA 722 -21.91 88.41 29.42
CA VAL NA 722 -22.03 89.40 28.36
C VAL NA 722 -23.08 90.45 28.74
N LEU NA 723 -24.22 89.98 29.22
CA LEU NA 723 -25.26 90.88 29.74
C LEU NA 723 -24.72 91.76 30.86
N GLY NA 724 -23.93 91.19 31.77
CA GLY NA 724 -23.34 91.99 32.83
C GLY NA 724 -22.35 93.02 32.33
N HIS NA 725 -21.53 92.65 31.35
CA HIS NA 725 -20.57 93.59 30.78
C HIS NA 725 -21.26 94.75 30.10
N HIS NA 726 -22.30 94.47 29.31
CA HIS NA 726 -23.03 95.50 28.56
C HIS NA 726 -23.78 96.44 29.51
N THR NA 727 -24.48 95.90 30.51
CA THR NA 727 -25.22 96.75 31.44
C THR NA 727 -24.26 97.52 32.35
N GLY NA 728 -23.11 96.93 32.70
CA GLY NA 728 -22.11 97.68 33.45
C GLY NA 728 -21.48 98.80 32.65
N PHE NA 729 -21.15 98.54 31.38
CA PHE NA 729 -20.64 99.57 30.47
C PHE NA 729 -21.57 100.78 30.44
N LEU NA 730 -22.88 100.53 30.27
CA LEU NA 730 -23.84 101.62 30.28
C LEU NA 730 -23.91 102.32 31.64
N ASP NA 731 -24.11 101.57 32.71
CA ASP NA 731 -24.24 102.21 34.02
C ASP NA 731 -23.01 103.02 34.41
N THR NA 732 -21.82 102.61 34.00
CA THR NA 732 -20.62 103.40 34.32
C THR NA 732 -20.43 104.60 33.40
N CYS NA 733 -20.68 104.47 32.09
CA CYS NA 733 -20.66 105.66 31.22
C CYS NA 733 -21.70 106.68 31.63
N LEU NA 734 -22.90 106.20 31.99
CA LEU NA 734 -23.96 107.06 32.46
C LEU NA 734 -23.68 107.70 33.82
N LYS NA 735 -22.76 107.13 34.60
CA LYS NA 735 -22.38 107.75 35.90
C LYS NA 735 -21.17 108.67 35.65
N ASP NA 736 -20.20 108.25 34.85
CA ASP NA 736 -18.98 109.02 34.58
C ASP NA 736 -19.26 110.26 33.75
N CYS NA 737 -20.23 110.23 32.86
CA CYS NA 737 -20.86 111.45 32.45
C CYS NA 737 -21.81 111.91 33.55
N MET NA 738 -22.01 113.23 33.67
CA MET NA 738 -22.71 113.80 34.82
C MET NA 738 -24.20 113.47 34.88
N LEU NA 739 -24.74 112.69 33.95
CA LEU NA 739 -26.17 112.41 33.92
C LEU NA 739 -26.69 111.80 35.23
N THR NA 740 -25.90 110.95 35.88
CA THR NA 740 -26.20 110.49 37.25
C THR NA 740 -25.91 111.62 38.24
N ASN NA 741 -26.97 112.38 38.63
CA ASN NA 741 -26.83 113.41 39.68
C ASN NA 741 -28.15 113.77 40.35
N PRO NA 742 -28.22 113.78 41.69
CA PRO NA 742 -29.50 114.06 42.36
C PRO NA 742 -30.09 115.43 42.07
N GLU NA 743 -29.24 116.44 41.89
CA GLU NA 743 -29.65 117.81 41.58
C GLU NA 743 -29.70 118.05 40.08
N LEU NA 744 -29.45 117.00 39.29
CA LEU NA 744 -29.36 116.97 37.83
C LEU NA 744 -28.08 117.67 37.34
N LEU NA 745 -27.35 118.34 38.25
CA LEU NA 745 -26.51 119.48 37.88
C LEU NA 745 -27.26 120.41 36.93
N LYS NA 746 -28.45 120.82 37.38
CA LYS NA 746 -29.23 121.78 36.63
C LYS NA 746 -28.48 123.10 36.42
N VAL NA 747 -27.43 123.37 37.21
CA VAL NA 747 -26.45 124.39 36.84
C VAL NA 747 -26.03 124.26 35.37
N PHE NA 748 -25.70 123.06 34.93
CA PHE NA 748 -25.31 122.88 33.53
C PHE NA 748 -26.46 123.24 32.59
N SER NA 749 -27.70 122.92 32.97
CA SER NA 749 -28.84 123.24 32.12
C SER NA 749 -28.96 124.75 31.88
N LYS NA 750 -28.89 125.55 32.94
CA LYS NA 750 -29.04 127.00 32.78
C LYS NA 750 -27.76 127.62 32.26
N LEU NA 751 -26.60 127.02 32.58
CA LEU NA 751 -25.36 127.44 31.93
C LEU NA 751 -25.46 127.28 30.43
N MET NA 752 -25.89 126.10 29.96
CA MET NA 752 -26.14 125.93 28.54
C MET NA 752 -27.12 126.97 28.04
N SER NA 753 -28.24 127.14 28.75
CA SER NA 753 -29.24 128.12 28.34
C SER NA 753 -28.63 129.51 28.09
N VAL NA 754 -27.76 130.00 28.98
CA VAL NA 754 -27.15 131.30 28.72
C VAL NA 754 -26.13 131.25 27.58
N CYS NA 755 -25.51 130.10 27.30
CA CYS NA 755 -24.79 129.99 26.04
C CYS NA 755 -25.71 130.19 24.85
N VAL NA 756 -26.89 129.57 24.90
CA VAL NA 756 -27.85 129.74 23.81
C VAL NA 756 -28.32 131.18 23.77
N MET NA 757 -28.64 131.73 24.94
CA MET NA 757 -29.13 133.10 24.98
C MET NA 757 -28.10 134.08 24.43
N PHE NA 758 -26.84 133.92 24.82
CA PHE NA 758 -25.80 134.78 24.28
C PHE NA 758 -25.72 134.67 22.76
N THR NA 759 -25.55 133.44 22.26
CA THR NA 759 -25.41 133.26 20.82
C THR NA 759 -26.64 133.75 20.07
N ASN NA 760 -27.83 133.52 20.62
CA ASN NA 760 -29.07 134.05 20.03
C ASN NA 760 -29.07 135.58 19.96
N CYS NA 761 -28.80 136.24 21.09
CA CYS NA 761 -28.84 137.70 21.12
C CYS NA 761 -27.76 138.28 20.22
N MET NA 762 -26.58 137.67 20.24
CA MET NA 762 -25.49 138.13 19.39
C MET NA 762 -25.87 138.01 17.92
N GLN NA 763 -26.57 136.94 17.56
CA GLN NA 763 -27.05 136.81 16.18
C GLN NA 763 -28.04 137.93 15.84
N LYS NA 764 -29.02 138.16 16.71
CA LYS NA 764 -30.00 139.21 16.45
C LYS NA 764 -29.33 140.57 16.30
N PHE NA 765 -28.35 140.87 17.16
CA PHE NA 765 -27.60 142.13 17.03
C PHE NA 765 -26.82 142.20 15.71
N THR NA 766 -26.12 141.13 15.33
CA THR NA 766 -25.35 141.19 14.09
C THR NA 766 -26.20 141.33 12.83
N GLN NA 767 -27.45 140.83 12.83
CA GLN NA 767 -28.34 141.14 11.71
C GLN NA 767 -28.97 142.53 11.81
N SER NA 768 -28.87 143.20 12.97
CA SER NA 768 -29.34 144.57 13.08
C SER NA 768 -28.30 145.57 12.56
N MET NA 769 -27.01 145.38 12.89
CA MET NA 769 -25.98 146.30 12.42
C MET NA 769 -25.87 146.34 10.91
N LYS NA 770 -26.44 145.35 10.22
CA LYS NA 770 -26.47 145.31 8.77
C LYS NA 770 -27.40 146.35 8.17
N LEU NA 771 -28.33 146.87 8.97
CA LEU NA 771 -29.44 147.68 8.50
C LEU NA 771 -29.07 149.15 8.36
N LEU NA 814 -23.66 151.35 19.89
CA LEU NA 814 -23.01 150.12 20.33
C LEU NA 814 -23.52 149.68 21.71
N VAL NA 815 -24.08 150.60 22.49
CA VAL NA 815 -24.28 150.33 23.92
C VAL NA 815 -25.67 149.75 24.16
N SER NA 816 -26.62 149.99 23.24
CA SER NA 816 -28.04 150.00 23.56
C SER NA 816 -28.60 148.61 23.87
N GLY NA 817 -28.21 147.59 23.10
CA GLY NA 817 -28.70 146.23 23.29
C GLY NA 817 -27.59 145.24 23.52
N PHE NA 818 -26.42 145.56 22.95
CA PHE NA 818 -25.27 144.68 22.92
C PHE NA 818 -24.53 144.80 24.25
N GLU NA 819 -24.03 146.01 24.57
CA GLU NA 819 -23.12 146.15 25.70
C GLU NA 819 -23.84 146.07 27.03
N ALA NA 820 -25.15 146.30 27.05
CA ALA NA 820 -25.95 146.16 28.26
C ALA NA 820 -26.25 144.69 28.60
N THR NA 821 -25.97 143.77 27.67
CA THR NA 821 -26.28 142.36 27.84
C THR NA 821 -25.04 141.47 27.87
N ILE NA 822 -23.93 141.86 27.23
CA ILE NA 822 -22.71 141.04 27.31
C ILE NA 822 -22.24 140.94 28.75
N ASN NA 823 -22.29 142.05 29.50
CA ASN NA 823 -21.82 142.04 30.89
C ASN NA 823 -22.64 141.12 31.78
N LYS NA 824 -23.96 141.10 31.61
CA LYS NA 824 -24.79 140.23 32.45
C LYS NA 824 -24.69 138.77 32.03
N PHE NA 825 -24.52 138.48 30.74
CA PHE NA 825 -24.24 137.12 30.32
C PHE NA 825 -22.88 136.67 30.87
N ASP NA 826 -21.87 137.52 30.74
CA ASP NA 826 -20.56 137.26 31.32
C ASP NA 826 -20.66 137.00 32.82
N LYS NA 827 -21.48 137.78 33.54
CA LYS NA 827 -21.62 137.60 34.98
C LYS NA 827 -22.29 136.29 35.33
N ASN NA 828 -23.44 135.97 34.70
CA ASN NA 828 -24.11 134.71 35.01
C ASN NA 828 -23.25 133.53 34.56
N PHE NA 829 -22.65 133.62 33.37
CA PHE NA 829 -21.77 132.55 32.90
C PHE NA 829 -20.65 132.29 33.91
N SER NA 830 -19.99 133.36 34.37
CA SER NA 830 -18.94 133.20 35.37
C SER NA 830 -19.48 132.63 36.69
N ALA NA 831 -20.63 133.14 37.15
CA ALA NA 831 -21.20 132.67 38.42
C ALA NA 831 -21.56 131.18 38.37
N HIS NA 832 -22.25 130.75 37.32
CA HIS NA 832 -22.61 129.34 37.19
C HIS NA 832 -21.40 128.45 36.93
N LEU NA 833 -20.40 128.95 36.19
CA LEU NA 833 -19.16 128.19 36.01
C LEU NA 833 -18.42 127.96 37.32
N LEU NA 834 -18.41 128.96 38.21
CA LEU NA 834 -17.81 128.75 39.53
C LEU NA 834 -18.59 127.76 40.38
N ASP NA 835 -19.92 127.84 40.39
CA ASP NA 835 -20.72 126.85 41.12
C ASP NA 835 -20.51 125.46 40.54
N LEU NA 836 -20.41 125.35 39.22
CA LEU NA 836 -20.01 124.09 38.59
C LEU NA 836 -18.68 123.58 39.14
N LEU NA 837 -17.63 124.38 39.00
CA LEU NA 837 -16.31 123.93 39.41
C LEU NA 837 -16.26 123.54 40.88
N ALA NA 838 -16.92 124.31 41.75
CA ALA NA 838 -16.96 124.00 43.18
C ALA NA 838 -17.61 122.65 43.49
N ARG NA 839 -18.76 122.36 42.89
CA ARG NA 839 -19.47 121.10 43.13
C ARG NA 839 -18.94 119.94 42.29
N LEU NA 840 -18.18 120.23 41.24
CA LEU NA 840 -17.43 119.19 40.51
C LEU NA 840 -16.16 118.75 41.25
N SER NA 841 -15.52 119.66 42.00
CA SER NA 841 -14.23 119.38 42.64
C SER NA 841 -14.21 118.22 43.62
N ILE NA 842 -15.37 117.70 44.08
CA ILE NA 842 -15.36 116.57 45.00
C ILE NA 842 -15.13 115.20 44.35
N TYR NA 843 -15.17 115.09 43.02
CA TYR NA 843 -15.32 113.82 42.31
C TYR NA 843 -13.96 113.30 41.82
N SER NA 844 -13.67 112.01 42.11
CA SER NA 844 -12.35 111.35 41.95
C SER NA 844 -11.83 111.05 40.54
N GLY NA 851 -9.24 111.62 36.61
CA GLY NA 851 -10.23 111.77 35.58
C GLY NA 851 -11.28 112.81 35.91
N MET NA 852 -12.07 112.55 36.95
CA MET NA 852 -13.13 113.47 37.33
C MET NA 852 -12.59 114.67 38.10
N ALA NA 853 -11.37 114.55 38.65
CA ALA NA 853 -10.57 115.72 38.99
C ALA NA 853 -9.95 116.35 37.75
N SER NA 854 -9.60 115.54 36.75
CA SER NA 854 -8.91 116.04 35.57
C SER NA 854 -9.81 116.93 34.70
N VAL NA 855 -11.14 116.83 34.84
CA VAL NA 855 -11.99 117.81 34.18
C VAL NA 855 -11.80 119.21 34.78
N ILE NA 856 -11.76 119.34 36.11
CA ILE NA 856 -11.42 120.65 36.68
C ILE NA 856 -10.06 121.10 36.17
N SER NA 857 -9.07 120.20 36.19
CA SER NA 857 -7.72 120.55 35.80
C SER NA 857 -7.65 121.03 34.36
N ARG NA 858 -8.55 120.52 33.51
CA ARG NA 858 -8.67 120.85 32.08
C ARG NA 858 -9.53 122.09 31.86
N LEU NA 859 -10.50 122.35 32.74
CA LEU NA 859 -11.32 123.56 32.65
C LEU NA 859 -10.56 124.80 33.12
N ASP NA 860 -10.07 124.80 34.37
CA ASP NA 860 -9.13 125.83 34.84
C ASP NA 860 -7.69 125.34 34.70
N PHE NA 861 -7.25 125.31 33.44
CA PHE NA 861 -5.93 124.85 33.02
C PHE NA 861 -4.91 126.02 33.08
N ASN NA 862 -3.98 126.11 32.14
CA ASN NA 862 -2.89 127.10 32.12
C ASN NA 862 -3.38 128.46 31.56
N GLY NA 863 -4.45 129.01 32.15
CA GLY NA 863 -5.18 130.19 31.65
C GLY NA 863 -6.56 130.33 32.29
N PHE NA 864 -7.42 131.20 31.74
CA PHE NA 864 -8.81 131.39 32.20
C PHE NA 864 -8.88 131.95 33.64
N TYR NA 865 -8.08 132.99 33.97
CA TYR NA 865 -8.05 133.63 35.29
C TYR NA 865 -8.04 132.59 36.43
N THR NA 866 -7.09 131.64 36.33
CA THR NA 866 -7.21 130.30 36.88
C THR NA 866 -7.67 130.25 38.35
N GLU NA 867 -7.04 131.03 39.23
CA GLU NA 867 -7.31 130.96 40.66
C GLU NA 867 -8.33 131.99 41.13
N ARG NA 868 -8.79 132.86 40.23
CA ARG NA 868 -9.38 134.14 40.60
C ARG NA 868 -10.49 134.06 41.66
N LEU NA 869 -11.35 133.05 41.60
CA LEU NA 869 -12.29 132.76 42.70
C LEU NA 869 -12.42 131.26 42.95
N GLU NA 870 -11.27 130.60 43.08
CA GLU NA 870 -11.18 129.30 43.77
C GLU NA 870 -11.46 129.51 45.26
N ARG NA 871 -12.74 129.68 45.57
CA ARG NA 871 -13.28 130.14 46.85
C ARG NA 871 -13.16 129.11 47.99
N LEU NA 872 -13.42 129.60 49.21
CA LEU NA 872 -13.55 128.81 50.45
C LEU NA 872 -12.36 127.89 50.73
N ILE OA 245 -67.06 21.30 55.15
CA ILE OA 245 -66.29 22.12 54.16
C ILE OA 245 -64.81 22.06 54.53
N THR OA 246 -63.90 22.10 53.55
CA THR OA 246 -62.47 21.97 53.81
C THR OA 246 -61.67 22.95 52.96
N GLU OA 247 -60.45 23.20 53.45
CA GLU OA 247 -59.48 24.05 52.75
C GLU OA 247 -59.06 23.44 51.43
N ALA OA 248 -59.14 22.11 51.31
CA ALA OA 248 -58.88 21.42 50.06
C ALA OA 248 -59.99 21.63 49.06
N ALA OA 249 -61.24 21.67 49.52
CA ALA OA 249 -62.36 21.99 48.63
C ALA OA 249 -62.22 23.40 48.05
N LEU OA 250 -62.08 24.41 48.92
CA LEU OA 250 -62.09 25.79 48.45
C LEU OA 250 -61.04 26.09 47.39
N VAL OA 251 -59.88 25.45 47.42
CA VAL OA 251 -58.89 25.72 46.37
C VAL OA 251 -59.26 25.09 45.04
N ARG OA 252 -60.23 24.16 44.98
CA ARG OA 252 -60.71 23.69 43.68
C ARG OA 252 -61.49 24.79 42.97
N ASP OA 253 -62.53 25.32 43.64
CA ASP OA 253 -63.35 26.37 43.05
C ASP OA 253 -62.49 27.54 42.62
N ILE OA 254 -61.56 27.93 43.47
CA ILE OA 254 -60.67 29.05 43.25
C ILE OA 254 -59.77 28.90 42.03
N LEU OA 255 -59.77 27.74 41.37
CA LEU OA 255 -59.13 27.64 40.05
C LEU OA 255 -60.06 28.00 38.91
N TYR OA 256 -61.37 27.78 39.05
CA TYR OA 256 -62.31 28.19 38.02
C TYR OA 256 -62.65 29.67 38.12
N VAL OA 257 -62.84 30.22 39.33
CA VAL OA 257 -63.20 31.62 39.45
C VAL OA 257 -62.08 32.57 39.03
N PHE OA 258 -60.87 32.11 38.80
CA PHE OA 258 -59.88 32.96 38.15
C PHE OA 258 -60.13 33.05 36.65
N GLN OA 259 -61.10 32.30 36.12
CA GLN OA 259 -61.40 32.23 34.70
C GLN OA 259 -62.82 32.74 34.40
N GLY OA 260 -63.37 33.54 35.29
CA GLY OA 260 -64.71 34.08 35.20
C GLY OA 260 -65.86 33.14 35.51
N ILE OA 261 -65.67 31.84 35.33
CA ILE OA 261 -66.77 30.91 35.54
C ILE OA 261 -67.03 30.72 37.04
N ASP OA 262 -68.22 30.22 37.35
CA ASP OA 262 -68.68 29.91 38.71
C ASP OA 262 -67.96 28.68 39.29
N GLY OA 263 -68.10 28.47 40.63
CA GLY OA 263 -67.56 27.31 41.28
C GLY OA 263 -68.57 26.68 42.25
N LYS OA 264 -68.19 25.52 42.81
CA LYS OA 264 -69.16 24.70 43.56
C LYS OA 264 -69.67 25.39 44.84
N ASN OA 265 -68.84 26.22 45.51
CA ASN OA 265 -69.27 26.97 46.69
C ASN OA 265 -69.01 28.47 46.62
N ILE OA 266 -68.59 29.03 45.49
CA ILE OA 266 -68.22 30.44 45.42
C ILE OA 266 -69.27 31.32 44.71
N LYS OA 267 -69.93 30.87 43.64
CA LYS OA 267 -71.19 31.52 43.15
C LYS OA 267 -71.01 33.03 42.85
N MET OA 268 -71.95 33.89 43.25
CA MET OA 268 -71.97 35.34 42.99
C MET OA 268 -72.99 35.98 43.92
N ASN OA 269 -72.90 37.31 44.13
CA ASN OA 269 -73.89 37.96 44.99
C ASN OA 269 -75.19 38.19 44.23
N ASN OA 270 -75.20 39.10 43.25
CA ASN OA 270 -76.37 39.26 42.37
C ASN OA 270 -75.92 39.32 40.90
N THR OA 271 -75.15 40.34 40.49
CA THR OA 271 -74.23 40.22 39.35
C THR OA 271 -73.32 41.45 39.28
N GLU OA 272 -72.01 41.19 39.10
CA GLU OA 272 -70.92 42.17 38.90
C GLU OA 272 -70.82 43.26 39.97
N ASN OA 273 -71.33 43.05 41.20
CA ASN OA 273 -70.75 43.74 42.34
C ASN OA 273 -69.60 42.91 42.95
N CYS OA 274 -69.84 41.67 43.37
CA CYS OA 274 -68.79 40.92 44.05
C CYS OA 274 -69.07 39.41 44.05
N TYR OA 275 -68.04 38.64 44.43
CA TYR OA 275 -67.97 37.17 44.38
C TYR OA 275 -68.22 36.45 45.72
N LYS OA 276 -69.14 36.97 46.54
CA LYS OA 276 -69.50 36.46 47.86
C LYS OA 276 -69.65 34.93 47.95
N VAL OA 277 -69.00 34.32 48.98
CA VAL OA 277 -68.91 32.87 49.17
C VAL OA 277 -70.19 32.29 49.79
N GLU OA 278 -70.32 30.95 49.68
CA GLU OA 278 -71.52 30.14 50.05
C GLU OA 278 -72.74 30.53 49.26
N ARG OA 285 -63.49 30.03 57.64
CA ARG OA 285 -63.45 31.29 58.34
C ARG OA 285 -62.00 31.79 58.42
N SER OA 286 -61.79 33.06 58.09
CA SER OA 286 -60.52 33.58 57.60
C SER OA 286 -60.08 32.93 56.28
N LEU OA 287 -60.30 31.62 56.13
CA LEU OA 287 -60.25 31.00 54.81
C LEU OA 287 -61.12 31.77 53.82
N ARG OA 288 -62.37 31.97 54.21
CA ARG OA 288 -63.32 32.76 53.43
C ARG OA 288 -62.70 34.08 52.99
N ASP OA 289 -62.14 34.84 53.92
CA ASP OA 289 -61.59 36.14 53.58
C ASP OA 289 -60.42 36.07 52.61
N THR OA 290 -59.58 35.04 52.69
CA THR OA 290 -58.54 34.96 51.66
C THR OA 290 -59.09 34.44 50.35
N ALA OA 291 -60.16 33.62 50.38
CA ALA OA 291 -60.85 33.25 49.13
C ALA OA 291 -61.46 34.47 48.44
N VAL OA 292 -62.24 35.26 49.19
CA VAL OA 292 -62.82 36.49 48.64
C VAL OA 292 -61.76 37.34 47.94
N ARG OA 293 -60.70 37.68 48.67
CA ARG OA 293 -59.60 38.48 48.15
C ARG OA 293 -58.92 37.92 46.90
N LEU OA 294 -59.02 36.61 46.65
CA LEU OA 294 -58.56 36.00 45.42
C LEU OA 294 -59.59 36.06 44.30
N SER OA 295 -60.85 35.81 44.65
CA SER OA 295 -61.92 35.83 43.69
C SER OA 295 -62.12 37.18 43.03
N GLU OA 296 -61.67 38.27 43.64
CA GLU OA 296 -61.65 39.56 42.96
C GLU OA 296 -60.73 39.59 41.75
N LEU OA 297 -60.11 38.45 41.39
CA LEU OA 297 -59.51 38.35 40.06
C LEU OA 297 -60.49 37.81 39.04
N GLY OA 298 -61.51 37.06 39.46
CA GLY OA 298 -62.59 36.71 38.57
C GLY OA 298 -63.39 37.91 38.08
N TRP OA 299 -63.80 38.78 39.00
CA TRP OA 299 -64.53 39.97 38.61
C TRP OA 299 -63.74 40.85 37.66
N LEU OA 300 -62.43 40.82 37.73
CA LEU OA 300 -61.58 41.50 36.77
C LEU OA 300 -61.36 40.72 35.49
N HIS OA 301 -61.83 39.48 35.41
CA HIS OA 301 -61.74 38.72 34.18
C HIS OA 301 -63.00 38.83 33.33
N ASN OA 302 -64.16 38.62 33.94
CA ASN OA 302 -65.42 38.89 33.25
C ASN OA 302 -65.39 40.26 32.58
N LYS OA 303 -65.13 41.31 33.35
CA LYS OA 303 -65.13 42.67 32.83
C LYS OA 303 -64.20 42.88 31.65
N ILE OA 304 -63.09 42.14 31.54
CA ILE OA 304 -62.25 42.29 30.36
C ILE OA 304 -62.52 41.24 29.28
N ARG OA 305 -63.19 40.14 29.62
CA ARG OA 305 -63.58 39.13 28.61
C ARG OA 305 -64.76 39.62 27.79
N ARG OA 306 -65.89 39.90 28.44
CA ARG OA 306 -67.06 40.40 27.74
C ARG OA 306 -66.72 41.53 26.78
N TYR OA 307 -65.96 42.53 27.21
CA TYR OA 307 -65.68 43.65 26.33
C TYR OA 307 -65.01 43.23 25.02
N THR OA 308 -64.05 42.31 25.04
CA THR OA 308 -63.51 41.89 23.75
C THR OA 308 -64.43 40.94 22.98
N ASP OA 309 -65.33 40.22 23.66
CA ASP OA 309 -66.36 39.44 22.96
C ASP OA 309 -67.42 40.30 22.26
N GLN OA 310 -67.69 41.52 22.72
CA GLN OA 310 -68.65 42.41 22.07
C GLN OA 310 -68.04 43.43 21.12
N ARG OA 311 -66.99 44.13 21.51
CA ARG OA 311 -66.38 45.13 20.63
C ARG OA 311 -65.40 44.50 19.65
N SER OA 312 -65.48 43.18 19.52
CA SER OA 312 -65.15 42.45 18.31
C SER OA 312 -66.40 41.63 18.02
N LEU OA 313 -66.70 41.38 16.73
CA LEU OA 313 -68.07 41.13 16.24
C LEU OA 313 -68.97 42.35 16.37
N ASP OA 314 -68.38 43.54 16.22
CA ASP OA 314 -69.15 44.75 15.93
C ASP OA 314 -68.28 45.61 15.02
N ARG OA 315 -68.39 45.36 13.71
CA ARG OA 315 -67.57 46.05 12.72
C ARG OA 315 -67.75 47.55 12.74
N SER OA 316 -68.88 48.05 13.23
CA SER OA 316 -69.06 49.50 13.38
C SER OA 316 -68.04 50.15 14.29
N PHE OA 317 -67.42 49.39 15.20
CA PHE OA 317 -66.46 49.91 16.16
C PHE OA 317 -65.09 50.23 15.54
N GLY OA 318 -64.87 49.94 14.24
CA GLY OA 318 -63.72 50.47 13.50
C GLY OA 318 -62.46 49.61 13.57
N LEU OA 319 -61.41 50.05 12.87
CA LEU OA 319 -60.16 49.28 12.84
C LEU OA 319 -59.44 49.29 14.19
N VAL OA 320 -59.14 50.46 14.72
CA VAL OA 320 -58.88 50.62 16.14
C VAL OA 320 -60.20 50.43 16.88
N GLY OA 321 -60.17 49.67 17.95
CA GLY OA 321 -61.38 49.15 18.52
C GLY OA 321 -61.38 47.65 18.35
N GLN OA 322 -61.38 47.17 17.12
CA GLN OA 322 -61.04 45.78 16.88
C GLN OA 322 -59.58 45.47 17.24
N SER OA 323 -58.62 46.22 16.69
CA SER OA 323 -57.21 45.93 16.94
C SER OA 323 -56.82 46.10 18.39
N PHE OA 324 -57.61 46.82 19.15
CA PHE OA 324 -57.47 46.86 20.59
C PHE OA 324 -57.99 45.57 21.21
N CYS OA 325 -59.22 45.19 20.88
CA CYS OA 325 -59.77 43.93 21.38
C CYS OA 325 -58.97 42.70 20.97
N ALA OA 326 -58.17 42.76 19.91
CA ALA OA 326 -57.19 41.70 19.66
C ALA OA 326 -56.11 41.66 20.74
N ALA OA 327 -55.52 42.81 21.07
CA ALA OA 327 -54.51 42.83 22.13
C ALA OA 327 -55.07 42.34 23.46
N LEU OA 328 -56.24 42.83 23.87
CA LEU OA 328 -56.87 42.32 25.08
C LEU OA 328 -57.28 40.87 25.02
N HIS OA 329 -57.15 40.21 23.87
CA HIS OA 329 -57.29 38.77 23.79
C HIS OA 329 -55.94 38.07 23.88
N GLN OA 330 -54.95 38.52 23.13
CA GLN OA 330 -53.62 37.96 23.22
C GLN OA 330 -53.05 38.08 24.63
N GLU OA 331 -53.06 39.29 25.18
CA GLU OA 331 -52.64 39.61 26.54
C GLU OA 331 -53.62 39.06 27.58
N LEU OA 332 -54.47 38.14 27.18
CA LEU OA 332 -55.25 37.36 28.12
C LEU OA 332 -55.16 35.87 27.86
N ARG OA 333 -54.81 35.44 26.63
CA ARG OA 333 -54.47 34.03 26.42
C ARG OA 333 -53.25 33.61 27.24
N GLU OA 334 -52.24 34.47 27.35
CA GLU OA 334 -51.08 34.17 28.18
C GLU OA 334 -51.41 34.08 29.65
N TYR OA 335 -52.53 34.62 30.09
CA TYR OA 335 -53.03 34.39 31.43
C TYR OA 335 -53.73 33.06 31.57
N TYR OA 336 -54.28 32.48 30.49
CA TYR OA 336 -54.70 31.09 30.55
C TYR OA 336 -53.52 30.12 30.55
N ARG OA 337 -52.40 30.47 29.93
CA ARG OA 337 -51.23 29.61 30.03
C ARG OA 337 -50.85 29.35 31.49
N LEU OA 338 -50.60 30.41 32.24
CA LEU OA 338 -50.45 30.28 33.69
C LEU OA 338 -51.55 29.43 34.29
N LEU OA 339 -52.80 29.81 34.08
CA LEU OA 339 -53.85 29.11 34.79
C LEU OA 339 -54.01 27.65 34.37
N SER OA 340 -53.40 27.21 33.25
CA SER OA 340 -53.37 25.78 32.97
C SER OA 340 -52.48 25.00 33.94
N VAL OA 341 -51.28 25.50 34.27
CA VAL OA 341 -50.41 24.69 35.15
C VAL OA 341 -51.06 24.54 36.52
N LEU OA 342 -51.81 25.54 36.98
CA LEU OA 342 -52.51 25.41 38.25
C LEU OA 342 -53.70 24.45 38.19
N HIS OA 343 -54.18 24.12 36.98
CA HIS OA 343 -55.26 23.13 36.80
C HIS OA 343 -54.57 21.77 36.91
N SER OA 344 -53.32 21.68 36.46
CA SER OA 344 -52.50 20.48 36.74
C SER OA 344 -51.94 20.78 38.14
N GLN OA 345 -50.93 20.08 38.67
CA GLN OA 345 -50.51 20.36 40.04
C GLN OA 345 -51.61 20.10 41.07
N LEU OA 346 -52.72 19.48 40.66
CA LEU OA 346 -53.61 18.77 41.56
C LEU OA 346 -53.43 17.28 41.31
N GLN OA 347 -53.01 16.54 42.35
CA GLN OA 347 -52.40 15.22 42.23
C GLN OA 347 -51.32 15.24 41.15
N SER OA 361 -47.88 19.98 48.56
CA SER OA 361 -49.20 20.31 48.09
C SER OA 361 -49.20 21.64 47.36
N LEU OA 362 -50.39 22.11 46.98
CA LEU OA 362 -50.58 23.49 46.53
C LEU OA 362 -51.43 24.24 47.54
N THR OA 363 -50.89 25.34 48.07
CA THR OA 363 -51.73 26.40 48.62
C THR OA 363 -51.03 27.76 48.48
N LEU OA 364 -49.76 27.92 48.87
CA LEU OA 364 -49.06 29.21 48.73
C LEU OA 364 -49.93 30.37 49.21
N ARG OA 365 -50.36 30.24 50.47
CA ARG OA 365 -51.40 31.06 51.08
C ARG OA 365 -52.61 31.13 50.15
N ARG OA 366 -53.08 29.94 49.77
CA ARG OA 366 -54.12 29.73 48.75
C ARG OA 366 -53.91 30.58 47.49
N LEU OA 367 -52.62 30.76 47.11
CA LEU OA 367 -52.12 31.33 45.84
C LEU OA 367 -51.79 32.83 45.83
N LEU OA 368 -51.87 33.48 46.99
CA LEU OA 368 -51.60 34.91 47.14
C LEU OA 368 -50.27 35.36 46.53
N VAL OA 369 -49.32 34.46 46.31
CA VAL OA 369 -48.03 34.82 45.74
C VAL OA 369 -47.86 34.36 44.29
N TRP OA 370 -48.69 33.43 43.81
CA TRP OA 370 -48.76 33.04 42.40
C TRP OA 370 -49.50 34.10 41.58
N THR OA 371 -50.73 34.44 41.98
CA THR OA 371 -51.59 35.38 41.26
C THR OA 371 -51.16 36.83 41.34
N TYR OA 372 -50.33 37.21 42.32
CA TYR OA 372 -50.05 38.63 42.56
C TYR OA 372 -49.49 39.33 41.32
N ASP OA 373 -48.54 38.73 40.63
CA ASP OA 373 -47.95 39.43 39.49
C ASP OA 373 -48.91 39.67 38.30
N PRO OA 374 -49.79 38.73 37.92
CA PRO OA 374 -50.81 39.06 36.91
C PRO OA 374 -52.03 39.84 37.41
N LYS OA 375 -52.47 39.67 38.66
CA LYS OA 375 -53.52 40.56 39.17
C LYS OA 375 -53.12 42.03 39.14
N ILE OA 376 -51.82 42.33 39.14
CA ILE OA 376 -51.34 43.69 38.92
C ILE OA 376 -51.23 44.02 37.44
N ARG OA 377 -51.67 43.11 36.57
CA ARG OA 377 -51.78 43.31 35.11
C ARG OA 377 -53.23 43.05 34.69
N LEU OA 378 -54.06 42.45 35.56
CA LEU OA 378 -55.52 42.27 35.31
C LEU OA 378 -56.12 43.61 35.74
N LYS OA 379 -55.46 44.32 36.65
CA LYS OA 379 -55.79 45.74 36.93
C LYS OA 379 -55.07 46.41 35.75
N THR OA 380 -54.89 47.73 35.64
CA THR OA 380 -54.38 48.35 34.42
C THR OA 380 -55.34 48.12 33.25
N LEU OA 381 -55.33 46.95 32.62
CA LEU OA 381 -56.25 46.69 31.49
C LEU OA 381 -57.72 46.91 31.85
N ALA OA 382 -58.21 46.38 32.97
CA ALA OA 382 -59.60 46.65 33.30
C ALA OA 382 -59.88 48.14 33.53
N ALA OA 383 -58.87 48.93 33.86
CA ALA OA 383 -59.03 50.37 33.95
C ALA OA 383 -58.74 51.07 32.64
N LEU OA 384 -57.92 50.47 31.78
CA LEU OA 384 -57.73 51.01 30.44
C LEU OA 384 -58.94 50.76 29.55
N VAL OA 385 -59.64 49.65 29.74
CA VAL OA 385 -60.98 49.46 29.16
C VAL OA 385 -61.94 50.59 29.55
N ASP OA 386 -62.21 50.75 30.84
CA ASP OA 386 -63.19 51.78 31.24
C ASP OA 386 -62.77 53.20 30.93
N HIS OA 387 -61.47 53.48 30.78
CA HIS OA 387 -61.04 54.78 30.28
C HIS OA 387 -61.28 54.94 28.78
N CYS OA 388 -61.12 53.85 28.01
CA CYS OA 388 -61.34 53.88 26.57
C CYS OA 388 -62.80 53.80 26.15
N GLN OA 389 -63.66 53.26 26.99
CA GLN OA 389 -65.06 53.05 26.64
C GLN OA 389 -65.71 54.34 26.10
N GLY OA 390 -66.44 54.19 24.99
CA GLY OA 390 -67.08 55.26 24.27
C GLY OA 390 -66.28 55.91 23.14
N ARG OA 391 -64.96 55.78 23.12
CA ARG OA 391 -64.15 56.32 22.03
C ARG OA 391 -64.08 55.33 20.85
N LYS OA 392 -63.41 55.77 19.77
CA LYS OA 392 -63.19 54.99 18.55
C LYS OA 392 -62.12 55.69 17.73
N GLY OA 393 -61.72 55.06 16.62
CA GLY OA 393 -60.83 55.71 15.66
C GLY OA 393 -59.49 56.13 16.26
N GLY OA 394 -58.88 57.14 15.66
CA GLY OA 394 -57.65 57.70 16.20
C GLY OA 394 -57.82 58.36 17.55
N GLU OA 395 -59.06 58.62 17.98
CA GLU OA 395 -59.32 59.07 19.34
C GLU OA 395 -59.12 57.98 20.38
N LEU OA 396 -59.39 56.72 20.02
CA LEU OA 396 -59.07 55.61 20.91
C LEU OA 396 -57.57 55.32 20.96
N ALA OA 397 -56.83 55.61 19.90
CA ALA OA 397 -55.38 55.73 19.98
C ALA OA 397 -54.89 56.97 20.72
N SER OA 398 -55.74 57.61 21.50
CA SER OA 398 -55.33 58.65 22.45
C SER OA 398 -55.57 58.25 23.89
N ALA OA 399 -56.70 57.60 24.19
CA ALA OA 399 -56.90 57.06 25.54
C ALA OA 399 -55.82 56.05 25.89
N VAL OA 400 -55.47 55.17 24.95
CA VAL OA 400 -54.30 54.30 25.04
C VAL OA 400 -52.96 55.02 25.06
N HIS OA 401 -52.90 56.32 24.81
CA HIS OA 401 -51.70 57.12 25.04
C HIS OA 401 -51.80 58.00 26.26
N ALA OA 402 -52.94 58.00 26.95
CA ALA OA 402 -53.05 58.72 28.20
C ALA OA 402 -52.33 57.97 29.32
N TYR OA 403 -52.39 56.64 29.31
CA TYR OA 403 -51.80 55.80 30.35
C TYR OA 403 -50.31 55.51 30.16
N THR OA 404 -49.68 55.83 29.04
CA THR OA 404 -48.22 55.68 28.95
C THR OA 404 -47.44 56.80 29.64
N LYS OA 405 -48.07 57.51 30.59
CA LYS OA 405 -47.50 58.67 31.27
C LYS OA 405 -47.67 58.45 32.78
N THR OA 406 -46.90 57.48 33.28
CA THR OA 406 -46.94 56.95 34.64
C THR OA 406 -45.54 56.43 34.96
N GLY OA 407 -45.24 56.27 36.26
CA GLY OA 407 -43.87 55.96 36.66
C GLY OA 407 -43.41 54.53 36.41
N ASP OA 408 -44.17 53.53 36.87
CA ASP OA 408 -43.59 52.20 37.08
C ASP OA 408 -43.52 51.37 35.79
N PRO OA 409 -42.32 50.94 35.35
CA PRO OA 409 -42.19 50.16 34.09
C PRO OA 409 -42.88 48.81 34.03
N TYR OA 410 -43.77 48.49 34.97
CA TYR OA 410 -44.78 47.47 34.68
C TYR OA 410 -45.90 48.10 33.85
N MET OA 411 -46.78 48.90 34.45
CA MET OA 411 -47.86 49.52 33.66
C MET OA 411 -47.32 50.30 32.47
N ARG OA 412 -46.29 51.09 32.67
CA ARG OA 412 -45.71 51.86 31.57
C ARG OA 412 -45.08 51.03 30.44
N SER OA 413 -44.80 49.74 30.63
CA SER OA 413 -44.32 48.94 29.50
C SER OA 413 -45.40 48.03 28.93
N LEU OA 414 -46.27 47.51 29.79
CA LEU OA 414 -47.46 46.82 29.34
C LEU OA 414 -48.30 47.68 28.41
N VAL OA 415 -48.60 48.91 28.81
CA VAL OA 415 -49.35 49.85 27.96
C VAL OA 415 -48.55 50.37 26.78
N GLN OA 416 -47.22 50.35 26.81
CA GLN OA 416 -46.49 50.75 25.62
C GLN OA 416 -46.44 49.65 24.57
N HIS OA 417 -46.81 48.40 24.91
CA HIS OA 417 -47.00 47.36 23.90
C HIS OA 417 -48.34 47.52 23.19
N ILE OA 418 -49.42 47.68 23.94
CA ILE OA 418 -50.72 47.91 23.32
C ILE OA 418 -50.66 49.15 22.44
N LEU OA 419 -50.01 50.23 22.89
CA LEU OA 419 -49.72 51.34 21.99
C LEU OA 419 -48.62 51.01 20.98
N SER OA 420 -48.66 49.83 20.44
CA SER OA 420 -47.93 49.58 19.20
C SER OA 420 -48.71 48.64 18.32
N LEU OA 421 -49.46 47.72 18.93
CA LEU OA 421 -50.57 47.07 18.27
C LEU OA 421 -51.61 48.08 17.79
N VAL OA 422 -52.16 48.86 18.71
CA VAL OA 422 -53.17 49.86 18.34
C VAL OA 422 -52.61 51.00 17.50
N SER OA 423 -51.29 51.23 17.50
CA SER OA 423 -50.72 52.14 16.52
C SER OA 423 -50.83 51.63 15.08
N HIS OA 424 -50.77 50.32 14.85
CA HIS OA 424 -50.63 49.80 13.49
C HIS OA 424 -51.77 50.15 12.53
N PRO OA 425 -53.05 50.01 12.88
CA PRO OA 425 -54.09 50.54 11.98
C PRO OA 425 -53.83 51.96 11.51
N VAL OA 426 -53.51 52.85 12.45
CA VAL OA 426 -53.28 54.25 12.14
C VAL OA 426 -52.07 54.44 11.22
N LEU OA 427 -50.96 53.78 11.50
CA LEU OA 427 -49.84 53.93 10.57
C LEU OA 427 -50.10 53.27 9.22
N SER OA 428 -50.97 52.27 9.13
CA SER OA 428 -51.41 51.81 7.81
C SER OA 428 -52.18 52.91 7.07
N PHE OA 429 -53.26 53.44 7.67
CA PHE OA 429 -53.98 54.55 7.04
C PHE OA 429 -53.02 55.62 6.56
N LEU OA 430 -52.25 56.15 7.51
CA LEU OA 430 -51.34 57.26 7.24
C LEU OA 430 -50.36 56.97 6.11
N TYR OA 431 -49.76 55.78 6.07
CA TYR OA 431 -48.74 55.55 5.05
C TYR OA 431 -49.38 55.40 3.68
N ARG OA 432 -50.56 54.80 3.62
CA ARG OA 432 -51.24 54.69 2.33
C ARG OA 432 -51.63 56.08 1.84
N TRP OA 433 -52.30 56.86 2.69
CA TRP OA 433 -52.60 58.25 2.36
C TRP OA 433 -51.37 59.09 2.02
N ILE OA 434 -50.23 58.89 2.70
CA ILE OA 434 -49.00 59.61 2.34
C ILE OA 434 -48.54 59.23 0.93
N TYR OA 435 -48.40 57.95 0.66
CA TYR OA 435 -47.62 57.54 -0.52
C TYR OA 435 -48.51 57.48 -1.76
N ASP OA 436 -49.72 56.96 -1.60
CA ASP OA 436 -50.58 56.58 -2.72
C ASP OA 436 -51.93 57.28 -2.71
N GLY OA 437 -52.37 57.82 -1.58
CA GLY OA 437 -53.48 58.74 -1.52
C GLY OA 437 -54.87 58.16 -1.39
N GLU OA 438 -55.04 56.83 -1.36
CA GLU OA 438 -56.34 56.28 -0.99
C GLU OA 438 -56.76 56.68 0.41
N LEU OA 439 -58.06 56.54 0.67
CA LEU OA 439 -58.66 57.02 1.91
C LEU OA 439 -59.84 56.13 2.33
N GLU OA 440 -59.63 54.82 2.43
CA GLU OA 440 -60.74 53.86 2.50
C GLU OA 440 -61.41 53.74 3.88
N ASP OA 441 -61.33 54.71 4.80
CA ASP OA 441 -61.97 54.57 6.13
C ASP OA 441 -63.49 54.76 6.05
N THR OA 442 -64.16 53.73 5.51
CA THR OA 442 -65.61 53.71 5.41
C THR OA 442 -66.32 53.80 6.77
N TYR OA 443 -65.63 53.47 7.86
CA TYR OA 443 -65.98 53.94 9.19
C TYR OA 443 -65.08 55.14 9.46
N HIS OA 444 -65.67 56.28 9.78
CA HIS OA 444 -64.88 57.51 9.86
C HIS OA 444 -63.91 57.42 11.02
N GLU OA 445 -62.62 57.52 10.72
CA GLU OA 445 -61.59 57.35 11.73
C GLU OA 445 -60.31 58.14 11.47
N PHE OA 446 -59.84 58.16 10.23
CA PHE OA 446 -58.58 58.81 9.96
C PHE OA 446 -58.79 60.32 10.12
N PHE OA 447 -57.73 61.04 10.44
CA PHE OA 447 -57.89 62.46 10.72
C PHE OA 447 -57.92 63.35 9.47
N VAL OA 448 -57.93 62.78 8.27
CA VAL OA 448 -58.32 63.48 7.04
C VAL OA 448 -59.73 63.05 6.67
N ALA OA 449 -60.65 64.02 6.62
CA ALA OA 449 -61.97 63.82 6.04
C ALA OA 449 -61.96 64.23 4.57
N SER OA 450 -62.95 63.74 3.82
CA SER OA 450 -63.32 64.39 2.57
C SER OA 450 -64.81 64.20 2.34
N ASP OA 451 -65.44 65.22 1.66
CA ASP OA 451 -66.84 65.09 1.29
C ASP OA 451 -66.99 64.59 -0.15
N PRO OA 452 -68.09 63.92 -0.46
CA PRO OA 452 -68.19 63.25 -1.77
C PRO OA 452 -68.33 64.21 -2.94
N THR OA 453 -68.77 65.45 -2.72
CA THR OA 453 -69.31 66.31 -3.77
C THR OA 453 -68.58 67.65 -3.87
N VAL OA 454 -67.38 67.62 -4.44
CA VAL OA 454 -66.78 68.75 -5.16
C VAL OA 454 -66.01 68.15 -6.32
N LYS OA 455 -65.72 68.98 -7.33
CA LYS OA 455 -65.54 68.45 -8.68
C LYS OA 455 -64.16 68.68 -9.33
N THR OA 456 -64.01 69.61 -10.30
CA THR OA 456 -62.81 69.61 -11.14
C THR OA 456 -61.59 70.20 -10.44
N ASP OA 457 -61.72 71.44 -9.97
CA ASP OA 457 -60.61 72.22 -9.43
C ASP OA 457 -60.84 72.63 -7.99
N ARG OA 458 -62.07 72.51 -7.49
CA ARG OA 458 -62.38 72.59 -6.08
C ARG OA 458 -61.85 71.40 -5.29
N LEU OA 459 -61.30 70.39 -5.96
CA LEU OA 459 -60.58 69.31 -5.29
C LEU OA 459 -59.58 69.86 -4.28
N TRP OA 460 -58.71 70.77 -4.73
CA TRP OA 460 -57.61 71.28 -3.91
C TRP OA 460 -58.08 72.18 -2.78
N HIS OA 461 -59.04 73.08 -3.04
CA HIS OA 461 -59.49 73.98 -1.98
C HIS OA 461 -60.44 73.30 -1.01
N ASP OA 462 -61.43 72.55 -1.51
CA ASP OA 462 -62.64 72.30 -0.75
C ASP OA 462 -62.87 70.86 -0.34
N LYS OA 463 -62.23 69.89 -1.00
CA LYS OA 463 -62.66 68.51 -0.81
C LYS OA 463 -62.25 67.97 0.56
N TYR OA 464 -61.12 68.40 1.11
CA TYR OA 464 -60.47 67.78 2.25
C TYR OA 464 -60.45 68.71 3.47
N THR OA 465 -60.66 68.15 4.65
CA THR OA 465 -60.54 68.88 5.91
C THR OA 465 -59.89 67.97 6.94
N LEU OA 466 -59.24 68.60 7.93
CA LEU OA 466 -58.62 67.88 9.04
C LEU OA 466 -59.68 67.54 10.08
N ARG OA 467 -60.02 66.26 10.20
CA ARG OA 467 -61.03 65.79 11.15
C ARG OA 467 -60.45 65.82 12.57
N LYS OA 468 -60.31 67.03 13.12
CA LYS OA 468 -59.48 67.28 14.30
C LYS OA 468 -59.71 66.32 15.47
N SER OA 469 -60.95 65.94 15.75
CA SER OA 469 -61.19 65.10 16.92
C SER OA 469 -60.57 63.71 16.82
N MET OA 470 -60.12 63.29 15.64
CA MET OA 470 -59.45 62.01 15.46
C MET OA 470 -57.94 62.15 15.24
N ILE OA 471 -57.36 63.33 15.39
CA ILE OA 471 -55.89 63.37 15.45
C ILE OA 471 -55.45 62.59 16.69
N PRO OA 472 -54.54 61.60 16.55
CA PRO OA 472 -54.15 60.82 17.72
C PRO OA 472 -53.20 61.65 18.59
N SER OA 473 -53.31 61.49 19.92
CA SER OA 473 -52.68 62.46 20.80
C SER OA 473 -51.16 62.38 20.83
N PHE OA 474 -50.56 61.33 20.27
CA PHE OA 474 -49.11 61.30 20.08
C PHE OA 474 -48.63 62.11 18.88
N MET OA 475 -49.51 62.89 18.24
CA MET OA 475 -49.22 63.56 16.97
C MET OA 475 -49.52 65.06 17.05
N THR OA 476 -48.62 65.90 16.53
CA THR OA 476 -48.76 67.36 16.59
C THR OA 476 -49.66 67.88 15.47
N MET OA 477 -50.20 69.10 15.67
CA MET OA 477 -50.93 69.78 14.60
C MET OA 477 -50.04 70.07 13.41
N ASP OA 478 -48.80 70.49 13.67
CA ASP OA 478 -47.84 70.74 12.60
C ASP OA 478 -47.64 69.51 11.71
N GLN OA 479 -47.48 68.34 12.32
CA GLN OA 479 -47.43 67.10 11.54
C GLN OA 479 -48.76 66.82 10.84
N SER OA 480 -49.87 66.86 11.57
CA SER OA 480 -51.15 66.47 11.03
C SER OA 480 -51.52 67.30 9.80
N ARG OA 481 -51.31 68.61 9.88
CA ARG OA 481 -51.50 69.47 8.72
C ARG OA 481 -50.64 69.05 7.54
N LYS OA 482 -49.38 68.70 7.76
CA LYS OA 482 -48.54 68.31 6.64
C LYS OA 482 -48.96 66.98 5.98
N VAL OA 483 -49.49 66.00 6.73
CA VAL OA 483 -49.95 64.77 6.04
C VAL OA 483 -51.14 65.08 5.13
N LEU OA 484 -52.07 65.93 5.57
CA LEU OA 484 -53.18 66.31 4.69
C LEU OA 484 -52.64 66.97 3.43
N LEU OA 485 -51.72 67.92 3.59
CA LEU OA 485 -51.08 68.55 2.44
C LEU OA 485 -50.39 67.54 1.52
N ILE OA 486 -49.69 66.54 2.07
CA ILE OA 486 -49.05 65.53 1.23
C ILE OA 486 -50.10 64.78 0.41
N GLY OA 487 -51.15 64.28 1.05
CA GLY OA 487 -52.12 63.50 0.32
C GLY OA 487 -52.88 64.27 -0.75
N LYS OA 488 -53.26 65.52 -0.46
CA LYS OA 488 -53.78 66.36 -1.54
C LYS OA 488 -52.80 66.46 -2.68
N SER OA 489 -51.53 66.74 -2.37
CA SER OA 489 -50.54 66.96 -3.42
C SER OA 489 -50.33 65.76 -4.32
N ILE OA 490 -50.74 64.55 -3.93
CA ILE OA 490 -50.64 63.39 -4.81
C ILE OA 490 -51.98 63.12 -5.47
N ASN OA 491 -53.06 63.22 -4.69
CA ASN OA 491 -54.41 62.99 -5.21
C ASN OA 491 -54.79 64.02 -6.29
N PHE OA 492 -54.39 65.29 -6.10
CA PHE OA 492 -54.51 66.29 -7.17
C PHE OA 492 -53.67 65.90 -8.37
N LEU OA 493 -52.47 65.40 -8.12
CA LEU OA 493 -51.58 65.04 -9.22
C LEU OA 493 -52.14 63.88 -10.04
N HIS OA 494 -52.85 62.93 -9.42
CA HIS OA 494 -53.59 61.97 -10.23
C HIS OA 494 -54.76 62.63 -10.96
N GLN OA 495 -55.69 63.19 -10.19
CA GLN OA 495 -57.03 63.43 -10.69
C GLN OA 495 -57.19 64.69 -11.54
N VAL OA 496 -56.33 65.69 -11.37
CA VAL OA 496 -56.53 67.00 -12.00
C VAL OA 496 -55.36 67.33 -12.88
N CYS OA 497 -54.17 66.92 -12.50
CA CYS OA 497 -52.99 67.26 -13.26
C CYS OA 497 -52.72 66.24 -14.36
N HIS OA 498 -53.36 65.07 -14.27
CA HIS OA 498 -53.22 63.96 -15.22
C HIS OA 498 -51.78 63.51 -15.46
N ASP OA 499 -51.18 63.05 -14.37
CA ASP OA 499 -49.87 62.40 -14.39
C ASP OA 499 -49.92 61.26 -13.36
N GLN OA 500 -49.91 60.01 -13.84
CA GLN OA 500 -49.85 58.82 -13.00
C GLN OA 500 -48.47 58.18 -13.14
N THR OA 501 -47.75 58.08 -12.02
CA THR OA 501 -46.42 57.50 -11.96
C THR OA 501 -46.38 56.41 -10.90
N PRO OA 502 -45.29 55.64 -10.84
CA PRO OA 502 -44.98 54.92 -9.59
C PRO OA 502 -44.91 55.88 -8.41
N THR OA 503 -45.16 55.33 -7.21
CA THR OA 503 -45.32 56.16 -6.01
C THR OA 503 -44.01 56.88 -5.66
N THR OA 504 -44.17 57.96 -4.89
CA THR OA 504 -43.05 58.77 -4.41
C THR OA 504 -42.88 58.53 -2.91
N LYS OA 505 -41.84 57.77 -2.55
CA LYS OA 505 -41.48 57.52 -1.16
C LYS OA 505 -40.85 58.76 -0.54
N THR OA 524 -39.68 59.12 20.26
CA THR OA 524 -39.75 57.67 20.45
C THR OA 524 -41.14 57.08 20.19
N ASP OA 525 -42.11 57.93 19.85
CA ASP OA 525 -43.47 57.49 19.56
C ASP OA 525 -43.54 56.64 18.29
N LEU OA 526 -44.02 55.40 18.43
CA LEU OA 526 -43.95 54.38 17.38
C LEU OA 526 -42.53 54.21 16.82
N GLU OA 527 -41.52 54.36 17.69
CA GLU OA 527 -40.10 54.41 17.37
C GLU OA 527 -39.70 55.59 16.47
N ASN OA 528 -40.53 56.65 16.41
CA ASN OA 528 -40.24 57.90 15.73
C ASN OA 528 -40.09 57.72 14.21
N ALA OA 529 -39.08 58.33 13.59
CA ALA OA 529 -38.84 58.26 12.14
C ALA OA 529 -39.83 59.10 11.33
N PHE OA 530 -40.83 59.70 11.99
CA PHE OA 530 -41.79 60.55 11.28
C PHE OA 530 -41.12 61.77 10.64
N GLN OA 531 -40.27 62.47 11.39
CA GLN OA 531 -39.49 63.55 10.80
C GLN OA 531 -38.30 63.06 9.99
N GLY OA 532 -38.40 61.85 9.43
CA GLY OA 532 -37.51 61.42 8.38
C GLY OA 532 -38.30 60.90 7.20
N LYS OA 533 -39.51 60.44 7.45
CA LYS OA 533 -40.45 60.06 6.39
C LYS OA 533 -41.26 61.26 5.90
N ILE OA 534 -42.07 61.82 6.78
CA ILE OA 534 -43.08 62.79 6.39
C ILE OA 534 -42.43 64.01 5.76
N ASP OA 535 -41.41 64.59 6.40
CA ASP OA 535 -40.75 65.74 5.77
C ASP OA 535 -40.03 65.37 4.48
N ALA OA 536 -39.56 64.12 4.32
CA ALA OA 536 -39.01 63.74 3.03
C ALA OA 536 -40.11 63.65 1.96
N ALA OA 537 -41.25 63.05 2.32
CA ALA OA 537 -42.31 62.81 1.34
C ALA OA 537 -42.98 64.12 0.93
N TYR OA 538 -43.17 65.02 1.89
CA TYR OA 538 -43.62 66.37 1.57
C TYR OA 538 -42.67 67.03 0.58
N PHE OA 539 -41.37 66.95 0.86
CA PHE OA 539 -40.38 67.63 0.04
C PHE OA 539 -40.37 67.07 -1.37
N GLU OA 540 -40.46 65.75 -1.51
CA GLU OA 540 -40.37 65.12 -2.83
C GLU OA 540 -41.65 65.31 -3.63
N THR OA 541 -42.81 65.13 -2.99
CA THR OA 541 -44.07 65.28 -3.72
C THR OA 541 -44.31 66.72 -4.12
N SER OA 542 -44.00 67.66 -3.23
CA SER OA 542 -44.15 69.07 -3.55
C SER OA 542 -43.14 69.48 -4.61
N LYS OA 543 -41.95 68.88 -4.58
CA LYS OA 543 -40.97 69.16 -5.62
C LYS OA 543 -41.48 68.65 -6.97
N TYR OA 544 -42.07 67.46 -7.00
CA TYR OA 544 -42.54 66.92 -8.28
C TYR OA 544 -43.77 67.67 -8.78
N LEU OA 545 -44.63 68.13 -7.87
CA LEU OA 545 -45.82 68.89 -8.28
C LEU OA 545 -45.43 70.24 -8.86
N LEU OA 546 -44.47 70.93 -8.23
CA LEU OA 546 -43.96 72.15 -8.82
C LEU OA 546 -43.27 71.87 -10.14
N ASP OA 547 -42.58 70.73 -10.24
CA ASP OA 547 -41.88 70.42 -11.48
C ASP OA 547 -42.83 70.12 -12.64
N VAL OA 548 -44.03 69.59 -12.40
CA VAL OA 548 -44.99 69.43 -13.49
C VAL OA 548 -45.63 70.77 -13.83
N LEU OA 549 -46.24 71.44 -12.85
CA LEU OA 549 -46.97 72.67 -13.20
C LEU OA 549 -46.05 73.73 -13.78
N ASN OA 550 -44.76 73.72 -13.43
CA ASN OA 550 -43.89 74.76 -13.97
C ASN OA 550 -43.48 74.54 -15.43
N LYS OA 551 -43.84 73.41 -16.06
CA LYS OA 551 -43.56 73.27 -17.50
C LYS OA 551 -44.56 72.43 -18.30
N LYS OA 552 -45.30 71.49 -17.69
CA LYS OA 552 -46.36 70.81 -18.43
C LYS OA 552 -47.58 71.72 -18.62
N TYR OA 553 -47.80 72.67 -17.70
CA TYR OA 553 -48.88 73.65 -17.82
C TYR OA 553 -48.34 75.08 -17.72
N SER OA 554 -47.03 75.25 -17.87
CA SER OA 554 -46.35 76.54 -17.93
C SER OA 554 -46.78 77.58 -16.91
N LEU OA 555 -47.13 77.18 -15.68
CA LEU OA 555 -47.81 78.05 -14.72
C LEU OA 555 -47.15 79.41 -14.55
N LEU OA 556 -45.82 79.46 -14.47
CA LEU OA 556 -45.07 80.70 -14.27
C LEU OA 556 -45.11 81.60 -15.51
N ASP OA 557 -45.06 81.04 -16.73
CA ASP OA 557 -45.30 81.85 -17.93
C ASP OA 557 -46.73 82.39 -17.97
N HIS OA 558 -47.70 81.61 -17.52
CA HIS OA 558 -49.08 82.11 -17.49
C HIS OA 558 -49.23 83.31 -16.55
N MET OA 559 -48.59 83.30 -15.38
CA MET OA 559 -48.52 84.50 -14.52
C MET OA 559 -47.83 85.66 -15.25
N GLN OA 560 -46.64 85.42 -15.81
CA GLN OA 560 -45.88 86.43 -16.54
C GLN OA 560 -46.66 86.99 -17.74
N ALA OA 561 -47.40 86.15 -18.49
CA ALA OA 561 -48.21 86.65 -19.60
C ALA OA 561 -49.45 87.39 -19.12
N MET OA 562 -50.14 86.86 -18.12
CA MET OA 562 -51.33 87.52 -17.63
C MET OA 562 -51.04 88.91 -17.10
N ARG OA 563 -49.79 89.10 -16.65
CA ARG OA 563 -49.36 90.46 -16.22
C ARG OA 563 -49.11 91.29 -17.50
N ARG OA 564 -48.54 90.67 -18.54
CA ARG OA 564 -48.34 91.39 -19.80
C ARG OA 564 -49.65 91.92 -20.40
N TYR OA 565 -50.78 91.28 -20.15
CA TYR OA 565 -52.04 91.67 -20.80
C TYR OA 565 -53.06 92.26 -19.83
N LEU OA 566 -53.58 91.51 -18.86
CA LEU OA 566 -54.61 92.08 -17.97
C LEU OA 566 -54.12 93.23 -17.10
N LEU OA 567 -52.81 93.36 -16.86
CA LEU OA 567 -52.20 94.50 -16.16
C LEU OA 567 -51.50 95.47 -17.13
N LEU OA 568 -51.80 95.39 -18.44
CA LEU OA 568 -51.31 96.28 -19.49
C LEU OA 568 -49.79 96.26 -19.68
N GLY OA 569 -49.07 95.33 -19.05
CA GLY OA 569 -47.61 95.41 -19.04
C GLY OA 569 -46.96 95.42 -20.41
N GLN OA 570 -47.61 94.82 -21.43
CA GLN OA 570 -46.97 94.71 -22.76
C GLN OA 570 -46.80 96.03 -23.49
N GLY OA 571 -47.65 96.97 -23.09
CA GLY OA 571 -47.46 98.31 -23.66
C GLY OA 571 -47.78 98.41 -25.13
N ASP OA 572 -47.02 97.83 -26.03
CA ASP OA 572 -47.27 98.00 -27.49
C ASP OA 572 -48.66 97.53 -27.85
N PHE OA 573 -49.06 96.36 -27.39
CA PHE OA 573 -50.39 95.78 -27.65
C PHE OA 573 -51.43 96.77 -27.25
N ILE OA 574 -51.20 97.51 -26.18
CA ILE OA 574 -52.19 98.45 -25.68
C ILE OA 574 -52.18 99.77 -26.47
N ARG OA 575 -51.02 100.34 -26.81
CA ARG OA 575 -51.01 101.59 -27.59
C ARG OA 575 -51.65 101.40 -28.96
N HIS OA 576 -51.38 100.29 -29.62
CA HIS OA 576 -51.95 100.03 -30.93
C HIS OA 576 -53.43 99.68 -30.84
N LEU OA 577 -53.80 98.78 -29.93
CA LEU OA 577 -55.21 98.45 -29.76
C LEU OA 577 -56.04 99.67 -29.35
N MET OA 578 -55.53 100.52 -28.45
CA MET OA 578 -56.23 101.77 -28.12
C MET OA 578 -56.49 102.64 -29.33
N ASP OA 579 -55.63 102.58 -30.34
CA ASP OA 579 -55.88 103.30 -31.58
C ASP OA 579 -56.94 102.59 -32.43
N LEU OA 580 -56.64 101.35 -32.83
CA LEU OA 580 -57.50 100.62 -33.75
C LEU OA 580 -58.92 100.50 -33.23
N LEU OA 581 -59.08 100.31 -31.92
CA LEU OA 581 -60.37 100.05 -31.33
C LEU OA 581 -61.22 101.31 -31.11
N LYS OA 582 -60.64 102.51 -31.19
CA LYS OA 582 -61.36 103.72 -30.78
C LYS OA 582 -62.66 103.98 -31.55
N PRO OA 583 -62.69 104.02 -32.88
CA PRO OA 583 -63.96 104.33 -33.58
C PRO OA 583 -65.05 103.32 -33.35
N GLU OA 584 -64.73 102.09 -32.97
CA GLU OA 584 -65.75 101.15 -32.54
C GLU OA 584 -66.36 101.58 -31.21
N LEU OA 585 -65.52 101.94 -30.25
CA LEU OA 585 -65.97 102.16 -28.89
C LEU OA 585 -66.55 103.56 -28.68
N VAL OA 586 -66.41 104.45 -29.66
CA VAL OA 586 -67.11 105.73 -29.64
C VAL OA 586 -68.63 105.51 -29.68
N ARG OA 587 -69.09 104.53 -30.45
CA ARG OA 587 -70.51 104.27 -30.67
C ARG OA 587 -71.19 103.75 -29.39
N PRO OA 588 -72.52 103.90 -29.28
CA PRO OA 588 -73.25 103.25 -28.17
C PRO OA 588 -73.22 101.72 -28.20
N ALA OA 589 -73.43 101.15 -27.01
CA ALA OA 589 -72.99 99.79 -26.69
C ALA OA 589 -73.85 98.72 -27.37
N THR OA 590 -75.07 99.06 -27.79
CA THR OA 590 -75.89 98.08 -28.49
C THR OA 590 -75.41 97.86 -29.91
N THR OA 591 -74.64 98.79 -30.45
CA THR OA 591 -74.13 98.74 -31.81
C THR OA 591 -72.79 98.02 -31.91
N LEU OA 592 -72.30 97.44 -30.81
CA LEU OA 592 -71.02 96.73 -30.80
C LEU OA 592 -71.30 95.23 -30.82
N TYR OA 593 -70.57 94.51 -31.69
CA TYR OA 593 -70.75 93.08 -31.87
C TYR OA 593 -69.42 92.35 -31.81
N GLN OA 594 -69.48 91.07 -31.42
CA GLN OA 594 -68.28 90.36 -31.01
C GLN OA 594 -67.37 90.01 -32.18
N HIS OA 595 -67.90 89.93 -33.41
CA HIS OA 595 -67.06 89.60 -34.56
C HIS OA 595 -66.16 90.76 -34.96
N ASN OA 596 -66.60 92.01 -34.76
CA ASN OA 596 -65.68 93.12 -34.87
C ASN OA 596 -64.59 93.04 -33.80
N LEU OA 597 -64.98 92.68 -32.58
CA LEU OA 597 -64.08 92.84 -31.44
C LEU OA 597 -63.04 91.73 -31.41
N THR OA 598 -63.44 90.50 -31.73
CA THR OA 598 -62.49 89.39 -31.73
C THR OA 598 -61.53 89.53 -32.91
N GLY OA 599 -62.03 90.03 -34.04
CA GLY OA 599 -61.15 90.31 -35.16
C GLY OA 599 -60.14 91.41 -34.90
N ILE OA 600 -60.57 92.49 -34.25
CA ILE OA 600 -59.62 93.58 -33.98
C ILE OA 600 -58.64 93.21 -32.85
N LEU OA 601 -59.07 92.44 -31.84
CA LEU OA 601 -58.08 91.89 -30.89
C LEU OA 601 -57.01 91.07 -31.61
N GLU OA 602 -57.43 90.09 -32.41
CA GLU OA 602 -56.49 89.27 -33.16
C GLU OA 602 -55.61 90.10 -34.08
N THR OA 603 -56.17 91.16 -34.67
CA THR OA 603 -55.37 92.08 -35.47
C THR OA 603 -54.28 92.76 -34.65
N ALA OA 604 -54.64 93.22 -33.45
CA ALA OA 604 -53.64 93.84 -32.57
C ALA OA 604 -52.59 92.83 -32.09
N VAL OA 605 -53.00 91.60 -31.73
CA VAL OA 605 -52.02 90.58 -31.31
C VAL OA 605 -50.96 90.35 -32.37
N ARG OA 606 -51.32 90.42 -33.65
CA ARG OA 606 -50.37 90.21 -34.73
C ARG OA 606 -49.97 91.50 -35.45
N ALA OA 607 -50.20 92.66 -34.82
CA ALA OA 607 -49.73 93.91 -35.41
C ALA OA 607 -48.25 94.17 -35.12
N THR OA 608 -47.79 93.98 -33.87
CA THR OA 608 -46.52 94.57 -33.46
C THR OA 608 -45.63 93.66 -32.61
N ASN OA 609 -46.12 93.06 -31.51
CA ASN OA 609 -45.18 92.40 -30.59
C ASN OA 609 -45.71 91.21 -29.78
N ALA OA 610 -46.99 91.23 -29.39
CA ALA OA 610 -47.56 90.11 -28.65
C ALA OA 610 -47.44 88.78 -29.41
N GLN OA 611 -47.31 88.84 -30.73
CA GLN OA 611 -47.16 87.68 -31.60
C GLN OA 611 -46.04 86.73 -31.21
N PHE OA 612 -44.98 87.22 -30.58
CA PHE OA 612 -43.88 86.37 -30.18
C PHE OA 612 -44.14 85.61 -28.88
N ASP OA 613 -45.17 85.98 -28.13
CA ASP OA 613 -45.64 85.14 -27.03
C ASP OA 613 -46.23 83.84 -27.55
N SER OA 614 -46.24 82.83 -26.67
CA SER OA 614 -46.51 81.45 -27.07
C SER OA 614 -47.96 81.27 -27.52
N PRO OA 615 -48.20 80.50 -28.57
CA PRO OA 615 -49.58 80.19 -28.99
C PRO OA 615 -50.47 79.68 -27.88
N GLU OA 616 -49.89 78.95 -26.91
CA GLU OA 616 -50.65 78.40 -25.79
C GLU OA 616 -51.28 79.47 -24.92
N ILE OA 617 -50.70 80.67 -24.90
CA ILE OA 617 -51.27 81.78 -24.17
C ILE OA 617 -52.02 82.75 -25.09
N LEU OA 618 -51.48 82.99 -26.29
CA LEU OA 618 -52.24 83.76 -27.28
C LEU OA 618 -53.59 83.13 -27.59
N ARG OA 619 -53.77 81.83 -27.35
CA ARG OA 619 -55.07 81.20 -27.53
C ARG OA 619 -56.08 81.66 -26.47
N ARG OA 620 -55.61 82.08 -25.30
CA ARG OA 620 -56.45 82.10 -24.10
C ARG OA 620 -57.03 83.48 -23.77
N LEU OA 621 -56.42 84.58 -24.24
CA LEU OA 621 -57.01 85.91 -24.02
C LEU OA 621 -58.10 86.21 -25.04
N ASP OA 622 -59.16 86.91 -24.60
CA ASP OA 622 -60.24 87.30 -25.51
C ASP OA 622 -60.90 88.61 -25.06
N VAL OA 623 -61.65 89.23 -25.99
CA VAL OA 623 -62.51 90.38 -25.66
C VAL OA 623 -63.74 89.96 -24.85
N ARG OA 624 -64.37 90.95 -24.22
CA ARG OA 624 -65.63 90.72 -23.53
C ARG OA 624 -66.47 91.99 -23.48
N LEU OA 625 -67.76 91.81 -23.17
CA LEU OA 625 -68.69 92.90 -22.95
C LEU OA 625 -69.43 92.69 -21.62
N LEU OA 626 -69.43 93.70 -20.76
CA LEU OA 626 -70.27 93.73 -19.57
C LEU OA 626 -71.75 93.84 -19.97
N GLU OA 627 -72.66 93.72 -19.00
CA GLU OA 627 -74.00 94.26 -19.21
C GLU OA 627 -73.93 95.76 -19.47
N VAL OA 628 -74.85 96.24 -20.30
CA VAL OA 628 -74.85 97.62 -20.75
C VAL OA 628 -75.87 98.43 -19.97
N SER OA 629 -75.68 99.76 -19.97
CA SER OA 629 -76.72 100.71 -19.61
C SER OA 629 -77.32 101.29 -20.90
N PRO OA 630 -78.48 101.94 -20.84
CA PRO OA 630 -78.88 102.80 -21.96
C PRO OA 630 -77.89 103.89 -22.30
N GLY OA 631 -77.18 104.46 -21.33
CA GLY OA 631 -76.23 105.52 -21.58
C GLY OA 631 -74.83 105.05 -21.94
N ASP OA 632 -74.64 103.74 -22.10
CA ASP OA 632 -73.30 103.18 -22.24
C ASP OA 632 -72.76 103.29 -23.67
N THR OA 633 -71.52 103.77 -23.75
CA THR OA 633 -70.67 103.70 -24.94
C THR OA 633 -69.88 102.40 -24.94
N GLY OA 634 -69.02 102.24 -25.96
CA GLY OA 634 -68.13 101.10 -26.00
C GLY OA 634 -67.10 101.11 -24.89
N TRP OA 635 -66.64 102.30 -24.48
CA TRP OA 635 -65.64 102.40 -23.43
C TRP OA 635 -66.20 102.00 -22.07
N ASP OA 636 -67.52 102.08 -21.89
CA ASP OA 636 -68.16 101.68 -20.63
C ASP OA 636 -68.32 100.17 -20.49
N VAL OA 637 -68.23 99.40 -21.58
CA VAL OA 637 -68.63 98.00 -21.61
C VAL OA 637 -67.49 97.05 -22.01
N PHE OA 638 -66.57 97.50 -22.87
CA PHE OA 638 -65.46 96.67 -23.34
C PHE OA 638 -64.45 96.36 -22.25
N SER OA 639 -63.96 95.11 -22.21
CA SER OA 639 -62.73 94.76 -21.50
C SER OA 639 -62.05 93.57 -22.19
N LEU OA 640 -60.77 93.37 -21.91
CA LEU OA 640 -60.14 92.06 -22.11
C LEU OA 640 -60.58 91.07 -21.02
N ASP OA 641 -60.21 89.80 -21.21
CA ASP OA 641 -60.44 88.70 -20.27
C ASP OA 641 -59.46 87.58 -20.59
N TYR OA 642 -59.36 86.58 -19.70
CA TYR OA 642 -58.39 85.49 -19.87
C TYR OA 642 -58.96 84.14 -19.43
N HIS OA 643 -58.75 83.09 -20.24
CA HIS OA 643 -59.29 81.74 -20.00
C HIS OA 643 -58.41 80.92 -19.06
N VAL OA 644 -58.86 80.74 -17.81
CA VAL OA 644 -58.05 80.09 -16.77
C VAL OA 644 -58.19 78.56 -16.66
N ASP OA 645 -59.16 77.94 -17.34
CA ASP OA 645 -59.53 76.53 -17.09
C ASP OA 645 -58.56 75.49 -17.69
N GLY OA 646 -57.32 75.48 -17.18
CA GLY OA 646 -56.50 74.29 -17.15
C GLY OA 646 -56.62 73.57 -15.81
N PRO OA 647 -55.55 72.94 -15.33
CA PRO OA 647 -55.45 72.70 -13.89
C PRO OA 647 -55.08 73.94 -13.11
N ILE OA 648 -54.49 74.93 -13.78
CA ILE OA 648 -54.07 76.19 -13.16
C ILE OA 648 -55.22 77.01 -12.60
N ALA OA 649 -56.47 76.64 -12.89
CA ALA OA 649 -57.61 77.30 -12.27
C ALA OA 649 -57.65 77.17 -10.75
N THR OA 650 -56.88 76.23 -10.18
CA THR OA 650 -56.68 76.20 -8.73
C THR OA 650 -55.85 77.38 -8.23
N VAL OA 651 -54.84 77.82 -8.99
CA VAL OA 651 -54.07 79.01 -8.65
C VAL OA 651 -54.86 80.27 -8.96
N PHE OA 652 -55.29 80.42 -10.21
CA PHE OA 652 -56.10 81.56 -10.65
C PHE OA 652 -57.58 81.38 -10.27
N THR OA 653 -57.84 81.08 -9.00
CA THR OA 653 -59.15 80.66 -8.50
C THR OA 653 -60.23 81.73 -8.75
N ARG OA 654 -61.49 81.27 -8.85
CA ARG OA 654 -62.61 82.07 -9.36
C ARG OA 654 -62.98 83.29 -8.52
N GLU OA 655 -62.49 83.40 -7.28
CA GLU OA 655 -62.65 84.64 -6.51
C GLU OA 655 -61.65 85.70 -6.96
N CYS OA 656 -60.45 85.27 -7.34
CA CYS OA 656 -59.61 86.05 -8.22
C CYS OA 656 -60.20 86.04 -9.65
N MET OA 657 -59.41 86.51 -10.60
CA MET OA 657 -59.87 87.04 -11.89
C MET OA 657 -60.78 88.25 -11.73
N SER OA 658 -61.83 88.13 -10.91
CA SER OA 658 -62.66 89.28 -10.60
C SER OA 658 -61.82 90.49 -10.20
N HIS OA 659 -60.80 90.27 -9.37
CA HIS OA 659 -59.87 91.34 -9.00
C HIS OA 659 -59.04 91.85 -10.18
N TYR OA 660 -58.57 90.96 -11.07
CA TYR OA 660 -57.87 91.38 -12.29
C TYR OA 660 -58.79 92.17 -13.22
N LEU OA 661 -60.09 91.87 -13.27
CA LEU OA 661 -61.01 92.64 -14.11
C LEU OA 661 -61.29 94.02 -13.53
N ARG OA 662 -61.48 94.10 -12.21
CA ARG OA 662 -61.57 95.40 -11.56
C ARG OA 662 -60.29 96.22 -11.78
N VAL OA 663 -59.13 95.61 -11.56
CA VAL OA 663 -57.88 96.32 -11.80
C VAL OA 663 -57.74 96.71 -13.26
N PHE OA 664 -58.15 95.84 -14.20
CA PHE OA 664 -58.12 96.27 -15.59
C PHE OA 664 -59.01 97.49 -15.84
N ASN OA 665 -60.26 97.46 -15.38
CA ASN OA 665 -61.14 98.59 -15.71
C ASN OA 665 -60.67 99.90 -15.07
N PHE OA 666 -59.85 99.86 -14.01
CA PHE OA 666 -59.17 101.06 -13.53
C PHE OA 666 -58.04 101.48 -14.46
N LEU OA 667 -57.09 100.58 -14.69
CA LEU OA 667 -55.94 100.86 -15.53
C LEU OA 667 -56.37 101.24 -16.95
N TRP OA 668 -57.46 100.66 -17.43
CA TRP OA 668 -58.00 101.01 -18.73
C TRP OA 668 -58.49 102.47 -18.77
N ARG OA 669 -59.29 102.88 -17.77
CA ARG OA 669 -59.66 104.29 -17.67
C ARG OA 669 -58.43 105.19 -17.66
N ALA OA 670 -57.50 104.91 -16.75
CA ALA OA 670 -56.31 105.74 -16.65
C ALA OA 670 -55.57 105.83 -17.98
N LYS OA 671 -55.41 104.71 -18.68
CA LYS OA 671 -54.68 104.75 -19.94
C LYS OA 671 -55.51 105.37 -21.07
N ARG OA 672 -56.83 105.19 -21.06
CA ARG OA 672 -57.68 105.95 -21.98
C ARG OA 672 -57.49 107.44 -21.79
N MET OA 673 -57.57 107.90 -20.54
CA MET OA 673 -57.58 109.33 -20.26
C MET OA 673 -56.25 109.98 -20.63
N GLU OA 674 -55.13 109.28 -20.41
CA GLU OA 674 -53.88 109.75 -20.98
C GLU OA 674 -53.93 109.84 -22.50
N TYR OA 675 -54.48 108.82 -23.17
CA TYR OA 675 -54.57 108.89 -24.62
C TYR OA 675 -55.54 109.96 -25.11
N ILE OA 676 -56.44 110.46 -24.27
CA ILE OA 676 -57.09 111.73 -24.60
C ILE OA 676 -56.02 112.84 -24.63
N LEU OA 677 -55.38 113.08 -23.49
CA LEU OA 677 -54.56 114.27 -23.31
C LEU OA 677 -53.34 114.32 -24.22
N THR OA 678 -52.79 113.17 -24.62
CA THR OA 678 -51.71 113.19 -25.61
C THR OA 678 -52.22 113.53 -27.01
N ASP OA 679 -53.46 113.17 -27.33
CA ASP OA 679 -54.06 113.55 -28.60
C ASP OA 679 -54.49 115.02 -28.60
N ILE OA 680 -55.00 115.50 -27.45
CA ILE OA 680 -55.17 116.94 -27.24
C ILE OA 680 -53.87 117.67 -27.51
N ARG OA 681 -52.79 117.20 -26.89
CA ARG OA 681 -51.47 117.82 -27.05
C ARG OA 681 -51.01 117.82 -28.51
N LYS OA 682 -51.19 116.70 -29.21
CA LYS OA 682 -50.90 116.69 -30.65
C LYS OA 682 -51.78 117.70 -31.39
N GLY OA 683 -53.05 117.81 -30.99
CA GLY OA 683 -53.90 118.86 -31.53
C GLY OA 683 -53.32 120.25 -31.34
N HIS OA 684 -52.83 120.57 -30.13
CA HIS OA 684 -52.26 121.89 -29.88
C HIS OA 684 -51.06 122.19 -30.76
N MET OA 685 -50.12 121.26 -30.89
CA MET OA 685 -48.96 121.48 -31.74
C MET OA 685 -49.34 121.53 -33.23
N CYS OA 686 -50.39 120.82 -33.69
CA CYS OA 686 -50.87 121.07 -35.05
C CYS OA 686 -51.49 122.44 -35.17
N ASN OA 687 -52.44 122.76 -34.26
CA ASN OA 687 -53.26 123.94 -34.40
C ASN OA 687 -52.49 125.23 -34.14
N ALA OA 688 -51.42 125.19 -33.35
CA ALA OA 688 -50.66 126.40 -33.09
C ALA OA 688 -49.97 126.90 -34.35
N LYS OA 689 -49.29 125.98 -35.07
CA LYS OA 689 -48.66 126.27 -36.36
C LYS OA 689 -49.69 126.52 -37.47
N LEU OA 690 -50.94 126.02 -37.31
CA LEU OA 690 -52.04 126.43 -38.18
C LEU OA 690 -52.48 127.87 -37.90
N LEU OA 691 -52.87 128.16 -36.67
CA LEU OA 691 -53.41 129.47 -36.33
C LEU OA 691 -52.29 130.49 -36.10
N ARG OA 692 -51.08 130.18 -36.58
CA ARG OA 692 -49.90 131.04 -36.30
C ARG OA 692 -50.15 132.54 -36.53
N ASN OA 693 -50.89 132.90 -37.58
CA ASN OA 693 -51.04 134.32 -37.92
C ASN OA 693 -52.47 134.81 -37.72
N MET OA 694 -53.19 134.27 -36.73
CA MET OA 694 -54.48 134.82 -36.31
C MET OA 694 -54.32 135.32 -34.88
N PRO OA 695 -53.60 136.44 -34.71
CA PRO OA 695 -53.09 136.83 -33.39
C PRO OA 695 -54.16 137.28 -32.40
N GLU OA 696 -55.36 137.58 -32.88
CA GLU OA 696 -56.48 137.86 -31.98
C GLU OA 696 -56.78 136.67 -31.08
N PHE OA 697 -56.51 135.45 -31.55
CA PHE OA 697 -56.84 134.28 -30.76
C PHE OA 697 -55.79 133.96 -29.69
N SER OA 698 -54.56 134.44 -29.86
CA SER OA 698 -53.45 133.99 -29.03
C SER OA 698 -53.75 134.12 -27.54
N GLY OA 699 -54.47 135.18 -27.15
CA GLY OA 699 -54.78 135.39 -25.74
C GLY OA 699 -55.60 134.31 -25.08
N VAL OA 700 -56.58 133.76 -25.79
CA VAL OA 700 -57.35 132.65 -25.24
C VAL OA 700 -56.64 131.33 -25.53
N LEU OA 701 -55.90 131.27 -26.64
CA LEU OA 701 -55.15 130.07 -27.00
C LEU OA 701 -54.16 129.69 -25.90
N HIS OA 702 -53.40 130.68 -25.37
CA HIS OA 702 -52.40 130.42 -24.35
C HIS OA 702 -53.03 129.88 -23.07
N GLN OA 703 -54.17 130.45 -22.67
CA GLN OA 703 -54.87 129.92 -21.51
C GLN OA 703 -55.28 128.48 -21.75
N CYS OA 704 -55.66 128.16 -22.98
CA CYS OA 704 -56.03 126.79 -23.33
C CYS OA 704 -54.85 125.83 -23.12
N HIS OA 705 -53.64 126.21 -23.55
CA HIS OA 705 -52.48 125.34 -23.38
C HIS OA 705 -52.18 125.05 -21.92
N ILE OA 706 -52.09 126.10 -21.10
CA ILE OA 706 -51.59 126.00 -19.74
C ILE OA 706 -52.45 125.03 -18.96
N LEU OA 707 -53.77 125.20 -19.07
CA LEU OA 707 -54.70 124.34 -18.38
C LEU OA 707 -54.49 122.89 -18.76
N ALA OA 708 -54.24 122.62 -20.04
CA ALA OA 708 -54.02 121.25 -20.49
C ALA OA 708 -52.73 120.66 -19.91
N SER OA 709 -51.67 121.47 -19.79
CA SER OA 709 -50.44 120.95 -19.19
C SER OA 709 -50.64 120.57 -17.73
N GLU OA 710 -51.53 121.26 -17.01
CA GLU OA 710 -51.77 120.85 -15.64
C GLU OA 710 -52.55 119.53 -15.58
N MET OA 711 -53.43 119.28 -16.55
CA MET OA 711 -54.01 117.95 -16.69
C MET OA 711 -52.93 116.91 -16.96
N VAL OA 712 -52.04 117.18 -17.92
CA VAL OA 712 -50.97 116.25 -18.27
C VAL OA 712 -50.13 115.88 -17.05
N HIS OA 713 -49.69 116.87 -16.28
CA HIS OA 713 -48.88 116.59 -15.10
C HIS OA 713 -49.59 115.66 -14.12
N PHE OA 714 -50.84 115.95 -13.77
CA PHE OA 714 -51.56 115.09 -12.82
C PHE OA 714 -51.62 113.64 -13.32
N ILE OA 715 -51.96 113.45 -14.58
CA ILE OA 715 -52.10 112.10 -15.12
C ILE OA 715 -50.75 111.38 -15.20
N HIS OA 716 -49.70 112.05 -15.63
CA HIS OA 716 -48.40 111.39 -15.64
C HIS OA 716 -47.96 110.94 -14.24
N GLN OA 717 -48.14 111.79 -13.22
CA GLN OA 717 -47.78 111.37 -11.87
C GLN OA 717 -48.66 110.24 -11.36
N MET OA 718 -49.97 110.30 -11.63
CA MET OA 718 -50.82 109.16 -11.32
C MET OA 718 -50.32 107.90 -11.98
N GLN OA 719 -49.91 108.00 -13.22
CA GLN OA 719 -49.46 106.84 -13.94
C GLN OA 719 -48.09 106.31 -13.48
N TYR OA 720 -47.10 107.18 -13.24
CA TYR OA 720 -45.82 106.68 -12.71
C TYR OA 720 -45.99 106.08 -11.33
N TYR OA 721 -46.92 106.58 -10.54
CA TYR OA 721 -47.25 105.94 -9.28
C TYR OA 721 -47.78 104.52 -9.52
N ILE OA 722 -48.78 104.40 -10.41
CA ILE OA 722 -49.28 103.10 -10.82
C ILE OA 722 -48.14 102.18 -11.28
N THR OA 723 -47.20 102.70 -12.05
CA THR OA 723 -46.12 101.90 -12.64
C THR OA 723 -45.19 101.32 -11.58
N PHE OA 724 -44.54 102.15 -10.77
CA PHE OA 724 -43.53 101.67 -9.83
C PHE OA 724 -44.10 101.27 -8.47
N GLU OA 725 -44.88 102.16 -7.84
CA GLU OA 725 -45.34 101.99 -6.46
C GLU OA 725 -46.47 100.95 -6.34
N VAL OA 726 -47.31 100.82 -7.38
CA VAL OA 726 -48.30 99.74 -7.45
C VAL OA 726 -47.74 98.50 -8.14
N LEU OA 727 -47.51 98.55 -9.46
CA LEU OA 727 -47.33 97.35 -10.29
C LEU OA 727 -45.94 96.71 -10.12
N GLU OA 728 -44.87 97.38 -10.57
CA GLU OA 728 -43.55 96.75 -10.76
C GLU OA 728 -42.96 96.20 -9.44
N CYS OA 729 -43.04 96.96 -8.35
CA CYS OA 729 -42.47 96.50 -7.07
C CYS OA 729 -43.30 95.40 -6.39
N SER OA 730 -44.64 95.43 -6.53
CA SER OA 730 -45.47 94.31 -6.06
C SER OA 730 -45.20 93.04 -6.88
N TRP OA 731 -44.99 93.18 -8.20
CA TRP OA 731 -44.61 92.06 -9.06
C TRP OA 731 -43.25 91.49 -8.67
N ASP OA 732 -42.21 92.32 -8.48
CA ASP OA 732 -40.90 91.82 -8.07
C ASP OA 732 -40.92 91.16 -6.68
N GLU OA 733 -41.77 91.62 -5.75
CA GLU OA 733 -41.99 90.90 -4.49
C GLU OA 733 -42.66 89.53 -4.71
N LEU OA 734 -43.72 89.46 -5.53
CA LEU OA 734 -44.34 88.18 -5.92
C LEU OA 734 -43.32 87.24 -6.58
N TRP OA 735 -42.55 87.75 -7.55
CA TRP OA 735 -41.50 87.05 -8.29
C TRP OA 735 -40.22 86.80 -7.48
N ASN OA 736 -40.22 87.10 -6.17
CA ASN OA 736 -39.22 86.62 -5.22
C ASN OA 736 -39.81 85.64 -4.19
N LYS OA 737 -41.15 85.52 -4.10
CA LYS OA 737 -41.84 84.49 -3.30
C LYS OA 737 -42.15 83.26 -4.14
N VAL OA 738 -42.78 83.42 -5.31
CA VAL OA 738 -42.67 82.40 -6.38
C VAL OA 738 -41.23 82.37 -6.90
N GLN OA 739 -40.79 81.26 -7.50
CA GLN OA 739 -39.39 80.99 -7.87
C GLN OA 739 -38.39 80.87 -6.68
N GLN OA 740 -38.87 81.01 -5.43
CA GLN OA 740 -38.17 80.59 -4.22
C GLN OA 740 -38.93 79.47 -3.53
N ALA OA 741 -40.25 79.59 -3.41
CA ALA OA 741 -41.02 78.76 -2.50
C ALA OA 741 -41.21 77.38 -3.09
N GLN OA 742 -41.33 76.40 -2.19
CA GLN OA 742 -41.37 74.99 -2.59
C GLN OA 742 -42.74 74.39 -2.41
N ASP OA 743 -43.79 75.20 -2.26
CA ASP OA 743 -45.12 74.65 -2.10
C ASP OA 743 -46.15 75.39 -2.94
N LEU OA 744 -47.09 74.62 -3.47
CA LEU OA 744 -48.20 75.19 -4.24
C LEU OA 744 -49.01 76.16 -3.40
N ASP OA 745 -49.29 75.81 -2.16
CA ASP OA 745 -50.07 76.69 -1.30
C ASP OA 745 -49.32 77.98 -1.02
N HIS OA 746 -47.98 77.92 -0.99
CA HIS OA 746 -47.20 79.14 -0.82
C HIS OA 746 -47.30 80.04 -2.05
N ILE OA 747 -47.32 79.47 -3.26
CA ILE OA 747 -47.56 80.22 -4.49
C ILE OA 747 -48.98 80.81 -4.49
N ILE OA 748 -49.98 80.03 -4.08
CA ILE OA 748 -51.35 80.53 -3.94
C ILE OA 748 -51.41 81.71 -2.97
N ALA OA 749 -50.82 81.56 -1.78
CA ALA OA 749 -50.91 82.63 -0.81
C ALA OA 749 -50.12 83.86 -1.27
N ALA OA 750 -48.99 83.68 -1.95
CA ALA OA 750 -48.21 84.80 -2.50
C ALA OA 750 -49.01 85.57 -3.57
N HIS OA 751 -49.66 84.84 -4.49
CA HIS OA 751 -50.55 85.40 -5.51
C HIS OA 751 -51.75 86.14 -4.88
N GLU OA 752 -52.33 85.60 -3.81
CA GLU OA 752 -53.47 86.23 -3.16
C GLU OA 752 -53.10 87.56 -2.48
N VAL OA 753 -52.01 87.58 -1.72
CA VAL OA 753 -51.65 88.82 -1.05
C VAL OA 753 -51.14 89.86 -2.04
N PHE OA 754 -50.61 89.43 -3.20
CA PHE OA 754 -50.27 90.34 -4.29
C PHE OA 754 -51.52 91.06 -4.81
N LEU OA 755 -52.64 90.35 -5.03
CA LEU OA 755 -53.88 91.01 -5.42
C LEU OA 755 -54.39 91.97 -4.34
N ASP OA 756 -54.45 91.55 -3.08
CA ASP OA 756 -54.85 92.47 -2.02
C ASP OA 756 -53.96 93.69 -1.94
N THR OA 757 -52.70 93.63 -2.41
CA THR OA 757 -51.82 94.80 -2.51
C THR OA 757 -52.22 95.70 -3.69
N ILE OA 758 -52.31 95.16 -4.91
CA ILE OA 758 -52.69 95.94 -6.10
C ILE OA 758 -54.06 96.60 -5.94
N ILE OA 759 -55.06 95.86 -5.43
CA ILE OA 759 -56.44 96.29 -5.30
C ILE OA 759 -56.66 97.39 -4.29
N SER OA 760 -55.63 97.62 -3.46
CA SER OA 760 -55.71 98.67 -2.42
C SER OA 760 -54.82 99.84 -2.85
N ARG OA 761 -53.67 99.53 -3.48
CA ARG OA 761 -52.84 100.62 -4.04
C ARG OA 761 -53.77 101.37 -5.01
N CYS OA 762 -54.34 100.66 -5.99
CA CYS OA 762 -55.39 101.31 -6.82
C CYS OA 762 -56.46 101.68 -5.79
N LEU OA 763 -56.93 102.92 -5.78
CA LEU OA 763 -57.78 103.36 -4.67
C LEU OA 763 -59.11 102.60 -4.58
N LEU OA 764 -59.18 101.41 -5.18
CA LEU OA 764 -60.42 100.66 -5.36
C LEU OA 764 -61.01 100.10 -4.06
N ASP OA 765 -60.18 99.81 -3.07
CA ASP OA 765 -60.59 99.14 -1.83
C ASP OA 765 -61.61 99.95 -1.02
N SER OA 766 -62.39 99.23 -0.20
CA SER OA 766 -63.63 99.75 0.40
C SER OA 766 -63.42 100.96 1.31
N ASP OA 767 -62.28 101.08 1.97
CA ASP OA 767 -62.03 102.23 2.84
C ASP OA 767 -61.68 103.53 2.10
N SER OA 768 -61.42 103.51 0.78
CA SER OA 768 -60.99 104.71 0.07
C SER OA 768 -62.01 105.25 -0.94
N ARG OA 769 -63.30 104.90 -0.78
CA ARG OA 769 -64.36 105.28 -1.72
C ARG OA 769 -64.34 106.76 -2.12
N ALA OA 770 -64.20 107.67 -1.15
CA ALA OA 770 -64.35 109.09 -1.46
C ALA OA 770 -63.19 109.59 -2.32
N LEU OA 771 -62.00 109.02 -2.14
CA LEU OA 771 -60.86 109.36 -2.97
C LEU OA 771 -61.05 108.86 -4.39
N LEU OA 772 -61.61 107.67 -4.57
CA LEU OA 772 -61.96 107.19 -5.90
C LEU OA 772 -63.01 108.08 -6.56
N ASN OA 773 -64.04 108.52 -5.81
CA ASN OA 773 -65.04 109.39 -6.41
C ASN OA 773 -64.41 110.71 -6.81
N GLN OA 774 -63.45 111.19 -6.00
CA GLN OA 774 -62.74 112.41 -6.33
C GLN OA 774 -61.92 112.25 -7.60
N LEU OA 775 -61.25 111.11 -7.75
CA LEU OA 775 -60.46 110.87 -8.96
C LEU OA 775 -61.37 110.74 -10.18
N ARG OA 776 -62.53 110.10 -10.04
CA ARG OA 776 -63.51 110.08 -11.13
C ARG OA 776 -63.95 111.49 -11.50
N ALA OA 777 -64.14 112.35 -10.50
CA ALA OA 777 -64.51 113.74 -10.78
C ALA OA 777 -63.41 114.47 -11.57
N VAL OA 778 -62.14 114.18 -11.28
CA VAL OA 778 -61.06 114.74 -12.12
C VAL OA 778 -61.14 114.21 -13.54
N PHE OA 779 -61.37 112.90 -13.72
CA PHE OA 779 -61.59 112.39 -15.07
C PHE OA 779 -62.77 113.07 -15.76
N ASP OA 780 -63.83 113.40 -15.03
CA ASP OA 780 -64.93 114.14 -15.64
C ASP OA 780 -64.46 115.49 -16.16
N GLN OA 781 -63.63 116.19 -15.39
CA GLN OA 781 -63.09 117.47 -15.85
C GLN OA 781 -62.12 117.30 -17.02
N ILE OA 782 -61.42 116.16 -17.09
CA ILE OA 782 -60.52 115.93 -18.22
C ILE OA 782 -61.31 115.73 -19.52
N ILE OA 783 -62.38 114.92 -19.50
CA ILE OA 783 -63.21 114.82 -20.71
C ILE OA 783 -63.95 116.13 -20.98
N GLU OA 784 -64.22 116.93 -19.94
CA GLU OA 784 -64.89 118.20 -20.17
C GLU OA 784 -63.99 119.17 -20.94
N LEU OA 785 -62.69 119.15 -20.66
CA LEU OA 785 -61.76 119.95 -21.47
C LEU OA 785 -61.67 119.43 -22.90
N GLN OA 786 -61.71 118.11 -23.10
CA GLN OA 786 -61.72 117.58 -24.46
C GLN OA 786 -62.89 118.15 -25.26
N ASN OA 787 -64.10 118.16 -24.67
CA ASN OA 787 -65.25 118.68 -25.38
C ASN OA 787 -65.12 120.18 -25.61
N ALA OA 788 -64.67 120.92 -24.59
CA ALA OA 788 -64.55 122.36 -24.69
C ALA OA 788 -63.47 122.77 -25.66
N GLN OA 789 -62.31 122.12 -25.59
CA GLN OA 789 -61.20 122.42 -26.50
C GLN OA 789 -61.59 122.11 -27.94
N ASP OA 790 -62.33 121.03 -28.16
CA ASP OA 790 -62.83 120.73 -29.50
C ASP OA 790 -63.77 121.82 -30.00
N ALA OA 791 -64.62 122.35 -29.12
CA ALA OA 791 -65.49 123.46 -29.48
C ALA OA 791 -64.70 124.71 -29.86
N ILE OA 792 -63.65 125.04 -29.08
CA ILE OA 792 -62.87 126.25 -29.38
C ILE OA 792 -62.17 126.13 -30.73
N TYR OA 793 -61.43 125.05 -30.95
CA TYR OA 793 -60.73 124.92 -32.22
C TYR OA 793 -61.68 124.79 -33.41
N ARG OA 794 -62.84 124.15 -33.27
CA ARG OA 794 -63.74 124.11 -34.42
C ARG OA 794 -64.30 125.49 -34.71
N ALA OA 795 -64.50 126.32 -33.68
CA ALA OA 795 -64.90 127.70 -33.92
C ALA OA 795 -63.77 128.49 -34.57
N ALA OA 796 -62.53 128.33 -34.09
CA ALA OA 796 -61.41 129.07 -34.64
C ALA OA 796 -61.05 128.60 -36.04
N LEU OA 797 -61.24 127.31 -36.33
CA LEU OA 797 -61.05 126.84 -37.70
C LEU OA 797 -62.19 127.29 -38.59
N GLU OA 798 -63.40 127.43 -38.02
CA GLU OA 798 -64.54 127.90 -38.81
C GLU OA 798 -64.34 129.35 -39.25
N GLU OA 799 -63.93 130.22 -38.34
CA GLU OA 799 -63.67 131.61 -38.72
C GLU OA 799 -62.44 131.68 -39.60
N LEU OA 800 -61.45 130.81 -39.38
CA LEU OA 800 -60.30 130.73 -40.28
C LEU OA 800 -60.75 130.43 -41.70
N GLN OA 801 -61.70 129.50 -41.86
CA GLN OA 801 -62.23 129.19 -43.18
C GLN OA 801 -63.02 130.37 -43.75
N ARG OA 802 -63.69 131.13 -42.89
CA ARG OA 802 -64.43 132.31 -43.34
C ARG OA 802 -63.47 133.38 -43.86
N ARG OA 803 -62.41 133.68 -43.11
CA ARG OA 803 -61.44 134.66 -43.55
C ARG OA 803 -60.66 134.16 -44.76
N LEU OA 804 -60.41 132.85 -44.82
CA LEU OA 804 -59.73 132.27 -45.97
C LEU OA 804 -60.57 132.38 -47.23
N GLN OA 805 -61.88 132.10 -47.15
CA GLN OA 805 -62.72 132.20 -48.33
C GLN OA 805 -62.98 133.66 -48.70
N PHE OA 806 -62.97 134.56 -47.71
CA PHE OA 806 -63.08 135.98 -48.03
C PHE OA 806 -61.83 136.47 -48.74
N GLU OA 807 -60.65 136.02 -48.32
CA GLU OA 807 -59.44 136.47 -49.01
C GLU OA 807 -59.33 135.85 -50.39
N GLU OA 808 -59.60 134.54 -50.49
CA GLU OA 808 -59.33 133.85 -51.75
C GLU OA 808 -60.45 134.07 -52.77
N LYS OA 809 -61.62 134.57 -52.35
CA LYS OA 809 -62.69 134.85 -53.30
C LYS OA 809 -62.45 136.14 -54.08
N LYS OA 810 -61.53 137.00 -53.60
CA LYS OA 810 -61.21 138.24 -54.31
C LYS OA 810 -60.45 137.97 -55.60
N LYS OA 811 -59.70 136.88 -55.67
CA LYS OA 811 -58.80 136.61 -56.78
C LYS OA 811 -59.53 136.36 -58.09
N GLU OA 827 -65.81 143.74 -46.52
CA GLU OA 827 -66.70 144.63 -45.79
C GLU OA 827 -67.73 143.84 -44.99
N GLU OA 828 -68.08 142.63 -45.46
CA GLU OA 828 -68.93 141.76 -44.65
C GLU OA 828 -68.14 141.08 -43.55
N GLU OA 829 -66.81 141.00 -43.68
CA GLU OA 829 -65.99 140.46 -42.60
C GLU OA 829 -65.98 141.40 -41.40
N ASN OA 830 -66.12 142.71 -41.62
CA ASN OA 830 -66.07 143.68 -40.53
C ASN OA 830 -67.31 143.60 -39.66
N LYS OA 831 -68.44 143.10 -40.20
CA LYS OA 831 -69.54 142.71 -39.33
C LYS OA 831 -69.17 141.50 -38.49
N ARG OA 832 -68.36 140.60 -39.03
CA ARG OA 832 -68.07 139.32 -38.37
C ARG OA 832 -66.96 139.49 -37.33
N ILE OA 833 -66.16 140.56 -37.40
CA ILE OA 833 -65.26 140.89 -36.31
C ILE OA 833 -66.06 141.20 -35.05
N GLY OA 834 -67.23 141.85 -35.22
CA GLY OA 834 -68.11 142.10 -34.09
C GLY OA 834 -68.54 140.84 -33.36
N GLU OA 835 -69.00 139.84 -34.09
CA GLU OA 835 -69.46 138.61 -33.45
C GLU OA 835 -68.30 137.76 -32.95
N PHE OA 836 -67.14 137.82 -33.61
CA PHE OA 836 -65.98 137.08 -33.12
C PHE OA 836 -65.42 137.72 -31.85
N LYS OA 837 -65.27 139.05 -31.84
CA LYS OA 837 -64.83 139.72 -30.61
C LYS OA 837 -65.91 139.71 -29.53
N GLU OA 838 -67.17 139.46 -29.89
CA GLU OA 838 -68.18 139.18 -28.87
C GLU OA 838 -68.03 137.77 -28.32
N SER OA 839 -67.61 136.83 -29.17
CA SER OA 839 -67.51 135.45 -28.74
C SER OA 839 -66.32 135.24 -27.82
N ILE OA 840 -65.23 135.95 -28.10
CA ILE OA 840 -63.94 135.74 -27.45
C ILE OA 840 -64.05 135.74 -25.92
N PRO OA 841 -64.52 136.80 -25.26
CA PRO OA 841 -64.49 136.78 -23.78
C PRO OA 841 -65.40 135.75 -23.11
N LYS OA 842 -66.46 135.27 -23.77
CA LYS OA 842 -67.31 134.30 -23.11
C LYS OA 842 -66.65 132.93 -23.07
N MET OA 843 -65.97 132.56 -24.15
CA MET OA 843 -65.17 131.34 -24.12
C MET OA 843 -63.96 131.51 -23.21
N CYS OA 844 -63.34 132.70 -23.17
CA CYS OA 844 -62.32 132.98 -22.17
C CYS OA 844 -62.83 132.73 -20.76
N SER OA 845 -64.00 133.27 -20.43
CA SER OA 845 -64.53 133.11 -19.07
C SER OA 845 -64.98 131.67 -18.83
N GLN OA 846 -65.37 130.97 -19.90
CA GLN OA 846 -65.66 129.56 -19.79
C GLN OA 846 -64.42 128.77 -19.41
N LEU OA 847 -63.28 129.11 -20.01
CA LEU OA 847 -62.02 128.52 -19.58
C LEU OA 847 -61.67 128.93 -18.15
N ARG OA 848 -62.00 130.18 -17.76
CA ARG OA 848 -61.73 130.60 -16.38
C ARG OA 848 -62.50 129.75 -15.39
N ILE OA 849 -63.79 129.52 -15.64
CA ILE OA 849 -64.59 128.77 -14.68
C ILE OA 849 -64.20 127.30 -14.72
N LEU OA 850 -63.76 126.80 -15.87
CA LEU OA 850 -63.25 125.43 -15.93
C LEU OA 850 -61.94 125.32 -15.14
N THR OA 851 -61.03 126.29 -15.29
CA THR OA 851 -59.76 126.24 -14.58
C THR OA 851 -59.97 126.34 -13.09
N HIS OA 852 -60.84 127.23 -12.64
CA HIS OA 852 -61.03 127.43 -11.22
C HIS OA 852 -61.93 126.36 -10.62
N PHE OA 853 -62.60 125.54 -11.43
CA PHE OA 853 -63.18 124.32 -10.88
C PHE OA 853 -62.10 123.25 -10.71
N TYR OA 854 -61.21 123.11 -11.71
CA TYR OA 854 -60.17 122.07 -11.68
C TYR OA 854 -59.17 122.30 -10.55
N GLN OA 855 -58.70 123.54 -10.38
CA GLN OA 855 -57.74 123.83 -9.34
C GLN OA 855 -58.34 123.63 -7.96
N GLY OA 856 -59.64 123.90 -7.82
CA GLY OA 856 -60.31 123.63 -6.56
C GLY OA 856 -60.37 122.14 -6.27
N ILE OA 857 -60.72 121.36 -7.29
CA ILE OA 857 -61.03 119.95 -7.05
C ILE OA 857 -59.75 119.11 -6.90
N VAL OA 858 -58.62 119.51 -7.50
CA VAL OA 858 -57.37 118.80 -7.21
C VAL OA 858 -56.92 119.06 -5.78
N GLN OA 859 -57.14 120.27 -5.26
CA GLN OA 859 -56.82 120.51 -3.85
C GLN OA 859 -57.77 119.73 -2.97
N GLN OA 860 -59.03 119.63 -3.39
CA GLN OA 860 -59.98 118.79 -2.66
C GLN OA 860 -59.52 117.34 -2.61
N PHE OA 861 -58.90 116.85 -3.69
CA PHE OA 861 -58.31 115.50 -3.68
C PHE OA 861 -57.10 115.43 -2.75
N LEU OA 862 -56.14 116.35 -2.91
CA LEU OA 862 -54.94 116.35 -2.07
C LEU OA 862 -55.28 116.44 -0.58
N VAL OA 863 -56.31 117.22 -0.21
CA VAL OA 863 -56.60 117.35 1.22
C VAL OA 863 -57.31 116.10 1.71
N LEU OA 864 -57.97 115.36 0.83
CA LEU OA 864 -58.46 114.05 1.19
C LEU OA 864 -57.32 113.05 1.25
N LEU OA 865 -56.27 113.28 0.46
CA LEU OA 865 -55.10 112.43 0.45
C LEU OA 865 -54.16 112.69 1.63
N THR OA 866 -54.31 113.81 2.37
CA THR OA 866 -53.61 113.95 3.64
C THR OA 866 -53.99 112.84 4.61
N THR OA 867 -55.26 112.48 4.67
CA THR OA 867 -55.63 111.24 5.34
C THR OA 867 -55.19 110.10 4.42
N SER OA 868 -54.24 109.29 4.89
CA SER OA 868 -53.38 108.50 4.02
C SER OA 868 -53.29 107.04 4.47
N SER OA 869 -52.83 106.17 3.55
CA SER OA 869 -52.24 104.90 3.95
C SER OA 869 -50.85 105.10 4.55
N ASP OA 870 -50.19 103.99 4.84
CA ASP OA 870 -48.96 104.07 5.61
C ASP OA 870 -47.80 104.59 4.77
N GLU OA 871 -47.77 104.25 3.47
CA GLU OA 871 -46.68 104.71 2.62
C GLU OA 871 -47.19 105.16 1.26
N SER OA 872 -47.82 104.28 0.48
CA SER OA 872 -48.00 104.57 -0.94
C SER OA 872 -48.88 105.79 -1.20
N LEU OA 873 -49.97 105.97 -0.44
CA LEU OA 873 -50.77 107.17 -0.66
C LEU OA 873 -50.07 108.43 -0.20
N ARG OA 874 -49.28 108.36 0.87
CA ARG OA 874 -48.42 109.48 1.19
C ARG OA 874 -47.47 109.73 0.04
N PHE OA 875 -46.97 108.66 -0.57
CA PHE OA 875 -46.12 108.85 -1.73
C PHE OA 875 -46.87 109.44 -2.92
N LEU OA 876 -48.13 109.05 -3.12
CA LEU OA 876 -48.92 109.71 -4.15
C LEU OA 876 -49.06 111.21 -3.89
N SER OA 877 -49.27 111.58 -2.62
CA SER OA 877 -49.31 113.00 -2.28
C SER OA 877 -48.00 113.70 -2.66
N PHE OA 878 -46.86 113.10 -2.29
CA PHE OA 878 -45.58 113.69 -2.65
C PHE OA 878 -45.33 113.65 -4.17
N ARG OA 879 -45.93 112.70 -4.89
CA ARG OA 879 -45.84 112.68 -6.35
C ARG OA 879 -46.56 113.87 -6.98
N LEU OA 880 -47.78 114.14 -6.54
CA LEU OA 880 -48.58 115.21 -7.11
C LEU OA 880 -48.07 116.57 -6.67
N ASP OA 881 -47.81 116.72 -5.38
CA ASP OA 881 -47.38 117.96 -4.75
C ASP OA 881 -45.87 118.16 -4.84
N PHE OA 882 -45.22 117.67 -5.91
CA PHE OA 882 -43.77 117.58 -5.94
C PHE OA 882 -43.11 118.96 -5.88
N ASN OA 883 -43.55 119.89 -6.73
CA ASN OA 883 -42.98 121.23 -6.81
C ASN OA 883 -43.51 122.19 -5.74
N GLU OA 884 -44.47 121.75 -4.91
CA GLU OA 884 -45.19 122.63 -3.99
C GLU OA 884 -45.83 123.82 -4.70
N HIS OA 885 -46.39 123.55 -5.89
CA HIS OA 885 -47.25 124.53 -6.56
C HIS OA 885 -48.54 124.70 -5.78
N TYR OA 886 -49.23 123.59 -5.49
CA TYR OA 886 -50.22 123.57 -4.43
C TYR OA 886 -49.53 123.73 -3.07
N LYS OA 887 -50.34 123.96 -2.02
CA LYS OA 887 -49.89 124.42 -0.70
C LYS OA 887 -49.22 125.78 -0.69
N ALA OA 888 -48.64 126.25 -1.81
CA ALA OA 888 -48.21 127.63 -1.94
C ALA OA 888 -49.30 128.46 -2.63
N ARG OA 889 -49.81 127.94 -3.75
CA ARG OA 889 -50.91 128.58 -4.48
C ARG OA 889 -52.22 127.98 -3.99
N GLU OA 890 -52.44 128.13 -2.69
CA GLU OA 890 -53.57 127.53 -1.98
C GLU OA 890 -53.97 128.41 -0.82
N ARG PA 125 47.95 35.05 102.71
CA ARG PA 125 48.94 35.87 101.98
C ARG PA 125 49.40 35.20 100.69
N ALA PA 126 48.62 35.39 99.61
CA ALA PA 126 48.92 34.77 98.33
C ALA PA 126 48.75 35.78 97.18
N ARG PA 127 49.08 37.04 97.45
CA ARG PA 127 49.02 38.11 96.46
C ARG PA 127 50.15 37.97 95.43
N ASN PA 128 49.81 38.03 94.14
CA ASN PA 128 50.81 37.92 93.08
C ASN PA 128 51.53 39.25 92.75
N MET PA 129 51.27 40.29 93.54
CA MET PA 129 51.74 41.68 93.40
C MET PA 129 51.13 42.39 92.19
N LYS PA 130 50.99 41.70 91.06
CA LYS PA 130 50.30 42.27 89.91
C LYS PA 130 48.84 42.56 90.24
N ASP PA 131 48.17 41.65 90.94
CA ASP PA 131 46.76 41.77 91.30
C ASP PA 131 46.55 42.70 92.49
N PHE PA 132 47.63 43.19 93.10
CA PHE PA 132 47.58 44.29 94.05
C PHE PA 132 47.72 45.64 93.32
N GLU PA 133 48.71 45.77 92.43
CA GLU PA 133 48.87 47.01 91.66
C GLU PA 133 47.75 47.25 90.65
N ASN PA 134 47.06 46.21 90.18
CA ASN PA 134 45.87 46.40 89.36
C ASN PA 134 44.61 46.58 90.22
N GLN PA 135 44.75 46.66 91.54
CA GLN PA 135 43.60 46.77 92.43
C GLN PA 135 43.59 48.10 93.18
N ILE PA 136 44.75 48.57 93.66
CA ILE PA 136 44.82 49.87 94.32
C ILE PA 136 44.46 50.98 93.32
N THR PA 137 44.89 50.83 92.07
CA THR PA 137 44.53 51.77 91.02
C THR PA 137 43.02 51.81 90.81
N GLU PA 138 42.39 50.64 90.78
CA GLU PA 138 40.95 50.59 90.52
C GLU PA 138 40.17 51.16 91.71
N LEU PA 139 40.65 50.91 92.94
CA LEU PA 139 40.00 51.46 94.13
C LEU PA 139 40.12 52.98 94.17
N LYS PA 140 41.30 53.53 93.86
CA LYS PA 140 41.45 54.97 93.86
C LYS PA 140 40.68 55.62 92.72
N LYS PA 141 40.74 55.06 91.51
CA LYS PA 141 40.10 55.73 90.39
C LYS PA 141 38.58 55.71 90.52
N GLU PA 142 37.99 54.66 91.11
CA GLU PA 142 36.56 54.72 91.39
C GLU PA 142 36.27 55.56 92.63
N ASN PA 143 37.18 55.59 93.62
CA ASN PA 143 37.06 56.56 94.71
C ASN PA 143 36.88 57.99 94.19
N PHE PA 144 37.73 58.43 93.26
CA PHE PA 144 37.60 59.79 92.75
C PHE PA 144 36.45 59.92 91.75
N ASN PA 145 36.13 58.86 90.99
CA ASN PA 145 34.91 58.89 90.20
C ASN PA 145 33.70 59.13 91.08
N LEU PA 146 33.68 58.53 92.29
CA LEU PA 146 32.66 58.88 93.26
C LEU PA 146 32.85 60.31 93.77
N LYS PA 147 34.09 60.66 94.13
CA LYS PA 147 34.35 61.90 94.84
C LYS PA 147 33.86 63.10 94.04
N LEU PA 148 34.06 63.07 92.72
CA LEU PA 148 33.65 64.16 91.84
C LEU PA 148 32.15 64.46 91.93
N ARG PA 149 31.33 63.43 92.17
CA ARG PA 149 29.89 63.62 92.34
C ARG PA 149 29.53 64.36 93.63
N ILE PA 150 30.36 64.25 94.68
CA ILE PA 150 30.08 64.98 95.92
C ILE PA 150 30.06 66.48 95.65
N TYR PA 151 31.11 66.98 95.01
CA TYR PA 151 31.33 68.42 94.85
C TYR PA 151 30.21 69.09 94.08
N PHE PA 152 29.77 68.49 92.97
CA PHE PA 152 28.64 69.05 92.23
C PHE PA 152 27.32 68.87 92.98
N LEU PA 153 27.08 67.70 93.58
CA LEU PA 153 25.77 67.44 94.17
C LEU PA 153 25.49 68.37 95.37
N GLU PA 154 26.49 68.71 96.17
CA GLU PA 154 26.24 69.62 97.28
C GLU PA 154 25.90 71.04 96.83
N GLU PA 155 26.63 71.60 95.85
CA GLU PA 155 26.27 72.95 95.39
C GLU PA 155 24.96 72.97 94.63
N ARG PA 156 24.60 71.89 93.93
CA ARG PA 156 23.34 71.78 93.23
C ARG PA 156 22.12 71.71 94.18
N MET PA 157 22.40 71.77 95.49
CA MET PA 157 21.31 71.84 96.50
C MET PA 157 21.57 73.08 97.37
N GLN PA 158 22.48 74.00 96.99
CA GLN PA 158 22.75 75.12 97.91
C GLN PA 158 23.09 76.41 97.19
N GLN PA 159 23.62 76.30 95.97
CA GLN PA 159 23.98 77.46 95.17
C GLN PA 159 22.79 78.22 94.58
N ARG QA 125 -12.81 99.91 60.93
CA ARG QA 125 -13.38 99.44 59.63
C ARG QA 125 -12.45 98.43 58.97
N ALA QA 126 -13.02 97.53 58.17
CA ALA QA 126 -12.27 96.46 57.52
C ALA QA 126 -11.66 96.91 56.19
N ARG QA 127 -11.52 98.22 55.96
CA ARG QA 127 -11.14 98.78 54.67
C ARG QA 127 -10.30 100.03 54.87
N ASN QA 128 -9.49 100.36 53.85
CA ASN QA 128 -8.93 101.71 53.76
C ASN QA 128 -10.06 102.73 53.59
N MET QA 129 -9.71 104.01 53.46
CA MET QA 129 -10.62 104.96 52.85
C MET QA 129 -10.54 104.89 51.33
N LYS QA 130 -9.33 104.61 50.81
CA LYS QA 130 -8.95 104.95 49.43
C LYS QA 130 -9.62 104.06 48.38
N ASP QA 131 -9.89 102.79 48.70
CA ASP QA 131 -10.67 101.92 47.83
C ASP QA 131 -12.11 101.81 48.29
N PHE QA 132 -12.41 102.33 49.49
CA PHE QA 132 -13.78 102.37 49.97
C PHE QA 132 -14.58 103.46 49.26
N GLU QA 133 -14.03 104.66 49.04
CA GLU QA 133 -14.51 105.43 47.90
C GLU QA 133 -14.01 104.71 46.64
N ASN QA 134 -14.90 104.49 45.67
CA ASN QA 134 -14.91 103.39 44.70
C ASN QA 134 -15.72 102.20 45.22
N GLN QA 135 -16.34 102.30 46.42
CA GLN QA 135 -17.49 101.46 46.75
C GLN QA 135 -18.64 102.31 47.29
N ILE QA 136 -18.34 103.37 48.05
CA ILE QA 136 -19.39 104.29 48.48
C ILE QA 136 -20.08 104.91 47.28
N THR QA 137 -19.35 105.06 46.15
CA THR QA 137 -19.89 105.57 44.90
C THR QA 137 -20.54 104.50 44.02
N GLU QA 138 -20.54 103.23 44.44
CA GLU QA 138 -21.12 102.14 43.65
C GLU QA 138 -22.55 101.79 44.08
N LEU QA 139 -22.82 101.69 45.37
CA LEU QA 139 -24.19 101.48 45.82
C LEU QA 139 -25.14 102.54 45.26
N LYS QA 140 -24.62 103.71 44.87
CA LYS QA 140 -25.36 104.72 44.10
C LYS QA 140 -26.07 104.16 42.86
N LYS QA 141 -25.39 103.33 42.07
CA LYS QA 141 -25.96 102.92 40.77
C LYS QA 141 -27.23 102.10 40.94
N GLU QA 142 -27.31 101.25 41.96
CA GLU QA 142 -28.54 100.50 42.15
C GLU QA 142 -29.71 101.44 42.48
N ASN QA 143 -29.47 102.49 43.26
CA ASN QA 143 -30.55 103.43 43.52
C ASN QA 143 -30.93 104.19 42.24
N PHE QA 144 -29.95 104.55 41.41
CA PHE QA 144 -30.27 105.17 40.12
C PHE QA 144 -31.11 104.25 39.23
N ASN QA 145 -30.67 103.00 39.05
CA ASN QA 145 -31.45 102.04 38.26
C ASN QA 145 -32.84 101.85 38.83
N LEU QA 146 -32.96 101.77 40.15
CA LEU QA 146 -34.27 101.52 40.75
C LEU QA 146 -35.18 102.75 40.70
N LYS QA 147 -34.60 103.96 40.68
CA LYS QA 147 -35.38 105.16 40.33
C LYS QA 147 -35.83 105.14 38.88
N LEU QA 148 -34.91 104.90 37.95
CA LEU QA 148 -35.26 104.84 36.54
C LEU QA 148 -36.35 103.81 36.28
N ARG QA 149 -36.26 102.65 36.93
CA ARG QA 149 -37.30 101.63 36.83
C ARG QA 149 -38.66 102.07 37.39
N ILE QA 150 -38.70 102.71 38.56
CA ILE QA 150 -40.01 103.10 39.12
C ILE QA 150 -40.67 104.22 38.31
N TYR QA 151 -39.88 105.10 37.68
CA TYR QA 151 -40.46 106.10 36.78
C TYR QA 151 -41.26 105.47 35.64
N PHE QA 152 -40.70 104.49 34.94
CA PHE QA 152 -41.41 103.87 33.82
C PHE QA 152 -42.59 103.02 34.28
N LEU QA 153 -42.56 102.52 35.53
CA LEU QA 153 -43.76 101.93 36.12
C LEU QA 153 -44.87 102.96 36.30
N GLU QA 154 -44.54 104.17 36.73
CA GLU QA 154 -45.57 105.20 36.83
C GLU QA 154 -46.16 105.55 35.45
N GLU QA 155 -45.33 105.65 34.42
CA GLU QA 155 -45.87 105.87 33.07
C GLU QA 155 -46.76 104.71 32.59
N ARG QA 156 -46.41 103.47 32.92
CA ARG QA 156 -47.23 102.33 32.49
C ARG QA 156 -48.65 102.38 33.03
N MET QA 157 -48.90 103.13 34.11
CA MET QA 157 -50.26 103.32 34.61
C MET QA 157 -51.15 104.10 33.66
N GLN QA 158 -50.58 104.92 32.77
CA GLN QA 158 -51.35 105.71 31.81
C GLN QA 158 -51.84 104.90 30.61
N GLN QA 159 -51.06 103.93 30.14
CA GLN QA 159 -51.43 103.16 28.95
C GLN QA 159 -50.67 101.83 28.84
N ARG RA 127 58.34 51.52 101.13
CA ARG RA 127 57.21 50.57 100.85
C ARG RA 127 57.60 49.11 101.13
N ASN RA 128 56.62 48.31 101.56
CA ASN RA 128 56.84 46.95 102.04
C ASN RA 128 55.62 46.10 101.69
N MET RA 129 55.82 44.77 101.61
CA MET RA 129 54.70 43.85 101.42
C MET RA 129 53.67 43.92 102.54
N LYS RA 130 54.12 44.15 103.78
CA LYS RA 130 53.23 44.30 104.94
C LYS RA 130 52.34 45.54 104.88
N ASP RA 131 52.55 46.44 103.90
CA ASP RA 131 51.61 47.53 103.64
C ASP RA 131 50.61 47.24 102.52
N PHE RA 132 50.89 46.30 101.60
CA PHE RA 132 50.03 46.14 100.43
C PHE RA 132 48.60 45.83 100.85
N GLU RA 133 48.44 44.86 101.76
CA GLU RA 133 47.16 44.52 102.36
C GLU RA 133 46.50 45.70 103.06
N ASN RA 134 47.30 46.62 103.58
CA ASN RA 134 46.79 47.73 104.37
C ASN RA 134 46.38 48.90 103.48
N GLN RA 135 47.14 49.17 102.40
CA GLN RA 135 46.70 50.11 101.37
C GLN RA 135 45.34 49.69 100.77
N ILE RA 136 45.19 48.41 100.44
CA ILE RA 136 43.90 47.89 100.00
C ILE RA 136 42.83 48.10 101.08
N THR RA 137 43.12 47.72 102.33
CA THR RA 137 42.16 47.86 103.42
C THR RA 137 41.68 49.30 103.59
N GLU RA 138 42.61 50.26 103.56
CA GLU RA 138 42.28 51.66 103.82
C GLU RA 138 41.62 52.33 102.62
N LEU RA 139 41.98 51.91 101.40
CA LEU RA 139 41.37 52.52 100.22
C LEU RA 139 39.93 52.07 100.04
N LYS RA 140 39.63 50.79 100.33
CA LYS RA 140 38.25 50.33 100.20
C LYS RA 140 37.38 50.86 101.35
N LYS RA 141 37.93 51.05 102.55
CA LYS RA 141 37.13 51.68 103.60
C LYS RA 141 37.02 53.18 103.35
N GLU RA 142 38.00 53.76 102.63
CA GLU RA 142 37.86 55.15 102.20
C GLU RA 142 36.71 55.29 101.21
N ASN RA 143 36.55 54.32 100.31
CA ASN RA 143 35.41 54.30 99.41
C ASN RA 143 34.11 54.11 100.20
N PHE RA 144 34.17 53.29 101.26
CA PHE RA 144 33.01 53.07 102.13
C PHE RA 144 32.57 54.36 102.81
N ASN RA 145 33.52 55.13 103.37
CA ASN RA 145 33.18 56.43 103.92
C ASN RA 145 32.77 57.41 102.83
N LEU RA 146 33.29 57.23 101.62
CA LEU RA 146 33.01 58.17 100.55
C LEU RA 146 31.62 57.99 99.96
N LYS RA 147 30.99 56.84 100.18
CA LYS RA 147 29.60 56.64 99.80
C LYS RA 147 28.68 56.65 101.00
N LEU RA 148 29.24 56.55 102.21
CA LEU RA 148 28.44 56.57 103.42
C LEU RA 148 27.61 57.86 103.49
N ARG RA 149 28.25 59.01 103.18
CA ARG RA 149 27.58 60.31 103.12
C ARG RA 149 26.69 60.54 101.89
N ILE RA 150 27.09 60.10 100.68
CA ILE RA 150 26.26 60.45 99.52
C ILE RA 150 25.08 59.50 99.35
N TYR RA 151 25.03 58.42 100.13
CA TYR RA 151 23.75 57.83 100.50
C TYR RA 151 22.80 58.94 100.99
N PHE RA 152 23.18 59.63 102.07
CA PHE RA 152 22.41 60.79 102.54
C PHE RA 152 22.30 61.92 101.51
N LEU RA 153 23.40 62.26 100.84
CA LEU RA 153 23.36 63.41 99.93
C LEU RA 153 22.48 63.16 98.70
N GLU RA 154 22.36 61.90 98.26
CA GLU RA 154 21.38 61.59 97.22
C GLU RA 154 19.94 61.54 97.73
N GLU RA 155 19.69 60.90 98.87
CA GLU RA 155 18.31 60.87 99.36
C GLU RA 155 17.85 62.25 99.83
N ARG RA 156 18.78 63.11 100.26
CA ARG RA 156 18.45 64.52 100.48
C ARG RA 156 17.85 65.15 99.23
N MET RA 157 18.36 64.79 98.04
CA MET RA 157 17.83 65.29 96.79
C MET RA 157 16.45 64.74 96.42
N GLN RA 158 15.86 63.86 97.22
CA GLN RA 158 14.40 63.66 97.17
C GLN RA 158 13.73 64.41 98.31
N GLN RA 159 14.33 64.36 99.51
CA GLN RA 159 13.78 64.95 100.72
C GLN RA 159 13.69 66.47 100.64
N GLU RA 160 14.41 67.09 99.71
CA GLU RA 160 14.30 68.53 99.40
C GLU RA 160 12.93 68.97 98.89
N PHE RA 161 12.11 68.06 98.35
CA PHE RA 161 10.98 68.44 97.49
C PHE RA 161 9.64 67.85 97.91
N ARG SA 127 -10.55 117.71 54.85
CA ARG SA 127 -10.59 116.29 54.43
C ARG SA 127 -11.25 115.48 55.55
N ASN SA 128 -11.83 114.33 55.19
CA ASN SA 128 -12.77 113.63 56.07
C ASN SA 128 -12.70 112.13 55.80
N MET SA 129 -12.91 111.33 56.88
CA MET SA 129 -12.84 109.87 56.86
C MET SA 129 -13.92 109.21 57.70
N LYS SA 130 -15.00 109.94 57.98
CA LYS SA 130 -16.06 109.57 58.91
C LYS SA 130 -17.46 109.81 58.35
N ASP SA 131 -17.67 110.88 57.55
CA ASP SA 131 -18.98 111.12 56.96
C ASP SA 131 -19.28 110.07 55.90
N PHE SA 132 -18.41 109.98 54.90
CA PHE SA 132 -18.55 108.93 53.90
C PHE SA 132 -17.98 107.61 54.41
N GLU SA 133 -18.64 107.17 55.50
CA GLU SA 133 -18.81 105.78 55.89
C GLU SA 133 -20.29 105.61 56.21
N ASN SA 134 -20.79 106.39 57.17
CA ASN SA 134 -22.23 106.37 57.52
C ASN SA 134 -23.11 106.74 56.33
N GLN SA 135 -22.56 107.42 55.32
CA GLN SA 135 -23.25 107.61 54.05
C GLN SA 135 -23.81 106.31 53.46
N ILE SA 136 -23.26 105.15 53.83
CA ILE SA 136 -23.80 103.87 53.36
C ILE SA 136 -25.27 103.68 53.75
N THR SA 137 -25.65 104.01 54.98
CA THR SA 137 -27.05 103.83 55.35
C THR SA 137 -27.95 104.95 54.83
N GLU SA 138 -27.37 106.07 54.37
CA GLU SA 138 -28.15 107.09 53.66
C GLU SA 138 -28.46 106.66 52.23
N LEU SA 139 -27.54 105.96 51.58
CA LEU SA 139 -27.86 105.27 50.33
C LEU SA 139 -28.82 104.10 50.56
N LYS SA 140 -28.58 103.29 51.60
CA LYS SA 140 -29.39 102.11 51.82
C LYS SA 140 -30.85 102.42 52.18
N LYS SA 141 -31.13 103.54 52.88
CA LYS SA 141 -32.51 103.78 53.31
C LYS SA 141 -33.44 104.04 52.12
N GLU SA 142 -33.02 104.84 51.14
CA GLU SA 142 -33.86 105.00 49.96
C GLU SA 142 -33.96 103.70 49.17
N ASN SA 143 -32.95 102.83 49.26
CA ASN SA 143 -33.04 101.52 48.62
C ASN SA 143 -34.19 100.68 49.18
N PHE SA 144 -34.40 100.66 50.50
CA PHE SA 144 -35.56 99.98 51.06
C PHE SA 144 -36.85 100.58 50.57
N ASN SA 145 -36.96 101.90 50.62
CA ASN SA 145 -38.17 102.58 50.19
C ASN SA 145 -38.42 102.31 48.70
N LEU SA 146 -37.37 102.45 47.89
CA LEU SA 146 -37.52 102.22 46.45
C LEU SA 146 -37.96 100.79 46.15
N LYS SA 147 -37.32 99.80 46.78
CA LYS SA 147 -37.76 98.42 46.62
C LYS SA 147 -39.23 98.24 46.98
N LEU SA 148 -39.68 98.89 48.06
CA LEU SA 148 -41.10 98.86 48.43
C LEU SA 148 -41.98 99.57 47.40
N ARG SA 149 -41.56 100.74 46.89
CA ARG SA 149 -42.38 101.46 45.92
C ARG SA 149 -42.49 100.67 44.61
N ILE SA 150 -41.38 100.08 44.17
CA ILE SA 150 -41.37 99.11 43.08
C ILE SA 150 -42.34 97.96 43.38
N TYR SA 151 -42.18 97.34 44.56
CA TYR SA 151 -42.99 96.19 44.96
C TYR SA 151 -44.49 96.47 44.88
N PHE SA 152 -44.96 97.50 45.59
CA PHE SA 152 -46.41 97.72 45.65
C PHE SA 152 -46.98 98.20 44.30
N LEU SA 153 -46.17 98.86 43.47
CA LEU SA 153 -46.66 99.27 42.15
C LEU SA 153 -46.58 98.15 41.13
N GLU SA 154 -45.55 97.29 41.21
CA GLU SA 154 -45.56 96.03 40.47
C GLU SA 154 -46.71 95.12 40.91
N GLU SA 155 -47.06 95.14 42.18
CA GLU SA 155 -48.27 94.43 42.60
C GLU SA 155 -49.53 95.02 41.95
N ARG SA 156 -49.56 96.33 41.72
CA ARG SA 156 -50.65 96.88 40.92
C ARG SA 156 -50.56 96.47 39.44
N MET SA 157 -49.37 96.25 38.89
CA MET SA 157 -49.31 95.58 37.58
C MET SA 157 -49.89 94.18 37.67
N GLN SA 158 -49.65 93.48 38.78
CA GLN SA 158 -50.24 92.17 38.98
C GLN SA 158 -51.76 92.25 39.09
N GLN SA 159 -52.29 93.31 39.70
CA GLN SA 159 -53.74 93.49 39.75
C GLN SA 159 -54.32 93.85 38.37
N GLU SA 160 -53.73 94.84 37.69
CA GLU SA 160 -54.30 95.34 36.44
C GLU SA 160 -54.01 94.43 35.25
N PHE SA 161 -52.83 93.82 35.19
CA PHE SA 161 -52.33 93.17 33.96
C PHE SA 161 -51.54 91.89 34.27
#